data_7UMZ
#
_entry.id   7UMZ
#
_cell.length_a   1.00
_cell.length_b   1.00
_cell.length_c   1.00
_cell.angle_alpha   90.00
_cell.angle_beta   90.00
_cell.angle_gamma   90.00
#
_symmetry.space_group_name_H-M   'P 1'
#
loop_
_entity.id
_entity.type
_entity.pdbx_description
1 polymer 'Ryanodine receptor 1'
2 non-polymer 'PHOSPHOMETHYLPHOSPHONIC ACID ADENYLATE ESTER'
3 non-polymer 'ZINC ION'
4 non-polymer 'MAGNESIUM ION'
5 non-polymer 1-palmitoyl-2-oleoyl-sn-glycero-3-phosphocholine
6 water water
#
_entity_poly.entity_id   1
_entity_poly.type   'polypeptide(L)'
_entity_poly.pdbx_seq_one_letter_code
;MGDGGEGEDEVQFLRTDDEVVLQCSATVLKEQLKLCLAAEGFGNRLCFLEPTSNAQNVPPDLAICCFTLEQSLSVRALQE
MLANTVEAGVESSQGGGHRTLLYGHAILLRHAHSRMYLSCLTTSRSMTDKLAFDVGLQEDATGEACWWTMHPASKQRSEG
EKVRVGDDLILVSVSSERYLHLSTASGELQVDASFMQTLWNMNPICSCCEEGYVTGGHVLRLFHGHMDECLTISAADSDD
QRRLVYYEGGAVCTHARSLWRLEPLRISWSGSHLRWGQPLRIRHVTTGRYLALTEDQGLVVVDACKAHTKATSFCFRVSK
EKLDTAPKRDVEGMGPPEIKYGESLCFVQHVASGLWLTYAAPDPKALRLGVLKKKAILHQEGHMDDALFLTRCQQEESQA
ARMIHSTAGLYNQFIKGLDSFSGKPRGSGPPAGPALPIEAVILSLQDLIGYFEPPSEELQHEEKQSKLRSLRNRQSLFQE
EGMLSLVLNCIDRLNVYTTAAHFAEYAGEEAAESWKEIVNLLYELLASLIRGNRANCALFSTNLDWVVSKLDRLEASSGI
LEVLYCVLIESPEVLNIIQENHIKSIISLLDKHGRNHKVLDVLCSLCVCNGVAVRSNQDLITENLLPGRELLLQTNLINY
VTSIRPNIFVGRAEGSTQYGKWYFEVMVDEVVPFLTAQATHLRVGWALTEGYSPYPGGGEGWGGNGVGDDLYSYGFDGLH
LWTGHVARPVTSPGQHLLAPEDVVSCCLDLSVPSISFRINGCPVQGVFEAFNLDGLFFPVVSFSAGVKVRFLLGGRHGEF
KFLPPPGYAPCHEAVLPRERLRLEPIKEYRREGPRGPHLVGPSRCLSHTDFVPCPVDTVQIVLPPHLERIREKLAENIHE
LWALTRIEQGWTYGPVRDDNKRLHPCLVNFHSLPEPERNYNLQMSGETLKTLLALGCHVGMADEKAEDNLKKTKLPKTYM
MSNGYKPAPLDLSHVRLTPAQTTLVDRLAENGHNVWARDRVAQGWSYSAVQDIPARRNPRLVPYRLLDEATKRSNRDSLC
QAVRTLLGYGYNIEPPDQEPSQVENQSRWDRVRIFRAEKSYTVQSGRWYFEFEAVTTGEMRVGWARPELRPDVELGADEL
AYVFNGHRGQRWHLGSEPFGRPWQSGDVVGCMIDLTENTIIFTLNGEVLMSDSGSETAFREIEIGDGFLPVCSLGPGQVG
HLNLGQDVSSLRFFAICGLQEGFEPFAINMQRPVTTWFSKSLPQFEPVPPEHPHYEVARMDGTVDTPPCLRLAHRTWGSQ
NSLVEMLFLRLSLPVQFHQHFRCTAGATPLAPPGLQPPAEDEARAAEPDPDYENLRRSAGGWGEAEGGKEGTAKEGTPGG
TPQPGVEAQPVRAENEKDATTEKNKKRGFLFKAKKAAMMTQPPATPALPRLPHDVVPADNRDDPEIILNTTTYYYSVRVF
AGQEPSCVWVGWVTPDYHQHDMNFDLSKVRAVTVTMGDEQGNVHSSLKC(UNK)(UNK)(UNK)(UNK)(UNK)(UNK)
(UNK)(UNK)(UNK)(UNK)(UNK)(UNK)(UNK)A(UNK)(UNK)(UNK)(UNK)(UNK)(UNK)(UNK)(UNK)
(UNK)(UNK)(UNK)(UNK)(UNK)(UNK)(UNK)(UNK)(UNK)(UNK)(UNK)(UNK)(UNK)(UNK)(UNK)(UNK)
(UNK)(UNK)(UNK)(UNK)(UNK)(UNK)(UNK)(UNK)(UNK)(UNK)(UNK)(UNK)(UNK)(UNK)(UNK)(UNK)
(UNK)(UNK)(UNK)(UNK)(UNK)(UNK)(UNK)(UNK)(UNK)(UNK)(UNK)(UNK)(UNK)(UNK)(UNK)(UNK)
(UNK)(UNK)(UNK)(UNK)(UNK)ELGKQKNIMPLSAAMFLSERKNPAPQCPPRLEVQMLMPVSWSRMPNHFLQVETRR
AGERLGWAVQCQDPLTMMALHIPEENRCMDILELSERLDLQRFHSHTLRLYRAVCALGNNRVAHALCSHVDQAQLLHALE
DAHLPGPLRAGYYDLLISIHLESACRSRRSMLSEYIVPLTPETRAITLFPPGRKGGNARRHGLPGVGVTTSLRPPHHFSP
PCFVAALPAAGVAEAPARLSPAIPLEALRDKALRMLGEAVRDGGQHARDPVGGSVEFQFVPVLKLVSTLLVMGIFGDEDV
KQILKMIEPEVFTEEEEEEEEEEEEEEEEEEDEEEKEEDEEEEEKEDAEKEEEEAPEGEKEDLEEGLLQMKLPESVKLQM
CNLLEYFCDQELQHRVESLAAFAERYVDKLQANQRSRYALLMRAFTMSAAETARRTREFRSPPQEQINMLLHFKDEADEE
DCPLPEDIRQDLQDFHQDLLAHCGIQLEGEEEEPEEETSLSSRLRSLLETVRLVKKKEEKPEEELPAEEKKPQSLQELVS
HMVVRWAQEDYVQSPELVRAMFSLLHRQYDGLGELLRALPRAYTISPSSVEDTMSLLECLGQIRSLLIVQMGPQEENLMI
QSIGNIMNNKVFYQHPNLMRALGMHETVMEVMVNVLGGGETKEIRFPKMVTSCCRFLCYFCRISRQNQRSMFDHLSYLLE
NSGIGLGMQGSTPLDVAAASVIDNNELALALQEQDLEKVVSYLAGCGLQSCPMLLAKGYPDIGWNPCGGERYLDFLRFAV
FVNGESVEENANVVVRLLIRKPECFGPALRGEGGSGLLAAIEEAIRISEDPARDGPGVRRDRRREHFGEEPPEENRVHLG
HAIMSFYAALIDLLGRCAPEMHLIQAGKGEALRIRAILRSLVPLDDLVGIISLPLQIPTLGKDGALVQ(UNK)(UNK)
(UNK)(UNK)(UNK)(UNK)(UNK)(UNK)(UNK)(UNK)(UNK)(UNK)(UNK)(UNK)(UNK)(UNK)(UNK)(UNK)
(UNK)(UNK)(UNK)(UNK)(UNK)(UNK)(UNK)(UNK)(UNK)(UNK)(UNK)(UNK)(UNK)(UNK)(UNK)(UNK)
(UNK)(UNK)(UNK)(UNK)(UNK)(UNK)(UNK)(UNK)(UNK)(UNK)(UNK)(UNK)(UNK)(UNK)(UNK)(UNK)
(UNK)(UNK)(UNK)(UNK)(UNK)(UNK)(UNK)(UNK)(UNK)(UNK)(UNK)(UNK)(UNK)(UNK)(UNK)(UNK)
(UNK)(UNK)(UNK)(UNK)(UNK)(UNK)(UNK)(UNK)(UNK)(UNK)(UNK)(UNK)(UNK)(UNK)(UNK)(UNK)
(UNK)(UNK)(UNK)(UNK)(UNK)(UNK)(UNK)(UNK)(UNK)(UNK)(UNK)(UNK)(UNK)(UNK)(UNK)(UNK)
(UNK)(UNK)(UNK)(UNK)(UNK)(UNK)(UNK)(UNK)(UNK)(UNK)(UNK)(UNK)(UNK)(UNK)(UNK)(UNK)
(UNK)(UNK)(UNK)(UNK)(UNK)(UNK)(UNK)(UNK)(UNK)(UNK)(UNK)(UNK)(UNK)(UNK)(UNK)(UNK)
(UNK)(UNK)(UNK)(UNK)(UNK)(UNK)(UNK)(UNK)(UNK)(UNK)(UNK)(UNK)(UNK)(UNK)(UNK)(UNK)
(UNK)(UNK)(UNK)(UNK)(UNK)(UNK)(UNK)(UNK)(UNK)(UNK)(UNK)(UNK)(UNK)(UNK)(UNK)(UNK)
(UNK)(UNK)(UNK)(UNK)(UNK)(UNK)(UNK)(UNK)(UNK)(UNK)(UNK)(UNK)(UNK)(UNK)(UNK)(UNK)
(UNK)(UNK)(UNK)(UNK)(UNK)(UNK)(UNK)(UNK)(UNK)(UNK)(UNK)(UNK)(UNK)(UNK)(UNK)(UNK)
(UNK)(UNK)(UNK)(UNK)(UNK)(UNK)(UNK)(UNK)(UNK)(UNK)(UNK)(UNK)(UNK)(UNK)(UNK)(UNK)
(UNK)(UNK)MPCLCAIAGALPPDYVDASYSSKAEKKATVDAEGNFDPRPVETLNVIIPEKLDSFINKFAEYTHEKWAFD
KIQNNWSYGENVDEELKTHPMLRPYKTFSEKDKEIYRWPIKESLKAMIAWEWTIEKAREGEEERTEKKKTRKISQTAQTY
DPREGYNPQPPDLSGVTLSRELQAMAEQLAENYHNTWGRKKKQELEAKGGGTHPLLVPYDTLTAKEKARDREKAQELLKF
LQMNGYAVTRGL(UNK)(UNK)(UNK)(UNK)(UNK)(UNK)(UNK)(UNK)(UNK)(UNK)(UNK)(UNK)(UNK)
(UNK)(UNK)(UNK)(UNK)(UNK)(UNK)(UNK)(UNK)(UNK)(UNK)(UNK)(UNK)(UNK)(UNK)(UNK)(UNK)
(UNK)(UNK)(UNK)(UNK)(UNK)(UNK)LEAVVSSGRVEKSPHEQE(UNK)(UNK)(UNK)(UNK)(UNK)(UNK)
(UNK)(UNK)(UNK)(UNK)(UNK)(UNK)(UNK)(UNK)(UNK)(UNK)(UNK)(UNK)(UNK)(UNK)(UNK)(UNK)
(UNK)(UNK)(UNK)(UNK)(UNK)(UNK)(UNK)(UNK)(UNK)(UNK)(UNK)(UNK)(UNK)(UNK)(UNK)(UNK)
(UNK)(UNK)(UNK)(UNK)(UNK)(UNK)(UNK)(UNK)(UNK)(UNK)(UNK)(UNK)(UNK)(UNK)(UNK)(UNK)
(UNK)(UNK)(UNK)(UNK)(UNK)(UNK)(UNK)(UNK)(UNK)(UNK)(UNK)(UNK)(UNK)(UNK)(UNK)VVNCL
HILARSLDARTVMKSGPEIVKAGLRSFFESASEDIEKMVENLRLGKVSQARTQVKGVGQNLTYTT(UNK)(UNK)(UNK)
(UNK)(UNK)(UNK)(UNK)(UNK)(UNK)(UNK)(UNK)(UNK)(UNK)(UNK)(UNK)(UNK)(UNK)(UNK)(UNK)
(UNK)(UNK)(UNK)(UNK)(UNK)(UNK)(UNK)(UNK)(UNK)(UNK)(UNK)SCYRTL(UNK)(UNK)(UNK)
(UNK)(UNK)(UNK)(UNK)(UNK)(UNK)(UNK)(UNK)(UNK)(UNK)(UNK)(UNK)(UNK)(UNK)(UNK)(UNK)
(UNK)(UNK)(UNK)(UNK)(UNK)(UNK)(UNK)(UNK)(UNK)(UNK)(UNK)(UNK)(UNK)(UNK)(UNK)(UNK)
(UNK)(UNK)(UNK)(UNK)(UNK)(UNK)(UNK)(UNK)(UNK)(UNK)(UNK)(UNK)(UNK)(UNK)(UNK)(UNK)
(UNK)(UNK)(UNK)(UNK)(UNK)(UNK)(UNK)(UNK)(UNK)(UNK)(UNK)(UNK)(UNK)(UNK)(UNK)(UNK)
EEMCPDIPVLDRLMADIGGLAESG(UNK)(UNK)(UNK)(UNK)(UNK)(UNK)(UNK)(UNK)(UNK)(UNK)(UNK)
(UNK)(UNK)(UNK)(UNK)(UNK)(UNK)(UNK)(UNK)(UNK)(UNK)(UNK)(UNK)(UNK)(UNK)(UNK)(UNK)
(UNK)(UNK)(UNK)(UNK)(UNK)(UNK)(UNK)(UNK)(UNK)(UNK)(UNK)(UNK)(UNK)(UNK)(UNK)(UNK)
(UNK)(UNK)(UNK)(UNK)(UNK)(UNK)(UNK)(UNK)(UNK)(UNK)(UNK)(UNK)(UNK)(UNK)(UNK)(UNK)
(UNK)(UNK)(UNK)(UNK)(UNK)(UNK)(UNK)(UNK)(UNK)(UNK)(UNK)(UNK)(UNK)(UNK)(UNK)(UNK)
(UNK)(UNK)(UNK)(UNK)(UNK)(UNK)(UNK)(UNK)(UNK)(UNK)(UNK)(UNK)(UNK)(UNK)(UNK)(UNK)
(UNK)(UNK)(UNK)(UNK)(UNK)(UNK)(UNK)(UNK)(UNK)(UNK)(UNK)(UNK)(UNK)(UNK)(UNK)(UNK)
(UNK)(UNK)(UNK)(UNK)(UNK)(UNK)(UNK)(UNK)(UNK)(UNK)(UNK)(UNK)(UNK)(UNK)(UNK)(UNK)
(UNK)(UNK)(UNK)(UNK)(UNK)(UNK)(UNK)(UNK)(UNK)(UNK)(UNK)(UNK)(UNK)(UNK)(UNK)(UNK)
(UNK)(UNK)(UNK)(UNK)(UNK)(UNK)(UNK)(UNK)(UNK)(UNK)(UNK)(UNK)(UNK)(UNK)(UNK)(UNK)
(UNK)(UNK)(UNK)(UNK)(UNK)(UNK)(UNK)(UNK)(UNK)(UNK)(UNK)(UNK)(UNK)(UNK)(UNK)(UNK)
(UNK)(UNK)(UNK)(UNK)(UNK)(UNK)(UNK)(UNK)(UNK)(UNK)(UNK)(UNK)(UNK)(UNK)(UNK)(UNK)
(UNK)(UNK)(UNK)(UNK)(UNK)(UNK)(UNK)(UNK)(UNK)(UNK)(UNK)(UNK)(UNK)(UNK)(UNK)(UNK)
(UNK)(UNK)(UNK)(UNK)(UNK)FLTADSKSKMAKAGDAQSGGSDQERTKKKRRGDRYSVQTSLI(UNK)(UNK)
(UNK)(UNK)(UNK)(UNK)(UNK)(UNK)(UNK)(UNK)(UNK)(UNK)(UNK)(UNK)(UNK)(UNK)(UNK)(UNK)
(UNK)(UNK)(UNK)(UNK)(UNK)(UNK)(UNK)(UNK)(UNK)(UNK)(UNK)(UNK)(UNK)(UNK)(UNK)(UNK)
(UNK)(UNK)(UNK)(UNK)(UNK)(UNK)(UNK)(UNK)(UNK)(UNK)(UNK)(UNK)(UNK)(UNK)(UNK)(UNK)
(UNK)(UNK)(UNK)(UNK)(UNK)(UNK)(UNK)(UNK)(UNK)(UNK)(UNK)(UNK)(UNK)(UNK)(UNK)(UNK)
(UNK)(UNK)(UNK)(UNK)(UNK)(UNK)(UNK)(UNK)(UNK)(UNK)(UNK)(UNK)(UNK)(UNK)(UNK)(UNK)
(UNK)(UNK)(UNK)(UNK)(UNK)(UNK)(UNK)(UNK)(UNK)(UNK)(UNK)(UNK)(UNK)(UNK)(UNK)(UNK)
(UNK)(UNK)(UNK)(UNK)(UNK)KSKKAVWHKLLSKQRRRAVVACFRMTPLYNLPTHRACNMFLESYKAAWILTEDHS
FEDRMIDDLSKAGEQEEEEEEVEEKKPDPLHQLVLHFSRTALTEKSKLDEDYLYMAYADIMAKSCHLEEGGENGEAEEEE
VEVSFEEKEMEKQRLLYQQSRLHTRGAAEMVLQMISACKGETGAMVSSTLKLGISILNGGNAEVQQKMLDYLKDKKEVGF
FQSIQALMQTCSVLDLNAFERQNKAEGLGMVNEDGTVINRQNGEKVMADDEFTQDLFRFLQLLCEGHNNDFQNYLRTQTG
NTTTINIIICTVDYLLRLQESISDFYWYYSGKDVIEEQGKRNFSKAMSVAKQVFNSLTEYIQGPCTGNQQSLAHSRLWDA
VVGFLHVFAHMMMKLAQDSSQIELLKELLDLQKDMVVMLLSLLEGNVVNGMIARQMVDMLVESSSNVEMILKFFDMFLKL
KDIVGSEAFQDYVTDPRGLISKKDFQKAMDSQKQFTGPEIQFLLSCSEADENEMINFEEFANRFQEPARDIGFNVAVLLT
NLSEHVPHDPRLRNFLELAESILEYFRPYLGRIEIMGASRRIERIYFEISETNRAQWEMPQVKESKRQFIFDVVNEGGEA
EKMELFVSFCEDTIFEMQIAAQISEPEGEPEADEDEGMGEAAAEGAEEGAAGAEGAAGTVAAGATARLAAAAARALRGLS
YRSLRRRVRRLRRLTAREAATALAALLWAVVARAGAAGAGAAAGALRLLWGSLFGGGLVEGAKKVTVTELLAGMPDPTSD
EVHGEQPAGPGGDADGAGEGEGEGDAAEGDGDEEVAGHEAGPGGAEGVVAVADGGPFRPEGAGGLGDMGDTTPAEPPTPE
GSPILKRKLGVDGEEEELVPEPEPEPEPEPEKADEENGEKEEVPEAPPEPPKKAPPSPPAKKEEAGGAGMEFWGELEVQR
VKFLNYLSRNFYTLRFLALFLAFAINFILLFYKVSDSPPGEDDMEGSAAGDLAGAGSGGGSGWGSGAGEEAEGDEDENMV
YYFLEESTGYMEPALWCLSLLHTLVAFLCIIGYNCLKVPLVIFKREKELARKLEFDGLYITEQPGDDDVKGQWDRLVLNT
PSFPSNYWDKFVKRKVLDKHGDIFGRERIAELLGMDLASLEITAHNERKPDPPPGLLTWLMSIDVKYQIWKFGVIFTDNS
FLYLGWYMVMSLLGHYNNFFFAAHLLDIAMGVKTLRTILSSVTHNGKQLVMTVGLLAVVVYLYTVVAFNFFRKFYNKSED
EDEPDMKCDDMMTCYLFHMYVGVRAGGGIGDEIEDPAGDEYELYRVVFDITFFFFVIVILLAIIQGLIIDAFGELRDQQE
QVKEDMETKCFICGIGSDYFDTTPHGFETHTLEEHNLANYMFFLMYLINKDETEHTGQESYVWKMYQERCWDFFPAGDCF
RKQYEDQLS
;
_entity_poly.pdbx_strand_id   A,B,C,D
#
# COMPACT_ATOMS: atom_id res chain seq x y z
N GLN A 12 -14.79 36.20 3.63
CA GLN A 12 -15.84 35.29 4.07
C GLN A 12 -17.06 36.11 4.52
N PHE A 13 -18.25 35.60 4.23
CA PHE A 13 -19.48 36.34 4.52
C PHE A 13 -19.84 36.23 6.00
N LEU A 14 -20.33 37.34 6.56
CA LEU A 14 -20.70 37.40 7.96
C LEU A 14 -22.18 37.11 8.14
N ARG A 15 -22.52 36.51 9.28
CA ARG A 15 -23.87 36.05 9.57
C ARG A 15 -24.34 36.59 10.91
N THR A 16 -25.66 36.56 11.10
CA THR A 16 -26.26 37.03 12.35
C THR A 16 -25.97 36.06 13.50
N ASP A 17 -26.35 36.49 14.70
CA ASP A 17 -26.16 35.74 15.95
C ASP A 17 -24.68 35.47 16.23
N ASP A 18 -23.79 36.33 15.72
CA ASP A 18 -22.36 36.15 15.84
C ASP A 18 -21.78 37.46 16.35
N GLU A 19 -20.88 37.37 17.31
CA GLU A 19 -20.31 38.57 17.92
C GLU A 19 -19.24 39.16 17.00
N VAL A 20 -19.39 40.45 16.65
CA VAL A 20 -18.50 41.12 15.72
C VAL A 20 -18.25 42.53 16.25
N VAL A 21 -17.00 42.99 16.11
CA VAL A 21 -16.61 44.32 16.55
C VAL A 21 -16.48 45.22 15.33
N LEU A 22 -16.59 46.53 15.56
CA LEU A 22 -16.52 47.54 14.52
C LEU A 22 -15.30 48.43 14.78
N GLN A 23 -14.52 48.70 13.73
CA GLN A 23 -13.31 49.49 13.87
C GLN A 23 -13.18 50.46 12.69
N CYS A 24 -12.22 51.38 12.81
CA CYS A 24 -11.90 52.33 11.75
C CYS A 24 -10.39 52.49 11.65
N SER A 25 -9.87 52.45 10.43
CA SER A 25 -8.43 52.62 10.18
C SER A 25 -8.22 53.96 9.46
N ALA A 26 -7.67 54.94 10.18
CA ALA A 26 -7.52 56.30 9.65
C ALA A 26 -6.06 56.73 9.77
N THR A 27 -5.47 57.12 8.64
CA THR A 27 -4.18 57.78 8.69
C THR A 27 -4.35 59.22 9.15
N VAL A 28 -3.80 59.54 10.33
CA VAL A 28 -3.95 60.91 10.90
C VAL A 28 -2.75 61.17 11.81
N LEU A 29 -2.36 62.44 11.97
CA LEU A 29 -1.19 62.79 12.83
C LEU A 29 0.03 62.04 12.29
N LYS A 30 0.15 61.94 10.97
CA LYS A 30 1.30 61.21 10.35
C LYS A 30 1.44 59.85 11.02
N GLU A 31 0.37 59.05 11.06
CA GLU A 31 0.41 57.74 11.69
C GLU A 31 -0.89 57.00 11.44
N GLN A 32 -0.78 55.69 11.26
CA GLN A 32 -1.97 54.85 11.08
C GLN A 32 -2.60 54.62 12.45
N LEU A 33 -3.80 55.16 12.65
CA LEU A 33 -4.52 55.03 13.91
C LEU A 33 -5.70 54.09 13.70
N LYS A 34 -5.73 53.01 14.47
CA LYS A 34 -6.85 52.09 14.50
C LYS A 34 -7.71 52.48 15.70
N LEU A 35 -8.97 52.79 15.44
CA LEU A 35 -9.90 53.28 16.45
C LEU A 35 -11.05 52.31 16.59
N CYS A 36 -11.48 52.07 17.83
CA CYS A 36 -12.64 51.24 18.08
C CYS A 36 -13.63 52.00 18.95
N LEU A 37 -14.92 51.77 18.70
CA LEU A 37 -15.98 52.42 19.44
C LEU A 37 -16.25 51.62 20.71
N ALA A 38 -16.18 52.29 21.87
CA ALA A 38 -16.34 51.62 23.15
C ALA A 38 -17.28 52.42 24.02
N ALA A 39 -18.23 51.74 24.64
CA ALA A 39 -19.27 52.38 25.43
C ALA A 39 -19.30 51.76 26.82
N GLU A 40 -19.27 52.62 27.85
CA GLU A 40 -19.22 52.13 29.22
C GLU A 40 -20.51 51.42 29.62
N GLY A 41 -21.66 51.97 29.21
CA GLY A 41 -22.93 51.38 29.58
C GLY A 41 -23.45 51.94 30.89
N PHE A 42 -23.21 51.21 31.98
CA PHE A 42 -23.60 51.68 33.30
C PHE A 42 -22.76 52.89 33.70
N GLY A 43 -23.41 53.95 34.14
CA GLY A 43 -22.72 55.16 34.54
C GLY A 43 -22.57 56.21 33.46
N ASN A 44 -22.22 55.79 32.25
CA ASN A 44 -22.00 56.70 31.13
C ASN A 44 -22.66 56.11 29.89
N ARG A 45 -23.70 56.78 29.39
CA ARG A 45 -24.39 56.31 28.19
C ARG A 45 -23.66 56.68 26.90
N LEU A 46 -22.86 57.74 26.93
CA LEU A 46 -22.13 58.14 25.74
C LEU A 46 -20.99 57.17 25.44
N CYS A 47 -20.57 57.15 24.17
CA CYS A 47 -19.49 56.29 23.72
C CYS A 47 -18.24 57.10 23.44
N PHE A 48 -17.08 56.52 23.72
CA PHE A 48 -15.79 57.10 23.39
C PHE A 48 -15.07 56.20 22.39
N LEU A 49 -13.89 56.66 21.96
CA LEU A 49 -13.08 55.93 21.00
C LEU A 49 -11.76 55.53 21.65
N GLU A 50 -11.32 54.30 21.36
CA GLU A 50 -10.11 53.73 21.92
C GLU A 50 -9.11 53.45 20.80
N PRO A 51 -7.91 54.03 20.84
CA PRO A 51 -6.88 53.67 19.86
C PRO A 51 -6.03 52.50 20.32
N THR A 52 -5.91 51.47 19.47
CA THR A 52 -5.10 50.30 19.79
C THR A 52 -3.93 50.15 18.83
N SER A 53 -3.37 51.29 18.38
CA SER A 53 -2.22 51.24 17.47
C SER A 53 -1.00 50.65 18.16
N ASN A 54 -0.73 51.06 19.39
CA ASN A 54 0.37 50.50 20.19
C ASN A 54 -0.15 49.38 21.09
N ALA A 55 -0.67 48.33 20.45
CA ALA A 55 -1.23 47.20 21.18
C ALA A 55 -0.15 46.42 21.90
N GLN A 56 1.03 46.27 21.27
CA GLN A 56 2.13 45.56 21.92
C GLN A 56 2.65 46.32 23.13
N ASN A 57 2.72 47.65 23.04
CA ASN A 57 3.25 48.44 24.16
C ASN A 57 2.25 48.54 25.29
N VAL A 58 1.07 49.09 25.01
CA VAL A 58 0.04 49.33 26.01
C VAL A 58 -1.15 48.44 25.68
N PRO A 59 -1.61 47.60 26.59
CA PRO A 59 -2.77 46.73 26.30
C PRO A 59 -4.05 47.55 26.23
N PRO A 60 -4.96 47.19 25.31
CA PRO A 60 -6.24 47.89 25.22
C PRO A 60 -7.33 47.20 26.03
N ASP A 61 -8.46 47.90 26.16
CA ASP A 61 -9.65 47.36 26.80
C ASP A 61 -10.53 46.70 25.74
N LEU A 62 -10.93 45.46 26.00
CA LEU A 62 -11.65 44.66 25.02
C LEU A 62 -13.15 44.57 25.30
N ALA A 63 -13.54 44.37 26.56
CA ALA A 63 -14.95 44.13 26.89
C ALA A 63 -15.82 45.34 26.62
N ILE A 64 -15.26 46.54 26.67
CA ILE A 64 -16.02 47.76 26.40
C ILE A 64 -16.30 47.91 24.91
N CYS A 65 -15.56 47.20 24.06
CA CYS A 65 -15.62 47.39 22.61
C CYS A 65 -16.53 46.41 21.89
N CYS A 66 -16.70 45.19 22.42
CA CYS A 66 -17.37 44.13 21.68
C CYS A 66 -18.86 44.40 21.52
N PHE A 67 -19.41 43.92 20.40
CA PHE A 67 -20.82 44.04 20.10
C PHE A 67 -21.30 42.75 19.46
N THR A 68 -22.63 42.56 19.47
CA THR A 68 -23.25 41.37 18.90
C THR A 68 -24.31 41.77 17.88
N LEU A 69 -24.45 40.93 16.85
CA LEU A 69 -25.45 41.12 15.80
C LEU A 69 -26.70 40.35 16.17
N GLU A 70 -27.84 41.04 16.23
CA GLU A 70 -29.11 40.40 16.60
C GLU A 70 -29.87 39.90 15.39
N GLN A 71 -30.25 40.81 14.48
CA GLN A 71 -31.04 40.47 13.31
C GLN A 71 -30.60 41.32 12.13
N SER A 72 -31.19 41.04 10.96
CA SER A 72 -30.93 41.82 9.75
C SER A 72 -32.14 41.71 8.84
N LEU A 73 -32.89 42.80 8.69
CA LEU A 73 -34.07 42.84 7.84
C LEU A 73 -33.92 43.95 6.81
N SER A 74 -34.20 43.61 5.55
CA SER A 74 -34.09 44.61 4.48
C SER A 74 -35.23 45.62 4.55
N VAL A 75 -36.46 45.15 4.72
CA VAL A 75 -37.64 45.99 4.79
C VAL A 75 -38.32 45.73 6.13
N ARG A 76 -38.54 46.79 6.90
CA ARG A 76 -39.04 46.67 8.27
C ARG A 76 -40.50 47.10 8.32
N ALA A 77 -41.40 46.12 8.27
CA ALA A 77 -42.79 46.32 8.65
C ALA A 77 -43.02 46.01 10.12
N LEU A 78 -41.97 45.61 10.82
CA LEU A 78 -42.06 45.29 12.24
C LEU A 78 -42.50 46.50 13.06
N GLN A 79 -42.00 47.68 12.72
CA GLN A 79 -42.35 48.90 13.44
C GLN A 79 -43.85 49.20 13.37
N GLU A 80 -44.46 49.03 12.20
CA GLU A 80 -45.90 49.26 12.08
C GLU A 80 -46.70 48.25 12.89
N MET A 81 -46.25 46.99 12.92
CA MET A 81 -46.92 45.98 13.73
C MET A 81 -46.77 46.29 15.22
N LEU A 82 -45.59 46.78 15.64
CA LEU A 82 -45.38 47.18 17.02
C LEU A 82 -46.23 48.39 17.38
N ALA A 83 -46.51 49.26 16.40
CA ALA A 83 -47.32 50.44 16.64
C ALA A 83 -48.80 50.13 16.86
N ASN A 84 -49.22 48.88 16.61
CA ASN A 84 -50.62 48.48 16.82
C ASN A 84 -51.04 48.61 18.27
N GLY A 97 -31.57 30.89 13.95
CA GLY A 97 -30.75 30.63 12.78
C GLY A 97 -29.79 31.76 12.47
N HIS A 98 -28.91 31.52 11.49
CA HIS A 98 -27.92 32.51 11.06
C HIS A 98 -28.20 32.88 9.62
N ARG A 99 -28.32 34.19 9.36
CA ARG A 99 -28.62 34.72 8.04
C ARG A 99 -27.49 35.64 7.60
N THR A 100 -27.03 35.47 6.37
CA THR A 100 -25.92 36.26 5.86
C THR A 100 -26.35 37.71 5.65
N LEU A 101 -25.49 38.63 6.09
CA LEU A 101 -25.73 40.06 5.87
C LEU A 101 -25.52 40.42 4.40
N LEU A 102 -26.30 41.40 3.94
CA LEU A 102 -26.20 41.90 2.58
C LEU A 102 -26.18 43.42 2.60
N TYR A 103 -25.71 44.00 1.49
CA TYR A 103 -25.67 45.44 1.37
C TYR A 103 -27.08 46.02 1.30
N GLY A 104 -27.29 47.12 2.01
CA GLY A 104 -28.60 47.74 2.06
C GLY A 104 -29.54 47.15 3.08
N HIS A 105 -29.05 46.31 3.98
CA HIS A 105 -29.88 45.66 4.99
C HIS A 105 -29.63 46.31 6.34
N ALA A 106 -30.70 46.69 7.03
CA ALA A 106 -30.57 47.26 8.37
C ALA A 106 -30.19 46.19 9.37
N ILE A 107 -29.30 46.53 10.30
CA ILE A 107 -28.79 45.60 11.28
C ILE A 107 -29.04 46.17 12.68
N LEU A 108 -28.90 45.31 13.68
CA LEU A 108 -29.09 45.68 15.08
C LEU A 108 -27.85 45.31 15.86
N LEU A 109 -27.34 46.26 16.63
CA LEU A 109 -26.15 46.08 17.46
C LEU A 109 -26.55 46.01 18.92
N ARG A 110 -26.03 45.02 19.64
CA ARG A 110 -26.29 44.89 21.07
C ARG A 110 -24.98 44.82 21.82
N HIS A 111 -24.86 45.60 22.89
CA HIS A 111 -23.65 45.60 23.69
C HIS A 111 -23.52 44.29 24.46
N ALA A 112 -22.27 43.85 24.64
CA ALA A 112 -22.01 42.57 25.30
C ALA A 112 -22.04 42.70 26.82
N HIS A 113 -21.48 43.78 27.36
CA HIS A 113 -21.39 43.92 28.80
C HIS A 113 -22.70 44.42 29.42
N SER A 114 -23.24 45.52 28.89
CA SER A 114 -24.41 46.15 29.47
C SER A 114 -25.72 45.62 28.92
N ARG A 115 -25.67 44.77 27.89
CA ARG A 115 -26.86 44.23 27.21
C ARG A 115 -27.80 45.35 26.75
N MET A 116 -27.22 46.39 26.17
CA MET A 116 -27.97 47.53 25.64
C MET A 116 -27.72 47.66 24.14
N TYR A 117 -28.55 48.46 23.49
CA TYR A 117 -28.56 48.56 22.04
C TYR A 117 -28.06 49.94 21.60
N LEU A 118 -27.15 49.94 20.64
CA LEU A 118 -26.54 51.18 20.16
C LEU A 118 -27.55 51.95 19.30
N SER A 119 -27.55 53.28 19.43
CA SER A 119 -28.51 54.12 18.74
C SER A 119 -28.01 55.55 18.74
N CYS A 120 -28.74 56.42 18.04
CA CYS A 120 -28.47 57.84 18.01
C CYS A 120 -29.38 58.57 19.00
N LEU A 121 -28.86 59.67 19.55
CA LEU A 121 -29.58 60.48 20.54
C LEU A 121 -29.81 61.88 19.99
N THR A 122 -30.90 62.51 20.45
CA THR A 122 -31.29 63.81 19.93
C THR A 122 -30.40 64.93 20.46
N THR A 123 -30.26 65.02 21.77
CA THR A 123 -29.47 66.08 22.39
C THR A 123 -27.99 65.73 22.32
N SER A 124 -27.19 66.66 21.81
CA SER A 124 -25.78 66.41 21.56
C SER A 124 -24.96 67.65 21.87
N ARG A 125 -23.67 67.43 22.14
CA ARG A 125 -22.72 68.52 22.24
C ARG A 125 -22.57 69.22 20.90
N SER A 126 -22.48 70.54 20.94
CA SER A 126 -22.71 71.38 19.76
C SER A 126 -21.40 71.92 19.21
N MET A 127 -20.81 71.18 18.27
CA MET A 127 -19.83 71.70 17.33
C MET A 127 -20.31 71.34 15.94
N THR A 128 -20.35 72.31 15.04
CA THR A 128 -21.20 72.28 13.85
C THR A 128 -22.61 71.83 14.25
N ASP A 129 -23.25 72.73 15.02
CA ASP A 129 -24.35 72.35 15.90
C ASP A 129 -25.54 71.77 15.14
N LYS A 130 -25.80 72.26 13.93
CA LYS A 130 -26.90 71.73 13.14
C LYS A 130 -26.66 70.27 12.76
N LEU A 131 -25.48 69.98 12.24
CA LEU A 131 -25.10 68.61 11.87
C LEU A 131 -24.24 67.97 12.96
N ALA A 132 -24.84 67.77 14.14
CA ALA A 132 -24.11 67.15 15.25
C ALA A 132 -25.10 66.44 16.16
N PHE A 133 -25.21 65.13 16.01
CA PHE A 133 -25.97 64.27 16.90
C PHE A 133 -25.02 63.21 17.46
N ASP A 134 -25.12 62.93 18.75
CA ASP A 134 -24.23 61.95 19.35
C ASP A 134 -24.80 60.53 19.19
N VAL A 135 -23.97 59.55 19.55
CA VAL A 135 -24.32 58.13 19.47
C VAL A 135 -24.06 57.50 20.82
N GLY A 136 -25.02 56.71 21.31
CA GLY A 136 -24.91 56.11 22.62
C GLY A 136 -25.84 54.93 22.77
N LEU A 137 -25.78 54.30 23.93
CA LEU A 137 -26.62 53.12 24.19
C LEU A 137 -28.00 53.54 24.67
N GLN A 138 -28.98 52.68 24.41
CA GLN A 138 -30.29 52.76 25.01
C GLN A 138 -30.68 51.38 25.51
N GLU A 139 -31.48 51.35 26.57
CA GLU A 139 -31.76 50.11 27.28
C GLU A 139 -32.65 49.19 26.46
N ASP A 140 -33.72 49.73 25.88
CA ASP A 140 -34.71 48.93 25.15
C ASP A 140 -34.70 49.31 23.69
N ALA A 141 -34.63 48.31 22.81
CA ALA A 141 -34.66 48.53 21.37
C ALA A 141 -36.11 48.59 20.88
N THR A 142 -36.79 49.66 21.29
CA THR A 142 -38.17 49.88 20.88
C THR A 142 -38.28 51.21 20.15
N GLY A 143 -37.29 51.52 19.32
CA GLY A 143 -37.26 52.78 18.60
C GLY A 143 -36.61 52.62 17.24
N GLU A 144 -36.78 53.67 16.43
CA GLU A 144 -36.27 53.66 15.06
C GLU A 144 -34.77 53.92 14.98
N ALA A 145 -34.18 54.54 16.01
CA ALA A 145 -32.77 54.92 15.96
C ALA A 145 -31.83 53.74 16.10
N CYS A 146 -32.33 52.57 16.52
CA CYS A 146 -31.46 51.44 16.78
C CYS A 146 -30.86 50.85 15.51
N TRP A 147 -31.56 50.93 14.39
CA TRP A 147 -31.16 50.25 13.16
C TRP A 147 -30.26 51.14 12.31
N TRP A 148 -29.25 50.51 11.70
CA TRP A 148 -28.32 51.17 10.79
C TRP A 148 -28.24 50.36 9.50
N THR A 149 -28.19 51.05 8.36
CA THR A 149 -28.11 50.41 7.06
C THR A 149 -26.70 50.54 6.50
N MET A 150 -26.26 49.51 5.78
CA MET A 150 -24.91 49.39 5.25
C MET A 150 -24.92 49.65 3.75
N HIS A 151 -23.97 50.45 3.29
CA HIS A 151 -23.79 50.71 1.87
C HIS A 151 -22.33 50.54 1.49
N PRO A 152 -22.05 50.15 0.24
CA PRO A 152 -20.66 49.97 -0.18
C PRO A 152 -19.94 51.30 -0.29
N ALA A 153 -18.63 51.28 0.00
CA ALA A 153 -17.80 52.47 -0.14
C ALA A 153 -17.24 52.60 -1.55
N SER A 154 -17.04 51.49 -2.25
CA SER A 154 -16.40 51.48 -3.55
C SER A 154 -17.32 50.85 -4.60
N LYS A 155 -16.95 51.05 -5.86
CA LYS A 155 -17.73 50.53 -6.99
C LYS A 155 -17.49 49.05 -7.24
N GLN A 156 -16.52 48.43 -6.58
CA GLN A 156 -16.25 47.01 -6.78
C GLN A 156 -17.43 46.16 -6.30
N ARG A 157 -18.06 46.54 -5.20
CA ARG A 157 -19.22 45.85 -4.68
C ARG A 157 -20.46 46.71 -4.86
N SER A 158 -21.55 46.09 -5.32
CA SER A 158 -22.80 46.78 -5.59
C SER A 158 -23.86 46.35 -4.58
N GLU A 159 -25.06 46.93 -4.73
CA GLU A 159 -26.17 46.59 -3.85
C GLU A 159 -26.66 45.18 -4.13
N GLY A 160 -27.10 44.51 -3.06
CA GLY A 160 -27.52 43.13 -3.16
C GLY A 160 -26.42 42.12 -3.12
N GLU A 161 -25.19 42.52 -2.82
CA GLU A 161 -24.04 41.64 -2.77
C GLU A 161 -23.65 41.37 -1.32
N LYS A 162 -23.19 40.16 -1.06
CA LYS A 162 -22.89 39.72 0.31
C LYS A 162 -21.67 40.45 0.86
N VAL A 163 -21.74 40.82 2.13
CA VAL A 163 -20.68 41.59 2.78
C VAL A 163 -19.63 40.64 3.34
N ARG A 164 -18.36 40.92 3.04
CA ARG A 164 -17.24 40.11 3.47
C ARG A 164 -16.45 40.83 4.55
N VAL A 165 -15.53 40.07 5.18
CA VAL A 165 -14.60 40.67 6.14
C VAL A 165 -13.54 41.48 5.40
N GLY A 166 -13.21 42.65 5.96
CA GLY A 166 -12.18 43.49 5.38
C GLY A 166 -12.63 44.33 4.22
N ASP A 167 -13.92 44.63 4.13
CA ASP A 167 -14.45 45.49 3.08
C ASP A 167 -14.96 46.78 3.70
N ASP A 168 -14.67 47.90 3.04
CA ASP A 168 -15.04 49.20 3.58
C ASP A 168 -16.53 49.44 3.40
N LEU A 169 -17.20 49.79 4.50
CA LEU A 169 -18.64 49.98 4.51
C LEU A 169 -18.95 51.37 5.07
N ILE A 170 -20.12 51.89 4.71
CA ILE A 170 -20.65 53.12 5.30
C ILE A 170 -21.99 52.82 5.94
N LEU A 171 -22.18 53.26 7.18
CA LEU A 171 -23.36 52.96 7.97
C LEU A 171 -24.17 54.24 8.17
N VAL A 172 -25.46 54.19 7.84
CA VAL A 172 -26.35 55.33 7.95
C VAL A 172 -27.53 54.94 8.81
N SER A 173 -27.81 55.74 9.85
CA SER A 173 -28.99 55.51 10.67
C SER A 173 -30.24 55.91 9.90
N VAL A 174 -31.31 55.11 10.07
CA VAL A 174 -32.54 55.36 9.32
C VAL A 174 -33.27 56.58 9.87
N SER A 175 -33.04 56.95 11.13
CA SER A 175 -33.71 58.09 11.73
C SER A 175 -32.88 59.36 11.66
N SER A 176 -31.57 59.26 11.93
CA SER A 176 -30.71 60.44 11.91
C SER A 176 -30.39 60.88 10.49
N GLU A 177 -30.42 59.95 9.53
CA GLU A 177 -30.03 60.19 8.13
C GLU A 177 -28.63 60.78 8.05
N ARG A 178 -27.70 60.21 8.81
CA ARG A 178 -26.36 60.75 8.94
C ARG A 178 -25.34 59.65 8.73
N TYR A 179 -24.11 60.07 8.44
CA TYR A 179 -23.09 59.18 7.89
C TYR A 179 -22.20 58.55 8.94
N LEU A 180 -22.46 58.80 10.24
CA LEU A 180 -21.67 58.28 11.36
C LEU A 180 -20.21 58.71 11.21
N HIS A 181 -19.98 59.99 11.47
CA HIS A 181 -18.71 60.63 11.16
C HIS A 181 -17.77 60.69 12.36
N LEU A 182 -16.47 60.56 12.09
CA LEU A 182 -15.42 60.83 13.04
C LEU A 182 -14.97 62.29 12.90
N SER A 183 -14.84 62.98 14.03
CA SER A 183 -14.52 64.41 14.04
C SER A 183 -13.00 64.58 14.17
N THR A 184 -12.39 65.16 13.15
CA THR A 184 -10.96 65.48 13.16
C THR A 184 -10.70 66.99 13.13
N ALA A 185 -11.68 67.79 13.56
CA ALA A 185 -11.57 69.25 13.51
C ALA A 185 -11.08 69.77 14.86
N SER A 186 -9.76 69.69 15.04
CA SER A 186 -9.04 70.22 16.20
C SER A 186 -9.43 69.55 17.51
N GLY A 187 -9.99 68.35 17.46
CA GLY A 187 -10.38 67.62 18.65
C GLY A 187 -9.50 66.39 18.85
N GLU A 188 -9.44 65.92 20.09
CA GLU A 188 -8.71 64.68 20.37
C GLU A 188 -9.31 63.51 19.60
N LEU A 189 -10.57 63.16 19.87
CA LEU A 189 -11.34 62.21 19.06
C LEU A 189 -12.80 62.30 19.48
N GLN A 190 -13.70 62.55 18.52
CA GLN A 190 -15.12 62.54 18.75
C GLN A 190 -15.82 61.73 17.68
N VAL A 191 -16.91 61.07 18.07
CA VAL A 191 -17.78 60.35 17.14
C VAL A 191 -19.16 60.98 17.21
N ASP A 192 -19.74 61.28 16.05
CA ASP A 192 -21.04 61.92 16.04
C ASP A 192 -21.78 61.57 14.76
N ALA A 193 -23.10 61.73 14.80
CA ALA A 193 -23.92 61.55 13.61
C ALA A 193 -23.80 62.81 12.77
N SER A 194 -22.93 62.76 11.77
CA SER A 194 -22.65 63.92 10.92
C SER A 194 -22.57 63.48 9.47
N PHE A 195 -22.72 64.46 8.57
CA PHE A 195 -22.95 64.16 7.16
C PHE A 195 -21.68 63.79 6.40
N MET A 196 -20.50 64.15 6.90
CA MET A 196 -19.27 63.75 6.23
C MET A 196 -19.06 62.23 6.37
N GLN A 197 -18.44 61.65 5.35
CA GLN A 197 -18.32 60.20 5.24
C GLN A 197 -17.08 59.70 5.97
N THR A 198 -17.27 58.70 6.83
CA THR A 198 -16.18 58.02 7.51
C THR A 198 -16.36 56.52 7.27
N LEU A 199 -15.32 55.88 6.76
CA LEU A 199 -15.39 54.47 6.35
C LEU A 199 -15.00 53.57 7.51
N TRP A 200 -15.74 52.47 7.68
CA TRP A 200 -15.57 51.58 8.82
C TRP A 200 -15.37 50.14 8.35
N ASN A 201 -14.54 49.41 9.10
CA ASN A 201 -14.32 47.98 8.92
C ASN A 201 -15.11 47.19 9.97
N MET A 202 -15.62 46.03 9.56
CA MET A 202 -16.45 45.17 10.39
C MET A 202 -15.70 43.85 10.55
N ASN A 203 -15.20 43.57 11.76
CA ASN A 203 -14.23 42.48 11.95
C ASN A 203 -14.70 41.63 13.12
N PRO A 204 -14.75 40.29 12.96
CA PRO A 204 -15.30 39.44 14.02
C PRO A 204 -14.30 39.08 15.11
N ILE A 205 -14.75 39.21 16.36
CA ILE A 205 -13.93 38.77 17.50
C ILE A 205 -14.12 37.28 17.76
N CYS A 206 -15.37 36.82 17.72
CA CYS A 206 -15.69 35.43 18.05
C CYS A 206 -16.79 34.94 17.12
N SER A 207 -17.23 33.71 17.34
CA SER A 207 -18.23 33.06 16.51
C SER A 207 -18.89 31.95 17.33
N CYS A 208 -19.61 31.06 16.65
CA CYS A 208 -20.15 29.87 17.27
C CYS A 208 -19.03 29.02 17.88
N CYS A 209 -19.35 28.21 18.88
CA CYS A 209 -18.31 27.53 19.62
C CYS A 209 -18.82 26.16 20.06
N GLU A 210 -17.91 25.19 20.07
CA GLU A 210 -18.25 23.85 20.56
C GLU A 210 -18.51 23.89 22.06
N GLU A 211 -19.36 22.98 22.53
CA GLU A 211 -19.74 22.95 23.93
C GLU A 211 -18.59 22.46 24.79
N GLY A 212 -18.43 23.09 25.95
CA GLY A 212 -17.40 22.68 26.90
C GLY A 212 -15.98 22.95 26.46
N TYR A 213 -15.76 23.95 25.61
CA TYR A 213 -14.42 24.26 25.10
C TYR A 213 -14.04 25.66 25.54
N VAL A 214 -12.86 25.78 26.16
CA VAL A 214 -12.39 27.06 26.67
C VAL A 214 -11.75 27.85 25.54
N THR A 215 -12.18 29.10 25.37
CA THR A 215 -11.64 30.01 24.38
C THR A 215 -11.10 31.25 25.07
N GLY A 216 -10.52 32.15 24.27
CA GLY A 216 -10.00 33.39 24.82
C GLY A 216 -11.12 34.39 25.09
N GLY A 217 -10.93 35.18 26.14
CA GLY A 217 -11.86 36.22 26.51
C GLY A 217 -12.77 35.90 27.67
N HIS A 218 -12.89 34.63 28.07
CA HIS A 218 -13.76 34.26 29.17
C HIS A 218 -13.09 34.56 30.51
N VAL A 219 -13.93 34.72 31.54
CA VAL A 219 -13.49 34.95 32.90
C VAL A 219 -13.68 33.66 33.69
N LEU A 220 -12.65 33.24 34.42
CA LEU A 220 -12.68 31.98 35.13
C LEU A 220 -12.02 32.15 36.49
N ARG A 221 -11.99 31.06 37.24
CA ARG A 221 -11.22 30.96 38.46
C ARG A 221 -10.10 29.94 38.25
N LEU A 222 -8.87 30.34 38.55
CA LEU A 222 -7.70 29.47 38.39
C LEU A 222 -7.47 28.73 39.70
N PHE A 223 -7.85 27.45 39.72
CA PHE A 223 -7.77 26.62 40.92
C PHE A 223 -6.61 25.64 40.77
N HIS A 224 -5.61 25.80 41.63
CA HIS A 224 -4.47 24.89 41.70
C HIS A 224 -4.52 24.15 43.03
N GLY A 225 -4.55 22.83 42.98
CA GLY A 225 -4.57 22.03 44.19
C GLY A 225 -5.46 20.83 44.00
N HIS A 226 -5.90 20.27 45.12
CA HIS A 226 -6.71 19.06 45.14
C HIS A 226 -8.19 19.34 45.42
N MET A 227 -8.49 20.02 46.53
CA MET A 227 -9.88 20.23 46.95
C MET A 227 -10.30 21.69 46.86
N ASP A 228 -9.59 22.61 47.53
CA ASP A 228 -10.03 24.00 47.56
C ASP A 228 -8.79 24.90 47.72
N GLU A 229 -8.30 25.40 46.59
CA GLU A 229 -7.24 26.41 46.59
C GLU A 229 -7.26 27.12 45.25
N CYS A 230 -6.96 28.42 45.27
CA CYS A 230 -6.94 29.21 44.04
C CYS A 230 -5.94 30.35 44.20
N LEU A 231 -5.44 30.83 43.07
CA LEU A 231 -4.55 31.98 43.05
C LEU A 231 -5.37 33.26 43.18
N THR A 232 -5.16 33.99 44.28
CA THR A 232 -5.97 35.14 44.63
C THR A 232 -5.08 36.36 44.85
N ILE A 233 -5.74 37.50 44.97
CA ILE A 233 -5.09 38.76 45.33
C ILE A 233 -5.48 39.06 46.77
N SER A 234 -4.57 39.73 47.50
CA SER A 234 -4.78 40.07 48.89
C SER A 234 -6.05 40.90 49.08
N ALA A 235 -6.58 40.87 50.30
CA ALA A 235 -7.87 41.48 50.59
C ALA A 235 -7.79 43.01 50.52
N ALA A 236 -8.93 43.65 50.74
CA ALA A 236 -9.02 45.10 50.70
C ALA A 236 -8.15 45.72 51.79
N ASP A 237 -7.41 46.77 51.40
CA ASP A 237 -6.49 47.49 52.28
C ASP A 237 -5.42 46.51 52.76
N SER A 238 -5.25 46.30 54.07
CA SER A 238 -4.31 45.36 54.68
C SER A 238 -2.85 45.70 54.37
N ASP A 239 -2.57 46.90 53.86
CA ASP A 239 -1.24 47.45 53.59
C ASP A 239 -0.46 46.65 52.56
N ASP A 240 -1.09 45.69 51.88
CA ASP A 240 -0.38 44.91 50.87
C ASP A 240 -0.30 45.64 49.53
N GLN A 241 -1.13 46.66 49.34
CA GLN A 241 -1.27 47.44 48.10
C GLN A 241 -1.78 46.61 46.93
N ARG A 242 -2.24 45.39 47.18
CA ARG A 242 -2.85 44.51 46.18
C ARG A 242 -1.94 44.21 44.99
N ARG A 243 -0.63 44.31 45.17
CA ARG A 243 0.31 44.08 44.09
C ARG A 243 0.91 42.68 44.06
N LEU A 244 0.75 41.90 45.14
CA LEU A 244 1.37 40.58 45.24
C LEU A 244 0.30 39.50 45.29
N VAL A 245 0.49 38.45 44.50
CA VAL A 245 -0.44 37.34 44.39
C VAL A 245 -0.15 36.33 45.49
N TYR A 246 -1.19 35.65 45.97
CA TYR A 246 -1.05 34.60 46.96
C TYR A 246 -1.88 33.40 46.54
N TYR A 247 -1.73 32.31 47.28
CA TYR A 247 -2.52 31.11 47.06
C TYR A 247 -3.44 30.92 48.27
N GLU A 248 -4.74 31.07 48.06
CA GLU A 248 -5.71 31.07 49.15
C GLU A 248 -6.85 30.11 48.85
N GLY A 249 -7.34 29.47 49.91
CA GLY A 249 -8.49 28.58 49.80
C GLY A 249 -9.45 28.81 50.93
N GLY A 250 -10.74 28.85 50.59
CA GLY A 250 -11.77 29.09 51.58
C GLY A 250 -12.94 29.89 51.04
N ALA A 251 -13.27 31.00 51.70
CA ALA A 251 -14.36 31.86 51.26
C ALA A 251 -13.97 32.75 50.08
N VAL A 252 -12.70 32.75 49.66
CA VAL A 252 -12.26 33.63 48.59
C VAL A 252 -12.81 33.19 47.24
N CYS A 253 -13.14 31.90 47.10
CA CYS A 253 -13.62 31.40 45.81
C CYS A 253 -14.94 32.06 45.40
N THR A 254 -15.86 32.22 46.35
CA THR A 254 -17.12 32.88 46.03
C THR A 254 -16.93 34.37 45.81
N HIS A 255 -15.98 34.99 46.51
CA HIS A 255 -15.75 36.41 46.39
C HIS A 255 -15.13 36.76 45.03
N ALA A 256 -15.23 38.04 44.67
CA ALA A 256 -14.76 38.54 43.39
C ALA A 256 -13.29 38.92 43.41
N ARG A 257 -12.52 38.44 44.39
CA ARG A 257 -11.07 38.65 44.35
C ARG A 257 -10.41 37.70 43.36
N SER A 258 -10.97 36.49 43.19
CA SER A 258 -10.39 35.49 42.31
C SER A 258 -11.10 35.56 40.95
N LEU A 259 -10.58 36.42 40.08
CA LEU A 259 -11.04 36.50 38.69
C LEU A 259 -9.84 36.70 37.78
N TRP A 260 -9.80 35.94 36.68
CA TRP A 260 -8.75 36.05 35.68
C TRP A 260 -9.37 36.04 34.29
N ARG A 261 -8.87 36.90 33.41
CA ARG A 261 -9.32 36.97 32.03
C ARG A 261 -8.12 36.86 31.10
N LEU A 262 -8.22 36.02 30.09
CA LEU A 262 -7.16 35.82 29.11
C LEU A 262 -7.39 36.73 27.92
N GLU A 263 -6.38 37.54 27.60
CA GLU A 263 -6.41 38.40 26.42
C GLU A 263 -5.35 37.92 25.43
N PRO A 264 -5.74 37.42 24.26
CA PRO A 264 -4.74 37.08 23.24
C PRO A 264 -4.10 38.32 22.64
N LEU A 265 -2.90 38.13 22.08
CA LEU A 265 -2.20 39.23 21.45
C LEU A 265 -2.90 39.70 20.18
N ARG A 266 -3.43 38.76 19.39
CA ARG A 266 -4.11 39.12 18.16
C ARG A 266 -5.49 39.69 18.45
N ILE A 267 -5.74 40.90 17.94
CA ILE A 267 -7.03 41.55 18.15
C ILE A 267 -8.11 40.84 17.32
N SER A 268 -7.81 40.54 16.06
CA SER A 268 -8.77 39.86 15.21
C SER A 268 -8.88 38.39 15.60
N TRP A 269 -10.12 37.90 15.65
CA TRP A 269 -10.43 36.53 16.09
C TRP A 269 -9.85 36.25 17.47
N SER A 270 -10.06 37.19 18.40
CA SER A 270 -9.56 37.02 19.75
C SER A 270 -10.31 35.92 20.50
N GLY A 271 -11.56 35.67 20.11
CA GLY A 271 -12.37 34.65 20.76
C GLY A 271 -12.19 33.26 20.20
N SER A 272 -11.04 33.00 19.58
CA SER A 272 -10.77 31.70 18.99
C SER A 272 -10.48 30.67 20.07
N HIS A 273 -10.57 29.40 19.69
CA HIS A 273 -10.29 28.29 20.60
C HIS A 273 -8.84 28.35 21.06
N LEU A 274 -8.64 28.19 22.36
CA LEU A 274 -7.31 28.34 22.95
C LEU A 274 -6.40 27.19 22.52
N ARG A 275 -5.26 27.54 21.93
CA ARG A 275 -4.26 26.57 21.51
C ARG A 275 -3.15 26.50 22.56
N TRP A 276 -2.64 25.29 22.79
CA TRP A 276 -1.56 25.11 23.74
C TRP A 276 -0.28 25.79 23.22
N GLY A 277 0.37 26.56 24.10
CA GLY A 277 1.59 27.25 23.76
C GLY A 277 1.43 28.64 23.22
N GLN A 278 0.20 29.10 22.96
CA GLN A 278 -0.04 30.41 22.38
C GLN A 278 0.07 31.49 23.46
N PRO A 279 0.63 32.66 23.12
CA PRO A 279 0.80 33.72 24.12
C PRO A 279 -0.52 34.39 24.48
N LEU A 280 -0.68 34.68 25.77
CA LEU A 280 -1.89 35.30 26.29
C LEU A 280 -1.56 36.05 27.58
N ARG A 281 -2.28 37.13 27.84
CA ARG A 281 -2.06 37.94 29.03
C ARG A 281 -3.20 37.76 30.03
N ILE A 282 -2.86 37.79 31.31
CA ILE A 282 -3.83 37.57 32.38
C ILE A 282 -4.20 38.91 33.00
N ARG A 283 -5.50 39.17 33.10
CA ARG A 283 -6.02 40.41 33.65
C ARG A 283 -6.93 40.13 34.83
N HIS A 284 -6.79 40.93 35.89
CA HIS A 284 -7.72 40.95 37.02
C HIS A 284 -8.59 42.20 36.87
N VAL A 285 -9.88 42.00 36.61
CA VAL A 285 -10.74 43.08 36.13
C VAL A 285 -11.02 44.09 37.23
N THR A 286 -11.26 43.64 38.46
CA THR A 286 -11.59 44.57 39.55
C THR A 286 -10.40 45.47 39.89
N THR A 287 -9.19 44.92 39.90
CA THR A 287 -8.00 45.71 40.18
C THR A 287 -7.46 46.41 38.94
N GLY A 288 -7.77 45.90 37.75
CA GLY A 288 -7.30 46.53 36.52
C GLY A 288 -5.80 46.41 36.31
N ARG A 289 -5.22 45.26 36.66
CA ARG A 289 -3.78 45.08 36.60
C ARG A 289 -3.46 43.77 35.89
N TYR A 290 -2.24 43.72 35.33
CA TYR A 290 -1.77 42.58 34.56
C TYR A 290 -0.59 41.92 35.26
N LEU A 291 -0.55 40.59 35.20
CA LEU A 291 0.55 39.83 35.81
C LEU A 291 1.85 40.08 35.06
N ALA A 292 2.93 40.28 35.82
CA ALA A 292 4.24 40.57 35.24
C ALA A 292 5.33 39.96 36.11
N LEU A 293 6.45 39.63 35.46
CA LEU A 293 7.61 39.04 36.13
C LEU A 293 8.51 40.09 36.76
N THR A 294 8.77 41.21 36.05
CA THR A 294 9.73 42.23 36.44
C THR A 294 11.09 41.62 36.72
N GLU A 295 11.92 42.31 37.51
CA GLU A 295 13.25 41.80 37.85
C GLU A 295 13.35 41.42 39.33
N ASP A 296 13.01 42.32 40.24
CA ASP A 296 13.22 42.03 41.66
C ASP A 296 11.99 41.42 42.33
N GLN A 297 10.79 41.85 41.95
CA GLN A 297 9.59 41.50 42.72
C GLN A 297 9.02 40.13 42.39
N GLY A 298 9.19 39.66 41.16
CA GLY A 298 8.59 38.39 40.75
C GLY A 298 7.17 38.53 40.23
N LEU A 299 6.32 37.54 40.46
CA LEU A 299 4.95 37.57 39.95
C LEU A 299 4.16 38.63 40.68
N VAL A 300 4.03 39.81 40.06
CA VAL A 300 3.29 40.91 40.64
C VAL A 300 2.37 41.51 39.59
N VAL A 301 1.26 42.06 40.03
CA VAL A 301 0.33 42.72 39.13
C VAL A 301 0.72 44.18 39.01
N VAL A 302 0.69 44.69 37.78
CA VAL A 302 1.19 46.03 37.47
C VAL A 302 0.19 46.72 36.54
N ASP A 303 0.31 48.04 36.47
CA ASP A 303 -0.58 48.84 35.64
C ASP A 303 -0.33 48.57 34.16
N ALA A 304 -1.32 48.92 33.35
CA ALA A 304 -1.23 48.67 31.91
C ALA A 304 -0.21 49.57 31.22
N CYS A 305 -0.01 50.78 31.74
CA CYS A 305 0.93 51.71 31.12
C CYS A 305 2.38 51.25 31.30
N LYS A 306 2.73 50.78 32.50
CA LYS A 306 4.08 50.33 32.77
C LYS A 306 4.36 48.92 32.28
N ALA A 307 3.34 48.16 31.90
CA ALA A 307 3.51 46.77 31.49
C ALA A 307 3.99 46.71 30.04
N HIS A 308 5.14 46.07 29.83
CA HIS A 308 5.61 45.77 28.49
C HIS A 308 5.04 44.43 28.05
N THR A 309 5.55 43.88 26.95
CA THR A 309 4.97 42.68 26.35
C THR A 309 5.74 41.40 26.66
N LYS A 310 7.04 41.49 26.97
CA LYS A 310 7.80 40.28 27.26
C LYS A 310 7.43 39.68 28.61
N ALA A 311 7.34 40.52 29.65
CA ALA A 311 7.04 40.01 30.98
C ALA A 311 5.57 39.67 31.16
N THR A 312 4.68 40.46 30.55
CA THR A 312 3.25 40.26 30.76
C THR A 312 2.73 39.02 30.05
N SER A 313 3.38 38.60 28.95
CA SER A 313 2.88 37.50 28.16
C SER A 313 3.08 36.16 28.87
N PHE A 314 2.03 35.35 28.92
CA PHE A 314 2.10 33.97 29.38
C PHE A 314 1.46 33.07 28.34
N CYS A 315 1.56 31.77 28.55
CA CYS A 315 1.02 30.78 27.62
C CYS A 315 0.44 29.63 28.43
N PHE A 316 0.16 28.52 27.75
CA PHE A 316 -0.43 27.35 28.37
C PHE A 316 0.15 26.11 27.71
N ARG A 317 0.94 25.33 28.46
CA ARG A 317 1.56 24.13 27.95
C ARG A 317 1.15 22.93 28.78
N VAL A 318 0.81 21.83 28.10
CA VAL A 318 0.42 20.61 28.79
C VAL A 318 1.61 19.98 29.51
N SER A 319 2.80 20.02 28.89
CA SER A 319 3.99 19.41 29.44
C SER A 319 5.09 20.44 29.61
N LYS A 320 5.90 20.27 30.65
CA LYS A 320 7.02 21.18 30.90
C LYS A 320 8.16 20.96 29.92
N GLU A 321 8.33 19.73 29.43
CA GLU A 321 9.41 19.42 28.51
C GLU A 321 9.21 20.17 27.19
N LYS A 322 10.31 20.72 26.66
CA LYS A 322 10.25 21.68 25.57
C LYS A 322 9.86 20.97 24.27
N LEU A 323 8.69 21.32 23.74
CA LEU A 323 8.19 20.74 22.49
C LEU A 323 8.80 21.46 21.30
N ASP A 324 8.29 21.21 20.10
CA ASP A 324 8.82 21.80 18.89
C ASP A 324 8.55 23.30 18.88
N THR A 325 9.44 24.04 18.21
CA THR A 325 9.48 25.49 18.34
C THR A 325 8.65 26.19 17.25
N ALA A 326 7.61 25.51 16.74
CA ALA A 326 6.73 26.15 15.77
C ALA A 326 5.25 26.02 16.14
N PRO A 327 4.80 26.56 17.28
CA PRO A 327 3.36 26.52 17.58
C PRO A 327 2.56 27.61 16.88
N LYS A 328 3.23 28.66 16.40
CA LYS A 328 2.52 29.82 15.86
C LYS A 328 1.90 29.49 14.51
N ARG A 329 0.59 29.75 14.40
CA ARG A 329 -0.14 29.52 13.17
C ARG A 329 -1.44 30.31 13.19
N ASP A 330 -1.68 31.11 12.15
CA ASP A 330 -2.85 31.97 12.08
C ASP A 330 -4.01 31.18 11.49
N VAL A 331 -5.09 31.06 12.25
CA VAL A 331 -6.30 30.37 11.81
C VAL A 331 -7.46 31.36 11.85
N GLU A 332 -8.34 31.27 10.85
CA GLU A 332 -9.50 32.16 10.79
C GLU A 332 -10.74 31.53 11.42
N GLY A 333 -10.94 30.23 11.21
CA GLY A 333 -12.02 29.53 11.88
C GLY A 333 -11.69 29.22 13.33
N MET A 334 -12.69 28.69 14.03
CA MET A 334 -12.50 28.32 15.43
C MET A 334 -11.50 27.18 15.58
N GLY A 335 -11.54 26.19 14.69
CA GLY A 335 -10.58 25.12 14.70
C GLY A 335 -10.88 24.07 15.76
N PRO A 336 -10.05 23.02 15.81
CA PRO A 336 -10.20 21.99 16.84
C PRO A 336 -9.95 22.55 18.23
N PRO A 337 -10.71 22.11 19.23
CA PRO A 337 -10.48 22.59 20.60
C PRO A 337 -9.27 21.92 21.22
N GLU A 338 -8.16 22.67 21.30
CA GLU A 338 -6.95 22.12 21.87
C GLU A 338 -7.07 21.95 23.38
N ILE A 339 -7.63 22.95 24.06
CA ILE A 339 -7.82 22.91 25.50
C ILE A 339 -9.26 22.52 25.79
N LYS A 340 -9.45 21.47 26.58
CA LYS A 340 -10.77 21.00 26.95
C LYS A 340 -11.02 21.29 28.42
N TYR A 341 -12.23 21.79 28.71
CA TYR A 341 -12.55 22.20 30.07
C TYR A 341 -12.78 20.99 30.97
N GLY A 342 -12.29 21.09 32.21
CA GLY A 342 -12.46 20.05 33.20
C GLY A 342 -11.33 19.05 33.28
N GLU A 343 -10.49 18.96 32.26
CA GLU A 343 -9.36 18.02 32.26
C GLU A 343 -8.12 18.62 31.63
N SER A 344 -7.94 19.93 31.74
CA SER A 344 -6.81 20.58 31.09
C SER A 344 -5.50 20.23 31.80
N LEU A 345 -5.42 20.49 33.11
CA LEU A 345 -4.23 20.25 33.93
C LEU A 345 -2.98 20.91 33.34
N CYS A 346 -3.14 22.19 32.97
CA CYS A 346 -2.12 22.92 32.24
C CYS A 346 -1.15 23.62 33.20
N PHE A 347 -0.08 24.19 32.61
CA PHE A 347 0.98 24.85 33.36
C PHE A 347 1.18 26.27 32.86
N VAL A 348 1.77 27.11 33.72
CA VAL A 348 1.85 28.55 33.46
C VAL A 348 2.86 28.86 32.36
N GLN A 349 4.14 28.56 32.58
CA GLN A 349 5.21 28.66 31.58
C GLN A 349 5.32 30.06 30.98
N HIS A 350 5.84 31.01 31.75
CA HIS A 350 6.20 32.31 31.20
C HIS A 350 7.20 32.13 30.07
N VAL A 351 7.03 32.91 28.99
CA VAL A 351 7.63 32.57 27.70
C VAL A 351 8.95 33.31 27.47
N ALA A 352 9.13 34.47 28.11
CA ALA A 352 10.37 35.21 27.89
C ALA A 352 11.51 34.60 28.67
N SER A 353 11.34 34.43 29.99
CA SER A 353 12.37 33.78 30.79
C SER A 353 12.40 32.27 30.58
N GLY A 354 11.28 31.66 30.18
CA GLY A 354 11.21 30.22 30.07
C GLY A 354 11.34 29.52 31.41
N LEU A 355 10.82 30.12 32.48
CA LEU A 355 11.01 29.62 33.83
C LEU A 355 9.65 29.54 34.52
N TRP A 356 9.32 28.35 35.03
CA TRP A 356 7.98 28.08 35.54
C TRP A 356 7.78 28.70 36.92
N LEU A 357 6.52 29.07 37.20
CA LEU A 357 6.17 29.87 38.36
C LEU A 357 5.09 29.19 39.21
N THR A 358 5.24 27.89 39.48
CA THR A 358 4.23 27.10 40.19
C THR A 358 3.81 27.70 41.52
N TYR A 359 4.72 27.70 42.50
CA TYR A 359 4.54 28.29 43.83
C TYR A 359 5.84 28.09 44.62
N ALA A 360 6.07 28.99 45.57
CA ALA A 360 7.29 28.93 46.38
C ALA A 360 7.30 27.69 47.28
N ALA A 361 6.15 27.38 47.90
CA ALA A 361 6.00 26.40 48.98
C ALA A 361 6.99 26.68 50.10
N PRO A 362 6.80 27.76 50.87
CA PRO A 362 7.78 28.05 51.94
C PRO A 362 7.67 27.09 53.11
N ASP A 363 6.45 26.72 53.50
CA ASP A 363 6.16 25.92 54.68
C ASP A 363 6.86 26.45 55.95
N PRO A 364 6.45 27.62 56.45
CA PRO A 364 7.09 28.16 57.65
C PRO A 364 6.49 27.60 58.93
N LYS A 365 7.37 27.31 59.90
CA LYS A 365 6.96 27.07 61.28
C LYS A 365 5.97 28.15 61.75
N ALA A 366 6.39 29.41 61.64
CA ALA A 366 5.51 30.56 61.81
C ALA A 366 4.22 30.41 60.99
N LEU A 367 3.11 30.82 61.60
CA LEU A 367 1.80 30.90 60.97
C LEU A 367 1.33 29.55 60.44
N ARG A 368 1.15 28.58 61.35
CA ARG A 368 0.71 27.25 61.00
C ARG A 368 -0.77 27.04 61.31
N LEU A 369 -1.21 27.41 62.52
CA LEU A 369 -2.62 27.56 62.85
C LEU A 369 -3.40 28.34 61.79
N GLY A 370 -2.82 29.45 61.32
CA GLY A 370 -3.43 30.27 60.29
C GLY A 370 -3.67 29.56 58.96
N VAL A 371 -4.68 30.04 58.24
CA VAL A 371 -5.02 29.52 56.91
C VAL A 371 -3.81 29.62 55.99
N LEU A 372 -3.57 28.56 55.22
CA LEU A 372 -2.43 28.50 54.31
C LEU A 372 -2.46 29.63 53.29
N LYS A 373 -1.30 30.22 53.04
CA LYS A 373 -1.18 31.31 52.08
C LYS A 373 0.27 31.36 51.61
N LYS A 374 0.49 31.10 50.32
CA LYS A 374 1.83 31.01 49.74
C LYS A 374 1.99 32.05 48.64
N LYS A 375 3.07 32.82 48.69
CA LYS A 375 3.41 33.73 47.61
C LYS A 375 3.94 32.94 46.42
N ALA A 376 3.38 33.20 45.24
CA ALA A 376 3.74 32.47 44.03
C ALA A 376 4.96 33.14 43.40
N ILE A 377 6.08 32.42 43.35
CA ILE A 377 7.28 32.86 42.64
C ILE A 377 7.86 31.67 41.90
N LEU A 378 8.89 31.94 41.11
CA LEU A 378 9.37 30.99 40.11
C LEU A 378 10.29 29.93 40.71
N HIS A 379 10.16 28.71 40.20
CA HIS A 379 11.07 27.61 40.50
C HIS A 379 11.42 26.91 39.19
N GLN A 380 12.70 26.58 39.01
CA GLN A 380 13.14 25.91 37.79
C GLN A 380 12.54 24.51 37.70
N GLU A 381 12.89 23.63 38.64
CA GLU A 381 12.35 22.28 38.64
C GLU A 381 10.86 22.27 38.90
N GLY A 382 10.39 23.13 39.81
CA GLY A 382 8.98 23.18 40.12
C GLY A 382 8.54 22.01 40.99
N HIS A 383 7.23 21.79 41.00
CA HIS A 383 6.60 20.75 41.80
C HIS A 383 5.78 19.84 40.90
N MET A 384 5.18 18.82 41.52
CA MET A 384 4.42 17.80 40.82
C MET A 384 2.92 17.89 41.07
N ASP A 385 2.50 18.61 42.11
CA ASP A 385 1.11 18.63 42.54
C ASP A 385 0.45 19.99 42.29
N ASP A 386 0.85 20.68 41.22
CA ASP A 386 0.27 22.00 40.93
C ASP A 386 -1.23 21.88 40.62
N ALA A 387 -1.59 21.00 39.68
CA ALA A 387 -2.97 20.65 39.36
C ALA A 387 -3.82 21.88 39.02
N LEU A 388 -3.43 22.55 37.94
CA LEU A 388 -4.20 23.68 37.42
C LEU A 388 -5.19 23.15 36.38
N PHE A 389 -6.31 22.64 36.87
CA PHE A 389 -7.41 22.22 36.01
C PHE A 389 -8.37 23.39 35.82
N LEU A 390 -8.81 23.60 34.59
CA LEU A 390 -9.60 24.77 34.24
C LEU A 390 -11.08 24.49 34.44
N THR A 391 -11.74 25.33 35.24
CA THR A 391 -13.18 25.25 35.50
C THR A 391 -13.75 26.66 35.53
N ARG A 392 -14.20 27.14 34.37
CA ARG A 392 -14.74 28.49 34.24
C ARG A 392 -16.18 28.52 34.77
N CYS A 393 -16.57 29.64 35.40
CA CYS A 393 -17.98 29.80 35.86
C CYS A 393 -18.28 31.26 36.21
N GLN A 394 -17.80 32.21 35.38
CA GLN A 394 -18.02 33.66 35.65
C GLN A 394 -19.52 33.96 35.70
N GLN A 395 -20.20 33.85 34.55
CA GLN A 395 -21.67 34.14 34.49
C GLN A 395 -21.93 35.60 34.85
N GLU A 396 -23.19 35.99 35.03
CA GLU A 396 -23.53 37.37 35.37
C GLU A 396 -22.70 37.90 36.53
N GLU A 397 -22.10 37.02 37.33
CA GLU A 397 -21.21 37.43 38.40
C GLU A 397 -20.04 38.22 37.84
N SER A 398 -19.48 37.73 36.73
CA SER A 398 -18.38 38.44 36.08
C SER A 398 -18.81 39.82 35.65
N GLN A 399 -20.05 39.94 35.14
CA GLN A 399 -20.59 41.23 34.76
C GLN A 399 -20.52 42.21 35.92
N ALA A 400 -21.01 41.77 37.09
CA ALA A 400 -21.03 42.65 38.25
C ALA A 400 -19.62 43.11 38.59
N ALA A 401 -18.63 42.22 38.41
CA ALA A 401 -17.26 42.53 38.75
C ALA A 401 -16.77 43.75 37.98
N ARG A 402 -17.09 43.81 36.68
CA ARG A 402 -16.64 44.93 35.88
C ARG A 402 -17.23 46.23 36.40
N MET A 403 -18.53 46.23 36.70
CA MET A 403 -19.18 47.42 37.22
C MET A 403 -18.51 47.85 38.50
N ILE A 404 -18.17 46.87 39.35
CA ILE A 404 -17.53 47.16 40.63
C ILE A 404 -16.26 47.95 40.38
N HIS A 405 -15.41 47.43 39.47
CA HIS A 405 -14.17 48.12 39.14
C HIS A 405 -14.46 49.53 38.71
N SER A 406 -15.40 49.68 37.77
CA SER A 406 -15.70 50.99 37.22
C SER A 406 -16.13 51.94 38.34
N THR A 407 -17.08 51.48 39.16
CA THR A 407 -17.65 52.43 40.11
C THR A 407 -16.60 52.80 41.15
N ALA A 408 -15.73 51.83 41.49
CA ALA A 408 -14.69 52.12 42.47
C ALA A 408 -13.82 53.25 41.98
N GLY A 409 -13.36 53.15 40.72
CA GLY A 409 -12.50 54.18 40.18
C GLY A 409 -13.17 55.53 40.22
N LEU A 410 -14.44 55.58 39.79
CA LEU A 410 -15.16 56.85 39.75
C LEU A 410 -15.23 57.44 41.14
N TYR A 411 -15.65 56.60 42.11
CA TYR A 411 -15.81 57.11 43.46
C TYR A 411 -14.48 57.55 44.03
N ASN A 412 -13.42 56.77 43.74
CA ASN A 412 -12.11 57.14 44.25
C ASN A 412 -11.70 58.49 43.71
N GLN A 413 -11.90 58.71 42.40
CA GLN A 413 -11.50 59.98 41.81
C GLN A 413 -12.31 61.11 42.43
N PHE A 414 -13.60 60.86 42.67
CA PHE A 414 -14.45 61.88 43.25
C PHE A 414 -13.94 62.27 44.63
N ILE A 415 -13.56 61.27 45.44
CA ILE A 415 -13.08 61.57 46.78
C ILE A 415 -11.78 62.34 46.70
N LYS A 416 -10.95 62.03 45.70
CA LYS A 416 -9.71 62.77 45.52
C LYS A 416 -10.01 64.24 45.26
N GLY A 417 -11.03 64.50 44.43
CA GLY A 417 -11.43 65.88 44.20
C GLY A 417 -11.85 66.56 45.49
N LEU A 418 -12.59 65.84 46.34
CA LEU A 418 -12.92 66.35 47.67
C LEU A 418 -11.64 66.70 48.42
N ASP A 419 -10.71 65.73 48.49
CA ASP A 419 -9.44 65.96 49.16
C ASP A 419 -8.57 66.96 48.43
N SER A 420 -8.92 67.32 47.20
CA SER A 420 -8.24 68.42 46.54
C SER A 420 -8.62 69.76 47.18
N PHE A 421 -9.92 70.01 47.39
CA PHE A 421 -10.36 71.38 47.59
C PHE A 421 -10.78 71.72 49.00
N SER A 422 -10.85 70.76 49.92
CA SER A 422 -11.44 71.02 51.24
C SER A 422 -10.61 72.02 52.05
N GLY A 423 -9.29 72.01 51.88
CA GLY A 423 -8.44 72.87 52.70
C GLY A 423 -8.53 74.34 52.34
N LYS A 424 -8.59 74.66 51.04
CA LYS A 424 -8.39 76.03 50.61
C LYS A 424 -9.71 76.80 50.67
N PRO A 425 -9.77 77.93 51.38
CA PRO A 425 -10.98 78.77 51.34
C PRO A 425 -11.08 79.50 50.02
N ARG A 426 -12.21 79.28 49.33
CA ARG A 426 -12.35 79.74 47.95
C ARG A 426 -12.55 81.24 47.87
N GLY A 427 -12.06 81.81 46.77
CA GLY A 427 -12.31 83.20 46.41
C GLY A 427 -12.93 83.28 45.03
N SER A 428 -13.06 84.52 44.55
CA SER A 428 -13.53 84.74 43.19
C SER A 428 -12.55 84.14 42.19
N GLY A 429 -13.09 83.41 41.21
CA GLY A 429 -12.26 82.73 40.24
C GLY A 429 -12.42 81.23 40.30
N PRO A 430 -11.60 80.50 39.54
CA PRO A 430 -11.68 79.04 39.56
C PRO A 430 -11.14 78.47 40.86
N PRO A 431 -11.96 77.68 41.57
CA PRO A 431 -11.48 77.07 42.82
C PRO A 431 -10.42 76.00 42.59
N ALA A 432 -10.70 75.07 41.67
CA ALA A 432 -9.81 73.95 41.42
C ALA A 432 -9.76 73.67 39.92
N GLY A 433 -8.63 73.12 39.49
CA GLY A 433 -8.40 72.84 38.09
C GLY A 433 -9.18 71.66 37.52
N PRO A 434 -8.94 70.45 38.05
CA PRO A 434 -9.58 69.26 37.46
C PRO A 434 -11.09 69.19 37.61
N ALA A 435 -11.70 70.00 38.49
CA ALA A 435 -13.15 70.13 38.63
C ALA A 435 -13.77 68.85 39.19
N LEU A 436 -15.10 68.79 39.22
CA LEU A 436 -15.77 67.66 39.82
C LEU A 436 -16.72 66.99 38.82
N PRO A 437 -16.67 65.65 38.71
CA PRO A 437 -17.57 64.90 37.80
C PRO A 437 -18.93 64.59 38.42
N ILE A 438 -19.81 65.59 38.39
CA ILE A 438 -21.06 65.50 39.15
C ILE A 438 -22.07 64.57 38.47
N GLU A 439 -22.29 64.78 37.17
CA GLU A 439 -23.38 64.09 36.48
C GLU A 439 -23.13 62.59 36.39
N ALA A 440 -21.87 62.19 36.16
CA ALA A 440 -21.53 60.77 36.15
C ALA A 440 -21.79 60.14 37.51
N VAL A 441 -21.49 60.87 38.59
CA VAL A 441 -21.74 60.35 39.94
C VAL A 441 -23.24 60.17 40.16
N ILE A 442 -24.04 61.16 39.76
CA ILE A 442 -25.49 61.07 39.95
C ILE A 442 -26.07 59.91 39.14
N LEU A 443 -25.63 59.76 37.88
CA LEU A 443 -26.14 58.69 37.04
C LEU A 443 -25.74 57.32 37.58
N SER A 444 -24.50 57.20 38.06
CA SER A 444 -24.05 55.93 38.65
C SER A 444 -24.82 55.62 39.92
N LEU A 445 -25.12 56.64 40.74
CA LEU A 445 -25.91 56.43 41.94
C LEU A 445 -27.32 55.96 41.61
N GLN A 446 -27.94 56.56 40.59
CA GLN A 446 -29.29 56.14 40.19
C GLN A 446 -29.28 54.71 39.65
N ASP A 447 -28.29 54.37 38.82
CA ASP A 447 -28.21 53.02 38.28
C ASP A 447 -27.94 51.99 39.38
N LEU A 448 -27.11 52.35 40.37
CA LEU A 448 -26.82 51.42 41.46
C LEU A 448 -28.02 51.25 42.39
N ILE A 449 -28.79 52.32 42.60
CA ILE A 449 -30.03 52.20 43.36
C ILE A 449 -31.02 51.30 42.63
N GLY A 450 -31.14 51.48 41.30
CA GLY A 450 -32.02 50.63 40.53
C GLY A 450 -31.56 49.20 40.39
N TYR A 451 -30.25 48.95 40.57
CA TYR A 451 -29.73 47.60 40.42
C TYR A 451 -30.13 46.68 41.56
N PHE A 452 -30.36 47.23 42.75
CA PHE A 452 -30.67 46.45 43.95
C PHE A 452 -32.10 46.68 44.42
N GLU A 453 -33.04 46.76 43.48
CA GLU A 453 -34.43 46.93 43.85
C GLU A 453 -34.99 45.64 44.44
N PRO A 454 -35.75 45.71 45.54
CA PRO A 454 -36.35 44.50 46.10
C PRO A 454 -37.33 43.89 45.13
N PRO A 455 -37.47 42.56 45.14
CA PRO A 455 -38.42 41.91 44.24
C PRO A 455 -39.86 42.25 44.58
N SER A 456 -40.71 42.25 43.56
CA SER A 456 -42.11 42.58 43.73
C SER A 456 -42.84 41.50 44.52
N GLU A 457 -43.88 41.91 45.24
CA GLU A 457 -44.67 40.98 46.04
C GLU A 457 -45.61 40.17 45.16
N GLU A 458 -46.07 40.74 44.04
CA GLU A 458 -47.07 40.11 43.19
C GLU A 458 -46.53 38.92 42.39
N LEU A 459 -45.23 38.66 42.42
CA LEU A 459 -44.66 37.52 41.72
C LEU A 459 -44.91 36.23 42.48
N GLN A 460 -44.71 35.11 41.79
CA GLN A 460 -44.90 33.80 42.41
C GLN A 460 -43.81 33.53 43.44
N HIS A 461 -44.04 32.47 44.24
CA HIS A 461 -43.13 32.16 45.34
C HIS A 461 -41.75 31.74 44.85
N GLU A 462 -41.71 30.87 43.83
CA GLU A 462 -40.42 30.36 43.34
C GLU A 462 -39.58 31.48 42.74
N GLU A 463 -40.19 32.33 41.91
CA GLU A 463 -39.47 33.45 41.31
C GLU A 463 -39.02 34.44 42.37
N LYS A 464 -39.86 34.69 43.37
CA LYS A 464 -39.49 35.60 44.45
C LYS A 464 -38.28 35.07 45.24
N GLN A 465 -38.28 33.77 45.54
CA GLN A 465 -37.14 33.18 46.23
C GLN A 465 -35.88 33.24 45.37
N SER A 466 -36.02 33.00 44.06
CA SER A 466 -34.85 33.06 43.17
C SER A 466 -34.27 34.46 43.11
N LYS A 467 -35.12 35.48 42.96
CA LYS A 467 -34.63 36.85 42.93
C LYS A 467 -34.04 37.26 44.28
N LEU A 468 -34.64 36.79 45.39
CA LEU A 468 -34.08 37.09 46.71
C LEU A 468 -32.69 36.50 46.87
N ARG A 469 -32.50 35.25 46.44
CA ARG A 469 -31.18 34.62 46.52
C ARG A 469 -30.16 35.33 45.64
N SER A 470 -30.55 35.68 44.41
CA SER A 470 -29.63 36.38 43.52
C SER A 470 -29.24 37.75 44.05
N LEU A 471 -30.22 38.49 44.57
CA LEU A 471 -29.94 39.80 45.17
C LEU A 471 -29.06 39.66 46.40
N ARG A 472 -29.30 38.63 47.22
CA ARG A 472 -28.46 38.41 48.40
C ARG A 472 -27.02 38.11 48.02
N ASN A 473 -26.81 37.27 46.99
CA ASN A 473 -25.45 36.98 46.56
C ASN A 473 -24.76 38.22 45.99
N ARG A 474 -25.48 38.99 45.18
CA ARG A 474 -24.90 40.21 44.60
C ARG A 474 -24.56 41.23 45.69
N GLN A 475 -25.45 41.39 46.67
CA GLN A 475 -25.17 42.29 47.80
C GLN A 475 -23.98 41.78 48.61
N SER A 476 -23.88 40.46 48.79
CA SER A 476 -22.76 39.90 49.54
C SER A 476 -21.42 40.20 48.87
N LEU A 477 -21.32 39.97 47.56
CA LEU A 477 -20.07 40.28 46.88
C LEU A 477 -19.80 41.79 46.83
N PHE A 478 -20.85 42.59 46.61
CA PHE A 478 -20.68 44.04 46.64
C PHE A 478 -20.18 44.52 48.00
N GLN A 479 -20.59 43.86 49.08
CA GLN A 479 -20.08 44.19 50.41
C GLN A 479 -18.63 43.75 50.55
N GLU A 480 -18.31 42.55 50.08
CA GLU A 480 -16.96 42.00 50.25
C GLU A 480 -15.92 42.83 49.49
N GLU A 481 -16.26 43.30 48.29
CA GLU A 481 -15.30 44.09 47.52
C GLU A 481 -15.02 45.45 48.15
N GLY A 482 -15.88 45.94 49.03
CA GLY A 482 -15.60 47.11 49.82
C GLY A 482 -16.30 48.39 49.39
N MET A 483 -17.48 48.31 48.78
CA MET A 483 -18.23 49.51 48.46
C MET A 483 -18.87 50.14 49.69
N LEU A 484 -19.15 49.35 50.72
CA LEU A 484 -19.90 49.87 51.88
C LEU A 484 -19.11 50.93 52.62
N SER A 485 -17.82 50.72 52.82
CA SER A 485 -16.99 51.75 53.45
C SER A 485 -16.79 52.93 52.51
N LEU A 486 -16.76 52.66 51.20
CA LEU A 486 -16.58 53.73 50.21
C LEU A 486 -17.75 54.70 50.25
N VAL A 487 -18.98 54.19 50.44
CA VAL A 487 -20.14 55.06 50.53
C VAL A 487 -20.01 56.01 51.71
N LEU A 488 -19.64 55.48 52.89
CA LEU A 488 -19.49 56.34 54.07
C LEU A 488 -18.36 57.35 53.89
N ASN A 489 -17.28 56.94 53.23
CA ASN A 489 -16.20 57.87 52.92
C ASN A 489 -16.69 59.00 52.02
N CYS A 490 -17.57 58.70 51.07
CA CYS A 490 -18.15 59.76 50.25
C CYS A 490 -19.10 60.63 51.06
N ILE A 491 -19.86 60.03 51.98
CA ILE A 491 -20.86 60.79 52.74
C ILE A 491 -20.19 61.78 53.68
N ASP A 492 -19.09 61.40 54.32
CA ASP A 492 -18.48 62.26 55.35
C ASP A 492 -18.01 63.60 54.78
N ARG A 493 -17.34 63.56 53.62
CA ARG A 493 -16.77 64.79 53.06
C ARG A 493 -17.84 65.76 52.59
N LEU A 494 -19.00 65.25 52.14
CA LEU A 494 -20.10 66.17 51.86
C LEU A 494 -20.81 66.60 53.14
N ASN A 495 -20.91 65.70 54.13
CA ASN A 495 -21.65 65.98 55.35
C ASN A 495 -20.95 66.99 56.24
N VAL A 496 -19.65 67.20 56.05
CA VAL A 496 -18.94 68.16 56.89
C VAL A 496 -19.37 69.59 56.60
N TYR A 497 -20.01 69.86 55.46
CA TYR A 497 -20.25 71.21 55.00
C TYR A 497 -21.53 71.85 55.52
N THR A 498 -22.39 71.10 56.21
CA THR A 498 -23.58 71.62 56.91
C THR A 498 -24.50 72.29 55.89
N THR A 499 -24.85 73.58 56.07
CA THR A 499 -25.91 74.22 55.30
C THR A 499 -25.58 74.24 53.81
N ALA A 500 -24.31 74.48 53.47
CA ALA A 500 -23.80 74.46 52.09
C ALA A 500 -24.46 75.52 51.20
N ALA A 501 -24.87 76.65 51.78
CA ALA A 501 -25.31 77.77 50.96
C ALA A 501 -24.09 78.58 50.49
N HIS A 502 -23.33 79.12 51.44
CA HIS A 502 -22.01 79.68 51.15
C HIS A 502 -20.90 78.66 51.41
N PHE A 503 -21.20 77.57 52.12
CA PHE A 503 -20.20 76.55 52.40
C PHE A 503 -19.91 75.71 51.17
N ALA A 504 -20.91 75.47 50.32
CA ALA A 504 -20.69 74.82 49.04
C ALA A 504 -20.19 75.79 47.98
N GLU A 505 -20.06 77.08 48.32
CA GLU A 505 -19.36 78.02 47.47
C GLU A 505 -17.86 77.94 47.65
N TYR A 506 -17.39 77.18 48.66
CA TYR A 506 -15.99 76.79 48.71
C TYR A 506 -15.62 75.96 47.49
N ALA A 507 -16.55 75.11 47.03
CA ALA A 507 -16.43 74.49 45.72
C ALA A 507 -16.75 75.46 44.59
N GLY A 508 -17.44 76.56 44.89
CA GLY A 508 -17.98 77.41 43.85
C GLY A 508 -19.32 76.88 43.37
N GLU A 509 -19.73 77.38 42.20
CA GLU A 509 -20.97 76.93 41.58
C GLU A 509 -20.83 75.48 41.11
N GLU A 510 -21.94 74.95 40.57
CA GLU A 510 -22.17 73.58 40.09
C GLU A 510 -22.29 72.58 41.25
N ALA A 511 -22.05 72.98 42.49
CA ALA A 511 -22.17 72.10 43.64
C ALA A 511 -23.31 72.46 44.58
N ALA A 512 -23.85 73.68 44.50
CA ALA A 512 -24.97 74.06 45.34
C ALA A 512 -26.29 73.44 44.88
N GLU A 513 -26.44 73.21 43.58
CA GLU A 513 -27.65 72.55 43.07
C GLU A 513 -27.61 71.04 43.23
N SER A 514 -26.42 70.44 43.33
CA SER A 514 -26.29 68.99 43.34
C SER A 514 -26.00 68.40 44.71
N TRP A 515 -25.75 69.23 45.73
CA TRP A 515 -25.41 68.72 47.05
C TRP A 515 -26.52 67.85 47.65
N LYS A 516 -27.74 68.40 47.70
CA LYS A 516 -28.84 67.68 48.35
C LYS A 516 -29.20 66.41 47.59
N GLU A 517 -29.24 66.47 46.26
CA GLU A 517 -29.54 65.30 45.46
C GLU A 517 -28.48 64.21 45.65
N ILE A 518 -27.21 64.61 45.68
CA ILE A 518 -26.14 63.62 45.82
C ILE A 518 -26.18 62.97 47.19
N VAL A 519 -26.40 63.76 48.25
CA VAL A 519 -26.44 63.15 49.59
C VAL A 519 -27.68 62.28 49.75
N ASN A 520 -28.82 62.68 49.18
CA ASN A 520 -30.02 61.85 49.26
C ASN A 520 -29.84 60.55 48.49
N LEU A 521 -29.23 60.61 47.30
CA LEU A 521 -29.00 59.40 46.52
C LEU A 521 -27.98 58.49 47.17
N LEU A 522 -26.96 59.06 47.83
CA LEU A 522 -26.00 58.22 48.56
C LEU A 522 -26.67 57.51 49.74
N TYR A 523 -27.51 58.23 50.49
CA TYR A 523 -28.23 57.57 51.59
C TYR A 523 -29.20 56.50 51.06
N GLU A 524 -29.86 56.77 49.94
CA GLU A 524 -30.75 55.77 49.35
C GLU A 524 -29.99 54.54 48.89
N LEU A 525 -28.82 54.74 48.26
CA LEU A 525 -28.01 53.60 47.84
C LEU A 525 -27.52 52.80 49.03
N LEU A 526 -27.09 53.48 50.10
CA LEU A 526 -26.65 52.79 51.30
C LEU A 526 -27.78 51.95 51.89
N ALA A 527 -28.98 52.55 52.00
CA ALA A 527 -30.13 51.84 52.55
C ALA A 527 -30.53 50.66 51.68
N SER A 528 -30.41 50.79 50.35
CA SER A 528 -30.70 49.66 49.49
C SER A 528 -29.66 48.56 49.61
N LEU A 529 -28.40 48.92 49.86
CA LEU A 529 -27.36 47.90 49.99
C LEU A 529 -27.46 47.14 51.30
N ILE A 530 -27.76 47.82 52.40
CA ILE A 530 -27.69 47.14 53.69
C ILE A 530 -28.87 46.20 53.89
N ARG A 531 -30.04 46.56 53.33
CA ARG A 531 -31.30 45.87 53.63
C ARG A 531 -31.28 44.43 53.14
N GLY A 532 -31.77 43.51 53.99
CA GLY A 532 -31.98 42.14 53.61
C GLY A 532 -30.86 41.17 53.94
N ASN A 533 -29.69 41.65 54.35
CA ASN A 533 -28.56 40.79 54.66
C ASN A 533 -28.22 40.93 56.13
N ARG A 534 -28.20 39.81 56.85
CA ARG A 534 -27.90 39.83 58.28
C ARG A 534 -26.46 40.18 58.57
N ALA A 535 -25.52 39.72 57.73
CA ALA A 535 -24.10 40.01 57.96
C ALA A 535 -23.81 41.50 57.79
N ASN A 536 -24.39 42.12 56.77
CA ASN A 536 -24.18 43.55 56.54
C ASN A 536 -24.75 44.38 57.68
N CYS A 537 -25.88 43.97 58.25
CA CYS A 537 -26.45 44.71 59.38
C CYS A 537 -25.65 44.47 60.66
N ALA A 538 -25.15 43.24 60.85
CA ALA A 538 -24.34 42.94 62.02
C ALA A 538 -22.99 43.65 61.97
N LEU A 539 -22.50 43.93 60.76
CA LEU A 539 -21.26 44.69 60.62
C LEU A 539 -21.43 46.17 60.95
N PHE A 540 -22.67 46.63 61.14
CA PHE A 540 -22.95 48.01 61.54
C PHE A 540 -22.87 48.22 63.05
N SER A 541 -22.32 47.25 63.79
CA SER A 541 -22.27 47.36 65.25
C SER A 541 -21.40 48.53 65.68
N THR A 542 -20.24 48.70 65.05
CA THR A 542 -19.37 49.81 65.39
C THR A 542 -19.90 51.15 64.89
N ASN A 543 -20.74 51.14 63.86
CA ASN A 543 -21.23 52.37 63.24
C ASN A 543 -22.58 52.82 63.78
N LEU A 544 -23.03 52.26 64.92
CA LEU A 544 -24.28 52.69 65.52
C LEU A 544 -24.21 54.17 65.91
N ASP A 545 -23.11 54.57 66.54
CA ASP A 545 -22.92 55.97 66.88
C ASP A 545 -22.81 56.85 65.63
N TRP A 546 -22.28 56.30 64.54
CA TRP A 546 -22.18 57.08 63.30
C TRP A 546 -23.55 57.37 62.72
N VAL A 547 -24.46 56.39 62.75
CA VAL A 547 -25.78 56.60 62.17
C VAL A 547 -26.71 57.36 63.12
N VAL A 548 -26.48 57.29 64.44
CA VAL A 548 -27.35 57.97 65.39
C VAL A 548 -26.99 59.46 65.47
N SER A 549 -25.70 59.77 65.56
CA SER A 549 -25.27 61.11 65.95
C SER A 549 -25.58 62.19 64.91
N LYS A 550 -25.95 61.82 63.69
CA LYS A 550 -26.10 62.84 62.65
C LYS A 550 -27.36 63.68 62.85
N LEU A 551 -28.53 63.07 62.64
CA LEU A 551 -29.85 63.68 62.77
C LEU A 551 -29.93 65.10 62.22
N ASP A 552 -29.34 65.34 61.04
CA ASP A 552 -29.19 66.70 60.54
C ASP A 552 -30.54 67.27 60.11
N ARG A 553 -30.62 68.60 60.14
CA ARG A 553 -31.90 69.29 60.04
C ARG A 553 -32.47 69.22 58.62
N LEU A 554 -31.65 69.49 57.61
CA LEU A 554 -32.18 69.77 56.28
C LEU A 554 -31.81 68.72 55.24
N GLU A 555 -30.52 68.36 55.10
CA GLU A 555 -30.01 67.60 53.96
C GLU A 555 -30.81 66.36 53.57
N ALA A 556 -30.87 65.36 54.46
CA ALA A 556 -31.59 64.11 54.17
C ALA A 556 -32.28 63.64 55.45
N SER A 557 -33.53 64.03 55.62
CA SER A 557 -34.36 63.47 56.68
C SER A 557 -35.09 62.23 56.17
N SER A 558 -35.37 61.31 57.09
CA SER A 558 -36.02 60.00 56.92
C SER A 558 -35.18 59.04 56.07
N GLY A 559 -33.99 59.44 55.61
CA GLY A 559 -33.12 58.54 54.89
C GLY A 559 -32.18 57.82 55.85
N ILE A 560 -31.61 58.58 56.78
CA ILE A 560 -30.89 57.98 57.90
C ILE A 560 -31.83 57.16 58.77
N LEU A 561 -33.08 57.59 58.90
CA LEU A 561 -34.06 56.87 59.69
C LEU A 561 -34.37 55.49 59.11
N GLU A 562 -34.38 55.37 57.78
CA GLU A 562 -34.62 54.07 57.17
C GLU A 562 -33.45 53.13 57.44
N VAL A 563 -32.22 53.64 57.39
CA VAL A 563 -31.05 52.82 57.70
C VAL A 563 -31.08 52.38 59.16
N LEU A 564 -31.46 53.28 60.06
CA LEU A 564 -31.58 52.93 61.48
C LEU A 564 -32.66 51.89 61.70
N TYR A 565 -33.80 52.03 61.01
CA TYR A 565 -34.87 51.06 61.11
C TYR A 565 -34.43 49.69 60.62
N CYS A 566 -33.71 49.64 59.49
CA CYS A 566 -33.22 48.37 58.97
C CYS A 566 -32.22 47.72 59.93
N VAL A 567 -31.32 48.54 60.51
CA VAL A 567 -30.35 48.04 61.47
C VAL A 567 -31.06 47.45 62.68
N LEU A 568 -32.11 48.11 63.15
CA LEU A 568 -32.82 47.63 64.33
C LEU A 568 -33.62 46.36 64.04
N ILE A 569 -34.28 46.29 62.89
CA ILE A 569 -35.15 45.15 62.62
C ILE A 569 -34.32 43.91 62.27
N GLU A 570 -33.23 44.09 61.53
CA GLU A 570 -32.55 42.92 60.96
C GLU A 570 -31.58 42.27 61.94
N SER A 571 -30.80 43.06 62.67
CA SER A 571 -29.73 42.52 63.51
C SER A 571 -30.05 42.75 64.99
N PRO A 572 -30.22 41.70 65.79
CA PRO A 572 -30.42 41.89 67.23
C PRO A 572 -29.16 42.17 68.00
N GLU A 573 -27.98 42.01 67.39
CA GLU A 573 -26.72 42.30 68.07
C GLU A 573 -26.57 43.79 68.39
N VAL A 574 -27.18 44.65 67.57
CA VAL A 574 -27.12 46.09 67.81
C VAL A 574 -27.85 46.47 69.09
N LEU A 575 -28.94 45.75 69.41
CA LEU A 575 -29.81 46.12 70.52
C LEU A 575 -29.09 46.02 71.87
N ASN A 576 -28.04 45.21 71.96
CA ASN A 576 -27.29 45.11 73.20
C ASN A 576 -26.46 46.37 73.47
N ILE A 577 -26.11 47.12 72.44
CA ILE A 577 -25.27 48.31 72.59
C ILE A 577 -26.04 49.61 72.30
N ILE A 578 -27.36 49.58 72.49
CA ILE A 578 -28.20 50.76 72.20
C ILE A 578 -27.84 51.91 73.13
N GLN A 579 -27.58 51.62 74.41
CA GLN A 579 -27.28 52.58 75.47
C GLN A 579 -28.47 53.49 75.75
N GLU A 580 -28.25 54.55 76.55
CA GLU A 580 -29.34 55.39 77.04
C GLU A 580 -29.45 56.71 76.28
N ASN A 581 -28.33 57.33 75.90
CA ASN A 581 -28.38 58.63 75.24
C ASN A 581 -28.96 58.53 73.83
N HIS A 582 -28.84 57.37 73.20
CA HIS A 582 -29.44 57.17 71.87
C HIS A 582 -30.97 57.20 71.96
N ILE A 583 -31.53 56.65 73.03
CA ILE A 583 -32.98 56.73 73.24
C ILE A 583 -33.41 58.17 73.43
N LYS A 584 -32.63 58.94 74.20
CA LYS A 584 -32.90 60.36 74.37
C LYS A 584 -32.85 61.11 73.05
N SER A 585 -31.88 60.78 72.20
CA SER A 585 -31.75 61.43 70.89
C SER A 585 -32.93 61.08 69.98
N ILE A 586 -33.34 59.81 69.97
CA ILE A 586 -34.48 59.40 69.15
C ILE A 586 -35.76 60.08 69.64
N ILE A 587 -35.92 60.21 70.95
CA ILE A 587 -37.10 60.88 71.50
C ILE A 587 -37.08 62.37 71.19
N SER A 588 -35.91 63.00 71.28
CA SER A 588 -35.80 64.41 70.93
C SER A 588 -36.06 64.66 69.46
N LEU A 589 -35.80 63.65 68.61
CA LEU A 589 -36.20 63.75 67.21
C LEU A 589 -37.71 63.89 67.07
N LEU A 590 -38.49 63.23 67.93
CA LEU A 590 -39.95 63.40 67.88
C LEU A 590 -40.36 64.83 68.20
N ASP A 591 -39.71 65.46 69.18
CA ASP A 591 -40.10 66.80 69.56
C ASP A 591 -39.63 67.83 68.54
N LYS A 592 -38.43 67.66 67.99
CA LYS A 592 -37.93 68.63 67.01
C LYS A 592 -38.62 68.47 65.65
N HIS A 593 -38.86 67.25 65.20
CA HIS A 593 -39.41 67.01 63.88
C HIS A 593 -40.91 66.71 63.89
N GLY A 594 -41.56 66.79 65.05
CA GLY A 594 -42.99 66.60 65.12
C GLY A 594 -43.39 65.14 65.24
N ARG A 595 -44.70 64.94 65.33
CA ARG A 595 -45.24 63.59 65.43
C ARG A 595 -45.03 62.82 64.13
N ASN A 596 -44.54 61.59 64.26
CA ASN A 596 -44.27 60.75 63.11
C ASN A 596 -44.39 59.30 63.57
N HIS A 597 -45.10 58.49 62.78
CA HIS A 597 -45.29 57.09 63.15
C HIS A 597 -44.02 56.26 62.96
N LYS A 598 -43.07 56.73 62.14
CA LYS A 598 -41.85 55.97 61.92
C LYS A 598 -40.95 55.96 63.16
N VAL A 599 -40.90 57.07 63.90
CA VAL A 599 -40.13 57.09 65.13
C VAL A 599 -40.76 56.18 66.17
N LEU A 600 -42.10 56.14 66.21
CA LEU A 600 -42.79 55.22 67.11
C LEU A 600 -42.52 53.77 66.72
N ASP A 601 -42.45 53.48 65.43
CA ASP A 601 -42.10 52.13 64.98
C ASP A 601 -40.67 51.78 65.33
N VAL A 602 -39.76 52.76 65.25
CA VAL A 602 -38.37 52.54 65.65
C VAL A 602 -38.28 52.23 67.14
N LEU A 603 -39.01 52.99 67.97
CA LEU A 603 -39.05 52.73 69.40
C LEU A 603 -39.67 51.37 69.70
N CYS A 604 -40.68 50.97 68.93
CA CYS A 604 -41.26 49.63 69.09
C CYS A 604 -40.26 48.55 68.71
N SER A 605 -39.47 48.77 67.67
CA SER A 605 -38.46 47.80 67.25
C SER A 605 -37.27 47.77 68.19
N LEU A 606 -37.09 48.80 69.02
CA LEU A 606 -36.05 48.77 70.03
C LEU A 606 -36.28 47.68 71.08
N CYS A 607 -37.53 47.25 71.26
CA CYS A 607 -37.86 46.22 72.23
C CYS A 607 -38.47 45.00 71.55
N VAL A 608 -38.24 43.84 72.16
CA VAL A 608 -38.87 42.56 71.81
C VAL A 608 -38.49 42.21 70.38
N CYS A 609 -37.20 42.34 70.06
CA CYS A 609 -36.70 41.82 68.79
C CYS A 609 -36.50 40.31 68.90
N ASN A 610 -36.93 39.60 67.86
CA ASN A 610 -36.92 38.13 67.80
C ASN A 610 -37.77 37.60 68.95
N GLY A 611 -37.46 36.41 69.47
CA GLY A 611 -38.23 35.86 70.57
C GLY A 611 -37.95 36.51 71.91
N VAL A 612 -36.69 36.91 72.14
CA VAL A 612 -36.34 37.51 73.43
C VAL A 612 -36.84 38.96 73.51
N ALA A 613 -36.95 39.45 74.74
CA ALA A 613 -37.32 40.83 75.01
C ALA A 613 -36.28 41.45 75.92
N VAL A 614 -35.67 42.55 75.49
CA VAL A 614 -34.65 43.25 76.27
C VAL A 614 -35.35 44.16 77.26
N ARG A 615 -35.14 43.91 78.55
CA ARG A 615 -35.81 44.70 79.58
C ARG A 615 -35.20 46.09 79.75
N SER A 616 -33.88 46.22 79.52
CA SER A 616 -33.21 47.49 79.74
C SER A 616 -33.76 48.58 78.82
N ASN A 617 -33.95 48.26 77.54
CA ASN A 617 -34.54 49.23 76.61
C ASN A 617 -35.98 49.54 76.98
N GLN A 618 -36.73 48.56 77.49
CA GLN A 618 -38.10 48.78 77.89
C GLN A 618 -38.19 49.78 79.04
N ASP A 619 -37.43 49.54 80.12
CA ASP A 619 -37.44 50.47 81.24
C ASP A 619 -36.84 51.82 80.89
N LEU A 620 -35.87 51.85 79.97
CA LEU A 620 -35.30 53.15 79.59
C LEU A 620 -36.28 53.98 78.79
N ILE A 621 -37.00 53.35 77.85
CA ILE A 621 -38.06 54.04 77.12
C ILE A 621 -39.16 54.48 78.08
N THR A 622 -39.51 53.63 79.04
CA THR A 622 -40.57 53.96 79.98
C THR A 622 -40.20 55.15 80.87
N GLU A 623 -38.97 55.16 81.39
CA GLU A 623 -38.51 56.28 82.20
C GLU A 623 -38.28 57.53 81.37
N ASN A 624 -37.98 57.38 80.08
CA ASN A 624 -37.88 58.52 79.17
C ASN A 624 -39.26 59.04 78.77
N LEU A 625 -40.24 58.15 78.63
CA LEU A 625 -41.63 58.55 78.47
C LEU A 625 -42.15 58.98 79.84
N LEU A 626 -41.85 60.23 80.19
CA LEU A 626 -42.12 60.75 81.51
C LEU A 626 -43.62 60.90 81.72
N PRO A 627 -44.09 60.91 82.98
CA PRO A 627 -45.51 61.16 83.23
C PRO A 627 -46.00 62.52 82.75
N GLY A 628 -45.10 63.48 82.54
CA GLY A 628 -45.42 64.69 81.80
C GLY A 628 -45.99 64.35 80.44
N ARG A 629 -47.19 64.85 80.16
CA ARG A 629 -48.00 64.37 79.05
C ARG A 629 -47.70 65.08 77.74
N GLU A 630 -46.55 65.74 77.62
CA GLU A 630 -46.30 66.66 76.51
C GLU A 630 -46.23 65.95 75.17
N LEU A 631 -45.57 64.79 75.12
CA LEU A 631 -45.17 64.18 73.86
C LEU A 631 -46.13 63.09 73.39
N LEU A 632 -47.28 62.94 74.04
CA LEU A 632 -48.26 61.94 73.63
C LEU A 632 -49.65 62.43 73.99
N LEU A 633 -50.61 62.08 73.15
CA LEU A 633 -51.99 62.49 73.35
C LEU A 633 -52.66 61.63 74.43
N GLN A 634 -53.45 62.27 75.27
CA GLN A 634 -54.06 61.62 76.42
C GLN A 634 -55.57 61.53 76.26
N THR A 635 -56.15 60.47 76.83
CA THR A 635 -57.59 60.25 76.78
C THR A 635 -58.12 59.88 78.17
N ASN A 636 -59.37 60.26 78.41
CA ASN A 636 -60.02 60.01 79.70
C ASN A 636 -61.53 60.23 79.54
N LEU A 637 -62.31 59.56 80.39
CA LEU A 637 -63.74 59.77 80.43
C LEU A 637 -64.07 61.10 81.11
N ILE A 638 -65.13 61.76 80.65
CA ILE A 638 -65.57 63.02 81.22
C ILE A 638 -67.10 63.07 81.16
N ASN A 639 -67.68 63.97 81.94
CA ASN A 639 -69.13 64.09 82.08
C ASN A 639 -69.66 65.26 81.27
N TYR A 640 -70.79 65.04 80.60
CA TYR A 640 -71.46 66.11 79.87
C TYR A 640 -72.05 67.13 80.82
N VAL A 641 -72.01 68.40 80.42
CA VAL A 641 -72.59 69.50 81.18
C VAL A 641 -73.34 70.42 80.22
N THR A 642 -74.48 70.94 80.67
CA THR A 642 -75.32 71.80 79.84
C THR A 642 -75.70 73.04 80.63
N SER A 643 -76.38 73.98 79.95
CA SER A 643 -76.76 75.24 80.56
C SER A 643 -78.10 75.68 80.00
N ILE A 644 -78.93 76.28 80.87
CA ILE A 644 -80.20 76.86 80.45
C ILE A 644 -80.32 78.31 80.91
N ARG A 645 -81.43 78.92 80.48
CA ARG A 645 -81.63 80.33 80.22
C ARG A 645 -83.06 80.70 80.64
N PRO A 646 -83.23 81.72 81.47
CA PRO A 646 -84.48 82.49 81.42
C PRO A 646 -84.32 83.68 80.48
N ASN A 647 -85.36 84.00 79.71
CA ASN A 647 -85.24 85.07 78.71
C ASN A 647 -85.30 86.43 79.43
N ILE A 648 -84.11 86.95 79.73
CA ILE A 648 -83.95 88.23 80.41
C ILE A 648 -82.80 88.98 79.74
N PHE A 649 -83.04 90.23 79.36
CA PHE A 649 -82.03 91.05 78.70
C PHE A 649 -81.70 92.22 79.61
N VAL A 650 -80.47 92.23 80.12
CA VAL A 650 -79.98 93.30 80.99
C VAL A 650 -78.71 93.87 80.38
N GLY A 651 -78.74 95.17 80.07
CA GLY A 651 -77.58 95.82 79.48
C GLY A 651 -77.50 97.31 79.78
N ARG A 652 -76.29 97.81 79.93
CA ARG A 652 -76.05 99.23 80.17
C ARG A 652 -75.11 99.78 79.12
N ALA A 653 -75.44 100.96 78.61
CA ALA A 653 -74.68 101.61 77.54
C ALA A 653 -75.08 103.07 77.50
N GLU A 654 -74.56 103.79 76.52
CA GLU A 654 -74.89 105.20 76.35
C GLU A 654 -76.35 105.38 75.96
N GLY A 655 -76.93 106.50 76.39
CA GLY A 655 -78.32 106.75 76.10
C GLY A 655 -79.24 106.14 77.15
N SER A 656 -80.49 105.91 76.73
CA SER A 656 -81.48 105.36 77.64
C SER A 656 -81.21 103.88 77.87
N THR A 657 -81.22 103.47 79.14
CA THR A 657 -81.05 102.08 79.52
C THR A 657 -82.08 101.71 80.57
N GLN A 658 -82.55 100.46 80.53
CA GLN A 658 -83.53 99.98 81.49
C GLN A 658 -82.83 99.75 82.83
N TYR A 659 -82.82 100.79 83.66
CA TYR A 659 -82.12 100.82 84.95
C TYR A 659 -80.69 100.31 84.84
N GLY A 660 -80.46 99.08 85.30
CA GLY A 660 -79.13 98.50 85.30
C GLY A 660 -78.85 97.76 86.58
N LYS A 661 -79.64 98.07 87.61
CA LYS A 661 -79.55 97.40 88.91
C LYS A 661 -80.56 96.26 88.90
N TRP A 662 -80.05 95.02 88.83
CA TRP A 662 -80.88 93.84 88.84
C TRP A 662 -80.30 92.79 89.78
N TYR A 663 -81.19 92.07 90.46
CA TYR A 663 -80.80 91.10 91.48
C TYR A 663 -81.70 89.88 91.36
N PHE A 664 -81.10 88.70 91.23
CA PHE A 664 -81.86 87.47 91.16
C PHE A 664 -81.23 86.40 92.06
N GLU A 665 -82.09 85.53 92.60
CA GLU A 665 -81.68 84.43 93.45
C GLU A 665 -82.27 83.13 92.91
N VAL A 666 -81.53 82.04 93.08
CA VAL A 666 -81.91 80.73 92.56
C VAL A 666 -81.70 79.68 93.66
N MET A 667 -82.63 78.74 93.77
CA MET A 667 -82.61 77.77 94.86
C MET A 667 -82.42 76.36 94.30
N VAL A 668 -81.70 75.53 95.06
CA VAL A 668 -81.57 74.12 94.76
C VAL A 668 -82.13 73.32 95.93
N ASP A 669 -82.88 72.26 95.62
CA ASP A 669 -83.52 71.45 96.65
C ASP A 669 -82.77 70.17 96.97
N GLU A 670 -81.98 69.66 96.03
CA GLU A 670 -81.18 68.47 96.27
C GLU A 670 -79.98 68.48 95.34
N VAL A 671 -78.95 67.73 95.72
CA VAL A 671 -77.81 67.45 94.86
C VAL A 671 -77.64 65.94 94.81
N VAL A 672 -77.51 65.40 93.60
CA VAL A 672 -77.32 63.92 93.41
C VAL A 672 -75.94 63.51 93.91
N PRO A 673 -75.78 62.35 94.60
CA PRO A 673 -74.49 61.96 95.19
C PRO A 673 -73.31 61.69 94.24
N PHE A 674 -73.53 61.02 93.10
CA PHE A 674 -72.42 60.66 92.17
C PHE A 674 -72.83 59.53 91.21
N LEU A 675 -73.94 59.67 90.49
CA LEU A 675 -74.38 58.70 89.50
C LEU A 675 -73.19 58.01 88.83
N THR A 676 -72.15 58.75 88.49
CA THR A 676 -71.02 58.24 87.72
C THR A 676 -69.72 58.59 88.44
N ALA A 677 -68.66 57.89 88.05
CA ALA A 677 -67.34 58.19 88.60
C ALA A 677 -66.81 59.48 87.99
N GLN A 678 -67.16 60.61 88.63
CA GLN A 678 -66.85 61.96 88.18
C GLN A 678 -67.38 62.92 89.25
N ALA A 679 -67.09 64.21 89.13
CA ALA A 679 -67.53 65.19 90.10
C ALA A 679 -68.75 65.93 89.55
N THR A 680 -69.85 65.90 90.30
CA THR A 680 -71.05 66.63 89.93
C THR A 680 -70.80 68.13 90.08
N HIS A 681 -71.19 68.90 89.07
CA HIS A 681 -70.90 70.33 89.00
C HIS A 681 -72.14 71.11 88.67
N LEU A 682 -72.46 72.11 89.51
CA LEU A 682 -73.54 73.06 89.25
C LEU A 682 -73.00 74.46 89.51
N ARG A 683 -73.34 75.40 88.63
CA ARG A 683 -72.80 76.75 88.70
C ARG A 683 -73.84 77.75 88.21
N VAL A 684 -73.84 78.94 88.80
CA VAL A 684 -74.77 80.00 88.42
C VAL A 684 -73.97 81.22 88.04
N GLY A 685 -74.46 81.99 87.06
CA GLY A 685 -73.75 83.22 86.75
C GLY A 685 -74.33 84.03 85.61
N TRP A 686 -73.44 84.80 85.00
CA TRP A 686 -73.76 85.80 83.98
C TRP A 686 -73.04 85.41 82.70
N ALA A 687 -73.78 85.37 81.59
CA ALA A 687 -73.23 84.84 80.34
C ALA A 687 -72.59 85.90 79.47
N LEU A 688 -73.02 87.16 79.56
CA LEU A 688 -72.61 88.26 78.67
C LEU A 688 -72.96 87.82 77.25
N THR A 689 -72.02 87.82 76.30
CA THR A 689 -72.28 87.38 74.94
C THR A 689 -71.28 86.31 74.52
N GLU A 690 -71.73 85.43 73.62
CA GLU A 690 -70.91 84.36 73.04
C GLU A 690 -70.39 83.41 74.13
N GLY A 691 -71.34 82.80 74.83
CA GLY A 691 -70.98 81.94 75.95
C GLY A 691 -70.25 80.68 75.52
N TYR A 692 -70.71 80.03 74.45
CA TYR A 692 -70.20 78.78 73.88
C TYR A 692 -70.42 77.57 74.80
N SER A 693 -71.04 77.76 75.95
CA SER A 693 -71.36 76.65 76.84
C SER A 693 -72.23 75.54 76.21
N PRO A 694 -73.25 75.82 75.40
CA PRO A 694 -74.11 74.72 74.89
C PRO A 694 -73.40 73.64 74.09
N TYR A 695 -72.19 73.90 73.59
CA TYR A 695 -71.46 72.93 72.77
C TYR A 695 -71.16 71.65 73.56
N PRO A 696 -71.78 70.53 73.19
CA PRO A 696 -71.58 69.27 73.95
C PRO A 696 -70.38 68.49 73.44
N GLY A 697 -69.20 69.03 73.71
CA GLY A 697 -67.98 68.42 73.20
C GLY A 697 -66.77 69.01 73.87
N GLY A 698 -65.61 68.71 73.29
CA GLY A 698 -64.34 69.11 73.85
C GLY A 698 -64.08 70.60 73.87
N GLY A 699 -63.98 71.16 75.07
CA GLY A 699 -63.64 72.56 75.24
C GLY A 699 -62.15 72.80 75.35
N GLU A 700 -61.80 73.94 75.93
CA GLU A 700 -60.40 74.25 76.21
C GLU A 700 -59.90 73.55 77.45
N GLY A 701 -60.71 73.53 78.51
CA GLY A 701 -60.40 72.73 79.67
C GLY A 701 -60.60 71.25 79.39
N TRP A 702 -60.22 70.44 80.37
CA TRP A 702 -60.27 68.98 80.22
C TRP A 702 -61.73 68.53 80.23
N GLY A 703 -62.27 68.24 79.06
CA GLY A 703 -63.67 67.87 78.94
C GLY A 703 -64.57 69.04 78.63
N GLY A 704 -65.84 68.94 79.02
CA GLY A 704 -66.78 70.01 78.74
C GLY A 704 -66.68 71.16 79.73
N ASN A 705 -67.21 72.31 79.31
CA ASN A 705 -67.20 73.53 80.10
C ASN A 705 -68.64 73.97 80.37
N GLY A 706 -68.82 74.73 81.46
CA GLY A 706 -70.12 75.28 81.77
C GLY A 706 -70.14 76.79 81.69
N VAL A 707 -70.40 77.45 82.82
CA VAL A 707 -70.38 78.90 82.91
C VAL A 707 -69.22 79.30 83.83
N GLY A 708 -68.52 80.36 83.46
CA GLY A 708 -67.35 80.79 84.19
C GLY A 708 -66.06 80.12 83.77
N ASP A 709 -66.11 79.17 82.84
CA ASP A 709 -64.89 78.56 82.35
C ASP A 709 -64.18 79.46 81.35
N ASP A 710 -64.92 80.32 80.66
CA ASP A 710 -64.35 81.25 79.70
C ASP A 710 -64.33 82.67 80.27
N LEU A 711 -63.75 83.60 79.51
CA LEU A 711 -63.69 84.98 79.94
C LEU A 711 -65.02 85.71 79.81
N TYR A 712 -65.82 85.34 78.80
CA TYR A 712 -67.11 85.98 78.61
C TYR A 712 -68.10 85.64 79.73
N SER A 713 -67.99 84.44 80.30
CA SER A 713 -68.93 83.96 81.30
C SER A 713 -68.33 84.08 82.70
N TYR A 714 -69.15 84.53 83.64
CA TYR A 714 -68.79 84.58 85.05
C TYR A 714 -69.66 83.60 85.80
N GLY A 715 -69.03 82.71 86.57
CA GLY A 715 -69.75 81.66 87.25
C GLY A 715 -69.34 81.56 88.71
N PHE A 716 -70.24 80.96 89.49
CA PHE A 716 -70.01 80.75 90.92
C PHE A 716 -70.67 79.45 91.33
N ASP A 717 -69.91 78.62 92.05
CA ASP A 717 -70.41 77.41 92.68
C ASP A 717 -70.14 77.38 94.17
N GLY A 718 -69.22 78.20 94.68
CA GLY A 718 -68.89 78.20 96.09
C GLY A 718 -67.42 77.95 96.37
N LEU A 719 -66.82 77.00 95.64
CA LEU A 719 -65.44 76.63 95.93
C LEU A 719 -64.46 77.65 95.36
N HIS A 720 -64.67 78.12 94.14
CA HIS A 720 -63.86 79.18 93.56
C HIS A 720 -64.72 80.14 92.76
N LEU A 721 -64.18 81.35 92.56
CA LEU A 721 -64.68 82.23 91.53
C LEU A 721 -64.07 81.82 90.19
N TRP A 722 -64.91 81.66 89.18
CA TRP A 722 -64.48 81.13 87.89
C TRP A 722 -64.63 82.19 86.81
N THR A 723 -63.51 82.57 86.20
CA THR A 723 -63.52 83.25 84.90
C THR A 723 -62.21 82.90 84.19
N GLY A 724 -62.33 82.46 82.93
CA GLY A 724 -61.17 82.00 82.20
C GLY A 724 -60.50 80.77 82.79
N HIS A 725 -61.29 79.84 83.34
CA HIS A 725 -60.81 78.53 83.80
C HIS A 725 -59.81 78.66 84.95
N VAL A 726 -60.09 79.57 85.88
CA VAL A 726 -59.24 79.80 87.04
C VAL A 726 -59.97 79.27 88.28
N ALA A 727 -59.19 79.00 89.33
CA ALA A 727 -59.69 78.31 90.52
C ALA A 727 -59.21 78.93 91.83
N ARG A 728 -59.18 80.26 91.96
CA ARG A 728 -58.78 80.80 93.27
C ARG A 728 -59.96 80.71 94.24
N PRO A 729 -59.74 80.26 95.47
CA PRO A 729 -60.86 79.98 96.38
C PRO A 729 -61.49 81.22 96.98
N VAL A 730 -62.71 81.04 97.49
CA VAL A 730 -63.47 82.06 98.18
C VAL A 730 -63.76 81.57 99.59
N THR A 731 -63.71 82.48 100.57
CA THR A 731 -63.84 82.13 101.97
C THR A 731 -65.32 82.20 102.38
N SER A 732 -65.89 81.07 102.77
CA SER A 732 -67.23 81.00 103.30
C SER A 732 -67.23 80.20 104.59
N PRO A 733 -68.10 80.55 105.55
CA PRO A 733 -68.14 79.82 106.82
C PRO A 733 -68.90 78.51 106.67
N GLY A 734 -68.20 77.39 106.89
CA GLY A 734 -68.78 76.06 106.91
C GLY A 734 -69.63 75.70 105.71
N GLN A 735 -69.00 75.52 104.56
CA GLN A 735 -69.72 75.35 103.31
C GLN A 735 -69.42 73.97 102.73
N HIS A 736 -70.44 73.35 102.14
CA HIS A 736 -70.32 72.01 101.58
C HIS A 736 -70.24 72.01 100.05
N LEU A 737 -70.41 73.18 99.42
CA LEU A 737 -70.32 73.42 97.97
C LEU A 737 -71.49 72.78 97.21
N LEU A 738 -72.32 72.01 97.90
CA LEU A 738 -73.51 71.39 97.33
C LEU A 738 -74.42 71.01 98.49
N ALA A 739 -75.43 71.84 98.75
CA ALA A 739 -76.30 71.64 99.90
C ALA A 739 -77.76 71.65 99.45
N PRO A 740 -78.62 70.86 100.10
CA PRO A 740 -80.04 70.85 99.72
C PRO A 740 -80.82 71.99 100.35
N GLU A 741 -81.83 72.45 99.60
CA GLU A 741 -82.68 73.58 99.98
C GLU A 741 -81.84 74.83 100.27
N ASP A 742 -80.88 75.12 99.39
CA ASP A 742 -79.98 76.25 99.55
C ASP A 742 -80.23 77.27 98.44
N VAL A 743 -80.19 78.55 98.80
CA VAL A 743 -80.44 79.65 97.87
C VAL A 743 -79.13 80.40 97.65
N VAL A 744 -78.95 80.91 96.43
CA VAL A 744 -77.78 81.71 96.06
C VAL A 744 -78.29 82.97 95.37
N SER A 745 -77.85 84.15 95.85
CA SER A 745 -78.33 85.41 95.31
C SER A 745 -77.20 86.14 94.59
N CYS A 746 -77.58 87.06 93.71
CA CYS A 746 -76.57 87.87 93.04
C CYS A 746 -77.19 89.16 92.52
N CYS A 747 -76.38 90.22 92.54
CA CYS A 747 -76.77 91.53 92.06
C CYS A 747 -75.87 91.92 90.88
N LEU A 748 -76.50 92.43 89.81
CA LEU A 748 -75.76 92.77 88.60
C LEU A 748 -74.88 94.00 88.82
N ASP A 749 -75.47 95.10 89.31
CA ASP A 749 -74.78 96.34 89.63
C ASP A 749 -74.02 96.88 88.41
N LEU A 750 -74.80 97.29 87.41
CA LEU A 750 -74.23 97.74 86.15
C LEU A 750 -73.41 99.02 86.30
N SER A 751 -73.87 99.95 87.14
CA SER A 751 -73.25 101.28 87.19
C SER A 751 -71.81 101.22 87.68
N VAL A 752 -71.58 100.58 88.83
CA VAL A 752 -70.24 100.39 89.36
C VAL A 752 -69.73 99.06 88.83
N PRO A 753 -68.49 98.98 88.32
CA PRO A 753 -68.06 97.77 87.58
C PRO A 753 -68.07 96.48 88.37
N SER A 754 -68.25 96.52 89.69
CA SER A 754 -68.28 95.31 90.50
C SER A 754 -69.56 94.50 90.25
N ILE A 755 -69.43 93.18 90.35
CA ILE A 755 -70.55 92.25 90.27
C ILE A 755 -70.72 91.62 91.64
N SER A 756 -71.95 91.62 92.16
CA SER A 756 -72.19 91.24 93.54
C SER A 756 -72.75 89.83 93.64
N PHE A 757 -72.25 89.06 94.60
CA PHE A 757 -72.70 87.71 94.88
C PHE A 757 -73.02 87.59 96.36
N ARG A 758 -74.09 86.84 96.69
CA ARG A 758 -74.63 86.83 98.04
C ARG A 758 -74.92 85.40 98.49
N ILE A 759 -74.32 85.03 99.62
CA ILE A 759 -74.58 83.78 100.33
C ILE A 759 -74.74 84.17 101.79
N ASN A 760 -75.40 83.32 102.57
CA ASN A 760 -75.68 83.61 103.98
C ASN A 760 -74.40 83.85 104.79
N GLY A 761 -74.19 85.09 105.21
CA GLY A 761 -73.02 85.44 105.99
C GLY A 761 -71.70 85.28 105.27
N CYS A 762 -71.70 85.44 103.95
CA CYS A 762 -70.50 85.25 103.13
C CYS A 762 -70.25 86.49 102.27
N PRO A 763 -69.45 87.44 102.73
CA PRO A 763 -69.03 88.56 101.88
C PRO A 763 -67.95 88.10 100.91
N VAL A 764 -68.20 88.30 99.61
CA VAL A 764 -67.31 87.79 98.59
C VAL A 764 -66.00 88.58 98.62
N GLN A 765 -64.89 87.84 98.56
CA GLN A 765 -63.56 88.46 98.62
C GLN A 765 -63.28 89.28 97.36
N GLY A 766 -63.61 88.75 96.21
CA GLY A 766 -63.28 89.38 94.93
C GLY A 766 -64.51 89.75 94.14
N VAL A 767 -64.44 90.90 93.47
CA VAL A 767 -65.47 91.37 92.55
C VAL A 767 -64.83 91.65 91.21
N PHE A 768 -65.51 91.23 90.13
CA PHE A 768 -64.95 91.37 88.79
C PHE A 768 -64.96 92.83 88.36
N GLU A 769 -63.79 93.33 87.94
CA GLU A 769 -63.64 94.70 87.47
C GLU A 769 -63.18 94.70 86.02
N ALA A 770 -63.30 95.87 85.39
CA ALA A 770 -62.82 96.12 84.02
C ALA A 770 -63.43 95.14 83.02
N PHE A 771 -64.74 94.94 83.11
CA PHE A 771 -65.44 93.99 82.25
C PHE A 771 -66.18 94.73 81.14
N ASN A 772 -66.21 94.14 79.95
CA ASN A 772 -66.83 94.78 78.81
C ASN A 772 -68.36 94.83 78.97
N LEU A 773 -68.94 95.98 78.64
CA LEU A 773 -70.37 96.19 78.73
C LEU A 773 -71.10 95.91 77.41
N ASP A 774 -70.37 95.53 76.37
CA ASP A 774 -71.00 95.23 75.09
C ASP A 774 -71.84 93.97 75.18
N GLY A 775 -73.04 94.02 74.62
CA GLY A 775 -73.95 92.88 74.67
C GLY A 775 -74.92 92.99 75.83
N LEU A 776 -75.71 91.92 75.97
CA LEU A 776 -76.72 91.83 77.01
C LEU A 776 -76.32 90.78 78.03
N PHE A 777 -76.56 91.07 79.30
CA PHE A 777 -76.23 90.13 80.36
C PHE A 777 -77.38 89.17 80.61
N PHE A 778 -77.04 87.90 80.80
CA PHE A 778 -78.02 86.85 80.99
C PHE A 778 -77.82 86.14 82.32
N PRO A 779 -78.89 85.89 83.05
CA PRO A 779 -78.83 84.87 84.12
C PRO A 779 -78.75 83.50 83.46
N VAL A 780 -77.72 82.72 83.80
CA VAL A 780 -77.51 81.43 83.16
C VAL A 780 -77.13 80.42 84.24
N VAL A 781 -77.71 79.22 84.15
CA VAL A 781 -77.37 78.14 85.06
C VAL A 781 -76.75 77.00 84.26
N SER A 782 -75.67 76.44 84.79
CA SER A 782 -74.97 75.32 84.17
C SER A 782 -74.98 74.16 85.16
N PHE A 783 -75.26 72.96 84.65
CA PHE A 783 -75.45 71.79 85.49
C PHE A 783 -74.95 70.53 84.79
N SER A 784 -74.67 69.53 85.61
CA SER A 784 -74.50 68.15 85.18
C SER A 784 -75.82 67.43 85.40
N ALA A 785 -75.81 66.10 85.25
CA ALA A 785 -77.04 65.33 85.35
C ALA A 785 -77.37 64.99 86.80
N GLY A 786 -78.65 64.68 87.02
CA GLY A 786 -79.16 64.24 88.30
C GLY A 786 -79.65 65.32 89.23
N VAL A 787 -79.57 66.59 88.83
CA VAL A 787 -79.86 67.71 89.71
C VAL A 787 -81.26 68.25 89.41
N LYS A 788 -81.97 68.64 90.47
CA LYS A 788 -83.24 69.34 90.37
C LYS A 788 -83.05 70.72 90.97
N VAL A 789 -83.43 71.75 90.22
CA VAL A 789 -83.15 73.13 90.65
C VAL A 789 -84.31 74.03 90.26
N ARG A 790 -84.63 74.97 91.16
CA ARG A 790 -85.76 75.89 91.04
C ARG A 790 -85.25 77.32 90.87
N PHE A 791 -85.88 78.05 89.95
CA PHE A 791 -85.52 79.44 89.66
C PHE A 791 -86.65 80.33 90.14
N LEU A 792 -86.32 81.31 90.98
CA LEU A 792 -87.32 82.26 91.43
C LEU A 792 -87.70 83.22 90.31
N LEU A 793 -89.00 83.41 90.11
CA LEU A 793 -89.47 84.28 89.02
C LEU A 793 -89.13 85.74 89.31
N GLY A 794 -89.32 86.19 90.55
CA GLY A 794 -88.99 87.56 90.91
C GLY A 794 -89.97 88.19 91.87
N GLY A 795 -90.42 89.40 91.56
CA GLY A 795 -91.33 90.11 92.45
C GLY A 795 -92.70 89.48 92.53
N ARG A 796 -93.23 89.02 91.40
CA ARG A 796 -94.61 88.55 91.37
C ARG A 796 -94.78 87.21 92.09
N HIS A 797 -93.86 86.27 91.87
CA HIS A 797 -93.99 84.93 92.42
C HIS A 797 -92.84 84.53 93.33
N GLY A 798 -91.61 84.88 92.98
CA GLY A 798 -90.47 84.46 93.79
C GLY A 798 -90.49 85.09 95.17
N GLU A 799 -90.10 84.29 96.17
CA GLU A 799 -90.00 84.74 97.55
C GLU A 799 -88.55 84.63 97.97
N PHE A 800 -87.88 85.78 98.11
CA PHE A 800 -86.47 85.82 98.44
C PHE A 800 -86.27 85.71 99.95
N LYS A 801 -85.31 84.86 100.35
CA LYS A 801 -84.98 84.74 101.77
C LYS A 801 -84.25 85.98 102.26
N PHE A 802 -83.37 86.54 101.43
CA PHE A 802 -82.65 87.76 101.76
C PHE A 802 -83.35 88.94 101.11
N LEU A 803 -83.56 90.00 101.89
CA LEU A 803 -84.15 91.21 101.33
C LEU A 803 -83.18 91.84 100.32
N PRO A 804 -83.69 92.32 99.19
CA PRO A 804 -82.82 92.97 98.20
C PRO A 804 -82.21 94.24 98.75
N PRO A 805 -81.00 94.59 98.32
CA PRO A 805 -80.50 95.94 98.62
C PRO A 805 -81.36 96.97 97.95
N PRO A 806 -81.48 98.16 98.54
CA PRO A 806 -82.49 99.12 98.05
C PRO A 806 -82.14 99.67 96.68
N GLY A 807 -83.10 99.57 95.76
CA GLY A 807 -82.96 100.04 94.40
C GLY A 807 -82.89 98.96 93.34
N TYR A 808 -82.62 97.71 93.73
CA TYR A 808 -82.33 96.69 92.74
C TYR A 808 -83.58 96.19 92.01
N ALA A 809 -84.78 96.42 92.54
CA ALA A 809 -86.06 96.28 91.87
C ALA A 809 -86.20 95.03 90.98
N PRO A 810 -86.29 93.84 91.58
CA PRO A 810 -86.35 92.61 90.78
C PRO A 810 -87.70 92.43 90.08
N CYS A 811 -87.69 92.54 88.76
CA CYS A 811 -88.90 92.38 87.97
C CYS A 811 -88.53 91.72 86.64
N HIS A 812 -89.55 91.39 85.85
CA HIS A 812 -89.33 90.68 84.59
C HIS A 812 -88.85 91.58 83.47
N GLU A 813 -89.12 92.90 83.57
CA GLU A 813 -88.60 93.95 82.69
C GLU A 813 -89.24 93.91 81.30
N ALA A 814 -90.02 92.86 81.02
CA ALA A 814 -90.73 92.65 79.76
C ALA A 814 -89.83 92.68 78.54
N VAL A 815 -90.44 92.71 77.35
CA VAL A 815 -89.74 92.70 76.07
C VAL A 815 -90.57 93.45 75.04
N LEU A 816 -89.93 93.94 73.98
CA LEU A 816 -90.65 94.59 72.89
C LEU A 816 -91.69 93.68 72.23
N PRO A 817 -91.44 92.39 71.97
CA PRO A 817 -92.56 91.52 71.52
C PRO A 817 -93.58 91.21 72.60
N ARG A 818 -93.28 91.53 73.87
CA ARG A 818 -94.16 91.27 75.01
C ARG A 818 -94.49 89.79 75.16
N GLU A 819 -93.55 88.93 74.79
CA GLU A 819 -93.72 87.48 74.96
C GLU A 819 -93.60 87.10 76.43
N ARG A 820 -94.38 86.09 76.83
CA ARG A 820 -94.31 85.57 78.19
C ARG A 820 -92.93 84.96 78.45
N LEU A 821 -92.44 85.13 79.68
CA LEU A 821 -91.11 84.64 80.02
C LEU A 821 -91.12 83.12 80.12
N ARG A 822 -90.10 82.49 79.56
CA ARG A 822 -90.05 81.04 79.44
C ARG A 822 -88.61 80.55 79.57
N LEU A 823 -88.46 79.28 79.92
CA LEU A 823 -87.17 78.66 80.12
C LEU A 823 -86.72 77.99 78.83
N GLU A 824 -85.48 78.26 78.41
CA GLU A 824 -84.97 77.74 77.15
C GLU A 824 -83.50 77.40 77.28
N PRO A 825 -83.00 76.48 76.45
CA PRO A 825 -81.55 76.32 76.35
C PRO A 825 -80.94 77.43 75.51
N ILE A 826 -79.78 77.91 75.94
CA ILE A 826 -79.08 78.97 75.23
C ILE A 826 -78.40 78.37 74.00
N LYS A 827 -78.68 78.97 72.83
CA LYS A 827 -78.06 78.62 71.55
C LYS A 827 -78.17 77.12 71.27
N GLU A 828 -79.41 76.69 71.02
CA GLU A 828 -79.71 75.28 70.75
C GLU A 828 -79.73 75.07 69.23
N TYR A 829 -78.79 74.25 68.74
CA TYR A 829 -78.79 73.88 67.34
C TYR A 829 -79.75 72.75 67.02
N ARG A 830 -80.04 71.89 68.00
CA ARG A 830 -80.93 70.75 67.85
C ARG A 830 -81.98 70.79 68.94
N ARG A 831 -83.23 70.50 68.59
CA ARG A 831 -84.31 70.50 69.57
C ARG A 831 -85.14 69.24 69.42
N GLU A 832 -85.91 68.94 70.47
CA GLU A 832 -86.80 67.78 70.44
C GLU A 832 -88.02 68.07 69.57
N GLY A 833 -88.49 67.02 68.89
CA GLY A 833 -89.65 67.12 68.04
C GLY A 833 -90.59 65.94 68.22
N PRO A 834 -91.80 66.04 67.63
CA PRO A 834 -92.73 64.91 67.69
C PRO A 834 -92.18 63.66 67.03
N ARG A 835 -91.81 63.77 65.75
CA ARG A 835 -91.21 62.66 65.01
C ARG A 835 -89.72 62.97 64.81
N GLY A 836 -88.89 62.45 65.71
CA GLY A 836 -87.47 62.63 65.63
C GLY A 836 -87.04 64.02 66.06
N PRO A 837 -85.77 64.36 65.82
CA PRO A 837 -85.26 65.67 66.20
C PRO A 837 -85.51 66.73 65.15
N HIS A 838 -85.58 67.98 65.61
CA HIS A 838 -85.76 69.13 64.73
C HIS A 838 -84.45 69.92 64.68
N LEU A 839 -84.00 70.19 63.45
CA LEU A 839 -82.80 70.98 63.22
C LEU A 839 -83.18 72.43 62.99
N VAL A 840 -82.51 73.34 63.68
CA VAL A 840 -82.81 74.77 63.59
C VAL A 840 -81.53 75.52 63.27
N GLY A 841 -81.70 76.76 62.81
CA GLY A 841 -80.60 77.59 62.40
C GLY A 841 -80.06 78.48 63.51
N PRO A 842 -79.14 79.37 63.15
CA PRO A 842 -78.55 80.27 64.15
C PRO A 842 -79.56 81.27 64.69
N SER A 843 -79.30 81.74 65.91
CA SER A 843 -80.15 82.73 66.54
C SER A 843 -80.05 84.07 65.82
N ARG A 844 -81.07 84.91 66.02
CA ARG A 844 -81.15 86.19 65.33
C ARG A 844 -80.20 87.23 65.91
N CYS A 845 -79.94 87.17 67.21
CA CYS A 845 -78.96 87.98 67.96
C CYS A 845 -79.12 89.48 67.76
N LEU A 846 -80.28 89.95 67.30
CA LEU A 846 -80.54 91.36 67.08
C LEU A 846 -80.88 92.12 68.36
N SER A 847 -80.62 91.53 69.53
CA SER A 847 -81.01 92.12 70.81
C SER A 847 -80.11 93.26 71.25
N HIS A 848 -79.06 93.58 70.50
CA HIS A 848 -78.09 94.58 70.92
C HIS A 848 -78.66 95.99 70.98
N THR A 849 -79.86 96.21 70.44
CA THR A 849 -80.49 97.52 70.49
C THR A 849 -80.87 97.87 71.93
N ASP A 850 -81.16 99.16 72.14
CA ASP A 850 -81.49 99.66 73.46
C ASP A 850 -82.79 99.04 73.97
N PHE A 851 -82.79 98.65 75.25
CA PHE A 851 -83.96 98.06 75.87
C PHE A 851 -83.91 98.24 77.39
N HIS A 866 -95.75 130.22 51.23
CA HIS A 866 -96.94 129.48 50.85
C HIS A 866 -97.29 128.46 51.93
N LEU A 867 -96.26 127.75 52.40
CA LEU A 867 -96.47 126.71 53.40
C LEU A 867 -96.79 127.28 54.78
N GLU A 868 -96.54 128.56 55.02
CA GLU A 868 -96.87 129.15 56.31
C GLU A 868 -98.37 129.22 56.53
N ARG A 869 -99.13 129.58 55.49
CA ARG A 869 -100.59 129.58 55.59
C ARG A 869 -101.13 128.17 55.81
N ILE A 870 -100.54 127.19 55.12
CA ILE A 870 -100.92 125.79 55.33
C ILE A 870 -100.57 125.35 56.75
N ARG A 871 -99.47 125.84 57.30
CA ARG A 871 -99.09 125.50 58.67
C ARG A 871 -100.06 126.10 59.68
N GLU A 872 -100.49 127.35 59.46
CA GLU A 872 -101.49 127.96 60.33
C GLU A 872 -102.83 127.24 60.24
N LYS A 873 -103.22 126.86 59.02
CA LYS A 873 -104.44 126.09 58.84
C LYS A 873 -104.33 124.72 59.51
N LEU A 874 -103.16 124.10 59.44
CA LEU A 874 -102.94 122.82 60.11
C LEU A 874 -102.97 122.96 61.62
N ALA A 875 -102.48 124.08 62.16
CA ALA A 875 -102.54 124.28 63.60
C ALA A 875 -103.97 124.49 64.09
N GLU A 876 -104.75 125.31 63.39
CA GLU A 876 -106.13 125.50 63.80
C GLU A 876 -106.95 124.23 63.58
N ASN A 877 -106.64 123.48 62.52
CA ASN A 877 -107.28 122.20 62.31
C ASN A 877 -106.85 121.17 63.35
N ILE A 878 -105.64 121.28 63.88
CA ILE A 878 -105.18 120.36 64.93
C ILE A 878 -105.92 120.65 66.23
N HIS A 879 -106.11 121.93 66.57
CA HIS A 879 -106.89 122.25 67.75
C HIS A 879 -108.34 121.82 67.58
N GLU A 880 -108.90 122.05 66.39
CA GLU A 880 -110.25 121.60 66.10
C GLU A 880 -110.35 120.08 66.12
N LEU A 881 -109.30 119.38 65.71
CA LEU A 881 -109.31 117.92 65.69
C LEU A 881 -109.16 117.35 67.09
N TRP A 882 -108.42 118.02 67.97
CA TRP A 882 -108.39 117.63 69.37
C TRP A 882 -109.76 117.77 70.00
N ALA A 883 -110.40 118.94 69.81
CA ALA A 883 -111.74 119.14 70.34
C ALA A 883 -112.75 118.17 69.73
N LEU A 884 -112.59 117.84 68.45
CA LEU A 884 -113.53 116.98 67.76
C LEU A 884 -113.34 115.51 68.14
N THR A 885 -112.10 115.08 68.35
CA THR A 885 -111.84 113.74 68.88
C THR A 885 -112.36 113.61 70.30
N ARG A 886 -112.30 114.69 71.08
CA ARG A 886 -113.00 114.71 72.36
C ARG A 886 -114.51 114.57 72.15
N ILE A 887 -115.05 115.25 71.14
CA ILE A 887 -116.50 115.26 70.92
C ILE A 887 -117.01 113.88 70.53
N GLU A 888 -116.31 113.19 69.62
CA GLU A 888 -116.77 111.87 69.19
C GLU A 888 -116.69 110.85 70.32
N GLN A 889 -115.61 110.87 71.09
CA GLN A 889 -115.43 109.91 72.17
C GLN A 889 -116.31 110.28 73.35
N GLY A 890 -116.15 109.56 74.47
CA GLY A 890 -116.95 109.82 75.65
C GLY A 890 -116.57 111.08 76.41
N TRP A 891 -115.51 111.77 75.98
CA TRP A 891 -115.03 112.96 76.67
C TRP A 891 -116.05 114.08 76.51
N THR A 892 -116.64 114.50 77.62
CA THR A 892 -117.54 115.65 77.66
C THR A 892 -116.80 116.79 78.35
N TYR A 893 -116.85 117.98 77.75
CA TYR A 893 -116.01 119.08 78.21
C TYR A 893 -116.40 119.54 79.60
N GLY A 894 -115.39 119.89 80.39
CA GLY A 894 -115.58 120.42 81.72
C GLY A 894 -114.35 121.15 82.19
N PRO A 895 -114.52 122.35 82.73
CA PRO A 895 -113.35 123.12 83.21
C PRO A 895 -112.57 122.42 84.32
N VAL A 896 -113.26 121.70 85.22
CA VAL A 896 -112.59 120.89 86.20
C VAL A 896 -112.01 119.65 85.54
N ARG A 897 -110.89 119.16 86.06
CA ARG A 897 -110.24 117.98 85.51
C ARG A 897 -110.78 116.74 86.21
N ASP A 898 -111.35 115.82 85.43
CA ASP A 898 -111.90 114.59 85.98
C ASP A 898 -111.91 113.54 84.86
N ASP A 899 -111.03 112.54 84.98
CA ASP A 899 -110.97 111.48 83.98
C ASP A 899 -112.13 110.50 84.12
N ASN A 900 -112.59 110.26 85.36
CA ASN A 900 -113.74 109.39 85.56
C ASN A 900 -115.01 110.01 85.01
N LYS A 901 -115.13 111.34 85.04
CA LYS A 901 -116.22 112.05 84.41
C LYS A 901 -115.90 112.46 82.97
N ARG A 902 -114.73 112.06 82.46
CA ARG A 902 -114.29 112.32 81.09
C ARG A 902 -114.20 113.81 80.77
N LEU A 903 -113.95 114.64 81.78
CA LEU A 903 -113.85 116.08 81.58
C LEU A 903 -112.49 116.46 81.00
N HIS A 904 -112.51 117.31 79.98
CA HIS A 904 -111.29 117.84 79.36
C HIS A 904 -111.23 119.34 79.59
N PRO A 905 -110.24 119.85 80.31
CA PRO A 905 -110.22 121.30 80.59
C PRO A 905 -109.86 122.15 79.38
N CYS A 906 -108.89 121.73 78.58
CA CYS A 906 -108.35 122.58 77.52
C CYS A 906 -109.16 122.42 76.23
N LEU A 907 -110.39 122.92 76.28
CA LEU A 907 -111.25 123.02 75.10
C LEU A 907 -111.82 124.44 75.06
N VAL A 908 -111.36 125.24 74.11
CA VAL A 908 -111.78 126.64 73.97
C VAL A 908 -111.70 127.01 72.49
N ASN A 909 -112.20 128.20 72.17
CA ASN A 909 -112.16 128.72 70.80
C ASN A 909 -110.73 128.92 70.34
N PHE A 910 -110.55 128.96 69.02
CA PHE A 910 -109.22 129.15 68.44
C PHE A 910 -108.64 130.51 68.79
N HIS A 911 -109.47 131.56 68.79
CA HIS A 911 -108.98 132.87 69.17
C HIS A 911 -108.74 132.99 70.67
N SER A 912 -109.37 132.13 71.47
CA SER A 912 -109.16 132.09 72.92
C SER A 912 -108.40 130.84 73.34
N LEU A 913 -107.61 130.28 72.43
CA LEU A 913 -106.81 129.11 72.75
C LEU A 913 -105.73 129.45 73.76
N PRO A 914 -105.36 128.51 74.63
CA PRO A 914 -104.24 128.74 75.54
C PRO A 914 -102.94 128.90 74.76
N GLU A 915 -102.21 129.97 75.06
CA GLU A 915 -101.00 130.29 74.30
C GLU A 915 -99.92 129.20 74.32
N PRO A 916 -99.55 128.60 75.46
CA PRO A 916 -98.58 127.49 75.39
C PRO A 916 -99.13 126.28 74.64
N GLU A 917 -100.41 125.96 74.79
CA GLU A 917 -100.97 124.83 74.06
C GLU A 917 -101.11 125.15 72.57
N ARG A 918 -101.41 126.41 72.23
CA ARG A 918 -101.50 126.80 70.83
C ARG A 918 -100.12 126.74 70.16
N ASN A 919 -99.08 127.20 70.86
CA ASN A 919 -97.75 127.08 70.29
C ASN A 919 -97.23 125.65 70.33
N TYR A 920 -97.75 124.80 71.22
CA TYR A 920 -97.43 123.37 71.16
C TYR A 920 -98.06 122.74 69.92
N ASN A 921 -99.28 123.15 69.58
CA ASN A 921 -99.91 122.69 68.34
C ASN A 921 -99.09 123.12 67.13
N LEU A 922 -98.69 124.39 67.10
CA LEU A 922 -97.83 124.88 66.03
C LEU A 922 -96.48 124.17 66.03
N GLN A 923 -96.01 123.77 67.21
CA GLN A 923 -94.71 123.08 67.32
C GLN A 923 -94.78 121.68 66.73
N MET A 924 -95.86 120.93 66.99
CA MET A 924 -95.92 119.61 66.38
C MET A 924 -96.24 119.72 64.88
N SER A 925 -96.95 120.78 64.46
CA SER A 925 -97.11 121.00 63.03
C SER A 925 -95.77 121.28 62.34
N GLY A 926 -94.93 122.09 62.98
CA GLY A 926 -93.61 122.34 62.44
C GLY A 926 -92.71 121.11 62.45
N GLU A 927 -92.82 120.30 63.52
CA GLU A 927 -92.06 119.05 63.59
C GLU A 927 -92.49 118.09 62.49
N THR A 928 -93.80 118.02 62.22
CA THR A 928 -94.29 117.22 61.10
C THR A 928 -93.67 117.70 59.79
N LEU A 929 -93.81 119.01 59.50
CA LEU A 929 -93.32 119.56 58.24
C LEU A 929 -91.80 119.45 58.12
N LYS A 930 -91.09 119.35 59.23
CA LYS A 930 -89.67 119.00 59.18
C LYS A 930 -89.49 117.53 58.84
N THR A 931 -90.34 116.65 59.37
CA THR A 931 -90.14 115.22 59.15
C THR A 931 -90.48 114.77 57.73
N LEU A 932 -91.39 115.45 57.03
CA LEU A 932 -91.54 115.11 55.60
C LEU A 932 -90.28 115.42 54.81
N LEU A 933 -89.92 116.71 54.76
CA LEU A 933 -88.81 117.27 53.96
C LEU A 933 -88.77 116.74 52.54
N ALA A 934 -89.94 116.48 51.95
CA ALA A 934 -90.03 115.96 50.58
C ALA A 934 -91.37 116.34 49.95
N ALA A 946 -108.84 125.68 45.86
CA ALA A 946 -107.99 125.39 47.02
C ALA A 946 -108.81 125.32 48.29
N GLU A 947 -108.75 126.38 49.11
CA GLU A 947 -109.52 126.41 50.34
C GLU A 947 -111.01 126.58 50.06
N ASP A 948 -111.35 127.36 49.02
CA ASP A 948 -112.75 127.56 48.68
C ASP A 948 -113.38 126.30 48.09
N ASN A 949 -112.61 125.50 47.36
CA ASN A 949 -113.14 124.29 46.75
C ASN A 949 -113.39 123.20 47.79
N LEU A 950 -112.68 123.26 48.91
CA LEU A 950 -112.82 122.22 49.94
C LEU A 950 -114.19 122.31 50.62
N LYS A 951 -114.78 121.15 50.89
CA LYS A 951 -116.07 121.07 51.54
C LYS A 951 -115.93 121.17 53.05
N LYS A 952 -117.06 121.34 53.73
CA LYS A 952 -117.13 121.44 55.18
C LYS A 952 -118.12 120.41 55.69
N THR A 953 -117.66 119.56 56.62
CA THR A 953 -118.47 118.47 57.12
C THR A 953 -119.38 118.93 58.24
N LYS A 954 -120.52 118.24 58.38
CA LYS A 954 -121.50 118.60 59.39
C LYS A 954 -121.04 118.15 60.78
N LEU A 955 -121.83 118.52 61.78
CA LEU A 955 -121.58 118.14 63.17
C LEU A 955 -122.89 117.71 63.83
N PRO A 956 -122.96 116.51 64.38
CA PRO A 956 -124.21 116.03 65.00
C PRO A 956 -124.55 116.81 66.27
N LYS A 957 -125.83 116.74 66.63
CA LYS A 957 -126.30 117.40 67.85
C LYS A 957 -125.74 116.74 69.10
N THR A 958 -125.51 115.43 69.05
CA THR A 958 -124.91 114.73 70.19
C THR A 958 -123.43 115.09 70.34
N TYR A 959 -122.77 115.44 69.23
CA TYR A 959 -121.35 115.78 69.30
C TYR A 959 -121.09 117.01 70.15
N MET A 960 -121.99 117.99 70.12
CA MET A 960 -121.82 119.23 70.86
C MET A 960 -122.79 119.23 72.05
N MET A 961 -122.24 119.24 73.25
CA MET A 961 -123.07 119.21 74.46
C MET A 961 -122.88 120.49 75.27
N SER A 962 -121.63 120.90 75.47
CA SER A 962 -121.34 122.00 76.38
C SER A 962 -120.44 123.10 75.83
N ASN A 963 -119.66 122.86 74.78
CA ASN A 963 -118.60 123.78 74.40
C ASN A 963 -119.06 124.71 73.28
N GLY A 964 -118.49 125.93 73.29
CA GLY A 964 -118.82 126.90 72.27
C GLY A 964 -118.21 126.59 70.92
N TYR A 965 -116.98 126.09 70.91
CA TYR A 965 -116.26 125.83 69.67
C TYR A 965 -116.76 124.52 69.06
N LYS A 966 -117.40 124.62 67.89
CA LYS A 966 -117.90 123.45 67.19
C LYS A 966 -116.95 123.13 66.04
N PRO A 967 -116.24 122.00 66.07
CA PRO A 967 -115.26 121.68 65.03
C PRO A 967 -115.83 120.85 63.90
N ALA A 968 -115.27 121.05 62.71
CA ALA A 968 -115.70 120.35 61.52
C ALA A 968 -114.50 119.95 60.66
N PRO A 969 -114.42 118.71 60.21
CA PRO A 969 -113.33 118.31 59.30
C PRO A 969 -113.60 118.81 57.90
N LEU A 970 -112.54 118.75 57.07
CA LEU A 970 -112.72 118.98 55.65
C LEU A 970 -113.36 117.74 55.03
N ASP A 971 -114.48 117.94 54.33
CA ASP A 971 -115.32 116.83 53.88
C ASP A 971 -114.86 116.32 52.51
N LEU A 972 -113.61 115.88 52.46
CA LEU A 972 -113.02 115.28 51.28
C LEU A 972 -112.39 113.93 51.65
N SER A 973 -113.16 113.07 52.30
CA SER A 973 -112.67 111.89 53.00
C SER A 973 -112.84 110.60 52.19
N HIS A 974 -112.66 110.62 50.87
CA HIS A 974 -112.95 109.44 50.07
C HIS A 974 -111.86 109.09 49.04
N VAL A 975 -110.64 109.63 49.18
CA VAL A 975 -109.53 109.24 48.31
C VAL A 975 -108.31 108.93 49.17
N ARG A 976 -107.38 108.17 48.58
CA ARG A 976 -106.14 107.77 49.26
C ARG A 976 -104.99 107.81 48.27
N LEU A 977 -103.78 108.05 48.78
CA LEU A 977 -102.59 108.02 47.93
C LEU A 977 -101.77 106.74 48.11
N THR A 978 -101.28 106.46 49.33
CA THR A 978 -100.31 105.39 49.57
C THR A 978 -100.14 105.16 51.08
N PRO A 979 -100.13 103.91 51.54
CA PRO A 979 -99.96 103.65 52.99
C PRO A 979 -98.51 103.67 53.44
N ALA A 980 -97.57 103.63 52.50
CA ALA A 980 -96.15 103.74 52.87
C ALA A 980 -95.81 105.13 53.40
N GLN A 981 -96.51 106.17 52.91
CA GLN A 981 -96.37 107.48 53.52
C GLN A 981 -96.88 107.48 54.95
N THR A 982 -97.96 106.75 55.21
CA THR A 982 -98.44 106.59 56.58
C THR A 982 -97.44 105.83 57.44
N THR A 983 -96.76 104.84 56.86
CA THR A 983 -95.70 104.14 57.58
C THR A 983 -94.53 105.07 57.90
N LEU A 984 -94.18 105.95 56.95
CA LEU A 984 -93.14 106.95 57.21
C LEU A 984 -93.57 107.93 58.31
N VAL A 985 -94.84 108.31 58.32
CA VAL A 985 -95.35 109.17 59.39
C VAL A 985 -95.33 108.45 60.72
N ASP A 986 -95.61 107.14 60.72
CA ASP A 986 -95.49 106.34 61.93
C ASP A 986 -94.05 106.28 62.41
N ARG A 987 -93.10 106.20 61.48
CA ARG A 987 -91.68 106.25 61.84
C ARG A 987 -91.32 107.62 62.42
N LEU A 988 -91.90 108.69 61.87
CA LEU A 988 -91.69 110.02 62.44
C LEU A 988 -92.23 110.12 63.86
N ALA A 989 -93.42 109.53 64.09
CA ALA A 989 -93.95 109.46 65.45
C ALA A 989 -93.07 108.60 66.34
N GLU A 990 -92.42 107.57 65.78
CA GLU A 990 -91.49 106.76 66.54
C GLU A 990 -90.27 107.57 66.98
N ASN A 991 -89.74 108.41 66.09
CA ASN A 991 -88.64 109.29 66.49
C ASN A 991 -89.10 110.34 67.50
N GLY A 992 -90.36 110.79 67.39
CA GLY A 992 -90.91 111.65 68.43
C GLY A 992 -91.00 110.96 69.79
N HIS A 993 -91.40 109.69 69.78
CA HIS A 993 -91.41 108.89 71.01
C HIS A 993 -89.99 108.71 71.55
N ASN A 994 -89.02 108.53 70.66
CA ASN A 994 -87.62 108.44 71.08
C ASN A 994 -87.15 109.75 71.69
N VAL A 995 -87.61 110.88 71.16
CA VAL A 995 -87.30 112.18 71.73
C VAL A 995 -87.91 112.32 73.12
N TRP A 996 -89.15 111.85 73.28
CA TRP A 996 -89.78 111.86 74.60
C TRP A 996 -89.04 110.97 75.58
N ALA A 997 -88.57 109.81 75.10
CA ALA A 997 -87.78 108.91 75.96
C ALA A 997 -86.45 109.54 76.35
N ARG A 998 -85.81 110.25 75.42
CA ARG A 998 -84.57 110.97 75.74
C ARG A 998 -84.84 112.06 76.77
N ASP A 999 -85.96 112.78 76.63
CA ASP A 999 -86.32 113.81 77.59
C ASP A 999 -86.61 113.23 78.96
N ARG A 1000 -87.24 112.05 79.02
CA ARG A 1000 -87.53 111.41 80.30
C ARG A 1000 -86.34 110.62 80.84
N VAL A 1001 -85.28 110.44 80.06
CA VAL A 1001 -84.08 109.77 80.51
C VAL A 1001 -83.03 110.76 81.01
N ALA A 1002 -82.85 111.88 80.30
CA ALA A 1002 -81.80 112.83 80.62
C ALA A 1002 -82.31 114.11 81.27
N GLN A 1003 -83.61 114.39 81.22
CA GLN A 1003 -84.16 115.61 81.80
C GLN A 1003 -85.29 115.36 82.78
N GLY A 1004 -86.07 114.30 82.62
CA GLY A 1004 -87.20 114.06 83.50
C GLY A 1004 -86.98 112.99 84.54
N TRP A 1005 -86.05 112.07 84.26
CA TRP A 1005 -85.75 110.91 85.12
C TRP A 1005 -87.01 110.08 85.38
N SER A 1006 -87.84 109.94 84.35
CA SER A 1006 -89.08 109.18 84.46
C SER A 1006 -88.88 107.75 84.01
N TYR A 1007 -89.71 106.85 84.54
CA TYR A 1007 -89.68 105.43 84.21
C TYR A 1007 -91.10 105.00 83.82
N SER A 1008 -91.39 104.98 82.53
CA SER A 1008 -92.70 104.61 82.04
C SER A 1008 -92.55 103.67 80.85
N ALA A 1009 -93.42 102.68 80.77
CA ALA A 1009 -93.39 101.71 79.68
C ALA A 1009 -93.92 102.31 78.39
N ARG A 1025 -89.39 103.37 70.58
CA ARG A 1025 -89.87 102.78 69.33
C ARG A 1025 -89.89 101.26 69.39
N LEU A 1026 -89.67 100.72 70.59
CA LEU A 1026 -89.68 99.29 70.83
C LEU A 1026 -90.47 98.97 72.09
N LEU A 1027 -91.65 99.57 72.25
CA LEU A 1027 -92.49 99.32 73.42
C LEU A 1027 -93.41 98.12 73.20
N ASP A 1028 -94.27 98.19 72.18
CA ASP A 1028 -95.19 97.11 71.86
C ASP A 1028 -95.70 97.32 70.45
N GLU A 1029 -95.89 96.21 69.71
CA GLU A 1029 -96.38 96.29 68.35
C GLU A 1029 -97.82 96.77 68.30
N ALA A 1030 -98.63 96.37 69.29
CA ALA A 1030 -100.02 96.81 69.33
C ALA A 1030 -100.12 98.31 69.53
N THR A 1031 -99.26 98.87 70.38
CA THR A 1031 -99.25 100.33 70.58
C THR A 1031 -98.80 101.06 69.32
N LYS A 1032 -97.82 100.48 68.60
CA LYS A 1032 -97.39 101.07 67.33
C LYS A 1032 -98.50 101.07 66.31
N ARG A 1033 -99.25 99.97 66.21
CA ARG A 1033 -100.39 99.93 65.29
C ARG A 1033 -101.47 100.91 65.74
N SER A 1034 -101.67 101.06 67.05
CA SER A 1034 -102.65 102.01 67.56
C SER A 1034 -102.28 103.44 67.17
N ASN A 1035 -101.00 103.79 67.30
CA ASN A 1035 -100.54 105.10 66.84
C ASN A 1035 -100.70 105.25 65.33
N ARG A 1036 -100.46 104.18 64.58
CA ARG A 1036 -100.60 104.23 63.13
C ARG A 1036 -102.03 104.51 62.71
N ASP A 1037 -103.01 103.87 63.36
CA ASP A 1037 -104.40 104.21 63.05
C ASP A 1037 -104.79 105.58 63.60
N SER A 1038 -104.22 105.98 64.74
CA SER A 1038 -104.56 107.26 65.35
C SER A 1038 -103.65 108.38 64.85
N LEU A 1039 -103.04 108.19 63.67
CA LEU A 1039 -102.34 109.30 63.00
C LEU A 1039 -103.22 110.52 62.77
N CYS A 1040 -104.55 110.38 62.88
CA CYS A 1040 -105.52 111.48 62.93
C CYS A 1040 -105.65 112.19 61.58
N GLN A 1041 -105.75 111.38 60.51
CA GLN A 1041 -106.16 111.83 59.17
C GLN A 1041 -105.30 112.97 58.65
N ALA A 1042 -103.99 112.92 58.94
CA ALA A 1042 -103.08 113.96 58.50
C ALA A 1042 -102.90 113.93 56.98
N VAL A 1043 -102.67 112.73 56.43
CA VAL A 1043 -102.60 112.57 54.98
C VAL A 1043 -103.92 112.97 54.33
N ARG A 1044 -105.04 112.61 54.98
CA ARG A 1044 -106.35 112.97 54.46
C ARG A 1044 -106.55 114.48 54.43
N THR A 1045 -106.11 115.18 55.48
CA THR A 1045 -106.21 116.64 55.49
C THR A 1045 -105.29 117.25 54.44
N LEU A 1046 -104.09 116.67 54.25
CA LEU A 1046 -103.16 117.20 53.27
C LEU A 1046 -103.70 117.04 51.85
N LEU A 1047 -104.35 115.92 51.55
CA LEU A 1047 -104.94 115.74 50.24
C LEU A 1047 -106.24 116.51 50.06
N GLY A 1048 -106.95 116.80 51.15
CA GLY A 1048 -108.05 117.75 51.06
C GLY A 1048 -107.58 119.14 50.72
N TYR A 1049 -106.47 119.57 51.31
CA TYR A 1049 -105.85 120.83 50.91
C TYR A 1049 -105.19 120.71 49.53
N GLY A 1050 -104.58 119.57 49.25
CA GLY A 1050 -103.94 119.34 47.97
C GLY A 1050 -102.47 119.68 47.96
N TYR A 1051 -101.63 118.67 47.73
CA TYR A 1051 -100.18 118.86 47.66
C TYR A 1051 -99.52 117.73 46.87
N ASP A 1070 -75.19 84.21 62.85
CA ASP A 1070 -74.05 84.55 62.01
C ASP A 1070 -74.19 83.92 60.63
N ARG A 1071 -73.18 83.17 60.22
CA ARG A 1071 -73.20 82.48 58.93
C ARG A 1071 -74.20 81.33 58.94
N VAL A 1072 -74.58 80.90 57.73
CA VAL A 1072 -75.52 79.78 57.61
C VAL A 1072 -74.89 78.49 58.12
N ARG A 1073 -75.74 77.52 58.43
CA ARG A 1073 -75.33 76.27 59.06
C ARG A 1073 -75.56 75.11 58.10
N ILE A 1074 -74.51 74.34 57.85
CA ILE A 1074 -74.52 73.27 56.86
C ILE A 1074 -74.48 71.93 57.60
N PHE A 1075 -75.40 71.04 57.26
CA PHE A 1075 -75.44 69.70 57.83
C PHE A 1075 -75.29 68.67 56.70
N ARG A 1076 -74.38 67.72 56.91
CA ARG A 1076 -74.12 66.63 55.99
C ARG A 1076 -73.96 65.35 56.81
N ALA A 1077 -73.44 64.31 56.17
CA ALA A 1077 -73.11 63.05 56.84
C ALA A 1077 -71.60 62.80 56.73
N GLU A 1078 -71.17 61.68 57.29
CA GLU A 1078 -69.74 61.37 57.35
C GLU A 1078 -69.21 60.96 55.98
N LYS A 1079 -67.88 61.04 55.84
CA LYS A 1079 -67.23 60.64 54.60
C LYS A 1079 -67.29 59.14 54.35
N SER A 1080 -67.55 58.34 55.39
CA SER A 1080 -67.71 56.91 55.23
C SER A 1080 -69.09 56.53 54.71
N TYR A 1081 -70.04 57.45 54.72
CA TYR A 1081 -71.39 57.21 54.22
C TYR A 1081 -71.52 57.45 52.72
N THR A 1082 -70.43 57.81 52.06
CA THR A 1082 -70.47 58.11 50.63
C THR A 1082 -70.79 56.87 49.82
N VAL A 1083 -71.57 57.07 48.75
CA VAL A 1083 -72.02 55.98 47.88
C VAL A 1083 -71.57 56.29 46.44
N GLN A 1084 -71.06 55.27 45.76
CA GLN A 1084 -70.59 55.41 44.39
C GLN A 1084 -71.68 55.09 43.36
N SER A 1085 -72.46 54.04 43.60
CA SER A 1085 -73.51 53.65 42.66
C SER A 1085 -74.85 53.53 43.36
N GLY A 1086 -75.87 53.09 42.64
CA GLY A 1086 -77.19 52.89 43.21
C GLY A 1086 -78.08 54.10 43.00
N ARG A 1087 -79.31 53.97 43.50
CA ARG A 1087 -80.34 54.99 43.37
C ARG A 1087 -80.79 55.33 44.79
N TRP A 1088 -80.79 56.62 45.15
CA TRP A 1088 -80.91 56.99 46.56
C TRP A 1088 -81.89 58.14 46.72
N TYR A 1089 -82.77 58.03 47.70
CA TYR A 1089 -83.86 58.97 47.94
C TYR A 1089 -83.86 59.41 49.40
N PHE A 1090 -84.06 60.70 49.64
CA PHE A 1090 -84.28 61.15 51.02
C PHE A 1090 -85.26 62.31 51.06
N GLU A 1091 -85.83 62.53 52.25
CA GLU A 1091 -86.95 63.43 52.45
C GLU A 1091 -86.59 64.58 53.39
N PHE A 1092 -87.23 65.72 53.18
CA PHE A 1092 -87.06 66.89 54.03
C PHE A 1092 -88.41 67.54 54.27
N GLU A 1093 -88.65 67.99 55.50
CA GLU A 1093 -89.87 68.69 55.87
C GLU A 1093 -89.50 70.06 56.42
N ALA A 1094 -90.20 71.09 55.97
CA ALA A 1094 -89.92 72.47 56.36
C ALA A 1094 -91.02 72.94 57.31
N VAL A 1095 -90.65 73.16 58.57
CA VAL A 1095 -91.60 73.73 59.54
C VAL A 1095 -91.88 75.19 59.20
N THR A 1096 -90.83 75.96 58.92
CA THR A 1096 -90.93 77.34 58.51
C THR A 1096 -90.38 77.50 57.09
N THR A 1097 -90.71 78.63 56.46
CA THR A 1097 -90.29 78.92 55.09
C THR A 1097 -89.35 80.11 55.12
N GLY A 1098 -88.06 79.85 55.01
CA GLY A 1098 -87.06 80.89 55.03
C GLY A 1098 -86.09 80.84 53.86
N GLU A 1099 -84.79 80.78 54.17
CA GLU A 1099 -83.73 80.73 53.15
C GLU A 1099 -82.89 79.48 53.41
N MET A 1100 -83.33 78.36 52.82
CA MET A 1100 -82.71 77.06 53.04
C MET A 1100 -82.46 76.39 51.70
N ARG A 1101 -81.35 75.66 51.62
CA ARG A 1101 -80.94 74.99 50.39
C ARG A 1101 -80.74 73.50 50.67
N VAL A 1102 -81.05 72.68 49.66
CA VAL A 1102 -80.97 71.22 49.80
C VAL A 1102 -80.34 70.64 48.55
N GLY A 1103 -79.41 69.71 48.70
CA GLY A 1103 -78.81 69.09 47.53
C GLY A 1103 -77.85 67.98 47.89
N TRP A 1104 -77.00 67.64 46.91
CA TRP A 1104 -75.95 66.65 47.09
C TRP A 1104 -74.60 67.28 46.77
N ALA A 1105 -73.58 66.91 47.53
CA ALA A 1105 -72.25 67.48 47.36
C ALA A 1105 -71.20 66.37 47.38
N ARG A 1106 -70.00 66.74 46.95
CA ARG A 1106 -68.88 65.83 46.92
C ARG A 1106 -68.46 65.47 48.35
N PRO A 1107 -67.79 64.32 48.53
CA PRO A 1107 -67.32 63.97 49.88
C PRO A 1107 -66.39 64.99 50.50
N GLU A 1108 -65.56 65.66 49.70
CA GLU A 1108 -64.81 66.80 50.20
C GLU A 1108 -65.62 68.07 49.98
N LEU A 1109 -66.03 68.72 51.07
CA LEU A 1109 -66.78 69.96 51.01
C LEU A 1109 -65.96 71.05 51.67
N ARG A 1110 -65.77 72.16 50.97
CA ARG A 1110 -65.02 73.28 51.52
C ARG A 1110 -65.89 74.05 52.51
N PRO A 1111 -65.45 74.24 53.75
CA PRO A 1111 -66.23 75.05 54.70
C PRO A 1111 -66.18 76.52 54.32
N ASP A 1112 -66.98 77.34 55.02
CA ASP A 1112 -67.00 78.80 54.77
C ASP A 1112 -67.24 79.11 53.29
N VAL A 1113 -67.97 78.26 52.56
CA VAL A 1113 -68.31 78.56 51.18
C VAL A 1113 -69.77 78.19 50.97
N GLU A 1114 -70.54 79.12 50.38
CA GLU A 1114 -71.96 78.90 50.18
C GLU A 1114 -72.19 77.75 49.20
N LEU A 1115 -73.30 77.04 49.40
CA LEU A 1115 -73.62 75.86 48.61
C LEU A 1115 -74.00 76.27 47.19
N GLY A 1116 -73.39 75.61 46.21
CA GLY A 1116 -73.63 75.92 44.81
C GLY A 1116 -72.75 76.99 44.23
N ALA A 1117 -71.91 77.64 45.04
CA ALA A 1117 -71.02 78.67 44.52
C ALA A 1117 -69.96 78.08 43.59
N ASP A 1118 -69.52 76.86 43.85
CA ASP A 1118 -68.50 76.19 43.05
C ASP A 1118 -69.04 74.89 42.50
N GLU A 1119 -68.16 74.11 41.88
CA GLU A 1119 -68.52 72.82 41.30
C GLU A 1119 -68.73 71.73 42.36
N LEU A 1120 -68.44 72.01 43.62
CA LEU A 1120 -68.44 70.98 44.65
C LEU A 1120 -69.86 70.46 44.92
N ALA A 1121 -70.82 71.36 45.09
CA ALA A 1121 -72.17 71.00 45.48
C ALA A 1121 -73.16 71.29 44.36
N TYR A 1122 -74.11 70.37 44.18
CA TYR A 1122 -75.27 70.54 43.31
C TYR A 1122 -76.45 70.71 44.24
N VAL A 1123 -76.95 71.95 44.37
CA VAL A 1123 -77.91 72.31 45.40
C VAL A 1123 -79.06 73.07 44.75
N PHE A 1124 -80.17 73.17 45.47
CA PHE A 1124 -81.33 73.92 45.01
C PHE A 1124 -81.86 74.75 46.16
N ASN A 1125 -82.28 75.98 45.85
CA ASN A 1125 -82.92 76.87 46.82
C ASN A 1125 -84.24 77.31 46.22
N GLY A 1126 -85.33 77.00 46.92
CA GLY A 1126 -86.66 77.31 46.46
C GLY A 1126 -87.28 78.55 47.03
N HIS A 1127 -86.56 79.28 47.90
CA HIS A 1127 -87.07 80.55 48.40
C HIS A 1127 -87.20 81.56 47.28
N ARG A 1128 -86.14 81.73 46.50
CA ARG A 1128 -86.20 82.54 45.29
C ARG A 1128 -86.52 81.71 44.05
N GLY A 1129 -86.36 80.39 44.12
CA GLY A 1129 -86.70 79.50 43.03
C GLY A 1129 -85.60 79.32 42.00
N GLN A 1130 -84.42 78.88 42.44
CA GLN A 1130 -83.32 78.63 41.52
C GLN A 1130 -82.53 77.40 41.93
N ARG A 1131 -81.99 76.72 40.92
CA ARG A 1131 -80.97 75.71 41.13
C ARG A 1131 -79.60 76.38 41.08
N TRP A 1132 -78.68 75.91 41.94
CA TRP A 1132 -77.45 76.65 42.21
C TRP A 1132 -76.25 75.74 41.89
N HIS A 1133 -75.73 75.88 40.67
CA HIS A 1133 -74.46 75.27 40.30
C HIS A 1133 -73.77 76.19 39.32
N LEU A 1134 -72.60 76.70 39.70
CA LEU A 1134 -71.87 77.72 38.94
C LEU A 1134 -72.78 78.91 38.64
N GLY A 1135 -73.25 79.52 39.72
CA GLY A 1135 -74.30 80.53 39.63
C GLY A 1135 -75.67 79.93 39.86
N SER A 1136 -76.68 80.78 39.71
CA SER A 1136 -78.07 80.41 39.95
C SER A 1136 -78.87 80.50 38.66
N GLU A 1137 -79.69 79.49 38.42
CA GLU A 1137 -80.57 79.44 37.26
C GLU A 1137 -82.01 79.30 37.72
N PRO A 1138 -82.92 80.12 37.21
CA PRO A 1138 -84.32 80.09 37.70
C PRO A 1138 -85.01 78.78 37.37
N PHE A 1139 -85.40 78.06 38.42
CA PHE A 1139 -85.94 76.72 38.30
C PHE A 1139 -86.83 76.42 39.49
N GLY A 1140 -88.01 75.87 39.20
CA GLY A 1140 -88.91 75.44 40.26
C GLY A 1140 -89.83 76.53 40.74
N ARG A 1141 -90.60 76.18 41.78
CA ARG A 1141 -91.59 77.05 42.39
C ARG A 1141 -91.33 77.20 43.89
N PRO A 1142 -91.69 78.34 44.47
CA PRO A 1142 -91.51 78.52 45.92
C PRO A 1142 -92.34 77.54 46.73
N TRP A 1143 -91.86 77.25 47.94
CA TRP A 1143 -92.58 76.37 48.83
C TRP A 1143 -93.63 77.11 49.63
N GLN A 1144 -94.69 76.40 49.98
CA GLN A 1144 -95.60 76.83 51.03
C GLN A 1144 -95.08 76.34 52.38
N SER A 1145 -95.83 76.58 53.44
CA SER A 1145 -95.47 76.07 54.75
C SER A 1145 -95.86 74.60 54.88
N GLY A 1146 -94.97 73.82 55.50
CA GLY A 1146 -95.26 72.43 55.82
C GLY A 1146 -95.42 71.49 54.64
N ASP A 1147 -94.53 71.57 53.66
CA ASP A 1147 -94.55 70.68 52.52
C ASP A 1147 -93.27 69.82 52.51
N VAL A 1148 -93.39 68.63 51.93
CA VAL A 1148 -92.28 67.68 51.88
C VAL A 1148 -91.52 67.87 50.57
N VAL A 1149 -90.21 67.65 50.63
CA VAL A 1149 -89.34 67.70 49.46
C VAL A 1149 -88.55 66.41 49.42
N GLY A 1150 -88.64 65.69 48.31
CA GLY A 1150 -87.91 64.44 48.11
C GLY A 1150 -86.80 64.64 47.10
N CYS A 1151 -85.65 64.03 47.37
CA CYS A 1151 -84.49 64.10 46.48
C CYS A 1151 -84.15 62.69 46.02
N MET A 1152 -83.93 62.56 44.71
CA MET A 1152 -83.93 61.29 44.01
C MET A 1152 -82.64 61.29 43.20
N ILE A 1153 -81.86 60.21 43.29
CA ILE A 1153 -80.60 60.18 42.55
C ILE A 1153 -80.41 58.81 41.88
N ASP A 1154 -79.85 58.84 40.68
CA ASP A 1154 -79.65 57.70 39.80
C ASP A 1154 -78.28 57.86 39.15
N LEU A 1155 -77.53 56.76 39.08
CA LEU A 1155 -76.14 56.81 38.64
C LEU A 1155 -75.88 56.15 37.30
N THR A 1156 -76.77 55.26 36.83
CA THR A 1156 -76.49 54.53 35.60
C THR A 1156 -76.53 55.46 34.39
N GLU A 1157 -77.58 56.27 34.25
CA GLU A 1157 -77.59 57.35 33.28
C GLU A 1157 -77.32 58.71 33.93
N ASN A 1158 -76.96 58.72 35.22
CA ASN A 1158 -76.39 59.88 35.90
C ASN A 1158 -77.36 61.07 35.93
N THR A 1159 -78.49 60.87 36.62
CA THR A 1159 -79.49 61.93 36.75
C THR A 1159 -79.89 62.13 38.20
N ILE A 1160 -80.09 63.39 38.57
CA ILE A 1160 -80.62 63.75 39.89
C ILE A 1160 -81.96 64.45 39.68
N ILE A 1161 -82.99 63.97 40.36
CA ILE A 1161 -84.36 64.46 40.23
C ILE A 1161 -84.79 65.04 41.58
N PHE A 1162 -85.64 66.06 41.53
CA PHE A 1162 -86.21 66.68 42.71
C PHE A 1162 -87.72 66.67 42.63
N THR A 1163 -88.38 66.41 43.76
CA THR A 1163 -89.83 66.30 43.81
C THR A 1163 -90.35 67.11 44.98
N LEU A 1164 -91.42 67.88 44.77
CA LEU A 1164 -92.08 68.63 45.83
C LEU A 1164 -93.55 68.30 45.82
N ASN A 1165 -94.08 67.90 46.99
CA ASN A 1165 -95.49 67.55 47.18
C ASN A 1165 -95.95 66.44 46.24
N GLY A 1166 -95.06 65.49 45.93
CA GLY A 1166 -95.41 64.36 45.09
C GLY A 1166 -95.43 64.63 43.60
N GLU A 1167 -95.03 65.83 43.16
CA GLU A 1167 -94.96 66.16 41.74
C GLU A 1167 -93.52 66.47 41.36
N VAL A 1168 -93.15 66.09 40.15
CA VAL A 1168 -91.79 66.32 39.66
C VAL A 1168 -91.62 67.80 39.36
N LEU A 1169 -90.47 68.35 39.75
CA LEU A 1169 -90.19 69.77 39.52
C LEU A 1169 -90.04 70.05 38.03
N MET A 1170 -90.55 71.20 37.60
CA MET A 1170 -90.55 71.59 36.20
C MET A 1170 -89.68 72.83 36.02
N SER A 1171 -88.71 72.75 35.11
CA SER A 1171 -87.85 73.88 34.79
C SER A 1171 -88.54 74.79 33.76
N ASP A 1172 -88.04 76.03 33.68
CA ASP A 1172 -88.58 76.97 32.71
C ASP A 1172 -88.33 76.51 31.28
N SER A 1173 -87.13 76.00 31.00
CA SER A 1173 -86.82 75.52 29.66
C SER A 1173 -87.58 74.26 29.32
N GLY A 1174 -87.70 73.34 30.27
CA GLY A 1174 -88.32 72.05 30.06
C GLY A 1174 -87.61 70.99 30.85
N SER A 1175 -87.99 69.73 30.55
CA SER A 1175 -87.40 68.50 31.09
C SER A 1175 -87.79 68.29 32.56
N GLU A 1176 -87.86 67.04 32.99
CA GLU A 1176 -88.32 66.70 34.34
C GLU A 1176 -87.13 66.62 35.30
N THR A 1177 -86.57 67.79 35.59
CA THR A 1177 -85.46 67.97 36.54
C THR A 1177 -84.28 67.05 36.22
N ALA A 1178 -83.70 67.28 35.04
CA ALA A 1178 -82.61 66.45 34.55
C ALA A 1178 -81.31 67.26 34.57
N PHE A 1179 -80.34 66.78 35.34
CA PHE A 1179 -78.98 67.30 35.29
C PHE A 1179 -78.18 66.38 34.37
N ARG A 1180 -77.70 66.93 33.25
CA ARG A 1180 -77.13 66.13 32.19
C ARG A 1180 -75.63 65.91 32.39
N GLU A 1181 -75.21 64.65 32.25
CA GLU A 1181 -73.80 64.26 32.20
C GLU A 1181 -73.03 64.69 33.46
N ILE A 1182 -73.49 64.21 34.61
CA ILE A 1182 -72.76 64.42 35.86
C ILE A 1182 -71.68 63.35 36.00
N GLU A 1183 -70.55 63.74 36.58
CA GLU A 1183 -69.44 62.83 36.79
C GLU A 1183 -69.71 61.95 37.99
N ILE A 1184 -69.24 60.69 37.93
CA ILE A 1184 -69.46 59.76 39.03
C ILE A 1184 -68.73 60.21 40.29
N GLY A 1185 -67.61 60.91 40.15
CA GLY A 1185 -66.85 61.42 41.28
C GLY A 1185 -66.34 60.38 42.26
N ASP A 1186 -65.72 60.83 43.34
CA ASP A 1186 -65.33 59.92 44.42
C ASP A 1186 -66.51 59.53 45.31
N GLY A 1187 -67.57 60.34 45.33
CA GLY A 1187 -68.73 60.00 46.13
C GLY A 1187 -69.79 61.08 46.03
N PHE A 1188 -70.91 60.83 46.71
CA PHE A 1188 -72.00 61.79 46.83
C PHE A 1188 -72.56 61.75 48.24
N LEU A 1189 -72.89 62.93 48.77
CA LEU A 1189 -73.34 63.05 50.15
C LEU A 1189 -74.48 64.06 50.23
N PRO A 1190 -75.60 63.72 50.89
CA PRO A 1190 -76.69 64.69 51.05
C PRO A 1190 -76.28 65.84 51.96
N VAL A 1191 -76.50 67.07 51.51
CA VAL A 1191 -76.18 68.27 52.26
C VAL A 1191 -77.39 69.19 52.31
N CYS A 1192 -77.53 69.89 53.45
CA CYS A 1192 -78.64 70.79 53.66
C CYS A 1192 -78.16 72.01 54.44
N SER A 1193 -78.45 73.20 53.92
CA SER A 1193 -78.01 74.45 54.51
C SER A 1193 -79.22 75.23 55.03
N LEU A 1194 -79.15 75.66 56.29
CA LEU A 1194 -80.21 76.40 56.94
C LEU A 1194 -79.70 77.78 57.33
N GLY A 1195 -80.53 78.80 57.08
CA GLY A 1195 -80.22 80.15 57.48
C GLY A 1195 -80.69 80.43 58.90
N PRO A 1196 -80.59 81.68 59.32
CA PRO A 1196 -81.02 82.03 60.69
C PRO A 1196 -82.52 81.94 60.86
N GLY A 1197 -82.93 81.37 62.00
CA GLY A 1197 -84.33 81.32 62.39
C GLY A 1197 -85.25 80.50 61.52
N GLN A 1198 -84.83 79.29 61.14
CA GLN A 1198 -85.67 78.36 60.40
C GLN A 1198 -85.58 76.98 61.01
N VAL A 1199 -86.68 76.23 60.94
CA VAL A 1199 -86.81 74.92 61.54
C VAL A 1199 -87.08 73.90 60.44
N GLY A 1200 -86.31 72.80 60.44
CA GLY A 1200 -86.49 71.76 59.45
C GLY A 1200 -86.26 70.39 60.06
N HIS A 1201 -86.77 69.37 59.35
CA HIS A 1201 -86.64 67.98 59.76
C HIS A 1201 -86.16 67.16 58.57
N LEU A 1202 -85.23 66.25 58.82
CA LEU A 1202 -84.60 65.45 57.78
C LEU A 1202 -84.93 63.98 57.99
N ASN A 1203 -85.18 63.27 56.89
CA ASN A 1203 -85.49 61.84 56.93
C ASN A 1203 -84.63 61.12 55.91
N LEU A 1204 -83.80 60.20 56.39
CA LEU A 1204 -82.92 59.42 55.53
C LEU A 1204 -83.54 58.08 55.13
N GLY A 1205 -84.76 57.79 55.56
CA GLY A 1205 -85.41 56.54 55.22
C GLY A 1205 -85.10 55.38 56.13
N GLN A 1206 -84.83 55.64 57.42
CA GLN A 1206 -84.56 54.56 58.35
C GLN A 1206 -85.79 53.68 58.56
N ASP A 1207 -86.96 54.28 58.68
CA ASP A 1207 -88.23 53.56 58.82
C ASP A 1207 -89.08 53.83 57.59
N VAL A 1208 -89.50 52.76 56.91
CA VAL A 1208 -90.33 52.91 55.73
C VAL A 1208 -91.73 53.41 56.09
N SER A 1209 -92.24 53.03 57.26
CA SER A 1209 -93.57 53.46 57.67
C SER A 1209 -93.59 54.94 58.04
N SER A 1210 -92.46 55.48 58.51
CA SER A 1210 -92.39 56.89 58.87
C SER A 1210 -92.49 57.81 57.67
N LEU A 1211 -92.19 57.31 56.47
CA LEU A 1211 -92.22 58.14 55.28
C LEU A 1211 -93.66 58.45 54.88
N ARG A 1212 -94.00 59.75 54.85
CA ARG A 1212 -95.34 60.17 54.46
C ARG A 1212 -95.58 60.03 52.96
N PHE A 1213 -94.51 60.15 52.16
CA PHE A 1213 -94.59 60.03 50.71
C PHE A 1213 -93.73 58.85 50.28
N PHE A 1214 -93.48 58.73 48.97
CA PHE A 1214 -92.54 57.80 48.31
C PHE A 1214 -93.17 56.41 48.19
N ALA A 1215 -94.38 56.21 48.70
CA ALA A 1215 -95.00 54.87 48.77
C ALA A 1215 -95.16 54.25 47.39
N ILE A 1216 -95.60 55.04 46.41
CA ILE A 1216 -95.69 54.56 45.03
C ILE A 1216 -94.63 55.18 44.13
N CYS A 1217 -94.44 56.50 44.22
CA CYS A 1217 -93.65 57.22 43.22
C CYS A 1217 -92.18 56.83 43.23
N GLY A 1218 -91.65 56.49 44.40
CA GLY A 1218 -90.27 56.06 44.48
C GLY A 1218 -90.10 54.60 44.11
N LEU A 1219 -91.03 53.77 44.60
CA LEU A 1219 -91.16 52.38 44.16
C LEU A 1219 -91.20 52.28 42.63
N GLN A 1220 -90.58 51.21 42.12
CA GLN A 1220 -90.25 50.97 40.71
C GLN A 1220 -89.18 51.96 40.24
N GLU A 1221 -88.73 51.81 39.00
CA GLU A 1221 -87.55 52.47 38.43
C GLU A 1221 -86.26 52.09 39.14
N GLY A 1222 -86.29 51.04 39.97
CA GLY A 1222 -85.11 50.57 40.67
C GLY A 1222 -84.62 51.48 41.77
N PHE A 1223 -85.47 52.38 42.28
CA PHE A 1223 -85.03 53.35 43.27
C PHE A 1223 -85.27 52.80 44.67
N GLU A 1224 -84.30 53.01 45.55
CA GLU A 1224 -84.37 52.62 46.94
C GLU A 1224 -83.99 53.81 47.82
N PRO A 1225 -84.45 53.83 49.07
CA PRO A 1225 -84.02 54.89 50.00
C PRO A 1225 -82.54 54.75 50.35
N PHE A 1226 -82.03 55.79 51.03
CA PHE A 1226 -80.61 55.89 51.32
C PHE A 1226 -80.13 54.75 52.22
N ALA A 1227 -80.90 54.42 53.25
CA ALA A 1227 -80.49 53.40 54.21
C ALA A 1227 -81.70 52.59 54.62
N ILE A 1228 -81.83 51.39 54.06
CA ILE A 1228 -82.91 50.49 54.45
C ILE A 1228 -82.67 49.96 55.86
N ASN A 1229 -81.45 49.47 56.13
CA ASN A 1229 -81.12 48.87 57.41
C ASN A 1229 -79.66 49.18 57.76
N MET A 1230 -79.46 50.11 58.70
CA MET A 1230 -78.15 50.32 59.29
C MET A 1230 -78.17 50.18 60.81
N GLN A 1231 -79.35 49.96 61.40
CA GLN A 1231 -79.56 49.60 62.81
C GLN A 1231 -79.22 50.74 63.76
N ARG A 1232 -78.66 51.83 63.25
CA ARG A 1232 -78.31 53.03 63.99
C ARG A 1232 -78.54 54.24 63.10
N PRO A 1233 -78.80 55.41 63.69
CA PRO A 1233 -78.89 56.64 62.88
C PRO A 1233 -77.51 57.09 62.40
N VAL A 1234 -77.54 57.97 61.41
CA VAL A 1234 -76.30 58.44 60.80
C VAL A 1234 -75.61 59.49 61.68
N THR A 1235 -74.34 59.75 61.37
CA THR A 1235 -73.49 60.56 62.24
C THR A 1235 -73.94 62.03 62.28
N THR A 1236 -74.29 62.58 61.12
CA THR A 1236 -74.75 63.98 60.96
C THR A 1236 -73.71 64.99 61.46
N TRP A 1237 -72.58 65.01 60.75
CA TRP A 1237 -71.58 66.05 60.96
C TRP A 1237 -72.14 67.43 60.61
N PHE A 1238 -71.73 68.44 61.36
CA PHE A 1238 -72.25 69.80 61.21
C PHE A 1238 -71.13 70.82 61.23
N SER A 1239 -71.41 71.97 60.62
CA SER A 1239 -70.45 73.06 60.58
C SER A 1239 -70.58 73.93 61.82
N LYS A 1240 -69.44 74.26 62.43
CA LYS A 1240 -69.38 75.00 63.68
C LYS A 1240 -68.70 76.35 63.45
N SER A 1241 -69.28 77.39 64.04
CA SER A 1241 -68.75 78.75 63.94
C SER A 1241 -68.00 79.06 65.24
N LEU A 1242 -66.68 78.85 65.22
CA LEU A 1242 -65.83 79.12 66.37
C LEU A 1242 -64.39 79.30 65.89
N PRO A 1243 -63.75 80.42 66.21
CA PRO A 1243 -62.40 80.67 65.71
C PRO A 1243 -61.34 79.75 66.31
N GLN A 1244 -60.84 78.83 65.50
CA GLN A 1244 -59.78 77.92 65.90
C GLN A 1244 -58.61 78.05 64.94
N PHE A 1245 -57.40 78.10 65.48
CA PHE A 1245 -56.21 78.30 64.66
C PHE A 1245 -55.81 76.99 63.99
N GLU A 1246 -55.58 77.05 62.68
CA GLU A 1246 -55.22 75.91 61.86
C GLU A 1246 -54.01 76.28 61.02
N PRO A 1247 -53.16 75.30 60.65
CA PRO A 1247 -51.94 75.62 59.91
C PRO A 1247 -52.23 76.21 58.54
N VAL A 1248 -51.28 77.00 58.05
CA VAL A 1248 -51.44 77.67 56.75
C VAL A 1248 -51.48 76.63 55.63
N PRO A 1249 -52.38 76.74 54.67
CA PRO A 1249 -52.35 75.88 53.48
C PRO A 1249 -51.05 76.07 52.71
N PRO A 1250 -50.51 75.01 52.11
CA PRO A 1250 -49.29 75.17 51.30
C PRO A 1250 -49.48 76.10 50.11
N GLU A 1251 -50.64 76.06 49.46
CA GLU A 1251 -50.97 76.94 48.34
C GLU A 1251 -52.20 77.76 48.71
N HIS A 1252 -51.97 78.98 49.21
CA HIS A 1252 -53.08 79.91 49.37
C HIS A 1252 -53.11 80.87 48.19
N PRO A 1253 -54.27 81.43 47.86
CA PRO A 1253 -54.34 82.43 46.77
C PRO A 1253 -53.34 83.57 46.86
N HIS A 1254 -53.32 84.30 47.98
CA HIS A 1254 -52.42 85.44 48.12
C HIS A 1254 -51.78 85.47 49.51
N TYR A 1255 -51.30 84.31 49.98
CA TYR A 1255 -50.66 84.23 51.28
C TYR A 1255 -49.62 83.12 51.24
N GLU A 1256 -48.35 83.48 51.33
CA GLU A 1256 -47.25 82.52 51.36
C GLU A 1256 -46.29 82.86 52.50
N VAL A 1257 -45.62 81.83 53.00
CA VAL A 1257 -44.62 81.97 54.06
C VAL A 1257 -43.35 81.27 53.62
N ALA A 1258 -42.22 81.98 53.70
CA ALA A 1258 -40.92 81.48 53.29
C ALA A 1258 -39.97 81.41 54.47
N ARG A 1259 -39.15 80.36 54.50
CA ARG A 1259 -38.15 80.19 55.54
C ARG A 1259 -36.83 80.76 55.07
N MET A 1260 -36.20 81.60 55.90
CA MET A 1260 -34.90 82.17 55.58
C MET A 1260 -33.89 81.62 56.59
N ASP A 1261 -32.88 80.93 56.07
CA ASP A 1261 -31.92 80.24 56.91
C ASP A 1261 -30.87 81.22 57.43
N GLY A 1262 -30.23 80.85 58.54
CA GLY A 1262 -29.23 81.70 59.14
C GLY A 1262 -27.91 81.66 58.37
N THR A 1263 -27.34 82.84 58.15
CA THR A 1263 -26.05 83.00 57.50
C THR A 1263 -24.98 83.26 58.55
N VAL A 1264 -23.79 83.65 58.11
CA VAL A 1264 -22.69 83.97 59.02
C VAL A 1264 -22.95 85.34 59.64
N ASP A 1265 -24.01 86.01 59.18
CA ASP A 1265 -24.50 87.26 59.76
C ASP A 1265 -26.02 87.23 59.73
N THR A 1266 -26.63 87.73 60.82
CA THR A 1266 -28.07 87.88 61.09
C THR A 1266 -28.67 86.52 61.44
N PRO A 1267 -29.73 86.49 62.25
CA PRO A 1267 -30.36 85.20 62.61
C PRO A 1267 -31.35 84.76 61.55
N PRO A 1268 -31.69 83.46 61.52
CA PRO A 1268 -32.72 83.00 60.58
C PRO A 1268 -34.10 83.54 60.94
N CYS A 1269 -34.98 83.57 59.95
CA CYS A 1269 -36.30 84.17 60.15
C CYS A 1269 -37.34 83.49 59.29
N LEU A 1270 -38.59 83.90 59.49
CA LEU A 1270 -39.72 83.49 58.66
C LEU A 1270 -40.36 84.74 58.08
N ARG A 1271 -40.51 84.78 56.75
CA ARG A 1271 -40.95 85.97 56.05
C ARG A 1271 -42.30 85.71 55.37
N LEU A 1272 -43.19 86.69 55.45
CA LEU A 1272 -44.53 86.58 54.89
C LEU A 1272 -44.60 87.33 53.57
N ALA A 1273 -45.13 86.68 52.53
CA ALA A 1273 -45.29 87.28 51.22
C ALA A 1273 -46.76 87.25 50.83
N HIS A 1274 -47.27 88.37 50.33
CA HIS A 1274 -48.67 88.50 49.96
C HIS A 1274 -48.89 88.26 48.47
N ARG A 1275 -48.04 88.86 47.63
CA ARG A 1275 -48.15 88.84 46.16
C ARG A 1275 -49.51 89.33 45.67
N THR A 1276 -49.86 88.91 44.46
CA THR A 1276 -51.15 89.21 43.83
C THR A 1276 -51.47 90.70 43.78
N TRP A 1277 -50.49 91.50 43.37
CA TRP A 1277 -50.66 92.94 43.31
C TRP A 1277 -51.63 93.33 42.19
N GLY A 1278 -52.85 93.69 42.57
CA GLY A 1278 -53.90 94.01 41.62
C GLY A 1278 -55.06 93.05 41.70
N SER A 1279 -56.21 93.47 41.15
CA SER A 1279 -57.46 92.69 41.14
C SER A 1279 -57.84 92.38 42.58
N GLN A 1280 -57.85 91.12 43.01
CA GLN A 1280 -58.20 90.78 44.38
C GLN A 1280 -57.07 91.20 45.33
N ASN A 1281 -57.39 91.28 46.62
CA ASN A 1281 -56.41 91.66 47.63
C ASN A 1281 -56.76 91.04 48.98
N SER A 1282 -56.11 91.53 50.03
CA SER A 1282 -56.34 91.03 51.39
C SER A 1282 -57.12 92.04 52.21
N LEU A 1283 -57.74 91.57 53.30
CA LEU A 1283 -58.57 92.41 54.15
C LEU A 1283 -58.00 92.53 55.57
N VAL A 1284 -57.66 91.41 56.21
CA VAL A 1284 -57.18 91.44 57.59
C VAL A 1284 -56.50 90.10 57.90
N GLU A 1285 -55.47 90.12 58.74
CA GLU A 1285 -54.73 88.91 59.07
C GLU A 1285 -54.17 88.93 60.49
N MET A 1286 -54.33 87.82 61.20
CA MET A 1286 -53.70 87.62 62.51
C MET A 1286 -53.16 86.20 62.60
N LEU A 1287 -51.89 86.05 62.92
CA LEU A 1287 -51.25 84.75 62.89
C LEU A 1287 -50.31 84.58 64.07
N PHE A 1288 -50.19 83.33 64.56
CA PHE A 1288 -49.27 83.06 65.71
C PHE A 1288 -48.40 81.84 65.39
N LEU A 1289 -47.36 81.60 66.21
CA LEU A 1289 -46.46 80.44 65.99
C LEU A 1289 -47.20 79.16 66.40
N ARG A 1290 -46.54 77.99 66.30
CA ARG A 1290 -47.24 76.71 66.57
C ARG A 1290 -46.71 76.06 67.86
N LEU A 1291 -46.16 76.85 68.78
CA LEU A 1291 -45.60 76.31 70.05
C LEU A 1291 -45.99 77.24 71.22
N SER A 1292 -45.76 76.79 72.46
CA SER A 1292 -46.17 77.59 73.64
C SER A 1292 -44.95 77.89 74.52
N LEU A 1293 -45.17 78.36 75.76
CA LEU A 1293 -44.06 78.64 76.69
C LEU A 1293 -44.59 78.71 78.14
N PRO A 1294 -44.50 77.61 78.93
CA PRO A 1294 -44.93 77.62 80.34
C PRO A 1294 -43.85 78.23 81.22
N VAL A 1295 -44.28 79.03 82.20
CA VAL A 1295 -43.34 79.60 83.16
C VAL A 1295 -43.05 78.57 84.26
N GLN A 1296 -41.97 78.82 85.00
CA GLN A 1296 -41.53 77.90 86.03
C GLN A 1296 -42.47 77.95 87.23
N PHE A 1297 -42.34 76.94 88.08
CA PHE A 1297 -43.15 76.76 89.29
C PHE A 1297 -44.66 76.78 88.99
N THR A 1430 -44.91 82.64 87.52
CA THR A 1430 -45.15 83.03 88.90
C THR A 1430 -43.87 83.54 89.55
N THR A 1431 -42.73 82.98 89.13
CA THR A 1431 -41.44 83.42 89.64
C THR A 1431 -41.19 84.89 89.28
N THR A 1432 -41.42 85.25 88.02
CA THR A 1432 -41.26 86.62 87.58
C THR A 1432 -42.45 87.04 86.73
N TYR A 1433 -42.65 86.33 85.62
CA TYR A 1433 -43.74 86.57 84.68
C TYR A 1433 -43.79 88.01 84.18
N TYR A 1434 -42.61 88.62 84.08
CA TYR A 1434 -42.51 90.02 83.68
C TYR A 1434 -42.18 90.14 82.20
N TYR A 1435 -42.99 89.50 81.36
CA TYR A 1435 -42.82 89.58 79.91
C TYR A 1435 -43.12 91.00 79.44
N SER A 1436 -42.15 91.90 79.65
CA SER A 1436 -42.31 93.30 79.32
C SER A 1436 -42.32 93.49 77.81
N VAL A 1437 -43.48 93.85 77.28
CA VAL A 1437 -43.73 93.86 75.85
C VAL A 1437 -42.92 94.91 75.10
N ARG A 1438 -42.17 94.44 74.10
CA ARG A 1438 -41.39 95.28 73.19
C ARG A 1438 -40.41 96.19 73.91
N VAL A 1439 -39.29 95.62 74.37
CA VAL A 1439 -38.34 96.36 75.19
C VAL A 1439 -37.69 97.52 74.42
N PHE A 1440 -37.37 97.28 73.15
CA PHE A 1440 -36.76 98.25 72.22
C PHE A 1440 -35.69 99.14 72.88
N ALA A 1441 -36.17 100.20 73.53
CA ALA A 1441 -35.31 101.13 74.26
C ALA A 1441 -36.12 101.82 75.35
N GLY A 1442 -36.36 101.12 76.45
CA GLY A 1442 -37.08 101.67 77.58
C GLY A 1442 -38.59 101.72 77.39
N GLN A 1443 -39.18 100.56 77.09
CA GLN A 1443 -40.62 100.38 76.93
C GLN A 1443 -41.44 101.03 78.04
N GLU A 1444 -42.42 101.85 77.64
CA GLU A 1444 -43.42 102.43 78.52
C GLU A 1444 -44.50 101.48 79.07
N PRO A 1445 -45.00 100.47 78.33
CA PRO A 1445 -46.10 99.66 78.89
C PRO A 1445 -45.76 98.92 80.17
N SER A 1446 -44.60 98.24 80.22
CA SER A 1446 -44.13 97.52 81.41
C SER A 1446 -45.18 96.51 81.90
N CYS A 1447 -45.39 95.50 81.03
CA CYS A 1447 -46.44 94.50 81.21
C CYS A 1447 -46.43 93.89 82.60
N VAL A 1448 -47.64 93.65 83.13
CA VAL A 1448 -47.81 93.27 84.53
C VAL A 1448 -47.15 91.91 84.80
N TRP A 1449 -46.41 91.84 85.89
CA TRP A 1449 -45.72 90.62 86.30
C TRP A 1449 -46.64 89.71 87.11
N VAL A 1450 -47.63 89.12 86.44
CA VAL A 1450 -48.59 88.24 87.10
C VAL A 1450 -49.00 87.09 86.18
N GLY A 1451 -49.74 86.13 86.74
CA GLY A 1451 -50.19 84.97 85.99
C GLY A 1451 -49.35 83.73 86.28
N TRP A 1452 -49.91 82.82 87.08
CA TRP A 1452 -49.14 81.67 87.53
C TRP A 1452 -48.92 80.66 86.40
N VAL A 1453 -49.93 80.43 85.57
CA VAL A 1453 -49.80 79.41 84.53
C VAL A 1453 -49.20 80.00 83.25
N THR A 1454 -49.81 81.07 82.71
CA THR A 1454 -49.44 81.85 81.53
C THR A 1454 -48.83 81.04 80.38
N PRO A 1455 -49.58 80.17 79.70
CA PRO A 1455 -49.07 79.56 78.46
C PRO A 1455 -49.10 80.59 77.33
N ASP A 1456 -47.93 81.08 76.96
CA ASP A 1456 -47.82 82.22 76.04
C ASP A 1456 -47.39 81.75 74.67
N TYR A 1457 -48.03 82.32 73.64
CA TYR A 1457 -47.78 82.01 72.25
C TYR A 1457 -47.30 83.27 71.55
N HIS A 1458 -46.16 83.19 70.87
CA HIS A 1458 -45.67 84.34 70.12
C HIS A 1458 -46.59 84.61 68.93
N GLN A 1459 -47.32 85.71 69.00
CA GLN A 1459 -48.38 86.02 68.04
C GLN A 1459 -48.31 87.45 67.53
N HIS A 1460 -48.82 87.68 66.33
CA HIS A 1460 -48.99 89.05 65.86
C HIS A 1460 -50.12 89.18 64.85
N ASP A 1461 -50.84 90.30 64.95
CA ASP A 1461 -51.91 90.66 64.05
C ASP A 1461 -51.33 91.67 63.05
N MET A 1462 -51.19 91.23 61.80
CA MET A 1462 -50.51 92.02 60.79
C MET A 1462 -51.46 92.96 60.04
N ASN A 1463 -52.76 92.84 60.28
CA ASN A 1463 -53.79 93.67 59.63
C ASN A 1463 -53.75 93.56 58.11
N PHE A 1464 -53.62 94.69 57.42
CA PHE A 1464 -53.57 94.69 55.96
C PHE A 1464 -52.53 95.67 55.46
N ASP A 1465 -51.50 95.14 54.79
CA ASP A 1465 -50.42 95.99 54.30
C ASP A 1465 -49.76 95.36 53.06
N LEU A 1466 -49.55 96.18 52.03
CA LEU A 1466 -49.06 95.69 50.75
C LEU A 1466 -47.57 95.35 50.81
N SER A 1467 -47.11 94.67 49.75
CA SER A 1467 -45.70 94.39 49.47
C SER A 1467 -45.10 93.44 50.50
N LYS A 1468 -43.78 93.28 50.47
CA LYS A 1468 -43.11 92.46 51.47
C LYS A 1468 -43.23 93.10 52.85
N VAL A 1469 -43.61 92.28 53.83
CA VAL A 1469 -43.89 92.75 55.18
C VAL A 1469 -43.82 91.52 56.11
N ARG A 1470 -43.55 91.73 57.40
CA ARG A 1470 -43.51 90.68 58.42
C ARG A 1470 -42.39 89.68 58.19
N ALA A 1471 -41.39 89.77 59.06
CA ALA A 1471 -40.27 88.83 59.04
C ALA A 1471 -39.85 88.55 60.48
N VAL A 1472 -40.44 87.50 61.06
CA VAL A 1472 -40.19 87.17 62.45
C VAL A 1472 -38.91 86.37 62.59
N THR A 1473 -37.97 86.88 63.38
CA THR A 1473 -36.66 86.26 63.54
C THR A 1473 -36.51 85.53 64.87
N VAL A 1474 -35.27 85.19 65.21
CA VAL A 1474 -34.97 84.48 66.45
C VAL A 1474 -33.60 84.87 66.97
N THR A 1475 -33.54 85.97 67.73
CA THR A 1475 -32.23 86.47 68.25
C THR A 1475 -32.14 86.22 69.77
N MET A 1476 -31.01 85.69 70.23
CA MET A 1476 -30.83 85.38 71.67
C MET A 1476 -30.84 86.68 72.48
N GLY A 1477 -30.00 87.65 72.10
CA GLY A 1477 -29.91 88.93 72.83
C GLY A 1477 -29.48 88.72 74.27
N ASP A 1478 -28.88 87.57 74.56
CA ASP A 1478 -28.44 87.25 75.96
C ASP A 1478 -29.64 87.40 76.89
N GLU A 1479 -30.86 87.32 76.35
CA GLU A 1479 -32.08 87.53 77.18
C GLU A 1479 -32.73 86.19 77.50
N GLN A 1480 -32.22 85.09 76.91
CA GLN A 1480 -32.76 83.74 77.19
C GLN A 1480 -34.19 83.64 76.65
N GLY A 1481 -34.76 84.77 76.22
CA GLY A 1481 -36.13 84.79 75.68
C GLY A 1481 -36.35 86.06 74.86
N ASN A 1482 -35.79 86.11 73.64
CA ASN A 1482 -35.91 87.32 72.79
C ASN A 1482 -36.22 86.90 71.35
N VAL A 1483 -36.97 87.75 70.61
CA VAL A 1483 -37.26 87.46 69.18
C VAL A 1483 -36.90 88.70 68.37
N HIS A 1484 -37.46 88.85 67.17
CA HIS A 1484 -37.20 90.03 66.36
C HIS A 1484 -38.08 90.05 65.11
N SER A 1485 -38.67 91.21 64.82
CA SER A 1485 -39.52 91.36 63.65
C SER A 1485 -39.35 92.74 63.02
N SER A 1486 -38.67 92.77 61.87
CA SER A 1486 -38.37 94.01 61.16
C SER A 1486 -39.20 94.05 59.88
N LEU A 1487 -39.99 95.10 59.73
CA LEU A 1487 -40.86 95.29 58.57
C LEU A 1487 -40.61 96.66 57.97
N LYS A 1488 -40.45 96.72 56.65
CA LYS A 1488 -40.37 97.98 55.93
C LYS A 1488 -41.67 98.12 55.16
N CYS A 1489 -42.49 99.09 55.58
CA CYS A 1489 -43.79 99.50 55.01
C CYS A 1489 -44.48 100.45 55.99
N UNK A 1490 -45.40 99.90 56.78
CA UNK A 1490 -46.15 100.67 57.76
C UNK A 1490 -46.01 100.07 59.15
N UNK A 1491 -47.09 99.53 59.70
CA UNK A 1491 -47.08 98.96 61.04
C UNK A 1491 -48.18 97.92 61.27
N UNK A 1492 -48.11 97.23 62.40
CA UNK A 1492 -49.08 96.20 62.75
C UNK A 1492 -49.25 96.09 64.27
N UNK A 1493 -49.40 94.86 64.77
CA UNK A 1493 -49.54 94.65 66.21
C UNK A 1493 -48.91 93.34 66.67
N UNK A 1494 -47.69 93.39 67.18
CA UNK A 1494 -47.04 92.19 67.69
C UNK A 1494 -47.40 91.96 69.15
N UNK A 1495 -48.24 90.98 69.43
CA UNK A 1495 -48.73 90.75 70.78
C UNK A 1495 -48.30 89.37 71.30
N UNK A 1496 -49.18 88.74 72.07
CA UNK A 1496 -48.90 87.43 72.63
C UNK A 1496 -50.21 86.71 72.96
N UNK A 1497 -50.47 85.61 72.27
CA UNK A 1497 -51.70 84.84 72.47
C UNK A 1497 -51.59 83.98 73.72
N UNK A 1498 -52.74 83.54 74.22
CA UNK A 1498 -52.79 82.69 75.41
C UNK A 1498 -54.11 81.94 75.49
N UNK A 1499 -54.38 81.13 74.47
CA UNK A 1499 -55.62 80.34 74.36
C UNK A 1499 -56.88 81.21 74.46
N UNK A 1500 -56.97 82.21 73.60
CA UNK A 1500 -58.12 83.11 73.58
C UNK A 1500 -58.91 82.93 72.29
N UNK A 1501 -58.29 83.29 71.17
CA UNK A 1501 -58.86 83.15 69.82
C UNK A 1501 -60.19 83.89 69.65
N UNK A 1502 -60.12 85.15 69.27
CA UNK A 1502 -61.32 85.96 69.06
C UNK A 1502 -61.09 87.01 67.97
N ALA A 1503 -61.50 86.68 66.75
CA ALA A 1503 -61.37 87.60 65.63
C ALA A 1503 -62.44 88.68 65.66
N UNK A 1504 -62.02 89.93 65.60
CA UNK A 1504 -62.95 91.06 65.61
C UNK A 1504 -62.51 92.15 64.65
N UNK A 1505 -63.46 92.94 64.18
CA UNK A 1505 -63.17 94.05 63.29
C UNK A 1505 -62.44 95.16 64.04
N UNK A 1506 -62.77 95.31 65.32
CA UNK A 1506 -62.09 96.28 66.18
C UNK A 1506 -60.86 95.62 66.81
N UNK A 1507 -59.84 95.37 65.99
CA UNK A 1507 -58.63 94.70 66.46
C UNK A 1507 -57.64 95.70 67.04
N UNK A 1508 -58.01 96.98 67.04
CA UNK A 1508 -57.16 98.02 67.62
C UNK A 1508 -57.15 97.89 69.14
N UNK A 1509 -58.29 97.51 69.70
CA UNK A 1509 -58.42 97.30 71.13
C UNK A 1509 -59.59 96.36 71.42
N UNK A 1510 -60.40 96.72 72.41
CA UNK A 1510 -61.60 95.99 72.80
C UNK A 1510 -61.32 94.52 73.13
N UNK A 1511 -60.43 94.30 74.10
CA UNK A 1511 -60.08 92.94 74.51
C UNK A 1511 -60.79 92.59 75.82
N UNK A 1512 -61.14 91.32 75.98
CA UNK A 1512 -61.80 90.85 77.19
C UNK A 1512 -60.83 90.82 78.35
N UNK A 1513 -61.22 91.44 79.46
CA UNK A 1513 -60.36 91.50 80.64
C UNK A 1513 -61.01 90.78 81.82
N UNK A 1514 -61.97 91.43 82.45
CA UNK A 1514 -62.70 90.92 83.61
C UNK A 1514 -61.77 90.51 84.76
N UNK A 1515 -60.94 91.46 85.19
CA UNK A 1515 -60.00 91.21 86.27
C UNK A 1515 -60.69 91.28 87.63
N UNK A 1516 -60.25 90.45 88.57
CA UNK A 1516 -60.81 90.43 89.91
C UNK A 1516 -59.80 90.91 90.93
N UNK A 1517 -60.20 90.91 92.21
CA UNK A 1517 -59.32 91.36 93.28
C UNK A 1517 -58.94 90.20 94.18
N UNK A 1518 -59.93 89.38 94.55
CA UNK A 1518 -59.78 88.23 95.45
C UNK A 1518 -59.14 88.64 96.78
N UNK A 1519 -59.78 89.59 97.46
CA UNK A 1519 -59.25 90.14 98.71
C UNK A 1519 -59.53 89.22 99.90
N UNK A 1520 -59.93 89.83 101.00
CA UNK A 1520 -60.21 89.07 102.23
C UNK A 1520 -61.27 89.78 103.07
N UNK A 1521 -62.36 90.18 102.43
CA UNK A 1521 -63.51 90.84 103.05
C UNK A 1521 -63.15 92.13 103.79
N UNK A 1522 -62.03 92.75 103.42
CA UNK A 1522 -61.58 93.98 104.05
C UNK A 1522 -60.50 94.64 103.19
N UNK A 1523 -60.38 94.18 101.95
CA UNK A 1523 -59.34 94.60 101.00
C UNK A 1523 -57.95 94.42 101.59
N UNK A 1524 -57.76 93.31 102.28
CA UNK A 1524 -56.47 92.99 102.92
C UNK A 1524 -55.55 92.28 101.93
N UNK A 1525 -55.91 91.06 101.57
CA UNK A 1525 -55.14 90.29 100.59
C UNK A 1525 -55.65 90.58 99.19
N UNK A 1526 -55.70 91.86 98.84
CA UNK A 1526 -56.24 92.29 97.55
C UNK A 1526 -55.28 92.01 96.40
N UNK A 1527 -54.60 93.05 95.93
CA UNK A 1527 -53.72 93.00 94.74
C UNK A 1527 -54.49 92.45 93.54
N UNK A 1528 -55.10 93.36 92.78
CA UNK A 1528 -55.98 93.01 91.67
C UNK A 1528 -55.31 92.14 90.60
N UNK A 1529 -56.13 91.38 89.89
CA UNK A 1529 -55.64 90.44 88.89
C UNK A 1529 -55.07 91.14 87.67
N UNK A 1530 -54.50 90.36 86.77
CA UNK A 1530 -53.85 90.89 85.57
C UNK A 1530 -54.74 90.74 84.34
N UNK A 1531 -55.78 89.93 84.47
CA UNK A 1531 -56.66 89.55 83.37
C UNK A 1531 -55.85 88.98 82.20
N UNK A 1532 -54.94 88.06 82.54
CA UNK A 1532 -54.02 87.42 81.59
C UNK A 1532 -53.15 88.43 80.83
N UNK A 1533 -52.49 87.94 79.78
CA UNK A 1533 -51.64 88.78 78.96
C UNK A 1533 -51.87 88.49 77.48
N UNK A 1534 -53.13 88.28 77.13
CA UNK A 1534 -53.50 87.96 75.75
C UNK A 1534 -53.50 89.22 74.89
N UNK A 1535 -53.59 90.38 75.54
CA UNK A 1535 -53.58 91.66 74.83
C UNK A 1535 -52.25 92.37 75.01
N UNK A 1536 -51.20 91.81 74.41
CA UNK A 1536 -49.87 92.38 74.52
C UNK A 1536 -49.55 93.29 73.33
N UNK A 1537 -50.56 94.04 72.88
CA UNK A 1537 -50.40 94.91 71.73
C UNK A 1537 -49.58 96.15 72.08
N UNK A 1538 -49.21 96.93 71.06
CA UNK A 1538 -48.45 98.15 71.24
C UNK A 1538 -48.84 99.20 70.21
N UNK A 1539 -49.41 98.72 69.11
CA UNK A 1539 -49.89 99.57 68.00
C UNK A 1539 -48.82 100.50 67.45
N UNK A 1540 -49.25 101.63 66.90
CA UNK A 1540 -48.32 102.61 66.36
C UNK A 1540 -47.96 103.65 67.41
N UNK A 1541 -47.15 103.24 68.38
CA UNK A 1541 -46.76 104.14 69.47
C UNK A 1541 -45.58 105.00 69.09
N UNK A 1542 -44.37 104.51 69.36
CA UNK A 1542 -43.16 105.26 69.08
C UNK A 1542 -42.88 105.35 67.58
N UNK A 1543 -43.47 106.35 66.94
CA UNK A 1543 -43.29 106.57 65.51
C UNK A 1543 -43.50 108.03 65.16
N UNK A 1544 -43.65 108.31 63.87
CA UNK A 1544 -43.87 109.68 63.41
C UNK A 1544 -44.67 109.69 62.11
N UNK A 1545 -44.84 110.87 61.54
CA UNK A 1545 -45.58 111.03 60.28
C UNK A 1545 -44.65 110.84 59.09
N UNK A 1546 -43.36 110.74 59.36
CA UNK A 1546 -42.36 110.58 58.31
C UNK A 1546 -42.38 109.16 57.74
N UNK A 1547 -42.74 108.20 58.59
CA UNK A 1547 -42.85 106.78 58.24
C UNK A 1547 -41.56 106.21 57.65
N UNK A 1548 -41.25 106.60 56.41
CA UNK A 1548 -40.05 106.17 55.69
C UNK A 1548 -39.97 104.64 55.56
N UNK A 1549 -38.85 104.07 55.95
CA UNK A 1549 -38.63 102.62 55.83
C UNK A 1549 -38.04 102.04 57.12
N UNK A 1550 -38.21 100.73 57.29
CA UNK A 1550 -37.69 99.98 58.43
C UNK A 1550 -38.18 100.52 59.78
N UNK A 1551 -39.26 99.93 60.29
CA UNK A 1551 -39.85 100.37 61.55
C UNK A 1551 -39.30 99.58 62.73
N UNK A 1552 -38.00 99.29 62.69
CA UNK A 1552 -37.29 98.59 63.76
C UNK A 1552 -37.90 97.23 64.12
N UNK A 1553 -37.60 96.75 65.32
CA UNK A 1553 -38.10 95.46 65.78
C UNK A 1553 -38.49 95.52 67.26
N UNK A 1554 -38.99 94.41 67.78
CA UNK A 1554 -39.41 94.35 69.18
C UNK A 1554 -39.11 92.97 69.79
N UNK A 1555 -38.22 92.96 70.78
CA UNK A 1555 -37.83 91.71 71.43
C UNK A 1555 -38.92 91.24 72.39
N UNK A 1556 -39.49 90.08 72.10
CA UNK A 1556 -40.49 89.48 72.97
C UNK A 1556 -39.85 89.00 74.27
N UNK A 1557 -39.93 89.83 75.30
CA UNK A 1557 -39.27 89.54 76.57
C UNK A 1557 -39.97 88.42 77.34
N UNK A 1558 -39.22 87.78 78.23
CA UNK A 1558 -39.75 86.71 79.06
C UNK A 1558 -38.91 86.58 80.33
N UNK A 1559 -39.04 85.44 81.00
CA UNK A 1559 -38.25 85.17 82.20
C UNK A 1559 -36.82 84.82 81.82
N UNK A 1560 -35.86 85.59 82.33
CA UNK A 1560 -34.45 85.37 82.02
C UNK A 1560 -33.92 84.16 82.78
N UNK A 1561 -32.79 83.63 82.30
CA UNK A 1561 -32.15 82.48 82.93
C UNK A 1561 -30.78 82.84 83.46
N UNK A 1562 -30.24 82.01 84.35
CA UNK A 1562 -28.93 82.25 84.93
C UNK A 1562 -27.82 81.76 84.02
N UNK A 1563 -27.35 82.65 83.15
CA UNK A 1563 -26.28 82.32 82.21
C UNK A 1563 -25.25 83.45 82.14
N UNK A 1564 -25.28 84.18 81.02
CA UNK A 1564 -24.38 85.32 80.77
C UNK A 1564 -22.91 84.95 80.91
N GLU A 1565 -22.43 84.11 79.99
CA GLU A 1565 -21.03 83.69 80.00
C GLU A 1565 -20.13 84.79 79.46
N LEU A 1566 -20.68 85.65 78.61
CA LEU A 1566 -19.93 86.76 78.03
C LEU A 1566 -20.75 88.04 78.04
N MET A 1573 -30.55 81.30 75.60
CA MET A 1573 -30.63 82.73 75.29
C MET A 1573 -31.60 83.09 74.14
N PRO A 1574 -31.62 82.35 73.02
CA PRO A 1574 -32.67 82.61 72.02
C PRO A 1574 -34.03 82.11 72.48
N LEU A 1575 -35.05 82.54 71.76
CA LEU A 1575 -36.40 82.06 72.02
C LEU A 1575 -36.53 80.58 71.68
N SER A 1576 -35.86 80.12 70.62
CA SER A 1576 -35.91 78.70 70.26
C SER A 1576 -35.23 77.82 71.30
N ALA A 1577 -34.28 78.39 72.05
CA ALA A 1577 -33.70 77.67 73.18
C ALA A 1577 -34.76 77.30 74.22
N ALA A 1578 -35.75 78.18 74.39
CA ALA A 1578 -36.83 77.92 75.33
C ALA A 1578 -37.74 76.79 74.82
N MET A 1579 -38.57 76.28 75.74
CA MET A 1579 -39.80 75.50 75.61
C MET A 1579 -39.64 74.20 74.83
N PHE A 1580 -38.46 73.88 74.33
CA PHE A 1580 -38.33 72.89 73.26
C PHE A 1580 -37.77 71.56 73.74
N LEU A 1581 -37.78 71.29 75.05
CA LEU A 1581 -37.35 70.01 75.61
C LEU A 1581 -35.91 69.70 75.24
N SER A 1582 -34.97 70.45 75.86
CA SER A 1582 -33.52 70.41 75.71
C SER A 1582 -33.06 71.26 74.53
N GLU A 1583 -31.75 71.52 74.46
CA GLU A 1583 -31.08 72.62 73.77
C GLU A 1583 -31.37 73.97 74.42
N ARG A 1584 -31.89 73.95 75.65
CA ARG A 1584 -31.95 75.17 76.46
C ARG A 1584 -30.54 75.68 76.76
N LYS A 1585 -29.62 74.76 77.05
CA LYS A 1585 -28.24 75.13 77.35
C LYS A 1585 -27.52 75.66 76.11
N ASN A 1586 -27.89 75.18 74.93
CA ASN A 1586 -27.20 75.58 73.71
C ASN A 1586 -27.50 77.04 73.40
N PRO A 1587 -26.47 77.88 73.22
CA PRO A 1587 -26.73 79.31 72.98
C PRO A 1587 -27.07 79.65 71.54
N ALA A 1588 -26.74 78.75 70.61
CA ALA A 1588 -26.91 79.06 69.20
C ALA A 1588 -28.40 79.03 68.82
N PRO A 1589 -28.88 80.03 68.09
CA PRO A 1589 -30.27 80.00 67.62
C PRO A 1589 -30.43 79.14 66.38
N GLN A 1590 -31.52 78.36 66.35
CA GLN A 1590 -31.83 77.51 65.21
C GLN A 1590 -33.33 77.39 65.07
N CYS A 1591 -33.77 77.02 63.87
CA CYS A 1591 -35.19 76.85 63.58
C CYS A 1591 -35.49 75.38 63.29
N PRO A 1592 -36.01 74.63 64.26
CA PRO A 1592 -36.42 73.25 63.98
C PRO A 1592 -37.66 73.21 63.09
N PRO A 1593 -37.89 72.10 62.37
CA PRO A 1593 -39.01 72.06 61.42
C PRO A 1593 -40.39 72.10 62.08
N ARG A 1594 -40.50 71.85 63.39
CA ARG A 1594 -41.81 71.89 64.03
C ARG A 1594 -42.41 73.29 64.04
N LEU A 1595 -41.58 74.33 64.11
CA LEU A 1595 -42.07 75.68 64.35
C LEU A 1595 -42.63 76.26 63.05
N GLU A 1596 -43.92 76.63 63.07
CA GLU A 1596 -44.56 77.14 61.88
C GLU A 1596 -45.68 78.11 62.26
N VAL A 1597 -46.11 78.89 61.28
CA VAL A 1597 -47.15 79.92 61.46
C VAL A 1597 -48.49 79.37 60.99
N GLN A 1598 -49.52 79.53 61.82
CA GLN A 1598 -50.82 78.93 61.56
C GLN A 1598 -51.76 79.83 60.76
N MET A 1599 -52.13 80.98 61.33
CA MET A 1599 -53.14 81.95 60.88
C MET A 1599 -54.55 81.41 61.15
N LEU A 1600 -55.45 82.29 61.60
CA LEU A 1600 -56.73 81.90 62.17
C LEU A 1600 -57.77 81.63 61.07
N MET A 1601 -58.61 80.62 61.29
CA MET A 1601 -59.73 80.29 60.43
C MET A 1601 -61.04 80.26 61.24
N PRO A 1602 -62.09 80.93 60.76
CA PRO A 1602 -63.32 81.06 61.55
C PRO A 1602 -64.18 79.81 61.66
N VAL A 1603 -64.37 79.07 60.57
CA VAL A 1603 -65.39 78.02 60.49
C VAL A 1603 -64.70 76.66 60.50
N SER A 1604 -65.19 75.75 61.35
CA SER A 1604 -64.66 74.41 61.46
C SER A 1604 -65.76 73.36 61.24
N TRP A 1605 -65.34 72.11 61.17
CA TRP A 1605 -66.23 70.96 61.03
C TRP A 1605 -66.23 70.16 62.33
N SER A 1606 -67.42 69.76 62.79
CA SER A 1606 -67.53 69.02 64.04
C SER A 1606 -68.60 67.94 63.89
N ARG A 1607 -68.66 67.05 64.88
CA ARG A 1607 -69.57 65.92 64.88
C ARG A 1607 -70.62 66.12 65.97
N MET A 1608 -71.89 66.08 65.58
CA MET A 1608 -72.97 66.18 66.56
C MET A 1608 -73.08 64.86 67.33
N PRO A 1609 -73.22 64.92 68.66
CA PRO A 1609 -73.30 63.68 69.43
C PRO A 1609 -74.57 62.88 69.12
N ASN A 1610 -74.46 61.55 69.25
CA ASN A 1610 -75.59 60.68 68.98
C ASN A 1610 -76.65 60.73 70.07
N HIS A 1611 -76.29 61.20 71.27
CA HIS A 1611 -77.23 61.33 72.37
C HIS A 1611 -77.01 62.67 73.05
N PHE A 1612 -78.12 63.33 73.42
CA PHE A 1612 -78.08 64.64 74.04
C PHE A 1612 -78.63 64.56 75.46
N LEU A 1613 -78.02 65.31 76.37
CA LEU A 1613 -78.46 65.33 77.76
C LEU A 1613 -79.82 66.00 77.88
N GLN A 1614 -80.68 65.43 78.72
CA GLN A 1614 -82.01 65.97 78.95
C GLN A 1614 -81.99 66.96 80.11
N VAL A 1615 -82.88 67.94 80.04
CA VAL A 1615 -82.98 68.96 81.08
C VAL A 1615 -84.34 68.94 81.75
N GLU A 1622 -93.01 72.40 85.48
CA GLU A 1622 -93.22 73.79 85.06
C GLU A 1622 -94.14 74.51 86.05
N ARG A 1623 -93.78 74.47 87.33
CA ARG A 1623 -94.57 75.08 88.37
C ARG A 1623 -93.65 75.71 89.41
N LEU A 1624 -94.21 76.67 90.16
CA LEU A 1624 -93.52 77.42 91.21
C LEU A 1624 -92.28 78.11 90.62
N GLY A 1625 -92.53 79.02 89.68
CA GLY A 1625 -91.45 79.70 89.01
C GLY A 1625 -90.62 78.83 88.09
N TRP A 1626 -91.15 77.65 87.72
CA TRP A 1626 -90.49 76.62 86.92
C TRP A 1626 -89.31 75.97 87.63
N ALA A 1627 -89.05 74.71 87.30
CA ALA A 1627 -88.00 73.90 87.91
C ALA A 1627 -87.55 72.89 86.87
N VAL A 1628 -86.27 72.51 86.91
CA VAL A 1628 -85.74 71.54 85.96
C VAL A 1628 -85.13 70.36 86.70
N GLN A 1629 -85.35 69.17 86.14
CA GLN A 1629 -84.97 67.87 86.71
C GLN A 1629 -84.07 67.17 85.69
N CYS A 1630 -82.76 67.16 85.98
CA CYS A 1630 -81.76 66.72 85.02
C CYS A 1630 -81.90 65.25 84.63
N GLN A 1631 -82.12 64.38 85.63
CA GLN A 1631 -82.31 62.93 85.47
C GLN A 1631 -81.05 62.20 85.00
N ASP A 1632 -81.18 61.44 83.90
CA ASP A 1632 -80.22 60.42 83.55
C ASP A 1632 -78.88 61.01 83.11
N PRO A 1633 -77.77 60.31 83.37
CA PRO A 1633 -76.44 60.82 83.00
C PRO A 1633 -76.01 60.44 81.59
N LEU A 1634 -75.02 61.18 81.11
CA LEU A 1634 -74.31 60.86 79.87
C LEU A 1634 -72.83 61.09 80.09
N THR A 1635 -72.01 60.30 79.40
CA THR A 1635 -70.56 60.39 79.53
C THR A 1635 -69.94 60.37 78.14
N MET A 1636 -68.74 60.95 78.03
CA MET A 1636 -68.08 61.07 76.74
C MET A 1636 -66.58 60.90 76.91
N MET A 1637 -65.97 60.17 75.96
CA MET A 1637 -64.53 59.96 75.97
C MET A 1637 -63.84 61.18 75.36
N ALA A 1638 -62.79 61.65 76.03
CA ALA A 1638 -62.14 62.91 75.71
C ALA A 1638 -60.69 62.65 75.37
N LEU A 1639 -60.18 63.35 74.35
CA LEU A 1639 -58.81 63.19 73.85
C LEU A 1639 -58.22 64.59 73.78
N HIS A 1640 -57.34 64.91 74.71
CA HIS A 1640 -56.81 66.25 74.84
C HIS A 1640 -55.46 66.36 74.15
N ILE A 1641 -55.19 67.52 73.56
CA ILE A 1641 -53.95 67.80 72.85
C ILE A 1641 -53.02 68.57 73.78
N PRO A 1642 -51.78 68.12 73.98
CA PRO A 1642 -50.93 68.75 75.00
C PRO A 1642 -50.62 70.22 74.75
N GLU A 1643 -50.03 70.55 73.60
CA GLU A 1643 -49.60 71.92 73.35
C GLU A 1643 -50.77 72.86 73.12
N GLU A 1644 -51.82 72.39 72.44
CA GLU A 1644 -52.95 73.26 72.13
C GLU A 1644 -53.81 73.56 73.36
N ASN A 1645 -53.79 72.67 74.35
CA ASN A 1645 -54.68 72.70 75.51
C ASN A 1645 -56.14 72.74 75.07
N ARG A 1646 -56.51 71.72 74.29
CA ARG A 1646 -57.81 71.62 73.66
C ARG A 1646 -58.25 70.16 73.64
N CYS A 1647 -59.51 69.91 74.00
CA CYS A 1647 -60.04 68.56 74.05
C CYS A 1647 -60.92 68.30 72.82
N MET A 1648 -60.96 67.03 72.40
CA MET A 1648 -61.68 66.65 71.19
C MET A 1648 -62.33 65.29 71.40
N ASP A 1649 -63.47 65.08 70.73
CA ASP A 1649 -64.15 63.80 70.75
C ASP A 1649 -63.29 62.73 70.09
N ILE A 1650 -63.34 61.51 70.65
CA ILE A 1650 -62.52 60.43 70.14
C ILE A 1650 -63.09 59.88 68.83
N LEU A 1651 -64.39 59.99 68.61
CA LEU A 1651 -64.98 59.46 67.38
C LEU A 1651 -64.65 60.32 66.17
N GLU A 1652 -64.40 61.62 66.38
CA GLU A 1652 -63.99 62.52 65.31
C GLU A 1652 -62.70 62.07 64.64
N LEU A 1653 -61.91 61.23 65.33
CA LEU A 1653 -60.70 60.65 64.76
C LEU A 1653 -61.00 59.90 63.47
N SER A 1654 -62.22 59.36 63.34
CA SER A 1654 -62.60 58.65 62.12
C SER A 1654 -62.53 59.54 60.89
N GLU A 1655 -62.64 60.85 61.06
CA GLU A 1655 -62.47 61.77 59.94
C GLU A 1655 -61.04 62.26 59.79
N ARG A 1656 -60.23 62.16 60.84
CA ARG A 1656 -58.90 62.76 60.82
C ARG A 1656 -57.90 61.89 60.06
N LEU A 1657 -57.75 60.63 60.49
CA LEU A 1657 -57.01 59.57 59.82
C LEU A 1657 -55.48 59.75 59.91
N ASP A 1658 -55.02 60.87 60.45
CA ASP A 1658 -53.61 61.03 60.77
C ASP A 1658 -53.35 60.80 62.26
N LEU A 1659 -54.12 61.49 63.11
CA LEU A 1659 -54.05 61.23 64.54
C LEU A 1659 -54.56 59.84 64.87
N GLN A 1660 -55.45 59.29 64.04
CA GLN A 1660 -55.83 57.88 64.19
C GLN A 1660 -54.62 56.96 64.02
N ARG A 1661 -53.82 57.21 62.98
CA ARG A 1661 -52.61 56.43 62.77
C ARG A 1661 -51.62 56.61 63.93
N PHE A 1662 -51.45 57.84 64.40
CA PHE A 1662 -50.54 58.10 65.50
C PHE A 1662 -51.00 57.42 66.78
N HIS A 1663 -52.32 57.44 67.05
CA HIS A 1663 -52.85 56.80 68.24
C HIS A 1663 -52.74 55.27 68.15
N SER A 1664 -52.95 54.71 66.95
CA SER A 1664 -52.76 53.28 66.77
C SER A 1664 -51.31 52.87 67.00
N HIS A 1665 -50.37 53.68 66.49
CA HIS A 1665 -48.96 53.38 66.73
C HIS A 1665 -48.57 53.58 68.19
N THR A 1666 -49.21 54.54 68.88
CA THR A 1666 -48.98 54.71 70.31
C THR A 1666 -49.49 53.51 71.10
N LEU A 1667 -50.66 52.99 70.71
CA LEU A 1667 -51.17 51.77 71.35
C LEU A 1667 -50.25 50.58 71.08
N ARG A 1668 -49.74 50.48 69.85
CA ARG A 1668 -48.79 49.40 69.53
C ARG A 1668 -47.52 49.53 70.36
N LEU A 1669 -47.03 50.76 70.54
CA LEU A 1669 -45.87 50.99 71.41
C LEU A 1669 -46.17 50.60 72.85
N TYR A 1670 -47.37 50.91 73.33
CA TYR A 1670 -47.77 50.54 74.67
C TYR A 1670 -47.76 49.02 74.85
N ARG A 1671 -48.30 48.30 73.87
CA ARG A 1671 -48.28 46.84 73.95
C ARG A 1671 -46.85 46.29 73.88
N ALA A 1672 -46.02 46.86 73.00
CA ALA A 1672 -44.66 46.35 72.84
C ALA A 1672 -43.79 46.62 74.06
N VAL A 1673 -44.02 47.73 74.75
CA VAL A 1673 -43.22 48.05 75.93
C VAL A 1673 -43.55 47.11 77.07
N CYS A 1674 -44.84 46.80 77.27
CA CYS A 1674 -45.29 45.90 78.31
C CYS A 1674 -45.46 44.46 77.83
N ALA A 1675 -44.77 44.08 76.76
CA ALA A 1675 -45.01 42.82 76.05
C ALA A 1675 -44.76 41.57 76.90
N LEU A 1676 -43.52 41.35 77.32
CA LEU A 1676 -43.13 40.06 77.90
C LEU A 1676 -42.82 40.20 79.39
N GLY A 1677 -43.84 39.94 80.22
CA GLY A 1677 -43.64 39.72 81.64
C GLY A 1677 -43.14 40.90 82.45
N ASN A 1678 -43.30 42.12 81.94
CA ASN A 1678 -42.85 43.31 82.67
C ASN A 1678 -44.08 43.89 83.37
N ASN A 1679 -44.38 43.34 84.54
CA ASN A 1679 -45.56 43.74 85.29
C ASN A 1679 -45.40 45.12 85.93
N ARG A 1680 -44.17 45.59 86.13
CA ARG A 1680 -43.98 46.93 86.68
C ARG A 1680 -44.43 47.99 85.67
N VAL A 1681 -44.03 47.84 84.41
CA VAL A 1681 -44.53 48.78 83.40
C VAL A 1681 -45.99 48.48 83.06
N ALA A 1682 -46.48 47.27 83.34
CA ALA A 1682 -47.92 47.04 83.24
C ALA A 1682 -48.68 47.86 84.27
N HIS A 1683 -48.13 47.94 85.50
CA HIS A 1683 -48.70 48.84 86.51
C HIS A 1683 -48.60 50.29 86.07
N ALA A 1684 -47.46 50.68 85.48
CA ALA A 1684 -47.29 52.05 85.01
C ALA A 1684 -48.31 52.40 83.93
N LEU A 1685 -48.53 51.48 82.97
CA LEU A 1685 -49.52 51.72 81.92
C LEU A 1685 -50.94 51.74 82.48
N CYS A 1686 -51.24 50.85 83.44
CA CYS A 1686 -52.56 50.86 84.05
C CYS A 1686 -52.81 52.15 84.83
N SER A 1687 -51.74 52.77 85.34
CA SER A 1687 -51.85 54.13 85.84
C SER A 1687 -52.07 55.12 84.70
N HIS A 1688 -51.39 54.91 83.57
CA HIS A 1688 -51.50 55.84 82.44
C HIS A 1688 -52.88 55.77 81.79
N VAL A 1689 -53.38 54.56 81.53
CA VAL A 1689 -54.71 54.38 80.96
C VAL A 1689 -55.54 53.56 81.94
N ASP A 1690 -56.72 54.08 82.28
CA ASP A 1690 -57.53 53.54 83.36
C ASP A 1690 -58.29 52.30 82.87
N GLN A 1691 -58.63 51.44 83.83
CA GLN A 1691 -59.43 50.25 83.54
C GLN A 1691 -60.83 50.64 83.05
N ALA A 1692 -61.39 51.71 83.63
CA ALA A 1692 -62.74 52.14 83.25
C ALA A 1692 -62.82 52.58 81.81
N GLN A 1693 -61.78 53.25 81.30
CA GLN A 1693 -61.75 53.62 79.88
C GLN A 1693 -61.76 52.39 78.98
N LEU A 1694 -60.98 51.37 79.35
CA LEU A 1694 -60.94 50.13 78.58
C LEU A 1694 -62.29 49.42 78.62
N LEU A 1695 -62.94 49.42 79.78
CA LEU A 1695 -64.25 48.78 79.89
C LEU A 1695 -65.32 49.53 79.10
N HIS A 1696 -65.23 50.87 79.07
CA HIS A 1696 -66.23 51.66 78.35
C HIS A 1696 -66.03 51.56 76.85
N ALA A 1697 -64.78 51.55 76.39
CA ALA A 1697 -64.49 51.43 74.96
C ALA A 1697 -64.69 50.01 74.44
N LEU A 1698 -64.97 49.05 75.33
CA LEU A 1698 -65.19 47.68 74.91
C LEU A 1698 -66.46 47.55 74.07
N GLU A 1699 -67.51 48.26 74.46
CA GLU A 1699 -68.83 48.16 73.82
C GLU A 1699 -69.22 49.42 73.06
N ASP A 1700 -68.24 50.24 72.66
CA ASP A 1700 -68.56 51.54 72.04
C ASP A 1700 -69.31 51.36 70.73
N ALA A 1701 -68.83 50.44 69.87
CA ALA A 1701 -69.42 50.10 68.58
C ALA A 1701 -69.45 51.27 67.60
N HIS A 1702 -68.87 52.40 67.98
CA HIS A 1702 -68.74 53.56 67.11
C HIS A 1702 -67.30 53.90 66.80
N LEU A 1703 -66.34 53.13 67.32
CA LEU A 1703 -64.94 53.36 67.04
C LEU A 1703 -64.63 53.05 65.58
N PRO A 1704 -63.58 53.67 65.02
CA PRO A 1704 -63.24 53.39 63.61
C PRO A 1704 -62.87 51.95 63.34
N GLY A 1705 -62.33 51.22 64.32
CA GLY A 1705 -62.05 49.81 64.17
C GLY A 1705 -60.62 49.37 64.43
N PRO A 1706 -59.63 50.12 63.93
CA PRO A 1706 -58.25 49.86 64.38
C PRO A 1706 -58.03 50.21 65.84
N LEU A 1707 -58.62 51.32 66.31
CA LEU A 1707 -58.51 51.67 67.72
C LEU A 1707 -59.23 50.66 68.60
N ARG A 1708 -60.34 50.10 68.12
CA ARG A 1708 -61.06 49.08 68.88
C ARG A 1708 -60.18 47.85 69.11
N ALA A 1709 -59.60 47.31 68.03
CA ALA A 1709 -58.72 46.15 68.15
C ALA A 1709 -57.48 46.49 68.98
N GLY A 1710 -56.98 47.73 68.86
CA GLY A 1710 -55.86 48.15 69.68
C GLY A 1710 -56.18 48.13 71.16
N TYR A 1711 -57.36 48.61 71.55
CA TYR A 1711 -57.75 48.58 72.95
C TYR A 1711 -58.00 47.16 73.44
N TYR A 1712 -58.60 46.31 72.58
CA TYR A 1712 -58.77 44.90 72.93
C TYR A 1712 -57.44 44.24 73.22
N ASP A 1713 -56.45 44.43 72.32
CA ASP A 1713 -55.16 43.79 72.49
C ASP A 1713 -54.38 44.39 73.65
N LEU A 1714 -54.56 45.69 73.92
CA LEU A 1714 -53.95 46.30 75.11
C LEU A 1714 -54.50 45.69 76.39
N LEU A 1715 -55.82 45.53 76.46
CA LEU A 1715 -56.43 44.94 77.65
C LEU A 1715 -56.01 43.49 77.83
N ILE A 1716 -55.84 42.77 76.71
CA ILE A 1716 -55.35 41.40 76.78
C ILE A 1716 -53.90 41.36 77.27
N SER A 1717 -53.06 42.25 76.74
CA SER A 1717 -51.63 42.16 76.97
C SER A 1717 -51.22 42.63 78.36
N ILE A 1718 -51.90 43.65 78.89
CA ILE A 1718 -51.45 44.25 80.15
C ILE A 1718 -51.62 43.27 81.32
N HIS A 1719 -52.75 42.57 81.38
CA HIS A 1719 -53.07 41.76 82.55
C HIS A 1719 -53.06 40.25 82.28
N LEU A 1720 -53.83 39.79 81.30
CA LEU A 1720 -54.17 38.37 81.20
C LEU A 1720 -53.14 37.52 80.48
N GLU A 1721 -52.22 38.11 79.74
CA GLU A 1721 -51.37 37.33 78.84
C GLU A 1721 -50.41 36.42 79.60
N SER A 1722 -49.83 36.90 80.70
CA SER A 1722 -48.82 36.12 81.42
C SER A 1722 -49.41 34.86 82.04
N ALA A 1723 -50.60 34.98 82.66
CA ALA A 1723 -51.26 33.81 83.23
C ALA A 1723 -51.67 32.83 82.12
N CYS A 1724 -52.07 33.35 80.96
CA CYS A 1724 -52.40 32.49 79.84
C CYS A 1724 -51.17 31.72 79.36
N ARG A 1725 -50.01 32.38 79.30
CA ARG A 1725 -48.78 31.70 78.90
C ARG A 1725 -48.39 30.64 79.92
N SER A 1726 -48.52 30.94 81.22
CA SER A 1726 -48.19 29.97 82.25
C SER A 1726 -49.11 28.75 82.17
N ARG A 1727 -50.42 28.99 81.97
CA ARG A 1727 -51.36 27.88 81.86
C ARG A 1727 -51.12 27.07 80.60
N ARG A 1728 -50.75 27.72 79.50
CA ARG A 1728 -50.43 27.01 78.27
C ARG A 1728 -49.20 26.13 78.45
N SER A 1729 -48.20 26.62 79.18
CA SER A 1729 -47.04 25.79 79.49
C SER A 1729 -47.41 24.62 80.42
N MET A 1730 -48.35 24.84 81.34
CA MET A 1730 -48.74 23.79 82.27
C MET A 1730 -49.73 22.80 81.69
N LEU A 1731 -50.39 23.15 80.57
CA LEU A 1731 -51.46 22.32 80.04
C LEU A 1731 -50.97 20.97 79.52
N SER A 1732 -49.71 20.89 79.09
CA SER A 1732 -49.23 19.69 78.40
C SER A 1732 -49.13 18.49 79.35
N GLU A 1733 -48.58 18.68 80.54
CA GLU A 1733 -48.38 17.58 81.47
C GLU A 1733 -49.70 17.16 82.11
N TYR A 1734 -49.80 15.86 82.40
CA TYR A 1734 -50.99 15.27 83.01
C TYR A 1734 -50.57 14.52 84.27
N ILE A 1735 -50.55 15.23 85.40
CA ILE A 1735 -50.21 14.66 86.69
C ILE A 1735 -51.51 14.48 87.46
N VAL A 1736 -51.91 13.24 87.69
CA VAL A 1736 -53.20 12.91 88.29
C VAL A 1736 -52.97 12.35 89.70
N PRO A 1737 -53.63 12.88 90.72
CA PRO A 1737 -53.55 12.27 92.05
C PRO A 1737 -54.70 11.30 92.30
N LEU A 1738 -54.61 10.61 93.44
CA LEU A 1738 -55.65 9.67 93.87
C LEU A 1738 -56.54 10.35 94.91
N THR A 1739 -57.78 10.62 94.53
CA THR A 1739 -58.83 11.08 95.43
C THR A 1739 -60.10 10.32 95.08
N PRO A 1740 -61.03 10.18 96.03
CA PRO A 1740 -62.30 9.52 95.70
C PRO A 1740 -63.12 10.26 94.65
N GLU A 1741 -62.95 11.57 94.52
CA GLU A 1741 -63.59 12.29 93.41
C GLU A 1741 -62.87 12.02 92.09
N THR A 1742 -61.58 11.66 92.15
CA THR A 1742 -60.87 11.24 90.95
C THR A 1742 -61.24 9.81 90.57
N ARG A 1743 -61.50 8.97 91.58
CA ARG A 1743 -61.99 7.62 91.32
C ARG A 1743 -63.36 7.63 90.66
N ALA A 1744 -64.22 8.56 91.06
CA ALA A 1744 -65.57 8.67 90.50
C ALA A 1744 -65.55 9.52 89.22
N ILE A 1745 -64.75 9.07 88.27
CA ILE A 1745 -64.70 9.64 86.92
C ILE A 1745 -65.03 8.52 85.95
N THR A 1746 -66.02 8.77 85.10
CA THR A 1746 -66.56 7.75 84.21
C THR A 1746 -66.18 8.04 82.77
N LEU A 1747 -65.97 6.97 82.00
CA LEU A 1747 -65.56 7.11 80.61
C LEU A 1747 -66.64 7.77 79.76
N PHE A 1748 -67.80 7.21 79.75
CA PHE A 1748 -69.04 7.71 79.18
C PHE A 1748 -69.92 8.25 80.30
N PRO A 1749 -70.79 9.22 80.01
CA PRO A 1749 -71.69 9.74 81.04
C PRO A 1749 -72.66 8.67 81.52
N PRO A 1750 -73.22 8.81 82.75
CA PRO A 1750 -74.15 7.81 83.28
C PRO A 1750 -75.27 7.44 82.33
N GLY A 1751 -75.24 6.20 81.84
CA GLY A 1751 -76.12 5.78 80.77
C GLY A 1751 -77.51 5.37 81.21
N ARG A 1752 -78.50 6.10 80.72
CA ARG A 1752 -79.89 5.73 80.90
C ARG A 1752 -80.31 4.74 79.81
N LYS A 1753 -81.44 4.07 80.05
CA LYS A 1753 -82.09 3.13 79.15
C LYS A 1753 -81.27 1.87 78.89
N GLY A 1754 -80.28 1.57 79.73
CA GLY A 1754 -79.55 0.32 79.65
C GLY A 1754 -78.70 0.14 78.40
N GLY A 1755 -79.15 -0.75 77.50
CA GLY A 1755 -78.37 -1.07 76.32
C GLY A 1755 -78.20 0.12 75.38
N ASN A 1756 -79.28 0.87 75.15
CA ASN A 1756 -79.17 2.10 74.37
C ASN A 1756 -78.44 3.14 75.20
N ALA A 1757 -77.22 3.48 74.80
CA ALA A 1757 -76.33 4.24 75.65
C ALA A 1757 -75.27 4.90 74.77
N ARG A 1758 -74.17 5.34 75.39
CA ARG A 1758 -72.94 5.77 74.74
C ARG A 1758 -73.05 7.13 74.05
N ARG A 1759 -73.94 8.00 74.54
CA ARG A 1759 -73.93 9.38 74.10
C ARG A 1759 -72.62 10.05 74.49
N HIS A 1760 -72.05 10.83 73.57
CA HIS A 1760 -70.69 11.34 73.75
C HIS A 1760 -70.60 12.36 74.88
N GLY A 1761 -71.66 13.13 75.11
CA GLY A 1761 -71.64 14.16 76.13
C GLY A 1761 -70.97 15.44 75.64
N LEU A 1762 -71.08 16.48 76.45
CA LEU A 1762 -70.52 17.73 75.95
C LEU A 1762 -69.12 17.94 76.52
N PRO A 1763 -68.18 18.39 75.69
CA PRO A 1763 -66.81 18.64 76.16
C PRO A 1763 -66.74 19.89 77.03
N GLY A 1764 -65.65 19.97 77.78
CA GLY A 1764 -65.42 21.10 78.67
C GLY A 1764 -66.21 21.00 79.96
N VAL A 1765 -66.15 19.83 80.61
CA VAL A 1765 -66.84 19.58 81.86
C VAL A 1765 -65.82 19.63 82.99
N GLY A 1766 -66.15 20.39 84.04
CA GLY A 1766 -65.24 20.62 85.15
C GLY A 1766 -65.04 19.46 86.10
N VAL A 1767 -65.52 18.26 85.76
CA VAL A 1767 -65.37 17.12 86.65
C VAL A 1767 -63.91 16.67 86.76
N THR A 1768 -63.05 17.10 85.84
CA THR A 1768 -61.65 16.70 85.83
C THR A 1768 -60.93 17.27 87.05
N THR A 1769 -60.04 16.45 87.63
CA THR A 1769 -59.36 16.78 88.87
C THR A 1769 -57.86 16.84 88.67
N SER A 1770 -57.40 17.55 87.64
CA SER A 1770 -55.99 17.59 87.30
C SER A 1770 -55.25 18.49 88.30
N LEU A 1771 -53.96 18.72 88.04
CA LEU A 1771 -53.07 19.39 89.01
C LEU A 1771 -52.38 20.56 88.32
N ARG A 1772 -52.95 21.76 88.48
CA ARG A 1772 -52.42 22.98 87.89
C ARG A 1772 -52.33 24.06 88.96
N PRO A 1773 -51.35 24.96 88.85
CA PRO A 1773 -51.15 25.99 89.88
C PRO A 1773 -52.13 27.13 89.73
N PRO A 1774 -52.40 27.87 90.81
CA PRO A 1774 -53.29 29.03 90.72
C PRO A 1774 -52.64 30.19 89.96
N HIS A 1775 -53.42 31.24 89.75
CA HIS A 1775 -53.02 32.35 88.89
C HIS A 1775 -52.17 33.38 89.62
N HIS A 1776 -52.51 33.69 90.88
CA HIS A 1776 -51.79 34.67 91.71
C HIS A 1776 -51.80 36.06 91.05
N PHE A 1777 -52.99 36.65 91.00
CA PHE A 1777 -53.11 38.04 90.59
C PHE A 1777 -52.80 38.97 91.77
N SER A 1778 -52.43 40.21 91.44
CA SER A 1778 -52.06 41.21 92.43
C SER A 1778 -52.82 42.51 92.19
N PRO A 1779 -53.15 43.25 93.25
CA PRO A 1779 -53.90 44.50 93.05
C PRO A 1779 -53.06 45.55 92.35
N PRO A 1780 -53.68 46.45 91.58
CA PRO A 1780 -52.92 47.48 90.83
C PRO A 1780 -52.49 48.65 91.69
N CYS A 1781 -51.59 48.38 92.63
CA CYS A 1781 -51.10 49.46 93.54
C CYS A 1781 -50.60 50.64 92.71
N PHE A 1782 -50.32 50.42 91.42
CA PHE A 1782 -49.86 51.50 90.51
C PHE A 1782 -48.63 52.18 91.10
N VAL A 1783 -47.73 51.39 91.71
CA VAL A 1783 -46.49 51.96 92.29
C VAL A 1783 -45.61 52.51 91.16
N ALA A 1784 -44.94 53.64 91.40
CA ALA A 1784 -44.06 54.23 90.36
C ALA A 1784 -43.05 55.17 91.03
N ALA A 1796 -40.49 39.68 89.82
CA ALA A 1796 -40.73 40.82 90.70
C ALA A 1796 -42.23 40.96 91.01
N ARG A 1797 -42.85 42.04 90.55
CA ARG A 1797 -44.25 42.27 90.80
C ARG A 1797 -45.13 41.41 89.90
N LEU A 1798 -46.36 41.19 90.33
CA LEU A 1798 -47.30 40.34 89.61
C LEU A 1798 -48.25 41.20 88.77
N SER A 1799 -49.14 40.53 88.04
CA SER A 1799 -50.05 41.21 87.13
C SER A 1799 -51.10 42.01 87.88
N PRO A 1800 -51.57 43.12 87.30
CA PRO A 1800 -52.65 43.90 87.93
C PRO A 1800 -53.95 43.11 87.98
N ALA A 1801 -54.75 43.39 89.01
CA ALA A 1801 -56.02 42.72 89.21
C ALA A 1801 -57.17 43.51 88.58
N ILE A 1802 -58.04 42.80 87.87
CA ILE A 1802 -59.29 43.34 87.36
C ILE A 1802 -60.39 42.36 87.79
N PRO A 1803 -61.59 42.80 88.18
CA PRO A 1803 -62.70 41.87 88.39
C PRO A 1803 -63.03 41.06 87.14
N LEU A 1804 -62.91 39.73 87.20
CA LEU A 1804 -63.07 38.90 86.01
C LEU A 1804 -64.52 38.61 85.65
N GLU A 1805 -65.43 38.61 86.64
CA GLU A 1805 -66.80 38.18 86.38
C GLU A 1805 -67.53 39.14 85.45
N ALA A 1806 -67.26 40.45 85.59
CA ALA A 1806 -67.89 41.42 84.70
C ALA A 1806 -67.40 41.24 83.27
N LEU A 1807 -66.11 40.96 83.08
CA LEU A 1807 -65.59 40.67 81.75
C LEU A 1807 -66.20 39.38 81.19
N ARG A 1808 -66.34 38.36 82.03
CA ARG A 1808 -66.90 37.09 81.57
C ARG A 1808 -68.35 37.25 81.12
N ASP A 1809 -69.13 38.06 81.83
CA ASP A 1809 -70.48 38.36 81.36
C ASP A 1809 -70.45 39.22 80.10
N LYS A 1810 -69.58 40.24 80.08
CA LYS A 1810 -69.53 41.21 78.99
C LYS A 1810 -69.09 40.54 77.69
N ALA A 1811 -68.26 39.50 77.81
CA ALA A 1811 -67.77 38.79 76.61
C ALA A 1811 -68.89 37.92 76.05
N LEU A 1812 -69.48 37.06 76.89
CA LEU A 1812 -70.56 36.16 76.41
C LEU A 1812 -71.74 37.00 75.93
N ARG A 1813 -72.06 38.08 76.66
CA ARG A 1813 -73.17 38.98 76.24
C ARG A 1813 -72.85 39.54 74.86
N MET A 1814 -71.82 40.38 74.75
CA MET A 1814 -71.48 40.99 73.47
C MET A 1814 -71.29 39.94 72.39
N LEU A 1815 -70.95 38.71 72.79
CA LEU A 1815 -70.91 37.60 71.82
C LEU A 1815 -72.29 37.33 71.23
N GLY A 1816 -73.32 37.27 72.07
CA GLY A 1816 -74.67 37.12 71.57
C GLY A 1816 -75.13 38.30 70.75
N GLU A 1817 -74.78 39.51 71.19
CA GLU A 1817 -75.11 40.70 70.42
C GLU A 1817 -74.44 40.69 69.05
N ALA A 1818 -73.18 40.24 68.99
CA ALA A 1818 -72.45 40.19 67.73
C ALA A 1818 -73.01 39.10 66.81
N VAL A 1819 -73.39 37.95 67.36
CA VAL A 1819 -73.95 36.91 66.50
C VAL A 1819 -75.33 37.32 65.99
N ARG A 1820 -76.11 38.06 66.80
CA ARG A 1820 -77.36 38.61 66.30
C ARG A 1820 -77.12 39.65 65.20
N ASP A 1821 -76.12 40.52 65.39
CA ASP A 1821 -75.80 41.51 64.36
C ASP A 1821 -75.32 40.85 63.08
N GLY A 1822 -74.56 39.76 63.19
CA GLY A 1822 -74.15 39.01 62.02
C GLY A 1822 -75.32 38.33 61.33
N GLY A 1823 -76.29 37.83 62.11
CA GLY A 1823 -77.48 37.25 61.52
C GLY A 1823 -78.42 38.26 60.90
N GLN A 1824 -78.38 39.52 61.35
CA GLN A 1824 -79.24 40.53 60.76
C GLN A 1824 -78.75 40.99 59.39
N HIS A 1825 -77.47 40.77 59.07
CA HIS A 1825 -76.84 41.20 57.82
C HIS A 1825 -77.02 42.70 57.58
N ALA A 1826 -76.51 43.48 58.53
CA ALA A 1826 -76.55 44.93 58.41
C ALA A 1826 -75.53 45.41 57.40
N ARG A 1827 -75.85 46.52 56.73
CA ARG A 1827 -74.96 47.08 55.72
C ARG A 1827 -73.75 47.77 56.33
N ASP A 1828 -73.81 48.15 57.61
CA ASP A 1828 -72.66 48.71 58.30
C ASP A 1828 -72.27 47.81 59.47
N PRO A 1829 -71.01 47.37 59.55
CA PRO A 1829 -70.59 46.53 60.67
C PRO A 1829 -70.33 47.36 61.92
N VAL A 1830 -70.07 46.64 63.02
CA VAL A 1830 -69.80 47.30 64.29
C VAL A 1830 -68.48 48.06 64.24
N GLY A 1831 -67.42 47.42 63.74
CA GLY A 1831 -66.12 48.03 63.62
C GLY A 1831 -65.77 48.55 62.24
N GLY A 1832 -66.71 48.52 61.30
CA GLY A 1832 -66.46 48.90 59.92
C GLY A 1832 -66.31 47.73 58.98
N SER A 1833 -65.91 46.56 59.50
CA SER A 1833 -65.87 45.33 58.73
C SER A 1833 -66.27 44.18 59.64
N VAL A 1834 -66.73 43.10 59.02
CA VAL A 1834 -67.23 41.95 59.78
C VAL A 1834 -66.10 41.28 60.54
N GLU A 1835 -64.91 41.21 59.94
CA GLU A 1835 -63.77 40.63 60.66
C GLU A 1835 -63.31 41.52 61.80
N PHE A 1836 -63.42 42.85 61.65
CA PHE A 1836 -63.04 43.74 62.73
C PHE A 1836 -64.00 43.63 63.91
N GLN A 1837 -65.25 43.26 63.67
CA GLN A 1837 -66.21 43.06 64.74
C GLN A 1837 -66.21 41.63 65.29
N PHE A 1838 -65.64 40.68 64.55
CA PHE A 1838 -65.68 39.29 64.98
C PHE A 1838 -64.38 38.78 65.58
N VAL A 1839 -63.22 39.18 65.06
CA VAL A 1839 -61.93 38.66 65.52
C VAL A 1839 -61.61 38.97 66.98
N PRO A 1840 -61.65 40.23 67.46
CA PRO A 1840 -61.10 40.48 68.81
C PRO A 1840 -61.95 39.93 69.94
N VAL A 1841 -63.28 39.91 69.78
CA VAL A 1841 -64.14 39.32 70.81
C VAL A 1841 -63.91 37.81 70.89
N LEU A 1842 -63.70 37.16 69.73
CA LEU A 1842 -63.36 35.75 69.72
C LEU A 1842 -62.00 35.51 70.35
N LYS A 1843 -61.04 36.41 70.12
CA LYS A 1843 -59.73 36.30 70.75
C LYS A 1843 -59.84 36.39 72.27
N LEU A 1844 -60.63 37.34 72.76
CA LEU A 1844 -60.84 37.48 74.21
C LEU A 1844 -61.52 36.24 74.79
N VAL A 1845 -62.52 35.71 74.09
CA VAL A 1845 -63.22 34.52 74.55
C VAL A 1845 -62.28 33.32 74.59
N SER A 1846 -61.44 33.17 73.56
CA SER A 1846 -60.47 32.08 73.54
C SER A 1846 -59.45 32.21 74.67
N THR A 1847 -58.98 33.43 74.94
CA THR A 1847 -58.04 33.63 76.03
C THR A 1847 -58.67 33.30 77.38
N LEU A 1848 -59.91 33.73 77.58
CA LEU A 1848 -60.60 33.44 78.85
C LEU A 1848 -60.87 31.95 79.00
N LEU A 1849 -61.16 31.26 77.89
CA LEU A 1849 -61.39 29.82 77.95
C LEU A 1849 -60.09 29.07 78.24
N VAL A 1850 -58.98 29.53 77.67
CA VAL A 1850 -57.68 28.88 77.94
C VAL A 1850 -57.28 29.10 79.40
N MET A 1851 -57.51 30.30 79.93
CA MET A 1851 -57.14 30.56 81.32
C MET A 1851 -58.01 29.79 82.31
N GLY A 1852 -59.16 29.29 81.89
CA GLY A 1852 -59.92 28.34 82.68
C GLY A 1852 -60.92 28.93 83.64
N ILE A 1853 -61.21 30.23 83.53
CA ILE A 1853 -62.16 30.87 84.45
C ILE A 1853 -63.59 30.45 84.14
N PHE A 1854 -63.89 30.18 82.86
CA PHE A 1854 -65.26 29.91 82.44
C PHE A 1854 -65.76 28.59 83.04
N GLY A 1855 -66.91 28.67 83.71
CA GLY A 1855 -67.50 27.50 84.34
C GLY A 1855 -68.30 26.65 83.37
N ASP A 1856 -68.97 25.65 83.93
CA ASP A 1856 -69.80 24.76 83.11
C ASP A 1856 -70.97 25.53 82.49
N GLU A 1857 -71.61 26.41 83.27
CA GLU A 1857 -72.69 27.23 82.72
C GLU A 1857 -72.16 28.25 81.71
N ASP A 1858 -70.93 28.73 81.93
CA ASP A 1858 -70.34 29.70 81.01
C ASP A 1858 -69.90 29.04 79.71
N VAL A 1859 -69.32 27.83 79.78
CA VAL A 1859 -69.01 27.08 78.57
C VAL A 1859 -70.30 26.70 77.85
N LYS A 1860 -71.35 26.40 78.62
CA LYS A 1860 -72.68 26.28 78.06
C LYS A 1860 -73.10 27.61 77.42
N GLN A 1861 -73.79 27.49 76.29
CA GLN A 1861 -74.34 28.54 75.43
C GLN A 1861 -73.25 29.28 74.66
N ILE A 1862 -71.99 29.20 75.09
CA ILE A 1862 -70.89 29.50 74.18
C ILE A 1862 -70.75 28.37 73.18
N LEU A 1863 -70.73 27.14 73.69
CA LEU A 1863 -70.69 25.97 72.83
C LEU A 1863 -71.94 25.90 71.95
N LYS A 1864 -73.08 26.40 72.46
CA LYS A 1864 -74.30 26.42 71.67
C LYS A 1864 -74.26 27.52 70.61
N MET A 1865 -73.65 28.67 70.93
CA MET A 1865 -73.44 29.70 69.92
C MET A 1865 -72.51 29.21 68.82
N ILE A 1866 -71.61 28.28 69.13
CA ILE A 1866 -70.82 27.64 68.09
C ILE A 1866 -71.69 26.79 67.18
N GLU A 1867 -72.56 25.94 67.77
CA GLU A 1867 -73.47 25.13 66.96
C GLU A 1867 -74.74 24.82 67.74
N PRO A 1868 -75.91 25.31 67.30
CA PRO A 1868 -77.13 25.13 68.09
C PRO A 1868 -77.86 23.82 67.88
N GLU A 1869 -77.66 23.12 66.76
CA GLU A 1869 -78.60 22.07 66.36
C GLU A 1869 -78.41 20.81 67.21
N VAL A 1870 -77.18 20.29 67.27
CA VAL A 1870 -76.83 19.25 68.24
C VAL A 1870 -76.35 19.92 69.52
N PHE A 1871 -77.06 19.65 70.63
CA PHE A 1871 -76.69 19.91 72.03
C PHE A 1871 -77.80 19.41 72.94
N THR A 1872 -77.50 19.41 74.25
CA THR A 1872 -78.21 18.65 75.28
C THR A 1872 -79.73 18.75 75.18
N GLU A 1873 -80.39 17.60 75.35
CA GLU A 1873 -81.82 17.42 75.17
C GLU A 1873 -82.12 15.99 75.62
N GLU A 1874 -83.38 15.72 75.97
CA GLU A 1874 -83.83 14.42 76.49
C GLU A 1874 -83.35 13.19 75.71
N LEU A 1922 -85.21 29.34 63.03
CA LEU A 1922 -84.64 28.86 64.28
C LEU A 1922 -83.45 29.72 64.70
N GLU A 1923 -82.27 29.11 64.75
CA GLU A 1923 -81.04 29.79 65.13
C GLU A 1923 -79.96 29.52 64.10
N GLU A 1924 -79.08 30.50 63.91
CA GLU A 1924 -77.97 30.39 62.97
C GLU A 1924 -76.67 30.32 63.76
N GLY A 1925 -75.92 29.23 63.57
CA GLY A 1925 -74.65 29.08 64.26
C GLY A 1925 -73.53 29.81 63.55
N LEU A 1926 -72.47 30.10 64.31
CA LEU A 1926 -71.32 30.82 63.77
C LEU A 1926 -70.62 30.03 62.68
N LEU A 1927 -70.67 28.70 62.74
CA LEU A 1927 -70.05 27.88 61.71
C LEU A 1927 -70.81 27.95 60.39
N GLN A 1928 -72.14 28.08 60.46
CA GLN A 1928 -72.96 28.05 59.26
C GLN A 1928 -72.89 29.35 58.47
N MET A 1929 -72.77 30.49 59.14
CA MET A 1929 -72.68 31.76 58.45
C MET A 1929 -71.36 31.89 57.70
N LYS A 1930 -71.42 32.62 56.58
CA LYS A 1930 -70.23 32.86 55.77
C LYS A 1930 -69.24 33.73 56.53
N LEU A 1931 -67.96 33.37 56.47
CA LEU A 1931 -66.94 34.09 57.20
C LEU A 1931 -65.92 34.72 56.25
N PRO A 1932 -65.44 35.92 56.56
CA PRO A 1932 -64.57 36.63 55.61
C PRO A 1932 -63.14 36.08 55.57
N GLU A 1933 -62.81 35.12 56.44
CA GLU A 1933 -61.51 34.46 56.63
C GLU A 1933 -60.70 35.31 57.60
N SER A 1934 -59.81 34.65 58.38
CA SER A 1934 -59.08 35.12 59.55
C SER A 1934 -59.97 35.22 60.78
N VAL A 1935 -61.26 34.86 60.67
CA VAL A 1935 -62.13 34.66 61.80
C VAL A 1935 -62.14 33.15 62.06
N LYS A 1936 -61.93 32.38 60.99
CA LYS A 1936 -61.95 30.93 61.06
C LYS A 1936 -60.83 30.37 61.92
N LEU A 1937 -59.69 31.08 61.99
CA LEU A 1937 -58.56 30.61 62.77
C LEU A 1937 -58.87 30.53 64.25
N GLN A 1938 -59.59 31.52 64.77
CA GLN A 1938 -59.97 31.50 66.19
C GLN A 1938 -60.97 30.39 66.47
N MET A 1939 -61.87 30.13 65.51
CA MET A 1939 -62.79 29.00 65.65
C MET A 1939 -62.05 27.67 65.68
N CYS A 1940 -61.01 27.53 64.83
CA CYS A 1940 -60.20 26.33 64.85
C CYS A 1940 -59.45 26.18 66.16
N ASN A 1941 -58.96 27.30 66.70
CA ASN A 1941 -58.31 27.28 68.02
C ASN A 1941 -59.27 26.82 69.10
N LEU A 1942 -60.52 27.31 69.06
CA LEU A 1942 -61.52 26.90 70.03
C LEU A 1942 -61.84 25.40 69.92
N LEU A 1943 -61.93 24.91 68.68
CA LEU A 1943 -62.18 23.47 68.48
C LEU A 1943 -60.99 22.64 68.99
N GLU A 1944 -59.77 23.14 68.80
CA GLU A 1944 -58.60 22.46 69.33
C GLU A 1944 -58.61 22.43 70.86
N TYR A 1945 -59.06 23.53 71.48
CA TYR A 1945 -59.23 23.56 72.94
C TYR A 1945 -60.24 22.53 73.40
N PHE A 1946 -61.36 22.40 72.68
CA PHE A 1946 -62.38 21.41 73.04
C PHE A 1946 -61.85 19.99 72.89
N CYS A 1947 -61.07 19.73 71.84
CA CYS A 1947 -60.46 18.41 71.67
C CYS A 1947 -59.47 18.12 72.80
N ASP A 1948 -58.72 19.14 73.24
CA ASP A 1948 -57.82 18.97 74.38
C ASP A 1948 -58.59 18.63 75.65
N GLN A 1949 -59.74 19.28 75.86
CA GLN A 1949 -60.59 18.95 77.00
C GLN A 1949 -61.07 17.50 76.94
N GLU A 1950 -61.47 17.05 75.74
CA GLU A 1950 -61.90 15.67 75.57
C GLU A 1950 -60.78 14.69 75.88
N LEU A 1951 -59.57 14.99 75.40
CA LEU A 1951 -58.42 14.14 75.67
C LEU A 1951 -58.10 14.08 77.16
N GLN A 1952 -58.21 15.22 77.84
CA GLN A 1952 -57.96 15.25 79.28
C GLN A 1952 -58.97 14.41 80.05
N HIS A 1953 -60.25 14.49 79.65
CA HIS A 1953 -61.28 13.68 80.28
C HIS A 1953 -61.02 12.19 80.07
N ARG A 1954 -60.60 11.83 78.85
CA ARG A 1954 -60.24 10.43 78.57
C ARG A 1954 -59.09 9.97 79.46
N VAL A 1955 -58.09 10.83 79.64
CA VAL A 1955 -56.93 10.49 80.46
C VAL A 1955 -57.34 10.24 81.91
N GLU A 1956 -58.18 11.13 82.47
CA GLU A 1956 -58.61 10.95 83.85
C GLU A 1956 -59.43 9.68 84.04
N SER A 1957 -60.33 9.38 83.09
CA SER A 1957 -61.12 8.15 83.20
C SER A 1957 -60.23 6.92 83.12
N LEU A 1958 -59.25 6.93 82.21
CA LEU A 1958 -58.32 5.82 82.09
C LEU A 1958 -57.52 5.62 83.37
N ALA A 1959 -57.06 6.72 83.98
CA ALA A 1959 -56.30 6.62 85.22
C ALA A 1959 -57.14 6.03 86.35
N ALA A 1960 -58.39 6.49 86.49
CA ALA A 1960 -59.25 5.98 87.56
C ALA A 1960 -59.53 4.49 87.39
N PHE A 1961 -59.89 4.07 86.17
CA PHE A 1961 -60.15 2.66 85.92
C PHE A 1961 -58.88 1.84 86.17
N ALA A 1962 -57.73 2.39 85.78
CA ALA A 1962 -56.45 1.71 86.00
C ALA A 1962 -56.19 1.47 87.47
N GLU A 1963 -56.44 2.49 88.29
CA GLU A 1963 -56.21 2.34 89.73
C GLU A 1963 -57.13 1.27 90.32
N ARG A 1964 -58.41 1.29 89.97
CA ARG A 1964 -59.32 0.33 90.59
C ARG A 1964 -59.05 -1.09 90.10
N TYR A 1965 -58.69 -1.25 88.83
CA TYR A 1965 -58.40 -2.58 88.30
C TYR A 1965 -57.11 -3.13 88.89
N VAL A 1966 -56.10 -2.27 89.07
CA VAL A 1966 -54.84 -2.76 89.63
C VAL A 1966 -55.00 -3.07 91.11
N ASP A 1967 -55.89 -2.36 91.82
CA ASP A 1967 -56.16 -2.72 93.21
C ASP A 1967 -56.84 -4.08 93.30
N LYS A 1968 -57.85 -4.31 92.44
CA LYS A 1968 -58.53 -5.60 92.43
C LYS A 1968 -57.58 -6.73 92.08
N LEU A 1969 -56.70 -6.52 91.11
CA LEU A 1969 -55.76 -7.57 90.71
C LEU A 1969 -54.67 -7.77 91.75
N GLN A 1970 -54.29 -6.73 92.49
CA GLN A 1970 -53.38 -6.91 93.62
C GLN A 1970 -54.02 -7.79 94.69
N ALA A 1971 -55.29 -7.54 95.00
CA ALA A 1971 -56.00 -8.40 95.95
C ALA A 1971 -56.12 -9.82 95.45
N ASN A 1972 -56.36 -9.99 94.15
CA ASN A 1972 -56.46 -11.33 93.56
C ASN A 1972 -55.12 -12.06 93.64
N GLN A 1973 -54.02 -11.36 93.39
CA GLN A 1973 -52.70 -11.98 93.48
C GLN A 1973 -52.37 -12.38 94.92
N ARG A 1974 -52.73 -11.52 95.89
CA ARG A 1974 -52.52 -11.86 97.29
C ARG A 1974 -53.33 -13.09 97.67
N SER A 1975 -54.56 -13.18 97.17
CA SER A 1975 -55.38 -14.38 97.41
C SER A 1975 -54.75 -15.62 96.78
N ARG A 1976 -54.21 -15.48 95.56
CA ARG A 1976 -53.62 -16.61 94.87
C ARG A 1976 -52.37 -17.13 95.58
N TYR A 1977 -51.52 -16.21 96.06
CA TYR A 1977 -50.30 -16.66 96.74
C TYR A 1977 -50.60 -17.16 98.14
N ALA A 1978 -51.52 -16.49 98.83
CA ALA A 1978 -51.91 -16.91 100.20
C ALA A 1978 -52.39 -18.36 100.16
N LEU A 1979 -53.63 -18.57 99.71
CA LEU A 1979 -54.15 -19.96 99.55
C LEU A 1979 -53.27 -20.69 98.53
N LEU A 1980 -53.25 -22.03 98.58
CA LEU A 1980 -52.43 -22.83 97.64
C LEU A 1980 -50.96 -22.48 97.89
N MET A 1981 -50.05 -23.02 97.08
CA MET A 1981 -48.59 -22.73 97.25
C MET A 1981 -48.19 -22.93 98.71
N ARG A 1982 -48.13 -21.86 99.50
CA ARG A 1982 -47.72 -21.95 100.93
C ARG A 1982 -48.21 -23.27 101.53
N ALA A 1983 -49.51 -23.55 101.47
CA ALA A 1983 -50.08 -24.78 101.99
C ALA A 1983 -49.09 -25.93 101.85
N PHE A 1984 -48.39 -25.98 100.71
CA PHE A 1984 -47.30 -26.93 100.44
C PHE A 1984 -47.79 -28.38 100.54
N THR A 1985 -48.72 -28.71 99.63
CA THR A 1985 -49.19 -30.08 99.51
C THR A 1985 -48.08 -31.02 99.07
N MET A 1986 -47.10 -30.51 98.33
CA MET A 1986 -45.87 -31.20 97.95
C MET A 1986 -46.11 -32.46 97.12
N SER A 1987 -47.28 -32.56 96.48
CA SER A 1987 -47.52 -33.66 95.55
C SER A 1987 -46.62 -33.55 94.33
N ALA A 1988 -46.43 -32.33 93.83
CA ALA A 1988 -45.53 -32.05 92.71
C ALA A 1988 -44.57 -30.94 93.14
N ALA A 1989 -43.62 -30.63 92.26
CA ALA A 1989 -42.64 -29.59 92.57
C ALA A 1989 -43.28 -28.20 92.55
N GLU A 1990 -44.19 -27.97 91.60
CA GLU A 1990 -44.80 -26.64 91.36
C GLU A 1990 -43.74 -25.58 91.16
N THR A 1991 -42.70 -25.92 90.39
CA THR A 1991 -41.58 -25.00 90.16
C THR A 1991 -42.01 -23.80 89.34
N ALA A 1992 -42.80 -24.03 88.28
CA ALA A 1992 -43.18 -22.95 87.36
C ALA A 1992 -44.00 -21.88 88.07
N ARG A 1993 -44.98 -22.30 88.88
CA ARG A 1993 -45.81 -21.35 89.61
C ARG A 1993 -44.97 -20.52 90.58
N ARG A 1994 -44.02 -21.17 91.26
CA ARG A 1994 -43.19 -20.46 92.23
C ARG A 1994 -42.28 -19.44 91.55
N THR A 1995 -41.62 -19.84 90.46
CA THR A 1995 -40.70 -18.91 89.80
C THR A 1995 -41.46 -17.79 89.08
N ARG A 1996 -42.70 -18.05 88.66
CA ARG A 1996 -43.49 -16.98 88.05
C ARG A 1996 -44.02 -16.03 89.12
N GLU A 1997 -44.35 -16.54 90.30
CA GLU A 1997 -44.97 -15.71 91.33
C GLU A 1997 -43.95 -14.89 92.10
N PHE A 1998 -42.87 -15.51 92.57
CA PHE A 1998 -41.99 -14.86 93.54
C PHE A 1998 -40.61 -14.50 93.00
N ARG A 1999 -40.13 -15.18 91.95
CA ARG A 1999 -38.82 -14.86 91.38
C ARG A 1999 -38.88 -13.81 90.29
N SER A 2000 -40.05 -13.56 89.72
CA SER A 2000 -40.23 -12.63 88.60
C SER A 2000 -40.19 -11.18 89.10
N PRO A 2001 -39.66 -10.26 88.31
CA PRO A 2001 -39.77 -8.82 88.63
C PRO A 2001 -41.22 -8.40 88.65
N PRO A 2002 -41.58 -7.40 89.47
CA PRO A 2002 -43.00 -7.01 89.56
C PRO A 2002 -43.58 -6.43 88.27
N GLN A 2003 -42.80 -5.74 87.46
CA GLN A 2003 -43.31 -5.33 86.15
C GLN A 2003 -43.58 -6.55 85.26
N GLU A 2004 -42.67 -7.53 85.28
CA GLU A 2004 -42.90 -8.77 84.57
C GLU A 2004 -44.06 -9.55 85.20
N GLN A 2005 -44.20 -9.47 86.52
CA GLN A 2005 -45.31 -10.11 87.21
C GLN A 2005 -46.65 -9.58 86.71
N ILE A 2006 -46.83 -8.26 86.71
CA ILE A 2006 -48.11 -7.70 86.28
C ILE A 2006 -48.30 -7.89 84.78
N ASN A 2007 -47.23 -7.84 83.98
CA ASN A 2007 -47.35 -8.06 82.55
C ASN A 2007 -47.85 -9.47 82.25
N MET A 2008 -47.10 -10.49 82.71
CA MET A 2008 -47.52 -11.88 82.52
C MET A 2008 -48.84 -12.19 83.21
N LEU A 2009 -49.21 -11.41 84.23
CA LEU A 2009 -50.54 -11.50 84.81
C LEU A 2009 -51.59 -11.08 83.78
N LEU A 2010 -51.30 -10.01 83.02
CA LEU A 2010 -52.25 -9.52 82.04
C LEU A 2010 -52.00 -10.02 80.62
N HIS A 2011 -50.78 -10.43 80.28
CA HIS A 2011 -50.40 -10.60 78.88
C HIS A 2011 -51.21 -11.70 78.20
N PHE A 2012 -51.60 -11.44 76.95
CA PHE A 2012 -52.39 -12.33 76.10
C PHE A 2012 -53.76 -12.63 76.69
N LYS A 2013 -54.28 -11.76 77.56
CA LYS A 2013 -55.68 -11.87 77.96
C LYS A 2013 -56.61 -11.36 76.87
N ASP A 2014 -56.14 -10.46 76.01
CA ASP A 2014 -56.90 -10.08 74.83
C ASP A 2014 -56.97 -11.20 73.81
N GLU A 2015 -55.97 -12.08 73.79
CA GLU A 2015 -55.98 -13.22 72.89
C GLU A 2015 -57.05 -14.21 73.30
N ALA A 2016 -57.76 -14.75 72.31
CA ALA A 2016 -58.88 -15.64 72.59
C ALA A 2016 -58.41 -16.98 73.16
N ASP A 2017 -57.60 -17.71 72.39
CA ASP A 2017 -57.25 -19.09 72.75
C ASP A 2017 -55.93 -19.20 73.49
N GLU A 2018 -55.03 -18.24 73.35
CA GLU A 2018 -53.68 -18.37 73.87
C GLU A 2018 -53.67 -18.14 75.38
N GLU A 2019 -52.46 -18.21 75.96
CA GLU A 2019 -52.16 -17.95 77.38
C GLU A 2019 -52.81 -18.93 78.34
N ASP A 2020 -53.37 -20.03 77.84
CA ASP A 2020 -54.01 -21.10 78.61
C ASP A 2020 -55.21 -20.63 79.43
N CYS A 2021 -55.73 -19.44 79.12
CA CYS A 2021 -56.89 -18.85 79.79
C CYS A 2021 -56.70 -18.76 81.31
N PRO A 2022 -55.88 -17.82 81.79
CA PRO A 2022 -55.70 -17.64 83.23
C PRO A 2022 -56.81 -16.79 83.82
N LEU A 2023 -56.83 -16.75 85.17
CA LEU A 2023 -57.62 -15.85 86.00
C LEU A 2023 -59.11 -16.19 85.93
N PRO A 2024 -59.96 -15.63 86.79
CA PRO A 2024 -61.40 -15.76 86.59
C PRO A 2024 -61.85 -14.98 85.36
N GLU A 2025 -63.10 -15.24 84.96
CA GLU A 2025 -63.62 -14.69 83.72
C GLU A 2025 -64.25 -13.31 83.87
N ASP A 2026 -64.62 -12.92 85.10
CA ASP A 2026 -65.19 -11.59 85.31
C ASP A 2026 -64.15 -10.50 85.09
N ILE A 2027 -62.91 -10.74 85.50
CA ILE A 2027 -61.83 -9.78 85.28
C ILE A 2027 -61.57 -9.59 83.78
N ARG A 2028 -61.50 -10.70 83.05
CA ARG A 2028 -61.31 -10.64 81.60
C ARG A 2028 -62.47 -9.93 80.93
N GLN A 2029 -63.70 -10.22 81.36
CA GLN A 2029 -64.87 -9.58 80.78
C GLN A 2029 -64.88 -8.08 81.05
N ASP A 2030 -64.49 -7.67 82.25
CA ASP A 2030 -64.42 -6.24 82.57
C ASP A 2030 -63.34 -5.55 81.74
N LEU A 2031 -62.19 -6.20 81.57
CA LEU A 2031 -61.13 -5.63 80.76
C LEU A 2031 -61.56 -5.46 79.31
N GLN A 2032 -62.20 -6.47 78.73
CA GLN A 2032 -62.69 -6.34 77.36
C GLN A 2032 -63.82 -5.32 77.28
N ASP A 2033 -64.65 -5.22 78.32
CA ASP A 2033 -65.70 -4.21 78.33
C ASP A 2033 -65.12 -2.80 78.29
N PHE A 2034 -64.07 -2.55 79.08
CA PHE A 2034 -63.45 -1.22 79.05
C PHE A 2034 -62.73 -0.97 77.72
N HIS A 2035 -62.12 -2.00 77.15
CA HIS A 2035 -61.47 -1.87 75.86
C HIS A 2035 -62.46 -1.48 74.78
N GLN A 2036 -63.56 -2.23 74.66
CA GLN A 2036 -64.61 -1.88 73.70
C GLN A 2036 -65.26 -0.55 74.04
N ASP A 2037 -65.32 -0.22 75.33
CA ASP A 2037 -65.88 1.08 75.76
C ASP A 2037 -65.06 2.22 75.16
N LEU A 2038 -63.78 2.34 75.57
CA LEU A 2038 -62.90 3.41 75.04
C LEU A 2038 -62.89 3.37 73.51
N LEU A 2039 -62.81 2.17 72.92
CA LEU A 2039 -62.79 2.06 71.47
C LEU A 2039 -64.01 2.71 70.83
N ALA A 2040 -65.19 2.51 71.43
CA ALA A 2040 -66.38 3.21 70.96
C ALA A 2040 -66.29 4.70 71.27
N HIS A 2041 -65.59 5.05 72.35
CA HIS A 2041 -65.37 6.46 72.66
C HIS A 2041 -64.51 7.14 71.60
N CYS A 2042 -63.58 6.42 70.99
CA CYS A 2042 -62.76 6.96 69.91
C CYS A 2042 -63.47 6.75 68.58
N GLY A 2043 -62.75 6.92 67.47
CA GLY A 2043 -63.29 6.76 66.16
C GLY A 2043 -63.39 5.34 65.64
N ILE A 2044 -63.13 4.34 66.50
CA ILE A 2044 -63.30 2.95 66.09
C ILE A 2044 -64.78 2.66 65.90
N GLN A 2045 -65.11 2.02 64.77
CA GLN A 2045 -66.51 1.76 64.45
C GLN A 2045 -67.09 0.63 65.29
N LEU A 2046 -66.35 -0.48 65.43
CA LEU A 2046 -66.80 -1.68 66.14
C LEU A 2046 -68.14 -2.18 65.58
N GLU A 2047 -68.24 -2.24 64.25
CA GLU A 2047 -69.47 -2.69 63.61
C GLU A 2047 -69.69 -4.18 63.83
N GLY A 2048 -68.63 -4.98 63.78
CA GLY A 2048 -68.76 -6.42 63.91
C GLY A 2048 -69.24 -7.09 62.64
N LYS A 2089 -75.98 10.39 58.39
CA LYS A 2089 -75.51 11.47 57.54
C LYS A 2089 -75.24 12.72 58.37
N LYS A 2090 -76.11 12.99 59.34
CA LYS A 2090 -75.90 14.09 60.25
C LYS A 2090 -74.69 13.81 61.13
N PRO A 2091 -73.88 14.85 61.46
CA PRO A 2091 -72.68 14.62 62.28
C PRO A 2091 -72.98 14.07 63.67
N GLN A 2092 -73.81 14.80 64.43
CA GLN A 2092 -74.35 14.38 65.73
C GLN A 2092 -73.29 14.31 66.82
N SER A 2093 -72.04 14.63 66.48
CA SER A 2093 -70.94 14.63 67.45
C SER A 2093 -69.88 15.61 66.96
N LEU A 2094 -68.83 15.77 67.78
CA LEU A 2094 -67.84 16.80 67.52
C LEU A 2094 -66.92 16.43 66.35
N GLN A 2095 -66.50 15.17 66.28
CA GLN A 2095 -65.43 14.81 65.34
C GLN A 2095 -65.91 14.88 63.89
N GLU A 2096 -67.13 14.39 63.61
CA GLU A 2096 -67.64 14.48 62.25
C GLU A 2096 -68.00 15.92 61.89
N LEU A 2097 -68.44 16.70 62.87
CA LEU A 2097 -68.71 18.12 62.61
C LEU A 2097 -67.44 18.85 62.21
N VAL A 2098 -66.34 18.63 62.94
CA VAL A 2098 -65.08 19.29 62.61
C VAL A 2098 -64.55 18.78 61.27
N SER A 2099 -64.65 17.47 61.01
CA SER A 2099 -64.15 16.92 59.76
C SER A 2099 -64.93 17.48 58.56
N HIS A 2100 -66.26 17.52 58.66
CA HIS A 2100 -67.06 18.05 57.56
C HIS A 2100 -66.86 19.55 57.40
N MET A 2101 -66.62 20.26 58.52
CA MET A 2101 -66.28 21.67 58.44
C MET A 2101 -65.00 21.89 57.65
N VAL A 2102 -63.98 21.09 57.92
CA VAL A 2102 -62.70 21.23 57.22
C VAL A 2102 -62.85 20.88 55.74
N VAL A 2103 -63.57 19.79 55.44
CA VAL A 2103 -63.76 19.39 54.05
C VAL A 2103 -64.55 20.44 53.28
N ARG A 2104 -65.61 20.99 53.88
CA ARG A 2104 -66.40 21.99 53.19
C ARG A 2104 -65.62 23.29 53.02
N TRP A 2105 -64.83 23.68 54.03
CA TRP A 2105 -64.02 24.88 53.94
C TRP A 2105 -62.96 24.75 52.85
N ALA A 2106 -62.39 23.55 52.68
CA ALA A 2106 -61.46 23.33 51.59
C ALA A 2106 -62.17 23.24 50.24
N GLN A 2107 -63.43 22.79 50.23
CA GLN A 2107 -64.17 22.62 48.99
C GLN A 2107 -64.66 23.94 48.42
N GLU A 2108 -65.11 24.87 49.28
CA GLU A 2108 -65.76 26.08 48.79
C GLU A 2108 -64.79 26.98 48.02
N ASP A 2109 -63.64 27.28 48.60
CA ASP A 2109 -62.73 28.25 48.01
C ASP A 2109 -61.29 27.80 48.19
N TYR A 2110 -60.42 28.30 47.30
CA TYR A 2110 -59.00 28.05 47.41
C TYR A 2110 -58.44 29.00 48.46
N VAL A 2111 -58.13 28.46 49.64
CA VAL A 2111 -57.61 29.27 50.74
C VAL A 2111 -56.18 29.69 50.45
N GLN A 2112 -55.79 30.88 50.93
CA GLN A 2112 -54.51 31.46 50.62
C GLN A 2112 -53.59 31.67 51.82
N SER A 2113 -54.11 31.68 53.04
CA SER A 2113 -53.26 31.87 54.21
C SER A 2113 -52.73 30.53 54.69
N PRO A 2114 -51.40 30.32 54.67
CA PRO A 2114 -50.87 28.98 55.01
C PRO A 2114 -51.11 28.57 56.45
N GLU A 2115 -51.19 29.53 57.38
CA GLU A 2115 -51.44 29.18 58.78
C GLU A 2115 -52.82 28.55 58.95
N LEU A 2116 -53.82 29.07 58.23
CA LEU A 2116 -55.15 28.47 58.27
C LEU A 2116 -55.14 27.06 57.71
N VAL A 2117 -54.40 26.84 56.61
CA VAL A 2117 -54.30 25.50 56.02
C VAL A 2117 -53.66 24.53 56.99
N ARG A 2118 -52.57 24.96 57.64
CA ARG A 2118 -51.90 24.12 58.62
C ARG A 2118 -52.83 23.80 59.79
N ALA A 2119 -53.59 24.79 60.26
CA ALA A 2119 -54.51 24.58 61.36
C ALA A 2119 -55.61 23.57 61.00
N MET A 2120 -56.23 23.73 59.82
CA MET A 2120 -57.30 22.82 59.46
C MET A 2120 -56.79 21.41 59.19
N PHE A 2121 -55.61 21.28 58.57
CA PHE A 2121 -55.05 19.96 58.33
C PHE A 2121 -54.66 19.27 59.63
N SER A 2122 -54.08 20.02 60.58
CA SER A 2122 -53.76 19.44 61.88
C SER A 2122 -55.02 19.01 62.62
N LEU A 2123 -56.07 19.85 62.58
CA LEU A 2123 -57.33 19.49 63.23
C LEU A 2123 -57.94 18.24 62.60
N LEU A 2124 -57.95 18.18 61.27
CA LEU A 2124 -58.49 17.01 60.58
C LEU A 2124 -57.69 15.75 60.92
N HIS A 2125 -56.36 15.87 61.01
CA HIS A 2125 -55.54 14.73 61.40
C HIS A 2125 -55.86 14.28 62.83
N ARG A 2126 -56.07 15.23 63.74
CA ARG A 2126 -56.40 14.87 65.12
C ARG A 2126 -57.74 14.14 65.21
N GLN A 2127 -58.76 14.65 64.51
CA GLN A 2127 -60.05 13.96 64.57
C GLN A 2127 -60.05 12.63 63.80
N TYR A 2128 -59.21 12.50 62.78
CA TYR A 2128 -59.14 11.25 62.04
C TYR A 2128 -58.32 10.17 62.74
N ASP A 2129 -57.29 10.57 63.50
CA ASP A 2129 -56.37 9.58 64.06
C ASP A 2129 -56.98 8.90 65.29
N GLY A 2130 -57.29 9.69 66.32
CA GLY A 2130 -58.00 9.15 67.47
C GLY A 2130 -57.08 8.54 68.50
N LEU A 2131 -57.01 7.20 68.50
CA LEU A 2131 -56.22 6.47 69.49
C LEU A 2131 -54.73 6.79 69.39
N GLY A 2132 -54.26 7.23 68.22
CA GLY A 2132 -52.85 7.56 68.07
C GLY A 2132 -52.42 8.73 68.94
N GLU A 2133 -53.28 9.75 69.05
CA GLU A 2133 -52.97 10.87 69.93
C GLU A 2133 -52.93 10.45 71.38
N LEU A 2134 -53.84 9.56 71.79
CA LEU A 2134 -53.82 9.03 73.15
C LEU A 2134 -52.56 8.20 73.39
N LEU A 2135 -52.13 7.44 72.38
CA LEU A 2135 -50.89 6.68 72.49
C LEU A 2135 -49.68 7.60 72.66
N ARG A 2136 -49.65 8.70 71.91
CA ARG A 2136 -48.53 9.62 72.01
C ARG A 2136 -48.54 10.42 73.31
N ALA A 2137 -49.73 10.70 73.86
CA ALA A 2137 -49.84 11.51 75.06
C ALA A 2137 -49.64 10.71 76.35
N LEU A 2138 -49.76 9.39 76.29
CA LEU A 2138 -49.66 8.58 77.50
C LEU A 2138 -48.28 8.59 78.18
N PRO A 2139 -47.13 8.67 77.48
CA PRO A 2139 -45.87 8.85 78.21
C PRO A 2139 -45.82 10.09 79.09
N ARG A 2140 -46.52 11.16 78.71
CA ARG A 2140 -46.54 12.36 79.55
C ARG A 2140 -47.38 12.18 80.80
N ALA A 2141 -48.34 11.25 80.79
CA ALA A 2141 -49.22 11.06 81.93
C ALA A 2141 -48.48 10.39 83.08
N TYR A 2142 -48.70 10.89 84.29
CA TYR A 2142 -48.12 10.33 85.50
C TYR A 2142 -49.16 10.37 86.62
N THR A 2143 -49.08 9.40 87.52
CA THR A 2143 -50.02 9.26 88.62
C THR A 2143 -49.26 9.33 89.93
N ILE A 2144 -49.72 10.20 90.84
CA ILE A 2144 -49.06 10.42 92.12
C ILE A 2144 -50.03 10.12 93.26
N SER A 2145 -49.46 9.74 94.39
CA SER A 2145 -50.22 9.39 95.57
C SER A 2145 -50.75 10.64 96.27
N PRO A 2146 -51.83 10.53 97.04
CA PRO A 2146 -52.33 11.68 97.79
C PRO A 2146 -51.41 12.03 98.96
N SER A 2147 -51.76 13.13 99.64
CA SER A 2147 -51.07 13.68 100.80
C SER A 2147 -49.66 14.19 100.48
N SER A 2148 -49.30 14.27 99.20
CA SER A 2148 -48.01 14.82 98.79
C SER A 2148 -48.17 15.87 97.68
N VAL A 2149 -49.38 16.40 97.52
CA VAL A 2149 -49.67 17.23 96.34
C VAL A 2149 -49.14 18.65 96.50
N GLU A 2150 -49.01 19.13 97.75
CA GLU A 2150 -48.54 20.50 97.96
C GLU A 2150 -47.11 20.70 97.46
N ASP A 2151 -46.24 19.73 97.74
CA ASP A 2151 -44.88 19.80 97.22
C ASP A 2151 -44.84 19.68 95.69
N THR A 2152 -45.79 18.94 95.11
CA THR A 2152 -45.90 18.89 93.66
C THR A 2152 -46.33 20.24 93.11
N MET A 2153 -47.21 20.94 93.82
CA MET A 2153 -47.55 22.31 93.44
C MET A 2153 -46.34 23.21 93.50
N SER A 2154 -45.51 23.08 94.54
CA SER A 2154 -44.29 23.87 94.63
C SER A 2154 -43.36 23.59 93.46
N LEU A 2155 -43.21 22.31 93.11
CA LEU A 2155 -42.40 21.93 91.96
C LEU A 2155 -42.95 22.52 90.66
N LEU A 2156 -44.27 22.48 90.48
CA LEU A 2156 -44.87 22.99 89.26
C LEU A 2156 -44.72 24.51 89.16
N GLU A 2157 -44.89 25.22 90.28
CA GLU A 2157 -44.69 26.67 90.25
C GLU A 2157 -43.23 27.03 89.97
N CYS A 2158 -42.28 26.29 90.57
CA CYS A 2158 -40.88 26.55 90.29
C CYS A 2158 -40.53 26.30 88.83
N LEU A 2159 -41.01 25.18 88.28
CA LEU A 2159 -40.74 24.87 86.88
C LEU A 2159 -41.43 25.84 85.94
N GLY A 2160 -42.62 26.33 86.31
CA GLY A 2160 -43.26 27.36 85.51
C GLY A 2160 -42.50 28.67 85.56
N GLN A 2161 -41.91 29.00 86.71
CA GLN A 2161 -41.07 30.18 86.81
C GLN A 2161 -39.86 30.08 85.90
N ILE A 2162 -39.20 28.90 85.90
CA ILE A 2162 -38.07 28.70 84.99
C ILE A 2162 -38.52 28.76 83.53
N ARG A 2163 -39.67 28.16 83.22
CA ARG A 2163 -40.15 28.14 81.85
C ARG A 2163 -40.51 29.54 81.35
N SER A 2164 -41.09 30.37 82.23
CA SER A 2164 -41.38 31.75 81.87
C SER A 2164 -40.10 32.57 81.73
N LEU A 2165 -39.12 32.35 82.61
CA LEU A 2165 -37.86 33.07 82.53
C LEU A 2165 -36.97 32.60 81.38
N LEU A 2166 -37.30 31.46 80.76
CA LEU A 2166 -36.54 30.99 79.61
C LEU A 2166 -36.53 32.00 78.46
N ILE A 2167 -37.61 32.74 78.27
CA ILE A 2167 -37.69 33.67 77.14
C ILE A 2167 -37.14 35.05 77.46
N VAL A 2168 -36.88 35.35 78.73
CA VAL A 2168 -36.45 36.69 79.13
C VAL A 2168 -34.96 36.84 78.84
N GLN A 2169 -34.59 38.02 78.34
CA GLN A 2169 -33.17 38.32 78.09
C GLN A 2169 -32.37 38.24 79.39
N MET A 2170 -31.15 37.72 79.29
CA MET A 2170 -30.39 37.31 80.45
C MET A 2170 -29.95 38.54 81.26
N GLY A 2171 -29.97 38.41 82.59
CA GLY A 2171 -29.59 39.50 83.46
C GLY A 2171 -29.30 39.05 84.89
N PRO A 2172 -28.75 39.97 85.70
CA PRO A 2172 -28.42 39.61 87.08
C PRO A 2172 -29.63 39.31 87.96
N GLN A 2173 -30.73 40.06 87.80
CA GLN A 2173 -31.94 39.72 88.54
C GLN A 2173 -32.50 38.40 88.07
N GLU A 2174 -32.47 38.15 86.77
CA GLU A 2174 -32.92 36.87 86.24
C GLU A 2174 -32.05 35.72 86.74
N GLU A 2175 -30.73 35.92 86.78
CA GLU A 2175 -29.87 34.85 87.29
C GLU A 2175 -30.07 34.65 88.79
N ASN A 2176 -30.38 35.71 89.54
CA ASN A 2176 -30.63 35.56 90.97
C ASN A 2176 -31.91 34.78 91.22
N LEU A 2177 -32.99 35.13 90.52
CA LEU A 2177 -34.25 34.38 90.68
C LEU A 2177 -34.10 32.95 90.18
N MET A 2178 -33.32 32.73 89.12
CA MET A 2178 -33.15 31.37 88.62
C MET A 2178 -32.30 30.53 89.57
N ILE A 2179 -31.28 31.13 90.19
CA ILE A 2179 -30.49 30.43 91.20
C ILE A 2179 -31.38 30.07 92.39
N GLN A 2180 -32.23 31.01 92.82
CA GLN A 2180 -33.15 30.73 93.91
C GLN A 2180 -34.14 29.63 93.55
N SER A 2181 -34.64 29.64 92.31
CA SER A 2181 -35.56 28.61 91.85
C SER A 2181 -34.91 27.23 91.81
N ILE A 2182 -33.67 27.16 91.31
CA ILE A 2182 -32.97 25.87 91.28
C ILE A 2182 -32.68 25.38 92.69
N GLY A 2183 -32.25 26.28 93.58
CA GLY A 2183 -32.01 25.88 94.96
C GLY A 2183 -33.27 25.40 95.67
N ASN A 2184 -34.40 26.08 95.43
CA ASN A 2184 -35.66 25.67 96.02
C ASN A 2184 -36.16 24.35 95.43
N ILE A 2185 -35.92 24.11 94.14
CA ILE A 2185 -36.39 22.87 93.51
C ILE A 2185 -35.46 21.71 93.79
N MET A 2186 -34.25 21.96 94.28
CA MET A 2186 -33.38 20.89 94.75
C MET A 2186 -33.86 20.31 96.07
N ASN A 2187 -34.33 21.16 96.97
CA ASN A 2187 -34.71 20.79 98.33
C ASN A 2187 -36.16 20.39 98.47
N ASN A 2188 -36.85 20.11 97.35
CA ASN A 2188 -38.28 19.87 97.39
C ASN A 2188 -38.59 18.55 98.12
N LYS A 2189 -37.72 17.54 97.94
CA LYS A 2189 -37.75 16.14 98.37
C LYS A 2189 -38.65 15.28 97.48
N VAL A 2190 -39.40 15.84 96.54
CA VAL A 2190 -40.00 15.02 95.50
C VAL A 2190 -38.94 14.56 94.52
N PHE A 2191 -37.87 15.35 94.37
CA PHE A 2191 -36.71 14.92 93.58
C PHE A 2191 -36.08 13.67 94.18
N TYR A 2192 -36.17 13.52 95.52
CA TYR A 2192 -35.64 12.33 96.18
C TYR A 2192 -36.36 11.07 95.72
N GLN A 2193 -37.70 11.09 95.73
CA GLN A 2193 -38.46 9.85 95.55
C GLN A 2193 -38.65 9.48 94.08
N HIS A 2194 -39.24 10.36 93.29
CA HIS A 2194 -39.64 10.00 91.93
C HIS A 2194 -38.73 10.65 90.91
N PRO A 2195 -37.86 9.90 90.23
CA PRO A 2195 -37.10 10.47 89.11
C PRO A 2195 -37.81 10.32 87.78
N ASN A 2196 -38.81 9.42 87.72
CA ASN A 2196 -39.54 9.20 86.47
C ASN A 2196 -40.37 10.42 86.10
N LEU A 2197 -40.99 11.07 87.08
CA LEU A 2197 -41.72 12.31 86.81
C LEU A 2197 -40.77 13.43 86.39
N MET A 2198 -39.59 13.49 87.02
CA MET A 2198 -38.58 14.47 86.61
C MET A 2198 -38.10 14.21 85.19
N ARG A 2199 -37.99 12.93 84.80
CA ARG A 2199 -37.59 12.60 83.44
C ARG A 2199 -38.70 12.92 82.44
N ALA A 2200 -39.96 12.68 82.82
CA ALA A 2200 -41.09 12.93 81.92
C ALA A 2200 -41.36 14.41 81.76
N LEU A 2201 -41.03 15.22 82.77
CA LEU A 2201 -41.26 16.65 82.71
C LEU A 2201 -40.27 17.39 81.82
N GLY A 2202 -39.16 16.74 81.46
CA GLY A 2202 -38.16 17.39 80.62
C GLY A 2202 -37.45 18.55 81.29
N MET A 2203 -37.24 18.46 82.60
CA MET A 2203 -36.53 19.52 83.31
C MET A 2203 -35.07 19.58 82.91
N HIS A 2204 -34.44 18.42 82.70
CA HIS A 2204 -33.01 18.38 82.39
C HIS A 2204 -32.73 19.06 81.06
N GLU A 2205 -33.57 18.84 80.06
CA GLU A 2205 -33.42 19.54 78.78
C GLU A 2205 -33.58 21.04 78.95
N THR A 2206 -34.49 21.48 79.82
CA THR A 2206 -34.70 22.90 80.05
C THR A 2206 -33.46 23.55 80.67
N VAL A 2207 -32.91 22.92 81.72
CA VAL A 2207 -31.69 23.44 82.33
C VAL A 2207 -30.52 23.37 81.34
N MET A 2208 -30.49 22.35 80.49
CA MET A 2208 -29.42 22.25 79.50
C MET A 2208 -29.52 23.37 78.48
N GLU A 2209 -30.73 23.71 78.04
CA GLU A 2209 -30.91 24.85 77.14
C GLU A 2209 -30.53 26.16 77.82
N VAL A 2210 -30.82 26.28 79.13
CA VAL A 2210 -30.37 27.46 79.88
C VAL A 2210 -28.85 27.58 79.83
N MET A 2211 -28.16 26.45 80.06
CA MET A 2211 -26.70 26.47 80.05
C MET A 2211 -26.15 26.73 78.64
N VAL A 2212 -26.85 26.23 77.62
CA VAL A 2212 -26.46 26.52 76.23
C VAL A 2212 -26.57 28.02 75.95
N ASN A 2213 -27.69 28.63 76.36
CA ASN A 2213 -27.91 30.04 76.09
C ASN A 2213 -26.91 30.92 76.82
N VAL A 2214 -26.60 30.60 78.07
CA VAL A 2214 -25.68 31.42 78.84
C VAL A 2214 -24.23 31.21 78.40
N LEU A 2215 -23.86 29.95 78.14
CA LEU A 2215 -22.46 29.61 77.91
C LEU A 2215 -22.00 30.03 76.51
N GLY A 2216 -22.90 29.99 75.53
CA GLY A 2216 -22.53 30.23 74.14
C GLY A 2216 -21.91 31.57 73.83
N GLY A 2217 -20.80 31.55 73.10
CA GLY A 2217 -20.05 32.73 72.74
C GLY A 2217 -18.57 32.48 72.89
N GLY A 2218 -17.81 33.56 73.08
CA GLY A 2218 -16.39 33.47 73.28
C GLY A 2218 -16.03 33.04 74.70
N GLU A 2219 -14.73 33.03 74.96
CA GLU A 2219 -14.25 32.71 76.31
C GLU A 2219 -14.65 33.79 77.31
N THR A 2220 -14.51 35.06 76.91
CA THR A 2220 -14.96 36.14 77.78
C THR A 2220 -16.48 36.17 77.90
N LYS A 2221 -17.19 35.66 76.88
CA LYS A 2221 -18.63 35.46 77.01
C LYS A 2221 -18.94 34.32 77.95
N GLU A 2222 -18.05 33.32 78.05
CA GLU A 2222 -18.23 32.27 79.03
C GLU A 2222 -18.00 32.78 80.45
N ILE A 2223 -17.01 33.66 80.63
CA ILE A 2223 -16.83 34.31 81.93
C ILE A 2223 -17.83 35.43 82.16
N ARG A 2224 -18.51 35.90 81.13
CA ARG A 2224 -19.68 36.75 81.33
C ARG A 2224 -20.78 35.94 81.99
N PHE A 2225 -21.42 36.53 83.00
CA PHE A 2225 -22.30 35.83 83.93
C PHE A 2225 -21.60 34.60 84.50
N PRO A 2226 -20.51 34.77 85.25
CA PRO A 2226 -19.74 33.61 85.72
C PRO A 2226 -20.50 32.71 86.68
N LYS A 2227 -21.42 33.27 87.46
CA LYS A 2227 -22.20 32.48 88.38
C LYS A 2227 -23.36 31.82 87.62
N MET A 2228 -24.01 30.86 88.29
CA MET A 2228 -25.20 30.12 87.87
C MET A 2228 -24.84 29.09 86.80
N VAL A 2229 -23.61 29.12 86.29
CA VAL A 2229 -23.09 27.99 85.53
C VAL A 2229 -22.83 26.81 86.48
N THR A 2230 -22.23 27.11 87.63
CA THR A 2230 -21.97 26.09 88.65
C THR A 2230 -23.28 25.50 89.17
N SER A 2231 -24.33 26.31 89.28
CA SER A 2231 -25.61 25.83 89.78
C SER A 2231 -26.21 24.78 88.84
N CYS A 2232 -26.23 25.08 87.54
CA CYS A 2232 -26.76 24.11 86.57
C CYS A 2232 -25.87 22.87 86.48
N CYS A 2233 -24.55 23.05 86.54
CA CYS A 2233 -23.66 21.89 86.48
C CYS A 2233 -23.83 21.00 87.70
N ARG A 2234 -23.99 21.60 88.89
CA ARG A 2234 -24.25 20.84 90.10
C ARG A 2234 -25.60 20.13 90.03
N PHE A 2235 -26.62 20.81 89.51
CA PHE A 2235 -27.93 20.20 89.35
C PHE A 2235 -27.88 18.99 88.43
N LEU A 2236 -27.14 19.11 87.33
CA LEU A 2236 -27.06 17.99 86.38
C LEU A 2236 -26.22 16.85 86.96
N CYS A 2237 -25.16 17.18 87.71
CA CYS A 2237 -24.38 16.14 88.38
C CYS A 2237 -25.23 15.37 89.39
N TYR A 2238 -26.03 16.09 90.18
CA TYR A 2238 -26.85 15.43 91.18
C TYR A 2238 -27.97 14.61 90.51
N PHE A 2239 -28.52 15.13 89.42
CA PHE A 2239 -29.53 14.39 88.67
C PHE A 2239 -28.95 13.10 88.09
N CYS A 2240 -27.71 13.16 87.58
CA CYS A 2240 -27.02 11.95 87.14
C CYS A 2240 -26.81 10.99 88.30
N ARG A 2241 -26.42 11.51 89.47
CA ARG A 2241 -26.18 10.68 90.65
C ARG A 2241 -27.44 10.12 91.27
N ILE A 2242 -28.63 10.58 90.86
CA ILE A 2242 -29.86 10.16 91.50
C ILE A 2242 -30.11 8.66 91.28
N SER A 2243 -30.05 8.21 90.03
CA SER A 2243 -30.45 6.84 89.69
C SER A 2243 -30.10 6.56 88.24
N ARG A 2244 -30.24 5.30 87.85
CA ARG A 2244 -30.06 4.90 86.46
C ARG A 2244 -31.26 5.32 85.61
N GLN A 2245 -31.07 5.23 84.29
CA GLN A 2245 -31.99 5.66 83.22
C GLN A 2245 -32.05 7.18 83.13
N ASN A 2246 -31.40 7.86 84.07
CA ASN A 2246 -31.13 9.28 84.02
C ASN A 2246 -29.72 9.54 83.47
N GLN A 2247 -28.82 8.65 83.86
CA GLN A 2247 -27.42 8.79 83.44
C GLN A 2247 -27.34 8.31 82.01
N ARG A 2248 -28.23 7.40 81.62
CA ARG A 2248 -28.25 6.96 80.21
C ARG A 2248 -28.56 8.20 79.40
N SER A 2249 -29.54 8.99 79.84
CA SER A 2249 -30.04 10.16 79.06
C SER A 2249 -29.10 11.36 79.12
N MET A 2250 -28.51 11.64 80.28
CA MET A 2250 -27.53 12.76 80.29
C MET A 2250 -26.40 12.37 79.34
N PHE A 2251 -26.02 11.09 79.33
CA PHE A 2251 -24.94 10.59 78.46
C PHE A 2251 -25.04 11.14 77.04
N ASP A 2252 -26.25 11.32 76.48
CA ASP A 2252 -26.31 11.71 75.08
C ASP A 2252 -25.60 13.03 74.79
N HIS A 2253 -25.43 13.88 75.81
CA HIS A 2253 -24.85 15.20 75.63
C HIS A 2253 -23.34 15.23 75.84
N LEU A 2254 -22.68 14.07 75.79
CA LEU A 2254 -21.27 13.97 76.18
C LEU A 2254 -20.38 14.84 75.30
N SER A 2255 -20.58 14.77 73.98
CA SER A 2255 -19.71 15.50 73.07
C SER A 2255 -19.85 17.00 73.24
N TYR A 2256 -21.08 17.49 73.34
CA TYR A 2256 -21.30 18.92 73.52
C TYR A 2256 -20.75 19.40 74.86
N LEU A 2257 -20.95 18.61 75.92
CA LEU A 2257 -20.36 18.94 77.21
C LEU A 2257 -18.84 18.99 77.12
N LEU A 2258 -18.25 18.08 76.34
CA LEU A 2258 -16.80 18.02 76.24
C LEU A 2258 -16.23 19.26 75.56
N GLU A 2259 -16.80 19.65 74.41
CA GLU A 2259 -16.22 20.84 73.79
C GLU A 2259 -16.70 22.14 74.41
N ASN A 2260 -17.70 22.10 75.31
CA ASN A 2260 -17.95 23.29 76.13
C ASN A 2260 -17.07 23.33 77.37
N SER A 2261 -16.57 22.18 77.84
CA SER A 2261 -15.78 22.14 79.07
C SER A 2261 -14.45 22.85 78.92
N GLY A 2262 -13.86 22.79 77.72
CA GLY A 2262 -12.51 23.33 77.54
C GLY A 2262 -12.41 24.82 77.79
N ILE A 2263 -13.38 25.58 77.27
CA ILE A 2263 -13.41 27.02 77.55
C ILE A 2263 -14.16 27.31 78.84
N GLY A 2264 -14.99 26.38 79.29
CA GLY A 2264 -15.87 26.57 80.43
C GLY A 2264 -15.27 26.33 81.79
N LEU A 2265 -13.95 26.21 81.91
CA LEU A 2265 -13.32 26.03 83.20
C LEU A 2265 -13.54 27.23 84.11
N GLY A 2266 -13.00 28.39 83.72
CA GLY A 2266 -13.16 29.61 84.50
C GLY A 2266 -12.62 29.49 85.91
N MET A 2267 -13.43 29.92 86.88
CA MET A 2267 -13.06 29.88 88.28
C MET A 2267 -13.34 28.48 88.85
N GLN A 2268 -13.11 28.32 90.14
CA GLN A 2268 -13.36 27.05 90.81
C GLN A 2268 -14.86 26.84 90.99
N GLY A 2269 -15.30 25.61 90.80
CA GLY A 2269 -16.70 25.28 90.95
C GLY A 2269 -17.06 24.09 90.08
N SER A 2270 -18.36 23.85 89.98
CA SER A 2270 -18.86 22.78 89.13
C SER A 2270 -18.66 23.13 87.66
N THR A 2271 -18.22 22.15 86.89
CA THR A 2271 -17.87 22.31 85.49
C THR A 2271 -18.58 21.24 84.66
N PRO A 2272 -18.76 21.47 83.35
CA PRO A 2272 -19.31 20.41 82.50
C PRO A 2272 -18.47 19.14 82.48
N LEU A 2273 -17.16 19.25 82.73
CA LEU A 2273 -16.32 18.06 82.84
C LEU A 2273 -16.77 17.18 84.01
N ASP A 2274 -17.21 17.79 85.11
CA ASP A 2274 -17.75 17.02 86.23
C ASP A 2274 -19.03 16.30 85.83
N VAL A 2275 -19.89 16.94 85.03
CA VAL A 2275 -21.11 16.29 84.56
C VAL A 2275 -20.77 15.12 83.64
N ALA A 2276 -19.81 15.32 82.74
CA ALA A 2276 -19.40 14.26 81.82
C ALA A 2276 -18.80 13.08 82.58
N ALA A 2277 -18.00 13.36 83.61
CA ALA A 2277 -17.46 12.29 84.44
C ALA A 2277 -18.57 11.58 85.21
N ALA A 2278 -19.57 12.34 85.68
CA ALA A 2278 -20.68 11.74 86.41
C ALA A 2278 -21.58 10.90 85.51
N SER A 2279 -21.56 11.16 84.19
CA SER A 2279 -22.34 10.33 83.28
C SER A 2279 -21.77 8.92 83.14
N VAL A 2280 -20.46 8.75 83.37
CA VAL A 2280 -19.82 7.45 83.18
C VAL A 2280 -19.43 6.76 84.49
N ILE A 2281 -19.80 7.33 85.64
CA ILE A 2281 -19.38 6.76 86.92
C ILE A 2281 -20.06 5.43 87.16
N ASP A 2282 -19.26 4.41 87.45
CA ASP A 2282 -19.67 3.12 88.00
C ASP A 2282 -20.58 2.30 87.08
N ASN A 2283 -20.55 2.56 85.78
CA ASN A 2283 -21.41 1.87 84.82
C ASN A 2283 -20.55 1.03 83.88
N ASN A 2284 -20.71 -0.30 83.92
CA ASN A 2284 -19.93 -1.09 82.95
C ASN A 2284 -20.51 -0.82 81.56
N GLU A 2285 -21.83 -0.89 81.40
CA GLU A 2285 -22.46 -0.50 80.11
C GLU A 2285 -22.39 1.02 80.10
N LEU A 2286 -22.50 1.64 78.94
CA LEU A 2286 -22.35 3.12 78.81
C LEU A 2286 -20.87 3.33 78.56
N ALA A 2287 -20.03 3.08 79.54
CA ALA A 2287 -18.60 3.16 79.23
C ALA A 2287 -18.28 1.83 78.55
N LEU A 2288 -17.44 1.83 77.52
CA LEU A 2288 -17.16 0.59 76.73
C LEU A 2288 -18.24 0.45 75.65
N ALA A 2289 -19.50 0.85 75.93
CA ALA A 2289 -20.49 0.82 74.85
C ALA A 2289 -20.29 1.94 73.85
N LEU A 2290 -20.46 3.21 74.28
CA LEU A 2290 -20.46 4.36 73.35
C LEU A 2290 -19.41 5.38 73.82
N GLN A 2291 -18.14 5.11 73.48
CA GLN A 2291 -17.04 6.05 73.70
C GLN A 2291 -16.12 6.04 72.48
N GLU A 2292 -16.71 6.19 71.28
CA GLU A 2292 -15.99 6.02 70.02
C GLU A 2292 -14.82 6.98 69.84
N GLN A 2293 -15.08 8.28 69.81
CA GLN A 2293 -14.08 9.26 69.41
C GLN A 2293 -13.79 10.32 70.47
N ASP A 2294 -14.56 10.35 71.56
CA ASP A 2294 -14.42 11.40 72.57
C ASP A 2294 -13.06 11.36 73.26
N LEU A 2295 -12.48 10.16 73.43
CA LEU A 2295 -11.18 10.02 74.06
C LEU A 2295 -10.11 10.76 73.27
N GLU A 2296 -10.18 10.69 71.94
CA GLU A 2296 -9.28 11.47 71.10
C GLU A 2296 -9.41 12.96 71.36
N LYS A 2297 -10.63 13.44 71.56
CA LYS A 2297 -10.84 14.85 71.89
C LYS A 2297 -10.19 15.19 73.21
N VAL A 2298 -10.33 14.32 74.22
CA VAL A 2298 -9.74 14.61 75.52
C VAL A 2298 -8.21 14.61 75.46
N VAL A 2299 -7.60 13.64 74.75
CA VAL A 2299 -6.14 13.61 74.71
C VAL A 2299 -5.61 14.77 73.88
N SER A 2300 -6.33 15.19 72.85
CA SER A 2300 -5.91 16.36 72.08
C SER A 2300 -6.02 17.64 72.91
N TYR A 2301 -7.06 17.76 73.74
CA TYR A 2301 -7.13 18.89 74.67
C TYR A 2301 -5.98 18.85 75.67
N LEU A 2302 -5.64 17.65 76.14
CA LEU A 2302 -4.50 17.50 77.05
C LEU A 2302 -3.20 17.94 76.38
N ALA A 2303 -3.02 17.57 75.11
CA ALA A 2303 -1.83 17.96 74.36
C ALA A 2303 -1.78 19.46 74.15
N GLY A 2304 -2.95 20.08 73.89
CA GLY A 2304 -3.01 21.52 73.78
C GLY A 2304 -2.68 22.24 75.08
N CYS A 2305 -3.07 21.65 76.22
CA CYS A 2305 -2.68 22.21 77.50
C CYS A 2305 -1.20 21.95 77.81
N GLY A 2306 -0.62 20.92 77.19
CA GLY A 2306 0.79 20.63 77.43
C GLY A 2306 1.71 21.72 76.92
N LEU A 2307 1.41 22.26 75.74
CA LEU A 2307 2.14 23.39 75.19
C LEU A 2307 1.51 24.68 75.69
N GLN A 2308 2.36 25.62 76.13
CA GLN A 2308 2.10 27.03 76.43
C GLN A 2308 1.38 27.15 77.77
N SER A 2309 1.35 28.35 78.34
CA SER A 2309 0.77 28.57 79.65
C SER A 2309 -0.51 29.38 79.55
N CYS A 2310 -1.39 29.18 80.52
CA CYS A 2310 -2.65 29.90 80.57
C CYS A 2310 -2.43 31.31 81.11
N PRO A 2311 -3.06 32.33 80.49
CA PRO A 2311 -2.79 33.71 80.92
C PRO A 2311 -3.43 34.11 82.23
N MET A 2312 -4.47 33.40 82.68
CA MET A 2312 -5.25 33.89 83.82
C MET A 2312 -4.48 33.75 85.13
N LEU A 2313 -3.58 32.78 85.24
CA LEU A 2313 -2.71 32.70 86.41
C LEU A 2313 -1.46 33.54 86.25
N LEU A 2314 -1.01 33.72 85.00
CA LEU A 2314 0.19 34.51 84.71
C LEU A 2314 -0.01 35.98 85.07
N ALA A 2315 -1.26 36.47 84.99
CA ALA A 2315 -1.52 37.90 85.21
C ALA A 2315 -1.21 38.32 86.64
N LYS A 2316 -1.53 37.48 87.62
CA LYS A 2316 -1.38 37.83 89.04
C LYS A 2316 -0.39 36.89 89.70
N GLY A 2317 0.81 37.41 89.98
CA GLY A 2317 1.78 36.76 90.85
C GLY A 2317 2.26 35.38 90.43
N TYR A 2318 2.76 35.25 89.20
CA TYR A 2318 3.23 33.97 88.71
C TYR A 2318 4.62 34.11 88.10
N PRO A 2319 5.44 33.07 88.20
CA PRO A 2319 6.77 33.09 87.57
C PRO A 2319 6.77 32.85 86.08
N ASP A 2320 5.61 32.91 85.42
CA ASP A 2320 5.47 32.66 83.98
C ASP A 2320 5.94 31.25 83.62
N ILE A 2321 5.67 30.29 84.50
CA ILE A 2321 6.06 28.90 84.27
C ILE A 2321 5.16 28.31 83.20
N GLY A 2322 5.77 27.84 82.11
CA GLY A 2322 5.02 27.21 81.06
C GLY A 2322 4.46 25.86 81.49
N TRP A 2323 3.49 25.39 80.70
CA TRP A 2323 2.81 24.10 80.90
C TRP A 2323 2.23 24.02 82.32
N ASN A 2324 1.13 24.72 82.50
CA ASN A 2324 0.50 24.79 83.82
C ASN A 2324 -0.16 23.46 84.19
N PRO A 2325 0.16 22.89 85.36
CA PRO A 2325 -0.49 21.64 85.77
C PRO A 2325 -1.96 21.79 86.16
N CYS A 2326 -2.44 23.03 86.38
CA CYS A 2326 -3.86 23.22 86.66
C CYS A 2326 -4.72 22.85 85.47
N GLY A 2327 -4.24 23.12 84.26
CA GLY A 2327 -4.91 22.70 83.05
C GLY A 2327 -4.41 21.36 82.56
N GLY A 2328 -5.19 20.31 82.82
CA GLY A 2328 -4.78 18.97 82.44
C GLY A 2328 -5.08 17.93 83.49
N GLU A 2329 -5.07 18.37 84.77
CA GLU A 2329 -5.37 17.44 85.86
C GLU A 2329 -6.83 16.98 85.79
N ARG A 2330 -7.75 17.88 85.43
CA ARG A 2330 -9.15 17.51 85.27
C ARG A 2330 -9.33 16.53 84.11
N TYR A 2331 -8.62 16.75 83.01
CA TYR A 2331 -8.65 15.82 81.89
C TYR A 2331 -8.13 14.44 82.28
N LEU A 2332 -7.03 14.42 83.05
CA LEU A 2332 -6.49 13.16 83.54
C LEU A 2332 -7.47 12.46 84.48
N ASP A 2333 -8.20 13.23 85.30
CA ASP A 2333 -9.20 12.64 86.18
C ASP A 2333 -10.36 12.05 85.39
N PHE A 2334 -10.80 12.75 84.33
CA PHE A 2334 -11.85 12.21 83.48
C PHE A 2334 -11.39 10.93 82.77
N LEU A 2335 -10.14 10.92 82.29
CA LEU A 2335 -9.59 9.71 81.67
C LEU A 2335 -9.50 8.57 82.67
N ARG A 2336 -9.10 8.86 83.91
CA ARG A 2336 -9.05 7.84 84.95
C ARG A 2336 -10.44 7.28 85.25
N PHE A 2337 -11.45 8.15 85.30
CA PHE A 2337 -12.82 7.68 85.48
C PHE A 2337 -13.29 6.85 84.30
N ALA A 2338 -12.79 7.16 83.10
CA ALA A 2338 -13.19 6.41 81.91
C ALA A 2338 -12.57 5.02 81.89
N VAL A 2339 -11.28 4.91 82.21
CA VAL A 2339 -10.59 3.64 82.02
C VAL A 2339 -10.93 2.64 83.11
N PHE A 2340 -11.17 3.09 84.33
CA PHE A 2340 -11.34 2.21 85.48
C PHE A 2340 -12.77 2.32 86.00
N VAL A 2341 -13.49 1.19 86.00
CA VAL A 2341 -14.87 1.17 86.45
C VAL A 2341 -15.08 -0.06 87.33
N ASN A 2342 -15.76 0.14 88.47
CA ASN A 2342 -16.28 -0.93 89.34
C ASN A 2342 -15.21 -1.94 89.76
N GLY A 2343 -13.95 -1.51 89.82
CA GLY A 2343 -12.87 -2.32 90.36
C GLY A 2343 -11.99 -3.00 89.33
N GLU A 2344 -12.41 -3.08 88.07
CA GLU A 2344 -11.59 -3.66 87.01
C GLU A 2344 -11.58 -2.75 85.80
N SER A 2345 -10.39 -2.53 85.24
CA SER A 2345 -10.26 -1.69 84.07
C SER A 2345 -10.82 -2.39 82.83
N VAL A 2346 -11.28 -1.59 81.87
CA VAL A 2346 -11.80 -2.10 80.61
C VAL A 2346 -10.65 -2.13 79.60
N GLU A 2347 -10.47 -3.27 78.94
CA GLU A 2347 -9.28 -3.48 78.11
C GLU A 2347 -9.30 -2.63 76.85
N GLU A 2348 -10.45 -2.54 76.18
CA GLU A 2348 -10.53 -1.82 74.92
C GLU A 2348 -10.27 -0.33 75.10
N ASN A 2349 -10.97 0.31 76.04
CA ASN A 2349 -10.75 1.73 76.30
C ASN A 2349 -9.32 1.99 76.76
N ALA A 2350 -8.77 1.09 77.58
CA ALA A 2350 -7.39 1.23 78.02
C ALA A 2350 -6.43 1.22 76.84
N ASN A 2351 -6.63 0.29 75.89
CA ASN A 2351 -5.76 0.23 74.73
C ASN A 2351 -5.90 1.48 73.85
N VAL A 2352 -7.13 1.95 73.65
CA VAL A 2352 -7.34 3.14 72.81
C VAL A 2352 -6.68 4.37 73.43
N VAL A 2353 -6.90 4.59 74.73
CA VAL A 2353 -6.29 5.76 75.36
C VAL A 2353 -4.78 5.59 75.44
N VAL A 2354 -4.27 4.36 75.56
CA VAL A 2354 -2.82 4.13 75.51
C VAL A 2354 -2.26 4.58 74.17
N ARG A 2355 -2.93 4.19 73.07
CA ARG A 2355 -2.40 4.51 71.75
C ARG A 2355 -2.46 6.00 71.47
N LEU A 2356 -3.61 6.64 71.73
CA LEU A 2356 -3.69 8.08 71.48
C LEU A 2356 -2.84 8.88 72.45
N LEU A 2357 -2.58 8.35 73.64
CA LEU A 2357 -1.67 9.01 74.58
C LEU A 2357 -0.23 8.93 74.10
N ILE A 2358 0.19 7.76 73.60
CA ILE A 2358 1.61 7.60 73.29
C ILE A 2358 1.90 8.21 71.91
N ARG A 2359 0.86 8.40 71.08
CA ARG A 2359 1.06 9.02 69.77
C ARG A 2359 1.58 10.44 69.88
N LYS A 2360 1.30 11.14 70.96
CA LYS A 2360 1.79 12.50 71.18
C LYS A 2360 2.69 12.53 72.41
N PRO A 2361 4.00 12.74 72.26
CA PRO A 2361 4.87 12.79 73.44
C PRO A 2361 4.68 14.04 74.29
N GLU A 2362 4.05 15.10 73.77
CA GLU A 2362 3.93 16.34 74.53
C GLU A 2362 2.94 16.25 75.68
N CYS A 2363 2.04 15.27 75.67
CA CYS A 2363 1.08 15.13 76.77
C CYS A 2363 1.78 14.81 78.08
N PHE A 2364 2.78 13.94 78.04
CA PHE A 2364 3.61 13.70 79.21
C PHE A 2364 4.48 14.91 79.51
N GLY A 2365 4.92 15.01 80.75
CA GLY A 2365 5.75 16.11 81.20
C GLY A 2365 7.08 16.17 80.46
N PRO A 2366 7.64 17.38 80.35
CA PRO A 2366 8.90 17.53 79.60
C PRO A 2366 10.09 16.87 80.27
N ALA A 2367 9.98 16.43 81.52
CA ALA A 2367 11.01 15.57 82.08
C ALA A 2367 10.99 14.20 81.41
N LEU A 2368 9.79 13.64 81.19
CA LEU A 2368 9.68 12.34 80.55
C LEU A 2368 10.07 12.41 79.07
N ARG A 2369 9.63 13.45 78.38
CA ARG A 2369 9.85 13.57 76.94
C ARG A 2369 11.21 14.22 76.64
N GLY A 2370 11.47 15.38 77.23
CA GLY A 2370 12.74 16.05 76.98
C GLY A 2370 13.89 15.43 77.75
N GLU A 2371 15.08 15.58 77.19
CA GLU A 2371 16.29 15.07 77.81
C GLU A 2371 16.84 15.99 78.90
N GLY A 2372 16.32 17.20 79.04
CA GLY A 2372 16.72 18.04 80.15
C GLY A 2372 16.26 17.49 81.49
N GLY A 2373 15.03 17.01 81.56
CA GLY A 2373 14.55 16.36 82.77
C GLY A 2373 15.00 14.91 82.87
N SER A 2374 14.84 14.35 84.07
CA SER A 2374 15.20 12.95 84.30
C SER A 2374 14.13 12.29 85.15
N GLY A 2375 13.24 11.55 84.49
CA GLY A 2375 12.21 10.76 85.17
C GLY A 2375 11.28 11.62 86.01
N LEU A 2376 10.98 11.11 87.20
CA LEU A 2376 10.14 11.83 88.17
C LEU A 2376 10.88 12.34 89.37
N LEU A 2377 12.06 11.79 89.68
CA LEU A 2377 12.78 12.18 90.90
C LEU A 2377 13.30 13.61 90.79
N ALA A 2378 13.89 13.96 89.64
CA ALA A 2378 14.35 15.33 89.43
C ALA A 2378 13.18 16.31 89.43
N ALA A 2379 12.07 15.94 88.80
CA ALA A 2379 10.89 16.81 88.78
C ALA A 2379 10.30 16.95 90.18
N ILE A 2380 10.26 15.87 90.95
CA ILE A 2380 9.68 15.93 92.29
C ILE A 2380 10.54 16.79 93.20
N GLU A 2381 11.87 16.60 93.15
CA GLU A 2381 12.75 17.43 93.98
C GLU A 2381 12.76 18.88 93.49
N GLU A 2382 12.54 19.11 92.20
CA GLU A 2382 12.38 20.48 91.72
C GLU A 2382 11.13 21.12 92.28
N ALA A 2383 10.03 20.36 92.34
CA ALA A 2383 8.80 20.87 92.95
C ALA A 2383 9.00 21.17 94.43
N ILE A 2384 9.74 20.31 95.13
CA ILE A 2384 10.05 20.56 96.55
C ILE A 2384 10.88 21.83 96.69
N ARG A 2385 11.86 22.04 95.81
CA ARG A 2385 12.69 23.23 95.92
C ARG A 2385 11.91 24.50 95.59
N ILE A 2386 10.97 24.43 94.64
CA ILE A 2386 10.11 25.58 94.37
C ILE A 2386 9.21 25.87 95.56
N SER A 2387 8.69 24.81 96.19
CA SER A 2387 7.85 25.00 97.38
C SER A 2387 8.67 25.55 98.55
N GLU A 2388 9.97 25.27 98.58
CA GLU A 2388 10.81 25.77 99.68
C GLU A 2388 11.06 27.26 99.58
N ASP A 2389 11.17 27.80 98.36
CA ASP A 2389 11.51 29.20 98.19
C ASP A 2389 10.30 30.00 97.73
N PRO A 2390 9.85 31.01 98.50
CA PRO A 2390 8.64 31.77 98.15
C PRO A 2390 8.53 32.03 96.64
N ALA A 2391 9.65 32.37 96.01
CA ALA A 2391 9.66 32.59 94.54
C ALA A 2391 10.58 31.57 93.89
N ARG A 2392 10.09 30.87 92.86
CA ARG A 2392 10.89 29.82 92.17
C ARG A 2392 11.73 29.08 93.22
N ARG A 2415 -4.66 31.36 95.29
CA ARG A 2415 -3.90 30.68 96.33
C ARG A 2415 -3.55 29.26 95.92
N VAL A 2416 -2.54 29.12 95.07
CA VAL A 2416 -2.10 27.82 94.57
C VAL A 2416 -0.59 27.72 94.75
N HIS A 2417 -0.13 26.57 95.24
CA HIS A 2417 1.30 26.30 95.36
C HIS A 2417 1.74 25.51 94.12
N LEU A 2418 2.74 26.05 93.41
CA LEU A 2418 3.10 25.51 92.10
C LEU A 2418 3.70 24.12 92.20
N GLY A 2419 4.54 23.87 93.21
CA GLY A 2419 5.10 22.54 93.38
C GLY A 2419 4.05 21.50 93.71
N HIS A 2420 3.06 21.88 94.52
CA HIS A 2420 1.95 20.98 94.82
C HIS A 2420 1.16 20.64 93.57
N ALA A 2421 0.93 21.63 92.71
CA ALA A 2421 0.21 21.38 91.47
C ALA A 2421 1.01 20.49 90.51
N ILE A 2422 2.33 20.70 90.44
CA ILE A 2422 3.20 19.86 89.61
C ILE A 2422 3.16 18.42 90.09
N MET A 2423 3.31 18.21 91.40
CA MET A 2423 3.31 16.85 91.93
C MET A 2423 1.93 16.22 91.84
N SER A 2424 0.86 17.02 91.91
CA SER A 2424 -0.49 16.50 91.71
C SER A 2424 -0.68 16.03 90.27
N PHE A 2425 -0.19 16.80 89.30
CA PHE A 2425 -0.28 16.40 87.90
C PHE A 2425 0.50 15.12 87.64
N TYR A 2426 1.71 15.02 88.19
CA TYR A 2426 2.52 13.82 87.98
C TYR A 2426 1.91 12.61 88.69
N ALA A 2427 1.39 12.80 89.90
CA ALA A 2427 0.73 11.71 90.62
C ALA A 2427 -0.53 11.25 89.88
N ALA A 2428 -1.30 12.19 89.32
CA ALA A 2428 -2.48 11.83 88.55
C ALA A 2428 -2.10 11.04 87.30
N LEU A 2429 -1.03 11.46 86.61
CA LEU A 2429 -0.58 10.71 85.43
C LEU A 2429 -0.12 9.30 85.81
N ILE A 2430 0.62 9.19 86.92
CA ILE A 2430 1.10 7.88 87.38
C ILE A 2430 -0.07 6.99 87.78
N ASP A 2431 -1.07 7.55 88.48
CA ASP A 2431 -2.24 6.78 88.87
C ASP A 2431 -3.03 6.32 87.65
N LEU A 2432 -3.19 7.20 86.65
CA LEU A 2432 -3.91 6.84 85.43
C LEU A 2432 -3.19 5.73 84.69
N LEU A 2433 -1.86 5.80 84.61
CA LEU A 2433 -1.10 4.70 84.04
C LEU A 2433 -1.19 3.44 84.88
N GLY A 2434 -1.40 3.58 86.20
CA GLY A 2434 -1.53 2.41 87.05
C GLY A 2434 -2.83 1.66 86.83
N ARG A 2435 -3.95 2.40 86.73
CA ARG A 2435 -5.22 1.74 86.44
C ARG A 2435 -5.25 1.19 85.01
N CYS A 2436 -4.47 1.77 84.11
CA CYS A 2436 -4.52 1.40 82.70
C CYS A 2436 -3.72 0.13 82.40
N ALA A 2437 -3.00 -0.41 83.39
CA ALA A 2437 -2.28 -1.65 83.21
C ALA A 2437 -3.26 -2.82 83.05
N PRO A 2438 -2.81 -3.93 82.45
CA PRO A 2438 -3.68 -5.12 82.37
C PRO A 2438 -4.05 -5.62 83.77
N GLU A 2439 -5.27 -6.14 83.87
CA GLU A 2439 -5.89 -6.41 85.16
C GLU A 2439 -5.84 -7.89 85.49
N MET A 2440 -5.40 -8.19 86.71
CA MET A 2440 -5.45 -9.49 87.38
C MET A 2440 -4.52 -10.53 86.74
N HIS A 2441 -3.80 -10.16 85.67
CA HIS A 2441 -2.81 -11.01 85.01
C HIS A 2441 -3.40 -12.30 84.45
N LEU A 2442 -4.70 -12.30 84.12
CA LEU A 2442 -5.29 -13.47 83.48
C LEU A 2442 -5.32 -13.35 81.96
N ILE A 2443 -5.36 -12.13 81.42
CA ILE A 2443 -5.07 -11.91 80.00
C ILE A 2443 -3.61 -12.23 79.72
N GLN A 2444 -2.70 -11.87 80.63
CA GLN A 2444 -1.27 -11.96 80.38
C GLN A 2444 -0.80 -13.41 80.31
N ALA A 2445 -1.54 -14.33 80.93
CA ALA A 2445 -1.12 -15.73 80.96
C ALA A 2445 -1.16 -16.38 79.58
N GLY A 2446 -2.08 -15.95 78.72
CA GLY A 2446 -2.24 -16.64 77.45
C GLY A 2446 -2.28 -15.78 76.19
N LYS A 2447 -2.44 -14.46 76.32
CA LYS A 2447 -2.66 -13.59 75.17
C LYS A 2447 -1.62 -12.47 75.25
N GLY A 2448 -0.89 -12.26 74.15
CA GLY A 2448 0.27 -11.39 74.13
C GLY A 2448 0.00 -9.90 74.05
N GLU A 2449 -1.26 -9.50 73.85
CA GLU A 2449 -1.56 -8.07 73.78
C GLU A 2449 -1.29 -7.39 75.11
N ALA A 2450 -1.65 -8.05 76.21
CA ALA A 2450 -1.32 -7.53 77.53
C ALA A 2450 0.18 -7.52 77.76
N LEU A 2451 0.91 -8.49 77.18
CA LEU A 2451 2.37 -8.48 77.28
C LEU A 2451 2.96 -7.25 76.58
N ARG A 2452 2.47 -6.94 75.38
CA ARG A 2452 2.95 -5.77 74.66
C ARG A 2452 2.59 -4.48 75.40
N ILE A 2453 1.37 -4.39 75.94
CA ILE A 2453 0.95 -3.19 76.65
C ILE A 2453 1.77 -3.00 77.92
N ARG A 2454 2.00 -4.07 78.67
CA ARG A 2454 2.82 -3.98 79.87
C ARG A 2454 4.27 -3.68 79.54
N ALA A 2455 4.76 -4.15 78.39
CA ALA A 2455 6.11 -3.79 77.96
C ALA A 2455 6.22 -2.30 77.65
N ILE A 2456 5.21 -1.74 76.98
CA ILE A 2456 5.25 -0.31 76.68
C ILE A 2456 5.20 0.51 77.97
N LEU A 2457 4.24 0.22 78.85
CA LEU A 2457 4.14 0.97 80.10
C LEU A 2457 5.31 0.70 81.04
N ARG A 2458 6.04 -0.40 80.85
CA ARG A 2458 7.31 -0.56 81.52
C ARG A 2458 8.37 0.35 80.89
N SER A 2459 8.29 0.54 79.57
CA SER A 2459 9.27 1.36 78.87
C SER A 2459 9.15 2.84 79.21
N LEU A 2460 7.93 3.33 79.46
CA LEU A 2460 7.80 4.75 79.82
C LEU A 2460 8.43 5.06 81.17
N VAL A 2461 8.12 4.29 82.20
CA VAL A 2461 8.57 4.59 83.56
C VAL A 2461 9.66 3.60 83.94
N PRO A 2462 10.87 4.05 84.25
CA PRO A 2462 11.92 3.12 84.68
C PRO A 2462 11.72 2.68 86.12
N LEU A 2463 12.08 1.43 86.39
CA LEU A 2463 12.06 0.91 87.74
C LEU A 2463 13.22 1.49 88.55
N ASP A 2464 12.99 1.64 89.85
CA ASP A 2464 13.74 2.29 90.94
C ASP A 2464 13.48 3.80 91.00
N ASP A 2465 12.71 4.36 90.06
CA ASP A 2465 12.29 5.74 90.20
C ASP A 2465 11.20 5.88 91.26
N LEU A 2466 10.26 4.93 91.29
CA LEU A 2466 9.22 4.93 92.31
C LEU A 2466 9.79 4.63 93.68
N VAL A 2467 10.79 3.75 93.74
CA VAL A 2467 11.48 3.47 95.01
C VAL A 2467 12.22 4.71 95.49
N GLY A 2468 12.81 5.47 94.56
CA GLY A 2468 13.43 6.72 94.93
C GLY A 2468 12.42 7.76 95.39
N ILE A 2469 11.22 7.75 94.79
CA ILE A 2469 10.17 8.67 95.20
C ILE A 2469 9.71 8.36 96.62
N ILE A 2470 9.44 7.08 96.89
CA ILE A 2470 9.00 6.69 98.24
C ILE A 2470 10.13 6.80 99.25
N SER A 2471 11.39 6.81 98.79
CA SER A 2471 12.51 7.03 99.68
C SER A 2471 12.65 8.49 100.08
N LEU A 2472 12.16 9.38 99.21
CA LEU A 2472 12.23 10.84 99.50
C LEU A 2472 11.37 11.14 100.73
N PRO A 2473 11.89 11.85 101.75
CA PRO A 2473 11.14 12.11 102.99
C PRO A 2473 10.25 13.34 102.89
N LEU A 2474 9.05 13.27 103.49
CA LEU A 2474 8.11 14.44 103.51
C LEU A 2474 8.32 15.36 104.73
N GLN A 2475 8.99 14.92 105.80
CA GLN A 2475 9.33 15.80 106.98
C GLN A 2475 8.24 15.99 108.04
N ILE A 2476 7.09 15.29 107.97
CA ILE A 2476 6.00 15.33 109.00
C ILE A 2476 6.14 16.40 110.10
N PRO A 2477 5.30 17.46 110.12
CA PRO A 2477 5.24 18.47 111.20
C PRO A 2477 4.62 17.93 112.48
N THR A 2478 3.83 16.86 112.38
CA THR A 2478 3.16 16.11 113.45
C THR A 2478 2.44 17.04 114.43
N LEU A 2479 2.41 16.67 115.71
CA LEU A 2479 1.73 17.39 116.81
C LEU A 2479 0.36 17.96 116.44
N UNK A 2488 -0.65 20.09 112.51
CA UNK A 2488 0.41 19.91 111.55
C UNK A 2488 0.86 21.25 110.97
N UNK A 2489 0.75 21.40 109.65
CA UNK A 2489 1.13 22.63 108.98
C UNK A 2489 0.27 22.86 107.74
N UNK A 2490 0.92 23.21 106.63
CA UNK A 2490 0.22 23.47 105.38
C UNK A 2490 -0.25 22.17 104.74
N UNK A 2491 -1.43 22.21 104.12
CA UNK A 2491 -1.98 21.05 103.45
C UNK A 2491 -1.54 21.01 101.99
N UNK A 2492 -0.85 22.06 101.56
CA UNK A 2492 -0.37 22.16 100.19
C UNK A 2492 1.16 22.06 100.14
N UNK A 2493 1.69 20.87 100.39
CA UNK A 2493 3.13 20.67 100.39
C UNK A 2493 3.50 19.40 99.63
N UNK A 2494 4.11 18.44 100.32
CA UNK A 2494 4.55 17.20 99.71
C UNK A 2494 3.43 16.15 99.74
N UNK A 2495 2.60 16.22 100.79
CA UNK A 2495 1.35 15.44 100.93
C UNK A 2495 1.53 13.92 101.05
N UNK A 2496 0.85 13.36 102.06
CA UNK A 2496 0.84 11.91 102.25
C UNK A 2496 -0.44 11.32 101.64
N UNK A 2497 -0.69 11.65 100.38
CA UNK A 2497 -1.88 11.19 99.69
C UNK A 2497 -1.57 10.83 98.23
N UNK A 2498 -0.32 11.05 97.83
CA UNK A 2498 0.11 10.72 96.48
C UNK A 2498 1.11 9.57 96.49
N UNK A 2499 1.45 9.10 97.69
CA UNK A 2499 2.36 7.97 97.85
C UNK A 2499 1.66 6.69 97.44
N UNK A 2500 0.33 6.68 97.55
CA UNK A 2500 -0.47 5.54 97.14
C UNK A 2500 -0.56 5.48 95.62
N UNK A 2501 -0.40 6.63 94.98
CA UNK A 2501 -0.43 6.71 93.52
C UNK A 2501 0.84 6.08 92.95
N UNK A 2502 1.97 6.31 93.62
CA UNK A 2502 3.24 5.74 93.20
C UNK A 2502 3.32 4.27 93.59
N UNK A 2503 2.49 3.88 94.55
CA UNK A 2503 2.44 2.49 95.00
C UNK A 2503 1.36 1.72 94.25
N UNK A 2504 0.75 2.38 93.27
CA UNK A 2504 -0.31 1.76 92.47
C UNK A 2504 0.24 1.30 91.12
N UNK A 2505 1.33 1.93 90.68
CA UNK A 2505 1.96 1.56 89.42
C UNK A 2505 3.08 0.56 89.66
N UNK A 2506 3.26 0.17 90.91
CA UNK A 2506 4.29 -0.79 91.28
C UNK A 2506 3.71 -2.19 91.43
N UNK A 2507 2.45 -2.26 91.85
CA UNK A 2507 1.78 -3.55 92.03
C UNK A 2507 0.80 -3.81 90.89
N UNK A 2508 1.19 -3.42 89.68
CA UNK A 2508 0.34 -3.60 88.52
C UNK A 2508 1.17 -3.73 87.24
N UNK A 2509 2.34 -3.11 87.25
CA UNK A 2509 3.22 -3.12 86.07
C UNK A 2509 4.67 -3.42 86.47
N UNK A 2510 4.87 -3.90 87.68
CA UNK A 2510 6.21 -4.20 88.17
C UNK A 2510 6.21 -5.39 89.13
N UNK A 2511 5.24 -5.38 90.05
CA UNK A 2511 5.06 -6.42 91.07
C UNK A 2511 6.27 -6.58 92.01
N UNK A 2512 6.11 -7.44 93.01
CA UNK A 2512 7.16 -7.67 93.99
C UNK A 2512 7.60 -9.13 93.98
N UNK A 2513 8.90 -9.35 93.78
CA UNK A 2513 9.46 -10.70 93.79
C UNK A 2513 9.79 -11.12 95.21
N UNK A 2514 10.98 -10.75 95.67
CA UNK A 2514 11.44 -11.09 97.01
C UNK A 2514 12.61 -10.21 97.44
N UNK A 2515 13.41 -9.76 96.47
CA UNK A 2515 14.63 -9.02 96.75
C UNK A 2515 14.35 -7.54 97.04
N UNK A 2516 13.45 -6.96 96.26
CA UNK A 2516 13.10 -5.54 96.43
C UNK A 2516 12.24 -5.33 97.66
N UNK A 2517 11.69 -6.42 98.18
CA UNK A 2517 10.85 -6.39 99.37
C UNK A 2517 11.62 -5.88 100.58
N UNK A 2518 12.93 -6.11 100.62
CA UNK A 2518 13.77 -5.62 101.70
C UNK A 2518 13.75 -4.08 101.79
N UNK A 2519 14.06 -3.43 100.68
CA UNK A 2519 14.06 -1.97 100.62
C UNK A 2519 12.64 -1.42 100.74
N UNK A 2520 11.66 -2.16 100.21
CA UNK A 2520 10.26 -1.76 100.31
C UNK A 2520 9.80 -1.74 101.76
N UNK A 2521 10.14 -2.79 102.50
CA UNK A 2521 9.79 -2.89 103.91
C UNK A 2521 10.62 -1.90 104.73
N UNK A 2522 11.82 -1.57 104.28
CA UNK A 2522 12.62 -0.55 104.95
C UNK A 2522 11.94 0.82 104.88
N UNK A 2523 11.52 1.18 103.67
CA UNK A 2523 10.78 2.42 103.44
C UNK A 2523 9.47 2.42 104.21
N UNK A 2524 8.77 1.30 104.18
CA UNK A 2524 7.50 1.14 104.90
C UNK A 2524 7.69 1.22 106.41
N UNK A 2525 8.84 0.75 106.90
CA UNK A 2525 9.14 0.78 108.31
C UNK A 2525 9.45 2.21 108.74
N UNK A 2526 10.13 2.95 107.88
CA UNK A 2526 10.36 4.37 108.11
C UNK A 2526 9.01 5.10 108.18
N UNK A 2527 8.12 4.76 107.25
CA UNK A 2527 6.77 5.33 107.20
C UNK A 2527 5.98 5.03 108.49
N UNK A 2528 6.01 3.77 108.92
CA UNK A 2528 5.28 3.34 110.11
C UNK A 2528 5.90 3.87 111.39
N UNK A 2529 7.20 4.15 111.37
CA UNK A 2529 7.88 4.74 112.51
C UNK A 2529 7.54 6.22 112.61
N UNK A 2530 7.25 6.81 111.46
CA UNK A 2530 6.79 8.20 111.43
C UNK A 2530 5.32 8.29 111.81
N UNK A 2531 4.56 7.24 111.51
CA UNK A 2531 3.11 7.24 111.68
C UNK A 2531 2.62 6.71 113.03
N UNK A 2532 3.42 5.87 113.69
CA UNK A 2532 2.98 5.21 114.91
C UNK A 2532 3.24 6.02 116.17
N UNK A 2533 4.40 6.66 116.24
CA UNK A 2533 4.80 7.41 117.43
C UNK A 2533 3.96 8.67 117.65
N UNK A 2534 3.21 9.08 116.64
CA UNK A 2534 2.37 10.27 116.75
C UNK A 2534 1.00 9.94 117.32
N UNK A 2535 0.85 10.13 118.63
CA UNK A 2535 -0.42 9.87 119.32
C UNK A 2535 -0.73 11.00 120.30
N UNK A 2536 -1.78 10.80 121.09
CA UNK A 2536 -2.24 11.77 122.10
C UNK A 2536 -2.50 13.15 121.50
N UNK A 2537 -1.45 13.97 121.41
CA UNK A 2537 -1.57 15.30 120.83
C UNK A 2537 -1.44 15.24 119.31
N UNK A 2538 -2.45 14.70 118.66
CA UNK A 2538 -2.45 14.57 117.21
C UNK A 2538 -3.81 14.93 116.62
N UNK A 2539 -4.34 14.05 115.78
CA UNK A 2539 -5.63 14.24 115.11
C UNK A 2539 -5.69 15.55 114.32
N UNK A 2540 -4.60 15.87 113.64
CA UNK A 2540 -4.51 17.10 112.85
C UNK A 2540 -4.62 16.78 111.36
N UNK A 2541 -3.59 17.17 110.61
CA UNK A 2541 -3.57 16.91 109.17
C UNK A 2541 -2.75 15.66 108.85
N UNK A 2542 -2.83 14.67 109.74
CA UNK A 2542 -2.11 13.42 109.54
C UNK A 2542 -3.02 12.38 108.90
N UNK A 2543 -3.16 12.45 107.57
CA UNK A 2543 -4.00 11.53 106.83
C UNK A 2543 -3.18 10.35 106.31
N UNK A 2544 -1.99 10.17 106.87
CA UNK A 2544 -1.06 9.11 106.44
C UNK A 2544 -1.63 7.71 106.67
N UNK A 2545 -2.61 7.59 107.57
CA UNK A 2545 -3.30 6.33 107.79
C UNK A 2545 -4.02 5.88 106.53
N UNK A 2546 -4.54 6.85 105.77
CA UNK A 2546 -5.14 6.57 104.48
C UNK A 2546 -4.05 6.07 103.53
N UNK A 2547 -2.85 6.64 103.67
CA UNK A 2547 -1.69 6.19 102.90
C UNK A 2547 -1.20 4.85 103.46
N UNK A 2548 -1.64 4.53 104.67
CA UNK A 2548 -1.37 3.22 105.25
C UNK A 2548 -2.54 2.28 104.95
N UNK A 2549 -3.51 2.78 104.20
CA UNK A 2549 -4.66 1.99 103.80
C UNK A 2549 -4.29 1.06 102.65
N UNK A 2550 -3.39 1.53 101.79
CA UNK A 2550 -3.01 0.78 100.59
C UNK A 2550 -1.75 -0.05 100.81
N UNK A 2551 -0.69 0.60 101.32
CA UNK A 2551 0.62 -0.02 101.48
C UNK A 2551 0.59 -1.27 102.35
N UNK A 2552 -0.07 -1.17 103.50
CA UNK A 2552 -0.23 -2.30 104.40
C UNK A 2552 -1.04 -3.41 103.73
N UNK A 2553 -1.94 -3.02 102.83
CA UNK A 2553 -2.70 -3.96 102.02
C UNK A 2553 -1.75 -4.81 101.17
N UNK A 2554 -0.73 -4.15 100.62
CA UNK A 2554 0.31 -4.85 99.87
C UNK A 2554 1.09 -5.74 100.82
N UNK A 2555 1.24 -5.27 102.06
CA UNK A 2555 1.89 -6.04 103.11
C UNK A 2555 1.00 -7.19 103.57
N UNK A 2556 -0.27 -7.11 103.20
CA UNK A 2556 -1.21 -8.20 103.45
C UNK A 2556 -1.17 -9.21 102.32
N UNK A 2557 -0.43 -8.88 101.26
CA UNK A 2557 -0.32 -9.77 100.11
C UNK A 2557 1.13 -10.18 99.87
N UNK A 2558 1.80 -10.60 100.93
CA UNK A 2558 3.19 -11.04 100.83
C UNK A 2558 3.56 -12.00 101.96
N UNK A 2559 3.40 -13.29 101.71
CA UNK A 2559 3.74 -14.30 102.69
C UNK A 2559 4.99 -15.08 102.27
N UNK A 2560 5.97 -14.36 101.74
CA UNK A 2560 7.21 -14.97 101.30
C UNK A 2560 8.41 -14.30 101.95
N UNK A 2561 8.43 -14.30 103.28
CA UNK A 2561 9.52 -13.69 104.04
C UNK A 2561 10.25 -14.74 104.88
N UNK A 2562 11.34 -14.33 105.51
CA UNK A 2562 12.12 -15.23 106.34
C UNK A 2562 12.82 -14.48 107.46
N UNK A 2563 13.87 -15.10 108.02
CA UNK A 2563 14.63 -14.48 109.11
C UNK A 2563 16.12 -14.48 108.79
N UNK A 2564 16.64 -13.32 108.44
CA UNK A 2564 18.07 -13.19 108.12
C UNK A 2564 18.57 -11.79 108.48
N UNK A 2565 17.70 -10.98 109.07
CA UNK A 2565 18.06 -9.63 109.47
C UNK A 2565 17.37 -9.25 110.78
N UNK A 2566 17.38 -7.95 111.10
CA UNK A 2566 16.77 -7.46 112.33
C UNK A 2566 15.74 -6.38 112.02
N UNK A 2567 15.59 -6.06 110.74
CA UNK A 2567 14.65 -5.03 110.31
C UNK A 2567 13.21 -5.53 110.39
N UNK A 2568 13.04 -6.83 110.21
CA UNK A 2568 11.71 -7.46 110.25
C UNK A 2568 11.08 -7.32 111.63
N UNK A 2569 11.88 -7.56 112.67
CA UNK A 2569 11.42 -7.47 114.04
C UNK A 2569 11.01 -6.04 114.40
N UNK A 2570 11.83 -5.08 114.00
CA UNK A 2570 11.55 -3.66 114.25
C UNK A 2570 10.29 -3.22 113.51
N UNK A 2571 10.14 -3.70 112.27
CA UNK A 2571 8.96 -3.38 111.46
C UNK A 2571 7.70 -3.95 112.10
N UNK A 2572 7.80 -5.19 112.59
CA UNK A 2572 6.68 -5.84 113.26
C UNK A 2572 6.30 -5.11 114.55
N UNK A 2573 7.32 -4.67 115.29
CA UNK A 2573 7.09 -3.91 116.52
C UNK A 2573 6.39 -2.59 116.23
N UNK A 2574 6.85 -1.90 115.19
CA UNK A 2574 6.25 -0.63 114.77
C UNK A 2574 4.80 -0.82 114.34
N UNK A 2575 4.55 -1.88 113.57
CA UNK A 2575 3.20 -2.20 113.10
C UNK A 2575 2.28 -2.53 114.28
N UNK A 2576 2.79 -3.27 115.25
CA UNK A 2576 2.02 -3.63 116.44
C UNK A 2576 1.71 -2.40 117.27
N UNK A 2577 2.67 -1.49 117.40
CA UNK A 2577 2.48 -0.27 118.14
C UNK A 2577 1.47 0.64 117.45
N UNK A 2578 1.47 0.62 116.12
CA UNK A 2578 0.52 1.41 115.34
C UNK A 2578 -0.90 0.84 115.44
N UNK A 2579 -1.01 -0.48 115.40
CA UNK A 2579 -2.31 -1.14 115.39
C UNK A 2579 -2.97 -1.19 116.76
N UNK A 2580 -2.22 -1.61 117.77
CA UNK A 2580 -2.76 -1.75 119.12
C UNK A 2580 -3.07 -0.39 119.75
N UNK A 2581 -2.04 0.45 119.88
CA UNK A 2581 -2.21 1.78 120.44
C UNK A 2581 -2.80 2.73 119.40
N UNK A 2582 -4.09 2.56 119.12
CA UNK A 2582 -4.78 3.40 118.15
C UNK A 2582 -5.18 4.74 118.76
N UNK A 2583 -4.78 5.82 118.11
CA UNK A 2583 -5.10 7.16 118.58
C UNK A 2583 -6.54 7.53 118.24
N UNK A 2584 -6.81 7.65 116.94
CA UNK A 2584 -8.14 7.99 116.46
C UNK A 2584 -8.38 7.45 115.05
N UNK A 2585 -7.28 7.11 114.37
CA UNK A 2585 -7.36 6.58 113.02
C UNK A 2585 -7.69 5.09 113.03
N UNK A 2586 -8.98 4.78 112.91
CA UNK A 2586 -9.43 3.39 112.90
C UNK A 2586 -10.77 3.26 112.16
N UNK A 2587 -11.85 3.57 112.86
CA UNK A 2587 -13.22 3.52 112.34
C UNK A 2587 -13.59 2.16 111.76
N UNK A 2588 -13.07 1.10 112.37
CA UNK A 2588 -13.32 -0.29 111.97
C UNK A 2588 -13.01 -0.55 110.50
N UNK A 2589 -11.92 0.02 110.02
CA UNK A 2589 -11.51 -0.15 108.62
C UNK A 2589 -10.00 -0.30 108.52
N UNK A 2590 -9.27 0.74 108.93
CA UNK A 2590 -7.82 0.73 108.90
C UNK A 2590 -7.26 -0.19 109.99
N UNK A 2591 -7.89 -0.15 111.15
CA UNK A 2591 -7.48 -0.98 112.28
C UNK A 2591 -7.71 -2.46 111.99
N UNK A 2592 -8.84 -2.76 111.35
CA UNK A 2592 -9.17 -4.12 110.97
C UNK A 2592 -8.18 -4.65 109.94
N UNK A 2593 -7.82 -3.80 108.98
CA UNK A 2593 -6.85 -4.16 107.95
C UNK A 2593 -5.47 -4.39 108.56
N UNK A 2594 -5.11 -3.55 109.53
CA UNK A 2594 -3.84 -3.69 110.23
C UNK A 2594 -3.79 -5.00 111.02
N UNK A 2595 -4.90 -5.32 111.69
CA UNK A 2595 -5.01 -6.56 112.44
C UNK A 2595 -4.93 -7.78 111.53
N UNK A 2596 -5.56 -7.69 110.37
CA UNK A 2596 -5.52 -8.77 109.38
C UNK A 2596 -4.10 -8.97 108.85
N UNK A 2597 -3.41 -7.87 108.58
CA UNK A 2597 -2.03 -7.92 108.11
C UNK A 2597 -1.12 -8.53 109.17
N UNK A 2598 -1.34 -8.14 110.42
CA UNK A 2598 -0.57 -8.67 111.55
C UNK A 2598 -0.80 -10.18 111.71
N UNK A 2599 -2.05 -10.61 111.56
CA UNK A 2599 -2.40 -12.02 111.64
C UNK A 2599 -1.76 -12.81 110.51
N UNK A 2600 -1.76 -12.23 109.31
CA UNK A 2600 -1.16 -12.88 108.15
C UNK A 2600 0.35 -12.98 108.29
N UNK A 2601 0.96 -11.98 108.92
CA UNK A 2601 2.40 -11.98 109.14
C UNK A 2601 2.81 -12.92 110.26
N UNK A 2602 1.92 -13.10 111.23
CA UNK A 2602 2.18 -13.99 112.36
C UNK A 2602 1.85 -15.43 112.01
N UNK A 2603 1.07 -15.62 110.94
CA UNK A 2603 0.70 -16.96 110.49
C UNK A 2603 1.90 -17.68 109.90
N UNK A 2604 2.48 -17.12 108.85
CA UNK A 2604 3.64 -17.71 108.19
C UNK A 2604 4.67 -16.64 107.84
N UNK A 2605 5.62 -17.01 106.99
CA UNK A 2605 6.68 -16.13 106.50
C UNK A 2605 7.49 -15.51 107.64
N UNK A 2606 7.77 -16.30 108.67
CA UNK A 2606 8.53 -15.83 109.83
C UNK A 2606 9.24 -16.98 110.52
N UNK A 2607 10.10 -16.64 111.49
CA UNK A 2607 10.84 -17.63 112.25
C UNK A 2607 11.20 -17.11 113.63
N UNK A 2608 10.56 -17.68 114.65
CA UNK A 2608 10.81 -17.35 116.06
C UNK A 2608 10.61 -15.87 116.39
N UNK A 2609 11.56 -15.04 115.94
CA UNK A 2609 11.58 -13.59 116.17
C UNK A 2609 11.60 -13.24 117.66
N UNK A 2610 12.80 -13.00 118.18
CA UNK A 2610 13.01 -12.76 119.61
C UNK A 2610 12.45 -11.42 120.07
N UNK A 2611 12.55 -10.39 119.23
CA UNK A 2611 12.02 -9.09 119.59
C UNK A 2611 10.50 -9.12 119.58
N UNK A 2612 9.92 -9.86 118.63
CA UNK A 2612 8.49 -10.07 118.59
C UNK A 2612 8.06 -10.91 119.80
N UNK A 2613 8.94 -11.81 120.24
CA UNK A 2613 8.68 -12.60 121.43
C UNK A 2613 8.65 -11.71 122.67
N UNK A 2614 9.57 -10.74 122.73
CA UNK A 2614 9.59 -9.77 123.83
C UNK A 2614 8.33 -8.90 123.82
N UNK A 2615 7.90 -8.52 122.62
CA UNK A 2615 6.69 -7.75 122.44
C UNK A 2615 5.47 -8.53 122.91
N UNK A 2616 5.44 -9.83 122.59
CA UNK A 2616 4.37 -10.72 123.02
C UNK A 2616 4.37 -10.86 124.54
N UNK A 2617 5.57 -10.92 125.13
CA UNK A 2617 5.71 -10.99 126.58
C UNK A 2617 5.16 -9.72 127.24
N UNK A 2618 5.45 -8.58 126.63
CA UNK A 2618 4.93 -7.30 127.11
C UNK A 2618 3.40 -7.25 127.01
N UNK A 2619 2.88 -7.76 125.91
CA UNK A 2619 1.42 -7.83 125.69
C UNK A 2619 0.75 -8.76 126.71
N UNK A 2620 1.48 -9.82 127.08
CA UNK A 2620 1.00 -10.75 128.10
C UNK A 2620 1.02 -10.10 129.47
N UNK A 2621 2.03 -9.27 129.70
CA UNK A 2621 2.13 -8.48 130.93
C UNK A 2621 0.97 -7.50 131.02
N UNK A 2622 0.53 -7.01 129.87
CA UNK A 2622 -0.66 -6.17 129.79
C UNK A 2622 -1.91 -6.99 130.11
N UNK A 2623 -2.34 -7.80 129.15
CA UNK A 2623 -3.49 -8.70 129.27
C UNK A 2623 -4.78 -7.98 129.68
N UNK A 2624 -5.28 -8.31 130.87
CA UNK A 2624 -6.51 -7.74 131.43
C UNK A 2624 -7.72 -7.93 130.51
N UNK A 2625 -8.65 -6.98 130.56
CA UNK A 2625 -9.85 -7.03 129.74
C UNK A 2625 -10.10 -5.69 129.06
N UNK A 2626 -9.37 -5.43 127.99
CA UNK A 2626 -9.51 -4.18 127.25
C UNK A 2626 -10.07 -4.43 125.85
N UNK A 2627 -10.83 -3.46 125.34
CA UNK A 2627 -11.43 -3.57 124.02
C UNK A 2627 -10.46 -3.13 122.94
N UNK A 2628 -9.40 -2.43 123.34
CA UNK A 2628 -8.38 -1.97 122.41
C UNK A 2628 -7.26 -2.99 122.28
N UNK A 2629 -7.39 -4.10 123.01
CA UNK A 2629 -6.39 -5.16 122.98
C UNK A 2629 -7.00 -6.48 123.43
N UNK A 2630 -7.61 -7.20 122.50
CA UNK A 2630 -8.25 -8.47 122.81
C UNK A 2630 -8.05 -9.48 121.69
N UNK A 2631 -7.71 -8.98 120.51
CA UNK A 2631 -7.50 -9.83 119.34
C UNK A 2631 -6.13 -10.52 119.39
N UNK A 2632 -5.25 -9.98 120.24
CA UNK A 2632 -3.88 -10.47 120.37
C UNK A 2632 -3.83 -11.93 120.83
N UNK A 2633 -4.81 -12.32 121.64
CA UNK A 2633 -4.92 -13.70 122.12
C UNK A 2633 -5.18 -14.65 120.94
N UNK A 2634 -5.85 -14.14 119.91
CA UNK A 2634 -6.06 -14.90 118.69
C UNK A 2634 -4.72 -15.17 118.01
N UNK A 2635 -3.81 -14.19 118.12
CA UNK A 2635 -2.45 -14.35 117.64
C UNK A 2635 -1.74 -15.39 118.52
N UNK A 2636 -2.15 -15.47 119.77
CA UNK A 2636 -1.69 -16.51 120.68
C UNK A 2636 -2.22 -17.86 120.21
N UNK A 2637 -3.38 -17.83 119.56
CA UNK A 2637 -3.92 -19.01 118.89
C UNK A 2637 -3.00 -19.40 117.74
N UNK A 2638 -2.41 -18.39 117.10
CA UNK A 2638 -1.40 -18.62 116.09
C UNK A 2638 -0.12 -19.11 116.76
N UNK A 2639 0.06 -18.71 118.01
CA UNK A 2639 1.15 -19.25 118.83
C UNK A 2639 0.80 -20.69 119.22
N UNK A 2640 -0.49 -21.02 119.15
CA UNK A 2640 -0.94 -22.39 119.29
C UNK A 2640 -0.58 -23.17 118.03
N UNK A 2641 -0.42 -22.44 116.92
CA UNK A 2641 0.05 -23.04 115.68
C UNK A 2641 1.49 -23.47 115.84
N UNK A 2642 1.91 -24.46 115.06
CA UNK A 2642 3.21 -25.13 115.20
C UNK A 2642 3.38 -25.60 116.64
N UNK A 2643 4.35 -25.03 117.35
CA UNK A 2643 4.55 -25.24 118.79
C UNK A 2643 4.63 -26.71 119.21
N UNK A 2644 3.48 -27.38 119.18
CA UNK A 2644 3.40 -28.80 119.49
C UNK A 2644 4.17 -29.63 118.46
N UNK A 2645 5.09 -30.44 118.95
CA UNK A 2645 5.94 -31.31 118.14
C UNK A 2645 6.71 -30.54 117.08
N UNK A 2646 7.25 -29.39 117.47
CA UNK A 2646 8.01 -28.54 116.55
C UNK A 2646 8.95 -27.60 117.30
N UNK A 2647 8.36 -26.63 118.01
CA UNK A 2647 9.13 -25.60 118.69
C UNK A 2647 9.88 -26.14 119.91
N UNK A 2648 11.15 -25.75 120.03
CA UNK A 2648 11.98 -26.16 121.15
C UNK A 2648 12.71 -24.96 121.74
N UNK A 2649 13.65 -25.22 122.64
CA UNK A 2649 14.46 -24.20 123.32
C UNK A 2649 13.60 -23.15 124.01
N UNK A 2650 12.86 -23.57 125.02
CA UNK A 2650 11.98 -22.66 125.75
C UNK A 2650 12.64 -22.14 127.02
N UNK A 2651 13.55 -21.17 126.85
CA UNK A 2651 14.23 -20.56 127.98
C UNK A 2651 13.30 -19.58 128.69
N UNK A 2652 13.21 -18.36 128.16
CA UNK A 2652 12.32 -17.35 128.71
C UNK A 2652 10.92 -17.51 128.16
N UNK A 2653 10.81 -18.28 127.07
CA UNK A 2653 9.52 -18.54 126.44
C UNK A 2653 8.61 -19.35 127.35
N UNK A 2654 9.19 -20.34 128.04
CA UNK A 2654 8.44 -21.16 128.99
C UNK A 2654 7.94 -20.32 130.16
N UNK A 2655 8.79 -19.42 130.63
CA UNK A 2655 8.42 -18.51 131.72
C UNK A 2655 7.30 -17.57 131.30
N UNK A 2656 7.39 -17.08 130.06
CA UNK A 2656 6.37 -16.20 129.50
C UNK A 2656 5.04 -16.93 129.37
N UNK A 2657 5.09 -18.18 128.92
CA UNK A 2657 3.90 -19.01 128.78
C UNK A 2657 3.27 -19.29 130.14
N UNK A 2658 4.11 -19.56 131.14
CA UNK A 2658 3.63 -19.80 132.50
C UNK A 2658 2.96 -18.56 133.07
N UNK A 2659 3.58 -17.40 132.84
CA UNK A 2659 3.02 -16.13 133.30
C UNK A 2659 1.69 -15.84 132.62
N UNK A 2660 1.60 -16.14 131.33
CA UNK A 2660 0.38 -15.95 130.56
C UNK A 2660 -0.73 -16.86 131.07
N UNK A 2661 -0.38 -18.11 131.38
CA UNK A 2661 -1.33 -19.07 131.92
C UNK A 2661 -1.84 -18.62 133.29
N UNK A 2662 -0.93 -18.14 134.12
CA UNK A 2662 -1.28 -17.63 135.45
C UNK A 2662 -2.21 -16.41 135.34
N UNK A 2663 -1.90 -15.52 134.40
CA UNK A 2663 -2.72 -14.34 134.16
C UNK A 2663 -4.11 -14.72 133.68
N UNK A 2664 -4.19 -15.71 132.79
CA UNK A 2664 -5.46 -16.19 132.27
C UNK A 2664 -6.29 -16.82 133.38
N UNK A 2665 -5.64 -17.60 134.25
CA UNK A 2665 -6.30 -18.22 135.38
C UNK A 2665 -6.83 -17.18 136.36
N UNK A 2666 -6.04 -16.13 136.59
CA UNK A 2666 -6.43 -15.06 137.49
C UNK A 2666 -7.59 -14.25 136.90
N UNK A 2667 -7.60 -14.08 135.58
CA UNK A 2667 -8.65 -13.35 134.90
C UNK A 2667 -9.95 -14.15 134.88
N UNK A 2668 -9.83 -15.47 134.80
CA UNK A 2668 -10.99 -16.35 134.82
C UNK A 2668 -11.54 -16.51 136.23
N UNK A 2669 -10.66 -16.38 137.22
CA UNK A 2669 -11.05 -16.51 138.62
C UNK A 2669 -11.69 -15.23 139.15
N UNK A 2670 -11.00 -14.11 138.96
CA UNK A 2670 -11.47 -12.83 139.48
C UNK A 2670 -12.33 -12.08 138.47
N UNK A 2671 -13.44 -12.69 138.09
CA UNK A 2671 -14.39 -12.07 137.16
C UNK A 2671 -15.79 -12.64 137.36
N UNK A 2672 -16.75 -12.09 136.62
CA UNK A 2672 -18.14 -12.55 136.71
C UNK A 2672 -18.87 -12.35 135.39
N UNK A 2673 -19.87 -13.21 135.15
CA UNK A 2673 -20.70 -13.22 133.93
C UNK A 2673 -19.91 -13.55 132.67
N UNK A 2674 -20.49 -14.43 131.85
CA UNK A 2674 -19.83 -14.87 130.63
C UNK A 2674 -20.52 -14.36 129.37
N UNK A 2675 -21.29 -15.26 128.72
CA UNK A 2675 -21.93 -15.00 127.44
C UNK A 2675 -20.91 -14.56 126.40
N UNK A 2676 -20.76 -13.25 126.24
CA UNK A 2676 -19.78 -12.70 125.31
C UNK A 2676 -18.51 -12.27 126.05
N UNK A 2677 -17.82 -11.29 125.49
CA UNK A 2677 -16.59 -10.73 126.06
C UNK A 2677 -15.51 -11.78 126.31
N UNK A 2678 -14.85 -12.21 125.25
CA UNK A 2678 -13.74 -13.16 125.29
C UNK A 2678 -14.08 -14.47 125.97
N UNK A 2679 -15.31 -14.96 125.76
CA UNK A 2679 -15.72 -16.24 126.31
C UNK A 2679 -15.23 -17.38 125.41
N UNK A 2680 -15.38 -17.16 124.10
CA UNK A 2680 -14.93 -18.14 123.11
C UNK A 2680 -13.40 -18.18 123.09
N UNK A 2681 -12.78 -17.04 123.36
CA UNK A 2681 -11.33 -16.94 123.42
C UNK A 2681 -10.79 -17.65 124.66
N UNK A 2682 -11.64 -17.81 125.66
CA UNK A 2682 -11.26 -18.51 126.88
C UNK A 2682 -11.58 -19.99 126.78
N UNK A 2683 -12.55 -20.32 125.93
CA UNK A 2683 -12.95 -21.70 125.71
C UNK A 2683 -12.03 -22.40 124.72
N UNK A 2684 -12.07 -21.96 123.46
CA UNK A 2684 -11.30 -22.60 122.41
C UNK A 2684 -9.79 -22.33 122.55
N UNK A 2685 -9.44 -21.07 122.84
CA UNK A 2685 -8.04 -20.69 122.95
C UNK A 2685 -7.59 -20.58 124.40
N UNK A 2686 -7.70 -21.69 125.13
CA UNK A 2686 -7.24 -21.74 126.52
C UNK A 2686 -5.71 -21.73 126.56
N UNK A 2687 -5.13 -20.53 126.65
CA UNK A 2687 -3.69 -20.32 126.63
C UNK A 2687 -3.04 -20.93 125.40
N UNK A 2688 -2.50 -22.13 125.55
CA UNK A 2688 -1.88 -22.86 124.44
C UNK A 2688 -1.87 -24.35 124.74
N UNK A 2689 -2.40 -24.71 125.90
CA UNK A 2689 -2.44 -26.10 126.40
C UNK A 2689 -1.05 -26.72 126.45
N UNK A 2690 -0.05 -25.90 126.77
CA UNK A 2690 1.37 -26.27 126.87
C UNK A 2690 1.98 -26.75 125.55
N UNK A 2691 3.07 -26.11 125.14
CA UNK A 2691 3.78 -26.50 123.94
C UNK A 2691 4.60 -27.75 124.20
N UNK A 2692 5.92 -27.62 124.21
CA UNK A 2692 6.81 -28.72 124.57
C UNK A 2692 7.18 -28.59 126.04
N UNK A 2693 6.18 -28.61 126.90
CA UNK A 2693 6.38 -28.38 128.33
C UNK A 2693 6.86 -29.63 129.06
N UNK A 2694 6.18 -29.97 130.15
CA UNK A 2694 6.55 -31.05 131.07
C UNK A 2694 7.94 -30.82 131.67
N UNK A 2695 7.95 -30.35 132.92
CA UNK A 2695 9.16 -29.97 133.65
C UNK A 2695 9.94 -28.89 132.92
N UNK A 2696 9.62 -27.62 133.23
CA UNK A 2696 10.25 -26.48 132.59
C UNK A 2696 11.46 -26.01 133.38
N UNK A 2697 11.30 -24.87 134.07
CA UNK A 2697 12.39 -24.29 134.85
C UNK A 2697 11.84 -23.39 135.97
N UNK A 2698 12.74 -22.60 136.56
CA UNK A 2698 12.41 -21.65 137.63
C UNK A 2698 11.72 -22.30 138.82
N UNK A 2699 10.97 -21.50 139.57
CA UNK A 2699 10.26 -21.99 140.75
C UNK A 2699 8.76 -22.08 140.47
N UNK A 2942 20.19 -22.10 150.33
CA UNK A 2942 20.57 -23.37 149.72
C UNK A 2942 19.37 -24.06 149.10
N UNK A 2943 18.37 -24.35 149.93
CA UNK A 2943 17.15 -25.01 149.46
C UNK A 2943 15.98 -24.68 150.38
N UNK A 2944 14.84 -24.31 149.78
CA UNK A 2944 13.64 -24.02 150.54
C UNK A 2944 13.06 -25.30 151.14
N UNK A 2945 12.41 -26.09 150.30
CA UNK A 2945 11.88 -27.39 150.72
C UNK A 2945 12.68 -28.50 150.04
N UNK A 2946 12.38 -28.74 148.77
CA UNK A 2946 13.09 -29.73 147.97
C UNK A 2946 12.89 -29.41 146.50
N UNK A 2947 12.48 -30.42 145.73
CA UNK A 2947 12.13 -30.20 144.33
C UNK A 2947 10.73 -29.60 144.26
N UNK A 2948 10.49 -28.77 143.26
CA UNK A 2948 9.21 -28.10 143.11
C UNK A 2948 8.20 -28.96 142.35
N UNK A 2949 8.61 -30.19 142.03
CA UNK A 2949 7.81 -31.17 141.31
C UNK A 2949 7.29 -30.63 139.98
N UNK A 2950 8.21 -30.09 139.19
CA UNK A 2950 7.94 -29.53 137.85
C UNK A 2950 6.92 -28.38 137.87
N UNK A 2951 6.51 -27.94 136.68
CA UNK A 2951 5.59 -26.83 136.55
C UNK A 2951 4.25 -27.31 135.99
N UNK A 2952 4.24 -28.52 135.45
CA UNK A 2952 3.01 -29.13 134.97
C UNK A 2952 2.41 -29.98 136.07
N UNK A 2953 3.22 -30.89 136.61
CA UNK A 2953 2.77 -31.86 137.61
C UNK A 2953 2.22 -31.22 138.88
N UNK A 2954 3.08 -30.49 139.61
CA UNK A 2954 2.70 -29.92 140.90
C UNK A 2954 1.57 -28.90 140.79
N UNK A 2955 1.72 -27.96 139.86
CA UNK A 2955 0.73 -26.91 139.66
C UNK A 2955 -0.61 -27.50 139.21
N UNK A 2956 -0.55 -28.49 138.33
CA UNK A 2956 -1.74 -29.17 137.85
C UNK A 2956 -2.44 -29.90 138.99
N UNK A 2957 -1.65 -30.57 139.83
CA UNK A 2957 -2.19 -31.29 140.98
C UNK A 2957 -2.87 -30.35 141.97
N UNK A 2958 -2.20 -29.23 142.26
CA UNK A 2958 -2.71 -28.22 143.18
C UNK A 2958 -4.01 -27.61 142.66
N UNK A 2959 -4.03 -27.24 141.38
CA UNK A 2959 -5.21 -26.66 140.75
C UNK A 2959 -6.36 -27.66 140.73
N UNK A 2960 -6.05 -28.93 140.47
CA UNK A 2960 -7.08 -29.97 140.44
C UNK A 2960 -7.69 -30.19 141.82
N UNK A 2961 -6.85 -30.25 142.85
CA UNK A 2961 -7.34 -30.42 144.22
C UNK A 2961 -8.20 -29.23 144.65
N UNK A 2962 -7.73 -28.03 144.34
CA UNK A 2962 -8.47 -26.81 144.66
C UNK A 2962 -9.81 -26.77 143.93
N UNK A 2963 -9.82 -27.15 142.66
CA UNK A 2963 -11.04 -27.17 141.86
C UNK A 2963 -12.01 -28.22 142.37
N UNK A 2964 -11.48 -29.36 142.82
CA UNK A 2964 -12.31 -30.42 143.37
C UNK A 2964 -13.00 -29.95 144.65
N UNK A 2965 -12.22 -29.36 145.54
CA UNK A 2965 -12.74 -28.82 146.80
C UNK A 2965 -13.76 -27.72 146.54
N UNK A 2966 -13.47 -26.86 145.57
CA UNK A 2966 -14.36 -25.75 145.22
C UNK A 2966 -15.66 -26.25 144.60
N UNK A 2967 -15.58 -27.29 143.79
CA UNK A 2967 -16.76 -27.88 143.18
C UNK A 2967 -17.65 -28.51 144.24
N UNK A 2968 -17.02 -29.22 145.18
CA UNK A 2968 -17.75 -29.81 146.30
C UNK A 2968 -18.43 -28.73 147.14
N UNK A 2969 -17.70 -27.66 147.43
CA UNK A 2969 -18.23 -26.56 148.23
C UNK A 2969 -19.35 -25.80 147.52
N UNK A 2970 -19.25 -25.68 146.19
CA UNK A 2970 -20.25 -24.96 145.41
C UNK A 2970 -21.49 -25.82 145.17
N UNK A 2971 -21.30 -27.14 145.23
CA UNK A 2971 -22.43 -28.06 145.13
C UNK A 2971 -23.18 -28.11 146.46
N UNK A 2972 -22.43 -28.07 147.56
CA UNK A 2972 -23.04 -28.08 148.89
C UNK A 2972 -23.66 -26.72 149.22
N UNK A 2973 -23.10 -25.66 148.64
CA UNK A 2973 -23.60 -24.31 148.87
C UNK A 2973 -24.92 -24.10 148.14
N UNK A 2974 -25.02 -24.64 146.93
CA UNK A 2974 -26.24 -24.57 146.16
C UNK A 2974 -27.21 -25.65 146.63
N UNK A 2975 -27.53 -26.60 145.73
CA UNK A 2975 -28.43 -27.71 146.00
C UNK A 2975 -29.80 -27.25 146.51
N UNK A 2976 -30.60 -26.67 145.61
CA UNK A 2976 -31.93 -26.15 145.91
C UNK A 2976 -31.91 -25.13 147.04
N UNK A 2995 -23.13 -20.28 139.08
CA UNK A 2995 -23.42 -19.29 138.05
C UNK A 2995 -22.19 -18.43 137.76
N UNK A 2996 -21.52 -17.98 138.83
CA UNK A 2996 -20.31 -17.19 138.68
C UNK A 2996 -19.08 -18.09 138.72
N UNK A 2997 -19.01 -18.94 139.75
CA UNK A 2997 -17.91 -19.89 139.88
C UNK A 2997 -18.11 -21.04 138.92
N UNK A 2998 -19.36 -21.26 138.49
CA UNK A 2998 -19.69 -22.34 137.58
C UNK A 2998 -19.20 -22.08 136.17
N UNK A 2999 -19.20 -20.82 135.75
CA UNK A 2999 -18.70 -20.46 134.42
C UNK A 2999 -17.19 -20.70 134.34
N UNK A 3000 -16.49 -20.27 135.38
CA UNK A 3000 -15.05 -20.49 135.50
C UNK A 3000 -14.77 -21.98 135.61
N UNK A 3001 -15.67 -22.71 136.28
CA UNK A 3001 -15.55 -24.15 136.41
C UNK A 3001 -15.69 -24.85 135.05
N UNK A 3002 -16.60 -24.36 134.22
CA UNK A 3002 -16.80 -24.90 132.88
C UNK A 3002 -15.60 -24.60 131.99
N UNK A 3003 -15.07 -23.39 132.12
CA UNK A 3003 -13.86 -23.01 131.38
C UNK A 3003 -12.67 -23.89 131.79
N UNK A 3004 -12.53 -24.11 133.09
CA UNK A 3004 -11.49 -24.97 133.62
C UNK A 3004 -11.72 -26.42 133.21
N UNK A 3005 -12.97 -26.82 133.04
CA UNK A 3005 -13.30 -28.16 132.58
C UNK A 3005 -12.87 -28.35 131.13
N UNK A 3006 -13.11 -27.32 130.32
CA UNK A 3006 -12.67 -27.33 128.92
C UNK A 3006 -11.15 -27.42 128.85
N UNK A 3007 -10.48 -26.63 129.69
CA UNK A 3007 -9.02 -26.62 129.77
C UNK A 3007 -8.47 -27.98 130.25
N UNK A 3008 -9.15 -28.58 131.22
CA UNK A 3008 -8.75 -29.87 131.76
C UNK A 3008 -8.96 -30.97 130.75
N UNK A 3009 -9.99 -30.83 129.91
CA UNK A 3009 -10.23 -31.77 128.83
C UNK A 3009 -9.10 -31.67 127.82
N UNK A 3010 -8.77 -30.44 127.43
CA UNK A 3010 -7.67 -30.18 126.49
C UNK A 3010 -6.32 -30.60 127.05
N UNK A 3011 -6.21 -30.67 128.37
CA UNK A 3011 -4.99 -31.10 129.04
C UNK A 3011 -4.88 -32.62 129.13
N UNK A 3012 -5.85 -33.25 129.77
CA UNK A 3012 -5.83 -34.70 130.01
C UNK A 3012 -6.03 -35.50 128.73
N UNK A 3013 -6.64 -34.89 127.72
CA UNK A 3013 -6.85 -35.58 126.44
C UNK A 3013 -5.60 -35.51 125.58
N UNK A 3014 -4.71 -34.59 125.88
CA UNK A 3014 -3.53 -34.36 125.06
C UNK A 3014 -2.21 -34.45 125.85
N UNK A 3015 -2.24 -35.19 126.96
CA UNK A 3015 -1.02 -35.39 127.74
C UNK A 3015 -0.72 -36.88 127.90
N UNK A 3016 -1.54 -37.57 128.69
CA UNK A 3016 -1.43 -39.01 128.96
C UNK A 3016 -0.08 -39.42 129.55
N UNK A 3017 0.99 -39.27 128.76
CA UNK A 3017 2.33 -39.63 129.20
C UNK A 3017 2.86 -38.69 130.28
N UNK A 3018 2.25 -37.51 130.40
CA UNK A 3018 2.66 -36.53 131.40
C UNK A 3018 2.36 -37.02 132.81
N UNK A 3019 1.36 -37.87 132.95
CA UNK A 3019 1.02 -38.47 134.25
C UNK A 3019 1.58 -39.88 134.32
N UNK A 3020 2.37 -40.26 133.33
CA UNK A 3020 2.96 -41.60 133.27
C UNK A 3020 4.48 -41.53 133.33
N UNK A 3021 5.08 -40.63 132.56
CA UNK A 3021 6.53 -40.46 132.56
C UNK A 3021 6.97 -39.75 133.84
N UNK A 3022 6.43 -38.55 134.07
CA UNK A 3022 6.72 -37.80 135.27
C UNK A 3022 5.91 -38.35 136.44
N UNK A 3023 6.49 -39.33 137.14
CA UNK A 3023 5.82 -39.97 138.26
C UNK A 3023 5.87 -39.11 139.51
N UNK A 3024 4.72 -38.94 140.15
CA UNK A 3024 4.62 -38.15 141.38
C UNK A 3024 3.38 -38.56 142.17
N UNK A 3025 3.50 -38.55 143.49
CA UNK A 3025 2.38 -38.89 144.36
C UNK A 3025 1.31 -37.82 144.28
N UNK A 3026 1.73 -36.58 144.03
CA UNK A 3026 0.82 -35.44 143.92
C UNK A 3026 -0.15 -35.60 142.76
N UNK A 3027 0.35 -36.04 141.60
CA UNK A 3027 -0.46 -36.22 140.41
C UNK A 3027 -1.54 -37.29 140.61
N UNK A 3028 -1.13 -38.44 141.13
CA UNK A 3028 -2.06 -39.54 141.39
C UNK A 3028 -3.07 -39.17 142.46
N UNK A 3029 -2.61 -38.46 143.48
CA UNK A 3029 -3.47 -37.98 144.56
C UNK A 3029 -4.53 -37.03 144.02
N UNK A 3030 -4.11 -36.13 143.14
CA UNK A 3030 -5.02 -35.18 142.51
C UNK A 3030 -6.02 -35.88 141.61
N UNK A 3031 -5.56 -36.90 140.88
CA UNK A 3031 -6.44 -37.68 140.01
C UNK A 3031 -7.53 -38.36 140.82
N UNK A 3032 -7.11 -39.00 141.92
CA UNK A 3032 -8.03 -39.69 142.82
C UNK A 3032 -9.01 -38.70 143.47
N UNK A 3033 -8.51 -37.54 143.88
CA UNK A 3033 -9.35 -36.51 144.51
C UNK A 3033 -10.36 -35.95 143.53
N UNK A 3034 -9.94 -35.75 142.28
CA UNK A 3034 -10.81 -35.26 141.24
C UNK A 3034 -11.90 -36.28 140.93
N UNK A 3035 -11.52 -37.55 140.88
CA UNK A 3035 -12.49 -38.63 140.69
C UNK A 3035 -13.50 -38.68 141.82
N UNK A 3036 -13.01 -38.53 143.05
CA UNK A 3036 -13.87 -38.58 144.24
C UNK A 3036 -14.83 -37.39 144.33
N UNK A 3037 -14.36 -36.21 143.93
CA UNK A 3037 -15.18 -35.00 144.02
C UNK A 3037 -16.04 -34.81 142.77
N UNK A 3038 -15.77 -35.59 141.73
CA UNK A 3038 -16.65 -35.63 140.57
C UNK A 3038 -17.72 -36.69 140.83
N UNK A 3039 -17.36 -37.67 141.67
CA UNK A 3039 -18.32 -38.63 142.16
C UNK A 3039 -19.27 -37.92 143.13
N UNK A 3040 -18.75 -36.89 143.78
CA UNK A 3040 -19.58 -35.99 144.58
C UNK A 3040 -20.42 -35.14 143.64
N UNK A 3041 -21.49 -34.56 144.17
CA UNK A 3041 -22.48 -33.82 143.38
C UNK A 3041 -23.03 -34.67 142.24
N UNK A 3042 -23.25 -35.95 142.53
CA UNK A 3042 -23.76 -36.88 141.55
C UNK A 3042 -25.25 -36.65 141.30
N UNK A 3043 -25.56 -35.63 140.50
CA UNK A 3043 -26.94 -35.30 140.19
C UNK A 3043 -27.02 -34.56 138.87
N UNK A 3044 -28.22 -34.49 138.30
CA UNK A 3044 -28.43 -33.80 137.04
C UNK A 3044 -29.05 -32.43 137.26
N UNK A 3045 -28.21 -31.47 137.67
CA UNK A 3045 -28.67 -30.11 137.93
C UNK A 3045 -28.12 -29.14 136.90
N UNK A 3046 -27.59 -29.68 135.80
CA UNK A 3046 -27.02 -28.86 134.75
C UNK A 3046 -27.25 -29.49 133.38
N UNK A 3047 -26.42 -29.12 132.41
CA UNK A 3047 -26.50 -29.67 131.07
C UNK A 3047 -25.11 -29.98 130.53
N UNK A 3048 -24.21 -30.31 131.45
CA UNK A 3048 -22.83 -30.61 131.08
C UNK A 3048 -22.56 -32.12 131.11
N UNK A 3049 -23.00 -32.81 130.06
CA UNK A 3049 -22.75 -34.24 129.93
C UNK A 3049 -21.36 -34.48 129.35
N UNK A 3050 -20.72 -33.41 128.90
CA UNK A 3050 -19.36 -33.48 128.37
C UNK A 3050 -18.37 -33.50 129.54
N UNK A 3051 -18.81 -33.05 130.70
CA UNK A 3051 -18.01 -33.12 131.91
C UNK A 3051 -17.83 -34.58 132.31
N UNK A 3052 -18.86 -35.38 132.05
CA UNK A 3052 -18.80 -36.82 132.26
C UNK A 3052 -17.75 -37.44 131.33
N UNK A 3053 -17.68 -36.94 130.10
CA UNK A 3053 -16.70 -37.39 129.13
C UNK A 3053 -15.29 -37.02 129.58
N UNK A 3054 -15.16 -35.83 130.16
CA UNK A 3054 -13.88 -35.37 130.70
C UNK A 3054 -13.44 -36.24 131.88
N UNK A 3055 -14.40 -36.61 132.72
CA UNK A 3055 -14.15 -37.50 133.85
C UNK A 3055 -13.73 -38.89 133.37
N UNK A 3056 -14.37 -39.35 132.30
CA UNK A 3056 -14.02 -40.64 131.69
C UNK A 3056 -12.60 -40.60 131.12
N UNK A 3057 -12.25 -39.48 130.49
CA UNK A 3057 -10.91 -39.28 129.95
C UNK A 3057 -9.87 -39.25 131.07
N UNK A 3058 -10.24 -38.65 132.20
CA UNK A 3058 -9.35 -38.59 133.36
C UNK A 3058 -9.18 -39.97 133.99
N UNK A 3059 -10.24 -40.77 133.97
CA UNK A 3059 -10.18 -42.14 134.47
C UNK A 3059 -9.32 -43.01 133.54
N UNK A 3060 -9.36 -42.68 132.25
CA UNK A 3060 -8.49 -43.33 131.27
C UNK A 3060 -7.05 -42.87 131.45
N UNK A 3061 -6.90 -41.67 132.02
CA UNK A 3061 -5.58 -41.12 132.32
C UNK A 3061 -5.05 -41.68 133.64
N UNK A 3062 -5.89 -42.41 134.35
CA UNK A 3062 -5.49 -43.06 135.60
C UNK A 3062 -4.86 -44.42 135.31
N UNK A 3063 -4.91 -44.82 134.04
CA UNK A 3063 -4.34 -46.09 133.60
C UNK A 3063 -3.02 -45.85 132.87
N UNK A 3134 -2.90 -47.09 139.49
CA UNK A 3134 -1.69 -47.85 139.25
C UNK A 3134 -0.92 -48.07 140.54
N UNK A 3135 -0.22 -47.03 141.00
CA UNK A 3135 0.55 -47.11 142.23
C UNK A 3135 -0.37 -47.11 143.45
N UNK A 3136 -0.07 -47.98 144.41
CA UNK A 3136 -0.89 -48.09 145.61
C UNK A 3136 -0.29 -47.28 146.77
N UNK A 3137 -1.07 -46.32 147.26
CA UNK A 3137 -0.64 -45.49 148.39
C UNK A 3137 -1.68 -45.52 149.50
N UNK A 3138 -2.74 -46.30 149.28
CA UNK A 3138 -3.85 -46.47 150.21
C UNK A 3138 -4.48 -45.14 150.61
N UNK A 3139 -4.80 -45.01 151.89
CA UNK A 3139 -5.37 -43.79 152.49
C UNK A 3139 -6.67 -43.35 151.83
N UNK A 3140 -6.82 -42.03 151.68
CA UNK A 3140 -8.04 -41.41 151.19
C UNK A 3140 -8.39 -41.83 149.76
N UNK A 3141 -7.37 -42.01 148.93
CA UNK A 3141 -7.57 -42.41 147.53
C UNK A 3141 -8.24 -43.78 147.43
N UNK A 3142 -7.62 -44.78 148.05
CA UNK A 3142 -8.15 -46.15 148.04
C UNK A 3142 -9.48 -46.21 148.77
N UNK A 3143 -9.62 -45.43 149.84
CA UNK A 3143 -10.86 -45.37 150.61
C UNK A 3143 -12.02 -44.89 149.74
N UNK A 3144 -11.80 -43.78 149.04
CA UNK A 3144 -12.80 -43.20 148.15
C UNK A 3144 -13.10 -44.14 146.99
N UNK A 3145 -12.08 -44.80 146.46
CA UNK A 3145 -12.27 -45.76 145.37
C UNK A 3145 -13.16 -46.92 145.79
N UNK A 3146 -12.83 -47.53 146.92
CA UNK A 3146 -13.60 -48.65 147.45
C UNK A 3146 -15.03 -48.24 147.79
N UNK A 3147 -15.17 -47.06 148.41
CA UNK A 3147 -16.48 -46.55 148.78
C UNK A 3147 -17.35 -46.29 147.56
N UNK A 3148 -16.76 -45.68 146.53
CA UNK A 3148 -17.47 -45.40 145.29
C UNK A 3148 -17.89 -46.68 144.60
N UNK A 3149 -16.99 -47.66 144.53
CA UNK A 3149 -17.29 -48.94 143.92
C UNK A 3149 -18.44 -49.65 144.63
N UNK A 3150 -18.33 -49.75 145.96
CA UNK A 3150 -19.34 -50.41 146.77
C UNK A 3150 -20.70 -49.72 146.67
N UNK A 3151 -20.70 -48.38 146.77
CA UNK A 3151 -21.92 -47.61 146.70
C UNK A 3151 -22.58 -47.70 145.34
N UNK A 3152 -21.80 -47.63 144.27
CA UNK A 3152 -22.32 -47.73 142.92
C UNK A 3152 -22.91 -49.11 142.68
N UNK A 3153 -22.22 -50.15 143.13
CA UNK A 3153 -22.70 -51.52 142.97
C UNK A 3153 -24.00 -51.75 143.76
N UNK A 3154 -24.04 -51.25 144.99
CA UNK A 3154 -25.23 -51.38 145.82
C UNK A 3154 -26.42 -50.62 145.24
N UNK A 3155 -26.15 -49.43 144.70
CA UNK A 3155 -27.19 -48.62 144.07
C UNK A 3155 -27.71 -49.29 142.82
N UNK A 3156 -26.82 -49.89 142.04
CA UNK A 3156 -27.20 -50.63 140.84
C UNK A 3156 -28.08 -51.82 141.20
N UNK A 3157 -27.69 -52.55 142.25
CA UNK A 3157 -28.47 -53.69 142.73
C UNK A 3157 -29.86 -53.25 143.20
N UNK A 3158 -29.91 -52.15 143.94
CA UNK A 3158 -31.17 -51.63 144.45
C UNK A 3158 -32.08 -51.14 143.31
N UNK A 3159 -31.49 -50.54 142.29
CA UNK A 3159 -32.25 -50.06 141.14
C UNK A 3159 -32.76 -51.21 140.30
N UNK A 3160 -31.97 -52.28 140.23
CA UNK A 3160 -32.38 -53.48 139.50
C UNK A 3160 -33.52 -54.19 140.25
N UNK A 3161 -33.45 -54.17 141.57
CA UNK A 3161 -34.49 -54.77 142.40
C UNK A 3161 -35.77 -53.94 142.36
N UNK A 3162 -35.62 -52.62 142.19
CA UNK A 3162 -36.75 -51.71 142.13
C UNK A 3162 -37.51 -51.87 140.81
N UNK A 3163 -36.78 -52.22 139.76
CA UNK A 3163 -37.37 -52.40 138.44
C UNK A 3163 -38.01 -53.78 138.32
N UNK A 3170 -26.25 -39.08 144.35
CA UNK A 3170 -26.70 -40.27 143.63
C UNK A 3170 -27.75 -39.90 142.58
N UNK A 3171 -28.86 -39.31 143.06
CA UNK A 3171 -29.98 -38.88 142.23
C UNK A 3171 -30.53 -40.01 141.35
N UNK A 3172 -30.23 -39.94 140.05
CA UNK A 3172 -30.69 -40.95 139.11
C UNK A 3172 -29.63 -41.26 138.06
N UNK A 3173 -28.50 -41.78 138.50
CA UNK A 3173 -27.40 -42.14 137.60
C UNK A 3173 -27.59 -43.57 137.10
N UNK A 3174 -27.70 -43.73 135.79
CA UNK A 3174 -27.92 -45.04 135.19
C UNK A 3174 -27.04 -45.24 133.95
N UNK A 3175 -27.27 -44.44 132.92
CA UNK A 3175 -26.50 -44.52 131.69
C UNK A 3175 -25.08 -44.00 131.90
N UNK A 3176 -24.97 -42.90 132.63
CA UNK A 3176 -23.68 -42.31 132.95
C UNK A 3176 -22.88 -43.25 133.85
N UNK A 3177 -23.59 -43.91 134.77
CA UNK A 3177 -22.98 -44.89 135.65
C UNK A 3177 -22.42 -46.07 134.86
N UNK A 3178 -23.20 -46.56 133.90
CA UNK A 3178 -22.78 -47.67 133.05
C UNK A 3178 -21.58 -47.28 132.19
N UNK A 3179 -21.61 -46.05 131.67
CA UNK A 3179 -20.51 -45.53 130.86
C UNK A 3179 -19.21 -45.45 131.67
N UNK A 3180 -19.33 -44.91 132.89
CA UNK A 3180 -18.19 -44.79 133.79
C UNK A 3180 -17.67 -46.17 134.18
N UNK A 3181 -18.57 -47.12 134.38
CA UNK A 3181 -18.20 -48.49 134.73
C UNK A 3181 -17.43 -49.15 133.59
N UNK A 3182 -17.92 -48.97 132.36
CA UNK A 3182 -17.26 -49.52 131.18
C UNK A 3182 -15.88 -48.91 130.99
N UNK A 3183 -15.79 -47.60 131.18
CA UNK A 3183 -14.52 -46.88 131.05
C UNK A 3183 -13.51 -47.34 132.10
N UNK A 3184 -13.98 -47.50 133.34
CA UNK A 3184 -13.13 -47.95 134.44
C UNK A 3184 -12.66 -49.38 134.21
N UNK A 3185 -13.54 -50.24 133.71
CA UNK A 3185 -13.20 -51.62 133.42
C UNK A 3185 -12.16 -51.69 132.30
N UNK A 3186 -12.34 -50.87 131.27
CA UNK A 3186 -11.38 -50.81 130.17
C UNK A 3186 -10.01 -50.32 130.65
N UNK A 3187 -10.02 -49.31 131.51
CA UNK A 3187 -8.79 -48.75 132.05
C UNK A 3187 -8.07 -49.74 132.97
N UNK A 3188 -8.85 -50.54 133.69
CA UNK A 3188 -8.28 -51.54 134.59
C UNK A 3188 -7.72 -52.73 133.81
N UNK A 3189 -8.39 -53.10 132.73
CA UNK A 3189 -7.95 -54.21 131.91
C UNK A 3189 -6.77 -53.81 131.03
N UNK A 3190 -6.64 -52.52 130.76
CA UNK A 3190 -5.55 -52.02 129.93
C UNK A 3190 -4.22 -52.06 130.67
N UNK A 3191 -4.27 -51.98 131.99
CA UNK A 3191 -3.07 -51.98 132.82
C UNK A 3191 -2.58 -53.41 133.07
N UNK A 3192 -1.54 -53.54 133.89
CA UNK A 3192 -0.97 -54.84 134.22
C UNK A 3192 -0.47 -54.86 135.66
N UNK A 3193 -1.34 -54.46 136.59
CA UNK A 3193 -0.99 -54.43 138.00
C UNK A 3193 -2.24 -54.58 138.87
N UNK A 3194 -2.03 -54.74 140.17
CA UNK A 3194 -3.13 -54.90 141.12
C UNK A 3194 -3.83 -53.56 141.35
N UNK A 3195 -5.16 -53.60 141.40
CA UNK A 3195 -5.96 -52.38 141.60
C UNK A 3195 -6.20 -52.11 143.08
N UNK A 3196 -7.41 -52.40 143.54
CA UNK A 3196 -7.79 -52.14 144.92
C UNK A 3196 -7.82 -53.43 145.74
N UNK A 3197 -8.24 -54.52 145.09
CA UNK A 3197 -8.35 -55.85 145.70
C UNK A 3197 -9.22 -55.84 146.95
N UNK A 3198 -10.42 -55.26 146.84
CA UNK A 3198 -11.36 -55.23 147.94
C UNK A 3198 -12.11 -56.55 148.04
N UNK A 3199 -12.00 -57.35 146.98
CA UNK A 3199 -12.49 -58.73 146.93
C UNK A 3199 -14.00 -58.89 147.18
N UNK A 3200 -14.41 -58.74 148.43
CA UNK A 3200 -15.78 -59.04 148.85
C UNK A 3200 -16.85 -58.19 148.17
N UNK A 3201 -16.78 -56.88 148.38
CA UNK A 3201 -17.80 -55.95 147.91
C UNK A 3201 -18.04 -56.02 146.40
N UNK A 3202 -16.98 -55.74 145.63
CA UNK A 3202 -17.05 -55.68 144.18
C UNK A 3202 -17.58 -56.97 143.56
N UNK A 3203 -16.88 -58.07 143.82
CA UNK A 3203 -17.24 -59.37 143.25
C UNK A 3203 -18.61 -59.85 143.71
N UNK A 3204 -18.92 -59.70 144.99
CA UNK A 3204 -20.20 -60.13 145.54
C UNK A 3204 -21.38 -59.37 144.92
N UNK A 3205 -21.30 -58.04 144.93
CA UNK A 3205 -22.38 -57.23 144.40
C UNK A 3205 -22.49 -57.39 142.89
N UNK A 3206 -21.36 -57.57 142.20
CA UNK A 3206 -21.38 -57.79 140.76
C UNK A 3206 -22.02 -59.12 140.42
N UNK A 3207 -21.75 -60.15 141.23
CA UNK A 3207 -22.35 -61.46 141.03
C UNK A 3207 -23.86 -61.39 141.27
N UNK A 3208 -24.26 -60.65 142.30
CA UNK A 3208 -25.67 -60.45 142.59
C UNK A 3208 -26.39 -59.75 141.44
N UNK A 3209 -25.78 -58.69 140.93
CA UNK A 3209 -26.34 -57.92 139.81
C UNK A 3209 -26.41 -58.77 138.53
N UNK A 3210 -25.37 -59.57 138.30
CA UNK A 3210 -25.34 -60.44 137.13
C UNK A 3210 -26.41 -61.52 137.22
N UNK A 3211 -26.64 -62.05 138.42
CA UNK A 3211 -27.69 -63.03 138.64
C UNK A 3211 -29.06 -62.40 138.39
N UNK A 3212 -29.25 -61.18 138.89
CA UNK A 3212 -30.51 -60.47 138.71
C UNK A 3212 -30.75 -60.14 137.23
N UNK A 3213 -29.68 -59.88 136.49
CA UNK A 3213 -29.79 -59.58 135.07
C UNK A 3213 -30.04 -60.84 134.23
N UNK A 3214 -29.43 -61.95 134.64
CA UNK A 3214 -29.58 -63.21 133.92
C UNK A 3214 -30.94 -63.84 134.23
N UNK A 3215 -31.53 -63.44 135.35
CA UNK A 3215 -32.87 -63.90 135.70
C UNK A 3215 -33.90 -63.26 134.77
N UNK A 3216 -34.45 -62.13 135.19
CA UNK A 3216 -35.43 -61.39 134.38
C UNK A 3216 -35.53 -59.94 134.86
N UNK A 3217 -34.89 -59.04 134.12
CA UNK A 3217 -34.88 -57.62 134.49
C UNK A 3217 -35.72 -56.79 133.50
N UNK A 3218 -35.05 -56.03 132.66
CA UNK A 3218 -35.72 -55.17 131.69
C UNK A 3218 -35.08 -55.29 130.31
N UNK A 3219 -35.47 -54.39 129.41
CA UNK A 3219 -34.95 -54.39 128.04
C UNK A 3219 -33.74 -53.48 127.92
N UNK A 3220 -32.69 -53.78 128.67
CA UNK A 3220 -31.46 -53.00 128.63
C UNK A 3220 -30.26 -53.88 128.98
N UNK A 3221 -30.05 -54.93 128.18
CA UNK A 3221 -29.00 -55.89 128.46
C UNK A 3221 -27.68 -55.50 127.79
N UNK A 3222 -27.72 -54.47 126.95
CA UNK A 3222 -26.53 -54.05 126.19
C UNK A 3222 -25.40 -53.53 127.08
N UNK A 3223 -25.65 -52.40 127.73
CA UNK A 3223 -24.65 -51.77 128.58
C UNK A 3223 -24.31 -52.64 129.78
N UNK A 3224 -25.31 -53.35 130.30
CA UNK A 3224 -25.12 -54.26 131.41
C UNK A 3224 -24.18 -55.42 131.04
N UNK A 3225 -24.42 -56.02 129.88
CA UNK A 3225 -23.59 -57.11 129.38
C UNK A 3225 -22.18 -56.62 129.09
N UNK A 3226 -22.07 -55.41 128.54
CA UNK A 3226 -20.78 -54.81 128.26
C UNK A 3226 -19.97 -54.57 129.53
N UNK A 3227 -20.64 -54.09 130.58
CA UNK A 3227 -19.99 -53.82 131.85
C UNK A 3227 -19.67 -55.11 132.60
N UNK A 3228 -20.44 -56.16 132.33
CA UNK A 3228 -20.20 -57.46 132.95
C UNK A 3228 -19.03 -58.19 132.28
N UNK A 3229 -18.89 -58.01 130.98
CA UNK A 3229 -17.85 -58.70 130.23
C UNK A 3229 -16.56 -57.90 130.14
N UNK A 3230 -16.63 -56.61 130.43
CA UNK A 3230 -15.45 -55.74 130.37
C UNK A 3230 -14.57 -55.94 131.59
N UNK A 3231 -15.16 -56.44 132.66
CA UNK A 3231 -14.41 -56.72 133.89
C UNK A 3231 -14.03 -58.19 133.98
N UNK A 3232 -13.38 -58.69 132.93
CA UNK A 3232 -12.94 -60.07 132.90
C UNK A 3232 -11.47 -60.14 132.54
N UNK A 3233 -10.62 -59.80 133.52
CA UNK A 3233 -9.18 -59.83 133.33
C UNK A 3233 -8.48 -59.98 134.67
N UNK A 3234 -9.09 -60.79 135.55
CA UNK A 3234 -8.63 -61.01 136.92
C UNK A 3234 -8.48 -59.70 137.68
N UNK A 3235 -9.59 -59.23 138.26
CA UNK A 3235 -9.61 -57.96 138.97
C UNK A 3235 -8.76 -58.01 140.24
N UNK A 3236 -7.52 -57.54 140.10
CA UNK A 3236 -6.54 -57.49 141.19
C UNK A 3236 -6.31 -58.86 141.83
N UNK A 3261 -9.95 -66.73 152.59
CA UNK A 3261 -10.01 -65.73 151.54
C UNK A 3261 -8.97 -66.01 150.46
N UNK A 3262 -7.93 -66.76 150.83
CA UNK A 3262 -6.86 -67.09 149.90
C UNK A 3262 -6.99 -68.54 149.40
N UNK A 3263 -7.72 -68.71 148.30
CA UNK A 3263 -7.91 -70.04 147.71
C UNK A 3263 -8.15 -69.93 146.21
N UNK A 3264 -7.13 -70.27 145.42
CA UNK A 3264 -7.23 -70.20 143.98
C UNK A 3264 -7.26 -71.59 143.35
N UNK A 3265 -7.60 -72.59 144.15
CA UNK A 3265 -7.63 -73.97 143.69
C UNK A 3265 -9.06 -74.47 143.50
N UNK A 3266 -9.78 -74.64 144.60
CA UNK A 3266 -11.12 -75.20 144.57
C UNK A 3266 -12.15 -74.22 144.02
N UNK A 3267 -11.98 -72.94 144.35
CA UNK A 3267 -12.93 -71.91 143.95
C UNK A 3267 -12.98 -71.72 142.44
N UNK A 3268 -11.80 -71.54 141.84
CA UNK A 3268 -11.67 -71.37 140.40
C UNK A 3268 -12.16 -72.60 139.66
N UNK A 3269 -11.83 -73.78 140.19
CA UNK A 3269 -12.24 -75.04 139.60
C UNK A 3269 -13.77 -75.18 139.61
N UNK A 3270 -14.38 -74.89 140.74
CA UNK A 3270 -15.84 -74.97 140.87
C UNK A 3270 -16.53 -73.97 139.96
N UNK A 3271 -16.01 -72.75 139.92
CA UNK A 3271 -16.57 -71.70 139.06
C UNK A 3271 -16.47 -72.08 137.60
N UNK A 3272 -15.32 -72.58 137.17
CA UNK A 3272 -15.10 -72.99 135.79
C UNK A 3272 -16.00 -74.16 135.42
N UNK A 3273 -16.12 -75.14 136.31
CA UNK A 3273 -16.97 -76.30 136.08
C UNK A 3273 -18.43 -75.89 135.92
N UNK A 3274 -18.92 -75.08 136.85
CA UNK A 3274 -20.30 -74.59 136.81
C UNK A 3274 -20.58 -73.79 135.54
N UNK A 3275 -19.68 -72.87 135.22
CA UNK A 3275 -19.83 -72.02 134.04
C UNK A 3275 -19.82 -72.83 132.76
N UNK A 3276 -18.88 -73.76 132.64
CA UNK A 3276 -18.78 -74.59 131.44
C UNK A 3276 -20.00 -75.49 131.28
N UNK A 3277 -20.44 -76.10 132.38
CA UNK A 3277 -21.62 -76.96 132.35
C UNK A 3277 -22.86 -76.17 131.94
N UNK A 3278 -23.06 -75.00 132.53
CA UNK A 3278 -24.21 -74.16 132.20
C UNK A 3278 -24.16 -73.68 130.76
N UNK A 3279 -22.99 -73.26 130.30
CA UNK A 3279 -22.81 -72.77 128.93
C UNK A 3279 -23.09 -73.88 127.92
N UNK A 3280 -22.57 -75.07 128.17
CA UNK A 3280 -22.78 -76.20 127.28
C UNK A 3280 -24.24 -76.64 127.27
N UNK A 3281 -24.88 -76.64 128.45
CA UNK A 3281 -26.27 -77.05 128.55
C UNK A 3281 -27.20 -76.03 127.91
N UNK A 3282 -26.78 -74.78 127.86
CA UNK A 3282 -27.59 -73.72 127.26
C UNK A 3282 -27.35 -73.63 125.75
N UNK A 3283 -26.15 -73.95 125.30
CA UNK A 3283 -25.81 -73.84 123.88
C UNK A 3283 -26.01 -75.15 123.13
N UNK A 3284 -26.31 -76.22 123.86
CA UNK A 3284 -26.55 -77.52 123.23
C UNK A 3284 -27.86 -77.53 122.47
N UNK A 3285 -28.93 -77.10 123.12
CA UNK A 3285 -30.24 -77.05 122.50
C UNK A 3285 -30.56 -75.63 122.01
N UNK A 3286 -30.82 -75.52 120.72
CA UNK A 3286 -31.16 -74.24 120.11
C UNK A 3286 -31.93 -74.44 118.82
N UNK A 3287 -32.76 -73.47 118.47
CA UNK A 3287 -33.56 -73.54 117.25
C UNK A 3287 -33.85 -72.15 116.69
N UNK A 3288 -34.53 -71.33 117.50
CA UNK A 3288 -34.88 -69.97 117.10
C UNK A 3288 -34.94 -69.05 118.31
N UNK A 3289 -33.99 -69.20 119.22
CA UNK A 3289 -33.95 -68.38 120.43
C UNK A 3289 -33.45 -66.97 120.10
N UNK A 3290 -34.38 -66.08 119.75
CA UNK A 3290 -34.03 -64.72 119.40
C UNK A 3290 -34.47 -63.75 120.49
N UNK A 3291 -35.34 -64.22 121.37
CA UNK A 3291 -35.85 -63.39 122.46
C UNK A 3291 -35.10 -63.69 123.76
N UNK A 3292 -33.89 -64.22 123.63
CA UNK A 3292 -33.08 -64.56 124.79
C UNK A 3292 -31.86 -63.65 124.90
N UNK A 3293 -32.05 -62.47 125.49
CA UNK A 3293 -30.96 -61.54 125.71
C UNK A 3293 -30.03 -62.06 126.79
N UNK A 3294 -30.58 -62.86 127.70
CA UNK A 3294 -29.81 -63.50 128.74
C UNK A 3294 -28.78 -64.45 128.13
N UNK A 3295 -29.18 -65.13 127.05
CA UNK A 3295 -28.29 -66.02 126.32
C UNK A 3295 -27.14 -65.25 125.69
N UNK A 3296 -27.44 -64.08 125.13
CA UNK A 3296 -26.41 -63.23 124.52
C UNK A 3296 -25.42 -62.71 125.56
N UNK A 3297 -25.96 -62.28 126.71
CA UNK A 3297 -25.15 -61.80 127.81
C UNK A 3297 -24.24 -62.92 128.34
N UNK A 3298 -24.81 -64.12 128.47
CA UNK A 3298 -24.08 -65.28 128.93
C UNK A 3298 -22.98 -65.67 127.94
N UNK A 3299 -23.28 -65.57 126.65
CA UNK A 3299 -22.30 -65.86 125.61
C UNK A 3299 -21.12 -64.89 125.65
N UNK A 3300 -21.44 -63.60 125.80
CA UNK A 3300 -20.41 -62.57 125.91
C UNK A 3300 -19.54 -62.79 127.13
N UNK A 3301 -20.18 -63.03 128.28
CA UNK A 3301 -19.46 -63.26 129.53
C UNK A 3301 -18.61 -64.52 129.48
N UNK A 3302 -19.11 -65.56 128.82
CA UNK A 3302 -18.40 -66.82 128.69
C UNK A 3302 -17.19 -66.66 127.78
N UNK A 3303 -17.35 -65.93 126.69
CA UNK A 3303 -16.24 -65.64 125.78
C UNK A 3303 -15.16 -64.85 126.52
N UNK A 3304 -15.58 -63.87 127.29
CA UNK A 3304 -14.65 -63.06 128.08
C UNK A 3304 -13.89 -63.90 129.12
N UNK A 3305 -14.62 -64.74 129.85
CA UNK A 3305 -14.04 -65.57 130.90
C UNK A 3305 -13.15 -66.68 130.33
N UNK A 3306 -13.43 -67.09 129.10
CA UNK A 3306 -12.62 -68.11 128.45
C UNK A 3306 -11.36 -67.51 127.85
N UNK A 3307 -11.45 -66.26 127.39
CA UNK A 3307 -10.30 -65.56 126.84
C UNK A 3307 -9.39 -65.06 127.96
N UNK A 3308 -9.96 -64.84 129.13
CA UNK A 3308 -9.17 -64.40 130.29
C UNK A 3308 -8.64 -65.58 131.09
N UNK A 3309 -8.01 -66.53 130.41
CA UNK A 3309 -7.43 -67.70 131.05
C UNK A 3309 -6.32 -68.27 130.19
N UNK A 3310 -6.02 -67.56 129.11
CA UNK A 3310 -4.97 -67.93 128.14
C UNK A 3310 -5.19 -69.33 127.58
N UNK A 3311 -4.10 -70.09 127.45
CA UNK A 3311 -4.18 -71.44 126.90
C UNK A 3311 -3.34 -72.41 127.72
N UNK A 3312 -2.18 -72.78 127.17
CA UNK A 3312 -1.25 -73.73 127.79
C UNK A 3312 -1.92 -75.07 128.12
N UNK A 3313 -2.18 -75.30 129.40
CA UNK A 3313 -2.83 -76.53 129.84
C UNK A 3313 -4.23 -76.24 130.34
N UNK A 3314 -5.18 -77.11 129.96
CA UNK A 3314 -6.61 -77.02 130.31
C UNK A 3314 -7.30 -75.78 129.73
N UNK A 3315 -8.61 -75.93 129.51
CA UNK A 3315 -9.46 -74.90 128.89
C UNK A 3315 -8.93 -74.45 127.53
N UNK A 3316 -8.28 -75.37 126.81
CA UNK A 3316 -7.76 -75.09 125.48
C UNK A 3316 -8.63 -75.77 124.43
N UNK A 3317 -9.01 -77.01 124.71
CA UNK A 3317 -9.96 -77.73 123.87
C UNK A 3317 -11.36 -77.21 124.18
N UNK A 3318 -11.54 -76.74 125.41
CA UNK A 3318 -12.79 -76.15 125.83
C UNK A 3318 -13.05 -74.84 125.07
N UNK A 3319 -11.98 -74.11 124.80
CA UNK A 3319 -12.06 -72.88 124.01
C UNK A 3319 -12.52 -73.18 122.59
N UNK A 3320 -11.96 -74.25 122.02
CA UNK A 3320 -12.34 -74.70 120.68
C UNK A 3320 -13.80 -75.14 120.66
N UNK A 3321 -14.22 -75.83 121.71
CA UNK A 3321 -15.60 -76.29 121.85
C UNK A 3321 -16.56 -75.10 121.94
N UNK A 3322 -16.17 -74.09 122.70
CA UNK A 3322 -16.98 -72.87 122.84
C UNK A 3322 -17.06 -72.12 121.51
N UNK A 3323 -15.95 -72.08 120.77
CA UNK A 3323 -15.92 -71.45 119.46
C UNK A 3323 -16.85 -72.18 118.49
N UNK A 3324 -16.81 -73.51 118.53
CA UNK A 3324 -17.68 -74.33 117.68
C UNK A 3324 -19.15 -74.12 118.05
N UNK A 3325 -19.42 -74.01 119.35
CA UNK A 3325 -20.77 -73.76 119.84
C UNK A 3325 -21.28 -72.40 119.36
N UNK A 3326 -20.41 -71.40 119.41
CA UNK A 3326 -20.75 -70.06 118.94
C UNK A 3326 -21.00 -70.05 117.43
N UNK A 3327 -20.20 -70.81 116.70
CA UNK A 3327 -20.35 -70.92 115.26
C UNK A 3327 -21.65 -71.64 114.89
N UNK A 3328 -22.04 -72.59 115.72
CA UNK A 3328 -23.29 -73.32 115.50
C UNK A 3328 -24.50 -72.47 115.85
N UNK A 3329 -24.38 -71.66 116.90
CA UNK A 3329 -25.46 -70.78 117.33
C UNK A 3329 -25.58 -69.55 116.44
N UNK A 3330 -24.51 -69.24 115.70
CA UNK A 3330 -24.53 -68.12 114.78
C UNK A 3330 -24.88 -68.58 113.38
N UNK A 3331 -25.40 -69.79 113.27
CA UNK A 3331 -25.82 -70.34 111.99
C UNK A 3331 -27.32 -70.17 111.79
N UNK A 3332 -27.94 -69.38 112.68
CA UNK A 3332 -29.37 -69.11 112.58
C UNK A 3332 -29.65 -68.04 111.54
N UNK A 3333 -30.89 -67.98 111.07
CA UNK A 3333 -31.28 -67.00 110.07
C UNK A 3333 -31.75 -65.71 110.72
N UNK A 3334 -32.17 -65.82 111.99
CA UNK A 3334 -32.65 -64.69 112.79
C UNK A 3334 -33.81 -63.96 112.12
N UNK A 3335 -34.76 -64.72 111.60
CA UNK A 3335 -35.96 -64.20 110.92
C UNK A 3335 -35.61 -63.26 109.77
N UNK A 3336 -36.10 -62.03 109.84
CA UNK A 3336 -35.85 -61.04 108.80
C UNK A 3336 -35.75 -59.63 109.40
N UNK A 3337 -36.72 -59.27 110.22
CA UNK A 3337 -36.74 -57.95 110.84
C UNK A 3337 -36.22 -58.00 112.27
N UNK A 3338 -35.59 -59.12 112.63
CA UNK A 3338 -35.03 -59.30 113.96
C UNK A 3338 -33.51 -59.16 113.94
N UNK A 3339 -33.03 -58.03 113.45
CA UNK A 3339 -31.60 -57.77 113.35
C UNK A 3339 -31.28 -56.34 113.75
N UNK A 3340 -30.75 -56.17 114.97
CA UNK A 3340 -30.39 -54.85 115.47
C UNK A 3340 -29.26 -54.94 116.49
N UNK A 3341 -29.62 -55.26 117.73
CA UNK A 3341 -28.64 -55.38 118.80
C UNK A 3341 -28.29 -56.84 119.07
N UNK A 3342 -28.85 -57.73 118.25
CA UNK A 3342 -28.61 -59.16 118.40
C UNK A 3342 -27.79 -59.71 117.23
N UNK A 3343 -26.75 -58.97 116.84
CA UNK A 3343 -25.90 -59.38 115.73
C UNK A 3343 -24.50 -58.79 115.84
N UNK A 3344 -24.42 -57.46 115.87
CA UNK A 3344 -23.13 -56.77 115.88
C UNK A 3344 -22.41 -56.92 117.22
N UNK A 3345 -23.19 -56.92 118.30
CA UNK A 3345 -22.63 -56.98 119.65
C UNK A 3345 -21.90 -58.31 119.91
N UNK A 3346 -22.48 -59.40 119.42
CA UNK A 3346 -21.89 -60.72 119.63
C UNK A 3346 -20.73 -60.97 118.66
N UNK A 3347 -20.78 -60.31 117.50
CA UNK A 3347 -19.75 -60.46 116.49
C UNK A 3347 -18.53 -59.59 116.80
N UNK A 3348 -18.73 -58.58 117.64
CA UNK A 3348 -17.64 -57.72 118.05
C UNK A 3348 -16.68 -58.44 118.99
N UNK A 3349 -17.18 -59.48 119.66
CA UNK A 3349 -16.37 -60.27 120.57
C UNK A 3349 -15.50 -61.26 119.81
N UNK A 3350 -14.47 -60.74 119.14
CA UNK A 3350 -13.57 -61.57 118.35
C UNK A 3350 -12.14 -61.49 118.88
N UNK A 3351 -12.01 -61.50 120.20
CA UNK A 3351 -10.70 -61.48 120.84
C UNK A 3351 -10.04 -62.85 120.69
N UNK A 3352 -10.87 -63.88 120.59
CA UNK A 3352 -10.39 -65.25 120.40
C UNK A 3352 -11.19 -65.93 119.29
N UNK A 3353 -11.33 -65.25 118.17
CA UNK A 3353 -12.06 -65.78 117.02
C UNK A 3353 -11.25 -66.87 116.33
N UNK A 3354 -9.93 -66.76 116.41
CA UNK A 3354 -9.03 -67.74 115.81
C UNK A 3354 -8.62 -68.79 116.84
N UNK A 3355 -7.37 -69.23 116.76
CA UNK A 3355 -6.78 -70.23 117.66
C UNK A 3355 -7.59 -71.52 117.69
N UNK A 3356 -7.95 -72.02 116.50
CA UNK A 3356 -8.74 -73.24 116.40
C UNK A 3356 -7.84 -74.44 116.09
N UNK A 3357 -8.40 -75.44 115.41
CA UNK A 3357 -7.67 -76.65 115.07
C UNK A 3357 -7.81 -76.99 113.59
N UNK A 3358 -7.75 -78.27 113.27
CA UNK A 3358 -7.84 -78.74 111.90
C UNK A 3358 -9.24 -79.24 111.58
N UNK A 3359 -9.81 -80.03 112.50
CA UNK A 3359 -11.16 -80.56 112.33
C UNK A 3359 -12.17 -79.43 112.51
N UNK A 3360 -11.87 -78.53 113.43
CA UNK A 3360 -12.70 -77.35 113.65
C UNK A 3360 -12.68 -76.46 112.42
N UNK A 3361 -11.51 -76.41 111.77
CA UNK A 3361 -11.37 -75.67 110.51
C UNK A 3361 -12.24 -76.29 109.43
N UNK A 3362 -12.29 -77.62 109.40
CA UNK A 3362 -13.13 -78.34 108.42
C UNK A 3362 -14.60 -78.07 108.67
N UNK A 3363 -15.00 -78.07 109.93
CA UNK A 3363 -16.38 -77.78 110.32
C UNK A 3363 -16.76 -76.35 109.94
N UNK A 3364 -15.85 -75.42 110.19
CA UNK A 3364 -16.07 -74.02 109.85
C UNK A 3364 -16.16 -73.84 108.34
N UNK A 3365 -15.34 -74.57 107.59
CA UNK A 3365 -15.37 -74.53 106.14
C UNK A 3365 -16.69 -75.06 105.61
N UNK A 3366 -17.17 -76.16 106.18
CA UNK A 3366 -18.45 -76.74 105.79
C UNK A 3366 -19.61 -75.77 106.07
N UNK A 3367 -19.58 -75.17 107.26
CA UNK A 3367 -20.60 -74.21 107.65
C UNK A 3367 -20.59 -72.98 106.74
N UNK A 3368 -19.40 -72.49 106.41
CA UNK A 3368 -19.24 -71.34 105.54
C UNK A 3368 -19.72 -71.67 104.13
N UNK A 3369 -19.44 -72.88 103.67
CA UNK A 3369 -19.88 -73.32 102.35
C UNK A 3369 -21.40 -73.37 102.29
N UNK A 3370 -22.01 -73.95 103.32
CA UNK A 3370 -23.47 -74.03 103.41
C UNK A 3370 -24.11 -72.64 103.44
N UNK A 3371 -23.55 -71.75 104.26
CA UNK A 3371 -24.05 -70.39 104.39
C UNK A 3371 -23.91 -69.61 103.09
N UNK A 3372 -22.77 -69.75 102.42
CA UNK A 3372 -22.52 -69.07 101.16
C UNK A 3372 -23.45 -69.59 100.07
N UNK A 3373 -23.68 -70.90 100.05
CA UNK A 3373 -24.58 -71.50 99.08
C UNK A 3373 -26.00 -71.00 99.28
N UNK A 3374 -26.45 -70.98 100.53
CA UNK A 3374 -27.78 -70.48 100.86
C UNK A 3374 -27.95 -69.01 100.49
N UNK A 3375 -26.95 -68.21 100.83
CA UNK A 3375 -26.96 -66.77 100.53
C UNK A 3375 -26.98 -66.52 99.02
N UNK A 3376 -26.15 -67.24 98.28
CA UNK A 3376 -26.08 -67.10 96.83
C UNK A 3376 -27.39 -67.50 96.18
N UNK A 3377 -27.98 -68.62 96.63
CA UNK A 3377 -29.25 -69.09 96.11
C UNK A 3377 -30.36 -68.09 96.36
N UNK A 3378 -30.45 -67.59 97.60
CA UNK A 3378 -31.47 -66.61 97.98
C UNK A 3378 -31.32 -65.32 97.19
N UNK A 3379 -30.08 -64.84 97.07
CA UNK A 3379 -29.79 -63.60 96.34
C UNK A 3379 -30.12 -63.73 94.86
N UNK A 3380 -29.72 -64.84 94.24
CA UNK A 3380 -29.99 -65.07 92.83
C UNK A 3380 -31.49 -65.18 92.58
N UNK A 3381 -32.20 -65.89 93.46
CA UNK A 3381 -33.64 -66.03 93.34
C UNK A 3381 -34.34 -64.67 93.46
N UNK A 3382 -33.97 -63.89 94.47
CA UNK A 3382 -34.56 -62.57 94.69
C UNK A 3382 -34.28 -61.63 93.53
N UNK A 3383 -33.05 -61.66 93.01
CA UNK A 3383 -32.66 -60.83 91.88
C UNK A 3383 -33.46 -61.19 90.63
N UNK A 3384 -33.46 -62.47 90.28
CA UNK A 3384 -34.15 -62.94 89.08
C UNK A 3384 -35.67 -62.83 89.21
N UNK A 3385 -36.17 -62.71 90.43
CA UNK A 3385 -37.60 -62.53 90.64
C UNK A 3385 -38.03 -61.07 90.56
N UNK A 3386 -37.29 -60.19 91.22
CA UNK A 3386 -37.68 -58.80 91.32
C UNK A 3386 -37.07 -57.93 90.22
N UNK A 3387 -35.75 -57.92 90.11
CA UNK A 3387 -35.06 -56.97 89.23
C UNK A 3387 -35.00 -57.44 87.77
N UNK A 3388 -34.94 -58.75 87.56
CA UNK A 3388 -34.82 -59.29 86.21
C UNK A 3388 -36.17 -59.64 85.61
N UNK A 3389 -37.20 -58.87 85.96
CA UNK A 3389 -38.54 -59.09 85.43
C UNK A 3389 -38.97 -57.89 84.59
N UNK A 3390 -38.46 -56.70 84.93
CA UNK A 3390 -38.76 -55.45 84.23
C UNK A 3390 -40.25 -55.16 84.15
N UNK A 3391 -40.81 -55.33 82.95
CA UNK A 3391 -42.24 -55.12 82.68
C UNK A 3391 -42.71 -53.72 83.07
N UNK A 3392 -43.81 -53.64 83.81
CA UNK A 3392 -44.35 -52.37 84.28
C UNK A 3392 -44.69 -52.46 85.76
N UNK A 3393 -43.67 -52.62 86.59
CA UNK A 3393 -43.86 -52.74 88.03
C UNK A 3393 -42.62 -52.27 88.79
N UNK A 3394 -42.67 -52.36 90.11
CA UNK A 3394 -41.55 -51.95 90.95
C UNK A 3394 -40.45 -53.01 90.94
N UNK A 3395 -39.33 -52.70 91.58
CA UNK A 3395 -38.20 -53.62 91.59
C UNK A 3395 -37.38 -53.49 92.89
N UNK A 3396 -37.65 -52.46 93.68
CA UNK A 3396 -36.91 -52.23 94.90
C UNK A 3396 -37.73 -51.50 95.96
N UNK A 3397 -38.09 -50.26 95.67
CA UNK A 3397 -38.77 -49.39 96.64
C UNK A 3397 -40.12 -49.94 97.07
N UNK A 3398 -40.81 -50.61 96.16
CA UNK A 3398 -42.10 -51.22 96.47
C UNK A 3398 -42.06 -52.71 96.17
N UNK A 3399 -40.86 -53.29 96.19
CA UNK A 3399 -40.69 -54.71 95.91
C UNK A 3399 -39.67 -55.35 96.86
N UNK A 3400 -38.49 -55.66 96.34
CA UNK A 3400 -37.47 -56.36 97.12
C UNK A 3400 -36.18 -55.55 97.24
N UNK A 3401 -36.09 -54.72 98.28
CA UNK A 3401 -34.88 -53.97 98.56
C UNK A 3401 -34.48 -54.18 100.02
N UNK A 3402 -35.35 -54.82 100.78
CA UNK A 3402 -35.07 -55.14 102.17
C UNK A 3402 -34.36 -56.48 102.28
N UNK A 3403 -34.67 -57.37 101.32
CA UNK A 3403 -34.03 -58.68 101.26
C UNK A 3403 -32.55 -58.51 100.96
N UNK A 3404 -32.23 -57.63 100.02
CA UNK A 3404 -30.86 -57.33 99.67
C UNK A 3404 -30.12 -56.71 100.85
N UNK A 3405 -30.81 -55.87 101.61
CA UNK A 3405 -30.20 -55.23 102.78
C UNK A 3405 -29.92 -56.23 103.89
N UNK A 3406 -30.86 -57.15 104.13
CA UNK A 3406 -30.69 -58.20 105.13
C UNK A 3406 -29.55 -59.14 104.74
N UNK A 3407 -29.52 -59.50 103.46
CA UNK A 3407 -28.47 -60.35 102.92
C UNK A 3407 -27.12 -59.64 103.04
N UNK A 3408 -27.10 -58.34 102.79
CA UNK A 3408 -25.87 -57.55 102.88
C UNK A 3408 -25.37 -57.46 104.32
N UNK A 3409 -26.28 -57.28 105.27
CA UNK A 3409 -25.91 -57.22 106.68
C UNK A 3409 -25.36 -58.55 107.17
N UNK A 3410 -26.09 -59.63 106.86
CA UNK A 3410 -25.67 -60.98 107.24
C UNK A 3410 -24.36 -61.35 106.57
N UNK A 3411 -24.20 -60.94 105.31
CA UNK A 3411 -23.00 -61.22 104.55
C UNK A 3411 -21.83 -60.42 105.09
N UNK A 3412 -22.07 -59.19 105.53
CA UNK A 3412 -21.03 -58.36 106.11
C UNK A 3412 -20.53 -58.98 107.42
N UNK A 3413 -21.47 -59.42 108.26
CA UNK A 3413 -21.12 -60.07 109.52
C UNK A 3413 -20.33 -61.37 109.28
N UNK A 3414 -20.92 -62.27 108.51
CA UNK A 3414 -20.31 -63.56 108.19
C UNK A 3414 -19.02 -63.40 107.40
N UNK A 3415 -18.89 -62.29 106.66
CA UNK A 3415 -17.72 -62.04 105.83
C UNK A 3415 -16.60 -61.50 106.69
N UNK A 3416 -16.92 -60.68 107.68
CA UNK A 3416 -15.93 -60.24 108.66
C UNK A 3416 -15.39 -61.48 109.37
N UNK A 3417 -16.31 -62.33 109.80
CA UNK A 3417 -15.96 -63.59 110.46
C UNK A 3417 -15.07 -64.49 109.60
N UNK A 3418 -15.49 -64.71 108.36
CA UNK A 3418 -14.79 -65.60 107.44
C UNK A 3418 -13.49 -65.00 106.95
N UNK A 3419 -13.40 -63.68 106.87
CA UNK A 3419 -12.18 -63.00 106.48
C UNK A 3419 -11.16 -63.15 107.59
N UNK A 3420 -11.61 -63.03 108.84
CA UNK A 3420 -10.74 -63.27 109.99
C UNK A 3420 -10.25 -64.73 109.98
N UNK A 3421 -11.19 -65.65 109.77
CA UNK A 3421 -10.87 -67.08 109.73
C UNK A 3421 -9.89 -67.43 108.60
N UNK A 3422 -10.08 -66.85 107.43
CA UNK A 3422 -9.24 -67.13 106.28
C UNK A 3422 -7.88 -66.45 106.41
N UNK A 3423 -7.84 -65.28 107.03
CA UNK A 3423 -6.58 -64.59 107.27
C UNK A 3423 -5.79 -65.31 108.37
N UNK A 3424 -6.50 -66.11 109.15
CA UNK A 3424 -5.84 -67.00 110.10
C UNK A 3424 -5.33 -68.27 109.41
N UNK A 3425 -6.13 -68.82 108.52
CA UNK A 3425 -5.88 -70.16 107.96
C UNK A 3425 -5.12 -70.23 106.63
N UNK A 3426 -4.94 -69.11 105.94
CA UNK A 3426 -4.38 -69.11 104.59
C UNK A 3426 -2.93 -69.58 104.55
N UNK A 3427 -2.18 -69.34 105.62
CA UNK A 3427 -0.78 -69.75 105.68
C UNK A 3427 -0.64 -71.27 105.69
N UNK A 3428 -1.64 -71.94 106.27
CA UNK A 3428 -1.65 -73.39 106.34
C UNK A 3428 -2.34 -73.99 105.12
N UNK A 3429 -3.30 -73.27 104.56
CA UNK A 3429 -3.99 -73.72 103.35
C UNK A 3429 -3.31 -73.16 102.10
N UNK A 3430 -2.06 -72.71 102.27
CA UNK A 3430 -1.33 -72.06 101.20
C UNK A 3430 -0.11 -72.85 100.72
N UNK A 3431 0.86 -73.04 101.62
CA UNK A 3431 2.13 -73.62 101.26
C UNK A 3431 2.14 -75.15 101.39
N UNK A 3432 1.38 -75.68 102.34
CA UNK A 3432 1.34 -77.11 102.61
C UNK A 3432 0.77 -77.89 101.43
N UNK A 3433 -0.48 -77.62 101.10
CA UNK A 3433 -1.15 -78.29 100.00
C UNK A 3433 -2.33 -77.48 99.47
N UNK A 3434 -3.00 -77.99 98.46
CA UNK A 3434 -4.20 -77.36 97.92
C UNK A 3434 -5.44 -77.99 98.54
N UNK A 3435 -5.96 -77.35 99.58
CA UNK A 3435 -7.09 -77.88 100.33
C UNK A 3435 -8.41 -77.68 99.58
N UNK A 3436 -9.52 -77.89 100.30
CA UNK A 3436 -10.85 -77.73 99.72
C UNK A 3436 -11.36 -76.30 99.89
N UNK A 3437 -10.53 -75.46 100.51
CA UNK A 3437 -10.89 -74.07 100.78
C UNK A 3437 -11.21 -73.29 99.51
N UNK A 3438 -10.59 -73.69 98.41
CA UNK A 3438 -10.82 -73.10 97.09
C UNK A 3438 -12.29 -73.18 96.71
N UNK A 3439 -12.97 -74.24 97.15
CA UNK A 3439 -14.41 -74.40 96.97
C UNK A 3439 -15.14 -73.19 97.53
N UNK A 3440 -14.80 -72.81 98.76
CA UNK A 3440 -15.34 -71.62 99.39
C UNK A 3440 -15.00 -70.39 98.55
N UNK A 3441 -13.78 -70.39 98.02
CA UNK A 3441 -13.32 -69.31 97.13
C UNK A 3441 -14.23 -69.24 95.91
N UNK A 3442 -14.62 -70.42 95.41
CA UNK A 3442 -15.57 -70.52 94.31
C UNK A 3442 -16.87 -69.82 94.68
N UNK A 3443 -17.33 -70.08 95.90
CA UNK A 3443 -18.52 -69.44 96.45
C UNK A 3443 -18.33 -67.93 96.47
N UNK A 3444 -17.12 -67.51 96.83
CA UNK A 3444 -16.77 -66.09 96.88
C UNK A 3444 -16.89 -65.49 95.48
N UNK A 3445 -16.54 -66.29 94.47
CA UNK A 3445 -16.69 -65.86 93.08
C UNK A 3445 -18.15 -65.55 92.81
N UNK A 3446 -19.03 -66.45 93.26
CA UNK A 3446 -20.47 -66.24 93.15
C UNK A 3446 -20.86 -65.01 93.95
N UNK A 3447 -20.20 -64.82 95.10
CA UNK A 3447 -20.43 -63.66 95.94
C UNK A 3447 -20.00 -62.40 95.20
N UNK A 3448 -18.96 -62.54 94.37
CA UNK A 3448 -18.50 -61.43 93.54
C UNK A 3448 -19.62 -61.03 92.57
N UNK A 3449 -20.34 -62.03 92.09
CA UNK A 3449 -21.45 -61.80 91.17
C UNK A 3449 -22.63 -61.14 91.87
N UNK A 3450 -22.59 -61.08 93.20
CA UNK A 3450 -23.59 -60.35 93.97
C UNK A 3450 -22.91 -59.27 94.79
N UNK A 3451 -21.70 -58.91 94.38
CA UNK A 3451 -20.95 -57.85 95.06
C UNK A 3451 -21.01 -56.55 94.27
N UNK A 3452 -21.00 -56.67 92.94
CA UNK A 3452 -21.04 -55.50 92.07
C UNK A 3452 -21.66 -55.81 90.71
N UNK A 3453 -21.63 -57.09 90.34
CA UNK A 3453 -22.15 -57.53 89.05
C UNK A 3453 -23.67 -57.41 88.99
N UNK A 3454 -24.31 -57.48 90.14
CA UNK A 3454 -25.76 -57.34 90.24
C UNK A 3454 -26.19 -55.93 89.86
N UNK A 3455 -27.21 -55.84 89.01
CA UNK A 3455 -27.67 -54.54 88.51
C UNK A 3455 -28.38 -53.72 89.60
N UNK A 3456 -27.81 -52.56 89.90
CA UNK A 3456 -28.35 -51.60 90.86
C UNK A 3456 -28.58 -52.18 92.26
N UNK A 3457 -27.82 -53.21 92.61
CA UNK A 3457 -27.88 -53.79 93.95
C UNK A 3457 -26.70 -53.29 94.76
N UNK A 3458 -25.65 -52.87 94.06
CA UNK A 3458 -24.49 -52.26 94.69
C UNK A 3458 -24.89 -50.93 95.31
N UNK A 3459 -25.79 -50.22 94.64
CA UNK A 3459 -26.34 -48.97 95.16
C UNK A 3459 -27.13 -49.22 96.43
N UNK A 3460 -27.90 -50.31 96.45
CA UNK A 3460 -28.67 -50.69 97.62
C UNK A 3460 -27.75 -51.06 98.78
N UNK A 3461 -26.67 -51.76 98.47
CA UNK A 3461 -25.66 -52.14 99.46
C UNK A 3461 -24.99 -50.90 100.05
N UNK A 3462 -24.67 -49.94 99.18
CA UNK A 3462 -24.06 -48.69 99.61
C UNK A 3462 -25.02 -47.89 100.50
N UNK A 3463 -26.29 -47.89 100.14
CA UNK A 3463 -27.31 -47.21 100.93
C UNK A 3463 -27.47 -47.86 102.31
N UNK A 3464 -27.42 -49.19 102.34
CA UNK A 3464 -27.52 -49.94 103.58
C UNK A 3464 -26.30 -49.70 104.47
N UNK A 3465 -25.14 -49.56 103.84
CA UNK A 3465 -23.90 -49.27 104.57
C UNK A 3465 -23.91 -47.86 105.13
N UNK A 3466 -24.47 -46.93 104.36
CA UNK A 3466 -24.58 -45.54 104.79
C UNK A 3466 -25.61 -45.41 105.91
N UNK A 3467 -26.62 -46.27 105.89
CA UNK A 3467 -27.63 -46.30 106.94
C UNK A 3467 -27.07 -46.91 108.21
N UNK A 3468 -26.04 -47.73 108.05
CA UNK A 3468 -25.39 -48.38 109.20
C UNK A 3468 -24.25 -47.51 109.73
N UNK A 3511 -16.01 -45.02 100.29
CA UNK A 3511 -15.51 -46.08 101.16
C UNK A 3511 -15.77 -47.45 100.54
N UNK A 3512 -14.69 -48.13 100.15
CA UNK A 3512 -14.79 -49.44 99.53
C UNK A 3512 -14.02 -50.48 100.32
N UNK A 3513 -14.50 -50.79 101.52
CA UNK A 3513 -13.89 -51.80 102.36
C UNK A 3513 -14.95 -52.79 102.83
N UNK A 3514 -15.29 -53.75 101.96
CA UNK A 3514 -16.35 -54.70 102.27
C UNK A 3514 -16.03 -56.09 101.72
N UNK A 3515 -16.73 -56.49 100.66
CA UNK A 3515 -16.55 -57.80 100.06
C UNK A 3515 -15.37 -57.80 99.09
N UNK A 3516 -14.79 -56.62 98.86
CA UNK A 3516 -13.68 -56.48 97.92
C UNK A 3516 -12.40 -57.13 98.43
N UNK A 3517 -12.05 -56.86 99.68
CA UNK A 3517 -10.83 -57.42 100.28
C UNK A 3517 -10.94 -58.94 100.44
N UNK A 3518 -12.10 -59.39 100.89
CA UNK A 3518 -12.39 -60.82 101.03
C UNK A 3518 -12.34 -61.50 99.67
N UNK A 3519 -12.90 -60.82 98.67
CA UNK A 3519 -12.90 -61.32 97.30
C UNK A 3519 -11.48 -61.47 96.78
N UNK A 3520 -10.63 -60.50 97.07
CA UNK A 3520 -9.22 -60.55 96.68
C UNK A 3520 -8.47 -61.71 97.36
N UNK A 3521 -8.75 -61.88 98.66
CA UNK A 3521 -8.14 -62.97 99.43
C UNK A 3521 -8.51 -64.33 98.84
N UNK A 3522 -9.80 -64.52 98.60
CA UNK A 3522 -10.28 -65.78 98.00
C UNK A 3522 -9.80 -65.95 96.55
N UNK A 3523 -9.61 -64.83 95.85
CA UNK A 3523 -9.05 -64.83 94.51
C UNK A 3523 -7.65 -65.44 94.54
N UNK A 3524 -6.83 -64.95 95.47
CA UNK A 3524 -5.49 -65.51 95.68
C UNK A 3524 -5.51 -66.99 96.07
N UNK A 3525 -6.45 -67.34 96.94
CA UNK A 3525 -6.55 -68.70 97.46
C UNK A 3525 -7.01 -69.70 96.40
N UNK A 3526 -7.61 -69.20 95.33
CA UNK A 3526 -7.96 -70.04 94.17
C UNK A 3526 -7.16 -69.69 92.91
N UNK A 3527 -6.15 -68.85 93.12
CA UNK A 3527 -5.20 -68.47 92.07
C UNK A 3527 -3.80 -69.08 92.24
N UNK A 3528 -3.48 -69.53 93.46
CA UNK A 3528 -2.24 -70.31 93.59
C UNK A 3528 -2.41 -71.66 92.89
N UNK A 3529 -3.65 -72.14 92.90
CA UNK A 3529 -4.00 -73.34 92.18
C UNK A 3529 -4.87 -72.99 90.97
N UNK A 3530 -4.29 -72.22 90.06
CA UNK A 3530 -4.97 -71.88 88.81
C UNK A 3530 -4.83 -73.02 87.81
N UNK A 3531 -3.82 -72.93 86.96
CA UNK A 3531 -3.54 -73.97 85.99
C UNK A 3531 -2.03 -74.19 85.86
N UNK A 3532 -1.30 -73.82 86.93
CA UNK A 3532 0.15 -73.98 87.03
C UNK A 3532 0.88 -73.32 85.85
N UNK A 3533 0.60 -72.03 85.62
CA UNK A 3533 1.16 -71.25 84.52
C UNK A 3533 0.91 -71.89 83.16
N UNK A 3534 1.71 -71.51 82.17
CA UNK A 3534 1.70 -72.07 80.81
C UNK A 3534 0.39 -71.89 80.01
N UNK A 3535 -0.72 -71.58 80.69
CA UNK A 3535 -1.99 -71.41 80.01
C UNK A 3535 -2.06 -70.05 79.32
N UNK A 3536 -2.10 -68.99 80.13
CA UNK A 3536 -2.17 -67.60 79.65
C UNK A 3536 -3.36 -67.36 78.73
N UNK A 3537 -4.48 -68.02 79.01
CA UNK A 3537 -5.68 -67.87 78.21
C UNK A 3537 -6.52 -66.69 78.70
N UNK A 3538 -6.00 -65.49 78.48
CA UNK A 3538 -6.71 -64.27 78.88
C UNK A 3538 -7.67 -63.83 77.78
N UNK A 3539 -7.69 -64.57 76.68
CA UNK A 3539 -8.61 -64.29 75.58
C UNK A 3539 -10.04 -64.59 76.02
N UNK A 3540 -10.19 -65.63 76.84
CA UNK A 3540 -11.47 -66.02 77.40
C UNK A 3540 -12.03 -64.92 78.30
N UNK A 3541 -11.17 -64.36 79.13
CA UNK A 3541 -11.56 -63.31 80.07
C UNK A 3541 -12.00 -62.04 79.33
N UNK A 3542 -11.18 -61.60 78.38
CA UNK A 3542 -11.49 -60.42 77.58
C UNK A 3542 -12.75 -60.64 76.77
N UNK A 3543 -12.94 -61.86 76.27
CA UNK A 3543 -14.14 -62.21 75.52
C UNK A 3543 -15.38 -62.11 76.39
N UNK A 3544 -15.41 -62.87 77.48
CA UNK A 3544 -16.58 -62.94 78.35
C UNK A 3544 -16.76 -61.69 79.21
N UNK A 3545 -15.85 -60.72 79.09
CA UNK A 3545 -16.03 -59.44 79.76
C UNK A 3545 -16.44 -58.32 78.80
N UNK A 3546 -15.96 -58.37 77.56
CA UNK A 3546 -16.21 -57.29 76.60
C UNK A 3546 -17.23 -57.67 75.53
N UNK A 3547 -17.52 -58.97 75.42
CA UNK A 3547 -18.49 -59.45 74.43
C UNK A 3547 -19.17 -60.72 74.92
N UNK A 3548 -20.33 -60.56 75.55
CA UNK A 3548 -21.06 -61.66 76.18
C UNK A 3548 -21.37 -62.81 75.22
N UNK A 3549 -20.75 -63.96 75.49
CA UNK A 3549 -20.92 -65.13 74.63
C UNK A 3549 -21.40 -66.35 75.41
N UNK A 3550 -22.12 -66.10 76.50
CA UNK A 3550 -22.69 -67.11 77.40
C UNK A 3550 -21.61 -67.95 78.11
N UNK A 3551 -21.59 -67.87 79.43
CA UNK A 3551 -20.54 -68.45 80.28
C UNK A 3551 -20.20 -69.92 80.00
N UNK A 3552 -21.20 -70.79 80.02
CA UNK A 3552 -21.01 -72.20 79.72
C UNK A 3552 -20.55 -72.38 78.27
N UNK A 3553 -21.19 -71.64 77.37
CA UNK A 3553 -20.87 -71.68 75.96
C UNK A 3553 -19.49 -71.10 75.70
N UNK A 3554 -19.15 -70.01 76.37
CA UNK A 3554 -17.83 -69.40 76.26
C UNK A 3554 -16.77 -70.40 76.69
N UNK A 3555 -16.99 -71.01 77.86
CA UNK A 3555 -16.12 -72.05 78.38
C UNK A 3555 -15.88 -73.15 77.36
N UNK A 3556 -16.96 -73.85 76.99
CA UNK A 3556 -16.89 -74.98 76.05
C UNK A 3556 -16.24 -74.62 74.72
N UNK A 3557 -16.80 -73.64 74.02
CA UNK A 3557 -16.27 -73.24 72.71
C UNK A 3557 -14.84 -72.73 72.80
N UNK A 3558 -14.60 -71.65 73.55
CA UNK A 3558 -13.27 -71.04 73.59
C UNK A 3558 -12.21 -71.89 74.28
N UNK A 3559 -12.59 -73.00 74.91
CA UNK A 3559 -11.60 -73.97 75.38
C UNK A 3559 -11.39 -75.03 74.30
N UNK A 3560 -12.42 -75.25 73.50
CA UNK A 3560 -12.32 -76.19 72.38
C UNK A 3560 -11.75 -75.51 71.14
N UNK A 3561 -11.91 -74.19 71.06
CA UNK A 3561 -11.43 -73.44 69.90
C UNK A 3561 -10.09 -72.77 70.18
N UNK A 3562 -9.26 -73.41 71.01
CA UNK A 3562 -7.94 -72.88 71.31
C UNK A 3562 -6.97 -74.02 71.67
N UNK A 3563 -5.75 -73.91 71.18
CA UNK A 3563 -4.72 -74.92 71.45
C UNK A 3563 -3.35 -74.27 71.55
N UNK A 3564 -3.20 -73.32 72.46
CA UNK A 3564 -1.92 -72.63 72.65
C UNK A 3564 -1.32 -72.97 74.00
N UNK A 3565 -0.29 -73.80 73.99
CA UNK A 3565 0.39 -74.21 75.22
C UNK A 3565 1.83 -74.63 74.94
N UNK A 3566 2.75 -73.67 75.02
CA UNK A 3566 4.15 -73.94 74.76
C UNK A 3566 5.05 -73.23 75.77
N UNK A 3567 6.36 -73.44 75.62
CA UNK A 3567 7.33 -72.80 76.50
C UNK A 3567 8.01 -71.64 75.78
N UNK A 3568 8.72 -70.81 76.53
CA UNK A 3568 9.40 -69.66 75.95
C UNK A 3568 10.71 -69.36 76.68
N UNK A 3569 10.66 -68.45 77.64
CA UNK A 3569 11.85 -68.03 78.38
C UNK A 3569 11.69 -68.30 79.87
N UNK A 3570 10.66 -67.69 80.47
CA UNK A 3570 10.43 -67.81 81.91
C UNK A 3570 9.48 -68.96 82.23
N UNK A 3571 9.43 -69.95 81.36
CA UNK A 3571 8.60 -71.13 81.59
C UNK A 3571 9.26 -72.03 82.62
N UNK A 3572 10.59 -71.92 82.71
CA UNK A 3572 11.39 -72.77 83.59
C UNK A 3572 11.03 -72.63 85.07
N UNK A 3573 11.17 -71.41 85.60
CA UNK A 3573 10.95 -71.15 87.01
C UNK A 3573 9.51 -71.41 87.42
N UNK A 3574 8.55 -70.94 86.62
CA UNK A 3574 7.14 -71.13 86.90
C UNK A 3574 6.76 -72.61 86.85
N UNK A 3575 7.28 -73.32 85.85
CA UNK A 3575 6.95 -74.73 85.67
C UNK A 3575 7.64 -75.62 86.71
N UNK A 3576 8.73 -75.13 87.29
CA UNK A 3576 9.44 -75.88 88.31
C UNK A 3576 9.06 -75.45 89.72
N UNK A 3577 8.26 -74.39 89.83
CA UNK A 3577 7.75 -73.95 91.12
C UNK A 3577 6.26 -74.30 91.28
N UNK A 3578 5.60 -74.59 90.16
CA UNK A 3578 4.17 -74.92 90.19
C UNK A 3578 3.94 -76.42 90.11
N UNK A 3579 4.57 -77.07 89.14
CA UNK A 3579 4.37 -78.49 88.91
C UNK A 3579 5.47 -79.35 89.53
N UNK A 3580 5.93 -78.96 90.72
CA UNK A 3580 6.99 -79.68 91.39
C UNK A 3580 6.48 -80.40 92.65
N UNK A 3581 7.05 -80.04 93.79
CA UNK A 3581 6.70 -80.68 95.06
C UNK A 3581 5.32 -80.23 95.54
N UNK A 3582 4.30 -81.00 95.19
CA UNK A 3582 2.93 -80.71 95.58
C UNK A 3582 2.08 -81.98 95.54
N UNK A 3583 1.15 -82.01 94.59
CA UNK A 3583 0.27 -83.16 94.40
C UNK A 3583 -0.28 -83.17 92.98
N UNK A 3584 0.05 -82.15 92.21
CA UNK A 3584 -0.44 -82.02 90.85
C UNK A 3584 0.31 -82.94 89.89
N UNK A 3585 -0.39 -83.36 88.84
CA UNK A 3585 0.20 -84.23 87.83
C UNK A 3585 -0.41 -83.92 86.46
N UNK A 3586 -0.75 -84.98 85.72
CA UNK A 3586 -1.38 -84.83 84.41
C UNK A 3586 -2.88 -84.97 84.52
N UNK A 3587 -3.60 -83.86 84.35
CA UNK A 3587 -5.06 -83.86 84.44
C UNK A 3587 -5.69 -84.00 83.07
N UNK A 3588 -6.97 -83.64 82.98
CA UNK A 3588 -7.70 -83.72 81.71
C UNK A 3588 -8.13 -82.34 81.24
N UNK A 3589 -9.19 -82.29 80.44
CA UNK A 3589 -9.72 -81.02 79.95
C UNK A 3589 -10.84 -80.54 80.87
N UNK A 3590 -11.76 -79.75 80.31
CA UNK A 3590 -12.97 -79.26 81.00
C UNK A 3590 -12.72 -78.37 82.23
N UNK A 3591 -11.79 -78.76 83.09
CA UNK A 3591 -11.48 -77.99 84.30
C UNK A 3591 -10.73 -76.70 83.94
N UNK A 3592 -10.06 -76.71 82.79
CA UNK A 3592 -9.38 -75.52 82.29
C UNK A 3592 -10.41 -74.46 81.93
N UNK A 3593 -11.60 -74.90 81.54
CA UNK A 3593 -12.71 -73.99 81.28
C UNK A 3593 -13.18 -73.35 82.57
N UNK A 3594 -13.14 -74.11 83.66
CA UNK A 3594 -13.48 -73.58 84.98
C UNK A 3594 -12.43 -72.57 85.44
N UNK A 3595 -11.17 -72.86 85.12
CA UNK A 3595 -10.08 -71.95 85.40
C UNK A 3595 -10.25 -70.64 84.62
N UNK A 3596 -10.67 -70.76 83.36
CA UNK A 3596 -10.94 -69.61 82.52
C UNK A 3596 -12.14 -68.82 83.05
N UNK A 3597 -13.10 -69.53 83.65
CA UNK A 3597 -14.25 -68.88 84.26
C UNK A 3597 -13.83 -68.09 85.50
N UNK A 3598 -12.90 -68.65 86.26
CA UNK A 3598 -12.32 -67.96 87.41
C UNK A 3598 -11.56 -66.72 86.95
N UNK A 3599 -10.86 -66.86 85.82
CA UNK A 3599 -10.14 -65.74 85.22
C UNK A 3599 -11.11 -64.66 84.74
N UNK A 3600 -12.26 -65.07 84.25
CA UNK A 3600 -13.30 -64.15 83.81
C UNK A 3600 -13.90 -63.42 85.01
N UNK A 3601 -14.04 -64.14 86.13
CA UNK A 3601 -14.50 -63.53 87.37
C UNK A 3601 -13.49 -62.49 87.85
N UNK A 3602 -12.20 -62.83 87.72
CA UNK A 3602 -11.12 -61.90 88.05
C UNK A 3602 -11.15 -60.67 87.14
N UNK A 3603 -11.47 -60.90 85.87
CA UNK A 3603 -11.59 -59.81 84.89
C UNK A 3603 -12.76 -58.90 85.24
N UNK A 3604 -13.85 -59.50 85.69
CA UNK A 3604 -15.03 -58.75 86.13
C UNK A 3604 -14.69 -57.93 87.38
N UNK A 3605 -13.89 -58.51 88.26
CA UNK A 3605 -13.44 -57.81 89.46
C UNK A 3605 -12.52 -56.64 89.12
N UNK A 3606 -11.72 -56.82 88.08
CA UNK A 3606 -10.83 -55.77 87.60
C UNK A 3606 -11.64 -54.66 86.91
N UNK A 3607 -12.73 -55.05 86.27
CA UNK A 3607 -13.61 -54.10 85.60
C UNK A 3607 -14.45 -53.33 86.62
N UNK A 3608 -14.67 -53.95 87.78
CA UNK A 3608 -15.43 -53.33 88.86
C UNK A 3608 -14.63 -52.21 89.51
N UNK A 3609 -13.30 -52.29 89.41
CA UNK A 3609 -12.43 -51.26 89.97
C UNK A 3609 -11.88 -50.37 88.85
N UNK A 3610 -12.70 -50.12 87.84
CA UNK A 3610 -12.31 -49.26 86.73
C UNK A 3610 -12.66 -47.81 87.01
N UNK A 3611 -13.49 -47.59 88.03
CA UNK A 3611 -13.91 -46.25 88.41
C UNK A 3611 -14.22 -46.19 89.90
N UNK A 3612 -13.39 -46.84 90.71
CA UNK A 3612 -13.58 -46.86 92.16
C UNK A 3612 -12.24 -47.07 92.87
N UNK A 3613 -11.16 -47.13 92.09
CA UNK A 3613 -9.83 -47.31 92.65
C UNK A 3613 -8.78 -46.57 91.83
N THR A 3639 -40.20 -10.54 94.83
CA THR A 3639 -41.09 -9.50 95.36
C THR A 3639 -42.53 -9.71 94.90
N PRO A 3640 -43.43 -9.97 95.84
CA PRO A 3640 -44.84 -10.17 95.48
C PRO A 3640 -45.49 -8.90 94.98
N LEU A 3641 -46.49 -9.07 94.11
CA LEU A 3641 -47.26 -7.92 93.62
C LEU A 3641 -48.03 -7.25 94.76
N TYR A 3642 -48.53 -8.03 95.71
CA TYR A 3642 -49.16 -7.44 96.89
C TYR A 3642 -48.11 -6.75 97.75
N ASN A 3643 -48.56 -5.81 98.60
CA ASN A 3643 -47.65 -5.05 99.50
C ASN A 3643 -47.15 -3.76 98.83
N LEU A 3644 -47.07 -3.72 97.49
CA LEU A 3644 -46.53 -2.55 96.75
C LEU A 3644 -47.44 -1.32 96.93
N PRO A 3645 -46.91 -0.08 97.00
CA PRO A 3645 -47.74 1.14 97.04
C PRO A 3645 -48.67 1.08 95.83
N THR A 3646 -49.61 2.04 95.69
CA THR A 3646 -50.52 1.82 94.58
C THR A 3646 -50.08 2.56 93.32
N HIS A 3647 -49.45 3.72 93.44
CA HIS A 3647 -49.16 4.54 92.27
C HIS A 3647 -48.13 3.87 91.36
N ARG A 3648 -47.14 3.19 91.94
CA ARG A 3648 -46.17 2.46 91.12
C ARG A 3648 -46.86 1.31 90.38
N ALA A 3649 -47.80 0.64 91.04
CA ALA A 3649 -48.58 -0.40 90.38
C ALA A 3649 -49.42 0.18 89.24
N CYS A 3650 -49.99 1.36 89.45
CA CYS A 3650 -50.76 2.02 88.38
C CYS A 3650 -49.86 2.40 87.21
N ASN A 3651 -48.65 2.89 87.48
CA ASN A 3651 -47.73 3.23 86.41
C ASN A 3651 -47.32 1.99 85.62
N MET A 3652 -47.01 0.89 86.32
CA MET A 3652 -46.69 -0.35 85.63
C MET A 3652 -47.88 -0.87 84.83
N PHE A 3653 -49.10 -0.69 85.36
CA PHE A 3653 -50.29 -1.07 84.61
C PHE A 3653 -50.44 -0.22 83.36
N LEU A 3654 -50.13 1.08 83.45
CA LEU A 3654 -50.18 1.93 82.27
C LEU A 3654 -49.19 1.47 81.21
N GLU A 3655 -47.97 1.11 81.62
CA GLU A 3655 -46.99 0.61 80.67
C GLU A 3655 -47.43 -0.72 80.04
N SER A 3656 -47.95 -1.64 80.87
CA SER A 3656 -48.37 -2.94 80.34
C SER A 3656 -49.57 -2.81 79.42
N TYR A 3657 -50.51 -1.92 79.77
CA TYR A 3657 -51.68 -1.71 78.94
C TYR A 3657 -51.34 -0.94 77.67
N LYS A 3658 -50.28 -0.12 77.70
CA LYS A 3658 -49.76 0.46 76.47
C LYS A 3658 -49.11 -0.59 75.59
N ALA A 3659 -48.39 -1.54 76.19
CA ALA A 3659 -47.83 -2.65 75.44
C ALA A 3659 -48.93 -3.48 74.78
N ALA A 3660 -50.00 -3.75 75.53
CA ALA A 3660 -51.13 -4.50 74.98
C ALA A 3660 -52.05 -3.65 74.10
N TRP A 3661 -51.88 -2.32 74.09
CA TRP A 3661 -52.86 -1.41 73.49
C TRP A 3661 -53.12 -1.62 72.00
N ILE A 3662 -52.12 -1.39 71.17
CA ILE A 3662 -52.29 -1.41 69.72
C ILE A 3662 -51.34 -2.47 69.17
N LEU A 3663 -51.88 -3.68 68.98
CA LEU A 3663 -51.20 -4.66 68.12
C LEU A 3663 -51.54 -4.40 66.66
N THR A 3664 -52.82 -4.15 66.37
CA THR A 3664 -53.31 -3.76 65.06
C THR A 3664 -54.23 -2.56 65.25
N GLU A 3665 -54.11 -1.58 64.37
CA GLU A 3665 -54.89 -0.35 64.47
C GLU A 3665 -56.11 -0.44 63.58
N ASP A 3666 -56.96 0.59 63.65
CA ASP A 3666 -58.18 0.60 62.84
C ASP A 3666 -57.78 0.27 61.40
N HIS A 3667 -56.81 1.01 60.85
CA HIS A 3667 -56.31 0.76 59.46
C HIS A 3667 -57.36 1.19 58.44
N SER A 3668 -56.99 1.22 57.15
CA SER A 3668 -57.93 1.65 56.07
C SER A 3668 -58.30 3.11 56.29
N PHE A 3669 -58.29 3.57 57.54
CA PHE A 3669 -58.60 4.96 57.86
C PHE A 3669 -57.80 5.91 56.98
N GLU A 3670 -56.60 5.50 56.57
CA GLU A 3670 -55.83 6.30 55.62
C GLU A 3670 -56.49 6.31 54.26
N ASP A 3671 -56.92 5.13 53.78
CA ASP A 3671 -57.63 5.04 52.51
C ASP A 3671 -58.96 5.77 52.58
N ARG A 3672 -59.65 5.69 53.72
CA ARG A 3672 -60.91 6.41 53.87
C ARG A 3672 -60.71 7.92 53.79
N MET A 3673 -59.66 8.44 54.44
CA MET A 3673 -59.38 9.87 54.38
C MET A 3673 -59.03 10.31 52.96
N ILE A 3674 -58.12 9.58 52.31
CA ILE A 3674 -57.74 9.90 50.93
C ILE A 3674 -58.96 9.86 50.01
N ASP A 3675 -59.82 8.85 50.20
CA ASP A 3675 -61.02 8.70 49.38
C ASP A 3675 -61.97 9.87 49.56
N ASP A 3676 -62.21 10.27 50.82
CA ASP A 3676 -63.13 11.37 51.11
C ASP A 3676 -62.62 12.70 50.57
N LEU A 3677 -61.31 12.95 50.69
CA LEU A 3677 -60.77 14.17 50.10
C LEU A 3677 -60.76 14.10 48.57
N SER A 3678 -60.63 12.90 48.00
CA SER A 3678 -60.46 12.79 46.55
C SER A 3678 -61.78 12.95 45.81
N LYS A 3679 -62.86 12.32 46.30
CA LYS A 3679 -64.05 12.21 45.46
C LYS A 3679 -64.77 13.53 45.21
N ALA A 3680 -65.11 14.29 46.25
CA ALA A 3680 -65.78 15.55 45.99
C ALA A 3680 -64.84 16.74 46.17
N GLY A 3681 -63.83 16.80 45.30
CA GLY A 3681 -63.20 18.05 44.89
C GLY A 3681 -64.08 19.28 44.90
N GLU A 3682 -65.21 19.22 44.19
CA GLU A 3682 -66.06 20.37 43.91
C GLU A 3682 -67.49 20.07 44.38
N GLN A 3683 -67.99 20.93 45.26
CA GLN A 3683 -69.38 20.78 45.72
C GLN A 3683 -70.33 21.50 44.78
N GLU A 3684 -71.26 22.28 45.32
CA GLU A 3684 -72.27 22.92 44.49
C GLU A 3684 -71.62 24.04 43.67
N GLU A 3685 -71.40 23.77 42.38
CA GLU A 3685 -70.71 24.72 41.51
C GLU A 3685 -71.59 25.90 41.15
N GLU A 3686 -72.87 25.63 40.88
CA GLU A 3686 -73.85 26.62 40.40
C GLU A 3686 -73.41 27.26 39.09
N GLU A 3687 -72.71 26.49 38.23
CA GLU A 3687 -72.22 26.94 36.93
C GLU A 3687 -71.31 28.17 37.07
N GLU A 3688 -70.41 28.12 38.04
CA GLU A 3688 -69.46 29.20 38.30
C GLU A 3688 -68.05 28.64 38.19
N GLU A 3689 -67.35 28.99 37.11
CA GLU A 3689 -66.00 28.51 36.84
C GLU A 3689 -65.13 29.72 36.51
N VAL A 3690 -64.51 30.31 37.54
CA VAL A 3690 -63.62 31.44 37.33
C VAL A 3690 -62.36 31.00 36.59
N GLU A 3691 -61.84 29.83 36.93
CA GLU A 3691 -60.66 29.26 36.26
C GLU A 3691 -61.04 27.95 35.60
N GLU A 3692 -60.03 27.25 35.08
CA GLU A 3692 -60.27 25.97 34.41
C GLU A 3692 -60.69 24.90 35.41
N LYS A 3693 -60.00 24.86 36.55
CA LYS A 3693 -60.37 23.88 37.61
C LYS A 3693 -59.74 24.31 38.95
N LYS A 3694 -60.54 24.75 39.92
CA LYS A 3694 -60.02 25.11 41.26
C LYS A 3694 -59.47 23.84 41.93
N PRO A 3695 -58.35 23.90 42.67
CA PRO A 3695 -57.73 22.70 43.26
C PRO A 3695 -58.46 22.12 44.47
N ASP A 3696 -58.63 20.79 44.53
CA ASP A 3696 -59.22 20.14 45.67
C ASP A 3696 -58.27 20.25 46.88
N PRO A 3697 -58.79 20.07 48.10
CA PRO A 3697 -57.92 20.25 49.29
C PRO A 3697 -56.72 19.32 49.33
N LEU A 3698 -56.78 18.16 48.67
CA LEU A 3698 -55.58 17.32 48.57
C LEU A 3698 -54.49 18.02 47.78
N HIS A 3699 -54.84 18.61 46.63
CA HIS A 3699 -53.85 19.38 45.87
C HIS A 3699 -53.43 20.63 46.63
N GLN A 3700 -54.35 21.21 47.40
CA GLN A 3700 -53.99 22.36 48.24
C GLN A 3700 -52.93 21.99 49.25
N LEU A 3701 -53.07 20.82 49.89
CA LEU A 3701 -52.04 20.35 50.81
C LEU A 3701 -50.75 20.03 50.08
N VAL A 3702 -50.83 19.50 48.86
CA VAL A 3702 -49.64 19.20 48.08
C VAL A 3702 -48.85 20.46 47.77
N LEU A 3703 -49.54 21.51 47.31
CA LEU A 3703 -48.83 22.77 47.04
C LEU A 3703 -48.40 23.47 48.32
N HIS A 3704 -49.11 23.25 49.43
CA HIS A 3704 -48.63 23.79 50.71
C HIS A 3704 -47.31 23.15 51.10
N PHE A 3705 -47.20 21.82 50.95
CA PHE A 3705 -45.95 21.14 51.22
C PHE A 3705 -44.86 21.57 50.25
N SER A 3706 -45.22 21.78 48.99
CA SER A 3706 -44.24 22.24 48.00
C SER A 3706 -43.73 23.65 48.33
N ARG A 3707 -44.62 24.54 48.77
CA ARG A 3707 -44.20 25.88 49.17
C ARG A 3707 -43.34 25.84 50.43
N THR A 3708 -43.68 24.96 51.38
CA THR A 3708 -42.87 24.82 52.58
C THR A 3708 -41.47 24.30 52.25
N ALA A 3709 -41.39 23.34 51.32
CA ALA A 3709 -40.09 22.82 50.91
C ALA A 3709 -39.30 23.84 50.10
N LEU A 3710 -39.98 24.68 49.32
CA LEU A 3710 -39.32 25.64 48.46
C LEU A 3710 -38.85 26.89 49.19
N THR A 3711 -39.26 27.08 50.45
CA THR A 3711 -38.81 28.23 51.20
C THR A 3711 -37.32 28.08 51.53
N GLU A 3712 -36.55 29.12 51.23
CA GLU A 3712 -35.10 29.08 51.40
C GLU A 3712 -34.76 29.25 52.88
N LYS A 3713 -34.11 28.24 53.44
CA LYS A 3713 -33.67 28.27 54.83
C LYS A 3713 -32.28 27.64 54.92
N SER A 3714 -31.77 27.54 56.15
CA SER A 3714 -30.49 26.90 56.40
C SER A 3714 -30.61 25.54 57.06
N LYS A 3715 -31.66 25.32 57.86
CA LYS A 3715 -31.88 24.04 58.53
C LYS A 3715 -33.35 23.66 58.36
N LEU A 3716 -33.59 22.35 58.26
CA LEU A 3716 -34.94 21.84 58.06
C LEU A 3716 -35.58 21.50 59.39
N ASP A 3717 -36.80 21.98 59.61
CA ASP A 3717 -37.52 21.73 60.84
C ASP A 3717 -38.04 20.29 60.86
N GLU A 3718 -38.67 19.91 61.99
CA GLU A 3718 -39.17 18.55 62.13
C GLU A 3718 -40.37 18.31 61.21
N ASP A 3719 -41.48 19.02 61.45
CA ASP A 3719 -42.72 18.89 60.68
C ASP A 3719 -43.22 17.45 60.72
N TYR A 3720 -43.55 17.00 61.95
CA TYR A 3720 -44.04 15.64 62.15
C TYR A 3720 -45.38 15.40 61.48
N LEU A 3721 -46.17 16.46 61.30
CA LEU A 3721 -47.44 16.33 60.59
C LEU A 3721 -47.21 15.97 59.13
N TYR A 3722 -46.13 16.47 58.53
CA TYR A 3722 -45.78 16.09 57.17
C TYR A 3722 -45.46 14.60 57.08
N MET A 3723 -44.70 14.07 58.05
CA MET A 3723 -44.43 12.63 58.04
C MET A 3723 -45.69 11.83 58.27
N ALA A 3724 -46.60 12.34 59.11
CA ALA A 3724 -47.88 11.65 59.33
C ALA A 3724 -48.68 11.56 58.03
N TYR A 3725 -48.79 12.67 57.30
CA TYR A 3725 -49.48 12.64 56.01
C TYR A 3725 -48.76 11.79 54.99
N ALA A 3726 -47.43 11.76 55.05
CA ALA A 3726 -46.65 10.92 54.13
C ALA A 3726 -46.92 9.44 54.38
N ASP A 3727 -46.97 9.03 55.65
CA ASP A 3727 -47.30 7.64 55.95
C ASP A 3727 -48.75 7.32 55.58
N ILE A 3728 -49.67 8.26 55.78
CA ILE A 3728 -51.07 8.04 55.41
C ILE A 3728 -51.18 7.80 53.90
N MET A 3729 -50.58 8.68 53.10
CA MET A 3729 -50.69 8.54 51.66
C MET A 3729 -49.89 7.34 51.15
N ALA A 3730 -48.77 7.00 51.81
CA ALA A 3730 -48.01 5.82 51.41
C ALA A 3730 -48.79 4.55 51.68
N LYS A 3731 -49.47 4.46 52.84
CA LYS A 3731 -50.31 3.30 53.12
C LYS A 3731 -51.48 3.23 52.15
N SER A 3732 -52.09 4.38 51.83
CA SER A 3732 -53.21 4.40 50.89
C SER A 3732 -52.77 3.92 49.50
N CYS A 3733 -51.57 4.32 49.07
CA CYS A 3733 -51.09 3.90 47.76
C CYS A 3733 -50.62 2.44 47.76
N HIS A 3734 -50.02 1.98 48.86
CA HIS A 3734 -49.39 0.67 48.91
C HIS A 3734 -50.25 -0.39 49.58
N LEU A 3735 -51.53 -0.10 49.85
CA LEU A 3735 -52.44 -1.14 50.34
C LEU A 3735 -52.55 -2.29 49.34
N GLU A 3736 -52.69 -1.97 48.05
CA GLU A 3736 -52.76 -3.01 47.04
C GLU A 3736 -51.42 -3.74 46.88
N GLU A 3737 -50.31 -3.03 47.03
CA GLU A 3737 -49.01 -3.66 46.96
C GLU A 3737 -48.79 -4.63 48.11
N GLY A 3738 -49.23 -4.26 49.31
CA GLY A 3738 -49.14 -5.18 50.44
C GLY A 3738 -50.12 -6.33 50.34
N GLY A 3739 -51.28 -6.10 49.72
CA GLY A 3739 -52.22 -7.19 49.49
C GLY A 3739 -51.71 -8.21 48.51
N GLU A 3740 -51.03 -7.74 47.45
CA GLU A 3740 -50.47 -8.63 46.45
C GLU A 3740 -49.21 -9.32 46.98
N GLU A 3748 -50.46 -22.71 46.47
CA GLU A 3748 -50.91 -22.95 45.11
C GLU A 3748 -51.18 -21.63 44.39
N VAL A 3749 -52.11 -21.66 43.43
CA VAL A 3749 -52.49 -20.48 42.66
C VAL A 3749 -53.51 -19.70 43.49
N GLU A 3750 -53.08 -18.57 44.06
CA GLU A 3750 -53.95 -17.79 44.93
C GLU A 3750 -54.99 -16.99 44.12
N VAL A 3751 -54.55 -16.35 43.04
CA VAL A 3751 -55.41 -15.47 42.26
C VAL A 3751 -55.40 -15.94 40.80
N SER A 3752 -56.49 -15.61 40.10
CA SER A 3752 -56.62 -15.89 38.68
C SER A 3752 -56.12 -14.71 37.86
N PHE A 3753 -56.22 -14.82 36.54
CA PHE A 3753 -55.80 -13.74 35.66
C PHE A 3753 -56.68 -12.51 35.82
N GLU A 3754 -58.00 -12.70 35.89
CA GLU A 3754 -58.92 -11.58 35.97
C GLU A 3754 -58.76 -10.81 37.28
N GLU A 3755 -58.63 -11.53 38.40
CA GLU A 3755 -58.45 -10.85 39.68
C GLU A 3755 -57.10 -10.16 39.76
N LYS A 3756 -56.06 -10.77 39.18
CA LYS A 3756 -54.75 -10.12 39.13
C LYS A 3756 -54.80 -8.83 38.32
N GLU A 3757 -55.48 -8.85 37.17
CA GLU A 3757 -55.64 -7.62 36.39
C GLU A 3757 -56.48 -6.59 37.13
N MET A 3758 -57.50 -7.02 37.86
CA MET A 3758 -58.32 -6.09 38.63
C MET A 3758 -57.52 -5.44 39.75
N GLU A 3759 -56.66 -6.21 40.42
CA GLU A 3759 -55.81 -5.62 41.45
C GLU A 3759 -54.74 -4.72 40.86
N LYS A 3760 -54.26 -5.04 39.64
CA LYS A 3760 -53.35 -4.14 38.94
C LYS A 3760 -54.01 -2.82 38.61
N GLN A 3761 -55.28 -2.87 38.16
CA GLN A 3761 -56.02 -1.65 37.91
C GLN A 3761 -56.32 -0.90 39.21
N ARG A 3762 -56.51 -1.62 40.32
CA ARG A 3762 -56.67 -0.97 41.62
C ARG A 3762 -55.41 -0.20 42.00
N LEU A 3763 -54.24 -0.82 41.84
CA LEU A 3763 -52.98 -0.16 42.14
C LEU A 3763 -52.74 1.02 41.21
N LEU A 3764 -53.07 0.88 39.93
CA LEU A 3764 -52.91 1.97 38.97
C LEU A 3764 -53.83 3.14 39.32
N TYR A 3765 -55.07 2.86 39.74
CA TYR A 3765 -55.97 3.93 40.14
C TYR A 3765 -55.48 4.61 41.42
N GLN A 3766 -54.93 3.83 42.36
CA GLN A 3766 -54.38 4.41 43.58
C GLN A 3766 -53.18 5.31 43.26
N GLN A 3767 -52.34 4.90 42.31
CA GLN A 3767 -51.21 5.73 41.92
C GLN A 3767 -51.64 6.97 41.15
N SER A 3768 -52.70 6.85 40.33
CA SER A 3768 -53.20 7.99 39.57
C SER A 3768 -53.96 8.97 40.45
N ARG A 3769 -54.49 8.53 41.59
CA ARG A 3769 -55.12 9.45 42.53
C ARG A 3769 -54.10 10.41 43.14
N LEU A 3770 -52.84 9.98 43.25
CA LEU A 3770 -51.80 10.77 43.91
C LEU A 3770 -50.86 11.47 42.94
N HIS A 3771 -50.43 10.80 41.87
CA HIS A 3771 -49.37 11.36 41.02
C HIS A 3771 -49.89 12.32 39.97
N THR A 3772 -51.20 12.52 39.87
CA THR A 3772 -51.76 13.52 38.95
C THR A 3772 -51.91 14.86 39.68
N ARG A 3773 -50.83 15.23 40.34
CA ARG A 3773 -50.69 16.40 41.21
C ARG A 3773 -49.20 16.70 41.31
N GLY A 3774 -48.82 17.61 42.22
CA GLY A 3774 -47.43 17.94 42.40
C GLY A 3774 -46.71 17.06 43.41
N ALA A 3775 -47.02 15.76 43.40
CA ALA A 3775 -46.44 14.85 44.38
C ALA A 3775 -44.96 14.60 44.08
N ALA A 3776 -44.63 14.33 42.82
CA ALA A 3776 -43.23 14.09 42.44
C ALA A 3776 -42.40 15.35 42.63
N GLU A 3777 -42.96 16.51 42.29
CA GLU A 3777 -42.26 17.77 42.52
C GLU A 3777 -42.04 18.01 44.01
N MET A 3778 -43.04 17.69 44.84
CA MET A 3778 -42.89 17.92 46.27
C MET A 3778 -41.87 16.97 46.89
N VAL A 3779 -41.79 15.71 46.41
CA VAL A 3779 -40.79 14.81 46.98
C VAL A 3779 -39.39 15.17 46.49
N LEU A 3780 -39.26 15.65 45.24
CA LEU A 3780 -37.96 16.14 44.79
C LEU A 3780 -37.52 17.36 45.58
N GLN A 3781 -38.46 18.27 45.88
CA GLN A 3781 -38.12 19.43 46.69
C GLN A 3781 -37.76 19.03 48.11
N MET A 3782 -38.43 18.02 48.67
CA MET A 3782 -38.09 17.55 50.01
C MET A 3782 -36.71 16.90 50.04
N ILE A 3783 -36.37 16.14 48.99
CA ILE A 3783 -35.03 15.54 48.93
C ILE A 3783 -33.96 16.61 48.75
N SER A 3784 -34.22 17.60 47.88
CA SER A 3784 -33.25 18.66 47.65
C SER A 3784 -33.13 19.63 48.82
N ALA A 3785 -34.13 19.68 49.69
CA ALA A 3785 -34.07 20.57 50.85
C ALA A 3785 -32.96 20.14 51.81
N CYS A 3786 -32.93 18.86 52.18
CA CYS A 3786 -31.90 18.35 53.06
C CYS A 3786 -30.61 18.15 52.28
N LYS A 3787 -29.50 18.64 52.82
CA LYS A 3787 -28.21 18.54 52.16
C LYS A 3787 -27.58 17.17 52.39
N GLY A 3788 -27.33 16.83 53.65
CA GLY A 3788 -26.75 15.55 53.99
C GLY A 3788 -27.30 14.95 55.27
N GLU A 3789 -28.29 15.61 55.86
CA GLU A 3789 -28.86 15.16 57.12
C GLU A 3789 -29.74 13.93 56.90
N THR A 3790 -29.53 12.91 57.74
CA THR A 3790 -30.30 11.67 57.68
C THR A 3790 -31.26 11.62 58.85
N GLY A 3791 -32.54 11.36 58.56
CA GLY A 3791 -33.55 11.29 59.60
C GLY A 3791 -34.72 10.46 59.15
N ALA A 3792 -35.77 10.48 59.97
CA ALA A 3792 -36.99 9.74 59.66
C ALA A 3792 -37.81 10.40 58.56
N MET A 3793 -37.68 11.72 58.39
CA MET A 3793 -38.46 12.42 57.37
C MET A 3793 -38.00 12.05 55.97
N VAL A 3794 -36.68 12.02 55.74
CA VAL A 3794 -36.17 11.62 54.44
C VAL A 3794 -36.42 10.14 54.20
N SER A 3795 -36.43 9.33 55.25
CA SER A 3795 -36.78 7.91 55.10
C SER A 3795 -38.23 7.75 54.68
N SER A 3796 -39.14 8.53 55.27
CA SER A 3796 -40.54 8.49 54.87
C SER A 3796 -40.72 8.99 53.44
N THR A 3797 -39.97 10.02 53.05
CA THR A 3797 -40.02 10.50 51.67
C THR A 3797 -39.53 9.43 50.70
N LEU A 3798 -38.45 8.73 51.05
CA LEU A 3798 -37.96 7.66 50.19
C LEU A 3798 -38.96 6.50 50.10
N LYS A 3799 -39.62 6.17 51.23
CA LYS A 3799 -40.64 5.13 51.20
C LYS A 3799 -41.82 5.53 50.32
N LEU A 3800 -42.24 6.80 50.39
CA LEU A 3800 -43.31 7.28 49.52
C LEU A 3800 -42.89 7.22 48.05
N GLY A 3801 -41.65 7.61 47.75
CA GLY A 3801 -41.15 7.53 46.39
C GLY A 3801 -41.09 6.10 45.87
N ILE A 3802 -40.74 5.16 46.75
CA ILE A 3802 -40.80 3.74 46.41
C ILE A 3802 -42.24 3.33 46.12
N SER A 3803 -43.19 3.82 46.93
CA SER A 3803 -44.59 3.46 46.78
C SER A 3803 -45.16 3.98 45.47
N ILE A 3804 -44.74 5.17 45.03
CA ILE A 3804 -45.31 5.73 43.80
C ILE A 3804 -44.89 4.92 42.57
N LEU A 3805 -43.61 4.61 42.46
CA LEU A 3805 -43.08 3.90 41.29
C LEU A 3805 -42.77 2.43 41.59
N ASN A 3806 -43.60 1.77 42.40
CA ASN A 3806 -43.40 0.35 42.69
C ASN A 3806 -43.49 -0.50 41.44
N GLY A 3807 -44.56 -0.32 40.65
CA GLY A 3807 -44.73 -1.08 39.44
C GLY A 3807 -44.07 -0.45 38.22
N GLY A 3808 -43.19 0.52 38.46
CA GLY A 3808 -42.44 1.17 37.40
C GLY A 3808 -42.89 2.59 37.15
N ASN A 3809 -44.19 2.76 36.84
CA ASN A 3809 -44.85 4.07 36.70
C ASN A 3809 -44.10 4.97 35.72
N ALA A 3810 -44.08 4.54 34.45
CA ALA A 3810 -43.31 5.24 33.43
C ALA A 3810 -43.80 6.67 33.17
N GLU A 3811 -45.08 6.95 33.41
CA GLU A 3811 -45.57 8.32 33.30
C GLU A 3811 -44.94 9.21 34.36
N VAL A 3812 -44.79 8.70 35.58
CA VAL A 3812 -44.12 9.43 36.63
C VAL A 3812 -42.65 9.63 36.29
N GLN A 3813 -42.03 8.64 35.66
CA GLN A 3813 -40.65 8.80 35.19
C GLN A 3813 -40.53 9.89 34.13
N GLN A 3814 -41.50 9.95 33.21
CA GLN A 3814 -41.49 10.98 32.18
C GLN A 3814 -41.66 12.37 32.78
N LYS A 3815 -42.62 12.53 33.69
CA LYS A 3815 -42.80 13.79 34.40
C LYS A 3815 -41.54 14.17 35.19
N MET A 3816 -40.90 13.17 35.81
CA MET A 3816 -39.70 13.39 36.59
C MET A 3816 -38.58 13.94 35.70
N LEU A 3817 -38.34 13.28 34.56
CA LEU A 3817 -37.31 13.73 33.63
C LEU A 3817 -37.62 15.11 33.07
N ASP A 3818 -38.90 15.37 32.75
CA ASP A 3818 -39.28 16.66 32.22
C ASP A 3818 -39.03 17.78 33.22
N TYR A 3819 -39.39 17.56 34.49
CA TYR A 3819 -39.16 18.59 35.49
C TYR A 3819 -37.68 18.78 35.78
N LEU A 3820 -36.91 17.68 35.79
CA LEU A 3820 -35.46 17.79 36.01
C LEU A 3820 -34.78 18.55 34.87
N LYS A 3821 -35.21 18.31 33.63
CA LYS A 3821 -34.64 19.02 32.50
C LYS A 3821 -35.11 20.47 32.42
N ASP A 3822 -36.33 20.77 32.89
CA ASP A 3822 -36.79 22.15 32.89
C ASP A 3822 -36.11 22.96 33.99
N LYS A 3823 -35.99 22.40 35.19
CA LYS A 3823 -35.39 23.14 36.30
C LYS A 3823 -33.87 23.23 36.17
N LYS A 3824 -33.23 22.13 35.75
CA LYS A 3824 -31.78 22.02 35.54
C LYS A 3824 -30.96 22.54 36.73
N GLU A 3825 -31.46 22.27 37.93
CA GLU A 3825 -30.84 22.73 39.16
C GLU A 3825 -29.93 21.64 39.73
N VAL A 3826 -28.99 22.07 40.57
CA VAL A 3826 -28.02 21.19 41.21
C VAL A 3826 -28.39 21.07 42.69
N GLY A 3827 -28.13 19.90 43.26
CA GLY A 3827 -28.43 19.66 44.66
C GLY A 3827 -29.06 18.31 44.92
N PHE A 3828 -29.82 17.80 43.96
CA PHE A 3828 -30.42 16.48 44.11
C PHE A 3828 -29.35 15.40 44.13
N PHE A 3829 -28.46 15.41 43.13
CA PHE A 3829 -27.41 14.41 43.08
C PHE A 3829 -26.39 14.60 44.20
N GLN A 3830 -26.14 15.85 44.60
CA GLN A 3830 -25.27 16.11 45.74
C GLN A 3830 -25.87 15.53 47.02
N SER A 3831 -27.18 15.69 47.22
CA SER A 3831 -27.83 15.12 48.39
C SER A 3831 -27.81 13.59 48.34
N ILE A 3832 -28.01 13.01 47.16
CA ILE A 3832 -27.96 11.55 47.03
C ILE A 3832 -26.57 11.03 47.37
N GLN A 3833 -25.53 11.71 46.86
CA GLN A 3833 -24.15 11.30 47.17
C GLN A 3833 -23.85 11.47 48.65
N ALA A 3834 -24.30 12.56 49.26
CA ALA A 3834 -24.06 12.79 50.67
C ALA A 3834 -24.73 11.74 51.54
N LEU A 3835 -25.96 11.35 51.18
CA LEU A 3835 -26.62 10.25 51.88
C LEU A 3835 -25.91 8.92 51.63
N MET A 3836 -25.31 8.75 50.45
CA MET A 3836 -24.57 7.54 50.16
C MET A 3836 -23.33 7.41 51.03
N GLN A 3837 -22.62 8.52 51.26
CA GLN A 3837 -21.42 8.46 52.09
C GLN A 3837 -21.75 8.19 53.56
N THR A 3838 -22.94 8.54 54.02
CA THR A 3838 -23.32 8.31 55.40
C THR A 3838 -23.63 6.86 55.72
N CYS A 3839 -23.71 5.99 54.72
CA CYS A 3839 -23.98 4.58 54.96
C CYS A 3839 -22.76 3.92 55.62
N SER A 3840 -23.02 3.01 56.54
CA SER A 3840 -21.98 2.32 57.29
C SER A 3840 -21.98 0.84 56.94
N VAL A 3841 -20.91 0.15 57.38
CA VAL A 3841 -20.73 -1.27 57.17
C VAL A 3841 -20.42 -1.94 58.51
N LEU A 3842 -20.21 -3.24 58.46
CA LEU A 3842 -19.88 -4.00 59.66
C LEU A 3842 -18.45 -3.66 60.13
N ASP A 3843 -18.26 -3.68 61.44
CA ASP A 3843 -17.00 -3.30 62.05
C ASP A 3843 -16.54 -4.40 63.02
N LEU A 3844 -15.24 -4.68 63.02
CA LEU A 3844 -14.71 -5.76 63.84
C LEU A 3844 -14.48 -5.32 65.29
N ASN A 3845 -13.95 -4.11 65.50
CA ASN A 3845 -13.82 -3.58 66.85
C ASN A 3845 -15.17 -3.38 67.50
N ALA A 3846 -16.14 -2.87 66.72
CA ALA A 3846 -17.51 -2.80 67.21
C ALA A 3846 -18.08 -4.18 67.48
N PHE A 3847 -17.62 -5.20 66.75
CA PHE A 3847 -18.12 -6.56 67.01
C PHE A 3847 -17.50 -7.12 68.30
N GLU A 3848 -16.25 -6.76 68.61
CA GLU A 3848 -15.68 -7.16 69.89
C GLU A 3848 -16.37 -6.42 71.04
N ARG A 3849 -16.74 -5.17 70.81
CA ARG A 3849 -17.58 -4.47 71.78
C ARG A 3849 -18.95 -5.13 71.87
N GLN A 3850 -19.44 -5.71 70.77
CA GLN A 3850 -20.66 -6.51 70.81
C GLN A 3850 -20.43 -7.84 71.53
N ASN A 3851 -19.19 -8.34 71.58
CA ASN A 3851 -18.89 -9.50 72.42
C ASN A 3851 -18.98 -9.11 73.89
N LYS A 3852 -18.41 -7.95 74.27
CA LYS A 3852 -18.33 -7.58 75.72
C LYS A 3852 -19.69 -7.51 76.42
N ALA A 3853 -20.44 -6.42 76.26
CA ALA A 3853 -21.68 -6.15 77.05
C ALA A 3853 -22.62 -7.33 77.26
N GLU A 3854 -22.87 -8.15 76.24
CA GLU A 3854 -23.88 -9.22 76.40
C GLU A 3854 -23.38 -10.11 77.54
N GLY A 3855 -22.06 -10.24 77.66
CA GLY A 3855 -21.46 -11.09 78.69
C GLY A 3855 -21.73 -10.60 80.10
N LEU A 3856 -22.17 -9.36 80.27
CA LEU A 3856 -22.52 -8.91 81.65
C LEU A 3856 -23.68 -9.80 82.12
N GLY A 3857 -23.61 -10.31 83.34
CA GLY A 3857 -24.65 -11.27 83.78
C GLY A 3857 -26.01 -10.64 83.81
N MET A 3858 -26.13 -9.42 84.36
CA MET A 3858 -27.43 -8.71 84.32
C MET A 3858 -27.19 -7.20 84.34
N VAL A 3859 -28.08 -6.43 83.71
CA VAL A 3859 -27.98 -4.94 83.80
C VAL A 3859 -29.35 -4.45 84.27
N ASN A 3860 -29.40 -3.60 85.29
CA ASN A 3860 -30.74 -3.20 85.81
C ASN A 3860 -31.47 -4.49 86.19
N GLU A 3861 -32.68 -4.69 85.70
CA GLU A 3861 -33.38 -5.98 85.94
C GLU A 3861 -33.14 -6.87 84.73
N ASP A 3862 -32.53 -8.05 84.93
CA ASP A 3862 -32.17 -8.92 83.78
C ASP A 3862 -31.29 -8.10 82.85
N GLY A 3863 -31.58 -8.12 81.54
CA GLY A 3863 -30.84 -7.25 80.60
C GLY A 3863 -31.28 -5.81 80.79
N THR A 3864 -30.38 -4.84 80.59
CA THR A 3864 -30.77 -3.44 80.87
C THR A 3864 -31.91 -3.10 79.91
N VAL A 3865 -32.96 -2.44 80.41
CA VAL A 3865 -34.14 -2.18 79.54
C VAL A 3865 -33.69 -1.31 78.36
N ILE A 3866 -32.86 -0.29 78.63
CA ILE A 3866 -32.46 0.64 77.54
C ILE A 3866 -31.66 -0.14 76.49
N ASN A 3867 -30.72 -0.98 76.93
CA ASN A 3867 -29.90 -1.79 76.00
C ASN A 3867 -30.77 -2.82 75.28
N ARG A 3868 -31.69 -3.47 76.02
CA ARG A 3868 -32.48 -4.57 75.39
C ARG A 3868 -33.36 -4.02 74.26
N GLN A 3869 -34.05 -2.90 74.49
CA GLN A 3869 -34.85 -2.29 73.39
C GLN A 3869 -33.92 -1.77 72.30
N ASN A 3870 -32.82 -1.11 72.71
CA ASN A 3870 -31.86 -0.53 71.74
C ASN A 3870 -31.21 -1.66 70.95
N GLY A 3871 -30.86 -2.76 71.62
CA GLY A 3871 -30.13 -3.85 70.94
C GLY A 3871 -28.88 -3.30 70.30
N GLU A 3872 -28.75 -1.97 70.27
CA GLU A 3872 -27.58 -1.29 69.65
C GLU A 3872 -27.41 -1.92 68.26
N LYS A 3873 -26.25 -1.78 67.62
CA LYS A 3873 -26.21 -2.41 66.28
C LYS A 3873 -24.81 -2.49 65.66
N VAL A 3874 -24.66 -3.35 64.66
CA VAL A 3874 -23.39 -3.38 63.89
C VAL A 3874 -23.76 -2.70 62.57
N MET A 3875 -25.05 -2.47 62.32
CA MET A 3875 -25.52 -1.68 61.15
C MET A 3875 -26.46 -0.58 61.67
N ALA A 3876 -25.94 0.63 61.88
CA ALA A 3876 -26.72 1.71 62.54
C ALA A 3876 -28.08 1.90 61.86
N ASP A 3877 -28.11 1.88 60.53
CA ASP A 3877 -29.38 2.16 59.80
C ASP A 3877 -29.52 1.11 58.70
N ASP A 3878 -30.06 -0.05 59.04
CA ASP A 3878 -30.11 -1.11 58.05
C ASP A 3878 -31.14 -0.83 56.94
N GLU A 3879 -32.29 -0.25 57.29
CA GLU A 3879 -33.35 -0.04 56.31
C GLU A 3879 -33.06 1.09 55.34
N PHE A 3880 -32.32 2.12 55.77
CA PHE A 3880 -32.17 3.32 54.96
C PHE A 3880 -31.39 3.06 53.67
N THR A 3881 -30.30 2.29 53.77
CA THR A 3881 -29.51 1.96 52.58
C THR A 3881 -30.32 1.13 51.59
N GLN A 3882 -31.06 0.14 52.10
CA GLN A 3882 -31.89 -0.69 51.24
C GLN A 3882 -32.98 0.13 50.57
N ASP A 3883 -33.60 1.06 51.31
CA ASP A 3883 -34.63 1.91 50.73
C ASP A 3883 -34.06 2.83 49.67
N LEU A 3884 -32.85 3.37 49.90
CA LEU A 3884 -32.22 4.25 48.91
C LEU A 3884 -31.92 3.49 47.62
N PHE A 3885 -31.30 2.32 47.72
CA PHE A 3885 -31.01 1.54 46.52
C PHE A 3885 -32.30 1.03 45.86
N ARG A 3886 -33.34 0.74 46.64
CA ARG A 3886 -34.61 0.35 46.04
C ARG A 3886 -35.22 1.50 45.25
N PHE A 3887 -35.15 2.72 45.78
CA PHE A 3887 -35.67 3.87 45.05
C PHE A 3887 -34.87 4.12 43.77
N LEU A 3888 -33.54 4.00 43.84
CA LEU A 3888 -32.71 4.17 42.65
C LEU A 3888 -33.01 3.09 41.61
N GLN A 3889 -33.25 1.86 42.06
CA GLN A 3889 -33.64 0.79 41.13
C GLN A 3889 -35.01 1.08 40.51
N LEU A 3890 -35.96 1.57 41.31
CA LEU A 3890 -37.30 1.83 40.82
C LEU A 3890 -37.32 2.99 39.82
N LEU A 3891 -36.39 3.93 39.96
CA LEU A 3891 -36.26 4.98 38.94
C LEU A 3891 -35.89 4.39 37.58
N CYS A 3892 -35.01 3.38 37.57
CA CYS A 3892 -34.56 2.73 36.35
C CYS A 3892 -35.15 1.34 36.15
N GLU A 3893 -36.30 1.06 36.77
CA GLU A 3893 -36.88 -0.29 36.74
C GLU A 3893 -37.23 -0.72 35.32
N GLY A 3894 -37.97 0.11 34.60
CA GLY A 3894 -38.27 -0.17 33.21
C GLY A 3894 -37.20 0.36 32.28
N HIS A 3895 -37.12 -0.23 31.10
CA HIS A 3895 -36.18 0.26 30.10
C HIS A 3895 -36.58 1.66 29.65
N ASN A 3896 -35.78 2.61 30.16
CA ASN A 3896 -35.91 4.05 29.84
C ASN A 3896 -34.47 4.52 29.73
N ASN A 3897 -33.93 4.65 28.52
CA ASN A 3897 -32.47 4.96 28.36
C ASN A 3897 -32.14 6.31 28.98
N ASP A 3898 -33.02 7.30 28.84
CA ASP A 3898 -32.75 8.68 29.35
C ASP A 3898 -32.16 8.65 30.77
N PHE A 3899 -32.67 7.80 31.66
CA PHE A 3899 -32.22 7.80 33.05
C PHE A 3899 -30.91 7.03 33.23
N GLN A 3900 -30.69 6.01 32.41
CA GLN A 3900 -29.42 5.30 32.43
C GLN A 3900 -28.26 6.18 31.97
N ASN A 3901 -28.55 7.19 31.14
CA ASN A 3901 -27.55 8.16 30.74
C ASN A 3901 -27.55 9.41 31.60
N TYR A 3902 -28.72 9.80 32.12
CA TYR A 3902 -28.80 11.00 32.97
C TYR A 3902 -28.04 10.80 34.28
N LEU A 3903 -28.10 9.59 34.84
CA LEU A 3903 -27.37 9.31 36.07
C LEU A 3903 -25.86 9.30 35.85
N ARG A 3904 -25.41 8.86 34.67
CA ARG A 3904 -23.98 8.84 34.37
C ARG A 3904 -23.44 10.25 34.21
N THR A 3905 -24.13 11.09 33.44
CA THR A 3905 -23.70 12.47 33.24
C THR A 3905 -24.92 13.35 33.01
N GLN A 3906 -24.78 14.63 33.37
CA GLN A 3906 -25.85 15.62 33.21
C GLN A 3906 -25.35 16.74 32.30
N THR A 3907 -26.13 17.03 31.26
CA THR A 3907 -25.76 18.06 30.30
C THR A 3907 -26.25 19.44 30.71
N GLY A 3908 -27.50 19.53 31.18
CA GLY A 3908 -28.05 20.83 31.57
C GLY A 3908 -27.37 21.41 32.79
N ASN A 3909 -27.04 20.57 33.77
CA ASN A 3909 -26.41 21.03 34.99
C ASN A 3909 -24.94 21.37 34.74
N THR A 3910 -24.42 22.32 35.53
CA THR A 3910 -23.03 22.73 35.42
C THR A 3910 -22.08 21.78 36.16
N THR A 3911 -22.60 20.90 37.00
CA THR A 3911 -21.79 19.95 37.76
C THR A 3911 -22.28 18.54 37.48
N THR A 3912 -21.35 17.62 37.30
CA THR A 3912 -21.65 16.22 37.01
C THR A 3912 -21.23 15.35 38.18
N ILE A 3913 -22.18 14.58 38.71
CA ILE A 3913 -21.93 13.66 39.81
C ILE A 3913 -22.31 12.25 39.33
N ASN A 3914 -21.36 11.32 39.43
CA ASN A 3914 -21.57 9.96 38.94
C ASN A 3914 -22.04 9.08 40.10
N ILE A 3915 -23.28 8.61 40.02
CA ILE A 3915 -23.82 7.71 41.04
C ILE A 3915 -23.16 6.33 40.94
N ILE A 3916 -22.81 5.90 39.72
CA ILE A 3916 -22.28 4.56 39.51
C ILE A 3916 -20.93 4.39 40.20
N ILE A 3917 -20.08 5.43 40.15
CA ILE A 3917 -18.77 5.35 40.80
C ILE A 3917 -18.93 5.26 42.32
N CYS A 3918 -19.88 6.01 42.88
CA CYS A 3918 -20.16 5.92 44.31
C CYS A 3918 -20.69 4.54 44.68
N THR A 3919 -21.52 3.95 43.82
CA THR A 3919 -22.00 2.59 44.06
C THR A 3919 -20.85 1.59 44.03
N VAL A 3920 -19.90 1.77 43.10
CA VAL A 3920 -18.74 0.88 43.04
C VAL A 3920 -17.89 1.02 44.30
N ASP A 3921 -17.70 2.25 44.78
CA ASP A 3921 -16.94 2.46 46.01
C ASP A 3921 -17.63 1.84 47.22
N TYR A 3922 -18.96 1.96 47.29
CA TYR A 3922 -19.71 1.35 48.38
C TYR A 3922 -19.63 -0.18 48.31
N LEU A 3923 -19.66 -0.74 47.10
CA LEU A 3923 -19.50 -2.18 46.94
C LEU A 3923 -18.10 -2.63 47.35
N LEU A 3924 -17.08 -1.82 47.04
CA LEU A 3924 -15.73 -2.12 47.49
C LEU A 3924 -15.63 -2.12 49.01
N ARG A 3925 -16.26 -1.13 49.66
CA ARG A 3925 -16.26 -1.08 51.12
C ARG A 3925 -16.98 -2.27 51.72
N LEU A 3926 -18.12 -2.67 51.11
CA LEU A 3926 -18.84 -3.84 51.59
C LEU A 3926 -18.03 -5.12 51.41
N GLN A 3927 -17.33 -5.24 50.28
CA GLN A 3927 -16.48 -6.40 50.05
C GLN A 3927 -15.34 -6.46 51.07
N GLU A 3928 -14.74 -5.31 51.39
CA GLU A 3928 -13.70 -5.27 52.40
C GLU A 3928 -14.24 -5.66 53.77
N SER A 3929 -15.46 -5.20 54.11
CA SER A 3929 -16.06 -5.56 55.38
C SER A 3929 -16.35 -7.06 55.46
N ILE A 3930 -16.87 -7.64 54.38
CA ILE A 3930 -17.14 -9.08 54.38
C ILE A 3930 -15.85 -9.88 54.46
N SER A 3931 -14.81 -9.43 53.76
CA SER A 3931 -13.52 -10.11 53.84
C SER A 3931 -12.94 -10.05 55.25
N ASP A 3932 -13.04 -8.88 55.90
CA ASP A 3932 -12.55 -8.76 57.28
C ASP A 3932 -13.34 -9.64 58.24
N PHE A 3933 -14.67 -9.70 58.07
CA PHE A 3933 -15.49 -10.55 58.93
C PHE A 3933 -15.16 -12.03 58.71
N TYR A 3934 -14.94 -12.43 57.45
CA TYR A 3934 -14.55 -13.80 57.17
C TYR A 3934 -13.19 -14.13 57.78
N TRP A 3935 -12.24 -13.20 57.69
CA TRP A 3935 -10.92 -13.43 58.26
C TRP A 3935 -10.97 -13.51 59.78
N TYR A 3936 -11.88 -12.76 60.41
CA TYR A 3936 -12.00 -12.84 61.86
C TYR A 3936 -12.67 -14.15 62.29
N TYR A 3937 -13.66 -14.61 61.52
CA TYR A 3937 -14.37 -15.85 61.81
C TYR A 3937 -13.67 -17.09 61.24
N SER A 3938 -12.52 -16.91 60.59
CA SER A 3938 -11.80 -18.06 60.04
C SER A 3938 -11.28 -18.97 61.12
N GLY A 3939 -10.84 -18.41 62.25
CA GLY A 3939 -10.28 -19.23 63.32
C GLY A 3939 -11.31 -20.14 63.97
N LYS A 3940 -12.49 -19.60 64.26
CA LYS A 3940 -13.53 -20.39 64.88
C LYS A 3940 -14.24 -21.27 63.85
N ASP A 3941 -14.58 -22.49 64.27
CA ASP A 3941 -15.26 -23.44 63.41
C ASP A 3941 -16.78 -23.39 63.55
N VAL A 3942 -17.32 -22.54 64.41
CA VAL A 3942 -18.75 -22.44 64.63
C VAL A 3942 -19.15 -20.97 64.53
N ILE A 3943 -20.40 -20.74 64.12
CA ILE A 3943 -20.95 -19.40 63.94
C ILE A 3943 -22.19 -19.26 64.81
N GLU A 3944 -22.25 -18.18 65.59
CA GLU A 3944 -23.39 -17.91 66.44
C GLU A 3944 -24.58 -17.39 65.61
N GLU A 3945 -25.75 -17.35 66.25
CA GLU A 3945 -26.95 -16.90 65.55
C GLU A 3945 -26.91 -15.41 65.24
N GLN A 3946 -26.26 -14.62 66.09
CA GLN A 3946 -26.07 -13.20 65.80
C GLN A 3946 -25.23 -13.01 64.55
N GLY A 3947 -24.18 -13.81 64.39
CA GLY A 3947 -23.40 -13.77 63.16
C GLY A 3947 -24.21 -14.20 61.95
N LYS A 3948 -25.11 -15.18 62.12
CA LYS A 3948 -25.99 -15.58 61.03
C LYS A 3948 -26.90 -14.43 60.62
N ARG A 3949 -27.46 -13.71 61.59
CA ARG A 3949 -28.32 -12.58 61.28
C ARG A 3949 -27.55 -11.45 60.60
N ASN A 3950 -26.34 -11.16 61.09
CA ASN A 3950 -25.52 -10.11 60.47
C ASN A 3950 -25.16 -10.48 59.04
N PHE A 3951 -24.79 -11.74 58.80
CA PHE A 3951 -24.55 -12.20 57.43
C PHE A 3951 -25.79 -12.08 56.57
N SER A 3952 -26.95 -12.45 57.12
CA SER A 3952 -28.18 -12.40 56.34
C SER A 3952 -28.50 -10.98 55.91
N LYS A 3953 -28.39 -10.01 56.81
CA LYS A 3953 -28.63 -8.62 56.42
C LYS A 3953 -27.55 -8.10 55.49
N ALA A 3954 -26.29 -8.52 55.68
CA ALA A 3954 -25.21 -8.05 54.82
C ALA A 3954 -25.39 -8.53 53.39
N MET A 3955 -25.68 -9.81 53.19
CA MET A 3955 -25.97 -10.29 51.84
C MET A 3955 -27.32 -9.83 51.32
N SER A 3956 -28.27 -9.45 52.18
CA SER A 3956 -29.48 -8.80 51.68
C SER A 3956 -29.16 -7.44 51.07
N VAL A 3957 -28.32 -6.65 51.75
CA VAL A 3957 -27.89 -5.37 51.21
C VAL A 3957 -27.08 -5.57 49.93
N ALA A 3958 -26.20 -6.57 49.92
CA ALA A 3958 -25.42 -6.87 48.72
C ALA A 3958 -26.32 -7.29 47.56
N LYS A 3959 -27.35 -8.07 47.83
CA LYS A 3959 -28.31 -8.47 46.80
C LYS A 3959 -29.06 -7.26 46.27
N GLN A 3960 -29.45 -6.32 47.13
CA GLN A 3960 -30.13 -5.12 46.67
C GLN A 3960 -29.22 -4.29 45.77
N VAL A 3961 -27.95 -4.12 46.17
CA VAL A 3961 -27.01 -3.36 45.36
C VAL A 3961 -26.77 -4.06 44.01
N PHE A 3962 -26.66 -5.39 44.03
CA PHE A 3962 -26.47 -6.12 42.79
C PHE A 3962 -27.69 -6.03 41.88
N ASN A 3963 -28.91 -6.06 42.44
CA ASN A 3963 -30.11 -5.90 41.63
C ASN A 3963 -30.16 -4.50 41.02
N SER A 3964 -29.74 -3.49 41.76
CA SER A 3964 -29.64 -2.15 41.18
C SER A 3964 -28.63 -2.11 40.05
N LEU A 3965 -27.51 -2.82 40.21
CA LEU A 3965 -26.50 -2.87 39.16
C LEU A 3965 -27.02 -3.56 37.90
N THR A 3966 -27.74 -4.67 38.06
CA THR A 3966 -28.34 -5.32 36.89
C THR A 3966 -29.39 -4.45 36.23
N GLU A 3967 -30.12 -3.65 37.03
CA GLU A 3967 -31.10 -2.74 36.44
C GLU A 3967 -30.42 -1.68 35.58
N TYR A 3968 -29.28 -1.16 36.03
CA TYR A 3968 -28.54 -0.18 35.22
C TYR A 3968 -27.93 -0.83 33.98
N ILE A 3969 -27.32 -2.01 34.12
CA ILE A 3969 -26.67 -2.66 32.99
C ILE A 3969 -27.65 -3.45 32.15
N GLN A 3970 -28.95 -3.39 32.49
CA GLN A 3970 -30.01 -4.08 31.76
C GLN A 3970 -29.97 -3.70 30.27
N GLY A 3971 -30.78 -2.70 29.89
CA GLY A 3971 -30.59 -1.86 28.72
C GLY A 3971 -29.25 -1.90 27.99
N PRO A 3972 -29.27 -1.55 26.70
CA PRO A 3972 -28.02 -1.62 25.90
C PRO A 3972 -26.90 -0.76 26.44
N CYS A 3973 -27.17 0.53 26.68
CA CYS A 3973 -26.41 1.40 27.58
C CYS A 3973 -24.90 1.29 27.46
N THR A 3974 -24.35 1.58 26.28
CA THR A 3974 -22.93 1.43 26.02
C THR A 3974 -22.07 2.29 26.95
N GLY A 3975 -22.60 3.44 27.39
CA GLY A 3975 -21.83 4.32 28.26
C GLY A 3975 -21.55 3.72 29.63
N ASN A 3976 -22.57 3.12 30.24
CA ASN A 3976 -22.36 2.50 31.55
C ASN A 3976 -21.55 1.22 31.44
N GLN A 3977 -21.64 0.52 30.30
CA GLN A 3977 -20.81 -0.66 30.09
C GLN A 3977 -19.34 -0.28 29.97
N GLN A 3978 -19.03 0.80 29.23
CA GLN A 3978 -17.66 1.28 29.17
C GLN A 3978 -17.20 1.85 30.50
N SER A 3979 -18.10 2.47 31.26
CA SER A 3979 -17.75 2.98 32.58
C SER A 3979 -17.40 1.85 33.54
N LEU A 3980 -18.18 0.77 33.54
CA LEU A 3980 -17.86 -0.39 34.35
C LEU A 3980 -16.64 -1.14 33.84
N ALA A 3981 -16.35 -1.04 32.54
CA ALA A 3981 -15.08 -1.57 32.04
C ALA A 3981 -13.91 -0.78 32.57
N HIS A 3982 -14.06 0.54 32.69
CA HIS A 3982 -12.99 1.40 33.18
C HIS A 3982 -13.01 1.63 34.69
N SER A 3983 -13.99 1.07 35.39
CA SER A 3983 -14.10 1.29 36.83
C SER A 3983 -13.21 0.31 37.59
N ARG A 3984 -13.35 0.30 38.92
CA ARG A 3984 -12.62 -0.60 39.79
C ARG A 3984 -13.45 -1.80 40.22
N LEU A 3985 -14.41 -2.21 39.38
CA LEU A 3985 -15.29 -3.32 39.73
C LEU A 3985 -14.54 -4.65 39.80
N TRP A 3986 -13.45 -4.78 39.04
CA TRP A 3986 -12.71 -6.04 39.00
C TRP A 3986 -12.06 -6.35 40.34
N ASP A 3987 -11.51 -5.33 41.01
CA ASP A 3987 -10.93 -5.53 42.34
C ASP A 3987 -12.00 -5.94 43.35
N ALA A 3988 -13.23 -5.46 43.17
CA ALA A 3988 -14.32 -5.89 44.03
C ALA A 3988 -14.70 -7.33 43.76
N VAL A 3989 -14.86 -7.70 42.48
CA VAL A 3989 -15.40 -9.02 42.16
C VAL A 3989 -14.38 -10.13 42.37
N VAL A 3990 -13.08 -9.84 42.29
CA VAL A 3990 -12.08 -10.85 42.64
C VAL A 3990 -12.18 -11.23 44.11
N GLY A 3991 -12.27 -10.21 44.98
CA GLY A 3991 -12.46 -10.48 46.39
C GLY A 3991 -13.79 -11.14 46.70
N PHE A 3992 -14.85 -10.77 45.97
CA PHE A 3992 -16.13 -11.43 46.14
C PHE A 3992 -16.05 -12.91 45.77
N LEU A 3993 -15.39 -13.24 44.65
CA LEU A 3993 -15.23 -14.64 44.27
C LEU A 3993 -14.40 -15.40 45.30
N HIS A 3994 -13.35 -14.75 45.82
CA HIS A 3994 -12.52 -15.35 46.86
C HIS A 3994 -13.35 -15.68 48.10
N VAL A 3995 -14.13 -14.71 48.59
CA VAL A 3995 -14.92 -14.94 49.80
C VAL A 3995 -16.05 -15.92 49.53
N PHE A 3996 -16.61 -15.94 48.31
CA PHE A 3996 -17.61 -16.95 47.96
C PHE A 3996 -17.04 -18.35 48.06
N ALA A 3997 -15.88 -18.57 47.42
CA ALA A 3997 -15.28 -19.91 47.44
C ALA A 3997 -14.91 -20.34 48.86
N HIS A 3998 -14.27 -19.44 49.61
CA HIS A 3998 -13.83 -19.84 50.96
C HIS A 3998 -15.00 -20.01 51.91
N MET A 3999 -16.03 -19.16 51.82
CA MET A 3999 -17.18 -19.28 52.69
C MET A 3999 -18.02 -20.50 52.34
N MET A 4000 -18.08 -20.88 51.06
CA MET A 4000 -18.80 -22.10 50.71
C MET A 4000 -18.01 -23.34 51.13
N MET A 4001 -16.68 -23.29 51.08
CA MET A 4001 -15.89 -24.43 51.51
C MET A 4001 -15.95 -24.61 53.03
N LYS A 4002 -15.85 -23.51 53.79
CA LYS A 4002 -15.86 -23.60 55.24
C LYS A 4002 -17.27 -23.81 55.80
N LEU A 4003 -18.28 -23.23 55.14
CA LEU A 4003 -19.65 -23.23 55.64
C LEU A 4003 -20.37 -24.55 55.39
N ALA A 4004 -19.82 -25.43 54.55
CA ALA A 4004 -20.54 -26.62 54.12
C ALA A 4004 -20.63 -27.69 55.20
N GLN A 4005 -19.69 -27.71 56.15
CA GLN A 4005 -19.65 -28.79 57.13
C GLN A 4005 -20.83 -28.75 58.08
N ASP A 4006 -21.24 -27.56 58.51
CA ASP A 4006 -22.35 -27.44 59.45
C ASP A 4006 -23.67 -27.62 58.73
N SER A 4007 -24.53 -28.49 59.28
CA SER A 4007 -25.83 -28.75 58.67
C SER A 4007 -26.86 -27.70 59.03
N SER A 4008 -26.81 -27.15 60.24
CA SER A 4008 -27.81 -26.18 60.67
C SER A 4008 -27.63 -24.82 60.01
N GLN A 4009 -26.47 -24.57 59.39
CA GLN A 4009 -26.18 -23.33 58.70
C GLN A 4009 -26.49 -23.40 57.20
N ILE A 4010 -27.33 -24.35 56.78
CA ILE A 4010 -27.61 -24.53 55.37
C ILE A 4010 -28.41 -23.35 54.81
N GLU A 4011 -29.21 -22.70 55.64
CA GLU A 4011 -29.99 -21.54 55.18
C GLU A 4011 -29.07 -20.39 54.78
N LEU A 4012 -28.05 -20.12 55.59
CA LEU A 4012 -27.08 -19.09 55.24
C LEU A 4012 -26.32 -19.47 53.97
N LEU A 4013 -26.04 -20.77 53.80
CA LEU A 4013 -25.36 -21.22 52.59
C LEU A 4013 -26.21 -21.02 51.35
N LYS A 4014 -27.52 -21.28 51.45
CA LYS A 4014 -28.38 -21.07 50.28
C LYS A 4014 -28.57 -19.57 50.00
N GLU A 4015 -28.48 -18.76 51.06
CA GLU A 4015 -28.55 -17.29 50.85
C GLU A 4015 -27.28 -16.86 50.13
N LEU A 4016 -26.13 -17.39 50.53
CA LEU A 4016 -24.85 -17.07 49.85
C LEU A 4016 -24.93 -17.55 48.40
N LEU A 4017 -25.49 -18.73 48.18
CA LEU A 4017 -25.64 -19.28 46.81
C LEU A 4017 -26.57 -18.38 46.01
N ASP A 4018 -27.65 -17.89 46.62
CA ASP A 4018 -28.60 -16.98 45.94
C ASP A 4018 -27.87 -15.69 45.55
N LEU A 4019 -27.01 -15.18 46.43
CA LEU A 4019 -26.24 -13.95 46.12
C LEU A 4019 -25.29 -14.24 44.95
N GLN A 4020 -24.69 -15.43 44.93
CA GLN A 4020 -23.79 -15.80 43.80
C GLN A 4020 -24.62 -15.82 42.53
N LYS A 4021 -25.84 -16.33 42.60
CA LYS A 4021 -26.75 -16.29 41.43
C LYS A 4021 -26.85 -14.84 40.95
N ASP A 4022 -27.34 -13.92 41.80
CA ASP A 4022 -27.47 -12.55 41.33
C ASP A 4022 -26.16 -12.01 40.77
N MET A 4023 -25.02 -12.44 41.32
CA MET A 4023 -23.74 -12.03 40.78
C MET A 4023 -23.52 -12.56 39.36
N VAL A 4024 -23.81 -13.84 39.14
CA VAL A 4024 -23.61 -14.39 37.80
C VAL A 4024 -24.65 -13.87 36.82
N VAL A 4025 -25.85 -13.52 37.28
CA VAL A 4025 -26.81 -12.82 36.42
C VAL A 4025 -26.26 -11.45 36.02
N MET A 4026 -25.65 -10.74 36.96
CA MET A 4026 -25.03 -9.45 36.65
C MET A 4026 -23.88 -9.61 35.66
N LEU A 4027 -23.06 -10.65 35.83
CA LEU A 4027 -21.96 -10.92 34.91
C LEU A 4027 -22.47 -11.26 33.51
N LEU A 4028 -23.53 -12.06 33.42
CA LEU A 4028 -24.14 -12.35 32.12
C LEU A 4028 -24.71 -11.09 31.48
N SER A 4029 -25.32 -10.22 32.29
CA SER A 4029 -25.87 -8.97 31.76
C SER A 4029 -24.78 -8.02 31.31
N LEU A 4030 -23.56 -8.16 31.84
CA LEU A 4030 -22.45 -7.33 31.37
C LEU A 4030 -22.03 -7.67 29.95
N LEU A 4031 -22.32 -8.88 29.48
CA LEU A 4031 -21.84 -9.33 28.18
C LEU A 4031 -22.80 -9.00 27.04
N GLU A 4032 -23.86 -8.26 27.31
CA GLU A 4032 -24.80 -7.88 26.26
C GLU A 4032 -24.14 -6.92 25.28
N GLY A 4033 -24.32 -7.20 23.99
CA GLY A 4033 -23.68 -6.40 22.96
C GLY A 4033 -22.18 -6.52 22.93
N ASN A 4034 -21.67 -7.75 22.89
CA ASN A 4034 -20.23 -8.00 22.98
C ASN A 4034 -19.69 -8.36 21.60
N VAL A 4035 -18.56 -7.74 21.23
CA VAL A 4035 -17.88 -8.06 19.99
C VAL A 4035 -17.15 -9.39 20.16
N VAL A 4036 -16.81 -10.03 19.03
CA VAL A 4036 -16.11 -11.31 19.08
C VAL A 4036 -14.75 -11.17 19.76
N ASN A 4037 -13.98 -10.16 19.36
CA ASN A 4037 -12.71 -9.90 20.04
C ASN A 4037 -12.94 -9.09 21.30
N GLY A 4038 -13.44 -7.86 21.14
CA GLY A 4038 -13.86 -7.04 22.26
C GLY A 4038 -12.71 -6.63 23.18
N MET A 4039 -13.09 -5.88 24.22
CA MET A 4039 -12.20 -5.63 25.35
C MET A 4039 -12.82 -6.01 26.68
N ILE A 4040 -14.16 -6.06 26.78
CA ILE A 4040 -14.81 -6.51 28.00
C ILE A 4040 -14.55 -8.00 28.23
N ALA A 4041 -14.57 -8.80 27.15
CA ALA A 4041 -14.26 -10.22 27.28
C ALA A 4041 -12.82 -10.44 27.68
N ARG A 4042 -11.91 -9.60 27.18
CA ARG A 4042 -10.50 -9.69 27.59
C ARG A 4042 -10.34 -9.38 29.07
N GLN A 4043 -11.07 -8.38 29.57
CA GLN A 4043 -11.01 -8.07 31.00
C GLN A 4043 -11.64 -9.19 31.83
N MET A 4044 -12.69 -9.83 31.31
CA MET A 4044 -13.27 -10.99 32.00
C MET A 4044 -12.27 -12.15 32.06
N VAL A 4045 -11.54 -12.37 30.97
CA VAL A 4045 -10.52 -13.42 30.95
C VAL A 4045 -9.41 -13.10 31.94
N ASP A 4046 -9.00 -11.82 32.00
CA ASP A 4046 -7.99 -11.42 32.98
C ASP A 4046 -8.49 -11.60 34.41
N MET A 4047 -9.78 -11.32 34.64
CA MET A 4047 -10.37 -11.55 35.95
C MET A 4047 -10.36 -13.02 36.31
N LEU A 4048 -10.67 -13.90 35.35
CA LEU A 4048 -10.64 -15.33 35.59
C LEU A 4048 -9.22 -15.82 35.86
N VAL A 4049 -8.24 -15.23 35.17
CA VAL A 4049 -6.84 -15.60 35.41
C VAL A 4049 -6.41 -15.17 36.80
N GLU A 4050 -6.76 -13.94 37.21
CA GLU A 4050 -6.38 -13.46 38.53
C GLU A 4050 -7.08 -14.25 39.64
N SER A 4051 -8.35 -14.61 39.42
CA SER A 4051 -9.12 -15.41 40.38
C SER A 4051 -9.17 -16.87 39.98
N SER A 4052 -8.04 -17.41 39.52
CA SER A 4052 -8.01 -18.78 39.00
C SER A 4052 -8.27 -19.80 40.11
N SER A 4053 -7.71 -19.57 41.30
CA SER A 4053 -7.79 -20.57 42.37
C SER A 4053 -9.23 -20.80 42.82
N ASN A 4054 -9.99 -19.72 43.00
CA ASN A 4054 -11.38 -19.85 43.44
C ASN A 4054 -12.25 -20.51 42.37
N VAL A 4055 -12.00 -20.17 41.10
CA VAL A 4055 -12.75 -20.77 40.00
C VAL A 4055 -12.47 -22.26 39.92
N GLU A 4056 -11.19 -22.65 40.01
CA GLU A 4056 -10.85 -24.08 40.00
C GLU A 4056 -11.45 -24.79 41.20
N MET A 4057 -11.47 -24.14 42.37
CA MET A 4057 -12.06 -24.75 43.56
C MET A 4057 -13.55 -25.01 43.39
N ILE A 4058 -14.29 -24.00 42.91
CA ILE A 4058 -15.73 -24.18 42.79
C ILE A 4058 -16.06 -25.16 41.66
N LEU A 4059 -15.29 -25.16 40.57
CA LEU A 4059 -15.53 -26.12 39.50
C LEU A 4059 -15.20 -27.54 39.96
N LYS A 4060 -14.14 -27.71 40.75
CA LYS A 4060 -13.81 -29.03 41.29
C LYS A 4060 -14.89 -29.52 42.26
N PHE A 4061 -15.43 -28.61 43.08
CA PHE A 4061 -16.51 -29.00 43.99
C PHE A 4061 -17.75 -29.43 43.21
N PHE A 4062 -18.13 -28.64 42.19
CA PHE A 4062 -19.30 -28.99 41.39
C PHE A 4062 -19.09 -30.32 40.65
N ASP A 4063 -17.86 -30.50 40.22
CA ASP A 4063 -17.47 -31.79 39.65
C ASP A 4063 -17.72 -32.84 40.74
N MET A 4064 -17.12 -32.71 41.92
CA MET A 4064 -17.21 -33.79 42.94
C MET A 4064 -18.62 -34.10 43.45
N PHE A 4065 -19.45 -33.12 43.80
CA PHE A 4065 -20.85 -33.42 44.20
C PHE A 4065 -21.68 -33.97 43.04
N LEU A 4066 -21.52 -33.46 41.82
CA LEU A 4066 -22.24 -34.07 40.66
C LEU A 4066 -21.77 -35.51 40.41
N LYS A 4067 -20.48 -35.77 40.49
CA LYS A 4067 -19.90 -37.11 40.27
C LYS A 4067 -20.46 -38.05 41.34
N LEU A 4068 -20.61 -37.58 42.57
CA LEU A 4068 -21.10 -38.45 43.67
C LEU A 4068 -22.51 -38.93 43.35
N LYS A 4069 -23.37 -38.11 42.75
CA LYS A 4069 -24.77 -38.57 42.57
C LYS A 4069 -24.75 -39.85 41.70
N ASP A 4070 -23.92 -39.89 40.65
CA ASP A 4070 -23.79 -41.10 39.79
C ASP A 4070 -23.23 -42.32 40.54
N ILE A 4071 -22.21 -42.15 41.38
CA ILE A 4071 -21.55 -43.32 42.06
C ILE A 4071 -22.57 -44.01 42.95
N VAL A 4072 -23.41 -43.24 43.64
CA VAL A 4072 -24.47 -43.81 44.52
C VAL A 4072 -25.42 -44.63 43.67
N GLY A 4073 -25.78 -44.15 42.47
CA GLY A 4073 -26.64 -44.96 41.57
C GLY A 4073 -25.90 -46.15 40.99
N SER A 4074 -24.58 -46.21 41.20
CA SER A 4074 -23.73 -47.32 40.69
C SER A 4074 -24.02 -48.53 41.58
N GLU A 4075 -23.54 -49.70 41.16
CA GLU A 4075 -23.75 -50.96 41.92
C GLU A 4075 -23.54 -50.71 43.42
N ALA A 4076 -22.37 -50.23 43.87
CA ALA A 4076 -22.22 -49.97 45.31
C ALA A 4076 -22.57 -51.25 46.05
N PHE A 4077 -22.08 -52.37 45.57
CA PHE A 4077 -22.33 -53.70 46.21
C PHE A 4077 -21.76 -53.67 47.63
N GLN A 4078 -20.62 -53.01 47.83
CA GLN A 4078 -19.94 -53.01 49.15
C GLN A 4078 -20.88 -52.37 50.19
N ASP A 4079 -21.59 -51.31 49.85
CA ASP A 4079 -22.58 -50.78 50.83
C ASP A 4079 -23.62 -51.86 51.07
N TYR A 4080 -24.08 -52.48 50.00
CA TYR A 4080 -25.00 -53.64 50.13
C TYR A 4080 -26.26 -53.30 50.93
N VAL A 4081 -26.81 -52.09 50.81
CA VAL A 4081 -28.06 -51.88 51.62
C VAL A 4081 -29.20 -51.25 50.84
N THR A 4082 -30.41 -51.81 50.93
CA THR A 4082 -31.60 -51.06 50.43
C THR A 4082 -32.51 -50.96 51.66
N ASP A 4083 -32.82 -49.75 52.14
CA ASP A 4083 -33.63 -49.62 53.38
C ASP A 4083 -34.28 -48.23 53.42
N PRO A 4084 -35.38 -47.97 54.18
CA PRO A 4084 -35.88 -46.60 54.26
C PRO A 4084 -34.78 -45.76 54.91
N ARG A 4085 -34.18 -46.26 55.99
CA ARG A 4085 -32.99 -45.61 56.59
C ARG A 4085 -31.84 -45.71 55.60
N GLY A 4086 -31.73 -46.86 54.94
CA GLY A 4086 -30.55 -47.18 54.10
C GLY A 4086 -29.49 -47.39 55.14
N LEU A 4087 -29.15 -46.37 55.91
CA LEU A 4087 -28.37 -46.57 57.14
C LEU A 4087 -27.14 -47.42 56.86
N ILE A 4088 -26.40 -47.19 55.77
CA ILE A 4088 -25.18 -48.01 55.74
C ILE A 4088 -24.74 -47.42 57.06
N SER A 4089 -24.64 -48.26 58.11
CA SER A 4089 -24.36 -47.67 59.45
C SER A 4089 -23.46 -46.50 59.13
N LYS A 4090 -23.87 -45.28 59.45
CA LYS A 4090 -23.02 -44.19 58.93
C LYS A 4090 -21.62 -44.36 59.51
N LYS A 4091 -21.49 -44.67 60.79
CA LYS A 4091 -20.10 -44.94 61.28
C LYS A 4091 -19.54 -46.20 60.60
N ASP A 4092 -20.32 -47.29 60.49
CA ASP A 4092 -19.89 -48.56 59.81
C ASP A 4092 -19.66 -48.30 58.32
N PHE A 4093 -20.55 -47.51 57.72
CA PHE A 4093 -20.47 -47.18 56.29
C PHE A 4093 -19.16 -46.43 56.10
N GLN A 4094 -18.76 -45.61 57.07
CA GLN A 4094 -17.60 -44.73 56.79
C GLN A 4094 -16.39 -45.58 56.44
N LYS A 4095 -16.12 -46.68 57.13
CA LYS A 4095 -14.99 -47.52 56.64
C LYS A 4095 -15.29 -48.07 55.25
N ALA A 4096 -16.53 -48.55 55.01
CA ALA A 4096 -16.95 -49.06 53.68
C ALA A 4096 -16.97 -47.96 52.62
N MET A 4097 -17.44 -46.76 52.98
CA MET A 4097 -17.52 -45.60 52.04
C MET A 4097 -16.09 -45.27 51.64
N ASP A 4098 -15.19 -45.28 52.61
CA ASP A 4098 -13.81 -44.83 52.33
C ASP A 4098 -13.22 -45.67 51.21
N SER A 4099 -13.80 -46.84 50.93
CA SER A 4099 -13.12 -47.63 49.89
C SER A 4099 -13.78 -47.36 48.56
N GLN A 4100 -13.06 -46.66 47.68
CA GLN A 4100 -13.59 -46.48 46.31
C GLN A 4100 -12.54 -47.03 45.36
N LYS A 4101 -12.93 -47.96 44.48
CA LYS A 4101 -12.03 -48.50 43.43
C LYS A 4101 -11.64 -47.39 42.47
N GLN A 4102 -12.57 -46.48 42.14
CA GLN A 4102 -12.34 -45.46 41.10
C GLN A 4102 -12.67 -44.04 41.58
N PHE A 4103 -12.10 -43.01 40.94
CA PHE A 4103 -12.42 -41.58 41.25
C PHE A 4103 -12.08 -41.07 42.66
N THR A 4104 -13.03 -40.46 43.39
CA THR A 4104 -12.75 -39.74 44.66
C THR A 4104 -13.04 -40.43 46.01
N GLY A 4105 -12.02 -40.65 46.88
CA GLY A 4105 -12.19 -41.10 48.30
C GLY A 4105 -12.63 -40.02 49.30
N PRO A 4106 -12.09 -38.78 49.22
CA PRO A 4106 -12.43 -37.66 50.12
C PRO A 4106 -13.87 -37.12 50.14
N GLU A 4107 -14.57 -37.04 49.01
CA GLU A 4107 -15.90 -36.36 48.88
C GLU A 4107 -16.95 -36.98 49.79
N ILE A 4108 -16.94 -38.28 49.95
CA ILE A 4108 -18.03 -38.96 50.71
C ILE A 4108 -18.05 -38.40 52.15
N GLN A 4109 -16.91 -38.10 52.76
CA GLN A 4109 -16.92 -37.70 54.20
C GLN A 4109 -17.75 -36.42 54.43
N PHE A 4110 -17.68 -35.39 53.57
CA PHE A 4110 -18.47 -34.16 53.86
C PHE A 4110 -19.94 -34.56 53.81
N LEU A 4111 -20.26 -35.48 52.89
CA LEU A 4111 -21.67 -35.96 52.72
C LEU A 4111 -22.09 -36.64 54.03
N LEU A 4112 -21.19 -37.39 54.65
CA LEU A 4112 -21.62 -38.15 55.84
C LEU A 4112 -22.07 -37.14 56.89
N SER A 4113 -21.34 -36.05 57.02
CA SER A 4113 -21.67 -35.05 58.06
C SER A 4113 -23.05 -34.47 57.74
N CYS A 4114 -23.32 -34.24 56.46
CA CYS A 4114 -24.61 -33.62 56.05
C CYS A 4114 -25.74 -34.54 56.47
N SER A 4115 -25.56 -35.85 56.32
CA SER A 4115 -26.63 -36.82 56.68
C SER A 4115 -26.91 -36.72 58.17
N GLU A 4116 -28.19 -36.75 58.58
CA GLU A 4116 -28.46 -36.78 60.04
C GLU A 4116 -28.02 -38.16 60.55
N ALA A 4117 -27.26 -38.24 61.65
CA ALA A 4117 -26.75 -39.55 62.08
C ALA A 4117 -26.94 -39.80 63.58
N ASP A 4118 -28.17 -40.05 64.06
CA ASP A 4118 -28.26 -40.36 65.52
C ASP A 4118 -28.41 -41.88 65.62
N GLU A 4119 -27.45 -42.54 66.27
CA GLU A 4119 -27.42 -44.02 66.33
C GLU A 4119 -27.04 -44.42 64.90
N ASN A 4120 -26.59 -43.43 64.12
CA ASN A 4120 -26.30 -43.66 62.68
C ASN A 4120 -27.61 -44.17 62.10
N GLU A 4121 -28.75 -43.63 62.57
CA GLU A 4121 -30.05 -44.22 62.13
C GLU A 4121 -30.24 -44.05 60.63
N MET A 4122 -29.94 -42.87 60.08
CA MET A 4122 -30.00 -42.81 58.58
C MET A 4122 -28.81 -42.10 57.94
N ILE A 4123 -27.96 -42.78 57.18
CA ILE A 4123 -27.00 -42.05 56.33
C ILE A 4123 -28.05 -41.42 55.43
N ASN A 4124 -29.08 -42.22 55.11
CA ASN A 4124 -30.21 -41.65 54.37
C ASN A 4124 -29.65 -41.01 53.11
N PHE A 4125 -28.72 -41.70 52.44
CA PHE A 4125 -28.08 -41.01 51.30
C PHE A 4125 -29.22 -40.68 50.32
N GLU A 4126 -30.17 -41.59 50.12
CA GLU A 4126 -31.37 -41.27 49.28
C GLU A 4126 -32.25 -40.14 49.84
N GLU A 4127 -32.55 -40.08 51.14
CA GLU A 4127 -33.42 -39.05 51.76
C GLU A 4127 -32.69 -37.70 51.87
N PHE A 4128 -33.40 -36.56 52.00
CA PHE A 4128 -32.71 -35.24 51.95
C PHE A 4128 -31.89 -35.48 50.70
N ALA A 4129 -32.58 -35.46 49.57
CA ALA A 4129 -31.90 -36.06 48.40
C ALA A 4129 -30.63 -35.27 48.10
N ASN A 4130 -29.52 -35.93 47.73
CA ASN A 4130 -28.20 -35.25 47.55
C ASN A 4130 -28.39 -33.76 47.82
N ARG A 4131 -27.80 -33.25 48.89
CA ARG A 4131 -28.10 -31.91 49.46
C ARG A 4131 -28.17 -30.68 48.55
N PHE A 4132 -29.22 -29.87 48.76
CA PHE A 4132 -29.43 -28.57 48.05
C PHE A 4132 -29.43 -28.74 46.53
N GLN A 4133 -29.99 -29.83 45.99
CA GLN A 4133 -29.85 -30.00 44.53
C GLN A 4133 -30.58 -28.86 43.86
N GLU A 4134 -31.77 -28.51 44.34
CA GLU A 4134 -32.44 -27.41 43.61
C GLU A 4134 -31.60 -26.14 43.75
N PRO A 4135 -31.06 -25.82 44.95
CA PRO A 4135 -30.19 -24.67 45.08
C PRO A 4135 -28.86 -24.67 44.35
N ALA A 4136 -28.11 -25.76 44.35
CA ALA A 4136 -26.78 -25.64 43.70
C ALA A 4136 -26.98 -25.88 42.23
N ARG A 4137 -27.82 -26.86 41.91
CA ARG A 4137 -28.04 -26.93 40.43
C ARG A 4137 -28.44 -25.62 39.80
N ASP A 4138 -29.31 -24.87 40.45
CA ASP A 4138 -29.57 -23.54 39.80
C ASP A 4138 -28.28 -22.70 39.69
N ILE A 4139 -27.35 -22.71 40.65
CA ILE A 4139 -26.11 -21.86 40.32
C ILE A 4139 -25.03 -22.46 39.33
N GLY A 4140 -25.19 -23.51 38.51
CA GLY A 4140 -24.41 -24.34 37.58
C GLY A 4140 -24.75 -24.08 36.13
N PHE A 4141 -26.05 -23.92 35.82
CA PHE A 4141 -26.46 -23.61 34.46
C PHE A 4141 -25.96 -22.23 34.04
N ASN A 4142 -25.99 -21.27 34.97
CA ASN A 4142 -25.61 -19.86 34.67
C ASN A 4142 -24.10 -19.69 34.64
N VAL A 4143 -23.34 -20.57 35.30
CA VAL A 4143 -21.86 -20.50 35.19
C VAL A 4143 -21.45 -21.31 33.96
N ALA A 4144 -22.35 -22.16 33.45
CA ALA A 4144 -22.10 -22.94 32.22
C ALA A 4144 -22.30 -22.05 31.02
N VAL A 4145 -23.49 -21.47 30.88
CA VAL A 4145 -23.76 -20.56 29.77
C VAL A 4145 -22.76 -19.42 29.74
N LEU A 4146 -22.25 -19.00 30.91
CA LEU A 4146 -21.20 -17.98 30.95
C LEU A 4146 -19.92 -18.49 30.29
N LEU A 4147 -19.54 -19.73 30.58
CA LEU A 4147 -18.36 -20.31 29.97
C LEU A 4147 -18.56 -20.54 28.48
N THR A 4148 -19.78 -20.91 28.05
CA THR A 4148 -20.05 -21.04 26.63
C THR A 4148 -19.94 -19.69 25.92
N ASN A 4149 -20.46 -18.63 26.53
CA ASN A 4149 -20.34 -17.29 25.97
C ASN A 4149 -18.89 -16.85 25.88
N LEU A 4150 -18.11 -17.12 26.94
CA LEU A 4150 -16.70 -16.73 26.94
C LEU A 4150 -15.85 -17.62 26.05
N SER A 4151 -16.35 -18.80 25.66
CA SER A 4151 -15.61 -19.70 24.79
C SER A 4151 -15.88 -19.41 23.32
N GLU A 4152 -17.15 -19.16 22.95
CA GLU A 4152 -17.44 -18.80 21.57
C GLU A 4152 -16.82 -17.45 21.20
N HIS A 4153 -16.89 -16.49 22.10
CA HIS A 4153 -16.22 -15.21 21.90
C HIS A 4153 -14.77 -15.30 22.41
N VAL A 4154 -14.01 -14.25 22.12
CA VAL A 4154 -12.58 -14.13 22.43
C VAL A 4154 -11.79 -15.39 22.05
N PRO A 4155 -11.79 -15.77 20.77
CA PRO A 4155 -11.24 -17.07 20.37
C PRO A 4155 -9.71 -17.09 20.46
N HIS A 4156 -9.17 -18.31 20.35
CA HIS A 4156 -7.72 -18.55 20.30
C HIS A 4156 -7.02 -18.07 21.57
N ASP A 4157 -7.58 -18.43 22.72
CA ASP A 4157 -6.97 -18.09 23.99
C ASP A 4157 -6.61 -19.36 24.75
N PRO A 4158 -5.33 -19.72 24.83
CA PRO A 4158 -4.95 -20.97 25.52
C PRO A 4158 -5.21 -20.95 27.03
N ARG A 4159 -5.31 -19.76 27.64
CA ARG A 4159 -5.52 -19.71 29.09
C ARG A 4159 -6.93 -20.10 29.48
N LEU A 4160 -7.93 -19.77 28.65
CA LEU A 4160 -9.30 -20.17 28.92
C LEU A 4160 -9.55 -21.64 28.59
N ARG A 4161 -8.67 -22.26 27.79
CA ARG A 4161 -8.83 -23.67 27.47
C ARG A 4161 -8.67 -24.56 28.70
N ASN A 4162 -7.76 -24.18 29.60
CA ASN A 4162 -7.60 -24.95 30.84
C ASN A 4162 -8.86 -24.86 31.69
N PHE A 4163 -9.45 -23.67 31.78
CA PHE A 4163 -10.70 -23.50 32.53
C PHE A 4163 -11.83 -24.29 31.91
N LEU A 4164 -11.90 -24.31 30.57
CA LEU A 4164 -12.92 -25.11 29.89
C LEU A 4164 -12.70 -26.61 30.13
N GLU A 4165 -11.44 -27.03 30.17
CA GLU A 4165 -11.15 -28.45 30.41
C GLU A 4165 -11.49 -28.86 31.83
N LEU A 4166 -11.29 -27.96 32.80
CA LEU A 4166 -11.62 -28.29 34.18
C LEU A 4166 -13.13 -28.35 34.40
N ALA A 4167 -13.91 -27.67 33.56
CA ALA A 4167 -15.36 -27.62 33.69
C ALA A 4167 -16.05 -28.44 32.61
N GLU A 4168 -15.47 -29.57 32.23
CA GLU A 4168 -16.05 -30.39 31.17
C GLU A 4168 -17.34 -31.08 31.65
N SER A 4169 -17.36 -31.51 32.92
CA SER A 4169 -18.55 -32.20 33.44
C SER A 4169 -19.73 -31.24 33.53
N ILE A 4170 -19.48 -29.98 33.88
CA ILE A 4170 -20.55 -28.98 33.92
C ILE A 4170 -21.12 -28.76 32.53
N LEU A 4171 -20.25 -28.67 31.52
CA LEU A 4171 -20.72 -28.46 30.14
C LEU A 4171 -21.49 -29.67 29.61
N GLU A 4172 -21.03 -30.88 29.94
CA GLU A 4172 -21.75 -32.07 29.46
C GLU A 4172 -23.05 -32.29 30.21
N TYR A 4173 -23.14 -31.87 31.48
CA TYR A 4173 -24.36 -32.09 32.24
C TYR A 4173 -25.48 -31.15 31.79
N PHE A 4174 -25.14 -29.90 31.47
CA PHE A 4174 -26.13 -28.90 31.09
C PHE A 4174 -26.26 -28.71 29.59
N ARG A 4175 -25.61 -29.56 28.79
CA ARG A 4175 -25.72 -29.45 27.34
C ARG A 4175 -27.14 -29.70 26.81
N PRO A 4176 -27.88 -30.73 27.22
CA PRO A 4176 -29.26 -30.85 26.73
C PRO A 4176 -30.17 -29.70 27.14
N TYR A 4177 -29.92 -29.07 28.29
CA TYR A 4177 -30.77 -27.99 28.78
C TYR A 4177 -30.36 -26.62 28.25
N LEU A 4178 -29.26 -26.53 27.50
CA LEU A 4178 -28.79 -25.26 26.97
C LEU A 4178 -29.26 -25.11 25.52
N GLY A 4179 -29.87 -23.98 25.21
CA GLY A 4179 -30.31 -23.69 23.86
C GLY A 4179 -29.76 -22.35 23.39
N ARG A 4180 -29.40 -22.29 22.11
CA ARG A 4180 -28.87 -21.04 21.51
C ARG A 4180 -29.71 -20.68 20.29
N ILE A 4181 -29.71 -19.41 19.90
CA ILE A 4181 -30.48 -18.92 18.72
C ILE A 4181 -29.68 -17.74 18.19
N GLU A 4182 -29.75 -17.44 16.90
CA GLU A 4182 -29.08 -16.23 16.37
C GLU A 4182 -30.15 -15.30 15.84
N ILE A 4183 -30.25 -14.11 16.39
CA ILE A 4183 -31.22 -13.12 15.94
C ILE A 4183 -30.48 -11.89 15.45
N MET A 4184 -31.24 -10.95 14.88
CA MET A 4184 -30.73 -9.65 14.48
C MET A 4184 -31.69 -8.60 15.02
N GLY A 4185 -31.20 -7.75 15.93
CA GLY A 4185 -32.05 -6.73 16.52
C GLY A 4185 -31.23 -5.72 17.29
N ALA A 4186 -31.80 -4.52 17.41
CA ALA A 4186 -31.25 -3.37 18.13
C ALA A 4186 -29.92 -2.88 17.58
N SER A 4187 -29.45 -3.44 16.47
CA SER A 4187 -28.21 -3.06 15.81
C SER A 4187 -28.25 -3.64 14.41
N ARG A 4188 -27.13 -3.54 13.69
CA ARG A 4188 -26.97 -4.16 12.38
C ARG A 4188 -26.04 -5.36 12.46
N ARG A 4189 -26.10 -6.09 13.57
CA ARG A 4189 -25.21 -7.21 13.84
C ARG A 4189 -26.00 -8.40 14.36
N ILE A 4190 -25.44 -9.59 14.18
CA ILE A 4190 -26.07 -10.82 14.64
C ILE A 4190 -25.74 -11.04 16.11
N GLU A 4191 -26.75 -11.35 16.91
CA GLU A 4191 -26.60 -11.54 18.34
C GLU A 4191 -27.07 -12.93 18.74
N ARG A 4192 -26.33 -13.57 19.62
CA ARG A 4192 -26.65 -14.90 20.11
C ARG A 4192 -27.28 -14.80 21.51
N ILE A 4193 -28.31 -15.61 21.73
CA ILE A 4193 -29.03 -15.64 23.00
C ILE A 4193 -29.04 -17.08 23.51
N TYR A 4194 -28.62 -17.25 24.76
CA TYR A 4194 -28.59 -18.55 25.42
C TYR A 4194 -29.72 -18.64 26.43
N PHE A 4195 -30.42 -19.77 26.44
CA PHE A 4195 -31.59 -19.95 27.29
C PHE A 4195 -31.66 -21.40 27.75
N GLU A 4196 -32.67 -21.69 28.58
CA GLU A 4196 -32.82 -22.99 29.21
C GLU A 4196 -33.97 -23.76 28.57
N ILE A 4197 -33.74 -25.06 28.35
CA ILE A 4197 -34.73 -25.95 27.76
C ILE A 4197 -35.22 -26.91 28.84
N SER A 4198 -36.54 -26.98 29.00
CA SER A 4198 -37.13 -27.86 30.01
C SER A 4198 -37.07 -29.31 29.57
N GLU A 4199 -37.09 -30.21 30.55
CA GLU A 4199 -37.01 -31.63 30.28
C GLU A 4199 -38.31 -32.13 29.66
N THR A 4200 -39.46 -31.71 30.21
CA THR A 4200 -40.75 -32.22 29.74
C THR A 4200 -41.06 -31.74 28.32
N ASN A 4201 -40.66 -30.50 27.98
CA ASN A 4201 -40.86 -30.02 26.61
C ASN A 4201 -40.01 -30.81 25.63
N ARG A 4202 -38.77 -31.12 26.00
CA ARG A 4202 -37.91 -31.94 25.15
C ARG A 4202 -38.48 -33.35 24.98
N ALA A 4203 -39.04 -33.91 26.05
CA ALA A 4203 -39.66 -35.23 25.95
C ALA A 4203 -40.91 -35.20 25.07
N GLN A 4204 -41.71 -34.14 25.17
CA GLN A 4204 -42.89 -34.01 24.33
C GLN A 4204 -42.53 -33.76 22.87
N TRP A 4205 -41.38 -33.14 22.62
CA TRP A 4205 -40.95 -32.87 21.25
C TRP A 4205 -40.60 -34.16 20.50
N GLU A 4206 -40.18 -35.19 21.23
CA GLU A 4206 -39.73 -36.44 20.61
C GLU A 4206 -40.88 -37.39 20.29
N MET A 4207 -42.11 -37.00 20.60
CA MET A 4207 -43.26 -37.86 20.35
C MET A 4207 -43.47 -38.05 18.86
N PRO A 4208 -43.84 -39.27 18.42
CA PRO A 4208 -44.02 -39.52 16.98
C PRO A 4208 -45.12 -38.68 16.33
N GLN A 4209 -46.19 -38.37 17.06
CA GLN A 4209 -47.24 -37.54 16.49
C GLN A 4209 -46.77 -36.12 16.23
N VAL A 4210 -45.93 -35.58 17.12
CA VAL A 4210 -45.36 -34.25 16.91
C VAL A 4210 -44.43 -34.26 15.70
N LYS A 4211 -43.64 -35.33 15.55
CA LYS A 4211 -42.75 -35.45 14.40
C LYS A 4211 -43.53 -35.58 13.10
N GLU A 4212 -44.66 -36.30 13.13
CA GLU A 4212 -45.49 -36.44 11.93
C GLU A 4212 -46.15 -35.11 11.57
N SER A 4213 -46.61 -34.36 12.57
CA SER A 4213 -47.16 -33.04 12.30
C SER A 4213 -46.10 -32.11 11.75
N LYS A 4214 -44.88 -32.18 12.27
CA LYS A 4214 -43.78 -31.37 11.75
C LYS A 4214 -43.46 -31.74 10.31
N ARG A 4215 -43.44 -33.04 10.00
CA ARG A 4215 -43.17 -33.46 8.63
C ARG A 4215 -44.26 -32.99 7.67
N GLN A 4216 -45.52 -33.06 8.10
CA GLN A 4216 -46.62 -32.56 7.27
C GLN A 4216 -46.51 -31.05 7.05
N PHE A 4217 -46.15 -30.31 8.11
CA PHE A 4217 -45.99 -28.87 7.98
C PHE A 4217 -44.85 -28.52 7.03
N ILE A 4218 -43.73 -29.24 7.14
CA ILE A 4218 -42.59 -29.00 6.25
C ILE A 4218 -42.96 -29.33 4.81
N PHE A 4219 -43.68 -30.43 4.58
CA PHE A 4219 -44.12 -30.79 3.24
C PHE A 4219 -45.04 -29.73 2.65
N ASP A 4220 -45.97 -29.23 3.46
CA ASP A 4220 -46.89 -28.20 2.98
C ASP A 4220 -46.16 -26.89 2.67
N VAL A 4221 -45.17 -26.52 3.50
CA VAL A 4221 -44.44 -25.28 3.27
C VAL A 4221 -43.56 -25.39 2.04
N VAL A 4222 -42.85 -26.52 1.89
CA VAL A 4222 -41.92 -26.66 0.77
C VAL A 4222 -42.68 -26.82 -0.55
N ASN A 4223 -43.77 -27.60 -0.54
CA ASN A 4223 -44.46 -27.92 -1.79
C ASN A 4223 -45.28 -26.75 -2.29
N GLU A 4224 -46.23 -26.28 -1.48
CA GLU A 4224 -47.17 -25.25 -1.93
C GLU A 4224 -46.90 -23.87 -1.35
N GLY A 4225 -46.13 -23.77 -0.27
CA GLY A 4225 -45.85 -22.48 0.32
C GLY A 4225 -44.84 -21.69 -0.50
N GLY A 4226 -45.08 -20.38 -0.58
CA GLY A 4226 -44.17 -19.50 -1.29
C GLY A 4226 -42.99 -19.07 -0.45
N GLU A 4227 -42.08 -18.32 -1.09
CA GLU A 4227 -40.94 -17.77 -0.37
C GLU A 4227 -41.38 -16.76 0.68
N ALA A 4228 -42.35 -15.92 0.35
CA ALA A 4228 -42.90 -14.98 1.31
C ALA A 4228 -43.80 -15.70 2.31
N GLU A 4229 -44.11 -15.01 3.41
CA GLU A 4229 -45.05 -15.37 4.47
C GLU A 4229 -44.74 -16.72 5.12
N LYS A 4230 -43.52 -17.23 4.91
CA LYS A 4230 -43.12 -18.49 5.53
C LYS A 4230 -43.02 -18.36 7.04
N MET A 4231 -42.57 -17.20 7.53
CA MET A 4231 -42.43 -17.00 8.97
C MET A 4231 -43.78 -16.94 9.67
N GLU A 4232 -44.81 -16.42 9.01
CA GLU A 4232 -46.14 -16.41 9.60
C GLU A 4232 -46.67 -17.83 9.79
N LEU A 4233 -46.48 -18.69 8.77
CA LEU A 4233 -46.88 -20.09 8.90
C LEU A 4233 -46.04 -20.81 9.95
N PHE A 4234 -44.76 -20.46 10.07
CA PHE A 4234 -43.92 -21.06 11.11
C PHE A 4234 -44.42 -20.69 12.50
N VAL A 4235 -44.77 -19.41 12.71
CA VAL A 4235 -45.28 -18.98 14.00
C VAL A 4235 -46.64 -19.63 14.29
N SER A 4236 -47.49 -19.77 13.27
CA SER A 4236 -48.77 -20.44 13.46
C SER A 4236 -48.56 -21.91 13.85
N PHE A 4237 -47.63 -22.59 13.19
CA PHE A 4237 -47.33 -23.98 13.54
C PHE A 4237 -46.76 -24.09 14.94
N CYS A 4238 -45.91 -23.13 15.33
CA CYS A 4238 -45.38 -23.13 16.70
C CYS A 4238 -46.48 -22.94 17.72
N GLU A 4239 -47.42 -22.03 17.46
CA GLU A 4239 -48.54 -21.82 18.38
C GLU A 4239 -49.43 -23.06 18.47
N ASP A 4240 -49.66 -23.72 17.33
CA ASP A 4240 -50.41 -24.96 17.35
C ASP A 4240 -49.70 -26.04 18.15
N THR A 4241 -48.38 -26.10 18.04
CA THR A 4241 -47.60 -27.06 18.81
C THR A 4241 -47.68 -26.77 20.31
N ILE A 4242 -47.62 -25.48 20.68
CA ILE A 4242 -47.78 -25.10 22.08
C ILE A 4242 -49.16 -25.52 22.60
N PHE A 4243 -50.21 -25.28 21.80
CA PHE A 4243 -51.54 -25.67 22.23
C PHE A 4243 -51.69 -27.18 22.36
N GLU A 4244 -51.09 -27.95 21.43
CA GLU A 4244 -51.11 -29.40 21.54
C GLU A 4244 -50.38 -29.88 22.79
N MET A 4245 -49.25 -29.25 23.11
CA MET A 4245 -48.53 -29.61 24.33
C MET A 4245 -49.36 -29.29 25.57
N GLN A 4246 -50.07 -28.16 25.57
CA GLN A 4246 -50.94 -27.82 26.70
C GLN A 4246 -52.07 -28.83 26.85
N ILE A 4247 -52.68 -29.23 25.74
CA ILE A 4247 -53.77 -30.22 25.80
C ILE A 4247 -53.23 -31.56 26.32
N ALA A 4248 -52.06 -31.97 25.82
CA ALA A 4248 -51.46 -33.22 26.29
C ALA A 4248 -51.06 -33.14 27.76
N ALA A 4249 -50.74 -31.93 28.25
CA ALA A 4249 -50.43 -31.77 29.67
C ALA A 4249 -51.68 -31.86 30.52
N GLN A 4250 -52.80 -31.30 30.06
CA GLN A 4250 -54.03 -31.39 30.84
C GLN A 4250 -54.65 -32.78 30.81
N ILE A 4251 -54.51 -33.52 29.70
CA ILE A 4251 -54.99 -34.90 29.69
C ILE A 4251 -54.02 -35.85 30.37
N SER A 4252 -52.79 -35.41 30.63
CA SER A 4252 -51.82 -36.25 31.32
C SER A 4252 -52.26 -36.53 32.75
N GLU A 4253 -52.03 -37.75 33.20
CA GLU A 4253 -52.41 -38.16 34.56
C GLU A 4253 -51.27 -38.87 35.26
N PHE A 4540 -71.54 -38.37 46.73
CA PHE A 4540 -70.88 -37.07 46.78
C PHE A 4540 -70.75 -36.47 45.38
N TRP A 4541 -71.06 -35.18 45.27
CA TRP A 4541 -70.95 -34.49 43.98
C TRP A 4541 -69.49 -34.36 43.54
N GLY A 4542 -68.60 -34.07 44.48
CA GLY A 4542 -67.19 -33.94 44.13
C GLY A 4542 -66.56 -35.24 43.69
N GLU A 4543 -66.92 -36.35 44.36
CA GLU A 4543 -66.40 -37.66 43.95
C GLU A 4543 -66.90 -38.04 42.57
N LEU A 4544 -68.19 -37.78 42.29
CA LEU A 4544 -68.72 -38.07 40.95
C LEU A 4544 -68.05 -37.20 39.90
N GLU A 4545 -67.81 -35.92 40.22
CA GLU A 4545 -67.14 -35.04 39.27
C GLU A 4545 -65.71 -35.50 38.99
N VAL A 4546 -64.97 -35.90 40.02
CA VAL A 4546 -63.61 -36.35 39.80
C VAL A 4546 -63.58 -37.69 39.08
N GLN A 4547 -64.59 -38.54 39.29
CA GLN A 4547 -64.68 -39.79 38.54
C GLN A 4547 -64.98 -39.52 37.06
N ARG A 4548 -65.85 -38.55 36.79
CA ARG A 4548 -66.12 -38.16 35.41
C ARG A 4548 -64.89 -37.58 34.74
N VAL A 4549 -64.13 -36.75 35.47
CA VAL A 4549 -62.89 -36.18 34.93
C VAL A 4549 -61.88 -37.28 34.64
N LYS A 4550 -61.73 -38.24 35.55
CA LYS A 4550 -60.80 -39.35 35.33
C LYS A 4550 -61.23 -40.21 34.14
N PHE A 4551 -62.52 -40.47 34.00
CA PHE A 4551 -63.01 -41.25 32.87
C PHE A 4551 -62.79 -40.52 31.55
N LEU A 4552 -63.02 -39.20 31.53
CA LEU A 4552 -62.77 -38.42 30.33
C LEU A 4552 -61.29 -38.41 29.97
N ASN A 4553 -60.42 -38.29 30.98
CA ASN A 4553 -58.98 -38.31 30.71
C ASN A 4553 -58.54 -39.68 30.21
N TYR A 4554 -59.10 -40.76 30.76
CA TYR A 4554 -58.78 -42.10 30.27
C TYR A 4554 -59.25 -42.30 28.85
N LEU A 4555 -60.44 -41.81 28.51
CA LEU A 4555 -60.94 -41.90 27.14
C LEU A 4555 -60.10 -41.09 26.18
N SER A 4556 -59.64 -39.91 26.61
CA SER A 4556 -58.81 -39.07 25.75
C SER A 4556 -57.43 -39.67 25.54
N ARG A 4557 -56.87 -40.32 26.57
CA ARG A 4557 -55.53 -40.86 26.47
C ARG A 4557 -55.46 -42.01 25.47
N ASN A 4558 -56.44 -42.90 25.48
CA ASN A 4558 -56.49 -44.04 24.57
C ASN A 4558 -57.60 -43.80 23.55
N PHE A 4559 -57.22 -43.39 22.34
CA PHE A 4559 -58.17 -43.09 21.29
C PHE A 4559 -58.01 -43.99 20.08
N TYR A 4560 -56.79 -44.21 19.61
CA TYR A 4560 -56.56 -45.03 18.43
C TYR A 4560 -56.63 -46.52 18.73
N THR A 4561 -56.34 -46.92 19.97
CA THR A 4561 -56.49 -48.31 20.35
C THR A 4561 -57.95 -48.74 20.32
N LEU A 4562 -58.86 -47.86 20.76
CA LEU A 4562 -60.28 -48.14 20.64
C LEU A 4562 -60.72 -48.16 19.19
N ARG A 4563 -60.08 -47.36 18.34
CA ARG A 4563 -60.38 -47.37 16.90
C ARG A 4563 -60.00 -48.71 16.28
N PHE A 4564 -58.83 -49.23 16.63
CA PHE A 4564 -58.42 -50.54 16.16
C PHE A 4564 -59.30 -51.65 16.75
N LEU A 4565 -59.75 -51.46 18.00
CA LEU A 4565 -60.70 -52.41 18.58
C LEU A 4565 -62.02 -52.41 17.83
N ALA A 4566 -62.47 -51.23 17.40
CA ALA A 4566 -63.68 -51.15 16.58
C ALA A 4566 -63.50 -51.85 15.25
N LEU A 4567 -62.31 -51.70 14.64
CA LEU A 4567 -62.02 -52.44 13.41
C LEU A 4567 -62.03 -53.96 13.65
N PHE A 4568 -61.47 -54.41 14.76
CA PHE A 4568 -61.48 -55.84 15.09
C PHE A 4568 -62.91 -56.33 15.30
N LEU A 4569 -63.74 -55.52 15.98
CA LEU A 4569 -65.14 -55.88 16.18
C LEU A 4569 -65.88 -55.96 14.85
N ALA A 4570 -65.62 -55.02 13.94
CA ALA A 4570 -66.25 -55.05 12.63
C ALA A 4570 -65.84 -56.28 11.83
N PHE A 4571 -64.54 -56.63 11.89
CA PHE A 4571 -64.07 -57.84 11.21
C PHE A 4571 -64.72 -59.10 11.78
N ALA A 4572 -64.84 -59.17 13.11
CA ALA A 4572 -65.48 -60.33 13.73
C ALA A 4572 -66.96 -60.40 13.37
N ILE A 4573 -67.63 -59.25 13.33
CA ILE A 4573 -69.04 -59.22 12.94
C ILE A 4573 -69.22 -59.69 11.51
N ASN A 4574 -68.34 -59.24 10.60
CA ASN A 4574 -68.41 -59.68 9.21
C ASN A 4574 -68.13 -61.18 9.08
N PHE A 4575 -67.16 -61.68 9.85
CA PHE A 4575 -66.83 -63.10 9.80
C PHE A 4575 -67.99 -63.97 10.30
N ILE A 4576 -68.66 -63.54 11.36
CA ILE A 4576 -69.82 -64.28 11.85
C ILE A 4576 -70.98 -64.16 10.86
N LEU A 4577 -71.20 -62.97 10.30
CA LEU A 4577 -72.28 -62.74 9.36
C LEU A 4577 -72.04 -63.39 8.00
N LEU A 4578 -70.84 -63.91 7.75
CA LEU A 4578 -70.59 -64.67 6.53
C LEU A 4578 -71.51 -65.87 6.42
N PHE A 4579 -71.72 -66.59 7.53
CA PHE A 4579 -72.63 -67.73 7.55
C PHE A 4579 -74.05 -67.19 7.70
N TYR A 4580 -74.77 -67.10 6.58
CA TYR A 4580 -76.12 -66.53 6.57
C TYR A 4580 -76.84 -67.05 5.34
N LYS A 4581 -77.96 -67.73 5.53
CA LYS A 4581 -78.68 -68.38 4.45
C LYS A 4581 -80.14 -67.91 4.40
N VAL A 4582 -80.80 -68.23 3.30
CA VAL A 4582 -82.21 -67.91 3.09
C VAL A 4582 -82.94 -69.20 2.71
N SER A 4583 -84.15 -69.37 3.23
CA SER A 4583 -84.94 -70.56 2.96
C SER A 4583 -86.39 -70.17 2.73
N ASP A 4584 -87.12 -71.05 2.03
CA ASP A 4584 -88.52 -70.80 1.74
C ASP A 4584 -89.43 -71.26 2.87
N SER A 4585 -88.96 -72.21 3.68
CA SER A 4585 -89.78 -72.73 4.81
C SER A 4585 -89.19 -72.28 6.14
N PRO A 4586 -90.01 -72.07 7.19
CA PRO A 4586 -89.52 -71.60 8.49
C PRO A 4586 -88.58 -72.65 9.10
N PRO A 4587 -87.50 -72.24 9.80
CA PRO A 4587 -86.50 -73.20 10.32
C PRO A 4587 -87.06 -74.22 11.32
N GLY A 4588 -86.58 -75.47 11.26
CA GLY A 4588 -86.98 -76.52 12.20
C GLY A 4588 -88.48 -76.80 12.16
N ASN A 4626 -93.04 -64.48 3.57
CA ASN A 4626 -92.76 -65.60 2.68
C ASN A 4626 -91.44 -66.27 3.05
N MET A 4627 -90.38 -65.91 2.34
CA MET A 4627 -89.06 -66.49 2.61
C MET A 4627 -88.49 -65.94 3.91
N VAL A 4628 -87.76 -66.79 4.63
CA VAL A 4628 -87.15 -66.42 5.89
C VAL A 4628 -85.63 -66.50 5.75
N TYR A 4629 -84.93 -65.79 6.63
CA TYR A 4629 -83.48 -65.75 6.65
C TYR A 4629 -82.98 -66.35 7.96
N TYR A 4630 -82.07 -67.32 7.85
CA TYR A 4630 -81.53 -67.98 9.03
C TYR A 4630 -80.13 -68.49 8.72
N PHE A 4631 -79.32 -68.62 9.75
CA PHE A 4631 -77.91 -69.00 9.61
C PHE A 4631 -77.76 -70.49 9.87
N LEU A 4632 -77.28 -71.22 8.87
CA LEU A 4632 -76.95 -72.63 9.01
C LEU A 4632 -75.52 -72.76 9.53
N GLU A 4633 -75.35 -72.33 10.78
CA GLU A 4633 -74.02 -72.24 11.39
C GLU A 4633 -73.50 -73.58 11.88
N GLU A 4634 -74.38 -74.57 12.06
CA GLU A 4634 -74.11 -75.92 12.56
C GLU A 4634 -73.73 -75.94 14.05
N SER A 4635 -73.24 -74.82 14.58
CA SER A 4635 -72.95 -74.68 16.01
C SER A 4635 -74.12 -73.97 16.66
N THR A 4636 -75.02 -74.73 17.27
CA THR A 4636 -76.28 -74.17 17.76
C THR A 4636 -76.04 -73.29 18.99
N GLY A 4637 -76.63 -72.10 18.97
CA GLY A 4637 -76.67 -71.24 20.14
C GLY A 4637 -75.42 -70.46 20.46
N TYR A 4638 -74.41 -70.47 19.59
CA TYR A 4638 -73.16 -69.79 19.88
C TYR A 4638 -73.01 -68.46 19.15
N MET A 4639 -73.30 -68.43 17.85
CA MET A 4639 -72.90 -67.29 17.03
C MET A 4639 -73.85 -66.10 17.13
N GLU A 4640 -75.14 -66.41 17.25
CA GLU A 4640 -76.19 -65.35 17.38
C GLU A 4640 -76.01 -64.65 18.72
N PRO A 4641 -75.79 -65.37 19.84
CA PRO A 4641 -75.50 -64.72 21.11
C PRO A 4641 -74.21 -63.93 20.95
N ALA A 4642 -73.23 -64.49 20.25
CA ALA A 4642 -71.93 -63.82 20.06
C ALA A 4642 -72.10 -62.51 19.28
N LEU A 4643 -72.74 -62.55 18.11
CA LEU A 4643 -72.87 -61.38 17.25
C LEU A 4643 -73.72 -60.31 17.93
N TRP A 4644 -74.39 -60.65 19.02
CA TRP A 4644 -75.17 -59.65 19.74
C TRP A 4644 -74.29 -58.97 20.78
N CYS A 4645 -73.43 -59.76 21.44
CA CYS A 4645 -72.38 -59.17 22.27
C CYS A 4645 -71.47 -58.26 21.45
N LEU A 4646 -71.10 -58.70 20.24
CA LEU A 4646 -70.27 -57.86 19.38
C LEU A 4646 -71.01 -56.63 18.89
N SER A 4647 -72.32 -56.74 18.63
CA SER A 4647 -73.07 -55.55 18.24
C SER A 4647 -73.12 -54.51 19.36
N LEU A 4648 -73.41 -54.97 20.59
CA LEU A 4648 -73.43 -54.06 21.73
C LEU A 4648 -72.05 -53.45 21.99
N LEU A 4649 -71.00 -54.27 21.87
CA LEU A 4649 -69.64 -53.78 22.07
C LEU A 4649 -69.25 -52.77 20.99
N HIS A 4650 -69.66 -53.01 19.74
CA HIS A 4650 -69.37 -52.07 18.67
C HIS A 4650 -70.07 -50.74 18.89
N THR A 4651 -71.33 -50.78 19.34
CA THR A 4651 -72.04 -49.54 19.66
C THR A 4651 -71.36 -48.79 20.80
N LEU A 4652 -70.96 -49.52 21.85
CA LEU A 4652 -70.29 -48.89 22.99
C LEU A 4652 -68.96 -48.28 22.59
N VAL A 4653 -68.17 -48.98 21.78
CA VAL A 4653 -66.87 -48.46 21.35
C VAL A 4653 -67.05 -47.25 20.44
N ALA A 4654 -68.08 -47.28 19.57
CA ALA A 4654 -68.35 -46.11 18.73
C ALA A 4654 -68.72 -44.90 19.57
N PHE A 4655 -69.53 -45.11 20.60
CA PHE A 4655 -69.88 -44.00 21.50
C PHE A 4655 -68.66 -43.47 22.25
N LEU A 4656 -67.80 -44.38 22.73
CA LEU A 4656 -66.59 -43.95 23.44
C LEU A 4656 -65.64 -43.20 22.51
N CYS A 4657 -65.50 -43.64 21.26
CA CYS A 4657 -64.63 -42.94 20.33
C CYS A 4657 -65.18 -41.56 19.97
N ILE A 4658 -66.51 -41.44 19.79
CA ILE A 4658 -67.07 -40.13 19.49
C ILE A 4658 -66.92 -39.19 20.68
N ILE A 4659 -67.03 -39.72 21.91
CA ILE A 4659 -66.80 -38.90 23.10
C ILE A 4659 -65.35 -38.47 23.19
N GLY A 4660 -64.42 -39.40 22.90
CA GLY A 4660 -63.01 -39.05 22.95
C GLY A 4660 -62.61 -38.03 21.90
N TYR A 4661 -63.20 -38.12 20.70
CA TYR A 4661 -62.97 -37.09 19.69
C TYR A 4661 -63.57 -35.76 20.13
N ASN A 4662 -64.74 -35.79 20.78
CA ASN A 4662 -65.37 -34.55 21.22
C ASN A 4662 -64.52 -33.83 22.27
N CYS A 4663 -63.96 -34.59 23.22
CA CYS A 4663 -63.14 -33.98 24.26
C CYS A 4663 -61.68 -33.78 23.86
N LEU A 4664 -61.24 -34.38 22.75
CA LEU A 4664 -59.81 -34.44 22.45
C LEU A 4664 -59.38 -33.39 21.44
N LYS A 4665 -59.99 -33.37 20.25
CA LYS A 4665 -59.47 -32.57 19.14
C LYS A 4665 -60.29 -31.33 18.82
N VAL A 4666 -61.49 -31.23 19.39
CA VAL A 4666 -62.30 -29.99 19.19
C VAL A 4666 -61.53 -28.80 19.78
N PRO A 4667 -60.95 -28.90 20.99
CA PRO A 4667 -60.14 -27.81 21.56
C PRO A 4667 -59.19 -27.15 20.55
N LEU A 4668 -58.63 -27.91 19.62
CA LEU A 4668 -57.66 -27.40 18.67
C LEU A 4668 -58.32 -26.54 17.60
N VAL A 4669 -59.43 -27.00 17.04
CA VAL A 4669 -60.09 -26.22 15.98
C VAL A 4669 -60.77 -24.99 16.56
N ILE A 4670 -61.27 -25.06 17.80
CA ILE A 4670 -61.83 -23.87 18.44
C ILE A 4670 -60.75 -22.83 18.68
N PHE A 4671 -59.57 -23.27 19.16
CA PHE A 4671 -58.46 -22.34 19.38
C PHE A 4671 -57.98 -21.73 18.07
N LYS A 4672 -57.88 -22.53 17.01
CA LYS A 4672 -57.43 -22.00 15.73
C LYS A 4672 -58.45 -20.99 15.16
N ARG A 4673 -59.74 -21.30 15.26
CA ARG A 4673 -60.75 -20.38 14.76
C ARG A 4673 -60.76 -19.08 15.56
N GLU A 4674 -60.65 -19.17 16.89
CA GLU A 4674 -60.63 -17.96 17.71
C GLU A 4674 -59.39 -17.13 17.44
N LYS A 4675 -58.23 -17.77 17.27
CA LYS A 4675 -57.00 -17.04 16.98
C LYS A 4675 -57.08 -16.36 15.62
N GLU A 4676 -57.60 -17.05 14.60
CA GLU A 4676 -57.72 -16.46 13.28
C GLU A 4676 -58.69 -15.27 13.29
N LEU A 4677 -59.82 -15.42 13.99
CA LEU A 4677 -60.78 -14.32 14.07
C LEU A 4677 -60.19 -13.12 14.82
N ALA A 4678 -59.47 -13.38 15.91
CA ALA A 4678 -58.85 -12.29 16.68
C ALA A 4678 -57.80 -11.56 15.86
N ARG A 4679 -56.96 -12.30 15.12
CA ARG A 4679 -55.94 -11.65 14.29
C ARG A 4679 -56.57 -10.87 13.14
N LYS A 4680 -57.63 -11.42 12.53
CA LYS A 4680 -58.31 -10.68 11.46
C LYS A 4680 -58.97 -9.42 11.99
N LEU A 4681 -59.55 -9.47 13.19
CA LEU A 4681 -60.15 -8.28 13.77
C LEU A 4681 -59.08 -7.24 14.13
N GLU A 4682 -57.96 -7.68 14.69
CA GLU A 4682 -56.95 -6.74 15.18
C GLU A 4682 -56.18 -6.11 14.04
N PHE A 4683 -55.75 -6.91 13.06
CA PHE A 4683 -54.82 -6.42 12.04
C PHE A 4683 -55.46 -6.17 10.69
N ASP A 4684 -56.48 -6.94 10.32
CA ASP A 4684 -57.09 -6.80 9.00
C ASP A 4684 -58.34 -5.92 9.00
N GLY A 4685 -59.00 -5.76 10.14
CA GLY A 4685 -60.21 -4.95 10.21
C GLY A 4685 -61.36 -5.53 9.39
N LEU A 4686 -61.59 -6.84 9.53
CA LEU A 4686 -62.61 -7.52 8.73
C LEU A 4686 -64.00 -7.00 9.06
N TYR A 4687 -64.26 -6.66 10.32
CA TYR A 4687 -65.55 -6.12 10.74
C TYR A 4687 -65.49 -4.65 11.14
N ILE A 4688 -64.29 -4.08 11.29
CA ILE A 4688 -64.16 -2.69 11.74
C ILE A 4688 -64.20 -1.76 10.54
N THR A 4689 -63.25 -1.91 9.62
CA THR A 4689 -63.12 -1.00 8.49
C THR A 4689 -63.99 -1.45 7.32
N GLU A 4690 -63.80 -2.69 6.86
CA GLU A 4690 -64.56 -3.24 5.75
C GLU A 4690 -65.65 -4.17 6.28
N GLN A 4691 -66.37 -4.80 5.34
CA GLN A 4691 -67.41 -5.76 5.65
C GLN A 4691 -67.32 -6.93 4.69
N PRO A 4692 -67.71 -8.13 5.12
CA PRO A 4692 -67.76 -9.27 4.19
C PRO A 4692 -68.89 -9.12 3.18
N GLY A 4693 -68.53 -9.05 1.89
CA GLY A 4693 -69.49 -8.79 0.85
C GLY A 4693 -70.50 -9.88 0.61
N ASP A 4694 -70.02 -11.05 0.18
CA ASP A 4694 -70.92 -12.22 -0.02
C ASP A 4694 -70.08 -13.49 -0.13
N ASP A 4695 -70.72 -14.66 -0.24
CA ASP A 4695 -70.00 -15.95 -0.43
C ASP A 4695 -68.97 -16.13 0.71
N ASP A 4696 -69.34 -15.76 1.93
CA ASP A 4696 -68.42 -15.94 3.10
C ASP A 4696 -69.24 -16.45 4.29
N VAL A 4697 -69.71 -17.70 4.21
CA VAL A 4697 -70.53 -18.26 5.28
C VAL A 4697 -69.84 -18.10 6.62
N LYS A 4698 -68.50 -18.24 6.64
CA LYS A 4698 -67.75 -18.08 7.89
C LYS A 4698 -67.85 -16.65 8.42
N GLY A 4699 -67.83 -15.66 7.51
CA GLY A 4699 -67.95 -14.28 7.95
C GLY A 4699 -69.30 -13.98 8.59
N GLN A 4700 -70.36 -14.55 8.05
CA GLN A 4700 -71.69 -14.36 8.66
C GLN A 4700 -71.81 -15.15 9.96
N TRP A 4701 -71.20 -16.34 10.02
CA TRP A 4701 -71.30 -17.16 11.22
C TRP A 4701 -70.43 -16.63 12.36
N ASP A 4702 -69.38 -15.87 12.06
CA ASP A 4702 -68.53 -15.31 13.10
C ASP A 4702 -69.10 -14.07 13.75
N ARG A 4703 -70.21 -13.53 13.23
CA ARG A 4703 -70.82 -12.34 13.84
C ARG A 4703 -71.52 -12.65 15.15
N LEU A 4704 -71.89 -13.91 15.39
CA LEU A 4704 -72.62 -14.25 16.61
C LEU A 4704 -71.72 -14.27 17.83
N VAL A 4705 -70.43 -14.62 17.66
CA VAL A 4705 -69.54 -14.74 18.79
C VAL A 4705 -68.93 -13.39 19.19
N LEU A 4706 -69.00 -12.39 18.32
CA LEU A 4706 -68.41 -11.09 18.62
C LEU A 4706 -69.13 -10.39 19.76
N ASN A 4707 -70.47 -10.48 19.80
CA ASN A 4707 -71.24 -9.84 20.86
C ASN A 4707 -71.24 -10.61 22.16
N THR A 4708 -70.79 -11.87 22.15
CA THR A 4708 -70.76 -12.65 23.38
C THR A 4708 -69.64 -12.18 24.30
N PRO A 4709 -69.89 -12.06 25.60
CA PRO A 4709 -68.82 -11.70 26.53
C PRO A 4709 -67.75 -12.77 26.68
N SER A 4710 -68.04 -14.02 26.27
CA SER A 4710 -67.10 -15.13 26.41
C SER A 4710 -66.32 -15.39 25.13
N PHE A 4711 -66.00 -14.33 24.39
CA PHE A 4711 -65.21 -14.49 23.16
C PHE A 4711 -63.83 -15.10 23.39
N PRO A 4712 -62.96 -14.59 24.31
CA PRO A 4712 -61.67 -15.26 24.51
C PRO A 4712 -61.81 -16.42 25.50
N SER A 4713 -61.73 -17.64 24.97
CA SER A 4713 -61.79 -18.85 25.78
C SER A 4713 -60.54 -19.69 25.66
N ASN A 4714 -60.08 -19.96 24.44
CA ASN A 4714 -58.87 -20.74 24.22
C ASN A 4714 -57.67 -19.90 23.85
N TYR A 4715 -57.89 -18.72 23.25
CA TYR A 4715 -56.78 -17.86 22.85
C TYR A 4715 -56.14 -17.24 24.08
N TRP A 4716 -54.81 -17.07 24.03
CA TRP A 4716 -54.07 -16.64 25.20
C TRP A 4716 -54.33 -15.18 25.56
N ASP A 4717 -54.45 -14.32 24.55
CA ASP A 4717 -54.65 -12.90 24.79
C ASP A 4717 -56.11 -12.63 25.11
N LYS A 4718 -56.37 -12.06 26.29
CA LYS A 4718 -57.71 -11.68 26.72
C LYS A 4718 -57.99 -10.20 26.54
N PHE A 4719 -57.07 -9.45 25.93
CA PHE A 4719 -57.21 -8.00 25.79
C PHE A 4719 -57.29 -7.59 24.32
N VAL A 4720 -57.75 -8.48 23.44
CA VAL A 4720 -57.83 -8.15 22.01
C VAL A 4720 -58.89 -7.08 21.76
N LYS A 4721 -60.00 -7.11 22.50
CA LYS A 4721 -61.05 -6.11 22.32
C LYS A 4721 -60.56 -4.72 22.70
N ARG A 4722 -59.80 -4.61 23.80
CA ARG A 4722 -59.24 -3.32 24.19
C ARG A 4722 -58.21 -2.82 23.17
N LYS A 4723 -57.41 -3.73 22.60
CA LYS A 4723 -56.45 -3.33 21.58
C LYS A 4723 -57.15 -2.82 20.33
N VAL A 4724 -58.23 -3.49 19.90
CA VAL A 4724 -58.98 -3.03 18.74
C VAL A 4724 -59.64 -1.68 19.03
N LEU A 4725 -60.19 -1.52 20.24
CA LEU A 4725 -60.81 -0.26 20.62
C LEU A 4725 -59.81 0.89 20.64
N ASP A 4726 -58.61 0.64 21.15
CA ASP A 4726 -57.58 1.68 21.16
C ASP A 4726 -57.04 1.96 19.77
N LYS A 4727 -56.98 0.94 18.90
CA LYS A 4727 -56.45 1.14 17.56
C LYS A 4727 -57.42 1.92 16.68
N HIS A 4728 -58.71 1.57 16.73
CA HIS A 4728 -59.71 2.16 15.86
C HIS A 4728 -60.65 3.11 16.59
N GLY A 4729 -60.20 3.66 17.73
CA GLY A 4729 -61.02 4.61 18.47
C GLY A 4729 -61.04 6.02 17.92
N ASP A 4730 -60.04 6.40 17.13
CA ASP A 4730 -59.96 7.74 16.58
C ASP A 4730 -60.56 7.83 15.18
N ILE A 4731 -60.22 6.89 14.29
CA ILE A 4731 -60.74 6.92 12.93
C ILE A 4731 -62.24 6.63 12.94
N PHE A 4732 -62.67 5.62 13.68
CA PHE A 4732 -64.07 5.28 13.82
C PHE A 4732 -64.57 5.70 15.19
N GLY A 4733 -65.89 5.75 15.35
CA GLY A 4733 -66.49 6.16 16.60
C GLY A 4733 -66.20 5.15 17.70
N ARG A 4734 -65.80 5.64 18.87
CA ARG A 4734 -65.50 4.75 19.99
C ARG A 4734 -66.74 3.99 20.44
N GLU A 4735 -67.90 4.67 20.47
CA GLU A 4735 -69.13 4.02 20.90
C GLU A 4735 -69.55 2.92 19.94
N ARG A 4736 -69.42 3.15 18.62
CA ARG A 4736 -69.85 2.15 17.65
C ARG A 4736 -68.98 0.90 17.71
N ILE A 4737 -67.65 1.07 17.78
CA ILE A 4737 -66.74 -0.06 17.85
C ILE A 4737 -66.90 -0.79 19.19
N ALA A 4738 -67.13 -0.04 20.26
CA ALA A 4738 -67.37 -0.67 21.56
C ALA A 4738 -68.65 -1.49 21.56
N GLU A 4739 -69.73 -0.95 20.99
CA GLU A 4739 -71.01 -1.66 20.96
C GLU A 4739 -70.94 -2.88 20.05
N LEU A 4740 -70.21 -2.79 18.93
CA LEU A 4740 -70.11 -3.91 18.01
C LEU A 4740 -69.40 -5.09 18.63
N LEU A 4741 -68.49 -4.85 19.58
CA LEU A 4741 -67.74 -5.92 20.25
C LEU A 4741 -68.22 -6.13 21.68
N GLY A 4742 -69.52 -6.01 21.93
CA GLY A 4742 -70.05 -6.21 23.27
C GLY A 4742 -69.65 -5.08 24.20
N MET A 4743 -68.85 -5.42 25.22
CA MET A 4743 -68.19 -4.45 26.11
C MET A 4743 -69.18 -3.46 26.73
N ASP A 4744 -70.18 -4.01 27.42
CA ASP A 4744 -71.18 -3.18 28.06
C ASP A 4744 -70.56 -2.37 29.20
N LEU A 4745 -71.05 -1.14 29.37
CA LEU A 4745 -70.57 -0.19 30.38
C LEU A 4745 -69.06 0.03 30.25
N ALA A 4746 -68.68 0.55 29.08
CA ALA A 4746 -67.27 0.84 28.82
C ALA A 4746 -66.74 1.93 29.74
N SER A 4747 -67.57 2.90 30.09
CA SER A 4747 -67.16 3.92 31.05
C SER A 4747 -66.94 3.31 32.43
N LEU A 4748 -67.79 2.36 32.82
CA LEU A 4748 -67.63 1.70 34.12
C LEU A 4748 -66.45 0.72 34.12
N GLU A 4749 -65.96 0.33 32.95
CA GLU A 4749 -64.79 -0.54 32.87
C GLU A 4749 -63.55 0.17 33.42
N ILE A 4750 -63.47 1.48 33.21
CA ILE A 4750 -62.34 2.26 33.72
C ILE A 4750 -62.37 2.27 35.24
N THR A 4751 -61.20 2.05 35.85
CA THR A 4751 -61.08 1.89 37.30
C THR A 4751 -61.05 3.22 38.04
N ALA A 4752 -61.43 4.32 37.40
CA ALA A 4752 -61.43 5.62 38.06
C ALA A 4752 -62.58 5.77 39.05
N HIS A 4753 -63.61 4.94 38.96
CA HIS A 4753 -64.78 5.09 39.81
C HIS A 4753 -64.53 4.52 41.21
N ASN A 4754 -64.23 3.22 41.29
CA ASN A 4754 -63.99 2.52 42.56
C ASN A 4754 -65.16 2.69 43.53
N GLU A 4755 -66.38 2.58 43.01
CA GLU A 4755 -67.56 2.82 43.82
C GLU A 4755 -67.79 1.69 44.83
N ARG A 4756 -67.69 0.44 44.37
CA ARG A 4756 -67.97 -0.69 45.24
C ARG A 4756 -67.24 -1.93 44.71
N LYS A 4757 -67.12 -2.92 45.58
CA LYS A 4757 -66.52 -4.21 45.24
C LYS A 4757 -67.58 -5.28 45.15
N PRO A 4758 -67.56 -6.12 44.12
CA PRO A 4758 -68.60 -7.14 43.98
C PRO A 4758 -68.46 -8.25 45.00
N ASP A 4759 -69.59 -8.92 45.27
CA ASP A 4759 -69.66 -10.03 46.21
C ASP A 4759 -69.75 -11.36 45.46
N PRO A 4760 -69.14 -12.41 45.98
CA PRO A 4760 -69.16 -13.71 45.29
C PRO A 4760 -70.54 -14.36 45.40
N PRO A 4761 -71.07 -14.87 44.30
CA PRO A 4761 -72.36 -15.56 44.34
C PRO A 4761 -72.22 -16.95 44.92
N PRO A 4762 -73.29 -17.53 45.47
CA PRO A 4762 -73.23 -18.92 45.96
C PRO A 4762 -73.46 -19.90 44.81
N GLY A 4763 -72.51 -20.82 44.64
CA GLY A 4763 -72.53 -21.73 43.50
C GLY A 4763 -73.53 -22.86 43.59
N LEU A 4764 -74.80 -22.54 43.79
CA LEU A 4764 -75.89 -23.50 43.74
C LEU A 4764 -76.87 -23.04 42.68
N LEU A 4765 -77.12 -23.90 41.69
CA LEU A 4765 -78.02 -23.69 40.54
C LEU A 4765 -77.51 -22.60 39.60
N THR A 4766 -76.41 -21.92 39.93
CA THR A 4766 -75.87 -20.85 39.11
C THR A 4766 -75.35 -21.36 37.76
N TRP A 4767 -74.99 -22.64 37.68
CA TRP A 4767 -74.45 -23.19 36.43
C TRP A 4767 -75.45 -23.12 35.29
N LEU A 4768 -76.76 -23.16 35.59
CA LEU A 4768 -77.75 -23.05 34.53
C LEU A 4768 -77.76 -21.66 33.90
N MET A 4769 -77.54 -20.62 34.71
CA MET A 4769 -77.54 -19.26 34.18
C MET A 4769 -76.17 -18.84 33.66
N SER A 4770 -75.10 -19.48 34.12
CA SER A 4770 -73.75 -19.05 33.77
C SER A 4770 -73.35 -19.42 32.35
N ILE A 4771 -74.11 -20.29 31.68
CA ILE A 4771 -73.79 -20.67 30.31
C ILE A 4771 -74.22 -19.55 29.36
N ASP A 4772 -73.53 -19.47 28.22
CA ASP A 4772 -73.83 -18.50 27.17
C ASP A 4772 -74.46 -19.26 26.01
N VAL A 4773 -75.75 -19.02 25.77
CA VAL A 4773 -76.48 -19.79 24.76
C VAL A 4773 -75.93 -19.52 23.36
N LYS A 4774 -75.68 -18.25 23.05
CA LYS A 4774 -75.21 -17.87 21.71
C LYS A 4774 -73.81 -18.44 21.44
N TYR A 4775 -72.93 -18.38 22.45
CA TYR A 4775 -71.59 -18.93 22.29
C TYR A 4775 -71.63 -20.44 22.10
N GLN A 4776 -72.48 -21.14 22.85
CA GLN A 4776 -72.62 -22.58 22.69
C GLN A 4776 -73.20 -22.94 21.32
N ILE A 4777 -74.13 -22.12 20.83
CA ILE A 4777 -74.68 -22.35 19.49
C ILE A 4777 -73.59 -22.18 18.43
N TRP A 4778 -72.75 -21.14 18.57
CA TRP A 4778 -71.65 -20.94 17.63
C TRP A 4778 -70.66 -22.08 17.69
N LYS A 4779 -70.33 -22.55 18.90
CA LYS A 4779 -69.40 -23.66 19.05
C LYS A 4779 -69.98 -24.95 18.45
N PHE A 4780 -71.28 -25.18 18.65
CA PHE A 4780 -71.92 -26.36 18.08
C PHE A 4780 -71.93 -26.29 16.56
N GLY A 4781 -72.14 -25.10 15.99
CA GLY A 4781 -72.07 -24.95 14.55
C GLY A 4781 -70.66 -25.19 14.01
N VAL A 4782 -69.64 -24.73 14.75
CA VAL A 4782 -68.26 -24.97 14.35
C VAL A 4782 -67.95 -26.46 14.39
N ILE A 4783 -68.43 -27.16 15.42
CA ILE A 4783 -68.24 -28.61 15.53
C ILE A 4783 -68.96 -29.32 14.38
N PHE A 4784 -70.19 -28.89 14.07
CA PHE A 4784 -70.93 -29.47 12.96
C PHE A 4784 -70.30 -29.15 11.61
N THR A 4785 -69.45 -28.13 11.53
CA THR A 4785 -68.78 -27.79 10.28
C THR A 4785 -67.64 -28.77 9.96
N ASP A 4786 -67.01 -29.34 10.98
CA ASP A 4786 -65.85 -30.21 10.77
C ASP A 4786 -66.26 -31.51 10.07
N ASN A 4787 -65.39 -31.98 9.18
CA ASN A 4787 -65.69 -33.17 8.39
C ASN A 4787 -65.59 -34.44 9.22
N SER A 4788 -64.57 -34.53 10.09
CA SER A 4788 -64.37 -35.75 10.87
C SER A 4788 -65.49 -35.96 11.89
N PHE A 4789 -66.03 -34.87 12.45
CA PHE A 4789 -67.17 -35.00 13.35
C PHE A 4789 -68.39 -35.54 12.62
N LEU A 4790 -68.63 -35.09 11.39
CA LEU A 4790 -69.72 -35.62 10.59
C LEU A 4790 -69.48 -37.09 10.22
N TYR A 4791 -68.23 -37.45 9.95
CA TYR A 4791 -67.89 -38.84 9.67
C TYR A 4791 -68.17 -39.73 10.89
N LEU A 4792 -67.78 -39.28 12.08
CA LEU A 4792 -68.04 -40.07 13.28
C LEU A 4792 -69.53 -40.13 13.62
N GLY A 4793 -70.26 -39.05 13.34
CA GLY A 4793 -71.70 -39.08 13.52
C GLY A 4793 -72.38 -40.06 12.58
N TRP A 4794 -71.93 -40.10 11.32
CA TRP A 4794 -72.46 -41.08 10.37
C TRP A 4794 -72.11 -42.50 10.79
N TYR A 4795 -70.90 -42.69 11.32
CA TYR A 4795 -70.50 -44.00 11.82
C TYR A 4795 -71.39 -44.44 12.98
N MET A 4796 -71.68 -43.52 13.91
CA MET A 4796 -72.56 -43.86 15.03
C MET A 4796 -73.99 -44.11 14.58
N VAL A 4797 -74.46 -43.35 13.57
CA VAL A 4797 -75.80 -43.56 13.04
C VAL A 4797 -75.91 -44.94 12.41
N MET A 4798 -74.90 -45.33 11.62
CA MET A 4798 -74.91 -46.66 11.01
C MET A 4798 -74.77 -47.76 12.05
N SER A 4799 -74.00 -47.52 13.12
CA SER A 4799 -73.89 -48.50 14.19
C SER A 4799 -75.22 -48.69 14.91
N LEU A 4800 -75.95 -47.59 15.14
CA LEU A 4800 -77.27 -47.71 15.75
C LEU A 4800 -78.26 -48.38 14.82
N LEU A 4801 -78.19 -48.10 13.52
CA LEU A 4801 -79.07 -48.75 12.56
C LEU A 4801 -78.75 -50.22 12.37
N GLY A 4802 -77.52 -50.64 12.69
CA GLY A 4802 -77.15 -52.04 12.58
C GLY A 4802 -77.86 -52.94 13.58
N HIS A 4803 -78.37 -52.36 14.67
CA HIS A 4803 -79.14 -53.15 15.63
C HIS A 4803 -80.43 -53.67 15.01
N TYR A 4804 -81.06 -52.87 14.15
CA TYR A 4804 -82.15 -53.36 13.32
C TYR A 4804 -81.61 -54.45 12.41
N ASN A 4805 -82.32 -55.57 12.33
CA ASN A 4805 -81.79 -56.76 11.65
C ASN A 4805 -81.67 -56.52 10.16
N ASN A 4806 -80.46 -56.14 9.73
CA ASN A 4806 -80.14 -55.87 8.33
C ASN A 4806 -78.64 -56.09 8.15
N PHE A 4807 -78.13 -55.70 6.99
CA PHE A 4807 -76.71 -55.82 6.67
C PHE A 4807 -75.98 -54.48 6.74
N PHE A 4808 -76.39 -53.59 7.66
CA PHE A 4808 -75.80 -52.27 7.79
C PHE A 4808 -74.36 -52.30 8.27
N PHE A 4809 -73.88 -53.43 8.79
CA PHE A 4809 -72.51 -53.52 9.29
C PHE A 4809 -71.49 -53.77 8.19
N ALA A 4810 -71.93 -53.95 6.94
CA ALA A 4810 -70.99 -54.25 5.87
C ALA A 4810 -70.19 -53.02 5.45
N ALA A 4811 -70.80 -51.83 5.49
CA ALA A 4811 -70.12 -50.63 5.03
C ALA A 4811 -68.99 -50.19 5.96
N HIS A 4812 -69.02 -50.60 7.23
CA HIS A 4812 -68.00 -50.19 8.18
C HIS A 4812 -66.60 -50.64 7.74
N LEU A 4813 -66.51 -51.75 6.99
CA LEU A 4813 -65.23 -52.20 6.47
C LEU A 4813 -64.63 -51.16 5.53
N LEU A 4814 -65.46 -50.55 4.67
CA LEU A 4814 -64.96 -49.47 3.83
C LEU A 4814 -64.80 -48.18 4.62
N ASP A 4815 -65.50 -48.06 5.75
CA ASP A 4815 -65.35 -46.88 6.58
C ASP A 4815 -63.97 -46.81 7.22
N ILE A 4816 -63.42 -47.96 7.62
CA ILE A 4816 -62.18 -47.98 8.40
C ILE A 4816 -60.96 -48.29 7.52
N ALA A 4817 -61.16 -48.97 6.38
CA ALA A 4817 -60.03 -49.36 5.53
C ALA A 4817 -59.30 -48.14 4.94
N MET A 4818 -59.97 -47.00 4.83
CA MET A 4818 -59.31 -45.78 4.39
C MET A 4818 -58.30 -45.28 5.42
N GLY A 4819 -58.44 -45.68 6.68
CA GLY A 4819 -57.50 -45.26 7.71
C GLY A 4819 -56.10 -45.84 7.55
N VAL A 4820 -55.97 -46.92 6.78
CA VAL A 4820 -54.65 -47.50 6.52
C VAL A 4820 -53.84 -46.54 5.67
N LYS A 4821 -52.59 -46.30 6.08
CA LYS A 4821 -51.77 -45.30 5.42
C LYS A 4821 -51.42 -45.71 3.99
N THR A 4822 -51.03 -46.97 3.78
CA THR A 4822 -50.67 -47.42 2.45
C THR A 4822 -51.86 -47.38 1.51
N LEU A 4823 -53.03 -47.82 1.98
CA LEU A 4823 -54.24 -47.71 1.18
C LEU A 4823 -54.60 -46.26 0.91
N ARG A 4824 -54.31 -45.37 1.85
CA ARG A 4824 -54.53 -43.94 1.63
C ARG A 4824 -53.65 -43.41 0.51
N THR A 4825 -52.38 -43.79 0.49
CA THR A 4825 -51.51 -43.36 -0.61
C THR A 4825 -51.91 -43.98 -1.94
N ILE A 4826 -52.43 -45.21 -1.94
CA ILE A 4826 -52.92 -45.80 -3.19
C ILE A 4826 -54.15 -45.05 -3.68
N LEU A 4827 -55.09 -44.75 -2.79
CA LEU A 4827 -56.33 -44.09 -3.19
C LEU A 4827 -56.11 -42.60 -3.53
N SER A 4828 -55.02 -42.01 -3.03
CA SER A 4828 -54.75 -40.60 -3.31
C SER A 4828 -54.51 -40.35 -4.80
N SER A 4829 -53.93 -41.32 -5.51
CA SER A 4829 -53.70 -41.13 -6.94
C SER A 4829 -55.00 -41.11 -7.72
N VAL A 4830 -55.97 -41.94 -7.32
CA VAL A 4830 -57.28 -41.92 -7.95
C VAL A 4830 -58.03 -40.64 -7.58
N THR A 4831 -57.86 -40.20 -6.33
CA THR A 4831 -58.53 -38.96 -5.87
C THR A 4831 -57.82 -37.73 -6.45
N HIS A 4832 -56.58 -37.91 -6.93
CA HIS A 4832 -55.78 -36.77 -7.48
C HIS A 4832 -56.45 -36.17 -8.72
N ASN A 4833 -57.03 -37.01 -9.59
CA ASN A 4833 -57.60 -36.48 -10.87
C ASN A 4833 -59.06 -36.90 -11.06
N GLY A 4834 -59.89 -36.81 -10.02
CA GLY A 4834 -61.31 -37.14 -10.13
C GLY A 4834 -62.04 -36.26 -11.13
N LYS A 4835 -61.65 -34.99 -11.22
CA LYS A 4835 -62.30 -34.07 -12.16
C LYS A 4835 -62.06 -34.49 -13.60
N GLN A 4836 -60.81 -34.85 -13.94
CA GLN A 4836 -60.53 -35.34 -15.28
C GLN A 4836 -61.31 -36.61 -15.58
N LEU A 4837 -61.47 -37.46 -14.58
CA LEU A 4837 -62.27 -38.68 -14.75
C LEU A 4837 -63.72 -38.37 -15.04
N VAL A 4838 -64.32 -37.41 -14.32
CA VAL A 4838 -65.75 -37.17 -14.55
C VAL A 4838 -65.99 -36.45 -15.87
N MET A 4839 -65.09 -35.55 -16.30
CA MET A 4839 -65.25 -35.03 -17.67
C MET A 4839 -64.96 -36.09 -18.72
N THR A 4840 -64.10 -37.08 -18.42
CA THR A 4840 -63.92 -38.19 -19.35
C THR A 4840 -65.21 -39.00 -19.49
N VAL A 4841 -65.89 -39.25 -18.37
CA VAL A 4841 -67.18 -39.96 -18.42
C VAL A 4841 -68.22 -39.14 -19.17
N GLY A 4842 -68.22 -37.82 -18.97
CA GLY A 4842 -69.14 -36.97 -19.71
C GLY A 4842 -68.89 -36.98 -21.21
N LEU A 4843 -67.61 -36.94 -21.61
CA LEU A 4843 -67.27 -37.02 -23.02
C LEU A 4843 -67.65 -38.37 -23.61
N LEU A 4844 -67.45 -39.45 -22.83
CA LEU A 4844 -67.89 -40.77 -23.26
C LEU A 4844 -69.40 -40.82 -23.46
N ALA A 4845 -70.15 -40.20 -22.54
CA ALA A 4845 -71.61 -40.17 -22.67
C ALA A 4845 -72.03 -39.40 -23.91
N VAL A 4846 -71.36 -38.27 -24.20
CA VAL A 4846 -71.67 -37.49 -25.39
C VAL A 4846 -71.38 -38.29 -26.66
N VAL A 4847 -70.24 -38.99 -26.68
CA VAL A 4847 -69.88 -39.79 -27.85
C VAL A 4847 -70.88 -40.93 -28.06
N VAL A 4848 -71.27 -41.61 -26.98
CA VAL A 4848 -72.24 -42.70 -27.09
C VAL A 4848 -73.59 -42.16 -27.55
N TYR A 4849 -73.98 -40.97 -27.07
CA TYR A 4849 -75.23 -40.36 -27.52
C TYR A 4849 -75.19 -40.05 -29.01
N LEU A 4850 -74.07 -39.51 -29.48
CA LEU A 4850 -73.94 -39.18 -30.90
C LEU A 4850 -73.99 -40.44 -31.76
N TYR A 4851 -73.29 -41.49 -31.34
CA TYR A 4851 -73.30 -42.74 -32.10
C TYR A 4851 -74.67 -43.40 -32.07
N THR A 4852 -75.38 -43.28 -30.94
CA THR A 4852 -76.74 -43.79 -30.85
C THR A 4852 -77.68 -43.03 -31.79
N VAL A 4853 -77.51 -41.72 -31.89
CA VAL A 4853 -78.31 -40.92 -32.82
C VAL A 4853 -78.04 -41.35 -34.25
N VAL A 4854 -76.76 -41.55 -34.59
CA VAL A 4854 -76.40 -41.98 -35.93
C VAL A 4854 -76.99 -43.35 -36.25
N ALA A 4855 -76.92 -44.28 -35.29
CA ALA A 4855 -77.47 -45.61 -35.49
C ALA A 4855 -79.00 -45.56 -35.62
N PHE A 4856 -79.66 -44.70 -34.86
CA PHE A 4856 -81.10 -44.57 -34.96
C PHE A 4856 -81.52 -43.97 -36.30
N ASN A 4857 -80.72 -43.04 -36.84
CA ASN A 4857 -81.04 -42.47 -38.14
C ASN A 4857 -80.77 -43.44 -39.28
N PHE A 4858 -79.73 -44.27 -39.17
CA PHE A 4858 -79.31 -45.06 -40.32
C PHE A 4858 -79.38 -46.57 -40.13
N PHE A 4859 -79.10 -47.08 -38.92
CA PHE A 4859 -78.96 -48.53 -38.72
C PHE A 4859 -80.01 -49.08 -37.77
N ARG A 4860 -81.27 -48.66 -37.93
CA ARG A 4860 -82.34 -49.13 -37.05
C ARG A 4860 -82.65 -50.60 -37.26
N LYS A 4861 -82.44 -51.12 -38.47
CA LYS A 4861 -82.88 -52.47 -38.80
C LYS A 4861 -82.00 -53.55 -38.19
N PHE A 4862 -80.76 -53.23 -37.82
CA PHE A 4862 -79.82 -54.23 -37.34
C PHE A 4862 -79.92 -54.47 -35.84
N TYR A 4863 -80.67 -53.64 -35.10
CA TYR A 4863 -80.73 -53.75 -33.65
C TYR A 4863 -81.87 -54.65 -33.21
N ASN A 4864 -81.99 -55.81 -33.84
CA ASN A 4864 -82.96 -56.83 -33.44
C ASN A 4864 -82.23 -57.91 -32.66
N LYS A 4865 -82.63 -58.10 -31.40
CA LYS A 4865 -82.01 -59.06 -30.50
C LYS A 4865 -83.00 -60.14 -30.08
N SER A 4866 -83.44 -60.94 -31.05
CA SER A 4866 -84.33 -62.07 -30.78
C SER A 4866 -84.07 -63.16 -31.81
N GLU A 4867 -84.37 -64.39 -31.42
CA GLU A 4867 -84.21 -65.54 -32.32
C GLU A 4867 -85.54 -66.11 -32.81
N ASP A 4868 -86.61 -65.95 -32.03
CA ASP A 4868 -87.92 -66.46 -32.42
C ASP A 4868 -88.53 -65.58 -33.50
N GLU A 4869 -89.25 -66.22 -34.43
CA GLU A 4869 -89.83 -65.52 -35.57
C GLU A 4869 -90.97 -64.61 -35.13
N ASP A 4870 -91.27 -63.64 -35.99
CA ASP A 4870 -92.23 -62.55 -35.69
C ASP A 4870 -91.83 -61.84 -34.39
N GLU A 4871 -90.63 -61.28 -34.41
CA GLU A 4871 -90.00 -60.75 -33.21
C GLU A 4871 -90.40 -59.30 -32.99
N PRO A 4872 -91.02 -58.96 -31.86
CA PRO A 4872 -91.29 -57.55 -31.53
C PRO A 4872 -90.22 -56.88 -30.69
N ASP A 4873 -89.11 -57.57 -30.41
CA ASP A 4873 -88.05 -57.04 -29.54
C ASP A 4873 -87.07 -56.22 -30.38
N MET A 4874 -87.42 -54.96 -30.60
CA MET A 4874 -86.58 -54.02 -31.33
C MET A 4874 -85.98 -53.04 -30.32
N LYS A 4875 -84.65 -53.04 -30.20
CA LYS A 4875 -83.98 -52.25 -29.18
C LYS A 4875 -83.99 -50.77 -29.52
N CYS A 4876 -83.73 -50.42 -30.78
CA CYS A 4876 -83.50 -49.03 -31.18
C CYS A 4876 -84.74 -48.42 -31.83
N ASP A 4877 -85.93 -48.80 -31.39
CA ASP A 4877 -87.15 -48.15 -31.88
C ASP A 4877 -87.34 -46.78 -31.25
N ASP A 4878 -86.83 -46.56 -30.06
CA ASP A 4878 -86.91 -45.27 -29.37
C ASP A 4878 -85.51 -44.81 -29.01
N MET A 4879 -85.35 -43.48 -28.91
CA MET A 4879 -84.03 -42.93 -28.61
C MET A 4879 -83.59 -43.24 -27.18
N MET A 4880 -84.51 -43.20 -26.22
CA MET A 4880 -84.14 -43.51 -24.84
C MET A 4880 -83.76 -44.97 -24.68
N THR A 4881 -84.54 -45.88 -25.28
CA THR A 4881 -84.23 -47.30 -25.20
C THR A 4881 -82.93 -47.63 -25.92
N CYS A 4882 -82.69 -47.01 -27.08
CA CYS A 4882 -81.45 -47.23 -27.81
C CYS A 4882 -80.25 -46.70 -27.04
N TYR A 4883 -80.40 -45.53 -26.41
CA TYR A 4883 -79.31 -44.97 -25.59
C TYR A 4883 -79.02 -45.87 -24.39
N LEU A 4884 -80.06 -46.39 -23.73
CA LEU A 4884 -79.86 -47.30 -22.61
C LEU A 4884 -79.18 -48.58 -23.07
N PHE A 4885 -79.59 -49.12 -24.22
CA PHE A 4885 -78.96 -50.33 -24.75
C PHE A 4885 -77.50 -50.10 -25.08
N HIS A 4886 -77.17 -48.95 -25.69
CA HIS A 4886 -75.79 -48.63 -26.01
C HIS A 4886 -74.96 -48.49 -24.73
N MET A 4887 -75.44 -47.72 -23.76
CA MET A 4887 -74.71 -47.52 -22.51
C MET A 4887 -74.54 -48.81 -21.74
N TYR A 4888 -75.49 -49.75 -21.87
CA TYR A 4888 -75.38 -51.01 -21.14
C TYR A 4888 -74.45 -52.00 -21.84
N VAL A 4889 -74.46 -52.04 -23.17
CA VAL A 4889 -73.79 -53.11 -23.91
C VAL A 4889 -72.47 -52.67 -24.52
N GLY A 4890 -72.46 -51.55 -25.24
CA GLY A 4890 -71.29 -51.19 -26.04
C GLY A 4890 -70.08 -50.83 -25.19
N VAL A 4891 -70.29 -50.20 -24.04
CA VAL A 4891 -69.18 -49.81 -23.19
C VAL A 4891 -68.51 -51.04 -22.59
N ARG A 4892 -69.31 -52.00 -22.12
CA ARG A 4892 -68.77 -53.20 -21.47
C ARG A 4892 -68.46 -54.32 -22.46
N ALA A 4893 -68.73 -54.13 -23.76
CA ALA A 4893 -68.47 -55.19 -24.73
C ALA A 4893 -66.98 -55.39 -24.96
N GLY A 4894 -66.23 -54.29 -25.10
CA GLY A 4894 -64.81 -54.37 -25.32
C GLY A 4894 -64.39 -54.58 -26.76
N GLY A 4895 -65.34 -54.74 -27.68
CA GLY A 4895 -65.01 -54.95 -29.07
C GLY A 4895 -65.87 -54.13 -30.01
N GLY A 4896 -66.76 -53.33 -29.45
CA GLY A 4896 -67.65 -52.48 -30.22
C GLY A 4896 -69.07 -53.00 -30.24
N ILE A 4897 -69.89 -52.35 -31.06
CA ILE A 4897 -71.30 -52.71 -31.19
C ILE A 4897 -71.54 -53.76 -32.26
N GLY A 4898 -70.56 -54.00 -33.14
CA GLY A 4898 -70.74 -54.94 -34.23
C GLY A 4898 -70.77 -56.40 -33.80
N ASP A 4899 -70.22 -56.71 -32.63
CA ASP A 4899 -70.22 -58.08 -32.14
C ASP A 4899 -71.59 -58.51 -31.64
N GLU A 4900 -72.42 -57.53 -31.25
CA GLU A 4900 -73.77 -57.81 -30.69
C GLU A 4900 -74.88 -57.49 -31.71
N ILE A 4901 -74.55 -56.76 -32.77
CA ILE A 4901 -75.55 -56.37 -33.81
C ILE A 4901 -75.56 -57.43 -34.91
N GLU A 4902 -76.47 -57.34 -35.88
CA GLU A 4902 -76.59 -58.30 -36.95
C GLU A 4902 -75.34 -58.29 -37.85
N ASP A 4903 -75.24 -59.30 -38.70
CA ASP A 4903 -74.09 -59.43 -39.57
C ASP A 4903 -74.13 -58.37 -40.67
N PRO A 4904 -72.98 -57.80 -41.05
CA PRO A 4904 -72.96 -56.83 -42.14
C PRO A 4904 -72.82 -57.47 -43.51
N ALA A 4905 -73.11 -58.77 -43.60
CA ALA A 4905 -72.96 -59.51 -44.84
C ALA A 4905 -73.90 -59.02 -45.94
N GLY A 4906 -74.96 -58.30 -45.59
CA GLY A 4906 -75.84 -57.74 -46.60
C GLY A 4906 -75.13 -56.70 -47.45
N ASP A 4907 -75.49 -56.65 -48.72
CA ASP A 4907 -74.84 -55.75 -49.67
C ASP A 4907 -75.13 -54.29 -49.35
N GLU A 4908 -76.37 -53.98 -48.95
CA GLU A 4908 -76.76 -52.61 -48.68
C GLU A 4908 -76.19 -52.14 -47.35
N TYR A 4909 -75.57 -50.95 -47.36
CA TYR A 4909 -75.04 -50.30 -46.17
C TYR A 4909 -74.01 -51.18 -45.44
N GLU A 4910 -73.18 -51.87 -46.22
CA GLU A 4910 -72.16 -52.73 -45.63
C GLU A 4910 -70.93 -51.93 -45.23
N LEU A 4911 -70.39 -51.11 -46.15
CA LEU A 4911 -69.19 -50.34 -45.85
C LEU A 4911 -69.46 -49.27 -44.80
N TYR A 4912 -70.65 -48.66 -44.82
CA TYR A 4912 -70.99 -47.68 -43.80
C TYR A 4912 -71.03 -48.31 -42.42
N ARG A 4913 -71.60 -49.51 -42.30
CA ARG A 4913 -71.63 -50.19 -41.01
C ARG A 4913 -70.25 -50.66 -40.59
N VAL A 4914 -69.42 -51.05 -41.54
CA VAL A 4914 -68.04 -51.44 -41.22
C VAL A 4914 -67.28 -50.25 -40.66
N VAL A 4915 -67.41 -49.08 -41.30
CA VAL A 4915 -66.75 -47.87 -40.82
C VAL A 4915 -67.31 -47.48 -39.44
N PHE A 4916 -68.63 -47.65 -39.26
CA PHE A 4916 -69.26 -47.36 -37.97
C PHE A 4916 -68.66 -48.23 -36.86
N ASP A 4917 -68.51 -49.53 -37.13
CA ASP A 4917 -67.96 -50.44 -36.13
C ASP A 4917 -66.49 -50.14 -35.86
N ILE A 4918 -65.71 -49.82 -36.90
CA ILE A 4918 -64.30 -49.51 -36.71
C ILE A 4918 -64.14 -48.23 -35.87
N THR A 4919 -64.95 -47.21 -36.15
CA THR A 4919 -64.88 -45.98 -35.36
C THR A 4919 -65.33 -46.21 -33.92
N PHE A 4920 -66.35 -47.05 -33.74
CA PHE A 4920 -66.80 -47.40 -32.39
C PHE A 4920 -65.69 -48.10 -31.60
N PHE A 4921 -64.99 -49.04 -32.25
CA PHE A 4921 -63.90 -49.74 -31.56
C PHE A 4921 -62.72 -48.81 -31.27
N PHE A 4922 -62.38 -47.95 -32.24
CA PHE A 4922 -61.18 -47.13 -32.09
C PHE A 4922 -61.37 -45.98 -31.10
N PHE A 4923 -62.53 -45.33 -31.13
CA PHE A 4923 -62.71 -44.10 -30.37
C PHE A 4923 -63.09 -44.33 -28.91
N VAL A 4924 -63.76 -45.44 -28.60
CA VAL A 4924 -64.27 -45.67 -27.25
C VAL A 4924 -63.30 -46.54 -26.46
N ILE A 4925 -63.01 -47.74 -26.97
CA ILE A 4925 -62.25 -48.72 -26.20
C ILE A 4925 -60.78 -48.32 -26.10
N VAL A 4926 -60.20 -47.83 -27.19
CA VAL A 4926 -58.75 -47.68 -27.27
C VAL A 4926 -58.28 -46.42 -26.56
N ILE A 4927 -58.82 -45.26 -26.95
CA ILE A 4927 -58.25 -43.99 -26.51
C ILE A 4927 -58.75 -43.62 -25.11
N LEU A 4928 -60.06 -43.74 -24.89
CA LEU A 4928 -60.67 -43.21 -23.68
C LEU A 4928 -60.31 -44.01 -22.44
N LEU A 4929 -59.87 -45.26 -22.59
CA LEU A 4929 -59.36 -46.01 -21.45
C LEU A 4929 -57.87 -45.74 -21.23
N ALA A 4930 -57.13 -45.51 -22.31
CA ALA A 4930 -55.73 -45.13 -22.19
C ALA A 4930 -55.58 -43.79 -21.49
N ILE A 4931 -56.52 -42.87 -21.73
CA ILE A 4931 -56.50 -41.59 -21.01
C ILE A 4931 -56.69 -41.81 -19.51
N ILE A 4932 -57.62 -42.70 -19.15
CA ILE A 4932 -57.89 -42.98 -17.74
C ILE A 4932 -56.66 -43.60 -17.07
N GLN A 4933 -56.01 -44.54 -17.75
CA GLN A 4933 -54.79 -45.14 -17.20
C GLN A 4933 -53.67 -44.12 -17.09
N GLY A 4934 -53.50 -43.28 -18.12
CA GLY A 4934 -52.43 -42.30 -18.11
C GLY A 4934 -52.61 -41.23 -17.06
N LEU A 4935 -53.86 -40.90 -16.71
CA LEU A 4935 -54.09 -39.95 -15.63
C LEU A 4935 -53.57 -40.49 -14.29
N ILE A 4936 -53.84 -41.75 -14.01
CA ILE A 4936 -53.37 -42.36 -12.77
C ILE A 4936 -51.85 -42.47 -12.76
N ILE A 4937 -51.26 -42.88 -13.89
CA ILE A 4937 -49.81 -43.01 -13.95
C ILE A 4937 -49.13 -41.64 -13.83
N ASP A 4938 -49.73 -40.61 -14.42
CA ASP A 4938 -49.20 -39.26 -14.30
C ASP A 4938 -49.34 -38.74 -12.88
N ALA A 4939 -50.42 -39.11 -12.19
CA ALA A 4939 -50.57 -38.74 -10.78
C ALA A 4939 -49.49 -39.38 -9.92
N PHE A 4940 -49.29 -40.69 -10.10
CA PHE A 4940 -48.28 -41.44 -9.30
C PHE A 4940 -46.90 -40.81 -9.47
N GLY A 4941 -46.49 -40.60 -10.72
CA GLY A 4941 -45.18 -39.97 -11.01
C GLY A 4941 -45.12 -38.57 -10.45
N GLU A 4942 -46.28 -37.82 -10.55
CA GLU A 4942 -46.32 -36.42 -10.05
C GLU A 4942 -46.07 -36.43 -8.54
N LEU A 4943 -46.60 -37.42 -7.83
CA LEU A 4943 -46.37 -37.54 -6.37
C LEU A 4943 -44.91 -37.94 -6.12
N ARG A 4944 -44.32 -38.74 -7.00
CA ARG A 4944 -42.91 -39.10 -6.85
C ARG A 4944 -42.00 -37.89 -7.07
N ASP A 4945 -42.29 -37.10 -8.09
CA ASP A 4945 -41.48 -35.92 -8.38
C ASP A 4945 -41.60 -34.88 -7.26
N GLN A 4946 -42.80 -34.71 -6.71
CA GLN A 4946 -42.97 -33.78 -5.60
C GLN A 4946 -42.21 -34.22 -4.36
N GLN A 4947 -42.25 -35.52 -4.04
CA GLN A 4947 -41.50 -36.01 -2.89
C GLN A 4947 -39.99 -35.85 -3.09
N GLU A 4948 -39.51 -36.13 -4.31
CA GLU A 4948 -38.10 -35.95 -4.62
C GLU A 4948 -37.68 -34.50 -4.51
N GLN A 4949 -38.52 -33.58 -5.00
CA GLN A 4949 -38.24 -32.15 -4.91
C GLN A 4949 -38.23 -31.67 -3.47
N VAL A 4950 -39.17 -32.16 -2.65
CA VAL A 4950 -39.22 -31.77 -1.24
C VAL A 4950 -37.97 -32.24 -0.51
N LYS A 4951 -37.55 -33.49 -0.74
CA LYS A 4951 -36.36 -33.99 -0.08
C LYS A 4951 -35.10 -33.25 -0.55
N GLU A 4952 -35.01 -32.98 -1.85
CA GLU A 4952 -33.85 -32.27 -2.38
C GLU A 4952 -33.77 -30.84 -1.84
N ASP A 4953 -34.92 -30.18 -1.70
CA ASP A 4953 -34.94 -28.83 -1.13
C ASP A 4953 -34.48 -28.85 0.33
N MET A 4954 -34.87 -29.87 1.10
CA MET A 4954 -34.38 -29.98 2.47
C MET A 4954 -32.87 -30.21 2.52
N GLU A 4955 -32.35 -31.08 1.64
CA GLU A 4955 -30.93 -31.41 1.69
C GLU A 4955 -30.04 -30.27 1.15
N THR A 4956 -30.52 -29.50 0.20
CA THR A 4956 -29.69 -28.50 -0.48
C THR A 4956 -29.93 -27.07 0.00
N LYS A 4957 -30.69 -26.87 1.08
CA LYS A 4957 -30.98 -25.52 1.55
C LYS A 4957 -30.87 -25.49 3.08
N CYS A 4958 -31.07 -24.28 3.63
CA CYS A 4958 -31.01 -24.05 5.07
C CYS A 4958 -32.39 -23.86 5.69
N PHE A 4959 -33.38 -23.41 4.90
CA PHE A 4959 -34.79 -23.26 5.26
C PHE A 4959 -34.99 -22.05 6.18
N ILE A 4960 -33.90 -21.46 6.67
CA ILE A 4960 -33.94 -20.24 7.48
C ILE A 4960 -33.13 -19.13 6.83
N CYS A 4961 -31.87 -19.38 6.51
CA CYS A 4961 -31.01 -18.41 5.86
C CYS A 4961 -31.13 -18.56 4.34
N GLY A 4962 -30.40 -17.71 3.62
CA GLY A 4962 -30.31 -17.79 2.18
C GLY A 4962 -28.99 -18.32 1.65
N ILE A 4963 -28.15 -18.89 2.50
CA ILE A 4963 -26.84 -19.38 2.11
C ILE A 4963 -26.93 -20.88 1.84
N GLY A 4964 -26.39 -21.31 0.71
CA GLY A 4964 -26.38 -22.71 0.38
C GLY A 4964 -25.36 -23.49 1.19
N SER A 4965 -25.42 -24.82 1.04
CA SER A 4965 -24.54 -25.71 1.79
C SER A 4965 -23.10 -25.69 1.28
N ASP A 4966 -22.88 -25.16 0.07
CA ASP A 4966 -21.52 -25.13 -0.49
C ASP A 4966 -20.60 -24.20 0.30
N TYR A 4967 -21.14 -23.08 0.79
CA TYR A 4967 -20.32 -22.17 1.61
C TYR A 4967 -20.03 -22.79 2.97
N PHE A 4968 -21.01 -23.46 3.57
CA PHE A 4968 -20.81 -24.09 4.87
C PHE A 4968 -19.94 -25.34 4.80
N ASP A 4969 -19.81 -25.94 3.61
CA ASP A 4969 -19.02 -27.15 3.45
C ASP A 4969 -17.52 -26.89 3.36
N THR A 4970 -17.08 -25.64 3.55
CA THR A 4970 -15.65 -25.35 3.56
C THR A 4970 -14.97 -26.00 4.77
N THR A 4971 -15.53 -25.77 5.97
CA THR A 4971 -15.04 -26.43 7.17
C THR A 4971 -15.57 -27.85 7.24
N PRO A 4972 -14.86 -28.76 7.90
CA PRO A 4972 -15.36 -30.14 8.07
C PRO A 4972 -16.62 -30.18 8.90
N HIS A 4973 -17.68 -30.76 8.31
CA HIS A 4973 -19.00 -30.88 8.93
C HIS A 4973 -19.55 -29.51 9.34
N GLY A 4974 -19.29 -28.50 8.52
CA GLY A 4974 -19.81 -27.18 8.80
C GLY A 4974 -21.32 -27.08 8.65
N PHE A 4975 -21.86 -27.75 7.63
CA PHE A 4975 -23.30 -27.69 7.40
C PHE A 4975 -24.09 -28.39 8.50
N GLU A 4976 -23.57 -29.52 9.00
CA GLU A 4976 -24.23 -30.20 10.11
C GLU A 4976 -24.22 -29.35 11.37
N THR A 4977 -23.10 -28.68 11.64
CA THR A 4977 -23.02 -27.77 12.78
C THR A 4977 -23.98 -26.60 12.63
N HIS A 4978 -24.09 -26.06 11.42
CA HIS A 4978 -25.04 -24.98 11.17
C HIS A 4978 -26.48 -25.43 11.37
N THR A 4979 -26.83 -26.62 10.88
CA THR A 4979 -28.20 -27.09 10.93
C THR A 4979 -28.57 -27.73 12.27
N LEU A 4980 -27.62 -27.99 13.15
CA LEU A 4980 -27.92 -28.54 14.46
C LEU A 4980 -27.85 -27.52 15.59
N GLU A 4981 -26.83 -26.66 15.61
CA GLU A 4981 -26.64 -25.70 16.69
C GLU A 4981 -27.10 -24.30 16.30
N GLU A 4982 -26.56 -23.74 15.23
CA GLU A 4982 -26.88 -22.32 14.89
C GLU A 4982 -28.38 -22.15 14.57
N HIS A 4983 -29.04 -23.14 13.95
CA HIS A 4983 -30.51 -23.05 13.72
C HIS A 4983 -31.25 -24.11 14.52
N ASN A 4984 -31.62 -25.23 13.90
CA ASN A 4984 -32.24 -26.32 14.72
C ASN A 4984 -33.75 -26.15 14.89
N LEU A 4985 -34.34 -25.02 14.51
CA LEU A 4985 -35.82 -24.87 14.57
C LEU A 4985 -36.30 -25.17 16.00
N ALA A 4986 -36.24 -26.43 16.44
CA ALA A 4986 -36.58 -26.72 17.83
C ALA A 4986 -35.99 -25.70 18.78
N ASN A 4987 -34.85 -25.10 18.42
CA ASN A 4987 -34.29 -24.03 19.25
C ASN A 4987 -35.22 -22.81 19.28
N TYR A 4988 -35.76 -22.42 18.13
CA TYR A 4988 -36.71 -21.31 18.10
C TYR A 4988 -38.02 -21.69 18.80
N MET A 4989 -38.44 -22.96 18.68
CA MET A 4989 -39.62 -23.42 19.40
C MET A 4989 -39.44 -23.31 20.91
N PHE A 4990 -38.28 -23.76 21.40
CA PHE A 4990 -38.01 -23.67 22.84
C PHE A 4990 -37.81 -22.23 23.28
N PHE A 4991 -37.27 -21.38 22.41
CA PHE A 4991 -37.17 -19.95 22.73
C PHE A 4991 -38.54 -19.31 22.87
N LEU A 4992 -39.47 -19.67 21.98
CA LEU A 4992 -40.85 -19.20 22.11
C LEU A 4992 -41.50 -19.74 23.37
N MET A 4993 -41.21 -21.00 23.74
CA MET A 4993 -41.71 -21.57 24.98
C MET A 4993 -41.21 -20.77 26.18
N TYR A 4994 -39.91 -20.44 26.19
CA TYR A 4994 -39.32 -19.70 27.29
C TYR A 4994 -39.86 -18.27 27.36
N LEU A 4995 -40.11 -17.65 26.21
CA LEU A 4995 -40.68 -16.30 26.20
C LEU A 4995 -42.13 -16.31 26.68
N ILE A 4996 -42.90 -17.33 26.31
CA ILE A 4996 -44.28 -17.42 26.74
C ILE A 4996 -44.36 -17.69 28.23
N ASN A 4997 -43.52 -18.60 28.73
CA ASN A 4997 -43.55 -18.94 30.15
C ASN A 4997 -43.13 -17.77 31.03
N LYS A 4998 -42.13 -17.00 30.59
CA LYS A 4998 -41.64 -15.88 31.38
C LYS A 4998 -42.62 -14.72 31.35
N ASP A 4999 -42.80 -14.07 32.50
CA ASP A 4999 -43.70 -12.94 32.61
C ASP A 4999 -43.04 -11.67 32.08
N GLU A 5000 -43.88 -10.70 31.68
CA GLU A 5000 -43.33 -9.46 31.07
C GLU A 5000 -42.43 -8.74 32.08
N THR A 5001 -42.76 -8.86 33.35
CA THR A 5001 -41.90 -8.23 34.38
C THR A 5001 -40.48 -8.70 34.11
N GLU A 5002 -40.28 -10.02 34.04
CA GLU A 5002 -38.92 -10.56 33.86
C GLU A 5002 -38.69 -10.79 32.37
N HIS A 5003 -37.86 -9.97 31.72
CA HIS A 5003 -37.71 -10.08 30.25
C HIS A 5003 -36.51 -9.27 29.93
N THR A 5004 -35.41 -9.95 29.83
CA THR A 5004 -34.13 -9.37 29.45
C THR A 5004 -34.35 -8.43 28.26
N GLY A 5005 -33.42 -7.48 28.08
CA GLY A 5005 -33.57 -6.46 27.06
C GLY A 5005 -33.73 -7.03 25.66
N GLN A 5006 -32.87 -7.99 25.28
CA GLN A 5006 -33.03 -8.66 24.01
C GLN A 5006 -34.34 -9.45 23.93
N GLU A 5007 -34.68 -10.15 25.01
CA GLU A 5007 -35.93 -10.90 25.06
C GLU A 5007 -37.13 -9.96 25.03
N SER A 5008 -37.04 -8.81 25.71
CA SER A 5008 -38.13 -7.84 25.67
C SER A 5008 -38.28 -7.26 24.26
N TYR A 5009 -37.17 -7.04 23.57
CA TYR A 5009 -37.24 -6.56 22.18
C TYR A 5009 -37.88 -7.60 21.27
N VAL A 5010 -37.53 -8.87 21.44
CA VAL A 5010 -38.14 -9.93 20.65
C VAL A 5010 -39.63 -10.04 20.96
N TRP A 5011 -40.02 -9.89 22.22
CA TRP A 5011 -41.42 -9.90 22.60
C TRP A 5011 -42.17 -8.72 21.99
N LYS A 5012 -41.54 -7.54 21.96
CA LYS A 5012 -42.16 -6.38 21.34
C LYS A 5012 -42.36 -6.57 19.84
N MET A 5013 -41.36 -7.15 19.17
CA MET A 5013 -41.53 -7.46 17.75
C MET A 5013 -42.59 -8.52 17.51
N TYR A 5014 -42.72 -9.49 18.42
CA TYR A 5014 -43.74 -10.52 18.27
C TYR A 5014 -45.14 -9.96 18.48
N GLN A 5015 -45.28 -8.99 19.40
CA GLN A 5015 -46.58 -8.38 19.64
C GLN A 5015 -47.06 -7.56 18.44
N GLU A 5016 -46.14 -6.92 17.73
CA GLU A 5016 -46.47 -6.12 16.56
C GLU A 5016 -46.48 -6.93 15.27
N ARG A 5017 -46.23 -8.24 15.36
CA ARG A 5017 -46.17 -9.15 14.21
C ARG A 5017 -45.16 -8.69 13.17
N CYS A 5018 -43.96 -8.36 13.65
CA CYS A 5018 -42.85 -7.97 12.79
C CYS A 5018 -41.78 -9.06 12.84
N TRP A 5019 -41.41 -9.58 11.68
CA TRP A 5019 -40.50 -10.71 11.57
C TRP A 5019 -39.12 -10.29 11.07
N ASP A 5020 -38.65 -9.13 11.48
CA ASP A 5020 -37.33 -8.64 11.10
C ASP A 5020 -36.22 -9.13 12.02
N PHE A 5021 -36.56 -9.85 13.10
CA PHE A 5021 -35.53 -10.40 13.98
C PHE A 5021 -34.89 -11.65 13.41
N PHE A 5022 -35.48 -12.27 12.39
CA PHE A 5022 -34.85 -13.39 11.72
C PHE A 5022 -33.66 -12.90 10.90
N PRO A 5023 -32.62 -13.74 10.74
CA PRO A 5023 -31.47 -13.34 9.92
C PRO A 5023 -31.82 -13.10 8.46
N ALA A 5024 -32.43 -14.09 7.82
CA ALA A 5024 -32.94 -14.00 6.45
C ALA A 5024 -31.83 -13.62 5.46
N GLY A 5025 -30.83 -14.49 5.35
CA GLY A 5025 -29.74 -14.30 4.42
C GLY A 5025 -28.40 -14.02 5.05
N ASP A 5026 -28.26 -14.14 6.36
CA ASP A 5026 -27.00 -13.87 7.04
C ASP A 5026 -26.83 -14.85 8.19
N CYS A 5027 -25.60 -14.97 8.68
CA CYS A 5027 -25.30 -15.83 9.80
C CYS A 5027 -24.18 -15.20 10.61
N PHE A 5028 -23.81 -15.87 11.71
CA PHE A 5028 -22.74 -15.38 12.57
C PHE A 5028 -21.40 -15.40 11.87
N ARG A 5029 -21.15 -16.44 11.05
CA ARG A 5029 -19.85 -16.59 10.39
C ARG A 5029 -19.64 -15.51 9.34
N LYS A 5030 -20.68 -15.19 8.55
CA LYS A 5030 -20.52 -14.20 7.49
C LYS A 5030 -20.34 -12.79 8.03
N GLN A 5031 -20.98 -12.48 9.16
CA GLN A 5031 -20.82 -11.15 9.75
C GLN A 5031 -19.42 -10.96 10.30
N TYR A 5032 -18.83 -12.01 10.86
CA TYR A 5032 -17.50 -11.97 11.47
C TYR A 5032 -16.50 -12.77 10.65
N GLU A 5033 -16.58 -12.66 9.32
CA GLU A 5033 -15.70 -13.41 8.44
C GLU A 5033 -14.25 -12.95 8.53
N ASP A 5034 -14.01 -11.72 8.98
CA ASP A 5034 -12.63 -11.25 9.13
C ASP A 5034 -11.88 -12.05 10.18
N GLN A 5035 -12.52 -12.33 11.31
CA GLN A 5035 -11.93 -13.20 12.32
C GLN A 5035 -12.18 -14.67 11.96
N LEU A 5036 -11.40 -15.55 12.59
CA LEU A 5036 -11.55 -16.98 12.33
C LEU A 5036 -12.84 -17.53 12.93
N SER A 5037 -13.29 -16.97 14.05
CA SER A 5037 -14.53 -17.41 14.67
C SER A 5037 -15.71 -16.54 14.24
N GLN B 12 17.61 16.46 -31.07
CA GLN B 12 16.23 16.22 -31.49
C GLN B 12 16.02 16.75 -32.90
N PHE B 13 15.22 16.04 -33.69
CA PHE B 13 15.03 16.38 -35.08
C PHE B 13 14.06 17.55 -35.24
N LEU B 14 14.36 18.44 -36.18
CA LEU B 14 13.55 19.62 -36.44
C LEU B 14 12.53 19.35 -37.53
N ARG B 15 11.38 20.01 -37.44
CA ARG B 15 10.25 19.79 -38.33
C ARG B 15 9.77 21.10 -38.92
N THR B 16 9.02 21.00 -40.01
CA THR B 16 8.48 22.17 -40.68
C THR B 16 7.36 22.80 -39.85
N ASP B 17 6.89 23.97 -40.32
CA ASP B 17 5.84 24.76 -39.67
C ASP B 17 6.22 25.17 -38.25
N ASP B 18 7.51 25.28 -37.97
CA ASP B 18 8.01 25.59 -36.63
C ASP B 18 9.01 26.73 -36.79
N GLU B 19 8.92 27.73 -35.91
CA GLU B 19 9.78 28.90 -35.99
C GLU B 19 11.17 28.56 -35.45
N VAL B 20 12.19 28.82 -36.26
CA VAL B 20 13.56 28.47 -35.92
C VAL B 20 14.46 29.62 -36.39
N VAL B 21 15.47 29.95 -35.58
CA VAL B 21 16.41 31.01 -35.90
C VAL B 21 17.73 30.38 -36.33
N LEU B 22 18.51 31.14 -37.09
CA LEU B 22 19.79 30.70 -37.62
C LEU B 22 20.91 31.57 -37.02
N GLN B 23 21.98 30.92 -36.57
CA GLN B 23 23.08 31.64 -35.94
C GLN B 23 24.42 31.07 -36.41
N CYS B 24 25.49 31.77 -36.05
CA CYS B 24 26.86 31.34 -36.35
C CYS B 24 27.74 31.62 -35.14
N SER B 25 28.58 30.65 -34.77
CA SER B 25 29.50 30.78 -33.65
C SER B 25 30.92 30.80 -34.20
N ALA B 26 31.56 31.97 -34.20
CA ALA B 26 32.88 32.15 -34.80
C ALA B 26 33.84 32.73 -33.77
N THR B 27 34.96 32.05 -33.55
CA THR B 27 36.04 32.64 -32.78
C THR B 27 36.79 33.65 -33.64
N VAL B 28 36.71 34.92 -33.25
CA VAL B 28 37.38 36.01 -34.03
C VAL B 28 37.71 37.15 -33.07
N LEU B 29 38.74 37.94 -33.38
CA LEU B 29 39.14 39.07 -32.49
C LEU B 29 39.45 38.51 -31.11
N LYS B 30 40.08 37.32 -31.04
CA LYS B 30 40.39 36.68 -29.74
C LYS B 30 39.13 36.69 -28.87
N GLU B 31 38.01 36.16 -29.39
CA GLU B 31 36.77 36.14 -28.62
C GLU B 31 35.72 35.33 -29.36
N GLN B 32 34.91 34.61 -28.61
CA GLN B 32 33.80 33.85 -29.20
C GLN B 32 32.67 34.81 -29.54
N LEU B 33 32.39 34.99 -30.82
CA LEU B 33 31.33 35.89 -31.28
C LEU B 33 30.19 35.05 -31.82
N LYS B 34 29.01 35.23 -31.23
CA LYS B 34 27.78 34.62 -31.71
C LYS B 34 27.07 35.68 -32.55
N LEU B 35 26.81 35.35 -33.82
CA LEU B 35 26.24 36.26 -34.79
C LEU B 35 24.91 35.72 -35.26
N CYS B 36 23.93 36.61 -35.41
CA CYS B 36 22.64 36.23 -35.96
C CYS B 36 22.30 37.12 -37.14
N LEU B 37 21.63 36.55 -38.13
CA LEU B 37 21.23 37.28 -39.33
C LEU B 37 19.91 37.97 -39.05
N ALA B 38 19.86 39.29 -39.25
CA ALA B 38 18.67 40.08 -38.95
C ALA B 38 18.40 41.02 -40.11
N ALA B 39 17.14 41.06 -40.53
CA ALA B 39 16.73 41.84 -41.68
C ALA B 39 15.58 42.76 -41.30
N GLU B 40 15.72 44.05 -41.63
CA GLU B 40 14.72 45.05 -41.24
C GLU B 40 13.39 44.81 -41.95
N GLY B 41 13.44 44.48 -43.24
CA GLY B 41 12.22 44.29 -44.00
C GLY B 41 11.74 45.58 -44.63
N PHE B 42 10.80 46.25 -43.97
CA PHE B 42 10.31 47.53 -44.46
C PHE B 42 11.41 48.58 -44.33
N GLY B 43 11.65 49.31 -45.41
CA GLY B 43 12.67 50.35 -45.41
C GLY B 43 14.04 49.91 -45.89
N ASN B 44 14.49 48.73 -45.47
CA ASN B 44 15.81 48.21 -45.84
C ASN B 44 15.64 46.73 -46.18
N ARG B 45 15.89 46.38 -47.45
CA ARG B 45 15.78 44.99 -47.88
C ARG B 45 17.04 44.19 -47.54
N LEU B 46 18.19 44.84 -47.40
CA LEU B 46 19.41 44.12 -47.07
C LEU B 46 19.39 43.66 -45.61
N CYS B 47 20.19 42.63 -45.34
CA CYS B 47 20.31 42.05 -44.01
C CYS B 47 21.64 42.42 -43.38
N PHE B 48 21.62 42.63 -42.07
CA PHE B 48 22.84 42.85 -41.29
C PHE B 48 23.01 41.73 -40.27
N LEU B 49 24.11 41.79 -39.55
CA LEU B 49 24.44 40.79 -38.53
C LEU B 49 24.47 41.43 -37.16
N GLU B 50 23.93 40.72 -36.18
CA GLU B 50 23.82 41.19 -34.81
C GLU B 50 24.64 40.28 -33.90
N PRO B 51 25.62 40.82 -33.16
CA PRO B 51 26.33 40.00 -32.17
C PRO B 51 25.66 40.05 -30.80
N THR B 52 25.38 38.87 -30.23
CA THR B 52 24.75 38.78 -28.92
C THR B 52 25.68 38.11 -27.91
N SER B 53 26.99 38.33 -28.05
CA SER B 53 27.94 37.75 -27.11
C SER B 53 27.78 38.33 -25.71
N ASN B 54 27.60 39.64 -25.61
CA ASN B 54 27.35 40.29 -24.32
C ASN B 54 25.84 40.48 -24.12
N ALA B 55 25.14 39.34 -24.07
CA ALA B 55 23.69 39.37 -23.91
C ALA B 55 23.28 39.86 -22.53
N GLN B 56 24.05 39.49 -21.50
CA GLN B 56 23.74 39.94 -20.14
C GLN B 56 23.96 41.44 -20.01
N ASN B 57 25.01 41.98 -20.63
CA ASN B 57 25.30 43.40 -20.51
C ASN B 57 24.34 44.24 -21.34
N VAL B 58 24.32 44.02 -22.65
CA VAL B 58 23.50 44.79 -23.58
C VAL B 58 22.45 43.86 -24.17
N PRO B 59 21.17 44.19 -24.05
CA PRO B 59 20.13 43.32 -24.62
C PRO B 59 20.14 43.36 -26.14
N PRO B 60 19.87 42.24 -26.79
CA PRO B 60 19.82 42.22 -28.26
C PRO B 60 18.40 42.40 -28.78
N ASP B 61 18.30 42.60 -30.09
CA ASP B 61 17.02 42.69 -30.77
C ASP B 61 16.63 41.29 -31.27
N LEU B 62 15.40 40.88 -30.96
CA LEU B 62 14.95 39.52 -31.23
C LEU B 62 14.03 39.43 -32.44
N ALA B 63 13.08 40.37 -32.58
CA ALA B 63 12.07 40.26 -33.63
C ALA B 63 12.67 40.40 -35.03
N ILE B 64 13.80 41.10 -35.16
CA ILE B 64 14.44 41.25 -36.46
C ILE B 64 15.15 39.97 -36.88
N CYS B 65 15.39 39.05 -35.95
CA CYS B 65 16.20 37.87 -36.20
C CYS B 65 15.38 36.61 -36.51
N CYS B 66 14.17 36.51 -36.00
CA CYS B 66 13.43 35.25 -36.07
C CYS B 66 12.99 34.94 -37.50
N PHE B 67 12.91 33.64 -37.80
CA PHE B 67 12.46 33.15 -39.09
C PHE B 67 11.60 31.91 -38.88
N THR B 68 10.82 31.57 -39.91
CA THR B 68 9.92 30.43 -39.88
C THR B 68 10.19 29.51 -41.06
N LEU B 69 10.02 28.21 -40.83
CA LEU B 69 10.18 27.18 -41.85
C LEU B 69 8.84 26.91 -42.50
N GLU B 70 8.77 27.04 -43.82
CA GLU B 70 7.50 26.84 -44.54
C GLU B 70 7.37 25.39 -45.03
N GLN B 71 8.28 24.94 -45.87
CA GLN B 71 8.22 23.61 -46.47
C GLN B 71 9.64 23.04 -46.62
N SER B 72 9.70 21.79 -47.06
CA SER B 72 10.98 21.14 -47.33
C SER B 72 10.76 20.05 -48.37
N LEU B 73 11.26 20.26 -49.58
CA LEU B 73 11.13 19.31 -50.67
C LEU B 73 12.51 18.94 -51.19
N SER B 74 12.76 17.63 -51.35
CA SER B 74 14.05 17.17 -51.84
C SER B 74 14.21 17.46 -53.32
N VAL B 75 13.19 17.15 -54.12
CA VAL B 75 13.20 17.36 -55.57
C VAL B 75 12.04 18.27 -55.90
N ARG B 76 12.33 19.38 -56.59
CA ARG B 76 11.34 20.42 -56.85
C ARG B 76 10.93 20.36 -58.32
N ALA B 77 9.81 19.70 -58.58
CA ALA B 77 9.10 19.85 -59.85
C ALA B 77 8.04 20.94 -59.78
N LEU B 78 7.91 21.59 -58.61
CA LEU B 78 6.94 22.67 -58.43
C LEU B 78 7.22 23.84 -59.37
N GLN B 79 8.50 24.16 -59.58
CA GLN B 79 8.87 25.28 -60.45
C GLN B 79 8.40 25.06 -61.89
N GLU B 80 8.54 23.84 -62.41
CA GLU B 80 8.09 23.55 -63.76
C GLU B 80 6.57 23.64 -63.87
N MET B 81 5.85 23.20 -62.84
CA MET B 81 4.39 23.31 -62.82
C MET B 81 3.98 24.78 -62.76
N LEU B 82 4.69 25.59 -61.97
CA LEU B 82 4.42 27.02 -61.90
C LEU B 82 4.72 27.71 -63.23
N ALA B 83 5.69 27.20 -63.99
CA ALA B 83 6.06 27.77 -65.28
C ALA B 83 5.00 27.53 -66.35
N ASN B 84 4.01 26.68 -66.10
CA ASN B 84 2.95 26.40 -67.05
C ASN B 84 2.14 27.65 -67.38
N GLY B 97 0.66 19.77 -41.93
CA GLY B 97 1.43 18.80 -41.19
C GLY B 97 2.87 19.22 -40.96
N HIS B 98 3.59 18.43 -40.17
CA HIS B 98 4.99 18.69 -39.86
C HIS B 98 5.84 17.55 -40.40
N ARG B 99 6.85 17.90 -41.20
CA ARG B 99 7.73 16.92 -41.81
C ARG B 99 9.16 17.18 -41.35
N THR B 100 9.85 16.11 -40.97
CA THR B 100 11.22 16.24 -40.46
C THR B 100 12.17 16.63 -41.58
N LEU B 101 13.06 17.58 -41.30
CA LEU B 101 14.07 17.99 -42.25
C LEU B 101 15.15 16.91 -42.37
N LEU B 102 15.71 16.79 -43.56
CA LEU B 102 16.80 15.85 -43.83
C LEU B 102 17.90 16.55 -44.60
N TYR B 103 19.09 15.94 -44.58
CA TYR B 103 20.23 16.49 -45.29
C TYR B 103 20.00 16.40 -46.80
N GLY B 104 20.36 17.47 -47.50
CA GLY B 104 20.16 17.55 -48.93
C GLY B 104 18.77 17.98 -49.37
N HIS B 105 17.96 18.49 -48.45
CA HIS B 105 16.60 18.91 -48.74
C HIS B 105 16.54 20.43 -48.77
N ALA B 106 15.97 20.99 -49.83
CA ALA B 106 15.80 22.43 -49.92
C ALA B 106 14.71 22.90 -48.97
N ILE B 107 14.94 24.04 -48.31
CA ILE B 107 14.04 24.59 -47.32
C ILE B 107 13.65 26.01 -47.74
N LEU B 108 12.60 26.53 -47.10
CA LEU B 108 12.10 27.87 -47.36
C LEU B 108 12.05 28.64 -46.05
N LEU B 109 12.63 29.84 -46.05
CA LEU B 109 12.66 30.71 -44.88
C LEU B 109 11.72 31.87 -45.08
N ARG B 110 10.90 32.16 -44.08
CA ARG B 110 9.99 33.30 -44.14
C ARG B 110 10.19 34.18 -42.92
N HIS B 111 10.31 35.48 -43.14
CA HIS B 111 10.50 36.43 -42.05
C HIS B 111 9.24 36.54 -41.21
N ALA B 112 9.43 36.72 -39.90
CA ALA B 112 8.30 36.79 -38.98
C ALA B 112 7.64 38.17 -38.97
N HIS B 113 8.44 39.23 -39.00
CA HIS B 113 7.89 40.58 -38.89
C HIS B 113 7.33 41.07 -40.22
N SER B 114 8.12 41.00 -41.28
CA SER B 114 7.73 41.56 -42.57
C SER B 114 6.99 40.58 -43.47
N ARG B 115 6.88 39.31 -43.06
CA ARG B 115 6.24 38.24 -43.84
C ARG B 115 6.84 38.16 -45.25
N MET B 116 8.16 38.24 -45.34
CA MET B 116 8.88 38.13 -46.60
C MET B 116 9.82 36.94 -46.55
N TYR B 117 10.33 36.57 -47.73
CA TYR B 117 11.10 35.34 -47.89
C TYR B 117 12.55 35.67 -48.21
N LEU B 118 13.46 35.01 -47.50
CA LEU B 118 14.89 35.27 -47.66
C LEU B 118 15.39 34.67 -48.97
N SER B 119 16.30 35.37 -49.64
CA SER B 119 16.78 34.96 -50.95
C SER B 119 18.07 35.70 -51.26
N CYS B 120 18.68 35.33 -52.38
CA CYS B 120 19.87 35.99 -52.89
C CYS B 120 19.49 37.01 -53.97
N LEU B 121 20.27 38.09 -54.05
CA LEU B 121 20.04 39.16 -55.01
C LEU B 121 21.22 39.26 -55.97
N THR B 122 20.93 39.73 -57.19
CA THR B 122 21.94 39.79 -58.24
C THR B 122 22.93 40.93 -58.01
N THR B 123 22.43 42.15 -57.84
CA THR B 123 23.28 43.32 -57.67
C THR B 123 23.78 43.38 -56.24
N SER B 124 25.10 43.51 -56.06
CA SER B 124 25.70 43.46 -54.74
C SER B 124 26.87 44.45 -54.67
N ARG B 125 27.19 44.84 -53.44
CA ARG B 125 28.39 45.61 -53.18
C ARG B 125 29.63 44.78 -53.51
N SER B 126 30.62 45.42 -54.11
CA SER B 126 31.69 44.73 -54.82
C SER B 126 32.98 44.76 -54.01
N MET B 127 33.18 43.72 -53.20
CA MET B 127 34.49 43.32 -52.70
C MET B 127 34.66 41.84 -53.02
N THR B 128 35.81 41.49 -53.62
CA THR B 128 35.94 40.27 -54.41
C THR B 128 34.74 40.14 -55.36
N ASP B 129 34.71 41.08 -56.32
CA ASP B 129 33.48 41.47 -57.00
C ASP B 129 32.85 40.32 -57.77
N LYS B 130 33.67 39.42 -58.33
CA LYS B 130 33.12 38.28 -59.06
C LYS B 130 32.36 37.35 -58.12
N LEU B 131 32.97 36.99 -57.00
CA LEU B 131 32.33 36.13 -56.00
C LEU B 131 31.76 36.96 -54.86
N ALA B 132 30.75 37.78 -55.18
CA ALA B 132 30.11 38.62 -54.17
C ALA B 132 28.67 38.91 -54.58
N PHE B 133 27.74 38.16 -54.00
CA PHE B 133 26.31 38.41 -54.15
C PHE B 133 25.72 38.60 -52.75
N ASP B 134 24.85 39.59 -52.60
CA ASP B 134 24.27 39.84 -51.29
C ASP B 134 23.04 38.96 -51.05
N VAL B 135 22.54 39.00 -49.82
CA VAL B 135 21.39 38.22 -49.38
C VAL B 135 20.38 39.16 -48.74
N GLY B 136 19.11 39.04 -49.12
CA GLY B 136 18.09 39.95 -48.62
C GLY B 136 16.71 39.36 -48.79
N LEU B 137 15.70 40.10 -48.35
CA LEU B 137 14.33 39.64 -48.43
C LEU B 137 13.74 39.97 -49.79
N GLN B 138 12.76 39.16 -50.20
CA GLN B 138 11.89 39.48 -51.32
C GLN B 138 10.45 39.21 -50.90
N GLU B 139 9.54 39.96 -51.51
CA GLU B 139 8.15 39.97 -51.04
C GLU B 139 7.44 38.66 -51.39
N ASP B 140 7.61 38.19 -52.63
CA ASP B 140 6.90 37.01 -53.11
C ASP B 140 7.90 35.90 -53.41
N ALA B 141 7.62 34.70 -52.89
CA ALA B 141 8.47 33.54 -53.14
C ALA B 141 8.04 32.86 -54.44
N THR B 142 8.30 33.55 -55.54
CA THR B 142 8.00 33.02 -56.86
C THR B 142 9.27 32.96 -57.69
N GLY B 143 10.38 32.57 -57.06
CA GLY B 143 11.66 32.52 -57.74
C GLY B 143 12.51 31.38 -57.20
N GLU B 144 13.59 31.12 -57.95
CA GLU B 144 14.49 30.02 -57.61
C GLU B 144 15.43 30.36 -56.46
N ALA B 145 15.68 31.65 -56.20
CA ALA B 145 16.66 32.05 -55.20
C ALA B 145 16.18 31.84 -53.78
N CYS B 146 14.89 31.57 -53.58
CA CYS B 146 14.35 31.47 -52.22
C CYS B 146 14.83 30.21 -51.50
N TRP B 147 15.09 29.13 -52.23
CA TRP B 147 15.38 27.84 -51.62
C TRP B 147 16.87 27.67 -51.36
N TRP B 148 17.20 27.06 -50.23
CA TRP B 148 18.57 26.74 -49.84
C TRP B 148 18.64 25.27 -49.43
N THR B 149 19.71 24.60 -49.85
CA THR B 149 19.92 23.20 -49.53
C THR B 149 20.96 23.04 -48.44
N MET B 150 20.76 22.04 -47.58
CA MET B 150 21.58 21.79 -46.41
C MET B 150 22.50 20.60 -46.66
N HIS B 151 23.77 20.73 -46.28
CA HIS B 151 24.73 19.65 -46.37
C HIS B 151 25.49 19.53 -45.06
N PRO B 152 25.94 18.33 -44.71
CA PRO B 152 26.69 18.16 -43.46
C PRO B 152 28.07 18.79 -43.54
N ALA B 153 28.53 19.30 -42.40
CA ALA B 153 29.86 19.87 -42.31
C ALA B 153 30.92 18.81 -41.99
N SER B 154 30.55 17.74 -41.30
CA SER B 154 31.48 16.72 -40.85
C SER B 154 31.09 15.36 -41.38
N LYS B 155 32.01 14.41 -41.26
CA LYS B 155 31.81 13.05 -41.74
C LYS B 155 30.96 12.20 -40.79
N GLN B 156 30.66 12.70 -39.58
CA GLN B 156 29.84 11.94 -38.65
C GLN B 156 28.42 11.74 -39.18
N ARG B 157 27.87 12.75 -39.84
CA ARG B 157 26.55 12.66 -40.44
C ARG B 157 26.67 12.65 -41.96
N SER B 158 25.92 11.76 -42.59
CA SER B 158 25.95 11.58 -44.04
C SER B 158 24.64 12.06 -44.65
N GLU B 159 24.56 11.96 -45.98
CA GLU B 159 23.35 12.34 -46.69
C GLU B 159 22.21 11.38 -46.39
N GLY B 160 21.00 11.93 -46.36
CA GLY B 160 19.83 11.14 -46.02
C GLY B 160 19.60 10.93 -44.54
N GLU B 161 20.35 11.63 -43.69
CA GLU B 161 20.22 11.49 -42.23
C GLU B 161 19.52 12.72 -41.67
N LYS B 162 18.73 12.49 -40.62
CA LYS B 162 17.90 13.55 -40.06
C LYS B 162 18.75 14.59 -39.34
N VAL B 163 18.36 15.85 -39.50
CA VAL B 163 19.13 16.98 -38.96
C VAL B 163 18.66 17.25 -37.53
N ARG B 164 19.63 17.36 -36.61
CA ARG B 164 19.37 17.59 -35.20
C ARG B 164 19.75 19.01 -34.81
N VAL B 165 19.34 19.40 -33.60
CA VAL B 165 19.76 20.69 -33.04
C VAL B 165 21.21 20.62 -32.61
N GLY B 166 21.96 21.69 -32.88
CA GLY B 166 23.34 21.77 -32.48
C GLY B 166 24.30 21.04 -33.38
N ASP B 167 23.95 20.83 -34.64
CA ASP B 167 24.83 20.21 -35.62
C ASP B 167 25.23 21.23 -36.67
N ASP B 168 26.50 21.21 -37.05
CA ASP B 168 27.02 22.19 -38.00
C ASP B 168 26.56 21.85 -39.40
N LEU B 169 25.96 22.83 -40.08
CA LEU B 169 25.41 22.65 -41.41
C LEU B 169 25.98 23.70 -42.35
N ILE B 170 25.97 23.39 -43.65
CA ILE B 170 26.34 24.34 -44.67
C ILE B 170 25.17 24.49 -45.63
N LEU B 171 24.80 25.75 -45.92
CA LEU B 171 23.63 26.06 -46.73
C LEU B 171 24.07 26.66 -48.05
N VAL B 172 23.57 26.09 -49.15
CA VAL B 172 23.93 26.52 -50.50
C VAL B 172 22.65 26.86 -51.25
N SER B 173 22.60 28.07 -51.82
CA SER B 173 21.47 28.45 -52.66
C SER B 173 21.53 27.71 -53.99
N VAL B 174 20.36 27.30 -54.48
CA VAL B 174 20.32 26.51 -55.70
C VAL B 174 20.58 27.39 -56.93
N SER B 175 20.34 28.70 -56.82
CA SER B 175 20.57 29.60 -57.94
C SER B 175 21.94 30.28 -57.88
N SER B 176 22.35 30.72 -56.70
CA SER B 176 23.64 31.40 -56.58
C SER B 176 24.81 30.42 -56.63
N GLU B 177 24.58 29.16 -56.24
CA GLU B 177 25.62 28.14 -56.14
C GLU B 177 26.77 28.61 -55.25
N ARG B 178 26.42 29.19 -54.11
CA ARG B 178 27.40 29.83 -53.23
C ARG B 178 27.19 29.34 -51.80
N TYR B 179 28.23 29.51 -50.99
CA TYR B 179 28.35 28.83 -49.71
C TYR B 179 27.80 29.65 -48.54
N LEU B 180 27.23 30.83 -48.81
CA LEU B 180 26.69 31.74 -47.79
C LEU B 180 27.78 32.09 -46.76
N HIS B 181 28.70 32.94 -47.21
CA HIS B 181 29.92 33.20 -46.47
C HIS B 181 29.85 34.47 -45.62
N LEU B 182 30.50 34.42 -44.46
CA LEU B 182 30.76 35.59 -43.63
C LEU B 182 32.10 36.20 -44.02
N SER B 183 32.12 37.53 -44.18
CA SER B 183 33.32 38.24 -44.64
C SER B 183 34.10 38.72 -43.43
N THR B 184 35.32 38.22 -43.27
CA THR B 184 36.24 38.65 -42.22
C THR B 184 37.47 39.34 -42.78
N ALA B 185 37.38 39.89 -44.00
CA ALA B 185 38.52 40.52 -44.66
C ALA B 185 38.50 42.03 -44.41
N SER B 186 38.98 42.41 -43.23
CA SER B 186 39.15 43.80 -42.81
C SER B 186 37.85 44.56 -42.70
N GLY B 187 36.71 43.87 -42.56
CA GLY B 187 35.42 44.51 -42.44
C GLY B 187 34.85 44.30 -41.04
N GLU B 188 33.93 45.19 -40.65
CA GLU B 188 33.24 45.02 -39.37
C GLU B 188 32.48 43.70 -39.33
N LEU B 189 31.48 43.53 -40.21
CA LEU B 189 30.81 42.26 -40.44
C LEU B 189 29.97 42.36 -41.70
N GLN B 190 30.18 41.46 -42.65
CA GLN B 190 29.37 41.39 -43.86
C GLN B 190 28.96 39.95 -44.12
N VAL B 191 27.76 39.78 -44.67
CA VAL B 191 27.27 38.48 -45.11
C VAL B 191 27.04 38.54 -46.60
N ASP B 192 27.55 37.55 -47.34
CA ASP B 192 27.38 37.58 -48.78
C ASP B 192 27.40 36.16 -49.33
N ALA B 193 26.86 36.01 -50.53
CA ALA B 193 26.90 34.72 -51.22
C ALA B 193 28.29 34.58 -51.83
N SER B 194 29.17 33.86 -51.14
CA SER B 194 30.55 33.70 -51.57
C SER B 194 30.97 32.24 -51.37
N PHE B 195 32.04 31.87 -52.06
CA PHE B 195 32.40 30.46 -52.20
C PHE B 195 33.11 29.88 -50.98
N MET B 196 33.70 30.71 -50.12
CA MET B 196 34.31 30.19 -48.91
C MET B 196 33.25 29.68 -47.95
N GLN B 197 33.62 28.64 -47.19
CA GLN B 197 32.66 27.92 -46.35
C GLN B 197 32.54 28.58 -44.98
N THR B 198 31.30 28.85 -44.58
CA THR B 198 31.00 29.35 -43.24
C THR B 198 29.94 28.44 -42.64
N LEU B 199 30.21 27.91 -41.44
CA LEU B 199 29.36 26.91 -40.82
C LEU B 199 28.32 27.59 -39.93
N TRP B 200 27.09 27.09 -39.99
CA TRP B 200 25.96 27.71 -39.30
C TRP B 200 25.23 26.71 -38.41
N ASN B 201 24.73 27.20 -37.28
CA ASN B 201 23.88 26.45 -36.38
C ASN B 201 22.43 26.85 -36.57
N MET B 202 21.53 25.87 -36.43
CA MET B 202 20.09 26.05 -36.64
C MET B 202 19.41 25.74 -35.31
N ASN B 203 18.86 26.78 -34.64
CA ASN B 203 18.45 26.64 -33.24
C ASN B 203 17.02 27.18 -33.13
N PRO B 204 16.11 26.43 -32.49
CA PRO B 204 14.71 26.87 -32.44
C PRO B 204 14.40 27.86 -31.33
N ILE B 205 13.67 28.93 -31.67
CA ILE B 205 13.19 29.87 -30.67
C ILE B 205 11.89 29.40 -30.06
N CYS B 206 10.96 28.91 -30.89
CA CYS B 206 9.63 28.52 -30.43
C CYS B 206 9.20 27.26 -31.18
N SER B 207 7.99 26.83 -30.90
CA SER B 207 7.43 25.61 -31.48
C SER B 207 5.90 25.69 -31.40
N CYS B 208 5.24 24.57 -31.62
CA CYS B 208 3.79 24.46 -31.41
C CYS B 208 3.42 24.83 -29.99
N CYS B 209 2.20 25.28 -29.77
CA CYS B 209 1.84 25.83 -28.47
C CYS B 209 0.38 25.50 -28.16
N GLU B 210 0.10 25.25 -26.89
CA GLU B 210 -1.26 25.01 -26.46
C GLU B 210 -2.09 26.28 -26.59
N GLU B 211 -3.38 26.12 -26.82
CA GLU B 211 -4.28 27.24 -27.03
C GLU B 211 -4.49 28.01 -25.72
N GLY B 212 -4.52 29.34 -25.83
CA GLY B 212 -4.79 30.17 -24.68
C GLY B 212 -3.69 30.20 -23.63
N TYR B 213 -2.44 29.95 -24.01
CA TYR B 213 -1.34 29.91 -23.07
C TYR B 213 -0.33 31.00 -23.43
N VAL B 214 0.02 31.83 -22.45
CA VAL B 214 0.94 32.94 -22.67
C VAL B 214 2.37 32.43 -22.60
N THR B 215 3.16 32.76 -23.63
CA THR B 215 4.57 32.40 -23.71
C THR B 215 5.40 33.67 -23.84
N GLY B 216 6.72 33.49 -23.86
CA GLY B 216 7.62 34.62 -24.03
C GLY B 216 7.67 35.09 -25.48
N GLY B 217 7.83 36.40 -25.64
CA GLY B 217 7.96 37.01 -26.95
C GLY B 217 6.73 37.69 -27.48
N HIS B 218 5.55 37.45 -26.90
CA HIS B 218 4.33 38.07 -27.37
C HIS B 218 4.22 39.51 -26.86
N VAL B 219 3.44 40.30 -27.58
CA VAL B 219 3.15 41.69 -27.22
C VAL B 219 1.74 41.75 -26.68
N LEU B 220 1.58 42.41 -25.53
CA LEU B 220 0.29 42.45 -24.84
C LEU B 220 0.08 43.84 -24.27
N ARG B 221 -1.07 44.02 -23.63
CA ARG B 221 -1.36 45.20 -22.83
C ARG B 221 -1.47 44.77 -21.37
N LEU B 222 -0.72 45.46 -20.50
CA LEU B 222 -0.72 45.16 -19.08
C LEU B 222 -1.79 46.01 -18.41
N PHE B 223 -2.91 45.39 -18.05
CA PHE B 223 -4.06 46.07 -17.48
C PHE B 223 -4.14 45.73 -15.99
N HIS B 224 -3.96 46.75 -15.15
CA HIS B 224 -4.11 46.63 -13.71
C HIS B 224 -5.32 47.45 -13.28
N GLY B 225 -6.27 46.81 -12.62
CA GLY B 225 -7.45 47.49 -12.14
C GLY B 225 -8.67 46.63 -12.30
N HIS B 226 -9.84 47.27 -12.30
CA HIS B 226 -11.11 46.56 -12.38
C HIS B 226 -11.75 46.65 -13.76
N MET B 227 -11.94 47.87 -14.29
CA MET B 227 -12.66 48.05 -15.55
C MET B 227 -11.76 48.54 -16.67
N ASP B 228 -11.07 49.67 -16.49
CA ASP B 228 -10.27 50.25 -17.59
C ASP B 228 -9.10 51.03 -16.98
N GLU B 229 -7.95 50.37 -16.89
CA GLU B 229 -6.70 51.03 -16.51
C GLU B 229 -5.54 50.17 -16.98
N CYS B 230 -4.46 50.83 -17.40
CA CYS B 230 -3.28 50.12 -17.88
C CYS B 230 -2.04 50.97 -17.61
N LEU B 231 -0.90 50.28 -17.50
CA LEU B 231 0.38 50.96 -17.33
C LEU B 231 0.85 51.49 -18.68
N THR B 232 0.95 52.81 -18.80
CA THR B 232 1.24 53.47 -20.07
C THR B 232 2.44 54.40 -19.91
N ILE B 233 2.92 54.89 -21.06
CA ILE B 233 3.96 55.89 -21.12
C ILE B 233 3.30 57.21 -21.51
N SER B 234 3.88 58.32 -21.02
CA SER B 234 3.35 59.64 -21.28
C SER B 234 3.25 59.92 -22.78
N ALA B 235 2.39 60.87 -23.14
CA ALA B 235 2.07 61.14 -24.53
C ALA B 235 3.26 61.78 -25.25
N ALA B 236 3.06 62.03 -26.54
CA ALA B 236 4.11 62.64 -27.36
C ALA B 236 4.45 64.03 -26.87
N ASP B 237 5.75 64.32 -26.80
CA ASP B 237 6.31 65.59 -26.32
C ASP B 237 5.86 65.78 -24.88
N SER B 238 5.16 66.86 -24.52
CA SER B 238 4.64 67.15 -23.18
C SER B 238 5.74 67.32 -22.15
N ASP B 239 6.99 67.47 -22.57
CA ASP B 239 8.16 67.74 -21.73
C ASP B 239 8.46 66.63 -20.73
N ASP B 240 7.78 65.49 -20.81
CA ASP B 240 8.04 64.40 -19.88
C ASP B 240 9.26 63.58 -20.28
N GLN B 241 9.71 63.70 -21.53
CA GLN B 241 10.81 62.95 -22.14
C GLN B 241 10.52 61.45 -22.24
N ARG B 242 9.29 61.02 -21.97
CA ARG B 242 8.82 59.65 -22.12
C ARG B 242 9.63 58.65 -21.27
N ARG B 243 10.25 59.11 -20.18
CA ARG B 243 11.06 58.25 -19.34
C ARG B 243 10.32 57.72 -18.12
N LEU B 244 9.16 58.28 -17.77
CA LEU B 244 8.45 57.90 -16.55
C LEU B 244 7.12 57.25 -16.92
N VAL B 245 6.83 56.13 -16.25
CA VAL B 245 5.62 55.34 -16.49
C VAL B 245 4.49 55.91 -15.65
N TYR B 246 3.27 55.81 -16.15
CA TYR B 246 2.08 56.24 -15.42
C TYR B 246 1.01 55.18 -15.55
N TYR B 247 -0.07 55.36 -14.80
CA TYR B 247 -1.23 54.48 -14.87
C TYR B 247 -2.39 55.26 -15.46
N GLU B 248 -2.81 54.89 -16.68
CA GLU B 248 -3.80 55.65 -17.42
C GLU B 248 -4.91 54.74 -17.92
N GLY B 249 -6.12 55.27 -17.93
CA GLY B 249 -7.27 54.55 -18.46
C GLY B 249 -8.12 55.45 -19.33
N GLY B 250 -8.54 54.92 -20.47
CA GLY B 250 -9.34 55.69 -21.40
C GLY B 250 -9.06 55.34 -22.85
N ALA B 251 -8.72 56.35 -23.66
CA ALA B 251 -8.40 56.13 -25.07
C ALA B 251 -7.00 55.58 -25.28
N VAL B 252 -6.19 55.48 -24.22
CA VAL B 252 -4.82 55.02 -24.37
C VAL B 252 -4.74 53.54 -24.70
N CYS B 253 -5.77 52.76 -24.35
CA CYS B 253 -5.75 51.32 -24.58
C CYS B 253 -5.70 51.00 -26.08
N THR B 254 -6.49 51.71 -26.88
CA THR B 254 -6.47 51.49 -28.33
C THR B 254 -5.17 52.01 -28.94
N HIS B 255 -4.61 53.08 -28.40
CA HIS B 255 -3.40 53.65 -28.95
C HIS B 255 -2.19 52.75 -28.70
N ALA B 256 -1.14 52.99 -29.46
CA ALA B 256 0.08 52.19 -29.41
C ALA B 256 1.06 52.66 -28.34
N ARG B 257 0.61 53.46 -27.38
CA ARG B 257 1.48 53.80 -26.25
C ARG B 257 1.58 52.64 -25.26
N SER B 258 0.52 51.85 -25.13
CA SER B 258 0.48 50.74 -24.19
C SER B 258 0.85 49.45 -24.92
N LEU B 259 2.16 49.18 -24.99
CA LEU B 259 2.67 47.92 -25.52
C LEU B 259 3.83 47.44 -24.66
N TRP B 260 3.82 46.15 -24.31
CA TRP B 260 4.89 45.53 -23.56
C TRP B 260 5.26 44.19 -24.17
N ARG B 261 6.56 43.92 -24.25
CA ARG B 261 7.07 42.65 -24.77
C ARG B 261 8.01 42.03 -23.76
N LEU B 262 7.83 40.75 -23.48
CA LEU B 262 8.67 40.02 -22.53
C LEU B 262 9.81 39.34 -23.29
N GLU B 263 11.05 39.62 -22.87
CA GLU B 263 12.22 38.97 -23.42
C GLU B 263 12.86 38.10 -22.35
N PRO B 264 12.88 36.79 -22.50
CA PRO B 264 13.60 35.94 -21.55
C PRO B 264 15.10 36.11 -21.68
N LEU B 265 15.81 35.76 -20.60
CA LEU B 265 17.27 35.84 -20.61
C LEU B 265 17.87 34.81 -21.55
N ARG B 266 17.32 33.60 -21.57
CA ARG B 266 17.86 32.54 -22.42
C ARG B 266 17.47 32.79 -23.88
N ILE B 267 18.48 32.84 -24.74
CA ILE B 267 18.23 33.04 -26.17
C ILE B 267 17.59 31.79 -26.79
N SER B 268 18.13 30.62 -26.47
CA SER B 268 17.58 29.38 -27.00
C SER B 268 16.27 29.04 -26.31
N TRP B 269 15.28 28.62 -27.11
CA TRP B 269 13.92 28.34 -26.64
C TRP B 269 13.33 29.52 -25.90
N SER B 270 13.47 30.72 -26.50
CA SER B 270 12.93 31.92 -25.88
C SER B 270 11.40 31.93 -25.90
N GLY B 271 10.80 31.23 -26.87
CA GLY B 271 9.35 31.18 -26.99
C GLY B 271 8.69 30.11 -26.15
N SER B 272 9.36 29.68 -25.08
CA SER B 272 8.83 28.64 -24.22
C SER B 272 7.69 29.18 -23.36
N HIS B 273 6.90 28.25 -22.83
CA HIS B 273 5.79 28.61 -21.95
C HIS B 273 6.32 29.31 -20.71
N LEU B 274 5.66 30.42 -20.35
CA LEU B 274 6.13 31.26 -19.26
C LEU B 274 5.93 30.55 -17.92
N ARG B 275 7.02 30.42 -17.16
CA ARG B 275 6.99 29.82 -15.84
C ARG B 275 6.97 30.91 -14.79
N TRP B 276 6.21 30.69 -13.72
CA TRP B 276 6.15 31.64 -12.62
C TRP B 276 7.50 31.74 -11.92
N GLY B 277 7.96 32.98 -11.71
CA GLY B 277 9.21 33.24 -11.03
C GLY B 277 10.43 33.36 -11.93
N GLN B 278 10.28 33.09 -13.23
CA GLN B 278 11.41 33.12 -14.15
C GLN B 278 11.73 34.58 -14.54
N PRO B 279 13.01 34.91 -14.69
CA PRO B 279 13.38 36.30 -15.02
C PRO B 279 13.06 36.65 -16.47
N LEU B 280 12.58 37.88 -16.66
CA LEU B 280 12.19 38.37 -17.98
C LEU B 280 12.28 39.89 -17.99
N ARG B 281 12.60 40.46 -19.15
CA ARG B 281 12.72 41.90 -19.29
C ARG B 281 11.55 42.47 -20.10
N ILE B 282 11.12 43.67 -19.73
CA ILE B 282 9.97 44.31 -20.36
C ILE B 282 10.47 45.37 -21.32
N ARG B 283 9.99 45.32 -22.57
CA ARG B 283 10.38 46.26 -23.61
C ARG B 283 9.16 46.99 -24.17
N HIS B 284 9.31 48.29 -24.38
CA HIS B 284 8.33 49.10 -25.10
C HIS B 284 8.89 49.36 -26.49
N VAL B 285 8.24 48.78 -27.51
CA VAL B 285 8.85 48.69 -28.84
C VAL B 285 8.93 50.05 -29.52
N THR B 286 7.89 50.88 -29.40
CA THR B 286 7.89 52.16 -30.08
C THR B 286 8.94 53.10 -29.51
N THR B 287 9.11 53.09 -28.19
CA THR B 287 10.13 53.93 -27.57
C THR B 287 11.51 53.27 -27.54
N GLY B 288 11.56 51.95 -27.64
CA GLY B 288 12.84 51.25 -27.64
C GLY B 288 13.58 51.31 -26.33
N ARG B 289 12.85 51.21 -25.21
CA ARG B 289 13.43 51.37 -23.89
C ARG B 289 12.98 50.22 -22.99
N TYR B 290 13.80 49.96 -21.97
CA TYR B 290 13.57 48.86 -21.03
C TYR B 290 13.32 49.41 -19.64
N LEU B 291 12.40 48.77 -18.92
CA LEU B 291 12.07 49.17 -17.54
C LEU B 291 13.24 48.89 -16.62
N ALA B 292 13.55 49.86 -15.74
CA ALA B 292 14.67 49.74 -14.81
C ALA B 292 14.32 50.44 -13.51
N LEU B 293 14.94 49.95 -12.43
CA LEU B 293 14.74 50.50 -11.09
C LEU B 293 15.64 51.70 -10.81
N THR B 294 16.91 51.62 -11.22
CA THR B 294 17.94 52.61 -10.90
C THR B 294 18.02 52.85 -9.40
N GLU B 295 18.53 54.01 -8.99
CA GLU B 295 18.64 54.35 -7.57
C GLU B 295 17.69 55.48 -7.18
N ASP B 296 17.75 56.62 -7.87
CA ASP B 296 16.95 57.77 -7.44
C ASP B 296 15.59 57.83 -8.13
N GLN B 297 15.50 57.46 -9.41
CA GLN B 297 14.31 57.74 -10.20
C GLN B 297 13.18 56.72 -9.99
N GLY B 298 13.51 55.47 -9.70
CA GLY B 298 12.49 54.43 -9.58
C GLY B 298 12.18 53.76 -10.90
N LEU B 299 10.92 53.35 -11.10
CA LEU B 299 10.53 52.64 -12.33
C LEU B 299 10.58 53.60 -13.50
N VAL B 300 11.67 53.56 -14.26
CA VAL B 300 11.85 54.42 -15.42
C VAL B 300 12.34 53.58 -16.59
N VAL B 301 12.00 53.99 -17.78
CA VAL B 301 12.47 53.31 -18.98
C VAL B 301 13.79 53.95 -19.41
N VAL B 302 14.74 53.10 -19.79
CA VAL B 302 16.10 53.52 -20.08
C VAL B 302 16.58 52.83 -21.34
N ASP B 303 17.63 53.38 -21.94
CA ASP B 303 18.19 52.84 -23.16
C ASP B 303 18.83 51.48 -22.91
N ALA B 304 19.01 50.72 -24.01
CA ALA B 304 19.56 49.38 -23.91
C ALA B 304 21.04 49.39 -23.54
N CYS B 305 21.77 50.43 -23.96
CA CYS B 305 23.21 50.49 -23.68
C CYS B 305 23.48 50.72 -22.20
N LYS B 306 22.73 51.62 -21.56
CA LYS B 306 22.91 51.93 -20.16
C LYS B 306 22.26 50.92 -19.22
N ALA B 307 21.39 50.06 -19.74
CA ALA B 307 20.66 49.11 -18.90
C ALA B 307 21.55 47.91 -18.56
N HIS B 308 21.74 47.66 -17.27
CA HIS B 308 22.40 46.45 -16.81
C HIS B 308 21.35 45.36 -16.63
N THR B 309 21.73 44.25 -15.99
CA THR B 309 20.86 43.08 -15.91
C THR B 309 20.15 42.93 -14.57
N LYS B 310 20.69 43.49 -13.49
CA LYS B 310 20.04 43.35 -12.20
C LYS B 310 18.77 44.19 -12.10
N ALA B 311 18.83 45.45 -12.55
CA ALA B 311 17.66 46.33 -12.44
C ALA B 311 16.62 46.04 -13.51
N THR B 312 17.06 45.68 -14.72
CA THR B 312 16.12 45.49 -15.82
C THR B 312 15.31 44.21 -15.67
N SER B 313 15.86 43.21 -14.98
CA SER B 313 15.19 41.92 -14.90
C SER B 313 13.97 41.99 -13.99
N PHE B 314 12.86 41.45 -14.46
CA PHE B 314 11.66 41.25 -13.67
C PHE B 314 11.19 39.81 -13.82
N CYS B 315 10.18 39.44 -13.04
CA CYS B 315 9.66 38.08 -13.06
C CYS B 315 8.14 38.15 -12.92
N PHE B 316 7.53 37.01 -12.63
CA PHE B 316 6.08 36.90 -12.49
C PHE B 316 5.77 35.88 -11.40
N ARG B 317 5.23 36.34 -10.27
CA ARG B 317 4.89 35.48 -9.15
C ARG B 317 3.41 35.59 -8.83
N VAL B 318 2.78 34.44 -8.59
CA VAL B 318 1.37 34.42 -8.25
C VAL B 318 1.14 34.99 -6.86
N SER B 319 2.04 34.72 -5.91
CA SER B 319 1.90 35.15 -4.53
C SER B 319 3.10 35.97 -4.12
N LYS B 320 2.85 36.97 -3.27
CA LYS B 320 3.94 37.81 -2.76
C LYS B 320 4.80 37.08 -1.75
N GLU B 321 4.22 36.15 -1.00
CA GLU B 321 4.98 35.42 0.02
C GLU B 321 6.06 34.57 -0.64
N LYS B 322 7.24 34.57 -0.02
CA LYS B 322 8.44 34.01 -0.65
C LYS B 322 8.36 32.50 -0.71
N LEU B 323 8.30 31.96 -1.92
CA LEU B 323 8.26 30.52 -2.13
C LEU B 323 9.66 29.93 -2.06
N ASP B 324 9.80 28.66 -2.47
CA ASP B 324 11.08 27.98 -2.41
C ASP B 324 12.04 28.59 -3.41
N THR B 325 13.34 28.51 -3.08
CA THR B 325 14.35 29.28 -3.78
C THR B 325 14.99 28.47 -4.93
N ALA B 326 14.25 27.52 -5.50
CA ALA B 326 14.76 26.79 -6.66
C ALA B 326 13.77 26.76 -7.83
N PRO B 327 13.40 27.92 -8.41
CA PRO B 327 12.53 27.87 -9.59
C PRO B 327 13.28 27.59 -10.88
N LYS B 328 14.60 27.78 -10.90
CA LYS B 328 15.37 27.69 -12.13
C LYS B 328 15.48 26.24 -12.59
N ARG B 329 15.09 25.99 -13.84
CA ARG B 329 15.17 24.67 -14.44
C ARG B 329 15.12 24.79 -15.96
N ASP B 330 16.09 24.20 -16.65
CA ASP B 330 16.18 24.29 -18.10
C ASP B 330 15.33 23.19 -18.73
N VAL B 331 14.35 23.59 -19.54
CA VAL B 331 13.48 22.65 -20.24
C VAL B 331 13.63 22.91 -21.74
N GLU B 332 13.62 21.83 -22.51
CA GLU B 332 13.74 21.94 -23.97
C GLU B 332 12.38 21.97 -24.65
N GLY B 333 11.44 21.16 -24.18
CA GLY B 333 10.09 21.21 -24.68
C GLY B 333 9.32 22.40 -24.14
N MET B 334 8.11 22.58 -24.67
CA MET B 334 7.24 23.67 -24.22
C MET B 334 6.83 23.50 -22.76
N GLY B 335 6.51 22.27 -22.36
CA GLY B 335 6.17 21.98 -20.99
C GLY B 335 4.76 22.38 -20.62
N PRO B 336 4.37 22.11 -19.37
CA PRO B 336 3.05 22.52 -18.89
C PRO B 336 2.91 24.03 -18.87
N PRO B 337 1.73 24.56 -19.21
CA PRO B 337 1.53 26.01 -19.17
C PRO B 337 1.33 26.49 -17.75
N GLU B 338 2.37 27.11 -17.18
CA GLU B 338 2.27 27.61 -15.81
C GLU B 338 1.36 28.82 -15.73
N ILE B 339 1.49 29.75 -16.67
CA ILE B 339 0.67 30.96 -16.71
C ILE B 339 -0.44 30.75 -17.73
N LYS B 340 -1.69 30.93 -17.29
CA LYS B 340 -2.85 30.78 -18.14
C LYS B 340 -3.46 32.14 -18.40
N TYR B 341 -3.82 32.39 -19.66
CA TYR B 341 -4.35 33.69 -20.06
C TYR B 341 -5.77 33.89 -19.56
N GLY B 342 -6.06 35.10 -19.11
CA GLY B 342 -7.38 35.47 -18.65
C GLY B 342 -7.60 35.33 -17.16
N GLU B 343 -6.77 34.56 -16.47
CA GLU B 343 -6.92 34.36 -15.02
C GLU B 343 -5.58 34.32 -14.31
N SER B 344 -4.58 35.04 -14.83
CA SER B 344 -3.24 35.00 -14.24
C SER B 344 -3.21 35.71 -12.89
N LEU B 345 -3.62 36.99 -12.87
CA LEU B 345 -3.63 37.82 -11.66
C LEU B 345 -2.25 37.85 -10.99
N CYS B 346 -1.22 38.07 -11.80
CA CYS B 346 0.16 37.96 -11.37
C CYS B 346 0.68 39.30 -10.83
N PHE B 347 1.89 39.25 -10.26
CA PHE B 347 2.51 40.41 -9.63
C PHE B 347 3.89 40.66 -10.24
N VAL B 348 4.37 41.90 -10.09
CA VAL B 348 5.59 42.33 -10.80
C VAL B 348 6.84 41.70 -10.17
N GLN B 349 7.13 42.02 -8.90
CA GLN B 349 8.20 41.40 -8.11
C GLN B 349 9.58 41.53 -8.78
N HIS B 350 10.14 42.73 -8.77
CA HIS B 350 11.53 42.90 -9.18
C HIS B 350 12.43 42.02 -8.31
N VAL B 351 13.44 41.40 -8.93
CA VAL B 351 14.10 40.26 -8.33
C VAL B 351 15.39 40.64 -7.61
N ALA B 352 16.02 41.74 -8.01
CA ALA B 352 17.26 42.14 -7.35
C ALA B 352 16.98 42.78 -5.99
N SER B 353 16.15 43.81 -5.97
CA SER B 353 15.77 44.43 -4.70
C SER B 353 14.78 43.57 -3.90
N GLY B 354 14.01 42.73 -4.58
CA GLY B 354 12.96 41.97 -3.89
C GLY B 354 11.87 42.84 -3.33
N LEU B 355 11.54 43.94 -4.00
CA LEU B 355 10.61 44.94 -3.50
C LEU B 355 9.56 45.23 -4.56
N TRP B 356 8.29 45.10 -4.19
CA TRP B 356 7.19 45.14 -5.15
C TRP B 356 6.88 46.58 -5.56
N LEU B 357 6.41 46.74 -6.80
CA LEU B 357 6.26 48.04 -7.43
C LEU B 357 4.84 48.27 -7.94
N THR B 358 3.83 47.95 -7.12
CA THR B 358 2.43 48.02 -7.52
C THR B 358 2.02 49.37 -8.10
N TYR B 359 1.97 50.41 -7.26
CA TYR B 359 1.68 51.79 -7.61
C TYR B 359 1.77 52.64 -6.35
N ALA B 360 2.09 53.92 -6.54
CA ALA B 360 2.23 54.85 -5.42
C ALA B 360 0.91 55.07 -4.71
N ALA B 361 -0.18 55.25 -5.48
CA ALA B 361 -1.49 55.71 -5.02
C ALA B 361 -1.36 57.02 -4.24
N PRO B 362 -1.02 58.14 -4.90
CA PRO B 362 -0.87 59.38 -4.14
C PRO B 362 -2.19 59.95 -3.66
N ASP B 363 -3.22 59.90 -4.49
CA ASP B 363 -4.52 60.51 -4.22
C ASP B 363 -4.41 61.98 -3.81
N PRO B 364 -4.00 62.87 -4.75
CA PRO B 364 -3.89 64.28 -4.38
C PRO B 364 -5.19 65.04 -4.51
N LYS B 365 -5.46 65.92 -3.55
CA LYS B 365 -6.50 66.94 -3.67
C LYS B 365 -6.41 67.64 -5.04
N ALA B 366 -5.23 68.18 -5.34
CA ALA B 366 -4.90 68.67 -6.67
C ALA B 366 -5.23 67.65 -7.75
N LEU B 367 -5.77 68.14 -8.87
CA LEU B 367 -6.03 67.37 -10.08
C LEU B 367 -6.99 66.21 -9.81
N ARG B 368 -8.22 66.53 -9.40
CA ARG B 368 -9.24 65.54 -9.12
C ARG B 368 -10.25 65.42 -10.26
N LEU B 369 -10.78 66.55 -10.74
CA LEU B 369 -11.52 66.63 -11.99
C LEU B 369 -10.80 65.91 -13.13
N GLY B 370 -9.49 66.11 -13.24
CA GLY B 370 -8.68 65.46 -14.25
C GLY B 370 -8.68 63.94 -14.20
N VAL B 371 -8.46 63.31 -15.36
CA VAL B 371 -8.36 61.86 -15.48
C VAL B 371 -7.26 61.35 -14.56
N LEU B 372 -7.54 60.24 -13.86
CA LEU B 372 -6.60 59.65 -12.92
C LEU B 372 -5.30 59.24 -13.61
N LYS B 373 -4.18 59.53 -12.93
CA LYS B 373 -2.85 59.20 -13.46
C LYS B 373 -1.90 59.10 -12.28
N LYS B 374 -1.36 57.90 -12.06
CA LYS B 374 -0.50 57.63 -10.92
C LYS B 374 0.87 57.17 -11.40
N LYS B 375 1.93 57.76 -10.85
CA LYS B 375 3.28 57.30 -11.11
C LYS B 375 3.53 56.02 -10.34
N ALA B 376 4.03 54.99 -11.04
CA ALA B 376 4.25 53.68 -10.44
C ALA B 376 5.63 53.66 -9.79
N ILE B 377 5.67 53.53 -8.47
CA ILE B 377 6.91 53.35 -7.72
C ILE B 377 6.68 52.27 -6.66
N LEU B 378 7.76 51.90 -5.97
CA LEU B 378 7.78 50.71 -5.15
C LEU B 378 7.16 50.93 -3.78
N HIS B 379 6.45 49.92 -3.29
CA HIS B 379 5.94 49.87 -1.93
C HIS B 379 6.23 48.48 -1.36
N GLN B 380 6.70 48.43 -0.11
CA GLN B 380 7.01 47.15 0.52
C GLN B 380 5.74 46.32 0.73
N GLU B 381 4.81 46.82 1.54
CA GLU B 381 3.57 46.10 1.79
C GLU B 381 2.70 46.04 0.53
N GLY B 382 2.67 47.12 -0.24
CA GLY B 382 1.88 47.13 -1.46
C GLY B 382 0.39 47.29 -1.17
N HIS B 383 -0.40 46.94 -2.18
CA HIS B 383 -1.85 47.05 -2.12
C HIS B 383 -2.48 45.69 -2.41
N MET B 384 -3.82 45.66 -2.36
CA MET B 384 -4.59 44.44 -2.52
C MET B 384 -5.36 44.40 -3.84
N ASP B 385 -5.53 45.55 -4.49
CA ASP B 385 -6.40 45.66 -5.67
C ASP B 385 -5.61 45.92 -6.94
N ASP B 386 -4.39 45.38 -7.03
CA ASP B 386 -3.58 45.59 -8.23
C ASP B 386 -4.23 44.98 -9.46
N ALA B 387 -4.59 43.70 -9.39
CA ALA B 387 -5.36 42.98 -10.40
C ALA B 387 -4.70 43.07 -11.79
N LEU B 388 -3.51 42.51 -11.88
CA LEU B 388 -2.79 42.41 -13.16
C LEU B 388 -3.15 41.07 -13.80
N PHE B 389 -4.30 41.05 -14.48
CA PHE B 389 -4.72 39.89 -15.25
C PHE B 389 -4.24 40.06 -16.68
N LEU B 390 -3.70 38.99 -17.26
CA LEU B 390 -3.05 39.06 -18.57
C LEU B 390 -4.07 38.81 -19.67
N THR B 391 -4.17 39.77 -20.61
CA THR B 391 -5.05 39.66 -21.78
C THR B 391 -4.31 40.22 -23.00
N ARG B 392 -3.60 39.33 -23.71
CA ARG B 392 -2.82 39.71 -24.88
C ARG B 392 -3.74 39.90 -26.08
N CYS B 393 -3.42 40.87 -26.94
CA CYS B 393 -4.21 41.05 -28.20
C CYS B 393 -3.47 41.98 -29.18
N GLN B 394 -2.14 41.83 -29.31
CA GLN B 394 -1.34 42.74 -30.19
C GLN B 394 -1.71 42.63 -31.68
N GLN B 395 -1.95 41.43 -32.20
CA GLN B 395 -2.29 41.20 -33.64
C GLN B 395 -1.44 42.06 -34.60
N GLU B 396 -1.81 42.10 -35.90
CA GLU B 396 -1.11 42.94 -36.86
C GLU B 396 -0.88 44.35 -36.35
N GLU B 397 -1.64 44.78 -35.34
CA GLU B 397 -1.42 46.07 -34.71
C GLU B 397 -0.02 46.17 -34.15
N SER B 398 0.45 45.09 -33.49
CA SER B 398 1.81 45.06 -32.97
C SER B 398 2.83 45.21 -34.09
N GLN B 399 2.55 44.57 -35.24
CA GLN B 399 3.42 44.71 -36.40
C GLN B 399 3.60 46.17 -36.76
N ALA B 400 2.49 46.91 -36.87
CA ALA B 400 2.56 48.31 -37.25
C ALA B 400 3.41 49.08 -36.26
N ALA B 401 3.32 48.73 -34.97
CA ALA B 401 4.04 49.45 -33.94
C ALA B 401 5.54 49.41 -34.20
N ARG B 402 6.07 48.24 -34.60
CA ARG B 402 7.49 48.14 -34.86
C ARG B 402 7.90 49.05 -35.98
N MET B 403 7.13 49.05 -37.08
CA MET B 403 7.44 49.92 -38.20
C MET B 403 7.45 51.36 -37.76
N ILE B 404 6.49 51.73 -36.91
CA ILE B 404 6.39 53.10 -36.42
C ILE B 404 7.69 53.49 -35.75
N HIS B 405 8.16 52.63 -34.83
CA HIS B 405 9.42 52.89 -34.14
C HIS B 405 10.52 53.09 -35.15
N SER B 406 10.64 52.16 -36.10
CA SER B 406 11.72 52.20 -37.08
C SER B 406 11.66 53.51 -37.86
N THR B 407 10.47 53.85 -38.37
CA THR B 407 10.43 54.99 -39.27
C THR B 407 10.70 56.27 -38.50
N ALA B 408 10.25 56.30 -37.23
CA ALA B 408 10.48 57.48 -36.41
C ALA B 408 11.97 57.74 -36.29
N GLY B 409 12.72 56.68 -35.93
CA GLY B 409 14.15 56.84 -35.78
C GLY B 409 14.80 57.35 -37.05
N LEU B 410 14.43 56.75 -38.18
CA LEU B 410 15.03 57.14 -39.44
C LEU B 410 14.75 58.60 -39.71
N TYR B 411 13.47 58.99 -39.58
CA TYR B 411 13.11 60.37 -39.88
C TYR B 411 13.80 61.31 -38.92
N ASN B 412 13.88 60.92 -37.65
CA ASN B 412 14.53 61.78 -36.67
C ASN B 412 15.98 62.01 -37.07
N GLN B 413 16.67 60.93 -37.44
CA GLN B 413 18.08 61.06 -37.79
C GLN B 413 18.22 61.95 -39.02
N PHE B 414 17.30 61.79 -39.97
CA PHE B 414 17.36 62.58 -41.19
C PHE B 414 17.22 64.06 -40.86
N ILE B 415 16.28 64.39 -39.95
CA ILE B 415 16.08 65.79 -39.60
C ILE B 415 17.31 66.33 -38.90
N LYS B 416 17.96 65.48 -38.09
CA LYS B 416 19.19 65.90 -37.43
C LYS B 416 20.24 66.27 -38.47
N GLY B 417 20.34 65.47 -39.53
CA GLY B 417 21.26 65.80 -40.60
C GLY B 417 20.94 67.14 -41.22
N LEU B 418 19.65 67.42 -41.41
CA LEU B 418 19.23 68.74 -41.87
C LEU B 418 19.72 69.81 -40.89
N ASP B 419 19.44 69.61 -39.60
CA ASP B 419 19.88 70.56 -38.58
C ASP B 419 21.39 70.53 -38.41
N SER B 420 22.08 69.56 -38.99
CA SER B 420 23.54 69.62 -39.02
C SER B 420 24.02 70.69 -39.98
N PHE B 421 23.47 70.72 -41.20
CA PHE B 421 24.17 71.43 -42.28
C PHE B 421 23.53 72.73 -42.72
N SER B 422 22.34 73.08 -42.21
CA SER B 422 21.62 74.24 -42.75
C SER B 422 22.35 75.55 -42.50
N GLY B 423 23.07 75.67 -41.39
CA GLY B 423 23.70 76.94 -41.05
C GLY B 423 24.91 77.26 -41.90
N LYS B 424 25.74 76.26 -42.21
CA LYS B 424 27.05 76.53 -42.79
C LYS B 424 26.94 76.66 -44.30
N PRO B 425 27.40 77.78 -44.87
CA PRO B 425 27.44 77.89 -46.35
C PRO B 425 28.57 77.04 -46.90
N ARG B 426 28.21 76.12 -47.80
CA ARG B 426 29.13 75.10 -48.26
C ARG B 426 30.18 75.67 -49.21
N GLY B 427 31.37 75.06 -49.17
CA GLY B 427 32.42 75.32 -50.12
C GLY B 427 32.86 74.02 -50.79
N SER B 428 33.94 74.13 -51.57
CA SER B 428 34.53 72.96 -52.19
C SER B 428 35.05 72.01 -51.12
N GLY B 429 34.73 70.72 -51.26
CA GLY B 429 35.10 69.73 -50.28
C GLY B 429 33.89 69.09 -49.64
N PRO B 430 34.12 68.26 -48.62
CA PRO B 430 33.01 67.59 -47.93
C PRO B 430 32.22 68.57 -47.09
N PRO B 431 30.92 68.69 -47.32
CA PRO B 431 30.09 69.60 -46.51
C PRO B 431 29.93 69.13 -45.08
N ALA B 432 29.56 67.86 -44.89
CA ALA B 432 29.29 67.30 -43.58
C ALA B 432 29.84 65.89 -43.49
N GLY B 433 30.19 65.49 -42.28
CA GLY B 433 30.78 64.19 -42.03
C GLY B 433 29.81 63.02 -42.14
N PRO B 434 28.79 62.98 -41.28
CA PRO B 434 27.90 61.80 -41.24
C PRO B 434 27.04 61.60 -42.48
N ALA B 435 26.92 62.61 -43.36
CA ALA B 435 26.24 62.51 -44.66
C ALA B 435 24.74 62.31 -44.49
N LEU B 436 24.04 62.04 -45.59
CA LEU B 436 22.60 61.92 -45.55
C LEU B 436 22.15 60.56 -46.07
N PRO B 437 21.24 59.88 -45.36
CA PRO B 437 20.70 58.56 -45.80
C PRO B 437 19.51 58.71 -46.75
N ILE B 438 19.82 58.95 -48.02
CA ILE B 438 18.80 59.33 -48.99
C ILE B 438 17.98 58.12 -49.41
N GLU B 439 18.64 57.03 -49.82
CA GLU B 439 17.94 55.90 -50.43
C GLU B 439 17.01 55.21 -49.44
N ALA B 440 17.44 55.08 -48.19
CA ALA B 440 16.57 54.50 -47.18
C ALA B 440 15.32 55.35 -46.96
N VAL B 441 15.47 56.68 -47.01
CA VAL B 441 14.33 57.57 -46.87
C VAL B 441 13.36 57.39 -48.04
N ILE B 442 13.90 57.33 -49.26
CA ILE B 442 13.04 57.16 -50.44
C ILE B 442 12.31 55.82 -50.39
N LEU B 443 13.02 54.75 -50.02
CA LEU B 443 12.40 53.44 -49.97
C LEU B 443 11.33 53.38 -48.89
N SER B 444 11.61 53.97 -47.72
CA SER B 444 10.62 54.02 -46.65
C SER B 444 9.40 54.84 -47.06
N LEU B 445 9.61 55.94 -47.77
CA LEU B 445 8.48 56.74 -48.26
C LEU B 445 7.63 55.96 -49.24
N GLN B 446 8.26 55.22 -50.16
CA GLN B 446 7.50 54.42 -51.11
C GLN B 446 6.72 53.32 -50.42
N ASP B 447 7.35 52.64 -49.45
CA ASP B 447 6.65 51.57 -48.72
C ASP B 447 5.51 52.13 -47.89
N LEU B 448 5.69 53.31 -47.29
CA LEU B 448 4.62 53.89 -46.48
C LEU B 448 3.47 54.39 -47.35
N ILE B 449 3.78 54.91 -48.56
CA ILE B 449 2.72 55.27 -49.49
C ILE B 449 1.95 54.04 -49.93
N GLY B 450 2.66 52.94 -50.22
CA GLY B 450 1.99 51.70 -50.59
C GLY B 450 1.23 51.05 -49.46
N TYR B 451 1.60 51.34 -48.20
CA TYR B 451 0.94 50.70 -47.07
C TYR B 451 -0.49 51.20 -46.87
N PHE B 452 -0.77 52.45 -47.25
CA PHE B 452 -2.07 53.09 -47.03
C PHE B 452 -2.82 53.31 -48.34
N GLU B 453 -2.75 52.35 -49.26
CA GLU B 453 -3.48 52.47 -50.51
C GLU B 453 -4.98 52.30 -50.26
N PRO B 454 -5.82 53.13 -50.87
CA PRO B 454 -7.27 52.97 -50.72
C PRO B 454 -7.72 51.66 -51.32
N PRO B 455 -8.77 51.04 -50.75
CA PRO B 455 -9.27 49.77 -51.29
C PRO B 455 -9.86 49.94 -52.68
N SER B 456 -9.79 48.87 -53.47
CA SER B 456 -10.30 48.90 -54.83
C SER B 456 -11.82 48.95 -54.84
N GLU B 457 -12.37 49.57 -55.89
CA GLU B 457 -13.82 49.69 -56.01
C GLU B 457 -14.44 48.38 -56.47
N GLU B 458 -13.70 47.57 -57.23
CA GLU B 458 -14.22 46.34 -57.81
C GLU B 458 -14.45 45.22 -56.80
N LEU B 459 -14.03 45.39 -55.55
CA LEU B 459 -14.25 44.38 -54.54
C LEU B 459 -15.68 44.42 -54.03
N GLN B 460 -16.07 43.36 -53.33
CA GLN B 460 -17.41 43.26 -52.78
C GLN B 460 -17.59 44.25 -51.63
N HIS B 461 -18.85 44.44 -51.22
CA HIS B 461 -19.17 45.44 -50.21
C HIS B 461 -18.59 45.10 -48.85
N GLU B 462 -18.70 43.83 -48.44
CA GLU B 462 -18.23 43.42 -47.12
C GLU B 462 -16.71 43.57 -47.01
N GLU B 463 -15.99 43.11 -48.03
CA GLU B 463 -14.53 43.22 -48.04
C GLU B 463 -14.09 44.68 -48.09
N LYS B 464 -14.81 45.50 -48.86
CA LYS B 464 -14.48 46.92 -48.93
C LYS B 464 -14.67 47.60 -47.58
N GLN B 465 -15.76 47.29 -46.88
CA GLN B 465 -15.98 47.85 -45.55
C GLN B 465 -14.90 47.38 -44.57
N SER B 466 -14.52 46.10 -44.66
CA SER B 466 -13.49 45.58 -43.76
C SER B 466 -12.15 46.27 -43.98
N LYS B 467 -11.74 46.43 -45.25
CA LYS B 467 -10.49 47.12 -45.54
C LYS B 467 -10.56 48.59 -45.16
N LEU B 468 -11.72 49.23 -45.34
CA LEU B 468 -11.88 50.62 -44.93
C LEU B 468 -11.73 50.77 -43.41
N ARG B 469 -12.34 49.87 -42.65
CA ARG B 469 -12.20 49.92 -41.19
C ARG B 469 -10.76 49.67 -40.74
N SER B 470 -10.10 48.68 -41.35
CA SER B 470 -8.72 48.39 -40.98
C SER B 470 -7.80 49.56 -41.32
N LEU B 471 -7.97 50.16 -42.51
CA LEU B 471 -7.17 51.31 -42.90
C LEU B 471 -7.44 52.50 -41.99
N ARG B 472 -8.70 52.70 -41.59
CA ARG B 472 -9.03 53.79 -40.69
C ARG B 472 -8.38 53.62 -39.33
N ASN B 473 -8.38 52.39 -38.80
CA ASN B 473 -7.74 52.14 -37.51
C ASN B 473 -6.23 52.34 -37.59
N ARG B 474 -5.61 51.84 -38.68
CA ARG B 474 -4.17 51.99 -38.84
C ARG B 474 -3.79 53.47 -39.00
N GLN B 475 -4.57 54.23 -39.77
CA GLN B 475 -4.32 55.65 -39.91
C GLN B 475 -4.52 56.38 -38.59
N SER B 476 -5.51 55.96 -37.80
CA SER B 476 -5.74 56.58 -36.49
C SER B 476 -4.56 56.40 -35.56
N LEU B 477 -4.05 55.17 -35.44
CA LEU B 477 -2.88 54.96 -34.58
C LEU B 477 -1.64 55.64 -35.14
N PHE B 478 -1.44 55.61 -36.47
CA PHE B 478 -0.32 56.33 -37.07
C PHE B 478 -0.39 57.82 -36.79
N GLN B 479 -1.59 58.38 -36.72
CA GLN B 479 -1.74 59.79 -36.36
C GLN B 479 -1.45 60.01 -34.89
N GLU B 480 -1.93 59.11 -34.03
CA GLU B 480 -1.77 59.29 -32.58
C GLU B 480 -0.30 59.20 -32.18
N GLU B 481 0.47 58.29 -32.79
CA GLU B 481 1.88 58.17 -32.44
C GLU B 481 2.70 59.39 -32.85
N GLY B 482 2.22 60.20 -33.78
CA GLY B 482 2.84 61.46 -34.09
C GLY B 482 3.63 61.54 -35.37
N MET B 483 3.29 60.73 -36.39
CA MET B 483 3.98 60.84 -37.67
C MET B 483 3.54 62.07 -38.45
N LEU B 484 2.32 62.56 -38.21
CA LEU B 484 1.77 63.65 -39.02
C LEU B 484 2.58 64.94 -38.86
N SER B 485 2.94 65.27 -37.61
CA SER B 485 3.80 66.44 -37.40
C SER B 485 5.21 66.18 -37.91
N LEU B 486 5.65 64.93 -37.84
CA LEU B 486 6.99 64.57 -38.30
C LEU B 486 7.13 64.82 -39.80
N VAL B 487 6.07 64.52 -40.56
CA VAL B 487 6.11 64.76 -42.01
C VAL B 487 6.29 66.25 -42.31
N LEU B 488 5.52 67.11 -41.63
CA LEU B 488 5.64 68.54 -41.85
C LEU B 488 7.01 69.05 -41.43
N ASN B 489 7.55 68.51 -40.35
CA ASN B 489 8.90 68.87 -39.93
C ASN B 489 9.93 68.50 -40.99
N CYS B 490 9.75 67.36 -41.65
CA CYS B 490 10.64 67.01 -42.76
C CYS B 490 10.42 67.93 -43.96
N ILE B 491 9.17 68.30 -44.23
CA ILE B 491 8.86 69.11 -45.41
C ILE B 491 9.46 70.50 -45.30
N ASP B 492 9.41 71.12 -44.11
CA ASP B 492 9.84 72.51 -43.95
C ASP B 492 11.31 72.70 -44.29
N ARG B 493 12.17 71.81 -43.79
CA ARG B 493 13.60 71.98 -43.96
C ARG B 493 14.03 71.80 -45.41
N LEU B 494 13.32 70.95 -46.17
CA LEU B 494 13.59 70.90 -47.60
C LEU B 494 12.95 72.07 -48.33
N ASN B 495 11.77 72.51 -47.90
CA ASN B 495 11.01 73.55 -48.58
C ASN B 495 11.67 74.91 -48.45
N VAL B 496 12.54 75.10 -47.45
CA VAL B 496 13.18 76.41 -47.28
C VAL B 496 14.15 76.71 -48.41
N TYR B 497 14.59 75.71 -49.17
CA TYR B 497 15.70 75.86 -50.11
C TYR B 497 15.29 76.35 -51.49
N THR B 498 13.99 76.45 -51.79
CA THR B 498 13.46 77.06 -53.02
C THR B 498 14.00 76.29 -54.23
N THR B 499 14.67 76.96 -55.17
CA THR B 499 15.02 76.35 -56.46
C THR B 499 15.92 75.13 -56.30
N ALA B 500 16.87 75.19 -55.37
CA ALA B 500 17.76 74.08 -55.02
C ALA B 500 18.64 73.65 -56.19
N ALA B 501 18.99 74.58 -57.08
CA ALA B 501 20.01 74.29 -58.10
C ALA B 501 21.41 74.47 -57.51
N HIS B 502 21.71 75.70 -57.07
CA HIS B 502 22.89 75.95 -56.25
C HIS B 502 22.55 75.94 -54.76
N PHE B 503 21.28 76.01 -54.41
CA PHE B 503 20.87 76.00 -53.00
C PHE B 503 21.00 74.61 -52.40
N ALA B 504 20.74 73.57 -53.21
CA ALA B 504 21.00 72.21 -52.77
C ALA B 504 22.46 71.81 -52.92
N GLU B 505 23.29 72.71 -53.44
CA GLU B 505 24.74 72.53 -53.40
C GLU B 505 25.32 72.95 -52.05
N TYR B 506 24.50 73.57 -51.20
CA TYR B 506 24.86 73.72 -49.80
C TYR B 506 25.01 72.36 -49.14
N ALA B 507 24.18 71.39 -49.53
CA ALA B 507 24.42 70.00 -49.19
C ALA B 507 25.51 69.38 -50.06
N GLY B 508 25.85 70.00 -51.19
CA GLY B 508 26.70 69.36 -52.17
C GLY B 508 25.91 68.44 -53.07
N GLU B 509 26.64 67.57 -53.77
CA GLU B 509 26.01 66.59 -54.63
C GLU B 509 25.25 65.55 -53.80
N GLU B 510 24.59 64.63 -54.51
CA GLU B 510 23.72 63.54 -54.03
C GLU B 510 22.36 64.08 -53.54
N ALA B 511 22.18 65.40 -53.45
CA ALA B 511 20.92 65.98 -53.02
C ALA B 511 20.17 66.73 -54.12
N ALA B 512 20.85 67.11 -55.20
CA ALA B 512 20.16 67.79 -56.30
C ALA B 512 19.32 66.85 -57.14
N GLU B 513 19.70 65.57 -57.24
CA GLU B 513 18.89 64.60 -57.97
C GLU B 513 17.72 64.07 -57.15
N SER B 514 17.80 64.13 -55.82
CA SER B 514 16.81 63.51 -54.96
C SER B 514 15.85 64.50 -54.30
N TRP B 515 16.08 65.81 -54.43
CA TRP B 515 15.23 66.81 -53.80
C TRP B 515 13.78 66.71 -54.26
N LYS B 516 13.56 66.76 -55.58
CA LYS B 516 12.20 66.79 -56.10
C LYS B 516 11.46 65.49 -55.81
N GLU B 517 12.14 64.35 -55.96
CA GLU B 517 11.51 63.07 -55.68
C GLU B 517 11.14 62.95 -54.20
N ILE B 518 12.03 63.41 -53.31
CA ILE B 518 11.76 63.31 -51.88
C ILE B 518 10.59 64.20 -51.48
N VAL B 519 10.55 65.43 -52.00
CA VAL B 519 9.44 66.31 -51.62
C VAL B 519 8.12 65.83 -52.21
N ASN B 520 8.14 65.28 -53.45
CA ASN B 520 6.91 64.74 -54.03
C ASN B 520 6.43 63.51 -53.27
N LEU B 521 7.34 62.63 -52.86
CA LEU B 521 6.95 61.45 -52.10
C LEU B 521 6.46 61.82 -50.71
N LEU B 522 7.04 62.85 -50.09
CA LEU B 522 6.55 63.30 -48.79
C LEU B 522 5.14 63.88 -48.90
N TYR B 523 4.88 64.69 -49.93
CA TYR B 523 3.53 65.20 -50.14
C TYR B 523 2.54 64.08 -50.44
N GLU B 524 2.97 63.08 -51.24
CA GLU B 524 2.09 61.94 -51.52
C GLU B 524 1.78 61.15 -50.27
N LEU B 525 2.78 60.92 -49.42
CA LEU B 525 2.56 60.21 -48.17
C LEU B 525 1.63 60.98 -47.25
N LEU B 526 1.82 62.30 -47.16
CA LEU B 526 0.94 63.12 -46.34
C LEU B 526 -0.50 63.05 -46.84
N ALA B 527 -0.69 63.17 -48.15
CA ALA B 527 -2.03 63.10 -48.74
C ALA B 527 -2.67 61.74 -48.53
N SER B 528 -1.87 60.67 -48.59
CA SER B 528 -2.42 59.34 -48.32
C SER B 528 -2.78 59.17 -46.85
N LEU B 529 -2.03 59.79 -45.95
CA LEU B 529 -2.34 59.65 -44.52
C LEU B 529 -3.58 60.43 -44.12
N ILE B 530 -3.75 61.65 -44.65
CA ILE B 530 -4.84 62.48 -44.14
C ILE B 530 -6.20 61.99 -44.66
N ARG B 531 -6.22 61.44 -45.88
CA ARG B 531 -7.48 61.14 -46.57
C ARG B 531 -8.29 60.07 -45.86
N GLY B 532 -9.59 60.30 -45.74
CA GLY B 532 -10.53 59.32 -45.24
C GLY B 532 -10.85 59.38 -43.76
N ASN B 533 -10.14 60.19 -42.98
CA ASN B 533 -10.37 60.30 -41.55
C ASN B 533 -10.82 61.72 -41.23
N ARG B 534 -11.98 61.84 -40.57
CA ARG B 534 -12.51 63.16 -40.23
C ARG B 534 -11.68 63.86 -39.16
N ALA B 535 -11.17 63.10 -38.18
CA ALA B 535 -10.40 63.72 -37.11
C ALA B 535 -9.08 64.28 -37.62
N ASN B 536 -8.41 63.56 -38.53
CA ASN B 536 -7.16 64.04 -39.10
C ASN B 536 -7.37 65.29 -39.93
N CYS B 537 -8.49 65.39 -40.64
CA CYS B 537 -8.78 66.59 -41.42
C CYS B 537 -9.19 67.75 -40.53
N ALA B 538 -9.93 67.47 -39.46
CA ALA B 538 -10.33 68.52 -38.52
C ALA B 538 -9.14 69.05 -37.75
N LEU B 539 -8.11 68.22 -37.55
CA LEU B 539 -6.89 68.69 -36.90
C LEU B 539 -6.05 69.61 -37.78
N PHE B 540 -6.40 69.73 -39.06
CA PHE B 540 -5.73 70.64 -39.98
C PHE B 540 -6.27 72.07 -39.91
N SER B 541 -7.08 72.39 -38.90
CA SER B 541 -7.67 73.73 -38.81
C SER B 541 -6.61 74.80 -38.64
N THR B 542 -5.62 74.55 -37.78
CA THR B 542 -4.55 75.52 -37.58
C THR B 542 -3.58 75.58 -38.76
N ASN B 543 -3.49 74.51 -39.54
CA ASN B 543 -2.54 74.42 -40.64
C ASN B 543 -3.12 74.82 -41.99
N LEU B 544 -4.29 75.47 -42.00
CA LEU B 544 -4.88 75.95 -43.25
C LEU B 544 -3.95 76.97 -43.93
N ASP B 545 -3.43 77.91 -43.14
CA ASP B 545 -2.48 78.88 -43.68
C ASP B 545 -1.19 78.20 -44.13
N TRP B 546 -0.80 77.11 -43.47
CA TRP B 546 0.41 76.39 -43.87
C TRP B 546 0.25 75.75 -45.24
N VAL B 547 -0.92 75.15 -45.51
CA VAL B 547 -1.13 74.49 -46.79
C VAL B 547 -1.46 75.47 -47.90
N VAL B 548 -2.06 76.63 -47.56
CA VAL B 548 -2.43 77.59 -48.60
C VAL B 548 -1.22 78.40 -49.06
N SER B 549 -0.41 78.87 -48.10
CA SER B 549 0.58 79.90 -48.40
C SER B 549 1.73 79.43 -49.29
N LYS B 550 1.87 78.11 -49.52
CA LYS B 550 3.05 77.64 -50.25
C LYS B 550 2.96 77.94 -51.74
N LEU B 551 2.04 77.24 -52.43
CA LEU B 551 1.81 77.38 -53.87
C LEU B 551 3.07 77.52 -54.71
N ASP B 552 4.09 76.71 -54.42
CA ASP B 552 5.39 76.91 -55.01
C ASP B 552 5.38 76.53 -56.50
N ARG B 553 6.30 77.14 -57.24
CA ARG B 553 6.24 77.10 -58.70
C ARG B 553 6.59 75.72 -59.26
N LEU B 554 7.68 75.12 -58.77
CA LEU B 554 8.27 73.98 -59.46
C LEU B 554 8.19 72.67 -58.67
N GLU B 555 8.61 72.65 -57.40
CA GLU B 555 8.86 71.41 -56.65
C GLU B 555 7.75 70.36 -56.73
N ALA B 556 6.56 70.68 -56.20
CA ALA B 556 5.45 69.73 -56.18
C ALA B 556 4.14 70.49 -56.45
N SER B 557 3.75 70.56 -57.71
CA SER B 557 2.43 71.08 -58.04
C SER B 557 1.42 69.93 -58.07
N SER B 558 0.16 70.27 -57.76
CA SER B 558 -1.02 69.40 -57.65
C SER B 558 -0.91 68.40 -56.51
N GLY B 559 0.18 68.42 -55.73
CA GLY B 559 0.28 67.56 -54.57
C GLY B 559 -0.26 68.25 -53.33
N ILE B 560 0.12 69.53 -53.17
CA ILE B 560 -0.50 70.37 -52.16
C ILE B 560 -1.98 70.58 -52.47
N LEU B 561 -2.32 70.63 -53.77
CA LEU B 561 -3.72 70.82 -54.17
C LEU B 561 -4.58 69.63 -53.77
N GLU B 562 -4.03 68.40 -53.82
CA GLU B 562 -4.80 67.25 -53.38
C GLU B 562 -5.07 67.28 -51.88
N VAL B 563 -4.08 67.72 -51.10
CA VAL B 563 -4.26 67.85 -49.65
C VAL B 563 -5.31 68.93 -49.35
N LEU B 564 -5.26 70.05 -50.07
CA LEU B 564 -6.26 71.10 -49.89
C LEU B 564 -7.65 70.61 -50.26
N TYR B 565 -7.75 69.85 -51.35
CA TYR B 565 -9.04 69.28 -51.77
C TYR B 565 -9.59 68.33 -50.72
N CYS B 566 -8.73 67.47 -50.16
CA CYS B 566 -9.17 66.54 -49.12
C CYS B 566 -9.62 67.29 -47.87
N VAL B 567 -8.87 68.33 -47.48
CA VAL B 567 -9.24 69.14 -46.32
C VAL B 567 -10.60 69.79 -46.54
N LEU B 568 -10.84 70.29 -47.74
CA LEU B 568 -12.12 70.96 -48.02
C LEU B 568 -13.29 69.98 -48.06
N ILE B 569 -13.09 68.81 -48.68
CA ILE B 569 -14.22 67.90 -48.85
C ILE B 569 -14.56 67.20 -47.53
N GLU B 570 -13.54 66.84 -46.74
CA GLU B 570 -13.79 65.97 -45.60
C GLU B 570 -14.28 66.73 -44.37
N SER B 571 -13.67 67.87 -44.05
CA SER B 571 -13.95 68.57 -42.81
C SER B 571 -14.66 69.89 -43.10
N PRO B 572 -15.89 70.09 -42.63
CA PRO B 572 -16.56 71.38 -42.81
C PRO B 572 -16.12 72.44 -41.81
N GLU B 573 -15.36 72.07 -40.77
CA GLU B 573 -14.88 73.05 -39.80
C GLU B 573 -13.87 74.02 -40.41
N VAL B 574 -13.14 73.57 -41.43
CA VAL B 574 -12.17 74.43 -42.10
C VAL B 574 -12.87 75.57 -42.84
N LEU B 575 -14.07 75.31 -43.37
CA LEU B 575 -14.76 76.27 -44.22
C LEU B 575 -15.14 77.54 -43.47
N ASN B 576 -15.27 77.47 -42.15
CA ASN B 576 -15.58 78.66 -41.36
C ASN B 576 -14.40 79.62 -41.28
N ILE B 577 -13.17 79.13 -41.45
CA ILE B 577 -11.98 79.96 -41.33
C ILE B 577 -11.26 80.12 -42.67
N ILE B 578 -12.00 80.03 -43.78
CA ILE B 578 -11.41 80.14 -45.12
C ILE B 578 -10.84 81.54 -45.35
N GLN B 579 -11.56 82.57 -44.87
CA GLN B 579 -11.22 83.99 -45.04
C GLN B 579 -11.26 84.41 -46.50
N GLU B 580 -10.77 85.61 -46.81
CA GLU B 580 -10.91 86.21 -48.13
C GLU B 580 -9.64 86.11 -48.96
N ASN B 581 -8.47 86.29 -48.35
CA ASN B 581 -7.22 86.28 -49.11
C ASN B 581 -6.90 84.89 -49.66
N HIS B 582 -7.37 83.84 -49.00
CA HIS B 582 -7.17 82.48 -49.51
C HIS B 582 -7.91 82.26 -50.82
N ILE B 583 -9.11 82.84 -50.95
CA ILE B 583 -9.86 82.77 -52.20
C ILE B 583 -9.10 83.51 -53.30
N LYS B 584 -8.52 84.67 -52.97
CA LYS B 584 -7.71 85.41 -53.93
C LYS B 584 -6.50 84.59 -54.38
N SER B 585 -5.85 83.91 -53.43
CA SER B 585 -4.70 83.08 -53.75
C SER B 585 -5.08 81.89 -54.64
N ILE B 586 -6.20 81.23 -54.34
CA ILE B 586 -6.65 80.11 -55.16
C ILE B 586 -7.01 80.58 -56.57
N ILE B 587 -7.62 81.76 -56.68
CA ILE B 587 -7.97 82.30 -57.99
C ILE B 587 -6.72 82.71 -58.76
N SER B 588 -5.73 83.30 -58.08
CA SER B 588 -4.48 83.65 -58.73
C SER B 588 -3.72 82.42 -59.19
N LEU B 589 -3.91 81.28 -58.51
CA LEU B 589 -3.37 80.02 -59.00
C LEU B 589 -3.91 79.65 -60.38
N LEU B 590 -5.18 79.96 -60.65
CA LEU B 590 -5.75 79.71 -61.98
C LEU B 590 -5.05 80.55 -63.04
N ASP B 591 -4.76 81.82 -62.74
CA ASP B 591 -4.14 82.68 -63.74
C ASP B 591 -2.67 82.33 -63.95
N LYS B 592 -1.95 82.02 -62.86
CA LYS B 592 -0.54 81.69 -63.01
C LYS B 592 -0.31 80.31 -63.62
N HIS B 593 -1.11 79.31 -63.22
CA HIS B 593 -0.91 77.94 -63.67
C HIS B 593 -1.85 77.53 -64.79
N GLY B 594 -2.67 78.44 -65.30
CA GLY B 594 -3.53 78.13 -66.43
C GLY B 594 -4.85 77.52 -66.01
N ARG B 595 -5.67 77.25 -67.02
CA ARG B 595 -6.97 76.61 -66.77
C ARG B 595 -6.79 75.19 -66.29
N ASN B 596 -7.52 74.85 -65.23
CA ASN B 596 -7.45 73.51 -64.65
C ASN B 596 -8.78 73.24 -63.96
N HIS B 597 -9.35 72.05 -64.21
CA HIS B 597 -10.62 71.70 -63.62
C HIS B 597 -10.53 71.43 -62.13
N LYS B 598 -9.35 71.10 -61.61
CA LYS B 598 -9.19 70.81 -60.19
C LYS B 598 -9.37 72.06 -59.34
N VAL B 599 -8.90 73.21 -59.82
CA VAL B 599 -9.10 74.46 -59.08
C VAL B 599 -10.58 74.83 -59.08
N LEU B 600 -11.27 74.59 -60.19
CA LEU B 600 -12.71 74.82 -60.25
C LEU B 600 -13.46 73.89 -59.29
N ASP B 601 -13.01 72.63 -59.18
CA ASP B 601 -13.62 71.71 -58.22
C ASP B 601 -13.33 72.15 -56.78
N VAL B 602 -12.15 72.70 -56.52
CA VAL B 602 -11.83 73.21 -55.19
C VAL B 602 -12.74 74.39 -54.85
N LEU B 603 -12.93 75.31 -55.81
CA LEU B 603 -13.84 76.43 -55.59
C LEU B 603 -15.28 75.97 -55.41
N CYS B 604 -15.68 74.92 -56.12
CA CYS B 604 -17.01 74.34 -55.92
C CYS B 604 -17.14 73.72 -54.53
N SER B 605 -16.09 73.07 -54.04
CA SER B 605 -16.11 72.48 -52.72
C SER B 605 -16.02 73.51 -51.61
N LEU B 606 -15.59 74.73 -51.93
CA LEU B 606 -15.59 75.81 -50.95
C LEU B 606 -17.01 76.18 -50.52
N CYS B 607 -18.01 75.91 -51.34
CA CYS B 607 -19.39 76.23 -51.03
C CYS B 607 -20.24 74.96 -50.96
N VAL B 608 -21.28 75.02 -50.13
CA VAL B 608 -22.35 74.02 -50.04
C VAL B 608 -21.72 72.69 -49.63
N CYS B 609 -20.86 72.72 -48.62
CA CYS B 609 -20.38 71.48 -48.02
C CYS B 609 -21.44 70.94 -47.06
N ASN B 610 -21.66 69.63 -47.14
CA ASN B 610 -22.70 68.92 -46.37
C ASN B 610 -24.07 69.52 -46.75
N GLY B 611 -25.02 69.50 -45.82
CA GLY B 611 -26.33 70.06 -46.12
C GLY B 611 -26.37 71.58 -46.12
N VAL B 612 -25.59 72.22 -45.24
CA VAL B 612 -25.60 73.67 -45.15
C VAL B 612 -24.83 74.28 -46.33
N ALA B 613 -25.11 75.56 -46.58
CA ALA B 613 -24.41 76.34 -47.60
C ALA B 613 -23.90 77.62 -46.95
N VAL B 614 -22.60 77.85 -47.04
CA VAL B 614 -21.98 79.04 -46.47
C VAL B 614 -22.12 80.18 -47.47
N ARG B 615 -22.83 81.24 -47.07
CA ARG B 615 -23.08 82.36 -47.97
C ARG B 615 -21.85 83.25 -48.15
N SER B 616 -21.01 83.37 -47.11
CA SER B 616 -19.85 84.26 -47.17
C SER B 616 -18.89 83.84 -48.27
N ASN B 617 -18.59 82.53 -48.37
CA ASN B 617 -17.73 82.04 -49.43
C ASN B 617 -18.35 82.22 -50.80
N GLN B 618 -19.68 82.08 -50.89
CA GLN B 618 -20.38 82.26 -52.16
C GLN B 618 -20.25 83.69 -52.66
N ASP B 619 -20.57 84.67 -51.81
CA ASP B 619 -20.46 86.06 -52.22
C ASP B 619 -19.00 86.49 -52.42
N LEU B 620 -18.06 85.89 -51.68
CA LEU B 620 -16.66 86.25 -51.88
C LEU B 620 -16.14 85.73 -53.21
N ILE B 621 -16.50 84.48 -53.57
CA ILE B 621 -16.14 83.96 -54.88
C ILE B 621 -16.81 84.77 -55.98
N THR B 622 -18.06 85.16 -55.77
CA THR B 622 -18.79 85.92 -56.79
C THR B 622 -18.17 87.29 -57.01
N GLU B 623 -17.83 88.00 -55.92
CA GLU B 623 -17.18 89.29 -56.06
C GLU B 623 -15.75 89.17 -56.56
N ASN B 624 -15.10 88.03 -56.32
CA ASN B 624 -13.78 87.79 -56.89
C ASN B 624 -13.86 87.39 -58.36
N LEU B 625 -14.92 86.67 -58.75
CA LEU B 625 -15.22 86.44 -60.16
C LEU B 625 -15.82 87.74 -60.72
N LEU B 626 -14.93 88.65 -61.09
CA LEU B 626 -15.31 89.99 -61.49
C LEU B 626 -16.03 89.94 -62.84
N PRO B 627 -16.85 90.96 -63.15
CA PRO B 627 -17.49 91.00 -64.48
C PRO B 627 -16.49 91.11 -65.63
N GLY B 628 -15.25 91.52 -65.36
CA GLY B 628 -14.17 91.35 -66.32
C GLY B 628 -14.04 89.90 -66.73
N ARG B 629 -14.11 89.64 -68.03
CA ARG B 629 -14.32 88.30 -68.55
C ARG B 629 -13.02 87.53 -68.76
N GLU B 630 -11.92 87.96 -68.12
CA GLU B 630 -10.60 87.45 -68.46
C GLU B 630 -10.43 85.97 -68.13
N LEU B 631 -10.94 85.54 -66.98
CA LEU B 631 -10.58 84.25 -66.41
C LEU B 631 -11.61 83.15 -66.70
N LEU B 632 -12.59 83.44 -67.56
CA LEU B 632 -13.59 82.43 -67.91
C LEU B 632 -14.07 82.70 -69.33
N LEU B 633 -14.39 81.61 -70.03
CA LEU B 633 -14.86 81.70 -71.40
C LEU B 633 -16.32 82.13 -71.45
N GLN B 634 -16.65 82.98 -72.40
CA GLN B 634 -17.98 83.58 -72.50
C GLN B 634 -18.69 83.10 -73.76
N THR B 635 -20.02 83.01 -73.67
CA THR B 635 -20.85 82.58 -74.78
C THR B 635 -22.04 83.52 -74.95
N ASN B 636 -22.49 83.66 -76.19
CA ASN B 636 -23.61 84.54 -76.53
C ASN B 636 -24.09 84.21 -77.94
N LEU B 637 -25.36 84.50 -78.19
CA LEU B 637 -25.93 84.34 -79.53
C LEU B 637 -25.44 85.47 -80.44
N ILE B 638 -25.25 85.15 -81.72
CA ILE B 638 -24.82 86.13 -82.71
C ILE B 638 -25.48 85.79 -84.04
N ASN B 639 -25.48 86.76 -84.95
CA ASN B 639 -26.16 86.65 -86.23
C ASN B 639 -25.17 86.36 -87.35
N TYR B 640 -25.55 85.45 -88.25
CA TYR B 640 -24.73 85.17 -89.42
C TYR B 640 -24.73 86.34 -90.38
N VAL B 641 -23.59 86.56 -91.03
CA VAL B 641 -23.44 87.61 -92.05
C VAL B 641 -22.68 87.03 -93.22
N THR B 642 -23.05 87.44 -94.43
CA THR B 642 -22.43 86.93 -95.66
C THR B 642 -22.09 88.10 -96.57
N SER B 643 -21.40 87.79 -97.67
CA SER B 643 -20.96 88.82 -98.60
C SER B 643 -21.01 88.26 -100.02
N ILE B 644 -21.39 89.13 -100.98
CA ILE B 644 -21.37 88.76 -102.39
C ILE B 644 -20.60 89.80 -103.20
N ARG B 645 -20.48 89.47 -104.50
CA ARG B 645 -19.43 89.85 -105.41
C ARG B 645 -20.03 90.09 -106.80
N PRO B 646 -19.78 91.24 -107.42
CA PRO B 646 -19.80 91.29 -108.88
C PRO B 646 -18.40 91.04 -109.42
N ASN B 647 -18.28 90.31 -110.52
CA ASN B 647 -16.97 89.93 -111.06
C ASN B 647 -16.35 91.15 -111.74
N ILE B 648 -15.54 91.89 -110.98
CA ILE B 648 -14.86 93.09 -111.45
C ILE B 648 -13.44 93.06 -110.90
N PHE B 649 -12.46 93.25 -111.78
CA PHE B 649 -11.05 93.24 -111.39
C PHE B 649 -10.47 94.63 -111.64
N VAL B 650 -10.11 95.32 -110.56
CA VAL B 650 -9.53 96.66 -110.64
C VAL B 650 -8.20 96.62 -109.89
N GLY B 651 -7.12 96.92 -110.60
CA GLY B 651 -5.80 96.93 -110.00
C GLY B 651 -4.83 97.87 -110.66
N ARG B 652 -3.93 98.48 -109.88
CA ARG B 652 -2.90 99.37 -110.39
C ARG B 652 -1.54 98.88 -109.95
N ALA B 653 -0.58 98.90 -110.88
CA ALA B 653 0.77 98.40 -110.64
C ALA B 653 1.67 98.95 -111.74
N GLU B 654 2.92 98.52 -111.73
CA GLU B 654 3.87 98.94 -112.75
C GLU B 654 3.49 98.39 -114.12
N GLY B 655 3.82 99.15 -115.16
CA GLY B 655 3.47 98.74 -116.50
C GLY B 655 2.08 99.19 -116.90
N SER B 656 1.51 98.48 -117.87
CA SER B 656 0.18 98.82 -118.37
C SER B 656 -0.88 98.41 -117.36
N THR B 657 -1.80 99.34 -117.07
CA THR B 657 -2.91 99.09 -116.18
C THR B 657 -4.19 99.63 -116.80
N GLN B 658 -5.30 98.95 -116.55
CA GLN B 658 -6.59 99.38 -117.07
C GLN B 658 -7.07 100.58 -116.27
N TYR B 659 -6.70 101.78 -116.73
CA TYR B 659 -6.98 103.05 -116.05
C TYR B 659 -6.60 103.01 -114.58
N GLY B 660 -7.61 102.90 -113.71
CA GLY B 660 -7.40 102.89 -112.28
C GLY B 660 -8.43 103.75 -111.57
N LYS B 661 -9.08 104.62 -112.32
CA LYS B 661 -10.15 105.47 -111.81
C LYS B 661 -11.47 104.75 -112.08
N TRP B 662 -12.10 104.25 -111.03
CA TRP B 662 -13.37 103.56 -111.13
C TRP B 662 -14.30 104.01 -110.02
N TYR B 663 -15.58 104.11 -110.35
CA TYR B 663 -16.60 104.65 -109.45
C TYR B 663 -17.87 103.82 -109.60
N PHE B 664 -18.38 103.29 -108.49
CA PHE B 664 -19.61 102.53 -108.50
C PHE B 664 -20.52 102.96 -107.36
N GLU B 665 -21.83 102.88 -107.61
CA GLU B 665 -22.87 103.20 -106.62
C GLU B 665 -23.83 102.04 -106.50
N VAL B 666 -24.35 101.84 -105.29
CA VAL B 666 -25.24 100.73 -104.97
C VAL B 666 -26.43 101.26 -104.18
N MET B 667 -27.62 100.75 -104.48
CA MET B 667 -28.85 101.26 -103.88
C MET B 667 -29.51 100.19 -103.03
N VAL B 668 -30.14 100.61 -101.93
CA VAL B 668 -30.97 99.74 -101.11
C VAL B 668 -32.39 100.30 -101.11
N ASP B 669 -33.38 99.40 -101.21
CA ASP B 669 -34.77 99.82 -101.28
C ASP B 669 -35.49 99.66 -99.95
N GLU B 670 -35.03 98.77 -99.07
CA GLU B 670 -35.63 98.61 -97.76
C GLU B 670 -34.60 98.03 -96.81
N VAL B 671 -34.84 98.23 -95.52
CA VAL B 671 -34.08 97.59 -94.47
C VAL B 671 -35.07 96.91 -93.55
N VAL B 672 -34.82 95.63 -93.24
CA VAL B 672 -35.72 94.84 -92.33
C VAL B 672 -35.60 95.37 -90.90
N PRO B 673 -36.70 95.49 -90.14
CA PRO B 673 -36.65 96.08 -88.78
C PRO B 673 -35.82 95.36 -87.70
N PHE B 674 -35.86 94.02 -87.62
CA PHE B 674 -35.15 93.27 -86.55
C PHE B 674 -35.71 91.85 -86.38
N LEU B 675 -35.78 91.06 -87.46
CA LEU B 675 -36.22 89.67 -87.40
C LEU B 675 -35.83 89.01 -86.09
N THR B 676 -34.62 89.26 -85.61
CA THR B 676 -34.08 88.58 -84.43
C THR B 676 -33.55 89.61 -83.45
N ALA B 677 -33.36 89.17 -82.20
CA ALA B 677 -32.77 90.05 -81.20
C ALA B 677 -31.28 90.20 -81.47
N GLN B 678 -30.94 91.19 -82.29
CA GLN B 678 -29.57 91.46 -82.76
C GLN B 678 -29.65 92.72 -83.62
N ALA B 679 -28.51 93.25 -84.05
CA ALA B 679 -28.47 94.46 -84.86
C ALA B 679 -28.25 94.07 -86.32
N THR B 680 -29.17 94.49 -87.19
CA THR B 680 -29.03 94.25 -88.63
C THR B 680 -27.89 95.11 -89.17
N HIS B 681 -27.02 94.49 -89.98
CA HIS B 681 -25.81 95.14 -90.46
C HIS B 681 -25.68 94.95 -91.97
N LEU B 682 -25.51 96.06 -92.68
CA LEU B 682 -25.21 96.06 -94.10
C LEU B 682 -24.05 97.02 -94.35
N ARG B 683 -23.10 96.60 -95.19
CA ARG B 683 -21.89 97.37 -95.42
C ARG B 683 -21.42 97.18 -96.86
N VAL B 684 -20.84 98.24 -97.43
CA VAL B 684 -20.33 98.19 -98.79
C VAL B 684 -18.85 98.57 -98.77
N GLY B 685 -18.07 97.97 -99.65
CA GLY B 685 -16.67 98.39 -99.71
C GLY B 685 -15.81 97.63 -100.70
N TRP B 686 -14.52 97.63 -100.38
CA TRP B 686 -13.46 97.12 -101.24
C TRP B 686 -12.77 95.97 -100.52
N ALA B 687 -12.62 94.84 -101.20
CA ALA B 687 -12.14 93.63 -100.57
C ALA B 687 -10.62 93.46 -100.61
N LEU B 688 -9.97 94.03 -101.62
CA LEU B 688 -8.53 93.82 -101.91
C LEU B 688 -8.33 92.32 -102.09
N THR B 689 -7.43 91.67 -101.34
CA THR B 689 -7.21 90.24 -101.45
C THR B 689 -7.31 89.59 -100.07
N GLU B 690 -7.72 88.33 -100.06
CA GLU B 690 -7.84 87.50 -98.85
C GLU B 690 -8.80 88.11 -97.84
N GLY B 691 -10.05 88.27 -98.29
CA GLY B 691 -11.05 88.93 -97.46
C GLY B 691 -11.41 88.14 -96.20
N TYR B 692 -11.59 86.83 -96.34
CA TYR B 692 -11.98 85.87 -95.31
C TYR B 692 -13.40 86.09 -94.80
N SER B 693 -14.13 87.05 -95.34
CA SER B 693 -15.53 87.27 -94.98
C SER B 693 -16.45 86.05 -95.20
N PRO B 694 -16.35 85.27 -96.28
CA PRO B 694 -17.32 84.17 -96.47
C PRO B 694 -17.37 83.12 -95.38
N TYR B 695 -16.36 83.04 -94.50
CA TYR B 695 -16.32 82.03 -93.45
C TYR B 695 -17.49 82.21 -92.48
N PRO B 696 -18.44 81.26 -92.45
CA PRO B 696 -19.63 81.40 -91.58
C PRO B 696 -19.37 80.85 -90.19
N GLY B 697 -18.53 81.55 -89.44
CA GLY B 697 -18.15 81.08 -88.12
C GLY B 697 -17.45 82.17 -87.34
N GLY B 698 -16.84 81.74 -86.24
CA GLY B 698 -16.20 82.66 -85.32
C GLY B 698 -15.00 83.41 -85.86
N GLY B 699 -15.13 84.73 -85.98
CA GLY B 699 -14.03 85.56 -86.41
C GLY B 699 -13.18 86.06 -85.24
N GLU B 700 -12.46 87.15 -85.50
CA GLU B 700 -11.69 87.80 -84.44
C GLU B 700 -12.57 88.68 -83.57
N GLY B 701 -13.48 89.43 -84.17
CA GLY B 701 -14.48 90.14 -83.41
C GLY B 701 -15.52 89.20 -82.84
N TRP B 702 -16.41 89.76 -82.03
CA TRP B 702 -17.42 88.97 -81.33
C TRP B 702 -18.46 88.50 -82.33
N GLY B 703 -18.37 87.23 -82.73
CA GLY B 703 -19.24 86.68 -83.74
C GLY B 703 -18.67 86.76 -85.14
N GLY B 704 -19.55 86.81 -86.15
CA GLY B 704 -19.10 86.86 -87.52
C GLY B 704 -18.68 88.25 -87.96
N ASN B 705 -17.88 88.29 -89.03
CA ASN B 705 -17.39 89.53 -89.59
C ASN B 705 -17.88 89.69 -91.03
N GLY B 706 -17.94 90.92 -91.49
CA GLY B 706 -18.31 91.20 -92.87
C GLY B 706 -17.18 91.80 -93.68
N VAL B 707 -17.37 93.03 -94.15
CA VAL B 707 -16.34 93.77 -94.88
C VAL B 707 -15.94 94.97 -94.03
N GLY B 708 -14.65 95.26 -94.00
CA GLY B 708 -14.13 96.33 -93.17
C GLY B 708 -13.79 95.91 -91.76
N ASP B 709 -14.07 94.66 -91.38
CA ASP B 709 -13.68 94.21 -90.05
C ASP B 709 -12.19 93.87 -89.98
N ASP B 710 -11.59 93.52 -91.10
CA ASP B 710 -10.17 93.20 -91.17
C ASP B 710 -9.40 94.34 -91.84
N LEU B 711 -8.08 94.21 -91.88
CA LEU B 711 -7.25 95.23 -92.51
C LEU B 711 -7.29 95.16 -94.03
N TYR B 712 -7.47 93.97 -94.60
CA TYR B 712 -7.51 93.83 -96.05
C TYR B 712 -8.78 94.45 -96.63
N SER B 713 -9.88 94.44 -95.87
CA SER B 713 -11.17 94.91 -96.36
C SER B 713 -11.47 96.30 -95.81
N TYR B 714 -12.00 97.16 -96.67
CA TYR B 714 -12.46 98.48 -96.29
C TYR B 714 -13.97 98.54 -96.48
N GLY B 715 -14.69 98.92 -95.43
CA GLY B 715 -16.13 98.92 -95.45
C GLY B 715 -16.71 100.21 -94.93
N PHE B 716 -17.96 100.46 -95.35
CA PHE B 716 -18.69 101.65 -94.94
C PHE B 716 -20.16 101.29 -94.80
N ASP B 717 -20.75 101.70 -93.68
CA ASP B 717 -22.18 101.61 -93.44
C ASP B 717 -22.80 102.95 -93.08
N GLY B 718 -22.01 103.94 -92.68
CA GLY B 718 -22.52 105.24 -92.30
C GLY B 718 -22.14 105.65 -90.89
N LEU B 719 -22.19 104.72 -89.95
CA LEU B 719 -21.93 105.07 -88.56
C LEU B 719 -20.44 105.23 -88.28
N HIS B 720 -19.61 104.33 -88.79
CA HIS B 720 -18.16 104.46 -88.68
C HIS B 720 -17.48 104.03 -89.98
N LEU B 721 -16.25 104.50 -90.15
CA LEU B 721 -15.33 103.90 -91.11
C LEU B 721 -14.70 102.67 -90.47
N TRP B 722 -14.73 101.55 -91.19
CA TRP B 722 -14.29 100.27 -90.63
C TRP B 722 -13.06 99.77 -91.38
N THR B 723 -11.95 99.63 -90.67
CA THR B 723 -10.83 98.80 -91.12
C THR B 723 -10.11 98.28 -89.87
N GLY B 724 -9.88 96.97 -89.84
CA GLY B 724 -9.31 96.35 -88.66
C GLY B 724 -10.17 96.45 -87.41
N HIS B 725 -11.50 96.37 -87.57
CA HIS B 725 -12.45 96.27 -86.46
C HIS B 725 -12.42 97.52 -85.58
N VAL B 726 -12.34 98.69 -86.22
CA VAL B 726 -12.32 99.97 -85.53
C VAL B 726 -13.66 100.67 -85.79
N ALA B 727 -14.00 101.62 -84.90
CA ALA B 727 -15.32 102.25 -84.91
C ALA B 727 -15.27 103.76 -84.71
N ARG B 728 -14.35 104.48 -85.37
CA ARG B 728 -14.39 105.93 -85.21
C ARG B 728 -15.48 106.51 -86.11
N PRO B 729 -16.31 107.42 -85.59
CA PRO B 729 -17.50 107.87 -86.33
C PRO B 729 -17.19 108.84 -87.47
N VAL B 730 -18.16 108.95 -88.38
CA VAL B 730 -18.11 109.86 -89.51
C VAL B 730 -19.29 110.82 -89.40
N THR B 731 -19.07 112.08 -89.77
CA THR B 731 -20.07 113.13 -89.60
C THR B 731 -20.93 113.22 -90.86
N SER B 732 -22.21 112.93 -90.73
CA SER B 732 -23.17 113.10 -91.81
C SER B 732 -24.38 113.88 -91.30
N PRO B 733 -25.00 114.69 -92.16
CA PRO B 733 -26.18 115.47 -91.73
C PRO B 733 -27.43 114.60 -91.70
N GLY B 734 -28.01 114.43 -90.51
CA GLY B 734 -29.27 113.74 -90.33
C GLY B 734 -29.36 112.36 -90.96
N GLN B 735 -28.63 111.40 -90.41
CA GLN B 735 -28.50 110.09 -91.02
C GLN B 735 -29.09 109.03 -90.09
N HIS B 736 -29.75 108.04 -90.69
CA HIS B 736 -30.39 106.97 -89.94
C HIS B 736 -29.62 105.66 -89.98
N LEU B 737 -28.54 105.59 -90.77
CA LEU B 737 -27.62 104.45 -90.92
C LEU B 737 -28.27 103.27 -91.65
N LEU B 738 -29.58 103.37 -91.91
CA LEU B 738 -30.32 102.36 -92.65
C LEU B 738 -31.61 103.02 -93.15
N ALA B 739 -31.61 103.42 -94.41
CA ALA B 739 -32.73 104.15 -94.97
C ALA B 739 -33.20 103.48 -96.26
N PRO B 740 -34.51 103.53 -96.54
CA PRO B 740 -35.02 102.91 -97.77
C PRO B 740 -34.87 103.82 -98.98
N GLU B 741 -34.65 103.17 -100.13
CA GLU B 741 -34.42 103.84 -101.41
C GLU B 741 -33.25 104.81 -101.32
N ASP B 742 -32.15 104.38 -100.71
CA ASP B 742 -30.96 105.19 -100.52
C ASP B 742 -29.80 104.63 -101.33
N VAL B 743 -29.02 105.53 -101.93
CA VAL B 743 -27.89 105.16 -102.78
C VAL B 743 -26.60 105.57 -102.06
N VAL B 744 -25.55 104.77 -102.26
CA VAL B 744 -24.23 105.03 -101.70
C VAL B 744 -23.22 104.90 -102.83
N SER B 745 -22.38 105.91 -103.03
CA SER B 745 -21.43 105.92 -104.13
C SER B 745 -20.00 105.85 -103.59
N CYS B 746 -19.09 105.42 -104.45
CA CYS B 746 -17.69 105.39 -104.06
C CYS B 746 -16.79 105.40 -105.29
N CYS B 747 -15.64 106.05 -105.15
CA CYS B 747 -14.63 106.14 -106.18
C CYS B 747 -13.34 105.46 -105.71
N LEU B 748 -12.75 104.64 -106.57
CA LEU B 748 -11.56 103.88 -106.22
C LEU B 748 -10.35 104.80 -106.08
N ASP B 749 -10.07 105.59 -107.12
CA ASP B 749 -8.98 106.58 -107.13
C ASP B 749 -7.64 105.90 -106.86
N LEU B 750 -7.23 105.06 -107.82
CA LEU B 750 -6.01 104.27 -107.64
C LEU B 750 -4.75 105.13 -107.60
N SER B 751 -4.70 106.20 -108.40
CA SER B 751 -3.45 106.96 -108.56
C SER B 751 -3.05 107.65 -107.26
N VAL B 752 -3.96 108.40 -106.65
CA VAL B 752 -3.70 109.04 -105.37
C VAL B 752 -4.17 108.08 -104.29
N PRO B 753 -3.38 107.84 -103.23
CA PRO B 753 -3.70 106.74 -102.30
C PRO B 753 -5.05 106.86 -101.57
N SER B 754 -5.74 108.00 -101.66
CA SER B 754 -7.03 108.14 -101.00
C SER B 754 -8.11 107.31 -101.69
N ILE B 755 -9.06 106.84 -100.89
CA ILE B 755 -10.24 106.12 -101.38
C ILE B 755 -11.45 107.00 -101.10
N SER B 756 -12.29 107.22 -102.11
CA SER B 756 -13.36 108.21 -102.03
C SER B 756 -14.70 107.54 -101.78
N PHE B 757 -15.49 108.14 -100.87
CA PHE B 757 -16.83 107.69 -100.54
C PHE B 757 -17.78 108.87 -100.65
N ARG B 758 -19.00 108.61 -101.15
CA ARG B 758 -19.93 109.67 -101.51
C ARG B 758 -21.33 109.36 -100.99
N ILE B 759 -21.86 110.30 -100.21
CA ILE B 759 -23.24 110.31 -99.73
C ILE B 759 -23.74 111.74 -99.97
N ASN B 760 -25.06 111.90 -100.02
CA ASN B 760 -25.66 113.20 -100.31
C ASN B 760 -25.27 114.27 -99.29
N GLY B 761 -24.46 115.23 -99.72
CA GLY B 761 -24.02 116.31 -98.85
C GLY B 761 -23.16 115.86 -97.69
N CYS B 762 -22.39 114.78 -97.86
CA CYS B 762 -21.56 114.21 -96.81
C CYS B 762 -20.13 114.07 -97.29
N PRO B 763 -19.27 115.06 -97.06
CA PRO B 763 -17.83 114.91 -97.33
C PRO B 763 -17.17 114.06 -96.26
N VAL B 764 -16.52 112.97 -96.67
CA VAL B 764 -15.96 112.02 -95.71
C VAL B 764 -14.77 112.65 -94.99
N GLN B 765 -14.74 112.50 -93.66
CA GLN B 765 -13.69 113.09 -92.86
C GLN B 765 -12.34 112.42 -93.13
N GLY B 766 -12.33 111.10 -93.22
CA GLY B 766 -11.09 110.35 -93.35
C GLY B 766 -11.02 109.57 -94.66
N VAL B 767 -9.83 109.51 -95.23
CA VAL B 767 -9.55 108.72 -96.42
C VAL B 767 -8.38 107.80 -96.12
N PHE B 768 -8.49 106.55 -96.55
CA PHE B 768 -7.47 105.55 -96.24
C PHE B 768 -6.20 105.83 -97.04
N GLU B 769 -5.07 105.91 -96.33
CA GLU B 769 -3.77 106.15 -96.93
C GLU B 769 -2.84 104.97 -96.64
N ALA B 770 -1.75 104.93 -97.40
CA ALA B 770 -0.67 103.95 -97.22
C ALA B 770 -1.18 102.51 -97.31
N PHE B 771 -2.01 102.23 -98.31
CA PHE B 771 -2.63 100.92 -98.49
C PHE B 771 -1.91 100.15 -99.58
N ASN B 772 -1.77 98.84 -99.38
CA ASN B 772 -1.06 97.99 -100.33
C ASN B 772 -1.83 97.85 -101.64
N LEU B 773 -1.10 97.97 -102.75
CA LEU B 773 -1.69 97.86 -104.08
C LEU B 773 -1.61 96.46 -104.65
N ASP B 774 -1.03 95.50 -103.91
CA ASP B 774 -0.93 94.14 -104.39
C ASP B 774 -2.31 93.49 -104.44
N GLY B 775 -2.58 92.78 -105.54
CA GLY B 775 -3.86 92.14 -105.72
C GLY B 775 -4.82 93.00 -106.52
N LEU B 776 -6.04 92.49 -106.64
CA LEU B 776 -7.11 93.16 -107.38
C LEU B 776 -8.17 93.66 -106.41
N PHE B 777 -8.70 94.85 -106.69
CA PHE B 777 -9.72 95.42 -105.84
C PHE B 777 -11.10 94.98 -106.32
N PHE B 778 -11.96 94.64 -105.36
CA PHE B 778 -13.29 94.14 -105.64
C PHE B 778 -14.36 95.03 -105.00
N PRO B 779 -15.42 95.34 -105.74
CA PRO B 779 -16.64 95.83 -105.08
C PRO B 779 -17.29 94.66 -104.36
N VAL B 780 -17.52 94.80 -103.05
CA VAL B 780 -18.06 93.72 -102.25
C VAL B 780 -19.14 94.28 -101.33
N VAL B 781 -20.25 93.54 -101.21
CA VAL B 781 -21.32 93.93 -100.30
C VAL B 781 -21.45 92.84 -99.25
N SER B 782 -21.60 93.26 -97.99
CA SER B 782 -21.80 92.36 -96.86
C SER B 782 -23.12 92.69 -96.20
N PHE B 783 -23.88 91.66 -95.86
CA PHE B 783 -25.23 91.83 -95.35
C PHE B 783 -25.57 90.76 -94.34
N SER B 784 -26.57 91.07 -93.51
CA SER B 784 -27.28 90.12 -92.69
C SER B 784 -28.57 89.72 -93.43
N ALA B 785 -29.45 89.00 -92.74
CA ALA B 785 -30.65 88.50 -93.40
C ALA B 785 -31.76 89.54 -93.40
N GLY B 786 -32.72 89.34 -94.31
CA GLY B 786 -33.90 90.17 -94.43
C GLY B 786 -33.78 91.37 -95.35
N VAL B 787 -32.62 91.60 -95.95
CA VAL B 787 -32.37 92.82 -96.72
C VAL B 787 -32.51 92.52 -98.21
N LYS B 788 -33.09 93.48 -98.94
CA LYS B 788 -33.14 93.45 -100.39
C LYS B 788 -32.33 94.63 -100.91
N VAL B 789 -31.39 94.37 -101.81
CA VAL B 789 -30.46 95.41 -102.25
C VAL B 789 -30.17 95.24 -103.74
N ARG B 790 -30.07 96.39 -104.42
CA ARG B 790 -29.88 96.47 -105.87
C ARG B 790 -28.52 97.05 -106.19
N PHE B 791 -27.83 96.46 -107.17
CA PHE B 791 -26.53 96.90 -107.59
C PHE B 791 -26.64 97.50 -108.99
N LEU B 792 -26.17 98.73 -109.16
CA LEU B 792 -26.18 99.37 -110.47
C LEU B 792 -25.11 98.73 -111.35
N LEU B 793 -25.50 98.39 -112.59
CA LEU B 793 -24.57 97.74 -113.51
C LEU B 793 -23.48 98.71 -113.95
N GLY B 794 -23.84 99.96 -114.25
CA GLY B 794 -22.86 100.94 -114.66
C GLY B 794 -23.34 101.87 -115.76
N GLY B 795 -22.52 102.06 -116.79
CA GLY B 795 -22.88 102.98 -117.85
C GLY B 795 -24.03 102.50 -118.71
N ARG B 796 -24.07 101.19 -118.99
CA ARG B 796 -25.06 100.68 -119.93
C ARG B 796 -26.47 100.68 -119.34
N HIS B 797 -26.61 100.25 -118.09
CA HIS B 797 -27.92 100.10 -117.46
C HIS B 797 -28.11 100.95 -116.21
N GLY B 798 -27.08 101.04 -115.36
CA GLY B 798 -27.24 101.78 -114.12
C GLY B 798 -27.46 103.26 -114.36
N GLU B 799 -28.33 103.85 -113.55
CA GLU B 799 -28.62 105.28 -113.59
C GLU B 799 -28.20 105.89 -112.27
N PHE B 800 -27.11 106.65 -112.28
CA PHE B 800 -26.56 107.23 -111.07
C PHE B 800 -27.27 108.54 -110.73
N LYS B 801 -27.63 108.70 -109.45
CA LYS B 801 -28.24 109.94 -109.01
C LYS B 801 -27.23 111.08 -108.98
N PHE B 802 -25.99 110.78 -108.58
CA PHE B 802 -24.91 111.75 -108.57
C PHE B 802 -24.07 111.57 -109.82
N LEU B 803 -23.78 112.68 -110.49
CA LEU B 803 -22.90 112.62 -111.66
C LEU B 803 -21.49 112.22 -111.23
N PRO B 804 -20.83 111.35 -112.00
CA PRO B 804 -19.46 110.94 -111.64
C PRO B 804 -18.50 112.11 -111.76
N PRO B 805 -17.46 112.14 -110.93
CA PRO B 805 -16.39 113.09 -111.16
C PRO B 805 -15.71 112.80 -112.49
N PRO B 806 -15.19 113.83 -113.17
CA PRO B 806 -14.74 113.64 -114.56
C PRO B 806 -13.51 112.75 -114.63
N GLY B 807 -13.60 111.72 -115.47
CA GLY B 807 -12.52 110.78 -115.69
C GLY B 807 -12.77 109.39 -115.15
N TYR B 808 -13.74 109.22 -114.25
CA TYR B 808 -13.87 107.94 -113.55
C TYR B 808 -14.48 106.83 -114.41
N ALA B 809 -15.15 107.17 -115.51
CA ALA B 809 -15.54 106.27 -116.59
C ALA B 809 -16.09 104.92 -116.12
N PRO B 810 -17.30 104.88 -115.54
CA PRO B 810 -17.84 103.61 -115.01
C PRO B 810 -18.27 102.68 -116.13
N CYS B 811 -17.55 101.56 -116.27
CA CYS B 811 -17.87 100.55 -117.27
C CYS B 811 -17.52 99.18 -116.71
N HIS B 812 -17.88 98.14 -117.47
CA HIS B 812 -17.68 96.78 -117.01
C HIS B 812 -16.25 96.30 -117.15
N GLU B 813 -15.47 96.91 -118.05
CA GLU B 813 -14.02 96.71 -118.21
C GLU B 813 -13.68 95.36 -118.83
N ALA B 814 -14.69 94.49 -118.98
CA ALA B 814 -14.58 93.16 -119.58
C ALA B 814 -13.52 92.29 -118.90
N VAL B 815 -13.22 91.14 -119.53
CA VAL B 815 -12.28 90.15 -119.01
C VAL B 815 -11.63 89.44 -120.19
N LEU B 816 -10.46 88.87 -119.95
CA LEU B 816 -9.81 88.06 -120.99
C LEU B 816 -10.65 86.87 -121.46
N PRO B 817 -11.33 86.10 -120.60
CA PRO B 817 -12.29 85.11 -121.14
C PRO B 817 -13.54 85.72 -121.77
N ARG B 818 -13.77 87.03 -121.60
CA ARG B 818 -14.94 87.73 -122.12
C ARG B 818 -16.26 87.13 -121.63
N GLU B 819 -16.25 86.60 -120.41
CA GLU B 819 -17.47 86.08 -119.81
C GLU B 819 -18.41 87.20 -119.40
N ARG B 820 -19.70 86.95 -119.52
CA ARG B 820 -20.71 87.92 -119.08
C ARG B 820 -20.63 88.14 -117.57
N LEU B 821 -20.85 89.39 -117.15
CA LEU B 821 -20.74 89.73 -115.74
C LEU B 821 -21.91 89.13 -114.96
N ARG B 822 -21.60 88.57 -113.80
CA ARG B 822 -22.58 87.82 -113.02
C ARG B 822 -22.31 87.99 -111.53
N LEU B 823 -23.33 87.76 -110.74
CA LEU B 823 -23.26 87.91 -109.28
C LEU B 823 -22.91 86.57 -108.64
N GLU B 824 -21.91 86.58 -107.77
CA GLU B 824 -21.44 85.35 -107.16
C GLU B 824 -21.03 85.60 -105.72
N PRO B 825 -21.06 84.57 -104.87
CA PRO B 825 -20.43 84.69 -103.55
C PRO B 825 -18.92 84.57 -103.66
N ILE B 826 -18.22 85.40 -102.89
CA ILE B 826 -16.77 85.38 -102.89
C ILE B 826 -16.29 84.17 -102.09
N LYS B 827 -15.42 83.37 -102.73
CA LYS B 827 -14.76 82.22 -102.10
C LYS B 827 -15.77 81.27 -101.44
N GLU B 828 -16.56 80.62 -102.30
CA GLU B 828 -17.59 79.70 -101.86
C GLU B 828 -17.03 78.29 -101.86
N TYR B 829 -16.94 77.67 -100.68
CA TYR B 829 -16.52 76.27 -100.59
C TYR B 829 -17.67 75.30 -100.84
N ARG B 830 -18.91 75.72 -100.58
CA ARG B 830 -20.09 74.90 -100.77
C ARG B 830 -21.09 75.66 -101.60
N ARG B 831 -21.73 74.98 -102.55
CA ARG B 831 -22.73 75.62 -103.40
C ARG B 831 -23.99 74.76 -103.48
N GLU B 832 -25.08 75.39 -103.90
CA GLU B 832 -26.33 74.68 -104.07
C GLU B 832 -26.30 73.79 -105.32
N GLY B 833 -26.96 72.65 -105.23
CA GLY B 833 -27.04 71.72 -106.33
C GLY B 833 -28.43 71.16 -106.50
N PRO B 834 -28.66 70.46 -107.63
CA PRO B 834 -29.97 69.82 -107.84
C PRO B 834 -30.29 68.78 -106.77
N ARG B 835 -29.41 67.80 -106.59
CA ARG B 835 -29.57 66.77 -105.58
C ARG B 835 -28.54 67.03 -104.48
N GLY B 836 -28.96 67.74 -103.44
CA GLY B 836 -28.09 68.04 -102.32
C GLY B 836 -27.07 69.12 -102.64
N PRO B 837 -26.11 69.30 -101.75
CA PRO B 837 -25.09 70.34 -101.97
C PRO B 837 -23.92 69.84 -102.79
N HIS B 838 -23.27 70.78 -103.47
CA HIS B 838 -22.09 70.51 -104.28
C HIS B 838 -20.86 71.06 -103.58
N LEU B 839 -19.85 70.20 -103.41
CA LEU B 839 -18.59 70.59 -102.81
C LEU B 839 -17.60 70.96 -103.91
N VAL B 840 -16.94 72.12 -103.75
CA VAL B 840 -16.00 72.60 -104.74
C VAL B 840 -14.67 72.92 -104.07
N GLY B 841 -13.63 73.06 -104.89
CA GLY B 841 -12.30 73.27 -104.40
C GLY B 841 -11.92 74.74 -104.31
N PRO B 842 -10.66 75.02 -104.02
CA PRO B 842 -10.19 76.41 -103.90
C PRO B 842 -10.22 77.13 -105.24
N SER B 843 -10.35 78.45 -105.17
CA SER B 843 -10.33 79.28 -106.37
C SER B 843 -8.96 79.27 -107.02
N ARG B 844 -8.93 79.61 -108.32
CA ARG B 844 -7.70 79.57 -109.09
C ARG B 844 -6.76 80.73 -108.79
N CYS B 845 -7.31 81.90 -108.42
CA CYS B 845 -6.61 83.10 -107.95
C CYS B 845 -5.49 83.57 -108.88
N LEU B 846 -5.49 83.15 -110.14
CA LEU B 846 -4.47 83.54 -111.11
C LEU B 846 -4.71 84.93 -111.70
N SER B 847 -5.58 85.73 -111.10
CA SER B 847 -5.96 87.03 -111.64
C SER B 847 -4.90 88.12 -111.42
N HIS B 848 -3.80 87.81 -110.74
CA HIS B 848 -2.80 88.82 -110.39
C HIS B 848 -2.07 89.39 -111.61
N THR B 849 -2.23 88.78 -112.79
CA THR B 849 -1.60 89.28 -114.00
C THR B 849 -2.22 90.62 -114.40
N ASP B 850 -1.53 91.32 -115.29
CA ASP B 850 -1.96 92.63 -115.74
C ASP B 850 -3.29 92.55 -116.49
N PHE B 851 -4.19 93.48 -116.20
CA PHE B 851 -5.48 93.54 -116.86
C PHE B 851 -6.06 94.94 -116.80
N HIS B 866 24.26 84.12 -145.26
CA HIS B 866 23.33 83.22 -145.92
C HIS B 866 21.90 83.64 -145.62
N LEU B 867 21.64 83.93 -144.35
CA LEU B 867 20.31 84.31 -143.91
C LEU B 867 19.89 85.69 -144.38
N GLU B 868 20.84 86.53 -144.82
CA GLU B 868 20.49 87.86 -145.30
C GLU B 868 19.70 87.78 -146.61
N ARG B 869 20.10 86.89 -147.52
CA ARG B 869 19.35 86.69 -148.75
C ARG B 869 17.96 86.14 -148.47
N ILE B 870 17.85 85.21 -147.51
CA ILE B 870 16.55 84.70 -147.10
C ILE B 870 15.71 85.80 -146.48
N ARG B 871 16.34 86.72 -145.75
CA ARG B 871 15.60 87.84 -145.16
C ARG B 871 15.08 88.80 -146.22
N GLU B 872 15.90 89.08 -147.23
CA GLU B 872 15.44 89.93 -148.34
C GLU B 872 14.31 89.26 -149.12
N LYS B 873 14.44 87.95 -149.35
CA LYS B 873 13.37 87.19 -150.00
C LYS B 873 12.10 87.20 -149.16
N LEU B 874 12.25 87.08 -147.85
CA LEU B 874 11.09 87.13 -146.96
C LEU B 874 10.45 88.51 -146.94
N ALA B 875 11.24 89.58 -147.07
CA ALA B 875 10.66 90.91 -147.11
C ALA B 875 9.89 91.15 -148.40
N GLU B 876 10.46 90.75 -149.55
CA GLU B 876 9.73 90.93 -150.80
C GLU B 876 8.52 90.01 -150.85
N ASN B 877 8.63 88.81 -150.28
CA ASN B 877 7.48 87.92 -150.18
C ASN B 877 6.44 88.45 -149.21
N ILE B 878 6.84 89.20 -148.19
CA ILE B 878 5.90 89.80 -147.26
C ILE B 878 5.11 90.91 -147.93
N HIS B 879 5.79 91.73 -148.73
CA HIS B 879 5.07 92.77 -149.48
C HIS B 879 4.15 92.14 -150.52
N GLU B 880 4.63 91.09 -151.20
CA GLU B 880 3.78 90.37 -152.15
C GLU B 880 2.61 89.69 -151.44
N LEU B 881 2.80 89.22 -150.20
CA LEU B 881 1.75 88.56 -149.47
C LEU B 881 0.72 89.55 -148.94
N TRP B 882 1.15 90.76 -148.60
CA TRP B 882 0.19 91.81 -148.26
C TRP B 882 -0.67 92.16 -149.48
N ALA B 883 -0.03 92.38 -150.62
CA ALA B 883 -0.79 92.67 -151.84
C ALA B 883 -1.69 91.51 -152.24
N LEU B 884 -1.23 90.28 -152.03
CA LEU B 884 -1.98 89.10 -152.43
C LEU B 884 -3.14 88.81 -151.48
N THR B 885 -2.96 89.05 -150.18
CA THR B 885 -4.06 88.96 -149.24
C THR B 885 -5.10 90.03 -149.52
N ARG B 886 -4.66 91.20 -149.97
CA ARG B 886 -5.60 92.19 -150.48
C ARG B 886 -6.33 91.66 -151.72
N ILE B 887 -5.61 90.98 -152.61
CA ILE B 887 -6.19 90.50 -153.86
C ILE B 887 -7.26 89.44 -153.62
N GLU B 888 -6.99 88.47 -152.73
CA GLU B 888 -7.96 87.42 -152.46
C GLU B 888 -9.22 87.96 -151.79
N GLN B 889 -9.05 88.86 -150.83
CA GLN B 889 -10.18 89.40 -150.09
C GLN B 889 -10.93 90.43 -150.96
N GLY B 890 -11.90 91.12 -150.37
CA GLY B 890 -12.67 92.10 -151.11
C GLY B 890 -11.94 93.40 -151.37
N TRP B 891 -10.72 93.55 -150.84
CA TRP B 891 -9.95 94.77 -151.01
C TRP B 891 -9.54 94.95 -152.47
N THR B 892 -10.06 95.97 -153.12
CA THR B 892 -9.67 96.35 -154.47
C THR B 892 -8.82 97.61 -154.37
N TYR B 893 -7.68 97.61 -155.07
CA TYR B 893 -6.68 98.66 -154.89
C TYR B 893 -7.22 100.01 -155.36
N GLY B 894 -6.87 101.06 -154.62
CA GLY B 894 -7.21 102.41 -154.96
C GLY B 894 -6.32 103.39 -154.25
N PRO B 895 -5.77 104.37 -154.98
CA PRO B 895 -4.89 105.36 -154.34
C PRO B 895 -5.56 106.17 -153.24
N VAL B 896 -6.85 106.48 -153.39
CA VAL B 896 -7.59 107.13 -152.33
C VAL B 896 -7.90 106.11 -151.24
N ARG B 897 -7.97 106.57 -149.99
CA ARG B 897 -8.25 105.69 -148.87
C ARG B 897 -9.76 105.63 -148.64
N ASP B 898 -10.32 104.43 -148.71
CA ASP B 898 -11.76 104.23 -148.50
C ASP B 898 -11.99 102.80 -148.05
N ASP B 899 -12.35 102.62 -146.78
CA ASP B 899 -12.61 101.29 -146.26
C ASP B 899 -13.96 100.75 -146.72
N ASN B 900 -14.95 101.62 -146.91
CA ASN B 900 -16.24 101.18 -147.43
C ASN B 900 -16.13 100.73 -148.88
N LYS B 901 -15.23 101.34 -149.65
CA LYS B 901 -14.92 100.89 -151.00
C LYS B 901 -13.78 99.87 -151.04
N ARG B 902 -13.26 99.48 -149.87
CA ARG B 902 -12.20 98.49 -149.73
C ARG B 902 -10.92 98.90 -150.44
N LEU B 903 -10.67 100.20 -150.57
CA LEU B 903 -9.48 100.68 -151.26
C LEU B 903 -8.27 100.61 -150.33
N HIS B 904 -7.15 100.12 -150.87
CA HIS B 904 -5.89 100.04 -150.14
C HIS B 904 -4.87 100.93 -150.85
N PRO B 905 -4.36 101.98 -150.21
CA PRO B 905 -3.43 102.88 -150.92
C PRO B 905 -2.06 102.28 -151.14
N CYS B 906 -1.51 101.57 -150.16
CA CYS B 906 -0.11 101.14 -150.20
C CYS B 906 0.00 99.78 -150.90
N LEU B 907 -0.25 99.81 -152.20
CA LEU B 907 -0.02 98.66 -153.08
C LEU B 907 0.76 99.15 -154.30
N VAL B 908 2.04 98.77 -154.39
CA VAL B 908 2.91 99.19 -155.47
C VAL B 908 3.94 98.08 -155.70
N ASN B 909 4.72 98.23 -156.77
CA ASN B 909 5.78 97.29 -157.09
C ASN B 909 6.86 97.26 -156.02
N PHE B 910 7.60 96.16 -155.98
CA PHE B 910 8.66 96.00 -154.98
C PHE B 910 9.76 97.03 -155.16
N HIS B 911 10.13 97.33 -156.41
CA HIS B 911 11.14 98.35 -156.65
C HIS B 911 10.62 99.75 -156.38
N SER B 912 9.30 99.95 -156.43
CA SER B 912 8.67 101.24 -156.13
C SER B 912 7.92 101.19 -154.80
N LEU B 913 8.33 100.30 -153.90
CA LEU B 913 7.71 100.21 -152.60
C LEU B 913 7.98 101.46 -151.78
N PRO B 914 7.06 101.87 -150.91
CA PRO B 914 7.33 102.99 -150.01
C PRO B 914 8.44 102.64 -149.03
N GLU B 915 9.43 103.52 -148.94
CA GLU B 915 10.62 103.24 -148.13
C GLU B 915 10.33 102.99 -146.65
N PRO B 916 9.52 103.78 -145.93
CA PRO B 916 9.21 103.41 -144.55
C PRO B 916 8.42 102.11 -144.43
N GLU B 917 7.50 101.84 -145.36
CA GLU B 917 6.75 100.59 -145.30
C GLU B 917 7.65 99.41 -145.70
N ARG B 918 8.59 99.61 -146.63
CA ARG B 918 9.51 98.56 -147.00
C ARG B 918 10.45 98.21 -145.85
N ASN B 919 10.95 99.23 -145.15
CA ASN B 919 11.78 98.95 -143.99
C ASN B 919 10.96 98.45 -142.80
N TYR B 920 9.66 98.74 -142.73
CA TYR B 920 8.80 98.11 -141.74
C TYR B 920 8.63 96.62 -142.04
N ASN B 921 8.52 96.27 -143.32
CA ASN B 921 8.48 94.86 -143.71
C ASN B 921 9.77 94.15 -143.31
N LEU B 922 10.91 94.77 -143.63
CA LEU B 922 12.20 94.23 -143.22
C LEU B 922 12.33 94.17 -141.71
N GLN B 923 11.69 95.11 -141.01
CA GLN B 923 11.76 95.16 -139.55
C GLN B 923 10.99 94.01 -138.92
N MET B 924 9.80 93.69 -139.45
CA MET B 924 9.10 92.55 -138.86
C MET B 924 9.74 91.23 -139.29
N SER B 925 10.38 91.20 -140.46
CA SER B 925 11.16 90.01 -140.83
C SER B 925 12.34 89.80 -139.87
N GLY B 926 13.03 90.89 -139.53
CA GLY B 926 14.11 90.79 -138.57
C GLY B 926 13.63 90.43 -137.18
N GLU B 927 12.48 90.97 -136.76
CA GLU B 927 11.90 90.63 -135.48
C GLU B 927 11.53 89.15 -135.42
N THR B 928 10.97 88.62 -136.52
CA THR B 928 10.70 87.19 -136.61
C THR B 928 11.98 86.39 -136.42
N LEU B 929 13.01 86.69 -137.23
CA LEU B 929 14.24 85.94 -137.18
C LEU B 929 14.97 86.08 -135.85
N LYS B 930 14.69 87.15 -135.11
CA LYS B 930 15.15 87.23 -133.72
C LYS B 930 14.33 86.30 -132.83
N THR B 931 13.01 86.21 -133.07
CA THR B 931 12.17 85.42 -132.17
C THR B 931 12.36 83.92 -132.34
N LEU B 932 12.77 83.42 -133.51
CA LEU B 932 13.14 82.00 -133.57
C LEU B 932 14.35 81.70 -132.71
N LEU B 933 15.50 82.30 -133.06
CA LEU B 933 16.82 82.07 -132.46
C LEU B 933 17.14 80.60 -132.25
N ALA B 934 16.69 79.74 -133.17
CA ALA B 934 16.91 78.31 -133.08
C ALA B 934 16.85 77.65 -134.45
N ALA B 946 17.23 74.83 -154.48
CA ALA B 946 16.89 75.87 -153.53
C ALA B 946 15.81 76.80 -154.10
N GLU B 947 16.23 77.99 -154.54
CA GLU B 947 15.26 78.93 -155.12
C GLU B 947 14.82 78.47 -156.50
N ASP B 948 15.73 77.85 -157.26
CA ASP B 948 15.37 77.36 -158.60
C ASP B 948 14.42 76.16 -158.52
N ASN B 949 14.58 75.31 -157.50
CA ASN B 949 13.72 74.13 -157.39
C ASN B 949 12.31 74.50 -156.95
N LEU B 950 12.14 75.64 -156.30
CA LEU B 950 10.82 76.05 -155.82
C LEU B 950 9.90 76.42 -156.97
N LYS B 951 8.64 76.01 -156.86
CA LYS B 951 7.65 76.29 -157.88
C LYS B 951 7.06 77.69 -157.69
N LYS B 952 6.30 78.13 -158.70
CA LYS B 952 5.64 79.42 -158.71
C LYS B 952 4.17 79.21 -158.99
N THR B 953 3.32 79.73 -158.09
CA THR B 953 1.88 79.51 -158.18
C THR B 953 1.24 80.53 -159.12
N LYS B 954 0.12 80.11 -159.73
CA LYS B 954 -0.58 80.95 -160.68
C LYS B 954 -1.36 82.05 -159.96
N LEU B 955 -1.96 82.94 -160.74
CA LEU B 955 -2.78 84.03 -160.24
C LEU B 955 -4.05 84.16 -161.09
N PRO B 956 -5.23 84.09 -160.48
CA PRO B 956 -6.46 84.16 -161.27
C PRO B 956 -6.69 85.55 -161.86
N LYS B 957 -7.53 85.58 -162.90
CA LYS B 957 -7.86 86.85 -163.56
C LYS B 957 -8.69 87.75 -162.64
N THR B 958 -9.51 87.17 -161.77
CA THR B 958 -10.26 87.97 -160.83
C THR B 958 -9.37 88.55 -159.74
N TYR B 959 -8.26 87.87 -159.43
CA TYR B 959 -7.35 88.36 -158.39
C TYR B 959 -6.75 89.71 -158.74
N MET B 960 -6.46 89.95 -160.01
CA MET B 960 -5.83 91.18 -160.46
C MET B 960 -6.88 92.02 -161.20
N MET B 961 -7.18 93.19 -160.65
CA MET B 961 -8.19 94.07 -161.24
C MET B 961 -7.56 95.38 -161.68
N SER B 962 -6.74 95.99 -160.83
CA SER B 962 -6.24 97.33 -161.08
C SER B 962 -4.73 97.52 -160.92
N ASN B 963 -4.03 96.65 -160.19
CA ASN B 963 -2.66 96.95 -159.79
C ASN B 963 -1.65 96.30 -160.75
N GLY B 964 -0.50 96.96 -160.89
CA GLY B 964 0.54 96.44 -161.75
C GLY B 964 1.26 95.24 -161.17
N TYR B 965 1.50 95.26 -159.85
CA TYR B 965 2.25 94.19 -159.19
C TYR B 965 1.35 92.98 -158.99
N LYS B 966 1.68 91.87 -159.67
CA LYS B 966 0.93 90.64 -159.55
C LYS B 966 1.70 89.68 -158.65
N PRO B 967 1.21 89.35 -157.46
CA PRO B 967 1.96 88.50 -156.54
C PRO B 967 1.61 87.02 -156.68
N ALA B 968 2.60 86.18 -156.38
CA ALA B 968 2.46 84.74 -156.48
C ALA B 968 3.17 84.05 -155.31
N PRO B 969 2.51 83.11 -154.63
CA PRO B 969 3.18 82.36 -153.56
C PRO B 969 4.11 81.31 -154.14
N LEU B 970 4.97 80.77 -153.28
CA LEU B 970 5.74 79.59 -153.64
C LEU B 970 4.84 78.37 -153.59
N ASP B 971 4.77 77.64 -154.70
CA ASP B 971 3.78 76.57 -154.88
C ASP B 971 4.29 75.24 -154.33
N LEU B 972 4.59 75.26 -153.03
CA LEU B 972 5.01 74.07 -152.30
C LEU B 972 4.15 73.91 -151.04
N SER B 973 2.83 73.95 -151.23
CA SER B 973 1.87 74.12 -150.13
C SER B 973 1.24 72.81 -149.68
N HIS B 974 1.99 71.70 -149.63
CA HIS B 974 1.37 70.41 -149.32
C HIS B 974 2.14 69.58 -148.29
N VAL B 975 3.04 70.17 -147.52
CA VAL B 975 3.72 69.47 -146.42
C VAL B 975 3.65 70.31 -145.16
N ARG B 976 3.84 69.65 -144.01
CA ARG B 976 3.81 70.29 -142.71
C ARG B 976 4.88 69.68 -141.82
N LEU B 977 5.38 70.47 -140.86
CA LEU B 977 6.34 69.95 -139.90
C LEU B 977 5.72 69.71 -138.53
N THR B 978 5.16 70.75 -137.87
CA THR B 978 4.73 70.66 -136.48
C THR B 978 3.92 71.89 -136.10
N PRO B 979 2.78 71.75 -135.42
CA PRO B 979 1.98 72.92 -135.04
C PRO B 979 2.47 73.62 -133.78
N ALA B 980 3.35 72.96 -133.03
CA ALA B 980 3.93 73.61 -131.84
C ALA B 980 4.85 74.76 -132.23
N GLN B 981 5.51 74.67 -133.39
CA GLN B 981 6.25 75.81 -133.91
C GLN B 981 5.31 76.97 -134.24
N THR B 982 4.13 76.65 -134.76
CA THR B 982 3.11 77.68 -135.00
C THR B 982 2.63 78.28 -133.69
N THR B 983 2.51 77.46 -132.63
CA THR B 983 2.17 77.98 -131.32
C THR B 983 3.25 78.91 -130.78
N LEU B 984 4.52 78.56 -131.00
CA LEU B 984 5.63 79.44 -130.61
C LEU B 984 5.59 80.74 -131.40
N VAL B 985 5.26 80.67 -132.68
CA VAL B 985 5.13 81.89 -133.50
C VAL B 985 3.96 82.73 -133.00
N ASP B 986 2.88 82.09 -132.56
CA ASP B 986 1.77 82.82 -131.97
C ASP B 986 2.18 83.49 -130.67
N ARG B 987 3.03 82.82 -129.87
CA ARG B 987 3.57 83.45 -128.68
C ARG B 987 4.46 84.63 -129.03
N LEU B 988 5.23 84.52 -130.11
CA LEU B 988 6.04 85.65 -130.59
C LEU B 988 5.15 86.82 -131.00
N ALA B 989 4.05 86.54 -131.69
CA ALA B 989 3.07 87.57 -132.00
C ALA B 989 2.44 88.15 -130.74
N GLU B 990 2.28 87.32 -129.71
CA GLU B 990 1.76 87.81 -128.43
C GLU B 990 2.72 88.79 -127.78
N ASN B 991 4.04 88.50 -127.83
CA ASN B 991 5.01 89.46 -127.31
C ASN B 991 5.06 90.71 -128.18
N GLY B 992 4.83 90.57 -129.49
CA GLY B 992 4.69 91.76 -130.33
C GLY B 992 3.50 92.61 -129.94
N HIS B 993 2.37 91.96 -129.64
CA HIS B 993 1.19 92.67 -129.14
C HIS B 993 1.48 93.34 -127.80
N ASN B 994 2.25 92.67 -126.94
CA ASN B 994 2.65 93.28 -125.67
C ASN B 994 3.54 94.49 -125.90
N VAL B 995 4.41 94.43 -126.92
CA VAL B 995 5.23 95.59 -127.28
C VAL B 995 4.36 96.74 -127.77
N TRP B 996 3.34 96.43 -128.58
CA TRP B 996 2.40 97.46 -129.03
C TRP B 996 1.64 98.05 -127.85
N ALA B 997 1.25 97.22 -126.89
CA ALA B 997 0.57 97.71 -125.70
C ALA B 997 1.47 98.61 -124.87
N ARG B 998 2.75 98.23 -124.75
CA ARG B 998 3.71 99.08 -124.04
C ARG B 998 3.89 100.41 -124.75
N ASP B 999 3.94 100.39 -126.09
CA ASP B 999 4.06 101.62 -126.87
C ASP B 999 2.82 102.50 -126.71
N ARG B 1000 1.63 101.89 -126.63
CA ARG B 1000 0.41 102.66 -126.46
C ARG B 1000 0.14 103.02 -125.01
N VAL B 1001 0.90 102.47 -124.07
CA VAL B 1001 0.76 102.79 -122.65
C VAL B 1001 1.75 103.88 -122.23
N ALA B 1002 3.00 103.80 -122.70
CA ALA B 1002 4.04 104.71 -122.28
C ALA B 1002 4.42 105.75 -123.33
N GLN B 1003 4.03 105.58 -124.59
CA GLN B 1003 4.36 106.51 -125.64
C GLN B 1003 3.17 107.05 -126.42
N GLY B 1004 2.09 106.28 -126.54
CA GLY B 1004 0.95 106.71 -127.33
C GLY B 1004 -0.23 107.18 -126.50
N TRP B 1005 -0.31 106.71 -125.25
CA TRP B 1005 -1.43 107.00 -124.34
C TRP B 1005 -2.78 106.61 -124.97
N SER B 1006 -2.79 105.48 -125.68
CA SER B 1006 -3.98 105.00 -126.34
C SER B 1006 -4.72 103.99 -125.46
N TYR B 1007 -6.03 103.90 -125.68
CA TYR B 1007 -6.89 102.97 -124.94
C TYR B 1007 -7.71 102.17 -125.95
N SER B 1008 -7.23 100.97 -126.28
CA SER B 1008 -7.89 100.12 -127.24
C SER B 1008 -7.92 98.69 -126.72
N ALA B 1009 -9.04 98.00 -126.97
CA ALA B 1009 -9.21 96.63 -126.51
C ALA B 1009 -8.40 95.67 -127.37
N ARG B 1025 -1.67 90.23 -124.60
CA ARG B 1025 -1.71 88.79 -124.81
C ARG B 1025 -2.87 88.15 -124.04
N LEU B 1026 -3.73 89.00 -123.48
CA LEU B 1026 -4.90 88.56 -122.73
C LEU B 1026 -6.13 89.36 -123.15
N LEU B 1027 -6.33 89.53 -124.46
CA LEU B 1027 -7.48 90.27 -124.96
C LEU B 1027 -8.69 89.36 -125.15
N ASP B 1028 -8.56 88.33 -125.99
CA ASP B 1028 -9.64 87.39 -126.24
C ASP B 1028 -9.05 86.15 -126.89
N GLU B 1029 -9.61 84.99 -126.53
CA GLU B 1029 -9.12 83.73 -127.08
C GLU B 1029 -9.43 83.62 -128.57
N ALA B 1030 -10.60 84.13 -128.98
CA ALA B 1030 -10.97 84.10 -130.40
C ALA B 1030 -10.01 84.92 -131.24
N THR B 1031 -9.60 86.09 -130.74
CA THR B 1031 -8.63 86.91 -131.46
C THR B 1031 -7.26 86.24 -131.53
N LYS B 1032 -6.87 85.54 -130.46
CA LYS B 1032 -5.61 84.79 -130.47
C LYS B 1032 -5.65 83.67 -131.51
N ARG B 1033 -6.78 82.94 -131.59
CA ARG B 1033 -6.90 81.91 -132.60
C ARG B 1033 -6.93 82.51 -134.00
N SER B 1034 -7.56 83.69 -134.16
CA SER B 1034 -7.58 84.37 -135.45
C SER B 1034 -6.17 84.73 -135.90
N ASN B 1035 -5.35 85.25 -134.97
CA ASN B 1035 -3.95 85.54 -135.28
C ASN B 1035 -3.19 84.26 -135.61
N ARG B 1036 -3.50 83.16 -134.90
CA ARG B 1036 -2.82 81.89 -135.14
C ARG B 1036 -3.10 81.38 -136.55
N ASP B 1037 -4.35 81.48 -137.02
CA ASP B 1037 -4.62 81.08 -138.40
C ASP B 1037 -4.08 82.09 -139.40
N SER B 1038 -4.07 83.38 -139.04
CA SER B 1038 -3.59 84.42 -139.94
C SER B 1038 -2.09 84.66 -139.77
N LEU B 1039 -1.36 83.67 -139.25
CA LEU B 1039 0.10 83.71 -139.26
C LEU B 1039 0.69 83.89 -140.66
N CYS B 1040 -0.11 83.66 -141.72
CA CYS B 1040 0.20 84.00 -143.11
C CYS B 1040 1.31 83.11 -143.68
N GLN B 1041 1.19 81.81 -143.43
CA GLN B 1041 1.97 80.76 -144.10
C GLN B 1041 3.48 80.98 -143.99
N ALA B 1042 3.92 81.48 -142.83
CA ALA B 1042 5.34 81.73 -142.63
C ALA B 1042 6.13 80.43 -142.56
N VAL B 1043 5.63 79.46 -141.79
CA VAL B 1043 6.25 78.13 -141.75
C VAL B 1043 6.22 77.49 -143.12
N ARG B 1044 5.11 77.67 -143.85
CA ARG B 1044 4.99 77.12 -145.20
C ARG B 1044 6.02 77.74 -146.15
N THR B 1045 6.23 79.06 -146.07
CA THR B 1045 7.25 79.70 -146.89
C THR B 1045 8.64 79.23 -146.49
N LEU B 1046 8.88 79.05 -145.19
CA LEU B 1046 10.19 78.61 -144.73
C LEU B 1046 10.51 77.20 -145.21
N LEU B 1047 9.52 76.31 -145.21
CA LEU B 1047 9.74 74.95 -145.72
C LEU B 1047 9.76 74.91 -147.23
N GLY B 1048 9.10 75.84 -147.91
CA GLY B 1048 9.30 75.97 -149.35
C GLY B 1048 10.72 76.37 -149.69
N TYR B 1049 11.28 77.31 -148.92
CA TYR B 1049 12.69 77.64 -149.08
C TYR B 1049 13.59 76.53 -148.54
N GLY B 1050 13.18 75.89 -147.45
CA GLY B 1050 13.94 74.80 -146.88
C GLY B 1050 14.92 75.22 -145.80
N TYR B 1051 14.69 74.75 -144.58
CA TYR B 1051 15.56 75.05 -143.45
C TYR B 1051 15.43 73.99 -142.36
N ASP B 1070 -5.07 77.70 -103.16
CA ASP B 1070 -3.87 77.34 -102.43
C ASP B 1070 -3.72 75.83 -102.32
N ARG B 1071 -3.59 75.34 -101.09
CA ARG B 1071 -3.48 73.90 -100.85
C ARG B 1071 -4.80 73.20 -101.11
N VAL B 1072 -4.72 71.88 -101.30
CA VAL B 1072 -5.93 71.08 -101.54
C VAL B 1072 -6.82 71.08 -100.29
N ARG B 1073 -8.09 70.75 -100.50
CA ARG B 1073 -9.11 70.82 -99.46
C ARG B 1073 -9.60 69.42 -99.13
N ILE B 1074 -9.53 69.05 -97.85
CA ILE B 1074 -9.84 67.71 -97.37
C ILE B 1074 -11.16 67.77 -96.60
N PHE B 1075 -12.09 66.88 -96.95
CA PHE B 1075 -13.37 66.77 -96.26
C PHE B 1075 -13.50 65.37 -95.67
N ARG B 1076 -13.85 65.30 -94.39
CA ARG B 1076 -14.08 64.05 -93.67
C ARG B 1076 -15.33 64.23 -92.82
N ALA B 1077 -15.54 63.31 -91.88
CA ALA B 1077 -16.61 63.39 -90.91
C ALA B 1077 -16.02 63.48 -89.50
N GLU B 1078 -16.91 63.56 -88.51
CA GLU B 1078 -16.47 63.75 -87.13
C GLU B 1078 -15.85 62.48 -86.57
N LYS B 1079 -15.10 62.65 -85.48
CA LYS B 1079 -14.46 61.51 -84.81
C LYS B 1079 -15.47 60.62 -84.10
N SER B 1080 -16.67 61.12 -83.84
CA SER B 1080 -17.72 60.30 -83.25
C SER B 1080 -18.42 59.40 -84.27
N TYR B 1081 -18.20 59.64 -85.56
CA TYR B 1081 -18.79 58.84 -86.62
C TYR B 1081 -17.95 57.60 -86.96
N THR B 1082 -16.83 57.41 -86.26
CA THR B 1082 -15.94 56.29 -86.55
C THR B 1082 -16.62 54.95 -86.25
N VAL B 1083 -16.33 53.96 -87.09
CA VAL B 1083 -16.92 52.62 -86.98
C VAL B 1083 -15.79 51.61 -86.85
N GLN B 1084 -15.95 50.65 -85.93
CA GLN B 1084 -14.96 49.61 -85.71
C GLN B 1084 -15.22 48.35 -86.54
N SER B 1085 -16.48 47.94 -86.65
CA SER B 1085 -16.82 46.74 -87.41
C SER B 1085 -17.88 47.03 -88.45
N GLY B 1086 -18.35 46.00 -89.14
CA GLY B 1086 -19.40 46.15 -90.14
C GLY B 1086 -18.85 46.33 -91.54
N ARG B 1087 -19.78 46.47 -92.48
CA ARG B 1087 -19.47 46.61 -93.89
C ARG B 1087 -20.13 47.91 -94.34
N TRP B 1088 -19.36 48.80 -94.98
CA TRP B 1088 -19.84 50.17 -95.19
C TRP B 1088 -19.53 50.63 -96.60
N TYR B 1089 -20.51 51.27 -97.23
CA TYR B 1089 -20.46 51.69 -98.62
C TYR B 1089 -20.85 53.15 -98.74
N PHE B 1090 -20.12 53.91 -99.56
CA PHE B 1090 -20.57 55.26 -99.88
C PHE B 1090 -20.22 55.62 -101.32
N GLU B 1091 -20.90 56.65 -101.83
CA GLU B 1091 -20.88 57.01 -103.24
C GLU B 1091 -20.32 58.41 -103.45
N PHE B 1092 -19.69 58.61 -104.61
CA PHE B 1092 -19.17 59.92 -104.99
C PHE B 1092 -19.46 60.14 -106.48
N GLU B 1093 -19.85 61.36 -106.82
CA GLU B 1093 -20.09 61.76 -108.20
C GLU B 1093 -19.19 62.94 -108.54
N ALA B 1094 -18.55 62.86 -109.71
CA ALA B 1094 -17.60 63.87 -110.15
C ALA B 1094 -18.25 64.70 -111.27
N VAL B 1095 -18.51 65.97 -110.97
CA VAL B 1095 -19.02 66.88 -112.00
C VAL B 1095 -17.93 67.19 -113.03
N THR B 1096 -16.73 67.50 -112.53
CA THR B 1096 -15.57 67.73 -113.37
C THR B 1096 -14.51 66.67 -113.08
N THR B 1097 -13.54 66.57 -113.99
CA THR B 1097 -12.46 65.59 -113.89
C THR B 1097 -11.15 66.33 -113.69
N GLY B 1098 -10.66 66.37 -112.46
CA GLY B 1098 -9.42 67.06 -112.14
C GLY B 1098 -8.43 66.21 -111.37
N GLU B 1099 -8.00 66.70 -110.21
CA GLU B 1099 -7.04 66.00 -109.35
C GLU B 1099 -7.67 65.83 -107.98
N MET B 1100 -8.42 64.73 -107.81
CA MET B 1100 -9.17 64.46 -106.60
C MET B 1100 -8.89 63.04 -106.14
N ARG B 1101 -8.85 62.86 -104.82
CA ARG B 1101 -8.55 61.58 -104.20
C ARG B 1101 -9.67 61.18 -103.26
N VAL B 1102 -9.94 59.88 -103.16
CA VAL B 1102 -11.04 59.36 -102.34
C VAL B 1102 -10.54 58.13 -101.59
N GLY B 1103 -10.85 58.03 -100.30
CA GLY B 1103 -10.45 56.87 -99.56
C GLY B 1103 -10.96 56.86 -98.14
N TRP B 1104 -10.33 56.02 -97.31
CA TRP B 1104 -10.64 55.94 -95.89
C TRP B 1104 -9.38 56.21 -95.09
N ALA B 1105 -9.52 56.91 -93.96
CA ALA B 1105 -8.38 57.28 -93.14
C ALA B 1105 -8.69 57.01 -91.67
N ARG B 1106 -7.63 57.04 -90.86
CA ARG B 1106 -7.75 56.82 -89.44
C ARG B 1106 -8.51 57.99 -88.79
N PRO B 1107 -9.11 57.77 -87.62
CA PRO B 1107 -9.80 58.88 -86.93
C PRO B 1107 -8.90 60.05 -86.61
N GLU B 1108 -7.61 59.82 -86.32
CA GLU B 1108 -6.66 60.92 -86.23
C GLU B 1108 -6.03 61.13 -87.60
N LEU B 1109 -6.28 62.28 -88.20
CA LEU B 1109 -5.70 62.64 -89.49
C LEU B 1109 -4.82 63.88 -89.30
N ARG B 1110 -3.59 63.81 -89.76
CA ARG B 1110 -2.67 64.93 -89.66
C ARG B 1110 -3.01 65.97 -90.73
N PRO B 1111 -3.34 67.23 -90.37
CA PRO B 1111 -3.59 68.27 -91.37
C PRO B 1111 -2.28 68.65 -92.06
N ASP B 1112 -2.36 69.46 -93.12
CA ASP B 1112 -1.13 69.93 -93.84
C ASP B 1112 -0.32 68.71 -94.28
N VAL B 1113 -0.98 67.65 -94.74
CA VAL B 1113 -0.28 66.41 -95.20
C VAL B 1113 -1.13 65.77 -96.31
N GLU B 1114 -0.52 65.47 -97.46
CA GLU B 1114 -1.25 64.90 -98.58
C GLU B 1114 -1.74 63.49 -98.24
N LEU B 1115 -2.90 63.14 -98.81
CA LEU B 1115 -3.52 61.85 -98.53
C LEU B 1115 -2.72 60.73 -99.17
N GLY B 1116 -2.42 59.70 -98.39
CA GLY B 1116 -1.65 58.57 -98.85
C GLY B 1116 -0.16 58.71 -98.68
N ALA B 1117 0.33 59.88 -98.25
CA ALA B 1117 1.77 60.06 -98.05
C ALA B 1117 2.29 59.19 -96.92
N ASP B 1118 1.48 58.96 -95.89
CA ASP B 1118 1.88 58.18 -94.74
C ASP B 1118 0.92 56.99 -94.57
N GLU B 1119 1.08 56.27 -93.45
CA GLU B 1119 0.25 55.12 -93.13
C GLU B 1119 -1.15 55.52 -92.68
N LEU B 1120 -1.42 56.80 -92.48
CA LEU B 1120 -2.68 57.23 -91.89
C LEU B 1120 -3.87 56.96 -92.80
N ALA B 1121 -3.75 57.32 -94.08
CA ALA B 1121 -4.85 57.23 -95.02
C ALA B 1121 -4.59 56.19 -96.09
N TYR B 1122 -5.63 55.44 -96.45
CA TYR B 1122 -5.63 54.52 -97.58
C TYR B 1122 -6.54 55.18 -98.62
N VAL B 1123 -5.93 55.74 -99.65
CA VAL B 1123 -6.63 56.62 -100.60
C VAL B 1123 -6.30 56.16 -102.02
N PHE B 1124 -7.13 56.62 -102.96
CA PHE B 1124 -6.91 56.33 -104.38
C PHE B 1124 -7.12 57.60 -105.18
N ASN B 1125 -6.27 57.79 -106.18
CA ASN B 1125 -6.38 58.91 -107.12
C ASN B 1125 -6.42 58.33 -108.53
N GLY B 1126 -7.52 58.58 -109.24
CA GLY B 1126 -7.70 58.05 -110.58
C GLY B 1126 -7.36 58.99 -111.70
N HIS B 1127 -6.91 60.21 -111.40
CA HIS B 1127 -6.48 61.12 -112.45
C HIS B 1127 -5.25 60.56 -113.17
N ARG B 1128 -4.24 60.17 -112.41
CA ARG B 1128 -3.09 59.46 -112.96
C ARG B 1128 -3.26 57.95 -112.90
N GLY B 1129 -4.17 57.46 -112.07
CA GLY B 1129 -4.46 56.04 -111.98
C GLY B 1129 -3.56 55.28 -111.02
N GLN B 1130 -3.53 55.69 -109.76
CA GLN B 1130 -2.74 55.00 -108.76
C GLN B 1130 -3.46 54.96 -107.42
N ARG B 1131 -3.20 53.87 -106.67
CA ARG B 1131 -3.55 53.81 -105.27
C ARG B 1131 -2.37 54.35 -104.45
N TRP B 1132 -2.68 55.06 -103.37
CA TRP B 1132 -1.68 55.87 -102.67
C TRP B 1132 -1.62 55.42 -101.21
N HIS B 1133 -0.68 54.52 -100.92
CA HIS B 1133 -0.34 54.18 -99.54
C HIS B 1133 1.14 53.87 -99.50
N LEU B 1134 1.89 54.66 -98.74
CA LEU B 1134 3.36 54.60 -98.69
C LEU B 1134 3.93 54.69 -100.11
N GLY B 1135 3.64 55.82 -100.75
CA GLY B 1135 3.91 55.98 -102.16
C GLY B 1135 2.70 55.63 -103.01
N SER B 1136 2.91 55.69 -104.32
CA SER B 1136 1.85 55.46 -105.30
C SER B 1136 2.16 54.22 -106.12
N GLU B 1137 1.13 53.39 -106.32
CA GLU B 1137 1.24 52.19 -107.12
C GLU B 1137 0.22 52.24 -108.25
N PRO B 1138 0.63 51.98 -109.50
CA PRO B 1138 -0.30 52.12 -110.63
C PRO B 1138 -1.43 51.12 -110.56
N PHE B 1139 -2.65 51.63 -110.46
CA PHE B 1139 -3.83 50.81 -110.23
C PHE B 1139 -5.06 51.54 -110.77
N GLY B 1140 -5.89 50.81 -111.50
CA GLY B 1140 -7.14 51.36 -111.98
C GLY B 1140 -7.03 52.10 -113.29
N ARG B 1141 -8.16 52.69 -113.69
CA ARG B 1141 -8.29 53.42 -114.94
C ARG B 1141 -8.79 54.84 -114.69
N PRO B 1142 -8.40 55.79 -115.54
CA PRO B 1142 -8.89 57.17 -115.38
C PRO B 1142 -10.40 57.27 -115.52
N TRP B 1143 -10.96 58.29 -114.88
CA TRP B 1143 -12.39 58.53 -114.96
C TRP B 1143 -12.74 59.35 -116.20
N GLN B 1144 -13.94 59.13 -116.71
CA GLN B 1144 -14.57 60.07 -117.63
C GLN B 1144 -15.34 61.12 -116.83
N SER B 1145 -16.03 62.00 -117.54
CA SER B 1145 -16.87 63.00 -116.86
C SER B 1145 -18.19 62.36 -116.42
N GLY B 1146 -18.63 62.74 -115.23
CA GLY B 1146 -19.94 62.34 -114.73
C GLY B 1146 -20.14 60.85 -114.47
N ASP B 1147 -19.17 60.22 -113.81
CA ASP B 1147 -19.28 58.81 -113.45
C ASP B 1147 -19.28 58.67 -111.93
N VAL B 1148 -19.93 57.62 -111.46
CA VAL B 1148 -20.06 57.36 -110.03
C VAL B 1148 -18.94 56.46 -109.57
N VAL B 1149 -18.49 56.67 -108.33
CA VAL B 1149 -17.46 55.84 -107.70
C VAL B 1149 -18.01 55.38 -106.35
N GLY B 1150 -18.04 54.07 -106.14
CA GLY B 1150 -18.51 53.49 -104.89
C GLY B 1150 -17.33 52.91 -104.12
N CYS B 1151 -17.35 53.10 -102.80
CA CYS B 1151 -16.32 52.59 -101.91
C CYS B 1151 -16.96 51.62 -100.94
N MET B 1152 -16.31 50.46 -100.77
CA MET B 1152 -16.90 49.28 -100.17
C MET B 1152 -15.89 48.83 -99.11
N ILE B 1153 -16.34 48.57 -97.88
CA ILE B 1153 -15.41 48.17 -96.84
C ILE B 1153 -15.99 47.01 -96.04
N ASP B 1154 -15.11 46.09 -95.65
CA ASP B 1154 -15.43 44.85 -94.96
C ASP B 1154 -14.34 44.63 -93.91
N LEU B 1155 -14.74 44.22 -92.72
CA LEU B 1155 -13.83 44.13 -91.58
C LEU B 1155 -13.53 42.71 -91.12
N THR B 1156 -14.38 41.73 -91.45
CA THR B 1156 -14.19 40.39 -90.93
C THR B 1156 -12.94 39.73 -91.53
N GLU B 1157 -12.80 39.77 -92.85
CA GLU B 1157 -11.54 39.41 -93.49
C GLU B 1157 -10.73 40.64 -93.91
N ASN B 1158 -11.17 41.83 -93.51
CA ASN B 1158 -10.38 43.07 -93.57
C ASN B 1158 -9.99 43.44 -95.01
N THR B 1159 -11.01 43.73 -95.83
CA THR B 1159 -10.78 44.11 -97.22
C THR B 1159 -11.53 45.39 -97.55
N ILE B 1160 -10.89 46.24 -98.35
CA ILE B 1160 -11.52 47.44 -98.90
C ILE B 1160 -11.54 47.31 -100.42
N ILE B 1161 -12.73 47.48 -101.00
CA ILE B 1161 -12.97 47.32 -102.43
C ILE B 1161 -13.40 48.67 -103.00
N PHE B 1162 -13.04 48.91 -104.26
CA PHE B 1162 -13.43 50.11 -104.97
C PHE B 1162 -14.13 49.74 -106.27
N THR B 1163 -15.19 50.48 -106.62
CA THR B 1163 -15.99 50.18 -107.80
C THR B 1163 -16.22 51.48 -108.57
N LEU B 1164 -16.07 51.41 -109.89
CA LEU B 1164 -16.35 52.55 -110.77
C LEU B 1164 -17.30 52.10 -111.86
N ASN B 1165 -18.41 52.83 -112.02
CA ASN B 1165 -19.44 52.57 -113.03
C ASN B 1165 -20.01 51.16 -112.92
N GLY B 1166 -20.13 50.64 -111.69
CA GLY B 1166 -20.70 49.35 -111.46
C GLY B 1166 -19.80 48.16 -111.74
N GLU B 1167 -18.52 48.38 -112.03
CA GLU B 1167 -17.57 47.32 -112.25
C GLU B 1167 -16.46 47.41 -111.21
N VAL B 1168 -15.97 46.24 -110.78
CA VAL B 1168 -14.91 46.20 -109.78
C VAL B 1168 -13.59 46.63 -110.41
N LEU B 1169 -12.83 47.44 -109.69
CA LEU B 1169 -11.56 47.93 -110.20
C LEU B 1169 -10.56 46.78 -110.32
N MET B 1170 -9.75 46.83 -111.39
CA MET B 1170 -8.78 45.78 -111.68
C MET B 1170 -7.37 46.34 -111.59
N SER B 1171 -6.52 45.71 -110.79
CA SER B 1171 -5.13 46.10 -110.66
C SER B 1171 -4.30 45.49 -111.78
N ASP B 1172 -3.11 46.06 -112.00
CA ASP B 1172 -2.21 45.54 -113.02
C ASP B 1172 -1.74 44.13 -112.68
N SER B 1173 -1.40 43.90 -111.40
CA SER B 1173 -0.94 42.57 -110.99
C SER B 1173 -2.08 41.57 -111.02
N GLY B 1174 -3.26 41.95 -110.56
CA GLY B 1174 -4.40 41.08 -110.46
C GLY B 1174 -5.22 41.41 -109.25
N SER B 1175 -6.17 40.53 -108.94
CA SER B 1175 -7.06 40.56 -107.77
C SER B 1175 -8.11 41.67 -107.89
N GLU B 1176 -9.26 41.48 -107.26
CA GLU B 1176 -10.38 42.41 -107.39
C GLU B 1176 -10.34 43.44 -106.26
N THR B 1177 -9.35 44.32 -106.37
CA THR B 1177 -9.15 45.45 -105.45
C THR B 1177 -9.09 44.99 -103.99
N ALA B 1178 -8.08 44.18 -103.70
CA ALA B 1178 -7.91 43.60 -102.37
C ALA B 1178 -6.71 44.23 -101.68
N PHE B 1179 -6.96 44.89 -100.55
CA PHE B 1179 -5.91 45.34 -99.65
C PHE B 1179 -5.74 44.29 -98.57
N ARG B 1180 -4.58 43.65 -98.52
CA ARG B 1180 -4.37 42.47 -97.69
C ARG B 1180 -3.91 42.85 -96.29
N GLU B 1181 -4.55 42.25 -95.29
CA GLU B 1181 -4.13 42.32 -93.87
C GLU B 1181 -4.07 43.75 -93.36
N ILE B 1182 -5.20 44.45 -93.42
CA ILE B 1182 -5.29 45.78 -92.82
C ILE B 1182 -5.63 45.63 -91.33
N GLU B 1183 -5.07 46.53 -90.53
CA GLU B 1183 -5.30 46.52 -89.09
C GLU B 1183 -6.67 47.13 -88.78
N ILE B 1184 -7.32 46.60 -87.74
CA ILE B 1184 -8.65 47.10 -87.36
C ILE B 1184 -8.58 48.55 -86.88
N GLY B 1185 -7.46 48.97 -86.31
CA GLY B 1185 -7.26 50.33 -85.84
C GLY B 1185 -8.25 50.80 -84.80
N ASP B 1186 -8.15 52.09 -84.42
CA ASP B 1186 -9.15 52.68 -83.54
C ASP B 1186 -10.42 53.06 -84.29
N GLY B 1187 -10.36 53.23 -85.59
CA GLY B 1187 -11.56 53.56 -86.36
C GLY B 1187 -11.22 53.73 -87.83
N PHE B 1188 -12.27 54.00 -88.61
CA PHE B 1188 -12.16 54.31 -90.03
C PHE B 1188 -13.13 55.42 -90.38
N LEU B 1189 -12.70 56.34 -91.24
CA LEU B 1189 -13.49 57.51 -91.59
C LEU B 1189 -13.35 57.81 -93.08
N PRO B 1190 -14.45 58.01 -93.81
CA PRO B 1190 -14.34 58.37 -95.23
C PRO B 1190 -13.75 59.76 -95.40
N VAL B 1191 -12.74 59.87 -96.26
CA VAL B 1191 -12.06 61.13 -96.54
C VAL B 1191 -12.00 61.35 -98.05
N CYS B 1192 -12.12 62.62 -98.44
CA CYS B 1192 -12.09 63.00 -99.85
C CYS B 1192 -11.34 64.32 -100.00
N SER B 1193 -10.37 64.35 -100.92
CA SER B 1193 -9.53 65.51 -101.14
C SER B 1193 -9.79 66.06 -102.52
N LEU B 1194 -10.05 67.36 -102.60
CA LEU B 1194 -10.33 68.07 -103.84
C LEU B 1194 -9.26 69.12 -104.09
N GLY B 1195 -8.79 69.19 -105.34
CA GLY B 1195 -7.86 70.20 -105.75
C GLY B 1195 -8.57 71.48 -106.19
N PRO B 1196 -7.81 72.43 -106.72
CA PRO B 1196 -8.43 73.69 -107.17
C PRO B 1196 -9.31 73.51 -108.39
N GLY B 1197 -10.46 74.16 -108.37
CA GLY B 1197 -11.37 74.20 -109.50
C GLY B 1197 -11.98 72.89 -109.93
N GLN B 1198 -12.49 72.11 -108.98
CA GLN B 1198 -13.21 70.88 -109.28
C GLN B 1198 -14.47 70.81 -108.43
N VAL B 1199 -15.52 70.19 -109.00
CA VAL B 1199 -16.83 70.10 -108.38
C VAL B 1199 -17.16 68.64 -108.17
N GLY B 1200 -17.59 68.30 -106.95
CA GLY B 1200 -17.96 66.94 -106.64
C GLY B 1200 -19.15 66.89 -105.69
N HIS B 1201 -19.79 65.72 -105.65
CA HIS B 1201 -20.94 65.49 -104.79
C HIS B 1201 -20.74 64.17 -104.05
N LEU B 1202 -21.07 64.17 -102.76
CA LEU B 1202 -20.85 63.02 -101.88
C LEU B 1202 -22.19 62.48 -101.40
N ASN B 1203 -22.30 61.15 -101.32
CA ASN B 1203 -23.51 60.49 -100.86
C ASN B 1203 -23.13 59.45 -99.82
N LEU B 1204 -23.63 59.62 -98.60
CA LEU B 1204 -23.37 58.68 -97.50
C LEU B 1204 -24.44 57.62 -97.37
N GLY B 1205 -25.46 57.63 -98.23
CA GLY B 1205 -26.50 56.64 -98.17
C GLY B 1205 -27.65 56.98 -97.24
N GLN B 1206 -27.96 58.27 -97.07
CA GLN B 1206 -29.08 58.66 -96.20
C GLN B 1206 -30.41 58.19 -96.79
N ASP B 1207 -30.58 58.33 -98.09
CA ASP B 1207 -31.79 57.88 -98.78
C ASP B 1207 -31.41 56.76 -99.74
N VAL B 1208 -32.06 55.61 -99.60
CA VAL B 1208 -31.78 54.48 -100.47
C VAL B 1208 -32.26 54.74 -101.89
N SER B 1209 -33.35 55.50 -102.04
CA SER B 1209 -33.89 55.79 -103.37
C SER B 1209 -32.99 56.78 -104.12
N SER B 1210 -32.27 57.64 -103.41
CA SER B 1210 -31.39 58.61 -104.05
C SER B 1210 -30.19 57.95 -104.69
N LEU B 1211 -29.82 56.74 -104.27
CA LEU B 1211 -28.65 56.07 -104.81
C LEU B 1211 -28.93 55.58 -106.23
N ARG B 1212 -28.12 56.06 -107.19
CA ARG B 1212 -28.27 55.65 -108.58
C ARG B 1212 -27.77 54.23 -108.80
N PHE B 1213 -26.78 53.80 -108.02
CA PHE B 1213 -26.20 52.46 -108.13
C PHE B 1213 -26.44 51.71 -106.82
N PHE B 1214 -25.77 50.57 -106.64
CA PHE B 1214 -25.68 49.78 -105.41
C PHE B 1214 -26.95 48.92 -105.23
N ALA B 1215 -27.93 49.03 -106.13
CA ALA B 1215 -29.22 48.38 -105.96
C ALA B 1215 -29.09 46.86 -105.88
N ILE B 1216 -28.25 46.27 -106.73
CA ILE B 1216 -27.99 44.84 -106.66
C ILE B 1216 -26.58 44.54 -106.14
N CYS B 1217 -25.57 45.25 -106.65
CA CYS B 1217 -24.18 44.85 -106.43
C CYS B 1217 -23.76 44.98 -104.97
N GLY B 1218 -24.32 45.95 -104.25
CA GLY B 1218 -24.01 46.10 -102.84
C GLY B 1218 -24.81 45.16 -101.97
N LEU B 1219 -26.10 45.02 -102.29
CA LEU B 1219 -26.97 43.99 -101.72
C LEU B 1219 -26.33 42.61 -101.82
N GLN B 1220 -26.56 41.81 -100.77
CA GLN B 1220 -25.89 40.54 -100.48
C GLN B 1220 -24.43 40.79 -100.10
N GLU B 1221 -23.72 39.72 -99.73
CA GLU B 1221 -22.39 39.75 -99.11
C GLU B 1221 -22.39 40.45 -97.75
N GLY B 1222 -23.57 40.69 -97.18
CA GLY B 1222 -23.69 41.34 -95.88
C GLY B 1222 -23.32 42.80 -95.86
N PHE B 1223 -23.31 43.47 -97.00
CA PHE B 1223 -22.87 44.86 -97.06
C PHE B 1223 -24.07 45.79 -96.88
N GLU B 1224 -23.88 46.84 -96.10
CA GLU B 1224 -24.87 47.88 -95.85
C GLU B 1224 -24.25 49.24 -96.09
N PRO B 1225 -25.06 50.25 -96.40
CA PRO B 1225 -24.53 51.63 -96.51
C PRO B 1225 -24.08 52.15 -95.15
N PHE B 1226 -23.41 53.30 -95.21
CA PHE B 1226 -22.79 53.89 -94.02
C PHE B 1226 -23.83 54.25 -92.96
N ALA B 1227 -24.94 54.85 -93.37
CA ALA B 1227 -25.94 55.32 -92.42
C ALA B 1227 -27.32 55.07 -93.01
N ILE B 1228 -28.00 54.02 -92.55
CA ILE B 1228 -29.36 53.75 -92.98
C ILE B 1228 -30.31 54.79 -92.40
N ASN B 1229 -30.21 55.04 -91.09
CA ASN B 1229 -31.11 55.96 -90.40
C ASN B 1229 -30.35 56.69 -89.29
N MET B 1230 -30.03 57.96 -89.53
CA MET B 1230 -29.53 58.82 -88.47
C MET B 1230 -30.37 60.08 -88.31
N GLN B 1231 -31.39 60.27 -89.16
CA GLN B 1231 -32.43 61.29 -89.05
C GLN B 1231 -31.90 62.71 -89.29
N ARG B 1232 -30.59 62.86 -89.41
CA ARG B 1232 -29.90 64.11 -89.67
C ARG B 1232 -28.70 63.83 -90.55
N PRO B 1233 -28.25 64.82 -91.34
CA PRO B 1233 -27.01 64.64 -92.10
C PRO B 1233 -25.79 64.69 -91.19
N VAL B 1234 -24.66 64.23 -91.74
CA VAL B 1234 -23.43 64.15 -90.98
C VAL B 1234 -22.78 65.53 -90.86
N THR B 1235 -21.81 65.62 -89.94
CA THR B 1235 -21.24 66.91 -89.56
C THR B 1235 -20.39 67.51 -90.69
N THR B 1236 -19.59 66.68 -91.37
CA THR B 1236 -18.73 67.08 -92.49
C THR B 1236 -17.73 68.17 -92.09
N TRP B 1237 -16.83 67.78 -91.18
CA TRP B 1237 -15.69 68.63 -90.85
C TRP B 1237 -14.79 68.83 -92.07
N PHE B 1238 -14.21 70.02 -92.18
CA PHE B 1238 -13.40 70.39 -93.33
C PHE B 1238 -12.12 71.09 -92.90
N SER B 1239 -11.11 71.02 -93.78
CA SER B 1239 -9.83 71.67 -93.53
C SER B 1239 -9.87 73.12 -93.99
N LYS B 1240 -9.37 74.01 -93.15
CA LYS B 1240 -9.41 75.44 -93.39
C LYS B 1240 -7.99 75.98 -93.52
N SER B 1241 -7.79 76.85 -94.51
CA SER B 1241 -6.49 77.47 -94.76
C SER B 1241 -6.53 78.89 -94.19
N LEU B 1242 -6.04 79.04 -92.96
CA LEU B 1242 -5.99 80.33 -92.29
C LEU B 1242 -4.94 80.28 -91.19
N PRO B 1243 -3.96 81.20 -91.20
CA PRO B 1243 -2.87 81.13 -90.21
C PRO B 1243 -3.34 81.46 -88.80
N GLN B 1244 -3.38 80.43 -87.94
CA GLN B 1244 -3.73 80.58 -86.54
C GLN B 1244 -2.60 80.03 -85.69
N PHE B 1245 -2.24 80.77 -84.64
CA PHE B 1245 -1.13 80.37 -83.78
C PHE B 1245 -1.57 79.28 -82.82
N GLU B 1246 -0.79 78.21 -82.74
CA GLU B 1246 -1.04 77.05 -81.90
C GLU B 1246 0.22 76.73 -81.11
N PRO B 1247 0.08 76.14 -79.92
CA PRO B 1247 1.27 75.88 -79.09
C PRO B 1247 2.23 74.88 -79.73
N VAL B 1248 3.50 75.00 -79.37
CA VAL B 1248 4.54 74.13 -79.94
C VAL B 1248 4.30 72.68 -79.52
N PRO B 1249 4.41 71.71 -80.42
CA PRO B 1249 4.37 70.31 -80.03
C PRO B 1249 5.51 69.98 -79.08
N PRO B 1250 5.29 69.09 -78.11
CA PRO B 1250 6.39 68.69 -77.22
C PRO B 1250 7.55 68.02 -77.94
N GLU B 1251 7.28 67.22 -78.96
CA GLU B 1251 8.30 66.57 -79.77
C GLU B 1251 8.14 67.02 -81.22
N HIS B 1252 8.89 68.04 -81.62
CA HIS B 1252 8.95 68.38 -83.03
C HIS B 1252 10.22 67.77 -83.63
N PRO B 1253 10.23 67.52 -84.95
CA PRO B 1253 11.45 66.99 -85.58
C PRO B 1253 12.72 67.78 -85.31
N HIS B 1254 12.73 69.08 -85.60
CA HIS B 1254 13.92 69.90 -85.41
C HIS B 1254 13.58 71.25 -84.77
N TYR B 1255 12.73 71.23 -83.75
CA TYR B 1255 12.36 72.46 -83.05
C TYR B 1255 12.07 72.13 -81.59
N GLU B 1256 12.90 72.63 -80.69
CA GLU B 1256 12.71 72.44 -79.26
C GLU B 1256 12.87 73.76 -78.53
N VAL B 1257 12.20 73.88 -77.39
CA VAL B 1257 12.27 75.06 -76.53
C VAL B 1257 12.59 74.62 -75.12
N ALA B 1258 13.60 75.24 -74.51
CA ALA B 1258 14.07 74.89 -73.17
C ALA B 1258 13.90 76.09 -72.24
N ARG B 1259 13.51 75.80 -71.00
CA ARG B 1259 13.36 76.82 -69.98
C ARG B 1259 14.65 76.94 -69.18
N MET B 1260 15.16 78.16 -69.02
CA MET B 1260 16.36 78.41 -68.23
C MET B 1260 15.95 79.23 -67.01
N ASP B 1261 16.18 78.66 -65.82
CA ASP B 1261 15.74 79.28 -64.58
C ASP B 1261 16.71 80.39 -64.17
N GLY B 1262 16.21 81.30 -63.33
CA GLY B 1262 17.03 82.41 -62.88
C GLY B 1262 18.00 81.97 -61.79
N THR B 1263 19.24 82.43 -61.92
CA THR B 1263 20.30 82.18 -60.96
C THR B 1263 20.49 83.43 -60.11
N VAL B 1264 21.56 83.45 -59.31
CA VAL B 1264 21.88 84.61 -58.48
C VAL B 1264 22.46 85.71 -59.37
N ASP B 1265 22.66 85.40 -60.64
CA ASP B 1265 23.06 86.36 -61.66
C ASP B 1265 22.32 86.03 -62.95
N THR B 1266 21.87 87.08 -63.66
CA THR B 1266 21.15 87.10 -64.94
C THR B 1266 19.69 86.68 -64.73
N PRO B 1267 18.76 87.17 -65.56
CA PRO B 1267 17.36 86.77 -65.41
C PRO B 1267 17.07 85.47 -66.10
N PRO B 1268 15.98 84.78 -65.73
CA PRO B 1268 15.59 83.56 -66.43
C PRO B 1268 15.16 83.85 -67.86
N CYS B 1269 15.22 82.81 -68.70
CA CYS B 1269 14.94 83.01 -70.13
C CYS B 1269 14.34 81.74 -70.73
N LEU B 1270 13.95 81.84 -71.99
CA LEU B 1270 13.50 80.72 -72.81
C LEU B 1270 14.40 80.65 -74.04
N ARG B 1271 14.99 79.48 -74.28
CA ARG B 1271 15.99 79.31 -75.31
C ARG B 1271 15.47 78.34 -76.37
N LEU B 1272 15.73 78.67 -77.64
CA LEU B 1272 15.28 77.87 -78.77
C LEU B 1272 16.44 77.03 -79.30
N ALA B 1273 16.20 75.74 -79.50
CA ALA B 1273 17.20 74.84 -80.05
C ALA B 1273 16.65 74.19 -81.30
N HIS B 1274 17.47 74.16 -82.36
CA HIS B 1274 17.06 73.61 -83.65
C HIS B 1274 17.52 72.16 -83.83
N ARG B 1275 18.77 71.88 -83.47
CA ARG B 1275 19.31 70.50 -83.55
C ARG B 1275 19.12 69.93 -84.97
N THR B 1276 19.30 68.61 -85.13
CA THR B 1276 19.13 67.96 -86.45
C THR B 1276 20.07 68.60 -87.48
N TRP B 1277 21.29 68.95 -87.06
CA TRP B 1277 22.31 69.43 -88.03
C TRP B 1277 22.65 68.30 -89.00
N GLY B 1278 22.82 68.63 -90.28
CA GLY B 1278 22.92 67.59 -91.35
C GLY B 1278 21.53 67.15 -91.78
N SER B 1279 21.44 66.19 -92.71
CA SER B 1279 20.13 65.65 -93.12
C SER B 1279 19.24 66.79 -93.63
N GLN B 1280 17.99 66.87 -93.15
CA GLN B 1280 17.08 67.97 -93.55
C GLN B 1280 17.40 69.22 -92.75
N ASN B 1281 16.52 70.22 -92.77
CA ASN B 1281 16.78 71.47 -92.05
C ASN B 1281 15.51 72.30 -91.93
N SER B 1282 15.67 73.57 -91.56
CA SER B 1282 14.53 74.47 -91.40
C SER B 1282 14.50 75.51 -92.52
N LEU B 1283 13.33 76.11 -92.74
CA LEU B 1283 13.13 77.07 -93.81
C LEU B 1283 12.81 78.47 -93.29
N VAL B 1284 11.85 78.59 -92.38
CA VAL B 1284 11.42 79.91 -91.88
C VAL B 1284 10.63 79.71 -90.59
N GLU B 1285 10.73 80.66 -89.66
CA GLU B 1285 10.03 80.54 -88.38
C GLU B 1285 9.64 81.90 -87.81
N MET B 1286 8.40 81.99 -87.32
CA MET B 1286 7.93 83.17 -86.60
C MET B 1286 7.11 82.72 -85.40
N LEU B 1287 7.46 83.19 -84.20
CA LEU B 1287 6.82 82.69 -82.99
C LEU B 1287 6.59 83.83 -82.01
N PHE B 1288 5.51 83.70 -81.25
CA PHE B 1288 5.10 84.72 -80.29
C PHE B 1288 4.85 84.05 -78.94
N LEU B 1289 5.14 84.78 -77.87
CA LEU B 1289 5.03 84.26 -76.52
C LEU B 1289 3.70 84.68 -75.92
N ARG B 1290 2.96 83.67 -75.43
CA ARG B 1290 1.55 83.86 -74.97
C ARG B 1290 1.31 85.04 -74.03
N LEU B 1291 0.08 85.13 -73.50
CA LEU B 1291 -0.29 86.28 -72.64
C LEU B 1291 -0.42 87.51 -73.53
N SER B 1292 -0.55 88.69 -72.94
CA SER B 1292 -0.76 89.90 -73.77
C SER B 1292 -0.53 91.16 -72.95
N LEU B 1293 -0.95 92.32 -73.45
CA LEU B 1293 -0.78 93.60 -72.78
C LEU B 1293 -1.87 94.57 -73.21
N PRO B 1294 -2.90 94.83 -72.40
CA PRO B 1294 -3.78 95.97 -72.66
C PRO B 1294 -3.24 97.23 -72.00
N VAL B 1295 -3.35 98.34 -72.71
CA VAL B 1295 -2.95 99.62 -72.13
C VAL B 1295 -4.08 100.18 -71.28
N GLN B 1296 -3.73 101.15 -70.43
CA GLN B 1296 -4.69 101.72 -69.50
C GLN B 1296 -5.70 102.61 -70.25
N PHE B 1297 -6.79 102.93 -69.54
CA PHE B 1297 -7.90 103.74 -70.07
C PHE B 1297 -8.46 103.18 -71.37
N THR B 1430 -3.58 104.47 -74.72
CA THR B 1430 -4.08 105.81 -75.03
C THR B 1430 -3.41 106.86 -74.16
N THR B 1431 -3.07 106.46 -72.92
CA THR B 1431 -2.36 107.37 -72.01
C THR B 1431 -1.00 107.76 -72.57
N THR B 1432 -0.24 106.78 -73.05
CA THR B 1432 1.06 107.03 -73.66
C THR B 1432 1.19 106.25 -74.96
N TYR B 1433 1.12 104.93 -74.83
CA TYR B 1433 1.22 103.98 -75.96
C TYR B 1433 2.50 104.19 -76.77
N TYR B 1434 3.56 104.62 -76.09
CA TYR B 1434 4.83 104.91 -76.75
C TYR B 1434 5.79 103.74 -76.64
N TYR B 1435 5.33 102.57 -77.06
CA TYR B 1435 6.17 101.37 -77.06
C TYR B 1435 7.30 101.53 -78.08
N SER B 1436 8.31 102.32 -77.70
CA SER B 1436 9.43 102.62 -78.59
C SER B 1436 10.29 101.39 -78.80
N VAL B 1437 10.25 100.86 -80.01
CA VAL B 1437 10.84 99.56 -80.33
C VAL B 1437 12.36 99.55 -80.23
N ARG B 1438 12.85 98.61 -79.42
CA ARG B 1438 14.29 98.33 -79.25
C ARG B 1438 15.07 99.57 -78.84
N VAL B 1439 14.97 99.94 -77.56
CA VAL B 1439 15.57 101.17 -77.06
C VAL B 1439 17.10 101.15 -77.16
N PHE B 1440 17.70 99.99 -76.87
CA PHE B 1440 19.16 99.75 -76.90
C PHE B 1440 20.00 100.92 -76.42
N ALA B 1441 20.22 101.87 -77.31
CA ALA B 1441 20.96 103.10 -77.01
C ALA B 1441 20.56 104.21 -77.97
N GLY B 1442 19.40 104.80 -77.74
CA GLY B 1442 18.90 105.88 -78.56
C GLY B 1442 18.30 105.45 -79.89
N GLN B 1443 17.31 104.54 -79.81
CA GLN B 1443 16.57 104.04 -80.97
C GLN B 1443 16.12 105.13 -81.93
N GLU B 1444 16.43 104.96 -83.20
CA GLU B 1444 15.94 105.80 -84.30
C GLU B 1444 14.47 105.64 -84.69
N PRO B 1445 13.85 104.44 -84.65
CA PRO B 1445 12.45 104.35 -85.13
C PRO B 1445 11.45 105.20 -84.36
N SER B 1446 11.49 105.16 -83.02
CA SER B 1446 10.62 105.97 -82.17
C SER B 1446 9.14 105.74 -82.51
N CYS B 1447 8.72 104.49 -82.23
CA CYS B 1447 7.40 103.99 -82.60
C CYS B 1447 6.28 104.94 -82.17
N VAL B 1448 5.27 105.05 -83.04
CA VAL B 1448 4.22 106.06 -82.89
C VAL B 1448 3.43 105.82 -81.62
N TRP B 1449 3.20 106.89 -80.86
CA TRP B 1449 2.44 106.83 -79.63
C TRP B 1449 0.95 106.94 -79.88
N VAL B 1450 0.37 105.91 -80.47
CA VAL B 1450 -1.06 105.90 -80.78
C VAL B 1450 -1.65 104.50 -80.61
N GLY B 1451 -2.98 104.40 -80.71
CA GLY B 1451 -3.68 103.15 -80.54
C GLY B 1451 -4.32 103.02 -79.17
N TRP B 1452 -5.64 103.20 -79.12
CA TRP B 1452 -6.34 103.23 -77.84
C TRP B 1452 -6.41 101.84 -77.21
N VAL B 1453 -6.67 100.80 -78.01
CA VAL B 1453 -6.85 99.47 -77.44
C VAL B 1453 -5.51 98.72 -77.34
N THR B 1454 -4.77 98.62 -78.44
CA THR B 1454 -3.45 98.00 -78.61
C THR B 1454 -3.18 96.77 -77.75
N PRO B 1455 -3.85 95.63 -78.00
CA PRO B 1455 -3.45 94.38 -77.34
C PRO B 1455 -2.17 93.85 -77.97
N ASP B 1456 -1.05 93.98 -77.26
CA ASP B 1456 0.26 93.72 -77.81
C ASP B 1456 0.80 92.39 -77.31
N TYR B 1457 1.39 91.63 -78.22
CA TYR B 1457 1.97 90.32 -77.95
C TYR B 1457 3.46 90.37 -78.24
N HIS B 1458 4.27 89.96 -77.27
CA HIS B 1458 5.72 89.91 -77.50
C HIS B 1458 6.05 88.81 -78.51
N GLN B 1459 6.46 89.23 -79.70
CA GLN B 1459 6.64 88.32 -80.82
C GLN B 1459 7.97 88.54 -81.54
N HIS B 1460 8.48 87.49 -82.18
CA HIS B 1460 9.62 87.65 -83.07
C HIS B 1460 9.66 86.61 -84.18
N ASP B 1461 10.09 87.07 -85.35
CA ASP B 1461 10.27 86.23 -86.52
C ASP B 1461 11.76 85.92 -86.62
N MET B 1462 12.12 84.67 -86.35
CA MET B 1462 13.52 84.27 -86.26
C MET B 1462 14.11 83.85 -87.60
N ASN B 1463 13.28 83.75 -88.64
CA ASN B 1463 13.70 83.36 -89.99
C ASN B 1463 14.38 81.99 -90.00
N PHE B 1464 15.60 81.91 -90.53
CA PHE B 1464 16.32 80.65 -90.60
C PHE B 1464 17.80 80.85 -90.24
N ASP B 1465 18.23 80.24 -89.15
CA ASP B 1465 19.60 80.41 -88.69
C ASP B 1465 20.05 79.18 -87.89
N LEU B 1466 21.25 78.68 -88.20
CA LEU B 1466 21.76 77.44 -87.63
C LEU B 1466 22.20 77.64 -86.18
N SER B 1467 22.44 76.50 -85.51
CA SER B 1467 23.04 76.40 -84.18
C SER B 1467 22.14 77.00 -83.11
N LYS B 1468 22.67 77.16 -81.90
CA LYS B 1468 21.91 77.79 -80.83
C LYS B 1468 21.65 79.26 -81.17
N VAL B 1469 20.40 79.67 -81.00
CA VAL B 1469 19.95 81.01 -81.39
C VAL B 1469 18.64 81.28 -80.62
N ARG B 1470 18.30 82.56 -80.41
CA ARG B 1470 17.06 82.99 -79.76
C ARG B 1470 16.98 82.56 -78.30
N ALA B 1471 17.10 83.56 -77.43
CA ALA B 1471 16.97 83.34 -76.00
C ALA B 1471 16.26 84.55 -75.39
N VAL B 1472 14.94 84.47 -75.30
CA VAL B 1472 14.14 85.59 -74.83
C VAL B 1472 14.10 85.60 -73.31
N THR B 1473 14.54 86.70 -72.71
CA THR B 1473 14.64 86.81 -71.26
C THR B 1473 13.54 87.67 -70.67
N VAL B 1474 13.73 88.07 -69.41
CA VAL B 1474 12.75 88.89 -68.70
C VAL B 1474 13.44 89.79 -67.69
N THR B 1475 13.94 90.93 -68.17
CA THR B 1475 14.66 91.87 -67.30
C THR B 1475 13.75 93.03 -66.88
N MET B 1476 14.27 93.88 -66.01
CA MET B 1476 13.53 95.04 -65.53
C MET B 1476 14.11 96.32 -66.10
N GLY B 1477 15.45 96.37 -66.16
CA GLY B 1477 16.21 97.51 -66.71
C GLY B 1477 15.88 98.84 -66.02
N ASP B 1478 15.59 98.77 -64.72
CA ASP B 1478 15.29 99.93 -63.89
C ASP B 1478 14.15 100.78 -64.44
N GLU B 1479 13.14 100.14 -65.01
CA GLU B 1479 12.01 100.84 -65.60
C GLU B 1479 10.71 100.08 -65.35
N GLN B 1480 9.98 99.79 -66.43
CA GLN B 1480 8.73 99.06 -66.34
C GLN B 1480 8.41 98.37 -67.67
N GLY B 1481 8.12 97.07 -67.59
CA GLY B 1481 7.76 96.24 -68.75
C GLY B 1481 8.84 96.26 -69.84
N ASN B 1482 9.83 95.38 -69.70
CA ASN B 1482 10.89 95.28 -70.69
C ASN B 1482 11.36 93.83 -70.81
N VAL B 1483 11.93 93.50 -71.97
CA VAL B 1483 12.42 92.14 -72.21
C VAL B 1483 13.88 92.15 -72.65
N HIS B 1484 14.39 90.99 -73.03
CA HIS B 1484 15.78 90.87 -73.47
C HIS B 1484 15.96 89.61 -74.32
N SER B 1485 16.68 89.76 -75.44
CA SER B 1485 16.94 88.64 -76.33
C SER B 1485 18.34 88.73 -76.94
N SER B 1486 19.25 87.89 -76.45
CA SER B 1486 20.63 87.88 -76.89
C SER B 1486 20.88 86.62 -77.71
N LEU B 1487 21.35 86.80 -78.95
CA LEU B 1487 21.62 85.70 -79.86
C LEU B 1487 23.04 85.84 -80.41
N LYS B 1488 23.80 84.75 -80.38
CA LYS B 1488 25.11 84.70 -81.01
C LYS B 1488 24.96 83.83 -82.26
N CYS B 1489 25.06 84.47 -83.43
CA CYS B 1489 25.01 83.90 -84.79
C CYS B 1489 24.91 85.04 -85.80
N UNK B 1490 23.68 85.31 -86.24
CA UNK B 1490 23.40 86.36 -87.22
C UNK B 1490 22.35 87.34 -86.68
N UNK B 1491 21.16 87.35 -87.29
CA UNK B 1491 20.11 88.28 -86.89
C UNK B 1491 18.72 87.79 -87.27
N UNK B 1492 17.70 88.48 -86.78
CA UNK B 1492 16.31 88.14 -87.05
C UNK B 1492 15.41 89.37 -87.03
N UNK B 1493 14.20 89.23 -86.49
CA UNK B 1493 13.29 90.37 -86.39
C UNK B 1493 12.40 90.30 -85.15
N UNK B 1494 12.78 91.01 -84.10
CA UNK B 1494 11.96 91.05 -82.88
C UNK B 1494 10.92 92.15 -82.96
N UNK B 1495 9.66 91.78 -83.16
CA UNK B 1495 8.60 92.76 -83.36
C UNK B 1495 7.56 92.69 -82.25
N UNK B 1496 6.29 92.90 -82.62
CA UNK B 1496 5.20 92.85 -81.66
C UNK B 1496 3.89 92.56 -82.39
N UNK B 1497 3.30 91.41 -82.10
CA UNK B 1497 2.05 91.01 -82.73
C UNK B 1497 0.86 91.73 -82.11
N UNK B 1498 -0.27 91.75 -82.83
CA UNK B 1498 -1.48 92.40 -82.34
C UNK B 1498 -2.70 91.86 -83.08
N UNK B 1499 -2.93 90.55 -82.98
CA UNK B 1499 -4.05 89.86 -83.63
C UNK B 1499 -4.07 90.09 -85.13
N UNK B 1500 -2.96 89.77 -85.80
CA UNK B 1500 -2.86 89.93 -87.24
C UNK B 1500 -2.74 88.57 -87.93
N UNK B 1501 -1.63 87.87 -87.65
CA UNK B 1501 -1.35 86.53 -88.17
C UNK B 1501 -1.38 86.45 -89.70
N UNK B 1502 -0.23 86.69 -90.31
CA UNK B 1502 -0.12 86.64 -91.77
C UNK B 1502 1.28 86.20 -92.19
N ALA B 1503 1.43 84.91 -92.47
CA ALA B 1503 2.71 84.36 -92.90
C ALA B 1503 2.96 84.66 -94.38
N UNK B 1504 4.12 85.25 -94.66
CA UNK B 1504 4.49 85.59 -96.03
C UNK B 1504 5.96 85.33 -96.29
N UNK B 1505 6.30 85.09 -97.55
CA UNK B 1505 7.70 84.86 -97.94
C UNK B 1505 8.49 86.16 -97.83
N UNK B 1506 7.82 87.27 -98.10
CA UNK B 1506 8.43 88.59 -97.94
C UNK B 1506 8.25 89.09 -96.52
N UNK B 1507 8.94 88.47 -95.58
CA UNK B 1507 8.82 88.82 -94.17
C UNK B 1507 9.74 89.97 -93.79
N UNK B 1508 10.51 90.46 -94.77
CA UNK B 1508 11.39 91.59 -94.54
C UNK B 1508 10.56 92.87 -94.35
N UNK B 1509 9.46 92.96 -95.09
CA UNK B 1509 8.56 94.10 -94.99
C UNK B 1509 7.17 93.70 -95.48
N UNK B 1510 6.57 94.56 -96.30
CA UNK B 1510 5.25 94.33 -96.92
C UNK B 1510 4.16 94.02 -95.90
N UNK B 1511 3.96 94.94 -94.95
CA UNK B 1511 2.94 94.76 -93.93
C UNK B 1511 1.71 95.61 -94.24
N UNK B 1512 0.53 95.10 -93.88
CA UNK B 1512 -0.71 95.81 -94.13
C UNK B 1512 -0.84 97.01 -93.19
N UNK B 1513 -1.11 98.18 -93.76
CA UNK B 1513 -1.22 99.41 -92.98
C UNK B 1513 -2.63 99.99 -93.07
N UNK B 1514 -2.92 100.64 -94.19
CA UNK B 1514 -4.21 101.28 -94.46
C UNK B 1514 -4.61 102.27 -93.38
N UNK B 1515 -3.74 103.24 -93.13
CA UNK B 1515 -3.99 104.26 -92.11
C UNK B 1515 -4.92 105.34 -92.65
N UNK B 1516 -5.77 105.86 -91.76
CA UNK B 1516 -6.72 106.91 -92.14
C UNK B 1516 -6.37 108.23 -91.45
N UNK B 1517 -7.16 109.25 -91.71
CA UNK B 1517 -6.94 110.56 -91.12
C UNK B 1517 -8.05 110.91 -90.13
N UNK B 1518 -9.30 110.66 -90.53
CA UNK B 1518 -10.49 110.97 -89.73
C UNK B 1518 -10.54 112.44 -89.31
N UNK B 1519 -10.48 113.32 -90.29
CA UNK B 1519 -10.43 114.77 -90.04
C UNK B 1519 -11.80 115.34 -89.71
N UNK B 1520 -12.10 116.50 -90.28
CA UNK B 1520 -13.38 117.17 -90.05
C UNK B 1520 -13.78 118.01 -91.26
N UNK B 1521 -13.69 117.41 -92.45
CA UNK B 1521 -14.08 118.03 -93.72
C UNK B 1521 -13.32 119.33 -94.03
N UNK B 1522 -12.14 119.49 -93.42
CA UNK B 1522 -11.33 120.69 -93.62
C UNK B 1522 -9.91 120.44 -93.09
N UNK B 1523 -9.59 119.18 -92.86
CA UNK B 1523 -8.32 118.75 -92.25
C UNK B 1523 -8.07 119.46 -90.93
N UNK B 1524 -9.13 119.60 -90.13
CA UNK B 1524 -9.05 120.27 -88.84
C UNK B 1524 -8.64 119.28 -87.75
N UNK B 1525 -9.53 118.34 -87.45
CA UNK B 1525 -9.25 117.29 -86.47
C UNK B 1525 -8.60 116.09 -87.15
N UNK B 1526 -7.52 116.34 -87.88
CA UNK B 1526 -6.85 115.31 -88.65
C UNK B 1526 -6.04 114.38 -87.76
N UNK B 1527 -4.71 114.55 -87.76
CA UNK B 1527 -3.76 113.68 -87.07
C UNK B 1527 -3.94 112.23 -87.52
N UNK B 1528 -3.21 111.86 -88.57
CA UNK B 1528 -3.36 110.56 -89.23
C UNK B 1528 -3.14 109.38 -88.28
N UNK B 1529 -3.75 108.25 -88.64
CA UNK B 1529 -3.72 107.05 -87.81
C UNK B 1529 -2.33 106.42 -87.76
N UNK B 1530 -2.19 105.39 -86.94
CA UNK B 1530 -0.91 104.72 -86.75
C UNK B 1530 -0.86 103.40 -87.51
N UNK B 1531 -2.02 102.95 -87.97
CA UNK B 1531 -2.19 101.64 -88.61
C UNK B 1531 -1.65 100.53 -87.72
N UNK B 1532 -2.03 100.58 -86.44
CA UNK B 1532 -1.61 99.66 -85.39
C UNK B 1532 -0.09 99.62 -85.22
N UNK B 1533 0.38 98.61 -84.49
CA UNK B 1533 1.81 98.44 -84.25
C UNK B 1533 2.20 96.98 -84.40
N UNK B 1534 1.61 96.33 -85.39
CA UNK B 1534 1.87 94.92 -85.65
C UNK B 1534 3.20 94.72 -86.37
N UNK B 1535 3.70 95.79 -86.98
CA UNK B 1535 4.97 95.74 -87.69
C UNK B 1535 6.05 96.48 -86.91
N UNK B 1536 6.44 95.92 -85.77
CA UNK B 1536 7.44 96.52 -84.91
C UNK B 1536 8.83 95.96 -85.19
N UNK B 1537 9.11 95.71 -86.46
CA UNK B 1537 10.39 95.13 -86.87
C UNK B 1537 11.52 96.15 -86.79
N UNK B 1538 12.75 95.67 -86.94
CA UNK B 1538 13.92 96.55 -86.90
C UNK B 1538 14.99 96.03 -87.86
N UNK B 1539 14.92 94.74 -88.18
CA UNK B 1539 15.83 94.06 -89.11
C UNK B 1539 17.29 94.21 -88.70
N UNK B 1540 18.18 94.16 -89.70
CA UNK B 1540 19.62 94.30 -89.45
C UNK B 1540 20.03 95.76 -89.61
N UNK B 1541 19.66 96.58 -88.63
CA UNK B 1541 19.96 98.01 -88.68
C UNK B 1541 21.36 98.30 -88.14
N UNK B 1542 21.45 98.55 -86.84
CA UNK B 1542 22.72 98.88 -86.20
C UNK B 1542 23.63 97.66 -86.12
N UNK B 1543 24.40 97.44 -87.19
CA UNK B 1543 25.33 96.33 -87.24
C UNK B 1543 26.47 96.64 -88.21
N UNK B 1544 27.23 95.61 -88.58
CA UNK B 1544 28.35 95.78 -89.50
C UNK B 1544 28.59 94.49 -90.29
N UNK B 1545 29.66 94.48 -91.09
CA UNK B 1545 30.02 93.31 -91.87
C UNK B 1545 30.91 92.37 -91.08
N UNK B 1546 31.33 92.82 -89.90
CA UNK B 1546 32.20 92.03 -89.04
C UNK B 1546 31.43 90.90 -88.36
N UNK B 1547 30.14 91.14 -88.12
CA UNK B 1547 29.23 90.16 -87.50
C UNK B 1547 29.71 89.65 -86.14
N UNK B 1548 30.75 88.81 -86.17
CA UNK B 1548 31.35 88.22 -84.98
C UNK B 1548 30.35 87.44 -84.14
N UNK B 1549 30.28 87.75 -82.85
CA UNK B 1549 29.38 87.04 -81.94
C UNK B 1549 28.63 88.01 -81.03
N UNK B 1550 27.50 87.55 -80.50
CA UNK B 1550 26.64 88.31 -79.58
C UNK B 1550 26.15 89.63 -80.18
N UNK B 1551 24.96 89.59 -80.77
CA UNK B 1551 24.37 90.76 -81.41
C UNK B 1551 23.49 91.57 -80.45
N UNK B 1552 23.92 91.65 -79.19
CA UNK B 1552 23.24 92.40 -78.14
C UNK B 1552 21.78 91.99 -77.93
N UNK B 1553 21.00 92.89 -77.35
CA UNK B 1553 19.59 92.61 -77.07
C UNK B 1553 18.74 93.85 -77.33
N UNK B 1554 17.42 93.71 -77.15
CA UNK B 1554 16.50 94.82 -77.37
C UNK B 1554 15.35 94.80 -76.37
N UNK B 1555 15.28 95.82 -75.54
CA UNK B 1555 14.25 95.92 -74.51
C UNK B 1555 12.91 96.33 -75.12
N UNK B 1556 11.93 95.44 -75.04
CA UNK B 1556 10.58 95.73 -75.53
C UNK B 1556 9.92 96.77 -74.64
N UNK B 1557 9.98 98.03 -75.05
CA UNK B 1557 9.47 99.14 -74.25
C UNK B 1557 7.95 99.17 -74.22
N UNK B 1558 7.41 99.81 -73.18
CA UNK B 1558 5.97 99.95 -73.02
C UNK B 1558 5.67 101.16 -72.14
N UNK B 1559 4.45 101.21 -71.62
CA UNK B 1559 4.05 102.28 -70.72
C UNK B 1559 4.67 102.08 -69.35
N UNK B 1560 5.44 103.06 -68.89
CA UNK B 1560 6.10 102.97 -67.59
C UNK B 1560 5.12 103.20 -66.46
N UNK B 1561 5.50 102.76 -65.25
CA UNK B 1561 4.66 102.92 -64.08
C UNK B 1561 5.34 103.83 -63.05
N UNK B 1562 4.55 104.32 -62.10
CA UNK B 1562 5.08 105.20 -61.07
C UNK B 1562 5.70 104.40 -59.93
N UNK B 1563 7.00 104.13 -60.05
CA UNK B 1563 7.72 103.38 -59.03
C UNK B 1563 9.08 104.03 -58.75
N UNK B 1564 10.14 103.38 -59.21
CA UNK B 1564 11.52 103.84 -59.06
C UNK B 1564 11.90 104.08 -57.60
N GLU B 1565 11.96 103.01 -56.83
CA GLU B 1565 12.33 103.09 -55.41
C GLU B 1565 13.83 103.30 -55.25
N LEU B 1566 14.59 102.83 -56.23
CA LEU B 1566 16.05 102.97 -56.19
C LEU B 1566 16.58 103.39 -57.56
N MET B 1573 8.12 96.32 -62.62
CA MET B 1573 9.28 96.67 -63.44
C MET B 1573 9.64 95.64 -64.55
N PRO B 1574 9.62 94.32 -64.27
CA PRO B 1574 9.79 93.36 -65.36
C PRO B 1574 8.55 93.28 -66.23
N LEU B 1575 8.72 92.64 -67.39
CA LEU B 1575 7.59 92.38 -68.27
C LEU B 1575 6.62 91.40 -67.64
N SER B 1576 7.11 90.40 -66.91
CA SER B 1576 6.23 89.44 -66.25
C SER B 1576 5.41 90.09 -65.14
N ALA B 1577 5.91 91.18 -64.57
CA ALA B 1577 5.13 91.96 -63.61
C ALA B 1577 3.85 92.49 -64.26
N ALA B 1578 3.93 92.84 -65.54
CA ALA B 1578 2.76 93.32 -66.27
C ALA B 1578 1.75 92.21 -66.49
N MET B 1579 0.54 92.61 -66.88
CA MET B 1579 -0.57 91.91 -67.53
C MET B 1579 -1.08 90.68 -66.79
N PHE B 1580 -0.48 90.32 -65.64
CA PHE B 1580 -0.63 88.98 -65.11
C PHE B 1580 -1.56 88.91 -63.90
N LEU B 1581 -2.41 89.93 -63.68
CA LEU B 1581 -3.40 89.92 -62.62
C LEU B 1581 -2.75 89.76 -61.25
N SER B 1582 -2.06 90.82 -60.80
CA SER B 1582 -1.32 90.95 -59.54
C SER B 1582 0.10 90.40 -59.68
N GLU B 1583 0.95 90.71 -58.68
CA GLU B 1583 2.41 90.72 -58.73
C GLU B 1583 2.93 91.84 -59.63
N ARG B 1584 2.09 92.80 -59.99
CA ARG B 1584 2.57 94.04 -60.60
C ARG B 1584 3.46 94.81 -59.64
N LYS B 1585 3.09 94.84 -58.35
CA LYS B 1585 3.89 95.54 -57.35
C LYS B 1585 5.22 94.84 -57.09
N ASN B 1586 5.27 93.52 -57.25
CA ASN B 1586 6.48 92.77 -56.94
C ASN B 1586 7.55 93.09 -57.98
N PRO B 1587 8.74 93.51 -57.56
CA PRO B 1587 9.78 93.91 -58.52
C PRO B 1587 10.56 92.73 -59.09
N ALA B 1588 10.51 91.59 -58.42
CA ALA B 1588 11.34 90.45 -58.82
C ALA B 1588 10.79 89.82 -60.10
N PRO B 1589 11.63 89.52 -61.08
CA PRO B 1589 11.17 88.84 -62.29
C PRO B 1589 11.07 87.34 -62.08
N GLN B 1590 9.99 86.75 -62.60
CA GLN B 1590 9.77 85.31 -62.51
C GLN B 1590 9.03 84.84 -63.74
N CYS B 1591 9.13 83.54 -64.01
CA CYS B 1591 8.46 82.93 -65.15
C CYS B 1591 7.38 81.96 -64.68
N PRO B 1592 6.11 82.35 -64.66
CA PRO B 1592 5.03 81.43 -64.32
C PRO B 1592 4.84 80.39 -65.42
N PRO B 1593 4.28 79.22 -65.09
CA PRO B 1593 4.15 78.15 -66.10
C PRO B 1593 3.21 78.46 -67.25
N ARG B 1594 2.35 79.47 -67.13
CA ARG B 1594 1.43 79.80 -68.22
C ARG B 1594 2.17 80.30 -69.46
N LEU B 1595 3.28 81.00 -69.28
CA LEU B 1595 3.92 81.72 -70.38
C LEU B 1595 4.70 80.74 -71.24
N GLU B 1596 4.34 80.66 -72.52
CA GLU B 1596 4.99 79.72 -73.43
C GLU B 1596 4.97 80.28 -74.85
N VAL B 1597 5.81 79.69 -75.70
CA VAL B 1597 5.97 80.09 -77.10
C VAL B 1597 5.15 79.17 -77.99
N GLN B 1598 4.37 79.76 -78.90
CA GLN B 1598 3.42 79.01 -79.72
C GLN B 1598 4.02 78.53 -81.05
N MET B 1599 4.41 79.48 -81.91
CA MET B 1599 4.85 79.31 -83.30
C MET B 1599 3.65 79.04 -84.21
N LEU B 1600 3.64 79.64 -85.39
CA LEU B 1600 2.46 79.70 -86.25
C LEU B 1600 2.29 78.44 -87.08
N MET B 1601 1.03 78.01 -87.26
CA MET B 1601 0.68 76.89 -88.12
C MET B 1601 -0.36 77.32 -89.15
N PRO B 1602 -0.15 76.99 -90.44
CA PRO B 1602 -1.03 77.50 -91.50
C PRO B 1602 -2.42 76.87 -91.57
N VAL B 1603 -2.51 75.55 -91.44
CA VAL B 1603 -3.73 74.80 -91.77
C VAL B 1603 -4.41 74.35 -90.48
N SER B 1604 -5.71 74.57 -90.38
CA SER B 1604 -6.49 74.17 -89.22
C SER B 1604 -7.67 73.30 -89.63
N TRP B 1605 -8.36 72.76 -88.62
CA TRP B 1605 -9.56 71.95 -88.81
C TRP B 1605 -10.77 72.72 -88.31
N SER B 1606 -11.86 72.71 -89.08
CA SER B 1606 -13.06 73.44 -88.70
C SER B 1606 -14.29 72.62 -89.07
N ARG B 1607 -15.44 73.07 -88.59
CA ARG B 1607 -16.72 72.39 -88.78
C ARG B 1607 -17.60 73.23 -89.71
N MET B 1608 -18.05 72.61 -90.80
CA MET B 1608 -18.97 73.30 -91.70
C MET B 1608 -20.36 73.35 -91.07
N PRO B 1609 -21.04 74.51 -91.11
CA PRO B 1609 -22.36 74.62 -90.49
C PRO B 1609 -23.39 73.73 -91.18
N ASN B 1610 -24.37 73.28 -90.40
CA ASN B 1610 -25.42 72.43 -90.94
C ASN B 1610 -26.42 73.19 -91.79
N HIS B 1611 -26.50 74.51 -91.64
CA HIS B 1611 -27.39 75.35 -92.44
C HIS B 1611 -26.63 76.59 -92.88
N PHE B 1612 -26.85 76.98 -94.14
CA PHE B 1612 -26.18 78.13 -94.74
C PHE B 1612 -27.19 79.21 -95.06
N LEU B 1613 -26.78 80.46 -94.87
CA LEU B 1613 -27.65 81.59 -95.15
C LEU B 1613 -27.88 81.73 -96.65
N GLN B 1614 -29.11 82.04 -97.03
CA GLN B 1614 -29.48 82.23 -98.43
C GLN B 1614 -29.30 83.68 -98.83
N VAL B 1615 -28.99 83.88 -100.11
CA VAL B 1615 -28.78 85.23 -100.65
C VAL B 1615 -29.79 85.54 -101.76
N GLU B 1622 -33.23 88.63 -110.67
CA GLU B 1622 -32.12 88.85 -111.59
C GLU B 1622 -32.51 89.85 -112.67
N ARG B 1623 -32.98 91.02 -112.25
CA ARG B 1623 -33.44 92.05 -113.18
C ARG B 1623 -33.04 93.42 -112.64
N LEU B 1624 -32.96 94.39 -113.56
CA LEU B 1624 -32.59 95.77 -113.28
C LEU B 1624 -31.21 95.82 -112.61
N GLY B 1625 -30.21 95.36 -113.36
CA GLY B 1625 -28.86 95.29 -112.84
C GLY B 1625 -28.66 94.26 -111.76
N TRP B 1626 -29.59 93.30 -111.63
CA TRP B 1626 -29.65 92.28 -110.59
C TRP B 1626 -29.89 92.84 -109.20
N ALA B 1627 -30.52 92.03 -108.35
CA ALA B 1627 -30.91 92.40 -106.99
C ALA B 1627 -30.92 91.14 -106.16
N VAL B 1628 -30.61 91.26 -104.86
CA VAL B 1628 -30.60 90.10 -103.99
C VAL B 1628 -31.52 90.34 -102.80
N GLN B 1629 -32.23 89.27 -102.41
CA GLN B 1629 -33.27 89.26 -101.38
C GLN B 1629 -32.86 88.23 -100.32
N CYS B 1630 -32.38 88.74 -99.18
CA CYS B 1630 -31.75 87.90 -98.16
C CYS B 1630 -32.71 86.87 -97.56
N GLN B 1631 -33.93 87.31 -97.23
CA GLN B 1631 -35.00 86.50 -96.64
C GLN B 1631 -34.70 85.99 -95.23
N ASP B 1632 -34.78 84.68 -95.03
CA ASP B 1632 -34.90 84.11 -93.69
C ASP B 1632 -33.60 84.25 -92.89
N PRO B 1633 -33.71 84.37 -91.57
CA PRO B 1633 -32.52 84.55 -90.74
C PRO B 1633 -31.90 83.24 -90.27
N LEU B 1634 -30.65 83.34 -89.84
CA LEU B 1634 -29.96 82.26 -89.16
C LEU B 1634 -29.18 82.85 -87.99
N THR B 1635 -29.01 82.05 -86.93
CA THR B 1635 -28.32 82.48 -85.73
C THR B 1635 -27.36 81.39 -85.29
N MET B 1636 -26.31 81.79 -84.57
CA MET B 1636 -25.29 80.85 -84.16
C MET B 1636 -24.76 81.21 -82.77
N MET B 1637 -24.54 80.18 -81.96
CA MET B 1637 -24.00 80.39 -80.63
C MET B 1637 -22.48 80.53 -80.70
N ALA B 1638 -21.96 81.53 -79.99
CA ALA B 1638 -20.57 81.94 -80.12
C ALA B 1638 -19.90 81.82 -78.76
N LEU B 1639 -18.65 81.34 -78.77
CA LEU B 1639 -17.87 81.10 -77.55
C LEU B 1639 -16.53 81.78 -77.77
N HIS B 1640 -16.32 82.92 -77.11
CA HIS B 1640 -15.14 83.74 -77.34
C HIS B 1640 -14.07 83.45 -76.30
N ILE B 1641 -12.82 83.51 -76.72
CA ILE B 1641 -11.67 83.26 -75.84
C ILE B 1641 -11.12 84.60 -75.39
N PRO B 1642 -10.94 84.82 -74.08
CA PRO B 1642 -10.56 86.16 -73.60
C PRO B 1642 -9.23 86.66 -74.12
N GLU B 1643 -8.14 85.92 -73.86
CA GLU B 1643 -6.81 86.40 -74.22
C GLU B 1643 -6.58 86.39 -75.72
N GLU B 1644 -7.10 85.38 -76.43
CA GLU B 1644 -6.86 85.27 -77.86
C GLU B 1644 -7.64 86.31 -78.65
N ASN B 1645 -8.76 86.78 -78.10
CA ASN B 1645 -9.73 87.63 -78.81
C ASN B 1645 -10.20 86.97 -80.10
N ARG B 1646 -10.74 85.77 -79.95
CA ARG B 1646 -11.14 84.92 -81.06
C ARG B 1646 -12.40 84.16 -80.68
N CYS B 1647 -13.36 84.10 -81.60
CA CYS B 1647 -14.63 83.44 -81.35
C CYS B 1647 -14.66 82.09 -82.05
N MET B 1648 -15.40 81.15 -81.47
CA MET B 1648 -15.43 79.78 -81.98
C MET B 1648 -16.85 79.22 -81.82
N ASP B 1649 -17.21 78.31 -82.73
CA ASP B 1649 -18.49 77.63 -82.65
C ASP B 1649 -18.55 76.75 -81.40
N ILE B 1650 -19.72 76.67 -80.79
CA ILE B 1650 -19.87 75.90 -79.56
C ILE B 1650 -19.91 74.40 -79.85
N LEU B 1651 -20.36 73.99 -81.05
CA LEU B 1651 -20.44 72.58 -81.36
C LEU B 1651 -19.05 71.97 -81.61
N GLU B 1652 -18.09 72.79 -82.04
CA GLU B 1652 -16.72 72.33 -82.25
C GLU B 1652 -16.10 71.81 -80.95
N LEU B 1653 -16.66 72.19 -79.80
CA LEU B 1653 -16.23 71.67 -78.51
C LEU B 1653 -16.30 70.15 -78.47
N SER B 1654 -17.22 69.55 -79.24
CA SER B 1654 -17.34 68.09 -79.28
C SER B 1654 -16.05 67.43 -79.77
N GLU B 1655 -15.22 68.15 -80.53
CA GLU B 1655 -13.94 67.62 -80.94
C GLU B 1655 -12.81 67.98 -79.98
N ARG B 1656 -13.00 69.02 -79.16
CA ARG B 1656 -11.91 69.53 -78.34
C ARG B 1656 -11.70 68.68 -77.09
N LEU B 1657 -12.76 68.51 -76.28
CA LEU B 1657 -12.85 67.61 -75.14
C LEU B 1657 -12.03 68.06 -73.93
N ASP B 1658 -11.24 69.13 -74.08
CA ASP B 1658 -10.61 69.77 -72.93
C ASP B 1658 -11.38 71.01 -72.49
N LEU B 1659 -11.65 71.91 -73.44
CA LEU B 1659 -12.50 73.05 -73.14
C LEU B 1659 -13.92 72.61 -72.84
N GLN B 1660 -14.36 71.46 -73.37
CA GLN B 1660 -15.63 70.89 -72.96
C GLN B 1660 -15.64 70.58 -71.47
N ARG B 1661 -14.57 69.94 -70.98
CA ARG B 1661 -14.46 69.64 -69.56
C ARG B 1661 -14.41 70.92 -68.73
N PHE B 1662 -13.65 71.92 -69.19
CA PHE B 1662 -13.56 73.18 -68.45
C PHE B 1662 -14.90 73.90 -68.42
N HIS B 1663 -15.64 73.88 -69.53
CA HIS B 1663 -16.96 74.52 -69.57
C HIS B 1663 -17.96 73.78 -68.69
N SER B 1664 -17.89 72.45 -68.66
CA SER B 1664 -18.76 71.69 -67.78
C SER B 1664 -18.47 72.00 -66.32
N HIS B 1665 -17.19 72.09 -65.97
CA HIS B 1665 -16.83 72.45 -64.59
C HIS B 1665 -17.22 73.89 -64.27
N THR B 1666 -17.15 74.79 -65.24
CA THR B 1666 -17.62 76.16 -65.04
C THR B 1666 -19.12 76.21 -64.80
N LEU B 1667 -19.88 75.41 -65.55
CA LEU B 1667 -21.32 75.32 -65.32
C LEU B 1667 -21.62 74.73 -63.94
N ARG B 1668 -20.85 73.71 -63.53
CA ARG B 1668 -21.02 73.14 -62.20
C ARG B 1668 -20.72 74.17 -61.11
N LEU B 1669 -19.68 74.97 -61.31
CA LEU B 1669 -19.37 76.06 -60.38
C LEU B 1669 -20.49 77.10 -60.33
N TYR B 1670 -21.07 77.40 -61.49
CA TYR B 1670 -22.19 78.35 -61.54
C TYR B 1670 -23.39 77.82 -60.75
N ARG B 1671 -23.70 76.53 -60.89
CA ARG B 1671 -24.79 75.95 -60.11
C ARG B 1671 -24.47 75.92 -58.63
N ALA B 1672 -23.23 75.58 -58.28
CA ALA B 1672 -22.86 75.47 -56.86
C ALA B 1672 -22.84 76.83 -56.17
N VAL B 1673 -22.47 77.89 -56.89
CA VAL B 1673 -22.43 79.21 -56.28
C VAL B 1673 -23.83 79.72 -56.00
N CYS B 1674 -24.76 79.50 -56.92
CA CYS B 1674 -26.15 79.92 -56.78
C CYS B 1674 -27.05 78.82 -56.21
N ALA B 1675 -26.46 77.85 -55.50
CA ALA B 1675 -27.17 76.63 -55.11
C ALA B 1675 -28.37 76.84 -54.19
N LEU B 1676 -28.14 77.37 -52.99
CA LEU B 1676 -29.17 77.37 -51.95
C LEU B 1676 -29.64 78.79 -51.66
N GLY B 1677 -30.72 79.20 -52.32
CA GLY B 1677 -31.48 80.37 -51.95
C GLY B 1677 -30.77 81.70 -52.06
N ASN B 1678 -29.70 81.78 -52.86
CA ASN B 1678 -28.97 83.03 -53.04
C ASN B 1678 -29.47 83.67 -54.33
N ASN B 1679 -30.60 84.38 -54.23
CA ASN B 1679 -31.23 84.97 -55.39
C ASN B 1679 -30.46 86.18 -55.92
N ARG B 1680 -29.62 86.82 -55.10
CA ARG B 1680 -28.82 87.93 -55.59
C ARG B 1680 -27.77 87.45 -56.58
N VAL B 1681 -27.08 86.35 -56.26
CA VAL B 1681 -26.15 85.79 -57.24
C VAL B 1681 -26.90 85.09 -58.36
N ALA B 1682 -28.15 84.68 -58.13
CA ALA B 1682 -28.97 84.21 -59.24
C ALA B 1682 -29.23 85.33 -60.25
N HIS B 1683 -29.51 86.54 -59.74
CA HIS B 1683 -29.61 87.71 -60.61
C HIS B 1683 -28.29 88.00 -61.31
N ALA B 1684 -27.18 87.88 -60.58
CA ALA B 1684 -25.87 88.11 -61.17
C ALA B 1684 -25.57 87.12 -62.30
N LEU B 1685 -25.89 85.85 -62.09
CA LEU B 1685 -25.68 84.84 -63.12
C LEU B 1685 -26.62 85.06 -64.31
N CYS B 1686 -27.87 85.43 -64.04
CA CYS B 1686 -28.81 85.72 -65.12
C CYS B 1686 -28.36 86.92 -65.95
N SER B 1687 -27.63 87.85 -65.32
CA SER B 1687 -26.94 88.88 -66.07
C SER B 1687 -25.77 88.28 -66.85
N HIS B 1688 -25.05 87.33 -66.25
CA HIS B 1688 -23.88 86.75 -66.90
C HIS B 1688 -24.28 85.88 -68.08
N VAL B 1689 -25.27 85.01 -67.92
CA VAL B 1689 -25.77 84.17 -69.00
C VAL B 1689 -27.25 84.50 -69.22
N ASP B 1690 -27.60 84.80 -70.47
CA ASP B 1690 -28.91 85.33 -70.80
C ASP B 1690 -29.94 84.21 -70.85
N GLN B 1691 -31.20 84.58 -70.62
CA GLN B 1691 -32.30 83.63 -70.72
C GLN B 1691 -32.47 83.12 -72.14
N ALA B 1692 -32.23 83.98 -73.14
CA ALA B 1692 -32.39 83.59 -74.53
C ALA B 1692 -31.40 82.49 -74.93
N GLN B 1693 -30.16 82.56 -74.43
CA GLN B 1693 -29.19 81.50 -74.70
C GLN B 1693 -29.67 80.16 -74.13
N LEU B 1694 -30.20 80.19 -72.91
CA LEU B 1694 -30.73 78.97 -72.30
C LEU B 1694 -31.90 78.42 -73.07
N LEU B 1695 -32.78 79.30 -73.56
CA LEU B 1695 -33.94 78.85 -74.34
C LEU B 1695 -33.52 78.29 -75.69
N HIS B 1696 -32.49 78.88 -76.31
CA HIS B 1696 -32.05 78.41 -77.62
C HIS B 1696 -31.29 77.08 -77.50
N ALA B 1697 -30.46 76.93 -76.47
CA ALA B 1697 -29.73 75.68 -76.26
C ALA B 1697 -30.62 74.56 -75.74
N LEU B 1698 -31.88 74.85 -75.41
CA LEU B 1698 -32.79 73.82 -74.92
C LEU B 1698 -33.09 72.78 -76.00
N GLU B 1699 -33.25 73.23 -77.25
CA GLU B 1699 -33.66 72.36 -78.35
C GLU B 1699 -32.56 72.19 -79.40
N ASP B 1700 -31.29 72.42 -79.02
CA ASP B 1700 -30.21 72.38 -79.99
C ASP B 1700 -30.06 71.01 -80.64
N ALA B 1701 -30.08 69.96 -79.83
CA ALA B 1701 -29.99 68.55 -80.24
C ALA B 1701 -28.68 68.22 -80.94
N HIS B 1702 -27.74 69.17 -80.99
CA HIS B 1702 -26.42 68.96 -81.55
C HIS B 1702 -25.32 69.12 -80.51
N LEU B 1703 -25.68 69.42 -79.26
CA LEU B 1703 -24.70 69.56 -78.21
C LEU B 1703 -24.07 68.21 -77.88
N PRO B 1704 -22.84 68.21 -77.34
CA PRO B 1704 -22.20 66.92 -77.02
C PRO B 1704 -22.95 66.11 -75.97
N GLY B 1705 -23.70 66.75 -75.07
CA GLY B 1705 -24.51 66.02 -74.12
C GLY B 1705 -24.26 66.34 -72.66
N PRO B 1706 -22.99 66.44 -72.23
CA PRO B 1706 -22.76 66.99 -70.88
C PRO B 1706 -23.10 68.46 -70.76
N LEU B 1707 -22.79 69.25 -71.81
CA LEU B 1707 -23.17 70.66 -71.80
C LEU B 1707 -24.68 70.84 -71.81
N ARG B 1708 -25.39 69.94 -72.51
CA ARG B 1708 -26.85 70.00 -72.55
C ARG B 1708 -27.43 69.83 -71.15
N ALA B 1709 -27.03 68.77 -70.45
CA ALA B 1709 -27.51 68.54 -69.10
C ALA B 1709 -27.06 69.64 -68.16
N GLY B 1710 -25.87 70.19 -68.38
CA GLY B 1710 -25.42 71.32 -67.58
C GLY B 1710 -26.30 72.53 -67.72
N TYR B 1711 -26.70 72.86 -68.96
CA TYR B 1711 -27.59 73.99 -69.17
C TYR B 1711 -28.99 73.72 -68.63
N TYR B 1712 -29.48 72.49 -68.76
CA TYR B 1712 -30.76 72.12 -68.15
C TYR B 1712 -30.74 72.34 -66.64
N ASP B 1713 -29.70 71.83 -65.98
CA ASP B 1713 -29.62 71.95 -64.52
C ASP B 1713 -29.37 73.39 -64.09
N LEU B 1714 -28.64 74.17 -64.90
CA LEU B 1714 -28.48 75.59 -64.61
C LEU B 1714 -29.81 76.33 -64.66
N LEU B 1715 -30.59 76.06 -65.71
CA LEU B 1715 -31.89 76.72 -65.84
C LEU B 1715 -32.84 76.30 -64.72
N ILE B 1716 -32.74 75.05 -64.28
CA ILE B 1716 -33.54 74.59 -63.15
C ILE B 1716 -33.10 75.28 -61.86
N SER B 1717 -31.79 75.38 -61.64
CA SER B 1717 -31.28 75.82 -60.35
C SER B 1717 -31.43 77.33 -60.15
N ILE B 1718 -31.25 78.12 -61.22
CA ILE B 1718 -31.21 79.57 -61.06
C ILE B 1718 -32.58 80.11 -60.61
N HIS B 1719 -33.66 79.63 -61.21
CA HIS B 1719 -34.98 80.22 -60.98
C HIS B 1719 -35.93 79.32 -60.21
N LEU B 1720 -36.17 78.10 -60.70
CA LEU B 1720 -37.33 77.32 -60.28
C LEU B 1720 -37.11 76.50 -59.00
N GLU B 1721 -35.86 76.31 -58.57
CA GLU B 1721 -35.59 75.34 -57.51
C GLU B 1721 -36.17 75.78 -56.16
N SER B 1722 -36.06 77.08 -55.84
CA SER B 1722 -36.50 77.56 -54.52
C SER B 1722 -38.00 77.41 -54.34
N ALA B 1723 -38.78 77.77 -55.36
CA ALA B 1723 -40.23 77.61 -55.28
C ALA B 1723 -40.61 76.13 -55.20
N CYS B 1724 -39.87 75.28 -55.90
CA CYS B 1724 -40.10 73.85 -55.81
C CYS B 1724 -39.85 73.32 -54.40
N ARG B 1725 -38.78 73.79 -53.76
CA ARG B 1725 -38.48 73.39 -52.39
C ARG B 1725 -39.57 73.87 -51.43
N SER B 1726 -40.03 75.11 -51.61
CA SER B 1726 -41.09 75.64 -50.76
C SER B 1726 -42.39 74.85 -50.93
N ARG B 1727 -42.75 74.52 -52.17
CA ARG B 1727 -43.95 73.75 -52.41
C ARG B 1727 -43.82 72.33 -51.87
N ARG B 1728 -42.63 71.73 -51.99
CA ARG B 1728 -42.41 70.40 -51.42
C ARG B 1728 -42.55 70.41 -49.91
N SER B 1729 -42.06 71.47 -49.25
CA SER B 1729 -42.26 71.60 -47.81
C SER B 1729 -43.73 71.80 -47.47
N MET B 1730 -44.47 72.52 -48.32
CA MET B 1730 -45.88 72.80 -48.03
C MET B 1730 -46.79 71.64 -48.42
N LEU B 1731 -46.32 70.69 -49.24
CA LEU B 1731 -47.18 69.65 -49.76
C LEU B 1731 -47.68 68.69 -48.69
N SER B 1732 -46.92 68.53 -47.60
CA SER B 1732 -47.24 67.48 -46.62
C SER B 1732 -48.52 67.79 -45.85
N GLU B 1733 -48.70 69.03 -45.40
CA GLU B 1733 -49.85 69.38 -44.59
C GLU B 1733 -51.10 69.48 -45.45
N TYR B 1734 -52.24 69.14 -44.85
CA TYR B 1734 -53.55 69.16 -45.52
C TYR B 1734 -54.50 70.02 -44.68
N ILE B 1735 -54.51 71.32 -44.95
CA ILE B 1735 -55.39 72.27 -44.27
C ILE B 1735 -56.52 72.60 -45.24
N VAL B 1736 -57.74 72.15 -44.93
CA VAL B 1736 -58.89 72.28 -45.81
C VAL B 1736 -59.86 73.30 -45.22
N PRO B 1737 -60.30 74.30 -45.99
CA PRO B 1737 -61.34 75.21 -45.52
C PRO B 1737 -62.73 74.76 -45.98
N LEU B 1738 -63.75 75.46 -45.46
CA LEU B 1738 -65.14 75.21 -45.83
C LEU B 1738 -65.58 76.25 -46.87
N THR B 1739 -65.79 75.79 -48.09
CA THR B 1739 -66.40 76.57 -49.16
C THR B 1739 -67.39 75.68 -49.88
N PRO B 1740 -68.41 76.26 -50.53
CA PRO B 1740 -69.34 75.43 -51.31
C PRO B 1740 -68.68 74.68 -52.45
N GLU B 1741 -67.58 75.19 -53.01
CA GLU B 1741 -66.82 74.43 -53.99
C GLU B 1741 -66.04 73.29 -53.33
N THR B 1742 -65.70 73.44 -52.04
CA THR B 1742 -65.09 72.33 -51.31
C THR B 1742 -66.13 71.30 -50.91
N ARG B 1743 -67.36 71.75 -50.63
CA ARG B 1743 -68.46 70.82 -50.37
C ARG B 1743 -68.78 69.99 -51.60
N ALA B 1744 -68.71 70.58 -52.79
CA ALA B 1744 -69.01 69.88 -54.03
C ALA B 1744 -67.77 69.14 -54.55
N ILE B 1745 -67.24 68.27 -53.69
CA ILE B 1745 -66.15 67.36 -54.03
C ILE B 1745 -66.66 65.95 -53.81
N THR B 1746 -66.54 65.12 -54.85
CA THR B 1746 -67.12 63.78 -54.84
C THR B 1746 -66.02 62.72 -54.78
N LEU B 1747 -66.33 61.62 -54.10
CA LEU B 1747 -65.36 60.55 -53.92
C LEU B 1747 -64.99 59.89 -55.24
N PHE B 1748 -65.94 59.40 -55.94
CA PHE B 1748 -65.91 58.89 -57.30
C PHE B 1748 -66.47 59.93 -58.26
N PRO B 1749 -66.05 59.94 -59.52
CA PRO B 1749 -66.60 60.89 -60.49
C PRO B 1749 -68.08 60.64 -60.72
N PRO B 1750 -68.84 61.67 -61.19
CA PRO B 1750 -70.28 61.49 -61.42
C PRO B 1750 -70.63 60.27 -62.26
N GLY B 1751 -71.28 59.31 -61.64
CA GLY B 1751 -71.50 58.01 -62.24
C GLY B 1751 -72.67 57.93 -63.19
N ARG B 1752 -72.38 57.64 -64.46
CA ARG B 1752 -73.41 57.36 -65.44
C ARG B 1752 -73.81 55.88 -65.35
N LYS B 1753 -74.96 55.57 -65.95
CA LYS B 1753 -75.52 54.22 -66.08
C LYS B 1753 -75.92 53.60 -64.75
N GLY B 1754 -76.07 54.40 -63.70
CA GLY B 1754 -76.58 53.91 -62.44
C GLY B 1754 -75.71 52.91 -61.71
N GLY B 1755 -76.14 51.64 -61.71
CA GLY B 1755 -75.42 50.62 -60.96
C GLY B 1755 -74.02 50.36 -61.49
N ASN B 1756 -73.88 50.28 -62.82
CA ASN B 1756 -72.55 50.18 -63.42
C ASN B 1756 -71.84 51.52 -63.27
N ALA B 1757 -70.82 51.55 -62.42
CA ALA B 1757 -70.24 52.81 -62.00
C ALA B 1757 -68.81 52.54 -61.50
N ARG B 1758 -68.27 53.50 -60.75
CA ARG B 1758 -67.05 53.37 -59.95
C ARG B 1758 -65.78 53.36 -60.81
N ARG B 1759 -65.81 54.01 -61.97
CA ARG B 1759 -64.57 54.25 -62.71
C ARG B 1759 -63.65 55.14 -61.90
N HIS B 1760 -62.35 54.80 -61.89
CA HIS B 1760 -61.42 55.46 -60.97
C HIS B 1760 -61.17 56.91 -61.34
N GLY B 1761 -61.24 57.26 -62.63
CA GLY B 1761 -60.97 58.60 -63.07
C GLY B 1761 -59.47 58.88 -63.19
N LEU B 1762 -59.16 60.03 -63.78
CA LEU B 1762 -57.73 60.26 -63.96
C LEU B 1762 -57.18 61.13 -62.84
N PRO B 1763 -55.99 60.79 -62.33
CA PRO B 1763 -55.39 61.59 -61.25
C PRO B 1763 -54.86 62.92 -61.77
N GLY B 1764 -54.64 63.84 -60.83
CA GLY B 1764 -54.14 65.15 -61.15
C GLY B 1764 -55.21 66.08 -61.67
N VAL B 1765 -56.35 66.12 -60.98
CA VAL B 1765 -57.47 66.97 -61.36
C VAL B 1765 -57.50 68.19 -60.44
N GLY B 1766 -57.61 69.37 -61.03
CA GLY B 1766 -57.54 70.62 -60.30
C GLY B 1766 -58.74 70.97 -59.45
N VAL B 1767 -59.68 70.05 -59.27
CA VAL B 1767 -60.88 70.34 -58.48
C VAL B 1767 -60.56 70.52 -57.00
N THR B 1768 -59.38 70.07 -56.56
CA THR B 1768 -59.01 70.18 -55.15
C THR B 1768 -58.83 71.63 -54.74
N THR B 1769 -59.28 71.94 -53.52
CA THR B 1769 -59.30 73.31 -53.02
C THR B 1769 -58.44 73.46 -51.78
N SER B 1770 -57.21 72.96 -51.84
CA SER B 1770 -56.33 72.97 -50.68
C SER B 1770 -55.80 74.39 -50.43
N LEU B 1771 -54.89 74.52 -49.48
CA LEU B 1771 -54.44 75.83 -49.00
C LEU B 1771 -52.91 75.90 -49.06
N ARG B 1772 -52.39 76.46 -50.14
CA ARG B 1772 -50.96 76.60 -50.36
C ARG B 1772 -50.64 78.03 -50.76
N PRO B 1773 -49.46 78.53 -50.39
CA PRO B 1773 -49.12 79.93 -50.68
C PRO B 1773 -48.69 80.12 -52.12
N PRO B 1774 -48.79 81.34 -52.66
CA PRO B 1774 -48.33 81.61 -54.02
C PRO B 1774 -46.80 81.59 -54.11
N HIS B 1775 -46.32 81.72 -55.34
CA HIS B 1775 -44.89 81.54 -55.63
C HIS B 1775 -44.08 82.81 -55.39
N HIS B 1776 -44.63 83.98 -55.73
CA HIS B 1776 -43.97 85.29 -55.58
C HIS B 1776 -42.63 85.34 -56.35
N PHE B 1777 -42.76 85.31 -57.67
CA PHE B 1777 -41.60 85.57 -58.53
C PHE B 1777 -41.35 87.07 -58.65
N SER B 1778 -40.11 87.41 -59.00
CA SER B 1778 -39.67 88.79 -59.12
C SER B 1778 -38.97 89.02 -60.45
N PRO B 1779 -39.10 90.21 -61.05
CA PRO B 1779 -38.46 90.45 -62.34
C PRO B 1779 -36.95 90.47 -62.21
N PRO B 1780 -36.21 90.08 -63.26
CA PRO B 1780 -34.73 90.03 -63.20
C PRO B 1780 -34.08 91.40 -63.39
N CYS B 1781 -34.33 92.29 -62.42
CA CYS B 1781 -33.66 93.58 -62.33
C CYS B 1781 -32.13 93.45 -62.33
N PHE B 1782 -31.62 92.50 -61.54
CA PHE B 1782 -30.15 92.25 -61.48
C PHE B 1782 -29.37 93.57 -61.47
N VAL B 1783 -30.01 94.65 -61.00
CA VAL B 1783 -29.28 95.95 -60.89
C VAL B 1783 -28.16 95.77 -59.86
N ALA B 1784 -26.99 96.36 -60.11
CA ALA B 1784 -25.83 96.20 -59.20
C ALA B 1784 -25.64 94.71 -58.87
N ALA B 1796 -33.95 88.11 -48.64
CA ALA B 1796 -33.66 89.34 -49.38
C ALA B 1796 -34.43 89.40 -50.69
N ARG B 1797 -33.72 89.34 -51.82
CA ARG B 1797 -34.36 89.39 -53.13
C ARG B 1797 -34.96 88.04 -53.49
N LEU B 1798 -35.93 88.08 -54.40
CA LEU B 1798 -36.64 86.89 -54.82
C LEU B 1798 -36.07 86.34 -56.13
N SER B 1799 -36.65 85.24 -56.59
CA SER B 1799 -36.14 84.56 -57.78
C SER B 1799 -36.42 85.37 -59.05
N PRO B 1800 -35.55 85.27 -60.06
CA PRO B 1800 -35.82 85.95 -61.33
C PRO B 1800 -37.03 85.39 -62.04
N ALA B 1801 -37.72 86.27 -62.78
CA ALA B 1801 -38.92 85.88 -63.52
C ALA B 1801 -38.59 85.46 -64.94
N ILE B 1802 -39.19 84.35 -65.37
CA ILE B 1802 -39.15 83.89 -66.76
C ILE B 1802 -40.59 83.61 -67.16
N PRO B 1803 -41.03 83.92 -68.39
CA PRO B 1803 -42.36 83.47 -68.84
C PRO B 1803 -42.50 81.96 -68.80
N LEU B 1804 -43.44 81.44 -68.00
CA LEU B 1804 -43.54 79.99 -67.79
C LEU B 1804 -44.29 79.27 -68.91
N GLU B 1805 -45.20 79.95 -69.61
CA GLU B 1805 -46.05 79.26 -70.58
C GLU B 1805 -45.25 78.74 -71.77
N ALA B 1806 -44.24 79.48 -72.20
CA ALA B 1806 -43.39 79.03 -73.30
C ALA B 1806 -42.60 77.80 -72.90
N LEU B 1807 -42.09 77.76 -71.66
CA LEU B 1807 -41.41 76.57 -71.16
C LEU B 1807 -42.37 75.38 -71.06
N ARG B 1808 -43.61 75.63 -70.59
CA ARG B 1808 -44.58 74.55 -70.45
C ARG B 1808 -44.93 73.94 -71.80
N ASP B 1809 -45.06 74.78 -72.83
CA ASP B 1809 -45.26 74.24 -74.18
C ASP B 1809 -44.01 73.53 -74.68
N LYS B 1810 -42.86 74.18 -74.48
CA LYS B 1810 -41.56 73.63 -74.93
C LYS B 1810 -41.30 72.30 -74.23
N ALA B 1811 -41.81 72.14 -73.01
CA ALA B 1811 -41.57 70.90 -72.23
C ALA B 1811 -42.40 69.76 -72.83
N LEU B 1812 -43.73 69.96 -72.92
CA LEU B 1812 -44.61 68.90 -73.46
C LEU B 1812 -44.26 68.63 -74.91
N ARG B 1813 -43.96 69.68 -75.68
CA ARG B 1813 -43.63 69.52 -77.12
C ARG B 1813 -42.40 68.62 -77.25
N MET B 1814 -41.23 69.11 -76.84
CA MET B 1814 -40.00 68.33 -76.95
C MET B 1814 -40.16 66.96 -76.33
N LEU B 1815 -41.08 66.81 -75.37
CA LEU B 1815 -41.40 65.49 -74.84
C LEU B 1815 -41.99 64.58 -75.92
N GLY B 1816 -42.93 65.09 -76.71
CA GLY B 1816 -43.45 64.31 -77.82
C GLY B 1816 -42.40 64.03 -78.87
N GLU B 1817 -41.57 65.03 -79.16
CA GLU B 1817 -40.48 64.83 -80.13
C GLU B 1817 -39.51 63.76 -79.64
N ALA B 1818 -39.20 63.76 -78.34
CA ALA B 1818 -38.28 62.78 -77.78
C ALA B 1818 -38.89 61.38 -77.76
N VAL B 1819 -40.19 61.27 -77.45
CA VAL B 1819 -40.80 59.94 -77.46
C VAL B 1819 -40.92 59.41 -78.89
N ARG B 1820 -41.15 60.29 -79.87
CA ARG B 1820 -41.10 59.85 -81.27
C ARG B 1820 -39.70 59.41 -81.67
N ASP B 1821 -38.67 60.15 -81.25
CA ASP B 1821 -37.30 59.77 -81.56
C ASP B 1821 -36.93 58.45 -80.91
N GLY B 1822 -37.40 58.21 -79.69
CA GLY B 1822 -37.19 56.93 -79.04
C GLY B 1822 -37.92 55.79 -79.73
N GLY B 1823 -39.12 56.06 -80.25
CA GLY B 1823 -39.84 55.05 -81.01
C GLY B 1823 -39.25 54.78 -82.38
N GLN B 1824 -38.53 55.74 -82.96
CA GLN B 1824 -37.91 55.51 -84.26
C GLN B 1824 -36.68 54.62 -84.18
N HIS B 1825 -36.08 54.49 -82.99
CA HIS B 1825 -34.86 53.71 -82.76
C HIS B 1825 -33.73 54.14 -83.71
N ALA B 1826 -33.38 55.42 -83.61
CA ALA B 1826 -32.28 55.96 -84.39
C ALA B 1826 -30.94 55.50 -83.84
N ARG B 1827 -29.97 55.35 -84.74
CA ARG B 1827 -28.64 54.90 -84.34
C ARG B 1827 -27.84 55.98 -83.62
N ASP B 1828 -28.22 57.25 -83.76
CA ASP B 1828 -27.59 58.34 -83.02
C ASP B 1828 -28.63 59.02 -82.15
N PRO B 1829 -28.38 59.14 -80.85
CA PRO B 1829 -29.32 59.83 -79.96
C PRO B 1829 -29.20 61.34 -80.08
N VAL B 1830 -30.13 62.03 -79.42
CA VAL B 1830 -30.14 63.49 -79.42
C VAL B 1830 -28.92 64.04 -78.69
N GLY B 1831 -28.65 63.52 -77.50
CA GLY B 1831 -27.51 63.95 -76.71
C GLY B 1831 -26.30 63.06 -76.78
N GLY B 1832 -26.32 62.02 -77.62
CA GLY B 1832 -25.25 61.05 -77.72
C GLY B 1832 -25.58 59.74 -77.04
N SER B 1833 -26.48 59.75 -76.07
CA SER B 1833 -26.99 58.52 -75.45
C SER B 1833 -28.46 58.73 -75.14
N VAL B 1834 -29.18 57.61 -75.02
CA VAL B 1834 -30.63 57.66 -74.81
C VAL B 1834 -30.95 58.25 -73.43
N GLU B 1835 -30.12 57.93 -72.42
CA GLU B 1835 -30.35 58.51 -71.11
C GLU B 1835 -30.03 60.00 -71.08
N PHE B 1836 -29.05 60.44 -71.88
CA PHE B 1836 -28.73 61.87 -71.94
C PHE B 1836 -29.85 62.67 -72.61
N GLN B 1837 -30.59 62.04 -73.51
CA GLN B 1837 -31.73 62.70 -74.15
C GLN B 1837 -33.03 62.52 -73.37
N PHE B 1838 -33.10 61.57 -72.44
CA PHE B 1838 -34.35 61.30 -71.73
C PHE B 1838 -34.39 61.86 -70.32
N VAL B 1839 -33.28 61.82 -69.57
CA VAL B 1839 -33.24 62.24 -68.17
C VAL B 1839 -33.58 63.72 -67.94
N PRO B 1840 -32.91 64.69 -68.61
CA PRO B 1840 -33.12 66.08 -68.16
C PRO B 1840 -34.48 66.66 -68.52
N VAL B 1841 -35.06 66.25 -69.66
CA VAL B 1841 -36.40 66.71 -70.01
C VAL B 1841 -37.42 66.15 -69.03
N LEU B 1842 -37.24 64.89 -68.62
CA LEU B 1842 -38.11 64.32 -67.59
C LEU B 1842 -37.94 65.03 -66.25
N LYS B 1843 -36.70 65.42 -65.92
CA LYS B 1843 -36.46 66.18 -64.70
C LYS B 1843 -37.18 67.52 -64.73
N LEU B 1844 -37.10 68.22 -65.86
CA LEU B 1844 -37.80 69.50 -65.99
C LEU B 1844 -39.31 69.32 -65.90
N VAL B 1845 -39.85 68.27 -66.54
CA VAL B 1845 -41.28 68.01 -66.49
C VAL B 1845 -41.72 67.69 -65.06
N SER B 1846 -40.92 66.89 -64.34
CA SER B 1846 -41.25 66.57 -62.95
C SER B 1846 -41.22 67.81 -62.07
N THR B 1847 -40.22 68.68 -62.27
CA THR B 1847 -40.14 69.92 -61.50
C THR B 1847 -41.34 70.82 -61.77
N LEU B 1848 -41.73 70.96 -63.04
CA LEU B 1848 -42.88 71.78 -63.38
C LEU B 1848 -44.18 71.19 -62.83
N LEU B 1849 -44.28 69.86 -62.81
CA LEU B 1849 -45.48 69.22 -62.26
C LEU B 1849 -45.53 69.40 -60.74
N VAL B 1850 -44.40 69.32 -60.06
CA VAL B 1850 -44.36 69.53 -58.61
C VAL B 1850 -44.72 70.96 -58.27
N MET B 1851 -44.21 71.93 -59.05
CA MET B 1851 -44.51 73.34 -58.77
C MET B 1851 -45.97 73.69 -59.04
N GLY B 1852 -46.70 72.86 -59.80
CA GLY B 1852 -48.13 72.98 -59.90
C GLY B 1852 -48.65 73.88 -61.00
N ILE B 1853 -47.79 74.31 -61.92
CA ILE B 1853 -48.23 75.21 -62.98
C ILE B 1853 -49.07 74.46 -64.01
N PHE B 1854 -48.79 73.18 -64.22
CA PHE B 1854 -49.45 72.42 -65.28
C PHE B 1854 -50.93 72.25 -65.00
N GLY B 1855 -51.77 72.64 -65.96
CA GLY B 1855 -53.21 72.55 -65.83
C GLY B 1855 -53.74 71.17 -66.14
N ASP B 1856 -55.07 71.07 -66.15
CA ASP B 1856 -55.72 69.81 -66.47
C ASP B 1856 -55.41 69.38 -67.90
N GLU B 1857 -55.45 70.32 -68.85
CA GLU B 1857 -55.12 69.99 -70.23
C GLU B 1857 -53.63 69.69 -70.37
N ASP B 1858 -52.79 70.33 -69.55
CA ASP B 1858 -51.35 70.08 -69.61
C ASP B 1858 -50.99 68.73 -69.00
N VAL B 1859 -51.63 68.37 -67.88
CA VAL B 1859 -51.44 67.04 -67.31
C VAL B 1859 -52.00 65.98 -68.26
N LYS B 1860 -53.09 66.31 -68.95
CA LYS B 1860 -53.55 65.51 -70.07
C LYS B 1860 -52.47 65.47 -71.15
N GLN B 1861 -52.34 64.29 -71.76
CA GLN B 1861 -51.42 63.90 -72.84
C GLN B 1861 -49.98 63.78 -72.34
N ILE B 1862 -49.65 64.36 -71.20
CA ILE B 1862 -48.46 63.92 -70.47
C ILE B 1862 -48.73 62.57 -69.84
N LEU B 1863 -49.87 62.46 -69.16
CA LEU B 1863 -50.29 61.19 -68.58
C LEU B 1863 -50.51 60.16 -69.68
N LYS B 1864 -50.95 60.59 -70.87
CA LYS B 1864 -51.13 59.67 -71.99
C LYS B 1864 -49.80 59.26 -72.60
N MET B 1865 -48.81 60.17 -72.63
CA MET B 1865 -47.47 59.79 -73.06
C MET B 1865 -46.85 58.80 -72.09
N ILE B 1866 -47.26 58.84 -70.82
CA ILE B 1866 -46.83 57.79 -69.89
C ILE B 1866 -47.43 56.45 -70.27
N GLU B 1867 -48.75 56.41 -70.53
CA GLU B 1867 -49.40 55.16 -70.94
C GLU B 1867 -50.61 55.44 -71.81
N PRO B 1868 -50.60 55.06 -73.10
CA PRO B 1868 -51.70 55.43 -73.99
C PRO B 1868 -52.92 54.50 -73.95
N GLU B 1869 -52.78 53.26 -73.50
CA GLU B 1869 -53.80 52.26 -73.79
C GLU B 1869 -55.04 52.47 -72.91
N VAL B 1870 -54.87 52.53 -71.60
CA VAL B 1870 -55.92 52.97 -70.69
C VAL B 1870 -55.83 54.49 -70.54
N PHE B 1871 -56.90 55.19 -70.92
CA PHE B 1871 -57.21 56.61 -70.65
C PHE B 1871 -58.56 56.95 -71.26
N THR B 1872 -59.05 58.16 -70.91
CA THR B 1872 -60.45 58.57 -71.05
C THR B 1872 -61.05 58.23 -72.41
N GLU B 1873 -62.29 57.75 -72.37
CA GLU B 1873 -63.03 57.22 -73.51
C GLU B 1873 -64.43 56.91 -72.99
N GLU B 1874 -65.39 56.85 -73.91
CA GLU B 1874 -66.81 56.63 -73.58
C GLU B 1874 -67.11 55.50 -72.59
N LEU B 1922 -50.08 51.31 -83.42
CA LEU B 1922 -50.75 52.30 -82.60
C LEU B 1922 -49.76 53.28 -82.00
N GLU B 1923 -49.65 53.28 -80.67
CA GLU B 1923 -48.76 54.16 -79.95
C GLU B 1923 -47.93 53.34 -78.96
N GLU B 1924 -46.70 53.80 -78.72
CA GLU B 1924 -45.79 53.15 -77.78
C GLU B 1924 -45.60 54.07 -76.58
N GLY B 1925 -45.93 53.56 -75.39
CA GLY B 1925 -45.76 54.33 -74.19
C GLY B 1925 -44.34 54.27 -73.65
N LEU B 1926 -44.00 55.28 -72.84
CA LEU B 1926 -42.67 55.35 -72.27
C LEU B 1926 -42.37 54.18 -71.34
N LEU B 1927 -43.40 53.63 -70.69
CA LEU B 1927 -43.20 52.48 -69.81
C LEU B 1927 -42.88 51.23 -70.60
N GLN B 1928 -43.45 51.07 -71.79
CA GLN B 1928 -43.29 49.85 -72.56
C GLN B 1928 -41.92 49.76 -73.23
N MET B 1929 -41.35 50.88 -73.67
CA MET B 1929 -40.05 50.87 -74.30
C MET B 1929 -38.95 50.53 -73.30
N LYS B 1930 -37.92 49.86 -73.80
CA LYS B 1930 -36.78 49.50 -72.97
C LYS B 1930 -36.03 50.75 -72.52
N LEU B 1931 -35.65 50.78 -71.24
CA LEU B 1931 -34.98 51.95 -70.69
C LEU B 1931 -33.58 51.60 -70.21
N PRO B 1932 -32.61 52.50 -70.41
CA PRO B 1932 -31.21 52.17 -70.08
C PRO B 1932 -30.90 52.16 -68.59
N GLU B 1933 -31.87 52.55 -67.74
CA GLU B 1933 -31.82 52.68 -66.28
C GLU B 1933 -31.28 54.08 -65.95
N SER B 1934 -31.70 54.63 -64.80
CA SER B 1934 -31.58 56.01 -64.34
C SER B 1934 -32.54 56.95 -65.07
N VAL B 1935 -33.36 56.43 -65.98
CA VAL B 1935 -34.48 57.17 -66.55
C VAL B 1935 -35.71 56.71 -65.75
N LYS B 1936 -35.65 55.47 -65.26
CA LYS B 1936 -36.76 54.88 -64.52
C LYS B 1936 -37.04 55.60 -63.22
N LEU B 1937 -36.00 56.20 -62.61
CA LEU B 1937 -36.18 56.89 -61.33
C LEU B 1937 -37.11 58.09 -61.46
N GLN B 1938 -36.98 58.85 -62.55
CA GLN B 1938 -37.86 60.00 -62.75
C GLN B 1938 -39.29 59.55 -63.01
N MET B 1939 -39.46 58.42 -63.71
CA MET B 1939 -40.79 57.86 -63.92
C MET B 1939 -41.42 57.43 -62.60
N CYS B 1940 -40.61 56.83 -61.70
CA CYS B 1940 -41.11 56.47 -60.38
C CYS B 1940 -41.48 57.70 -59.57
N ASN B 1941 -40.69 58.77 -59.69
CA ASN B 1941 -41.03 60.03 -59.03
C ASN B 1941 -42.36 60.58 -59.54
N LEU B 1942 -42.58 60.52 -60.86
CA LEU B 1942 -43.84 60.98 -61.43
C LEU B 1942 -45.02 60.15 -60.94
N LEU B 1943 -44.84 58.83 -60.86
CA LEU B 1943 -45.90 57.97 -60.33
C LEU B 1943 -46.19 58.27 -58.87
N GLU B 1944 -45.14 58.57 -58.08
CA GLU B 1944 -45.34 58.97 -56.69
C GLU B 1944 -46.11 60.28 -56.59
N TYR B 1945 -45.82 61.22 -57.49
CA TYR B 1945 -46.57 62.47 -57.55
C TYR B 1945 -48.05 62.22 -57.85
N PHE B 1946 -48.32 61.30 -58.79
CA PHE B 1946 -49.70 60.98 -59.13
C PHE B 1946 -50.43 60.33 -57.95
N CYS B 1947 -49.73 59.44 -57.23
CA CYS B 1947 -50.32 58.83 -56.04
C CYS B 1947 -50.60 59.88 -54.96
N ASP B 1948 -49.71 60.86 -54.82
CA ASP B 1948 -49.95 61.95 -53.87
C ASP B 1948 -51.19 62.75 -54.26
N GLN B 1949 -51.37 63.00 -55.56
CA GLN B 1949 -52.57 63.69 -56.04
C GLN B 1949 -53.82 62.88 -55.71
N GLU B 1950 -53.77 61.56 -55.91
CA GLU B 1950 -54.90 60.70 -55.58
C GLU B 1950 -55.24 60.77 -54.08
N LEU B 1951 -54.20 60.72 -53.25
CA LEU B 1951 -54.40 60.79 -51.80
C LEU B 1951 -55.00 62.13 -51.40
N GLN B 1952 -54.55 63.22 -52.02
CA GLN B 1952 -55.11 64.54 -51.73
C GLN B 1952 -56.58 64.63 -52.10
N HIS B 1953 -56.95 64.07 -53.26
CA HIS B 1953 -58.34 64.05 -53.68
C HIS B 1953 -59.20 63.25 -52.70
N ARG B 1954 -58.67 62.11 -52.25
CA ARG B 1954 -59.38 61.30 -51.24
C ARG B 1954 -59.59 62.10 -49.96
N VAL B 1955 -58.57 62.85 -49.53
CA VAL B 1955 -58.66 63.63 -48.30
C VAL B 1955 -59.74 64.71 -48.43
N GLU B 1956 -59.77 65.43 -49.55
CA GLU B 1956 -60.78 66.47 -49.73
C GLU B 1956 -62.20 65.89 -49.76
N SER B 1957 -62.39 64.76 -50.45
CA SER B 1957 -63.72 64.15 -50.48
C SER B 1957 -64.15 63.70 -49.09
N LEU B 1958 -63.22 63.11 -48.33
CA LEU B 1958 -63.52 62.69 -46.97
C LEU B 1958 -63.91 63.88 -46.10
N ALA B 1959 -63.19 64.99 -46.23
CA ALA B 1959 -63.49 66.18 -45.43
C ALA B 1959 -64.87 66.74 -45.77
N ALA B 1960 -65.21 66.81 -47.05
CA ALA B 1960 -66.51 67.34 -47.46
C ALA B 1960 -67.65 66.48 -46.94
N PHE B 1961 -67.54 65.15 -47.12
CA PHE B 1961 -68.57 64.26 -46.62
C PHE B 1961 -68.68 64.35 -45.10
N ALA B 1962 -67.53 64.49 -44.43
CA ALA B 1962 -67.53 64.62 -42.98
C ALA B 1962 -68.28 65.85 -42.53
N GLU B 1963 -68.06 66.98 -43.20
CA GLU B 1963 -68.77 68.21 -42.83
C GLU B 1963 -70.27 68.06 -43.02
N ARG B 1964 -70.70 67.51 -44.16
CA ARG B 1964 -72.14 67.45 -44.39
C ARG B 1964 -72.81 66.44 -43.45
N TYR B 1965 -72.14 65.32 -43.17
CA TYR B 1965 -72.71 64.33 -42.26
C TYR B 1965 -72.78 64.85 -40.84
N VAL B 1966 -71.75 65.58 -40.40
CA VAL B 1966 -71.76 66.11 -39.04
C VAL B 1966 -72.80 67.23 -38.91
N ASP B 1967 -73.05 67.99 -39.98
CA ASP B 1967 -74.11 68.99 -39.92
C ASP B 1967 -75.48 68.32 -39.81
N LYS B 1968 -75.71 67.27 -40.60
CA LYS B 1968 -76.99 66.55 -40.53
C LYS B 1968 -77.19 65.93 -39.16
N LEU B 1969 -76.12 65.34 -38.58
CA LEU B 1969 -76.26 64.72 -37.27
C LEU B 1969 -76.38 65.75 -36.15
N GLN B 1970 -75.80 66.94 -36.31
CA GLN B 1970 -76.04 68.02 -35.37
C GLN B 1970 -77.50 68.43 -35.37
N ALA B 1971 -78.08 68.56 -36.57
CA ALA B 1971 -79.51 68.87 -36.67
C ALA B 1971 -80.36 67.77 -36.07
N ASN B 1972 -79.98 66.50 -36.29
CA ASN B 1972 -80.72 65.38 -35.72
C ASN B 1972 -80.65 65.38 -34.19
N GLN B 1973 -79.48 65.70 -33.64
CA GLN B 1973 -79.34 65.76 -32.18
C GLN B 1973 -80.17 66.90 -31.59
N ARG B 1974 -80.18 68.06 -32.28
CA ARG B 1974 -81.02 69.17 -31.81
C ARG B 1974 -82.49 68.79 -31.84
N SER B 1975 -82.91 68.07 -32.89
CA SER B 1975 -84.29 67.58 -32.96
C SER B 1975 -84.58 66.60 -31.82
N ARG B 1976 -83.64 65.70 -31.52
CA ARG B 1976 -83.83 64.71 -30.47
C ARG B 1976 -83.95 65.35 -29.09
N TYR B 1977 -83.11 66.34 -28.79
CA TYR B 1977 -83.18 66.97 -27.49
C TYR B 1977 -84.37 67.92 -27.37
N ALA B 1978 -84.68 68.65 -28.45
CA ALA B 1978 -85.74 69.66 -28.42
C ALA B 1978 -87.09 69.02 -28.10
N LEU B 1979 -87.52 68.08 -28.94
CA LEU B 1979 -88.77 67.34 -28.64
C LEU B 1979 -88.47 66.27 -27.60
N LEU B 1980 -89.51 65.64 -27.03
CA LEU B 1980 -89.29 64.63 -25.96
C LEU B 1980 -88.51 65.29 -24.82
N MET B 1981 -87.86 64.49 -23.97
CA MET B 1981 -87.04 65.06 -22.87
C MET B 1981 -87.70 66.31 -22.32
N ARG B 1982 -87.28 67.50 -22.76
CA ARG B 1982 -87.83 68.78 -22.26
C ARG B 1982 -89.34 68.62 -21.95
N ALA B 1983 -90.12 68.17 -22.93
CA ALA B 1983 -91.55 67.96 -22.74
C ALA B 1983 -91.85 67.52 -21.31
N PHE B 1984 -91.00 66.64 -20.76
CA PHE B 1984 -91.04 66.20 -19.36
C PHE B 1984 -92.38 65.53 -19.03
N THR B 1985 -92.62 64.41 -19.72
CA THR B 1985 -93.80 63.60 -19.42
C THR B 1985 -93.74 63.02 -18.01
N MET B 1986 -92.53 62.79 -17.50
CA MET B 1986 -92.26 62.39 -16.12
C MET B 1986 -92.90 61.06 -15.74
N SER B 1987 -93.22 60.22 -16.73
CA SER B 1987 -93.69 58.87 -16.43
C SER B 1987 -92.59 58.03 -15.81
N ALA B 1988 -91.36 58.18 -16.31
CA ALA B 1988 -90.18 57.52 -15.77
C ALA B 1988 -89.12 58.57 -15.50
N ALA B 1989 -88.00 58.13 -14.90
CA ALA B 1989 -86.92 59.06 -14.58
C ALA B 1989 -86.20 59.54 -15.84
N GLU B 1990 -86.01 58.63 -16.81
CA GLU B 1990 -85.23 58.89 -18.03
C GLU B 1990 -83.83 59.41 -17.69
N THR B 1991 -83.22 58.79 -16.67
CA THR B 1991 -81.90 59.22 -16.21
C THR B 1991 -80.82 58.97 -17.26
N ALA B 1992 -80.85 57.78 -17.89
CA ALA B 1992 -79.81 57.39 -18.84
C ALA B 1992 -79.77 58.32 -20.04
N ARG B 1993 -80.93 58.64 -20.60
CA ARG B 1993 -80.99 59.55 -21.75
C ARG B 1993 -80.46 60.93 -21.38
N ARG B 1994 -80.80 61.43 -20.19
CA ARG B 1994 -80.35 62.75 -19.77
C ARG B 1994 -78.84 62.80 -19.57
N THR B 1995 -78.28 61.79 -18.88
CA THR B 1995 -76.85 61.80 -18.62
C THR B 1995 -76.05 61.54 -19.90
N ARG B 1996 -76.63 60.80 -20.86
CA ARG B 1996 -75.94 60.59 -22.12
C ARG B 1996 -76.01 61.84 -22.99
N GLU B 1997 -77.12 62.59 -22.92
CA GLU B 1997 -77.30 63.72 -23.81
C GLU B 1997 -76.59 64.98 -23.30
N PHE B 1998 -76.75 65.32 -22.03
CA PHE B 1998 -76.32 66.63 -21.54
C PHE B 1998 -75.13 66.59 -20.59
N ARG B 1999 -74.88 65.47 -19.92
CA ARG B 1999 -73.75 65.37 -18.99
C ARG B 1999 -72.48 64.87 -19.66
N SER B 2000 -72.59 64.26 -20.83
CA SER B 2000 -71.45 63.67 -21.54
C SER B 2000 -70.61 64.77 -22.22
N PRO B 2001 -69.30 64.58 -22.30
CA PRO B 2001 -68.46 65.49 -23.11
C PRO B 2001 -68.86 65.41 -24.58
N PRO B 2002 -68.70 66.50 -25.33
CA PRO B 2002 -69.14 66.48 -26.74
C PRO B 2002 -68.38 65.50 -27.63
N GLN B 2003 -67.10 65.25 -27.37
CA GLN B 2003 -66.42 64.19 -28.11
C GLN B 2003 -67.01 62.83 -27.78
N GLU B 2004 -67.29 62.58 -26.50
CA GLU B 2004 -67.97 61.35 -26.11
C GLU B 2004 -69.39 61.33 -26.65
N GLN B 2005 -70.04 62.49 -26.72
CA GLN B 2005 -71.38 62.58 -27.28
C GLN B 2005 -71.40 62.12 -28.73
N ILE B 2006 -70.52 62.67 -29.56
CA ILE B 2006 -70.52 62.29 -30.98
C ILE B 2006 -70.02 60.86 -31.16
N ASN B 2007 -69.08 60.41 -30.32
CA ASN B 2007 -68.61 59.03 -30.42
C ASN B 2007 -69.74 58.04 -30.13
N MET B 2008 -70.35 58.14 -28.94
CA MET B 2008 -71.47 57.27 -28.59
C MET B 2008 -72.67 57.47 -29.51
N LEU B 2009 -72.77 58.63 -30.15
CA LEU B 2009 -73.75 58.83 -31.21
C LEU B 2009 -73.46 57.93 -32.40
N LEU B 2010 -72.17 57.79 -32.74
CA LEU B 2010 -71.79 56.97 -33.89
C LEU B 2010 -71.35 55.55 -33.51
N HIS B 2011 -70.89 55.32 -32.28
CA HIS B 2011 -70.16 54.09 -31.96
C HIS B 2011 -71.03 52.85 -32.14
N PHE B 2012 -70.42 51.80 -32.71
CA PHE B 2012 -71.04 50.51 -32.98
C PHE B 2012 -72.20 50.61 -33.96
N LYS B 2013 -72.23 51.66 -34.78
CA LYS B 2013 -73.19 51.68 -35.90
C LYS B 2013 -72.74 50.77 -37.03
N ASP B 2014 -71.42 50.52 -37.15
CA ASP B 2014 -70.95 49.52 -38.09
C ASP B 2014 -71.31 48.11 -37.64
N GLU B 2015 -71.46 47.91 -36.33
CA GLU B 2015 -71.85 46.60 -35.81
C GLU B 2015 -73.30 46.31 -36.19
N ALA B 2016 -73.55 45.06 -36.59
CA ALA B 2016 -74.89 44.69 -37.07
C ALA B 2016 -75.91 44.67 -35.94
N ASP B 2017 -75.68 43.82 -34.93
CA ASP B 2017 -76.69 43.59 -33.90
C ASP B 2017 -76.50 44.45 -32.65
N GLU B 2018 -75.29 44.94 -32.39
CA GLU B 2018 -74.99 45.60 -31.13
C GLU B 2018 -75.53 47.03 -31.13
N GLU B 2019 -75.30 47.74 -30.02
CA GLU B 2019 -75.65 49.15 -29.80
C GLU B 2019 -77.14 49.42 -29.77
N ASP B 2020 -77.97 48.37 -29.72
CA ASP B 2020 -79.43 48.46 -29.66
C ASP B 2020 -80.06 49.13 -30.87
N CYS B 2021 -79.30 49.30 -31.96
CA CYS B 2021 -79.75 49.92 -33.19
C CYS B 2021 -80.33 51.32 -32.98
N PRO B 2022 -79.48 52.32 -32.73
CA PRO B 2022 -79.97 53.68 -32.56
C PRO B 2022 -80.16 54.37 -33.90
N LEU B 2023 -80.79 55.56 -33.84
CA LEU B 2023 -80.92 56.53 -34.93
C LEU B 2023 -81.86 56.01 -36.03
N PRO B 2024 -82.27 56.86 -36.97
CA PRO B 2024 -82.96 56.34 -38.17
C PRO B 2024 -82.01 55.53 -39.04
N GLU B 2025 -82.60 54.82 -39.99
CA GLU B 2025 -81.85 53.87 -40.81
C GLU B 2025 -81.23 54.51 -42.05
N ASP B 2026 -81.71 55.68 -42.47
CA ASP B 2026 -81.12 56.34 -43.63
C ASP B 2026 -79.71 56.84 -43.32
N ILE B 2027 -79.49 57.34 -42.10
CA ILE B 2027 -78.16 57.78 -41.69
C ILE B 2027 -77.18 56.62 -41.68
N ARG B 2028 -77.59 55.49 -41.10
CA ARG B 2028 -76.75 54.30 -41.08
C ARG B 2028 -76.47 53.80 -42.48
N GLN B 2029 -77.49 53.80 -43.35
CA GLN B 2029 -77.31 53.35 -44.72
C GLN B 2029 -76.34 54.26 -45.48
N ASP B 2030 -76.44 55.58 -45.27
CA ASP B 2030 -75.52 56.50 -45.93
C ASP B 2030 -74.09 56.30 -45.43
N LEU B 2031 -73.93 56.08 -44.12
CA LEU B 2031 -72.60 55.85 -43.56
C LEU B 2031 -71.97 54.57 -44.12
N GLN B 2032 -72.74 53.48 -44.18
CA GLN B 2032 -72.23 52.25 -44.78
C GLN B 2032 -71.98 52.41 -46.27
N ASP B 2033 -72.81 53.21 -46.95
CA ASP B 2033 -72.58 53.46 -48.38
C ASP B 2033 -71.27 54.18 -48.60
N PHE B 2034 -70.95 55.18 -47.78
CA PHE B 2034 -69.67 55.88 -47.94
C PHE B 2034 -68.50 54.97 -47.56
N HIS B 2035 -68.69 54.12 -46.53
CA HIS B 2035 -67.65 53.19 -46.14
C HIS B 2035 -67.32 52.22 -47.27
N GLN B 2036 -68.34 51.56 -47.83
CA GLN B 2036 -68.12 50.69 -48.97
C GLN B 2036 -67.62 51.45 -50.19
N ASP B 2037 -68.04 52.71 -50.30
CA ASP B 2037 -67.58 53.57 -51.43
C ASP B 2037 -66.06 53.72 -51.37
N LEU B 2038 -65.54 54.24 -50.25
CA LEU B 2038 -64.07 54.43 -50.10
C LEU B 2038 -63.37 53.08 -50.15
N LEU B 2039 -63.95 52.06 -49.51
CA LEU B 2039 -63.37 50.70 -49.55
C LEU B 2039 -63.11 50.31 -51.02
N ALA B 2040 -64.10 50.55 -51.90
CA ALA B 2040 -63.93 50.22 -53.30
C ALA B 2040 -62.95 51.17 -53.97
N HIS B 2041 -62.88 52.42 -53.48
CA HIS B 2041 -61.90 53.36 -54.00
C HIS B 2041 -60.46 52.91 -53.69
N CYS B 2042 -60.25 52.24 -52.56
CA CYS B 2042 -58.95 51.70 -52.22
C CYS B 2042 -58.80 50.31 -52.82
N GLY B 2043 -57.78 49.57 -52.37
CA GLY B 2043 -57.52 48.23 -52.85
C GLY B 2043 -58.36 47.14 -52.23
N ILE B 2044 -59.37 47.48 -51.44
CA ILE B 2044 -60.27 46.48 -50.89
C ILE B 2044 -61.11 45.88 -52.01
N GLN B 2045 -61.19 44.54 -52.05
CA GLN B 2045 -61.90 43.87 -53.13
C GLN B 2045 -63.41 43.98 -52.99
N LEU B 2046 -63.93 43.76 -51.77
CA LEU B 2046 -65.37 43.75 -51.49
C LEU B 2046 -66.11 42.78 -52.41
N GLU B 2047 -65.56 41.58 -52.57
CA GLU B 2047 -66.17 40.57 -53.43
C GLU B 2047 -67.47 40.04 -52.84
N GLY B 2048 -67.52 39.85 -51.52
CA GLY B 2048 -68.70 39.29 -50.88
C GLY B 2048 -68.80 37.79 -51.04
N LYS B 2089 -57.23 40.59 -66.10
CA LYS B 2089 -55.80 40.43 -66.33
C LYS B 2089 -55.15 41.76 -66.67
N LYS B 2090 -55.84 42.55 -67.49
CA LYS B 2090 -55.38 43.89 -67.82
C LYS B 2090 -55.43 44.77 -66.57
N PRO B 2091 -54.43 45.67 -66.39
CA PRO B 2091 -54.42 46.53 -65.19
C PRO B 2091 -55.64 47.43 -65.06
N GLN B 2092 -55.88 48.26 -66.09
CA GLN B 2092 -57.07 49.10 -66.24
C GLN B 2092 -57.14 50.23 -65.22
N SER B 2093 -56.14 50.32 -64.34
CA SER B 2093 -56.08 51.37 -63.35
C SER B 2093 -54.62 51.61 -62.97
N LEU B 2094 -54.40 52.60 -62.10
CA LEU B 2094 -53.04 53.03 -61.80
C LEU B 2094 -52.30 52.02 -60.92
N GLN B 2095 -52.98 51.47 -59.91
CA GLN B 2095 -52.28 50.71 -58.88
C GLN B 2095 -51.76 49.37 -59.42
N GLU B 2096 -52.56 48.67 -60.23
CA GLU B 2096 -52.09 47.43 -60.82
C GLU B 2096 -51.04 47.68 -61.88
N LEU B 2097 -51.15 48.81 -62.60
CA LEU B 2097 -50.12 49.17 -63.58
C LEU B 2097 -48.78 49.38 -62.89
N VAL B 2098 -48.76 50.14 -61.79
CA VAL B 2098 -47.52 50.39 -61.08
C VAL B 2098 -46.98 49.11 -60.46
N SER B 2099 -47.86 48.29 -59.89
CA SER B 2099 -47.41 47.03 -59.28
C SER B 2099 -46.80 46.09 -60.30
N HIS B 2100 -47.47 45.93 -61.46
CA HIS B 2100 -46.94 45.04 -62.49
C HIS B 2100 -45.67 45.63 -63.10
N MET B 2101 -45.57 46.96 -63.18
CA MET B 2101 -44.34 47.60 -63.63
C MET B 2101 -43.18 47.26 -62.71
N VAL B 2102 -43.40 47.34 -61.40
CA VAL B 2102 -42.34 47.05 -60.44
C VAL B 2102 -41.96 45.57 -60.49
N VAL B 2103 -42.96 44.68 -60.56
CA VAL B 2103 -42.66 43.25 -60.61
C VAL B 2103 -41.90 42.89 -61.89
N ARG B 2104 -42.31 43.45 -63.03
CA ARG B 2104 -41.62 43.14 -64.27
C ARG B 2104 -40.21 43.73 -64.30
N TRP B 2105 -40.04 44.94 -63.75
CA TRP B 2105 -38.72 45.55 -63.68
C TRP B 2105 -37.78 44.75 -62.78
N ALA B 2106 -38.30 44.18 -61.69
CA ALA B 2106 -37.48 43.31 -60.86
C ALA B 2106 -37.24 41.96 -61.52
N GLN B 2107 -38.17 41.50 -62.36
CA GLN B 2107 -38.04 40.20 -62.99
C GLN B 2107 -37.04 40.19 -64.14
N GLU B 2108 -37.00 41.27 -64.94
CA GLU B 2108 -36.19 41.26 -66.15
C GLU B 2108 -34.70 41.19 -65.85
N ASP B 2109 -34.20 42.05 -64.97
CA ASP B 2109 -32.77 42.15 -64.75
C ASP B 2109 -32.49 42.38 -63.27
N TYR B 2110 -31.28 42.01 -62.85
CA TYR B 2110 -30.82 42.27 -61.49
C TYR B 2110 -30.37 43.73 -61.43
N VAL B 2111 -31.19 44.57 -60.80
CA VAL B 2111 -30.88 45.99 -60.70
C VAL B 2111 -29.74 46.21 -59.71
N GLN B 2112 -28.94 47.24 -59.96
CA GLN B 2112 -27.73 47.49 -59.18
C GLN B 2112 -27.71 48.80 -58.42
N SER B 2113 -28.55 49.77 -58.78
CA SER B 2113 -28.56 51.06 -58.08
C SER B 2113 -29.51 50.97 -56.89
N PRO B 2114 -29.03 51.11 -55.65
CA PRO B 2114 -29.92 50.92 -54.50
C PRO B 2114 -31.03 51.94 -54.38
N GLU B 2115 -30.82 53.16 -54.88
CA GLU B 2115 -31.87 54.18 -54.81
C GLU B 2115 -33.07 53.77 -55.65
N LEU B 2116 -32.83 53.19 -56.82
CA LEU B 2116 -33.92 52.69 -57.65
C LEU B 2116 -34.68 51.57 -56.95
N VAL B 2117 -33.96 50.66 -56.28
CA VAL B 2117 -34.59 49.56 -55.55
C VAL B 2117 -35.47 50.10 -54.43
N ARG B 2118 -34.94 51.08 -53.69
CA ARG B 2118 -35.71 51.68 -52.60
C ARG B 2118 -36.95 52.38 -53.15
N ALA B 2119 -36.81 53.08 -54.27
CA ALA B 2119 -37.96 53.77 -54.87
C ALA B 2119 -39.04 52.79 -55.31
N MET B 2120 -38.66 51.70 -56.00
CA MET B 2120 -39.67 50.77 -56.48
C MET B 2120 -40.32 50.00 -55.33
N PHE B 2121 -39.53 49.63 -54.31
CA PHE B 2121 -40.12 48.95 -53.16
C PHE B 2121 -41.07 49.86 -52.38
N SER B 2122 -40.70 51.13 -52.21
CA SER B 2122 -41.61 52.07 -51.55
C SER B 2122 -42.87 52.27 -52.35
N LEU B 2123 -42.76 52.40 -53.68
CA LEU B 2123 -43.94 52.57 -54.52
C LEU B 2123 -44.84 51.34 -54.45
N LEU B 2124 -44.24 50.14 -54.51
CA LEU B 2124 -45.02 48.91 -54.42
C LEU B 2124 -45.73 48.81 -53.07
N HIS B 2125 -45.04 49.19 -51.99
CA HIS B 2125 -45.66 49.19 -50.67
C HIS B 2125 -46.83 50.17 -50.61
N ARG B 2126 -46.69 51.35 -51.21
CA ARG B 2126 -47.77 52.33 -51.20
C ARG B 2126 -48.99 51.81 -51.97
N GLN B 2127 -48.78 51.22 -53.16
CA GLN B 2127 -49.94 50.71 -53.90
C GLN B 2127 -50.53 49.46 -53.26
N TYR B 2128 -49.72 48.66 -52.56
CA TYR B 2128 -50.26 47.47 -51.91
C TYR B 2128 -50.98 47.77 -50.61
N ASP B 2129 -50.56 48.81 -49.87
CA ASP B 2129 -51.12 49.03 -48.54
C ASP B 2129 -52.50 49.69 -48.62
N GLY B 2130 -52.58 50.87 -49.22
CA GLY B 2130 -53.86 51.50 -49.45
C GLY B 2130 -54.38 52.30 -48.29
N LEU B 2131 -55.32 51.72 -47.54
CA LEU B 2131 -55.94 52.41 -46.41
C LEU B 2131 -54.94 52.75 -45.31
N GLY B 2132 -53.83 52.02 -45.22
CA GLY B 2132 -52.83 52.32 -44.20
C GLY B 2132 -52.20 53.68 -44.38
N GLU B 2133 -51.92 54.07 -45.62
CA GLU B 2133 -51.37 55.40 -45.88
C GLU B 2133 -52.38 56.49 -45.51
N LEU B 2134 -53.66 56.27 -45.80
CA LEU B 2134 -54.69 57.22 -45.41
C LEU B 2134 -54.81 57.31 -43.90
N LEU B 2135 -54.67 56.17 -43.21
CA LEU B 2135 -54.68 56.17 -41.76
C LEU B 2135 -53.50 56.96 -41.19
N ARG B 2136 -52.32 56.82 -41.78
CA ARG B 2136 -51.15 57.54 -41.29
C ARG B 2136 -51.21 59.02 -41.62
N ALA B 2137 -51.84 59.39 -42.74
CA ALA B 2137 -51.89 60.78 -43.16
C ALA B 2137 -53.00 61.59 -42.50
N LEU B 2138 -53.99 60.92 -41.92
CA LEU B 2138 -55.12 61.63 -41.32
C LEU B 2138 -54.78 62.50 -40.10
N PRO B 2139 -53.83 62.15 -39.22
CA PRO B 2139 -53.45 63.12 -38.17
C PRO B 2139 -52.93 64.45 -38.71
N ARG B 2140 -52.31 64.47 -39.89
CA ARG B 2140 -51.85 65.73 -40.46
C ARG B 2140 -52.99 66.57 -41.00
N ALA B 2141 -54.13 65.96 -41.34
CA ALA B 2141 -55.24 66.69 -41.90
C ALA B 2141 -55.93 67.54 -40.85
N TYR B 2142 -56.26 68.78 -41.22
CA TYR B 2142 -56.98 69.69 -40.35
C TYR B 2142 -57.98 70.48 -41.17
N THR B 2143 -59.09 70.85 -40.54
CA THR B 2143 -60.19 71.56 -41.19
C THR B 2143 -60.39 72.90 -40.48
N ILE B 2144 -60.43 73.97 -41.26
CA ILE B 2144 -60.56 75.33 -40.72
C ILE B 2144 -61.80 75.99 -41.31
N SER B 2145 -62.36 76.92 -40.54
CA SER B 2145 -63.56 77.65 -40.94
C SER B 2145 -63.23 78.72 -41.97
N PRO B 2146 -64.20 79.11 -42.78
CA PRO B 2146 -63.97 80.19 -43.75
C PRO B 2146 -63.84 81.55 -43.06
N SER B 2147 -63.53 82.56 -43.88
CA SER B 2147 -63.35 83.96 -43.49
C SER B 2147 -62.15 84.19 -42.58
N SER B 2148 -61.30 83.18 -42.40
CA SER B 2148 -60.07 83.32 -41.61
C SER B 2148 -58.86 82.79 -42.36
N VAL B 2149 -58.96 82.64 -43.68
CA VAL B 2149 -57.93 81.94 -44.44
C VAL B 2149 -56.72 82.81 -44.72
N GLU B 2150 -56.90 84.14 -44.76
CA GLU B 2150 -55.77 85.04 -45.04
C GLU B 2150 -54.70 84.96 -43.97
N ASP B 2151 -55.12 84.94 -42.70
CA ASP B 2151 -54.17 84.80 -41.61
C ASP B 2151 -53.50 83.43 -41.64
N THR B 2152 -54.22 82.39 -42.09
CA THR B 2152 -53.61 81.08 -42.27
C THR B 2152 -52.55 81.12 -43.38
N MET B 2153 -52.82 81.88 -44.44
CA MET B 2153 -51.80 82.10 -45.47
C MET B 2153 -50.57 82.79 -44.89
N SER B 2154 -50.79 83.80 -44.04
CA SER B 2154 -49.65 84.48 -43.40
C SER B 2154 -48.84 83.52 -42.54
N LEU B 2155 -49.54 82.66 -41.77
CA LEU B 2155 -48.87 81.65 -40.97
C LEU B 2155 -48.08 80.68 -41.83
N LEU B 2156 -48.66 80.23 -42.95
CA LEU B 2156 -47.99 79.29 -43.82
C LEU B 2156 -46.75 79.91 -44.48
N GLU B 2157 -46.85 81.17 -44.91
CA GLU B 2157 -45.69 81.84 -45.49
C GLU B 2157 -44.59 82.05 -44.45
N CYS B 2158 -44.96 82.41 -43.21
CA CYS B 2158 -43.95 82.57 -42.17
C CYS B 2158 -43.27 81.24 -41.85
N LEU B 2159 -44.05 80.18 -41.72
CA LEU B 2159 -43.47 78.86 -41.43
C LEU B 2159 -42.64 78.35 -42.59
N GLY B 2160 -43.03 78.66 -43.83
CA GLY B 2160 -42.20 78.30 -44.97
C GLY B 2160 -40.90 79.08 -45.00
N GLN B 2161 -40.94 80.34 -44.57
CA GLN B 2161 -39.72 81.12 -44.46
C GLN B 2161 -38.76 80.52 -43.43
N ILE B 2162 -39.30 80.12 -42.28
CA ILE B 2162 -38.46 79.46 -41.26
C ILE B 2162 -37.94 78.13 -41.78
N ARG B 2163 -38.77 77.37 -42.48
CA ARG B 2163 -38.36 76.06 -42.98
C ARG B 2163 -37.27 76.19 -44.03
N SER B 2164 -37.37 77.21 -44.90
CA SER B 2164 -36.32 77.45 -45.88
C SER B 2164 -35.04 77.95 -45.22
N LEU B 2165 -35.16 78.81 -44.21
CA LEU B 2165 -33.99 79.31 -43.52
C LEU B 2165 -33.34 78.28 -42.59
N LEU B 2166 -34.03 77.17 -42.33
CA LEU B 2166 -33.45 76.09 -41.52
C LEU B 2166 -32.15 75.55 -42.10
N ILE B 2167 -32.04 75.50 -43.44
CA ILE B 2167 -30.86 74.91 -44.07
C ILE B 2167 -29.73 75.93 -44.28
N VAL B 2168 -30.00 77.22 -44.12
CA VAL B 2168 -29.01 78.25 -44.41
C VAL B 2168 -28.04 78.35 -43.25
N GLN B 2169 -26.76 78.53 -43.56
CA GLN B 2169 -25.74 78.72 -42.54
C GLN B 2169 -26.05 79.97 -41.72
N MET B 2170 -25.79 79.89 -40.41
CA MET B 2170 -26.27 80.88 -39.47
C MET B 2170 -25.57 82.22 -39.67
N GLY B 2171 -26.32 83.31 -39.52
CA GLY B 2171 -25.76 84.64 -39.70
C GLY B 2171 -26.64 85.74 -39.12
N PRO B 2172 -26.09 86.96 -39.07
CA PRO B 2172 -26.87 88.08 -38.49
C PRO B 2172 -28.09 88.47 -39.32
N GLN B 2173 -27.99 88.44 -40.65
CA GLN B 2173 -29.18 88.70 -41.46
C GLN B 2173 -30.20 87.59 -41.29
N GLU B 2174 -29.73 86.35 -41.23
CA GLU B 2174 -30.62 85.22 -40.98
C GLU B 2174 -31.29 85.32 -39.61
N GLU B 2175 -30.53 85.71 -38.58
CA GLU B 2175 -31.14 85.84 -37.26
C GLU B 2175 -32.11 87.02 -37.22
N ASN B 2176 -31.84 88.09 -37.98
CA ASN B 2176 -32.77 89.21 -38.02
C ASN B 2176 -34.08 88.84 -38.69
N LEU B 2177 -34.00 88.17 -39.85
CA LEU B 2177 -35.22 87.72 -40.52
C LEU B 2177 -35.96 86.67 -39.69
N MET B 2178 -35.23 85.80 -38.99
CA MET B 2178 -35.90 84.79 -38.17
C MET B 2178 -36.57 85.42 -36.95
N ILE B 2179 -35.94 86.42 -36.34
CA ILE B 2179 -36.56 87.15 -35.24
C ILE B 2179 -37.83 87.85 -35.73
N GLN B 2180 -37.75 88.47 -36.90
CA GLN B 2180 -38.93 89.12 -37.46
C GLN B 2180 -40.04 88.12 -37.77
N SER B 2181 -39.67 86.94 -38.29
CA SER B 2181 -40.66 85.90 -38.59
C SER B 2181 -41.32 85.38 -37.32
N ILE B 2182 -40.54 85.15 -36.26
CA ILE B 2182 -41.13 84.68 -35.00
C ILE B 2182 -42.03 85.75 -34.40
N GLY B 2183 -41.60 87.01 -34.43
CA GLY B 2183 -42.44 88.09 -33.92
C GLY B 2183 -43.73 88.25 -34.70
N ASN B 2184 -43.67 88.11 -36.02
CA ASN B 2184 -44.87 88.19 -36.85
C ASN B 2184 -45.78 86.99 -36.64
N ILE B 2185 -45.21 85.81 -36.40
CA ILE B 2185 -46.04 84.62 -36.21
C ILE B 2185 -46.58 84.51 -34.80
N MET B 2186 -46.04 85.30 -33.85
CA MET B 2186 -46.65 85.40 -32.54
C MET B 2186 -47.93 86.20 -32.55
N ASN B 2187 -47.97 87.28 -33.33
CA ASN B 2187 -49.08 88.22 -33.35
C ASN B 2187 -50.15 87.87 -34.39
N ASN B 2188 -50.14 86.64 -34.91
CA ASN B 2188 -51.03 86.27 -36.01
C ASN B 2188 -52.49 86.25 -35.53
N LYS B 2189 -52.72 85.83 -34.29
CA LYS B 2189 -53.97 85.57 -33.56
C LYS B 2189 -54.61 84.23 -33.94
N VAL B 2190 -54.09 83.51 -34.94
CA VAL B 2190 -54.49 82.12 -35.11
C VAL B 2190 -53.84 81.27 -34.03
N PHE B 2191 -52.67 81.70 -33.54
CA PHE B 2191 -52.04 81.05 -32.38
C PHE B 2191 -52.94 81.15 -31.15
N TYR B 2192 -53.74 82.21 -31.06
CA TYR B 2192 -54.67 82.36 -29.95
C TYR B 2192 -55.72 81.25 -29.95
N GLN B 2193 -56.35 81.00 -31.09
CA GLN B 2193 -57.54 80.15 -31.12
C GLN B 2193 -57.19 78.66 -31.19
N HIS B 2194 -56.45 78.25 -32.22
CA HIS B 2194 -56.25 76.82 -32.47
C HIS B 2194 -54.83 76.40 -32.10
N PRO B 2195 -54.64 75.65 -31.01
CA PRO B 2195 -53.31 75.09 -30.75
C PRO B 2195 -53.13 73.71 -31.37
N ASN B 2196 -54.23 73.07 -31.76
CA ASN B 2196 -54.14 71.74 -32.37
C ASN B 2196 -53.48 71.78 -33.73
N LEU B 2197 -53.76 72.82 -34.53
CA LEU B 2197 -53.08 72.99 -35.80
C LEU B 2197 -51.61 73.31 -35.59
N MET B 2198 -51.29 74.12 -34.58
CA MET B 2198 -49.90 74.39 -34.24
C MET B 2198 -49.17 73.13 -33.81
N ARG B 2199 -49.86 72.24 -33.07
CA ARG B 2199 -49.25 70.98 -32.67
C ARG B 2199 -49.07 70.04 -33.85
N ALA B 2200 -50.03 70.01 -34.77
CA ALA B 2200 -49.95 69.12 -35.93
C ALA B 2200 -48.93 69.60 -36.94
N LEU B 2201 -48.67 70.90 -37.01
CA LEU B 2201 -47.70 71.45 -37.94
C LEU B 2201 -46.26 71.18 -37.54
N GLY B 2202 -46.01 70.80 -36.29
CA GLY B 2202 -44.65 70.57 -35.82
C GLY B 2202 -43.79 71.81 -35.77
N MET B 2203 -44.39 72.96 -35.45
CA MET B 2203 -43.62 74.19 -35.34
C MET B 2203 -42.67 74.15 -34.14
N HIS B 2204 -43.13 73.57 -33.03
CA HIS B 2204 -42.32 73.56 -31.81
C HIS B 2204 -41.04 72.77 -32.02
N GLU B 2205 -41.12 71.62 -32.69
CA GLU B 2205 -39.92 70.86 -33.02
C GLU B 2205 -38.98 71.65 -33.91
N THR B 2206 -39.52 72.42 -34.86
CA THR B 2206 -38.69 73.22 -35.76
C THR B 2206 -37.92 74.29 -34.98
N VAL B 2207 -38.62 75.03 -34.12
CA VAL B 2207 -37.95 76.05 -33.29
C VAL B 2207 -36.96 75.39 -32.34
N MET B 2208 -37.28 74.19 -31.85
CA MET B 2208 -36.37 73.49 -30.95
C MET B 2208 -35.09 73.08 -31.67
N GLU B 2209 -35.21 72.61 -32.92
CA GLU B 2209 -34.02 72.31 -33.72
C GLU B 2209 -33.22 73.56 -34.03
N VAL B 2210 -33.90 74.69 -34.24
CA VAL B 2210 -33.19 75.96 -34.40
C VAL B 2210 -32.35 76.27 -33.17
N MET B 2211 -32.94 76.11 -32.00
CA MET B 2211 -32.23 76.39 -30.75
C MET B 2211 -31.09 75.39 -30.53
N VAL B 2212 -31.29 74.14 -30.94
CA VAL B 2212 -30.22 73.14 -30.86
C VAL B 2212 -29.05 73.53 -31.74
N ASN B 2213 -29.34 73.95 -32.98
CA ASN B 2213 -28.29 74.30 -33.92
C ASN B 2213 -27.52 75.53 -33.46
N VAL B 2214 -28.22 76.54 -32.94
CA VAL B 2214 -27.54 77.77 -32.53
C VAL B 2214 -26.79 77.57 -31.22
N LEU B 2215 -27.39 76.85 -30.26
CA LEU B 2215 -26.86 76.77 -28.90
C LEU B 2215 -25.65 75.83 -28.83
N GLY B 2216 -25.63 74.78 -29.65
CA GLY B 2216 -24.61 73.74 -29.56
C GLY B 2216 -23.19 74.21 -29.74
N GLY B 2217 -22.32 73.77 -28.83
CA GLY B 2217 -20.92 74.15 -28.83
C GLY B 2217 -20.45 74.45 -27.42
N GLY B 2218 -19.40 75.24 -27.33
CA GLY B 2218 -18.87 75.65 -26.04
C GLY B 2218 -19.70 76.77 -25.42
N GLU B 2219 -19.20 77.27 -24.28
CA GLU B 2219 -19.87 78.38 -23.62
C GLU B 2219 -19.75 79.66 -24.43
N THR B 2220 -18.57 79.92 -25.00
CA THR B 2220 -18.41 81.07 -25.89
C THR B 2220 -19.18 80.87 -27.19
N LYS B 2221 -19.40 79.62 -27.61
CA LYS B 2221 -20.30 79.37 -28.72
C LYS B 2221 -21.75 79.61 -28.34
N GLU B 2222 -22.09 79.43 -27.06
CA GLU B 2222 -23.43 79.78 -26.58
C GLU B 2222 -23.62 81.28 -26.55
N ILE B 2223 -22.59 82.04 -26.15
CA ILE B 2223 -22.66 83.49 -26.23
C ILE B 2223 -22.44 84.00 -27.64
N ARG B 2224 -21.92 83.18 -28.55
CA ARG B 2224 -21.96 83.50 -29.96
C ARG B 2224 -23.40 83.50 -30.45
N PHE B 2225 -23.76 84.51 -31.23
CA PHE B 2225 -25.15 84.84 -31.55
C PHE B 2225 -26.00 84.93 -30.27
N PRO B 2226 -25.70 85.88 -29.39
CA PRO B 2226 -26.40 85.91 -28.09
C PRO B 2226 -27.89 86.20 -28.20
N LYS B 2227 -28.30 86.94 -29.22
CA LYS B 2227 -29.71 87.23 -29.42
C LYS B 2227 -30.38 86.05 -30.12
N MET B 2228 -31.72 86.09 -30.13
CA MET B 2228 -32.63 85.14 -30.80
C MET B 2228 -32.69 83.82 -30.04
N VAL B 2229 -31.83 83.64 -29.03
CA VAL B 2229 -32.05 82.57 -28.07
C VAL B 2229 -33.22 82.92 -27.17
N THR B 2230 -33.28 84.18 -26.72
CA THR B 2230 -34.40 84.65 -25.91
C THR B 2230 -35.71 84.59 -26.68
N SER B 2231 -35.67 84.84 -27.99
CA SER B 2231 -36.89 84.81 -28.80
C SER B 2231 -37.49 83.40 -28.84
N CYS B 2232 -36.66 82.39 -29.10
CA CYS B 2232 -37.14 81.02 -29.13
C CYS B 2232 -37.57 80.55 -27.74
N CYS B 2233 -36.83 80.95 -26.70
CA CYS B 2233 -37.23 80.54 -25.35
C CYS B 2233 -38.56 81.18 -24.94
N ARG B 2234 -38.77 82.45 -25.30
CA ARG B 2234 -40.04 83.12 -25.05
C ARG B 2234 -41.16 82.48 -25.83
N PHE B 2235 -40.90 82.12 -27.09
CA PHE B 2235 -41.91 81.46 -27.92
C PHE B 2235 -42.32 80.12 -27.30
N LEU B 2236 -41.34 79.35 -26.82
CA LEU B 2236 -41.66 78.06 -26.24
C LEU B 2236 -42.38 78.20 -24.90
N CYS B 2237 -41.98 79.21 -24.10
CA CYS B 2237 -42.69 79.49 -22.85
C CYS B 2237 -44.15 79.85 -23.11
N TYR B 2238 -44.39 80.71 -24.10
CA TYR B 2238 -45.76 81.13 -24.40
C TYR B 2238 -46.57 79.97 -24.97
N PHE B 2239 -45.94 79.13 -25.80
CA PHE B 2239 -46.60 77.94 -26.33
C PHE B 2239 -46.98 76.97 -25.21
N CYS B 2240 -46.09 76.80 -24.23
CA CYS B 2240 -46.43 76.02 -23.04
C CYS B 2240 -47.59 76.63 -22.27
N ARG B 2241 -47.58 77.96 -22.14
CA ARG B 2241 -48.64 78.67 -21.41
C ARG B 2241 -49.97 78.71 -22.16
N ILE B 2242 -49.99 78.33 -23.44
CA ILE B 2242 -51.22 78.46 -24.23
C ILE B 2242 -52.32 77.54 -23.68
N SER B 2243 -52.02 76.26 -23.50
CA SER B 2243 -53.04 75.27 -23.16
C SER B 2243 -52.37 73.94 -22.82
N ARG B 2244 -53.18 73.01 -22.31
CA ARG B 2244 -52.71 71.66 -22.05
C ARG B 2244 -52.58 70.87 -23.36
N GLN B 2245 -51.90 69.72 -23.24
CA GLN B 2245 -51.52 68.80 -24.32
C GLN B 2245 -50.39 69.38 -25.16
N ASN B 2246 -50.03 70.64 -24.89
CA ASN B 2246 -48.83 71.29 -25.39
C ASN B 2246 -47.71 71.19 -24.37
N GLN B 2247 -48.09 71.21 -23.09
CA GLN B 2247 -47.11 71.16 -22.01
C GLN B 2247 -46.39 69.82 -21.98
N ARG B 2248 -47.09 68.73 -22.33
CA ARG B 2248 -46.44 67.42 -22.40
C ARG B 2248 -45.41 67.37 -23.53
N SER B 2249 -45.76 67.94 -24.68
CA SER B 2249 -44.89 67.87 -25.86
C SER B 2249 -43.55 68.55 -25.61
N MET B 2250 -43.58 69.71 -24.95
CA MET B 2250 -42.35 70.38 -24.58
C MET B 2250 -41.79 69.83 -23.27
N PHE B 2251 -42.60 69.05 -22.54
CA PHE B 2251 -42.15 68.36 -21.33
C PHE B 2251 -41.22 67.21 -21.64
N ASP B 2252 -41.36 66.59 -22.83
CA ASP B 2252 -40.42 65.52 -23.17
C ASP B 2252 -38.98 66.01 -23.27
N HIS B 2253 -38.76 67.31 -23.48
CA HIS B 2253 -37.43 67.87 -23.69
C HIS B 2253 -36.78 68.35 -22.41
N LEU B 2254 -37.28 67.92 -21.24
CA LEU B 2254 -36.88 68.50 -19.96
C LEU B 2254 -35.38 68.29 -19.71
N SER B 2255 -34.89 67.07 -19.93
CA SER B 2255 -33.50 66.77 -19.62
C SER B 2255 -32.54 67.57 -20.51
N TYR B 2256 -32.83 67.64 -21.82
CA TYR B 2256 -31.98 68.39 -22.72
C TYR B 2256 -32.01 69.87 -22.40
N LEU B 2257 -33.20 70.40 -22.09
CA LEU B 2257 -33.31 71.80 -21.67
C LEU B 2257 -32.50 72.04 -20.41
N LEU B 2258 -32.50 71.07 -19.48
CA LEU B 2258 -31.79 71.24 -18.22
C LEU B 2258 -30.29 71.31 -18.43
N GLU B 2259 -29.71 70.37 -19.19
CA GLU B 2259 -28.26 70.48 -19.35
C GLU B 2259 -27.85 71.51 -20.39
N ASN B 2260 -28.79 72.08 -21.16
CA ASN B 2260 -28.44 73.28 -21.92
C ASN B 2260 -28.59 74.56 -21.11
N SER B 2261 -29.41 74.54 -20.06
CA SER B 2261 -29.67 75.75 -19.28
C SER B 2261 -28.43 76.21 -18.51
N GLY B 2262 -27.60 75.25 -18.05
CA GLY B 2262 -26.48 75.60 -17.20
C GLY B 2262 -25.47 76.50 -17.87
N ILE B 2263 -25.11 76.20 -19.13
CA ILE B 2263 -24.22 77.08 -19.87
C ILE B 2263 -25.00 78.19 -20.56
N GLY B 2264 -26.29 78.00 -20.77
CA GLY B 2264 -27.13 78.91 -21.54
C GLY B 2264 -27.67 80.11 -20.80
N LEU B 2265 -27.17 80.41 -19.60
CA LEU B 2265 -27.64 81.59 -18.87
C LEU B 2265 -27.30 82.87 -19.63
N GLY B 2266 -26.01 83.16 -19.78
CA GLY B 2266 -25.58 84.34 -20.50
C GLY B 2266 -26.08 85.63 -19.88
N MET B 2267 -26.61 86.51 -20.72
CA MET B 2267 -27.16 87.79 -20.27
C MET B 2267 -28.59 87.60 -19.76
N GLN B 2268 -29.22 88.71 -19.39
CA GLN B 2268 -30.59 88.67 -18.90
C GLN B 2268 -31.55 88.44 -20.06
N GLY B 2269 -32.58 87.63 -19.81
CA GLY B 2269 -33.57 87.34 -20.82
C GLY B 2269 -34.19 85.98 -20.57
N SER B 2270 -34.94 85.53 -21.57
CA SER B 2270 -35.55 84.21 -21.51
C SER B 2270 -34.49 83.13 -21.62
N THR B 2271 -34.61 82.09 -20.80
CA THR B 2271 -33.65 81.02 -20.69
C THR B 2271 -34.37 79.68 -20.80
N PRO B 2272 -33.65 78.61 -21.16
CA PRO B 2272 -34.28 77.28 -21.14
C PRO B 2272 -34.80 76.86 -19.77
N LEU B 2273 -34.21 77.38 -18.69
CA LEU B 2273 -34.73 77.12 -17.36
C LEU B 2273 -36.15 77.64 -17.21
N ASP B 2274 -36.44 78.79 -17.82
CA ASP B 2274 -37.81 79.31 -17.81
C ASP B 2274 -38.77 78.39 -18.56
N VAL B 2275 -38.33 77.82 -19.68
CA VAL B 2275 -39.15 76.87 -20.42
C VAL B 2275 -39.41 75.61 -19.59
N ALA B 2276 -38.35 75.10 -18.93
CA ALA B 2276 -38.49 73.92 -18.11
C ALA B 2276 -39.43 74.16 -16.93
N ALA B 2277 -39.33 75.35 -16.32
CA ALA B 2277 -40.26 75.69 -15.25
C ALA B 2277 -41.69 75.83 -15.78
N ALA B 2278 -41.85 76.38 -16.98
CA ALA B 2278 -43.17 76.53 -17.58
C ALA B 2278 -43.78 75.19 -17.96
N SER B 2279 -42.96 74.16 -18.17
CA SER B 2279 -43.48 72.84 -18.48
C SER B 2279 -44.17 72.20 -17.28
N VAL B 2280 -43.78 72.58 -16.05
CA VAL B 2280 -44.32 71.96 -14.85
C VAL B 2280 -45.27 72.87 -14.08
N ILE B 2281 -45.59 74.06 -14.60
CA ILE B 2281 -46.42 75.01 -13.86
C ILE B 2281 -47.84 74.48 -13.74
N ASP B 2282 -48.36 74.43 -12.51
CA ASP B 2282 -49.76 74.26 -12.15
C ASP B 2282 -50.34 72.91 -12.57
N ASN B 2283 -49.51 71.89 -12.78
CA ASN B 2283 -49.97 70.58 -13.22
C ASN B 2283 -49.71 69.55 -12.12
N ASN B 2284 -50.79 69.05 -11.52
CA ASN B 2284 -50.66 67.96 -10.56
C ASN B 2284 -50.31 66.64 -11.25
N GLU B 2285 -50.93 66.36 -12.40
CA GLU B 2285 -50.43 65.31 -13.28
C GLU B 2285 -49.27 65.90 -14.09
N LEU B 2286 -48.17 65.13 -14.18
CA LEU B 2286 -46.78 65.55 -14.37
C LEU B 2286 -46.24 65.92 -13.00
N ALA B 2287 -44.99 66.42 -12.92
CA ALA B 2287 -44.42 66.93 -11.65
C ALA B 2287 -44.72 66.09 -10.41
N LEU B 2288 -45.46 64.98 -10.57
CA LEU B 2288 -45.55 63.88 -9.56
C LEU B 2288 -45.53 62.60 -10.37
N ALA B 2289 -45.48 62.74 -11.69
CA ALA B 2289 -45.46 61.61 -12.60
C ALA B 2289 -44.05 61.26 -13.09
N LEU B 2290 -43.41 62.17 -13.86
CA LEU B 2290 -42.14 61.88 -14.52
C LEU B 2290 -41.12 62.95 -14.11
N GLN B 2291 -40.54 62.78 -12.91
CA GLN B 2291 -39.43 63.61 -12.44
C GLN B 2291 -38.40 62.73 -11.74
N GLU B 2292 -37.99 61.64 -12.40
CA GLU B 2292 -37.16 60.60 -11.80
C GLU B 2292 -35.81 61.11 -11.29
N GLN B 2293 -34.97 61.61 -12.19
CA GLN B 2293 -33.58 61.89 -11.87
C GLN B 2293 -33.18 63.35 -12.10
N ASP B 2294 -34.05 64.16 -12.69
CA ASP B 2294 -33.70 65.54 -13.03
C ASP B 2294 -33.41 66.40 -11.80
N LEU B 2295 -34.10 66.11 -10.69
CA LEU B 2295 -33.87 66.87 -9.45
C LEU B 2295 -32.43 66.72 -8.97
N GLU B 2296 -31.87 65.51 -9.10
CA GLU B 2296 -30.46 65.31 -8.78
C GLU B 2296 -29.56 66.18 -9.65
N LYS B 2297 -29.89 66.32 -10.93
CA LYS B 2297 -29.14 67.19 -11.81
C LYS B 2297 -29.21 68.64 -11.33
N VAL B 2298 -30.39 69.10 -10.94
CA VAL B 2298 -30.54 70.47 -10.48
C VAL B 2298 -29.77 70.73 -9.18
N VAL B 2299 -29.84 69.79 -8.23
CA VAL B 2299 -29.14 70.03 -6.95
C VAL B 2299 -27.63 69.95 -7.16
N SER B 2300 -27.17 69.07 -8.07
CA SER B 2300 -25.74 69.01 -8.37
C SER B 2300 -25.26 70.29 -9.05
N TYR B 2301 -26.09 70.86 -9.95
CA TYR B 2301 -25.75 72.16 -10.53
C TYR B 2301 -25.71 73.24 -9.45
N LEU B 2302 -26.65 73.20 -8.51
CA LEU B 2302 -26.64 74.14 -7.40
C LEU B 2302 -25.37 74.00 -6.56
N ALA B 2303 -24.94 72.76 -6.30
CA ALA B 2303 -23.72 72.52 -5.54
C ALA B 2303 -22.50 73.03 -6.29
N GLY B 2304 -22.48 72.85 -7.62
CA GLY B 2304 -21.40 73.39 -8.43
C GLY B 2304 -21.36 74.90 -8.42
N CYS B 2305 -22.52 75.55 -8.37
CA CYS B 2305 -22.55 77.00 -8.24
C CYS B 2305 -22.16 77.44 -6.82
N GLY B 2306 -22.35 76.57 -5.82
CA GLY B 2306 -22.00 76.92 -4.47
C GLY B 2306 -20.50 77.13 -4.27
N LEU B 2307 -19.69 76.29 -4.89
CA LEU B 2307 -18.25 76.47 -4.89
C LEU B 2307 -17.84 77.35 -6.06
N GLN B 2308 -16.95 78.32 -5.78
CA GLN B 2308 -16.20 79.17 -6.70
C GLN B 2308 -17.11 80.25 -7.28
N SER B 2309 -16.52 81.27 -7.89
CA SER B 2309 -17.28 82.40 -8.41
C SER B 2309 -17.25 82.43 -9.94
N CYS B 2310 -18.29 83.02 -10.51
CA CYS B 2310 -18.39 83.12 -11.96
C CYS B 2310 -17.51 84.27 -12.46
N PRO B 2311 -16.78 84.07 -13.55
CA PRO B 2311 -15.84 85.11 -14.01
C PRO B 2311 -16.51 86.30 -14.66
N MET B 2312 -17.74 86.17 -15.17
CA MET B 2312 -18.31 87.23 -15.99
C MET B 2312 -18.67 88.47 -15.18
N LEU B 2313 -18.99 88.31 -13.89
CA LEU B 2313 -19.21 89.46 -13.03
C LEU B 2313 -17.91 89.94 -12.41
N LEU B 2314 -16.96 89.02 -12.20
CA LEU B 2314 -15.67 89.37 -11.61
C LEU B 2314 -14.86 90.30 -12.51
N ALA B 2315 -15.07 90.21 -13.84
CA ALA B 2315 -14.26 90.98 -14.78
C ALA B 2315 -14.49 92.48 -14.63
N LYS B 2316 -15.73 92.89 -14.40
CA LYS B 2316 -16.09 94.30 -14.35
C LYS B 2316 -16.62 94.68 -12.97
N GLY B 2317 -15.81 95.39 -12.19
CA GLY B 2317 -16.24 96.04 -10.97
C GLY B 2317 -16.80 95.15 -9.88
N TYR B 2318 -16.06 94.11 -9.48
CA TYR B 2318 -16.54 93.22 -8.44
C TYR B 2318 -15.47 93.01 -7.37
N PRO B 2319 -15.88 92.79 -6.13
CA PRO B 2319 -14.91 92.52 -5.05
C PRO B 2319 -14.37 91.11 -5.03
N ASP B 2320 -14.57 90.33 -6.11
CA ASP B 2320 -14.12 88.94 -6.19
C ASP B 2320 -14.75 88.08 -5.09
N ILE B 2321 -16.01 88.37 -4.77
CA ILE B 2321 -16.71 87.63 -3.73
C ILE B 2321 -17.06 86.25 -4.27
N GLY B 2322 -16.59 85.21 -3.59
CA GLY B 2322 -16.91 83.85 -3.98
C GLY B 2322 -18.37 83.52 -3.73
N TRP B 2323 -18.80 82.43 -4.37
CA TRP B 2323 -20.15 81.90 -4.28
C TRP B 2323 -21.19 82.98 -4.63
N ASN B 2324 -21.30 83.24 -5.93
CA ASN B 2324 -22.19 84.30 -6.40
C ASN B 2324 -23.65 83.90 -6.25
N PRO B 2325 -24.48 84.72 -5.61
CA PRO B 2325 -25.92 84.39 -5.48
C PRO B 2325 -26.69 84.51 -6.78
N CYS B 2326 -26.13 85.15 -7.81
CA CYS B 2326 -26.81 85.21 -9.11
C CYS B 2326 -26.91 83.84 -9.74
N GLY B 2327 -25.90 83.00 -9.54
CA GLY B 2327 -25.95 81.62 -9.99
C GLY B 2327 -26.45 80.69 -8.91
N GLY B 2328 -27.71 80.29 -9.01
CA GLY B 2328 -28.31 79.43 -8.01
C GLY B 2328 -29.73 79.85 -7.65
N GLU B 2329 -30.02 81.14 -7.76
CA GLU B 2329 -31.37 81.62 -7.48
C GLU B 2329 -32.37 81.06 -8.49
N ARG B 2330 -31.98 80.98 -9.76
CA ARG B 2330 -32.85 80.39 -10.78
C ARG B 2330 -33.09 78.91 -10.52
N TYR B 2331 -32.05 78.19 -10.09
CA TYR B 2331 -32.21 76.78 -9.73
C TYR B 2331 -33.15 76.62 -8.54
N LEU B 2332 -33.01 77.49 -7.54
CA LEU B 2332 -33.92 77.46 -6.39
C LEU B 2332 -35.35 77.78 -6.80
N ASP B 2333 -35.54 78.69 -7.76
CA ASP B 2333 -36.87 79.00 -8.25
C ASP B 2333 -37.48 77.81 -8.99
N PHE B 2334 -36.67 77.11 -9.80
CA PHE B 2334 -37.16 75.92 -10.48
C PHE B 2334 -37.52 74.83 -9.48
N LEU B 2335 -36.70 74.65 -8.44
CA LEU B 2335 -37.02 73.68 -7.39
C LEU B 2335 -38.29 74.05 -6.66
N ARG B 2336 -38.49 75.35 -6.38
CA ARG B 2336 -39.71 75.81 -5.73
C ARG B 2336 -40.94 75.55 -6.61
N PHE B 2337 -40.82 75.78 -7.92
CA PHE B 2337 -41.91 75.45 -8.83
C PHE B 2337 -42.16 73.96 -8.88
N ALA B 2338 -41.12 73.15 -8.71
CA ALA B 2338 -41.29 71.70 -8.75
C ALA B 2338 -41.99 71.18 -7.50
N VAL B 2339 -41.60 71.66 -6.32
CA VAL B 2339 -42.09 71.07 -5.09
C VAL B 2339 -43.53 71.50 -4.79
N PHE B 2340 -43.91 72.72 -5.14
CA PHE B 2340 -45.19 73.30 -4.75
C PHE B 2340 -46.04 73.51 -5.99
N VAL B 2341 -47.21 72.87 -6.02
CA VAL B 2341 -48.12 72.98 -7.16
C VAL B 2341 -49.55 73.16 -6.63
N ASN B 2342 -50.28 74.10 -7.24
CA ASN B 2342 -51.72 74.27 -7.07
C ASN B 2342 -52.15 74.41 -5.61
N GLY B 2343 -51.26 74.90 -4.75
CA GLY B 2343 -51.59 75.22 -3.37
C GLY B 2343 -51.18 74.18 -2.34
N GLU B 2344 -50.82 72.97 -2.75
CA GLU B 2344 -50.34 71.95 -1.83
C GLU B 2344 -49.08 71.30 -2.38
N SER B 2345 -48.08 71.16 -1.51
CA SER B 2345 -46.82 70.53 -1.92
C SER B 2345 -47.01 69.02 -2.12
N VAL B 2346 -46.18 68.46 -3.00
CA VAL B 2346 -46.20 67.02 -3.26
C VAL B 2346 -45.17 66.35 -2.35
N GLU B 2347 -45.61 65.30 -1.65
CA GLU B 2347 -44.78 64.72 -0.59
C GLU B 2347 -43.56 64.00 -1.14
N GLU B 2348 -43.73 63.23 -2.21
CA GLU B 2348 -42.62 62.43 -2.74
C GLU B 2348 -41.49 63.31 -3.27
N ASN B 2349 -41.82 64.28 -4.12
CA ASN B 2349 -40.81 65.18 -4.65
C ASN B 2349 -40.15 65.99 -3.54
N ALA B 2350 -40.94 66.41 -2.54
CA ALA B 2350 -40.38 67.13 -1.41
C ALA B 2350 -39.36 66.28 -0.66
N ASN B 2351 -39.68 65.01 -0.43
CA ASN B 2351 -38.74 64.12 0.26
C ASN B 2351 -37.47 63.90 -0.56
N VAL B 2352 -37.61 63.69 -1.87
CA VAL B 2352 -36.45 63.45 -2.72
C VAL B 2352 -35.53 64.67 -2.74
N VAL B 2353 -36.11 65.86 -2.95
CA VAL B 2353 -35.27 67.05 -2.98
C VAL B 2353 -34.69 67.35 -1.60
N VAL B 2354 -35.40 67.00 -0.52
CA VAL B 2354 -34.84 67.15 0.82
C VAL B 2354 -33.60 66.27 0.97
N ARG B 2355 -33.68 65.02 0.53
CA ARG B 2355 -32.56 64.11 0.72
C ARG B 2355 -31.35 64.52 -0.13
N LEU B 2356 -31.56 64.81 -1.42
CA LEU B 2356 -30.44 65.22 -2.26
C LEU B 2356 -29.90 66.60 -1.86
N LEU B 2357 -30.75 67.46 -1.28
CA LEU B 2357 -30.27 68.74 -0.78
C LEU B 2357 -29.42 68.58 0.47
N ILE B 2358 -29.82 67.70 1.39
CA ILE B 2358 -29.11 67.63 2.65
C ILE B 2358 -27.86 66.76 2.50
N ARG B 2359 -27.82 65.92 1.45
CA ARG B 2359 -26.63 65.08 1.20
C ARG B 2359 -25.39 65.92 0.93
N LYS B 2360 -25.55 67.13 0.40
CA LYS B 2360 -24.42 68.01 0.14
C LYS B 2360 -24.57 69.28 0.98
N PRO B 2361 -23.70 69.51 1.97
CA PRO B 2361 -23.82 70.73 2.77
C PRO B 2361 -23.41 72.00 2.03
N GLU B 2362 -22.69 71.89 0.91
CA GLU B 2362 -22.20 73.08 0.22
C GLU B 2362 -23.30 73.86 -0.49
N CYS B 2363 -24.45 73.23 -0.76
CA CYS B 2363 -25.55 73.93 -1.42
C CYS B 2363 -26.08 75.08 -0.57
N PHE B 2364 -26.21 74.85 0.74
CA PHE B 2364 -26.56 75.92 1.65
C PHE B 2364 -25.39 76.90 1.79
N GLY B 2365 -25.71 78.11 2.20
CA GLY B 2365 -24.73 79.15 2.38
C GLY B 2365 -23.69 78.80 3.42
N PRO B 2366 -22.47 79.34 3.27
CA PRO B 2366 -21.40 79.02 4.22
C PRO B 2366 -21.62 79.53 5.62
N ALA B 2367 -22.60 80.42 5.84
CA ALA B 2367 -23.02 80.72 7.21
C ALA B 2367 -23.70 79.53 7.85
N LEU B 2368 -24.56 78.84 7.10
CA LEU B 2368 -25.27 77.68 7.63
C LEU B 2368 -24.32 76.49 7.82
N ARG B 2369 -23.43 76.28 6.86
CA ARG B 2369 -22.54 75.12 6.88
C ARG B 2369 -21.28 75.41 7.68
N GLY B 2370 -20.58 76.49 7.35
CA GLY B 2370 -19.37 76.83 8.07
C GLY B 2370 -19.63 77.46 9.42
N GLU B 2371 -18.67 77.27 10.33
CA GLU B 2371 -18.76 77.82 11.67
C GLU B 2371 -18.36 79.28 11.76
N GLY B 2372 -17.80 79.84 10.68
CA GLY B 2372 -17.53 81.27 10.67
C GLY B 2372 -18.80 82.10 10.66
N GLY B 2373 -19.79 81.70 9.86
CA GLY B 2373 -21.07 82.37 9.88
C GLY B 2373 -21.96 81.90 11.01
N SER B 2374 -23.07 82.64 11.21
CA SER B 2374 -24.01 82.39 12.32
C SER B 2374 -25.44 82.57 11.80
N GLY B 2375 -26.05 81.46 11.36
CA GLY B 2375 -27.44 81.49 10.93
C GLY B 2375 -27.67 82.43 9.76
N LEU B 2376 -28.77 83.19 9.84
CA LEU B 2376 -29.11 84.17 8.82
C LEU B 2376 -28.97 85.62 9.29
N LEU B 2377 -28.95 85.86 10.60
CA LEU B 2377 -28.90 87.24 11.10
C LEU B 2377 -27.56 87.89 10.80
N ALA B 2378 -26.47 87.15 11.04
CA ALA B 2378 -25.14 87.67 10.71
C ALA B 2378 -24.99 87.89 9.21
N ALA B 2379 -25.49 86.94 8.41
CA ALA B 2379 -25.42 87.10 6.95
C ALA B 2379 -26.27 88.26 6.47
N ILE B 2380 -27.46 88.43 7.04
CA ILE B 2380 -28.34 89.51 6.62
C ILE B 2380 -27.72 90.87 6.98
N GLU B 2381 -27.21 91.00 8.20
CA GLU B 2381 -26.57 92.26 8.59
C GLU B 2381 -25.28 92.50 7.82
N GLU B 2382 -24.59 91.43 7.41
CA GLU B 2382 -23.43 91.60 6.54
C GLU B 2382 -23.85 92.13 5.18
N ALA B 2383 -24.96 91.62 4.64
CA ALA B 2383 -25.47 92.14 3.37
C ALA B 2383 -25.88 93.60 3.50
N ILE B 2384 -26.50 93.98 4.62
CA ILE B 2384 -26.84 95.38 4.85
C ILE B 2384 -25.58 96.25 4.91
N ARG B 2385 -24.53 95.76 5.59
CA ARG B 2385 -23.31 96.55 5.69
C ARG B 2385 -22.59 96.68 4.34
N ILE B 2386 -22.64 95.63 3.51
CA ILE B 2386 -22.08 95.74 2.16
C ILE B 2386 -22.89 96.72 1.33
N SER B 2387 -24.22 96.71 1.47
CA SER B 2387 -25.05 97.66 0.75
C SER B 2387 -24.84 99.09 1.24
N GLU B 2388 -24.42 99.25 2.51
CA GLU B 2388 -24.19 100.58 3.04
C GLU B 2388 -22.92 101.23 2.48
N ASP B 2389 -21.89 100.43 2.20
CA ASP B 2389 -20.61 100.97 1.77
C ASP B 2389 -20.40 100.69 0.29
N PRO B 2390 -20.25 101.72 -0.58
CA PRO B 2390 -20.11 101.52 -2.02
C PRO B 2390 -19.23 100.32 -2.34
N ALA B 2391 -18.14 100.14 -1.59
CA ALA B 2391 -17.24 98.97 -1.80
C ALA B 2391 -17.26 98.11 -0.54
N ARG B 2392 -17.48 96.80 -0.70
CA ARG B 2392 -17.55 95.88 0.47
C ARG B 2392 -18.19 96.62 1.65
N ARG B 2415 -25.42 96.22 -13.37
CA ARG B 2415 -26.05 96.98 -12.29
C ARG B 2415 -26.73 96.05 -11.29
N VAL B 2416 -25.93 95.44 -10.42
CA VAL B 2416 -26.43 94.52 -9.41
C VAL B 2416 -25.86 94.93 -8.06
N HIS B 2417 -26.72 94.93 -7.03
CA HIS B 2417 -26.29 95.19 -5.67
C HIS B 2417 -26.05 93.85 -4.97
N LEU B 2418 -24.83 93.66 -4.45
CA LEU B 2418 -24.41 92.35 -3.96
C LEU B 2418 -25.19 91.93 -2.72
N GLY B 2419 -25.46 92.87 -1.80
CA GLY B 2419 -26.23 92.53 -0.62
C GLY B 2419 -27.66 92.15 -0.96
N HIS B 2420 -28.26 92.83 -1.94
CA HIS B 2420 -29.59 92.47 -2.40
C HIS B 2420 -29.62 91.07 -2.99
N ALA B 2421 -28.59 90.71 -3.76
CA ALA B 2421 -28.52 89.37 -4.34
C ALA B 2421 -28.32 88.31 -3.26
N ILE B 2422 -27.49 88.59 -2.25
CA ILE B 2422 -27.29 87.67 -1.13
C ILE B 2422 -28.60 87.43 -0.39
N MET B 2423 -29.31 88.52 -0.06
CA MET B 2423 -30.56 88.37 0.68
C MET B 2423 -31.64 87.73 -0.18
N SER B 2424 -31.60 87.94 -1.50
CA SER B 2424 -32.54 87.27 -2.40
C SER B 2424 -32.28 85.77 -2.42
N PHE B 2425 -31.00 85.36 -2.47
CA PHE B 2425 -30.66 83.94 -2.45
C PHE B 2425 -31.10 83.30 -1.13
N TYR B 2426 -30.84 83.97 0.00
CA TYR B 2426 -31.24 83.41 1.28
C TYR B 2426 -32.76 83.37 1.44
N ALA B 2427 -33.46 84.40 0.97
CA ALA B 2427 -34.92 84.40 1.02
C ALA B 2427 -35.51 83.31 0.14
N ALA B 2428 -34.92 83.09 -1.04
CA ALA B 2428 -35.38 82.02 -1.91
C ALA B 2428 -35.17 80.66 -1.28
N LEU B 2429 -34.02 80.45 -0.63
CA LEU B 2429 -33.77 79.18 0.05
C LEU B 2429 -34.76 78.97 1.20
N ILE B 2430 -35.03 80.03 1.97
CA ILE B 2430 -35.98 79.95 3.08
C ILE B 2430 -37.38 79.65 2.57
N ASP B 2431 -37.79 80.33 1.49
CA ASP B 2431 -39.11 80.09 0.90
C ASP B 2431 -39.23 78.66 0.38
N LEU B 2432 -38.18 78.16 -0.28
CA LEU B 2432 -38.20 76.79 -0.80
C LEU B 2432 -38.30 75.79 0.34
N LEU B 2433 -37.57 76.01 1.43
CA LEU B 2433 -37.73 75.17 2.61
C LEU B 2433 -39.11 75.32 3.25
N GLY B 2434 -39.75 76.49 3.08
CA GLY B 2434 -41.07 76.68 3.64
C GLY B 2434 -42.14 75.90 2.90
N ARG B 2435 -42.09 75.93 1.56
CA ARG B 2435 -43.04 75.12 0.79
C ARG B 2435 -42.78 73.63 0.95
N CYS B 2436 -41.53 73.25 1.25
CA CYS B 2436 -41.15 71.85 1.30
C CYS B 2436 -41.54 71.18 2.61
N ALA B 2437 -42.06 71.94 3.57
CA ALA B 2437 -42.55 71.37 4.82
C ALA B 2437 -43.79 70.52 4.57
N PRO B 2438 -44.09 69.58 5.48
CA PRO B 2438 -45.34 68.81 5.34
C PRO B 2438 -46.56 69.72 5.39
N GLU B 2439 -47.58 69.34 4.62
CA GLU B 2439 -48.70 70.23 4.32
C GLU B 2439 -49.92 69.86 5.16
N MET B 2440 -50.52 70.87 5.77
CA MET B 2440 -51.82 70.86 6.45
C MET B 2440 -51.81 70.04 7.73
N HIS B 2441 -50.68 69.40 8.09
CA HIS B 2441 -50.50 68.64 9.32
C HIS B 2441 -51.46 67.45 9.43
N LEU B 2442 -51.92 66.91 8.30
CA LEU B 2442 -52.76 65.71 8.35
C LEU B 2442 -51.95 64.44 8.16
N ILE B 2443 -50.82 64.51 7.45
CA ILE B 2443 -49.84 63.43 7.50
C ILE B 2443 -49.23 63.32 8.89
N GLN B 2444 -48.97 64.46 9.53
CA GLN B 2444 -48.22 64.48 10.79
C GLN B 2444 -49.03 63.87 11.93
N ALA B 2445 -50.35 63.84 11.82
CA ALA B 2445 -51.18 63.33 12.91
C ALA B 2445 -51.01 61.83 13.10
N GLY B 2446 -50.72 61.08 12.04
CA GLY B 2446 -50.68 59.64 12.16
C GLY B 2446 -49.47 58.91 11.59
N LYS B 2447 -48.64 59.59 10.79
CA LYS B 2447 -47.56 58.94 10.07
C LYS B 2447 -46.28 59.71 10.38
N GLY B 2448 -45.24 58.99 10.82
CA GLY B 2448 -44.03 59.59 11.36
C GLY B 2448 -43.03 60.13 10.36
N GLU B 2449 -43.25 59.89 9.06
CA GLU B 2449 -42.32 60.41 8.06
C GLU B 2449 -42.33 61.93 8.04
N ALA B 2450 -43.54 62.52 8.14
CA ALA B 2450 -43.63 63.97 8.25
C ALA B 2450 -43.00 64.47 9.56
N LEU B 2451 -43.09 63.68 10.63
CA LEU B 2451 -42.42 64.06 11.88
C LEU B 2451 -40.92 64.11 11.70
N ARG B 2452 -40.34 63.11 11.03
CA ARG B 2452 -38.89 63.11 10.79
C ARG B 2452 -38.48 64.26 9.87
N ILE B 2453 -39.27 64.52 8.83
CA ILE B 2453 -38.94 65.60 7.89
C ILE B 2453 -39.01 66.95 8.60
N ARG B 2454 -40.06 67.18 9.39
CA ARG B 2454 -40.18 68.42 10.13
C ARG B 2454 -39.09 68.55 11.19
N ALA B 2455 -38.65 67.43 11.77
CA ALA B 2455 -37.52 67.49 12.71
C ALA B 2455 -36.24 67.90 12.00
N ILE B 2456 -35.98 67.38 10.80
CA ILE B 2456 -34.77 67.76 10.08
C ILE B 2456 -34.82 69.24 9.71
N LEU B 2457 -35.92 69.69 9.10
CA LEU B 2457 -36.03 71.09 8.72
C LEU B 2457 -36.12 72.03 9.93
N ARG B 2458 -36.48 71.51 11.10
CA ARG B 2458 -36.31 72.28 12.32
C ARG B 2458 -34.83 72.35 12.72
N SER B 2459 -34.09 71.27 12.44
CA SER B 2459 -32.68 71.21 12.82
C SER B 2459 -31.82 72.15 11.97
N LEU B 2460 -32.16 72.34 10.69
CA LEU B 2460 -31.37 73.27 9.88
C LEU B 2460 -31.49 74.71 10.36
N VAL B 2461 -32.71 75.21 10.55
CA VAL B 2461 -32.92 76.61 10.88
C VAL B 2461 -33.32 76.72 12.35
N PRO B 2462 -32.55 77.42 13.18
CA PRO B 2462 -32.93 77.60 14.59
C PRO B 2462 -34.04 78.62 14.74
N LEU B 2463 -34.92 78.36 15.72
CA LEU B 2463 -35.96 79.30 16.07
C LEU B 2463 -35.37 80.48 16.83
N ASP B 2464 -36.01 81.65 16.63
CA ASP B 2464 -35.70 83.04 17.02
C ASP B 2464 -34.74 83.71 16.03
N ASP B 2465 -34.25 83.00 15.02
CA ASP B 2465 -33.51 83.66 13.94
C ASP B 2465 -34.45 84.42 13.02
N LEU B 2466 -35.61 83.83 12.71
CA LEU B 2466 -36.59 84.52 11.89
C LEU B 2466 -37.22 85.69 12.64
N VAL B 2467 -37.40 85.56 13.95
CA VAL B 2467 -37.89 86.66 14.76
C VAL B 2467 -36.86 87.78 14.80
N GLY B 2468 -35.57 87.44 14.85
CA GLY B 2468 -34.53 88.45 14.76
C GLY B 2468 -34.49 89.11 13.39
N ILE B 2469 -34.77 88.34 12.33
CA ILE B 2469 -34.81 88.90 10.99
C ILE B 2469 -35.95 89.90 10.85
N ILE B 2470 -37.15 89.52 11.30
CA ILE B 2470 -38.30 90.43 11.22
C ILE B 2470 -38.16 91.58 12.21
N SER B 2471 -37.32 91.44 13.24
CA SER B 2471 -37.06 92.54 14.16
C SER B 2471 -36.11 93.57 13.55
N LEU B 2472 -35.28 93.15 12.61
CA LEU B 2472 -34.33 94.06 11.96
C LEU B 2472 -35.07 95.08 11.11
N PRO B 2473 -34.89 96.41 11.31
CA PRO B 2473 -35.73 97.42 10.62
C PRO B 2473 -35.33 97.93 9.24
N LEU B 2474 -36.30 98.04 8.32
CA LEU B 2474 -36.05 98.62 6.96
C LEU B 2474 -35.93 100.14 7.06
N GLN B 2475 -35.25 100.77 6.09
CA GLN B 2475 -35.05 102.25 6.08
C GLN B 2475 -36.40 102.99 5.99
N ILE B 2476 -37.34 102.47 5.18
CA ILE B 2476 -38.67 103.14 4.97
C ILE B 2476 -38.47 104.61 4.57
N PRO B 2477 -37.96 104.89 3.36
CA PRO B 2477 -37.78 106.27 2.87
C PRO B 2477 -39.09 107.03 2.72
N THR B 2478 -40.21 106.30 2.59
CA THR B 2478 -41.59 106.77 2.47
C THR B 2478 -41.74 107.90 1.44
N LEU B 2479 -42.64 108.85 1.70
CA LEU B 2479 -42.97 109.99 0.83
C LEU B 2479 -43.04 109.66 -0.66
N UNK B 2488 -40.06 106.98 -2.91
CA UNK B 2488 -39.21 106.28 -1.97
C UNK B 2488 -37.74 106.45 -2.33
N UNK B 2489 -37.05 105.35 -2.59
CA UNK B 2489 -35.63 105.39 -2.94
C UNK B 2489 -35.27 104.24 -3.88
N UNK B 2490 -34.17 103.56 -3.59
CA UNK B 2490 -33.72 102.45 -4.41
C UNK B 2490 -34.59 101.22 -4.19
N UNK B 2491 -34.82 100.46 -5.26
CA UNK B 2491 -35.62 99.24 -5.17
C UNK B 2491 -34.73 98.04 -4.90
N UNK B 2492 -33.42 98.29 -4.87
CA UNK B 2492 -32.46 97.23 -4.60
C UNK B 2492 -31.77 97.44 -3.27
N UNK B 2493 -32.50 97.22 -2.18
CA UNK B 2493 -31.95 97.41 -0.84
C UNK B 2493 -32.34 96.25 0.08
N UNK B 2494 -33.07 96.56 1.15
CA UNK B 2494 -33.48 95.55 2.12
C UNK B 2494 -34.79 94.89 1.70
N UNK B 2495 -35.65 95.66 1.03
CA UNK B 2495 -36.89 95.20 0.38
C UNK B 2495 -37.97 94.66 1.32
N UNK B 2496 -39.19 95.14 1.11
CA UNK B 2496 -40.35 94.67 1.85
C UNK B 2496 -41.10 93.62 1.03
N UNK B 2497 -40.37 92.62 0.56
CA UNK B 2497 -40.95 91.56 -0.27
C UNK B 2497 -40.37 90.20 0.07
N UNK B 2498 -39.40 90.18 0.99
CA UNK B 2498 -38.78 88.95 1.42
C UNK B 2498 -39.14 88.65 2.87
N UNK B 2499 -39.90 89.55 3.49
CA UNK B 2499 -40.36 89.37 4.86
C UNK B 2499 -41.45 88.29 4.90
N UNK B 2500 -42.14 88.13 3.78
CA UNK B 2500 -43.17 87.09 3.66
C UNK B 2500 -42.52 85.72 3.50
N UNK B 2501 -41.29 85.71 3.00
CA UNK B 2501 -40.54 84.47 2.82
C UNK B 2501 -40.11 83.94 4.19
N UNK B 2502 -39.72 84.85 5.07
CA UNK B 2502 -39.32 84.48 6.43
C UNK B 2502 -40.55 84.18 7.29
N UNK B 2503 -41.70 84.68 6.85
CA UNK B 2503 -42.95 84.43 7.56
C UNK B 2503 -43.67 83.22 6.97
N UNK B 2504 -43.02 82.54 6.04
CA UNK B 2504 -43.58 81.36 5.41
C UNK B 2504 -43.01 80.09 6.02
N UNK B 2505 -41.80 80.20 6.58
CA UNK B 2505 -41.16 79.07 7.22
C UNK B 2505 -41.47 79.03 8.71
N UNK B 2506 -42.28 80.00 9.16
CA UNK B 2506 -42.66 80.09 10.56
C UNK B 2506 -44.03 79.47 10.79
N UNK B 2507 -44.90 79.57 9.80
CA UNK B 2507 -46.24 79.01 9.90
C UNK B 2507 -46.36 77.71 9.12
N UNK B 2508 -45.30 76.91 9.15
CA UNK B 2508 -45.27 75.63 8.43
C UNK B 2508 -44.35 74.64 9.12
N UNK B 2509 -43.33 75.15 9.81
CA UNK B 2509 -42.36 74.29 10.48
C UNK B 2509 -42.06 74.78 11.89
N UNK B 2510 -42.91 75.68 12.40
CA UNK B 2510 -42.71 76.23 13.73
C UNK B 2510 -44.05 76.52 14.41
N UNK B 2511 -44.95 77.15 13.66
CA UNK B 2511 -46.29 77.54 14.11
C UNK B 2511 -46.28 78.52 15.29
N UNK B 2512 -47.48 78.97 15.66
CA UNK B 2512 -47.61 79.93 16.75
C UNK B 2512 -48.47 79.37 17.89
N UNK B 2513 -47.91 79.35 19.09
CA UNK B 2513 -48.63 78.85 20.25
C UNK B 2513 -49.46 79.98 20.87
N UNK B 2514 -48.84 80.77 21.73
CA UNK B 2514 -49.51 81.88 22.39
C UNK B 2514 -48.51 82.89 22.96
N UNK B 2515 -47.34 82.39 23.35
CA UNK B 2515 -46.34 83.22 24.02
C UNK B 2515 -45.53 84.07 23.04
N UNK B 2516 -45.16 83.48 21.91
CA UNK B 2516 -44.37 84.18 20.91
C UNK B 2516 -45.24 85.19 20.14
N UNK B 2517 -46.55 85.05 20.28
CA UNK B 2517 -47.51 85.93 19.63
C UNK B 2517 -47.36 87.37 20.11
N UNK B 2518 -46.90 87.55 21.35
CA UNK B 2518 -46.66 88.88 21.89
C UNK B 2518 -45.61 89.64 21.08
N UNK B 2519 -44.43 89.03 20.94
CA UNK B 2519 -43.34 89.64 20.18
C UNK B 2519 -43.68 89.70 18.69
N UNK B 2520 -44.43 88.71 18.20
CA UNK B 2520 -44.86 88.70 16.81
C UNK B 2520 -45.77 89.88 16.51
N UNK B 2521 -46.74 90.13 17.39
CA UNK B 2521 -47.66 91.25 17.25
C UNK B 2521 -46.94 92.57 17.51
N UNK B 2522 -45.89 92.56 18.32
CA UNK B 2522 -45.08 93.76 18.53
C UNK B 2522 -44.39 94.17 17.24
N UNK B 2523 -43.74 93.20 16.60
CA UNK B 2523 -43.08 93.41 15.32
C UNK B 2523 -44.09 93.82 14.24
N UNK B 2524 -45.23 93.16 14.24
CA UNK B 2524 -46.30 93.47 13.29
C UNK B 2524 -46.87 94.85 13.52
N UNK B 2525 -46.90 95.29 14.77
CA UNK B 2525 -47.42 96.61 15.12
C UNK B 2525 -46.44 97.68 14.67
N UNK B 2526 -45.15 97.39 14.82
CA UNK B 2526 -44.11 98.27 14.28
C UNK B 2526 -44.26 98.40 12.75
N UNK B 2527 -44.48 97.26 12.11
CA UNK B 2527 -44.70 97.20 10.67
C UNK B 2527 -45.92 98.03 10.24
N UNK B 2528 -47.04 97.86 10.95
CA UNK B 2528 -48.28 98.56 10.63
C UNK B 2528 -48.21 100.03 10.98
N UNK B 2529 -47.38 100.40 11.94
CA UNK B 2529 -47.17 101.79 12.30
C UNK B 2529 -46.30 102.47 11.26
N UNK B 2530 -45.44 101.67 10.62
CA UNK B 2530 -44.64 102.18 9.51
C UNK B 2530 -45.47 102.25 8.22
N UNK B 2531 -46.45 101.37 8.11
CA UNK B 2531 -47.24 101.24 6.88
C UNK B 2531 -48.52 102.08 6.84
N UNK B 2532 -49.05 102.44 7.99
CA UNK B 2532 -50.36 103.11 8.05
C UNK B 2532 -50.24 104.64 7.94
N UNK B 2533 -49.25 105.21 8.60
CA UNK B 2533 -49.08 106.67 8.64
C UNK B 2533 -48.67 107.26 7.30
N UNK B 2534 -48.25 106.41 6.37
CA UNK B 2534 -47.83 106.88 5.05
C UNK B 2534 -49.02 106.96 4.08
N UNK B 2535 -49.58 108.16 3.96
CA UNK B 2535 -50.70 108.38 3.05
C UNK B 2535 -50.51 109.68 2.29
N UNK B 2536 -51.54 110.08 1.53
CA UNK B 2536 -51.54 111.31 0.72
C UNK B 2536 -50.37 111.35 -0.26
N UNK B 2537 -49.24 111.84 0.20
CA UNK B 2537 -48.03 111.91 -0.61
C UNK B 2537 -47.28 110.59 -0.58
N UNK B 2538 -47.84 109.57 -1.22
CA UNK B 2538 -47.23 108.25 -1.25
C UNK B 2538 -47.34 107.64 -2.65
N UNK B 2539 -47.83 106.40 -2.71
CA UNK B 2539 -47.99 105.64 -3.96
C UNK B 2539 -46.68 105.53 -4.73
N UNK B 2540 -45.59 105.31 -4.01
CA UNK B 2540 -44.27 105.18 -4.62
C UNK B 2540 -43.84 103.72 -4.66
N UNK B 2541 -42.70 103.43 -4.05
CA UNK B 2541 -42.18 102.07 -4.00
C UNK B 2541 -42.53 101.40 -2.68
N UNK B 2542 -43.73 101.70 -2.16
CA UNK B 2542 -44.21 101.12 -0.92
C UNK B 2542 -45.09 99.91 -1.21
N UNK B 2543 -44.46 98.77 -1.45
CA UNK B 2543 -45.19 97.53 -1.75
C UNK B 2543 -45.40 96.71 -0.49
N UNK B 2544 -45.23 97.36 0.67
CA UNK B 2544 -45.35 96.69 1.96
C UNK B 2544 -46.75 96.15 2.22
N UNK B 2545 -47.74 96.68 1.51
CA UNK B 2545 -49.11 96.19 1.60
C UNK B 2545 -49.16 94.74 1.11
N UNK B 2546 -48.35 94.41 0.11
CA UNK B 2546 -48.20 93.04 -0.34
C UNK B 2546 -47.59 92.20 0.78
N UNK B 2547 -46.66 92.81 1.52
CA UNK B 2547 -46.07 92.17 2.68
C UNK B 2547 -47.07 92.16 3.83
N UNK B 2548 -48.11 92.97 3.71
CA UNK B 2548 -49.22 92.95 4.66
C UNK B 2548 -50.32 92.04 4.13
N UNK B 2549 -50.06 91.43 2.98
CA UNK B 2549 -51.00 90.48 2.38
C UNK B 2549 -50.94 89.15 3.09
N UNK B 2550 -49.75 88.78 3.55
CA UNK B 2550 -49.53 87.47 4.18
C UNK B 2550 -49.63 87.55 5.71
N UNK B 2551 -48.90 88.48 6.31
CA UNK B 2551 -48.80 88.60 7.76
C UNK B 2551 -50.15 88.80 8.44
N UNK B 2552 -50.94 89.71 7.91
CA UNK B 2552 -52.29 89.97 8.41
C UNK B 2552 -53.16 88.72 8.25
N UNK B 2553 -52.88 87.93 7.21
CA UNK B 2553 -53.54 86.65 7.00
C UNK B 2553 -53.29 85.72 8.18
N UNK B 2554 -52.05 85.74 8.68
CA UNK B 2554 -51.70 84.98 9.86
C UNK B 2554 -52.44 85.56 11.06
N UNK B 2555 -52.62 86.89 11.04
CA UNK B 2555 -53.37 87.58 12.07
C UNK B 2555 -54.86 87.28 11.93
N UNK B 2556 -55.25 86.75 10.77
CA UNK B 2556 -56.62 86.31 10.55
C UNK B 2556 -56.79 84.87 11.03
N UNK B 2557 -55.68 84.24 11.41
CA UNK B 2557 -55.71 82.86 11.89
C UNK B 2557 -55.19 82.75 13.32
N UNK B 2558 -55.70 83.62 14.19
CA UNK B 2558 -55.30 83.61 15.59
C UNK B 2558 -56.37 84.24 16.47
N UNK B 2559 -57.26 83.40 17.00
CA UNK B 2559 -58.33 83.88 17.87
C UNK B 2559 -58.09 83.41 19.31
N UNK B 2560 -56.83 83.46 19.74
CA UNK B 2560 -56.46 83.05 21.08
C UNK B 2560 -55.71 84.16 21.81
N UNK B 2561 -56.35 85.32 21.92
CA UNK B 2561 -55.74 86.47 22.59
C UNK B 2561 -56.56 86.87 23.81
N UNK B 2562 -56.05 87.82 24.58
CA UNK B 2562 -56.73 88.30 25.77
C UNK B 2562 -56.38 89.75 26.07
N UNK B 2563 -56.59 90.17 27.32
CA UNK B 2563 -56.31 91.53 27.72
C UNK B 2563 -55.45 91.55 28.98
N UNK B 2564 -54.16 91.88 28.81
CA UNK B 2564 -53.23 91.93 29.92
C UNK B 2564 -52.14 92.97 29.66
N UNK B 2565 -52.26 93.68 28.53
CA UNK B 2565 -51.29 94.70 28.17
C UNK B 2565 -51.98 95.88 27.48
N UNK B 2566 -51.18 96.74 26.86
CA UNK B 2566 -51.71 97.91 26.17
C UNK B 2566 -51.26 97.93 24.71
N UNK B 2567 -50.49 96.93 24.32
CA UNK B 2567 -49.98 96.82 22.96
C UNK B 2567 -51.08 96.39 21.99
N UNK B 2568 -52.03 95.62 22.50
CA UNK B 2568 -53.13 95.11 21.69
C UNK B 2568 -54.02 96.25 21.19
N UNK B 2569 -54.30 97.21 22.06
CA UNK B 2569 -55.13 98.35 21.72
C UNK B 2569 -54.45 99.22 20.67
N UNK B 2570 -53.15 99.47 20.83
CA UNK B 2570 -52.38 100.26 19.89
C UNK B 2570 -52.31 99.57 18.53
N UNK B 2571 -52.12 98.25 18.55
CA UNK B 2571 -52.07 97.46 17.34
C UNK B 2571 -53.41 97.50 16.60
N UNK B 2572 -54.50 97.40 17.35
CA UNK B 2572 -55.85 97.47 16.78
C UNK B 2572 -56.11 98.84 16.18
N UNK B 2573 -55.66 99.88 16.86
CA UNK B 2573 -55.81 101.25 16.37
C UNK B 2573 -55.03 101.45 15.07
N UNK B 2574 -53.80 100.95 15.03
CA UNK B 2574 -52.97 101.03 13.84
C UNK B 2574 -53.59 100.28 12.66
N UNK B 2575 -54.12 99.09 12.94
CA UNK B 2575 -54.78 98.28 11.93
C UNK B 2575 -56.03 98.97 11.39
N UNK B 2576 -56.79 99.58 12.28
CA UNK B 2576 -58.00 100.30 11.89
C UNK B 2576 -57.66 101.53 11.05
N UNK B 2577 -56.60 102.22 11.41
CA UNK B 2577 -56.15 103.40 10.67
C UNK B 2577 -55.64 103.00 9.29
N UNK B 2578 -55.02 101.82 9.20
CA UNK B 2578 -54.52 101.32 7.93
C UNK B 2578 -55.66 100.86 7.02
N UNK B 2579 -56.66 100.22 7.60
CA UNK B 2579 -57.77 99.66 6.83
C UNK B 2579 -58.78 100.70 6.39
N UNK B 2580 -59.22 101.54 7.32
CA UNK B 2580 -60.23 102.55 7.04
C UNK B 2580 -59.69 103.64 6.12
N UNK B 2581 -58.65 104.32 6.56
CA UNK B 2581 -58.03 105.38 5.77
C UNK B 2581 -57.12 104.79 4.70
N UNK B 2582 -57.73 104.21 3.67
CA UNK B 2582 -56.97 103.61 2.58
C UNK B 2582 -56.49 104.66 1.60
N UNK B 2583 -55.19 104.66 1.33
CA UNK B 2583 -54.60 105.62 0.40
C UNK B 2583 -54.84 105.19 -1.05
N UNK B 2584 -54.26 104.05 -1.43
CA UNK B 2584 -54.42 103.53 -2.78
C UNK B 2584 -54.25 102.02 -2.79
N UNK B 2585 -53.65 101.49 -1.73
CA UNK B 2585 -53.41 100.05 -1.63
C UNK B 2585 -54.66 99.33 -1.14
N UNK B 2586 -55.46 98.83 -2.09
CA UNK B 2586 -56.68 98.11 -1.76
C UNK B 2586 -57.06 97.15 -2.89
N UNK B 2587 -57.70 97.69 -3.93
CA UNK B 2587 -58.13 96.93 -5.10
C UNK B 2587 -59.03 95.74 -4.76
N UNK B 2588 -59.85 95.90 -3.73
CA UNK B 2588 -60.79 94.88 -3.25
C UNK B 2588 -60.12 93.55 -2.96
N UNK B 2589 -58.94 93.59 -2.35
CA UNK B 2589 -58.20 92.39 -2.02
C UNK B 2589 -57.53 92.52 -0.66
N UNK B 2590 -56.62 93.50 -0.55
CA UNK B 2590 -55.91 93.74 0.71
C UNK B 2590 -56.84 94.39 1.73
N UNK B 2591 -57.68 95.30 1.25
CA UNK B 2591 -58.64 96.00 2.11
C UNK B 2591 -59.68 95.04 2.65
N UNK B 2592 -60.14 94.12 1.79
CA UNK B 2592 -61.12 93.11 2.20
C UNK B 2592 -60.52 92.17 3.24
N UNK B 2593 -59.26 91.78 3.04
CA UNK B 2593 -58.56 90.92 3.98
C UNK B 2593 -58.36 91.62 5.32
N UNK B 2594 -58.04 92.91 5.27
CA UNK B 2594 -57.87 93.71 6.48
C UNK B 2594 -59.18 93.83 7.25
N UNK B 2595 -60.27 94.04 6.52
CA UNK B 2595 -61.60 94.13 7.12
C UNK B 2595 -62.01 92.80 7.75
N UNK B 2596 -61.69 91.70 7.07
CA UNK B 2596 -61.97 90.36 7.59
C UNK B 2596 -61.18 90.09 8.86
N UNK B 2597 -59.91 90.48 8.88
CA UNK B 2597 -59.06 90.33 10.05
C UNK B 2597 -59.57 91.16 11.21
N UNK B 2598 -60.01 92.39 10.92
CA UNK B 2598 -60.57 93.27 11.93
C UNK B 2598 -61.86 92.69 12.51
N UNK B 2599 -62.70 92.13 11.65
CA UNK B 2599 -63.94 91.49 12.09
C UNK B 2599 -63.66 90.27 12.97
N UNK B 2600 -62.66 89.49 12.59
CA UNK B 2600 -62.28 88.31 13.35
C UNK B 2600 -61.70 88.69 14.71
N UNK B 2601 -60.97 89.80 14.75
CA UNK B 2601 -60.38 90.28 15.99
C UNK B 2601 -61.42 90.92 16.90
N UNK B 2602 -62.45 91.51 16.31
CA UNK B 2602 -63.51 92.14 17.08
C UNK B 2602 -64.57 91.12 17.51
N UNK B 2603 -64.56 89.96 16.87
CA UNK B 2603 -65.50 88.89 17.20
C UNK B 2603 -65.16 88.28 18.56
N UNK B 2604 -63.96 87.73 18.69
CA UNK B 2604 -63.52 87.14 19.94
C UNK B 2604 -62.07 87.50 20.24
N UNK B 2605 -61.47 86.77 21.19
CA UNK B 2605 -60.08 86.97 21.60
C UNK B 2605 -59.78 88.40 22.05
N UNK B 2606 -60.73 88.99 22.77
CA UNK B 2606 -60.58 90.36 23.26
C UNK B 2606 -61.42 90.60 24.51
N UNK B 2607 -61.23 91.76 25.13
CA UNK B 2607 -61.96 92.12 26.33
C UNK B 2607 -62.08 93.63 26.48
N UNK B 2608 -63.29 94.14 26.30
CA UNK B 2608 -63.61 95.57 26.44
C UNK B 2608 -62.78 96.48 25.54
N UNK B 2609 -61.51 96.64 25.88
CA UNK B 2609 -60.55 97.49 25.16
C UNK B 2609 -61.01 98.96 25.11
N UNK B 2610 -60.51 99.75 26.05
CA UNK B 2610 -60.91 101.14 26.21
C UNK B 2610 -60.43 102.04 25.07
N UNK B 2611 -59.23 101.79 24.56
CA UNK B 2611 -58.70 102.58 23.46
C UNK B 2611 -59.46 102.26 22.18
N UNK B 2612 -59.81 100.99 22.00
CA UNK B 2612 -60.64 100.58 20.89
C UNK B 2612 -62.04 101.17 21.03
N UNK B 2613 -62.49 101.32 22.29
CA UNK B 2613 -63.77 101.96 22.57
C UNK B 2613 -63.74 103.43 22.16
N UNK B 2614 -62.62 104.10 22.45
CA UNK B 2614 -62.43 105.50 22.05
C UNK B 2614 -62.39 105.63 20.53
N UNK B 2615 -61.74 104.66 19.88
CA UNK B 2615 -61.67 104.61 18.43
C UNK B 2615 -63.06 104.43 17.82
N UNK B 2616 -63.86 103.58 18.44
CA UNK B 2616 -65.24 103.34 18.02
C UNK B 2616 -66.08 104.60 18.21
N UNK B 2617 -65.84 105.31 19.30
CA UNK B 2617 -66.51 106.58 19.57
C UNK B 2617 -66.18 107.62 18.49
N UNK B 2618 -64.90 107.65 18.09
CA UNK B 2618 -64.45 108.54 17.02
C UNK B 2618 -65.11 108.18 15.69
N UNK B 2619 -65.19 106.88 15.42
CA UNK B 2619 -65.84 106.38 14.21
C UNK B 2619 -67.34 106.71 14.19
N UNK B 2620 -67.94 106.71 15.38
CA UNK B 2620 -69.35 107.08 15.53
C UNK B 2620 -69.53 108.58 15.31
N UNK B 2621 -68.54 109.35 15.75
CA UNK B 2621 -68.52 110.80 15.53
C UNK B 2621 -68.40 111.08 14.03
N UNK B 2622 -67.69 110.21 13.32
CA UNK B 2622 -67.62 110.30 11.86
C UNK B 2622 -68.97 109.95 11.25
N UNK B 2623 -69.30 108.66 11.22
CA UNK B 2623 -70.58 108.14 10.71
C UNK B 2623 -70.87 108.57 9.27
N UNK B 2624 -71.94 109.36 9.10
CA UNK B 2624 -72.38 109.86 7.80
C UNK B 2624 -72.65 108.73 6.79
N UNK B 2625 -72.43 109.02 5.52
CA UNK B 2625 -72.66 108.03 4.46
C UNK B 2625 -71.46 108.00 3.50
N UNK B 2626 -70.39 107.32 3.92
CA UNK B 2626 -69.19 107.21 3.10
C UNK B 2626 -68.97 105.77 2.65
N UNK B 2627 -68.38 105.62 1.47
CA UNK B 2627 -68.12 104.29 0.92
C UNK B 2627 -66.79 103.74 1.45
N UNK B 2628 -65.98 104.61 2.02
CA UNK B 2628 -64.69 104.21 2.58
C UNK B 2628 -64.83 103.86 4.06
N UNK B 2629 -66.06 103.97 4.56
CA UNK B 2629 -66.35 103.67 5.96
C UNK B 2629 -67.83 103.35 6.16
N UNK B 2630 -68.19 102.10 5.93
CA UNK B 2630 -69.58 101.68 6.08
C UNK B 2630 -69.67 100.27 6.68
N UNK B 2631 -68.57 99.54 6.63
CA UNK B 2631 -68.53 98.18 7.16
C UNK B 2631 -68.39 98.20 8.69
N UNK B 2632 -67.98 99.34 9.23
CA UNK B 2632 -67.75 99.50 10.66
C UNK B 2632 -69.01 99.27 11.49
N UNK B 2633 -70.16 99.60 10.91
CA UNK B 2633 -71.46 99.37 11.56
C UNK B 2633 -71.70 97.88 11.74
N UNK B 2634 -71.16 97.08 10.84
CA UNK B 2634 -71.22 95.63 10.96
C UNK B 2634 -70.43 95.19 12.19
N UNK B 2635 -69.35 95.89 12.47
CA UNK B 2635 -68.57 95.68 13.69
C UNK B 2635 -69.41 96.10 14.89
N UNK B 2636 -70.28 97.09 14.66
CA UNK B 2636 -71.25 97.51 15.66
C UNK B 2636 -72.26 96.38 15.87
N UNK B 2637 -72.50 95.60 14.82
CA UNK B 2637 -73.29 94.39 14.92
C UNK B 2637 -72.58 93.39 15.83
N UNK B 2638 -71.25 93.40 15.76
CA UNK B 2638 -70.43 92.61 16.67
C UNK B 2638 -70.50 93.23 18.06
N UNK B 2639 -70.73 94.54 18.11
CA UNK B 2639 -71.00 95.23 19.37
C UNK B 2639 -72.40 94.85 19.84
N UNK B 2640 -73.23 94.40 18.90
CA UNK B 2640 -74.52 93.81 19.23
C UNK B 2640 -74.30 92.43 19.86
N UNK B 2641 -73.16 91.82 19.54
CA UNK B 2641 -72.77 90.56 20.15
C UNK B 2641 -72.47 90.80 21.63
N UNK B 2642 -72.61 89.75 22.44
CA UNK B 2642 -72.53 89.83 23.89
C UNK B 2642 -73.50 90.91 24.39
N UNK B 2643 -72.96 91.97 24.98
CA UNK B 2643 -73.71 93.18 25.35
C UNK B 2643 -74.95 92.90 26.21
N UNK B 2644 -75.98 92.34 25.58
CA UNK B 2644 -77.21 91.97 26.27
C UNK B 2644 -76.95 90.84 27.26
N UNK B 2645 -77.34 91.10 28.51
CA UNK B 2645 -77.17 90.16 29.63
C UNK B 2645 -75.71 89.73 29.81
N UNK B 2646 -74.80 90.70 29.71
CA UNK B 2646 -73.38 90.44 29.85
C UNK B 2646 -72.60 91.69 30.23
N UNK B 2647 -72.52 92.63 29.27
CA UNK B 2647 -71.73 93.83 29.45
C UNK B 2647 -72.34 94.80 30.45
N UNK B 2648 -71.52 95.32 31.35
CA UNK B 2648 -71.95 96.29 32.34
C UNK B 2648 -70.99 97.48 32.39
N UNK B 2649 -71.19 98.34 33.39
CA UNK B 2649 -70.38 99.54 33.61
C UNK B 2649 -70.35 100.44 32.38
N UNK B 2650 -71.50 101.00 32.03
CA UNK B 2650 -71.63 101.87 30.86
C UNK B 2650 -71.53 103.34 31.26
N UNK B 2651 -70.31 103.80 31.51
CA UNK B 2651 -70.08 105.20 31.87
C UNK B 2651 -70.16 106.07 30.62
N UNK B 2652 -69.06 106.13 29.88
CA UNK B 2652 -69.01 106.90 28.64
C UNK B 2652 -69.54 106.06 27.48
N UNK B 2653 -69.63 104.75 27.70
CA UNK B 2653 -70.13 103.82 26.70
C UNK B 2653 -71.61 104.08 26.41
N UNK B 2654 -72.37 104.36 27.45
CA UNK B 2654 -73.79 104.66 27.31
C UNK B 2654 -73.99 105.96 26.53
N UNK B 2655 -73.16 106.95 26.82
CA UNK B 2655 -73.19 108.23 26.13
C UNK B 2655 -72.84 108.06 24.65
N UNK B 2656 -71.84 107.23 24.38
CA UNK B 2656 -71.42 106.93 23.01
C UNK B 2656 -72.53 106.22 22.25
N UNK B 2657 -73.20 105.28 22.91
CA UNK B 2657 -74.31 104.55 22.30
C UNK B 2657 -75.49 105.49 22.01
N UNK B 2658 -75.76 106.40 22.93
CA UNK B 2658 -76.82 107.38 22.75
C UNK B 2658 -76.52 108.31 21.58
N UNK B 2659 -75.26 108.75 21.49
CA UNK B 2659 -74.82 109.60 20.40
C UNK B 2659 -74.91 108.88 19.06
N UNK B 2660 -74.55 107.60 19.05
CA UNK B 2660 -74.64 106.79 17.85
C UNK B 2660 -76.09 106.60 17.40
N UNK B 2661 -76.97 106.38 18.38
CA UNK B 2661 -78.39 106.22 18.09
C UNK B 2661 -78.98 107.52 17.53
N UNK B 2662 -78.58 108.65 18.12
CA UNK B 2662 -79.03 109.96 17.65
C UNK B 2662 -78.53 110.22 16.22
N UNK B 2663 -77.28 109.87 15.95
CA UNK B 2663 -76.70 110.03 14.63
C UNK B 2663 -77.41 109.16 13.60
N UNK B 2664 -77.73 107.94 13.99
CA UNK B 2664 -78.45 107.01 13.11
C UNK B 2664 -79.85 107.54 12.81
N UNK B 2665 -80.52 108.07 13.83
CA UNK B 2665 -81.85 108.65 13.66
C UNK B 2665 -81.81 109.87 12.74
N UNK B 2666 -80.78 110.70 12.89
CA UNK B 2666 -80.62 111.88 12.07
C UNK B 2666 -80.29 111.50 10.62
N UNK B 2667 -79.54 110.42 10.43
CA UNK B 2667 -79.18 109.95 9.11
C UNK B 2667 -80.39 109.32 8.41
N UNK B 2668 -81.25 108.68 9.20
CA UNK B 2668 -82.46 108.07 8.65
C UNK B 2668 -83.52 109.13 8.37
N UNK B 2669 -83.49 110.22 9.12
CA UNK B 2669 -84.46 111.30 8.95
C UNK B 2669 -84.08 112.21 7.78
N UNK B 2670 -82.84 112.69 7.78
CA UNK B 2670 -82.37 113.63 6.76
C UNK B 2670 -81.75 112.90 5.57
N UNK B 2671 -82.56 112.08 4.90
CA UNK B 2671 -82.10 111.36 3.71
C UNK B 2671 -83.29 111.01 2.82
N UNK B 2672 -83.00 110.41 1.67
CA UNK B 2672 -84.04 110.02 0.72
C UNK B 2672 -83.61 108.81 -0.10
N UNK B 2673 -84.60 108.02 -0.52
CA UNK B 2673 -84.42 106.79 -1.32
C UNK B 2673 -83.68 105.69 -0.57
N UNK B 2674 -84.19 104.47 -0.67
CA UNK B 2674 -83.61 103.34 0.05
C UNK B 2674 -82.96 102.33 -0.91
N UNK B 2675 -83.68 101.22 -1.14
CA UNK B 2675 -83.18 100.08 -1.91
C UNK B 2675 -81.85 99.57 -1.35
N UNK B 2676 -80.74 100.06 -1.90
CA UNK B 2676 -79.42 99.68 -1.42
C UNK B 2676 -78.86 100.76 -0.49
N UNK B 2677 -77.54 100.86 -0.46
CA UNK B 2677 -76.81 101.85 0.34
C UNK B 2677 -77.18 101.81 1.82
N UNK B 2678 -76.66 100.82 2.53
CA UNK B 2678 -76.84 100.65 3.98
C UNK B 2678 -78.30 100.59 4.41
N UNK B 2679 -79.14 99.95 3.60
CA UNK B 2679 -80.54 99.77 3.95
C UNK B 2679 -80.69 98.56 4.88
N UNK B 2680 -79.99 97.49 4.55
CA UNK B 2680 -80.00 96.29 5.37
C UNK B 2680 -79.28 96.54 6.70
N UNK B 2681 -78.28 97.42 6.66
CA UNK B 2681 -77.54 97.79 7.87
C UNK B 2681 -78.40 98.67 8.77
N UNK B 2682 -79.41 99.31 8.19
CA UNK B 2682 -80.33 100.13 8.96
C UNK B 2682 -81.51 99.31 9.45
N UNK B 2683 -81.80 98.23 8.73
CA UNK B 2683 -82.91 97.35 9.08
C UNK B 2683 -82.50 96.36 10.17
N UNK B 2684 -81.59 95.45 9.81
CA UNK B 2684 -81.16 94.39 10.72
C UNK B 2684 -80.32 94.94 11.88
N UNK B 2685 -79.38 95.81 11.55
CA UNK B 2685 -78.46 96.36 12.55
C UNK B 2685 -78.88 97.77 12.99
N UNK B 2686 -80.09 97.89 13.52
CA UNK B 2686 -80.57 99.16 14.04
C UNK B 2686 -79.85 99.50 15.34
N UNK B 2687 -78.74 100.23 15.22
CA UNK B 2687 -77.89 100.60 16.35
C UNK B 2687 -77.42 99.37 17.13
N UNK B 2688 -78.12 99.07 18.22
CA UNK B 2688 -77.81 97.91 19.04
C UNK B 2688 -79.03 97.50 19.85
N UNK B 2689 -80.12 98.25 19.66
CA UNK B 2689 -81.38 98.05 20.38
C UNK B 2689 -81.20 98.09 21.88
N UNK B 2690 -80.27 98.94 22.34
CA UNK B 2690 -79.91 99.14 23.75
C UNK B 2690 -79.33 97.88 24.42
N UNK B 2691 -78.14 98.03 24.99
CA UNK B 2691 -77.49 96.95 25.72
C UNK B 2691 -78.15 96.78 27.08
N UNK B 2692 -77.42 97.12 28.14
CA UNK B 2692 -77.96 97.10 29.49
C UNK B 2692 -78.40 98.51 29.87
N UNK B 2693 -79.31 99.06 29.07
CA UNK B 2693 -79.75 100.45 29.22
C UNK B 2693 -80.78 100.62 30.33
N UNK B 2694 -81.89 101.28 30.00
CA UNK B 2694 -82.95 101.68 30.94
C UNK B 2694 -82.39 102.58 32.05
N UNK B 2695 -82.66 103.88 31.91
CA UNK B 2695 -82.15 104.93 32.79
C UNK B 2695 -80.62 104.93 32.85
N UNK B 2696 -80.01 105.70 31.95
CA UNK B 2696 -78.56 105.78 31.86
C UNK B 2696 -78.00 106.93 32.70
N UNK B 2697 -77.59 108.00 32.03
CA UNK B 2697 -77.03 109.15 32.72
C UNK B 2697 -77.17 110.41 31.86
N UNK B 2698 -76.45 111.47 32.26
CA UNK B 2698 -76.42 112.77 31.57
C UNK B 2698 -77.81 113.38 31.40
N UNK B 2699 -77.95 114.25 30.40
CA UNK B 2699 -79.22 114.91 30.13
C UNK B 2699 -79.88 114.33 28.88
N UNK B 2942 -79.16 125.17 39.35
CA UNK B 2942 -79.60 124.15 40.29
C UNK B 2942 -80.40 123.06 39.57
N UNK B 2943 -81.49 123.45 38.93
CA UNK B 2943 -82.33 122.52 38.19
C UNK B 2943 -83.11 123.22 37.09
N UNK B 2944 -83.08 122.65 35.89
CA UNK B 2944 -83.82 123.21 34.76
C UNK B 2944 -85.32 123.04 34.97
N UNK B 2945 -85.80 121.83 34.76
CA UNK B 2945 -87.21 121.50 35.02
C UNK B 2945 -87.31 120.58 36.22
N UNK B 2946 -87.02 119.30 35.99
CA UNK B 2946 -87.01 118.31 37.05
C UNK B 2946 -86.16 117.12 36.61
N UNK B 2947 -86.72 115.92 36.74
CA UNK B 2947 -86.06 114.72 36.22
C UNK B 2947 -86.25 114.66 34.71
N UNK B 2948 -85.28 114.10 34.01
CA UNK B 2948 -85.33 114.03 32.55
C UNK B 2948 -86.09 112.78 32.08
N UNK B 2949 -86.63 112.03 33.04
CA UNK B 2949 -87.39 110.80 32.80
C UNK B 2949 -86.59 109.78 31.99
N UNK B 2950 -85.36 109.51 32.44
CA UNK B 2950 -84.44 108.54 31.83
C UNK B 2950 -84.10 108.88 30.37
N UNK B 2951 -83.40 107.95 29.71
CA UNK B 2951 -82.97 108.16 28.33
C UNK B 2951 -83.70 107.19 27.40
N UNK B 2952 -84.32 106.17 27.98
CA UNK B 2952 -85.13 105.23 27.21
C UNK B 2952 -86.57 105.71 27.20
N UNK B 2953 -87.11 105.91 28.40
CA UNK B 2953 -88.52 106.27 28.60
C UNK B 2953 -88.93 107.56 27.89
N UNK B 2954 -88.34 108.69 28.30
CA UNK B 2954 -88.74 110.00 27.77
C UNK B 2954 -88.47 110.14 26.28
N UNK B 2955 -87.26 109.78 25.85
CA UNK B 2955 -86.88 109.87 24.45
C UNK B 2955 -87.73 108.95 23.58
N UNK B 2956 -88.00 107.75 24.08
CA UNK B 2956 -88.85 106.80 23.37
C UNK B 2956 -90.26 107.33 23.24
N UNK B 2957 -90.78 107.92 24.32
CA UNK B 2957 -92.12 108.49 24.31
C UNK B 2957 -92.24 109.64 23.32
N UNK B 2958 -91.24 110.52 23.33
CA UNK B 2958 -91.20 111.68 22.44
C UNK B 2958 -91.13 111.24 20.98
N UNK B 2959 -90.24 110.29 20.68
CA UNK B 2959 -90.08 109.77 19.33
C UNK B 2959 -91.35 109.08 18.86
N UNK B 2960 -92.01 108.34 19.76
CA UNK B 2960 -93.25 107.64 19.41
C UNK B 2960 -94.37 108.62 19.11
N UNK B 2961 -94.51 109.67 19.93
CA UNK B 2961 -95.53 110.68 19.70
C UNK B 2961 -95.30 111.42 18.39
N UNK B 2962 -94.03 111.78 18.14
CA UNK B 2962 -93.65 112.46 16.90
C UNK B 2962 -93.92 111.58 15.68
N UNK B 2963 -93.59 110.31 15.78
CA UNK B 2963 -93.80 109.36 14.69
C UNK B 2963 -95.28 109.14 14.44
N UNK B 2964 -96.07 109.12 15.51
CA UNK B 2964 -97.52 108.96 15.39
C UNK B 2964 -98.12 110.15 14.65
N UNK B 2965 -97.75 111.36 15.09
CA UNK B 2965 -98.22 112.59 14.45
C UNK B 2965 -97.77 112.65 12.98
N UNK B 2966 -96.53 112.25 12.72
CA UNK B 2966 -95.99 112.27 11.37
C UNK B 2966 -96.68 111.25 10.47
N UNK B 2967 -97.01 110.09 11.01
CA UNK B 2967 -97.71 109.06 10.26
C UNK B 2967 -99.12 109.52 9.92
N UNK B 2968 -99.79 110.15 10.88
CA UNK B 2968 -101.11 110.72 10.64
C UNK B 2968 -101.06 111.80 9.56
N UNK B 2969 -100.07 112.68 9.65
CA UNK B 2969 -99.90 113.76 8.69
C UNK B 2969 -99.54 113.26 7.30
N UNK B 2970 -98.76 112.18 7.22
CA UNK B 2970 -98.34 111.62 5.95
C UNK B 2970 -99.46 110.79 5.32
N UNK B 2971 -100.36 110.29 6.15
CA UNK B 2971 -101.53 109.57 5.66
C UNK B 2971 -102.56 110.55 5.14
N UNK B 2972 -102.70 111.67 5.83
CA UNK B 2972 -103.64 112.71 5.42
C UNK B 2972 -103.11 113.49 4.22
N UNK B 2973 -101.78 113.57 4.10
CA UNK B 2973 -101.16 114.27 3.00
C UNK B 2973 -101.29 113.47 1.71
N UNK B 2974 -101.14 112.15 1.82
CA UNK B 2974 -101.30 111.26 0.68
C UNK B 2974 -102.79 111.00 0.44
N UNK B 2975 -103.19 109.74 0.59
CA UNK B 2975 -104.58 109.30 0.41
C UNK B 2975 -105.14 109.68 -0.96
N UNK B 2976 -104.67 108.99 -1.99
CA UNK B 2976 -105.07 109.22 -3.38
C UNK B 2976 -104.87 110.67 -3.81
N UNK B 2995 -93.24 107.64 0.62
CA UNK B 2995 -92.16 107.13 -0.21
C UNK B 2995 -90.80 107.50 0.37
N UNK B 2996 -90.67 108.76 0.78
CA UNK B 2996 -89.44 109.23 1.41
C UNK B 2996 -89.52 109.10 2.92
N UNK B 2997 -90.60 109.63 3.49
CA UNK B 2997 -90.84 109.54 4.92
C UNK B 2997 -91.31 108.13 5.28
N UNK B 2998 -91.86 107.43 4.30
CA UNK B 2998 -92.38 106.08 4.51
C UNK B 2998 -91.26 105.05 4.70
N UNK B 2999 -90.13 105.25 4.02
CA UNK B 2999 -88.99 104.36 4.16
C UNK B 2999 -88.40 104.48 5.56
N UNK B 3000 -88.24 105.72 6.02
CA UNK B 3000 -87.77 106.00 7.36
C UNK B 3000 -88.79 105.49 8.38
N UNK B 3001 -90.07 105.57 8.04
CA UNK B 3001 -91.14 105.07 8.89
C UNK B 3001 -91.04 103.55 9.03
N UNK B 3002 -90.73 102.87 7.95
CA UNK B 3002 -90.57 101.41 7.96
C UNK B 3002 -89.34 101.00 8.76
N UNK B 3003 -88.26 101.76 8.61
CA UNK B 3003 -87.05 101.53 9.40
C UNK B 3003 -87.32 101.71 10.89
N UNK B 3004 -88.04 102.78 11.21
CA UNK B 3004 -88.43 103.07 12.58
C UNK B 3004 -89.39 102.02 13.11
N UNK B 3005 -90.21 101.44 12.22
CA UNK B 3005 -91.13 100.37 12.61
C UNK B 3005 -90.35 99.11 12.97
N UNK B 3006 -89.32 98.81 12.17
CA UNK B 3006 -88.44 97.68 12.46
C UNK B 3006 -87.73 97.89 13.80
N UNK B 3007 -87.24 99.10 14.02
CA UNK B 3007 -86.57 99.45 15.27
C UNK B 3007 -87.53 99.38 16.47
N UNK B 3008 -88.77 99.82 16.26
CA UNK B 3008 -89.78 99.80 17.32
C UNK B 3008 -90.20 98.37 17.63
N UNK B 3009 -90.18 97.51 16.62
CA UNK B 3009 -90.46 96.09 16.82
C UNK B 3009 -89.35 95.48 17.67
N UNK B 3010 -88.11 95.76 17.28
CA UNK B 3010 -86.94 95.27 18.01
C UNK B 3010 -86.86 95.84 19.44
N UNK B 3011 -87.50 96.98 19.65
CA UNK B 3011 -87.55 97.61 20.96
C UNK B 3011 -88.65 97.02 21.85
N UNK B 3012 -89.89 97.12 21.39
CA UNK B 3012 -91.05 96.67 22.17
C UNK B 3012 -91.11 95.15 22.32
N UNK B 3013 -90.47 94.43 21.41
CA UNK B 3013 -90.46 92.97 21.50
C UNK B 3013 -89.40 92.49 22.47
N UNK B 3014 -88.43 93.36 22.78
CA UNK B 3014 -87.30 92.97 23.61
C UNK B 3014 -87.12 93.87 24.82
N UNK B 3015 -88.20 94.50 25.27
CA UNK B 3015 -88.14 95.34 26.48
C UNK B 3015 -89.17 94.86 27.51
N UNK B 3016 -90.45 95.09 27.21
CA UNK B 3016 -91.57 94.70 28.08
C UNK B 3016 -91.51 95.30 29.48
N UNK B 3017 -90.50 94.89 30.26
CA UNK B 3017 -90.34 95.38 31.62
C UNK B 3017 -89.92 96.84 31.67
N UNK B 3018 -89.41 97.36 30.55
CA UNK B 3018 -88.98 98.75 30.46
C UNK B 3018 -90.16 99.70 30.56
N UNK B 3019 -91.33 99.24 30.16
CA UNK B 3019 -92.56 100.03 30.27
C UNK B 3019 -93.36 99.58 31.48
N UNK B 3020 -92.77 98.69 32.28
CA UNK B 3020 -93.44 98.17 33.46
C UNK B 3020 -92.69 98.55 34.73
N UNK B 3021 -91.37 98.39 34.72
CA UNK B 3021 -90.55 98.76 35.87
C UNK B 3021 -90.43 100.28 35.98
N UNK B 3022 -89.93 100.90 34.91
CA UNK B 3022 -89.82 102.35 34.87
C UNK B 3022 -91.19 102.96 34.55
N UNK B 3023 -91.95 103.25 35.59
CA UNK B 3023 -93.29 103.80 35.43
C UNK B 3023 -93.24 105.30 35.11
N UNK B 3024 -93.98 105.70 34.09
CA UNK B 3024 -94.05 107.10 33.69
C UNK B 3024 -95.32 107.37 32.91
N UNK B 3025 -95.91 108.54 33.09
CA UNK B 3025 -97.11 108.93 32.37
C UNK B 3025 -96.81 109.13 30.89
N UNK B 3026 -95.57 109.55 30.60
CA UNK B 3026 -95.13 109.78 29.23
C UNK B 3026 -95.15 108.51 28.40
N UNK B 3027 -94.68 107.41 28.98
CA UNK B 3027 -94.61 106.13 28.29
C UNK B 3027 -96.01 105.61 27.93
N UNK B 3028 -96.91 105.63 28.91
CA UNK B 3028 -98.29 105.17 28.70
C UNK B 3028 -99.02 106.07 27.73
N UNK B 3029 -98.77 107.38 27.83
CA UNK B 3029 -99.37 108.36 26.92
C UNK B 3029 -98.92 108.10 25.49
N UNK B 3030 -97.63 107.82 25.32
CA UNK B 3030 -97.07 107.52 24.01
C UNK B 3030 -97.62 106.22 23.45
N UNK B 3031 -97.79 105.22 24.31
CA UNK B 3031 -98.36 103.94 23.90
C UNK B 3031 -99.78 104.13 23.39
N UNK B 3032 -100.57 104.88 24.15
CA UNK B 3032 -101.95 105.18 23.77
C UNK B 3032 -102.02 105.99 22.48
N UNK B 3033 -101.15 106.98 22.34
CA UNK B 3033 -101.09 107.81 21.15
C UNK B 3033 -100.69 107.01 19.91
N UNK B 3034 -99.74 106.09 20.08
CA UNK B 3034 -99.29 105.23 19.01
C UNK B 3034 -100.43 104.30 18.58
N UNK B 3035 -101.14 103.76 19.56
CA UNK B 3035 -102.30 102.91 19.28
C UNK B 3035 -103.38 103.69 18.52
N UNK B 3036 -103.63 104.91 18.95
CA UNK B 3036 -104.65 105.76 18.33
C UNK B 3036 -104.28 106.18 16.90
N UNK B 3037 -103.01 106.45 16.66
CA UNK B 3037 -102.56 106.90 15.35
C UNK B 3037 -102.23 105.74 14.42
N UNK B 3038 -102.16 104.53 14.98
CA UNK B 3038 -102.06 103.33 14.17
C UNK B 3038 -103.47 102.87 13.82
N UNK B 3039 -104.42 103.24 14.69
CA UNK B 3039 -105.83 103.06 14.40
C UNK B 3039 -106.23 104.02 13.30
N UNK B 3040 -105.55 105.16 13.26
CA UNK B 3040 -105.68 106.10 12.14
C UNK B 3040 -105.00 105.49 10.92
N UNK B 3041 -105.35 106.00 9.74
CA UNK B 3041 -104.90 105.45 8.46
C UNK B 3041 -105.24 103.97 8.34
N UNK B 3042 -106.42 103.60 8.83
CA UNK B 3042 -106.88 102.22 8.81
C UNK B 3042 -107.31 101.82 7.40
N UNK B 3043 -106.32 101.52 6.56
CA UNK B 3043 -106.59 101.12 5.18
C UNK B 3043 -105.44 100.28 4.64
N UNK B 3044 -105.70 99.58 3.53
CA UNK B 3044 -104.68 98.75 2.91
C UNK B 3044 -104.08 99.45 1.70
N UNK B 3045 -103.18 100.39 1.95
CA UNK B 3045 -102.54 101.14 0.87
C UNK B 3045 -101.06 100.79 0.77
N UNK B 3046 -100.67 99.70 1.42
CA UNK B 3046 -99.28 99.25 1.40
C UNK B 3046 -99.20 97.73 1.44
N UNK B 3047 -98.06 97.22 1.89
CA UNK B 3047 -97.85 95.78 2.00
C UNK B 3047 -97.14 95.45 3.31
N UNK B 3048 -97.40 96.28 4.33
CA UNK B 3048 -96.78 96.09 5.62
C UNK B 3048 -97.76 95.49 6.63
N UNK B 3049 -97.96 94.19 6.54
CA UNK B 3049 -98.83 93.47 7.48
C UNK B 3049 -98.06 93.14 8.75
N UNK B 3050 -96.75 93.35 8.71
CA UNK B 3050 -95.89 93.13 9.87
C UNK B 3050 -95.99 94.32 10.82
N UNK B 3051 -96.43 95.45 10.29
CA UNK B 3051 -96.69 96.64 11.09
C UNK B 3051 -97.86 96.37 12.02
N UNK B 3052 -98.81 95.57 11.55
CA UNK B 3052 -99.94 95.13 12.36
C UNK B 3052 -99.44 94.25 13.49
N UNK B 3053 -98.45 93.42 13.21
CA UNK B 3053 -97.83 92.56 14.21
C UNK B 3053 -97.10 93.40 15.26
N UNK B 3054 -96.44 94.46 14.80
CA UNK B 3054 -95.76 95.39 15.69
C UNK B 3054 -96.75 96.11 16.60
N UNK B 3055 -97.89 96.49 16.03
CA UNK B 3055 -98.97 97.13 16.78
C UNK B 3055 -99.54 96.17 17.82
N UNK B 3056 -99.67 94.90 17.44
CA UNK B 3056 -100.15 93.86 18.36
C UNK B 3056 -99.16 93.66 19.51
N UNK B 3057 -97.87 93.68 19.19
CA UNK B 3057 -96.82 93.57 20.20
C UNK B 3057 -96.84 94.76 21.14
N UNK B 3058 -97.12 95.94 20.60
CA UNK B 3058 -97.22 97.16 21.41
C UNK B 3058 -98.44 97.12 22.31
N UNK B 3059 -99.53 96.53 21.82
CA UNK B 3059 -100.75 96.36 22.61
C UNK B 3059 -100.51 95.35 23.72
N UNK B 3060 -99.67 94.36 23.43
CA UNK B 3060 -99.26 93.38 24.44
C UNK B 3060 -98.31 94.03 25.44
N UNK B 3061 -97.64 95.10 25.01
CA UNK B 3061 -96.75 95.86 25.87
C UNK B 3061 -97.53 96.87 26.70
N UNK B 3062 -98.82 96.99 26.40
CA UNK B 3062 -99.70 97.87 27.17
C UNK B 3062 -100.25 97.14 28.39
N UNK B 3063 -99.96 95.84 28.46
CA UNK B 3063 -100.40 95.01 29.57
C UNK B 3063 -99.24 94.73 30.52
N UNK B 3134 -103.28 99.97 31.73
CA UNK B 3134 -103.13 99.66 33.15
C UNK B 3134 -103.55 100.83 34.02
N UNK B 3135 -102.68 101.83 34.10
CA UNK B 3135 -102.97 103.03 34.89
C UNK B 3135 -104.00 103.91 34.19
N UNK B 3136 -104.95 104.43 34.96
CA UNK B 3136 -106.01 105.25 34.41
C UNK B 3136 -105.69 106.74 34.59
N UNK B 3137 -105.61 107.45 33.46
CA UNK B 3137 -105.34 108.88 33.48
C UNK B 3137 -106.39 109.64 32.69
N UNK B 3138 -107.37 108.89 32.17
CA UNK B 3138 -108.48 109.42 31.38
C UNK B 3138 -108.01 110.23 30.18
N UNK B 3139 -108.69 111.35 29.93
CA UNK B 3139 -108.36 112.30 28.86
C UNK B 3139 -108.34 111.66 27.47
N UNK B 3140 -107.37 112.09 26.67
CA UNK B 3140 -107.28 111.70 25.26
C UNK B 3140 -107.06 110.20 25.08
N UNK B 3141 -106.29 109.59 25.98
CA UNK B 3141 -106.01 108.16 25.93
C UNK B 3141 -107.28 107.32 26.04
N UNK B 3142 -108.02 107.53 27.13
CA UNK B 3142 -109.26 106.82 27.39
C UNK B 3142 -110.31 107.16 26.33
N UNK B 3143 -110.32 108.42 25.89
CA UNK B 3143 -111.25 108.87 24.85
C UNK B 3143 -111.03 108.10 23.56
N UNK B 3144 -109.77 108.03 23.12
CA UNK B 3144 -109.40 107.31 21.91
C UNK B 3144 -109.67 105.82 22.05
N UNK B 3145 -109.41 105.27 23.23
CA UNK B 3145 -109.66 103.84 23.48
C UNK B 3145 -111.15 103.51 23.35
N UNK B 3146 -111.99 104.30 24.02
CA UNK B 3146 -113.43 104.10 23.98
C UNK B 3146 -113.98 104.31 22.57
N UNK B 3147 -113.49 105.34 21.88
CA UNK B 3147 -113.93 105.64 20.53
C UNK B 3147 -113.56 104.52 19.57
N UNK B 3148 -112.33 104.01 19.68
CA UNK B 3148 -111.87 102.92 18.84
C UNK B 3148 -112.68 101.65 19.10
N UNK B 3149 -112.92 101.34 20.37
CA UNK B 3149 -113.71 100.16 20.72
C UNK B 3149 -115.13 100.24 20.16
N UNK B 3150 -115.80 101.37 20.40
CA UNK B 3150 -117.16 101.59 19.93
C UNK B 3150 -117.25 101.55 18.40
N UNK B 3151 -116.32 102.22 17.73
CA UNK B 3151 -116.31 102.28 16.27
C UNK B 3151 -116.05 100.91 15.67
N UNK B 3152 -115.10 100.18 16.23
CA UNK B 3152 -114.77 98.84 15.73
C UNK B 3152 -115.95 97.89 15.92
N UNK B 3153 -116.60 97.97 17.08
CA UNK B 3153 -117.74 97.12 17.36
C UNK B 3153 -118.92 97.43 16.43
N UNK B 3154 -119.18 98.73 16.22
CA UNK B 3154 -120.24 99.17 15.34
C UNK B 3154 -119.97 98.76 13.89
N UNK B 3155 -118.72 98.88 13.46
CA UNK B 3155 -118.32 98.49 12.11
C UNK B 3155 -118.46 96.99 11.92
N UNK B 3156 -118.10 96.22 12.95
CA UNK B 3156 -118.23 94.78 12.91
C UNK B 3156 -119.70 94.37 12.80
N UNK B 3157 -120.55 95.05 13.58
CA UNK B 3157 -121.99 94.79 13.53
C UNK B 3157 -122.57 95.12 12.16
N UNK B 3158 -122.15 96.25 11.61
CA UNK B 3158 -122.61 96.69 10.29
C UNK B 3158 -122.15 95.73 9.19
N UNK B 3159 -120.93 95.23 9.30
CA UNK B 3159 -120.38 94.29 8.32
C UNK B 3159 -121.07 92.94 8.42
N UNK B 3160 -121.44 92.55 9.64
CA UNK B 3160 -122.17 91.30 9.85
C UNK B 3160 -123.59 91.41 9.30
N UNK B 3161 -124.17 92.59 9.44
CA UNK B 3161 -125.52 92.85 8.92
C UNK B 3161 -125.51 92.92 7.40
N UNK B 3162 -124.40 93.40 6.85
CA UNK B 3162 -124.25 93.52 5.41
C UNK B 3162 -124.08 92.16 4.74
N UNK B 3163 -123.48 91.22 5.47
CA UNK B 3163 -123.26 89.88 4.97
C UNK B 3163 -124.51 89.03 5.13
N UNK B 3170 -111.03 103.19 8.02
CA UNK B 3170 -111.76 101.94 8.20
C UNK B 3170 -111.50 101.00 7.03
N UNK B 3171 -111.84 101.45 5.82
CA UNK B 3171 -111.65 100.69 4.58
C UNK B 3171 -112.31 99.31 4.63
N UNK B 3172 -111.49 98.27 4.77
CA UNK B 3172 -112.00 96.91 4.81
C UNK B 3172 -111.20 96.06 5.80
N UNK B 3173 -111.25 96.44 7.07
CA UNK B 3173 -110.56 95.71 8.13
C UNK B 3173 -111.45 94.59 8.67
N UNK B 3174 -110.98 93.35 8.56
CA UNK B 3174 -111.75 92.20 9.01
C UNK B 3174 -110.88 91.21 9.78
N UNK B 3175 -109.91 90.63 9.10
CA UNK B 3175 -109.00 89.66 9.71
C UNK B 3175 -108.04 90.37 10.66
N UNK B 3176 -107.52 91.52 10.24
CA UNK B 3176 -106.63 92.31 11.07
C UNK B 3176 -107.37 92.83 12.29
N UNK B 3177 -108.64 93.19 12.09
CA UNK B 3177 -109.50 93.65 13.19
C UNK B 3177 -109.70 92.54 14.21
N UNK B 3178 -109.97 91.33 13.74
CA UNK B 3178 -110.16 90.17 14.60
C UNK B 3178 -108.89 89.83 15.36
N UNK B 3179 -107.75 89.93 14.67
CA UNK B 3179 -106.45 89.67 15.28
C UNK B 3179 -106.16 90.67 16.40
N UNK B 3180 -106.40 91.95 16.11
CA UNK B 3180 -106.21 93.02 17.09
C UNK B 3180 -107.16 92.84 18.28
N UNK B 3181 -108.38 92.41 18.00
CA UNK B 3181 -109.36 92.17 19.06
C UNK B 3181 -108.92 91.04 19.97
N UNK B 3182 -108.44 89.95 19.38
CA UNK B 3182 -107.95 88.80 20.14
C UNK B 3182 -106.75 89.18 20.99
N UNK B 3183 -105.84 89.95 20.39
CA UNK B 3183 -104.64 90.42 21.10
C UNK B 3183 -105.01 91.32 22.28
N UNK B 3184 -105.94 92.24 22.05
CA UNK B 3184 -106.39 93.16 23.09
C UNK B 3184 -107.10 92.42 24.21
N UNK B 3185 -107.91 91.43 23.86
CA UNK B 3185 -108.61 90.62 24.85
C UNK B 3185 -107.63 89.82 25.69
N UNK B 3186 -106.62 89.25 25.05
CA UNK B 3186 -105.58 88.51 25.75
C UNK B 3186 -104.80 89.41 26.69
N UNK B 3187 -104.47 90.62 26.23
CA UNK B 3187 -103.73 91.58 27.03
C UNK B 3187 -104.55 92.08 28.22
N UNK B 3188 -105.86 92.20 28.03
CA UNK B 3188 -106.75 92.64 29.09
C UNK B 3188 -106.99 91.54 30.12
N UNK B 3189 -107.05 90.30 29.66
CA UNK B 3189 -107.25 89.17 30.55
C UNK B 3189 -105.96 88.82 31.30
N UNK B 3190 -104.82 89.18 30.71
CA UNK B 3190 -103.53 88.90 31.33
C UNK B 3190 -103.28 89.80 32.55
N UNK B 3191 -103.89 90.97 32.54
CA UNK B 3191 -103.72 91.92 33.64
C UNK B 3191 -104.64 91.61 34.80
N UNK B 3192 -104.62 92.47 35.82
CA UNK B 3192 -105.47 92.29 37.00
C UNK B 3192 -105.94 93.63 37.54
N UNK B 3193 -106.51 94.45 36.66
CA UNK B 3193 -107.00 95.77 37.04
C UNK B 3193 -108.14 96.21 36.12
N UNK B 3194 -108.79 97.31 36.47
CA UNK B 3194 -109.89 97.84 35.68
C UNK B 3194 -109.36 98.50 34.41
N UNK B 3195 -110.06 98.28 33.30
CA UNK B 3195 -109.65 98.83 32.01
C UNK B 3195 -110.28 100.20 31.77
N UNK B 3196 -111.30 100.23 30.91
CA UNK B 3196 -111.97 101.48 30.56
C UNK B 3196 -113.31 101.61 31.25
N UNK B 3197 -114.00 100.47 31.41
CA UNK B 3197 -115.31 100.39 32.04
C UNK B 3197 -116.34 101.31 31.39
N UNK B 3198 -116.42 101.24 30.06
CA UNK B 3198 -117.40 102.03 29.31
C UNK B 3198 -118.77 101.37 29.37
N UNK B 3199 -118.79 100.11 29.80
CA UNK B 3199 -120.02 99.35 30.08
C UNK B 3199 -120.97 99.20 28.90
N UNK B 3200 -121.67 100.28 28.56
CA UNK B 3200 -122.75 100.24 27.58
C UNK B 3200 -122.32 99.81 26.18
N UNK B 3201 -121.43 100.60 25.57
CA UNK B 3201 -121.01 100.40 24.18
C UNK B 3201 -120.44 99.01 23.90
N UNK B 3202 -119.36 98.67 24.61
CA UNK B 3202 -118.65 97.41 24.41
C UNK B 3202 -119.55 96.20 24.59
N UNK B 3203 -120.14 96.07 25.78
CA UNK B 3203 -120.99 94.92 26.10
C UNK B 3203 -122.21 94.83 25.19
N UNK B 3204 -122.87 95.97 24.95
CA UNK B 3204 -124.07 95.99 24.12
C UNK B 3204 -123.79 95.57 22.69
N UNK B 3205 -122.78 96.18 22.07
CA UNK B 3205 -122.45 95.86 20.69
C UNK B 3205 -121.89 94.45 20.56
N UNK B 3206 -121.15 94.00 21.57
CA UNK B 3206 -120.62 92.64 21.56
C UNK B 3206 -121.74 91.62 21.68
N UNK B 3207 -122.74 91.91 22.50
CA UNK B 3207 -123.90 91.04 22.64
C UNK B 3207 -124.69 90.98 21.34
N UNK B 3208 -124.84 92.13 20.69
CA UNK B 3208 -125.51 92.20 19.40
C UNK B 3208 -124.79 91.37 18.34
N UNK B 3209 -123.47 91.52 18.28
CA UNK B 3209 -122.64 90.77 17.33
C UNK B 3209 -122.68 89.28 17.61
N UNK B 3210 -122.65 88.90 18.89
CA UNK B 3210 -122.71 87.50 19.29
C UNK B 3210 -124.05 86.89 18.94
N UNK B 3211 -125.12 87.66 19.10
CA UNK B 3211 -126.46 87.21 18.72
C UNK B 3211 -126.54 87.00 17.22
N UNK B 3212 -125.98 87.95 16.46
CA UNK B 3212 -125.97 87.86 15.00
C UNK B 3212 -125.14 86.65 14.52
N UNK B 3213 -124.08 86.34 15.25
CA UNK B 3213 -123.21 85.22 14.90
C UNK B 3213 -123.85 83.88 15.28
N UNK B 3214 -124.56 83.85 16.40
CA UNK B 3214 -125.22 82.63 16.86
C UNK B 3214 -126.47 82.35 16.06
N UNK B 3215 -127.01 83.39 15.42
CA UNK B 3215 -128.16 83.23 14.54
C UNK B 3215 -127.74 82.50 13.26
N UNK B 3216 -127.38 83.27 12.23
CA UNK B 3216 -126.92 82.69 10.97
C UNK B 3216 -126.14 83.74 10.18
N UNK B 3217 -124.82 83.63 10.20
CA UNK B 3217 -123.96 84.58 9.50
C UNK B 3217 -123.28 83.94 8.29
N UNK B 3218 -121.99 83.66 8.41
CA UNK B 3218 -121.22 83.07 7.33
C UNK B 3218 -120.32 81.95 7.83
N UNK B 3219 -119.42 81.49 6.96
CA UNK B 3219 -118.52 80.40 7.32
C UNK B 3219 -117.19 80.94 7.87
N UNK B 3220 -117.28 81.67 8.98
CA UNK B 3220 -116.10 82.22 9.62
C UNK B 3220 -116.34 82.37 11.12
N UNK B 3221 -116.62 81.25 11.78
CA UNK B 3221 -116.94 81.25 13.20
C UNK B 3221 -115.70 81.11 14.08
N UNK B 3222 -114.56 80.83 13.46
CA UNK B 3222 -113.31 80.59 14.20
C UNK B 3222 -112.82 81.83 14.95
N UNK B 3223 -112.42 82.84 14.21
CA UNK B 3223 -111.89 84.08 14.79
C UNK B 3223 -112.95 84.79 15.63
N UNK B 3224 -114.20 84.73 15.17
CA UNK B 3224 -115.32 85.34 15.89
C UNK B 3224 -115.52 84.68 17.25
N UNK B 3225 -115.52 83.34 17.27
CA UNK B 3225 -115.67 82.59 18.51
C UNK B 3225 -114.50 82.83 19.45
N UNK B 3226 -113.30 82.92 18.87
CA UNK B 3226 -112.09 83.19 19.65
C UNK B 3226 -112.16 84.57 20.31
N UNK B 3227 -112.62 85.56 19.55
CA UNK B 3227 -112.74 86.93 20.07
C UNK B 3227 -113.88 87.06 21.07
N UNK B 3228 -114.89 86.20 20.93
CA UNK B 3228 -116.02 86.22 21.85
C UNK B 3228 -115.68 85.54 23.17
N UNK B 3229 -114.84 84.51 23.10
CA UNK B 3229 -114.49 83.74 24.29
C UNK B 3229 -113.23 84.28 24.99
N UNK B 3230 -112.46 85.09 24.27
CA UNK B 3230 -111.24 85.66 24.83
C UNK B 3230 -111.55 86.82 25.77
N UNK B 3231 -112.73 87.41 25.60
CA UNK B 3231 -113.15 88.51 26.46
C UNK B 3231 -114.09 87.99 27.55
N UNK B 3232 -113.63 86.99 28.29
CA UNK B 3232 -114.41 86.43 29.38
C UNK B 3232 -113.58 86.38 30.66
N UNK B 3233 -113.40 87.54 31.27
CA UNK B 3233 -112.64 87.65 32.50
C UNK B 3233 -113.06 88.89 33.27
N UNK B 3234 -114.37 89.17 33.23
CA UNK B 3234 -114.97 90.36 33.84
C UNK B 3234 -114.31 91.64 33.34
N UNK B 3235 -114.78 92.13 32.20
CA UNK B 3235 -114.21 93.32 31.57
C UNK B 3235 -114.45 94.57 32.42
N UNK B 3236 -113.44 94.91 33.22
CA UNK B 3236 -113.46 96.08 34.11
C UNK B 3236 -114.66 96.07 35.06
N UNK B 3261 -127.38 101.21 36.78
CA UNK B 3261 -126.16 100.72 36.14
C UNK B 3261 -125.35 99.86 37.09
N UNK B 3262 -125.57 100.05 38.39
CA UNK B 3262 -124.85 99.30 39.42
C UNK B 3262 -125.72 98.21 40.00
N UNK B 3263 -125.66 97.02 39.41
CA UNK B 3263 -126.44 95.88 39.88
C UNK B 3263 -125.74 94.57 39.51
N UNK B 3264 -125.14 93.92 40.50
CA UNK B 3264 -124.43 92.67 40.28
C UNK B 3264 -125.15 91.50 40.93
N UNK B 3265 -126.44 91.68 41.20
CA UNK B 3265 -127.23 90.66 41.86
C UNK B 3265 -128.19 89.98 40.88
N UNK B 3266 -129.20 90.73 40.43
CA UNK B 3266 -130.24 90.19 39.58
C UNK B 3266 -129.76 89.94 38.15
N UNK B 3267 -128.91 90.84 37.65
CA UNK B 3267 -128.41 90.77 36.28
C UNK B 3267 -127.56 89.53 36.04
N UNK B 3268 -126.57 89.31 36.91
CA UNK B 3268 -125.69 88.17 36.82
C UNK B 3268 -126.47 86.86 36.99
N UNK B 3269 -127.42 86.86 37.92
CA UNK B 3269 -128.26 85.70 38.18
C UNK B 3269 -129.09 85.34 36.95
N UNK B 3270 -129.73 86.34 36.36
CA UNK B 3270 -130.55 86.14 35.16
C UNK B 3270 -129.71 85.65 33.98
N UNK B 3271 -128.55 86.27 33.80
CA UNK B 3271 -127.63 85.88 32.73
C UNK B 3271 -127.16 84.44 32.89
N UNK B 3272 -126.76 84.08 34.11
CA UNK B 3272 -126.29 82.74 34.41
C UNK B 3272 -127.40 81.71 34.21
N UNK B 3273 -128.61 82.03 34.68
CA UNK B 3273 -129.75 81.14 34.54
C UNK B 3273 -130.07 80.89 33.07
N UNK B 3274 -130.17 81.97 32.30
CA UNK B 3274 -130.46 81.89 30.86
C UNK B 3274 -129.40 81.08 30.13
N UNK B 3275 -128.13 81.39 30.40
CA UNK B 3275 -127.01 80.72 29.74
C UNK B 3275 -126.97 79.24 30.08
N UNK B 3276 -127.15 78.89 31.36
CA UNK B 3276 -127.12 77.51 31.78
C UNK B 3276 -128.29 76.72 31.19
N UNK B 3277 -129.48 77.31 31.20
CA UNK B 3277 -130.66 76.67 30.63
C UNK B 3277 -130.48 76.42 29.14
N UNK B 3278 -130.02 77.43 28.41
CA UNK B 3278 -129.80 77.29 26.97
C UNK B 3278 -128.73 76.25 26.66
N UNK B 3279 -127.63 76.27 27.41
CA UNK B 3279 -126.53 75.34 27.21
C UNK B 3279 -126.97 73.90 27.48
N UNK B 3280 -127.73 73.69 28.56
CA UNK B 3280 -128.22 72.36 28.90
C UNK B 3280 -129.23 71.87 27.87
N UNK B 3281 -130.11 72.77 27.42
CA UNK B 3281 -131.13 72.40 26.45
C UNK B 3281 -130.53 72.12 25.08
N UNK B 3282 -129.38 72.72 24.79
CA UNK B 3282 -128.71 72.50 23.51
C UNK B 3282 -127.80 71.28 23.55
N UNK B 3283 -127.24 70.98 24.72
CA UNK B 3283 -126.31 69.86 24.84
C UNK B 3283 -126.99 68.58 25.29
N UNK B 3284 -128.27 68.67 25.64
CA UNK B 3284 -129.03 67.50 26.07
C UNK B 3284 -129.30 66.56 24.89
N UNK B 3285 -129.81 67.12 23.81
CA UNK B 3285 -130.12 66.34 22.61
C UNK B 3285 -129.00 66.49 21.58
N UNK B 3286 -128.41 65.36 21.20
CA UNK B 3286 -127.34 65.34 20.21
C UNK B 3286 -127.23 63.97 19.57
N UNK B 3287 -126.75 63.93 18.33
CA UNK B 3287 -126.61 62.68 17.59
C UNK B 3287 -125.46 62.76 16.59
N UNK B 3288 -125.58 63.70 15.65
CA UNK B 3288 -124.56 63.89 14.63
C UNK B 3288 -124.50 65.34 14.18
N UNK B 3289 -124.60 66.26 15.13
CA UNK B 3289 -124.56 67.68 14.83
C UNK B 3289 -123.14 68.13 14.51
N UNK B 3290 -122.76 68.04 13.24
CA UNK B 3290 -121.42 68.42 12.81
C UNK B 3290 -121.46 69.72 12.00
N UNK B 3291 -122.65 70.11 11.56
CA UNK B 3291 -122.82 71.33 10.78
C UNK B 3291 -123.31 72.47 11.67
N UNK B 3292 -123.04 72.35 12.97
CA UNK B 3292 -123.46 73.37 13.92
C UNK B 3292 -122.26 74.12 14.50
N UNK B 3293 -121.79 75.13 13.77
CA UNK B 3293 -120.68 75.94 14.24
C UNK B 3293 -121.13 76.84 15.38
N UNK B 3294 -122.42 77.16 15.38
CA UNK B 3294 -123.03 77.94 16.45
C UNK B 3294 -122.93 77.17 17.77
N UNK B 3295 -123.09 75.86 17.70
CA UNK B 3295 -122.96 75.00 18.87
C UNK B 3295 -121.54 75.03 19.41
N UNK B 3296 -120.56 75.00 18.51
CA UNK B 3296 -119.15 75.05 18.91
C UNK B 3296 -118.81 76.38 19.56
N UNK B 3297 -119.30 77.47 18.96
CA UNK B 3297 -119.09 78.81 19.49
C UNK B 3297 -119.73 78.95 20.88
N UNK B 3298 -120.94 78.42 21.01
CA UNK B 3298 -121.66 78.44 22.28
C UNK B 3298 -120.93 77.62 23.34
N UNK B 3299 -120.37 76.47 22.95
CA UNK B 3299 -119.62 75.63 23.86
C UNK B 3299 -118.37 76.33 24.36
N UNK B 3300 -117.64 76.98 23.44
CA UNK B 3300 -116.45 77.74 23.79
C UNK B 3300 -116.78 78.88 24.74
N UNK B 3301 -117.82 79.65 24.39
CA UNK B 3301 -118.25 80.77 25.22
C UNK B 3301 -118.73 80.33 26.60
N UNK B 3302 -119.43 79.19 26.65
CA UNK B 3302 -119.94 78.66 27.90
C UNK B 3302 -118.79 78.17 28.79
N UNK B 3303 -117.81 77.51 28.19
CA UNK B 3303 -116.62 77.08 28.92
C UNK B 3303 -115.88 78.28 29.49
N UNK B 3304 -115.74 79.32 28.69
CA UNK B 3304 -115.09 80.55 29.12
C UNK B 3304 -115.84 81.23 30.27
N UNK B 3305 -117.15 81.35 30.14
CA UNK B 3305 -117.98 82.00 31.14
C UNK B 3305 -118.10 81.19 32.42
N UNK B 3306 -117.94 79.87 32.31
CA UNK B 3306 -117.98 79.01 33.50
C UNK B 3306 -116.63 79.00 34.21
N UNK B 3307 -115.55 79.15 33.44
CA UNK B 3307 -114.22 79.21 34.03
C UNK B 3307 -113.95 80.58 34.64
N UNK B 3308 -114.64 81.60 34.12
CA UNK B 3308 -114.49 82.95 34.65
C UNK B 3308 -115.49 83.23 35.77
N UNK B 3309 -115.55 82.33 36.74
CA UNK B 3309 -116.45 82.49 37.88
C UNK B 3309 -115.91 81.69 39.07
N UNK B 3310 -114.71 81.14 38.89
CA UNK B 3310 -114.02 80.33 39.90
C UNK B 3310 -114.87 79.16 40.39
N UNK B 3311 -114.84 78.93 41.70
CA UNK B 3311 -115.59 77.83 42.29
C UNK B 3311 -116.30 78.27 43.57
N UNK B 3312 -115.74 77.87 44.72
CA UNK B 3312 -116.29 78.16 46.04
C UNK B 3312 -117.74 77.71 46.19
N UNK B 3313 -118.66 78.67 46.18
CA UNK B 3313 -120.09 78.38 46.28
C UNK B 3313 -120.79 78.67 44.97
N UNK B 3314 -121.70 77.77 44.58
CA UNK B 3314 -122.49 77.83 43.34
C UNK B 3314 -121.64 77.73 42.07
N UNK B 3315 -122.27 77.22 41.02
CA UNK B 3315 -121.62 76.98 39.72
C UNK B 3315 -120.38 76.09 39.83
N UNK B 3316 -120.40 75.18 40.81
CA UNK B 3316 -119.30 74.26 41.02
C UNK B 3316 -119.70 72.86 40.55
N UNK B 3317 -120.93 72.47 40.89
CA UNK B 3317 -121.50 71.24 40.38
C UNK B 3317 -121.95 71.45 38.95
N UNK B 3318 -122.29 72.70 38.63
CA UNK B 3318 -122.66 73.09 37.28
C UNK B 3318 -121.47 72.97 36.34
N UNK B 3319 -120.28 73.27 36.87
CA UNK B 3319 -119.05 73.12 36.10
C UNK B 3319 -118.80 71.64 35.77
N UNK B 3320 -119.03 70.78 36.74
CA UNK B 3320 -118.89 69.33 36.55
C UNK B 3320 -119.92 68.82 35.54
N UNK B 3321 -121.13 69.37 35.62
CA UNK B 3321 -122.19 69.00 34.68
C UNK B 3321 -121.83 69.42 33.26
N UNK B 3322 -121.27 70.61 33.11
CA UNK B 3322 -120.83 71.13 31.82
C UNK B 3322 -119.69 70.29 31.26
N UNK B 3323 -118.78 69.88 32.14
CA UNK B 3323 -117.66 69.02 31.75
C UNK B 3323 -118.16 67.66 31.26
N UNK B 3324 -119.13 67.11 31.98
CA UNK B 3324 -119.75 65.84 31.59
C UNK B 3324 -120.48 65.95 30.26
N UNK B 3325 -121.15 67.09 30.06
CA UNK B 3325 -121.86 67.36 28.81
C UNK B 3325 -120.88 67.45 27.64
N UNK B 3326 -119.75 68.11 27.87
CA UNK B 3326 -118.71 68.24 26.86
C UNK B 3326 -118.10 66.88 26.54
N UNK B 3327 -117.92 66.06 27.57
CA UNK B 3327 -117.36 64.72 27.39
C UNK B 3327 -118.33 63.82 26.62
N UNK B 3328 -119.63 64.05 26.83
CA UNK B 3328 -120.66 63.28 26.13
C UNK B 3328 -120.78 63.72 24.68
N UNK B 3329 -120.63 65.02 24.45
CA UNK B 3329 -120.73 65.59 23.10
C UNK B 3329 -119.45 65.33 22.29
N UNK B 3330 -118.36 65.04 22.99
CA UNK B 3330 -117.09 64.74 22.34
C UNK B 3330 -116.92 63.23 22.18
N UNK B 3331 -118.01 62.50 22.35
CA UNK B 3331 -118.00 61.05 22.18
C UNK B 3331 -118.50 60.66 20.79
N UNK B 3332 -118.64 61.66 19.93
CA UNK B 3332 -119.09 61.42 18.56
C UNK B 3332 -117.94 60.93 17.69
N UNK B 3333 -118.27 60.31 16.57
CA UNK B 3333 -117.26 59.79 15.65
C UNK B 3333 -116.86 60.86 14.64
N UNK B 3334 -117.74 61.83 14.43
CA UNK B 3334 -117.55 62.93 13.49
C UNK B 3334 -117.23 62.45 12.08
N UNK B 3335 -118.00 61.46 11.62
CA UNK B 3335 -117.87 60.87 10.28
C UNK B 3335 -116.45 60.36 10.02
N UNK B 3336 -115.83 60.88 8.96
CA UNK B 3336 -114.49 60.46 8.59
C UNK B 3336 -113.70 61.62 8.00
N UNK B 3337 -114.31 62.32 7.04
CA UNK B 3337 -113.65 63.45 6.39
C UNK B 3337 -114.14 64.78 6.96
N UNK B 3338 -114.81 64.70 8.11
CA UNK B 3338 -115.32 65.90 8.77
C UNK B 3338 -114.48 66.24 9.99
N UNK B 3339 -113.18 66.41 9.78
CA UNK B 3339 -112.26 66.74 10.87
C UNK B 3339 -111.25 67.79 10.44
N UNK B 3340 -111.46 69.03 10.88
CA UNK B 3340 -110.56 70.12 10.54
C UNK B 3340 -110.58 71.19 11.63
N UNK B 3341 -111.59 72.06 11.57
CA UNK B 3341 -111.72 73.14 12.55
C UNK B 3341 -112.75 72.78 13.61
N UNK B 3342 -113.28 71.56 13.55
CA UNK B 3342 -114.27 71.10 14.50
C UNK B 3342 -113.71 70.00 15.40
N UNK B 3343 -112.49 70.19 15.87
CA UNK B 3343 -111.84 69.22 16.74
C UNK B 3343 -110.79 69.84 17.64
N UNK B 3344 -109.79 70.47 17.03
CA UNK B 3344 -108.67 71.05 17.76
C UNK B 3344 -109.08 72.30 18.55
N UNK B 3345 -109.98 73.09 17.96
CA UNK B 3345 -110.41 74.35 18.57
C UNK B 3345 -111.15 74.13 19.88
N UNK B 3346 -111.98 73.10 19.93
CA UNK B 3346 -112.77 72.80 21.12
C UNK B 3346 -111.92 72.07 22.17
N UNK B 3347 -110.91 71.36 21.70
CA UNK B 3347 -110.03 70.60 22.59
C UNK B 3347 -108.96 71.50 23.21
N UNK B 3348 -108.72 72.64 22.57
CA UNK B 3348 -107.77 73.61 23.09
C UNK B 3348 -108.29 74.29 24.36
N UNK B 3349 -109.61 74.32 24.51
CA UNK B 3349 -110.24 74.91 25.68
C UNK B 3349 -110.17 73.98 26.88
N UNK B 3350 -108.98 73.82 27.44
CA UNK B 3350 -108.77 72.94 28.58
C UNK B 3350 -108.28 73.73 29.79
N UNK B 3351 -108.87 74.89 30.01
CA UNK B 3351 -108.53 75.72 31.16
C UNK B 3351 -109.14 75.11 32.42
N UNK B 3352 -110.25 74.39 32.23
CA UNK B 3352 -110.92 73.72 33.34
C UNK B 3352 -111.27 72.29 32.93
N UNK B 3353 -110.28 71.58 32.37
CA UNK B 3353 -110.47 70.20 31.94
C UNK B 3353 -110.55 69.27 33.14
N UNK B 3354 -109.86 69.64 34.22
CA UNK B 3354 -109.87 68.86 35.45
C UNK B 3354 -110.92 69.37 36.41
N UNK B 3355 -110.60 69.35 37.71
CA UNK B 3355 -111.49 69.80 38.78
C UNK B 3355 -112.84 69.09 38.76
N UNK B 3356 -112.80 67.77 38.62
CA UNK B 3356 -114.02 66.97 38.58
C UNK B 3356 -114.32 66.33 39.94
N UNK B 3357 -114.98 65.19 39.92
CA UNK B 3357 -115.35 64.50 41.15
C UNK B 3357 -114.95 63.02 41.10
N UNK B 3358 -115.70 62.19 41.80
CA UNK B 3358 -115.43 60.75 41.85
C UNK B 3358 -116.32 59.97 40.90
N UNK B 3359 -117.61 60.31 40.88
CA UNK B 3359 -118.56 59.66 39.99
C UNK B 3359 -118.32 60.12 38.56
N UNK B 3360 -117.95 61.40 38.42
CA UNK B 3360 -117.60 61.96 37.11
C UNK B 3360 -116.34 61.28 36.59
N UNK B 3361 -115.42 60.96 37.50
CA UNK B 3361 -114.21 60.23 37.17
C UNK B 3361 -114.56 58.83 36.66
N UNK B 3362 -115.54 58.20 37.30
CA UNK B 3362 -116.00 56.87 36.89
C UNK B 3362 -116.63 56.91 35.50
N UNK B 3363 -117.44 57.93 35.26
CA UNK B 3363 -118.08 58.13 33.96
C UNK B 3363 -117.04 58.35 32.87
N UNK B 3364 -116.04 59.18 33.18
CA UNK B 3364 -114.95 59.46 32.26
C UNK B 3364 -114.13 58.21 31.97
N UNK B 3365 -113.91 57.39 33.00
CA UNK B 3365 -113.19 56.13 32.85
C UNK B 3365 -113.95 55.17 31.96
N UNK B 3366 -115.27 55.10 32.15
CA UNK B 3366 -116.12 54.23 31.32
C UNK B 3366 -116.11 54.68 29.87
N UNK B 3367 -116.22 55.99 29.66
CA UNK B 3367 -116.21 56.57 28.31
C UNK B 3367 -114.87 56.32 27.62
N UNK B 3368 -113.78 56.50 28.38
CA UNK B 3368 -112.43 56.28 27.86
C UNK B 3368 -112.22 54.81 27.52
N UNK B 3369 -112.74 53.92 28.34
CA UNK B 3369 -112.64 52.48 28.10
C UNK B 3369 -113.39 52.10 26.83
N UNK B 3370 -114.60 52.63 26.67
CA UNK B 3370 -115.40 52.38 25.47
C UNK B 3370 -114.70 52.90 24.21
N UNK B 3371 -114.18 54.13 24.29
CA UNK B 3371 -113.50 54.76 23.18
C UNK B 3371 -112.23 54.00 22.79
N UNK B 3372 -111.46 53.58 23.79
CA UNK B 3372 -110.23 52.83 23.56
C UNK B 3372 -110.53 51.47 22.96
N UNK B 3373 -111.59 50.82 23.44
CA UNK B 3373 -112.00 49.52 22.91
C UNK B 3373 -112.41 49.64 21.45
N UNK B 3374 -113.21 50.66 21.14
CA UNK B 3374 -113.66 50.90 19.78
C UNK B 3374 -112.48 51.20 18.85
N UNK B 3375 -111.57 52.06 19.32
CA UNK B 3375 -110.38 52.43 18.55
C UNK B 3375 -109.48 51.23 18.29
N UNK B 3376 -109.24 50.42 19.32
CA UNK B 3376 -108.41 49.23 19.20
C UNK B 3376 -109.03 48.22 18.24
N UNK B 3377 -110.34 48.01 18.35
CA UNK B 3377 -111.04 47.09 17.47
C UNK B 3377 -110.96 47.54 16.01
N UNK B 3378 -111.25 48.82 15.78
CA UNK B 3378 -111.21 49.40 14.44
C UNK B 3378 -109.80 49.31 13.84
N UNK B 3379 -108.79 49.67 14.64
CA UNK B 3379 -107.41 49.65 14.19
C UNK B 3379 -106.94 48.23 13.87
N UNK B 3380 -107.26 47.28 14.74
CA UNK B 3380 -106.88 45.88 14.53
C UNK B 3380 -107.55 45.32 13.29
N UNK B 3381 -108.83 45.64 13.11
CA UNK B 3381 -109.57 45.18 11.94
C UNK B 3381 -108.98 45.75 10.65
N UNK B 3382 -108.72 47.06 10.64
CA UNK B 3382 -108.15 47.72 9.48
C UNK B 3382 -106.76 47.19 9.15
N UNK B 3383 -105.94 46.97 10.17
CA UNK B 3383 -104.60 46.43 9.99
C UNK B 3383 -104.64 45.02 9.41
N UNK B 3384 -105.41 44.13 10.04
CA UNK B 3384 -105.51 42.75 9.60
C UNK B 3384 -106.22 42.60 8.27
N UNK B 3385 -106.97 43.63 7.86
CA UNK B 3385 -107.63 43.61 6.57
C UNK B 3385 -106.73 44.10 5.44
N UNK B 3386 -106.05 45.22 5.67
CA UNK B 3386 -105.25 45.87 4.62
C UNK B 3386 -103.80 45.41 4.61
N UNK B 3387 -103.11 45.58 5.74
CA UNK B 3387 -101.66 45.37 5.77
C UNK B 3387 -101.27 43.90 5.95
N UNK B 3388 -102.09 43.15 6.67
CA UNK B 3388 -101.77 41.75 6.96
C UNK B 3388 -102.39 40.79 5.93
N UNK B 3389 -102.49 41.25 4.69
CA UNK B 3389 -103.03 40.43 3.61
C UNK B 3389 -101.97 40.14 2.56
N UNK B 3390 -101.02 41.07 2.42
CA UNK B 3390 -99.91 40.97 1.47
C UNK B 3390 -100.37 40.73 0.04
N UNK B 3391 -100.19 39.50 -0.44
CA UNK B 3391 -100.58 39.08 -1.79
C UNK B 3391 -99.97 39.95 -2.88
N UNK B 3392 -100.82 40.42 -3.80
CA UNK B 3392 -100.37 41.28 -4.89
C UNK B 3392 -101.31 42.47 -5.03
N UNK B 3393 -101.35 43.32 -4.01
CA UNK B 3393 -102.22 44.49 -4.01
C UNK B 3393 -101.65 45.60 -3.14
N UNK B 3394 -102.38 46.71 -3.05
CA UNK B 3394 -101.95 47.84 -2.24
C UNK B 3394 -102.20 47.58 -0.76
N UNK B 3395 -101.73 48.49 0.09
CA UNK B 3395 -101.87 48.32 1.53
C UNK B 3395 -102.01 49.66 2.25
N UNK B 3396 -101.77 50.76 1.55
CA UNK B 3396 -101.83 52.08 2.16
C UNK B 3396 -102.21 53.17 1.16
N UNK B 3397 -101.33 53.41 0.18
CA UNK B 3397 -101.49 54.51 -0.78
C UNK B 3397 -102.76 54.36 -1.62
N UNK B 3398 -103.13 53.12 -1.93
CA UNK B 3398 -104.35 52.87 -2.69
C UNK B 3398 -105.29 51.95 -1.90
N UNK B 3399 -105.14 51.96 -0.58
CA UNK B 3399 -105.95 51.10 0.28
C UNK B 3399 -106.39 51.84 1.54
N UNK B 3400 -105.80 51.48 2.67
CA UNK B 3400 -106.19 52.06 3.96
C UNK B 3400 -105.04 52.77 4.65
N UNK B 3401 -104.89 54.07 4.37
CA UNK B 3401 -103.90 54.89 5.05
C UNK B 3401 -104.55 56.15 5.61
N UNK B 3402 -105.82 56.35 5.25
CA UNK B 3402 -106.59 57.48 5.74
C UNK B 3402 -107.28 57.11 7.04
N UNK B 3403 -107.62 55.82 7.17
CA UNK B 3403 -108.24 55.30 8.39
C UNK B 3403 -107.26 55.41 9.55
N UNK B 3404 -106.00 55.05 9.30
CA UNK B 3404 -104.95 55.14 10.30
C UNK B 3404 -104.71 56.59 10.69
N UNK B 3405 -104.80 57.50 9.72
CA UNK B 3405 -104.61 58.92 9.98
C UNK B 3405 -105.74 59.50 10.83
N UNK B 3406 -106.98 59.10 10.52
CA UNK B 3406 -108.15 59.55 11.27
C UNK B 3406 -108.10 59.02 12.70
N UNK B 3407 -107.72 57.74 12.83
CA UNK B 3407 -107.58 57.11 14.11
C UNK B 3407 -106.46 57.79 14.91
N UNK B 3408 -105.38 58.16 14.24
CA UNK B 3408 -104.26 58.84 14.88
C UNK B 3408 -104.65 60.23 15.37
N UNK B 3409 -105.42 60.96 14.56
CA UNK B 3409 -105.88 62.29 14.96
C UNK B 3409 -106.83 62.22 16.15
N UNK B 3410 -107.81 61.33 16.07
CA UNK B 3410 -108.78 61.14 17.13
C UNK B 3410 -108.10 60.65 18.41
N UNK B 3411 -107.12 59.76 18.24
CA UNK B 3411 -106.37 59.21 19.35
C UNK B 3411 -105.48 60.27 19.97
N UNK B 3412 -104.92 61.16 19.17
CA UNK B 3412 -104.09 62.24 19.68
C UNK B 3412 -104.93 63.20 20.51
N UNK B 3413 -106.11 63.55 20.00
CA UNK B 3413 -107.03 64.42 20.73
C UNK B 3413 -107.48 63.80 22.05
N UNK B 3414 -108.05 62.59 21.95
CA UNK B 3414 -108.54 61.87 23.12
C UNK B 3414 -107.41 61.50 24.08
N UNK B 3415 -106.20 61.37 23.57
CA UNK B 3415 -105.06 61.00 24.38
C UNK B 3415 -104.52 62.21 25.12
N UNK B 3416 -104.56 63.39 24.49
CA UNK B 3416 -104.23 64.62 25.19
C UNK B 3416 -105.22 64.80 26.34
N UNK B 3417 -106.50 64.61 26.02
CA UNK B 3417 -107.58 64.69 27.01
C UNK B 3417 -107.38 63.71 28.17
N UNK B 3418 -107.14 62.44 27.85
CA UNK B 3418 -107.01 61.39 28.83
C UNK B 3418 -105.71 61.49 29.60
N UNK B 3419 -104.66 62.02 28.98
CA UNK B 3419 -103.39 62.24 29.65
C UNK B 3419 -103.55 63.33 30.67
N UNK B 3420 -104.28 64.39 30.32
CA UNK B 3420 -104.60 65.45 31.27
C UNK B 3420 -105.42 64.88 32.43
N UNK B 3421 -106.45 64.11 32.10
CA UNK B 3421 -107.32 63.48 33.11
C UNK B 3421 -106.56 62.55 34.05
N UNK B 3422 -105.66 61.75 33.49
CA UNK B 3422 -104.89 60.77 34.27
C UNK B 3422 -103.82 61.46 35.09
N UNK B 3423 -103.24 62.54 34.57
CA UNK B 3423 -102.25 63.31 35.31
C UNK B 3423 -102.92 64.10 36.43
N UNK B 3424 -104.22 64.29 36.30
CA UNK B 3424 -105.01 64.85 37.39
C UNK B 3424 -105.36 63.77 38.43
N UNK B 3425 -105.72 62.58 37.96
CA UNK B 3425 -106.31 61.56 38.83
C UNK B 3425 -105.34 60.51 39.41
N UNK B 3426 -104.10 60.44 38.93
CA UNK B 3426 -103.19 59.38 39.33
C UNK B 3426 -102.81 59.42 40.80
N UNK B 3427 -102.78 60.60 41.39
CA UNK B 3427 -102.43 60.76 42.80
C UNK B 3427 -103.50 60.11 43.70
N UNK B 3428 -104.74 60.12 43.24
CA UNK B 3428 -105.84 59.53 43.99
C UNK B 3428 -106.03 58.06 43.63
N UNK B 3429 -105.69 57.70 42.39
CA UNK B 3429 -105.76 56.31 41.94
C UNK B 3429 -104.43 55.61 42.15
N UNK B 3430 -103.58 56.20 42.99
CA UNK B 3430 -102.23 55.70 43.20
C UNK B 3430 -101.99 55.17 44.62
N UNK B 3431 -102.10 56.06 45.61
CA UNK B 3431 -101.74 55.73 46.98
C UNK B 3431 -102.91 55.17 47.78
N UNK B 3432 -104.12 55.61 47.46
CA UNK B 3432 -105.31 55.20 48.19
C UNK B 3432 -105.59 53.71 48.03
N UNK B 3433 -105.83 53.29 46.78
CA UNK B 3433 -106.12 51.90 46.49
C UNK B 3433 -105.84 51.57 45.02
N UNK B 3434 -106.04 50.33 44.64
CA UNK B 3434 -105.90 49.91 43.25
C UNK B 3434 -107.25 49.93 42.57
N UNK B 3435 -107.54 51.01 41.87
CA UNK B 3435 -108.84 51.20 41.22
C UNK B 3435 -108.97 50.38 39.94
N UNK B 3436 -110.00 50.70 39.15
CA UNK B 3436 -110.24 50.00 37.89
C UNK B 3436 -109.53 50.68 36.73
N UNK B 3437 -108.82 51.76 37.05
CA UNK B 3437 -108.10 52.57 36.05
C UNK B 3437 -107.07 51.74 35.28
N UNK B 3438 -106.53 50.71 35.94
CA UNK B 3438 -105.58 49.79 35.34
C UNK B 3438 -106.16 49.12 34.10
N UNK B 3439 -107.47 48.91 34.10
CA UNK B 3439 -108.19 48.38 32.95
C UNK B 3439 -107.93 49.27 31.74
N UNK B 3440 -108.09 50.58 31.92
CA UNK B 3440 -107.78 51.57 30.89
C UNK B 3440 -106.31 51.45 30.49
N UNK B 3441 -105.45 51.22 31.49
CA UNK B 3441 -104.03 51.01 31.26
C UNK B 3441 -103.83 49.80 30.36
N UNK B 3442 -104.63 48.77 30.60
CA UNK B 3442 -104.62 47.57 29.75
C UNK B 3442 -104.92 47.96 28.32
N UNK B 3443 -105.92 48.82 28.15
CA UNK B 3443 -106.29 49.34 26.83
C UNK B 3443 -105.11 50.08 26.22
N UNK B 3444 -104.40 50.82 27.07
CA UNK B 3444 -103.21 51.56 26.64
C UNK B 3444 -102.16 50.60 26.13
N UNK B 3445 -102.07 49.42 26.75
CA UNK B 3445 -101.17 48.37 26.32
C UNK B 3445 -101.52 47.98 24.88
N UNK B 3446 -102.81 47.81 24.63
CA UNK B 3446 -103.30 47.52 23.28
C UNK B 3446 -102.98 48.70 22.37
N UNK B 3447 -103.08 49.90 22.93
CA UNK B 3447 -102.75 51.12 22.19
C UNK B 3447 -101.27 51.12 21.86
N UNK B 3448 -100.46 50.54 22.75
CA UNK B 3448 -99.02 50.40 22.52
C UNK B 3448 -98.81 49.51 21.29
N UNK B 3449 -99.65 48.50 21.15
CA UNK B 3449 -99.57 47.58 20.02
C UNK B 3449 -99.99 48.25 18.72
N UNK B 3450 -100.58 49.45 18.82
CA UNK B 3450 -100.90 50.25 17.64
C UNK B 3450 -100.18 51.59 17.73
N UNK B 3451 -99.13 51.63 18.54
CA UNK B 3451 -98.32 52.84 18.69
C UNK B 3451 -97.02 52.72 17.91
N UNK B 3452 -96.46 51.52 17.89
CA UNK B 3452 -95.20 51.28 17.19
C UNK B 3452 -95.08 49.83 16.72
N UNK B 3453 -95.81 48.94 17.38
CA UNK B 3453 -95.76 47.51 17.07
C UNK B 3453 -96.37 47.21 15.70
N UNK B 3454 -97.29 48.07 15.28
CA UNK B 3454 -97.94 47.93 13.98
C UNK B 3454 -96.93 48.14 12.85
N UNK B 3455 -96.94 47.24 11.88
CA UNK B 3455 -95.98 47.29 10.77
C UNK B 3455 -96.24 48.46 9.83
N UNK B 3456 -95.26 49.36 9.74
CA UNK B 3456 -95.29 50.53 8.85
C UNK B 3456 -96.50 51.45 9.05
N UNK B 3457 -97.05 51.44 10.26
CA UNK B 3457 -98.16 52.33 10.60
C UNK B 3457 -97.62 53.49 11.40
N UNK B 3458 -96.47 53.27 12.03
CA UNK B 3458 -95.77 54.33 12.76
C UNK B 3458 -95.29 55.39 11.78
N UNK B 3459 -94.89 54.95 10.59
CA UNK B 3459 -94.48 55.85 9.51
C UNK B 3459 -95.67 56.70 9.06
N UNK B 3460 -96.83 56.07 8.96
CA UNK B 3460 -98.06 56.76 8.59
C UNK B 3460 -98.44 57.80 9.65
N UNK B 3461 -98.28 57.41 10.91
CA UNK B 3461 -98.55 58.31 12.03
C UNK B 3461 -97.61 59.51 12.02
N UNK B 3462 -96.34 59.26 11.73
CA UNK B 3462 -95.34 60.31 11.64
C UNK B 3462 -95.64 61.25 10.47
N UNK B 3463 -96.08 60.69 9.36
CA UNK B 3463 -96.46 61.49 8.19
C UNK B 3463 -97.68 62.36 8.50
N UNK B 3464 -98.64 61.80 9.22
CA UNK B 3464 -99.84 62.52 9.61
C UNK B 3464 -99.50 63.65 10.58
N UNK B 3465 -98.54 63.39 11.47
CA UNK B 3465 -98.09 64.40 12.43
C UNK B 3465 -97.33 65.52 11.74
N UNK B 3466 -96.55 65.15 10.72
CA UNK B 3466 -95.80 66.14 9.94
C UNK B 3466 -96.73 66.96 9.07
N UNK B 3467 -97.84 66.36 8.66
CA UNK B 3467 -98.85 67.06 7.88
C UNK B 3467 -99.65 68.01 8.76
N UNK B 3468 -99.68 67.71 10.07
CA UNK B 3468 -100.39 68.54 11.03
C UNK B 3468 -99.47 69.61 11.60
N UNK B 3511 -89.12 64.13 16.66
CA UNK B 3511 -90.06 64.51 17.70
C UNK B 3511 -90.89 63.31 18.14
N UNK B 3512 -90.68 62.87 19.39
CA UNK B 3512 -91.38 61.73 19.92
C UNK B 3512 -92.15 62.10 21.19
N UNK B 3513 -93.19 62.92 21.02
CA UNK B 3513 -94.04 63.32 22.13
C UNK B 3513 -95.50 63.07 21.75
N UNK B 3514 -95.95 61.82 21.91
CA UNK B 3514 -97.30 61.45 21.52
C UNK B 3514 -97.89 60.41 22.47
N UNK B 3515 -98.01 59.18 21.98
CA UNK B 3515 -98.59 58.10 22.78
C UNK B 3515 -97.55 57.48 23.71
N UNK B 3516 -96.31 57.92 23.58
CA UNK B 3516 -95.21 57.39 24.39
C UNK B 3516 -95.31 57.79 25.86
N UNK B 3517 -95.56 59.08 26.12
CA UNK B 3517 -95.68 59.58 27.48
C UNK B 3517 -96.90 59.02 28.18
N UNK B 3518 -98.01 58.99 27.45
CA UNK B 3518 -99.26 58.42 27.96
C UNK B 3518 -99.09 56.93 28.25
N UNK B 3519 -98.37 56.25 27.36
CA UNK B 3519 -98.07 54.84 27.51
C UNK B 3519 -97.25 54.59 28.76
N UNK B 3520 -96.26 55.45 29.01
CA UNK B 3520 -95.44 55.36 30.22
C UNK B 3520 -96.25 55.59 31.49
N UNK B 3521 -97.14 56.59 31.44
CA UNK B 3521 -98.01 56.89 32.57
C UNK B 3521 -98.89 55.70 32.92
N UNK B 3522 -99.55 55.14 31.91
CA UNK B 3522 -100.40 53.97 32.10
C UNK B 3522 -99.59 52.72 32.49
N UNK B 3523 -98.35 52.65 32.03
CA UNK B 3523 -97.43 51.58 32.41
C UNK B 3523 -97.22 51.62 33.92
N UNK B 3524 -96.91 52.80 34.43
CA UNK B 3524 -96.77 53.00 35.88
C UNK B 3524 -98.06 52.68 36.66
N UNK B 3525 -99.18 53.10 36.10
CA UNK B 3525 -100.47 52.92 36.75
C UNK B 3525 -100.93 51.46 36.79
N UNK B 3526 -100.32 50.62 35.95
CA UNK B 3526 -100.55 49.16 36.00
C UNK B 3526 -99.30 48.39 36.41
N UNK B 3527 -98.29 49.14 36.86
CA UNK B 3527 -97.05 48.59 37.40
C UNK B 3527 -96.91 48.74 38.91
N UNK B 3528 -97.67 49.65 39.52
CA UNK B 3528 -97.71 49.68 40.98
C UNK B 3528 -98.43 48.43 41.47
N UNK B 3529 -99.39 47.98 40.67
CA UNK B 3529 -100.09 46.73 40.95
C UNK B 3529 -99.67 45.68 39.93
N UNK B 3530 -98.38 45.32 39.96
CA UNK B 3530 -97.86 44.26 39.11
C UNK B 3530 -98.14 42.91 39.75
N UNK B 3531 -97.17 42.40 40.50
CA UNK B 3531 -97.33 41.15 41.23
C UNK B 3531 -96.70 41.25 42.61
N UNK B 3532 -96.59 42.47 43.11
CA UNK B 3532 -96.05 42.78 44.44
C UNK B 3532 -94.66 42.19 44.64
N UNK B 3533 -93.74 42.52 43.73
CA UNK B 3533 -92.36 42.01 43.73
C UNK B 3533 -92.30 40.49 43.73
N UNK B 3534 -91.15 39.95 44.15
CA UNK B 3534 -90.91 38.52 44.33
C UNK B 3534 -91.03 37.64 43.07
N UNK B 3535 -91.65 38.15 42.01
CA UNK B 3535 -91.82 37.39 40.78
C UNK B 3535 -90.53 37.39 39.97
N UNK B 3536 -90.15 38.55 39.45
CA UNK B 3536 -88.95 38.75 38.65
C UNK B 3536 -88.90 37.81 37.44
N UNK B 3537 -90.05 37.55 36.85
CA UNK B 3537 -90.14 36.67 35.69
C UNK B 3537 -89.91 37.47 34.40
N UNK B 3538 -88.68 37.91 34.20
CA UNK B 3538 -88.33 38.66 33.00
C UNK B 3538 -87.92 37.72 31.87
N UNK B 3539 -87.95 36.42 32.15
CA UNK B 3539 -87.65 35.41 31.14
C UNK B 3539 -88.78 35.38 30.12
N UNK B 3540 -90.00 35.60 30.59
CA UNK B 3540 -91.17 35.66 29.73
C UNK B 3540 -91.09 36.83 28.75
N UNK B 3541 -90.65 37.98 29.26
CA UNK B 3541 -90.53 39.18 28.44
C UNK B 3541 -89.46 39.01 27.36
N UNK B 3542 -88.29 38.56 27.77
CA UNK B 3542 -87.18 38.31 26.84
C UNK B 3542 -87.56 37.25 25.80
N UNK B 3543 -88.30 36.25 26.25
CA UNK B 3543 -88.77 35.19 25.35
C UNK B 3543 -89.71 35.75 24.30
N UNK B 3544 -90.81 36.37 24.75
CA UNK B 3544 -91.85 36.86 23.85
C UNK B 3544 -91.44 38.14 23.11
N UNK B 3545 -90.24 38.64 23.38
CA UNK B 3545 -89.71 39.76 22.61
C UNK B 3545 -88.62 39.35 21.62
N UNK B 3546 -87.82 38.34 21.97
CA UNK B 3546 -86.70 37.94 21.13
C UNK B 3546 -86.95 36.63 20.38
N UNK B 3547 -87.99 35.89 20.78
CA UNK B 3547 -88.33 34.63 20.13
C UNK B 3547 -89.82 34.35 20.24
N UNK B 3548 -90.57 34.75 19.22
CA UNK B 3548 -92.03 34.65 19.21
C UNK B 3548 -92.55 33.25 19.47
N UNK B 3549 -93.22 33.07 20.61
CA UNK B 3549 -93.73 31.77 21.00
C UNK B 3549 -95.24 31.82 21.28
N UNK B 3550 -95.93 32.73 20.60
CA UNK B 3550 -97.39 32.96 20.71
C UNK B 3550 -97.82 33.40 22.11
N UNK B 3551 -98.40 34.60 22.18
CA UNK B 3551 -98.72 35.29 23.44
C UNK B 3551 -99.49 34.46 24.46
N UNK B 3552 -100.62 33.88 24.06
CA UNK B 3552 -101.41 33.02 24.94
C UNK B 3552 -100.62 31.77 25.31
N UNK B 3553 -99.95 31.20 24.31
CA UNK B 3553 -99.15 30.01 24.51
C UNK B 3553 -97.93 30.32 25.38
N UNK B 3554 -97.29 31.46 25.14
CA UNK B 3554 -96.17 31.90 25.96
C UNK B 3554 -96.59 32.03 27.40
N UNK B 3555 -97.70 32.73 27.62
CA UNK B 3555 -98.30 32.90 28.94
C UNK B 3555 -98.49 31.55 29.64
N UNK B 3556 -99.35 30.71 29.05
CA UNK B 3556 -99.69 29.40 29.62
C UNK B 3556 -98.47 28.53 29.90
N UNK B 3557 -97.67 28.24 28.87
CA UNK B 3557 -96.49 27.39 29.01
C UNK B 3557 -95.46 27.97 29.98
N UNK B 3558 -94.92 29.16 29.69
CA UNK B 3558 -93.86 29.73 30.50
C UNK B 3558 -94.32 30.16 31.90
N UNK B 3559 -95.62 30.13 32.20
CA UNK B 3559 -96.06 30.30 33.57
C UNK B 3559 -96.22 28.94 34.22
N UNK B 3560 -96.49 27.93 33.40
CA UNK B 3560 -96.60 26.56 33.88
C UNK B 3560 -95.22 25.89 33.93
N UNK B 3561 -94.29 26.38 33.11
CA UNK B 3561 -92.95 25.80 33.04
C UNK B 3561 -91.95 26.62 33.86
N UNK B 3562 -92.42 27.21 34.97
CA UNK B 3562 -91.55 27.97 35.85
C UNK B 3562 -92.08 27.97 37.28
N UNK B 3563 -91.18 27.84 38.24
CA UNK B 3563 -91.55 27.81 39.65
C UNK B 3563 -90.46 28.45 40.51
N UNK B 3564 -90.13 29.71 40.20
CA UNK B 3564 -89.11 30.43 40.95
C UNK B 3564 -89.73 31.58 41.74
N UNK B 3565 -89.82 31.41 43.05
CA UNK B 3565 -90.40 32.42 43.92
C UNK B 3565 -89.87 32.27 45.35
N UNK B 3566 -88.77 32.96 45.65
CA UNK B 3566 -88.16 32.88 46.97
C UNK B 3566 -87.71 34.26 47.44
N UNK B 3567 -87.16 34.30 48.65
CA UNK B 3567 -86.64 35.54 49.22
C UNK B 3567 -85.12 35.57 49.15
N UNK B 3568 -84.53 36.73 49.38
CA UNK B 3568 -83.09 36.88 49.33
C UNK B 3568 -82.60 37.91 50.35
N UNK B 3569 -82.41 39.14 49.88
CA UNK B 3569 -81.90 40.21 50.75
C UNK B 3569 -82.89 41.36 50.85
N UNK B 3570 -83.23 41.95 49.71
CA UNK B 3570 -84.12 43.10 49.67
C UNK B 3570 -85.58 42.69 49.48
N UNK B 3571 -85.90 41.46 49.87
CA UNK B 3571 -87.27 40.98 49.80
C UNK B 3571 -88.11 41.60 50.90
N UNK B 3572 -87.45 41.99 51.98
CA UNK B 3572 -88.10 42.54 53.17
C UNK B 3572 -88.88 43.82 52.90
N UNK B 3573 -88.18 44.85 52.44
CA UNK B 3573 -88.79 46.17 52.20
C UNK B 3573 -89.87 46.12 51.13
N UNK B 3574 -89.59 45.44 50.02
CA UNK B 3574 -90.55 45.33 48.93
C UNK B 3574 -91.79 44.54 49.36
N UNK B 3575 -91.58 43.45 50.10
CA UNK B 3575 -92.67 42.60 50.54
C UNK B 3575 -93.49 43.25 51.66
N UNK B 3576 -92.89 44.19 52.38
CA UNK B 3576 -93.60 44.88 53.46
C UNK B 3576 -94.14 46.23 53.00
N UNK B 3577 -93.80 46.64 51.78
CA UNK B 3577 -94.36 47.85 51.20
C UNK B 3577 -95.41 47.55 50.14
N UNK B 3578 -95.40 46.31 49.63
CA UNK B 3578 -96.34 45.91 48.60
C UNK B 3578 -97.51 45.12 49.17
N UNK B 3579 -97.21 44.11 49.96
CA UNK B 3579 -98.24 43.23 50.50
C UNK B 3579 -98.64 43.61 51.93
N UNK B 3580 -98.70 44.91 52.21
CA UNK B 3580 -99.05 45.38 53.54
C UNK B 3580 -100.42 46.05 53.55
N UNK B 3581 -100.44 47.32 53.94
CA UNK B 3581 -101.68 48.07 54.06
C UNK B 3581 -102.25 48.42 52.68
N UNK B 3582 -103.14 47.56 52.19
CA UNK B 3582 -103.78 47.77 50.90
C UNK B 3582 -105.09 46.99 50.82
N UNK B 3583 -105.11 45.97 49.97
CA UNK B 3583 -106.28 45.12 49.81
C UNK B 3583 -105.87 43.76 49.25
N UNK B 3584 -104.59 43.62 48.94
CA UNK B 3584 -104.07 42.40 48.35
C UNK B 3584 -103.92 41.29 49.40
N UNK B 3585 -104.06 40.05 48.94
CA UNK B 3585 -103.91 38.90 49.83
C UNK B 3585 -103.32 37.72 49.05
N UNK B 3586 -103.89 36.53 49.26
CA UNK B 3586 -103.45 35.34 48.55
C UNK B 3586 -104.34 35.07 47.34
N UNK B 3587 -103.79 35.27 46.14
CA UNK B 3587 -104.53 35.08 44.91
C UNK B 3587 -104.28 33.68 44.33
N UNK B 3588 -104.58 33.50 43.05
CA UNK B 3588 -104.39 32.22 42.39
C UNK B 3588 -103.35 32.36 41.27
N UNK B 3589 -103.44 31.47 40.28
CA UNK B 3589 -102.54 31.51 39.14
C UNK B 3589 -103.16 32.30 37.99
N UNK B 3590 -102.75 31.99 36.76
CA UNK B 3590 -103.31 32.57 35.53
C UNK B 3590 -103.14 34.09 35.37
N UNK B 3591 -103.39 34.85 36.43
CA UNK B 3591 -103.26 36.31 36.38
C UNK B 3591 -101.79 36.72 36.34
N UNK B 3592 -100.92 35.85 36.83
CA UNK B 3592 -99.48 36.08 36.76
C UNK B 3592 -99.03 36.04 35.31
N UNK B 3593 -99.73 35.26 34.49
CA UNK B 3593 -99.47 35.22 33.06
C UNK B 3593 -99.86 36.55 32.42
N UNK B 3594 -100.93 37.17 32.92
CA UNK B 3594 -101.34 38.49 32.45
C UNK B 3594 -100.33 39.55 32.87
N UNK B 3595 -99.77 39.37 34.06
CA UNK B 3595 -98.71 40.26 34.55
C UNK B 3595 -97.46 40.13 33.67
N UNK B 3596 -97.14 38.89 33.29
CA UNK B 3596 -96.02 38.62 32.40
C UNK B 3596 -96.28 39.19 31.00
N UNK B 3597 -97.55 39.21 30.59
CA UNK B 3597 -97.93 39.81 29.32
C UNK B 3597 -97.75 41.32 29.36
N UNK B 3598 -98.09 41.92 30.50
CA UNK B 3598 -97.86 43.35 30.72
C UNK B 3598 -96.36 43.65 30.69
N UNK B 3599 -95.58 42.74 31.28
CA UNK B 3599 -94.12 42.86 31.28
C UNK B 3599 -93.56 42.74 29.87
N UNK B 3600 -94.19 41.89 29.06
CA UNK B 3600 -93.80 41.72 27.66
C UNK B 3600 -94.13 42.97 26.85
N UNK B 3601 -95.26 43.60 27.19
CA UNK B 3601 -95.64 44.87 26.57
C UNK B 3601 -94.63 45.95 26.93
N UNK B 3602 -94.20 45.94 28.19
CA UNK B 3602 -93.16 46.86 28.67
C UNK B 3602 -91.83 46.61 27.94
N UNK B 3603 -91.54 45.34 27.69
CA UNK B 3603 -90.34 44.95 26.97
C UNK B 3603 -90.40 45.42 25.52
N UNK B 3604 -91.58 45.34 24.93
CA UNK B 3604 -91.81 45.83 23.57
C UNK B 3604 -91.65 47.34 23.52
N UNK B 3605 -92.12 48.02 24.57
CA UNK B 3605 -91.98 49.47 24.68
C UNK B 3605 -90.51 49.87 24.82
N UNK B 3606 -89.75 49.04 25.54
CA UNK B 3606 -88.32 49.27 25.71
C UNK B 3606 -87.56 49.00 24.42
N UNK B 3607 -88.07 48.05 23.63
CA UNK B 3607 -87.47 47.73 22.33
C UNK B 3607 -87.82 48.79 21.30
N UNK B 3608 -88.93 49.49 21.52
CA UNK B 3608 -89.37 50.55 20.63
C UNK B 3608 -88.48 51.78 20.78
N UNK B 3609 -87.85 51.92 21.95
CA UNK B 3609 -86.95 53.04 22.20
C UNK B 3609 -85.49 52.57 22.14
N UNK B 3610 -85.21 51.64 21.23
CA UNK B 3610 -83.86 51.13 21.05
C UNK B 3610 -83.11 51.96 20.01
N UNK B 3611 -83.84 52.78 19.26
CA UNK B 3611 -83.25 53.64 18.25
C UNK B 3611 -84.08 54.90 18.06
N UNK B 3612 -84.54 55.47 19.16
CA UNK B 3612 -85.34 56.70 19.12
C UNK B 3612 -85.20 57.48 20.41
N UNK B 3613 -84.35 56.99 21.31
CA UNK B 3613 -84.11 57.65 22.58
C UNK B 3613 -82.67 57.47 23.03
N THR B 3639 -72.93 70.05 -22.16
CA THR B 3639 -72.85 70.80 -23.41
C THR B 3639 -73.47 70.01 -24.57
N PRO B 3640 -74.55 70.55 -25.14
CA PRO B 3640 -75.20 69.86 -26.25
C PRO B 3640 -74.34 69.87 -27.51
N LEU B 3641 -74.53 68.83 -28.34
CA LEU B 3641 -73.82 68.77 -29.61
C LEU B 3641 -74.25 69.91 -30.54
N TYR B 3642 -75.53 70.29 -30.50
CA TYR B 3642 -75.98 71.46 -31.25
C TYR B 3642 -75.37 72.73 -30.64
N ASN B 3643 -75.53 73.85 -31.36
CA ASN B 3643 -75.05 75.15 -30.82
C ASN B 3643 -73.51 75.17 -30.85
N LEU B 3644 -72.92 74.67 -31.94
CA LEU B 3644 -71.45 74.70 -32.11
C LEU B 3644 -71.18 75.25 -33.51
N PRO B 3645 -70.00 75.85 -33.80
CA PRO B 3645 -69.69 76.28 -35.17
C PRO B 3645 -69.81 75.06 -36.08
N THR B 3646 -68.69 74.57 -36.60
CA THR B 3646 -68.74 73.33 -37.36
C THR B 3646 -67.38 72.64 -37.45
N HIS B 3647 -66.28 73.41 -37.50
CA HIS B 3647 -64.98 72.80 -37.76
C HIS B 3647 -64.52 71.91 -36.60
N ARG B 3648 -64.83 72.31 -35.37
CA ARG B 3648 -64.51 71.45 -34.22
C ARG B 3648 -65.32 70.16 -34.26
N ALA B 3649 -66.58 70.25 -34.68
CA ALA B 3649 -67.39 69.05 -34.85
C ALA B 3649 -66.82 68.15 -35.95
N CYS B 3650 -66.34 68.75 -37.04
CA CYS B 3650 -65.71 67.97 -38.10
C CYS B 3650 -64.43 67.29 -37.62
N ASN B 3651 -63.62 67.99 -36.82
CA ASN B 3651 -62.41 67.38 -36.28
C ASN B 3651 -62.74 66.22 -35.35
N MET B 3652 -63.73 66.41 -34.47
CA MET B 3652 -64.15 65.31 -33.60
C MET B 3652 -64.72 64.14 -34.41
N PHE B 3653 -65.43 64.44 -35.51
CA PHE B 3653 -65.92 63.39 -36.38
C PHE B 3653 -64.76 62.65 -37.04
N LEU B 3654 -63.71 63.36 -37.43
CA LEU B 3654 -62.54 62.71 -38.01
C LEU B 3654 -61.88 61.77 -37.00
N GLU B 3655 -61.76 62.21 -35.74
CA GLU B 3655 -61.19 61.35 -34.72
C GLU B 3655 -62.08 60.12 -34.44
N SER B 3656 -63.39 60.32 -34.35
CA SER B 3656 -64.29 59.21 -34.08
C SER B 3656 -64.33 58.23 -35.25
N TYR B 3657 -64.30 58.74 -36.47
CA TYR B 3657 -64.31 57.87 -37.66
C TYR B 3657 -62.97 57.18 -37.84
N LYS B 3658 -61.88 57.78 -37.35
CA LYS B 3658 -60.60 57.08 -37.30
C LYS B 3658 -60.63 55.96 -36.27
N ALA B 3659 -61.27 56.21 -35.12
CA ALA B 3659 -61.44 55.16 -34.12
C ALA B 3659 -62.26 54.01 -34.68
N ALA B 3660 -63.34 54.32 -35.40
CA ALA B 3660 -64.17 53.29 -36.03
C ALA B 3660 -63.56 52.72 -37.31
N TRP B 3661 -62.50 53.33 -37.86
CA TRP B 3661 -62.02 53.03 -39.20
C TRP B 3661 -61.57 51.58 -39.42
N ILE B 3662 -60.52 51.16 -38.74
CA ILE B 3662 -59.92 49.85 -38.98
C ILE B 3662 -59.98 49.08 -37.67
N LEU B 3663 -61.02 48.27 -37.51
CA LEU B 3663 -60.99 47.22 -36.49
C LEU B 3663 -60.26 45.99 -37.01
N THR B 3664 -60.55 45.60 -38.26
CA THR B 3664 -59.87 44.54 -38.98
C THR B 3664 -59.53 45.05 -40.36
N GLU B 3665 -58.30 44.79 -40.82
CA GLU B 3665 -57.92 45.19 -42.20
C GLU B 3665 -58.55 44.20 -43.17
N ASP B 3666 -57.94 44.04 -44.35
CA ASP B 3666 -58.44 43.00 -45.30
C ASP B 3666 -58.27 41.65 -44.62
N HIS B 3667 -57.17 41.47 -43.87
CA HIS B 3667 -56.86 40.17 -43.21
C HIS B 3667 -56.07 39.35 -44.22
N SER B 3668 -55.98 39.85 -45.45
CA SER B 3668 -55.14 39.21 -46.50
C SER B 3668 -54.50 40.33 -47.31
N PHE B 3669 -53.28 40.15 -47.78
CA PHE B 3669 -52.55 41.21 -48.53
C PHE B 3669 -51.05 40.95 -48.38
N GLU B 3670 -50.63 40.66 -47.14
CA GLU B 3670 -49.22 40.34 -46.96
C GLU B 3670 -48.87 39.02 -47.64
N ASP B 3671 -49.70 38.00 -47.42
CA ASP B 3671 -49.50 36.71 -48.06
C ASP B 3671 -49.63 36.83 -49.58
N ARG B 3672 -50.58 37.66 -50.05
CA ARG B 3672 -50.73 37.86 -51.49
C ARG B 3672 -49.49 38.51 -52.09
N MET B 3673 -48.93 39.51 -51.42
CA MET B 3673 -47.71 40.15 -51.93
C MET B 3673 -46.54 39.17 -51.95
N ILE B 3674 -46.31 38.46 -50.83
CA ILE B 3674 -45.24 37.47 -50.78
C ILE B 3674 -45.41 36.41 -51.86
N ASP B 3675 -46.65 35.97 -52.08
CA ASP B 3675 -46.93 34.94 -53.08
C ASP B 3675 -46.63 35.44 -54.49
N ASP B 3676 -47.06 36.67 -54.80
CA ASP B 3676 -46.84 37.23 -56.13
C ASP B 3676 -45.36 37.46 -56.42
N LEU B 3677 -44.60 37.93 -55.42
CA LEU B 3677 -43.17 38.06 -55.62
C LEU B 3677 -42.48 36.71 -55.69
N SER B 3678 -43.00 35.70 -55.00
CA SER B 3678 -42.31 34.42 -54.91
C SER B 3678 -42.47 33.58 -56.16
N LYS B 3679 -43.68 33.51 -56.73
CA LYS B 3679 -43.93 32.49 -57.74
C LYS B 3679 -43.20 32.73 -59.06
N ALA B 3680 -43.30 33.91 -59.66
CA ALA B 3680 -42.58 34.11 -60.90
C ALA B 3680 -41.35 34.99 -60.70
N GLY B 3681 -40.39 34.46 -59.93
CA GLY B 3681 -38.98 34.79 -60.07
C GLY B 3681 -38.51 35.16 -61.45
N GLU B 3682 -38.76 34.29 -62.44
CA GLU B 3682 -38.19 34.41 -63.78
C GLU B 3682 -39.31 34.39 -64.82
N GLN B 3683 -39.35 35.45 -65.63
CA GLN B 3683 -40.36 35.51 -66.69
C GLN B 3683 -39.83 34.82 -67.95
N GLU B 3684 -39.97 35.46 -69.11
CA GLU B 3684 -39.58 34.82 -70.36
C GLU B 3684 -38.06 34.74 -70.43
N GLU B 3685 -37.53 33.54 -70.20
CA GLU B 3685 -36.09 33.34 -70.15
C GLU B 3685 -35.47 33.38 -71.55
N GLU B 3686 -36.15 32.76 -72.53
CA GLU B 3686 -35.66 32.60 -73.90
C GLU B 3686 -34.35 31.82 -73.94
N GLU B 3687 -34.16 30.87 -73.01
CA GLU B 3687 -32.96 30.05 -72.92
C GLU B 3687 -31.70 30.89 -72.76
N GLU B 3688 -31.76 31.90 -71.90
CA GLU B 3688 -30.64 32.80 -71.64
C GLU B 3688 -30.33 32.72 -70.15
N GLU B 3689 -29.21 32.07 -69.80
CA GLU B 3689 -28.78 31.89 -68.42
C GLU B 3689 -27.31 32.31 -68.32
N VAL B 3690 -27.09 33.60 -68.03
CA VAL B 3690 -25.73 34.11 -67.86
C VAL B 3690 -25.09 33.50 -66.61
N GLU B 3691 -25.85 33.38 -65.54
CA GLU B 3691 -25.38 32.79 -64.30
C GLU B 3691 -26.20 31.54 -63.97
N GLU B 3692 -25.97 30.97 -62.79
CA GLU B 3692 -26.70 29.78 -62.39
C GLU B 3692 -28.17 30.07 -62.12
N LYS B 3693 -28.43 31.19 -61.43
CA LYS B 3693 -29.84 31.60 -61.17
C LYS B 3693 -29.87 33.08 -60.75
N LYS B 3694 -30.41 33.96 -61.60
CA LYS B 3694 -30.54 35.40 -61.25
C LYS B 3694 -31.52 35.51 -60.07
N PRO B 3695 -31.30 36.43 -59.09
CA PRO B 3695 -32.16 36.52 -57.90
C PRO B 3695 -33.52 37.18 -58.14
N ASP B 3696 -34.59 36.59 -57.60
CA ASP B 3696 -35.91 37.19 -57.69
C ASP B 3696 -35.97 38.47 -56.86
N PRO B 3697 -36.93 39.37 -57.12
CA PRO B 3697 -36.96 40.65 -56.39
C PRO B 3697 -37.09 40.51 -54.87
N LEU B 3698 -37.64 39.40 -54.37
CA LEU B 3698 -37.63 39.16 -52.93
C LEU B 3698 -36.21 39.01 -52.41
N HIS B 3699 -35.39 38.21 -53.08
CA HIS B 3699 -33.99 38.08 -52.70
C HIS B 3699 -33.24 39.38 -52.93
N GLN B 3700 -33.63 40.14 -53.96
CA GLN B 3700 -33.02 41.45 -54.19
C GLN B 3700 -33.26 42.39 -53.01
N LEU B 3701 -34.49 42.38 -52.49
CA LEU B 3701 -34.80 43.18 -51.30
C LEU B 3701 -34.05 42.66 -50.08
N VAL B 3702 -33.89 41.33 -49.98
CA VAL B 3702 -33.16 40.75 -48.84
C VAL B 3702 -31.70 41.20 -48.85
N LEU B 3703 -31.04 41.14 -50.01
CA LEU B 3703 -29.66 41.60 -50.07
C LEU B 3703 -29.56 43.12 -49.98
N HIS B 3704 -30.59 43.85 -50.40
CA HIS B 3704 -30.59 45.29 -50.17
C HIS B 3704 -30.62 45.62 -48.68
N PHE B 3705 -31.46 44.91 -47.92
CA PHE B 3705 -31.49 45.09 -46.47
C PHE B 3705 -30.18 44.65 -45.83
N SER B 3706 -29.58 43.58 -46.35
CA SER B 3706 -28.30 43.11 -45.82
C SER B 3706 -27.19 44.13 -46.08
N ARG B 3707 -27.18 44.74 -47.26
CA ARG B 3707 -26.19 45.77 -47.57
C ARG B 3707 -26.41 47.02 -46.73
N THR B 3708 -27.68 47.39 -46.50
CA THR B 3708 -27.97 48.53 -45.64
C THR B 3708 -27.52 48.28 -44.21
N ALA B 3709 -27.73 47.06 -43.70
CA ALA B 3709 -27.29 46.73 -42.35
C ALA B 3709 -25.77 46.63 -42.27
N LEU B 3710 -25.11 46.20 -43.34
CA LEU B 3710 -23.67 46.00 -43.33
C LEU B 3710 -22.88 47.30 -43.52
N THR B 3711 -23.55 48.40 -43.88
CA THR B 3711 -22.86 49.66 -44.03
C THR B 3711 -22.41 50.17 -42.67
N GLU B 3712 -21.13 50.53 -42.57
CA GLU B 3712 -20.55 50.94 -41.29
C GLU B 3712 -20.97 52.37 -40.97
N LYS B 3713 -21.69 52.55 -39.86
CA LYS B 3713 -22.12 53.86 -39.40
C LYS B 3713 -21.95 53.93 -37.89
N SER B 3714 -22.38 55.05 -37.31
CA SER B 3714 -22.36 55.24 -35.87
C SER B 3714 -23.72 55.18 -35.22
N LYS B 3715 -24.78 55.59 -35.94
CA LYS B 3715 -26.14 55.54 -35.43
C LYS B 3715 -27.04 54.94 -36.50
N LEU B 3716 -28.07 54.22 -36.05
CA LEU B 3716 -28.99 53.54 -36.95
C LEU B 3716 -30.20 54.44 -37.22
N ASP B 3717 -30.53 54.60 -38.50
CA ASP B 3717 -31.67 55.42 -38.89
C ASP B 3717 -32.98 54.68 -38.60
N GLU B 3718 -34.09 55.36 -38.86
CA GLU B 3718 -35.40 54.79 -38.58
C GLU B 3718 -35.71 53.64 -39.54
N ASP B 3719 -35.83 53.95 -40.83
CA ASP B 3719 -36.17 52.98 -41.89
C ASP B 3719 -37.48 52.26 -41.57
N TYR B 3720 -38.55 53.07 -41.53
CA TYR B 3720 -39.87 52.54 -41.23
C TYR B 3720 -40.37 51.58 -42.31
N LEU B 3721 -39.89 51.74 -43.55
CA LEU B 3721 -40.25 50.82 -44.61
C LEU B 3721 -39.71 49.42 -44.32
N TYR B 3722 -38.52 49.35 -43.71
CA TYR B 3722 -37.98 48.05 -43.30
C TYR B 3722 -38.86 47.38 -42.27
N MET B 3723 -39.36 48.13 -41.29
CA MET B 3723 -40.27 47.54 -40.32
C MET B 3723 -41.58 47.12 -40.97
N ALA B 3724 -42.05 47.90 -41.95
CA ALA B 3724 -43.27 47.54 -42.66
C ALA B 3724 -43.10 46.20 -43.39
N TYR B 3725 -41.98 46.04 -44.11
CA TYR B 3725 -41.72 44.77 -44.78
C TYR B 3725 -41.51 43.64 -43.78
N ALA B 3726 -40.90 43.94 -42.64
CA ALA B 3726 -40.70 42.92 -41.61
C ALA B 3726 -42.03 42.42 -41.06
N ASP B 3727 -42.97 43.33 -40.80
CA ASP B 3727 -44.30 42.91 -40.34
C ASP B 3727 -45.04 42.16 -41.44
N ILE B 3728 -44.89 42.58 -42.70
CA ILE B 3728 -45.55 41.87 -43.80
C ILE B 3728 -45.05 40.43 -43.90
N MET B 3729 -43.73 40.24 -43.89
CA MET B 3729 -43.19 38.90 -44.01
C MET B 3729 -43.43 38.08 -42.74
N ALA B 3730 -43.46 38.72 -41.57
CA ALA B 3730 -43.76 38.00 -40.33
C ALA B 3730 -45.21 37.51 -40.33
N LYS B 3731 -46.15 38.35 -40.77
CA LYS B 3731 -47.54 37.90 -40.88
C LYS B 3731 -47.69 36.80 -41.91
N SER B 3732 -46.98 36.91 -43.04
CA SER B 3732 -47.05 35.89 -44.07
C SER B 3732 -46.52 34.55 -43.55
N CYS B 3733 -45.45 34.57 -42.77
CA CYS B 3733 -44.89 33.34 -42.23
C CYS B 3733 -45.72 32.79 -41.08
N HIS B 3734 -46.31 33.65 -40.26
CA HIS B 3734 -46.98 33.24 -39.03
C HIS B 3734 -48.50 33.17 -39.19
N LEU B 3735 -49.04 33.28 -40.40
CA LEU B 3735 -50.47 33.07 -40.60
C LEU B 3735 -50.89 31.66 -40.19
N GLU B 3736 -50.09 30.65 -40.55
CA GLU B 3736 -50.40 29.29 -40.15
C GLU B 3736 -50.21 29.09 -38.65
N GLU B 3737 -49.22 29.76 -38.06
CA GLU B 3737 -49.02 29.66 -36.61
C GLU B 3737 -50.19 30.27 -35.85
N GLY B 3738 -50.71 31.41 -36.33
CA GLY B 3738 -51.88 32.00 -35.71
C GLY B 3738 -53.15 31.20 -35.96
N GLY B 3739 -53.23 30.54 -37.11
CA GLY B 3739 -54.37 29.67 -37.37
C GLY B 3739 -54.39 28.45 -36.47
N GLU B 3740 -53.22 27.88 -36.21
CA GLU B 3740 -53.11 26.72 -35.34
C GLU B 3740 -53.27 27.12 -33.87
N GLU B 3748 -63.41 20.43 -28.08
CA GLU B 3748 -63.14 19.05 -28.45
C GLU B 3748 -61.96 18.96 -29.41
N VAL B 3749 -61.97 17.92 -30.25
CA VAL B 3749 -60.91 17.71 -31.23
C VAL B 3749 -61.23 18.58 -32.45
N GLU B 3750 -60.49 19.66 -32.62
CA GLU B 3750 -60.74 20.60 -33.72
C GLU B 3750 -60.27 20.05 -35.06
N VAL B 3751 -59.06 19.47 -35.09
CA VAL B 3751 -58.47 19.01 -36.34
C VAL B 3751 -58.09 17.55 -36.20
N SER B 3752 -58.03 16.86 -37.34
CA SER B 3752 -57.62 15.47 -37.41
C SER B 3752 -56.12 15.40 -37.65
N PHE B 3753 -55.61 14.17 -37.78
CA PHE B 3753 -54.18 13.96 -38.02
C PHE B 3753 -53.79 14.48 -39.40
N GLU B 3754 -54.60 14.19 -40.43
CA GLU B 3754 -54.26 14.59 -41.79
C GLU B 3754 -54.25 16.11 -41.95
N GLU B 3755 -55.26 16.79 -41.39
CA GLU B 3755 -55.30 18.24 -41.50
C GLU B 3755 -54.18 18.90 -40.69
N LYS B 3756 -53.84 18.30 -39.53
CA LYS B 3756 -52.72 18.81 -38.75
C LYS B 3756 -51.40 18.68 -39.52
N GLU B 3757 -51.20 17.54 -40.18
CA GLU B 3757 -49.99 17.37 -41.00
C GLU B 3757 -49.99 18.32 -42.19
N MET B 3758 -51.16 18.54 -42.79
CA MET B 3758 -51.25 19.47 -43.92
C MET B 3758 -50.92 20.90 -43.48
N GLU B 3759 -51.41 21.31 -42.31
CA GLU B 3759 -51.07 22.65 -41.81
C GLU B 3759 -49.60 22.73 -41.39
N LYS B 3760 -49.02 21.63 -40.92
CA LYS B 3760 -47.58 21.61 -40.64
C LYS B 3760 -46.78 21.78 -41.92
N GLN B 3761 -47.21 21.12 -43.00
CA GLN B 3761 -46.55 21.30 -44.29
C GLN B 3761 -46.77 22.71 -44.84
N ARG B 3762 -47.93 23.32 -44.54
CA ARG B 3762 -48.15 24.71 -44.93
C ARG B 3762 -47.17 25.62 -44.23
N LEU B 3763 -46.99 25.43 -42.92
CA LEU B 3763 -46.04 26.24 -42.16
C LEU B 3763 -44.61 26.02 -42.63
N LEU B 3764 -44.26 24.76 -42.93
CA LEU B 3764 -42.92 24.46 -43.43
C LEU B 3764 -42.67 25.10 -44.79
N TYR B 3765 -43.67 25.09 -45.67
CA TYR B 3765 -43.52 25.75 -46.97
C TYR B 3765 -43.41 27.26 -46.80
N GLN B 3766 -44.17 27.84 -45.87
CA GLN B 3766 -44.07 29.28 -45.60
C GLN B 3766 -42.69 29.64 -45.07
N GLN B 3767 -42.12 28.79 -44.21
CA GLN B 3767 -40.78 29.05 -43.69
C GLN B 3767 -39.71 28.83 -44.76
N SER B 3768 -39.91 27.87 -45.66
CA SER B 3768 -38.95 27.62 -46.73
C SER B 3768 -39.01 28.67 -47.82
N ARG B 3769 -40.14 29.36 -47.97
CA ARG B 3769 -40.22 30.46 -48.91
C ARG B 3769 -39.33 31.62 -48.48
N LEU B 3770 -39.10 31.79 -47.18
CA LEU B 3770 -38.34 32.91 -46.65
C LEU B 3770 -36.91 32.57 -46.28
N HIS B 3771 -36.67 31.42 -45.64
CA HIS B 3771 -35.35 31.14 -45.08
C HIS B 3771 -34.38 30.55 -46.10
N THR B 3772 -34.82 30.30 -47.33
CA THR B 3772 -33.91 29.83 -48.39
C THR B 3772 -33.36 31.03 -49.15
N ARG B 3773 -32.88 32.01 -48.38
CA ARG B 3773 -32.38 33.32 -48.79
C ARG B 3773 -31.48 33.82 -47.67
N GLY B 3774 -31.10 35.09 -47.75
CA GLY B 3774 -30.27 35.68 -46.72
C GLY B 3774 -31.04 36.29 -45.58
N ALA B 3775 -32.15 35.66 -45.19
CA ALA B 3775 -33.01 36.22 -44.13
C ALA B 3775 -32.33 36.14 -42.77
N ALA B 3776 -31.77 34.97 -42.43
CA ALA B 3776 -31.08 34.82 -41.15
C ALA B 3776 -29.85 35.71 -41.07
N GLU B 3777 -29.11 35.82 -42.18
CA GLU B 3777 -27.96 36.72 -42.22
C GLU B 3777 -28.40 38.17 -42.04
N MET B 3778 -29.53 38.55 -42.66
CA MET B 3778 -29.98 39.93 -42.56
C MET B 3778 -30.48 40.25 -41.15
N VAL B 3779 -31.13 39.29 -40.47
CA VAL B 3779 -31.58 39.58 -39.12
C VAL B 3779 -30.41 39.58 -38.13
N LEU B 3780 -29.39 38.74 -38.36
CA LEU B 3780 -28.19 38.82 -37.53
C LEU B 3780 -27.46 40.14 -37.73
N GLN B 3781 -27.39 40.62 -38.98
CA GLN B 3781 -26.78 41.93 -39.24
C GLN B 3781 -27.58 43.06 -38.62
N MET B 3782 -28.91 42.96 -38.63
CA MET B 3782 -29.74 43.98 -38.00
C MET B 3782 -29.57 43.98 -36.48
N ILE B 3783 -29.45 42.81 -35.87
CA ILE B 3783 -29.22 42.74 -34.43
C ILE B 3783 -27.84 43.28 -34.08
N SER B 3784 -26.82 42.90 -34.87
CA SER B 3784 -25.46 43.37 -34.61
C SER B 3784 -25.26 44.84 -34.92
N ALA B 3785 -26.13 45.44 -35.73
CA ALA B 3785 -26.01 46.86 -36.05
C ALA B 3785 -26.26 47.72 -34.82
N CYS B 3786 -27.36 47.48 -34.12
CA CYS B 3786 -27.66 48.22 -32.90
C CYS B 3786 -26.80 47.70 -31.75
N LYS B 3787 -26.17 48.63 -31.03
CA LYS B 3787 -25.31 48.24 -29.91
C LYS B 3787 -26.12 47.96 -28.66
N GLY B 3788 -26.86 48.96 -28.19
CA GLY B 3788 -27.68 48.80 -26.99
C GLY B 3788 -29.00 49.53 -27.06
N GLU B 3789 -29.28 50.15 -28.22
CA GLU B 3789 -30.49 50.93 -28.38
C GLU B 3789 -31.72 50.03 -28.51
N THR B 3790 -32.76 50.34 -27.75
CA THR B 3790 -34.01 49.58 -27.78
C THR B 3790 -35.07 50.40 -28.49
N GLY B 3791 -35.74 49.77 -29.46
CA GLY B 3791 -36.77 50.43 -30.21
C GLY B 3791 -37.73 49.45 -30.82
N ALA B 3792 -38.63 49.96 -31.67
CA ALA B 3792 -39.59 49.11 -32.34
C ALA B 3792 -38.97 48.29 -33.46
N MET B 3793 -37.87 48.76 -34.05
CA MET B 3793 -37.24 48.03 -35.15
C MET B 3793 -36.61 46.73 -34.66
N VAL B 3794 -35.88 46.79 -33.54
CA VAL B 3794 -35.29 45.57 -32.99
C VAL B 3794 -36.38 44.64 -32.46
N SER B 3795 -37.49 45.20 -31.98
CA SER B 3795 -38.61 44.36 -31.56
C SER B 3795 -39.24 43.64 -32.74
N SER B 3796 -39.39 44.33 -33.87
CA SER B 3796 -39.90 43.67 -35.08
C SER B 3796 -38.93 42.62 -35.59
N THR B 3797 -37.63 42.89 -35.51
CA THR B 3797 -36.62 41.90 -35.89
C THR B 3797 -36.70 40.66 -35.01
N LEU B 3798 -36.87 40.86 -33.70
CA LEU B 3798 -37.00 39.74 -32.78
C LEU B 3798 -38.29 38.94 -33.04
N LYS B 3799 -39.38 39.64 -33.37
CA LYS B 3799 -40.63 38.96 -33.70
C LYS B 3799 -40.48 38.13 -34.98
N LEU B 3800 -39.78 38.69 -35.98
CA LEU B 3800 -39.52 37.93 -37.20
C LEU B 3800 -38.65 36.70 -36.92
N GLY B 3801 -37.64 36.86 -36.08
CA GLY B 3801 -36.79 35.73 -35.72
C GLY B 3801 -37.56 34.65 -34.96
N ILE B 3802 -38.51 35.07 -34.11
CA ILE B 3802 -39.40 34.12 -33.47
C ILE B 3802 -40.26 33.41 -34.50
N SER B 3803 -40.74 34.15 -35.49
CA SER B 3803 -41.60 33.58 -36.52
C SER B 3803 -40.87 32.54 -37.38
N ILE B 3804 -39.59 32.78 -37.65
CA ILE B 3804 -38.84 31.85 -38.52
C ILE B 3804 -38.65 30.50 -37.84
N LEU B 3805 -38.20 30.51 -36.59
CA LEU B 3805 -37.90 29.27 -35.85
C LEU B 3805 -38.97 28.94 -34.81
N ASN B 3806 -40.25 29.19 -35.12
CA ASN B 3806 -41.32 28.85 -34.19
C ASN B 3806 -41.39 27.36 -33.93
N GLY B 3807 -41.39 26.54 -34.99
CA GLY B 3807 -41.44 25.11 -34.83
C GLY B 3807 -40.07 24.46 -34.67
N GLY B 3808 -39.05 25.28 -34.41
CA GLY B 3808 -37.71 24.79 -34.18
C GLY B 3808 -36.76 25.12 -35.32
N ASN B 3809 -37.11 24.67 -36.53
CA ASN B 3809 -36.41 25.00 -37.78
C ASN B 3809 -34.91 24.70 -37.67
N ALA B 3810 -34.60 23.41 -37.53
CA ALA B 3810 -33.23 22.98 -37.30
C ALA B 3810 -32.30 23.29 -38.46
N GLU B 3811 -32.82 23.38 -39.70
CA GLU B 3811 -32.00 23.80 -40.83
C GLU B 3811 -31.56 25.24 -40.67
N VAL B 3812 -32.46 26.10 -40.19
CA VAL B 3812 -32.10 27.49 -39.92
C VAL B 3812 -31.08 27.57 -38.79
N GLN B 3813 -31.20 26.69 -37.78
CA GLN B 3813 -30.19 26.64 -36.73
C GLN B 3813 -28.83 26.22 -37.27
N GLN B 3814 -28.81 25.26 -38.19
CA GLN B 3814 -27.55 24.82 -38.78
C GLN B 3814 -26.91 25.93 -39.60
N LYS B 3815 -27.69 26.60 -40.45
CA LYS B 3815 -27.21 27.76 -41.20
C LYS B 3815 -26.70 28.86 -40.26
N MET B 3816 -27.42 29.08 -39.17
CA MET B 3816 -27.06 30.10 -38.18
C MET B 3816 -25.69 29.79 -37.57
N LEU B 3817 -25.50 28.55 -37.12
CA LEU B 3817 -24.23 28.14 -36.52
C LEU B 3817 -23.11 28.21 -37.55
N ASP B 3818 -23.38 27.79 -38.79
CA ASP B 3818 -22.35 27.83 -39.83
C ASP B 3818 -21.90 29.25 -40.12
N TYR B 3819 -22.84 30.19 -40.21
CA TYR B 3819 -22.47 31.57 -40.48
C TYR B 3819 -21.76 32.20 -39.28
N LEU B 3820 -22.20 31.86 -38.06
CA LEU B 3820 -21.53 32.40 -36.88
C LEU B 3820 -20.10 31.88 -36.77
N LYS B 3821 -19.87 30.61 -37.10
CA LYS B 3821 -18.53 30.06 -37.06
C LYS B 3821 -17.66 30.54 -38.20
N ASP B 3822 -18.26 30.84 -39.36
CA ASP B 3822 -17.47 31.37 -40.48
C ASP B 3822 -17.07 32.82 -40.23
N LYS B 3823 -18.02 33.64 -39.75
CA LYS B 3823 -17.73 35.06 -39.54
C LYS B 3823 -16.87 35.28 -38.31
N LYS B 3824 -17.16 34.55 -37.22
CA LYS B 3824 -16.43 34.60 -35.94
C LYS B 3824 -16.24 36.04 -35.42
N GLU B 3825 -17.25 36.86 -35.63
CA GLU B 3825 -17.23 38.26 -35.24
C GLU B 3825 -17.85 38.45 -33.87
N VAL B 3826 -17.49 39.58 -33.23
CA VAL B 3826 -17.98 39.92 -31.91
C VAL B 3826 -18.96 41.08 -32.04
N GLY B 3827 -19.97 41.11 -31.18
CA GLY B 3827 -20.96 42.17 -31.21
C GLY B 3827 -22.38 41.68 -31.03
N PHE B 3828 -22.66 40.46 -31.50
CA PHE B 3828 -23.98 39.86 -31.32
C PHE B 3828 -24.27 39.60 -29.84
N PHE B 3829 -23.35 38.93 -29.16
CA PHE B 3829 -23.56 38.64 -27.74
C PHE B 3829 -23.46 39.90 -26.89
N GLN B 3830 -22.62 40.86 -27.31
CA GLN B 3830 -22.57 42.14 -26.60
C GLN B 3830 -23.89 42.89 -26.73
N SER B 3831 -24.50 42.87 -27.92
CA SER B 3831 -25.80 43.50 -28.11
C SER B 3831 -26.89 42.79 -27.30
N ILE B 3832 -26.83 41.45 -27.26
CA ILE B 3832 -27.81 40.70 -26.47
C ILE B 3832 -27.68 41.03 -24.99
N GLN B 3833 -26.45 41.10 -24.48
CA GLN B 3833 -26.24 41.46 -23.08
C GLN B 3833 -26.69 42.88 -22.80
N ALA B 3834 -26.39 43.81 -23.71
CA ALA B 3834 -26.79 45.20 -23.52
C ALA B 3834 -28.31 45.35 -23.49
N LEU B 3835 -29.01 44.62 -24.36
CA LEU B 3835 -30.47 44.60 -24.31
C LEU B 3835 -30.98 43.94 -23.04
N MET B 3836 -30.24 42.95 -22.52
CA MET B 3836 -30.63 42.30 -21.29
C MET B 3836 -30.55 43.25 -20.10
N GLN B 3837 -29.50 44.09 -20.04
CA GLN B 3837 -29.38 45.02 -18.92
C GLN B 3837 -30.45 46.12 -18.96
N THR B 3838 -30.99 46.43 -20.14
CA THR B 3838 -32.00 47.47 -20.24
C THR B 3838 -33.37 47.03 -19.73
N CYS B 3839 -33.56 45.75 -19.43
CA CYS B 3839 -34.83 45.29 -18.90
C CYS B 3839 -35.05 45.80 -17.49
N SER B 3840 -36.29 46.14 -17.17
CA SER B 3840 -36.65 46.69 -15.88
C SER B 3840 -37.57 45.72 -15.12
N VAL B 3841 -37.77 46.02 -13.84
CA VAL B 3841 -38.61 45.22 -12.97
C VAL B 3841 -39.60 46.15 -12.27
N LEU B 3842 -40.44 45.58 -11.42
CA LEU B 3842 -41.40 46.35 -10.65
C LEU B 3842 -40.70 47.19 -9.59
N ASP B 3843 -41.25 48.37 -9.31
CA ASP B 3843 -40.67 49.32 -8.38
C ASP B 3843 -41.72 49.76 -7.37
N LEU B 3844 -41.29 49.89 -6.10
CA LEU B 3844 -42.24 50.23 -5.04
C LEU B 3844 -42.51 51.73 -4.96
N ASN B 3845 -41.47 52.55 -5.13
CA ASN B 3845 -41.67 54.00 -5.18
C ASN B 3845 -42.48 54.39 -6.41
N ALA B 3846 -42.21 53.75 -7.54
CA ALA B 3846 -43.05 53.94 -8.72
C ALA B 3846 -44.46 53.44 -8.48
N PHE B 3847 -44.64 52.44 -7.61
CA PHE B 3847 -45.98 51.97 -7.31
C PHE B 3847 -46.73 52.95 -6.41
N GLU B 3848 -46.02 53.63 -5.51
CA GLU B 3848 -46.66 54.69 -4.73
C GLU B 3848 -47.00 55.88 -5.60
N ARG B 3849 -46.15 56.17 -6.58
CA ARG B 3849 -46.51 57.16 -7.60
C ARG B 3849 -47.70 56.68 -8.42
N GLN B 3850 -47.82 55.36 -8.61
CA GLN B 3850 -49.02 54.80 -9.23
C GLN B 3850 -50.23 54.87 -8.30
N ASN B 3851 -50.02 54.93 -6.99
CA ASN B 3851 -51.13 55.22 -6.09
C ASN B 3851 -51.60 56.65 -6.25
N LYS B 3852 -50.67 57.61 -6.23
CA LYS B 3852 -51.06 59.06 -6.15
C LYS B 3852 -52.06 59.55 -7.20
N ALA B 3853 -51.62 59.83 -8.43
CA ALA B 3853 -52.50 60.51 -9.41
C ALA B 3853 -53.75 59.71 -9.78
N GLU B 3854 -53.64 58.41 -10.02
CA GLU B 3854 -54.87 57.70 -10.49
C GLU B 3854 -55.95 57.76 -9.42
N GLY B 3855 -55.59 57.49 -8.16
CA GLY B 3855 -56.57 57.47 -7.06
C GLY B 3855 -57.18 58.83 -6.76
N LEU B 3856 -56.34 59.88 -6.72
CA LEU B 3856 -56.85 61.22 -6.32
C LEU B 3856 -57.12 62.05 -7.57
N GLY B 3857 -56.85 61.50 -8.75
CA GLY B 3857 -56.97 62.32 -9.97
C GLY B 3857 -58.38 62.59 -10.43
N MET B 3858 -58.69 63.85 -10.76
CA MET B 3858 -59.98 64.19 -11.39
C MET B 3858 -59.56 64.65 -12.79
N VAL B 3859 -60.01 63.98 -13.85
CA VAL B 3859 -59.42 64.33 -15.17
C VAL B 3859 -59.89 65.74 -15.56
N ASN B 3860 -59.02 66.51 -16.23
CA ASN B 3860 -59.36 67.90 -16.62
C ASN B 3860 -60.53 67.85 -17.61
N GLU B 3861 -61.46 68.80 -17.53
CA GLU B 3861 -62.65 68.73 -18.42
C GLU B 3861 -62.17 68.87 -19.86
N ASP B 3862 -62.62 67.98 -20.75
CA ASP B 3862 -62.20 68.00 -22.18
C ASP B 3862 -60.82 67.34 -22.26
N GLY B 3863 -60.27 66.95 -21.10
CA GLY B 3863 -58.95 66.27 -21.08
C GLY B 3863 -59.10 64.77 -20.97
N THR B 3864 -60.33 64.28 -20.84
CA THR B 3864 -60.56 62.81 -20.81
C THR B 3864 -60.13 62.22 -22.15
N VAL B 3865 -60.46 62.91 -23.26
CA VAL B 3865 -60.09 62.43 -24.62
C VAL B 3865 -58.56 62.39 -24.69
N ILE B 3866 -57.90 63.43 -24.18
CA ILE B 3866 -56.40 63.41 -24.12
C ILE B 3866 -55.98 62.40 -23.06
N ASN B 3867 -54.83 61.73 -23.24
CA ASN B 3867 -54.31 60.82 -22.20
C ASN B 3867 -55.28 59.65 -21.98
N ARG B 3868 -55.08 58.88 -20.91
CA ARG B 3868 -55.92 57.67 -20.65
C ARG B 3868 -55.37 56.54 -21.54
N GLN B 3869 -54.26 56.81 -22.22
CA GLN B 3869 -53.61 55.78 -23.09
C GLN B 3869 -52.14 55.70 -22.68
N ASN B 3870 -51.56 54.50 -22.66
CA ASN B 3870 -50.16 54.35 -22.20
C ASN B 3870 -50.10 54.84 -20.75
N GLY B 3871 -51.17 54.63 -19.99
CA GLY B 3871 -51.21 55.03 -18.58
C GLY B 3871 -50.17 54.27 -17.77
N GLU B 3872 -49.98 52.99 -18.06
CA GLU B 3872 -49.07 52.16 -17.23
C GLU B 3872 -47.64 52.70 -17.28
N LYS B 3873 -46.96 52.70 -16.13
CA LYS B 3873 -45.54 53.12 -16.08
C LYS B 3873 -44.81 51.99 -15.38
N VAL B 3874 -45.58 51.06 -14.82
CA VAL B 3874 -44.98 49.86 -14.17
C VAL B 3874 -44.07 49.22 -15.23
N MET B 3875 -44.49 49.20 -16.50
CA MET B 3875 -43.53 48.69 -17.52
C MET B 3875 -43.99 48.72 -18.98
N ALA B 3876 -44.40 49.87 -19.56
CA ALA B 3876 -44.55 49.80 -21.02
C ALA B 3876 -43.77 48.66 -21.66
N ASP B 3877 -42.53 48.43 -21.23
CA ASP B 3877 -41.66 47.44 -21.88
C ASP B 3877 -41.89 46.05 -21.28
N ASP B 3878 -43.12 45.56 -21.43
CA ASP B 3878 -43.43 44.21 -21.00
C ASP B 3878 -43.19 43.17 -22.10
N GLU B 3879 -43.49 43.52 -23.35
CA GLU B 3879 -43.38 42.53 -24.44
C GLU B 3879 -41.93 42.26 -24.86
N PHE B 3880 -41.03 43.24 -24.71
CA PHE B 3880 -39.69 43.11 -25.27
C PHE B 3880 -38.89 42.02 -24.55
N THR B 3881 -38.97 41.96 -23.22
CA THR B 3881 -38.25 40.94 -22.46
C THR B 3881 -38.77 39.55 -22.80
N GLN B 3882 -40.10 39.40 -22.87
CA GLN B 3882 -40.69 38.11 -23.22
C GLN B 3882 -40.30 37.68 -24.62
N ASP B 3883 -40.27 38.62 -25.57
CA ASP B 3883 -39.86 38.29 -26.93
C ASP B 3883 -38.40 37.89 -26.99
N LEU B 3884 -37.54 38.58 -26.23
CA LEU B 3884 -36.12 38.23 -26.21
C LEU B 3884 -35.90 36.82 -25.66
N PHE B 3885 -36.51 36.51 -24.52
CA PHE B 3885 -36.36 35.17 -23.96
C PHE B 3885 -37.02 34.11 -24.83
N ARG B 3886 -38.11 34.45 -25.52
CA ARG B 3886 -38.73 33.52 -26.45
C ARG B 3886 -37.81 33.21 -27.62
N PHE B 3887 -37.13 34.24 -28.15
CA PHE B 3887 -36.17 34.02 -29.23
C PHE B 3887 -34.99 33.16 -28.77
N LEU B 3888 -34.48 33.44 -27.57
CA LEU B 3888 -33.38 32.64 -27.03
C LEU B 3888 -33.80 31.19 -26.80
N GLN B 3889 -35.04 30.97 -26.34
CA GLN B 3889 -35.55 29.62 -26.20
C GLN B 3889 -35.69 28.93 -27.56
N LEU B 3890 -36.19 29.66 -28.56
CA LEU B 3890 -36.40 29.08 -29.89
C LEU B 3890 -35.09 28.72 -30.57
N LEU B 3891 -34.01 29.45 -30.25
CA LEU B 3891 -32.69 29.06 -30.75
C LEU B 3891 -32.29 27.69 -30.22
N CYS B 3892 -32.60 27.40 -28.95
CA CYS B 3892 -32.26 26.13 -28.33
C CYS B 3892 -33.47 25.23 -28.12
N GLU B 3893 -34.53 25.40 -28.92
CA GLU B 3893 -35.77 24.67 -28.71
C GLU B 3893 -35.58 23.16 -28.90
N GLY B 3894 -34.97 22.76 -30.01
CA GLY B 3894 -34.65 21.36 -30.23
C GLY B 3894 -33.30 21.01 -29.64
N HIS B 3895 -33.12 19.72 -29.36
CA HIS B 3895 -31.83 19.25 -28.87
C HIS B 3895 -30.77 19.42 -29.97
N ASN B 3896 -29.94 20.45 -29.73
CA ASN B 3896 -28.80 20.77 -30.62
C ASN B 3896 -27.71 21.17 -29.63
N ASN B 3897 -26.76 20.27 -29.33
CA ASN B 3897 -25.77 20.55 -28.26
C ASN B 3897 -24.92 21.77 -28.62
N ASP B 3898 -24.55 21.92 -29.89
CA ASP B 3898 -23.66 23.04 -30.32
C ASP B 3898 -24.08 24.39 -29.71
N PHE B 3899 -25.37 24.69 -29.65
CA PHE B 3899 -25.84 25.98 -29.17
C PHE B 3899 -25.86 26.06 -27.65
N GLN B 3900 -26.10 24.92 -26.99
CA GLN B 3900 -26.02 24.87 -25.53
C GLN B 3900 -24.60 25.09 -25.03
N ASN B 3901 -23.60 24.77 -25.86
CA ASN B 3901 -22.21 25.05 -25.52
C ASN B 3901 -21.72 26.36 -26.11
N TYR B 3902 -22.23 26.76 -27.27
CA TYR B 3902 -21.82 28.01 -27.89
C TYR B 3902 -22.24 29.22 -27.05
N LEU B 3903 -23.42 29.15 -26.44
CA LEU B 3903 -23.87 30.25 -25.58
C LEU B 3903 -23.04 30.35 -24.31
N ARG B 3904 -22.57 29.21 -23.79
CA ARG B 3904 -21.76 29.23 -22.58
C ARG B 3904 -20.38 29.83 -22.84
N THR B 3905 -19.72 29.40 -23.92
CA THR B 3905 -18.41 29.92 -24.28
C THR B 3905 -18.25 29.88 -25.80
N GLN B 3906 -17.43 30.78 -26.31
CA GLN B 3906 -17.13 30.88 -27.73
C GLN B 3906 -15.64 30.68 -27.95
N THR B 3907 -15.29 29.76 -28.85
CA THR B 3907 -13.89 29.45 -29.13
C THR B 3907 -13.32 30.33 -30.24
N GLY B 3908 -14.09 30.54 -31.31
CA GLY B 3908 -13.59 31.34 -32.41
C GLY B 3908 -13.43 32.81 -32.05
N ASN B 3909 -14.37 33.35 -31.27
CA ASN B 3909 -14.31 34.75 -30.88
C ASN B 3909 -13.24 34.96 -29.82
N THR B 3910 -12.68 36.18 -29.82
CA THR B 3910 -11.65 36.55 -28.83
C THR B 3910 -12.24 36.95 -27.49
N THR B 3911 -13.55 37.20 -27.42
CA THR B 3911 -14.21 37.59 -26.18
C THR B 3911 -15.35 36.63 -25.89
N THR B 3912 -15.49 36.24 -24.63
CA THR B 3912 -16.52 35.29 -24.21
C THR B 3912 -17.51 36.01 -23.30
N ILE B 3913 -18.79 35.95 -23.68
CA ILE B 3913 -19.88 36.53 -22.91
C ILE B 3913 -20.86 35.42 -22.55
N ASN B 3914 -21.12 35.26 -21.26
CA ASN B 3914 -21.99 34.19 -20.78
C ASN B 3914 -23.42 34.72 -20.64
N ILE B 3915 -24.32 34.19 -21.46
CA ILE B 3915 -25.73 34.57 -21.37
C ILE B 3915 -26.38 34.00 -20.12
N ILE B 3916 -25.93 32.82 -19.68
CA ILE B 3916 -26.55 32.13 -18.54
C ILE B 3916 -26.35 32.92 -17.26
N ILE B 3917 -25.17 33.51 -17.06
CA ILE B 3917 -24.92 34.30 -15.87
C ILE B 3917 -25.79 35.55 -15.84
N CYS B 3918 -25.97 36.19 -17.01
CA CYS B 3918 -26.86 37.34 -17.09
C CYS B 3918 -28.31 36.95 -16.81
N THR B 3919 -28.72 35.76 -17.27
CA THR B 3919 -30.06 35.27 -16.97
C THR B 3919 -30.24 35.02 -15.47
N VAL B 3920 -29.20 34.48 -14.82
CA VAL B 3920 -29.25 34.26 -13.38
C VAL B 3920 -29.35 35.58 -12.63
N ASP B 3921 -28.58 36.60 -13.07
CA ASP B 3921 -28.66 37.91 -12.44
C ASP B 3921 -30.04 38.55 -12.64
N TYR B 3922 -30.61 38.41 -13.83
CA TYR B 3922 -31.95 38.93 -14.07
C TYR B 3922 -32.99 38.21 -13.22
N LEU B 3923 -32.84 36.89 -13.05
CA LEU B 3923 -33.75 36.14 -12.18
C LEU B 3923 -33.60 36.57 -10.72
N LEU B 3924 -32.36 36.87 -10.29
CA LEU B 3924 -32.15 37.40 -8.94
C LEU B 3924 -32.84 38.74 -8.76
N ARG B 3925 -32.73 39.63 -9.75
CA ARG B 3925 -33.40 40.92 -9.68
C ARG B 3925 -34.91 40.76 -9.64
N LEU B 3926 -35.45 39.84 -10.45
CA LEU B 3926 -36.89 39.59 -10.43
C LEU B 3926 -37.35 39.02 -9.09
N GLN B 3927 -36.55 38.11 -8.51
CA GLN B 3927 -36.88 37.56 -7.19
C GLN B 3927 -36.87 38.66 -6.12
N GLU B 3928 -35.89 39.56 -6.19
CA GLU B 3928 -35.85 40.67 -5.25
C GLU B 3928 -37.06 41.58 -5.41
N SER B 3929 -37.46 41.83 -6.66
CA SER B 3929 -38.64 42.67 -6.90
C SER B 3929 -39.91 42.02 -6.37
N ILE B 3930 -40.06 40.71 -6.59
CA ILE B 3930 -41.25 40.00 -6.09
C ILE B 3930 -41.25 39.98 -4.56
N SER B 3931 -40.08 39.78 -3.95
CA SER B 3931 -40.00 39.79 -2.49
C SER B 3931 -40.36 41.17 -1.92
N ASP B 3932 -39.88 42.23 -2.57
CA ASP B 3932 -40.21 43.59 -2.12
C ASP B 3932 -41.71 43.87 -2.27
N PHE B 3933 -42.30 43.44 -3.39
CA PHE B 3933 -43.73 43.65 -3.59
C PHE B 3933 -44.55 42.86 -2.56
N TYR B 3934 -44.13 41.62 -2.25
CA TYR B 3934 -44.81 40.84 -1.24
C TYR B 3934 -44.68 41.49 0.14
N TRP B 3935 -43.50 42.02 0.47
CA TRP B 3935 -43.32 42.67 1.76
C TRP B 3935 -44.14 43.94 1.86
N TYR B 3936 -44.32 44.66 0.74
CA TYR B 3936 -45.14 45.86 0.78
C TYR B 3936 -46.63 45.52 0.91
N TYR B 3937 -47.07 44.44 0.25
CA TYR B 3937 -48.46 44.01 0.31
C TYR B 3937 -48.75 43.09 1.49
N SER B 3938 -47.75 42.82 2.34
CA SER B 3938 -47.97 41.97 3.51
C SER B 3938 -48.93 42.61 4.50
N GLY B 3939 -48.85 43.94 4.67
CA GLY B 3939 -49.70 44.61 5.64
C GLY B 3939 -51.17 44.58 5.28
N LYS B 3940 -51.48 44.84 4.01
CA LYS B 3940 -52.87 44.81 3.57
C LYS B 3940 -53.34 43.39 3.35
N ASP B 3941 -54.60 43.14 3.71
CA ASP B 3941 -55.22 41.83 3.56
C ASP B 3941 -55.98 41.67 2.26
N VAL B 3942 -56.03 42.70 1.41
CA VAL B 3942 -56.75 42.65 0.15
C VAL B 3942 -55.83 43.14 -0.96
N ILE B 3943 -56.05 42.65 -2.17
CA ILE B 3943 -55.25 42.98 -3.34
C ILE B 3943 -56.16 43.55 -4.41
N GLU B 3944 -55.78 44.70 -4.96
CA GLU B 3944 -56.56 45.34 -6.02
C GLU B 3944 -56.34 44.62 -7.35
N GLU B 3945 -57.18 44.96 -8.33
CA GLU B 3945 -57.10 44.31 -9.64
C GLU B 3945 -55.84 44.72 -10.40
N GLN B 3946 -55.35 45.95 -10.18
CA GLN B 3946 -54.09 46.36 -10.78
C GLN B 3946 -52.94 45.52 -10.25
N GLY B 3947 -52.94 45.23 -8.95
CA GLY B 3947 -51.95 44.33 -8.38
C GLY B 3947 -52.05 42.93 -8.94
N LYS B 3948 -53.28 42.46 -9.18
CA LYS B 3948 -53.47 41.16 -9.82
C LYS B 3948 -52.87 41.12 -11.22
N ARG B 3949 -53.09 42.20 -11.99
CA ARG B 3949 -52.52 42.24 -13.34
C ARG B 3949 -50.99 42.32 -13.31
N ASN B 3950 -50.44 43.12 -12.39
CA ASN B 3950 -48.99 43.20 -12.27
C ASN B 3950 -48.38 41.86 -11.88
N PHE B 3951 -49.01 41.15 -10.93
CA PHE B 3951 -48.57 39.82 -10.58
C PHE B 3951 -48.67 38.86 -11.76
N SER B 3952 -49.77 38.96 -12.53
CA SER B 3952 -49.94 38.05 -13.67
C SER B 3952 -48.84 38.23 -14.70
N LYS B 3953 -48.52 39.48 -15.04
CA LYS B 3953 -47.43 39.73 -15.99
C LYS B 3953 -46.07 39.36 -15.39
N ALA B 3954 -45.87 39.59 -14.09
CA ALA B 3954 -44.59 39.27 -13.47
C ALA B 3954 -44.33 37.76 -13.48
N MET B 3955 -45.32 36.97 -13.08
CA MET B 3955 -45.16 35.52 -13.17
C MET B 3955 -45.21 35.00 -14.60
N SER B 3956 -45.81 35.72 -15.54
CA SER B 3956 -45.68 35.35 -16.96
C SER B 3956 -44.23 35.48 -17.42
N VAL B 3957 -43.59 36.59 -17.07
CA VAL B 3957 -42.17 36.78 -17.40
C VAL B 3957 -41.31 35.73 -16.70
N ALA B 3958 -41.61 35.45 -15.42
CA ALA B 3958 -40.88 34.42 -14.69
C ALA B 3958 -41.05 33.04 -15.32
N LYS B 3959 -42.26 32.74 -15.78
CA LYS B 3959 -42.50 31.47 -16.48
C LYS B 3959 -41.72 31.39 -17.78
N GLN B 3960 -41.65 32.49 -18.52
CA GLN B 3960 -40.87 32.50 -19.76
C GLN B 3960 -39.38 32.26 -19.48
N VAL B 3961 -38.85 32.94 -18.45
CA VAL B 3961 -37.44 32.75 -18.09
C VAL B 3961 -37.20 31.31 -17.63
N PHE B 3962 -38.12 30.75 -16.86
CA PHE B 3962 -37.97 29.37 -16.39
C PHE B 3962 -38.04 28.39 -17.55
N ASN B 3963 -38.92 28.63 -18.52
CA ASN B 3963 -38.99 27.76 -19.70
C ASN B 3963 -37.70 27.82 -20.51
N SER B 3964 -37.11 29.02 -20.63
CA SER B 3964 -35.81 29.14 -21.26
C SER B 3964 -34.75 28.36 -20.50
N LEU B 3965 -34.81 28.41 -19.16
CA LEU B 3965 -33.84 27.67 -18.35
C LEU B 3965 -33.99 26.16 -18.53
N THR B 3966 -35.23 25.65 -18.57
CA THR B 3966 -35.43 24.23 -18.82
C THR B 3966 -34.98 23.84 -20.22
N GLU B 3967 -35.12 24.74 -21.19
CA GLU B 3967 -34.65 24.45 -22.53
C GLU B 3967 -33.13 24.30 -22.57
N TYR B 3968 -32.42 25.16 -21.83
CA TYR B 3968 -30.96 25.03 -21.76
C TYR B 3968 -30.53 23.78 -21.00
N ILE B 3969 -31.17 23.49 -19.86
CA ILE B 3969 -30.78 22.34 -19.04
C ILE B 3969 -31.43 21.06 -19.53
N GLN B 3970 -32.17 21.13 -20.65
CA GLN B 3970 -32.83 19.97 -21.26
C GLN B 3970 -31.82 18.85 -21.53
N GLY B 3971 -31.29 18.81 -22.75
CA GLY B 3971 -30.02 18.21 -23.11
C GLY B 3971 -29.05 17.82 -22.00
N PRO B 3972 -28.18 16.84 -22.28
CA PRO B 3972 -27.24 16.35 -21.24
C PRO B 3972 -26.34 17.44 -20.68
N CYS B 3973 -25.63 18.17 -21.56
CA CYS B 3973 -25.08 19.49 -21.30
C CYS B 3973 -24.38 19.64 -19.95
N THR B 3974 -23.33 18.85 -19.73
CA THR B 3974 -22.62 18.83 -18.46
C THR B 3974 -22.03 20.20 -18.10
N GLY B 3975 -21.66 20.99 -19.10
CA GLY B 3975 -21.07 22.29 -18.84
C GLY B 3975 -22.03 23.28 -18.20
N ASN B 3976 -23.26 23.35 -18.72
CA ASN B 3976 -24.24 24.25 -18.12
C ASN B 3976 -24.73 23.74 -16.78
N GLN B 3977 -24.74 22.42 -16.58
CA GLN B 3977 -25.10 21.87 -15.27
C GLN B 3977 -24.05 22.22 -14.22
N GLN B 3978 -22.78 22.12 -14.57
CA GLN B 3978 -21.73 22.55 -13.65
C GLN B 3978 -21.73 24.06 -13.45
N SER B 3979 -22.08 24.83 -14.49
CA SER B 3979 -22.17 26.27 -14.35
C SER B 3979 -23.30 26.67 -13.40
N LEU B 3980 -24.46 26.03 -13.52
CA LEU B 3980 -25.55 26.29 -12.59
C LEU B 3980 -25.27 25.75 -11.20
N ALA B 3981 -24.43 24.72 -11.09
CA ALA B 3981 -23.96 24.29 -9.78
C ALA B 3981 -23.06 25.34 -9.14
N HIS B 3982 -22.24 26.02 -9.94
CA HIS B 3982 -21.32 27.03 -9.44
C HIS B 3982 -21.90 28.43 -9.47
N SER B 3983 -23.13 28.62 -9.95
CA SER B 3983 -23.71 29.95 -10.07
C SER B 3983 -24.37 30.35 -8.76
N ARG B 3984 -25.08 31.46 -8.77
CA ARG B 3984 -25.82 31.97 -7.61
C ARG B 3984 -27.30 31.64 -7.68
N LEU B 3985 -27.66 30.54 -8.35
CA LEU B 3985 -29.06 30.17 -8.50
C LEU B 3985 -29.70 29.79 -7.18
N TRP B 3986 -28.91 29.28 -6.22
CA TRP B 3986 -29.45 28.83 -4.95
C TRP B 3986 -30.02 29.99 -4.14
N ASP B 3987 -29.33 31.14 -4.14
CA ASP B 3987 -29.84 32.32 -3.45
C ASP B 3987 -31.14 32.81 -4.09
N ALA B 3988 -31.30 32.63 -5.39
CA ALA B 3988 -32.56 32.97 -6.04
C ALA B 3988 -33.67 32.01 -5.64
N VAL B 3989 -33.39 30.70 -5.69
CA VAL B 3989 -34.45 29.72 -5.49
C VAL B 3989 -34.87 29.61 -4.03
N VAL B 3990 -34.00 29.93 -3.08
CA VAL B 3990 -34.42 29.98 -1.67
C VAL B 3990 -35.46 31.07 -1.46
N GLY B 3991 -35.19 32.27 -2.01
CA GLY B 3991 -36.16 33.34 -1.92
C GLY B 3991 -37.42 33.05 -2.70
N PHE B 3992 -37.31 32.37 -3.85
CA PHE B 3992 -38.49 31.97 -4.59
C PHE B 3992 -39.35 30.99 -3.79
N LEU B 3993 -38.74 30.01 -3.13
CA LEU B 3993 -39.50 29.09 -2.30
C LEU B 3993 -40.16 29.80 -1.12
N HIS B 3994 -39.43 30.75 -0.53
CA HIS B 3994 -39.97 31.56 0.56
C HIS B 3994 -41.21 32.33 0.11
N VAL B 3995 -41.12 33.03 -1.02
CA VAL B 3995 -42.25 33.83 -1.48
C VAL B 3995 -43.38 32.93 -1.97
N PHE B 3996 -43.07 31.75 -2.52
CA PHE B 3996 -44.12 30.80 -2.88
C PHE B 3996 -44.92 30.37 -1.66
N ALA B 3997 -44.21 29.94 -0.60
CA ALA B 3997 -44.90 29.47 0.59
C ALA B 3997 -45.72 30.59 1.23
N HIS B 3998 -45.14 31.78 1.38
CA HIS B 3998 -45.86 32.86 2.05
C HIS B 3998 -47.01 33.39 1.20
N MET B 3999 -46.84 33.48 -0.12
CA MET B 3999 -47.91 33.96 -0.97
C MET B 3999 -49.03 32.95 -1.09
N MET B 4000 -48.72 31.64 -1.03
CA MET B 4000 -49.79 30.65 -1.04
C MET B 4000 -50.52 30.62 0.29
N MET B 4001 -49.81 30.85 1.40
CA MET B 4001 -50.48 30.88 2.70
C MET B 4001 -51.37 32.11 2.85
N LYS B 4002 -50.88 33.28 2.42
CA LYS B 4002 -51.67 34.51 2.55
C LYS B 4002 -52.75 34.62 1.50
N LEU B 4003 -52.51 34.12 0.29
CA LEU B 4003 -53.41 34.28 -0.85
C LEU B 4003 -54.61 33.33 -0.79
N ALA B 4004 -54.57 32.31 0.07
CA ALA B 4004 -55.58 31.26 0.03
C ALA B 4004 -56.93 31.71 0.58
N GLN B 4005 -56.95 32.71 1.46
CA GLN B 4005 -58.20 33.08 2.13
C GLN B 4005 -59.20 33.70 1.15
N ASP B 4006 -58.73 34.53 0.23
CA ASP B 4006 -59.63 35.19 -0.71
C ASP B 4006 -60.05 34.21 -1.80
N SER B 4007 -61.36 34.14 -2.04
CA SER B 4007 -61.89 33.23 -3.06
C SER B 4007 -61.80 33.81 -4.47
N SER B 4008 -61.94 35.13 -4.62
CA SER B 4008 -61.93 35.74 -5.94
C SER B 4008 -60.52 35.80 -6.53
N GLN B 4009 -59.49 35.60 -5.71
CA GLN B 4009 -58.11 35.61 -6.15
C GLN B 4009 -57.58 34.22 -6.49
N ILE B 4010 -58.48 33.26 -6.75
CA ILE B 4010 -58.06 31.88 -6.99
C ILE B 4010 -57.31 31.76 -8.32
N GLU B 4011 -57.62 32.63 -9.30
CA GLU B 4011 -56.92 32.59 -10.58
C GLU B 4011 -55.45 32.94 -10.42
N LEU B 4012 -55.15 33.96 -9.62
CA LEU B 4012 -53.76 34.31 -9.35
C LEU B 4012 -53.06 33.19 -8.60
N LEU B 4013 -53.79 32.51 -7.70
CA LEU B 4013 -53.21 31.39 -6.97
C LEU B 4013 -52.88 30.23 -7.90
N LYS B 4014 -53.74 29.93 -8.88
CA LYS B 4014 -53.44 28.85 -9.80
C LYS B 4014 -52.30 29.23 -10.75
N GLU B 4015 -52.19 30.52 -11.10
CA GLU B 4015 -51.02 30.96 -11.86
C GLU B 4015 -49.75 30.80 -11.04
N LEU B 4016 -49.81 31.13 -9.75
CA LEU B 4016 -48.66 30.92 -8.87
C LEU B 4016 -48.30 29.43 -8.79
N LEU B 4017 -49.31 28.58 -8.68
CA LEU B 4017 -49.06 27.12 -8.62
C LEU B 4017 -48.41 26.69 -9.94
N ASP B 4018 -48.99 27.10 -11.08
CA ASP B 4018 -48.39 26.77 -12.40
C ASP B 4018 -46.90 27.15 -12.40
N LEU B 4019 -46.58 28.38 -12.01
CA LEU B 4019 -45.19 28.83 -11.97
C LEU B 4019 -44.35 27.90 -11.09
N GLN B 4020 -44.92 27.47 -9.95
CA GLN B 4020 -44.23 26.47 -9.13
C GLN B 4020 -44.09 25.14 -9.86
N LYS B 4021 -45.04 24.81 -10.73
CA LYS B 4021 -44.94 23.62 -11.56
C LYS B 4021 -43.76 23.72 -12.51
N ASP B 4022 -43.61 24.86 -13.18
CA ASP B 4022 -42.44 25.04 -14.04
C ASP B 4022 -41.15 25.05 -13.24
N MET B 4023 -41.18 25.56 -12.01
CA MET B 4023 -39.99 25.53 -11.16
C MET B 4023 -39.60 24.10 -10.80
N VAL B 4024 -40.56 23.26 -10.41
CA VAL B 4024 -40.21 21.89 -10.05
C VAL B 4024 -39.86 21.06 -11.27
N VAL B 4025 -40.41 21.39 -12.45
CA VAL B 4025 -39.94 20.76 -13.68
C VAL B 4025 -38.48 21.13 -13.95
N MET B 4026 -38.12 22.39 -13.72
CA MET B 4026 -36.73 22.82 -13.88
C MET B 4026 -35.81 22.11 -12.89
N LEU B 4027 -36.27 21.95 -11.64
CA LEU B 4027 -35.48 21.25 -10.63
C LEU B 4027 -35.31 19.78 -10.99
N LEU B 4028 -36.35 19.14 -11.50
CA LEU B 4028 -36.24 17.75 -11.95
C LEU B 4028 -35.29 17.64 -13.13
N SER B 4029 -35.32 18.61 -14.05
CA SER B 4029 -34.43 18.61 -15.19
C SER B 4029 -32.98 18.86 -14.79
N LEU B 4030 -32.75 19.49 -13.64
CA LEU B 4030 -31.38 19.68 -13.16
C LEU B 4030 -30.74 18.36 -12.71
N LEU B 4031 -31.54 17.35 -12.38
CA LEU B 4031 -31.02 16.11 -11.82
C LEU B 4031 -30.67 15.08 -12.89
N GLU B 4032 -30.78 15.45 -14.17
CA GLU B 4032 -30.45 14.52 -15.23
C GLU B 4032 -28.95 14.21 -15.23
N GLY B 4033 -28.62 12.93 -15.33
CA GLY B 4033 -27.22 12.51 -15.28
C GLY B 4033 -26.58 12.73 -13.94
N ASN B 4034 -27.21 12.24 -12.86
CA ASN B 4034 -26.74 12.49 -11.50
C ASN B 4034 -26.08 11.23 -10.95
N VAL B 4035 -24.91 11.42 -10.34
CA VAL B 4035 -24.22 10.32 -9.67
C VAL B 4035 -24.91 10.02 -8.35
N VAL B 4036 -24.67 8.82 -7.81
CA VAL B 4036 -25.30 8.42 -6.56
C VAL B 4036 -24.87 9.35 -5.42
N ASN B 4037 -23.57 9.61 -5.31
CA ASN B 4037 -23.10 10.56 -4.31
C ASN B 4037 -23.22 11.99 -4.84
N GLY B 4038 -22.48 12.29 -5.90
CA GLY B 4038 -22.63 13.56 -6.60
C GLY B 4038 -22.23 14.76 -5.78
N MET B 4039 -22.35 15.93 -6.40
CA MET B 4039 -22.29 17.20 -5.70
C MET B 4039 -23.52 18.08 -5.94
N ILE B 4040 -24.24 17.87 -7.04
CA ILE B 4040 -25.48 18.60 -7.28
C ILE B 4040 -26.54 18.20 -6.28
N ALA B 4041 -26.62 16.90 -5.97
CA ALA B 4041 -27.58 16.42 -4.96
C ALA B 4041 -27.24 16.96 -3.58
N ARG B 4042 -25.94 17.09 -3.27
CA ARG B 4042 -25.54 17.68 -2.00
C ARG B 4042 -25.95 19.15 -1.91
N GLN B 4043 -25.80 19.89 -3.00
CA GLN B 4043 -26.25 21.28 -3.03
C GLN B 4043 -27.77 21.38 -2.93
N MET B 4044 -28.50 20.43 -3.53
CA MET B 4044 -29.95 20.40 -3.38
C MET B 4044 -30.35 20.13 -1.92
N VAL B 4045 -29.63 19.22 -1.26
CA VAL B 4045 -29.90 18.93 0.15
C VAL B 4045 -29.60 20.16 1.00
N ASP B 4046 -28.51 20.86 0.71
CA ASP B 4046 -28.20 22.10 1.42
C ASP B 4046 -29.26 23.17 1.19
N MET B 4047 -29.78 23.24 -0.04
CA MET B 4047 -30.88 24.17 -0.34
C MET B 4047 -32.13 23.81 0.46
N LEU B 4048 -32.44 22.52 0.58
CA LEU B 4048 -33.59 22.11 1.36
C LEU B 4048 -33.40 22.40 2.85
N VAL B 4049 -32.16 22.25 3.33
CA VAL B 4049 -31.87 22.58 4.73
C VAL B 4049 -32.03 24.08 4.99
N GLU B 4050 -31.50 24.91 4.08
CA GLU B 4050 -31.61 26.35 4.24
C GLU B 4050 -33.06 26.82 4.12
N SER B 4051 -33.82 26.22 3.22
CA SER B 4051 -35.24 26.55 3.04
C SER B 4051 -36.14 25.54 3.72
N SER B 4052 -35.77 25.11 4.93
CA SER B 4052 -36.51 24.06 5.62
C SER B 4052 -37.91 24.51 6.00
N SER B 4053 -38.06 25.77 6.45
CA SER B 4053 -39.34 26.23 6.98
C SER B 4053 -40.41 26.24 5.89
N ASN B 4054 -40.08 26.73 4.70
CA ASN B 4054 -41.06 26.79 3.61
C ASN B 4054 -41.43 25.39 3.14
N VAL B 4055 -40.45 24.48 3.09
CA VAL B 4055 -40.72 23.10 2.67
C VAL B 4055 -41.63 22.41 3.68
N GLU B 4056 -41.36 22.58 4.98
CA GLU B 4056 -42.23 22.00 6.00
C GLU B 4056 -43.62 22.61 5.94
N MET B 4057 -43.71 23.91 5.66
CA MET B 4057 -45.02 24.56 5.57
C MET B 4057 -45.84 24.00 4.41
N ILE B 4058 -45.23 23.88 3.23
CA ILE B 4058 -46.00 23.41 2.08
C ILE B 4058 -46.33 21.93 2.22
N LEU B 4059 -45.43 21.14 2.80
CA LEU B 4059 -45.74 19.72 3.02
C LEU B 4059 -46.83 19.55 4.06
N LYS B 4060 -46.83 20.38 5.11
CA LYS B 4060 -47.89 20.32 6.11
C LYS B 4060 -49.23 20.73 5.51
N PHE B 4061 -49.23 21.74 4.64
CA PHE B 4061 -50.47 22.15 3.98
C PHE B 4061 -51.01 21.04 3.09
N PHE B 4062 -50.13 20.43 2.30
CA PHE B 4062 -50.56 19.34 1.41
C PHE B 4062 -51.07 18.14 2.22
N ASP B 4063 -50.37 17.79 3.30
CA ASP B 4063 -50.80 16.68 4.14
C ASP B 4063 -52.14 16.97 4.81
N MET B 4064 -52.34 18.21 5.27
CA MET B 4064 -53.60 18.58 5.90
C MET B 4064 -54.75 18.51 4.91
N PHE B 4065 -54.54 19.02 3.69
CA PHE B 4065 -55.60 18.95 2.68
C PHE B 4065 -55.88 17.53 2.22
N LEU B 4066 -54.84 16.77 1.92
CA LEU B 4066 -55.10 15.34 1.61
C LEU B 4066 -55.92 14.78 2.79
N LYS B 4067 -55.43 14.98 4.02
CA LYS B 4067 -56.10 14.45 5.22
C LYS B 4067 -57.47 15.11 5.43
N LEU B 4068 -58.01 15.83 4.45
CA LEU B 4068 -59.39 16.38 4.66
C LEU B 4068 -60.27 15.99 3.47
N LYS B 4069 -59.74 15.33 2.45
CA LYS B 4069 -60.65 14.84 1.38
C LYS B 4069 -61.15 13.49 1.90
N ASP B 4070 -60.75 13.11 3.12
CA ASP B 4070 -61.14 11.80 3.71
C ASP B 4070 -61.91 12.01 5.01
N ILE B 4071 -61.39 12.79 5.95
CA ILE B 4071 -62.12 13.10 7.21
C ILE B 4071 -63.59 13.36 6.86
N VAL B 4072 -63.85 14.01 5.73
CA VAL B 4072 -65.25 14.29 5.27
C VAL B 4072 -65.92 13.00 4.83
N GLY B 4073 -65.22 12.12 4.11
CA GLY B 4073 -65.73 10.80 3.68
C GLY B 4073 -66.04 9.94 4.88
N SER B 4074 -65.27 10.11 5.97
CA SER B 4074 -65.40 9.23 7.16
C SER B 4074 -66.79 9.30 7.81
N GLU B 4075 -66.93 8.70 8.99
CA GLU B 4075 -68.22 8.76 9.73
C GLU B 4075 -68.73 10.21 9.72
N ALA B 4076 -68.01 11.16 10.34
CA ALA B 4076 -68.55 12.53 10.41
C ALA B 4076 -69.89 12.38 11.11
N PHE B 4077 -70.97 12.88 10.53
CA PHE B 4077 -72.34 12.70 11.09
C PHE B 4077 -72.60 13.62 12.29
N GLN B 4078 -71.78 14.64 12.53
CA GLN B 4078 -72.18 15.61 13.59
C GLN B 4078 -73.10 16.56 12.81
N ASP B 4079 -74.18 16.02 12.27
CA ASP B 4079 -75.19 16.76 11.45
C ASP B 4079 -74.50 16.86 10.10
N TYR B 4080 -73.30 16.28 10.04
CA TYR B 4080 -72.46 16.43 8.84
C TYR B 4080 -73.01 15.84 7.56
N VAL B 4081 -73.58 14.63 7.63
CA VAL B 4081 -73.90 14.01 6.30
C VAL B 4081 -74.95 14.84 5.56
N THR B 4082 -76.03 15.27 6.23
CA THR B 4082 -76.95 16.25 5.60
C THR B 4082 -77.35 15.73 4.22
N ASP B 4083 -77.59 14.43 4.05
CA ASP B 4083 -77.85 14.00 2.66
C ASP B 4083 -79.13 14.64 2.10
N PRO B 4084 -80.27 14.72 2.83
CA PRO B 4084 -81.52 15.24 2.24
C PRO B 4084 -81.60 16.71 1.77
N ARG B 4085 -81.06 17.64 2.56
CA ARG B 4085 -81.22 19.05 2.15
C ARG B 4085 -80.49 19.29 0.83
N GLY B 4086 -79.26 18.75 0.71
CA GLY B 4086 -78.43 18.98 -0.48
C GLY B 4086 -77.81 20.34 -0.26
N LEU B 4087 -76.86 20.78 -1.08
CA LEU B 4087 -76.47 22.20 -0.89
C LEU B 4087 -76.23 22.35 0.62
N ILE B 4088 -75.40 21.50 1.23
CA ILE B 4088 -75.38 21.50 2.72
C ILE B 4088 -75.06 22.91 3.19
N SER B 4089 -75.76 23.35 4.21
CA SER B 4089 -75.63 24.76 4.66
C SER B 4089 -74.26 24.95 5.31
N LYS B 4090 -73.75 26.17 5.26
CA LYS B 4090 -72.47 26.47 5.95
C LYS B 4090 -72.77 26.18 7.41
N LYS B 4091 -73.97 26.55 7.85
CA LYS B 4091 -74.39 26.21 9.22
C LYS B 4091 -74.45 24.69 9.44
N ASP B 4092 -74.99 23.92 8.48
CA ASP B 4092 -75.15 22.46 8.78
C ASP B 4092 -73.77 21.84 8.97
N PHE B 4093 -72.83 22.22 8.12
CA PHE B 4093 -71.43 21.79 8.30
C PHE B 4093 -70.87 22.38 9.60
N GLN B 4094 -71.24 23.61 9.99
CA GLN B 4094 -70.52 24.34 11.08
C GLN B 4094 -70.52 23.66 12.46
N LYS B 4095 -71.63 23.08 12.92
CA LYS B 4095 -71.51 22.33 14.21
C LYS B 4095 -70.53 21.19 13.92
N ALA B 4096 -70.55 20.66 12.69
CA ALA B 4096 -69.66 19.56 12.28
C ALA B 4096 -68.23 20.06 12.07
N MET B 4097 -68.10 21.22 11.42
CA MET B 4097 -66.75 21.70 11.10
C MET B 4097 -66.01 21.98 12.39
N ASP B 4098 -66.70 22.55 13.36
CA ASP B 4098 -65.99 22.98 14.58
C ASP B 4098 -65.34 21.82 15.32
N SER B 4099 -66.03 20.68 15.41
CA SER B 4099 -65.45 19.64 16.30
C SER B 4099 -64.82 18.46 15.55
N GLN B 4100 -63.54 18.23 15.85
CA GLN B 4100 -62.81 17.09 15.28
C GLN B 4100 -62.21 16.36 16.48
N LYS B 4101 -62.17 15.02 16.45
CA LYS B 4101 -61.54 14.22 17.54
C LYS B 4101 -60.58 13.28 16.83
N GLN B 4102 -59.47 13.84 16.32
CA GLN B 4102 -58.51 13.04 15.51
C GLN B 4102 -57.17 13.79 15.43
N PHE B 4103 -56.90 14.54 14.35
CA PHE B 4103 -55.60 15.25 14.15
C PHE B 4103 -55.68 16.80 14.00
N THR B 4104 -56.55 17.36 13.14
CA THR B 4104 -56.53 18.85 12.96
C THR B 4104 -57.81 19.66 13.19
N GLY B 4105 -57.93 20.51 14.25
CA GLY B 4105 -59.00 21.53 14.44
C GLY B 4105 -58.99 22.71 13.47
N PRO B 4106 -57.80 23.29 13.15
CA PRO B 4106 -57.63 24.45 12.24
C PRO B 4106 -57.99 24.39 10.75
N GLU B 4107 -57.75 23.27 10.05
CA GLU B 4107 -57.87 23.19 8.57
C GLU B 4107 -59.27 23.51 8.06
N ILE B 4108 -60.29 23.09 8.78
CA ILE B 4108 -61.68 23.25 8.26
C ILE B 4108 -61.94 24.75 8.05
N GLN B 4109 -61.44 25.64 8.90
CA GLN B 4109 -61.82 27.08 8.79
C GLN B 4109 -61.39 27.70 7.44
N PHE B 4110 -60.20 27.40 6.89
CA PHE B 4110 -59.84 28.03 5.58
C PHE B 4110 -60.86 27.53 4.57
N LEU B 4111 -61.22 26.24 4.69
CA LEU B 4111 -62.18 25.60 3.74
C LEU B 4111 -63.53 26.33 3.86
N LEU B 4112 -63.91 26.70 5.07
CA LEU B 4112 -65.25 27.30 5.21
C LEU B 4112 -65.27 28.58 4.39
N SER B 4113 -64.17 29.33 4.42
CA SER B 4113 -64.14 30.61 3.70
C SER B 4113 -64.13 30.34 2.20
N CYS B 4114 -63.43 29.27 1.78
CA CYS B 4114 -63.37 28.89 0.34
C CYS B 4114 -64.79 28.53 -0.10
N SER B 4115 -65.54 27.85 0.76
CA SER B 4115 -66.96 27.59 0.40
C SER B 4115 -67.61 28.97 0.31
N GLU B 4116 -68.48 29.18 -0.68
CA GLU B 4116 -69.03 30.55 -0.76
C GLU B 4116 -70.46 30.48 -0.24
N ALA B 4117 -70.77 31.21 0.83
CA ALA B 4117 -72.09 31.02 1.47
C ALA B 4117 -72.92 32.30 1.43
N ASP B 4118 -74.17 32.23 0.94
CA ASP B 4118 -75.10 33.39 0.99
C ASP B 4118 -76.31 32.90 1.78
N GLU B 4119 -76.75 33.66 2.80
CA GLU B 4119 -77.88 33.24 3.67
C GLU B 4119 -77.28 32.22 4.63
N ASN B 4120 -75.95 32.03 4.55
CA ASN B 4120 -75.21 31.11 5.43
C ASN B 4120 -75.37 29.69 4.89
N GLU B 4121 -76.02 29.51 3.73
CA GLU B 4121 -76.19 28.10 3.28
C GLU B 4121 -75.83 27.95 1.80
N MET B 4122 -74.56 28.07 1.44
CA MET B 4122 -74.18 27.79 0.03
C MET B 4122 -72.93 26.90 -0.09
N ILE B 4123 -73.01 25.61 0.21
CA ILE B 4123 -71.84 24.74 -0.10
C ILE B 4123 -72.38 23.86 -1.22
N ASN B 4124 -71.75 23.84 -2.39
CA ASN B 4124 -72.35 23.08 -3.51
C ASN B 4124 -71.37 21.98 -3.91
N PHE B 4125 -71.80 20.73 -3.95
CA PHE B 4125 -70.80 19.68 -4.23
C PHE B 4125 -70.21 19.83 -5.64
N GLU B 4126 -71.03 20.08 -6.67
CA GLU B 4126 -70.45 20.33 -8.03
C GLU B 4126 -69.62 21.62 -8.08
N GLU B 4127 -70.14 22.70 -7.48
CA GLU B 4127 -69.44 24.02 -7.52
C GLU B 4127 -68.11 23.93 -6.79
N PHE B 4128 -68.14 23.22 -5.66
CA PHE B 4128 -66.88 23.04 -4.92
C PHE B 4128 -66.45 21.61 -5.18
N ALA B 4129 -65.34 21.42 -5.87
CA ALA B 4129 -64.76 20.08 -6.03
C ALA B 4129 -63.47 20.37 -5.28
N ASN B 4130 -63.13 19.56 -4.31
CA ASN B 4130 -61.99 19.99 -3.46
C ASN B 4130 -60.98 20.90 -4.19
N ARG B 4131 -60.77 22.11 -3.72
CA ARG B 4131 -59.84 23.20 -4.13
C ARG B 4131 -58.62 22.70 -4.92
N PHE B 4132 -58.35 23.30 -6.08
CA PHE B 4132 -57.14 23.01 -6.85
C PHE B 4132 -56.72 21.55 -6.72
N GLN B 4133 -57.66 20.64 -6.99
CA GLN B 4133 -57.32 19.23 -7.04
C GLN B 4133 -56.51 18.90 -8.30
N GLU B 4134 -57.09 19.18 -9.48
CA GLU B 4134 -56.41 18.88 -10.73
C GLU B 4134 -55.12 19.68 -10.92
N PRO B 4135 -55.08 21.02 -10.69
CA PRO B 4135 -53.80 21.73 -10.85
C PRO B 4135 -52.72 21.26 -9.89
N ALA B 4136 -53.00 21.31 -8.57
CA ALA B 4136 -51.99 20.98 -7.58
C ALA B 4136 -51.67 19.49 -7.52
N ARG B 4137 -52.46 18.64 -8.18
CA ARG B 4137 -52.12 17.23 -8.26
C ARG B 4137 -50.79 17.02 -8.97
N ASP B 4138 -50.55 17.76 -10.06
CA ASP B 4138 -49.29 17.65 -10.79
C ASP B 4138 -48.12 18.15 -9.94
N ILE B 4139 -48.31 19.24 -9.19
CA ILE B 4139 -47.24 19.73 -8.32
C ILE B 4139 -46.95 18.72 -7.21
N GLY B 4140 -47.99 18.11 -6.65
CA GLY B 4140 -47.77 17.09 -5.63
C GLY B 4140 -47.05 15.87 -6.16
N PHE B 4141 -47.41 15.42 -7.36
CA PHE B 4141 -46.72 14.29 -7.97
C PHE B 4141 -45.26 14.64 -8.29
N ASN B 4142 -45.01 15.87 -8.75
CA ASN B 4142 -43.64 16.28 -9.04
C ASN B 4142 -42.80 16.37 -7.76
N VAL B 4143 -43.30 17.12 -6.79
CA VAL B 4143 -42.58 17.22 -5.48
C VAL B 4143 -42.30 15.80 -4.98
N ALA B 4144 -43.25 14.88 -5.18
CA ALA B 4144 -43.08 13.47 -4.73
C ALA B 4144 -41.90 12.84 -5.46
N VAL B 4145 -41.99 12.71 -6.79
CA VAL B 4145 -40.91 12.09 -7.57
C VAL B 4145 -39.58 12.78 -7.30
N LEU B 4146 -39.59 14.09 -7.01
CA LEU B 4146 -38.37 14.79 -6.63
C LEU B 4146 -37.81 14.24 -5.32
N LEU B 4147 -38.68 14.01 -4.33
CA LEU B 4147 -38.23 13.44 -3.06
C LEU B 4147 -37.77 12.00 -3.22
N THR B 4148 -38.43 11.24 -4.10
CA THR B 4148 -37.96 9.88 -4.38
C THR B 4148 -36.57 9.88 -5.02
N ASN B 4149 -36.35 10.80 -5.97
CA ASN B 4149 -35.04 10.92 -6.61
C ASN B 4149 -33.98 11.33 -5.59
N LEU B 4150 -34.30 12.28 -4.72
CA LEU B 4150 -33.34 12.73 -3.71
C LEU B 4150 -33.16 11.73 -2.59
N SER B 4151 -34.08 10.77 -2.44
CA SER B 4151 -33.95 9.75 -1.40
C SER B 4151 -33.16 8.54 -1.89
N GLU B 4152 -33.41 8.08 -3.12
CA GLU B 4152 -32.61 6.97 -3.66
C GLU B 4152 -31.16 7.38 -3.85
N HIS B 4153 -30.92 8.58 -4.35
CA HIS B 4153 -29.57 9.12 -4.44
C HIS B 4153 -29.18 9.81 -3.13
N VAL B 4154 -27.91 10.18 -3.03
CA VAL B 4154 -27.28 10.78 -1.85
C VAL B 4154 -27.64 10.04 -0.55
N PRO B 4155 -27.30 8.75 -0.45
CA PRO B 4155 -27.80 7.94 0.67
C PRO B 4155 -27.12 8.31 1.98
N HIS B 4156 -27.69 7.77 3.07
CA HIS B 4156 -27.15 7.90 4.43
C HIS B 4156 -27.08 9.36 4.87
N ASP B 4157 -28.16 10.10 4.66
CA ASP B 4157 -28.24 11.49 5.10
C ASP B 4157 -29.35 11.64 6.11
N PRO B 4158 -29.04 11.81 7.40
CA PRO B 4158 -30.11 11.93 8.41
C PRO B 4158 -30.94 13.19 8.29
N ARG B 4159 -30.43 14.23 7.63
CA ARG B 4159 -31.18 15.49 7.53
C ARG B 4159 -32.34 15.38 6.55
N LEU B 4160 -32.18 14.60 5.48
CA LEU B 4160 -33.26 14.39 4.52
C LEU B 4160 -34.30 13.39 5.04
N ARG B 4161 -33.94 12.58 6.05
CA ARG B 4161 -34.90 11.64 6.62
C ARG B 4161 -36.05 12.35 7.30
N ASN B 4162 -35.79 13.49 7.96
CA ASN B 4162 -36.87 14.26 8.58
C ASN B 4162 -37.82 14.79 7.50
N PHE B 4163 -37.28 15.28 6.40
CA PHE B 4163 -38.11 15.78 5.30
C PHE B 4163 -38.94 14.65 4.69
N LEU B 4164 -38.35 13.46 4.56
CA LEU B 4164 -39.09 12.31 4.05
C LEU B 4164 -40.18 11.88 5.02
N GLU B 4165 -39.92 11.98 6.32
CA GLU B 4165 -40.91 11.61 7.32
C GLU B 4165 -42.07 12.60 7.34
N LEU B 4166 -41.78 13.88 7.11
CA LEU B 4166 -42.86 14.88 7.10
C LEU B 4166 -43.74 14.75 5.85
N ALA B 4167 -43.21 14.17 4.78
CA ALA B 4167 -43.93 14.02 3.52
C ALA B 4167 -44.34 12.57 3.27
N GLU B 4168 -44.70 11.84 4.33
CA GLU B 4168 -45.08 10.44 4.18
C GLU B 4168 -46.42 10.31 3.47
N SER B 4169 -47.37 11.20 3.76
CA SER B 4169 -48.69 11.13 3.14
C SER B 4169 -48.61 11.39 1.64
N ILE B 4170 -47.73 12.32 1.23
CA ILE B 4170 -47.52 12.58 -0.19
C ILE B 4170 -46.97 11.35 -0.89
N LEU B 4171 -46.01 10.68 -0.26
CA LEU B 4171 -45.41 9.49 -0.87
C LEU B 4171 -46.40 8.34 -0.95
N GLU B 4172 -47.23 8.16 0.08
CA GLU B 4172 -48.21 7.08 0.06
C GLU B 4172 -49.36 7.37 -0.90
N TYR B 4173 -49.71 8.64 -1.09
CA TYR B 4173 -50.83 8.97 -1.97
C TYR B 4173 -50.46 8.78 -3.43
N PHE B 4174 -49.23 9.12 -3.81
CA PHE B 4174 -48.80 9.05 -5.20
C PHE B 4174 -47.99 7.80 -5.51
N ARG B 4175 -47.91 6.85 -4.58
CA ARG B 4175 -47.18 5.61 -4.84
C ARG B 4175 -47.78 4.76 -5.96
N PRO B 4176 -49.10 4.52 -6.04
CA PRO B 4176 -49.62 3.76 -7.19
C PRO B 4176 -49.41 4.45 -8.53
N TYR B 4177 -49.38 5.78 -8.55
CA TYR B 4177 -49.23 6.52 -9.79
C TYR B 4177 -47.78 6.76 -10.19
N LEU B 4178 -46.83 6.36 -9.37
CA LEU B 4178 -45.41 6.56 -9.65
C LEU B 4178 -44.83 5.28 -10.22
N GLY B 4179 -44.15 5.38 -11.35
CA GLY B 4179 -43.48 4.25 -11.98
C GLY B 4179 -42.02 4.55 -12.22
N ARG B 4180 -41.19 3.53 -12.04
CA ARG B 4180 -39.72 3.67 -12.27
C ARG B 4180 -39.26 2.59 -13.25
N ILE B 4181 -38.15 2.81 -13.92
CA ILE B 4181 -37.58 1.86 -14.91
C ILE B 4181 -36.08 2.08 -14.88
N GLU B 4182 -35.27 1.07 -15.20
CA GLU B 4182 -33.80 1.29 -15.29
C GLU B 4182 -33.38 1.03 -16.72
N ILE B 4183 -32.84 2.04 -17.39
CA ILE B 4183 -32.37 1.89 -18.76
C ILE B 4183 -30.87 2.16 -18.79
N MET B 4184 -30.28 1.94 -19.97
CA MET B 4184 -28.88 2.28 -20.23
C MET B 4184 -28.84 3.03 -21.55
N GLY B 4185 -28.43 4.29 -21.50
CA GLY B 4185 -28.37 5.10 -22.70
C GLY B 4185 -27.62 6.38 -22.48
N ALA B 4186 -27.07 6.91 -23.58
CA ALA B 4186 -26.32 8.16 -23.65
C ALA B 4186 -25.05 8.17 -22.80
N SER B 4187 -24.70 7.04 -22.18
CA SER B 4187 -23.50 6.88 -21.37
C SER B 4187 -23.27 5.38 -21.20
N ARG B 4188 -22.31 5.02 -20.36
CA ARG B 4188 -22.05 3.64 -19.99
C ARG B 4188 -22.53 3.35 -18.57
N ARG B 4189 -23.63 3.99 -18.17
CA ARG B 4189 -24.14 3.89 -16.81
C ARG B 4189 -25.65 3.66 -16.85
N ILE B 4190 -26.15 3.08 -15.77
CA ILE B 4190 -27.58 2.80 -15.63
C ILE B 4190 -28.29 4.05 -15.13
N GLU B 4191 -29.39 4.41 -15.79
CA GLU B 4191 -30.16 5.61 -15.45
C GLU B 4191 -31.59 5.23 -15.12
N ARG B 4192 -32.13 5.87 -14.08
CA ARG B 4192 -33.50 5.64 -13.65
C ARG B 4192 -34.39 6.78 -14.13
N ILE B 4193 -35.60 6.41 -14.57
CA ILE B 4193 -36.59 7.35 -15.09
C ILE B 4193 -37.88 7.16 -14.31
N TYR B 4194 -38.42 8.25 -13.78
CA TYR B 4194 -39.67 8.25 -13.04
C TYR B 4194 -40.76 8.86 -13.89
N PHE B 4195 -41.93 8.23 -13.90
CA PHE B 4195 -43.03 8.66 -14.75
C PHE B 4195 -44.35 8.39 -14.02
N GLU B 4196 -45.44 8.80 -14.67
CA GLU B 4196 -46.78 8.75 -14.10
C GLU B 4196 -47.58 7.61 -14.73
N ILE B 4197 -48.31 6.89 -13.89
CA ILE B 4197 -49.16 5.77 -14.31
C ILE B 4197 -50.61 6.18 -14.16
N SER B 4198 -51.39 6.03 -15.23
CA SER B 4198 -52.79 6.40 -15.21
C SER B 4198 -53.62 5.38 -14.44
N GLU B 4199 -54.76 5.83 -13.93
CA GLU B 4199 -55.62 4.97 -13.15
C GLU B 4199 -56.31 3.94 -14.04
N THR B 4200 -56.83 4.39 -15.20
CA THR B 4200 -57.59 3.50 -16.07
C THR B 4200 -56.71 2.42 -16.69
N ASN B 4201 -55.45 2.75 -17.01
CA ASN B 4201 -54.53 1.73 -17.53
C ASN B 4201 -54.22 0.69 -16.47
N ARG B 4202 -54.03 1.12 -15.21
CA ARG B 4202 -53.80 0.18 -14.13
C ARG B 4202 -55.02 -0.71 -13.91
N ALA B 4203 -56.22 -0.14 -14.00
CA ALA B 4203 -57.44 -0.94 -13.86
C ALA B 4203 -57.59 -1.94 -15.00
N GLN B 4204 -57.25 -1.54 -16.22
CA GLN B 4204 -57.32 -2.45 -17.36
C GLN B 4204 -56.25 -3.53 -17.29
N TRP B 4205 -55.11 -3.25 -16.64
CA TRP B 4205 -54.06 -4.24 -16.51
C TRP B 4205 -54.47 -5.40 -15.61
N GLU B 4206 -55.37 -5.15 -14.66
CA GLU B 4206 -55.77 -6.15 -13.68
C GLU B 4206 -56.87 -7.08 -14.19
N MET B 4207 -57.33 -6.88 -15.42
CA MET B 4207 -58.39 -7.71 -15.97
C MET B 4207 -57.89 -9.15 -16.16
N PRO B 4208 -58.76 -10.14 -15.88
CA PRO B 4208 -58.33 -11.54 -16.02
C PRO B 4208 -57.93 -11.95 -17.43
N GLN B 4209 -58.57 -11.39 -18.46
CA GLN B 4209 -58.19 -11.73 -19.83
C GLN B 4209 -56.79 -11.22 -20.17
N VAL B 4210 -56.43 -10.04 -19.67
CA VAL B 4210 -55.08 -9.52 -19.89
C VAL B 4210 -54.06 -10.38 -19.16
N LYS B 4211 -54.39 -10.84 -17.95
CA LYS B 4211 -53.48 -11.72 -17.22
C LYS B 4211 -53.33 -13.07 -17.90
N GLU B 4212 -54.42 -13.59 -18.49
CA GLU B 4212 -54.33 -14.86 -19.21
C GLU B 4212 -53.50 -14.72 -20.49
N SER B 4213 -53.67 -13.59 -21.20
CA SER B 4213 -52.83 -13.34 -22.38
C SER B 4213 -51.37 -13.20 -21.99
N LYS B 4214 -51.10 -12.53 -20.87
CA LYS B 4214 -49.72 -12.41 -20.39
C LYS B 4214 -49.14 -13.77 -20.02
N ARG B 4215 -49.93 -14.61 -19.36
CA ARG B 4215 -49.45 -15.95 -19.00
C ARG B 4215 -49.17 -16.78 -20.25
N GLN B 4216 -50.04 -16.69 -21.25
CA GLN B 4216 -49.80 -17.41 -22.51
C GLN B 4216 -48.54 -16.90 -23.21
N PHE B 4217 -48.32 -15.58 -23.21
CA PHE B 4217 -47.13 -15.01 -23.82
C PHE B 4217 -45.87 -15.47 -23.09
N ILE B 4218 -45.90 -15.47 -21.76
CA ILE B 4218 -44.75 -15.92 -20.97
C ILE B 4218 -44.47 -17.39 -21.22
N PHE B 4219 -45.52 -18.22 -21.29
CA PHE B 4219 -45.34 -19.64 -21.57
C PHE B 4219 -44.73 -19.86 -22.95
N ASP B 4220 -45.20 -19.11 -23.95
CA ASP B 4220 -44.66 -19.26 -25.29
C ASP B 4220 -43.20 -18.79 -25.36
N VAL B 4221 -42.86 -17.71 -24.66
CA VAL B 4221 -41.49 -17.21 -24.68
C VAL B 4221 -40.55 -18.16 -23.96
N VAL B 4222 -40.94 -18.65 -22.78
CA VAL B 4222 -40.07 -19.52 -22.00
C VAL B 4222 -39.91 -20.88 -22.66
N ASN B 4223 -41.01 -21.44 -23.18
CA ASN B 4223 -40.97 -22.80 -23.70
C ASN B 4223 -40.27 -22.89 -25.05
N GLU B 4224 -40.76 -22.16 -26.05
CA GLU B 4224 -40.25 -22.27 -27.40
C GLU B 4224 -39.39 -21.09 -27.83
N GLY B 4225 -39.48 -19.95 -27.15
CA GLY B 4225 -38.69 -18.80 -27.54
C GLY B 4225 -37.22 -18.97 -27.14
N GLY B 4226 -36.35 -18.50 -28.02
CA GLY B 4226 -34.92 -18.56 -27.76
C GLY B 4226 -34.44 -17.38 -26.90
N GLU B 4227 -33.15 -17.43 -26.56
CA GLU B 4227 -32.55 -16.33 -25.81
C GLU B 4227 -32.53 -15.05 -26.63
N ALA B 4228 -32.22 -15.15 -27.93
CA ALA B 4228 -32.27 -14.01 -28.82
C ALA B 4228 -33.71 -13.64 -29.13
N GLU B 4229 -33.88 -12.43 -29.69
CA GLU B 4229 -35.12 -11.85 -30.22
C GLU B 4229 -36.26 -11.83 -29.20
N LYS B 4230 -35.95 -11.99 -27.92
CA LYS B 4230 -36.98 -11.94 -26.89
C LYS B 4230 -37.58 -10.54 -26.77
N MET B 4231 -36.74 -9.51 -26.94
CA MET B 4231 -37.22 -8.14 -26.82
C MET B 4231 -38.17 -7.76 -27.95
N GLU B 4232 -37.95 -8.31 -29.16
CA GLU B 4232 -38.88 -8.06 -30.26
C GLU B 4232 -40.26 -8.63 -29.96
N LEU B 4233 -40.31 -9.86 -29.43
CA LEU B 4233 -41.59 -10.45 -29.04
C LEU B 4233 -42.22 -9.70 -27.88
N PHE B 4234 -41.41 -9.18 -26.96
CA PHE B 4234 -41.95 -8.38 -25.86
C PHE B 4234 -42.58 -7.10 -26.37
N VAL B 4235 -41.92 -6.43 -27.32
CA VAL B 4235 -42.48 -5.20 -27.89
C VAL B 4235 -43.74 -5.50 -28.68
N SER B 4236 -43.76 -6.63 -29.42
CA SER B 4236 -44.97 -7.01 -30.15
C SER B 4236 -46.13 -7.29 -29.20
N PHE B 4237 -45.86 -7.99 -28.09
CA PHE B 4237 -46.89 -8.25 -27.09
C PHE B 4237 -47.38 -6.96 -26.44
N CYS B 4238 -46.47 -6.02 -26.19
CA CYS B 4238 -46.86 -4.73 -25.64
C CYS B 4238 -47.76 -3.96 -26.61
N GLU B 4239 -47.41 -3.97 -27.89
CA GLU B 4239 -48.24 -3.29 -28.89
C GLU B 4239 -49.62 -3.94 -29.01
N ASP B 4240 -49.66 -5.28 -28.95
CA ASP B 4240 -50.94 -5.97 -28.96
C ASP B 4240 -51.77 -5.61 -27.73
N THR B 4241 -51.12 -5.47 -26.57
CA THR B 4241 -51.83 -5.07 -25.36
C THR B 4241 -52.38 -3.65 -25.47
N ILE B 4242 -51.59 -2.74 -26.06
CA ILE B 4242 -52.07 -1.37 -26.30
C ILE B 4242 -53.28 -1.39 -27.21
N PHE B 4243 -53.23 -2.19 -28.29
CA PHE B 4243 -54.37 -2.25 -29.20
C PHE B 4243 -55.60 -2.85 -28.53
N GLU B 4244 -55.42 -3.87 -27.70
CA GLU B 4244 -56.55 -4.44 -26.96
C GLU B 4244 -57.15 -3.42 -26.00
N MET B 4245 -56.30 -2.63 -25.33
CA MET B 4245 -56.81 -1.58 -24.45
C MET B 4245 -57.58 -0.52 -25.24
N GLN B 4246 -57.09 -0.17 -26.42
CA GLN B 4246 -57.80 0.80 -27.25
C GLN B 4246 -59.16 0.26 -27.70
N ILE B 4247 -59.22 -1.01 -28.10
CA ILE B 4247 -60.49 -1.61 -28.50
C ILE B 4247 -61.45 -1.65 -27.32
N ALA B 4248 -60.96 -2.05 -26.14
CA ALA B 4248 -61.81 -2.07 -24.95
C ALA B 4248 -62.26 -0.67 -24.55
N ALA B 4249 -61.47 0.35 -24.87
CA ALA B 4249 -61.88 1.72 -24.58
C ALA B 4249 -62.98 2.18 -25.54
N GLN B 4250 -62.87 1.81 -26.83
CA GLN B 4250 -63.90 2.21 -27.78
C GLN B 4250 -65.21 1.44 -27.58
N ILE B 4251 -65.14 0.17 -27.16
CA ILE B 4251 -66.37 -0.56 -26.87
C ILE B 4251 -66.93 -0.20 -25.50
N SER B 4252 -66.15 0.47 -24.65
CA SER B 4252 -66.63 0.88 -23.35
C SER B 4252 -67.74 1.93 -23.48
N GLU B 4253 -68.74 1.81 -22.62
CA GLU B 4253 -69.88 2.74 -22.64
C GLU B 4253 -70.19 3.26 -21.25
N PHE B 4540 -85.12 9.48 -37.99
CA PHE B 4540 -83.88 10.24 -38.10
C PHE B 4540 -82.70 9.31 -38.40
N TRP B 4541 -81.84 9.74 -39.34
CA TRP B 4541 -80.68 8.94 -39.69
C TRP B 4541 -79.67 8.90 -38.55
N GLY B 4542 -79.48 10.03 -37.86
CA GLY B 4542 -78.53 10.07 -36.76
C GLY B 4542 -78.96 9.21 -35.58
N GLU B 4543 -80.27 9.23 -35.27
CA GLU B 4543 -80.79 8.40 -34.19
C GLU B 4543 -80.64 6.92 -34.51
N LEU B 4544 -80.93 6.54 -35.75
CA LEU B 4544 -80.75 5.14 -36.17
C LEU B 4544 -79.28 4.73 -36.12
N GLU B 4545 -78.38 5.63 -36.54
CA GLU B 4545 -76.96 5.34 -36.49
C GLU B 4545 -76.47 5.18 -35.06
N VAL B 4546 -76.92 6.04 -34.15
CA VAL B 4546 -76.47 5.92 -32.75
C VAL B 4546 -77.09 4.69 -32.10
N GLN B 4547 -78.31 4.29 -32.51
CA GLN B 4547 -78.89 3.06 -32.00
C GLN B 4547 -78.12 1.85 -32.49
N ARG B 4548 -77.70 1.86 -33.76
CA ARG B 4548 -76.88 0.77 -34.29
C ARG B 4548 -75.53 0.70 -33.58
N VAL B 4549 -74.93 1.86 -33.30
CA VAL B 4549 -73.66 1.89 -32.59
C VAL B 4549 -73.82 1.34 -31.17
N LYS B 4550 -74.90 1.73 -30.49
CA LYS B 4550 -75.16 1.23 -29.14
C LYS B 4550 -75.41 -0.27 -29.14
N PHE B 4551 -76.16 -0.77 -30.13
CA PHE B 4551 -76.42 -2.20 -30.21
C PHE B 4551 -75.14 -2.98 -30.50
N LEU B 4552 -74.28 -2.45 -31.38
CA LEU B 4552 -73.00 -3.11 -31.65
C LEU B 4552 -72.11 -3.12 -30.42
N ASN B 4553 -72.09 -2.02 -29.66
CA ASN B 4553 -71.29 -1.97 -28.44
C ASN B 4553 -71.82 -2.94 -27.39
N TYR B 4554 -73.16 -3.05 -27.28
CA TYR B 4554 -73.75 -4.01 -26.35
C TYR B 4554 -73.43 -5.44 -26.76
N LEU B 4555 -73.48 -5.75 -28.05
CA LEU B 4555 -73.13 -7.08 -28.52
C LEU B 4555 -71.65 -7.40 -28.28
N SER B 4556 -70.78 -6.40 -28.48
CA SER B 4556 -69.36 -6.61 -28.26
C SER B 4556 -69.03 -6.79 -26.79
N ARG B 4557 -69.73 -6.07 -25.91
CA ARG B 4557 -69.44 -6.13 -24.48
C ARG B 4557 -69.75 -7.51 -23.90
N ASN B 4558 -70.89 -8.09 -24.29
CA ASN B 4558 -71.31 -9.41 -23.80
C ASN B 4558 -71.16 -10.40 -24.95
N PHE B 4559 -70.09 -11.20 -24.92
CA PHE B 4559 -69.83 -12.17 -25.97
C PHE B 4559 -69.82 -13.61 -25.45
N TYR B 4560 -69.16 -13.87 -24.31
CA TYR B 4560 -69.08 -15.22 -23.79
C TYR B 4560 -70.35 -15.65 -23.06
N THR B 4561 -71.10 -14.69 -22.53
CA THR B 4561 -72.38 -15.00 -21.89
C THR B 4561 -73.39 -15.51 -22.93
N LEU B 4562 -73.39 -14.91 -24.12
CA LEU B 4562 -74.22 -15.41 -25.21
C LEU B 4562 -73.74 -16.79 -25.68
N ARG B 4563 -72.43 -17.04 -25.60
CA ARG B 4563 -71.90 -18.36 -25.96
C ARG B 4563 -72.39 -19.43 -24.99
N PHE B 4564 -72.38 -19.12 -23.69
CA PHE B 4564 -72.92 -20.04 -22.69
C PHE B 4564 -74.43 -20.19 -22.84
N LEU B 4565 -75.11 -19.11 -23.23
CA LEU B 4565 -76.55 -19.20 -23.51
C LEU B 4565 -76.82 -20.11 -24.69
N ALA B 4566 -75.97 -20.06 -25.72
CA ALA B 4566 -76.10 -20.97 -26.85
C ALA B 4566 -75.86 -22.42 -26.43
N LEU B 4567 -74.90 -22.65 -25.53
CA LEU B 4567 -74.70 -24.00 -24.99
C LEU B 4567 -75.94 -24.46 -24.20
N PHE B 4568 -76.53 -23.58 -23.41
CA PHE B 4568 -77.74 -23.94 -22.67
C PHE B 4568 -78.89 -24.25 -23.62
N LEU B 4569 -79.03 -23.47 -24.69
CA LEU B 4569 -80.06 -23.73 -25.69
C LEU B 4569 -79.83 -25.08 -26.37
N ALA B 4570 -78.57 -25.39 -26.69
CA ALA B 4570 -78.27 -26.68 -27.32
C ALA B 4570 -78.57 -27.84 -26.39
N PHE B 4571 -78.24 -27.70 -25.10
CA PHE B 4571 -78.57 -28.73 -24.13
C PHE B 4571 -80.07 -28.93 -23.99
N ALA B 4572 -80.83 -27.83 -23.95
CA ALA B 4572 -82.28 -27.93 -23.86
C ALA B 4572 -82.88 -28.56 -25.11
N ILE B 4573 -82.34 -28.22 -26.29
CA ILE B 4573 -82.80 -28.83 -27.54
C ILE B 4573 -82.54 -30.32 -27.54
N ASN B 4574 -81.35 -30.74 -27.09
CA ASN B 4574 -81.04 -32.16 -27.03
C ASN B 4574 -81.93 -32.89 -26.02
N PHE B 4575 -82.21 -32.25 -24.88
CA PHE B 4575 -83.06 -32.87 -23.86
C PHE B 4575 -84.49 -33.05 -24.37
N ILE B 4576 -85.01 -32.05 -25.09
CA ILE B 4576 -86.35 -32.20 -25.67
C ILE B 4576 -86.35 -33.23 -26.79
N LEU B 4577 -85.31 -33.23 -27.63
CA LEU B 4577 -85.21 -34.16 -28.74
C LEU B 4577 -84.90 -35.58 -28.29
N LEU B 4578 -84.59 -35.79 -27.01
CA LEU B 4578 -84.43 -37.15 -26.49
C LEU B 4578 -85.70 -37.97 -26.67
N PHE B 4579 -86.86 -37.37 -26.41
CA PHE B 4579 -88.15 -38.04 -26.60
C PHE B 4579 -88.51 -37.96 -28.07
N TYR B 4580 -88.25 -39.03 -28.82
CA TYR B 4580 -88.47 -39.05 -30.26
C TYR B 4580 -88.60 -40.50 -30.70
N LYS B 4581 -89.74 -40.86 -31.29
CA LYS B 4581 -90.03 -42.23 -31.66
C LYS B 4581 -90.36 -42.34 -33.14
N VAL B 4582 -90.39 -43.59 -33.62
CA VAL B 4582 -90.73 -43.90 -35.00
C VAL B 4582 -91.83 -44.95 -34.98
N SER B 4583 -92.79 -44.82 -35.90
CA SER B 4583 -93.92 -45.74 -35.98
C SER B 4583 -94.21 -46.05 -37.44
N ASP B 4584 -94.87 -47.20 -37.65
CA ASP B 4584 -95.23 -47.62 -39.00
C ASP B 4584 -96.54 -47.03 -39.47
N SER B 4585 -97.40 -46.64 -38.51
CA SER B 4585 -98.69 -46.00 -38.86
C SER B 4585 -98.70 -44.56 -38.33
N PRO B 4586 -99.35 -43.59 -39.02
CA PRO B 4586 -99.32 -42.19 -38.60
C PRO B 4586 -100.00 -42.06 -37.23
N PRO B 4587 -99.52 -41.19 -36.33
CA PRO B 4587 -100.07 -41.09 -34.97
C PRO B 4587 -101.55 -40.66 -35.00
N GLY B 4588 -102.37 -41.23 -34.12
CA GLY B 4588 -103.80 -40.89 -34.05
C GLY B 4588 -104.42 -41.01 -35.46
N ASN B 4626 -93.67 -44.08 -45.98
CA ASN B 4626 -93.90 -45.31 -45.23
C ASN B 4626 -93.95 -45.03 -43.73
N MET B 4627 -92.83 -45.28 -43.06
CA MET B 4627 -92.75 -45.04 -41.63
C MET B 4627 -92.70 -43.54 -41.32
N VAL B 4628 -93.32 -43.15 -40.21
CA VAL B 4628 -93.37 -41.76 -39.79
C VAL B 4628 -92.63 -41.63 -38.47
N TYR B 4629 -92.20 -40.40 -38.17
CA TYR B 4629 -91.49 -40.09 -36.95
C TYR B 4629 -92.31 -39.12 -36.12
N TYR B 4630 -92.54 -39.46 -34.85
CA TYR B 4630 -93.32 -38.61 -33.96
C TYR B 4630 -92.86 -38.84 -32.53
N PHE B 4631 -93.08 -37.83 -31.69
CA PHE B 4631 -92.61 -37.85 -30.31
C PHE B 4631 -93.76 -38.27 -29.40
N LEU B 4632 -93.57 -39.37 -28.68
CA LEU B 4632 -94.52 -39.81 -27.65
C LEU B 4632 -94.17 -39.13 -26.33
N GLU B 4633 -94.38 -37.82 -26.32
CA GLU B 4633 -93.97 -36.99 -25.19
C GLU B 4633 -94.93 -37.05 -24.02
N GLU B 4634 -96.17 -37.51 -24.25
CA GLU B 4634 -97.27 -37.63 -23.28
C GLU B 4634 -97.81 -36.26 -22.85
N SER B 4635 -97.02 -35.20 -22.96
CA SER B 4635 -97.48 -33.85 -22.69
C SER B 4635 -97.83 -33.18 -24.02
N THR B 4636 -99.11 -33.17 -24.35
CA THR B 4636 -99.55 -32.74 -25.67
C THR B 4636 -99.39 -31.23 -25.83
N GLY B 4637 -98.79 -30.82 -26.95
CA GLY B 4637 -98.75 -29.43 -27.35
C GLY B 4637 -97.73 -28.55 -26.65
N TYR B 4638 -96.84 -29.13 -25.85
CA TYR B 4638 -95.88 -28.30 -25.12
C TYR B 4638 -94.47 -28.33 -25.72
N MET B 4639 -93.96 -29.55 -25.92
CA MET B 4639 -92.57 -29.72 -26.42
C MET B 4639 -92.54 -29.42 -27.91
N GLU B 4640 -93.53 -29.86 -28.68
CA GLU B 4640 -93.45 -29.64 -30.14
C GLU B 4640 -93.42 -28.13 -30.39
N PRO B 4641 -94.26 -27.30 -29.71
CA PRO B 4641 -94.15 -25.84 -29.83
C PRO B 4641 -92.86 -25.26 -29.26
N ALA B 4642 -92.39 -25.76 -28.11
CA ALA B 4642 -91.20 -25.19 -27.43
C ALA B 4642 -89.94 -25.32 -28.30
N LEU B 4643 -89.53 -26.54 -28.60
CA LEU B 4643 -88.31 -26.78 -29.38
C LEU B 4643 -88.27 -25.89 -30.61
N TRP B 4644 -89.37 -25.22 -30.93
CA TRP B 4644 -89.36 -24.30 -32.06
C TRP B 4644 -88.95 -22.91 -31.59
N CYS B 4645 -89.42 -22.52 -30.40
CA CYS B 4645 -88.89 -21.33 -29.75
C CYS B 4645 -87.40 -21.45 -29.50
N LEU B 4646 -86.95 -22.63 -29.04
CA LEU B 4646 -85.52 -22.84 -28.82
C LEU B 4646 -84.74 -22.87 -30.12
N SER B 4647 -85.31 -23.40 -31.21
CA SER B 4647 -84.62 -23.35 -32.49
C SER B 4647 -84.44 -21.92 -32.98
N LEU B 4648 -85.51 -21.11 -32.91
CA LEU B 4648 -85.39 -19.71 -33.31
C LEU B 4648 -84.42 -18.95 -32.42
N LEU B 4649 -84.46 -19.21 -31.11
CA LEU B 4649 -83.53 -18.55 -30.20
C LEU B 4649 -82.09 -18.96 -30.47
N HIS B 4650 -81.86 -20.24 -30.77
CA HIS B 4650 -80.51 -20.69 -31.08
C HIS B 4650 -79.98 -20.04 -32.35
N THR B 4651 -80.84 -19.92 -33.38
CA THR B 4651 -80.43 -19.23 -34.60
C THR B 4651 -80.11 -17.76 -34.32
N LEU B 4652 -80.95 -17.09 -33.52
CA LEU B 4652 -80.72 -15.68 -33.21
C LEU B 4652 -79.43 -15.49 -32.40
N VAL B 4653 -79.19 -16.36 -31.43
CA VAL B 4653 -77.97 -16.25 -30.62
C VAL B 4653 -76.73 -16.54 -31.46
N ALA B 4654 -76.82 -17.51 -32.38
CA ALA B 4654 -75.69 -17.76 -33.28
C ALA B 4654 -75.39 -16.56 -34.15
N PHE B 4655 -76.44 -15.91 -34.68
CA PHE B 4655 -76.23 -14.71 -35.48
C PHE B 4655 -75.62 -13.58 -34.65
N LEU B 4656 -76.10 -13.40 -33.42
CA LEU B 4656 -75.55 -12.35 -32.56
C LEU B 4656 -74.10 -12.63 -32.19
N CYS B 4657 -73.75 -13.89 -31.94
CA CYS B 4657 -72.35 -14.22 -31.62
C CYS B 4657 -71.44 -14.03 -32.83
N ILE B 4658 -71.91 -14.39 -34.04
CA ILE B 4658 -71.07 -14.18 -35.22
C ILE B 4658 -70.89 -12.69 -35.48
N ILE B 4659 -71.94 -11.88 -35.21
CA ILE B 4659 -71.80 -10.43 -35.35
C ILE B 4659 -70.82 -9.87 -34.32
N GLY B 4660 -70.91 -10.35 -33.08
CA GLY B 4660 -70.00 -9.88 -32.04
C GLY B 4660 -68.56 -10.25 -32.32
N TYR B 4661 -68.33 -11.46 -32.85
CA TYR B 4661 -66.98 -11.82 -33.27
C TYR B 4661 -66.50 -10.98 -34.44
N ASN B 4662 -67.40 -10.66 -35.37
CA ASN B 4662 -67.02 -9.84 -36.51
C ASN B 4662 -66.59 -8.44 -36.08
N CYS B 4663 -67.33 -7.83 -35.14
CA CYS B 4663 -67.00 -6.48 -34.69
C CYS B 4663 -65.96 -6.46 -33.57
N LEU B 4664 -65.65 -7.61 -32.96
CA LEU B 4664 -64.85 -7.62 -31.74
C LEU B 4664 -63.38 -7.94 -31.97
N LYS B 4665 -63.10 -9.18 -32.40
CA LYS B 4665 -61.69 -9.63 -32.50
C LYS B 4665 -61.17 -9.62 -33.94
N VAL B 4666 -62.03 -9.32 -34.90
CA VAL B 4666 -61.54 -9.17 -36.30
C VAL B 4666 -60.54 -8.01 -36.34
N PRO B 4667 -60.74 -6.89 -35.60
CA PRO B 4667 -59.85 -5.75 -35.69
C PRO B 4667 -58.39 -6.08 -35.32
N LEU B 4668 -58.18 -6.90 -34.29
CA LEU B 4668 -56.80 -7.22 -33.84
C LEU B 4668 -56.04 -7.92 -34.98
N VAL B 4669 -56.61 -8.94 -35.63
CA VAL B 4669 -55.85 -9.63 -36.66
C VAL B 4669 -55.56 -8.70 -37.84
N ILE B 4670 -56.46 -7.76 -38.14
CA ILE B 4670 -56.16 -6.78 -39.19
C ILE B 4670 -54.99 -5.89 -38.78
N PHE B 4671 -54.97 -5.44 -37.52
CA PHE B 4671 -53.88 -4.62 -37.04
C PHE B 4671 -52.57 -5.38 -37.03
N LYS B 4672 -52.59 -6.65 -36.60
CA LYS B 4672 -51.37 -7.45 -36.59
C LYS B 4672 -50.84 -7.68 -38.00
N ARG B 4673 -51.73 -7.99 -38.95
CA ARG B 4673 -51.31 -8.21 -40.33
C ARG B 4673 -50.74 -6.94 -40.95
N GLU B 4674 -51.40 -5.80 -40.71
CA GLU B 4674 -50.92 -4.53 -41.25
C GLU B 4674 -49.57 -4.15 -40.65
N LYS B 4675 -49.40 -4.37 -39.33
CA LYS B 4675 -48.14 -4.05 -38.68
C LYS B 4675 -47.01 -4.94 -39.20
N GLU B 4676 -47.29 -6.24 -39.36
CA GLU B 4676 -46.27 -7.15 -39.87
C GLU B 4676 -45.88 -6.79 -41.29
N LEU B 4677 -46.86 -6.48 -42.14
CA LEU B 4677 -46.55 -6.11 -43.52
C LEU B 4677 -45.77 -4.80 -43.58
N ALA B 4678 -46.13 -3.83 -42.74
CA ALA B 4678 -45.41 -2.55 -42.73
C ALA B 4678 -43.97 -2.73 -42.27
N ARG B 4679 -43.76 -3.54 -41.22
CA ARG B 4679 -42.40 -3.76 -40.75
C ARG B 4679 -41.57 -4.55 -41.76
N LYS B 4680 -42.18 -5.53 -42.43
CA LYS B 4680 -41.46 -6.27 -43.47
C LYS B 4680 -41.09 -5.37 -44.65
N LEU B 4681 -42.00 -4.47 -45.03
CA LEU B 4681 -41.69 -3.54 -46.11
C LEU B 4681 -40.60 -2.55 -45.72
N GLU B 4682 -40.65 -2.04 -44.48
CA GLU B 4682 -39.72 -0.99 -44.08
C GLU B 4682 -38.32 -1.55 -43.82
N PHE B 4683 -38.23 -2.67 -43.11
CA PHE B 4683 -36.94 -3.16 -42.64
C PHE B 4683 -36.40 -4.36 -43.41
N ASP B 4684 -37.28 -5.23 -43.92
CA ASP B 4684 -36.83 -6.43 -44.60
C ASP B 4684 -36.79 -6.30 -46.12
N GLY B 4685 -37.54 -5.36 -46.69
CA GLY B 4685 -37.57 -5.18 -48.13
C GLY B 4685 -38.14 -6.37 -48.87
N LEU B 4686 -39.28 -6.88 -48.38
CA LEU B 4686 -39.88 -8.07 -48.96
C LEU B 4686 -40.33 -7.84 -50.40
N TYR B 4687 -40.82 -6.63 -50.70
CA TYR B 4687 -41.24 -6.28 -52.04
C TYR B 4687 -40.34 -5.27 -52.73
N ILE B 4688 -39.42 -4.64 -51.99
CA ILE B 4688 -38.56 -3.61 -52.56
C ILE B 4688 -37.31 -4.24 -53.16
N THR B 4689 -36.52 -4.92 -52.33
CA THR B 4689 -35.25 -5.48 -52.78
C THR B 4689 -35.43 -6.87 -53.36
N GLU B 4690 -36.02 -7.79 -52.60
CA GLU B 4690 -36.25 -9.15 -53.06
C GLU B 4690 -37.71 -9.33 -53.47
N GLN B 4691 -38.11 -10.59 -53.67
CA GLN B 4691 -39.53 -10.88 -54.01
C GLN B 4691 -39.95 -12.22 -53.41
N PRO B 4692 -41.11 -12.34 -52.73
CA PRO B 4692 -41.59 -13.63 -52.23
C PRO B 4692 -42.36 -14.32 -53.36
N GLY B 4693 -41.64 -14.78 -54.40
CA GLY B 4693 -42.32 -15.36 -55.59
C GLY B 4693 -43.11 -16.63 -55.36
N ASP B 4694 -42.60 -17.59 -54.58
CA ASP B 4694 -43.31 -18.90 -54.50
C ASP B 4694 -43.29 -19.50 -53.10
N ASP B 4695 -44.24 -20.38 -52.79
CA ASP B 4695 -44.31 -21.09 -51.48
C ASP B 4695 -45.01 -20.21 -50.44
N ASP B 4696 -45.44 -19.01 -50.84
CA ASP B 4696 -46.20 -18.14 -49.91
C ASP B 4696 -47.53 -17.76 -50.55
N VAL B 4697 -48.64 -17.97 -49.84
CA VAL B 4697 -49.97 -17.52 -50.36
C VAL B 4697 -50.23 -16.15 -49.74
N LYS B 4698 -49.55 -15.86 -48.63
CA LYS B 4698 -49.66 -14.56 -47.97
C LYS B 4698 -48.93 -13.48 -48.76
N GLY B 4699 -47.75 -13.82 -49.32
CA GLY B 4699 -47.02 -12.85 -50.10
C GLY B 4699 -47.75 -12.41 -51.36
N GLN B 4700 -48.43 -13.36 -52.02
CA GLN B 4700 -49.21 -13.00 -53.20
C GLN B 4700 -50.48 -12.24 -52.80
N TRP B 4701 -51.10 -12.60 -51.67
CA TRP B 4701 -52.31 -11.94 -51.25
C TRP B 4701 -52.07 -10.54 -50.69
N ASP B 4702 -50.86 -10.26 -50.22
CA ASP B 4702 -50.54 -8.94 -49.70
C ASP B 4702 -50.22 -7.91 -50.78
N ARG B 4703 -50.11 -8.35 -52.04
CA ARG B 4703 -49.83 -7.41 -53.13
C ARG B 4703 -51.03 -6.54 -53.47
N LEU B 4704 -52.24 -6.97 -53.13
CA LEU B 4704 -53.43 -6.20 -53.49
C LEU B 4704 -53.60 -4.96 -52.62
N VAL B 4705 -53.15 -5.02 -51.37
CA VAL B 4705 -53.37 -3.91 -50.45
C VAL B 4705 -52.29 -2.83 -50.60
N LEU B 4706 -51.16 -3.16 -51.24
CA LEU B 4706 -50.07 -2.21 -51.38
C LEU B 4706 -50.47 -1.03 -52.27
N ASN B 4707 -51.19 -1.30 -53.36
CA ASN B 4707 -51.60 -0.25 -54.28
C ASN B 4707 -52.79 0.55 -53.78
N THR B 4708 -53.49 0.06 -52.75
CA THR B 4708 -54.65 0.78 -52.25
C THR B 4708 -54.21 2.02 -51.46
N PRO B 4709 -54.88 3.16 -51.65
CA PRO B 4709 -54.54 4.35 -50.84
C PRO B 4709 -54.89 4.20 -49.37
N SER B 4710 -55.73 3.23 -49.00
CA SER B 4710 -56.16 3.04 -47.63
C SER B 4710 -55.36 1.97 -46.92
N PHE B 4711 -54.06 1.86 -47.24
CA PHE B 4711 -53.21 0.87 -46.58
C PHE B 4711 -53.11 1.07 -45.06
N PRO B 4712 -52.76 2.27 -44.51
CA PRO B 4712 -52.73 2.41 -43.06
C PRO B 4712 -54.11 2.71 -42.51
N SER B 4713 -54.71 1.72 -41.84
CA SER B 4713 -56.02 1.88 -41.22
C SER B 4713 -55.98 1.64 -39.72
N ASN B 4714 -55.37 0.54 -39.28
CA ASN B 4714 -55.25 0.24 -37.85
C ASN B 4714 -53.87 0.53 -37.30
N TYR B 4715 -52.83 0.49 -38.13
CA TYR B 4715 -51.48 0.75 -37.67
C TYR B 4715 -51.30 2.24 -37.34
N TRP B 4716 -50.52 2.52 -36.30
CA TRP B 4716 -50.42 3.89 -35.80
C TRP B 4716 -49.65 4.79 -36.76
N ASP B 4717 -48.58 4.27 -37.37
CA ASP B 4717 -47.76 5.09 -38.26
C ASP B 4717 -48.42 5.20 -39.63
N LYS B 4718 -48.70 6.43 -40.04
CA LYS B 4718 -49.28 6.70 -41.36
C LYS B 4718 -48.24 7.17 -42.37
N PHE B 4719 -46.95 7.16 -42.02
CA PHE B 4719 -45.89 7.64 -42.89
C PHE B 4719 -44.92 6.54 -43.28
N VAL B 4720 -45.36 5.27 -43.27
CA VAL B 4720 -44.48 4.17 -43.62
C VAL B 4720 -44.08 4.21 -45.08
N LYS B 4721 -45.00 4.63 -45.97
CA LYS B 4721 -44.68 4.71 -47.39
C LYS B 4721 -43.61 5.76 -47.66
N ARG B 4722 -43.69 6.91 -46.99
CA ARG B 4722 -42.67 7.94 -47.14
C ARG B 4722 -41.33 7.48 -46.60
N LYS B 4723 -41.33 6.74 -45.49
CA LYS B 4723 -40.08 6.22 -44.94
C LYS B 4723 -39.44 5.21 -45.89
N VAL B 4724 -40.24 4.32 -46.50
CA VAL B 4724 -39.70 3.37 -47.47
C VAL B 4724 -39.18 4.10 -48.70
N LEU B 4725 -39.90 5.12 -49.17
CA LEU B 4725 -39.46 5.88 -50.33
C LEU B 4725 -38.16 6.62 -50.06
N ASP B 4726 -38.00 7.19 -48.86
CA ASP B 4726 -36.76 7.87 -48.52
C ASP B 4726 -35.61 6.88 -48.31
N LYS B 4727 -35.91 5.68 -47.79
CA LYS B 4727 -34.86 4.70 -47.54
C LYS B 4727 -34.34 4.10 -48.83
N HIS B 4728 -35.24 3.74 -49.74
CA HIS B 4728 -34.87 3.04 -50.97
C HIS B 4728 -34.98 3.93 -52.20
N GLY B 4729 -34.91 5.25 -52.03
CA GLY B 4729 -34.98 6.16 -53.16
C GLY B 4729 -33.69 6.30 -53.95
N ASP B 4730 -32.55 5.98 -53.34
CA ASP B 4730 -31.26 6.12 -54.01
C ASP B 4730 -30.80 4.82 -54.67
N ILE B 4731 -30.90 3.70 -53.94
CA ILE B 4731 -30.47 2.42 -54.51
C ILE B 4731 -31.40 2.00 -55.64
N PHE B 4732 -32.71 2.10 -55.42
CA PHE B 4732 -33.69 1.79 -56.44
C PHE B 4732 -34.29 3.08 -56.99
N GLY B 4733 -34.96 2.98 -58.13
CA GLY B 4733 -35.56 4.14 -58.76
C GLY B 4733 -36.69 4.70 -57.92
N ARG B 4734 -36.70 6.02 -57.75
CA ARG B 4734 -37.76 6.67 -56.95
C ARG B 4734 -39.13 6.47 -57.59
N GLU B 4735 -39.20 6.57 -58.92
CA GLU B 4735 -40.48 6.41 -59.61
C GLU B 4735 -41.02 4.99 -59.48
N ARG B 4736 -40.15 3.97 -59.57
CA ARG B 4736 -40.62 2.60 -59.49
C ARG B 4736 -41.14 2.26 -58.10
N ILE B 4737 -40.40 2.66 -57.06
CA ILE B 4737 -40.84 2.39 -55.69
C ILE B 4737 -42.09 3.20 -55.36
N ALA B 4738 -42.18 4.43 -55.87
CA ALA B 4738 -43.37 5.24 -55.65
C ALA B 4738 -44.58 4.61 -56.32
N GLU B 4739 -44.43 4.14 -57.56
CA GLU B 4739 -45.55 3.55 -58.29
C GLU B 4739 -45.98 2.22 -57.66
N LEU B 4740 -45.02 1.44 -57.17
CA LEU B 4740 -45.34 0.14 -56.58
C LEU B 4740 -46.16 0.30 -55.30
N LEU B 4741 -46.01 1.41 -54.59
CA LEU B 4741 -46.75 1.67 -53.36
C LEU B 4741 -47.84 2.73 -53.55
N GLY B 4742 -48.50 2.74 -54.70
CA GLY B 4742 -49.53 3.72 -54.97
C GLY B 4742 -48.96 5.11 -55.13
N MET B 4743 -49.34 6.01 -54.22
CA MET B 4743 -48.73 7.34 -54.08
C MET B 4743 -48.79 8.13 -55.39
N ASP B 4744 -50.01 8.30 -55.91
CA ASP B 4744 -50.19 9.03 -57.15
C ASP B 4744 -49.86 10.51 -56.96
N LEU B 4745 -49.27 11.11 -58.00
CA LEU B 4745 -48.83 12.50 -58.00
C LEU B 4745 -47.89 12.79 -56.84
N ALA B 4746 -46.75 12.08 -56.85
CA ALA B 4746 -45.74 12.25 -55.82
C ALA B 4746 -45.13 13.65 -55.86
N SER B 4747 -44.99 14.23 -57.05
CA SER B 4747 -44.51 15.61 -57.16
C SER B 4747 -45.52 16.58 -56.56
N LEU B 4748 -46.81 16.33 -56.76
CA LEU B 4748 -47.85 17.19 -56.19
C LEU B 4748 -48.00 16.99 -54.68
N GLU B 4749 -47.48 15.89 -54.14
CA GLU B 4749 -47.52 15.67 -52.71
C GLU B 4749 -46.66 16.70 -51.97
N ILE B 4750 -45.56 17.13 -52.59
CA ILE B 4750 -44.70 18.15 -52.00
C ILE B 4750 -45.45 19.47 -51.92
N THR B 4751 -45.34 20.14 -50.77
CA THR B 4751 -46.10 21.35 -50.48
C THR B 4751 -45.47 22.60 -51.09
N ALA B 4752 -44.53 22.45 -52.02
CA ALA B 4752 -43.91 23.62 -52.65
C ALA B 4752 -44.84 24.32 -53.63
N HIS B 4753 -45.89 23.65 -54.09
CA HIS B 4753 -46.76 24.24 -55.11
C HIS B 4753 -47.73 25.26 -54.50
N ASN B 4754 -48.57 24.80 -53.57
CA ASN B 4754 -49.58 25.65 -52.91
C ASN B 4754 -50.49 26.34 -53.93
N GLU B 4755 -50.90 25.59 -54.95
CA GLU B 4755 -51.69 26.18 -56.02
C GLU B 4755 -53.11 26.50 -55.56
N ARG B 4756 -53.76 25.57 -54.88
CA ARG B 4756 -55.14 25.76 -54.46
C ARG B 4756 -55.44 24.89 -53.25
N LYS B 4757 -56.54 25.22 -52.56
CA LYS B 4757 -57.01 24.47 -51.41
C LYS B 4757 -58.27 23.70 -51.79
N PRO B 4758 -58.37 22.43 -51.41
CA PRO B 4758 -59.55 21.64 -51.77
C PRO B 4758 -60.79 22.08 -51.01
N ASP B 4759 -61.95 21.78 -51.61
CA ASP B 4759 -63.24 22.09 -51.03
C ASP B 4759 -63.90 20.83 -50.48
N PRO B 4760 -64.64 20.93 -49.38
CA PRO B 4760 -65.26 19.74 -48.78
C PRO B 4760 -66.45 19.27 -49.61
N PRO B 4761 -66.55 17.97 -49.88
CA PRO B 4761 -67.70 17.46 -50.63
C PRO B 4761 -68.92 17.36 -49.74
N PRO B 4762 -70.13 17.38 -50.32
CA PRO B 4762 -71.35 17.19 -49.52
C PRO B 4762 -71.62 15.71 -49.29
N GLY B 4763 -71.74 15.33 -48.02
CA GLY B 4763 -71.87 13.92 -47.65
C GLY B 4763 -73.22 13.30 -47.91
N LEU B 4764 -73.70 13.37 -49.15
CA LEU B 4764 -74.90 12.68 -49.59
C LEU B 4764 -74.53 11.76 -50.75
N LEU B 4765 -74.79 10.46 -50.58
CA LEU B 4765 -74.52 9.38 -51.54
C LEU B 4765 -73.02 9.15 -51.74
N THR B 4766 -72.16 9.96 -51.11
CA THR B 4766 -70.71 9.83 -51.26
C THR B 4766 -70.18 8.53 -50.67
N TRP B 4767 -70.90 7.95 -49.71
CA TRP B 4767 -70.44 6.72 -49.04
C TRP B 4767 -70.32 5.55 -50.02
N LEU B 4768 -71.12 5.54 -51.09
CA LEU B 4768 -71.02 4.48 -52.08
C LEU B 4768 -69.68 4.55 -52.83
N MET B 4769 -69.21 5.76 -53.13
CA MET B 4769 -67.96 5.91 -53.87
C MET B 4769 -66.75 5.91 -52.95
N SER B 4770 -66.93 6.24 -51.67
CA SER B 4770 -65.80 6.39 -50.76
C SER B 4770 -65.19 5.06 -50.33
N ILE B 4771 -65.86 3.95 -50.59
CA ILE B 4771 -65.32 2.64 -50.22
C ILE B 4771 -64.25 2.23 -51.22
N ASP B 4772 -63.31 1.41 -50.75
CA ASP B 4772 -62.24 0.86 -51.59
C ASP B 4772 -62.53 -0.61 -51.81
N VAL B 4773 -62.86 -0.97 -53.05
CA VAL B 4773 -63.29 -2.34 -53.35
C VAL B 4773 -62.14 -3.32 -53.12
N LYS B 4774 -60.94 -2.98 -53.59
CA LYS B 4774 -59.80 -3.88 -53.47
C LYS B 4774 -59.41 -4.10 -52.01
N TYR B 4775 -59.43 -3.02 -51.21
CA TYR B 4775 -59.10 -3.14 -49.79
C TYR B 4775 -60.14 -3.99 -49.06
N GLN B 4776 -61.42 -3.81 -49.39
CA GLN B 4776 -62.46 -4.63 -48.76
C GLN B 4776 -62.34 -6.09 -49.18
N ILE B 4777 -61.95 -6.34 -50.43
CA ILE B 4777 -61.73 -7.72 -50.88
C ILE B 4777 -60.57 -8.35 -50.10
N TRP B 4778 -59.49 -7.60 -49.92
CA TRP B 4778 -58.35 -8.11 -49.15
C TRP B 4778 -58.74 -8.37 -47.70
N LYS B 4779 -59.50 -7.46 -47.09
CA LYS B 4779 -59.95 -7.66 -45.71
C LYS B 4779 -60.87 -8.86 -45.59
N PHE B 4780 -61.77 -9.05 -46.56
CA PHE B 4780 -62.66 -10.21 -46.55
C PHE B 4780 -61.87 -11.50 -46.71
N GLY B 4781 -60.84 -11.50 -47.54
CA GLY B 4781 -59.99 -12.68 -47.65
C GLY B 4781 -59.22 -12.98 -46.37
N VAL B 4782 -58.76 -11.92 -45.69
CA VAL B 4782 -58.08 -12.11 -44.40
C VAL B 4782 -59.05 -12.69 -43.37
N ILE B 4783 -60.29 -12.18 -43.34
CA ILE B 4783 -61.29 -12.70 -42.42
C ILE B 4783 -61.61 -14.17 -42.76
N PHE B 4784 -61.73 -14.49 -44.05
CA PHE B 4784 -61.97 -15.86 -44.47
C PHE B 4784 -60.79 -16.78 -44.18
N THR B 4785 -59.59 -16.22 -43.99
CA THR B 4785 -58.42 -17.02 -43.68
C THR B 4785 -58.43 -17.51 -42.23
N ASP B 4786 -59.04 -16.76 -41.32
CA ASP B 4786 -59.02 -17.10 -39.90
C ASP B 4786 -59.82 -18.37 -39.63
N ASN B 4787 -59.32 -19.20 -38.71
CA ASN B 4787 -59.95 -20.48 -38.42
C ASN B 4787 -61.23 -20.30 -37.61
N SER B 4788 -61.23 -19.38 -36.64
CA SER B 4788 -62.40 -19.19 -35.78
C SER B 4788 -63.59 -18.62 -36.55
N PHE B 4789 -63.33 -17.76 -37.53
CA PHE B 4789 -64.40 -17.25 -38.38
C PHE B 4789 -65.03 -18.38 -39.19
N LEU B 4790 -64.21 -19.29 -39.72
CA LEU B 4790 -64.75 -20.45 -40.43
C LEU B 4790 -65.53 -21.38 -39.50
N TYR B 4791 -65.06 -21.52 -38.26
CA TYR B 4791 -65.78 -22.33 -37.28
C TYR B 4791 -67.15 -21.72 -36.97
N LEU B 4792 -67.21 -20.40 -36.79
CA LEU B 4792 -68.49 -19.76 -36.51
C LEU B 4792 -69.41 -19.79 -37.73
N GLY B 4793 -68.84 -19.68 -38.94
CA GLY B 4793 -69.65 -19.82 -40.14
C GLY B 4793 -70.23 -21.22 -40.29
N TRP B 4794 -69.43 -22.25 -39.97
CA TRP B 4794 -69.94 -23.62 -39.98
C TRP B 4794 -71.02 -23.81 -38.91
N TYR B 4795 -70.83 -23.21 -37.74
CA TYR B 4795 -71.84 -23.27 -36.69
C TYR B 4795 -73.16 -22.64 -37.15
N MET B 4796 -73.08 -21.47 -37.80
CA MET B 4796 -74.28 -20.82 -38.30
C MET B 4796 -74.94 -21.60 -39.42
N VAL B 4797 -74.12 -22.24 -40.28
CA VAL B 4797 -74.66 -23.06 -41.36
C VAL B 4797 -75.42 -24.25 -40.78
N MET B 4798 -74.84 -24.92 -39.77
CA MET B 4798 -75.51 -26.05 -39.15
C MET B 4798 -76.76 -25.60 -38.39
N SER B 4799 -76.72 -24.41 -37.78
CA SER B 4799 -77.91 -23.89 -37.10
C SER B 4799 -79.03 -23.61 -38.09
N LEU B 4800 -78.69 -23.06 -39.26
CA LEU B 4800 -79.71 -22.84 -40.29
C LEU B 4800 -80.24 -24.16 -40.85
N LEU B 4801 -79.36 -25.15 -41.03
CA LEU B 4801 -79.79 -26.45 -41.52
C LEU B 4801 -80.62 -27.21 -40.49
N GLY B 4802 -80.49 -26.87 -39.21
CA GLY B 4802 -81.28 -27.52 -38.18
C GLY B 4802 -82.76 -27.20 -38.25
N HIS B 4803 -83.12 -26.08 -38.91
CA HIS B 4803 -84.53 -25.75 -39.09
C HIS B 4803 -85.23 -26.78 -39.97
N TYR B 4804 -84.53 -27.30 -40.98
CA TYR B 4804 -85.01 -28.46 -41.72
C TYR B 4804 -85.11 -29.63 -40.76
N ASN B 4805 -86.23 -30.34 -40.79
CA ASN B 4805 -86.52 -31.36 -39.78
C ASN B 4805 -85.55 -32.54 -39.90
N ASN B 4806 -84.49 -32.49 -39.11
CA ASN B 4806 -83.47 -33.54 -39.07
C ASN B 4806 -82.82 -33.50 -37.68
N PHE B 4807 -81.72 -34.23 -37.53
CA PHE B 4807 -80.98 -34.28 -36.27
C PHE B 4807 -79.68 -33.48 -36.34
N PHE B 4808 -79.67 -32.36 -37.08
CA PHE B 4808 -78.48 -31.55 -37.24
C PHE B 4808 -78.04 -30.85 -35.97
N PHE B 4809 -78.88 -30.81 -34.94
CA PHE B 4809 -78.54 -30.14 -33.68
C PHE B 4809 -77.70 -31.01 -32.77
N ALA B 4810 -77.44 -32.26 -33.13
CA ALA B 4810 -76.69 -33.15 -32.26
C ALA B 4810 -75.21 -32.81 -32.24
N ALA B 4811 -74.65 -32.37 -33.36
CA ALA B 4811 -73.21 -32.09 -33.44
C ALA B 4811 -72.80 -30.86 -32.64
N HIS B 4812 -73.74 -29.95 -32.36
CA HIS B 4812 -73.40 -28.73 -31.62
C HIS B 4812 -72.85 -29.04 -30.23
N LEU B 4813 -73.25 -30.17 -29.65
CA LEU B 4813 -72.71 -30.57 -28.36
C LEU B 4813 -71.21 -30.81 -28.44
N LEU B 4814 -70.74 -31.44 -29.52
CA LEU B 4814 -69.31 -31.60 -29.71
C LEU B 4814 -68.67 -30.30 -30.19
N ASP B 4815 -69.47 -29.39 -30.76
CA ASP B 4815 -68.93 -28.11 -31.19
C ASP B 4815 -68.53 -27.26 -29.99
N ILE B 4816 -69.30 -27.31 -28.91
CA ILE B 4816 -69.09 -26.40 -27.78
C ILE B 4816 -68.31 -27.07 -26.65
N ALA B 4817 -68.34 -28.41 -26.54
CA ALA B 4817 -67.68 -29.09 -25.44
C ALA B 4817 -66.16 -28.91 -25.48
N MET B 4818 -65.59 -28.63 -26.66
CA MET B 4818 -64.17 -28.34 -26.74
C MET B 4818 -63.81 -27.02 -26.07
N GLY B 4819 -64.78 -26.13 -25.88
CA GLY B 4819 -64.52 -24.86 -25.23
C GLY B 4819 -64.19 -24.98 -23.75
N VAL B 4820 -64.55 -26.11 -23.13
CA VAL B 4820 -64.22 -26.34 -21.73
C VAL B 4820 -62.70 -26.49 -21.59
N LYS B 4821 -62.12 -25.77 -20.62
CA LYS B 4821 -60.67 -25.74 -20.49
C LYS B 4821 -60.11 -27.10 -20.08
N THR B 4822 -60.75 -27.76 -19.11
CA THR B 4822 -60.26 -29.07 -18.65
C THR B 4822 -60.35 -30.10 -19.76
N LEU B 4823 -61.47 -30.12 -20.50
CA LEU B 4823 -61.59 -31.00 -21.65
C LEU B 4823 -60.57 -30.67 -22.72
N ARG B 4824 -60.23 -29.38 -22.87
CA ARG B 4824 -59.19 -28.98 -23.81
C ARG B 4824 -57.83 -29.56 -23.42
N THR B 4825 -57.49 -29.50 -22.12
CA THR B 4825 -56.22 -30.08 -21.68
C THR B 4825 -56.22 -31.60 -21.80
N ILE B 4826 -57.37 -32.25 -21.61
CA ILE B 4826 -57.43 -33.70 -21.82
C ILE B 4826 -57.24 -34.05 -23.29
N LEU B 4827 -57.90 -33.31 -24.19
CA LEU B 4827 -57.82 -33.61 -25.61
C LEU B 4827 -56.48 -33.19 -26.21
N SER B 4828 -55.75 -32.28 -25.56
CA SER B 4828 -54.46 -31.85 -26.07
C SER B 4828 -53.43 -32.98 -26.10
N SER B 4829 -53.51 -33.91 -25.16
CA SER B 4829 -52.57 -35.04 -25.15
C SER B 4829 -52.82 -35.97 -26.34
N VAL B 4830 -54.08 -36.18 -26.70
CA VAL B 4830 -54.39 -36.98 -27.88
C VAL B 4830 -54.01 -36.23 -29.15
N THR B 4831 -54.19 -34.91 -29.14
CA THR B 4831 -53.83 -34.08 -30.32
C THR B 4831 -52.32 -33.90 -30.39
N HIS B 4832 -51.62 -34.15 -29.27
CA HIS B 4832 -50.13 -33.96 -29.22
C HIS B 4832 -49.43 -34.90 -30.19
N ASN B 4833 -49.88 -36.16 -30.31
CA ASN B 4833 -49.16 -37.16 -31.15
C ASN B 4833 -50.10 -37.79 -32.18
N GLY B 4834 -50.92 -37.02 -32.89
CA GLY B 4834 -51.78 -37.53 -33.93
C GLY B 4834 -51.00 -38.17 -35.08
N LYS B 4835 -49.84 -37.59 -35.42
CA LYS B 4835 -49.04 -38.13 -36.51
C LYS B 4835 -48.52 -39.52 -36.19
N GLN B 4836 -48.02 -39.73 -34.96
CA GLN B 4836 -47.59 -41.06 -34.56
C GLN B 4836 -48.75 -42.05 -34.60
N LEU B 4837 -49.95 -41.58 -34.22
CA LEU B 4837 -51.13 -42.44 -34.29
C LEU B 4837 -51.46 -42.84 -35.72
N VAL B 4838 -51.40 -41.91 -36.66
CA VAL B 4838 -51.79 -42.27 -38.03
C VAL B 4838 -50.75 -43.16 -38.69
N MET B 4839 -49.45 -42.96 -38.42
CA MET B 4839 -48.49 -43.95 -38.92
C MET B 4839 -48.62 -45.28 -38.20
N THR B 4840 -49.06 -45.29 -36.95
CA THR B 4840 -49.35 -46.56 -36.29
C THR B 4840 -50.49 -47.30 -36.97
N VAL B 4841 -51.54 -46.57 -37.35
CA VAL B 4841 -52.65 -47.18 -38.09
C VAL B 4841 -52.19 -47.67 -39.45
N GLY B 4842 -51.32 -46.91 -40.11
CA GLY B 4842 -50.78 -47.36 -41.39
C GLY B 4842 -49.96 -48.62 -41.27
N LEU B 4843 -49.11 -48.70 -40.23
CA LEU B 4843 -48.32 -49.90 -40.00
C LEU B 4843 -49.22 -51.09 -39.67
N LEU B 4844 -50.27 -50.86 -38.89
CA LEU B 4844 -51.25 -51.91 -38.62
C LEU B 4844 -51.91 -52.41 -39.89
N ALA B 4845 -52.27 -51.48 -40.80
CA ALA B 4845 -52.88 -51.86 -42.06
C ALA B 4845 -51.91 -52.69 -42.91
N VAL B 4846 -50.64 -52.29 -42.94
CA VAL B 4846 -49.64 -53.04 -43.69
C VAL B 4846 -49.47 -54.45 -43.12
N VAL B 4847 -49.42 -54.56 -41.79
CA VAL B 4847 -49.26 -55.87 -41.15
C VAL B 4847 -50.47 -56.76 -41.42
N VAL B 4848 -51.68 -56.20 -41.34
CA VAL B 4848 -52.89 -56.97 -41.62
C VAL B 4848 -52.93 -57.40 -43.08
N TYR B 4849 -52.49 -56.53 -43.99
CA TYR B 4849 -52.42 -56.89 -45.40
C TYR B 4849 -51.45 -58.04 -45.64
N LEU B 4850 -50.28 -57.99 -44.99
CA LEU B 4850 -49.29 -59.06 -45.14
C LEU B 4850 -49.82 -60.38 -44.60
N TYR B 4851 -50.46 -60.35 -43.44
CA TYR B 4851 -51.00 -61.58 -42.85
C TYR B 4851 -52.16 -62.11 -43.69
N THR B 4852 -52.95 -61.21 -44.27
CA THR B 4852 -54.04 -61.63 -45.17
C THR B 4852 -53.48 -62.29 -46.42
N VAL B 4853 -52.39 -61.76 -46.97
CA VAL B 4853 -51.74 -62.37 -48.13
C VAL B 4853 -51.22 -63.76 -47.77
N VAL B 4854 -50.60 -63.89 -46.60
CA VAL B 4854 -50.08 -65.19 -46.16
C VAL B 4854 -51.23 -66.19 -45.99
N ALA B 4855 -52.33 -65.75 -45.38
CA ALA B 4855 -53.48 -66.63 -45.19
C ALA B 4855 -54.11 -67.03 -46.52
N PHE B 4856 -54.17 -66.10 -47.48
CA PHE B 4856 -54.71 -66.43 -48.78
C PHE B 4856 -53.83 -67.41 -49.53
N ASN B 4857 -52.50 -67.30 -49.36
CA ASN B 4857 -51.61 -68.25 -50.03
C ASN B 4857 -51.65 -69.62 -49.38
N PHE B 4858 -51.80 -69.69 -48.06
CA PHE B 4858 -51.62 -70.97 -47.37
C PHE B 4858 -52.85 -71.48 -46.65
N PHE B 4859 -53.67 -70.61 -46.05
CA PHE B 4859 -54.76 -71.05 -45.18
C PHE B 4859 -56.13 -70.68 -45.73
N ARG B 4860 -56.35 -70.87 -47.03
CA ARG B 4860 -57.62 -70.53 -47.64
C ARG B 4860 -58.75 -71.43 -47.16
N LYS B 4861 -58.44 -72.68 -46.79
CA LYS B 4861 -59.48 -73.66 -46.50
C LYS B 4861 -60.15 -73.43 -45.15
N PHE B 4862 -59.49 -72.72 -44.23
CA PHE B 4862 -60.01 -72.57 -42.88
C PHE B 4862 -60.95 -71.38 -42.73
N TYR B 4863 -61.06 -70.52 -43.74
CA TYR B 4863 -61.88 -69.31 -43.64
C TYR B 4863 -63.31 -69.56 -44.12
N ASN B 4864 -63.91 -70.66 -43.67
CA ASN B 4864 -65.30 -70.96 -43.95
C ASN B 4864 -66.13 -70.60 -42.71
N LYS B 4865 -67.06 -69.68 -42.86
CA LYS B 4865 -67.90 -69.19 -41.77
C LYS B 4865 -69.37 -69.52 -42.03
N SER B 4866 -69.70 -70.80 -42.07
CA SER B 4866 -71.08 -71.26 -42.23
C SER B 4866 -71.26 -72.58 -41.51
N GLU B 4867 -72.49 -72.86 -41.10
CA GLU B 4867 -72.82 -74.12 -40.45
C GLU B 4867 -73.63 -75.07 -41.33
N ASP B 4868 -74.41 -74.53 -42.26
CA ASP B 4868 -75.22 -75.35 -43.14
C ASP B 4868 -74.35 -76.03 -44.20
N GLU B 4869 -74.72 -77.26 -44.55
CA GLU B 4869 -73.94 -78.06 -45.48
C GLU B 4869 -74.04 -77.49 -46.90
N ASP B 4870 -73.04 -77.86 -47.72
CA ASP B 4870 -72.85 -77.30 -49.07
C ASP B 4870 -72.78 -75.78 -49.01
N GLU B 4871 -71.78 -75.30 -48.27
CA GLU B 4871 -71.67 -73.89 -47.92
C GLU B 4871 -70.90 -73.14 -49.00
N PRO B 4872 -71.50 -72.12 -49.62
CA PRO B 4872 -70.77 -71.25 -50.55
C PRO B 4872 -70.16 -70.01 -49.92
N ASP B 4873 -70.27 -69.85 -48.60
CA ASP B 4873 -69.79 -68.65 -47.91
C ASP B 4873 -68.32 -68.83 -47.55
N MET B 4874 -67.46 -68.52 -48.52
CA MET B 4874 -66.01 -68.56 -48.33
C MET B 4874 -65.51 -67.13 -48.25
N LYS B 4875 -64.93 -66.77 -47.11
CA LYS B 4875 -64.51 -65.39 -46.88
C LYS B 4875 -63.27 -65.02 -47.66
N CYS B 4876 -62.28 -65.91 -47.71
CA CYS B 4876 -60.97 -65.60 -48.26
C CYS B 4876 -60.78 -66.14 -49.68
N ASP B 4877 -61.85 -66.16 -50.47
CA ASP B 4877 -61.73 -66.54 -51.88
C ASP B 4877 -61.12 -65.41 -52.72
N ASP B 4878 -61.30 -64.17 -52.30
CA ASP B 4878 -60.73 -63.01 -52.98
C ASP B 4878 -59.89 -62.21 -52.00
N MET B 4879 -58.89 -61.50 -52.53
CA MET B 4879 -58.00 -60.72 -51.68
C MET B 4879 -58.70 -59.54 -51.04
N MET B 4880 -59.58 -58.86 -51.77
CA MET B 4880 -60.30 -57.72 -51.21
C MET B 4880 -61.26 -58.16 -50.11
N THR B 4881 -62.01 -59.25 -50.36
CA THR B 4881 -62.94 -59.74 -49.34
C THR B 4881 -62.20 -60.27 -48.12
N CYS B 4882 -61.07 -60.95 -48.32
CA CYS B 4882 -60.29 -61.45 -47.19
C CYS B 4882 -59.69 -60.30 -46.39
N TYR B 4883 -59.21 -59.25 -47.08
CA TYR B 4883 -58.69 -58.08 -46.39
C TYR B 4883 -59.78 -57.37 -45.58
N LEU B 4884 -60.98 -57.25 -46.16
CA LEU B 4884 -62.09 -56.64 -45.44
C LEU B 4884 -62.48 -57.46 -44.22
N PHE B 4885 -62.51 -58.79 -44.38
CA PHE B 4885 -62.84 -59.67 -43.26
C PHE B 4885 -61.80 -59.56 -42.15
N HIS B 4886 -60.52 -59.52 -42.51
CA HIS B 4886 -59.46 -59.38 -41.51
C HIS B 4886 -59.57 -58.05 -40.78
N MET B 4887 -59.71 -56.95 -41.54
CA MET B 4887 -59.82 -55.63 -40.92
C MET B 4887 -61.07 -55.49 -40.05
N TYR B 4888 -62.14 -56.22 -40.38
CA TYR B 4888 -63.35 -56.13 -39.60
C TYR B 4888 -63.30 -56.99 -38.34
N VAL B 4889 -62.68 -58.16 -38.42
CA VAL B 4889 -62.79 -59.16 -37.35
C VAL B 4889 -61.54 -59.24 -36.49
N GLY B 4890 -60.36 -59.37 -37.12
CA GLY B 4890 -59.16 -59.67 -36.36
C GLY B 4890 -58.71 -58.54 -35.44
N VAL B 4891 -58.91 -57.29 -35.88
CA VAL B 4891 -58.51 -56.15 -35.06
C VAL B 4891 -59.38 -56.05 -33.81
N ARG B 4892 -60.69 -56.22 -33.96
CA ARG B 4892 -61.61 -56.09 -32.85
C ARG B 4892 -61.81 -57.40 -32.07
N ALA B 4893 -61.17 -58.49 -32.49
CA ALA B 4893 -61.36 -59.75 -31.80
C ALA B 4893 -60.67 -59.76 -30.44
N GLY B 4894 -59.45 -59.24 -30.37
CA GLY B 4894 -58.71 -59.19 -29.13
C GLY B 4894 -57.97 -60.45 -28.76
N GLY B 4895 -58.09 -61.51 -29.56
CA GLY B 4895 -57.41 -62.75 -29.26
C GLY B 4895 -56.77 -63.38 -30.49
N GLY B 4896 -56.89 -62.71 -31.64
CA GLY B 4896 -56.32 -63.17 -32.88
C GLY B 4896 -57.37 -63.71 -33.83
N ILE B 4897 -56.89 -64.29 -34.93
CA ILE B 4897 -57.78 -64.84 -35.95
C ILE B 4897 -58.14 -66.30 -35.68
N GLY B 4898 -57.41 -66.98 -34.79
CA GLY B 4898 -57.67 -68.38 -34.54
C GLY B 4898 -58.94 -68.66 -33.78
N ASP B 4899 -59.48 -67.68 -33.06
CA ASP B 4899 -60.72 -67.86 -32.33
C ASP B 4899 -61.94 -67.89 -33.25
N GLU B 4900 -61.81 -67.27 -34.42
CA GLU B 4900 -62.93 -67.20 -35.40
C GLU B 4900 -62.72 -68.24 -36.51
N ILE B 4901 -61.47 -68.49 -36.91
CA ILE B 4901 -61.16 -69.50 -37.96
C ILE B 4901 -61.44 -70.90 -37.42
N GLU B 4902 -61.42 -71.93 -38.27
CA GLU B 4902 -61.74 -73.32 -37.86
C GLU B 4902 -60.70 -73.86 -36.87
N ASP B 4903 -60.85 -75.12 -36.45
CA ASP B 4903 -59.97 -75.72 -35.46
C ASP B 4903 -58.68 -76.21 -36.11
N PRO B 4904 -57.54 -76.05 -35.45
CA PRO B 4904 -56.28 -76.56 -36.02
C PRO B 4904 -56.02 -78.02 -35.66
N ALA B 4905 -57.08 -78.74 -35.26
CA ALA B 4905 -56.94 -80.13 -34.83
C ALA B 4905 -56.51 -81.05 -35.96
N GLY B 4906 -56.65 -80.63 -37.22
CA GLY B 4906 -56.17 -81.43 -38.32
C GLY B 4906 -54.66 -81.57 -38.31
N ASP B 4907 -54.19 -82.74 -38.75
CA ASP B 4907 -52.75 -83.02 -38.71
C ASP B 4907 -51.98 -82.13 -39.70
N GLU B 4908 -52.54 -81.91 -40.88
CA GLU B 4908 -51.86 -81.14 -41.91
C GLU B 4908 -51.89 -79.65 -41.57
N TYR B 4909 -50.72 -79.00 -41.66
CA TYR B 4909 -50.56 -77.56 -41.44
C TYR B 4909 -51.05 -77.12 -40.06
N GLU B 4910 -50.79 -77.95 -39.05
CA GLU B 4910 -51.21 -77.62 -37.70
C GLU B 4910 -50.23 -76.67 -37.03
N LEU B 4911 -48.94 -77.00 -37.06
CA LEU B 4911 -47.93 -76.16 -36.40
C LEU B 4911 -47.79 -74.82 -37.10
N TYR B 4912 -47.90 -74.79 -38.44
CA TYR B 4912 -47.84 -73.53 -39.17
C TYR B 4912 -49.00 -72.61 -38.77
N ARG B 4913 -50.20 -73.16 -38.65
CA ARG B 4913 -51.34 -72.35 -38.24
C ARG B 4913 -51.23 -71.91 -36.77
N VAL B 4914 -50.64 -72.76 -35.92
CA VAL B 4914 -50.42 -72.38 -34.52
C VAL B 4914 -49.45 -71.20 -34.45
N VAL B 4915 -48.35 -71.27 -35.21
CA VAL B 4915 -47.39 -70.17 -35.24
C VAL B 4915 -48.04 -68.92 -35.83
N PHE B 4916 -48.88 -69.09 -36.85
CA PHE B 4916 -49.60 -67.97 -37.44
C PHE B 4916 -50.48 -67.27 -36.40
N ASP B 4917 -51.24 -68.05 -35.63
CA ASP B 4917 -52.12 -67.48 -34.61
C ASP B 4917 -51.33 -66.81 -33.49
N ILE B 4918 -50.21 -67.43 -33.08
CA ILE B 4918 -49.39 -66.84 -32.01
C ILE B 4918 -48.79 -65.52 -32.47
N THR B 4919 -48.29 -65.46 -33.70
CA THR B 4919 -47.74 -64.20 -34.22
C THR B 4919 -48.84 -63.14 -34.39
N PHE B 4920 -50.03 -63.56 -34.82
CA PHE B 4920 -51.16 -62.62 -34.92
C PHE B 4920 -51.51 -62.03 -33.55
N PHE B 4921 -51.55 -62.87 -32.52
CA PHE B 4921 -51.87 -62.37 -31.18
C PHE B 4921 -50.76 -61.48 -30.64
N PHE B 4922 -49.49 -61.86 -30.86
CA PHE B 4922 -48.39 -61.14 -30.24
C PHE B 4922 -48.12 -59.80 -30.93
N PHE B 4923 -48.19 -59.76 -32.26
CA PHE B 4923 -47.75 -58.58 -32.98
C PHE B 4923 -48.81 -57.49 -33.09
N VAL B 4924 -50.09 -57.84 -33.06
CA VAL B 4924 -51.16 -56.87 -33.29
C VAL B 4924 -51.71 -56.38 -31.96
N ILE B 4925 -52.20 -57.30 -31.13
CA ILE B 4925 -52.92 -56.92 -29.92
C ILE B 4925 -51.97 -56.36 -28.86
N VAL B 4926 -50.80 -56.98 -28.70
CA VAL B 4926 -49.96 -56.70 -27.53
C VAL B 4926 -49.16 -55.42 -27.73
N ILE B 4927 -48.38 -55.35 -28.81
CA ILE B 4927 -47.39 -54.28 -28.95
C ILE B 4927 -48.04 -53.00 -29.47
N LEU B 4928 -48.87 -53.12 -30.51
CA LEU B 4928 -49.35 -51.94 -31.22
C LEU B 4928 -50.37 -51.15 -30.42
N LEU B 4929 -51.00 -51.75 -29.40
CA LEU B 4929 -51.85 -50.99 -28.49
C LEU B 4929 -51.04 -50.38 -27.36
N ALA B 4930 -49.99 -51.09 -26.91
CA ALA B 4930 -49.09 -50.53 -25.91
C ALA B 4930 -48.38 -49.29 -26.42
N ILE B 4931 -48.05 -49.27 -27.72
CA ILE B 4931 -47.45 -48.06 -28.31
C ILE B 4931 -48.44 -46.90 -28.25
N ILE B 4932 -49.71 -47.16 -28.56
CA ILE B 4932 -50.73 -46.11 -28.54
C ILE B 4932 -50.91 -45.56 -27.13
N GLN B 4933 -50.95 -46.45 -26.13
CA GLN B 4933 -51.08 -45.99 -24.75
C GLN B 4933 -49.83 -45.21 -24.30
N GLY B 4934 -48.65 -45.72 -24.67
CA GLY B 4934 -47.42 -45.06 -24.26
C GLY B 4934 -47.23 -43.69 -24.89
N LEU B 4935 -47.75 -43.49 -26.10
CA LEU B 4935 -47.70 -42.16 -26.71
C LEU B 4935 -48.48 -41.14 -25.90
N ILE B 4936 -49.69 -41.51 -25.46
CA ILE B 4936 -50.50 -40.60 -24.65
C ILE B 4936 -49.86 -40.35 -23.29
N ILE B 4937 -49.33 -41.40 -22.67
CA ILE B 4937 -48.69 -41.23 -21.36
C ILE B 4937 -47.43 -40.37 -21.48
N ASP B 4938 -46.67 -40.55 -22.56
CA ASP B 4938 -45.48 -39.73 -22.79
C ASP B 4938 -45.86 -38.28 -23.08
N ALA B 4939 -46.99 -38.06 -23.77
CA ALA B 4939 -47.46 -36.70 -23.98
C ALA B 4939 -47.84 -36.02 -22.67
N PHE B 4940 -48.53 -36.74 -21.78
CA PHE B 4940 -48.85 -36.19 -20.47
C PHE B 4940 -47.59 -35.87 -19.67
N GLY B 4941 -46.65 -36.81 -19.63
CA GLY B 4941 -45.37 -36.54 -18.93
C GLY B 4941 -44.67 -35.36 -19.57
N GLU B 4942 -44.73 -35.25 -20.89
CA GLU B 4942 -44.05 -34.15 -21.62
C GLU B 4942 -44.67 -32.81 -21.20
N LEU B 4943 -45.99 -32.76 -21.06
CA LEU B 4943 -46.68 -31.49 -20.70
C LEU B 4943 -46.41 -31.16 -19.24
N ARG B 4944 -46.29 -32.17 -18.38
CA ARG B 4944 -45.96 -31.92 -16.97
C ARG B 4944 -44.53 -31.39 -16.84
N ASP B 4945 -43.58 -31.99 -17.57
CA ASP B 4945 -42.20 -31.55 -17.51
C ASP B 4945 -42.05 -30.13 -18.06
N GLN B 4946 -42.76 -29.80 -19.13
CA GLN B 4946 -42.69 -28.45 -19.69
C GLN B 4946 -43.25 -27.42 -18.71
N GLN B 4947 -44.38 -27.74 -18.06
CA GLN B 4947 -44.93 -26.80 -17.08
C GLN B 4947 -43.98 -26.62 -15.90
N GLU B 4948 -43.38 -27.71 -15.42
CA GLU B 4948 -42.42 -27.61 -14.33
C GLU B 4948 -41.21 -26.78 -14.72
N GLN B 4949 -40.70 -26.97 -15.94
CA GLN B 4949 -39.56 -26.20 -16.43
C GLN B 4949 -39.91 -24.72 -16.56
N VAL B 4950 -41.11 -24.41 -17.06
CA VAL B 4950 -41.53 -23.02 -17.20
C VAL B 4950 -41.62 -22.35 -15.84
N LYS B 4951 -42.22 -23.03 -14.86
CA LYS B 4951 -42.34 -22.43 -13.53
C LYS B 4951 -40.97 -22.26 -12.87
N GLU B 4952 -40.10 -23.26 -13.02
CA GLU B 4952 -38.77 -23.17 -12.43
C GLU B 4952 -37.95 -22.05 -13.06
N ASP B 4953 -38.08 -21.86 -14.38
CA ASP B 4953 -37.39 -20.76 -15.05
C ASP B 4953 -37.88 -19.41 -14.54
N MET B 4954 -39.18 -19.27 -14.30
CA MET B 4954 -39.69 -18.02 -13.73
C MET B 4954 -39.15 -17.80 -12.31
N GLU B 4955 -39.11 -18.84 -11.49
CA GLU B 4955 -38.70 -18.66 -10.10
C GLU B 4955 -37.19 -18.45 -9.96
N THR B 4956 -36.39 -19.02 -10.85
CA THR B 4956 -34.93 -19.01 -10.70
C THR B 4956 -34.24 -18.01 -11.60
N LYS B 4957 -34.97 -17.12 -12.28
CA LYS B 4957 -34.36 -16.16 -13.18
C LYS B 4957 -35.01 -14.79 -13.00
N CYS B 4958 -34.49 -13.81 -13.74
CA CYS B 4958 -35.01 -12.45 -13.72
C CYS B 4958 -35.82 -12.08 -14.95
N PHE B 4959 -35.59 -12.77 -16.07
CA PHE B 4959 -36.33 -12.66 -17.34
C PHE B 4959 -35.99 -11.35 -18.06
N ILE B 4960 -35.27 -10.45 -17.40
CA ILE B 4960 -34.79 -9.21 -18.00
C ILE B 4960 -33.27 -9.12 -17.94
N CYS B 4961 -32.70 -9.27 -16.75
CA CYS B 4961 -31.26 -9.23 -16.57
C CYS B 4961 -30.68 -10.64 -16.70
N GLY B 4962 -29.37 -10.75 -16.57
CA GLY B 4962 -28.69 -12.02 -16.55
C GLY B 4962 -28.18 -12.46 -15.19
N ILE B 4963 -28.61 -11.81 -14.11
CA ILE B 4963 -28.14 -12.11 -12.77
C ILE B 4963 -29.15 -13.03 -12.09
N GLY B 4964 -28.66 -14.10 -11.49
CA GLY B 4964 -29.52 -15.02 -10.78
C GLY B 4964 -29.99 -14.46 -9.45
N SER B 4965 -30.92 -15.20 -8.83
CA SER B 4965 -31.50 -14.77 -7.56
C SER B 4965 -30.56 -14.92 -6.39
N ASP B 4966 -29.48 -15.69 -6.55
CA ASP B 4966 -28.54 -15.89 -5.45
C ASP B 4966 -27.79 -14.61 -5.09
N TYR B 4967 -27.47 -13.78 -6.08
CA TYR B 4967 -26.82 -12.51 -5.80
C TYR B 4967 -27.78 -11.53 -5.13
N PHE B 4968 -29.04 -11.50 -5.58
CA PHE B 4968 -30.02 -10.61 -5.00
C PHE B 4968 -30.48 -11.07 -3.62
N ASP B 4969 -30.28 -12.35 -3.28
CA ASP B 4969 -30.71 -12.88 -1.99
C ASP B 4969 -29.75 -12.54 -0.85
N THR B 4970 -28.72 -11.72 -1.10
CA THR B 4970 -27.83 -11.30 -0.02
C THR B 4970 -28.56 -10.41 0.96
N THR B 4971 -29.24 -9.37 0.46
CA THR B 4971 -30.06 -8.52 1.30
C THR B 4971 -31.41 -9.20 1.58
N PRO B 4972 -32.04 -8.88 2.71
CA PRO B 4972 -33.37 -9.46 3.01
C PRO B 4972 -34.41 -9.00 2.00
N HIS B 4973 -35.06 -9.99 1.36
CA HIS B 4973 -36.09 -9.75 0.34
C HIS B 4973 -35.55 -8.89 -0.81
N GLY B 4974 -34.29 -9.10 -1.17
CA GLY B 4974 -33.70 -8.36 -2.28
C GLY B 4974 -34.28 -8.76 -3.63
N PHE B 4975 -34.55 -10.05 -3.82
CA PHE B 4975 -35.08 -10.51 -5.10
C PHE B 4975 -36.50 -10.02 -5.32
N GLU B 4976 -37.31 -9.99 -4.27
CA GLU B 4976 -38.67 -9.46 -4.39
C GLU B 4976 -38.65 -7.97 -4.73
N THR B 4977 -37.75 -7.22 -4.10
CA THR B 4977 -37.61 -5.79 -4.43
C THR B 4977 -37.14 -5.60 -5.86
N HIS B 4978 -36.21 -6.44 -6.32
CA HIS B 4978 -35.75 -6.36 -7.71
C HIS B 4978 -36.87 -6.67 -8.69
N THR B 4979 -37.67 -7.70 -8.40
CA THR B 4979 -38.72 -8.13 -9.34
C THR B 4979 -40.00 -7.33 -9.22
N LEU B 4980 -40.15 -6.48 -8.21
CA LEU B 4980 -41.34 -5.65 -8.09
C LEU B 4980 -41.11 -4.19 -8.49
N GLU B 4981 -40.02 -3.59 -7.99
CA GLU B 4981 -39.80 -2.14 -8.24
C GLU B 4981 -38.85 -1.90 -9.41
N GLU B 4982 -37.63 -2.44 -9.36
CA GLU B 4982 -36.62 -2.17 -10.42
C GLU B 4982 -37.06 -2.68 -11.80
N HIS B 4983 -37.68 -3.86 -11.89
CA HIS B 4983 -38.21 -4.35 -13.20
C HIS B 4983 -39.74 -4.28 -13.22
N ASN B 4984 -40.43 -5.41 -13.02
CA ASN B 4984 -41.91 -5.30 -12.91
C ASN B 4984 -42.60 -5.38 -14.28
N LEU B 4985 -41.87 -5.31 -15.39
CA LEU B 4985 -42.51 -5.48 -16.73
C LEU B 4985 -43.65 -4.46 -16.88
N ALA B 4986 -44.75 -4.61 -16.15
CA ALA B 4986 -45.82 -3.61 -16.19
C ALA B 4986 -45.24 -2.20 -16.14
N ASN B 4987 -44.07 -2.02 -15.52
CA ASN B 4987 -43.43 -0.71 -15.52
C ASN B 4987 -42.99 -0.32 -16.93
N TYR B 4988 -42.41 -1.26 -17.69
CA TYR B 4988 -42.05 -0.98 -19.07
C TYR B 4988 -43.29 -0.79 -19.94
N MET B 4989 -44.36 -1.54 -19.65
CA MET B 4989 -45.60 -1.36 -20.38
C MET B 4989 -46.18 0.04 -20.17
N PHE B 4990 -46.18 0.50 -18.92
CA PHE B 4990 -46.69 1.84 -18.63
C PHE B 4990 -45.75 2.92 -19.16
N PHE B 4991 -44.44 2.65 -19.22
CA PHE B 4991 -43.51 3.59 -19.83
C PHE B 4991 -43.77 3.72 -21.32
N LEU B 4992 -44.06 2.60 -22.00
CA LEU B 4992 -44.44 2.65 -23.40
C LEU B 4992 -45.76 3.38 -23.59
N MET B 4993 -46.71 3.19 -22.67
CA MET B 4993 -47.96 3.93 -22.72
C MET B 4993 -47.72 5.43 -22.62
N TYR B 4994 -46.86 5.84 -21.68
CA TYR B 4994 -46.57 7.25 -21.48
C TYR B 4994 -45.82 7.85 -22.67
N LEU B 4995 -44.92 7.07 -23.29
CA LEU B 4995 -44.21 7.55 -24.47
C LEU B 4995 -45.15 7.69 -25.66
N ILE B 4996 -46.08 6.75 -25.83
CA ILE B 4996 -47.02 6.81 -26.93
C ILE B 4996 -47.98 7.98 -26.75
N ASN B 4997 -48.48 8.17 -25.52
CA ASN B 4997 -49.43 9.26 -25.27
C ASN B 4997 -48.80 10.63 -25.45
N LYS B 4998 -47.54 10.78 -25.04
CA LYS B 4998 -46.87 12.07 -25.13
C LYS B 4998 -46.47 12.37 -26.58
N ASP B 4999 -46.65 13.63 -26.98
CA ASP B 4999 -46.31 14.05 -28.32
C ASP B 4999 -44.81 14.29 -28.46
N GLU B 5000 -44.29 14.16 -29.68
CA GLU B 5000 -42.81 14.24 -29.86
C GLU B 5000 -42.27 15.57 -29.33
N THR B 5001 -43.14 16.57 -29.21
CA THR B 5001 -42.68 17.92 -28.78
C THR B 5001 -42.12 17.91 -27.36
N GLU B 5002 -42.74 17.17 -26.43
CA GLU B 5002 -42.32 17.28 -25.00
C GLU B 5002 -41.31 16.21 -24.57
N HIS B 5003 -41.00 15.22 -25.41
CA HIS B 5003 -40.11 14.13 -24.98
C HIS B 5003 -38.85 14.65 -24.29
N THR B 5004 -38.79 14.60 -22.98
CA THR B 5004 -37.56 14.78 -22.21
C THR B 5004 -36.40 14.12 -22.97
N GLY B 5005 -35.18 14.58 -22.67
CA GLY B 5005 -34.01 14.10 -23.41
C GLY B 5005 -33.83 12.60 -23.35
N GLN B 5006 -33.94 12.01 -22.15
CA GLN B 5006 -33.89 10.56 -22.03
C GLN B 5006 -35.06 9.90 -22.75
N GLU B 5007 -36.25 10.45 -22.59
CA GLU B 5007 -37.43 9.91 -23.27
C GLU B 5007 -37.31 10.07 -24.78
N SER B 5008 -36.75 11.19 -25.25
CA SER B 5008 -36.54 11.38 -26.68
C SER B 5008 -35.51 10.38 -27.21
N TYR B 5009 -34.48 10.09 -26.43
CA TYR B 5009 -33.49 9.09 -26.83
C TYR B 5009 -34.12 7.70 -26.91
N VAL B 5010 -34.96 7.35 -25.94
CA VAL B 5010 -35.65 6.06 -25.97
C VAL B 5010 -36.59 5.99 -27.18
N TRP B 5011 -37.27 7.09 -27.48
CA TRP B 5011 -38.15 7.13 -28.66
C TRP B 5011 -37.35 6.97 -29.94
N LYS B 5012 -36.17 7.60 -30.02
CA LYS B 5012 -35.32 7.46 -31.19
C LYS B 5012 -34.82 6.03 -31.36
N MET B 5013 -34.45 5.37 -30.26
CA MET B 5013 -34.06 3.97 -30.34
C MET B 5013 -35.24 3.08 -30.73
N TYR B 5014 -36.44 3.41 -30.27
CA TYR B 5014 -37.62 2.62 -30.62
C TYR B 5014 -37.98 2.79 -32.10
N GLN B 5015 -37.79 3.99 -32.64
CA GLN B 5015 -38.09 4.21 -34.05
C GLN B 5015 -37.14 3.44 -34.96
N GLU B 5016 -35.88 3.29 -34.57
CA GLU B 5016 -34.89 2.56 -35.34
C GLU B 5016 -34.86 1.07 -35.02
N ARG B 5017 -35.74 0.61 -34.12
CA ARG B 5017 -35.82 -0.79 -33.70
C ARG B 5017 -34.49 -1.29 -33.14
N CYS B 5018 -33.91 -0.49 -32.25
CA CYS B 5018 -32.67 -0.85 -31.56
C CYS B 5018 -32.98 -1.08 -30.09
N TRP B 5019 -32.61 -2.25 -29.58
CA TRP B 5019 -32.96 -2.67 -28.23
C TRP B 5019 -31.74 -2.65 -27.30
N ASP B 5020 -30.87 -1.67 -27.48
CA ASP B 5020 -29.69 -1.52 -26.62
C ASP B 5020 -29.97 -0.73 -25.36
N PHE B 5021 -31.17 -0.18 -25.21
CA PHE B 5021 -31.51 0.55 -23.98
C PHE B 5021 -31.83 -0.38 -22.82
N PHE B 5022 -32.07 -1.66 -23.09
CA PHE B 5022 -32.28 -2.62 -22.01
C PHE B 5022 -30.94 -2.89 -21.31
N PRO B 5023 -30.98 -3.19 -20.00
CA PRO B 5023 -29.73 -3.50 -19.28
C PRO B 5023 -29.02 -4.73 -19.81
N ALA B 5024 -29.73 -5.86 -19.87
CA ALA B 5024 -29.25 -7.12 -20.44
C ALA B 5024 -27.96 -7.59 -19.76
N GLY B 5025 -28.06 -7.88 -18.47
CA GLY B 5025 -26.95 -8.39 -17.70
C GLY B 5025 -26.40 -7.45 -16.65
N ASP B 5026 -27.05 -6.33 -16.38
CA ASP B 5026 -26.58 -5.37 -15.40
C ASP B 5026 -27.77 -4.77 -14.67
N CYS B 5027 -27.50 -4.16 -13.51
CA CYS B 5027 -28.53 -3.50 -12.73
C CYS B 5027 -27.92 -2.28 -12.05
N PHE B 5028 -28.77 -1.56 -11.31
CA PHE B 5028 -28.32 -0.37 -10.59
C PHE B 5028 -27.34 -0.74 -9.47
N ARG B 5029 -27.59 -1.87 -8.79
CA ARG B 5029 -26.75 -2.25 -7.66
C ARG B 5029 -25.35 -2.65 -8.10
N LYS B 5030 -25.23 -3.39 -9.21
CA LYS B 5030 -23.92 -3.85 -9.65
C LYS B 5030 -23.07 -2.71 -10.19
N GLN B 5031 -23.69 -1.72 -10.82
CA GLN B 5031 -22.93 -0.57 -11.33
C GLN B 5031 -22.38 0.27 -10.18
N TYR B 5032 -23.14 0.41 -9.10
CA TYR B 5032 -22.77 1.22 -7.94
C TYR B 5032 -22.47 0.34 -6.73
N GLU B 5033 -21.78 -0.78 -6.95
CA GLU B 5033 -21.48 -1.72 -5.88
C GLU B 5033 -20.50 -1.14 -4.86
N ASP B 5034 -19.69 -0.15 -5.26
CA ASP B 5034 -18.76 0.47 -4.33
C ASP B 5034 -19.50 1.17 -3.20
N GLN B 5035 -20.56 1.90 -3.52
CA GLN B 5035 -21.40 2.50 -2.49
C GLN B 5035 -22.42 1.49 -1.97
N LEU B 5036 -22.99 1.79 -0.81
CA LEU B 5036 -23.98 0.90 -0.22
C LEU B 5036 -25.30 0.92 -1.00
N SER B 5037 -25.64 2.06 -1.60
CA SER B 5037 -26.87 2.16 -2.38
C SER B 5037 -26.57 1.94 -3.86
N GLN C 12 35.52 -16.22 4.33
CA GLN C 12 34.89 -16.95 3.25
C GLN C 12 35.85 -18.00 2.69
N PHE C 13 35.33 -19.16 2.31
CA PHE C 13 36.16 -20.27 1.88
C PHE C 13 36.62 -20.07 0.43
N LEU C 14 37.88 -20.44 0.17
CA LEU C 14 38.46 -20.29 -1.15
C LEU C 14 38.30 -21.57 -1.97
N ARG C 15 38.19 -21.41 -3.28
CA ARG C 15 37.92 -22.52 -4.18
C ARG C 15 38.93 -22.54 -5.31
N THR C 16 39.02 -23.69 -5.99
CA THR C 16 39.94 -23.85 -7.10
C THR C 16 39.46 -23.07 -8.32
N ASP C 17 40.31 -23.05 -9.35
CA ASP C 17 40.08 -22.33 -10.61
C ASP C 17 39.87 -20.84 -10.41
N ASP C 18 40.44 -20.29 -9.34
CA ASP C 18 40.27 -18.89 -8.96
C ASP C 18 41.65 -18.32 -8.72
N GLU C 19 41.91 -17.12 -9.25
CA GLU C 19 43.22 -16.50 -9.12
C GLU C 19 43.38 -15.91 -7.72
N VAL C 20 44.46 -16.30 -7.04
CA VAL C 20 44.70 -15.89 -5.66
C VAL C 20 46.19 -15.60 -5.53
N VAL C 21 46.53 -14.55 -4.79
CA VAL C 21 47.91 -14.16 -4.54
C VAL C 21 48.30 -14.58 -3.12
N LEU C 22 49.60 -14.74 -2.90
CA LEU C 22 50.15 -15.14 -1.61
C LEU C 22 51.02 -14.01 -1.07
N GLN C 23 50.86 -13.69 0.22
CA GLN C 23 51.61 -12.61 0.83
C GLN C 23 52.06 -13.01 2.23
N CYS C 24 52.92 -12.17 2.82
CA CYS C 24 53.40 -12.36 4.18
C CYS C 24 53.45 -11.00 4.87
N SER C 25 52.96 -10.95 6.12
CA SER C 25 52.97 -9.73 6.91
C SER C 25 53.93 -9.92 8.08
N ALA C 26 55.09 -9.27 8.03
CA ALA C 26 56.15 -9.45 9.01
C ALA C 26 56.54 -8.11 9.61
N THR C 27 56.46 -8.00 10.93
CA THR C 27 57.05 -6.85 11.61
C THR C 27 58.56 -7.00 11.67
N VAL C 28 59.26 -6.11 10.97
CA VAL C 28 60.76 -6.17 10.92
C VAL C 28 61.30 -4.77 10.67
N LEU C 29 62.52 -4.48 11.13
CA LEU C 29 63.11 -3.14 10.97
C LEU C 29 62.18 -2.11 11.61
N LYS C 30 61.59 -2.46 12.76
CA LYS C 30 60.64 -1.54 13.44
C LYS C 30 59.62 -1.01 12.43
N GLU C 31 58.94 -1.93 11.71
CA GLU C 31 57.96 -1.52 10.72
C GLU C 31 57.22 -2.73 10.19
N GLN C 32 55.93 -2.56 9.92
CA GLN C 32 55.14 -3.64 9.32
C GLN C 32 55.45 -3.71 7.83
N LEU C 33 56.07 -4.81 7.41
CA LEU C 33 56.44 -5.02 6.02
C LEU C 33 55.53 -6.09 5.43
N LYS C 34 54.81 -5.73 4.38
CA LYS C 34 54.01 -6.66 3.60
C LYS C 34 54.84 -7.07 2.39
N LEU C 35 55.09 -8.36 2.26
CA LEU C 35 55.95 -8.91 1.23
C LEU C 35 55.14 -9.84 0.33
N CYS C 36 55.39 -9.76 -0.97
CA CYS C 36 54.76 -10.67 -1.92
C CYS C 36 55.83 -11.37 -2.75
N LEU C 37 55.55 -12.62 -3.10
CA LEU C 37 56.48 -13.41 -3.90
C LEU C 37 56.22 -13.12 -5.37
N ALA C 38 57.26 -12.71 -6.10
CA ALA C 38 57.11 -12.34 -7.49
C ALA C 38 58.23 -12.99 -8.30
N ALA C 39 57.86 -13.58 -9.43
CA ALA C 39 58.79 -14.33 -10.26
C ALA C 39 58.72 -13.80 -11.68
N GLU C 40 59.89 -13.48 -12.25
CA GLU C 40 59.95 -12.90 -13.59
C GLU C 40 59.48 -13.88 -14.66
N GLY C 41 59.88 -15.15 -14.54
CA GLY C 41 59.53 -16.14 -15.53
C GLY C 41 60.54 -16.21 -16.66
N PHE C 42 60.25 -15.52 -17.76
CA PHE C 42 61.20 -15.46 -18.87
C PHE C 42 62.43 -14.67 -18.47
N GLY C 43 63.61 -15.24 -18.71
CA GLY C 43 64.86 -14.58 -18.37
C GLY C 43 65.43 -14.92 -17.01
N ASN C 44 64.57 -14.98 -15.99
CA ASN C 44 65.01 -15.29 -14.63
C ASN C 44 64.01 -16.28 -14.02
N ARG C 45 64.49 -17.49 -13.73
CA ARG C 45 63.63 -18.51 -13.12
C ARG C 45 63.48 -18.33 -11.62
N LEU C 46 64.44 -17.68 -10.97
CA LEU C 46 64.35 -17.48 -9.53
C LEU C 46 63.29 -16.42 -9.20
N CYS C 47 62.79 -16.48 -7.97
CA CYS C 47 61.78 -15.56 -7.48
C CYS C 47 62.39 -14.58 -6.49
N PHE C 48 61.91 -13.33 -6.52
CA PHE C 48 62.28 -12.32 -5.54
C PHE C 48 61.04 -11.91 -4.73
N LEU C 49 61.27 -11.01 -3.78
CA LEU C 49 60.21 -10.53 -2.92
C LEU C 49 60.03 -9.03 -3.11
N GLU C 50 58.77 -8.61 -3.14
CA GLU C 50 58.39 -7.21 -3.38
C GLU C 50 57.69 -6.66 -2.16
N PRO C 51 58.20 -5.59 -1.54
CA PRO C 51 57.46 -4.95 -0.45
C PRO C 51 56.52 -3.87 -0.93
N THR C 52 55.25 -3.95 -0.53
CA THR C 52 54.24 -2.97 -0.92
C THR C 52 53.71 -2.20 0.28
N SER C 53 54.57 -1.96 1.27
CA SER C 53 54.16 -1.21 2.46
C SER C 53 53.82 0.23 2.11
N ASN C 54 54.65 0.87 1.30
CA ASN C 54 54.38 2.23 0.83
C ASN C 54 53.69 2.19 -0.53
N ALA C 55 52.50 1.60 -0.54
CA ALA C 55 51.75 1.46 -1.79
C ALA C 55 51.24 2.81 -2.28
N GLN C 56 50.84 3.68 -1.37
CA GLN C 56 50.37 5.01 -1.76
C GLN C 56 51.50 5.85 -2.35
N ASN C 57 52.70 5.75 -1.77
CA ASN C 57 53.83 6.55 -2.24
C ASN C 57 54.38 6.01 -3.56
N VAL C 58 54.84 4.75 -3.55
CA VAL C 58 55.46 4.14 -4.71
C VAL C 58 54.56 3.00 -5.18
N PRO C 59 54.12 2.99 -6.44
CA PRO C 59 53.26 1.90 -6.92
C PRO C 59 54.03 0.60 -7.03
N PRO C 60 53.40 -0.52 -6.72
CA PRO C 60 54.06 -1.82 -6.87
C PRO C 60 53.75 -2.48 -8.21
N ASP C 61 54.50 -3.55 -8.48
CA ASP C 61 54.27 -4.36 -9.67
C ASP C 61 53.30 -5.50 -9.32
N LEU C 62 52.27 -5.65 -10.14
CA LEU C 62 51.18 -6.58 -9.85
C LEU C 62 51.26 -7.86 -10.67
N ALA C 63 51.55 -7.76 -11.97
CA ALA C 63 51.50 -8.92 -12.86
C ALA C 63 52.56 -9.96 -12.52
N ILE C 64 53.68 -9.53 -11.92
CA ILE C 64 54.73 -10.48 -11.55
C ILE C 64 54.33 -11.29 -10.31
N CYS C 65 53.33 -10.82 -9.56
CA CYS C 65 52.98 -11.41 -8.27
C CYS C 65 51.82 -12.41 -8.34
N CYS C 66 50.90 -12.24 -9.29
CA CYS C 66 49.67 -13.02 -9.28
C CYS C 66 49.91 -14.49 -9.60
N PHE C 67 49.07 -15.34 -9.02
CA PHE C 67 49.12 -16.78 -9.24
C PHE C 67 47.70 -17.32 -9.33
N THR C 68 47.58 -18.53 -9.89
CA THR C 68 46.29 -19.18 -10.07
C THR C 68 46.32 -20.57 -9.44
N LEU C 69 45.17 -20.98 -8.90
CA LEU C 69 44.99 -22.30 -8.31
C LEU C 69 44.45 -23.26 -9.37
N GLU C 70 45.16 -24.37 -9.58
CA GLU C 70 44.75 -25.34 -10.61
C GLU C 70 43.86 -26.43 -10.02
N GLN C 71 44.38 -27.19 -9.05
CA GLN C 71 43.67 -28.32 -8.46
C GLN C 71 44.00 -28.42 -6.98
N SER C 72 43.34 -29.34 -6.30
CA SER C 72 43.60 -29.63 -4.89
C SER C 72 43.20 -31.06 -4.61
N LEU C 73 44.18 -31.92 -4.36
CA LEU C 73 43.95 -33.33 -4.06
C LEU C 73 44.59 -33.68 -2.73
N SER C 74 43.83 -34.35 -1.86
CA SER C 74 44.36 -34.73 -0.55
C SER C 74 45.36 -35.87 -0.66
N VAL C 75 45.02 -36.89 -1.44
CA VAL C 75 45.88 -38.06 -1.64
C VAL C 75 46.15 -38.19 -3.12
N ARG C 76 47.43 -38.22 -3.50
CA ARG C 76 47.84 -38.19 -4.90
C ARG C 76 48.32 -39.57 -5.32
N ALA C 77 47.42 -40.32 -5.96
CA ALA C 77 47.79 -41.50 -6.73
C ALA C 77 48.06 -41.16 -8.19
N LEU C 78 47.91 -39.88 -8.55
CA LEU C 78 48.14 -39.43 -9.91
C LEU C 78 49.58 -39.68 -10.36
N GLN C 79 50.54 -39.46 -9.44
CA GLN C 79 51.95 -39.65 -9.77
C GLN C 79 52.26 -41.09 -10.15
N GLU C 80 51.68 -42.06 -9.44
CA GLU C 80 51.91 -43.47 -9.78
C GLU C 80 51.30 -43.81 -11.13
N MET C 81 50.13 -43.26 -11.44
CA MET C 81 49.51 -43.47 -12.74
C MET C 81 50.35 -42.85 -13.85
N LEU C 82 50.90 -41.66 -13.60
CA LEU C 82 51.79 -41.01 -14.56
C LEU C 82 53.08 -41.80 -14.75
N ALA C 83 53.53 -42.50 -13.71
CA ALA C 83 54.75 -43.30 -13.80
C ALA C 83 54.58 -44.55 -14.65
N ASN C 84 53.37 -44.90 -15.03
CA ASN C 84 53.11 -46.08 -15.87
C ASN C 84 53.79 -45.96 -17.22
N GLY C 97 35.03 -27.56 -12.63
CA GLY C 97 34.32 -27.19 -11.42
C GLY C 97 35.21 -26.53 -10.39
N HIS C 98 34.61 -26.04 -9.31
CA HIS C 98 35.32 -25.37 -8.22
C HIS C 98 35.16 -26.19 -6.95
N ARG C 99 36.28 -26.53 -6.32
CA ARG C 99 36.29 -27.34 -5.11
C ARG C 99 36.94 -26.53 -3.99
N THR C 100 36.31 -26.54 -2.82
CA THR C 100 36.81 -25.78 -1.68
C THR C 100 38.11 -26.39 -1.15
N LEU C 101 39.09 -25.53 -0.87
CA LEU C 101 40.33 -25.99 -0.27
C LEU C 101 40.12 -26.36 1.19
N LEU C 102 40.88 -27.36 1.66
CA LEU C 102 40.84 -27.79 3.03
C LEU C 102 42.26 -27.94 3.56
N TYR C 103 42.37 -27.95 4.89
CA TYR C 103 43.66 -28.10 5.54
C TYR C 103 44.23 -29.49 5.28
N GLY C 104 45.52 -29.57 4.98
CA GLY C 104 46.17 -30.81 4.67
C GLY C 104 46.02 -31.27 3.24
N HIS C 105 45.57 -30.40 2.34
CA HIS C 105 45.36 -30.75 0.94
C HIS C 105 46.46 -30.10 0.11
N ALA C 106 47.10 -30.89 -0.74
CA ALA C 106 48.12 -30.36 -1.63
C ALA C 106 47.48 -29.54 -2.74
N ILE C 107 48.11 -28.41 -3.07
CA ILE C 107 47.59 -27.48 -4.07
C ILE C 107 48.65 -27.28 -5.16
N LEU C 108 48.22 -26.71 -6.27
CA LEU C 108 49.08 -26.42 -7.40
C LEU C 108 48.99 -24.95 -7.76
N LEU C 109 50.15 -24.30 -7.88
CA LEU C 109 50.23 -22.88 -8.21
C LEU C 109 50.72 -22.73 -9.64
N ARG C 110 50.05 -21.89 -10.42
CA ARG C 110 50.47 -21.61 -11.79
C ARG C 110 50.64 -20.11 -11.98
N HIS C 111 51.75 -19.70 -12.57
CA HIS C 111 52.00 -18.29 -12.81
C HIS C 111 51.06 -17.75 -13.89
N ALA C 112 50.67 -16.48 -13.74
CA ALA C 112 49.73 -15.88 -14.67
C ALA C 112 50.41 -15.38 -15.93
N HIS C 113 51.59 -14.78 -15.80
CA HIS C 113 52.26 -14.18 -16.96
C HIS C 113 52.98 -15.25 -17.79
N SER C 114 53.84 -16.05 -17.15
CA SER C 114 54.68 -16.99 -17.87
C SER C 114 54.04 -18.36 -18.05
N ARG C 115 52.85 -18.59 -17.46
CA ARG C 115 52.15 -19.87 -17.51
C ARG C 115 53.05 -21.03 -17.06
N MET C 116 53.79 -20.81 -15.98
CA MET C 116 54.67 -21.81 -15.40
C MET C 116 54.22 -22.12 -13.98
N TYR C 117 54.77 -23.21 -13.44
CA TYR C 117 54.32 -23.75 -12.16
C TYR C 117 55.40 -23.59 -11.10
N LEU C 118 55.02 -23.08 -9.93
CA LEU C 118 55.98 -22.83 -8.87
C LEU C 118 56.41 -24.15 -8.23
N SER C 119 57.69 -24.24 -7.87
CA SER C 119 58.25 -25.47 -7.33
C SER C 119 59.57 -25.15 -6.63
N CYS C 120 60.13 -26.18 -5.99
CA CYS C 120 61.44 -26.09 -5.35
C CYS C 120 62.52 -26.65 -6.28
N LEU C 121 63.72 -26.08 -6.17
CA LEU C 121 64.85 -26.50 -7.00
C LEU C 121 65.96 -27.06 -6.11
N THR C 122 66.75 -27.97 -6.68
CA THR C 122 67.79 -28.66 -5.91
C THR C 122 68.99 -27.75 -5.65
N THR C 123 69.56 -27.16 -6.69
CA THR C 123 70.75 -26.32 -6.55
C THR C 123 70.34 -24.94 -6.06
N SER C 124 70.98 -24.47 -4.99
CA SER C 124 70.60 -23.22 -4.35
C SER C 124 71.85 -22.49 -3.86
N ARG C 125 71.69 -21.18 -3.70
CA ARG C 125 72.71 -20.36 -3.05
C ARG C 125 72.86 -20.78 -1.59
N SER C 126 74.10 -20.82 -1.12
CA SER C 126 74.45 -21.55 0.10
C SER C 126 74.70 -20.58 1.25
N MET C 127 73.64 -20.29 2.01
CA MET C 127 73.74 -19.77 3.37
C MET C 127 72.90 -20.67 4.25
N THR C 128 73.47 -21.13 5.36
CA THR C 128 73.03 -22.35 6.05
C THR C 128 72.81 -23.46 5.02
N ASP C 129 73.96 -23.87 4.45
CA ASP C 129 73.97 -24.55 3.16
C ASP C 129 73.19 -25.85 3.16
N LYS C 130 73.21 -26.58 4.28
CA LYS C 130 72.47 -27.84 4.35
C LYS C 130 70.97 -27.59 4.25
N LEU C 131 70.45 -26.65 5.03
CA LEU C 131 69.03 -26.29 5.00
C LEU C 131 68.81 -25.03 4.15
N ALA C 132 69.09 -25.15 2.85
CA ALA C 132 68.90 -24.01 1.95
C ALA C 132 68.62 -24.53 0.55
N PHE C 133 67.34 -24.54 0.17
CA PHE C 133 66.90 -24.84 -1.19
C PHE C 133 66.09 -23.66 -1.69
N ASP C 134 66.31 -23.25 -2.94
CA ASP C 134 65.58 -22.11 -3.47
C ASP C 134 64.24 -22.54 -4.05
N VAL C 135 63.43 -21.54 -4.40
CA VAL C 135 62.09 -21.74 -4.96
C VAL C 135 61.99 -20.96 -6.26
N GLY C 136 61.49 -21.59 -7.31
CA GLY C 136 61.41 -20.95 -8.61
C GLY C 136 60.40 -21.64 -9.49
N LEU C 137 60.23 -21.11 -10.71
CA LEU C 137 59.28 -21.66 -11.66
C LEU C 137 59.90 -22.83 -12.42
N GLN C 138 59.03 -23.73 -12.87
CA GLN C 138 59.38 -24.75 -13.85
C GLN C 138 58.29 -24.78 -14.91
N GLU C 139 58.69 -25.15 -16.13
CA GLU C 139 57.81 -25.02 -17.28
C GLU C 139 56.68 -26.05 -17.24
N ASP C 140 57.01 -27.30 -16.95
CA ASP C 140 56.04 -28.39 -16.97
C ASP C 140 55.85 -28.94 -15.57
N ALA C 141 54.59 -29.09 -15.16
CA ALA C 141 54.27 -29.65 -13.84
C ALA C 141 54.20 -31.18 -13.95
N THR C 142 55.35 -31.78 -14.18
CA THR C 142 55.46 -33.23 -14.24
C THR C 142 56.43 -33.73 -13.18
N GLY C 143 56.37 -33.14 -11.99
CA GLY C 143 57.28 -33.50 -10.92
C GLY C 143 56.60 -33.37 -9.57
N GLU C 144 57.28 -33.92 -8.57
CA GLU C 144 56.75 -33.94 -7.20
C GLU C 144 56.91 -32.60 -6.49
N ALA C 145 57.84 -31.75 -6.93
CA ALA C 145 58.13 -30.50 -6.23
C ALA C 145 57.04 -29.45 -6.43
N CYS C 146 56.13 -29.65 -7.38
CA CYS C 146 55.15 -28.62 -7.69
C CYS C 146 54.11 -28.45 -6.58
N TRP C 147 53.79 -29.52 -5.86
CA TRP C 147 52.69 -29.50 -4.90
C TRP C 147 53.17 -29.07 -3.51
N TRP C 148 52.32 -28.28 -2.84
CA TRP C 148 52.57 -27.82 -1.49
C TRP C 148 51.33 -28.11 -0.64
N THR C 149 51.55 -28.55 0.60
CA THR C 149 50.47 -28.87 1.52
C THR C 149 50.33 -27.77 2.57
N MET C 150 49.09 -27.52 2.98
CA MET C 150 48.75 -26.44 3.89
C MET C 150 48.43 -27.01 5.27
N HIS C 151 48.96 -26.38 6.30
CA HIS C 151 48.67 -26.75 7.68
C HIS C 151 48.32 -25.51 8.48
N PRO C 152 47.49 -25.65 9.51
CA PRO C 152 47.12 -24.49 10.33
C PRO C 152 48.28 -23.99 11.18
N ALA C 153 48.32 -22.69 11.39
CA ALA C 153 49.34 -22.09 12.25
C ALA C 153 48.93 -22.07 13.71
N SER C 154 47.62 -22.03 13.99
CA SER C 154 47.11 -21.89 15.34
C SER C 154 46.18 -23.06 15.67
N LYS C 155 45.87 -23.19 16.96
CA LYS C 155 45.01 -24.25 17.46
C LYS C 155 43.52 -23.97 17.23
N GLN C 156 43.16 -22.75 16.80
CA GLN C 156 41.76 -22.43 16.57
C GLN C 156 41.19 -23.27 15.42
N ARG C 157 41.98 -23.50 14.38
CA ARG C 157 41.57 -24.32 13.25
C ARG C 157 42.35 -25.63 13.25
N SER C 158 41.65 -26.74 13.03
CA SER C 158 42.23 -28.07 13.05
C SER C 158 42.24 -28.65 11.64
N GLU C 159 42.77 -29.87 11.53
CA GLU C 159 42.82 -30.55 10.25
C GLU C 159 41.42 -30.95 9.78
N GLY C 160 41.21 -30.91 8.47
CA GLY C 160 39.91 -31.20 7.90
C GLY C 160 38.94 -30.05 7.93
N GLU C 161 39.39 -28.85 8.27
CA GLU C 161 38.53 -27.67 8.32
C GLU C 161 38.82 -26.76 7.13
N LYS C 162 37.77 -26.10 6.64
CA LYS C 162 37.86 -25.31 5.44
C LYS C 162 38.69 -24.05 5.67
N VAL C 163 39.51 -23.70 4.68
CA VAL C 163 40.43 -22.57 4.80
C VAL C 163 39.72 -21.29 4.36
N ARG C 164 39.82 -20.25 5.19
CA ARG C 164 39.18 -18.97 4.95
C ARG C 164 40.22 -17.92 4.57
N VAL C 165 39.72 -16.77 4.10
CA VAL C 165 40.60 -15.62 3.84
C VAL C 165 41.04 -14.99 5.15
N GLY C 166 42.32 -14.61 5.21
CA GLY C 166 42.84 -13.95 6.39
C GLY C 166 43.21 -14.87 7.52
N ASP C 167 43.50 -16.13 7.23
CA ASP C 167 43.94 -17.09 8.24
C ASP C 167 45.38 -17.47 7.97
N ASP C 168 46.16 -17.56 9.05
CA ASP C 168 47.59 -17.84 8.91
C ASP C 168 47.80 -19.32 8.60
N LEU C 169 48.56 -19.59 7.54
CA LEU C 169 48.79 -20.94 7.06
C LEU C 169 50.29 -21.18 6.95
N ILE C 170 50.68 -22.45 7.01
CA ILE C 170 52.06 -22.86 6.76
C ILE C 170 52.07 -23.85 5.60
N LEU C 171 52.95 -23.62 4.63
CA LEU C 171 53.01 -24.41 3.42
C LEU C 171 54.29 -25.22 3.39
N VAL C 172 54.17 -26.53 3.18
CA VAL C 172 55.31 -27.44 3.17
C VAL C 172 55.30 -28.19 1.84
N SER C 173 56.44 -28.16 1.14
CA SER C 173 56.58 -28.93 -0.08
C SER C 173 56.71 -30.42 0.25
N VAL C 174 56.07 -31.26 -0.57
CA VAL C 174 56.07 -32.70 -0.29
C VAL C 174 57.43 -33.31 -0.60
N SER C 175 58.23 -32.69 -1.47
CA SER C 175 59.54 -33.21 -1.82
C SER C 175 60.65 -32.60 -0.99
N SER C 176 60.62 -31.28 -0.79
CA SER C 176 61.67 -30.62 -0.03
C SER C 176 61.54 -30.87 1.47
N GLU C 177 60.32 -31.14 1.95
CA GLU C 177 60.02 -31.30 3.38
C GLU C 177 60.49 -30.09 4.18
N ARG C 178 60.20 -28.90 3.66
CA ARG C 178 60.71 -27.67 4.24
C ARG C 178 59.56 -26.68 4.41
N TYR C 179 59.80 -25.68 5.26
CA TYR C 179 58.74 -24.84 5.80
C TYR C 179 58.51 -23.57 4.99
N LEU C 180 59.23 -23.38 3.88
CA LEU C 180 59.14 -22.19 3.03
C LEU C 180 59.42 -20.93 3.84
N HIS C 181 60.71 -20.75 4.16
CA HIS C 181 61.13 -19.76 5.13
C HIS C 181 61.60 -18.47 4.46
N LEU C 182 61.33 -17.35 5.14
CA LEU C 182 61.90 -16.05 4.81
C LEU C 182 63.19 -15.84 5.60
N SER C 183 64.24 -15.40 4.93
CA SER C 183 65.55 -15.24 5.55
C SER C 183 65.70 -13.81 6.06
N THR C 184 65.85 -13.66 7.38
CA THR C 184 66.11 -12.37 8.00
C THR C 184 67.47 -12.30 8.67
N ALA C 185 68.41 -13.13 8.23
CA ALA C 185 69.74 -13.21 8.82
C ALA C 185 70.72 -12.33 8.03
N SER C 186 70.66 -11.03 8.33
CA SER C 186 71.55 -10.00 7.81
C SER C 186 71.43 -9.83 6.30
N GLY C 187 70.31 -10.24 5.70
CA GLY C 187 70.09 -10.10 4.28
C GLY C 187 69.00 -9.09 3.99
N GLU C 188 69.01 -8.53 2.77
CA GLU C 188 67.94 -7.63 2.37
C GLU C 188 66.59 -8.33 2.40
N LEU C 189 66.42 -9.37 1.58
CA LEU C 189 65.26 -10.27 1.64
C LEU C 189 65.55 -11.49 0.77
N GLN C 190 65.45 -12.68 1.36
CA GLN C 190 65.60 -13.93 0.62
C GLN C 190 64.46 -14.88 0.99
N VAL C 191 64.03 -15.68 0.02
CA VAL C 191 63.05 -16.73 0.24
C VAL C 191 63.71 -18.06 -0.11
N ASP C 192 63.59 -19.04 0.79
CA ASP C 192 64.22 -20.33 0.54
C ASP C 192 63.46 -21.43 1.24
N ALA C 193 63.67 -22.66 0.78
CA ALA C 193 63.08 -23.82 1.43
C ALA C 193 63.94 -24.14 2.64
N SER C 194 63.50 -23.69 3.81
CA SER C 194 64.26 -23.85 5.04
C SER C 194 63.30 -24.26 6.16
N PHE C 195 63.87 -24.81 7.22
CA PHE C 195 63.09 -25.50 8.25
C PHE C 195 62.41 -24.55 9.23
N MET C 196 62.89 -23.31 9.38
CA MET C 196 62.22 -22.36 10.26
C MET C 196 60.86 -21.96 9.67
N GLN C 197 59.92 -21.69 10.57
CA GLN C 197 58.53 -21.47 10.19
C GLN C 197 58.29 -20.01 9.85
N THR C 198 57.69 -19.77 8.68
CA THR C 198 57.26 -18.44 8.26
C THR C 198 55.80 -18.53 7.87
N LEU C 199 54.97 -17.68 8.46
CA LEU C 199 53.53 -17.75 8.29
C LEU C 199 53.09 -16.87 7.11
N TRP C 200 52.16 -17.38 6.31
CA TRP C 200 51.75 -16.73 5.07
C TRP C 200 50.24 -16.55 5.03
N ASN C 201 49.80 -15.44 4.43
CA ASN C 201 48.40 -15.15 4.16
C ASN C 201 48.09 -15.43 2.68
N MET C 202 46.87 -15.93 2.44
CA MET C 202 46.42 -16.30 1.11
C MET C 202 45.22 -15.42 0.78
N ASN C 203 45.39 -14.48 -0.18
CA ASN C 203 44.42 -13.40 -0.36
C ASN C 203 44.07 -13.33 -1.84
N PRO C 204 42.78 -13.30 -2.20
CA PRO C 204 42.40 -13.34 -3.62
C PRO C 204 42.43 -11.99 -4.32
N ILE C 205 43.04 -11.96 -5.51
CA ILE C 205 43.01 -10.76 -6.34
C ILE C 205 41.73 -10.68 -7.16
N CYS C 206 41.34 -11.80 -7.76
CA CYS C 206 40.19 -11.84 -8.65
C CYS C 206 39.43 -13.14 -8.43
N SER C 207 38.38 -13.33 -9.23
CA SER C 207 37.51 -14.49 -9.11
C SER C 207 36.80 -14.69 -10.46
N CYS C 208 35.75 -15.51 -10.46
CA CYS C 208 34.89 -15.66 -11.62
C CYS C 208 34.29 -14.33 -12.02
N CYS C 209 33.93 -14.18 -13.29
CA CYS C 209 33.53 -12.88 -13.79
C CYS C 209 32.43 -13.04 -14.84
N GLU C 210 31.50 -12.10 -14.86
CA GLU C 210 30.46 -12.09 -15.87
C GLU C 210 31.06 -11.81 -17.24
N GLU C 211 30.41 -12.34 -18.28
CA GLU C 211 30.92 -12.19 -19.65
C GLU C 211 30.74 -10.75 -20.13
N GLY C 212 31.75 -10.25 -20.85
CA GLY C 212 31.68 -8.92 -21.41
C GLY C 212 31.72 -7.79 -20.43
N TYR C 213 32.33 -7.98 -19.26
CA TYR C 213 32.38 -6.97 -18.22
C TYR C 213 33.83 -6.60 -17.95
N VAL C 214 34.13 -5.30 -18.00
CA VAL C 214 35.49 -4.81 -17.81
C VAL C 214 35.78 -4.71 -16.32
N THR C 215 36.89 -5.30 -15.89
CA THR C 215 37.35 -5.25 -14.52
C THR C 215 38.74 -4.63 -14.46
N GLY C 216 39.25 -4.47 -13.24
CA GLY C 216 40.60 -3.93 -13.07
C GLY C 216 41.66 -4.98 -13.37
N GLY C 217 42.78 -4.51 -13.92
CA GLY C 217 43.91 -5.35 -14.21
C GLY C 217 44.07 -5.76 -15.66
N HIS C 218 43.06 -5.58 -16.49
CA HIS C 218 43.14 -5.95 -17.89
C HIS C 218 43.89 -4.90 -18.69
N VAL C 219 44.45 -5.33 -19.83
CA VAL C 219 45.15 -4.45 -20.75
C VAL C 219 44.25 -4.21 -21.95
N LEU C 220 44.11 -2.95 -22.35
CA LEU C 220 43.19 -2.59 -23.42
C LEU C 220 43.83 -1.51 -24.28
N ARG C 221 43.09 -1.10 -25.30
CA ARG C 221 43.43 0.07 -26.11
C ARG C 221 42.37 1.13 -25.88
N LEU C 222 42.80 2.34 -25.53
CA LEU C 222 41.89 3.45 -25.27
C LEU C 222 41.68 4.20 -26.58
N PHE C 223 40.51 4.01 -27.19
CA PHE C 223 40.18 4.59 -28.49
C PHE C 223 39.18 5.73 -28.27
N HIS C 224 39.60 6.95 -28.58
CA HIS C 224 38.75 8.12 -28.55
C HIS C 224 38.55 8.62 -29.97
N GLY C 225 37.31 8.73 -30.41
CA GLY C 225 37.01 9.22 -31.74
C GLY C 225 35.86 8.45 -32.34
N HIS C 226 35.78 8.51 -33.67
CA HIS C 226 34.68 7.87 -34.40
C HIS C 226 35.11 6.58 -35.09
N MET C 227 36.16 6.63 -35.91
CA MET C 227 36.56 5.47 -36.71
C MET C 227 37.89 4.89 -36.27
N ASP C 228 38.96 5.68 -36.27
CA ASP C 228 40.30 5.14 -35.95
C ASP C 228 41.13 6.25 -35.31
N GLU C 229 41.17 6.27 -33.98
CA GLU C 229 42.06 7.14 -33.23
C GLU C 229 42.22 6.57 -31.83
N CYS C 230 43.43 6.70 -31.27
CA CYS C 230 43.71 6.22 -29.94
C CYS C 230 44.79 7.07 -29.29
N LEU C 231 44.80 7.08 -27.96
CA LEU C 231 45.82 7.78 -27.20
C LEU C 231 47.09 6.93 -27.16
N THR C 232 48.16 7.44 -27.77
CA THR C 232 49.40 6.69 -27.95
C THR C 232 50.58 7.47 -27.39
N ILE C 233 51.71 6.78 -27.31
CA ILE C 233 52.99 7.37 -26.94
C ILE C 233 53.81 7.50 -28.21
N SER C 234 54.67 8.53 -28.26
CA SER C 234 55.51 8.80 -29.42
C SER C 234 56.39 7.59 -29.75
N ALA C 235 56.84 7.54 -31.00
CA ALA C 235 57.55 6.39 -31.51
C ALA C 235 58.95 6.28 -30.89
N ALA C 236 59.66 5.22 -31.27
CA ALA C 236 61.00 4.97 -30.74
C ALA C 236 61.95 6.10 -31.14
N ASP C 237 62.75 6.54 -30.16
CA ASP C 237 63.72 7.63 -30.32
C ASP C 237 62.94 8.90 -30.68
N SER C 238 63.22 9.55 -31.82
CA SER C 238 62.55 10.74 -32.32
C SER C 238 62.69 11.94 -31.40
N ASP C 239 63.61 11.89 -30.43
CA ASP C 239 63.97 12.98 -29.51
C ASP C 239 62.81 13.41 -28.62
N ASP C 240 61.69 12.69 -28.62
CA ASP C 240 60.57 13.07 -27.76
C ASP C 240 60.75 12.59 -26.32
N GLN C 241 61.66 11.64 -26.09
CA GLN C 241 61.93 10.99 -24.82
C GLN C 241 60.75 10.18 -24.30
N ARG C 242 59.72 9.98 -25.11
CA ARG C 242 58.55 9.15 -24.80
C ARG C 242 57.81 9.60 -23.55
N ARG C 243 57.92 10.88 -23.18
CA ARG C 243 57.27 11.39 -21.98
C ARG C 243 55.93 12.08 -22.24
N LEU C 244 55.61 12.40 -23.49
CA LEU C 244 54.41 13.15 -23.83
C LEU C 244 53.47 12.28 -24.65
N VAL C 245 52.19 12.30 -24.28
CA VAL C 245 51.14 11.50 -24.93
C VAL C 245 50.60 12.27 -26.12
N TYR C 246 50.19 11.54 -27.15
CA TYR C 246 49.58 12.15 -28.33
C TYR C 246 48.35 11.35 -28.71
N TYR C 247 47.60 11.86 -29.68
CA TYR C 247 46.43 11.18 -30.21
C TYR C 247 46.72 10.79 -31.65
N GLU C 248 46.84 9.48 -31.90
CA GLU C 248 47.29 8.98 -33.19
C GLU C 248 46.32 7.91 -33.71
N GLY C 249 46.14 7.91 -35.02
CA GLY C 249 45.31 6.90 -35.66
C GLY C 249 45.98 6.37 -36.91
N GLY C 250 45.94 5.05 -37.08
CA GLY C 250 46.56 4.42 -38.22
C GLY C 250 47.15 3.06 -37.91
N ALA C 251 48.44 2.87 -38.20
CA ALA C 251 49.12 1.61 -37.91
C ALA C 251 49.48 1.45 -36.44
N VAL C 252 49.28 2.49 -35.62
CA VAL C 252 49.69 2.43 -34.22
C VAL C 252 48.80 1.49 -33.43
N CYS C 253 47.56 1.25 -33.88
CA CYS C 253 46.64 0.40 -33.14
C CYS C 253 47.15 -1.03 -33.04
N THR C 254 47.68 -1.57 -34.13
CA THR C 254 48.22 -2.92 -34.10
C THR C 254 49.52 -2.99 -33.30
N HIS C 255 50.32 -1.91 -33.33
CA HIS C 255 51.59 -1.90 -32.64
C HIS C 255 51.38 -1.84 -31.13
N ALA C 256 52.44 -2.20 -30.40
CA ALA C 256 52.41 -2.27 -28.94
C ALA C 256 52.72 -0.93 -28.27
N ARG C 257 52.62 0.18 -29.00
CA ARG C 257 52.74 1.48 -28.35
C ARG C 257 51.46 1.85 -27.61
N SER C 258 50.31 1.40 -28.10
CA SER C 258 49.02 1.71 -27.48
C SER C 258 48.61 0.58 -26.55
N LEU C 259 49.07 0.66 -25.30
CA LEU C 259 48.66 -0.27 -24.25
C LEU C 259 48.45 0.49 -22.96
N TRP C 260 47.34 0.22 -22.27
CA TRP C 260 47.03 0.81 -20.99
C TRP C 260 46.52 -0.25 -20.03
N ARG C 261 46.98 -0.18 -18.78
CA ARG C 261 46.56 -1.10 -17.73
C ARG C 261 46.07 -0.30 -16.54
N LEU C 262 44.90 -0.68 -16.01
CA LEU C 262 44.33 -0.01 -14.84
C LEU C 262 44.74 -0.75 -13.58
N GLU C 263 45.34 -0.02 -12.65
CA GLU C 263 45.69 -0.55 -11.33
C GLU C 263 44.84 0.13 -10.27
N PRO C 264 43.97 -0.60 -9.58
CA PRO C 264 43.23 0.00 -8.46
C PRO C 264 44.15 0.26 -7.28
N LEU C 265 43.71 1.19 -6.42
CA LEU C 265 44.48 1.50 -5.22
C LEU C 265 44.47 0.34 -4.23
N ARG C 266 43.33 -0.33 -4.08
CA ARG C 266 43.22 -1.44 -3.14
C ARG C 266 43.92 -2.68 -3.70
N ILE C 267 44.86 -3.22 -2.93
CA ILE C 267 45.57 -4.42 -3.35
C ILE C 267 44.66 -5.63 -3.29
N SER C 268 43.91 -5.78 -2.20
CA SER C 268 42.99 -6.90 -2.08
C SER C 268 41.77 -6.71 -2.98
N TRP C 269 41.37 -7.79 -3.65
CA TRP C 269 40.28 -7.78 -4.64
C TRP C 269 40.51 -6.71 -5.70
N SER C 270 41.74 -6.67 -6.24
CA SER C 270 42.07 -5.70 -7.29
C SER C 270 41.35 -6.02 -8.59
N GLY C 271 41.02 -7.29 -8.81
CA GLY C 271 40.34 -7.71 -10.03
C GLY C 271 38.84 -7.59 -9.97
N SER C 272 38.33 -6.72 -9.11
CA SER C 272 36.90 -6.54 -8.98
C SER C 272 36.32 -5.77 -10.16
N HIS C 273 35.00 -5.87 -10.31
CA HIS C 273 34.30 -5.16 -11.38
C HIS C 273 34.48 -3.66 -11.22
N LEU C 274 34.80 -2.99 -12.32
CA LEU C 274 35.11 -1.56 -12.28
C LEU C 274 33.85 -0.75 -11.99
N ARG C 275 33.91 0.06 -10.94
CA ARG C 275 32.82 0.94 -10.55
C ARG C 275 33.11 2.35 -11.06
N TRP C 276 32.04 3.03 -11.51
CA TRP C 276 32.20 4.41 -11.98
C TRP C 276 32.58 5.33 -10.83
N GLY C 277 33.60 6.15 -11.06
CA GLY C 277 34.07 7.10 -10.08
C GLY C 277 35.17 6.62 -9.17
N GLN C 278 35.54 5.34 -9.24
CA GLN C 278 36.55 4.77 -8.36
C GLN C 278 37.96 5.13 -8.86
N PRO C 279 38.89 5.41 -7.96
CA PRO C 279 40.24 5.81 -8.38
C PRO C 279 41.04 4.65 -8.93
N LEU C 280 41.80 4.93 -9.99
CA LEU C 280 42.61 3.93 -10.67
C LEU C 280 43.77 4.62 -11.37
N ARG C 281 44.90 3.92 -11.49
CA ARG C 281 46.08 4.47 -12.14
C ARG C 281 46.32 3.77 -13.47
N ILE C 282 46.82 4.54 -14.45
CA ILE C 282 47.04 4.06 -15.80
C ILE C 282 48.52 3.79 -15.99
N ARG C 283 48.85 2.59 -16.45
CA ARG C 283 50.23 2.18 -16.69
C ARG C 283 50.44 1.78 -18.14
N HIS C 284 51.57 2.19 -18.70
CA HIS C 284 52.05 1.74 -20.00
C HIS C 284 53.17 0.74 -19.76
N VAL C 285 52.93 -0.52 -20.08
CA VAL C 285 53.79 -1.60 -19.61
C VAL C 285 55.16 -1.58 -20.29
N THR C 286 55.20 -1.31 -21.60
CA THR C 286 56.47 -1.34 -22.31
C THR C 286 57.40 -0.20 -21.86
N THR C 287 56.84 0.98 -21.61
CA THR C 287 57.64 2.10 -21.12
C THR C 287 57.80 2.09 -19.62
N GLY C 288 56.91 1.43 -18.89
CA GLY C 288 57.01 1.37 -17.44
C GLY C 288 56.77 2.69 -16.75
N ARG C 289 55.81 3.47 -17.23
CA ARG C 289 55.56 4.81 -16.73
C ARG C 289 54.08 5.00 -16.45
N TYR C 290 53.78 5.93 -15.55
CA TYR C 290 52.42 6.22 -15.12
C TYR C 290 52.02 7.63 -15.52
N LEU C 291 50.77 7.79 -15.92
CA LEU C 291 50.25 9.10 -16.31
C LEU C 291 50.15 10.02 -15.10
N ALA C 292 50.58 11.27 -15.27
CA ALA C 292 50.59 12.25 -14.20
C ALA C 292 50.30 13.63 -14.76
N LEU C 293 49.72 14.48 -13.90
CA LEU C 293 49.38 15.85 -14.26
C LEU C 293 50.56 16.80 -14.08
N THR C 294 51.32 16.67 -12.98
CA THR C 294 52.37 17.60 -12.59
C THR C 294 51.86 19.04 -12.55
N GLU C 295 52.77 20.01 -12.68
CA GLU C 295 52.37 21.41 -12.66
C GLU C 295 52.56 22.07 -14.02
N ASP C 296 53.75 21.99 -14.61
CA ASP C 296 54.00 22.72 -15.86
C ASP C 296 53.73 21.88 -17.10
N GLN C 297 54.03 20.58 -17.07
CA GLN C 297 54.03 19.78 -18.29
C GLN C 297 52.65 19.28 -18.71
N GLY C 298 51.75 19.04 -17.77
CA GLY C 298 50.45 18.48 -18.09
C GLY C 298 50.44 16.96 -18.11
N LEU C 299 49.64 16.36 -18.98
CA LEU C 299 49.52 14.90 -19.04
C LEU C 299 50.81 14.32 -19.58
N VAL C 300 51.68 13.85 -18.67
CA VAL C 300 52.95 13.25 -19.05
C VAL C 300 53.13 11.96 -18.27
N VAL C 301 53.85 11.04 -18.88
CA VAL C 301 54.16 9.77 -18.21
C VAL C 301 55.47 9.95 -17.43
N VAL C 302 55.49 9.43 -16.21
CA VAL C 302 56.59 9.64 -15.29
C VAL C 302 56.92 8.31 -14.61
N ASP C 303 58.13 8.25 -14.04
CA ASP C 303 58.59 7.04 -13.37
C ASP C 303 57.78 6.77 -12.11
N ALA C 304 57.84 5.52 -11.64
CA ALA C 304 57.08 5.12 -10.47
C ALA C 304 57.62 5.74 -9.19
N CYS C 305 58.94 5.98 -9.12
CA CYS C 305 59.53 6.53 -7.91
C CYS C 305 59.12 7.99 -7.69
N LYS C 306 59.11 8.78 -8.76
CA LYS C 306 58.75 10.19 -8.65
C LYS C 306 57.24 10.42 -8.63
N ALA C 307 56.43 9.41 -8.96
CA ALA C 307 54.99 9.58 -9.03
C ALA C 307 54.38 9.52 -7.64
N HIS C 308 53.66 10.58 -7.25
CA HIS C 308 52.87 10.57 -6.04
C HIS C 308 51.48 10.03 -6.36
N THR C 309 50.54 10.16 -5.42
CA THR C 309 49.23 9.54 -5.55
C THR C 309 48.13 10.50 -5.98
N LYS C 310 48.28 11.80 -5.74
CA LYS C 310 47.23 12.74 -6.13
C LYS C 310 47.20 12.95 -7.64
N ALA C 311 48.36 13.13 -8.27
CA ALA C 311 48.39 13.39 -9.71
C ALA C 311 48.19 12.13 -10.53
N THR C 312 48.74 11.00 -10.05
CA THR C 312 48.68 9.77 -10.82
C THR C 312 47.28 9.17 -10.85
N SER C 313 46.47 9.42 -9.82
CA SER C 313 45.16 8.79 -9.71
C SER C 313 44.18 9.37 -10.73
N PHE C 314 43.49 8.49 -11.44
CA PHE C 314 42.38 8.87 -12.31
C PHE C 314 41.17 7.99 -11.97
N CYS C 315 40.04 8.31 -12.59
CA CYS C 315 38.80 7.58 -12.33
C CYS C 315 38.06 7.45 -13.66
N PHE C 316 36.78 7.06 -13.58
CA PHE C 316 35.95 6.86 -14.75
C PHE C 316 34.53 7.29 -14.40
N ARG C 317 34.06 8.37 -15.03
CA ARG C 317 32.72 8.90 -14.79
C ARG C 317 31.93 8.94 -16.08
N VAL C 318 30.68 8.50 -16.01
CA VAL C 318 29.81 8.51 -17.19
C VAL C 318 29.45 9.94 -17.59
N SER C 319 29.22 10.82 -16.61
CA SER C 319 28.81 12.19 -16.86
C SER C 319 29.79 13.16 -16.22
N LYS C 320 30.00 14.30 -16.89
CA LYS C 320 30.88 15.33 -16.36
C LYS C 320 30.26 16.06 -15.17
N GLU C 321 28.94 16.18 -15.14
CA GLU C 321 28.28 16.89 -14.04
C GLU C 321 28.50 16.15 -12.72
N LYS C 322 28.77 16.92 -11.67
CA LYS C 322 29.26 16.37 -10.40
C LYS C 322 28.14 15.62 -9.69
N LEU C 323 28.30 14.31 -9.55
CA LEU C 323 27.32 13.47 -8.86
C LEU C 323 27.53 13.54 -7.35
N ASP C 324 26.86 12.65 -6.62
CA ASP C 324 26.95 12.65 -5.16
C ASP C 324 28.35 12.25 -4.72
N THR C 325 28.75 12.76 -3.56
CA THR C 325 30.14 12.68 -3.13
C THR C 325 30.41 11.44 -2.26
N ALA C 326 29.64 10.38 -2.44
CA ALA C 326 29.90 9.14 -1.71
C ALA C 326 29.98 7.91 -2.62
N PRO C 327 30.92 7.85 -3.57
CA PRO C 327 31.04 6.62 -4.38
C PRO C 327 31.83 5.52 -3.68
N LYS C 328 32.60 5.85 -2.66
CA LYS C 328 33.50 4.89 -2.03
C LYS C 328 32.72 3.85 -1.22
N ARG C 329 32.97 2.58 -1.52
CA ARG C 329 32.32 1.48 -0.82
C ARG C 329 33.11 0.20 -1.04
N ASP C 330 33.49 -0.47 0.05
CA ASP C 330 34.29 -1.68 -0.02
C ASP C 330 33.38 -2.89 -0.21
N VAL C 331 33.59 -3.61 -1.31
CA VAL C 331 32.83 -4.81 -1.63
C VAL C 331 33.81 -5.98 -1.74
N GLU C 332 33.39 -7.14 -1.24
CA GLU C 332 34.24 -8.34 -1.30
C GLU C 332 33.93 -9.19 -2.53
N GLY C 333 32.65 -9.32 -2.88
CA GLY C 333 32.29 -10.01 -4.10
C GLY C 333 32.52 -9.15 -5.33
N MET C 334 32.33 -9.78 -6.49
CA MET C 334 32.49 -9.06 -7.76
C MET C 334 31.46 -7.96 -7.92
N GLY C 335 30.21 -8.21 -7.53
CA GLY C 335 29.18 -7.20 -7.57
C GLY C 335 28.61 -6.98 -8.96
N PRO C 336 27.63 -6.10 -9.07
CA PRO C 336 27.06 -5.76 -10.38
C PRO C 336 28.08 -5.09 -11.28
N PRO C 337 28.07 -5.38 -12.57
CA PRO C 337 29.02 -4.74 -13.50
C PRO C 337 28.58 -3.31 -13.80
N GLU C 338 29.26 -2.35 -13.20
CA GLU C 338 28.93 -0.95 -13.44
C GLU C 338 29.33 -0.50 -14.84
N ILE C 339 30.52 -0.90 -15.28
CA ILE C 339 31.03 -0.55 -16.60
C ILE C 339 30.83 -1.75 -17.52
N LYS C 340 30.16 -1.53 -18.64
CA LYS C 340 29.90 -2.57 -19.62
C LYS C 340 30.72 -2.32 -20.86
N TYR C 341 31.34 -3.37 -21.39
CA TYR C 341 32.24 -3.24 -22.52
C TYR C 341 31.45 -3.01 -23.81
N GLY C 342 31.98 -2.12 -24.65
CA GLY C 342 31.40 -1.82 -25.94
C GLY C 342 30.46 -0.63 -25.95
N GLU C 343 29.96 -0.20 -24.79
CA GLU C 343 29.05 0.94 -24.71
C GLU C 343 29.33 1.81 -23.50
N SER C 344 30.58 1.87 -23.05
CA SER C 344 30.90 2.64 -21.85
C SER C 344 30.80 4.14 -22.09
N LEU C 345 31.51 4.65 -23.10
CA LEU C 345 31.55 6.07 -23.45
C LEU C 345 31.90 6.94 -22.24
N CYS C 346 32.96 6.53 -21.54
CA CYS C 346 33.33 7.14 -20.27
C CYS C 346 34.30 8.31 -20.47
N PHE C 347 34.56 9.03 -19.38
CA PHE C 347 35.42 10.21 -19.39
C PHE C 347 36.56 10.06 -18.39
N VAL C 348 37.62 10.84 -18.61
CA VAL C 348 38.85 10.65 -17.84
C VAL C 348 38.70 11.18 -16.40
N GLN C 349 38.46 12.48 -16.23
CA GLN C 349 38.14 13.10 -14.94
C GLN C 349 39.22 12.84 -13.88
N HIS C 350 40.37 13.50 -14.02
CA HIS C 350 41.36 13.50 -12.95
C HIS C 350 40.73 14.04 -11.66
N VAL C 351 41.07 13.42 -10.53
CA VAL C 351 40.26 13.56 -9.33
C VAL C 351 40.80 14.62 -8.37
N ALA C 352 42.11 14.88 -8.43
CA ALA C 352 42.68 15.88 -7.53
C ALA C 352 42.35 17.30 -8.00
N SER C 353 42.69 17.61 -9.25
CA SER C 353 42.35 18.93 -9.79
C SER C 353 40.86 19.04 -10.14
N GLY C 354 40.20 17.92 -10.42
CA GLY C 354 38.81 17.97 -10.87
C GLY C 354 38.65 18.64 -12.22
N LEU C 355 39.63 18.48 -13.10
CA LEU C 355 39.66 19.18 -14.38
C LEU C 355 39.88 18.18 -15.50
N TRP C 356 38.99 18.19 -16.49
CA TRP C 356 38.96 17.15 -17.52
C TRP C 356 40.06 17.39 -18.56
N LEU C 357 40.55 16.28 -19.12
CA LEU C 357 41.74 16.28 -19.98
C LEU C 357 41.47 15.66 -21.35
N THR C 358 40.35 16.03 -21.98
CA THR C 358 39.92 15.43 -23.23
C THR C 358 40.99 15.45 -24.34
N TYR C 359 41.32 16.63 -24.83
CA TYR C 359 42.36 16.89 -25.83
C TYR C 359 42.42 18.39 -26.10
N ALA C 360 43.60 18.85 -26.51
CA ALA C 360 43.80 20.28 -26.77
C ALA C 360 42.98 20.74 -27.98
N ALA C 361 42.97 19.93 -29.05
CA ALA C 361 42.45 20.28 -30.37
C ALA C 361 43.09 21.57 -30.87
N PRO C 362 44.39 21.55 -31.21
CA PRO C 362 45.02 22.80 -31.67
C PRO C 362 44.56 23.23 -33.06
N ASP C 363 44.42 22.27 -33.98
CA ASP C 363 44.12 22.51 -35.38
C ASP C 363 45.05 23.56 -36.01
N PRO C 364 46.34 23.22 -36.18
CA PRO C 364 47.26 24.19 -36.79
C PRO C 364 47.25 24.16 -38.31
N LYS C 365 47.30 25.34 -38.92
CA LYS C 365 47.60 25.48 -40.34
C LYS C 365 48.81 24.62 -40.73
N ALA C 366 49.92 24.83 -40.02
CA ALA C 366 51.08 23.95 -40.09
C ALA C 366 50.70 22.49 -39.91
N LEU C 367 51.34 21.63 -40.70
CA LEU C 367 51.23 20.17 -40.61
C LEU C 367 49.80 19.70 -40.82
N ARG C 368 49.24 19.96 -42.00
CA ARG C 368 47.88 19.56 -42.35
C ARG C 368 47.86 18.32 -43.23
N LEU C 369 48.67 18.30 -44.29
CA LEU C 369 48.98 17.10 -45.06
C LEU C 369 49.34 15.92 -44.17
N GLY C 370 50.18 16.17 -43.15
CA GLY C 370 50.57 15.15 -42.19
C GLY C 370 49.45 14.52 -41.40
N VAL C 371 49.65 13.27 -40.97
CA VAL C 371 48.69 12.55 -40.15
C VAL C 371 48.40 13.33 -38.88
N LEU C 372 47.12 13.39 -38.51
CA LEU C 372 46.68 14.13 -37.32
C LEU C 372 47.35 13.61 -36.05
N LYS C 373 47.77 14.56 -35.20
CA LYS C 373 48.43 14.21 -33.94
C LYS C 373 48.24 15.37 -32.98
N LYS C 374 47.52 15.14 -31.88
CA LYS C 374 47.18 16.19 -30.93
C LYS C 374 47.72 15.82 -29.56
N LYS C 375 48.42 16.78 -28.93
CA LYS C 375 48.85 16.60 -27.55
C LYS C 375 47.65 16.76 -26.62
N ALA C 376 47.48 15.79 -25.73
CA ALA C 376 46.34 15.78 -24.81
C ALA C 376 46.68 16.60 -23.56
N ILE C 377 45.96 17.71 -23.38
CA ILE C 377 46.07 18.53 -22.17
C ILE C 377 44.66 18.92 -21.74
N LEU C 378 44.58 19.56 -20.59
CA LEU C 378 43.31 19.75 -19.88
C LEU C 378 42.52 20.93 -20.44
N HIS C 379 41.20 20.77 -20.49
CA HIS C 379 40.25 21.83 -20.79
C HIS C 379 39.11 21.77 -19.80
N GLN C 380 38.69 22.92 -19.29
CA GLN C 380 37.60 22.97 -18.32
C GLN C 380 36.29 22.53 -18.95
N GLU C 381 35.81 23.29 -19.95
CA GLU C 381 34.56 22.92 -20.62
C GLU C 381 34.71 21.63 -21.42
N GLY C 382 35.87 21.43 -22.05
CA GLY C 382 36.08 20.22 -22.82
C GLY C 382 35.33 20.24 -24.15
N HIS C 383 35.19 19.06 -24.72
CA HIS C 383 34.53 18.87 -26.01
C HIS C 383 33.38 17.89 -25.88
N MET C 384 32.69 17.66 -26.99
CA MET C 384 31.50 16.81 -27.03
C MET C 384 31.75 15.49 -27.77
N ASP C 385 32.81 15.40 -28.55
CA ASP C 385 33.04 14.26 -29.43
C ASP C 385 34.23 13.42 -28.99
N ASP C 386 34.47 13.33 -27.68
CA ASP C 386 35.59 12.55 -27.17
C ASP C 386 35.43 11.07 -27.49
N ALA C 387 34.28 10.49 -27.14
CA ALA C 387 33.88 9.13 -27.49
C ALA C 387 34.93 8.09 -27.08
N LEU C 388 35.14 7.99 -25.77
CA LEU C 388 36.03 6.98 -25.20
C LEU C 388 35.18 5.75 -24.87
N PHE C 389 34.94 4.93 -25.89
CA PHE C 389 34.27 3.65 -25.70
C PHE C 389 35.32 2.56 -25.48
N LEU C 390 35.08 1.69 -24.51
CA LEU C 390 36.06 0.71 -24.09
C LEU C 390 35.92 -0.57 -24.91
N THR C 391 37.02 -0.98 -25.54
CA THR C 391 37.10 -2.21 -26.32
C THR C 391 38.45 -2.88 -26.06
N ARG C 392 38.48 -3.76 -25.06
CA ARG C 392 39.70 -4.46 -24.67
C ARG C 392 39.98 -5.61 -25.64
N CYS C 393 41.26 -5.85 -25.92
CA CYS C 393 41.63 -7.01 -26.79
C CYS C 393 43.14 -7.30 -26.67
N GLN C 394 43.70 -7.26 -25.45
CA GLN C 394 45.17 -7.45 -25.27
C GLN C 394 45.64 -8.86 -25.67
N GLN C 395 44.91 -9.92 -25.30
CA GLN C 395 45.28 -11.34 -25.61
C GLN C 395 46.78 -11.63 -25.39
N GLU C 396 47.25 -12.82 -25.81
CA GLU C 396 48.68 -13.15 -25.72
C GLU C 396 49.57 -12.02 -26.22
N GLU C 397 49.02 -11.09 -27.01
CA GLU C 397 49.77 -9.92 -27.44
C GLU C 397 50.26 -9.12 -26.25
N SER C 398 49.37 -8.93 -25.26
CA SER C 398 49.75 -8.23 -24.05
C SER C 398 50.89 -8.93 -23.34
N GLN C 399 50.85 -10.27 -23.32
CA GLN C 399 51.92 -11.05 -22.73
C GLN C 399 53.26 -10.68 -23.35
N ALA C 400 53.31 -10.66 -24.70
CA ALA C 400 54.56 -10.35 -25.38
C ALA C 400 55.06 -8.97 -24.98
N ALA C 401 54.12 -8.03 -24.78
CA ALA C 401 54.50 -6.66 -24.47
C ALA C 401 55.32 -6.62 -23.20
N ARG C 402 54.91 -7.38 -22.17
CA ARG C 402 55.65 -7.36 -20.90
C ARG C 402 57.07 -7.87 -21.11
N MET C 403 57.21 -8.97 -21.85
CA MET C 403 58.54 -9.51 -22.10
C MET C 403 59.39 -8.48 -22.82
N ILE C 404 58.77 -7.76 -23.77
CA ILE C 404 59.50 -6.74 -24.51
C ILE C 404 60.08 -5.72 -23.55
N HIS C 405 59.24 -5.21 -22.65
CA HIS C 405 59.71 -4.25 -21.67
C HIS C 405 60.88 -4.82 -20.90
N SER C 406 60.70 -6.04 -20.38
CA SER C 406 61.73 -6.66 -19.55
C SER C 406 63.02 -6.76 -20.33
N THR C 407 62.96 -7.30 -21.56
CA THR C 407 64.20 -7.58 -22.24
C THR C 407 64.89 -6.29 -22.62
N ALA C 408 64.09 -5.26 -22.92
CA ALA C 408 64.67 -3.97 -23.28
C ALA C 408 65.52 -3.45 -22.14
N GLY C 409 64.94 -3.47 -20.93
CA GLY C 409 65.66 -2.97 -19.77
C GLY C 409 66.96 -3.72 -19.58
N LEU C 410 66.89 -5.07 -19.65
CA LEU C 410 68.08 -5.87 -19.44
C LEU C 410 69.13 -5.51 -20.45
N TYR C 411 68.74 -5.46 -21.72
CA TYR C 411 69.72 -5.19 -22.77
C TYR C 411 70.29 -3.79 -22.59
N ASN C 412 69.42 -2.83 -22.24
CA ASN C 412 69.90 -1.47 -22.06
C ASN C 412 70.94 -1.43 -20.97
N GLN C 413 70.67 -2.10 -19.84
CA GLN C 413 71.62 -2.07 -18.74
C GLN C 413 72.92 -2.72 -19.16
N PHE C 414 72.82 -3.81 -19.93
CA PHE C 414 74.02 -4.50 -20.38
C PHE C 414 74.87 -3.58 -21.24
N ILE C 415 74.22 -2.83 -22.14
CA ILE C 415 74.98 -1.94 -23.02
C ILE C 415 75.63 -0.84 -22.18
N LYS C 416 74.93 -0.39 -21.13
CA LYS C 416 75.51 0.62 -20.26
C LYS C 416 76.79 0.09 -19.63
N GLY C 417 76.77 -1.18 -19.20
CA GLY C 417 77.97 -1.78 -18.66
C GLY C 417 79.10 -1.79 -19.67
N LEU C 418 78.77 -2.09 -20.94
CA LEU C 418 79.75 -1.97 -22.00
C LEU C 418 80.30 -0.56 -22.06
N ASP C 419 79.40 0.43 -22.11
CA ASP C 419 79.80 1.83 -22.14
C ASP C 419 80.44 2.27 -20.84
N SER C 420 80.33 1.47 -19.78
CA SER C 420 81.09 1.75 -18.57
C SER C 420 82.58 1.48 -18.78
N PHE C 421 82.92 0.32 -19.36
CA PHE C 421 84.29 -0.16 -19.20
C PHE C 421 85.15 -0.08 -20.45
N SER C 422 84.59 0.28 -21.60
CA SER C 422 85.35 0.19 -22.86
C SER C 422 86.54 1.13 -22.89
N GLY C 423 86.43 2.30 -22.26
CA GLY C 423 87.50 3.28 -22.35
C GLY C 423 88.74 2.92 -21.54
N LYS C 424 88.54 2.37 -20.33
CA LYS C 424 89.66 2.24 -19.40
C LYS C 424 90.44 0.96 -19.67
N PRO C 425 91.76 1.05 -19.90
CA PRO C 425 92.56 -0.18 -20.02
C PRO C 425 92.75 -0.82 -18.66
N ARG C 426 92.34 -2.08 -18.56
CA ARG C 426 92.25 -2.76 -17.27
C ARG C 426 93.63 -3.13 -16.73
N GLY C 427 93.74 -3.14 -15.40
CA GLY C 427 94.89 -3.64 -14.70
C GLY C 427 94.48 -4.71 -13.71
N SER C 428 95.46 -5.14 -12.91
CA SER C 428 95.18 -6.08 -11.84
C SER C 428 94.22 -5.47 -10.83
N GLY C 429 93.20 -6.24 -10.45
CA GLY C 429 92.18 -5.75 -9.55
C GLY C 429 90.81 -5.71 -10.20
N PRO C 430 89.83 -5.15 -9.51
CA PRO C 430 88.47 -5.06 -10.07
C PRO C 430 88.41 -4.04 -11.19
N PRO C 431 87.97 -4.45 -12.39
CA PRO C 431 87.85 -3.50 -13.50
C PRO C 431 86.73 -2.49 -13.29
N ALA C 432 85.55 -2.98 -12.93
CA ALA C 432 84.37 -2.13 -12.79
C ALA C 432 83.56 -2.57 -11.59
N GLY C 433 82.85 -1.62 -10.99
CA GLY C 433 82.06 -1.87 -9.80
C GLY C 433 80.79 -2.68 -10.02
N PRO C 434 79.85 -2.14 -10.83
CA PRO C 434 78.55 -2.82 -10.97
C PRO C 434 78.59 -4.16 -11.69
N ALA C 435 79.70 -4.50 -12.38
CA ALA C 435 79.92 -5.81 -12.99
C ALA C 435 78.96 -6.05 -14.15
N LEU C 436 78.96 -7.27 -14.69
CA LEU C 436 78.16 -7.56 -15.87
C LEU C 436 77.21 -8.72 -15.59
N PRO C 437 75.92 -8.58 -15.97
CA PRO C 437 74.91 -9.66 -15.78
C PRO C 437 74.91 -10.66 -16.93
N ILE C 438 75.85 -11.60 -16.87
CA ILE C 438 76.10 -12.48 -18.02
C ILE C 438 75.03 -13.55 -18.14
N GLU C 439 74.74 -14.26 -17.03
CA GLU C 439 73.88 -15.44 -17.10
C GLU C 439 72.45 -15.08 -17.45
N ALA C 440 71.96 -13.95 -16.94
CA ALA C 440 70.62 -13.49 -17.31
C ALA C 440 70.54 -13.18 -18.79
N VAL C 441 71.60 -12.59 -19.35
CA VAL C 441 71.63 -12.29 -20.78
C VAL C 441 71.60 -13.58 -21.59
N ILE C 442 72.41 -14.58 -21.20
CA ILE C 442 72.45 -15.85 -21.93
C ILE C 442 71.09 -16.55 -21.86
N LEU C 443 70.48 -16.56 -20.67
CA LEU C 443 69.18 -17.22 -20.53
C LEU C 443 68.10 -16.52 -21.32
N SER C 444 68.11 -15.18 -21.32
CA SER C 444 67.15 -14.43 -22.10
C SER C 444 67.35 -14.65 -23.60
N LEU C 445 68.61 -14.74 -24.04
CA LEU C 445 68.89 -15.03 -25.44
C LEU C 445 68.38 -16.40 -25.84
N GLN C 446 68.59 -17.41 -24.99
CA GLN C 446 68.10 -18.75 -25.30
C GLN C 446 66.58 -18.79 -25.33
N ASP C 447 65.92 -18.13 -24.37
CA ASP C 447 64.46 -18.10 -24.37
C ASP C 447 63.91 -17.36 -25.58
N LEU C 448 64.56 -16.27 -26.00
CA LEU C 448 64.10 -15.51 -27.15
C LEU C 448 64.32 -16.27 -28.45
N ILE C 449 65.43 -17.04 -28.54
CA ILE C 449 65.64 -17.91 -29.70
C ILE C 449 64.57 -18.99 -29.75
N GLY C 450 64.25 -19.58 -28.59
CA GLY C 450 63.21 -20.59 -28.56
C GLY C 450 61.81 -20.05 -28.78
N TYR C 451 61.60 -18.76 -28.54
CA TYR C 451 60.26 -18.18 -28.70
C TYR C 451 59.85 -18.05 -30.16
N PHE C 452 60.81 -17.90 -31.06
CA PHE C 452 60.54 -17.68 -32.49
C PHE C 452 60.98 -18.86 -33.34
N GLU C 453 60.75 -20.08 -32.85
CA GLU C 453 61.09 -21.26 -33.62
C GLU C 453 60.13 -21.42 -34.80
N PRO C 454 60.63 -21.75 -35.99
CA PRO C 454 59.74 -21.98 -37.13
C PRO C 454 58.84 -23.16 -36.88
N PRO C 455 57.62 -23.15 -37.40
CA PRO C 455 56.72 -24.29 -37.22
C PRO C 455 57.22 -25.54 -37.93
N SER C 456 56.87 -26.69 -37.36
CA SER C 456 57.29 -27.97 -37.91
C SER C 456 56.60 -28.25 -39.24
N GLU C 457 57.29 -29.00 -40.10
CA GLU C 457 56.75 -29.35 -41.41
C GLU C 457 55.71 -30.45 -41.30
N GLU C 458 55.84 -31.33 -40.29
CA GLU C 458 54.97 -32.49 -40.15
C GLU C 458 53.55 -32.16 -39.70
N LEU C 459 53.28 -30.90 -39.34
CA LEU C 459 51.94 -30.51 -38.93
C LEU C 459 51.04 -30.34 -40.15
N GLN C 460 49.73 -30.27 -39.88
CA GLN C 460 48.75 -30.11 -40.94
C GLN C 460 48.83 -28.69 -41.52
N HIS C 461 48.17 -28.50 -42.66
CA HIS C 461 48.25 -27.24 -43.39
C HIS C 461 47.63 -26.08 -42.60
N GLU C 462 46.44 -26.31 -42.03
CA GLU C 462 45.74 -25.25 -41.31
C GLU C 462 46.53 -24.79 -40.08
N GLU C 463 47.03 -25.76 -39.30
CA GLU C 463 47.81 -25.42 -38.11
C GLU C 463 49.11 -24.71 -38.50
N LYS C 464 49.75 -25.17 -39.59
CA LYS C 464 50.98 -24.52 -40.04
C LYS C 464 50.74 -23.09 -40.47
N GLN C 465 49.64 -22.83 -41.19
CA GLN C 465 49.30 -21.46 -41.56
C GLN C 465 49.00 -20.61 -40.34
N SER C 466 48.29 -21.17 -39.35
CA SER C 466 47.98 -20.42 -38.14
C SER C 466 49.24 -20.04 -37.37
N LYS C 467 50.15 -21.00 -37.19
CA LYS C 467 51.41 -20.70 -36.50
C LYS C 467 52.26 -19.71 -37.29
N LEU C 468 52.26 -19.82 -38.62
CA LEU C 468 53.00 -18.87 -39.44
C LEU C 468 52.46 -17.46 -39.29
N ARG C 469 51.13 -17.31 -39.28
CA ARG C 469 50.53 -15.98 -39.10
C ARG C 469 50.82 -15.42 -37.71
N SER C 470 50.72 -16.26 -36.68
CA SER C 470 50.99 -15.80 -35.31
C SER C 470 52.45 -15.40 -35.15
N LEU C 471 53.37 -16.19 -35.69
CA LEU C 471 54.79 -15.86 -35.64
C LEU C 471 55.09 -14.59 -36.42
N ARG C 472 54.44 -14.41 -37.57
CA ARG C 472 54.64 -13.19 -38.35
C ARG C 472 54.17 -11.96 -37.60
N ASN C 473 53.02 -12.04 -36.93
CA ASN C 473 52.52 -10.90 -36.17
C ASN C 473 53.43 -10.59 -34.98
N ARG C 474 53.89 -11.63 -34.28
CA ARG C 474 54.78 -11.43 -33.14
C ARG C 474 56.11 -10.84 -33.58
N GLN C 475 56.67 -11.32 -34.70
CA GLN C 475 57.90 -10.76 -35.23
C GLN C 475 57.70 -9.32 -35.67
N SER C 476 56.53 -9.01 -36.25
CA SER C 476 56.24 -7.64 -36.69
C SER C 476 56.23 -6.67 -35.51
N LEU C 477 55.52 -7.02 -34.44
CA LEU C 477 55.51 -6.14 -33.27
C LEU C 477 56.88 -6.06 -32.59
N PHE C 478 57.59 -7.20 -32.51
CA PHE C 478 58.95 -7.19 -31.96
C PHE C 478 59.87 -6.28 -32.76
N GLN C 479 59.67 -6.21 -34.08
CA GLN C 479 60.46 -5.31 -34.90
C GLN C 479 60.05 -3.85 -34.67
N GLU C 480 58.73 -3.61 -34.56
CA GLU C 480 58.25 -2.23 -34.40
C GLU C 480 58.70 -1.64 -33.08
N GLU C 481 58.69 -2.42 -32.00
CA GLU C 481 59.11 -1.89 -30.71
C GLU C 481 60.60 -1.54 -30.66
N GLY C 482 61.41 -2.08 -31.56
CA GLY C 482 62.78 -1.67 -31.70
C GLY C 482 63.84 -2.60 -31.14
N MET C 483 63.57 -3.91 -31.10
CA MET C 483 64.61 -4.85 -30.66
C MET C 483 65.67 -5.06 -31.72
N LEU C 484 65.33 -4.88 -33.00
CA LEU C 484 66.25 -5.21 -34.08
C LEU C 484 67.50 -4.34 -34.06
N SER C 485 67.32 -3.02 -33.82
CA SER C 485 68.48 -2.15 -33.68
C SER C 485 69.22 -2.43 -32.37
N LEU C 486 68.48 -2.84 -31.35
CA LEU C 486 69.09 -3.13 -30.05
C LEU C 486 70.06 -4.32 -30.16
N VAL C 487 69.70 -5.32 -30.96
CA VAL C 487 70.59 -6.46 -31.17
C VAL C 487 71.91 -6.03 -31.80
N LEU C 488 71.83 -5.21 -32.85
CA LEU C 488 73.06 -4.74 -33.51
C LEU C 488 73.89 -3.86 -32.57
N ASN C 489 73.22 -3.05 -31.74
CA ASN C 489 73.93 -2.26 -30.75
C ASN C 489 74.67 -3.15 -29.76
N CYS C 490 74.07 -4.27 -29.37
CA CYS C 490 74.78 -5.22 -28.51
C CYS C 490 75.92 -5.90 -29.25
N ILE C 491 75.73 -6.22 -30.54
CA ILE C 491 76.75 -6.95 -31.29
C ILE C 491 78.00 -6.10 -31.49
N ASP C 492 77.84 -4.80 -31.77
CA ASP C 492 78.99 -3.96 -32.12
C ASP C 492 80.01 -3.88 -30.97
N ARG C 493 79.52 -3.67 -29.75
CA ARG C 493 80.43 -3.46 -28.62
C ARG C 493 81.20 -4.73 -28.26
N LEU C 494 80.61 -5.91 -28.49
CA LEU C 494 81.39 -7.13 -28.33
C LEU C 494 82.29 -7.37 -29.54
N ASN C 495 81.82 -7.02 -30.74
CA ASN C 495 82.55 -7.30 -31.97
C ASN C 495 83.80 -6.45 -32.11
N VAL C 496 83.88 -5.32 -31.39
CA VAL C 496 85.06 -4.47 -31.51
C VAL C 496 86.30 -5.13 -30.91
N TYR C 497 86.14 -6.16 -30.07
CA TYR C 497 87.24 -6.69 -29.26
C TYR C 497 88.07 -7.75 -29.97
N THR C 498 87.66 -8.22 -31.15
CA THR C 498 88.44 -9.14 -32.01
C THR C 498 88.73 -10.42 -31.23
N THR C 499 90.00 -10.82 -31.06
CA THR C 499 90.34 -12.15 -30.55
C THR C 499 89.81 -12.37 -29.14
N ALA C 500 89.85 -11.35 -28.29
CA ALA C 500 89.30 -11.36 -26.94
C ALA C 500 89.98 -12.41 -26.04
N ALA C 501 91.26 -12.69 -26.29
CA ALA C 501 92.02 -13.51 -25.35
C ALA C 501 92.55 -12.64 -24.20
N HIS C 502 93.39 -11.65 -24.54
CA HIS C 502 93.74 -10.58 -23.62
C HIS C 502 92.84 -9.36 -23.78
N PHE C 503 92.12 -9.27 -24.89
CA PHE C 503 91.24 -8.13 -25.13
C PHE C 503 89.98 -8.21 -24.25
N ALA C 504 89.49 -9.42 -23.99
CA ALA C 504 88.40 -9.59 -23.04
C ALA C 504 88.89 -9.61 -21.60
N GLU C 505 90.20 -9.51 -21.39
CA GLU C 505 90.74 -9.26 -20.06
C GLU C 505 90.68 -7.79 -19.69
N TYR C 506 90.33 -6.93 -20.65
CA TYR C 506 89.94 -5.56 -20.32
C TYR C 506 88.69 -5.56 -19.43
N ALA C 507 87.77 -6.49 -19.69
CA ALA C 507 86.71 -6.79 -18.73
C ALA C 507 87.20 -7.59 -17.54
N GLY C 508 88.36 -8.24 -17.66
CA GLY C 508 88.78 -9.21 -16.67
C GLY C 508 88.16 -10.57 -16.94
N GLU C 509 88.21 -11.42 -15.91
CA GLU C 509 87.61 -12.74 -16.00
C GLU C 509 86.08 -12.63 -16.06
N GLU C 510 85.43 -13.79 -16.20
CA GLU C 510 83.99 -14.03 -16.36
C GLU C 510 83.49 -13.62 -17.75
N ALA C 511 84.32 -13.00 -18.58
CA ALA C 511 83.93 -12.61 -19.93
C ALA C 511 84.65 -13.37 -21.02
N ALA C 512 85.77 -14.02 -20.72
CA ALA C 512 86.48 -14.81 -21.73
C ALA C 512 85.78 -16.13 -22.03
N GLU C 513 85.09 -16.71 -21.05
CA GLU C 513 84.34 -17.94 -21.30
C GLU C 513 83.00 -17.69 -21.97
N SER C 514 82.44 -16.49 -21.83
CA SER C 514 81.08 -16.21 -22.30
C SER C 514 81.03 -15.39 -23.58
N TRP C 515 82.16 -14.88 -24.07
CA TRP C 515 82.18 -14.04 -25.26
C TRP C 515 81.63 -14.77 -26.49
N LYS C 516 82.19 -15.95 -26.79
CA LYS C 516 81.82 -16.66 -28.00
C LYS C 516 80.37 -17.14 -27.96
N GLU C 517 79.94 -17.64 -26.80
CA GLU C 517 78.55 -18.08 -26.64
C GLU C 517 77.59 -16.92 -26.81
N ILE C 518 77.91 -15.76 -26.22
CA ILE C 518 77.01 -14.62 -26.29
C ILE C 518 76.92 -14.10 -27.72
N VAL C 519 78.05 -14.01 -28.43
CA VAL C 519 77.98 -13.50 -29.80
C VAL C 519 77.27 -14.50 -30.72
N ASN C 520 77.48 -15.81 -30.51
CA ASN C 520 76.77 -16.81 -31.31
C ASN C 520 75.28 -16.78 -31.05
N LEU C 521 74.88 -16.65 -29.78
CA LEU C 521 73.45 -16.59 -29.45
C LEU C 521 72.81 -15.30 -29.97
N LEU C 522 73.55 -14.18 -29.96
CA LEU C 522 73.01 -12.95 -30.52
C LEU C 522 72.81 -13.07 -32.02
N TYR C 523 73.78 -13.65 -32.73
CA TYR C 523 73.60 -13.87 -34.17
C TYR C 523 72.45 -14.83 -34.45
N GLU C 524 72.31 -15.88 -33.64
CA GLU C 524 71.20 -16.82 -33.82
C GLU C 524 69.85 -16.14 -33.59
N LEU C 525 69.76 -15.30 -32.55
CA LEU C 525 68.52 -14.57 -32.29
C LEU C 525 68.20 -13.60 -33.42
N LEU C 526 69.22 -12.90 -33.92
CA LEU C 526 68.99 -11.99 -35.04
C LEU C 526 68.48 -12.74 -36.27
N ALA C 527 69.12 -13.88 -36.59
CA ALA C 527 68.71 -14.68 -37.74
C ALA C 527 67.31 -15.24 -37.56
N SER C 528 66.93 -15.61 -36.34
CA SER C 528 65.57 -16.07 -36.10
C SER C 528 64.56 -14.94 -36.22
N LEU C 529 64.94 -13.72 -35.83
CA LEU C 529 64.00 -12.60 -35.92
C LEU C 529 63.79 -12.15 -37.36
N ILE C 530 64.84 -12.11 -38.17
CA ILE C 530 64.68 -11.51 -39.49
C ILE C 530 63.93 -12.45 -40.43
N ARG C 531 64.09 -13.76 -40.26
CA ARG C 531 63.61 -14.74 -41.23
C ARG C 531 62.08 -14.76 -41.31
N GLY C 532 61.58 -14.80 -42.55
CA GLY C 532 60.16 -14.99 -42.80
C GLY C 532 59.34 -13.74 -43.00
N ASN C 533 59.90 -12.56 -42.76
CA ASN C 533 59.18 -11.31 -42.90
C ASN C 533 59.85 -10.48 -44.00
N ARG C 534 59.06 -10.08 -45.01
CA ARG C 534 59.60 -9.31 -46.11
C ARG C 534 59.98 -7.88 -45.70
N ALA C 535 59.21 -7.26 -44.79
CA ALA C 535 59.52 -5.91 -44.37
C ALA C 535 60.82 -5.84 -43.58
N ASN C 536 61.04 -6.82 -42.70
CA ASN C 536 62.27 -6.86 -41.92
C ASN C 536 63.50 -7.06 -42.80
N CYS C 537 63.36 -7.87 -43.87
CA CYS C 537 64.48 -8.07 -44.78
C CYS C 537 64.70 -6.86 -45.67
N ALA C 538 63.62 -6.19 -46.08
CA ALA C 538 63.74 -4.98 -46.89
C ALA C 538 64.33 -3.83 -46.10
N LEU C 539 64.13 -3.82 -44.77
CA LEU C 539 64.74 -2.81 -43.94
C LEU C 539 66.24 -3.01 -43.75
N PHE C 540 66.79 -4.14 -44.20
CA PHE C 540 68.22 -4.40 -44.16
C PHE C 540 68.97 -3.81 -45.35
N SER C 541 68.33 -2.95 -46.14
CA SER C 541 68.97 -2.39 -47.33
C SER C 541 70.19 -1.55 -46.96
N THR C 542 70.06 -0.71 -45.92
CA THR C 542 71.19 0.10 -45.50
C THR C 542 72.27 -0.70 -44.78
N ASN C 543 71.91 -1.86 -44.21
CA ASN C 543 72.83 -2.67 -43.43
C ASN C 543 73.50 -3.77 -44.24
N LEU C 544 73.42 -3.72 -45.57
CA LEU C 544 74.09 -4.72 -46.40
C LEU C 544 75.59 -4.67 -46.19
N ASP C 545 76.17 -3.46 -46.17
CA ASP C 545 77.59 -3.32 -45.89
C ASP C 545 77.93 -3.76 -44.47
N TRP C 546 77.00 -3.59 -43.53
CA TRP C 546 77.26 -4.02 -42.16
C TRP C 546 77.37 -5.54 -42.07
N VAL C 547 76.51 -6.26 -42.78
CA VAL C 547 76.54 -7.72 -42.69
C VAL C 547 77.63 -8.32 -43.57
N VAL C 548 78.03 -7.62 -44.64
CA VAL C 548 79.06 -8.17 -45.53
C VAL C 548 80.45 -7.96 -44.95
N SER C 549 80.73 -6.77 -44.44
CA SER C 549 82.10 -6.36 -44.14
C SER C 549 82.73 -7.14 -42.98
N LYS C 550 81.95 -7.89 -42.20
CA LYS C 550 82.52 -8.50 -41.00
C LYS C 550 83.41 -9.69 -41.34
N LEU C 551 82.80 -10.79 -41.81
CA LEU C 551 83.47 -12.04 -42.18
C LEU C 551 84.59 -12.45 -41.22
N ASP C 552 84.35 -12.35 -39.92
CA ASP C 552 85.42 -12.53 -38.96
C ASP C 552 85.85 -14.00 -38.87
N ARG C 553 87.10 -14.19 -38.46
CA ARG C 553 87.74 -15.50 -38.59
C ARG C 553 87.17 -16.52 -37.62
N LEU C 554 87.02 -16.16 -36.35
CA LEU C 554 86.80 -17.16 -35.30
C LEU C 554 85.44 -17.06 -34.64
N GLU C 555 85.00 -15.88 -34.19
CA GLU C 555 83.86 -15.73 -33.28
C GLU C 555 82.60 -16.48 -33.70
N ALA C 556 82.00 -16.12 -34.82
CA ALA C 556 80.76 -16.75 -35.29
C ALA C 556 80.81 -16.89 -36.81
N SER C 557 81.28 -18.04 -37.29
CA SER C 557 81.18 -18.36 -38.70
C SER C 557 79.88 -19.09 -38.98
N SER C 558 79.37 -18.92 -40.20
CA SER C 558 78.11 -19.45 -40.76
C SER C 558 76.88 -18.87 -40.06
N GLY C 559 77.03 -17.98 -39.08
CA GLY C 559 75.90 -17.32 -38.47
C GLY C 559 75.56 -16.05 -39.20
N ILE C 560 76.59 -15.26 -39.52
CA ILE C 560 76.42 -14.12 -40.42
C ILE C 560 76.01 -14.60 -41.81
N LEU C 561 76.51 -15.77 -42.22
CA LEU C 561 76.17 -16.31 -43.54
C LEU C 561 74.69 -16.66 -43.64
N GLU C 562 74.08 -17.14 -42.54
CA GLU C 562 72.65 -17.43 -42.57
C GLU C 562 71.83 -16.16 -42.71
N VAL C 563 72.24 -15.08 -42.03
CA VAL C 563 71.56 -13.80 -42.15
C VAL C 563 71.69 -13.26 -43.58
N LEU C 564 72.88 -13.38 -44.17
CA LEU C 564 73.08 -12.95 -45.55
C LEU C 564 72.23 -13.77 -46.51
N TYR C 565 72.16 -15.09 -46.28
CA TYR C 565 71.32 -15.95 -47.12
C TYR C 565 69.85 -15.56 -47.03
N CYS C 566 69.37 -15.30 -45.82
CA CYS C 566 67.97 -14.88 -45.63
C CYS C 566 67.70 -13.55 -46.31
N VAL C 567 68.63 -12.61 -46.18
CA VAL C 567 68.49 -11.30 -46.83
C VAL C 567 68.41 -11.47 -48.34
N LEU C 568 69.25 -12.35 -48.91
CA LEU C 568 69.26 -12.53 -50.35
C LEU C 568 68.00 -13.23 -50.84
N ILE C 569 67.53 -14.26 -50.12
CA ILE C 569 66.40 -15.04 -50.63
C ILE C 569 65.10 -14.26 -50.46
N GLU C 570 64.95 -13.53 -49.36
CA GLU C 570 63.63 -12.98 -49.03
C GLU C 570 63.35 -11.67 -49.76
N SER C 571 64.33 -10.76 -49.81
CA SER C 571 64.11 -9.42 -50.32
C SER C 571 64.87 -9.22 -51.62
N PRO C 572 64.20 -8.97 -52.74
CA PRO C 572 64.92 -8.68 -53.99
C PRO C 572 65.42 -7.24 -54.09
N GLU C 573 65.01 -6.36 -53.18
CA GLU C 573 65.48 -4.98 -53.19
C GLU C 573 66.97 -4.88 -52.89
N VAL C 574 67.50 -5.83 -52.10
CA VAL C 574 68.92 -5.84 -51.76
C VAL C 574 69.76 -6.10 -53.00
N LEU C 575 69.25 -6.91 -53.93
CA LEU C 575 70.04 -7.37 -55.07
C LEU C 575 70.42 -6.22 -56.00
N ASN C 576 69.66 -5.12 -55.98
CA ASN C 576 70.01 -3.97 -56.81
C ASN C 576 71.24 -3.24 -56.29
N ILE C 577 71.55 -3.36 -55.00
CA ILE C 577 72.67 -2.65 -54.39
C ILE C 577 73.79 -3.61 -53.97
N ILE C 578 73.89 -4.77 -54.62
CA ILE C 578 74.91 -5.76 -54.27
C ILE C 578 76.31 -5.22 -54.52
N GLN C 579 76.51 -4.50 -55.63
CA GLN C 579 77.78 -3.94 -56.08
C GLN C 579 78.78 -5.04 -56.43
N GLU C 580 80.03 -4.66 -56.67
CA GLU C 580 81.04 -5.59 -57.18
C GLU C 580 81.99 -6.11 -56.11
N ASN C 581 82.39 -5.26 -55.15
CA ASN C 581 83.35 -5.69 -54.13
C ASN C 581 82.75 -6.71 -53.19
N HIS C 582 81.42 -6.70 -53.00
CA HIS C 582 80.79 -7.72 -52.17
C HIS C 582 80.90 -9.10 -52.78
N ILE C 583 80.80 -9.19 -54.11
CA ILE C 583 81.00 -10.47 -54.80
C ILE C 583 82.44 -10.95 -54.61
N LYS C 584 83.41 -10.03 -54.70
CA LYS C 584 84.80 -10.37 -54.45
C LYS C 584 85.00 -10.88 -53.03
N SER C 585 84.36 -10.24 -52.06
CA SER C 585 84.46 -10.66 -50.66
C SER C 585 83.84 -12.04 -50.44
N ILE C 586 82.68 -12.30 -51.04
CA ILE C 586 82.03 -13.60 -50.90
C ILE C 586 82.88 -14.69 -51.54
N ILE C 587 83.51 -14.38 -52.69
CA ILE C 587 84.37 -15.36 -53.35
C ILE C 587 85.64 -15.60 -52.55
N SER C 588 86.21 -14.55 -51.96
CA SER C 588 87.40 -14.71 -51.13
C SER C 588 87.08 -15.51 -49.87
N LEU C 589 85.83 -15.47 -49.41
CA LEU C 589 85.41 -16.34 -48.33
C LEU C 589 85.54 -17.82 -48.70
N LEU C 590 85.28 -18.17 -49.96
CA LEU C 590 85.47 -19.54 -50.40
C LEU C 590 86.94 -19.97 -50.31
N ASP C 591 87.86 -19.08 -50.70
CA ASP C 591 89.27 -19.45 -50.70
C ASP C 591 89.82 -19.49 -49.27
N LYS C 592 89.41 -18.55 -48.41
CA LYS C 592 89.92 -18.55 -47.05
C LYS C 592 89.31 -19.65 -46.20
N HIS C 593 88.00 -19.90 -46.33
CA HIS C 593 87.31 -20.86 -45.48
C HIS C 593 87.10 -22.21 -46.15
N GLY C 594 87.63 -22.41 -47.36
CA GLY C 594 87.52 -23.70 -48.02
C GLY C 594 86.24 -23.87 -48.80
N ARG C 595 86.13 -25.03 -49.43
CA ARG C 595 84.93 -25.36 -50.20
C ARG C 595 83.73 -25.54 -49.27
N ASN C 596 82.63 -24.91 -49.64
CA ASN C 596 81.40 -24.98 -48.85
C ASN C 596 80.23 -24.78 -49.81
N HIS C 597 79.21 -25.62 -49.69
CA HIS C 597 78.05 -25.52 -50.57
C HIS C 597 77.17 -24.33 -50.24
N LYS C 598 77.27 -23.79 -49.01
CA LYS C 598 76.44 -22.65 -48.64
C LYS C 598 76.86 -21.38 -49.38
N VAL C 599 78.15 -21.19 -49.60
CA VAL C 599 78.60 -20.03 -50.36
C VAL C 599 78.17 -20.16 -51.82
N LEU C 600 78.19 -21.37 -52.36
CA LEU C 600 77.69 -21.60 -53.71
C LEU C 600 76.20 -21.33 -53.80
N ASP C 601 75.45 -21.71 -52.76
CA ASP C 601 74.01 -21.40 -52.73
C ASP C 601 73.77 -19.89 -52.63
N VAL C 602 74.62 -19.19 -51.87
CA VAL C 602 74.51 -17.74 -51.77
C VAL C 602 74.77 -17.09 -53.13
N LEU C 603 75.80 -17.55 -53.84
CA LEU C 603 76.09 -17.04 -55.17
C LEU C 603 74.97 -17.36 -56.15
N CYS C 604 74.35 -18.54 -56.01
CA CYS C 604 73.19 -18.89 -56.83
C CYS C 604 72.00 -17.97 -56.53
N SER C 605 71.80 -17.64 -55.26
CA SER C 605 70.71 -16.75 -54.87
C SER C 605 70.98 -15.30 -55.25
N LEU C 606 72.24 -14.95 -55.53
CA LEU C 606 72.54 -13.61 -56.02
C LEU C 606 71.93 -13.34 -57.39
N CYS C 607 71.65 -14.38 -58.16
CA CYS C 607 71.06 -14.25 -59.49
C CYS C 607 69.70 -14.92 -59.56
N VAL C 608 68.84 -14.37 -60.42
CA VAL C 608 67.55 -14.95 -60.81
C VAL C 608 66.67 -15.06 -59.56
N CYS C 609 66.63 -14.01 -58.76
CA CYS C 609 65.67 -13.94 -57.68
C CYS C 609 64.29 -13.55 -58.23
N ASN C 610 63.26 -14.24 -57.76
CA ASN C 610 61.88 -14.09 -58.22
C ASN C 610 61.84 -14.43 -59.72
N GLY C 611 60.92 -13.81 -60.47
CA GLY C 611 60.84 -14.08 -61.90
C GLY C 611 61.93 -13.41 -62.71
N VAL C 612 62.35 -12.21 -62.30
CA VAL C 612 63.36 -11.48 -63.06
C VAL C 612 64.75 -12.07 -62.80
N ALA C 613 65.67 -11.80 -63.72
CA ALA C 613 67.07 -12.18 -63.59
C ALA C 613 67.94 -10.95 -63.78
N VAL C 614 68.78 -10.67 -62.78
CA VAL C 614 69.67 -9.52 -62.83
C VAL C 614 70.92 -9.91 -63.60
N ARG C 615 71.16 -9.23 -64.73
CA ARG C 615 72.29 -9.56 -65.58
C ARG C 615 73.62 -9.09 -65.00
N SER C 616 73.61 -7.96 -64.27
CA SER C 616 74.85 -7.39 -63.76
C SER C 616 75.54 -8.34 -62.78
N ASN C 617 74.77 -8.94 -61.87
CA ASN C 617 75.34 -9.92 -60.95
C ASN C 617 75.83 -11.16 -61.68
N GLN C 618 75.13 -11.56 -62.74
CA GLN C 618 75.54 -12.73 -63.52
C GLN C 618 76.89 -12.49 -64.18
N ASP C 619 77.04 -11.38 -64.91
CA ASP C 619 78.32 -11.10 -65.56
C ASP C 619 79.42 -10.80 -64.54
N LEU C 620 79.08 -10.24 -63.39
CA LEU C 620 80.12 -9.98 -62.38
C LEU C 620 80.63 -11.27 -61.76
N ILE C 621 79.73 -12.20 -61.46
CA ILE C 621 80.14 -13.51 -60.97
C ILE C 621 80.94 -14.25 -62.04
N THR C 622 80.53 -14.13 -63.30
CA THR C 622 81.21 -14.82 -64.39
C THR C 622 82.62 -14.27 -64.58
N GLU C 623 82.79 -12.95 -64.57
CA GLU C 623 84.11 -12.36 -64.69
C GLU C 623 84.96 -12.57 -63.44
N ASN C 624 84.32 -12.75 -62.28
CA ASN C 624 85.05 -13.09 -61.07
C ASN C 624 85.44 -14.57 -61.04
N LEU C 625 84.59 -15.44 -61.60
CA LEU C 625 84.95 -16.83 -61.84
C LEU C 625 85.87 -16.86 -63.05
N LEU C 626 87.16 -16.59 -62.79
CA LEU C 626 88.15 -16.42 -63.84
C LEU C 626 88.42 -17.77 -64.53
N PRO C 627 88.91 -17.74 -65.78
CA PRO C 627 89.27 -19.01 -66.43
C PRO C 627 90.39 -19.77 -65.71
N GLY C 628 91.16 -19.11 -64.85
CA GLY C 628 92.02 -19.81 -63.92
C GLY C 628 91.22 -20.79 -63.09
N ARG C 629 91.64 -22.05 -63.09
CA ARG C 629 90.80 -23.14 -62.62
C ARG C 629 90.96 -23.42 -61.13
N GLU C 630 91.49 -22.45 -60.37
CA GLU C 630 91.92 -22.71 -58.99
C GLU C 630 90.76 -23.06 -58.07
N LEU C 631 89.64 -22.34 -58.19
CA LEU C 631 88.60 -22.35 -57.18
C LEU C 631 87.45 -23.29 -57.52
N LEU C 632 87.60 -24.11 -58.56
CA LEU C 632 86.55 -25.06 -58.92
C LEU C 632 87.19 -26.27 -59.57
N LEU C 633 86.58 -27.44 -59.34
CA LEU C 633 87.09 -28.69 -59.88
C LEU C 633 86.72 -28.82 -61.36
N GLN C 634 87.65 -29.34 -62.14
CA GLN C 634 87.49 -29.42 -63.59
C GLN C 634 87.41 -30.87 -64.04
N THR C 635 86.66 -31.10 -65.12
CA THR C 635 86.49 -32.43 -65.70
C THR C 635 86.67 -32.38 -67.21
N ASN C 636 87.17 -33.50 -67.75
CA ASN C 636 87.43 -33.62 -69.17
C ASN C 636 87.63 -35.09 -69.53
N LEU C 637 87.35 -35.44 -70.78
CA LEU C 637 87.62 -36.79 -71.26
C LEU C 637 89.11 -36.98 -71.51
N ILE C 638 89.59 -38.20 -71.26
CA ILE C 638 90.99 -38.54 -71.47
C ILE C 638 91.06 -39.99 -71.96
N ASN C 639 92.22 -40.35 -72.52
CA ASN C 639 92.43 -41.64 -73.14
C ASN C 639 93.24 -42.56 -72.21
N TYR C 640 92.82 -43.82 -72.15
CA TYR C 640 93.57 -44.81 -71.38
C TYR C 640 94.90 -45.13 -72.06
N VAL C 641 95.93 -45.37 -71.23
CA VAL C 641 97.25 -45.76 -71.72
C VAL C 641 97.76 -46.89 -70.85
N THR C 642 98.46 -47.85 -71.47
CA THR C 642 98.98 -49.00 -70.75
C THR C 642 100.45 -49.22 -71.12
N SER C 643 101.08 -50.18 -70.46
CA SER C 643 102.49 -50.46 -70.68
C SER C 643 102.75 -51.95 -70.55
N ILE C 644 103.66 -52.47 -71.37
CA ILE C 644 104.08 -53.85 -71.28
C ILE C 644 105.60 -53.96 -71.21
N ARG C 645 106.05 -55.21 -71.02
CA ARG C 645 107.28 -55.64 -70.37
C ARG C 645 107.82 -56.84 -71.13
N PRO C 646 109.09 -56.83 -71.55
CA PRO C 646 109.83 -58.09 -71.69
C PRO C 646 110.57 -58.40 -70.41
N ASN C 647 110.63 -59.67 -70.00
CA ASN C 647 111.25 -60.03 -68.73
C ASN C 647 112.76 -59.97 -68.88
N ILE C 648 113.33 -58.81 -68.52
CA ILE C 648 114.76 -58.56 -68.58
C ILE C 648 115.16 -57.81 -67.32
N PHE C 649 116.19 -58.30 -66.63
CA PHE C 649 116.68 -57.69 -65.40
C PHE C 649 118.08 -57.16 -65.64
N VAL C 650 118.25 -55.85 -65.61
CA VAL C 650 119.54 -55.20 -65.80
C VAL C 650 119.80 -54.30 -64.61
N GLY C 651 120.89 -54.57 -63.89
CA GLY C 651 121.23 -53.77 -62.72
C GLY C 651 122.71 -53.75 -62.42
N ARG C 652 123.20 -52.62 -61.91
CA ARG C 652 124.60 -52.46 -61.54
C ARG C 652 124.68 -52.03 -60.08
N ALA C 653 125.61 -52.65 -59.34
CA ALA C 653 125.78 -52.39 -57.92
C ALA C 653 127.15 -52.93 -57.51
N GLU C 654 127.43 -52.87 -56.22
CA GLU C 654 128.68 -53.38 -55.69
C GLU C 654 128.76 -54.90 -55.83
N GLY C 655 129.97 -55.41 -56.02
CA GLY C 655 130.16 -56.82 -56.20
C GLY C 655 130.01 -57.24 -57.65
N SER C 656 129.69 -58.52 -57.84
CA SER C 656 129.54 -59.07 -59.18
C SER C 656 128.24 -58.58 -59.81
N THR C 657 128.33 -58.09 -61.05
CA THR C 657 127.19 -57.64 -61.81
C THR C 657 127.27 -58.19 -63.22
N GLN C 658 126.12 -58.50 -63.80
CA GLN C 658 126.06 -59.02 -65.16
C GLN C 658 126.31 -57.88 -66.13
N TYR C 659 127.59 -57.67 -66.47
CA TYR C 659 128.06 -56.58 -67.31
C TYR C 659 127.50 -55.23 -66.87
N GLY C 660 126.52 -54.71 -67.61
CA GLY C 660 125.92 -53.42 -67.33
C GLY C 660 125.71 -52.62 -68.59
N LYS C 661 126.40 -53.02 -69.65
CA LYS C 661 126.26 -52.41 -70.98
C LYS C 661 125.24 -53.22 -71.74
N TRP C 662 124.05 -52.65 -71.94
CA TRP C 662 122.98 -53.30 -72.68
C TRP C 662 122.33 -52.31 -73.64
N TYR C 663 121.94 -52.81 -74.81
CA TYR C 663 121.42 -51.99 -75.89
C TYR C 663 120.26 -52.74 -76.56
N PHE C 664 119.10 -52.10 -76.64
CA PHE C 664 117.95 -52.70 -77.31
C PHE C 664 117.27 -51.69 -78.22
N GLU C 665 116.71 -52.20 -79.31
CA GLU C 665 115.98 -51.41 -80.29
C GLU C 665 114.59 -52.01 -80.51
N VAL C 666 113.61 -51.14 -80.76
CA VAL C 666 112.22 -51.53 -80.92
C VAL C 666 111.65 -50.84 -82.16
N MET C 667 110.85 -51.57 -82.94
CA MET C 667 110.34 -51.06 -84.21
C MET C 667 108.83 -50.92 -84.16
N VAL C 668 108.31 -49.90 -84.84
CA VAL C 668 106.87 -49.74 -85.04
C VAL C 668 106.61 -49.76 -86.54
N ASP C 669 105.53 -50.45 -86.93
CA ASP C 669 105.19 -50.59 -88.34
C ASP C 669 104.08 -49.66 -88.78
N GLU C 670 103.23 -49.19 -87.86
CA GLU C 670 102.19 -48.24 -88.21
C GLU C 670 101.81 -47.46 -86.95
N VAL C 671 101.22 -46.30 -87.17
CA VAL C 671 100.60 -45.51 -86.12
C VAL C 671 99.18 -45.21 -86.55
N VAL C 672 98.21 -45.46 -85.65
CA VAL C 672 96.77 -45.19 -85.94
C VAL C 672 96.52 -43.68 -86.01
N PRO C 673 95.70 -43.18 -86.97
CA PRO C 673 95.50 -41.73 -87.14
C PRO C 673 94.87 -40.95 -85.97
N PHE C 674 93.81 -41.47 -85.33
CA PHE C 674 93.10 -40.74 -84.24
C PHE C 674 91.72 -41.35 -83.98
N LEU C 675 91.62 -42.64 -83.71
CA LEU C 675 90.36 -43.31 -83.37
C LEU C 675 89.42 -42.37 -82.60
N THR C 676 89.96 -41.60 -81.65
CA THR C 676 89.16 -40.78 -80.77
C THR C 676 89.70 -39.35 -80.77
N ALA C 677 88.87 -38.42 -80.30
CA ALA C 677 89.30 -37.04 -80.17
C ALA C 677 90.27 -36.91 -79.00
N GLN C 678 91.55 -37.13 -79.27
CA GLN C 678 92.63 -37.14 -78.29
C GLN C 678 93.93 -37.34 -79.05
N ALA C 679 95.08 -37.25 -78.39
CA ALA C 679 96.37 -37.43 -79.03
C ALA C 679 96.90 -38.83 -78.75
N THR C 680 97.18 -39.58 -79.82
CA THR C 680 97.77 -40.90 -79.66
C THR C 680 99.21 -40.78 -79.18
N HIS C 681 99.56 -41.58 -78.17
CA HIS C 681 100.85 -41.47 -77.51
C HIS C 681 101.50 -42.85 -77.40
N LEU C 682 102.74 -42.94 -77.89
CA LEU C 682 103.57 -44.14 -77.73
C LEU C 682 104.95 -43.69 -77.24
N ARG C 683 105.51 -44.41 -76.28
CA ARG C 683 106.76 -44.04 -75.65
C ARG C 683 107.55 -45.28 -75.27
N VAL C 684 108.87 -45.19 -75.36
CA VAL C 684 109.75 -46.31 -75.00
C VAL C 684 110.72 -45.83 -73.93
N GLY C 685 111.09 -46.71 -73.00
CA GLY C 685 112.09 -46.30 -72.03
C GLY C 685 112.44 -47.33 -70.98
N TRP C 686 112.90 -46.80 -69.85
CA TRP C 686 113.46 -47.57 -68.74
C TRP C 686 112.59 -47.31 -67.51
N ALA C 687 112.17 -48.39 -66.85
CA ALA C 687 111.21 -48.27 -65.76
C ALA C 687 111.84 -48.09 -64.40
N LEU C 688 113.06 -48.60 -64.19
CA LEU C 688 113.73 -48.65 -62.88
C LEU C 688 112.82 -49.44 -61.95
N THR C 689 112.42 -48.90 -60.79
CA THR C 689 111.52 -49.59 -59.88
C THR C 689 110.34 -48.69 -59.53
N GLU C 690 109.21 -49.33 -59.23
CA GLU C 690 107.96 -48.67 -58.81
C GLU C 690 107.46 -47.71 -59.88
N GLY C 691 107.20 -48.27 -61.07
CA GLY C 691 106.79 -47.45 -62.19
C GLY C 691 105.44 -46.78 -62.02
N TYR C 692 104.46 -47.52 -61.50
CA TYR C 692 103.07 -47.12 -61.26
C TYR C 692 102.30 -46.86 -62.55
N SER C 693 102.92 -47.05 -63.72
CA SER C 693 102.22 -46.91 -64.99
C SER C 693 101.00 -47.82 -65.17
N PRO C 694 100.99 -49.10 -64.74
CA PRO C 694 99.82 -49.96 -65.03
C PRO C 694 98.50 -49.47 -64.46
N TYR C 695 98.51 -48.55 -63.48
CA TYR C 695 97.28 -48.06 -62.86
C TYR C 695 96.38 -47.38 -63.88
N PRO C 696 95.21 -47.96 -64.20
CA PRO C 696 94.33 -47.38 -65.23
C PRO C 696 93.37 -46.35 -64.63
N GLY C 697 93.92 -45.22 -64.21
CA GLY C 697 93.13 -44.21 -63.56
C GLY C 697 93.87 -42.91 -63.47
N GLY C 698 93.33 -42.00 -62.64
CA GLY C 698 93.87 -40.68 -62.52
C GLY C 698 95.25 -40.57 -61.90
N GLY C 699 96.22 -40.12 -62.70
CA GLY C 699 97.56 -39.90 -62.22
C GLY C 699 97.77 -38.49 -61.67
N GLU C 700 99.04 -38.08 -61.64
CA GLU C 700 99.37 -36.72 -61.25
C GLU C 700 99.16 -35.74 -62.38
N GLY C 701 99.57 -36.11 -63.59
CA GLY C 701 99.24 -35.32 -64.76
C GLY C 701 97.77 -35.45 -65.11
N TRP C 702 97.37 -34.66 -66.11
CA TRP C 702 95.97 -34.61 -66.52
C TRP C 702 95.60 -35.91 -67.23
N GLY C 703 94.92 -36.79 -66.53
CA GLY C 703 94.59 -38.10 -67.07
C GLY C 703 95.59 -39.18 -66.72
N GLY C 704 95.69 -40.20 -67.57
CA GLY C 704 96.61 -41.29 -67.30
C GLY C 704 98.03 -40.97 -67.69
N ASN C 705 98.97 -41.72 -67.11
CA ASN C 705 100.38 -41.56 -67.37
C ASN C 705 100.95 -42.84 -67.96
N GLY C 706 102.06 -42.72 -68.69
CA GLY C 706 102.74 -43.87 -69.25
C GLY C 706 104.12 -44.07 -68.65
N VAL C 707 105.15 -43.98 -69.48
CA VAL C 707 106.54 -44.08 -69.03
C VAL C 707 107.20 -42.73 -69.25
N GLY C 708 108.03 -42.31 -68.29
CA GLY C 708 108.65 -41.01 -68.33
C GLY C 708 107.83 -39.90 -67.73
N ASP C 709 106.60 -40.17 -67.30
CA ASP C 709 105.81 -39.14 -66.64
C ASP C 709 106.25 -38.94 -65.19
N ASP C 710 106.83 -39.96 -64.57
CA ASP C 710 107.31 -39.88 -63.20
C ASP C 710 108.83 -39.81 -63.19
N LEU C 711 109.39 -39.64 -61.98
CA LEU C 711 110.84 -39.56 -61.84
C LEU C 711 111.51 -40.93 -61.96
N TYR C 712 110.83 -41.99 -61.52
CA TYR C 712 111.40 -43.33 -61.60
C TYR C 712 111.53 -43.81 -63.05
N SER C 713 110.62 -43.38 -63.93
CA SER C 713 110.59 -43.84 -65.30
C SER C 713 111.19 -42.80 -66.24
N TYR C 714 111.98 -43.27 -67.19
CA TYR C 714 112.54 -42.44 -68.24
C TYR C 714 111.94 -42.88 -69.57
N GLY C 715 111.38 -41.93 -70.31
CA GLY C 715 110.68 -42.24 -71.54
C GLY C 715 111.10 -41.32 -72.67
N PHE C 716 110.88 -41.82 -73.89
CA PHE C 716 111.20 -41.08 -75.10
C PHE C 716 110.17 -41.41 -76.16
N ASP C 717 109.64 -40.35 -76.79
CA ASP C 717 108.77 -40.47 -77.95
C ASP C 717 109.28 -39.68 -79.15
N GLY C 718 110.20 -38.74 -78.95
CA GLY C 718 110.71 -37.92 -80.03
C GLY C 718 110.52 -36.44 -79.82
N LEU C 719 109.35 -36.04 -79.32
CA LEU C 719 109.06 -34.61 -79.18
C LEU C 719 109.76 -34.01 -77.97
N HIS C 720 109.76 -34.70 -76.83
CA HIS C 720 110.49 -34.26 -75.65
C HIS C 720 111.13 -35.44 -74.94
N LEU C 721 112.15 -35.15 -74.14
CA LEU C 721 112.61 -36.06 -73.12
C LEU C 721 111.72 -35.93 -71.90
N TRP C 722 111.22 -37.06 -71.40
CA TRP C 722 110.23 -37.07 -70.32
C TRP C 722 110.82 -37.70 -69.07
N THR C 723 110.91 -36.92 -68.00
CA THR C 723 111.06 -37.46 -66.65
C THR C 723 110.42 -36.47 -65.68
N GLY C 724 109.56 -36.97 -64.80
CA GLY C 724 108.81 -36.11 -63.91
C GLY C 724 107.87 -35.15 -64.60
N HIS C 725 107.24 -35.59 -65.70
CA HIS C 725 106.17 -34.85 -66.39
C HIS C 725 106.68 -33.52 -66.95
N VAL C 726 107.88 -33.54 -67.53
CA VAL C 726 108.50 -32.36 -68.14
C VAL C 726 108.49 -32.54 -69.65
N ALA C 727 108.60 -31.41 -70.37
CA ALA C 727 108.41 -31.39 -71.82
C ALA C 727 109.46 -30.54 -72.55
N ARG C 728 110.73 -30.60 -72.18
CA ARG C 728 111.71 -29.82 -72.95
C ARG C 728 112.03 -30.56 -74.25
N PRO C 729 112.06 -29.87 -75.39
CA PRO C 729 112.17 -30.55 -76.68
C PRO C 729 113.58 -31.05 -76.99
N VAL C 730 113.63 -31.98 -77.94
CA VAL C 730 114.87 -32.56 -78.45
C VAL C 730 114.95 -32.27 -79.94
N THR C 731 116.15 -31.97 -80.43
CA THR C 731 116.35 -31.56 -81.82
C THR C 731 116.62 -32.79 -82.68
N SER C 732 115.73 -33.06 -83.63
CA SER C 732 115.91 -34.11 -84.61
C SER C 732 115.66 -33.56 -86.01
N PRO C 733 116.36 -34.07 -87.02
CA PRO C 733 116.15 -33.58 -88.39
C PRO C 733 114.91 -34.19 -89.01
N GLY C 734 113.93 -33.34 -89.33
CA GLY C 734 112.72 -33.73 -90.04
C GLY C 734 111.98 -34.92 -89.46
N GLN C 735 111.36 -34.72 -88.29
CA GLN C 735 110.76 -35.82 -87.55
C GLN C 735 109.25 -35.60 -87.43
N HIS C 736 108.50 -36.69 -87.53
CA HIS C 736 107.05 -36.64 -87.48
C HIS C 736 106.48 -37.11 -86.14
N LEU C 737 107.33 -37.62 -85.24
CA LEU C 737 107.02 -38.08 -83.88
C LEU C 737 106.19 -39.37 -83.89
N LEU C 738 105.75 -39.80 -85.07
CA LEU C 738 105.02 -41.05 -85.24
C LEU C 738 105.13 -41.45 -86.71
N ALA C 739 106.03 -42.38 -87.01
CA ALA C 739 106.29 -42.76 -88.38
C ALA C 739 106.20 -44.27 -88.54
N PRO C 740 105.74 -44.75 -89.68
CA PRO C 740 105.63 -46.20 -89.90
C PRO C 740 106.95 -46.82 -90.32
N GLU C 741 107.13 -48.08 -89.89
CA GLU C 741 108.36 -48.84 -90.11
C GLU C 741 109.60 -48.10 -89.61
N ASP C 742 109.50 -47.55 -88.41
CA ASP C 742 110.57 -46.78 -87.79
C ASP C 742 111.13 -47.52 -86.58
N VAL C 743 112.45 -47.48 -86.42
CA VAL C 743 113.13 -48.15 -85.32
C VAL C 743 113.71 -47.11 -84.38
N VAL C 744 113.72 -47.43 -83.08
CA VAL C 744 114.28 -46.57 -82.05
C VAL C 744 115.21 -47.41 -81.20
N SER C 745 116.45 -46.96 -81.03
CA SER C 745 117.45 -47.73 -80.29
C SER C 745 117.83 -47.01 -78.99
N CYS C 746 118.37 -47.77 -78.05
CA CYS C 746 118.83 -47.17 -76.81
C CYS C 746 119.86 -48.06 -76.14
N CYS C 747 120.82 -47.42 -75.48
CA CYS C 747 121.88 -48.08 -74.74
C CYS C 747 121.77 -47.71 -73.26
N LEU C 748 121.86 -48.73 -72.39
CA LEU C 748 121.71 -48.52 -70.96
C LEU C 748 122.90 -47.75 -70.39
N ASP C 749 124.12 -48.24 -70.63
CA ASP C 749 125.37 -47.61 -70.20
C ASP C 749 125.39 -47.40 -68.69
N LEU C 750 125.44 -48.53 -67.97
CA LEU C 750 125.35 -48.49 -66.51
C LEU C 750 126.57 -47.82 -65.89
N SER C 751 127.77 -48.04 -66.45
CA SER C 751 129.00 -47.58 -65.80
C SER C 751 129.07 -46.06 -65.71
N VAL C 752 128.89 -45.38 -66.82
CA VAL C 752 128.86 -43.91 -66.85
C VAL C 752 127.41 -43.49 -66.67
N PRO C 753 127.10 -42.52 -65.81
CA PRO C 753 125.70 -42.27 -65.44
C PRO C 753 124.79 -41.85 -66.60
N SER C 754 125.33 -41.55 -67.78
CA SER C 754 124.50 -41.16 -68.91
C SER C 754 123.71 -42.35 -69.46
N ILE C 755 122.51 -42.05 -69.97
CA ILE C 755 121.65 -43.02 -70.64
C ILE C 755 121.58 -42.63 -72.11
N SER C 756 121.82 -43.58 -73.01
CA SER C 756 121.99 -43.28 -74.43
C SER C 756 120.73 -43.62 -75.22
N PHE C 757 120.36 -42.72 -76.12
CA PHE C 757 119.22 -42.91 -77.02
C PHE C 757 119.67 -42.66 -78.45
N ARG C 758 119.14 -43.45 -79.39
CA ARG C 758 119.65 -43.47 -80.76
C ARG C 758 118.51 -43.43 -81.76
N ILE C 759 118.55 -42.43 -82.65
CA ILE C 759 117.67 -42.28 -83.79
C ILE C 759 118.58 -41.96 -84.96
N ASN C 760 118.09 -42.19 -86.18
CA ASN C 760 118.90 -41.98 -87.39
C ASN C 760 119.36 -40.54 -87.53
N GLY C 761 120.67 -40.33 -87.36
CA GLY C 761 121.25 -38.99 -87.49
C GLY C 761 120.78 -38.02 -86.43
N CYS C 762 120.44 -38.50 -85.23
CA CYS C 762 119.92 -37.65 -84.16
C CYS C 762 120.73 -37.87 -82.89
N PRO C 763 121.77 -37.05 -82.65
CA PRO C 763 122.47 -37.08 -81.36
C PRO C 763 121.64 -36.38 -80.29
N VAL C 764 121.36 -37.10 -79.21
CA VAL C 764 120.48 -36.58 -78.17
C VAL C 764 121.16 -35.44 -77.43
N GLN C 765 120.42 -34.35 -77.23
CA GLN C 765 120.98 -33.17 -76.57
C GLN C 765 121.26 -33.44 -75.11
N GLY C 766 120.35 -34.09 -74.41
CA GLY C 766 120.45 -34.31 -72.97
C GLY C 766 120.55 -35.78 -72.62
N VAL C 767 121.36 -36.07 -71.61
CA VAL C 767 121.50 -37.41 -71.05
C VAL C 767 121.24 -37.32 -69.54
N PHE C 768 120.48 -38.29 -69.03
CA PHE C 768 120.09 -38.26 -67.63
C PHE C 768 121.28 -38.57 -66.73
N GLU C 769 121.55 -37.69 -65.77
CA GLU C 769 122.64 -37.86 -64.82
C GLU C 769 122.09 -37.96 -63.40
N ALA C 770 122.95 -38.42 -62.49
CA ALA C 770 122.66 -38.48 -61.05
C ALA C 770 121.40 -39.30 -60.76
N PHE C 771 121.28 -40.47 -61.39
CA PHE C 771 120.11 -41.33 -61.25
C PHE C 771 120.43 -42.49 -60.32
N ASN C 772 119.43 -42.88 -59.52
CA ASN C 772 119.62 -43.93 -58.54
C ASN C 772 119.78 -45.29 -59.22
N LEU C 773 120.75 -46.07 -58.74
CA LEU C 773 121.03 -47.39 -59.27
C LEU C 773 120.31 -48.50 -58.51
N ASP C 774 119.54 -48.17 -57.49
CA ASP C 774 118.82 -49.17 -56.73
C ASP C 774 117.71 -49.78 -57.57
N GLY C 775 117.59 -51.10 -57.52
CA GLY C 775 116.59 -51.82 -58.30
C GLY C 775 117.14 -52.31 -59.62
N LEU C 776 116.25 -52.88 -60.41
CA LEU C 776 116.59 -53.44 -61.71
C LEU C 776 115.97 -52.59 -62.80
N PHE C 777 116.72 -52.40 -63.88
CA PHE C 777 116.23 -51.60 -65.01
C PHE C 777 115.47 -52.49 -65.99
N PHE C 778 114.35 -51.97 -66.48
CA PHE C 778 113.48 -52.70 -67.38
C PHE C 778 113.31 -51.96 -68.69
N PRO C 779 113.37 -52.67 -69.82
CA PRO C 779 112.82 -52.12 -71.06
C PRO C 779 111.31 -52.14 -70.97
N VAL C 780 110.68 -50.98 -71.14
CA VAL C 780 109.24 -50.88 -70.99
C VAL C 780 108.68 -50.04 -72.13
N VAL C 781 107.55 -50.48 -72.69
CA VAL C 781 106.88 -49.72 -73.74
C VAL C 781 105.50 -49.31 -73.22
N SER C 782 105.13 -48.06 -73.48
CA SER C 782 103.84 -47.52 -73.10
C SER C 782 103.12 -47.05 -74.36
N PHE C 783 101.84 -47.37 -74.45
CA PHE C 783 101.07 -47.11 -75.66
C PHE C 783 99.63 -46.78 -75.32
N SER C 784 98.99 -46.10 -76.28
CA SER C 784 97.55 -45.96 -76.34
C SER C 784 97.00 -47.03 -77.28
N ALA C 785 95.71 -46.94 -77.61
CA ALA C 785 95.08 -47.96 -78.43
C ALA C 785 95.31 -47.72 -79.92
N GLY C 786 95.15 -48.79 -80.69
CA GLY C 786 95.24 -48.75 -82.14
C GLY C 786 96.62 -49.00 -82.71
N VAL C 787 97.64 -49.19 -81.89
CA VAL C 787 99.01 -49.28 -82.37
C VAL C 787 99.45 -50.73 -82.44
N LYS C 788 100.22 -51.05 -83.46
CA LYS C 788 100.89 -52.34 -83.59
C LYS C 788 102.38 -52.10 -83.55
N VAL C 789 103.08 -52.83 -82.68
CA VAL C 789 104.50 -52.56 -82.46
C VAL C 789 105.24 -53.87 -82.22
N ARG C 790 106.46 -53.95 -82.78
CA ARG C 790 107.30 -55.13 -82.76
C ARG C 790 108.54 -54.88 -81.92
N PHE C 791 108.91 -55.86 -81.10
CA PHE C 791 110.07 -55.79 -80.24
C PHE C 791 111.13 -56.76 -80.73
N LEU C 792 112.34 -56.26 -80.99
CA LEU C 792 113.43 -57.13 -81.42
C LEU C 792 113.90 -57.97 -80.24
N LEU C 793 114.07 -59.28 -80.49
CA LEU C 793 114.49 -60.18 -79.42
C LEU C 793 115.94 -59.93 -79.02
N GLY C 794 116.81 -59.70 -80.00
CA GLY C 794 118.21 -59.43 -79.70
C GLY C 794 119.19 -60.06 -80.66
N GLY C 795 120.21 -60.71 -80.12
CA GLY C 795 121.23 -61.31 -80.98
C GLY C 795 120.74 -62.49 -81.78
N ARG C 796 119.90 -63.34 -81.17
CA ARG C 796 119.50 -64.58 -81.81
C ARG C 796 118.53 -64.34 -82.97
N HIS C 797 117.55 -63.47 -82.77
CA HIS C 797 116.51 -63.25 -83.78
C HIS C 797 116.44 -61.82 -84.28
N GLY C 798 116.58 -60.83 -83.40
CA GLY C 798 116.45 -59.45 -83.81
C GLY C 798 117.54 -59.03 -84.78
N GLU C 799 117.16 -58.24 -85.78
CA GLU C 799 118.09 -57.69 -86.77
C GLU C 799 118.09 -56.19 -86.64
N PHE C 800 119.19 -55.64 -86.10
CA PHE C 800 119.29 -54.21 -85.84
C PHE C 800 119.74 -53.48 -87.10
N LYS C 801 119.07 -52.35 -87.39
CA LYS C 801 119.47 -51.54 -88.52
C LYS C 801 120.77 -50.80 -88.24
N PHE C 802 120.95 -50.34 -87.01
CA PHE C 802 122.18 -49.68 -86.58
C PHE C 802 123.06 -50.69 -85.86
N LEU C 803 124.34 -50.72 -86.22
CA LEU C 803 125.28 -51.60 -85.54
C LEU C 803 125.46 -51.13 -84.09
N PRO C 804 125.51 -52.05 -83.13
CA PRO C 804 125.70 -51.67 -81.73
C PRO C 804 127.07 -51.04 -81.53
N PRO C 805 127.19 -50.11 -80.59
CA PRO C 805 128.53 -49.67 -80.17
C PRO C 805 129.27 -50.83 -79.55
N PRO C 806 130.60 -50.85 -79.68
CA PRO C 806 131.35 -52.06 -79.30
C PRO C 806 131.34 -52.28 -77.79
N GLY C 807 130.94 -53.49 -77.39
CA GLY C 807 130.87 -53.89 -76.00
C GLY C 807 129.48 -54.09 -75.46
N TYR C 808 128.44 -53.57 -76.14
CA TYR C 808 127.12 -53.55 -75.55
C TYR C 808 126.43 -54.92 -75.55
N ALA C 809 126.88 -55.87 -76.37
CA ALA C 809 126.56 -57.28 -76.32
C ALA C 809 125.08 -57.59 -76.05
N PRO C 810 124.19 -57.34 -77.03
CA PRO C 810 122.75 -57.55 -76.81
C PRO C 810 122.39 -59.03 -76.77
N CYS C 811 121.99 -59.51 -75.59
CA CYS C 811 121.59 -60.89 -75.42
C CYS C 811 120.48 -60.95 -74.37
N HIS C 812 119.91 -62.15 -74.19
CA HIS C 812 118.77 -62.32 -73.29
C HIS C 812 119.19 -62.37 -71.82
N GLU C 813 120.45 -62.72 -71.54
CA GLU C 813 121.09 -62.67 -70.22
C GLU C 813 120.55 -63.75 -69.28
N ALA C 814 119.50 -64.46 -69.69
CA ALA C 814 118.87 -65.56 -68.96
C ALA C 814 118.41 -65.15 -67.56
N VAL C 815 118.03 -66.14 -66.75
CA VAL C 815 117.51 -65.95 -65.40
C VAL C 815 117.87 -67.17 -64.57
N LEU C 816 117.90 -66.99 -63.24
CA LEU C 816 118.12 -68.13 -62.35
C LEU C 816 117.08 -69.24 -62.49
N PRO C 817 115.77 -68.97 -62.62
CA PRO C 817 114.84 -70.06 -62.96
C PRO C 817 114.99 -70.58 -64.38
N ARG C 818 115.74 -69.90 -65.25
CA ARG C 818 115.96 -70.28 -66.65
C ARG C 818 114.65 -70.38 -67.43
N GLU C 819 113.67 -69.54 -67.06
CA GLU C 819 112.41 -69.48 -67.79
C GLU C 819 112.59 -68.82 -69.14
N ARG C 820 111.84 -69.28 -70.13
CA ARG C 820 111.85 -68.68 -71.46
C ARG C 820 111.32 -67.24 -71.39
N LEU C 821 111.92 -66.37 -72.20
CA LEU C 821 111.54 -64.96 -72.18
C LEU C 821 110.17 -64.78 -72.82
N ARG C 822 109.34 -63.95 -72.17
CA ARG C 822 107.95 -63.80 -72.57
C ARG C 822 107.50 -62.37 -72.33
N LEU C 823 106.44 -61.97 -73.03
CA LEU C 823 105.89 -60.63 -72.94
C LEU C 823 104.77 -60.60 -71.90
N GLU C 824 104.83 -59.64 -70.99
CA GLU C 824 103.86 -59.56 -69.91
C GLU C 824 103.54 -58.11 -69.59
N PRO C 825 102.37 -57.83 -69.03
CA PRO C 825 102.12 -56.51 -68.46
C PRO C 825 102.82 -56.36 -67.11
N ILE C 826 103.38 -55.18 -66.89
CA ILE C 826 104.07 -54.90 -65.64
C ILE C 826 103.04 -54.65 -64.54
N LYS C 827 103.16 -55.39 -63.44
CA LYS C 827 102.35 -55.22 -62.23
C LYS C 827 100.85 -55.28 -62.57
N GLU C 828 100.40 -56.47 -62.96
CA GLU C 828 99.01 -56.70 -63.34
C GLU C 828 98.26 -57.22 -62.13
N TYR C 829 97.28 -56.45 -61.65
CA TYR C 829 96.42 -56.91 -60.56
C TYR C 829 95.28 -57.80 -61.06
N ARG C 830 94.87 -57.62 -62.32
CA ARG C 830 93.77 -58.38 -62.92
C ARG C 830 94.25 -58.97 -64.23
N ARG C 831 93.91 -60.23 -64.49
CA ARG C 831 94.31 -60.88 -65.74
C ARG C 831 93.12 -61.59 -66.37
N GLU C 832 93.25 -61.89 -67.66
CA GLU C 832 92.20 -62.59 -68.37
C GLU C 832 92.18 -64.06 -67.97
N GLY C 833 90.98 -64.63 -67.94
CA GLY C 833 90.80 -66.03 -67.61
C GLY C 833 89.80 -66.71 -68.52
N PRO C 834 89.72 -68.04 -68.44
CA PRO C 834 88.73 -68.78 -69.23
C PRO C 834 87.29 -68.37 -68.90
N ARG C 835 86.92 -68.48 -67.64
CA ARG C 835 85.59 -68.08 -67.17
C ARG C 835 85.74 -66.80 -66.34
N GLY C 836 85.57 -65.66 -66.99
CA GLY C 836 85.66 -64.38 -66.33
C GLY C 836 87.09 -63.98 -66.04
N PRO C 837 87.27 -62.92 -65.25
CA PRO C 837 88.62 -62.45 -64.92
C PRO C 837 89.21 -63.17 -63.73
N HIS C 838 90.54 -63.21 -63.71
CA HIS C 838 91.30 -63.80 -62.62
C HIS C 838 91.96 -62.70 -61.80
N LEU C 839 91.74 -62.74 -60.49
CA LEU C 839 92.35 -61.78 -59.56
C LEU C 839 93.61 -62.39 -58.98
N VAL C 840 94.70 -61.61 -59.00
CA VAL C 840 95.99 -62.08 -58.53
C VAL C 840 96.54 -61.08 -57.51
N GLY C 841 97.53 -61.54 -56.75
CA GLY C 841 98.10 -60.75 -55.68
C GLY C 841 99.30 -59.94 -56.12
N PRO C 842 99.98 -59.31 -55.16
CA PRO C 842 101.16 -58.50 -55.47
C PRO C 842 102.32 -59.35 -55.95
N SER C 843 103.19 -58.72 -56.73
CA SER C 843 104.38 -59.40 -57.24
C SER C 843 105.36 -59.69 -56.11
N ARG C 844 106.24 -60.66 -56.35
CA ARG C 844 107.18 -61.11 -55.33
C ARG C 844 108.34 -60.15 -55.11
N CYS C 845 108.75 -59.42 -56.16
CA CYS C 845 109.74 -58.33 -56.15
C CYS C 845 111.06 -58.71 -55.50
N LEU C 846 111.37 -60.01 -55.37
CA LEU C 846 112.62 -60.47 -54.77
C LEU C 846 113.80 -60.41 -55.73
N SER C 847 113.68 -59.70 -56.84
CA SER C 847 114.71 -59.66 -57.87
C SER C 847 115.90 -58.78 -57.51
N HIS C 848 115.88 -58.11 -56.36
CA HIS C 848 116.93 -57.16 -56.01
C HIS C 848 118.28 -57.83 -55.77
N THR C 849 118.33 -59.15 -55.67
CA THR C 849 119.59 -59.86 -55.48
C THR C 849 120.46 -59.74 -56.72
N ASP C 850 121.74 -60.07 -56.55
CA ASP C 850 122.71 -59.95 -57.64
C ASP C 850 122.37 -60.91 -58.78
N PHE C 851 122.48 -60.41 -60.00
CA PHE C 851 122.22 -61.22 -61.19
C PHE C 851 122.94 -60.65 -62.40
N HIS C 866 143.37 -84.35 -32.95
CA HIS C 866 142.58 -85.51 -33.32
C HIS C 866 142.05 -85.35 -34.74
N LEU C 867 141.53 -84.14 -35.02
CA LEU C 867 140.93 -83.86 -36.32
C LEU C 867 141.98 -83.73 -37.43
N GLU C 868 143.26 -83.56 -37.07
CA GLU C 868 144.30 -83.46 -38.10
C GLU C 868 144.50 -84.80 -38.82
N ARG C 869 144.47 -85.91 -38.07
CA ARG C 869 144.57 -87.22 -38.71
C ARG C 869 143.36 -87.50 -39.58
N ILE C 870 142.17 -87.10 -39.14
CA ILE C 870 140.96 -87.23 -39.96
C ILE C 870 141.06 -86.35 -41.20
N ARG C 871 141.69 -85.18 -41.09
CA ARG C 871 141.87 -84.31 -42.25
C ARG C 871 142.83 -84.91 -43.26
N GLU C 872 143.92 -85.51 -42.78
CA GLU C 872 144.86 -86.19 -43.68
C GLU C 872 144.19 -87.39 -44.35
N LYS C 873 143.41 -88.15 -43.59
CA LYS C 873 142.66 -89.27 -44.17
C LYS C 873 141.64 -88.78 -45.19
N LEU C 874 141.00 -87.65 -44.91
CA LEU C 874 140.04 -87.09 -45.86
C LEU C 874 140.74 -86.58 -47.12
N ALA C 875 141.96 -86.06 -47.00
CA ALA C 875 142.68 -85.61 -48.19
C ALA C 875 143.11 -86.79 -49.07
N GLU C 876 143.64 -87.85 -48.45
CA GLU C 876 144.02 -89.01 -49.26
C GLU C 876 142.80 -89.71 -49.81
N ASN C 877 141.69 -89.72 -49.06
CA ASN C 877 140.43 -90.26 -49.58
C ASN C 877 139.85 -89.38 -50.68
N ILE C 878 140.11 -88.07 -50.64
CA ILE C 878 139.64 -87.18 -51.69
C ILE C 878 140.40 -87.43 -52.98
N HIS C 879 141.72 -87.61 -52.88
CA HIS C 879 142.50 -87.96 -54.08
C HIS C 879 142.09 -89.32 -54.63
N GLU C 880 141.88 -90.29 -53.73
CA GLU C 880 141.40 -91.61 -54.14
C GLU C 880 139.99 -91.53 -54.74
N LEU C 881 139.16 -90.62 -54.24
CA LEU C 881 137.80 -90.49 -54.75
C LEU C 881 137.78 -89.78 -56.10
N TRP C 882 138.71 -88.86 -56.34
CA TRP C 882 138.86 -88.29 -57.68
C TRP C 882 139.28 -89.35 -58.68
N ALA C 883 140.31 -90.14 -58.33
CA ALA C 883 140.74 -91.22 -59.21
C ALA C 883 139.65 -92.27 -59.41
N LEU C 884 138.86 -92.53 -58.36
CA LEU C 884 137.84 -93.56 -58.42
C LEU C 884 136.61 -93.09 -59.21
N THR C 885 136.25 -91.81 -59.08
CA THR C 885 135.19 -91.25 -59.91
C THR C 885 135.62 -91.22 -61.37
N ARG C 886 136.91 -91.00 -61.63
CA ARG C 886 137.41 -91.20 -62.98
C ARG C 886 137.27 -92.65 -63.41
N ILE C 887 137.55 -93.59 -62.50
CA ILE C 887 137.53 -95.02 -62.84
C ILE C 887 136.11 -95.48 -63.19
N GLU C 888 135.11 -95.09 -62.40
CA GLU C 888 133.74 -95.52 -62.68
C GLU C 888 133.21 -94.94 -63.98
N GLN C 889 133.48 -93.66 -64.23
CA GLN C 889 132.98 -93.00 -65.42
C GLN C 889 133.80 -93.45 -66.65
N GLY C 890 133.54 -92.83 -67.79
CA GLY C 890 134.25 -93.17 -69.01
C GLY C 890 135.68 -92.67 -69.07
N TRP C 891 136.12 -91.92 -68.07
CA TRP C 891 137.47 -91.35 -68.05
C TRP C 891 138.49 -92.48 -67.89
N THR C 892 139.31 -92.68 -68.92
CA THR C 892 140.42 -93.61 -68.88
C THR C 892 141.71 -92.80 -68.78
N TYR C 893 142.59 -93.19 -67.86
CA TYR C 893 143.75 -92.36 -67.55
C TYR C 893 144.71 -92.28 -68.73
N GLY C 894 145.28 -91.09 -68.91
CA GLY C 894 146.28 -90.87 -69.94
C GLY C 894 147.08 -89.61 -69.62
N PRO C 895 148.41 -89.71 -69.72
CA PRO C 895 149.25 -88.54 -69.42
C PRO C 895 148.98 -87.35 -70.34
N VAL C 896 148.68 -87.59 -71.61
CA VAL C 896 148.27 -86.52 -72.51
C VAL C 896 146.85 -86.10 -72.16
N ARG C 897 146.55 -84.82 -72.37
CA ARG C 897 145.22 -84.28 -72.08
C ARG C 897 144.35 -84.40 -73.32
N ASP C 898 143.23 -85.12 -73.19
CA ASP C 898 142.31 -85.30 -74.30
C ASP C 898 140.92 -85.59 -73.72
N ASP C 899 140.01 -84.63 -73.86
CA ASP C 899 138.65 -84.82 -73.34
C ASP C 899 137.83 -85.73 -74.25
N ASN C 900 138.08 -85.71 -75.57
CA ASN C 900 137.39 -86.62 -76.47
C ASN C 900 137.82 -88.06 -76.25
N LYS C 901 139.06 -88.28 -75.85
CA LYS C 901 139.53 -89.61 -75.45
C LYS C 901 139.36 -89.86 -73.96
N ARG C 902 138.77 -88.92 -73.23
CA ARG C 902 138.47 -89.02 -71.80
C ARG C 902 139.74 -89.20 -70.96
N LEU C 903 140.88 -88.70 -71.44
CA LEU C 903 142.13 -88.84 -70.72
C LEU C 903 142.22 -87.83 -69.58
N HIS C 904 142.64 -88.30 -68.41
CA HIS C 904 142.86 -87.45 -67.25
C HIS C 904 144.33 -87.47 -66.88
N PRO C 905 145.03 -86.34 -66.95
CA PRO C 905 146.48 -86.37 -66.67
C PRO C 905 146.81 -86.56 -65.20
N CYS C 906 146.09 -85.91 -64.29
CA CYS C 906 146.46 -85.87 -62.88
C CYS C 906 145.87 -87.06 -62.13
N LEU C 907 146.40 -88.25 -62.46
CA LEU C 907 146.09 -89.47 -61.72
C LEU C 907 147.41 -90.17 -61.40
N VAL C 908 147.79 -90.16 -60.12
CA VAL C 908 149.04 -90.74 -59.66
C VAL C 908 148.84 -91.24 -58.23
N ASN C 909 149.84 -91.94 -57.72
CA ASN C 909 149.81 -92.44 -56.35
C ASN C 909 149.79 -91.31 -55.34
N PHE C 910 149.33 -91.61 -54.13
CA PHE C 910 149.24 -90.61 -53.08
C PHE C 910 150.61 -90.08 -52.68
N HIS C 911 151.61 -90.97 -52.61
CA HIS C 911 152.96 -90.52 -52.28
C HIS C 911 153.61 -89.77 -53.43
N SER C 912 153.14 -89.98 -54.67
CA SER C 912 153.62 -89.27 -55.85
C SER C 912 152.59 -88.28 -56.38
N LEU C 913 151.71 -87.80 -55.49
CA LEU C 913 150.70 -86.84 -55.89
C LEU C 913 151.36 -85.50 -56.23
N PRO C 914 150.79 -84.75 -57.19
CA PRO C 914 151.30 -83.41 -57.46
C PRO C 914 151.11 -82.50 -56.26
N GLU C 915 152.20 -81.82 -55.86
CA GLU C 915 152.16 -81.01 -54.65
C GLU C 915 151.13 -79.89 -54.66
N PRO C 916 150.97 -79.07 -55.72
CA PRO C 916 149.88 -78.08 -55.69
C PRO C 916 148.51 -78.72 -55.68
N GLU C 917 148.31 -79.83 -56.39
CA GLU C 917 147.01 -80.49 -56.38
C GLU C 917 146.76 -81.18 -55.04
N ARG C 918 147.81 -81.72 -54.41
CA ARG C 918 147.67 -82.33 -53.11
C ARG C 918 147.30 -81.30 -52.05
N ASN C 919 147.95 -80.13 -52.09
CA ASN C 919 147.58 -79.09 -51.16
C ASN C 919 146.26 -78.42 -51.51
N TYR C 920 145.81 -78.49 -52.77
CA TYR C 920 144.45 -78.08 -53.11
C TYR C 920 143.43 -79.04 -52.51
N ASN C 921 143.74 -80.34 -52.51
CA ASN C 921 142.87 -81.31 -51.85
C ASN C 921 142.78 -81.04 -50.35
N LEU C 922 143.94 -80.80 -49.71
CA LEU C 922 143.96 -80.44 -48.31
C LEU C 922 143.26 -79.11 -48.07
N GLN C 923 143.30 -78.20 -49.05
CA GLN C 923 142.66 -76.91 -48.91
C GLN C 923 141.15 -77.02 -48.93
N MET C 924 140.59 -77.85 -49.82
CA MET C 924 139.13 -77.99 -49.78
C MET C 924 138.69 -78.82 -48.59
N SER C 925 139.54 -79.74 -48.10
CA SER C 925 139.22 -80.44 -46.85
C SER C 925 139.18 -79.46 -45.67
N GLY C 926 140.14 -78.54 -45.61
CA GLY C 926 140.12 -77.53 -44.57
C GLY C 926 138.96 -76.57 -44.70
N GLU C 927 138.61 -76.20 -45.94
CA GLU C 927 137.45 -75.34 -46.17
C GLU C 927 136.16 -76.03 -45.72
N THR C 928 136.04 -77.33 -46.00
CA THR C 928 134.91 -78.10 -45.50
C THR C 928 134.84 -78.05 -43.98
N LEU C 929 135.95 -78.42 -43.32
CA LEU C 929 135.97 -78.46 -41.86
C LEU C 929 135.78 -77.09 -41.23
N LYS C 930 136.07 -76.02 -41.96
CA LYS C 930 135.68 -74.69 -41.51
C LYS C 930 134.18 -74.48 -41.67
N THR C 931 133.58 -75.00 -42.76
CA THR C 931 132.17 -74.73 -43.01
C THR C 931 131.25 -75.51 -42.08
N LEU C 932 131.65 -76.68 -41.56
CA LEU C 932 130.81 -77.29 -40.53
C LEU C 932 130.76 -76.43 -39.26
N LEU C 933 131.92 -76.24 -38.62
CA LEU C 933 132.10 -75.56 -37.34
C LEU C 933 131.08 -75.98 -36.28
N ALA C 934 130.67 -77.24 -36.31
CA ALA C 934 129.69 -77.76 -35.35
C ALA C 934 129.84 -79.27 -35.18
N ALA C 946 137.64 -97.93 -34.80
CA ALA C 946 137.78 -96.71 -35.57
C ALA C 946 138.21 -97.00 -37.01
N GLU C 947 139.49 -96.77 -37.31
CA GLU C 947 140.00 -97.05 -38.65
C GLU C 947 140.11 -98.55 -38.89
N ASP C 948 140.46 -99.31 -37.85
CA ASP C 948 140.58 -100.77 -38.00
C ASP C 948 139.21 -101.42 -38.17
N ASN C 949 138.17 -100.88 -37.54
CA ASN C 949 136.84 -101.46 -37.66
C ASN C 949 136.22 -101.20 -39.02
N LEU C 950 136.66 -100.16 -39.71
CA LEU C 950 136.09 -99.81 -41.01
C LEU C 950 136.48 -100.84 -42.06
N LYS C 951 135.52 -101.17 -42.92
CA LYS C 951 135.73 -102.14 -43.99
C LYS C 951 136.38 -101.47 -45.20
N LYS C 952 136.83 -102.30 -46.14
CA LYS C 952 137.47 -101.86 -47.37
C LYS C 952 136.72 -102.49 -48.55
N THR C 953 136.27 -101.63 -49.47
CA THR C 953 135.46 -102.10 -50.59
C THR C 953 136.34 -102.60 -51.73
N LYS C 954 135.81 -103.53 -52.51
CA LYS C 954 136.55 -104.13 -53.61
C LYS C 954 136.62 -103.15 -54.79
N LEU C 955 137.36 -103.57 -55.82
CA LEU C 955 137.51 -102.80 -57.05
C LEU C 955 137.41 -103.73 -58.26
N PRO C 956 136.50 -103.47 -59.19
CA PRO C 956 136.34 -104.36 -60.33
C PRO C 956 137.53 -104.30 -61.28
N LYS C 957 137.65 -105.36 -62.10
CA LYS C 957 138.73 -105.43 -63.08
C LYS C 957 138.56 -104.39 -64.18
N THR C 958 137.32 -104.06 -64.52
CA THR C 958 137.08 -103.03 -65.52
C THR C 958 137.41 -101.64 -64.97
N TYR C 959 137.29 -101.45 -63.65
CA TYR C 959 137.58 -100.15 -63.06
C TYR C 959 139.03 -99.74 -63.26
N MET C 960 139.96 -100.68 -63.22
CA MET C 960 141.38 -100.40 -63.36
C MET C 960 141.85 -100.87 -64.73
N MET C 961 142.30 -99.93 -65.55
CA MET C 961 142.74 -100.26 -66.91
C MET C 961 144.21 -99.94 -67.08
N SER C 962 144.64 -98.75 -66.63
CA SER C 962 145.98 -98.26 -66.93
C SER C 962 146.76 -97.76 -65.72
N ASN C 963 146.12 -97.37 -64.62
CA ASN C 963 146.80 -96.62 -63.57
C ASN C 963 147.27 -97.54 -62.45
N GLY C 964 148.38 -97.13 -61.82
CA GLY C 964 148.92 -97.91 -60.72
C GLY C 964 148.10 -97.80 -59.44
N TYR C 965 147.59 -96.60 -59.15
CA TYR C 965 146.86 -96.35 -57.91
C TYR C 965 145.45 -96.90 -58.04
N LYS C 966 145.12 -97.91 -57.24
CA LYS C 966 143.80 -98.51 -57.24
C LYS C 966 143.04 -98.01 -56.02
N PRO C 967 141.98 -97.21 -56.19
CA PRO C 967 141.27 -96.64 -55.04
C PRO C 967 140.09 -97.49 -54.58
N ALA C 968 139.82 -97.41 -53.28
CA ALA C 968 138.74 -98.17 -52.67
C ALA C 968 138.02 -97.31 -51.63
N PRO C 969 136.68 -97.27 -51.66
CA PRO C 969 135.95 -96.55 -50.63
C PRO C 969 135.91 -97.34 -49.33
N LEU C 970 135.50 -96.65 -48.27
CA LEU C 970 135.18 -97.34 -47.02
C LEU C 970 133.84 -98.03 -47.16
N ASP C 971 133.81 -99.34 -46.91
CA ASP C 971 132.63 -100.16 -47.23
C ASP C 971 131.64 -100.17 -46.07
N LEU C 972 131.16 -98.97 -45.72
CA LEU C 972 130.15 -98.78 -44.71
C LEU C 972 129.01 -97.93 -45.27
N SER C 973 128.49 -98.32 -46.42
CA SER C 973 127.63 -97.48 -47.25
C SER C 973 126.14 -97.79 -47.09
N HIS C 974 125.66 -98.10 -45.88
CA HIS C 974 124.27 -98.54 -45.71
C HIS C 974 123.54 -97.86 -44.56
N VAL C 975 124.04 -96.73 -44.04
CA VAL C 975 123.31 -95.96 -43.02
C VAL C 975 123.30 -94.49 -43.41
N ARG C 976 122.34 -93.76 -42.84
CA ARG C 976 122.17 -92.33 -43.10
C ARG C 976 121.81 -91.61 -41.81
N LEU C 977 122.17 -90.34 -41.71
CA LEU C 977 121.78 -89.53 -40.56
C LEU C 977 120.64 -88.56 -40.87
N THR C 978 120.82 -87.65 -41.83
CA THR C 978 119.87 -86.55 -42.06
C THR C 978 120.22 -85.83 -43.36
N PRO C 979 119.22 -85.53 -44.22
CA PRO C 979 119.51 -84.82 -45.48
C PRO C 979 119.65 -83.31 -45.33
N ALA C 980 119.23 -82.77 -44.18
CA ALA C 980 119.41 -81.34 -43.93
C ALA C 980 120.88 -80.99 -43.77
N GLN C 981 121.69 -81.91 -43.24
CA GLN C 981 123.14 -81.70 -43.24
C GLN C 981 123.68 -81.67 -44.66
N THR C 982 123.14 -82.50 -45.55
CA THR C 982 123.52 -82.44 -46.95
C THR C 982 123.09 -81.13 -47.59
N THR C 983 121.94 -80.60 -47.19
CA THR C 983 121.51 -79.28 -47.66
C THR C 983 122.46 -78.18 -47.17
N LEU C 984 122.91 -78.29 -45.93
CA LEU C 984 123.89 -77.34 -45.41
C LEU C 984 125.21 -77.44 -46.16
N VAL C 985 125.62 -78.67 -46.51
CA VAL C 985 126.84 -78.85 -47.30
C VAL C 985 126.66 -78.28 -48.70
N ASP C 986 125.46 -78.40 -49.26
CA ASP C 986 125.16 -77.78 -50.54
C ASP C 986 125.22 -76.25 -50.45
N ARG C 987 124.76 -75.70 -49.32
CA ARG C 987 124.90 -74.26 -49.09
C ARG C 987 126.37 -73.86 -48.97
N LEU C 988 127.18 -74.70 -48.33
CA LEU C 988 128.62 -74.46 -48.25
C LEU C 988 129.25 -74.45 -49.65
N ALA C 989 128.85 -75.41 -50.49
CA ALA C 989 129.29 -75.41 -51.88
C ALA C 989 128.79 -74.18 -52.63
N GLU C 990 127.61 -73.68 -52.27
CA GLU C 990 127.10 -72.45 -52.87
C GLU C 990 127.98 -71.26 -52.50
N ASN C 991 128.41 -71.17 -51.24
CA ASN C 991 129.33 -70.10 -50.87
C ASN C 991 130.69 -70.28 -51.53
N GLY C 992 131.12 -71.53 -51.75
CA GLY C 992 132.32 -71.76 -52.53
C GLY C 992 132.18 -71.29 -53.96
N HIS C 993 131.02 -71.53 -54.57
CA HIS C 993 130.73 -71.01 -55.91
C HIS C 993 130.71 -69.49 -55.91
N ASN C 994 130.17 -68.88 -54.85
CA ASN C 994 130.20 -67.43 -54.73
C ASN C 994 131.63 -66.91 -54.61
N VAL C 995 132.49 -67.65 -53.91
CA VAL C 995 133.91 -67.29 -53.83
C VAL C 995 134.57 -67.38 -55.20
N TRP C 996 134.24 -68.42 -55.97
CA TRP C 996 134.76 -68.54 -57.33
C TRP C 996 134.26 -67.40 -58.21
N ALA C 997 132.99 -67.01 -58.05
CA ALA C 997 132.45 -65.88 -58.80
C ALA C 997 133.14 -64.58 -58.43
N ARG C 998 133.42 -64.39 -57.14
CA ARG C 998 134.16 -63.20 -56.71
C ARG C 998 135.58 -63.20 -57.29
N ASP C 999 136.22 -64.36 -57.32
CA ASP C 999 137.55 -64.48 -57.91
C ASP C 999 137.52 -64.19 -59.41
N ARG C 1000 136.48 -64.62 -60.11
CA ARG C 1000 136.37 -64.37 -61.54
C ARG C 1000 135.79 -62.99 -61.85
N VAL C 1001 135.30 -62.27 -60.86
CA VAL C 1001 134.80 -60.91 -61.03
C VAL C 1001 135.86 -59.87 -60.72
N ALA C 1002 136.63 -60.08 -59.65
CA ALA C 1002 137.59 -59.09 -59.19
C ALA C 1002 139.04 -59.46 -59.48
N GLN C 1003 139.33 -60.72 -59.82
CA GLN C 1003 140.69 -61.15 -60.08
C GLN C 1003 140.87 -61.82 -61.44
N GLY C 1004 139.86 -62.49 -61.97
CA GLY C 1004 140.00 -63.20 -63.22
C GLY C 1004 139.38 -62.51 -64.42
N TRP C 1005 138.39 -61.65 -64.16
CA TRP C 1005 137.63 -60.95 -65.20
C TRP C 1005 137.00 -61.93 -66.18
N SER C 1006 136.52 -63.06 -65.67
CA SER C 1006 135.90 -64.08 -66.49
C SER C 1006 134.39 -63.91 -66.54
N TYR C 1007 133.78 -64.40 -67.62
CA TYR C 1007 132.34 -64.34 -67.83
C TYR C 1007 131.85 -65.74 -68.18
N SER C 1008 131.37 -66.47 -67.18
CA SER C 1008 130.89 -67.83 -67.37
C SER C 1008 129.57 -68.01 -66.63
N ALA C 1009 128.65 -68.75 -67.24
CA ALA C 1009 127.34 -69.00 -66.64
C ALA C 1009 127.45 -70.02 -65.52
N ARG C 1025 125.37 -68.71 -56.77
CA ARG C 1025 124.40 -69.54 -56.08
C ARG C 1025 123.00 -69.36 -56.68
N LEU C 1026 122.94 -68.68 -57.82
CA LEU C 1026 121.69 -68.46 -58.55
C LEU C 1026 121.89 -68.71 -60.04
N LEU C 1027 122.54 -69.81 -60.38
CA LEU C 1027 122.78 -70.15 -61.79
C LEU C 1027 121.62 -70.96 -62.37
N ASP C 1028 121.34 -72.12 -61.79
CA ASP C 1028 120.26 -72.97 -62.24
C ASP C 1028 119.94 -73.98 -61.14
N GLU C 1029 118.64 -74.30 -60.99
CA GLU C 1029 118.24 -75.24 -59.95
C GLU C 1029 118.72 -76.66 -60.28
N ALA C 1030 118.73 -77.02 -61.57
CA ALA C 1030 119.21 -78.33 -61.98
C ALA C 1030 120.68 -78.51 -61.63
N THR C 1031 121.49 -77.48 -61.84
CA THR C 1031 122.91 -77.55 -61.49
C THR C 1031 123.11 -77.64 -59.98
N LYS C 1032 122.26 -76.94 -59.21
CA LYS C 1032 122.34 -77.04 -57.75
C LYS C 1032 121.99 -78.45 -57.29
N ARG C 1033 120.96 -79.07 -57.87
CA ARG C 1033 120.63 -80.43 -57.52
C ARG C 1033 121.74 -81.40 -57.95
N SER C 1034 122.37 -81.12 -59.11
CA SER C 1034 123.48 -81.95 -59.56
C SER C 1034 124.64 -81.90 -58.58
N ASN C 1035 124.97 -80.70 -58.09
CA ASN C 1035 126.00 -80.58 -57.07
C ASN C 1035 125.59 -81.28 -55.77
N ARG C 1036 124.30 -81.21 -55.42
CA ARG C 1036 123.82 -81.86 -54.21
C ARG C 1036 123.98 -83.37 -54.28
N ASP C 1037 123.68 -83.98 -55.43
CA ASP C 1037 123.92 -85.42 -55.56
C ASP C 1037 125.40 -85.73 -55.69
N SER C 1038 126.18 -84.83 -56.31
CA SER C 1038 127.60 -85.07 -56.50
C SER C 1038 128.43 -84.52 -55.33
N LEU C 1039 127.80 -84.36 -54.17
CA LEU C 1039 128.55 -84.06 -52.94
C LEU C 1039 129.63 -85.10 -52.63
N CYS C 1040 129.58 -86.27 -53.27
CA CYS C 1040 130.65 -87.27 -53.28
C CYS C 1040 130.82 -87.95 -51.92
N GLN C 1041 129.68 -88.33 -51.33
CA GLN C 1041 129.62 -89.24 -50.17
C GLN C 1041 130.45 -88.74 -48.99
N ALA C 1042 130.46 -87.42 -48.78
CA ALA C 1042 131.24 -86.85 -47.68
C ALA C 1042 130.63 -87.21 -46.33
N VAL C 1043 129.32 -87.08 -46.20
CA VAL C 1043 128.61 -87.51 -44.99
C VAL C 1043 128.80 -89.01 -44.78
N ARG C 1044 128.75 -89.78 -45.87
CA ARG C 1044 128.94 -91.22 -45.79
C ARG C 1044 130.34 -91.57 -45.30
N THR C 1045 131.36 -90.87 -45.79
CA THR C 1045 132.72 -91.10 -45.31
C THR C 1045 132.87 -90.69 -43.85
N LEU C 1046 132.22 -89.58 -43.46
CA LEU C 1046 132.30 -89.12 -42.07
C LEU C 1046 131.66 -90.12 -41.11
N LEU C 1047 130.53 -90.70 -41.51
CA LEU C 1047 129.89 -91.70 -40.65
C LEU C 1047 130.60 -93.05 -40.71
N GLY C 1048 131.29 -93.36 -41.81
CA GLY C 1048 132.18 -94.51 -41.81
C GLY C 1048 133.32 -94.35 -40.83
N TYR C 1049 133.91 -93.14 -40.77
CA TYR C 1049 134.91 -92.85 -39.75
C TYR C 1049 134.26 -92.71 -38.38
N GLY C 1050 133.07 -92.12 -38.32
CA GLY C 1050 132.36 -91.96 -37.07
C GLY C 1050 132.62 -90.64 -36.38
N TYR C 1051 131.57 -89.82 -36.24
CA TYR C 1051 131.66 -88.54 -35.57
C TYR C 1051 130.31 -88.09 -35.06
N ASP C 1070 104.22 -56.26 -51.71
CA ASP C 1070 104.18 -55.54 -50.44
C ASP C 1070 103.09 -56.10 -49.53
N ARG C 1071 102.19 -55.22 -49.07
CA ARG C 1071 101.08 -55.62 -48.22
C ARG C 1071 100.06 -56.42 -49.02
N VAL C 1072 99.22 -57.17 -48.28
CA VAL C 1072 98.18 -57.96 -48.91
C VAL C 1072 97.15 -57.06 -49.58
N ARG C 1073 96.39 -57.64 -50.51
CA ARG C 1073 95.45 -56.90 -51.35
C ARG C 1073 94.02 -57.33 -51.02
N ILE C 1074 93.17 -56.36 -50.68
CA ILE C 1074 91.81 -56.61 -50.22
C ILE C 1074 90.85 -56.17 -51.32
N PHE C 1075 89.92 -57.06 -51.69
CA PHE C 1075 88.89 -56.76 -52.67
C PHE C 1075 87.52 -56.90 -52.02
N ARG C 1076 86.68 -55.88 -52.20
CA ARG C 1076 85.31 -55.84 -51.69
C ARG C 1076 84.42 -55.28 -52.79
N ALA C 1077 83.20 -54.90 -52.44
CA ALA C 1077 82.28 -54.23 -53.33
C ALA C 1077 81.94 -52.85 -52.76
N GLU C 1078 81.10 -52.12 -53.48
CA GLU C 1078 80.78 -50.75 -53.13
C GLU C 1078 79.87 -50.70 -51.89
N LYS C 1079 79.84 -49.53 -51.26
CA LYS C 1079 78.99 -49.32 -50.09
C LYS C 1079 77.50 -49.30 -50.44
N SER C 1080 77.16 -49.09 -51.71
CA SER C 1080 75.77 -49.15 -52.14
C SER C 1080 75.28 -50.57 -52.34
N TYR C 1081 76.18 -51.55 -52.37
CA TYR C 1081 75.82 -52.96 -52.53
C TYR C 1081 75.49 -53.64 -51.20
N THR C 1082 75.55 -52.90 -50.10
CA THR C 1082 75.30 -53.47 -48.78
C THR C 1082 73.85 -53.94 -48.65
N VAL C 1083 73.66 -55.05 -47.95
CA VAL C 1083 72.36 -55.66 -47.76
C VAL C 1083 72.10 -55.80 -46.26
N GLN C 1084 70.87 -55.46 -45.84
CA GLN C 1084 70.47 -55.52 -44.44
C GLN C 1084 69.83 -56.86 -44.08
N SER C 1085 68.98 -57.39 -44.94
CA SER C 1085 68.30 -58.66 -44.66
C SER C 1085 68.51 -59.64 -45.80
N GLY C 1086 67.87 -60.80 -45.72
CA GLY C 1086 67.95 -61.81 -46.77
C GLY C 1086 69.02 -62.85 -46.49
N ARG C 1087 69.13 -63.78 -47.42
CA ARG C 1087 70.07 -64.89 -47.33
C ARG C 1087 70.91 -64.84 -48.59
N TRP C 1088 72.25 -64.84 -48.44
CA TRP C 1088 73.12 -64.50 -49.56
C TRP C 1088 74.28 -65.48 -49.64
N TYR C 1089 74.58 -65.93 -50.86
CA TYR C 1089 75.59 -66.95 -51.12
C TYR C 1089 76.52 -66.47 -52.22
N PHE C 1090 77.82 -66.71 -52.04
CA PHE C 1090 78.75 -66.48 -53.15
C PHE C 1090 79.88 -67.50 -53.14
N GLU C 1091 80.55 -67.62 -54.29
CA GLU C 1091 81.51 -68.69 -54.55
C GLU C 1091 82.90 -68.13 -54.81
N PHE C 1092 83.91 -68.93 -54.45
CA PHE C 1092 85.31 -68.59 -54.71
C PHE C 1092 86.04 -69.83 -55.18
N GLU C 1093 86.92 -69.67 -56.17
CA GLU C 1093 87.76 -70.73 -56.68
C GLU C 1093 89.22 -70.34 -56.53
N ALA C 1094 90.04 -71.26 -56.04
CA ALA C 1094 91.45 -71.01 -55.78
C ALA C 1094 92.28 -71.74 -56.83
N VAL C 1095 92.94 -70.97 -57.70
CA VAL C 1095 93.85 -71.57 -58.67
C VAL C 1095 95.10 -72.10 -57.97
N THR C 1096 95.66 -71.30 -57.07
CA THR C 1096 96.80 -71.69 -56.26
C THR C 1096 96.40 -71.71 -54.78
N THR C 1097 97.23 -72.36 -53.96
CA THR C 1097 96.98 -72.49 -52.53
C THR C 1097 98.07 -71.73 -51.79
N GLY C 1098 97.73 -70.53 -51.30
CA GLY C 1098 98.68 -69.71 -50.57
C GLY C 1098 98.16 -69.23 -49.24
N GLU C 1099 98.16 -67.90 -49.04
CA GLU C 1099 97.70 -67.28 -47.80
C GLU C 1099 96.59 -66.27 -48.15
N MET C 1100 95.37 -66.77 -48.21
CA MET C 1100 94.21 -65.99 -48.63
C MET C 1100 93.08 -66.16 -47.63
N ARG C 1101 92.34 -65.07 -47.40
CA ARG C 1101 91.24 -65.05 -46.44
C ARG C 1101 89.96 -64.62 -47.13
N VAL C 1102 88.83 -65.18 -46.67
CA VAL C 1102 87.53 -64.91 -47.29
C VAL C 1102 86.51 -64.71 -46.18
N GLY C 1103 85.67 -63.68 -46.30
CA GLY C 1103 84.64 -63.48 -45.31
C GLY C 1103 83.71 -62.35 -45.64
N TRP C 1104 83.00 -61.87 -44.62
CA TRP C 1104 82.10 -60.73 -44.73
C TRP C 1104 82.53 -59.66 -43.74
N ALA C 1105 82.42 -58.40 -44.14
CA ALA C 1105 82.85 -57.29 -43.31
C ALA C 1105 81.79 -56.19 -43.31
N ARG C 1106 81.93 -55.26 -42.37
CA ARG C 1106 81.02 -54.14 -42.27
C ARG C 1106 81.20 -53.20 -43.46
N PRO C 1107 80.18 -52.39 -43.78
CA PRO C 1107 80.33 -51.43 -44.90
C PRO C 1107 81.48 -50.46 -44.71
N GLU C 1108 81.78 -50.04 -43.48
CA GLU C 1108 83.00 -49.29 -43.22
C GLU C 1108 84.11 -50.26 -42.88
N LEU C 1109 85.13 -50.32 -43.74
CA LEU C 1109 86.29 -51.17 -43.51
C LEU C 1109 87.53 -50.28 -43.40
N ARG C 1110 88.29 -50.48 -42.33
CA ARG C 1110 89.50 -49.70 -42.13
C ARG C 1110 90.63 -50.24 -43.02
N PRO C 1111 91.22 -49.42 -43.91
CA PRO C 1111 92.34 -49.89 -44.73
C PRO C 1111 93.58 -50.06 -43.85
N ASP C 1112 94.66 -50.64 -44.40
CA ASP C 1112 95.92 -50.82 -43.64
C ASP C 1112 95.63 -51.59 -42.34
N VAL C 1113 94.75 -52.59 -42.41
CA VAL C 1113 94.39 -53.41 -41.21
C VAL C 1113 94.06 -54.83 -41.69
N GLU C 1114 94.71 -55.85 -41.11
CA GLU C 1114 94.47 -57.21 -41.53
C GLU C 1114 93.05 -57.66 -41.19
N LEU C 1115 92.51 -58.54 -42.04
CA LEU C 1115 91.13 -58.99 -41.89
C LEU C 1115 91.00 -59.90 -40.67
N GLY C 1116 90.01 -59.61 -39.84
CA GLY C 1116 89.79 -60.36 -38.62
C GLY C 1116 90.53 -59.86 -37.40
N ALA C 1117 91.41 -58.86 -37.57
CA ALA C 1117 92.14 -58.33 -36.42
C ALA C 1117 91.21 -57.63 -35.44
N ASP C 1118 90.15 -57.00 -35.93
CA ASP C 1118 89.21 -56.26 -35.11
C ASP C 1118 87.80 -56.83 -35.31
N GLU C 1119 86.82 -56.13 -34.72
CA GLU C 1119 85.42 -56.54 -34.82
C GLU C 1119 84.81 -56.25 -36.18
N LEU C 1120 85.53 -55.55 -37.06
CA LEU C 1120 84.95 -55.09 -38.32
C LEU C 1120 84.62 -56.24 -39.25
N ALA C 1121 85.56 -57.18 -39.43
CA ALA C 1121 85.41 -58.25 -40.39
C ALA C 1121 85.30 -59.61 -39.71
N TYR C 1122 84.42 -60.46 -40.24
CA TYR C 1122 84.29 -61.86 -39.84
C TYR C 1122 84.84 -62.64 -41.03
N VAL C 1123 86.05 -63.18 -40.88
CA VAL C 1123 86.80 -63.74 -41.98
C VAL C 1123 87.32 -65.13 -41.58
N PHE C 1124 87.70 -65.91 -42.58
CA PHE C 1124 88.28 -67.22 -42.34
C PHE C 1124 89.50 -67.40 -43.24
N ASN C 1125 90.54 -68.03 -42.69
CA ASN C 1125 91.75 -68.37 -43.43
C ASN C 1125 91.99 -69.86 -43.26
N GLY C 1126 91.99 -70.60 -44.37
CA GLY C 1126 92.15 -72.03 -44.35
C GLY C 1126 93.55 -72.52 -44.62
N HIS C 1127 94.51 -71.62 -44.85
CA HIS C 1127 95.90 -72.05 -45.02
C HIS C 1127 96.42 -72.68 -43.74
N ARG C 1128 96.26 -72.00 -42.62
CA ARG C 1128 96.56 -72.57 -41.31
C ARG C 1128 95.35 -73.21 -40.67
N GLY C 1129 94.14 -72.89 -41.14
CA GLY C 1129 92.93 -73.51 -40.64
C GLY C 1129 92.34 -72.84 -39.42
N GLN C 1130 92.04 -71.54 -39.52
CA GLN C 1130 91.44 -70.82 -38.41
C GLN C 1130 90.42 -69.81 -38.90
N ARG C 1131 89.39 -69.60 -38.08
CA ARG C 1131 88.49 -68.46 -38.24
C ARG C 1131 89.05 -67.28 -37.46
N TRP C 1132 88.90 -66.08 -38.02
CA TRP C 1132 89.63 -64.91 -37.54
C TRP C 1132 88.63 -63.82 -37.14
N HIS C 1133 88.29 -63.79 -35.85
CA HIS C 1133 87.53 -62.68 -35.28
C HIS C 1133 88.01 -62.48 -33.85
N LEU C 1134 88.58 -61.32 -33.57
CA LEU C 1134 89.22 -61.01 -32.29
C LEU C 1134 90.24 -62.10 -31.93
N GLY C 1135 91.24 -62.21 -32.82
CA GLY C 1135 92.17 -63.32 -32.78
C GLY C 1135 91.74 -64.45 -33.68
N SER C 1136 92.52 -65.53 -33.63
CA SER C 1136 92.31 -66.69 -34.48
C SER C 1136 91.94 -67.91 -33.64
N GLU C 1137 90.95 -68.65 -34.10
CA GLU C 1137 90.50 -69.86 -33.45
C GLU C 1137 90.60 -71.03 -34.42
N PRO C 1138 91.21 -72.15 -34.03
CA PRO C 1138 91.41 -73.27 -34.98
C PRO C 1138 90.09 -73.87 -35.42
N PHE C 1139 89.84 -73.79 -36.72
CA PHE C 1139 88.57 -74.20 -37.29
C PHE C 1139 88.76 -74.57 -38.75
N GLY C 1140 88.18 -75.71 -39.14
CA GLY C 1140 88.21 -76.13 -40.54
C GLY C 1140 89.44 -76.93 -40.90
N ARG C 1141 89.52 -77.23 -42.20
CA ARG C 1141 90.59 -78.02 -42.77
C ARG C 1141 91.27 -77.27 -43.92
N PRO C 1142 92.56 -77.51 -44.14
CA PRO C 1142 93.26 -76.85 -45.25
C PRO C 1142 92.68 -77.22 -46.60
N TRP C 1143 92.84 -76.32 -47.57
CA TRP C 1143 92.37 -76.56 -48.92
C TRP C 1143 93.40 -77.35 -49.72
N GLN C 1144 92.91 -78.13 -50.67
CA GLN C 1144 93.74 -78.64 -51.75
C GLN C 1144 93.75 -77.62 -52.90
N SER C 1145 94.41 -77.97 -53.99
CA SER C 1145 94.40 -77.12 -55.17
C SER C 1145 93.10 -77.27 -55.94
N GLY C 1146 92.57 -76.15 -56.43
CA GLY C 1146 91.41 -76.16 -57.30
C GLY C 1146 90.11 -76.62 -56.69
N ASP C 1147 89.78 -76.15 -55.49
CA ASP C 1147 88.53 -76.47 -54.83
C ASP C 1147 87.68 -75.22 -54.65
N VAL C 1148 86.37 -75.40 -54.63
CA VAL C 1148 85.44 -74.29 -54.51
C VAL C 1148 85.10 -74.07 -53.05
N VAL C 1149 84.87 -72.81 -52.68
CA VAL C 1149 84.45 -72.42 -51.34
C VAL C 1149 83.20 -71.56 -51.48
N GLY C 1150 82.12 -71.96 -50.82
CA GLY C 1150 80.87 -71.23 -50.82
C GLY C 1150 80.64 -70.59 -49.47
N CYS C 1151 80.14 -69.36 -49.49
CA CYS C 1151 79.83 -68.61 -48.28
C CYS C 1151 78.34 -68.31 -48.26
N MET C 1152 77.72 -68.55 -47.10
CA MET C 1152 76.29 -68.67 -46.94
C MET C 1152 75.93 -67.75 -45.78
N ILE C 1153 74.94 -66.89 -45.94
CA ILE C 1153 74.58 -65.97 -44.87
C ILE C 1153 73.07 -65.90 -44.71
N ASP C 1154 72.63 -65.80 -43.46
CA ASP C 1154 71.24 -65.82 -43.04
C ASP C 1154 71.09 -64.79 -41.93
N LEU C 1155 70.02 -64.01 -41.97
CA LEU C 1155 69.86 -62.87 -41.06
C LEU C 1155 68.73 -63.05 -40.06
N THR C 1156 67.76 -63.94 -40.30
CA THR C 1156 66.62 -64.05 -39.39
C THR C 1156 67.03 -64.61 -38.04
N GLU C 1157 67.77 -65.72 -38.03
CA GLU C 1157 68.43 -66.19 -36.81
C GLU C 1157 69.91 -65.85 -36.79
N ASN C 1158 70.38 -65.05 -37.75
CA ASN C 1158 71.69 -64.41 -37.71
C ASN C 1158 72.84 -65.42 -37.67
N THR C 1159 72.97 -66.20 -38.75
CA THR C 1159 74.02 -67.20 -38.85
C THR C 1159 74.76 -67.07 -40.18
N ILE C 1160 76.08 -67.25 -40.12
CA ILE C 1160 76.92 -67.32 -41.31
C ILE C 1160 77.54 -68.72 -41.38
N ILE C 1161 77.38 -69.38 -42.52
CA ILE C 1161 77.85 -70.75 -42.74
C ILE C 1161 78.89 -70.73 -43.85
N PHE C 1162 79.85 -71.64 -43.75
CA PHE C 1162 80.89 -71.81 -44.76
C PHE C 1162 80.90 -73.25 -45.25
N THR C 1163 81.11 -73.43 -46.55
CA THR C 1163 81.07 -74.75 -47.17
C THR C 1163 82.28 -74.89 -48.09
N LEU C 1164 82.95 -76.04 -48.03
CA LEU C 1164 84.06 -76.35 -48.91
C LEU C 1164 83.81 -77.70 -49.57
N ASN C 1165 83.89 -77.72 -50.91
CA ASN C 1165 83.69 -78.92 -51.72
C ASN C 1165 82.32 -79.58 -51.47
N GLY C 1166 81.30 -78.76 -51.22
CA GLY C 1166 79.96 -79.26 -51.03
C GLY C 1166 79.66 -79.84 -49.67
N GLU C 1167 80.59 -79.74 -48.72
CA GLU C 1167 80.36 -80.23 -47.36
C GLU C 1167 80.46 -79.06 -46.39
N VAL C 1168 79.64 -79.10 -45.34
CA VAL C 1168 79.63 -78.05 -44.34
C VAL C 1168 80.88 -78.15 -43.48
N LEU C 1169 81.50 -77.00 -43.20
CA LEU C 1169 82.72 -76.98 -42.40
C LEU C 1169 82.42 -77.40 -40.96
N MET C 1170 83.35 -78.15 -40.37
CA MET C 1170 83.19 -78.69 -39.03
C MET C 1170 84.25 -78.07 -38.11
N SER C 1171 83.80 -77.49 -37.01
CA SER C 1171 84.70 -76.93 -36.00
C SER C 1171 85.19 -78.02 -35.06
N ASP C 1172 86.29 -77.72 -34.36
CA ASP C 1172 86.83 -78.67 -33.39
C ASP C 1172 85.86 -78.90 -32.24
N SER C 1173 85.24 -77.83 -31.74
CA SER C 1173 84.29 -77.97 -30.63
C SER C 1173 83.02 -78.67 -31.09
N GLY C 1174 82.52 -78.32 -32.26
CA GLY C 1174 81.27 -78.86 -32.78
C GLY C 1174 80.54 -77.80 -33.57
N SER C 1175 79.28 -78.12 -33.91
CA SER C 1175 78.32 -77.26 -34.59
C SER C 1175 78.69 -77.08 -36.06
N GLU C 1176 77.68 -76.84 -36.90
CA GLU C 1176 77.87 -76.76 -38.35
C GLU C 1176 78.12 -75.31 -38.77
N THR C 1177 79.29 -74.80 -38.38
CA THR C 1177 79.77 -73.46 -38.74
C THR C 1177 78.76 -72.38 -38.35
N ALA C 1178 78.51 -72.29 -37.04
CA ALA C 1178 77.53 -71.36 -36.51
C ALA C 1178 78.23 -70.23 -35.76
N PHE C 1179 78.05 -69.00 -36.23
CA PHE C 1179 78.44 -67.81 -35.51
C PHE C 1179 77.23 -67.31 -34.74
N ARG C 1180 77.31 -67.32 -33.41
CA ARG C 1180 76.14 -67.08 -32.57
C ARG C 1180 75.96 -65.60 -32.26
N GLU C 1181 74.73 -65.11 -32.44
CA GLU C 1181 74.30 -63.78 -32.01
C GLU C 1181 75.13 -62.66 -32.66
N ILE C 1182 75.13 -62.64 -33.99
CA ILE C 1182 75.77 -61.53 -34.71
C ILE C 1182 74.77 -60.37 -34.82
N GLU C 1183 75.32 -59.15 -34.75
CA GLU C 1183 74.51 -57.95 -34.84
C GLU C 1183 74.14 -57.67 -36.30
N ILE C 1184 72.94 -57.13 -36.52
CA ILE C 1184 72.49 -56.84 -37.88
C ILE C 1184 73.35 -55.77 -38.53
N GLY C 1185 73.91 -54.85 -37.75
CA GLY C 1185 74.77 -53.80 -38.24
C GLY C 1185 74.14 -52.86 -39.26
N ASP C 1186 74.95 -51.95 -39.81
CA ASP C 1186 74.49 -51.11 -40.90
C ASP C 1186 74.50 -51.84 -42.24
N GLY C 1187 75.29 -52.90 -42.37
CA GLY C 1187 75.32 -53.66 -43.60
C GLY C 1187 76.31 -54.80 -43.53
N PHE C 1188 76.38 -55.56 -44.62
CA PHE C 1188 77.35 -56.63 -44.78
C PHE C 1188 77.87 -56.64 -46.21
N LEU C 1189 79.17 -56.90 -46.38
CA LEU C 1189 79.81 -56.83 -47.68
C LEU C 1189 80.81 -57.98 -47.80
N PRO C 1190 80.78 -58.74 -48.90
CA PRO C 1190 81.78 -59.80 -49.09
C PRO C 1190 83.16 -59.21 -49.32
N VAL C 1191 84.15 -59.71 -48.57
CA VAL C 1191 85.53 -59.27 -48.67
C VAL C 1191 86.45 -60.47 -48.84
N CYS C 1192 87.51 -60.27 -49.62
CA CYS C 1192 88.48 -61.32 -49.89
C CYS C 1192 89.88 -60.72 -49.94
N SER C 1193 90.81 -61.30 -49.19
CA SER C 1193 92.17 -60.82 -49.09
C SER C 1193 93.13 -61.83 -49.69
N LEU C 1194 93.99 -61.37 -50.59
CA LEU C 1194 94.97 -62.20 -51.29
C LEU C 1194 96.37 -61.73 -50.93
N GLY C 1195 97.25 -62.69 -50.66
CA GLY C 1195 98.64 -62.41 -50.41
C GLY C 1195 99.43 -62.37 -51.70
N PRO C 1196 100.76 -62.26 -51.58
CA PRO C 1196 101.61 -62.21 -52.78
C PRO C 1196 101.63 -63.53 -53.53
N GLY C 1197 101.53 -63.45 -54.85
CA GLY C 1197 101.69 -64.60 -55.72
C GLY C 1197 100.64 -65.68 -55.61
N GLN C 1198 99.37 -65.29 -55.57
CA GLN C 1198 98.27 -66.24 -55.58
C GLN C 1198 97.19 -65.80 -56.56
N VAL C 1199 96.51 -66.77 -57.17
CA VAL C 1199 95.52 -66.53 -58.20
C VAL C 1199 94.18 -67.06 -57.72
N GLY C 1200 93.14 -66.23 -57.82
CA GLY C 1200 91.81 -66.63 -57.41
C GLY C 1200 90.75 -66.08 -58.34
N HIS C 1201 89.57 -66.68 -58.28
CA HIS C 1201 88.43 -66.27 -59.08
C HIS C 1201 87.20 -66.16 -58.18
N LEU C 1202 86.41 -65.11 -58.37
CA LEU C 1202 85.27 -64.82 -57.52
C LEU C 1202 83.99 -64.90 -58.35
N ASN C 1203 82.93 -65.44 -57.76
CA ASN C 1203 81.64 -65.57 -58.42
C ASN C 1203 80.55 -65.06 -57.48
N LEU C 1204 79.85 -64.02 -57.91
CA LEU C 1204 78.77 -63.42 -57.14
C LEU C 1204 77.40 -63.99 -57.49
N GLY C 1205 77.34 -64.94 -58.42
CA GLY C 1205 76.07 -65.53 -58.81
C GLY C 1205 75.33 -64.81 -59.89
N GLN C 1206 76.04 -64.13 -60.81
CA GLN C 1206 75.37 -63.42 -61.89
C GLN C 1206 74.66 -64.39 -62.84
N ASP C 1207 75.32 -65.52 -63.16
CA ASP C 1207 74.74 -66.55 -64.00
C ASP C 1207 74.57 -67.82 -63.16
N VAL C 1208 73.34 -68.34 -63.13
CA VAL C 1208 73.07 -69.55 -62.36
C VAL C 1208 73.72 -70.77 -63.01
N SER C 1209 73.82 -70.78 -64.35
CA SER C 1209 74.42 -71.91 -65.03
C SER C 1209 75.93 -71.96 -64.84
N SER C 1210 76.56 -70.79 -64.62
CA SER C 1210 78.01 -70.75 -64.41
C SER C 1210 78.42 -71.37 -63.08
N LEU C 1211 77.50 -71.47 -62.12
CA LEU C 1211 77.84 -72.01 -60.81
C LEU C 1211 78.03 -73.52 -60.89
N ARG C 1212 79.23 -73.98 -60.53
CA ARG C 1212 79.53 -75.41 -60.54
C ARG C 1212 78.84 -76.15 -59.39
N PHE C 1213 78.63 -75.46 -58.27
CA PHE C 1213 77.98 -76.03 -57.10
C PHE C 1213 76.69 -75.28 -56.82
N PHE C 1214 76.09 -75.50 -55.65
CA PHE C 1214 74.95 -74.76 -55.07
C PHE C 1214 73.63 -75.23 -55.70
N ALA C 1215 73.68 -76.15 -56.67
CA ALA C 1215 72.49 -76.56 -57.41
C ALA C 1215 71.41 -77.14 -56.52
N ILE C 1216 71.79 -77.99 -55.56
CA ILE C 1216 70.83 -78.51 -54.59
C ILE C 1216 71.05 -77.91 -53.20
N CYS C 1217 72.30 -77.84 -52.74
CA CYS C 1217 72.57 -77.54 -51.33
C CYS C 1217 72.15 -76.13 -50.94
N GLY C 1218 72.25 -75.18 -51.86
CA GLY C 1218 71.83 -73.83 -51.57
C GLY C 1218 70.33 -73.66 -51.71
N LEU C 1219 69.77 -74.25 -52.77
CA LEU C 1219 68.32 -74.38 -52.93
C LEU C 1219 67.67 -74.95 -51.68
N GLN C 1220 66.46 -74.45 -51.39
CA GLN C 1220 65.72 -74.61 -50.14
C GLN C 1220 66.41 -73.90 -49.00
N GLU C 1221 65.80 -73.90 -47.81
CA GLU C 1221 66.16 -73.09 -46.65
C GLU C 1221 66.02 -71.59 -46.93
N GLY C 1222 65.35 -71.21 -48.01
CA GLY C 1222 65.14 -69.81 -48.35
C GLY C 1222 66.37 -69.06 -48.79
N PHE C 1223 67.43 -69.77 -49.21
CA PHE C 1223 68.67 -69.11 -49.56
C PHE C 1223 68.70 -68.77 -51.05
N GLU C 1224 69.18 -67.58 -51.37
CA GLU C 1224 69.34 -67.10 -52.73
C GLU C 1224 70.75 -66.58 -52.92
N PRO C 1225 71.25 -66.56 -54.15
CA PRO C 1225 72.55 -65.94 -54.41
C PRO C 1225 72.52 -64.43 -54.21
N PHE C 1226 73.71 -63.83 -54.23
CA PHE C 1226 73.85 -62.40 -53.92
C PHE C 1226 73.11 -61.53 -54.92
N ALA C 1227 73.22 -61.84 -56.21
CA ALA C 1227 72.61 -61.00 -57.24
C ALA C 1227 72.05 -61.89 -58.34
N ILE C 1228 70.72 -62.09 -58.32
CA ILE C 1228 70.08 -62.85 -59.39
C ILE C 1228 70.10 -62.07 -60.69
N ASN C 1229 69.71 -60.80 -60.65
CA ASN C 1229 69.62 -59.96 -61.84
C ASN C 1229 69.98 -58.53 -61.49
N MET C 1230 71.18 -58.10 -61.88
CA MET C 1230 71.54 -56.69 -61.83
C MET C 1230 71.97 -56.15 -63.19
N GLN C 1231 72.03 -57.02 -64.21
CA GLN C 1231 72.23 -56.67 -65.63
C GLN C 1231 73.63 -56.14 -65.91
N ARG C 1232 74.43 -55.92 -64.88
CA ARG C 1232 75.80 -55.45 -64.96
C ARG C 1232 76.60 -56.11 -63.85
N PRO C 1233 77.92 -56.26 -64.03
CA PRO C 1233 78.76 -56.76 -62.93
C PRO C 1233 78.95 -55.71 -61.85
N VAL C 1234 79.41 -56.18 -60.69
CA VAL C 1234 79.57 -55.30 -59.55
C VAL C 1234 80.85 -54.45 -59.68
N THR C 1235 80.93 -53.41 -58.84
CA THR C 1235 81.97 -52.40 -58.99
C THR C 1235 83.36 -52.95 -58.66
N THR C 1236 83.46 -53.75 -57.60
CA THR C 1236 84.72 -54.38 -57.15
C THR C 1236 85.80 -53.35 -56.83
N TRP C 1237 85.52 -52.55 -55.80
CA TRP C 1237 86.53 -51.66 -55.23
C TRP C 1237 87.69 -52.45 -54.65
N PHE C 1238 88.90 -51.91 -54.78
CA PHE C 1238 90.11 -52.60 -54.35
C PHE C 1238 91.04 -51.65 -53.59
N SER C 1239 91.88 -52.25 -52.75
CA SER C 1239 92.85 -51.49 -51.98
C SER C 1239 94.12 -51.26 -52.79
N LYS C 1240 94.61 -50.02 -52.78
CA LYS C 1240 95.76 -49.60 -53.56
C LYS C 1240 96.90 -49.19 -52.63
N SER C 1241 98.11 -49.62 -52.98
CA SER C 1241 99.31 -49.31 -52.20
C SER C 1241 100.05 -48.19 -52.94
N LEU C 1242 99.80 -46.95 -52.50
CA LEU C 1242 100.46 -45.78 -53.08
C LEU C 1242 100.39 -44.64 -52.07
N PRO C 1243 101.53 -44.04 -51.71
CA PRO C 1243 101.52 -42.99 -50.68
C PRO C 1243 100.85 -41.70 -51.14
N GLN C 1244 99.68 -41.42 -50.59
CA GLN C 1244 98.94 -40.20 -50.87
C GLN C 1244 98.67 -39.48 -49.56
N PHE C 1245 98.88 -38.16 -49.56
CA PHE C 1245 98.71 -37.38 -48.34
C PHE C 1245 97.23 -37.11 -48.09
N GLU C 1246 96.79 -37.36 -46.87
CA GLU C 1246 95.41 -37.20 -46.43
C GLU C 1246 95.40 -36.40 -45.13
N PRO C 1247 94.33 -35.66 -44.86
CA PRO C 1247 94.31 -34.82 -43.64
C PRO C 1247 94.35 -35.63 -42.36
N VAL C 1248 94.87 -35.02 -41.31
CA VAL C 1248 95.01 -35.70 -40.02
C VAL C 1248 93.64 -36.02 -39.45
N PRO C 1249 93.42 -37.22 -38.91
CA PRO C 1249 92.18 -37.50 -38.19
C PRO C 1249 92.03 -36.61 -36.99
N PRO C 1250 90.80 -36.20 -36.65
CA PRO C 1250 90.60 -35.38 -35.44
C PRO C 1250 91.03 -36.07 -34.16
N GLU C 1251 90.80 -37.39 -34.05
CA GLU C 1251 91.21 -38.18 -32.89
C GLU C 1251 92.16 -39.28 -33.37
N HIS C 1252 93.46 -39.02 -33.28
CA HIS C 1252 94.42 -40.08 -33.50
C HIS C 1252 94.88 -40.63 -32.15
N PRO C 1253 95.33 -41.89 -32.10
CA PRO C 1253 95.84 -42.44 -30.83
C PRO C 1253 96.90 -41.60 -30.14
N HIS C 1254 98.00 -41.26 -30.82
CA HIS C 1254 99.07 -40.50 -30.21
C HIS C 1254 99.58 -39.41 -31.15
N TYR C 1255 98.67 -38.69 -31.79
CA TYR C 1255 99.05 -37.61 -32.70
C TYR C 1255 97.97 -36.55 -32.68
N GLU C 1256 98.29 -35.36 -32.15
CA GLU C 1256 97.37 -34.24 -32.12
C GLU C 1256 98.07 -32.98 -32.62
N VAL C 1257 97.28 -32.07 -33.16
CA VAL C 1257 97.77 -30.78 -33.66
C VAL C 1257 96.91 -29.68 -33.05
N ALA C 1258 97.56 -28.68 -32.46
CA ALA C 1258 96.89 -27.57 -31.80
C ALA C 1258 97.23 -26.26 -32.48
N ARG C 1259 96.24 -25.37 -32.58
CA ARG C 1259 96.42 -24.06 -33.17
C ARG C 1259 96.73 -23.05 -32.06
N MET C 1260 97.80 -22.27 -32.24
CA MET C 1260 98.17 -21.23 -31.30
C MET C 1260 97.99 -19.88 -31.97
N ASP C 1261 97.12 -19.05 -31.41
CA ASP C 1261 96.76 -17.78 -32.02
C ASP C 1261 97.83 -16.73 -31.73
N GLY C 1262 97.85 -15.70 -32.57
CA GLY C 1262 98.84 -14.64 -32.40
C GLY C 1262 98.46 -13.69 -31.28
N THR C 1263 99.46 -13.36 -30.46
CA THR C 1263 99.32 -12.43 -29.37
C THR C 1263 99.91 -11.08 -29.78
N VAL C 1264 100.06 -10.17 -28.82
CA VAL C 1264 100.66 -8.86 -29.09
C VAL C 1264 102.17 -9.03 -29.22
N ASP C 1265 102.66 -10.25 -28.99
CA ASP C 1265 104.04 -10.62 -29.21
C ASP C 1265 104.07 -12.04 -29.76
N THR C 1266 104.96 -12.28 -30.74
CA THR C 1266 105.25 -13.53 -31.46
C THR C 1266 104.14 -13.83 -32.46
N PRO C 1267 104.45 -14.51 -33.56
CA PRO C 1267 103.41 -14.83 -34.56
C PRO C 1267 102.64 -16.09 -34.17
N PRO C 1268 101.45 -16.28 -34.73
CA PRO C 1268 100.70 -17.52 -34.48
C PRO C 1268 101.39 -18.72 -35.11
N CYS C 1269 101.08 -19.91 -34.58
CA CYS C 1269 101.76 -21.11 -35.02
C CYS C 1269 100.84 -22.32 -34.91
N LEU C 1270 101.34 -23.46 -35.39
CA LEU C 1270 100.70 -24.75 -35.25
C LEU C 1270 101.67 -25.68 -34.53
N ARG C 1271 101.22 -26.30 -33.45
CA ARG C 1271 102.08 -27.09 -32.57
C ARG C 1271 101.64 -28.55 -32.60
N LEU C 1272 102.61 -29.45 -32.63
CA LEU C 1272 102.35 -30.89 -32.69
C LEU C 1272 102.56 -31.50 -31.31
N ALA C 1273 101.59 -32.28 -30.85
CA ALA C 1273 101.68 -32.97 -29.58
C ALA C 1273 101.54 -34.48 -29.80
N HIS C 1274 102.42 -35.23 -29.15
CA HIS C 1274 102.45 -36.69 -29.31
C HIS C 1274 101.70 -37.40 -28.20
N ARG C 1275 101.91 -36.97 -26.95
CA ARG C 1275 101.35 -37.59 -25.74
C ARG C 1275 101.66 -39.09 -25.64
N THR C 1276 100.83 -39.80 -24.89
CA THR C 1276 100.93 -41.26 -24.71
C THR C 1276 102.31 -41.72 -24.26
N TRP C 1277 102.87 -41.04 -23.26
CA TRP C 1277 104.20 -41.38 -22.75
C TRP C 1277 104.18 -42.71 -22.01
N GLY C 1278 104.68 -43.75 -22.68
CA GLY C 1278 104.69 -45.10 -22.13
C GLY C 1278 103.85 -46.05 -22.96
N SER C 1279 104.08 -47.35 -22.77
CA SER C 1279 103.41 -48.44 -23.50
C SER C 1279 103.66 -48.24 -24.99
N GLN C 1280 102.65 -47.96 -25.80
CA GLN C 1280 102.86 -47.76 -27.23
C GLN C 1280 103.56 -46.42 -27.48
N ASN C 1281 104.12 -46.27 -28.68
CA ASN C 1281 104.81 -45.03 -29.05
C ASN C 1281 104.74 -44.81 -30.56
N SER C 1282 105.57 -43.89 -31.04
CA SER C 1282 105.61 -43.57 -32.47
C SER C 1282 106.89 -44.10 -33.10
N LEU C 1283 106.87 -44.25 -34.43
CA LEU C 1283 108.00 -44.79 -35.17
C LEU C 1283 108.61 -43.77 -36.13
N VAL C 1284 107.80 -43.11 -36.96
CA VAL C 1284 108.32 -42.18 -37.96
C VAL C 1284 107.17 -41.29 -38.45
N GLU C 1285 107.46 -40.04 -38.78
CA GLU C 1285 106.43 -39.11 -39.22
C GLU C 1285 106.95 -38.09 -40.22
N MET C 1286 106.19 -37.86 -41.28
CA MET C 1286 106.47 -36.79 -42.25
C MET C 1286 105.17 -36.11 -42.64
N LEU C 1287 105.09 -34.80 -42.49
CA LEU C 1287 103.85 -34.08 -42.69
C LEU C 1287 104.10 -32.77 -43.42
N PHE C 1288 103.11 -32.36 -44.22
CA PHE C 1288 103.20 -31.16 -45.02
C PHE C 1288 101.94 -30.33 -44.79
N LEU C 1289 102.08 -29.01 -44.85
CA LEU C 1289 100.92 -28.09 -44.65
C LEU C 1289 100.19 -27.91 -45.98
N ARG C 1290 98.85 -27.91 -45.96
CA ARG C 1290 98.06 -27.82 -47.23
C ARG C 1290 98.37 -26.51 -47.97
N LEU C 1291 97.76 -26.30 -49.14
CA LEU C 1291 98.02 -25.07 -49.96
C LEU C 1291 99.34 -25.24 -50.70
N SER C 1292 99.80 -24.20 -51.40
CA SER C 1292 101.03 -24.36 -52.23
C SER C 1292 101.65 -23.01 -52.62
N LEU C 1293 102.54 -22.99 -53.61
CA LEU C 1293 103.22 -21.80 -54.10
C LEU C 1293 103.64 -21.96 -55.56
N PRO C 1294 102.92 -21.34 -56.50
CA PRO C 1294 103.46 -21.23 -57.86
C PRO C 1294 104.33 -19.98 -58.00
N VAL C 1295 105.43 -20.12 -58.72
CA VAL C 1295 106.29 -18.97 -59.00
C VAL C 1295 105.73 -18.20 -60.19
N GLN C 1296 106.20 -16.95 -60.34
CA GLN C 1296 105.71 -16.08 -61.39
C GLN C 1296 106.23 -16.53 -62.75
N PHE C 1297 105.60 -16.00 -63.80
CA PHE C 1297 105.92 -16.31 -65.20
C PHE C 1297 105.87 -17.81 -65.48
N THR C 1430 110.78 -19.19 -62.22
CA THR C 1430 111.66 -18.96 -63.35
C THR C 1430 112.34 -17.60 -63.26
N THR C 1431 111.61 -16.63 -62.68
CA THR C 1431 112.17 -15.30 -62.48
C THR C 1431 113.38 -15.34 -61.56
N THR C 1432 113.26 -16.05 -60.44
CA THR C 1432 114.37 -16.21 -59.50
C THR C 1432 114.49 -17.65 -59.08
N TYR C 1433 113.43 -18.16 -58.45
CA TYR C 1433 113.33 -19.53 -57.96
C TYR C 1433 114.49 -19.90 -57.04
N TYR C 1434 114.98 -18.92 -56.29
CA TYR C 1434 116.13 -19.11 -55.41
C TYR C 1434 115.68 -19.35 -53.98
N TYR C 1435 114.80 -20.33 -53.79
CA TYR C 1435 114.33 -20.70 -52.45
C TYR C 1435 115.49 -21.29 -51.65
N SER C 1436 116.36 -20.41 -51.16
CA SER C 1436 117.55 -20.82 -50.43
C SER C 1436 117.17 -21.39 -49.07
N VAL C 1437 117.35 -22.70 -48.92
CA VAL C 1437 116.84 -23.45 -47.77
C VAL C 1437 117.50 -23.06 -46.46
N ARG C 1438 116.67 -22.67 -45.49
CA ARG C 1438 117.09 -22.37 -44.12
C ARG C 1438 118.16 -21.29 -44.06
N VAL C 1439 117.76 -20.03 -44.24
CA VAL C 1439 118.72 -18.93 -44.33
C VAL C 1439 119.48 -18.72 -43.02
N PHE C 1440 118.78 -18.86 -41.89
CA PHE C 1440 119.31 -18.72 -40.52
C PHE C 1440 120.35 -17.60 -40.37
N ALA C 1441 121.59 -17.92 -40.73
CA ALA C 1441 122.68 -16.96 -40.72
C ALA C 1441 123.76 -17.39 -41.69
N GLY C 1442 123.52 -17.15 -42.98
CA GLY C 1442 124.49 -17.48 -44.02
C GLY C 1442 124.52 -18.95 -44.40
N GLN C 1443 123.34 -19.48 -44.77
CA GLN C 1443 123.17 -20.85 -45.23
C GLN C 1443 124.22 -21.29 -46.25
N GLU C 1444 124.86 -22.43 -45.98
CA GLU C 1444 125.77 -23.11 -46.90
C GLU C 1444 125.13 -23.81 -48.11
N PRO C 1445 123.94 -24.44 -48.02
CA PRO C 1445 123.43 -25.17 -49.20
C PRO C 1445 123.20 -24.31 -50.44
N SER C 1446 122.55 -23.15 -50.29
CA SER C 1446 122.31 -22.22 -51.39
C SER C 1446 121.59 -22.91 -52.56
N CYS C 1447 120.34 -23.31 -52.25
CA CYS C 1447 119.52 -24.12 -53.15
C CYS C 1447 119.46 -23.55 -54.56
N VAL C 1448 119.47 -24.44 -55.55
CA VAL C 1448 119.64 -24.07 -56.95
C VAL C 1448 118.47 -23.22 -57.42
N TRP C 1449 118.78 -22.13 -58.11
CA TRP C 1449 117.76 -21.22 -58.64
C TRP C 1449 117.26 -21.70 -60.00
N VAL C 1450 116.51 -22.79 -60.00
CA VAL C 1450 115.96 -23.34 -61.24
C VAL C 1450 114.57 -23.95 -61.01
N GLY C 1451 113.91 -24.32 -62.10
CA GLY C 1451 112.57 -24.87 -62.03
C GLY C 1451 111.50 -23.87 -62.41
N TRP C 1452 110.98 -24.01 -63.64
CA TRP C 1452 110.04 -23.02 -64.15
C TRP C 1452 108.68 -23.10 -63.46
N VAL C 1453 108.19 -24.31 -63.19
CA VAL C 1453 106.85 -24.45 -62.62
C VAL C 1453 106.91 -24.42 -61.09
N THR C 1454 107.73 -25.28 -60.48
CA THR C 1454 107.99 -25.45 -59.04
C THR C 1454 106.80 -25.20 -58.12
N PRO C 1455 105.76 -26.05 -58.13
CA PRO C 1455 104.72 -25.96 -57.09
C PRO C 1455 105.26 -26.50 -55.78
N ASP C 1456 105.54 -25.59 -54.84
CA ASP C 1456 106.25 -25.94 -53.62
C ASP C 1456 105.29 -25.98 -52.43
N TYR C 1457 105.47 -26.99 -51.60
CA TYR C 1457 104.65 -27.23 -50.41
C TYR C 1457 105.55 -27.17 -49.19
N HIS C 1458 105.17 -26.34 -48.21
CA HIS C 1458 105.94 -26.28 -46.97
C HIS C 1458 105.79 -27.59 -46.20
N GLN C 1459 106.87 -28.36 -46.14
CA GLN C 1459 106.83 -29.71 -45.60
C GLN C 1459 107.97 -29.98 -44.63
N HIS C 1460 107.76 -30.91 -43.70
CA HIS C 1460 108.86 -31.38 -42.87
C HIS C 1460 108.65 -32.80 -42.37
N ASP C 1461 109.76 -33.54 -42.33
CA ASP C 1461 109.80 -34.90 -41.82
C ASP C 1461 110.34 -34.83 -40.40
N MET C 1462 109.46 -35.09 -39.42
CA MET C 1462 109.80 -34.91 -38.03
C MET C 1462 110.44 -36.15 -37.40
N ASN C 1463 110.45 -37.27 -38.12
CA ASN C 1463 111.02 -38.54 -37.66
C ASN C 1463 110.35 -39.03 -36.37
N PHE C 1464 111.14 -39.27 -35.33
CA PHE C 1464 110.60 -39.76 -34.07
C PHE C 1464 111.29 -39.07 -32.89
N ASP C 1465 110.51 -38.30 -32.13
CA ASP C 1465 111.08 -37.56 -31.00
C ASP C 1465 110.01 -37.33 -29.93
N LEU C 1466 110.38 -37.58 -28.67
CA LEU C 1466 109.43 -37.53 -27.57
C LEU C 1466 109.09 -36.09 -27.18
N SER C 1467 108.05 -35.97 -26.35
CA SER C 1467 107.64 -34.73 -25.69
C SER C 1467 107.11 -33.71 -26.69
N LYS C 1468 106.91 -32.47 -26.24
CA LYS C 1468 106.49 -31.41 -27.14
C LYS C 1468 107.59 -31.09 -28.13
N VAL C 1469 107.21 -31.01 -29.41
CA VAL C 1469 108.16 -30.85 -30.51
C VAL C 1469 107.35 -30.31 -31.70
N ARG C 1470 108.03 -29.62 -32.64
CA ARG C 1470 107.43 -29.11 -33.88
C ARG C 1470 106.37 -28.04 -33.62
N ALA C 1471 106.74 -26.82 -33.97
CA ALA C 1471 105.82 -25.68 -33.88
C ALA C 1471 106.08 -24.75 -35.06
N VAL C 1472 105.34 -24.98 -36.13
CA VAL C 1472 105.54 -24.22 -37.36
C VAL C 1472 104.80 -22.90 -37.29
N THR C 1473 105.54 -21.79 -37.44
CA THR C 1473 104.95 -20.46 -37.31
C THR C 1473 104.77 -19.78 -38.66
N VAL C 1474 104.54 -18.47 -38.61
CA VAL C 1474 104.33 -17.68 -39.82
C VAL C 1474 104.84 -16.25 -39.62
N THR C 1475 106.14 -16.06 -39.81
CA THR C 1475 106.76 -14.75 -39.63
C THR C 1475 106.96 -14.04 -40.97
N MET C 1476 107.41 -12.79 -40.90
CA MET C 1476 107.67 -12.01 -42.10
C MET C 1476 109.17 -11.81 -42.29
N GLY C 1477 109.88 -11.58 -41.19
CA GLY C 1477 111.34 -11.40 -41.16
C GLY C 1477 111.82 -10.28 -42.08
N ASP C 1478 111.01 -9.23 -42.20
CA ASP C 1478 111.31 -8.04 -43.00
C ASP C 1478 111.65 -8.37 -44.45
N GLU C 1479 110.96 -9.35 -45.01
CA GLU C 1479 111.21 -9.77 -46.39
C GLU C 1479 109.92 -10.15 -47.09
N GLN C 1480 109.87 -11.37 -47.64
CA GLN C 1480 108.69 -11.87 -48.33
C GLN C 1480 108.68 -13.39 -48.34
N GLY C 1481 107.55 -13.96 -47.91
CA GLY C 1481 107.33 -15.42 -47.87
C GLY C 1481 108.39 -16.15 -47.04
N ASN C 1482 108.15 -16.22 -45.73
CA ASN C 1482 109.07 -16.92 -44.83
C ASN C 1482 108.30 -17.59 -43.70
N VAL C 1483 108.89 -18.63 -43.11
CA VAL C 1483 108.24 -19.35 -42.02
C VAL C 1483 109.18 -19.44 -40.82
N HIS C 1484 108.74 -20.19 -39.80
CA HIS C 1484 109.54 -20.36 -38.58
C HIS C 1484 109.13 -21.62 -37.83
N SER C 1485 110.11 -22.39 -37.38
CA SER C 1485 109.85 -23.63 -36.65
C SER C 1485 110.88 -23.83 -35.54
N SER C 1486 110.47 -23.60 -34.30
CA SER C 1486 111.34 -23.71 -33.14
C SER C 1486 110.93 -24.94 -32.33
N LEU C 1487 111.90 -25.85 -32.12
CA LEU C 1487 111.66 -27.08 -31.38
C LEU C 1487 112.71 -27.22 -30.29
N LYS C 1488 112.26 -27.55 -29.08
CA LYS C 1488 113.17 -27.85 -27.97
C LYS C 1488 113.06 -29.35 -27.74
N CYS C 1489 114.14 -30.07 -28.07
CA CYS C 1489 114.36 -31.52 -27.92
C CYS C 1489 115.63 -31.92 -28.66
N UNK C 1490 115.44 -32.42 -29.88
CA UNK C 1490 116.55 -32.86 -30.73
C UNK C 1490 116.50 -32.16 -32.09
N UNK C 1491 116.24 -32.92 -33.15
CA UNK C 1491 116.21 -32.37 -34.50
C UNK C 1491 115.36 -33.20 -35.46
N UNK C 1492 115.14 -32.65 -36.66
CA UNK C 1492 114.35 -33.33 -37.69
C UNK C 1492 114.81 -32.93 -39.09
N UNK C 1493 113.87 -32.76 -40.01
CA UNK C 1493 114.21 -32.35 -41.37
C UNK C 1493 113.14 -31.47 -42.01
N UNK C 1494 113.33 -30.15 -41.97
CA UNK C 1494 112.38 -29.24 -42.60
C UNK C 1494 112.73 -29.03 -44.07
N UNK C 1495 111.95 -29.61 -44.97
CA UNK C 1495 112.25 -29.56 -46.39
C UNK C 1495 111.16 -28.83 -47.17
N UNK C 1496 110.89 -29.31 -48.38
CA UNK C 1496 109.86 -28.71 -49.22
C UNK C 1496 109.36 -29.73 -50.25
N UNK C 1497 108.09 -30.10 -50.14
CA UNK C 1497 107.51 -31.09 -51.04
C UNK C 1497 107.17 -30.46 -52.39
N UNK C 1498 106.98 -31.30 -53.40
CA UNK C 1498 106.64 -30.82 -54.74
C UNK C 1498 106.02 -31.94 -55.56
N UNK C 1499 104.90 -32.47 -55.08
CA UNK C 1499 104.17 -33.58 -55.72
C UNK C 1499 105.06 -34.80 -55.96
N UNK C 1500 105.67 -35.30 -54.90
CA UNK C 1500 106.54 -36.47 -54.99
C UNK C 1500 105.92 -37.65 -54.24
N UNK C 1501 105.82 -37.50 -52.92
CA UNK C 1501 105.21 -38.50 -52.03
C UNK C 1501 105.89 -39.87 -52.12
N UNK C 1502 106.92 -40.08 -51.30
CA UNK C 1502 107.63 -41.35 -51.27
C UNK C 1502 108.19 -41.64 -49.88
N ALA C 1503 107.45 -42.43 -49.12
CA ALA C 1503 107.88 -42.80 -47.77
C ALA C 1503 108.93 -43.90 -47.81
N UNK C 1504 110.06 -43.66 -47.15
CA UNK C 1504 111.14 -44.64 -47.12
C UNK C 1504 111.79 -44.68 -45.73
N UNK C 1505 112.39 -45.82 -45.40
CA UNK C 1505 113.08 -45.99 -44.12
C UNK C 1505 114.36 -45.15 -44.11
N UNK C 1506 114.98 -45.02 -45.27
CA UNK C 1506 116.16 -44.19 -45.41
C UNK C 1506 115.74 -42.75 -45.74
N UNK C 1507 115.18 -42.07 -44.75
CA UNK C 1507 114.69 -40.71 -44.93
C UNK C 1507 115.79 -39.68 -44.71
N UNK C 1508 116.99 -40.16 -44.39
CA UNK C 1508 118.14 -39.29 -44.20
C UNK C 1508 118.58 -38.72 -45.55
N UNK C 1509 118.47 -39.53 -46.59
CA UNK C 1509 118.82 -39.11 -47.94
C UNK C 1509 118.09 -40.01 -48.95
N UNK C 1510 118.83 -40.44 -49.98
CA UNK C 1510 118.33 -41.34 -51.02
C UNK C 1510 117.08 -40.80 -51.72
N UNK C 1511 117.20 -39.61 -52.30
CA UNK C 1511 116.09 -39.00 -53.01
C UNK C 1511 116.27 -39.15 -54.51
N UNK C 1512 115.16 -39.29 -55.23
CA UNK C 1512 115.19 -39.43 -56.69
C UNK C 1512 115.56 -38.10 -57.33
N UNK C 1513 116.56 -38.13 -58.21
CA UNK C 1513 117.02 -36.93 -58.88
C UNK C 1513 116.82 -37.02 -60.39
N UNK C 1514 117.69 -37.77 -61.06
CA UNK C 1514 117.66 -37.97 -62.51
C UNK C 1514 117.68 -36.66 -63.29
N UNK C 1515 118.69 -35.83 -63.01
CA UNK C 1515 118.82 -34.55 -63.68
C UNK C 1515 119.42 -34.71 -65.08
N UNK C 1516 118.98 -33.87 -66.01
CA UNK C 1516 119.47 -33.92 -67.39
C UNK C 1516 120.26 -32.66 -67.72
N UNK C 1517 120.75 -32.59 -68.95
CA UNK C 1517 121.53 -31.44 -69.39
C UNK C 1517 120.78 -30.64 -70.45
N UNK C 1518 120.19 -31.35 -71.41
CA UNK C 1518 119.45 -30.76 -72.53
C UNK C 1518 120.31 -29.74 -73.30
N UNK C 1519 121.46 -30.19 -73.78
CA UNK C 1519 122.40 -29.30 -74.46
C UNK C 1519 122.00 -29.04 -75.90
N UNK C 1520 122.99 -29.08 -76.80
CA UNK C 1520 122.76 -28.83 -78.21
C UNK C 1520 123.76 -29.58 -79.08
N UNK C 1521 123.93 -30.88 -78.78
CA UNK C 1521 124.82 -31.78 -79.51
C UNK C 1521 126.28 -31.33 -79.55
N UNK C 1522 126.67 -30.49 -78.60
CA UNK C 1522 128.04 -29.97 -78.52
C UNK C 1522 128.28 -29.34 -77.16
N UNK C 1523 127.39 -29.64 -76.21
CA UNK C 1523 127.41 -29.05 -74.87
C UNK C 1523 127.40 -27.52 -74.93
N UNK C 1524 126.61 -26.98 -75.85
CA UNK C 1524 126.52 -25.53 -76.03
C UNK C 1524 125.46 -24.95 -75.09
N UNK C 1525 124.20 -25.29 -75.35
CA UNK C 1525 123.10 -24.84 -74.50
C UNK C 1525 122.86 -25.84 -73.37
N UNK C 1526 123.92 -26.14 -72.63
CA UNK C 1526 123.87 -27.15 -71.58
C UNK C 1526 123.14 -26.63 -70.35
N UNK C 1527 123.91 -26.30 -69.31
CA UNK C 1527 123.40 -25.90 -67.99
C UNK C 1527 122.46 -26.98 -67.43
N UNK C 1528 123.05 -27.90 -66.69
CA UNK C 1528 122.35 -29.09 -66.19
C UNK C 1528 121.12 -28.75 -65.34
N UNK C 1529 120.18 -29.69 -65.30
CA UNK C 1529 118.92 -29.48 -64.60
C UNK C 1529 119.10 -29.46 -63.08
N UNK C 1530 118.02 -29.17 -62.37
CA UNK C 1530 118.05 -29.05 -60.92
C UNK C 1530 117.48 -30.30 -60.25
N UNK C 1531 116.81 -31.14 -61.03
CA UNK C 1531 116.08 -32.31 -60.55
C UNK C 1531 115.10 -31.91 -59.45
N UNK C 1532 114.34 -30.85 -59.73
CA UNK C 1532 113.36 -30.26 -58.81
C UNK C 1532 113.98 -29.83 -57.48
N UNK C 1533 113.12 -29.55 -56.51
CA UNK C 1533 113.56 -29.13 -55.18
C UNK C 1533 112.76 -29.84 -54.11
N UNK C 1534 112.47 -31.12 -54.35
CA UNK C 1534 111.68 -31.92 -53.42
C UNK C 1534 112.54 -32.37 -52.22
N UNK C 1535 113.85 -32.33 -52.39
CA UNK C 1535 114.77 -32.72 -51.34
C UNK C 1535 115.46 -31.50 -50.74
N UNK C 1536 114.67 -30.68 -50.03
CA UNK C 1536 115.19 -29.45 -49.43
C UNK C 1536 115.58 -29.69 -47.98
N UNK C 1537 116.15 -30.85 -47.69
CA UNK C 1537 116.53 -31.21 -46.33
C UNK C 1537 117.79 -30.46 -45.89
N UNK C 1538 118.11 -30.56 -44.61
CA UNK C 1538 119.28 -29.91 -44.05
C UNK C 1538 119.88 -30.76 -42.94
N UNK C 1539 119.06 -31.64 -42.36
CA UNK C 1539 119.46 -32.56 -41.30
C UNK C 1539 120.07 -31.86 -40.09
N UNK C 1540 120.93 -32.57 -39.38
CA UNK C 1540 121.62 -32.01 -38.21
C UNK C 1540 122.96 -31.42 -38.61
N UNK C 1541 122.91 -30.28 -39.29
CA UNK C 1541 124.12 -29.61 -39.77
C UNK C 1541 124.75 -28.74 -38.68
N UNK C 1542 124.35 -27.47 -38.65
CA UNK C 1542 124.89 -26.52 -37.69
C UNK C 1542 124.40 -26.82 -36.28
N UNK C 1543 125.12 -27.69 -35.58
CA UNK C 1543 124.78 -28.05 -34.21
C UNK C 1543 126.03 -28.54 -33.47
N UNK C 1544 125.82 -29.17 -32.31
CA UNK C 1544 126.92 -29.68 -31.52
C UNK C 1544 126.48 -30.89 -30.70
N UNK C 1545 127.38 -31.38 -29.84
CA UNK C 1545 127.08 -32.51 -28.99
C UNK C 1545 126.43 -32.07 -27.68
N UNK C 1546 126.38 -30.75 -27.48
CA UNK C 1546 125.81 -30.18 -26.27
C UNK C 1546 124.29 -30.26 -26.29
N UNK C 1547 123.72 -30.18 -27.50
CA UNK C 1547 122.28 -30.26 -27.74
C UNK C 1547 121.48 -29.22 -26.96
N UNK C 1548 121.37 -29.41 -25.64
CA UNK C 1548 120.66 -28.51 -24.73
C UNK C 1548 119.20 -28.33 -25.14
N UNK C 1549 118.77 -27.07 -25.26
CA UNK C 1549 117.38 -26.77 -25.59
C UNK C 1549 117.29 -25.71 -26.68
N UNK C 1550 116.14 -25.66 -27.37
CA UNK C 1550 115.84 -24.69 -28.42
C UNK C 1550 116.86 -24.72 -29.57
N UNK C 1551 116.55 -25.49 -30.61
CA UNK C 1551 117.44 -25.63 -31.75
C UNK C 1551 117.13 -24.62 -32.85
N UNK C 1552 116.80 -23.39 -32.44
CA UNK C 1552 116.51 -22.27 -33.34
C UNK C 1552 115.40 -22.57 -34.36
N UNK C 1553 115.39 -21.81 -35.45
CA UNK C 1553 114.39 -21.97 -36.49
C UNK C 1553 115.00 -21.81 -37.88
N UNK C 1554 114.18 -21.97 -38.91
CA UNK C 1554 114.66 -21.86 -40.28
C UNK C 1554 113.61 -21.22 -41.18
N UNK C 1555 113.92 -20.05 -41.71
CA UNK C 1555 113.00 -19.31 -42.57
C UNK C 1555 112.95 -19.93 -43.97
N UNK C 1556 111.79 -20.44 -44.34
CA UNK C 1556 111.59 -21.01 -45.67
C UNK C 1556 111.60 -19.90 -46.72
N UNK C 1557 112.75 -19.68 -47.34
CA UNK C 1557 112.93 -18.59 -48.28
C UNK C 1557 112.21 -18.84 -49.61
N UNK C 1558 111.91 -17.76 -50.32
CA UNK C 1558 111.24 -17.84 -51.62
C UNK C 1558 111.55 -16.60 -52.44
N UNK C 1559 110.75 -16.36 -53.46
CA UNK C 1559 110.92 -15.17 -54.30
C UNK C 1559 110.40 -13.93 -53.56
N UNK C 1560 111.27 -12.95 -53.38
CA UNK C 1560 110.90 -11.73 -52.67
C UNK C 1560 110.04 -10.83 -53.55
N UNK C 1561 109.32 -9.91 -52.91
CA UNK C 1561 108.47 -8.97 -53.63
C UNK C 1561 108.96 -7.53 -53.45
N UNK C 1562 108.49 -6.64 -54.31
CA UNK C 1562 108.88 -5.24 -54.24
C UNK C 1562 108.05 -4.48 -53.21
N UNK C 1563 108.53 -4.45 -51.98
CA UNK C 1563 107.84 -3.75 -50.89
C UNK C 1563 108.83 -2.96 -50.05
N UNK C 1564 109.09 -3.44 -48.84
CA UNK C 1564 110.02 -2.83 -47.88
C UNK C 1564 109.67 -1.37 -47.59
N GLU C 1565 108.54 -1.16 -46.92
CA GLU C 1565 108.10 0.18 -46.56
C GLU C 1565 108.90 0.71 -45.37
N LEU C 1566 109.39 -0.19 -44.54
CA LEU C 1566 110.18 0.18 -43.37
C LEU C 1566 111.40 -0.71 -43.23
N MET C 1573 104.60 -9.96 -47.17
CA MET C 1573 105.81 -10.30 -46.42
C MET C 1573 105.76 -11.65 -45.66
N PRO C 1574 104.66 -12.00 -44.98
CA PRO C 1574 104.57 -13.34 -44.41
C PRO C 1574 104.33 -14.39 -45.49
N LEU C 1575 104.50 -15.66 -45.10
CA LEU C 1575 104.19 -16.76 -45.99
C LEU C 1575 102.69 -16.84 -46.28
N SER C 1576 101.86 -16.54 -45.28
CA SER C 1576 100.41 -16.58 -45.50
C SER C 1576 99.95 -15.48 -46.44
N ALA C 1577 100.72 -14.39 -46.55
CA ALA C 1577 100.45 -13.37 -47.55
C ALA C 1577 100.54 -13.95 -48.95
N ALA C 1578 101.45 -14.89 -49.17
CA ALA C 1578 101.59 -15.54 -50.46
C ALA C 1578 100.40 -16.44 -50.77
N MET C 1579 100.29 -16.82 -52.03
CA MET C 1579 99.57 -17.93 -52.67
C MET C 1579 98.06 -17.94 -52.41
N PHE C 1580 97.53 -16.97 -51.64
CA PHE C 1580 96.22 -17.14 -51.04
C PHE C 1580 95.14 -16.30 -51.70
N LEU C 1581 95.36 -15.82 -52.94
CA LEU C 1581 94.38 -15.09 -53.72
C LEU C 1581 93.90 -13.84 -52.97
N SER C 1582 94.79 -12.84 -52.89
CA SER C 1582 94.65 -11.53 -52.24
C SER C 1582 94.98 -11.62 -50.76
N GLU C 1583 95.14 -10.45 -50.13
CA GLU C 1583 95.89 -10.19 -48.89
C GLU C 1583 97.39 -10.37 -49.07
N ARG C 1584 97.86 -10.42 -50.33
CA ARG C 1584 99.29 -10.31 -50.60
C ARG C 1584 99.82 -8.95 -50.16
N LYS C 1585 99.03 -7.89 -50.40
CA LYS C 1585 99.45 -6.55 -50.01
C LYS C 1585 99.45 -6.38 -48.49
N ASN C 1586 98.58 -7.08 -47.79
CA ASN C 1586 98.47 -6.92 -46.35
C ASN C 1586 99.72 -7.47 -45.65
N PRO C 1587 100.41 -6.68 -44.83
CA PRO C 1587 101.65 -7.14 -44.22
C PRO C 1587 101.44 -8.01 -42.98
N ALA C 1588 100.25 -7.94 -42.39
CA ALA C 1588 100.02 -8.63 -41.13
C ALA C 1588 99.91 -10.14 -41.36
N PRO C 1589 100.58 -10.97 -40.56
CA PRO C 1589 100.44 -12.41 -40.68
C PRO C 1589 99.19 -12.92 -39.98
N GLN C 1590 98.49 -13.85 -40.63
CA GLN C 1590 97.29 -14.45 -40.08
C GLN C 1590 97.18 -15.89 -40.56
N CYS C 1591 96.41 -16.68 -39.81
CA CYS C 1591 96.19 -18.09 -40.16
C CYS C 1591 94.73 -18.32 -40.54
N PRO C 1592 94.41 -18.38 -41.83
CA PRO C 1592 93.04 -18.71 -42.25
C PRO C 1592 92.73 -20.17 -41.95
N PRO C 1593 91.43 -20.52 -41.81
CA PRO C 1593 91.08 -21.90 -41.44
C PRO C 1593 91.42 -22.95 -42.49
N ARG C 1594 91.68 -22.56 -43.74
CA ARG C 1594 92.00 -23.55 -44.76
C ARG C 1594 93.32 -24.25 -44.48
N LEU C 1595 94.29 -23.56 -43.88
CA LEU C 1595 95.65 -24.07 -43.78
C LEU C 1595 95.72 -25.12 -42.67
N GLU C 1596 96.12 -26.34 -43.02
CA GLU C 1596 96.18 -27.42 -42.05
C GLU C 1596 97.26 -28.43 -42.46
N VAL C 1597 97.64 -29.26 -41.50
CA VAL C 1597 98.68 -30.26 -41.67
C VAL C 1597 98.06 -31.62 -41.95
N GLN C 1598 98.55 -32.31 -42.99
CA GLN C 1598 97.94 -33.55 -43.47
C GLN C 1598 98.51 -34.80 -42.80
N MET C 1599 99.81 -35.06 -43.02
CA MET C 1599 100.58 -36.25 -42.66
C MET C 1599 100.23 -37.40 -43.61
N LEU C 1600 101.24 -38.17 -44.02
CA LEU C 1600 101.14 -39.12 -45.12
C LEU C 1600 100.52 -40.44 -44.66
N MET C 1601 99.69 -41.04 -45.52
CA MET C 1601 99.12 -42.36 -45.31
C MET C 1601 99.43 -43.27 -46.50
N PRO C 1602 99.92 -44.50 -46.23
CA PRO C 1602 100.37 -45.37 -47.33
C PRO C 1602 99.29 -45.99 -48.19
N VAL C 1603 98.21 -46.49 -47.58
CA VAL C 1603 97.24 -47.35 -48.27
C VAL C 1603 95.95 -46.56 -48.51
N SER C 1604 95.44 -46.62 -49.74
CA SER C 1604 94.21 -45.94 -50.12
C SER C 1604 93.21 -46.94 -50.70
N TRP C 1605 92.00 -46.44 -50.95
CA TRP C 1605 90.92 -47.20 -51.56
C TRP C 1605 90.65 -46.64 -52.95
N SER C 1606 90.49 -47.54 -53.93
CA SER C 1606 90.27 -47.12 -55.31
C SER C 1606 89.25 -48.05 -55.97
N ARG C 1607 88.80 -47.65 -57.15
CA ARG C 1607 87.78 -48.38 -57.90
C ARG C 1607 88.41 -48.99 -59.14
N MET C 1608 88.27 -50.30 -59.30
CA MET C 1608 88.77 -50.97 -60.49
C MET C 1608 87.84 -50.66 -61.67
N PRO C 1609 88.37 -50.33 -62.84
CA PRO C 1609 87.52 -49.99 -63.98
C PRO C 1609 86.71 -51.19 -64.46
N ASN C 1610 85.52 -50.90 -65.00
CA ASN C 1610 84.66 -51.96 -65.50
C ASN C 1610 85.14 -52.55 -66.81
N HIS C 1611 86.00 -51.85 -67.55
CA HIS C 1611 86.57 -52.35 -68.80
C HIS C 1611 88.06 -52.04 -68.82
N PHE C 1612 88.85 -53.00 -69.30
CA PHE C 1612 90.29 -52.88 -69.35
C PHE C 1612 90.76 -52.89 -70.80
N LEU C 1613 91.78 -52.07 -71.09
CA LEU C 1613 92.32 -51.99 -72.44
C LEU C 1613 93.04 -53.27 -72.80
N GLN C 1614 92.85 -53.72 -74.05
CA GLN C 1614 93.49 -54.92 -74.54
C GLN C 1614 94.84 -54.60 -75.18
N VAL C 1615 95.76 -55.55 -75.11
CA VAL C 1615 97.09 -55.38 -75.66
C VAL C 1615 97.37 -56.40 -76.75
N GLU C 1622 102.28 -63.49 -81.92
CA GLU C 1622 103.42 -63.98 -81.15
C GLU C 1622 104.48 -64.55 -82.08
N ARG C 1623 104.91 -63.76 -83.06
CA ARG C 1623 105.89 -64.19 -84.04
C ARG C 1623 106.83 -63.03 -84.36
N LEU C 1624 108.01 -63.39 -84.86
CA LEU C 1624 109.07 -62.44 -85.24
C LEU C 1624 109.45 -61.57 -84.04
N GLY C 1625 109.95 -62.24 -82.99
CA GLY C 1625 110.30 -61.55 -81.77
C GLY C 1625 109.12 -61.02 -81.00
N TRP C 1626 107.92 -61.52 -81.28
CA TRP C 1626 106.62 -61.08 -80.73
C TRP C 1626 106.26 -59.66 -81.13
N ALA C 1627 104.95 -59.40 -81.19
CA ALA C 1627 104.39 -58.13 -81.61
C ALA C 1627 103.05 -57.97 -80.92
N VAL C 1628 102.66 -56.73 -80.63
CA VAL C 1628 101.40 -56.48 -79.96
C VAL C 1628 100.54 -55.52 -80.78
N GLN C 1629 99.24 -55.80 -80.81
CA GLN C 1629 98.23 -55.10 -81.63
C GLN C 1629 97.17 -54.56 -80.66
N CYS C 1630 97.22 -53.24 -80.43
CA CYS C 1630 96.42 -52.60 -79.39
C CYS C 1630 94.92 -52.72 -79.64
N GLN C 1631 94.48 -52.48 -80.88
CA GLN C 1631 93.09 -52.55 -81.33
C GLN C 1631 92.19 -51.48 -80.72
N ASP C 1632 91.08 -51.91 -80.10
CA ASP C 1632 89.97 -51.02 -79.81
C ASP C 1632 90.31 -50.00 -78.72
N PRO C 1633 89.71 -48.81 -78.78
CA PRO C 1633 90.01 -47.76 -77.80
C PRO C 1633 89.12 -47.83 -76.56
N LEU C 1634 89.59 -47.16 -75.51
CA LEU C 1634 88.81 -46.91 -74.31
C LEU C 1634 89.05 -45.47 -73.87
N THR C 1635 88.03 -44.88 -73.25
CA THR C 1635 88.10 -43.51 -72.79
C THR C 1635 87.55 -43.41 -71.38
N MET C 1636 88.01 -42.40 -70.64
CA MET C 1636 87.61 -42.26 -69.24
C MET C 1636 87.46 -40.79 -68.89
N MET C 1637 86.42 -40.48 -68.12
CA MET C 1637 86.17 -39.13 -67.66
C MET C 1637 87.05 -38.83 -66.45
N ALA C 1638 87.69 -37.66 -66.46
CA ALA C 1638 88.72 -37.31 -65.50
C ALA C 1638 88.30 -36.05 -64.76
N LEU C 1639 88.55 -36.02 -63.45
CA LEU C 1639 88.17 -34.91 -62.58
C LEU C 1639 89.43 -34.54 -61.80
N HIS C 1640 90.03 -33.42 -62.16
CA HIS C 1640 91.32 -33.02 -61.60
C HIS C 1640 91.10 -32.02 -60.46
N ILE C 1641 91.96 -32.12 -59.44
CA ILE C 1641 91.90 -31.25 -58.28
C ILE C 1641 92.94 -30.14 -58.46
N PRO C 1642 92.55 -28.86 -58.33
CA PRO C 1642 93.48 -27.77 -58.67
C PRO C 1642 94.74 -27.73 -57.81
N GLU C 1643 94.60 -27.62 -56.49
CA GLU C 1643 95.76 -27.46 -55.63
C GLU C 1643 96.59 -28.73 -55.53
N GLU C 1644 95.94 -29.90 -55.50
CA GLU C 1644 96.68 -31.15 -55.34
C GLU C 1644 97.43 -31.53 -56.61
N ASN C 1645 96.97 -31.07 -57.77
CA ASN C 1645 97.47 -31.49 -59.08
C ASN C 1645 97.39 -33.01 -59.23
N ARG C 1646 96.17 -33.52 -59.07
CA ARG C 1646 95.89 -34.95 -59.04
C ARG C 1646 94.54 -35.19 -59.71
N CYS C 1647 94.49 -36.21 -60.57
CA CYS C 1647 93.28 -36.55 -61.29
C CYS C 1647 92.61 -37.77 -60.66
N MET C 1648 91.29 -37.83 -60.77
CA MET C 1648 90.51 -38.89 -60.13
C MET C 1648 89.35 -39.28 -61.04
N ASP C 1649 88.96 -40.55 -60.95
CA ASP C 1649 87.79 -41.04 -61.68
C ASP C 1649 86.52 -40.36 -61.18
N ILE C 1650 85.60 -40.09 -62.11
CA ILE C 1650 84.38 -39.38 -61.74
C ILE C 1650 83.39 -40.32 -61.03
N LEU C 1651 83.47 -41.63 -61.29
CA LEU C 1651 82.54 -42.55 -60.64
C LEU C 1651 82.88 -42.77 -59.17
N GLU C 1652 84.16 -42.59 -58.80
CA GLU C 1652 84.58 -42.70 -57.41
C GLU C 1652 83.87 -41.68 -56.51
N LEU C 1653 83.33 -40.62 -57.11
CA LEU C 1653 82.52 -39.64 -56.39
C LEU C 1653 81.36 -40.29 -55.66
N SER C 1654 80.86 -41.42 -56.18
CA SER C 1654 79.75 -42.13 -55.54
C SER C 1654 80.12 -42.59 -54.13
N GLU C 1655 81.42 -42.77 -53.86
CA GLU C 1655 81.85 -43.12 -52.51
C GLU C 1655 82.18 -41.89 -51.67
N ARG C 1656 82.46 -40.75 -52.31
CA ARG C 1656 82.96 -39.59 -51.58
C ARG C 1656 81.83 -38.84 -50.87
N LEU C 1657 80.82 -38.42 -51.64
CA LEU C 1657 79.55 -37.85 -51.16
C LEU C 1657 79.70 -36.43 -50.62
N ASP C 1658 80.93 -35.92 -50.51
CA ASP C 1658 81.14 -34.51 -50.21
C ASP C 1658 81.47 -33.72 -51.47
N LEU C 1659 82.45 -34.20 -52.24
CA LEU C 1659 82.74 -33.60 -53.53
C LEU C 1659 81.58 -33.81 -54.50
N GLN C 1660 80.80 -34.88 -54.31
CA GLN C 1660 79.56 -35.03 -55.07
C GLN C 1660 78.61 -33.87 -54.81
N ARG C 1661 78.42 -33.52 -53.54
CA ARG C 1661 77.57 -32.38 -53.19
C ARG C 1661 78.13 -31.08 -53.75
N PHE C 1662 79.45 -30.89 -53.65
CA PHE C 1662 80.05 -29.66 -54.17
C PHE C 1662 79.93 -29.57 -55.68
N HIS C 1663 80.09 -30.70 -56.39
CA HIS C 1663 79.94 -30.70 -57.84
C HIS C 1663 78.50 -30.47 -58.26
N SER C 1664 77.54 -31.03 -57.51
CA SER C 1664 76.13 -30.77 -57.79
C SER C 1664 75.79 -29.30 -57.60
N HIS C 1665 76.32 -28.69 -56.53
CA HIS C 1665 76.08 -27.27 -56.32
C HIS C 1665 76.79 -26.42 -57.36
N THR C 1666 77.95 -26.86 -57.84
CA THR C 1666 78.64 -26.15 -58.93
C THR C 1666 77.83 -26.22 -60.21
N LEU C 1667 77.24 -27.38 -60.52
CA LEU C 1667 76.37 -27.50 -61.68
C LEU C 1667 75.14 -26.62 -61.53
N ARG C 1668 74.56 -26.57 -60.33
CA ARG C 1668 73.41 -25.69 -60.09
C ARG C 1668 73.79 -24.23 -60.28
N LEU C 1669 74.98 -23.83 -59.82
CA LEU C 1669 75.47 -22.47 -60.04
C LEU C 1669 75.65 -22.20 -61.53
N TYR C 1670 76.17 -23.18 -62.27
CA TYR C 1670 76.33 -23.03 -63.71
C TYR C 1670 74.99 -22.80 -64.41
N ARG C 1671 73.97 -23.57 -64.02
CA ARG C 1671 72.65 -23.36 -64.60
C ARG C 1671 72.06 -22.02 -64.20
N ALA C 1672 72.24 -21.61 -62.94
CA ALA C 1672 71.66 -20.36 -62.48
C ALA C 1672 72.33 -19.14 -63.11
N VAL C 1673 73.62 -19.23 -63.39
CA VAL C 1673 74.33 -18.10 -63.99
C VAL C 1673 73.88 -17.90 -65.43
N CYS C 1674 73.71 -18.99 -66.18
CA CYS C 1674 73.29 -18.95 -67.57
C CYS C 1674 71.77 -19.12 -67.73
N ALA C 1675 71.00 -18.82 -66.68
CA ALA C 1675 69.58 -19.17 -66.62
C ALA C 1675 68.72 -18.50 -67.69
N LEU C 1676 68.63 -17.17 -67.69
CA LEU C 1676 67.64 -16.47 -68.50
C LEU C 1676 68.31 -15.67 -69.62
N GLY C 1677 68.40 -16.29 -70.79
CA GLY C 1677 68.72 -15.58 -72.02
C GLY C 1677 70.10 -14.95 -72.10
N ASN C 1678 71.05 -15.39 -71.29
CA ASN C 1678 72.41 -14.86 -71.32
C ASN C 1678 73.25 -15.80 -72.18
N ASN C 1679 73.17 -15.60 -73.49
CA ASN C 1679 73.88 -16.48 -74.41
C ASN C 1679 75.38 -16.26 -74.43
N ARG C 1680 75.85 -15.09 -73.98
CA ARG C 1680 77.29 -14.85 -73.89
C ARG C 1680 77.92 -15.73 -72.82
N VAL C 1681 77.29 -15.81 -71.64
CA VAL C 1681 77.81 -16.72 -70.63
C VAL C 1681 77.47 -18.16 -70.98
N ALA C 1682 76.46 -18.40 -71.83
CA ALA C 1682 76.26 -19.74 -72.37
C ALA C 1682 77.43 -20.16 -73.24
N HIS C 1683 77.94 -19.24 -74.06
CA HIS C 1683 79.17 -19.50 -74.82
C HIS C 1683 80.35 -19.72 -73.88
N ALA C 1684 80.45 -18.91 -72.82
CA ALA C 1684 81.54 -19.06 -71.86
C ALA C 1684 81.50 -20.44 -71.18
N LEU C 1685 80.31 -20.88 -70.78
CA LEU C 1685 80.18 -22.19 -70.16
C LEU C 1685 80.45 -23.31 -71.16
N CYS C 1686 79.99 -23.16 -72.41
CA CYS C 1686 80.28 -24.16 -73.42
C CYS C 1686 81.77 -24.26 -73.70
N SER C 1687 82.49 -23.15 -73.54
CA SER C 1687 83.95 -23.22 -73.52
C SER C 1687 84.45 -23.93 -72.27
N HIS C 1688 83.81 -23.68 -71.13
CA HIS C 1688 84.26 -24.28 -69.87
C HIS C 1688 84.01 -25.78 -69.84
N VAL C 1689 82.81 -26.23 -70.24
CA VAL C 1689 82.47 -27.64 -70.30
C VAL C 1689 82.12 -27.98 -71.75
N ASP C 1690 82.77 -28.99 -72.29
CA ASP C 1690 82.69 -29.30 -73.70
C ASP C 1690 81.39 -30.06 -74.01
N GLN C 1691 80.96 -29.95 -75.27
CA GLN C 1691 79.77 -30.67 -75.72
C GLN C 1691 80.00 -32.17 -75.70
N ALA C 1692 81.23 -32.61 -76.01
CA ALA C 1692 81.54 -34.04 -76.05
C ALA C 1692 81.41 -34.68 -74.67
N GLN C 1693 81.81 -33.96 -73.60
CA GLN C 1693 81.63 -34.48 -72.25
C GLN C 1693 80.16 -34.67 -71.93
N LEU C 1694 79.32 -33.70 -72.31
CA LEU C 1694 77.88 -33.81 -72.09
C LEU C 1694 77.29 -34.98 -72.86
N LEU C 1695 77.74 -35.18 -74.10
CA LEU C 1695 77.23 -36.29 -74.92
C LEU C 1695 77.68 -37.63 -74.37
N HIS C 1696 78.91 -37.71 -73.83
CA HIS C 1696 79.40 -38.97 -73.30
C HIS C 1696 78.75 -39.31 -71.97
N ALA C 1697 78.53 -38.31 -71.11
CA ALA C 1697 77.87 -38.54 -69.84
C ALA C 1697 76.38 -38.76 -69.97
N LEU C 1698 75.82 -38.60 -71.17
CA LEU C 1698 74.39 -38.82 -71.38
C LEU C 1698 74.02 -40.28 -71.17
N GLU C 1699 74.86 -41.20 -71.64
CA GLU C 1699 74.57 -42.63 -71.62
C GLU C 1699 75.48 -43.40 -70.66
N ASP C 1700 76.06 -42.72 -69.68
CA ASP C 1700 77.04 -43.37 -68.80
C ASP C 1700 76.42 -44.52 -68.01
N ALA C 1701 75.24 -44.28 -67.42
CA ALA C 1701 74.46 -45.26 -66.65
C ALA C 1701 75.18 -45.76 -65.40
N HIS C 1702 76.36 -45.19 -65.11
CA HIS C 1702 77.10 -45.52 -63.91
C HIS C 1702 77.26 -44.32 -62.98
N LEU C 1703 76.70 -43.17 -63.35
CA LEU C 1703 76.76 -41.98 -62.52
C LEU C 1703 75.92 -42.18 -61.26
N PRO C 1704 76.24 -41.47 -60.17
CA PRO C 1704 75.45 -41.64 -58.93
C PRO C 1704 74.00 -41.24 -59.07
N GLY C 1705 73.67 -40.31 -59.98
CA GLY C 1705 72.30 -39.96 -60.24
C GLY C 1705 71.93 -38.49 -60.09
N PRO C 1706 72.40 -37.82 -59.03
CA PRO C 1706 72.27 -36.36 -59.01
C PRO C 1706 73.13 -35.67 -60.05
N LEU C 1707 74.35 -36.16 -60.27
CA LEU C 1707 75.20 -35.60 -61.31
C LEU C 1707 74.62 -35.84 -62.70
N ARG C 1708 73.95 -36.99 -62.90
CA ARG C 1708 73.32 -37.27 -64.18
C ARG C 1708 72.23 -36.25 -64.49
N ALA C 1709 71.31 -36.04 -63.54
CA ALA C 1709 70.25 -35.05 -63.74
C ALA C 1709 70.83 -33.64 -63.86
N GLY C 1710 71.91 -33.36 -63.14
CA GLY C 1710 72.56 -32.07 -63.28
C GLY C 1710 73.11 -31.83 -64.67
N TYR C 1711 73.73 -32.84 -65.27
CA TYR C 1711 74.25 -32.69 -66.63
C TYR C 1711 73.11 -32.61 -67.65
N TYR C 1712 72.03 -33.38 -67.43
CA TYR C 1712 70.86 -33.27 -68.30
C TYR C 1712 70.30 -31.85 -68.28
N ASP C 1713 70.10 -31.29 -67.09
CA ASP C 1713 69.53 -29.95 -66.98
C ASP C 1713 70.49 -28.88 -67.47
N LEU C 1714 71.80 -29.08 -67.30
CA LEU C 1714 72.78 -28.16 -67.88
C LEU C 1714 72.71 -28.15 -69.40
N LEU C 1715 72.64 -29.34 -70.01
CA LEU C 1715 72.56 -29.41 -71.47
C LEU C 1715 71.26 -28.81 -71.97
N ILE C 1716 70.18 -28.97 -71.22
CA ILE C 1716 68.91 -28.35 -71.59
C ILE C 1716 69.00 -26.82 -71.48
N SER C 1717 69.60 -26.33 -70.40
CA SER C 1717 69.54 -24.91 -70.10
C SER C 1717 70.48 -24.08 -70.98
N ILE C 1718 71.66 -24.63 -71.31
CA ILE C 1718 72.66 -23.83 -72.02
C ILE C 1718 72.19 -23.47 -73.43
N HIS C 1719 71.60 -24.43 -74.15
CA HIS C 1719 71.28 -24.22 -75.56
C HIS C 1719 69.80 -24.15 -75.86
N LEU C 1720 69.02 -25.16 -75.47
CA LEU C 1720 67.69 -25.36 -76.03
C LEU C 1720 66.59 -24.57 -75.33
N GLU C 1721 66.83 -24.04 -74.13
CA GLU C 1721 65.74 -23.49 -73.32
C GLU C 1721 65.15 -22.23 -73.95
N SER C 1722 65.98 -21.35 -74.51
CA SER C 1722 65.49 -20.08 -75.03
C SER C 1722 64.57 -20.27 -76.24
N ALA C 1723 64.95 -21.17 -77.16
CA ALA C 1723 64.09 -21.45 -78.30
C ALA C 1723 62.80 -22.12 -77.86
N CYS C 1724 62.87 -22.97 -76.83
CA CYS C 1724 61.66 -23.58 -76.28
C CYS C 1724 60.72 -22.52 -75.70
N ARG C 1725 61.27 -21.54 -74.98
CA ARG C 1725 60.45 -20.46 -74.43
C ARG C 1725 59.82 -19.63 -75.54
N SER C 1726 60.59 -19.32 -76.59
CA SER C 1726 60.06 -18.55 -77.71
C SER C 1726 58.94 -19.30 -78.42
N ARG C 1727 59.12 -20.61 -78.63
CA ARG C 1727 58.10 -21.40 -79.29
C ARG C 1727 56.85 -21.54 -78.41
N ARG C 1728 57.05 -21.67 -77.09
CA ARG C 1728 55.92 -21.73 -76.17
C ARG C 1728 55.12 -20.43 -76.18
N SER C 1729 55.82 -19.30 -76.27
CA SER C 1729 55.11 -18.02 -76.41
C SER C 1729 54.39 -17.91 -77.74
N MET C 1730 54.97 -18.47 -78.81
CA MET C 1730 54.36 -18.39 -80.13
C MET C 1730 53.25 -19.42 -80.34
N LEU C 1731 53.18 -20.47 -79.50
CA LEU C 1731 52.26 -21.56 -79.74
C LEU C 1731 50.79 -21.14 -79.61
N SER C 1732 50.51 -20.11 -78.79
CA SER C 1732 49.13 -19.80 -78.46
C SER C 1732 48.36 -19.24 -79.65
N GLU C 1733 48.97 -18.32 -80.41
CA GLU C 1733 48.29 -17.69 -81.52
C GLU C 1733 48.18 -18.64 -82.71
N TYR C 1734 47.07 -18.50 -83.46
CA TYR C 1734 46.79 -19.32 -84.63
C TYR C 1734 46.56 -18.39 -85.83
N ILE C 1735 47.63 -18.05 -86.52
CA ILE C 1735 47.57 -17.22 -87.72
C ILE C 1735 47.73 -18.14 -88.93
N VAL C 1736 46.67 -18.30 -89.70
CA VAL C 1736 46.65 -19.25 -90.83
C VAL C 1736 46.64 -18.46 -92.13
N PRO C 1737 47.53 -18.77 -93.07
CA PRO C 1737 47.46 -18.16 -94.41
C PRO C 1737 46.68 -19.03 -95.39
N LEU C 1738 46.46 -18.48 -96.58
CA LEU C 1738 45.79 -19.18 -97.67
C LEU C 1738 46.83 -19.71 -98.65
N THR C 1739 46.99 -21.03 -98.68
CA THR C 1739 47.79 -21.73 -99.68
C THR C 1739 47.00 -22.94 -100.12
N PRO C 1740 47.25 -23.45 -101.33
CA PRO C 1740 46.57 -24.69 -101.75
C PRO C 1740 46.89 -25.89 -100.89
N GLU C 1741 48.07 -25.93 -100.25
CA GLU C 1741 48.34 -26.99 -99.28
C GLU C 1741 47.57 -26.76 -97.98
N THR C 1742 47.22 -25.51 -97.68
CA THR C 1742 46.36 -25.23 -96.54
C THR C 1742 44.90 -25.56 -96.86
N ARG C 1743 44.50 -25.36 -98.12
CA ARG C 1743 43.17 -25.75 -98.56
C ARG C 1743 43.00 -27.27 -98.49
N ALA C 1744 44.04 -28.03 -98.83
CA ALA C 1744 43.98 -29.48 -98.81
C ALA C 1744 44.29 -30.01 -97.40
N ILE C 1745 43.49 -29.56 -96.44
CA ILE C 1745 43.52 -30.05 -95.07
C ILE C 1745 42.13 -30.59 -94.76
N THR C 1746 42.08 -31.84 -94.31
CA THR C 1746 40.83 -32.54 -94.11
C THR C 1746 40.55 -32.75 -92.62
N LEU C 1747 39.27 -32.71 -92.27
CA LEU C 1747 38.85 -32.84 -90.87
C LEU C 1747 39.21 -34.20 -90.31
N PHE C 1748 38.72 -35.23 -90.93
CA PHE C 1748 39.02 -36.64 -90.73
C PHE C 1748 39.97 -37.12 -91.81
N PRO C 1749 40.79 -38.13 -91.54
CA PRO C 1749 41.70 -38.66 -92.58
C PRO C 1749 40.90 -39.27 -93.72
N PRO C 1750 41.51 -39.36 -94.93
CA PRO C 1750 40.81 -39.93 -96.10
C PRO C 1750 40.16 -41.27 -95.82
N GLY C 1751 38.84 -41.29 -95.83
CA GLY C 1751 38.07 -42.44 -95.39
C GLY C 1751 37.91 -43.53 -96.42
N ARG C 1752 38.44 -44.71 -96.12
CA ARG C 1752 38.21 -45.90 -96.91
C ARG C 1752 36.91 -46.56 -96.49
N LYS C 1753 36.42 -47.46 -97.36
CA LYS C 1753 35.23 -48.28 -97.15
C LYS C 1753 33.94 -47.48 -97.07
N GLY C 1754 33.93 -46.22 -97.54
CA GLY C 1754 32.72 -45.45 -97.64
C GLY C 1754 32.05 -45.09 -96.32
N GLY C 1755 30.92 -45.73 -96.04
CA GLY C 1755 30.15 -45.40 -94.84
C GLY C 1755 30.90 -45.70 -93.56
N ASN C 1756 31.54 -46.86 -93.49
CA ASN C 1756 32.40 -47.17 -92.35
C ASN C 1756 33.65 -46.30 -92.41
N ALA C 1757 33.76 -45.35 -91.50
CA ALA C 1757 34.76 -44.30 -91.62
C ALA C 1757 35.00 -43.70 -90.24
N ARG C 1758 35.60 -42.51 -90.21
CA ARG C 1758 35.71 -41.64 -89.04
C ARG C 1758 36.73 -42.13 -88.02
N ARG C 1759 37.75 -42.86 -88.45
CA ARG C 1759 38.87 -43.17 -87.57
C ARG C 1759 39.58 -41.88 -87.19
N HIS C 1760 39.95 -41.76 -85.91
CA HIS C 1760 40.44 -40.49 -85.38
C HIS C 1760 41.80 -40.11 -85.95
N GLY C 1761 42.64 -41.10 -86.27
CA GLY C 1761 43.97 -40.82 -86.76
C GLY C 1761 44.95 -40.51 -85.64
N LEU C 1762 46.23 -40.44 -86.01
CA LEU C 1762 47.17 -40.22 -84.92
C LEU C 1762 47.54 -38.74 -84.82
N PRO C 1763 47.61 -38.22 -83.59
CA PRO C 1763 47.97 -36.80 -83.41
C PRO C 1763 49.44 -36.55 -83.68
N GLY C 1764 49.76 -35.28 -83.90
CA GLY C 1764 51.12 -34.89 -84.17
C GLY C 1764 51.54 -35.13 -85.61
N VAL C 1765 50.69 -34.73 -86.55
CA VAL C 1765 50.95 -34.91 -87.98
C VAL C 1765 51.38 -33.56 -88.55
N GLY C 1766 52.49 -33.57 -89.30
CA GLY C 1766 53.08 -32.35 -89.83
C GLY C 1766 52.34 -31.70 -90.99
N VAL C 1767 51.12 -32.14 -91.30
CA VAL C 1767 50.38 -31.56 -92.42
C VAL C 1767 49.95 -30.12 -92.13
N THR C 1768 49.99 -29.71 -90.86
CA THR C 1768 49.55 -28.36 -90.49
C THR C 1768 50.51 -27.31 -91.06
N THR C 1769 49.93 -26.21 -91.52
CA THR C 1769 50.68 -25.16 -92.22
C THR C 1769 50.61 -23.84 -91.46
N SER C 1770 50.86 -23.86 -90.16
CA SER C 1770 50.73 -22.67 -89.33
C SER C 1770 51.90 -21.73 -89.60
N LEU C 1771 51.97 -20.65 -88.81
CA LEU C 1771 52.91 -19.55 -89.07
C LEU C 1771 53.72 -19.28 -87.81
N ARG C 1772 54.91 -19.87 -87.73
CA ARG C 1772 55.82 -19.72 -86.60
C ARG C 1772 57.21 -19.37 -87.09
N PRO C 1773 57.96 -18.59 -86.32
CA PRO C 1773 59.30 -18.15 -86.77
C PRO C 1773 60.33 -19.24 -86.60
N PRO C 1774 61.43 -19.18 -87.35
CA PRO C 1774 62.51 -20.16 -87.19
C PRO C 1774 63.28 -19.94 -85.89
N HIS C 1775 64.20 -20.87 -85.62
CA HIS C 1775 64.90 -20.91 -84.34
C HIS C 1775 66.09 -19.98 -84.28
N HIS C 1776 66.86 -19.87 -85.37
CA HIS C 1776 68.05 -19.02 -85.47
C HIS C 1776 69.11 -19.40 -84.42
N PHE C 1777 69.67 -20.59 -84.59
CA PHE C 1777 70.82 -20.99 -83.80
C PHE C 1777 72.10 -20.38 -84.36
N SER C 1778 73.12 -20.29 -83.51
CA SER C 1778 74.40 -19.70 -83.86
C SER C 1778 75.54 -20.62 -83.47
N PRO C 1779 76.65 -20.63 -84.23
CA PRO C 1779 77.75 -21.53 -83.90
C PRO C 1779 78.43 -21.11 -82.62
N PRO C 1780 79.01 -22.05 -81.86
CA PRO C 1780 79.65 -21.73 -80.57
C PRO C 1780 81.06 -21.15 -80.73
N CYS C 1781 81.12 -19.96 -81.33
CA CYS C 1781 82.34 -19.17 -81.42
C CYS C 1781 82.99 -18.94 -80.05
N PHE C 1782 82.16 -18.57 -79.07
CA PHE C 1782 82.65 -18.34 -77.67
C PHE C 1782 83.98 -17.57 -77.69
N VAL C 1783 84.22 -16.79 -78.74
CA VAL C 1783 85.47 -15.97 -78.79
C VAL C 1783 85.43 -14.97 -77.63
N ALA C 1784 86.57 -14.74 -76.98
CA ALA C 1784 86.62 -13.82 -75.82
C ALA C 1784 85.54 -14.22 -74.81
N ALA C 1796 71.59 -9.73 -77.88
CA ALA C 1796 72.99 -9.76 -78.32
C ALA C 1796 73.29 -11.04 -79.09
N ARG C 1797 74.14 -11.90 -78.54
CA ARG C 1797 74.50 -13.14 -79.21
C ARG C 1797 73.40 -14.19 -79.04
N LEU C 1798 73.40 -15.16 -79.95
CA LEU C 1798 72.38 -16.20 -79.99
C LEU C 1798 72.90 -17.46 -79.31
N SER C 1799 72.04 -18.48 -79.26
CA SER C 1799 72.35 -19.72 -78.56
C SER C 1799 73.43 -20.51 -79.31
N PRO C 1800 74.25 -21.27 -78.59
CA PRO C 1800 75.25 -22.13 -79.26
C PRO C 1800 74.59 -23.24 -80.06
N ALA C 1801 75.26 -23.64 -81.15
CA ALA C 1801 74.75 -24.68 -82.02
C ALA C 1801 75.30 -26.05 -81.63
N ILE C 1802 74.40 -27.04 -81.60
CA ILE C 1802 74.76 -28.45 -81.43
C ILE C 1802 74.05 -29.21 -82.55
N PRO C 1803 74.66 -30.23 -83.17
CA PRO C 1803 73.90 -31.08 -84.09
C PRO C 1803 72.70 -31.75 -83.43
N LEU C 1804 71.50 -31.47 -83.92
CA LEU C 1804 70.29 -31.95 -83.24
C LEU C 1804 69.94 -33.40 -83.59
N GLU C 1805 70.34 -33.89 -84.77
CA GLU C 1805 69.89 -35.21 -85.20
C GLU C 1805 70.46 -36.32 -84.33
N ALA C 1806 71.71 -36.16 -83.89
CA ALA C 1806 72.31 -37.15 -83.00
C ALA C 1806 71.59 -37.21 -81.67
N LEU C 1807 71.22 -36.05 -81.13
CA LEU C 1807 70.44 -36.01 -79.90
C LEU C 1807 69.06 -36.62 -80.10
N ARG C 1808 68.42 -36.36 -81.24
CA ARG C 1808 67.10 -36.91 -81.51
C ARG C 1808 67.12 -38.43 -81.60
N ASP C 1809 68.17 -38.99 -82.21
CA ASP C 1809 68.33 -40.44 -82.19
C ASP C 1809 68.66 -40.95 -80.80
N LYS C 1810 69.54 -40.24 -80.10
CA LYS C 1810 69.91 -40.66 -78.72
C LYS C 1810 68.69 -40.57 -77.81
N ALA C 1811 67.82 -39.58 -78.04
CA ALA C 1811 66.62 -39.41 -77.19
C ALA C 1811 65.71 -40.64 -77.36
N LEU C 1812 65.27 -40.90 -78.59
CA LEU C 1812 64.34 -42.04 -78.84
C LEU C 1812 65.05 -43.36 -78.48
N ARG C 1813 66.34 -43.49 -78.83
CA ARG C 1813 67.06 -44.77 -78.58
C ARG C 1813 67.06 -45.04 -77.07
N MET C 1814 67.82 -44.25 -76.31
CA MET C 1814 67.88 -44.46 -74.86
C MET C 1814 66.50 -44.55 -74.24
N LEU C 1815 65.49 -43.97 -74.89
CA LEU C 1815 64.12 -44.16 -74.43
C LEU C 1815 63.69 -45.62 -74.54
N GLY C 1816 63.98 -46.27 -75.67
CA GLY C 1816 63.70 -47.69 -75.79
C GLY C 1816 64.52 -48.53 -74.84
N GLU C 1817 65.79 -48.17 -74.65
CA GLU C 1817 66.63 -48.89 -73.69
C GLU C 1817 66.08 -48.75 -72.27
N ALA C 1818 65.59 -47.55 -71.91
CA ALA C 1818 65.05 -47.32 -70.59
C ALA C 1818 63.72 -48.05 -70.39
N VAL C 1819 62.87 -48.08 -71.41
CA VAL C 1819 61.61 -48.81 -71.25
C VAL C 1819 61.85 -50.31 -71.18
N ARG C 1820 62.86 -50.82 -71.89
CA ARG C 1820 63.24 -52.23 -71.72
C ARG C 1820 63.79 -52.50 -70.33
N ASP C 1821 64.62 -51.59 -69.81
CA ASP C 1821 65.15 -51.77 -68.46
C ASP C 1821 64.05 -51.72 -67.41
N GLY C 1822 63.06 -50.85 -67.62
CA GLY C 1822 61.91 -50.82 -66.73
C GLY C 1822 61.06 -52.07 -66.82
N GLY C 1823 60.93 -52.64 -68.01
CA GLY C 1823 60.21 -53.90 -68.16
C GLY C 1823 60.95 -55.09 -67.61
N GLN C 1824 62.28 -55.04 -67.53
CA GLN C 1824 63.05 -56.15 -66.98
C GLN C 1824 62.94 -56.23 -65.47
N HIS C 1825 62.58 -55.13 -64.80
CA HIS C 1825 62.48 -55.05 -63.34
C HIS C 1825 63.79 -55.45 -62.67
N ALA C 1826 64.85 -54.73 -63.01
CA ALA C 1826 66.15 -54.95 -62.41
C ALA C 1826 66.19 -54.41 -60.98
N ARG C 1827 66.99 -55.07 -60.14
CA ARG C 1827 67.10 -54.66 -58.75
C ARG C 1827 67.93 -53.40 -58.57
N ASP C 1828 68.74 -53.03 -59.57
CA ASP C 1828 69.48 -51.78 -59.53
C ASP C 1828 69.06 -50.91 -60.71
N PRO C 1829 68.64 -49.67 -60.47
CA PRO C 1829 68.26 -48.78 -61.57
C PRO C 1829 69.48 -48.18 -62.26
N VAL C 1830 69.22 -47.47 -63.35
CA VAL C 1830 70.29 -46.84 -64.12
C VAL C 1830 70.93 -45.71 -63.30
N GLY C 1831 70.10 -44.85 -62.72
CA GLY C 1831 70.57 -43.74 -61.92
C GLY C 1831 70.55 -43.96 -60.42
N GLY C 1832 70.19 -45.17 -59.97
CA GLY C 1832 70.03 -45.46 -58.55
C GLY C 1832 68.59 -45.54 -58.11
N SER C 1833 67.69 -44.85 -58.82
CA SER C 1833 66.26 -44.96 -58.58
C SER C 1833 65.54 -44.89 -59.92
N VAL C 1834 64.32 -45.43 -59.96
CA VAL C 1834 63.56 -45.50 -61.19
C VAL C 1834 63.17 -44.10 -61.68
N GLU C 1835 62.85 -43.21 -60.74
CA GLU C 1835 62.52 -41.84 -61.14
C GLU C 1835 63.76 -41.09 -61.63
N PHE C 1836 64.94 -41.39 -61.07
CA PHE C 1836 66.16 -40.75 -61.54
C PHE C 1836 66.53 -41.19 -62.96
N GLN C 1837 66.15 -42.41 -63.33
CA GLN C 1837 66.40 -42.90 -64.69
C GLN C 1837 65.26 -42.55 -65.66
N PHE C 1838 64.09 -42.18 -65.15
CA PHE C 1838 62.96 -41.93 -66.04
C PHE C 1838 62.65 -40.44 -66.25
N VAL C 1839 62.80 -39.60 -65.24
CA VAL C 1839 62.44 -38.19 -65.33
C VAL C 1839 63.25 -37.40 -66.35
N PRO C 1840 64.60 -37.40 -66.33
CA PRO C 1840 65.32 -36.43 -67.20
C PRO C 1840 65.25 -36.76 -68.69
N VAL C 1841 65.22 -38.05 -69.05
CA VAL C 1841 65.09 -38.41 -70.45
C VAL C 1841 63.70 -38.01 -70.97
N LEU C 1842 62.67 -38.17 -70.14
CA LEU C 1842 61.33 -37.71 -70.51
C LEU C 1842 61.29 -36.18 -70.63
N LYS C 1843 62.02 -35.49 -69.76
CA LYS C 1843 62.10 -34.03 -69.85
C LYS C 1843 62.75 -33.59 -71.17
N LEU C 1844 63.85 -34.26 -71.54
CA LEU C 1844 64.51 -33.94 -72.81
C LEU C 1844 63.61 -34.24 -74.00
N VAL C 1845 62.88 -35.36 -73.95
CA VAL C 1845 61.98 -35.73 -75.04
C VAL C 1845 60.85 -34.71 -75.15
N SER C 1846 60.30 -34.28 -74.01
CA SER C 1846 59.24 -33.27 -74.02
C SER C 1846 59.74 -31.94 -74.57
N THR C 1847 60.95 -31.54 -74.19
CA THR C 1847 61.52 -30.29 -74.70
C THR C 1847 61.73 -30.36 -76.21
N LEU C 1848 62.25 -31.49 -76.70
CA LEU C 1848 62.48 -31.64 -78.13
C LEU C 1848 61.16 -31.69 -78.89
N LEU C 1849 60.12 -32.28 -78.30
CA LEU C 1849 58.81 -32.31 -78.95
C LEU C 1849 58.17 -30.93 -78.98
N VAL C 1850 58.34 -30.14 -77.92
CA VAL C 1850 57.80 -28.78 -77.90
C VAL C 1850 58.52 -27.91 -78.92
N MET C 1851 59.85 -28.06 -79.04
CA MET C 1851 60.59 -27.24 -80.00
C MET C 1851 60.28 -27.62 -81.45
N GLY C 1852 59.69 -28.78 -81.69
CA GLY C 1852 59.14 -29.10 -83.00
C GLY C 1852 60.08 -29.75 -83.98
N ILE C 1853 61.25 -30.20 -83.54
CA ILE C 1853 62.21 -30.83 -84.44
C ILE C 1853 61.76 -32.22 -84.85
N PHE C 1854 61.05 -32.92 -83.96
CA PHE C 1854 60.69 -34.31 -84.21
C PHE C 1854 59.72 -34.43 -85.37
N GLY C 1855 60.06 -35.27 -86.35
CA GLY C 1855 59.25 -35.46 -87.52
C GLY C 1855 58.13 -36.46 -87.28
N ASP C 1856 57.42 -36.78 -88.37
CA ASP C 1856 56.34 -37.75 -88.30
C ASP C 1856 56.86 -39.13 -87.92
N GLU C 1857 57.99 -39.55 -88.51
CA GLU C 1857 58.58 -40.83 -88.15
C GLU C 1857 59.14 -40.79 -86.72
N ASP C 1858 59.62 -39.63 -86.28
CA ASP C 1858 60.16 -39.51 -84.93
C ASP C 1858 59.05 -39.50 -83.89
N VAL C 1859 57.93 -38.82 -84.16
CA VAL C 1859 56.78 -38.88 -83.28
C VAL C 1859 56.19 -40.29 -83.27
N LYS C 1860 56.24 -40.96 -84.42
CA LYS C 1860 55.98 -42.39 -84.47
C LYS C 1860 56.98 -43.14 -83.62
N GLN C 1861 56.48 -44.17 -82.95
CA GLN C 1861 57.16 -45.10 -82.03
C GLN C 1861 57.53 -44.44 -80.71
N ILE C 1862 57.57 -43.11 -80.64
CA ILE C 1862 57.46 -42.44 -79.35
C ILE C 1862 56.04 -42.54 -78.84
N LEU C 1863 55.08 -42.22 -79.71
CA LEU C 1863 53.68 -42.38 -79.37
C LEU C 1863 53.33 -43.83 -79.11
N LYS C 1864 54.02 -44.77 -79.79
CA LYS C 1864 53.80 -46.19 -79.55
C LYS C 1864 54.44 -46.64 -78.23
N MET C 1865 55.59 -46.07 -77.87
CA MET C 1865 56.17 -46.35 -76.57
C MET C 1865 55.27 -45.83 -75.45
N ILE C 1866 54.49 -44.78 -75.72
CA ILE C 1866 53.48 -44.35 -74.76
C ILE C 1866 52.39 -45.40 -74.61
N GLU C 1867 51.85 -45.90 -75.72
CA GLU C 1867 50.83 -46.94 -75.67
C GLU C 1867 50.86 -47.83 -76.92
N PRO C 1868 51.21 -49.11 -76.79
CA PRO C 1868 51.39 -49.95 -77.98
C PRO C 1868 50.10 -50.56 -78.55
N GLU C 1869 49.04 -50.70 -77.76
CA GLU C 1869 47.95 -51.60 -78.14
C GLU C 1869 47.09 -50.98 -79.25
N VAL C 1870 46.59 -49.77 -79.03
CA VAL C 1870 45.96 -48.99 -80.10
C VAL C 1870 47.04 -48.16 -80.78
N PHE C 1871 47.23 -48.39 -82.09
CA PHE C 1871 47.98 -47.58 -83.07
C PHE C 1871 47.88 -48.24 -84.44
N THR C 1872 48.36 -47.49 -85.45
CA THR C 1872 48.06 -47.70 -86.87
C THR C 1872 48.18 -49.16 -87.31
N GLU C 1873 47.20 -49.58 -88.11
CA GLU C 1873 47.01 -50.96 -88.55
C GLU C 1873 45.86 -50.92 -89.56
N GLU C 1874 45.79 -51.94 -90.41
CA GLU C 1874 44.80 -52.03 -91.49
C GLU C 1874 43.35 -51.74 -91.08
N LEU C 1922 53.71 -59.70 -75.13
CA LEU C 1922 53.70 -58.67 -76.17
C LEU C 1922 54.63 -57.50 -75.79
N GLU C 1923 54.03 -56.33 -75.60
CA GLU C 1923 54.76 -55.12 -75.23
C GLU C 1923 54.08 -54.47 -74.04
N GLU C 1924 54.88 -53.82 -73.21
CA GLU C 1924 54.40 -53.11 -72.04
C GLU C 1924 54.58 -51.61 -72.26
N GLY C 1925 53.48 -50.86 -72.21
CA GLY C 1925 53.54 -49.43 -72.37
C GLY C 1925 53.91 -48.71 -71.09
N LEU C 1926 54.43 -47.49 -71.25
CA LEU C 1926 54.85 -46.69 -70.10
C LEU C 1926 53.68 -46.34 -69.18
N LEU C 1927 52.47 -46.24 -69.75
CA LEU C 1927 51.31 -45.93 -68.92
C LEU C 1927 50.92 -47.12 -68.04
N GLN C 1928 51.11 -48.34 -68.55
CA GLN C 1928 50.67 -49.53 -67.83
C GLN C 1928 51.58 -49.88 -66.66
N MET C 1929 52.88 -49.65 -66.79
CA MET C 1929 53.81 -49.96 -65.71
C MET C 1929 53.61 -49.02 -64.53
N LYS C 1930 53.86 -49.54 -63.33
CA LYS C 1930 53.74 -48.75 -62.11
C LYS C 1930 54.80 -47.65 -62.09
N LEU C 1931 54.39 -46.45 -61.69
CA LEU C 1931 55.30 -45.32 -61.68
C LEU C 1931 55.49 -44.77 -60.27
N PRO C 1932 56.71 -44.35 -59.92
CA PRO C 1932 56.98 -43.94 -58.54
C PRO C 1932 56.40 -42.59 -58.16
N GLU C 1933 55.82 -41.86 -59.13
CA GLU C 1933 55.22 -40.52 -59.05
C GLU C 1933 56.35 -39.50 -59.28
N SER C 1934 56.00 -38.34 -59.85
CA SER C 1934 56.84 -37.29 -60.42
C SER C 1934 57.41 -37.70 -61.77
N VAL C 1935 57.08 -38.88 -62.28
CA VAL C 1935 57.35 -39.27 -63.65
C VAL C 1935 56.05 -39.02 -64.41
N LYS C 1936 54.93 -39.14 -63.69
CA LYS C 1936 53.61 -38.98 -64.27
C LYS C 1936 53.37 -37.57 -64.80
N LEU C 1937 54.01 -36.57 -64.18
CA LEU C 1937 53.81 -35.18 -64.60
C LEU C 1937 54.30 -34.94 -66.01
N GLN C 1938 55.46 -35.52 -66.37
CA GLN C 1938 55.96 -35.37 -67.73
C GLN C 1938 55.07 -36.07 -68.74
N MET C 1939 54.50 -37.22 -68.35
CA MET C 1939 53.55 -37.91 -69.21
C MET C 1939 52.29 -37.07 -69.44
N CYS C 1940 51.82 -36.41 -68.37
CA CYS C 1940 50.67 -35.51 -68.52
C CYS C 1940 51.00 -34.32 -69.41
N ASN C 1941 52.22 -33.79 -69.30
CA ASN C 1941 52.66 -32.73 -70.19
C ASN C 1941 52.68 -33.19 -71.64
N LEU C 1942 53.16 -34.42 -71.89
CA LEU C 1942 53.17 -34.95 -73.25
C LEU C 1942 51.76 -35.13 -73.79
N LEU C 1943 50.83 -35.60 -72.95
CA LEU C 1943 49.44 -35.74 -73.37
C LEU C 1943 48.82 -34.39 -73.67
N GLU C 1944 49.16 -33.37 -72.89
CA GLU C 1944 48.68 -32.01 -73.15
C GLU C 1944 49.22 -31.49 -74.47
N TYR C 1945 50.49 -31.80 -74.78
CA TYR C 1945 51.06 -31.44 -76.08
C TYR C 1945 50.31 -32.11 -77.22
N PHE C 1946 49.97 -33.38 -77.06
CA PHE C 1946 49.23 -34.10 -78.10
C PHE C 1946 47.83 -33.50 -78.29
N CYS C 1947 47.17 -33.13 -77.20
CA CYS C 1947 45.87 -32.48 -77.29
C CYS C 1947 45.98 -31.13 -77.99
N ASP C 1948 47.06 -30.39 -77.74
CA ASP C 1948 47.28 -29.13 -78.44
C ASP C 1948 47.47 -29.35 -79.93
N GLN C 1949 48.20 -30.42 -80.30
CA GLN C 1949 48.34 -30.77 -81.71
C GLN C 1949 46.99 -31.08 -82.35
N GLU C 1950 46.14 -31.83 -81.64
CA GLU C 1950 44.81 -32.15 -82.14
C GLU C 1950 43.97 -30.88 -82.35
N LEU C 1951 44.03 -29.97 -81.38
CA LEU C 1951 43.29 -28.71 -81.49
C LEU C 1951 43.78 -27.89 -82.67
N GLN C 1952 45.10 -27.85 -82.89
CA GLN C 1952 45.66 -27.11 -84.02
C GLN C 1952 45.19 -27.69 -85.35
N HIS C 1953 45.18 -29.03 -85.45
CA HIS C 1953 44.68 -29.68 -86.66
C HIS C 1953 43.21 -29.35 -86.92
N ARG C 1954 42.41 -29.36 -85.85
CA ARG C 1954 41.00 -28.98 -85.97
C ARG C 1954 40.86 -27.55 -86.47
N VAL C 1955 41.69 -26.64 -85.95
CA VAL C 1955 41.62 -25.24 -86.35
C VAL C 1955 41.95 -25.07 -87.84
N GLU C 1956 43.02 -25.74 -88.30
CA GLU C 1956 43.38 -25.64 -89.72
C GLU C 1956 42.29 -26.19 -90.63
N SER C 1957 41.70 -27.34 -90.26
CA SER C 1957 40.63 -27.90 -91.08
C SER C 1957 39.42 -26.98 -91.12
N LEU C 1958 39.06 -26.40 -89.98
CA LEU C 1958 37.95 -25.45 -89.91
C LEU C 1958 38.21 -24.23 -90.80
N ALA C 1959 39.44 -23.71 -90.76
CA ALA C 1959 39.78 -22.54 -91.58
C ALA C 1959 39.69 -22.85 -93.07
N ALA C 1960 40.20 -24.02 -93.48
CA ALA C 1960 40.16 -24.39 -94.90
C ALA C 1960 38.72 -24.55 -95.40
N PHE C 1961 37.90 -25.28 -94.62
CA PHE C 1961 36.51 -25.44 -95.02
C PHE C 1961 35.79 -24.10 -95.05
N ALA C 1962 36.12 -23.22 -94.09
CA ALA C 1962 35.51 -21.90 -94.04
C ALA C 1962 35.83 -21.10 -95.30
N GLU C 1963 37.09 -21.14 -95.74
CA GLU C 1963 37.47 -20.41 -96.94
C GLU C 1963 36.73 -20.92 -98.17
N ARG C 1964 36.67 -22.26 -98.33
CA ARG C 1964 36.03 -22.77 -99.55
C ARG C 1964 34.52 -22.54 -99.53
N TYR C 1965 33.89 -22.65 -98.35
CA TYR C 1965 32.46 -22.42 -98.28
C TYR C 1965 32.12 -20.95 -98.50
N VAL C 1966 32.94 -20.04 -97.96
CA VAL C 1966 32.66 -18.63 -98.15
C VAL C 1966 32.92 -18.21 -99.60
N ASP C 1967 33.87 -18.86 -100.29
CA ASP C 1967 34.06 -18.58 -101.71
C ASP C 1967 32.86 -19.04 -102.52
N LYS C 1968 32.36 -20.25 -102.23
CA LYS C 1968 31.19 -20.76 -102.95
C LYS C 1968 29.97 -19.88 -102.70
N LEU C 1969 29.79 -19.43 -101.46
CA LEU C 1969 28.62 -18.60 -101.15
C LEU C 1969 28.77 -17.19 -101.71
N GLN C 1970 30.00 -16.67 -101.84
CA GLN C 1970 30.23 -15.41 -102.53
C GLN C 1970 29.83 -15.53 -104.00
N ALA C 1971 30.22 -16.63 -104.64
CA ALA C 1971 29.81 -16.85 -106.03
C ALA C 1971 28.29 -16.99 -106.14
N ASN C 1972 27.66 -17.67 -105.18
CA ASN C 1972 26.21 -17.82 -105.19
C ASN C 1972 25.52 -16.48 -105.03
N GLN C 1973 26.03 -15.61 -104.15
CA GLN C 1973 25.44 -14.29 -103.97
C GLN C 1973 25.60 -13.43 -105.22
N ARG C 1974 26.76 -13.51 -105.88
CA ARG C 1974 26.95 -12.78 -107.13
C ARG C 1974 25.98 -13.27 -108.19
N SER C 1975 25.75 -14.58 -108.25
CA SER C 1975 24.77 -15.14 -109.17
C SER C 1975 23.37 -14.64 -108.85
N ARG C 1976 23.02 -14.59 -107.55
CA ARG C 1976 21.68 -14.16 -107.13
C ARG C 1976 21.42 -12.69 -107.47
N TYR C 1977 22.42 -11.83 -107.24
CA TYR C 1977 22.22 -10.41 -107.54
C TYR C 1977 22.28 -10.13 -109.03
N ALA C 1978 23.16 -10.84 -109.74
CA ALA C 1978 23.24 -10.68 -111.21
C ALA C 1978 21.91 -11.11 -111.83
N LEU C 1979 21.52 -12.37 -111.62
CA LEU C 1979 20.23 -12.87 -112.15
C LEU C 1979 19.07 -12.17 -111.42
N LEU C 1980 17.95 -11.94 -112.11
CA LEU C 1980 16.77 -11.31 -111.49
C LEU C 1980 17.15 -9.91 -110.99
N MET C 1981 16.41 -9.39 -110.02
CA MET C 1981 16.69 -8.01 -109.52
C MET C 1981 17.02 -7.09 -110.69
N ARG C 1982 18.31 -6.86 -110.95
CA ARG C 1982 18.75 -5.96 -112.05
C ARG C 1982 17.77 -6.06 -113.22
N ALA C 1983 17.54 -7.26 -113.76
CA ALA C 1983 16.61 -7.47 -114.86
C ALA C 1983 15.46 -6.48 -114.79
N PHE C 1984 14.97 -6.24 -113.57
CA PHE C 1984 13.95 -5.22 -113.27
C PHE C 1984 12.65 -5.48 -114.04
N THR C 1985 12.04 -6.64 -113.73
CA THR C 1985 10.74 -6.97 -114.30
C THR C 1985 9.66 -5.99 -113.84
N MET C 1986 9.83 -5.40 -112.64
CA MET C 1986 9.01 -4.32 -112.12
C MET C 1986 7.54 -4.72 -111.95
N SER C 1987 7.25 -6.02 -111.87
CA SER C 1987 5.89 -6.44 -111.55
C SER C 1987 5.51 -6.07 -110.12
N ALA C 1988 6.45 -6.20 -109.20
CA ALA C 1988 6.27 -5.78 -107.81
C ALA C 1988 7.42 -4.86 -107.42
N ALA C 1989 7.34 -4.33 -106.21
CA ALA C 1989 8.40 -3.42 -105.74
C ALA C 1989 9.69 -4.16 -105.46
N GLU C 1990 9.59 -5.37 -104.90
CA GLU C 1990 10.75 -6.17 -104.45
C GLU C 1990 11.63 -5.36 -103.51
N THR C 1991 10.99 -4.64 -102.58
CA THR C 1991 11.71 -3.79 -101.64
C THR C 1991 12.55 -4.60 -100.67
N ALA C 1992 11.98 -5.68 -100.13
CA ALA C 1992 12.65 -6.48 -99.10
C ALA C 1992 13.93 -7.10 -99.63
N ARG C 1993 13.88 -7.67 -100.84
CA ARG C 1993 15.06 -8.28 -101.43
C ARG C 1993 16.16 -7.24 -101.66
N ARG C 1994 15.78 -6.05 -102.12
CA ARG C 1994 16.76 -5.00 -102.40
C ARG C 1994 17.42 -4.52 -101.11
N THR C 1995 16.62 -4.26 -100.07
CA THR C 1995 17.20 -3.74 -98.84
C THR C 1995 18.01 -4.81 -98.10
N ARG C 1996 17.66 -6.09 -98.29
CA ARG C 1996 18.45 -7.15 -97.68
C ARG C 1996 19.75 -7.36 -98.45
N GLU C 1997 19.72 -7.19 -99.78
CA GLU C 1997 20.89 -7.49 -100.58
C GLU C 1997 21.91 -6.36 -100.58
N PHE C 1998 21.47 -5.11 -100.81
CA PHE C 1998 22.40 -4.02 -101.07
C PHE C 1998 22.48 -2.97 -99.98
N ARG C 1999 21.45 -2.84 -99.13
CA ARG C 1999 21.48 -1.86 -98.05
C ARG C 1999 22.05 -2.41 -96.76
N SER C 2000 22.12 -3.73 -96.61
CA SER C 2000 22.58 -4.38 -95.40
C SER C 2000 24.10 -4.33 -95.29
N PRO C 2001 24.65 -4.21 -94.09
CA PRO C 2001 26.10 -4.35 -93.90
C PRO C 2001 26.56 -5.75 -94.29
N PRO C 2002 27.80 -5.89 -94.77
CA PRO C 2002 28.25 -7.21 -95.24
C PRO C 2002 28.33 -8.27 -94.15
N GLN C 2003 28.64 -7.91 -92.90
CA GLN C 2003 28.56 -8.90 -91.82
C GLN C 2003 27.11 -9.33 -91.61
N GLU C 2004 26.17 -8.37 -91.63
CA GLU C 2004 24.76 -8.72 -91.55
C GLU C 2004 24.32 -9.49 -92.79
N GLN C 2005 24.90 -9.14 -93.95
CA GLN C 2005 24.58 -9.86 -95.18
C GLN C 2005 24.94 -11.34 -95.06
N ILE C 2006 26.17 -11.65 -94.65
CA ILE C 2006 26.58 -13.05 -94.56
C ILE C 2006 25.86 -13.75 -93.41
N ASN C 2007 25.57 -13.03 -92.31
CA ASN C 2007 24.84 -13.64 -91.20
C ASN C 2007 23.43 -14.06 -91.65
N MET C 2008 22.63 -13.10 -92.12
CA MET C 2008 21.28 -13.40 -92.60
C MET C 2008 21.30 -14.35 -93.81
N LEU C 2009 22.42 -14.41 -94.54
CA LEU C 2009 22.60 -15.43 -95.55
C LEU C 2009 22.65 -16.82 -94.91
N LEU C 2010 23.34 -16.93 -93.77
CA LEU C 2010 23.48 -18.22 -93.09
C LEU C 2010 22.47 -18.44 -91.96
N HIS C 2011 21.92 -17.37 -91.37
CA HIS C 2011 21.23 -17.51 -90.09
C HIS C 2011 19.99 -18.39 -90.20
N PHE C 2012 19.78 -19.22 -89.19
CA PHE C 2012 18.67 -20.16 -89.07
C PHE C 2012 18.66 -21.20 -90.18
N LYS C 2013 19.81 -21.46 -90.82
CA LYS C 2013 19.91 -22.60 -91.71
C LYS C 2013 20.00 -23.91 -90.94
N ASP C 2014 20.51 -23.88 -89.71
CA ASP C 2014 20.46 -25.04 -88.84
C ASP C 2014 19.03 -25.36 -88.39
N GLU C 2015 18.18 -24.34 -88.32
CA GLU C 2015 16.80 -24.54 -87.95
C GLU C 2015 16.06 -25.29 -89.06
N ALA C 2016 15.22 -26.25 -88.66
CA ALA C 2016 14.54 -27.09 -89.64
C ALA C 2016 13.49 -26.31 -90.43
N ASP C 2017 12.49 -25.76 -89.72
CA ASP C 2017 11.33 -25.16 -90.39
C ASP C 2017 11.45 -23.66 -90.58
N GLU C 2018 12.26 -22.98 -89.78
CA GLU C 2018 12.28 -21.52 -89.78
C GLU C 2018 13.07 -20.99 -90.98
N GLU C 2019 13.16 -19.66 -91.07
CA GLU C 2019 13.92 -18.90 -92.07
C GLU C 2019 13.39 -19.06 -93.49
N ASP C 2020 12.20 -19.64 -93.66
CA ASP C 2020 11.52 -19.83 -94.95
C ASP C 2020 12.31 -20.71 -95.91
N CYS C 2021 13.31 -21.44 -95.42
CA CYS C 2021 14.15 -22.33 -96.23
C CYS C 2021 14.79 -21.63 -97.42
N PRO C 2022 15.81 -20.80 -97.19
CA PRO C 2022 16.50 -20.13 -98.29
C PRO C 2022 17.55 -21.05 -98.91
N LEU C 2023 18.09 -20.59 -100.05
CA LEU C 2023 19.26 -21.12 -100.75
C LEU C 2023 18.95 -22.49 -101.36
N PRO C 2024 19.84 -23.03 -102.21
CA PRO C 2024 19.70 -24.43 -102.62
C PRO C 2024 19.99 -25.37 -101.45
N GLU C 2025 19.64 -26.64 -101.66
CA GLU C 2025 19.71 -27.62 -100.59
C GLU C 2025 21.07 -28.30 -100.47
N ASP C 2026 21.90 -28.25 -101.52
CA ASP C 2026 23.24 -28.84 -101.43
C ASP C 2026 24.13 -28.07 -100.47
N ILE C 2027 24.01 -26.74 -100.45
CA ILE C 2027 24.78 -25.92 -99.52
C ILE C 2027 24.39 -26.24 -98.08
N ARG C 2028 23.08 -26.32 -97.81
CA ARG C 2028 22.60 -26.66 -96.47
C ARG C 2028 23.05 -28.06 -96.08
N GLN C 2029 22.99 -29.01 -97.01
CA GLN C 2029 23.41 -30.37 -96.72
C GLN C 2029 24.90 -30.44 -96.42
N ASP C 2030 25.72 -29.69 -97.15
CA ASP C 2030 27.15 -29.67 -96.89
C ASP C 2030 27.45 -29.04 -95.54
N LEU C 2031 26.74 -27.97 -95.20
CA LEU C 2031 26.94 -27.32 -93.90
C LEU C 2031 26.58 -28.26 -92.75
N GLN C 2032 25.44 -28.95 -92.86
CA GLN C 2032 25.07 -29.92 -91.83
C GLN C 2032 26.02 -31.10 -91.80
N ASP C 2033 26.54 -31.50 -92.96
CA ASP C 2033 27.53 -32.58 -93.01
C ASP C 2033 28.79 -32.20 -92.26
N PHE C 2034 29.28 -30.97 -92.45
CA PHE C 2034 30.48 -30.56 -91.72
C PHE C 2034 30.20 -30.39 -90.23
N HIS C 2035 29.00 -29.92 -89.89
CA HIS C 2035 28.62 -29.78 -88.48
C HIS C 2035 28.62 -31.14 -87.78
N GLN C 2036 27.91 -32.12 -88.35
CA GLN C 2036 27.92 -33.47 -87.80
C GLN C 2036 29.32 -34.09 -87.85
N ASP C 2037 30.10 -33.72 -88.87
CA ASP C 2037 31.48 -34.23 -89.00
C ASP C 2037 32.30 -33.81 -87.77
N LEU C 2038 32.39 -32.49 -87.53
CA LEU C 2038 33.17 -31.98 -86.38
C LEU C 2038 32.54 -32.49 -85.08
N LEU C 2039 31.21 -32.50 -84.99
CA LEU C 2039 30.52 -33.03 -83.79
C LEU C 2039 31.07 -34.43 -83.48
N ALA C 2040 31.19 -35.28 -84.50
CA ALA C 2040 31.69 -36.63 -84.28
C ALA C 2040 33.19 -36.59 -83.99
N HIS C 2041 33.89 -35.59 -84.54
CA HIS C 2041 35.30 -35.43 -84.21
C HIS C 2041 35.52 -35.08 -82.74
N CYS C 2042 34.59 -34.35 -82.13
CA CYS C 2042 34.66 -34.04 -80.72
C CYS C 2042 34.00 -35.16 -79.91
N GLY C 2043 33.73 -34.89 -78.64
CA GLY C 2043 33.10 -35.85 -77.75
C GLY C 2043 31.61 -35.97 -77.87
N ILE C 2044 30.98 -35.32 -78.85
CA ILE C 2044 29.55 -35.47 -79.06
C ILE C 2044 29.26 -36.89 -79.55
N GLN C 2045 28.26 -37.53 -78.93
CA GLN C 2045 27.95 -38.92 -79.26
C GLN C 2045 27.24 -39.03 -80.61
N LEU C 2046 26.23 -38.18 -80.84
CA LEU C 2046 25.39 -38.22 -82.05
C LEU C 2046 24.77 -39.60 -82.25
N GLU C 2047 24.23 -40.17 -81.17
CA GLU C 2047 23.62 -41.49 -81.24
C GLU C 2047 22.32 -41.47 -82.04
N GLY C 2048 21.52 -40.41 -81.88
CA GLY C 2048 20.24 -40.33 -82.56
C GLY C 2048 19.17 -41.16 -81.88
N LYS C 2089 34.07 -50.77 -74.50
CA LYS C 2089 34.74 -50.76 -73.20
C LYS C 2089 36.20 -50.34 -73.37
N LYS C 2090 36.83 -50.84 -74.43
CA LYS C 2090 38.19 -50.43 -74.75
C LYS C 2090 38.22 -48.96 -75.16
N PRO C 2091 39.26 -48.21 -74.76
CA PRO C 2091 39.31 -46.77 -75.11
C PRO C 2091 39.33 -46.51 -76.60
N GLN C 2092 40.32 -47.07 -77.31
CA GLN C 2092 40.42 -47.07 -78.76
C GLN C 2092 40.73 -45.68 -79.33
N SER C 2093 40.85 -44.68 -78.47
CA SER C 2093 41.18 -43.33 -78.88
C SER C 2093 41.86 -42.61 -77.74
N LEU C 2094 42.28 -41.37 -78.00
CA LEU C 2094 43.10 -40.65 -77.03
C LEU C 2094 42.29 -40.17 -75.83
N GLN C 2095 41.07 -39.67 -76.04
CA GLN C 2095 40.36 -38.97 -74.98
C GLN C 2095 39.90 -39.94 -73.89
N GLU C 2096 39.39 -41.12 -74.27
CA GLU C 2096 38.98 -42.10 -73.26
C GLU C 2096 40.20 -42.71 -72.57
N LEU C 2097 41.31 -42.86 -73.30
CA LEU C 2097 42.54 -43.34 -72.68
C LEU C 2097 43.01 -42.39 -71.60
N VAL C 2098 43.04 -41.08 -71.89
CA VAL C 2098 43.48 -40.10 -70.90
C VAL C 2098 42.50 -40.02 -69.74
N SER C 2099 41.20 -40.07 -70.03
CA SER C 2099 40.20 -40.00 -68.96
C SER C 2099 40.30 -41.21 -68.02
N HIS C 2100 40.42 -42.41 -68.58
CA HIS C 2100 40.54 -43.61 -67.75
C HIS C 2100 41.87 -43.63 -67.01
N MET C 2101 42.92 -43.08 -67.62
CA MET C 2101 44.20 -42.95 -66.93
C MET C 2101 44.06 -42.07 -65.70
N VAL C 2102 43.39 -40.93 -65.84
CA VAL C 2102 43.22 -40.02 -64.72
C VAL C 2102 42.34 -40.65 -63.63
N VAL C 2103 41.25 -41.30 -64.03
CA VAL C 2103 40.37 -41.93 -63.04
C VAL C 2103 41.08 -43.05 -62.31
N ARG C 2104 41.85 -43.88 -63.02
CA ARG C 2104 42.56 -44.97 -62.35
C ARG C 2104 43.68 -44.44 -61.46
N TRP C 2105 44.38 -43.39 -61.90
CA TRP C 2105 45.43 -42.79 -61.08
C TRP C 2105 44.87 -42.18 -59.81
N ALA C 2106 43.68 -41.59 -59.88
CA ALA C 2106 43.04 -41.09 -58.67
C ALA C 2106 42.47 -42.22 -57.81
N GLN C 2107 42.10 -43.34 -58.43
CA GLN C 2107 41.51 -44.45 -57.70
C GLN C 2107 42.54 -45.26 -56.93
N GLU C 2108 43.73 -45.47 -57.49
CA GLU C 2108 44.70 -46.37 -56.88
C GLU C 2108 45.22 -45.85 -55.55
N ASP C 2109 45.68 -44.60 -55.51
CA ASP C 2109 46.32 -44.07 -54.32
C ASP C 2109 45.92 -42.63 -54.10
N TYR C 2110 46.02 -42.19 -52.85
CA TYR C 2110 45.78 -40.79 -52.49
C TYR C 2110 47.03 -40.00 -52.86
N VAL C 2111 46.95 -39.23 -53.94
CA VAL C 2111 48.09 -38.44 -54.41
C VAL C 2111 48.31 -37.26 -53.47
N GLN C 2112 49.58 -36.87 -53.34
CA GLN C 2112 49.97 -35.84 -52.38
C GLN C 2112 50.56 -34.58 -52.98
N SER C 2113 51.05 -34.63 -54.22
CA SER C 2113 51.64 -33.45 -54.84
C SER C 2113 50.55 -32.64 -55.54
N PRO C 2114 50.29 -31.40 -55.11
CA PRO C 2114 49.16 -30.65 -55.68
C PRO C 2114 49.31 -30.31 -57.15
N GLU C 2115 50.55 -30.15 -57.63
CA GLU C 2115 50.76 -29.85 -59.04
C GLU C 2115 50.30 -31.00 -59.93
N LEU C 2116 50.54 -32.24 -59.50
CA LEU C 2116 50.05 -33.40 -60.23
C LEU C 2116 48.52 -33.44 -60.26
N VAL C 2117 47.89 -33.11 -59.12
CA VAL C 2117 46.42 -33.10 -59.05
C VAL C 2117 45.86 -32.05 -60.00
N ARG C 2118 46.47 -30.86 -59.99
CA ARG C 2118 46.02 -29.80 -60.89
C ARG C 2118 46.19 -30.20 -62.35
N ALA C 2119 47.30 -30.85 -62.68
CA ALA C 2119 47.55 -31.28 -64.04
C ALA C 2119 46.52 -32.32 -64.49
N MET C 2120 46.25 -33.33 -63.65
CA MET C 2120 45.32 -34.38 -64.07
C MET C 2120 43.89 -33.84 -64.15
N PHE C 2121 43.51 -32.96 -63.22
CA PHE C 2121 42.16 -32.38 -63.29
C PHE C 2121 41.99 -31.48 -64.50
N SER C 2122 43.02 -30.69 -64.84
CA SER C 2122 42.95 -29.87 -66.04
C SER C 2122 42.87 -30.72 -67.30
N LEU C 2123 43.66 -31.80 -67.36
CA LEU C 2123 43.62 -32.69 -68.51
C LEU C 2123 42.26 -33.36 -68.64
N LEU C 2124 41.70 -33.83 -67.52
CA LEU C 2124 40.38 -34.45 -67.54
C LEU C 2124 39.31 -33.47 -67.99
N HIS C 2125 39.40 -32.22 -67.53
CA HIS C 2125 38.46 -31.19 -67.97
C HIS C 2125 38.59 -30.93 -69.47
N ARG C 2126 39.82 -30.90 -69.99
CA ARG C 2126 40.01 -30.68 -71.43
C ARG C 2126 39.42 -31.81 -72.25
N GLN C 2127 39.65 -33.06 -71.86
CA GLN C 2127 39.09 -34.17 -72.63
C GLN C 2127 37.57 -34.29 -72.45
N TYR C 2128 37.04 -33.87 -71.29
CA TYR C 2128 35.59 -33.94 -71.09
C TYR C 2128 34.83 -32.81 -71.78
N ASP C 2129 35.44 -31.63 -71.90
CA ASP C 2129 34.70 -30.46 -72.40
C ASP C 2129 34.55 -30.53 -73.91
N GLY C 2130 35.67 -30.53 -74.64
CA GLY C 2130 35.62 -30.71 -76.08
C GLY C 2130 35.40 -29.43 -76.84
N LEU C 2131 34.15 -29.23 -77.29
CA LEU C 2131 33.81 -28.06 -78.11
C LEU C 2131 34.02 -26.75 -77.36
N GLY C 2132 33.97 -26.79 -76.02
CA GLY C 2132 34.18 -25.56 -75.25
C GLY C 2132 35.57 -24.97 -75.43
N GLU C 2133 36.59 -25.83 -75.47
CA GLU C 2133 37.95 -25.36 -75.70
C GLU C 2133 38.09 -24.75 -77.09
N LEU C 2134 37.44 -25.36 -78.10
CA LEU C 2134 37.46 -24.79 -79.44
C LEU C 2134 36.73 -23.46 -79.48
N LEU C 2135 35.64 -23.34 -78.72
CA LEU C 2135 34.92 -22.06 -78.63
C LEU C 2135 35.80 -20.98 -78.00
N ARG C 2136 36.55 -21.34 -76.95
CA ARG C 2136 37.39 -20.35 -76.30
C ARG C 2136 38.62 -19.99 -77.13
N ALA C 2137 39.12 -20.93 -77.94
CA ALA C 2137 40.32 -20.68 -78.72
C ALA C 2137 40.05 -19.96 -80.04
N LEU C 2138 38.81 -19.95 -80.50
CA LEU C 2138 38.50 -19.34 -81.80
C LEU C 2138 38.71 -17.81 -81.87
N PRO C 2139 38.49 -17.01 -80.81
CA PRO C 2139 38.87 -15.59 -80.91
C PRO C 2139 40.35 -15.37 -81.20
N ARG C 2140 41.23 -16.26 -80.75
CA ARG C 2140 42.65 -16.11 -81.05
C ARG C 2140 42.98 -16.44 -82.51
N ALA C 2141 42.15 -17.22 -83.17
CA ALA C 2141 42.42 -17.62 -84.55
C ALA C 2141 42.20 -16.44 -85.50
N TYR C 2142 43.12 -16.27 -86.45
CA TYR C 2142 43.03 -15.25 -87.47
C TYR C 2142 43.53 -15.81 -88.79
N THR C 2143 42.95 -15.32 -89.88
CA THR C 2143 43.26 -15.79 -91.23
C THR C 2143 43.79 -14.61 -92.05
N ILE C 2144 44.94 -14.82 -92.69
CA ILE C 2144 45.60 -13.76 -93.46
C ILE C 2144 45.78 -14.23 -94.90
N SER C 2145 45.81 -13.25 -95.81
CA SER C 2145 45.97 -13.50 -97.23
C SER C 2145 47.41 -13.88 -97.56
N PRO C 2146 47.62 -14.60 -98.67
CA PRO C 2146 48.99 -14.91 -99.09
C PRO C 2146 49.71 -13.68 -99.62
N SER C 2147 50.99 -13.88 -99.94
CA SER C 2147 51.91 -12.88 -100.49
C SER C 2147 52.22 -11.75 -99.52
N SER C 2148 51.80 -11.87 -98.25
CA SER C 2148 52.11 -10.88 -97.23
C SER C 2148 52.67 -11.53 -95.97
N VAL C 2149 53.16 -12.77 -96.07
CA VAL C 2149 53.50 -13.55 -94.89
C VAL C 2149 54.86 -13.15 -94.32
N GLU C 2150 55.77 -12.63 -95.15
CA GLU C 2150 57.10 -12.27 -94.68
C GLU C 2150 57.04 -11.14 -93.66
N ASP C 2151 56.21 -10.13 -93.91
CA ASP C 2151 56.03 -9.06 -92.94
C ASP C 2151 55.36 -9.56 -91.67
N THR C 2152 54.50 -10.56 -91.78
CA THR C 2152 53.91 -11.18 -90.59
C THR C 2152 54.97 -11.92 -89.79
N MET C 2153 55.93 -12.57 -90.49
CA MET C 2153 57.07 -13.16 -89.80
C MET C 2153 57.88 -12.10 -89.07
N SER C 2154 58.11 -10.95 -89.70
CA SER C 2154 58.85 -9.87 -89.05
C SER C 2154 58.11 -9.39 -87.81
N LEU C 2155 56.78 -9.23 -87.90
CA LEU C 2155 55.98 -8.85 -86.75
C LEU C 2155 56.07 -9.89 -85.64
N LEU C 2156 56.01 -11.18 -85.99
CA LEU C 2156 56.05 -12.23 -84.98
C LEU C 2156 57.42 -12.28 -84.29
N GLU C 2157 58.50 -12.11 -85.05
CA GLU C 2157 59.82 -12.09 -84.45
C GLU C 2157 60.00 -10.87 -83.54
N CYS C 2158 59.50 -9.70 -83.96
CA CYS C 2158 59.60 -8.52 -83.11
C CYS C 2158 58.80 -8.70 -81.82
N LEU C 2159 57.58 -9.22 -81.93
CA LEU C 2159 56.77 -9.44 -80.74
C LEU C 2159 57.35 -10.51 -79.84
N GLY C 2160 57.98 -11.54 -80.42
CA GLY C 2160 58.67 -12.52 -79.61
C GLY C 2160 59.88 -11.95 -78.90
N GLN C 2161 60.58 -11.02 -79.56
CA GLN C 2161 61.69 -10.33 -78.90
C GLN C 2161 61.20 -9.52 -77.71
N ILE C 2162 60.10 -8.79 -77.88
CA ILE C 2162 59.53 -8.04 -76.76
C ILE C 2162 59.07 -8.98 -75.65
N ARG C 2163 58.43 -10.10 -76.03
CA ARG C 2163 57.91 -11.04 -75.04
C ARG C 2163 59.05 -11.69 -74.25
N SER C 2164 60.17 -12.00 -74.91
CA SER C 2164 61.32 -12.55 -74.22
C SER C 2164 61.98 -11.49 -73.33
N LEU C 2165 62.06 -10.25 -73.81
CA LEU C 2165 62.67 -9.18 -73.01
C LEU C 2165 61.77 -8.72 -71.87
N LEU C 2166 60.50 -9.13 -71.86
CA LEU C 2166 59.60 -8.78 -70.75
C LEU C 2166 60.11 -9.28 -69.41
N ILE C 2167 60.78 -10.44 -69.38
CA ILE C 2167 61.23 -11.01 -68.11
C ILE C 2167 62.60 -10.53 -67.69
N VAL C 2168 63.34 -9.87 -68.57
CA VAL C 2168 64.71 -9.46 -68.28
C VAL C 2168 64.69 -8.22 -67.43
N GLN C 2169 65.60 -8.15 -66.44
CA GLN C 2169 65.73 -6.97 -65.60
C GLN C 2169 66.10 -5.76 -66.45
N MET C 2170 65.53 -4.61 -66.09
CA MET C 2170 65.57 -3.43 -66.96
C MET C 2170 66.99 -2.86 -67.05
N GLY C 2171 67.35 -2.41 -68.24
CA GLY C 2171 68.67 -1.85 -68.46
C GLY C 2171 68.78 -1.03 -69.73
N PRO C 2172 69.91 -0.34 -69.90
CA PRO C 2172 70.08 0.51 -71.10
C PRO C 2172 70.17 -0.27 -72.40
N GLN C 2173 70.85 -1.42 -72.40
CA GLN C 2173 70.86 -2.25 -73.60
C GLN C 2173 69.46 -2.80 -73.89
N GLU C 2174 68.75 -3.20 -72.84
CA GLU C 2174 67.38 -3.68 -73.01
C GLU C 2174 66.47 -2.57 -73.52
N GLU C 2175 66.62 -1.34 -73.01
CA GLU C 2175 65.79 -0.25 -73.50
C GLU C 2175 66.16 0.11 -74.94
N ASN C 2176 67.44 -0.02 -75.31
CA ASN C 2176 67.84 0.27 -76.69
C ASN C 2176 67.25 -0.74 -77.66
N LEU C 2177 67.36 -2.04 -77.33
CA LEU C 2177 66.77 -3.05 -78.20
C LEU C 2177 65.25 -2.96 -78.23
N MET C 2178 64.63 -2.58 -77.11
CA MET C 2178 63.17 -2.45 -77.10
C MET C 2178 62.71 -1.25 -77.91
N ILE C 2179 63.46 -0.14 -77.84
CA ILE C 2179 63.16 1.03 -78.67
C ILE C 2179 63.29 0.67 -80.14
N GLN C 2180 64.35 -0.08 -80.49
CA GLN C 2180 64.54 -0.50 -81.87
C GLN C 2180 63.42 -1.44 -82.31
N SER C 2181 62.98 -2.34 -81.43
CA SER C 2181 61.89 -3.26 -81.75
C SER C 2181 60.58 -2.51 -81.97
N ILE C 2182 60.27 -1.54 -81.10
CA ILE C 2182 59.04 -0.77 -81.28
C ILE C 2182 59.10 0.05 -82.56
N GLY C 2183 60.24 0.68 -82.84
CA GLY C 2183 60.38 1.44 -84.08
C GLY C 2183 60.24 0.58 -85.32
N ASN C 2184 60.82 -0.63 -85.29
CA ASN C 2184 60.70 -1.55 -86.41
C ASN C 2184 59.27 -2.08 -86.56
N ILE C 2185 58.57 -2.29 -85.45
CA ILE C 2185 57.22 -2.83 -85.52
C ILE C 2185 56.19 -1.74 -85.84
N MET C 2186 56.57 -0.47 -85.71
CA MET C 2186 55.71 0.62 -86.19
C MET C 2186 55.69 0.71 -87.70
N ASN C 2187 56.84 0.50 -88.34
CA ASN C 2187 57.00 0.68 -89.78
C ASN C 2187 56.73 -0.59 -90.58
N ASN C 2188 56.08 -1.59 -89.98
CA ASN C 2188 55.92 -2.88 -90.63
C ASN C 2188 54.98 -2.77 -91.83
N LYS C 2189 53.95 -1.92 -91.72
CA LYS C 2189 52.82 -1.65 -92.59
C LYS C 2189 51.71 -2.71 -92.48
N VAL C 2190 51.92 -3.80 -91.74
CA VAL C 2190 50.79 -4.65 -91.37
C VAL C 2190 49.96 -3.95 -90.30
N PHE C 2191 50.59 -3.10 -89.49
CA PHE C 2191 49.87 -2.27 -88.54
C PHE C 2191 48.91 -1.32 -89.27
N TYR C 2192 49.26 -0.92 -90.50
CA TYR C 2192 48.38 -0.06 -91.29
C TYR C 2192 47.07 -0.76 -91.62
N GLN C 2193 47.13 -2.00 -92.11
CA GLN C 2193 45.96 -2.64 -92.69
C GLN C 2193 45.08 -3.30 -91.63
N HIS C 2194 45.61 -4.23 -90.85
CA HIS C 2194 44.79 -5.04 -89.96
C HIS C 2194 44.99 -4.63 -88.51
N PRO C 2195 44.01 -3.98 -87.88
CA PRO C 2195 44.10 -3.74 -86.44
C PRO C 2195 43.49 -4.86 -85.61
N ASN C 2196 42.67 -5.71 -86.25
CA ASN C 2196 42.03 -6.82 -85.54
C ASN C 2196 43.04 -7.85 -85.09
N LEU C 2197 44.05 -8.14 -85.92
CA LEU C 2197 45.12 -9.05 -85.51
C LEU C 2197 45.96 -8.43 -84.41
N MET C 2198 46.21 -7.12 -84.48
CA MET C 2198 46.93 -6.44 -83.41
C MET C 2198 46.14 -6.47 -82.11
N ARG C 2199 44.82 -6.36 -82.19
CA ARG C 2199 43.99 -6.46 -81.00
C ARG C 2199 43.96 -7.87 -80.44
N ALA C 2200 43.92 -8.87 -81.30
CA ALA C 2200 43.86 -10.26 -80.86
C ALA C 2200 45.19 -10.73 -80.30
N LEU C 2201 46.30 -10.16 -80.76
CA LEU C 2201 47.62 -10.54 -80.28
C LEU C 2201 47.93 -10.02 -78.88
N GLY C 2202 47.16 -9.05 -78.39
CA GLY C 2202 47.42 -8.48 -77.08
C GLY C 2202 48.72 -7.71 -76.98
N MET C 2203 49.11 -7.04 -78.05
CA MET C 2203 50.34 -6.24 -78.03
C MET C 2203 50.19 -5.03 -77.11
N HIS C 2204 49.00 -4.40 -77.11
CA HIS C 2204 48.80 -3.18 -76.34
C HIS C 2204 48.94 -3.45 -74.85
N GLU C 2205 48.38 -4.58 -74.38
CA GLU C 2205 48.55 -4.97 -72.98
C GLU C 2205 50.02 -5.21 -72.65
N THR C 2206 50.78 -5.80 -73.58
CA THR C 2206 52.19 -6.06 -73.33
C THR C 2206 52.98 -4.75 -73.18
N VAL C 2207 52.76 -3.81 -74.10
CA VAL C 2207 53.43 -2.51 -73.99
C VAL C 2207 52.96 -1.78 -72.73
N MET C 2208 51.69 -1.94 -72.36
CA MET C 2208 51.19 -1.28 -71.16
C MET C 2208 51.86 -1.86 -69.91
N GLU C 2209 52.06 -3.18 -69.86
CA GLU C 2209 52.79 -3.78 -68.75
C GLU C 2209 54.24 -3.33 -68.73
N VAL C 2210 54.84 -3.14 -69.91
CA VAL C 2210 56.20 -2.58 -69.97
C VAL C 2210 56.23 -1.20 -69.32
N MET C 2211 55.25 -0.35 -69.66
CA MET C 2211 55.21 0.99 -69.11
C MET C 2211 54.92 0.96 -67.60
N VAL C 2212 54.10 0.01 -67.16
CA VAL C 2212 53.84 -0.15 -65.73
C VAL C 2212 55.13 -0.52 -64.99
N ASN C 2213 55.88 -1.47 -65.54
CA ASN C 2213 57.11 -1.93 -64.89
C ASN C 2213 58.16 -0.83 -64.82
N VAL C 2214 58.31 -0.06 -65.92
CA VAL C 2214 59.33 0.98 -65.92
C VAL C 2214 58.91 2.19 -65.09
N LEU C 2215 57.63 2.58 -65.18
CA LEU C 2215 57.18 3.83 -64.58
C LEU C 2215 57.04 3.71 -63.06
N GLY C 2216 56.68 2.54 -62.56
CA GLY C 2216 56.36 2.35 -61.15
C GLY C 2216 57.47 2.69 -60.18
N GLY C 2217 57.14 3.46 -59.16
CA GLY C 2217 58.08 3.90 -58.15
C GLY C 2217 57.84 5.36 -57.81
N GLY C 2218 58.89 6.00 -57.31
CA GLY C 2218 58.82 7.41 -56.99
C GLY C 2218 58.94 8.28 -58.22
N GLU C 2219 58.99 9.60 -57.98
CA GLU C 2219 59.17 10.54 -59.07
C GLU C 2219 60.55 10.43 -59.68
N THR C 2220 61.58 10.28 -58.85
CA THR C 2220 62.92 10.05 -59.37
C THR C 2220 63.04 8.68 -60.02
N LYS C 2221 62.23 7.71 -59.59
CA LYS C 2221 62.15 6.45 -60.31
C LYS C 2221 61.44 6.61 -61.65
N GLU C 2222 60.53 7.58 -61.75
CA GLU C 2222 59.90 7.88 -63.04
C GLU C 2222 60.91 8.54 -63.98
N ILE C 2223 61.75 9.43 -63.46
CA ILE C 2223 62.83 9.99 -64.28
C ILE C 2223 63.99 9.03 -64.45
N ARG C 2224 64.07 7.98 -63.63
CA ARG C 2224 64.97 6.88 -63.94
C ARG C 2224 64.51 6.18 -65.21
N PHE C 2225 65.46 5.88 -66.10
CA PHE C 2225 65.18 5.47 -67.47
C PHE C 2225 64.22 6.45 -68.14
N PRO C 2226 64.63 7.72 -68.32
CA PRO C 2226 63.69 8.72 -68.85
C PRO C 2226 63.24 8.45 -70.27
N LYS C 2227 64.08 7.82 -71.09
CA LYS C 2227 63.71 7.49 -72.44
C LYS C 2227 62.85 6.23 -72.46
N MET C 2228 62.25 5.96 -73.63
CA MET C 2228 61.44 4.79 -73.96
C MET C 2228 60.07 4.85 -73.28
N VAL C 2229 59.87 5.80 -72.38
CA VAL C 2229 58.51 6.13 -71.95
C VAL C 2229 57.77 6.84 -73.06
N THR C 2230 58.45 7.77 -73.73
CA THR C 2230 57.88 8.48 -74.87
C THR C 2230 57.56 7.51 -76.01
N SER C 2231 58.40 6.49 -76.20
CA SER C 2231 58.18 5.54 -77.29
C SER C 2231 56.88 4.75 -77.07
N CYS C 2232 56.67 4.25 -75.86
CA CYS C 2232 55.44 3.51 -75.57
C CYS C 2232 54.22 4.43 -75.60
N CYS C 2233 54.36 5.66 -75.10
CA CYS C 2233 53.23 6.58 -75.14
C CYS C 2233 52.86 6.96 -76.56
N ARG C 2234 53.86 7.18 -77.42
CA ARG C 2234 53.61 7.44 -78.84
C ARG C 2234 52.97 6.24 -79.52
N PHE C 2235 53.46 5.03 -79.21
CA PHE C 2235 52.88 3.82 -79.78
C PHE C 2235 51.42 3.68 -79.40
N LEU C 2236 51.09 3.95 -78.14
CA LEU C 2236 49.70 3.82 -77.70
C LEU C 2236 48.82 4.91 -78.29
N CYS C 2237 49.37 6.14 -78.42
CA CYS C 2237 48.63 7.21 -79.08
C CYS C 2237 48.31 6.86 -80.53
N TYR C 2238 49.30 6.32 -81.25
CA TYR C 2238 49.09 5.98 -82.65
C TYR C 2238 48.12 4.80 -82.78
N PHE C 2239 48.22 3.84 -81.87
CA PHE C 2239 47.29 2.71 -81.86
C PHE C 2239 45.86 3.18 -81.60
N CYS C 2240 45.68 4.14 -80.69
CA CYS C 2240 44.37 4.76 -80.49
C CYS C 2240 43.90 5.47 -81.75
N ARG C 2241 44.81 6.18 -82.42
CA ARG C 2241 44.46 6.92 -83.63
C ARG C 2241 44.21 6.03 -84.84
N ILE C 2242 44.54 4.74 -84.76
CA ILE C 2242 44.43 3.86 -85.92
C ILE C 2242 42.96 3.71 -86.35
N SER C 2243 42.07 3.37 -85.42
CA SER C 2243 40.70 3.02 -85.77
C SER C 2243 39.89 2.86 -84.48
N ARG C 2244 38.57 2.72 -84.66
CA ARG C 2244 37.68 2.44 -83.55
C ARG C 2244 37.80 0.97 -83.12
N GLN C 2245 37.23 0.69 -81.93
CA GLN C 2245 37.26 -0.58 -81.21
C GLN C 2245 38.64 -0.84 -80.61
N ASN C 2246 39.60 0.03 -80.93
CA ASN C 2246 40.89 0.12 -80.28
C ASN C 2246 40.87 1.19 -79.20
N GLN C 2247 40.08 2.24 -79.44
CA GLN C 2247 39.99 3.35 -78.50
C GLN C 2247 39.35 2.92 -77.19
N ARG C 2248 38.38 1.99 -77.25
CA ARG C 2248 37.77 1.47 -76.03
C ARG C 2248 38.77 0.67 -75.20
N SER C 2249 39.59 -0.15 -75.88
CA SER C 2249 40.51 -1.04 -75.19
C SER C 2249 41.54 -0.25 -74.38
N MET C 2250 42.06 0.84 -74.94
CA MET C 2250 42.95 1.71 -74.21
C MET C 2250 42.19 2.71 -73.37
N PHE C 2251 40.88 2.84 -73.59
CA PHE C 2251 40.02 3.67 -72.77
C PHE C 2251 39.76 3.07 -71.40
N ASP C 2252 39.81 1.74 -71.29
CA ASP C 2252 39.65 1.13 -69.96
C ASP C 2252 40.76 1.56 -68.99
N HIS C 2253 41.91 2.00 -69.49
CA HIS C 2253 43.06 2.33 -68.65
C HIS C 2253 43.10 3.80 -68.26
N LEU C 2254 41.99 4.51 -68.38
CA LEU C 2254 41.98 5.97 -68.24
C LEU C 2254 42.43 6.39 -66.85
N SER C 2255 41.88 5.75 -65.81
CA SER C 2255 42.19 6.16 -64.44
C SER C 2255 43.66 5.93 -64.11
N TYR C 2256 44.20 4.77 -64.48
CA TYR C 2256 45.60 4.48 -64.20
C TYR C 2256 46.51 5.41 -64.97
N LEU C 2257 46.18 5.69 -66.24
CA LEU C 2257 46.95 6.65 -67.01
C LEU C 2257 46.90 8.03 -66.36
N LEU C 2258 45.75 8.40 -65.80
CA LEU C 2258 45.60 9.71 -65.19
C LEU C 2258 46.47 9.86 -63.95
N GLU C 2259 46.43 8.89 -63.04
CA GLU C 2259 47.29 9.09 -61.86
C GLU C 2259 48.75 8.72 -62.12
N ASN C 2260 49.08 8.12 -63.27
CA ASN C 2260 50.48 8.06 -63.64
C ASN C 2260 50.96 9.32 -64.37
N SER C 2261 50.05 10.06 -64.99
CA SER C 2261 50.43 11.23 -65.77
C SER C 2261 50.98 12.35 -64.90
N GLY C 2262 50.47 12.48 -63.67
CA GLY C 2262 50.85 13.60 -62.83
C GLY C 2262 52.32 13.62 -62.47
N ILE C 2263 52.87 12.45 -62.11
CA ILE C 2263 54.31 12.37 -61.84
C ILE C 2263 55.09 12.12 -63.13
N GLY C 2264 54.42 11.59 -64.16
CA GLY C 2264 55.05 11.16 -65.40
C GLY C 2264 55.32 12.24 -66.43
N LEU C 2265 55.19 13.51 -66.07
CA LEU C 2265 55.48 14.59 -67.03
C LEU C 2265 56.95 14.57 -67.44
N GLY C 2266 57.85 14.81 -66.51
CA GLY C 2266 59.28 14.81 -66.80
C GLY C 2266 59.67 15.83 -67.85
N MET C 2267 60.47 15.38 -68.81
CA MET C 2267 60.92 16.23 -69.90
C MET C 2267 59.85 16.31 -70.99
N GLN C 2268 60.17 17.00 -72.07
CA GLN C 2268 59.25 17.15 -73.20
C GLN C 2268 59.19 15.84 -73.98
N GLY C 2269 57.97 15.49 -74.41
CA GLY C 2269 57.78 14.28 -75.19
C GLY C 2269 56.36 13.77 -75.01
N SER C 2270 56.16 12.54 -75.48
CA SER C 2270 54.86 11.90 -75.31
C SER C 2270 54.64 11.52 -73.85
N THR C 2271 53.42 11.76 -73.38
CA THR C 2271 53.04 11.56 -71.99
C THR C 2271 51.78 10.72 -71.93
N PRO C 2272 51.52 10.07 -70.79
CA PRO C 2272 50.22 9.37 -70.63
C PRO C 2272 49.01 10.27 -70.76
N LEU C 2273 49.15 11.57 -70.45
CA LEU C 2273 48.06 12.51 -70.67
C LEU C 2273 47.69 12.59 -72.14
N ASP C 2274 48.69 12.53 -73.03
CA ASP C 2274 48.41 12.49 -74.46
C ASP C 2274 47.63 11.24 -74.85
N VAL C 2275 47.96 10.09 -74.26
CA VAL C 2275 47.22 8.86 -74.54
C VAL C 2275 45.79 8.97 -74.05
N ALA C 2276 45.61 9.53 -72.84
CA ALA C 2276 44.27 9.69 -72.28
C ALA C 2276 43.43 10.65 -73.13
N ALA C 2277 44.05 11.73 -73.62
CA ALA C 2277 43.34 12.63 -74.51
C ALA C 2277 43.02 11.95 -75.84
N ALA C 2278 43.92 11.11 -76.34
CA ALA C 2278 43.67 10.40 -77.59
C ALA C 2278 42.59 9.34 -77.45
N SER C 2279 42.35 8.86 -76.22
CA SER C 2279 41.27 7.90 -76.02
C SER C 2279 39.89 8.53 -76.19
N VAL C 2280 39.76 9.83 -75.97
CA VAL C 2280 38.47 10.51 -76.02
C VAL C 2280 38.31 11.40 -77.26
N ILE C 2281 39.27 11.42 -78.17
CA ILE C 2281 39.20 12.32 -79.32
C ILE C 2281 38.07 11.91 -80.26
N ASP C 2282 37.20 12.87 -80.57
CA ASP C 2282 36.22 12.81 -81.66
C ASP C 2282 35.17 11.73 -81.49
N ASN C 2283 34.92 11.27 -80.28
CA ASN C 2283 33.95 10.20 -80.02
C ASN C 2283 32.79 10.75 -79.20
N ASN C 2284 31.61 10.83 -79.81
CA ASN C 2284 30.40 11.21 -79.07
C ASN C 2284 29.95 10.09 -78.15
N GLU C 2285 30.01 8.84 -78.60
CA GLU C 2285 29.91 7.70 -77.70
C GLU C 2285 31.28 7.50 -77.08
N LEU C 2286 31.32 7.21 -75.76
CA LEU C 2286 32.58 7.04 -74.98
C LEU C 2286 32.68 8.26 -74.08
N ALA C 2287 33.05 9.41 -74.65
CA ALA C 2287 33.00 10.65 -73.84
C ALA C 2287 31.52 10.84 -73.52
N LEU C 2288 31.19 11.31 -72.31
CA LEU C 2288 29.77 11.53 -71.89
C LEU C 2288 29.12 10.18 -71.57
N ALA C 2289 29.82 9.06 -71.82
CA ALA C 2289 29.28 7.73 -71.47
C ALA C 2289 29.93 7.24 -70.17
N LEU C 2290 31.26 7.18 -70.14
CA LEU C 2290 31.99 6.74 -68.94
C LEU C 2290 33.06 7.77 -68.58
N GLN C 2291 32.63 8.85 -67.93
CA GLN C 2291 33.55 9.84 -67.37
C GLN C 2291 33.06 10.28 -65.98
N GLU C 2292 32.78 9.29 -65.13
CA GLU C 2292 32.13 9.52 -63.84
C GLU C 2292 32.91 10.44 -62.91
N GLN C 2293 34.11 10.06 -62.51
CA GLN C 2293 34.84 10.73 -61.45
C GLN C 2293 36.20 11.27 -61.88
N ASP C 2294 36.66 10.94 -63.08
CA ASP C 2294 38.01 11.32 -63.52
C ASP C 2294 38.18 12.83 -63.63
N LEU C 2295 37.10 13.55 -63.98
CA LEU C 2295 37.16 15.00 -64.09
C LEU C 2295 37.51 15.64 -62.75
N GLU C 2296 36.96 15.11 -61.66
CA GLU C 2296 37.34 15.56 -60.33
C GLU C 2296 38.83 15.38 -60.07
N LYS C 2297 39.39 14.25 -60.52
CA LYS C 2297 40.82 14.03 -60.38
C LYS C 2297 41.61 15.07 -61.16
N VAL C 2298 41.18 15.39 -62.37
CA VAL C 2298 41.91 16.38 -63.18
C VAL C 2298 41.82 17.77 -62.56
N VAL C 2299 40.65 18.18 -62.07
CA VAL C 2299 40.55 19.53 -61.51
C VAL C 2299 41.32 19.61 -60.19
N SER C 2300 41.34 18.52 -59.41
CA SER C 2300 42.13 18.51 -58.19
C SER C 2300 43.62 18.59 -58.49
N TYR C 2301 44.08 17.90 -59.54
CA TYR C 2301 45.47 18.03 -59.96
C TYR C 2301 45.77 19.46 -60.40
N LEU C 2302 44.82 20.08 -61.11
CA LEU C 2302 44.97 21.48 -61.52
C LEU C 2302 45.08 22.39 -60.31
N ALA C 2303 44.25 22.16 -59.29
CA ALA C 2303 44.30 22.96 -58.07
C ALA C 2303 45.62 22.75 -57.33
N GLY C 2304 46.14 21.53 -57.32
CA GLY C 2304 47.43 21.28 -56.73
C GLY C 2304 48.57 21.96 -57.47
N CYS C 2305 48.46 22.06 -58.79
CA CYS C 2305 49.44 22.84 -59.56
C CYS C 2305 49.26 24.33 -59.35
N GLY C 2306 48.05 24.77 -58.99
CA GLY C 2306 47.82 26.20 -58.78
C GLY C 2306 48.60 26.75 -57.61
N LEU C 2307 48.69 25.99 -56.52
CA LEU C 2307 49.50 26.36 -55.37
C LEU C 2307 50.91 25.82 -55.56
N GLN C 2308 51.91 26.66 -55.29
CA GLN C 2308 53.34 26.39 -55.15
C GLN C 2308 53.97 26.17 -56.51
N SER C 2309 55.30 26.22 -56.59
CA SER C 2309 56.01 26.13 -57.85
C SER C 2309 56.77 24.81 -57.95
N CYS C 2310 56.98 24.37 -59.19
CA CYS C 2310 57.71 23.13 -59.42
C CYS C 2310 59.21 23.38 -59.31
N PRO C 2311 59.96 22.48 -58.65
CA PRO C 2311 61.39 22.73 -58.42
C PRO C 2311 62.26 22.56 -59.65
N MET C 2312 61.80 21.82 -60.66
CA MET C 2312 62.70 21.46 -61.75
C MET C 2312 63.04 22.65 -62.65
N LEU C 2313 62.15 23.64 -62.76
CA LEU C 2313 62.48 24.86 -63.47
C LEU C 2313 63.15 25.88 -62.56
N LEU C 2314 62.84 25.84 -61.26
CA LEU C 2314 63.42 26.75 -60.29
C LEU C 2314 64.92 26.55 -60.15
N ALA C 2315 65.41 25.31 -60.38
CA ALA C 2315 66.81 24.99 -60.14
C ALA C 2315 67.72 25.74 -61.10
N LYS C 2316 67.32 25.89 -62.37
CA LYS C 2316 68.16 26.49 -63.40
C LYS C 2316 67.50 27.76 -63.94
N GLY C 2317 68.04 28.91 -63.56
CA GLY C 2317 67.72 30.19 -64.18
C GLY C 2317 66.27 30.64 -64.12
N TYR C 2318 65.67 30.66 -62.93
CA TYR C 2318 64.29 31.07 -62.80
C TYR C 2318 64.14 32.12 -61.71
N PRO C 2319 63.18 33.04 -61.85
CA PRO C 2319 62.93 34.04 -60.82
C PRO C 2319 62.14 33.54 -59.62
N ASP C 2320 62.00 32.22 -59.46
CA ASP C 2320 61.24 31.60 -58.37
C ASP C 2320 59.78 32.06 -58.38
N ILE C 2321 59.22 32.22 -59.59
CA ILE C 2321 57.84 32.65 -59.74
C ILE C 2321 56.93 31.50 -59.36
N GLY C 2322 56.07 31.72 -58.38
CA GLY C 2322 55.11 30.72 -57.97
C GLY C 2322 54.05 30.49 -59.03
N TRP C 2323 53.34 29.37 -58.88
CA TRP C 2323 52.26 28.94 -59.77
C TRP C 2323 52.72 28.92 -61.23
N ASN C 2324 53.48 27.88 -61.54
CA ASN C 2324 54.06 27.77 -62.88
C ASN C 2324 52.99 27.42 -63.91
N PRO C 2325 52.88 28.19 -65.00
CA PRO C 2325 51.90 27.87 -66.04
C PRO C 2325 52.24 26.63 -66.87
N CYS C 2326 53.47 26.13 -66.79
CA CYS C 2326 53.81 24.90 -67.49
C CYS C 2326 53.06 23.71 -66.92
N GLY C 2327 52.85 23.70 -65.60
CA GLY C 2327 52.04 22.68 -64.96
C GLY C 2327 50.59 23.12 -64.84
N GLY C 2328 49.73 22.61 -65.72
CA GLY C 2328 48.34 22.98 -65.71
C GLY C 2328 47.78 23.19 -67.11
N GLU C 2329 48.64 23.61 -68.05
CA GLU C 2329 48.21 23.80 -69.43
C GLU C 2329 47.80 22.49 -70.07
N ARG C 2330 48.54 21.41 -69.77
CA ARG C 2330 48.19 20.09 -70.29
C ARG C 2330 46.87 19.61 -69.71
N TYR C 2331 46.63 19.87 -68.42
CA TYR C 2331 45.35 19.51 -67.81
C TYR C 2331 44.21 20.29 -68.44
N LEU C 2332 44.42 21.59 -68.70
CA LEU C 2332 43.41 22.40 -69.37
C LEU C 2332 43.14 21.90 -70.79
N ASP C 2333 44.19 21.43 -71.48
CA ASP C 2333 44.00 20.88 -72.82
C ASP C 2333 43.21 19.59 -72.78
N PHE C 2334 43.48 18.73 -71.78
CA PHE C 2334 42.69 17.50 -71.64
C PHE C 2334 41.24 17.82 -71.31
N LEU C 2335 41.00 18.81 -70.45
CA LEU C 2335 39.64 19.22 -70.14
C LEU C 2335 38.93 19.79 -71.37
N ARG C 2336 39.66 20.56 -72.19
CA ARG C 2336 39.10 21.09 -73.43
C ARG C 2336 38.74 19.97 -74.39
N PHE C 2337 39.60 18.96 -74.51
CA PHE C 2337 39.27 17.80 -75.33
C PHE C 2337 38.08 17.03 -74.78
N ALA C 2338 37.91 17.03 -73.46
CA ALA C 2338 36.79 16.31 -72.86
C ALA C 2338 35.47 17.03 -73.11
N VAL C 2339 35.44 18.36 -72.94
CA VAL C 2339 34.17 19.07 -72.97
C VAL C 2339 33.65 19.24 -74.40
N PHE C 2340 34.53 19.40 -75.38
CA PHE C 2340 34.15 19.76 -76.73
C PHE C 2340 34.49 18.60 -77.67
N VAL C 2341 33.47 18.05 -78.34
CA VAL C 2341 33.66 16.93 -79.25
C VAL C 2341 32.86 17.18 -80.52
N ASN C 2342 33.49 16.93 -81.68
CA ASN C 2342 32.83 16.87 -82.99
C ASN C 2342 32.02 18.12 -83.32
N GLY C 2343 32.40 19.26 -82.75
CA GLY C 2343 31.80 20.54 -83.10
C GLY C 2343 30.76 21.07 -82.14
N GLU C 2344 30.24 20.24 -81.23
CA GLU C 2344 29.27 20.68 -80.24
C GLU C 2344 29.67 20.16 -78.86
N SER C 2345 29.62 21.05 -77.87
CA SER C 2345 29.96 20.66 -76.51
C SER C 2345 28.87 19.78 -75.91
N VAL C 2346 29.28 18.92 -74.97
CA VAL C 2346 28.36 18.05 -74.26
C VAL C 2346 27.92 18.74 -72.97
N GLU C 2347 26.61 18.80 -72.75
CA GLU C 2347 26.06 19.64 -71.68
C GLU C 2347 26.39 19.08 -70.30
N GLU C 2348 26.27 17.76 -70.12
CA GLU C 2348 26.47 17.15 -68.81
C GLU C 2348 27.90 17.31 -68.32
N ASN C 2349 28.87 16.93 -69.17
CA ASN C 2349 30.27 17.08 -68.81
C ASN C 2349 30.64 18.54 -68.59
N ALA C 2350 30.09 19.44 -69.41
CA ALA C 2350 30.34 20.86 -69.22
C ALA C 2350 29.85 21.34 -67.85
N ASN C 2351 28.65 20.92 -67.46
CA ASN C 2351 28.12 21.30 -66.15
C ASN C 2351 28.96 20.73 -65.00
N VAL C 2352 29.37 19.47 -65.12
CA VAL C 2352 30.17 18.85 -64.06
C VAL C 2352 31.52 19.55 -63.90
N VAL C 2353 32.21 19.79 -65.02
CA VAL C 2353 33.50 20.46 -64.92
C VAL C 2353 33.33 21.91 -64.48
N VAL C 2354 32.21 22.56 -64.84
CA VAL C 2354 31.93 23.90 -64.34
C VAL C 2354 31.82 23.89 -62.82
N ARG C 2355 31.08 22.93 -62.27
CA ARG C 2355 30.87 22.91 -60.83
C ARG C 2355 32.16 22.59 -60.07
N LEU C 2356 32.89 21.56 -60.50
CA LEU C 2356 34.13 21.23 -59.80
C LEU C 2356 35.21 22.30 -60.03
N LEU C 2357 35.15 23.02 -61.16
CA LEU C 2357 36.08 24.12 -61.37
C LEU C 2357 35.77 25.30 -60.47
N ILE C 2358 34.48 25.64 -60.30
CA ILE C 2358 34.16 26.85 -59.56
C ILE C 2358 34.21 26.57 -58.06
N ARG C 2359 34.11 25.29 -57.66
CA ARG C 2359 34.19 24.94 -56.24
C ARG C 2359 35.54 25.31 -55.63
N LYS C 2360 36.60 25.37 -56.43
CA LYS C 2360 37.91 25.75 -55.93
C LYS C 2360 38.37 27.01 -56.65
N PRO C 2361 38.47 28.16 -55.96
CA PRO C 2361 38.93 29.39 -56.63
C PRO C 2361 40.40 29.38 -57.00
N GLU C 2362 41.21 28.50 -56.41
CA GLU C 2362 42.65 28.53 -56.65
C GLU C 2362 43.04 28.03 -58.04
N CYS C 2363 42.15 27.28 -58.72
CA CYS C 2363 42.46 26.81 -60.06
C CYS C 2363 42.63 27.96 -61.03
N PHE C 2364 41.77 28.97 -60.94
CA PHE C 2364 41.95 30.18 -61.73
C PHE C 2364 43.15 30.96 -61.22
N GLY C 2365 43.69 31.80 -62.10
CA GLY C 2365 44.84 32.62 -61.78
C GLY C 2365 44.57 33.58 -60.63
N PRO C 2366 45.63 33.93 -59.89
CA PRO C 2366 45.45 34.82 -58.74
C PRO C 2366 45.04 36.23 -59.10
N ALA C 2367 45.11 36.63 -60.37
CA ALA C 2367 44.47 37.87 -60.78
C ALA C 2367 42.96 37.76 -60.70
N LEU C 2368 42.40 36.63 -61.15
CA LEU C 2368 40.96 36.44 -61.11
C LEU C 2368 40.46 36.27 -59.68
N ARG C 2369 41.19 35.50 -58.87
CA ARG C 2369 40.77 35.18 -57.52
C ARG C 2369 41.19 36.25 -56.53
N GLY C 2370 42.48 36.59 -56.52
CA GLY C 2370 42.97 37.60 -55.60
C GLY C 2370 42.64 39.02 -56.06
N GLU C 2371 42.53 39.91 -55.08
CA GLU C 2371 42.24 41.31 -55.35
C GLU C 2371 43.46 42.11 -55.75
N GLY C 2372 44.67 41.54 -55.63
CA GLY C 2372 45.84 42.22 -56.14
C GLY C 2372 45.85 42.34 -57.65
N GLY C 2373 45.47 41.26 -58.35
CA GLY C 2373 45.33 41.32 -59.79
C GLY C 2373 44.01 41.93 -60.21
N SER C 2374 43.93 42.24 -61.51
CA SER C 2374 42.73 42.84 -62.09
C SER C 2374 42.45 42.20 -63.44
N GLY C 2375 41.55 41.23 -63.46
CA GLY C 2375 41.11 40.60 -64.70
C GLY C 2375 42.25 39.94 -65.47
N LEU C 2376 42.24 40.14 -66.78
CA LEU C 2376 43.29 39.63 -67.66
C LEU C 2376 44.19 40.70 -68.24
N LEU C 2377 43.74 41.97 -68.26
CA LEU C 2377 44.53 43.02 -68.90
C LEU C 2377 45.80 43.31 -68.11
N ALA C 2378 45.67 43.41 -66.78
CA ALA C 2378 46.85 43.62 -65.94
C ALA C 2378 47.79 42.43 -66.02
N ALA C 2379 47.26 41.21 -66.02
CA ALA C 2379 48.11 40.03 -66.13
C ALA C 2379 48.78 39.95 -67.50
N ILE C 2380 48.06 40.29 -68.56
CA ILE C 2380 48.63 40.24 -69.90
C ILE C 2380 49.74 41.27 -70.06
N GLU C 2381 49.50 42.51 -69.59
CA GLU C 2381 50.53 43.53 -69.68
C GLU C 2381 51.70 43.22 -68.74
N GLU C 2382 51.45 42.52 -67.63
CA GLU C 2382 52.55 42.07 -66.79
C GLU C 2382 53.39 41.03 -67.52
N ALA C 2383 52.76 40.11 -68.25
CA ALA C 2383 53.49 39.14 -69.04
C ALA C 2383 54.31 39.82 -70.12
N ILE C 2384 53.75 40.85 -70.77
CA ILE C 2384 54.49 41.62 -71.77
C ILE C 2384 55.70 42.30 -71.14
N ARG C 2385 55.53 42.88 -69.94
CA ARG C 2385 56.64 43.56 -69.30
C ARG C 2385 57.73 42.58 -68.85
N ILE C 2386 57.35 41.38 -68.41
CA ILE C 2386 58.35 40.36 -68.08
C ILE C 2386 59.08 39.91 -69.34
N SER C 2387 58.36 39.77 -70.45
CA SER C 2387 59.01 39.40 -71.71
C SER C 2387 59.91 40.51 -72.22
N GLU C 2388 59.63 41.77 -71.86
CA GLU C 2388 60.45 42.88 -72.32
C GLU C 2388 61.80 42.93 -71.61
N ASP C 2389 61.85 42.53 -70.33
CA ASP C 2389 63.07 42.64 -69.55
C ASP C 2389 63.68 41.27 -69.32
N PRO C 2390 64.93 41.01 -69.79
CA PRO C 2390 65.55 39.68 -69.68
C PRO C 2390 65.22 39.02 -68.34
N ALA C 2391 65.28 39.77 -67.24
CA ALA C 2391 64.93 39.22 -65.91
C ALA C 2391 63.70 39.95 -65.37
N ARG C 2392 62.67 39.19 -64.94
CA ARG C 2392 61.43 39.81 -64.44
C ARG C 2392 61.11 41.07 -65.27
N ARG C 2415 64.59 26.36 -72.28
CA ARG C 2415 64.32 27.52 -73.13
C ARG C 2415 62.83 27.84 -73.16
N VAL C 2416 62.34 28.49 -72.10
CA VAL C 2416 60.95 28.86 -71.98
C VAL C 2416 60.86 30.34 -71.61
N HIS C 2417 59.97 31.06 -72.27
CA HIS C 2417 59.69 32.46 -71.94
C HIS C 2417 58.50 32.51 -70.99
N LEU C 2418 58.69 33.12 -69.83
CA LEU C 2418 57.70 33.05 -68.76
C LEU C 2418 56.42 33.79 -69.12
N GLY C 2419 56.53 34.95 -69.77
CA GLY C 2419 55.35 35.68 -70.17
C GLY C 2419 54.54 34.94 -71.22
N HIS C 2420 55.22 34.27 -72.15
CA HIS C 2420 54.54 33.44 -73.14
C HIS C 2420 53.79 32.29 -72.48
N ALA C 2421 54.40 31.66 -71.47
CA ALA C 2421 53.73 30.58 -70.75
C ALA C 2421 52.52 31.08 -69.96
N ILE C 2422 52.65 32.25 -69.33
CA ILE C 2422 51.53 32.86 -68.61
C ILE C 2422 50.37 33.14 -69.55
N MET C 2423 50.66 33.77 -70.69
CA MET C 2423 49.59 34.10 -71.63
C MET C 2423 49.01 32.85 -72.28
N SER C 2424 49.83 31.80 -72.46
CA SER C 2424 49.31 30.54 -72.96
C SER C 2424 48.36 29.89 -71.97
N PHE C 2425 48.70 29.92 -70.68
CA PHE C 2425 47.81 29.38 -69.66
C PHE C 2425 46.49 30.16 -69.61
N TYR C 2426 46.56 31.49 -69.66
CA TYR C 2426 45.34 32.28 -69.61
C TYR C 2426 44.50 32.10 -70.88
N ALA C 2427 45.14 32.02 -72.04
CA ALA C 2427 44.42 31.78 -73.28
C ALA C 2427 43.76 30.40 -73.29
N ALA C 2428 44.46 29.39 -72.75
CA ALA C 2428 43.88 28.06 -72.66
C ALA C 2428 42.67 28.04 -71.73
N LEU C 2429 42.77 28.75 -70.60
CA LEU C 2429 41.63 28.82 -69.68
C LEU C 2429 40.45 29.54 -70.33
N ILE C 2430 40.72 30.63 -71.06
CA ILE C 2430 39.66 31.37 -71.74
C ILE C 2430 39.03 30.52 -72.84
N ASP C 2431 39.83 29.79 -73.60
CA ASP C 2431 39.31 28.91 -74.65
C ASP C 2431 38.46 27.79 -74.05
N LEU C 2432 38.92 27.20 -72.94
CA LEU C 2432 38.16 26.15 -72.30
C LEU C 2432 36.82 26.66 -71.79
N LEU C 2433 36.81 27.85 -71.20
CA LEU C 2433 35.54 28.48 -70.81
C LEU C 2433 34.69 28.83 -72.03
N GLY C 2434 35.31 29.09 -73.18
CA GLY C 2434 34.56 29.40 -74.37
C GLY C 2434 33.82 28.18 -74.93
N ARG C 2435 34.51 27.04 -75.01
CA ARG C 2435 33.83 25.83 -75.46
C ARG C 2435 32.80 25.35 -74.45
N CYS C 2436 32.98 25.68 -73.16
CA CYS C 2436 32.11 25.18 -72.11
C CYS C 2436 30.79 25.95 -72.01
N ALA C 2437 30.63 27.02 -72.78
CA ALA C 2437 29.39 27.77 -72.81
C ALA C 2437 28.28 26.92 -73.45
N PRO C 2438 27.01 27.23 -73.16
CA PRO C 2438 25.92 26.53 -73.84
C PRO C 2438 25.98 26.73 -75.35
N GLU C 2439 25.58 25.69 -76.08
CA GLU C 2439 25.82 25.60 -77.52
C GLU C 2439 24.57 25.93 -78.31
N MET C 2440 24.73 26.80 -79.30
CA MET C 2440 23.76 27.13 -80.36
C MET C 2440 22.54 27.88 -79.83
N HIS C 2441 22.46 28.13 -78.52
CA HIS C 2441 21.38 28.90 -77.88
C HIS C 2441 20.00 28.28 -78.09
N LEU C 2442 19.93 26.97 -78.28
CA LEU C 2442 18.63 26.30 -78.37
C LEU C 2442 18.18 25.73 -77.03
N ILE C 2443 19.11 25.36 -76.15
CA ILE C 2443 18.77 25.12 -74.75
C ILE C 2443 18.31 26.40 -74.07
N GLN C 2444 18.96 27.53 -74.40
CA GLN C 2444 18.73 28.78 -73.68
C GLN C 2444 17.34 29.35 -73.97
N ALA C 2445 16.74 28.97 -75.10
CA ALA C 2445 15.44 29.53 -75.47
C ALA C 2445 14.33 29.07 -74.54
N GLY C 2446 14.45 27.86 -73.98
CA GLY C 2446 13.34 27.33 -73.18
C GLY C 2446 13.67 26.76 -71.83
N LYS C 2447 14.95 26.51 -71.53
CA LYS C 2447 15.35 25.80 -70.31
C LYS C 2447 16.38 26.67 -69.60
N GLY C 2448 16.14 26.94 -68.31
CA GLY C 2448 16.90 27.92 -67.55
C GLY C 2448 18.25 27.48 -67.05
N GLU C 2449 18.60 26.19 -67.20
CA GLU C 2449 19.92 25.74 -66.74
C GLU C 2449 21.03 26.40 -67.54
N ALA C 2450 20.83 26.52 -68.86
CA ALA C 2450 21.79 27.24 -69.68
C ALA C 2450 21.84 28.72 -69.31
N LEU C 2451 20.70 29.29 -68.90
CA LEU C 2451 20.69 30.68 -68.43
C LEU C 2451 21.54 30.84 -67.18
N ARG C 2452 21.41 29.92 -66.22
CA ARG C 2452 22.22 30.01 -65.02
C ARG C 2452 23.70 29.80 -65.33
N ILE C 2453 24.02 28.85 -66.20
CA ILE C 2453 25.42 28.58 -66.54
C ILE C 2453 26.03 29.78 -67.25
N ARG C 2454 25.31 30.37 -68.20
CA ARG C 2454 25.80 31.55 -68.90
C ARG C 2454 25.91 32.75 -67.95
N ALA C 2455 25.03 32.83 -66.97
CA ALA C 2455 25.15 33.90 -65.97
C ALA C 2455 26.42 33.72 -65.14
N ILE C 2456 26.74 32.50 -64.72
CA ILE C 2456 27.95 32.27 -63.94
C ILE C 2456 29.19 32.60 -64.77
N LEU C 2457 29.27 32.04 -65.98
CA LEU C 2457 30.44 32.32 -66.83
C LEU C 2457 30.49 33.77 -67.30
N ARG C 2458 29.37 34.51 -67.26
CA ARG C 2458 29.43 35.95 -67.43
C ARG C 2458 30.00 36.61 -66.17
N SER C 2459 29.70 36.04 -65.00
CA SER C 2459 30.15 36.62 -63.75
C SER C 2459 31.65 36.46 -63.54
N LEU C 2460 32.26 35.37 -64.04
CA LEU C 2460 33.71 35.23 -63.88
C LEU C 2460 34.48 36.27 -64.70
N VAL C 2461 34.16 36.42 -65.98
CA VAL C 2461 34.92 37.29 -66.87
C VAL C 2461 34.10 38.55 -67.15
N PRO C 2462 34.58 39.73 -66.79
CA PRO C 2462 33.85 40.96 -67.12
C PRO C 2462 33.98 41.34 -68.58
N LEU C 2463 32.90 41.90 -69.13
CA LEU C 2463 32.92 42.42 -70.48
C LEU C 2463 33.71 43.73 -70.53
N ASP C 2464 34.35 43.96 -71.69
CA ASP C 2464 35.33 44.97 -72.11
C ASP C 2464 36.75 44.60 -71.72
N ASP C 2465 36.96 43.49 -71.00
CA ASP C 2465 38.31 43.00 -70.78
C ASP C 2465 38.86 42.35 -72.05
N LEU C 2466 38.03 41.58 -72.75
CA LEU C 2466 38.46 40.98 -74.01
C LEU C 2466 38.65 42.03 -75.09
N VAL C 2467 37.82 43.08 -75.08
CA VAL C 2467 38.01 44.19 -76.01
C VAL C 2467 39.31 44.92 -75.70
N GLY C 2468 39.65 45.06 -74.42
CA GLY C 2468 40.93 45.64 -74.07
C GLY C 2468 42.10 44.75 -74.47
N ILE C 2469 41.91 43.44 -74.39
CA ILE C 2469 42.96 42.50 -74.81
C ILE C 2469 43.21 42.61 -76.31
N ILE C 2470 42.13 42.59 -77.10
CA ILE C 2470 42.28 42.70 -78.55
C ILE C 2470 42.71 44.10 -78.97
N SER C 2471 42.51 45.10 -78.10
CA SER C 2471 43.00 46.44 -78.38
C SER C 2471 44.50 46.57 -78.14
N LEU C 2472 45.06 45.72 -77.28
CA LEU C 2472 46.49 45.75 -76.99
C LEU C 2472 47.29 45.32 -78.21
N PRO C 2473 48.26 46.10 -78.67
CA PRO C 2473 48.96 45.76 -79.91
C PRO C 2473 50.09 44.77 -79.68
N LEU C 2474 50.24 43.81 -80.59
CA LEU C 2474 51.41 42.89 -80.54
C LEU C 2474 52.59 43.63 -81.20
N GLN C 2475 53.83 43.22 -80.93
CA GLN C 2475 55.01 43.98 -81.45
C GLN C 2475 55.08 43.99 -82.98
N ILE C 2476 54.84 42.85 -83.66
CA ILE C 2476 54.82 42.77 -85.15
C ILE C 2476 56.16 43.22 -85.76
N PRO C 2477 57.03 42.31 -86.26
CA PRO C 2477 58.28 42.69 -86.94
C PRO C 2477 58.15 42.58 -88.47
N THR C 2478 57.14 41.87 -88.97
CA THR C 2478 56.88 41.71 -90.40
C THR C 2478 58.12 41.28 -91.18
N LEU C 2479 58.25 41.76 -92.43
CA LEU C 2479 59.35 41.45 -93.36
C LEU C 2479 59.79 39.98 -93.35
N UNK C 2488 60.36 37.42 -89.59
CA UNK C 2488 59.80 38.09 -88.43
C UNK C 2488 60.82 38.14 -87.29
N UNK C 2489 60.46 37.56 -86.15
CA UNK C 2489 61.35 37.55 -84.99
C UNK C 2489 61.13 36.29 -84.16
N UNK C 2490 61.03 36.46 -82.85
CA UNK C 2490 60.83 35.33 -81.94
C UNK C 2490 59.40 34.80 -82.04
N UNK C 2491 59.25 33.48 -81.92
CA UNK C 2491 57.94 32.85 -81.97
C UNK C 2491 57.35 32.74 -80.57
N UNK C 2492 58.14 33.12 -79.57
CA UNK C 2492 57.71 33.08 -78.18
C UNK C 2492 57.55 34.48 -77.61
N UNK C 2493 56.51 35.18 -78.05
CA UNK C 2493 56.27 36.54 -77.59
C UNK C 2493 54.79 36.75 -77.25
N UNK C 2494 54.15 37.67 -77.96
CA UNK C 2494 52.74 37.99 -77.73
C UNK C 2494 51.83 37.07 -78.53
N UNK C 2495 52.31 36.67 -79.71
CA UNK C 2495 51.69 35.64 -80.58
C UNK C 2495 50.32 36.01 -81.16
N UNK C 2496 50.19 35.80 -82.46
CA UNK C 2496 48.91 36.00 -83.15
C UNK C 2496 48.18 34.67 -83.31
N UNK C 2497 48.04 33.95 -82.21
CA UNK C 2497 47.39 32.64 -82.23
C UNK C 2497 46.51 32.46 -80.99
N UNK C 2498 46.52 33.45 -80.10
CA UNK C 2498 45.70 33.39 -78.89
C UNK C 2498 44.60 34.46 -78.95
N UNK C 2499 44.61 35.25 -80.02
CA UNK C 2499 43.57 36.26 -80.22
C UNK C 2499 42.26 35.61 -80.59
N UNK C 2500 42.33 34.42 -81.18
CA UNK C 2500 41.15 33.65 -81.53
C UNK C 2500 40.54 33.02 -80.28
N UNK C 2501 41.37 32.82 -79.26
CA UNK C 2501 40.90 32.27 -77.99
C UNK C 2501 40.06 33.30 -77.25
N UNK C 2502 40.48 34.57 -77.32
CA UNK C 2502 39.75 35.66 -76.70
C UNK C 2502 38.53 36.03 -77.54
N UNK C 2503 38.54 35.65 -78.81
CA UNK C 2503 37.42 35.91 -79.70
C UNK C 2503 36.48 34.71 -79.73
N UNK C 2504 36.75 33.72 -78.88
CA UNK C 2504 35.91 32.54 -78.80
C UNK C 2504 34.96 32.61 -77.61
N UNK C 2505 35.35 33.39 -76.61
CA UNK C 2505 34.52 33.57 -75.42
C UNK C 2505 33.63 34.80 -75.57
N UNK C 2506 33.73 35.46 -76.72
CA UNK C 2506 32.93 36.64 -76.99
C UNK C 2506 31.71 36.31 -77.83
N UNK C 2507 31.84 35.30 -78.69
CA UNK C 2507 30.74 34.88 -79.55
C UNK C 2507 30.11 33.59 -79.03
N UNK C 2508 30.02 33.48 -77.71
CA UNK C 2508 29.44 32.29 -77.09
C UNK C 2508 28.84 32.61 -75.73
N UNK C 2509 29.37 33.65 -75.08
CA UNK C 2509 28.89 34.04 -73.76
C UNK C 2509 28.70 35.55 -73.66
N UNK C 2510 28.70 36.23 -74.80
CA UNK C 2510 28.55 37.68 -74.83
C UNK C 2510 27.81 38.14 -76.07
N UNK C 2511 28.19 37.58 -77.22
CA UNK C 2511 27.61 37.89 -78.55
C UNK C 2511 27.76 39.35 -78.95
N UNK C 2512 27.33 39.66 -80.17
CA UNK C 2512 27.45 41.00 -80.71
C UNK C 2512 26.07 41.56 -81.07
N UNK C 2513 25.75 42.71 -80.49
CA UNK C 2513 24.48 43.37 -80.77
C UNK C 2513 24.60 44.25 -82.01
N UNK C 2514 25.06 45.48 -81.83
CA UNK C 2514 25.24 46.42 -82.94
C UNK C 2514 26.18 47.56 -82.56
N UNK C 2515 26.19 47.91 -81.28
CA UNK C 2515 26.95 49.06 -80.79
C UNK C 2515 28.43 48.75 -80.61
N UNK C 2516 28.73 47.57 -80.07
CA UNK C 2516 30.11 47.16 -79.83
C UNK C 2516 30.80 46.77 -81.14
N UNK C 2517 30.00 46.58 -82.19
CA UNK C 2517 30.49 46.22 -83.50
C UNK C 2517 31.38 47.30 -84.09
N UNK C 2518 31.15 48.56 -83.70
CA UNK C 2518 31.97 49.67 -84.15
C UNK C 2518 33.42 49.51 -83.68
N UNK C 2519 33.61 49.35 -82.38
CA UNK C 2519 34.94 49.16 -81.82
C UNK C 2519 35.55 47.83 -82.25
N UNK C 2520 34.71 46.82 -82.41
CA UNK C 2520 35.16 45.50 -82.88
C UNK C 2520 35.74 45.60 -84.29
N UNK C 2521 35.02 46.28 -85.17
CA UNK C 2521 35.46 46.48 -86.54
C UNK C 2521 36.65 47.43 -86.59
N UNK C 2522 36.75 48.35 -85.64
CA UNK C 2522 37.92 49.22 -85.55
C UNK C 2522 39.18 48.42 -85.26
N UNK C 2523 39.09 47.56 -84.24
CA UNK C 2523 40.18 46.66 -83.88
C UNK C 2523 40.52 45.72 -85.03
N UNK C 2524 39.48 45.18 -85.67
CA UNK C 2524 39.66 44.27 -86.81
C UNK C 2524 40.28 44.99 -88.01
N UNK C 2525 39.98 46.27 -88.16
CA UNK C 2525 40.53 47.06 -89.25
C UNK C 2525 41.99 47.34 -88.99
N UNK C 2526 42.34 47.59 -87.74
CA UNK C 2526 43.74 47.73 -87.34
C UNK C 2526 44.50 46.43 -87.65
N UNK C 2527 43.86 45.31 -87.30
CA UNK C 2527 44.42 43.98 -87.56
C UNK C 2527 44.64 43.74 -89.06
N UNK C 2528 43.63 44.06 -89.87
CA UNK C 2528 43.71 43.84 -91.31
C UNK C 2528 44.65 44.82 -91.99
N UNK C 2529 44.85 45.99 -91.39
CA UNK C 2529 45.80 46.96 -91.91
C UNK C 2529 47.22 46.53 -91.59
N UNK C 2530 47.36 45.78 -90.50
CA UNK C 2530 48.65 45.20 -90.15
C UNK C 2530 48.93 43.94 -90.99
N UNK C 2531 47.87 43.26 -91.38
CA UNK C 2531 47.98 41.98 -92.07
C UNK C 2531 48.01 42.05 -93.60
N UNK C 2532 47.45 43.12 -94.16
CA UNK C 2532 47.29 43.22 -95.62
C UNK C 2532 48.51 43.82 -96.31
N UNK C 2533 49.08 44.86 -95.71
CA UNK C 2533 50.20 45.57 -96.32
C UNK C 2533 51.49 44.75 -96.37
N UNK C 2534 51.53 43.63 -95.63
CA UNK C 2534 52.70 42.77 -95.61
C UNK C 2534 52.65 41.74 -96.73
N UNK C 2535 53.32 42.05 -97.85
CA UNK C 2535 53.38 41.14 -98.98
C UNK C 2535 54.80 41.08 -99.54
N UNK C 2536 54.96 40.41 -100.68
CA UNK C 2536 56.24 40.24 -101.37
C UNK C 2536 57.31 39.64 -100.46
N UNK C 2537 58.00 40.49 -99.70
CA UNK C 2537 59.02 40.04 -98.78
C UNK C 2537 58.40 39.63 -97.44
N UNK C 2538 57.69 38.51 -97.46
CA UNK C 2538 57.04 38.01 -96.26
C UNK C 2538 57.21 36.50 -96.13
N UNK C 2539 56.10 35.79 -95.91
CA UNK C 2539 56.07 34.34 -95.75
C UNK C 2539 56.99 33.86 -94.63
N UNK C 2540 57.01 34.61 -93.53
CA UNK C 2540 57.85 34.27 -92.38
C UNK C 2540 57.01 33.68 -91.26
N UNK C 2541 57.05 34.31 -90.09
CA UNK C 2541 56.27 33.85 -88.95
C UNK C 2541 54.97 34.63 -88.80
N UNK C 2542 54.38 34.98 -89.95
CA UNK C 2542 53.12 35.71 -89.97
C UNK C 2542 51.94 34.74 -90.12
N UNK C 2543 51.53 34.14 -89.01
CA UNK C 2543 50.42 33.19 -89.02
C UNK C 2543 49.11 33.88 -88.68
N UNK C 2544 49.11 35.21 -88.79
CA UNK C 2544 47.94 36.03 -88.45
C UNK C 2544 46.74 35.74 -89.36
N UNK C 2545 47.00 35.16 -90.52
CA UNK C 2545 45.93 34.73 -91.43
C UNK C 2545 45.08 33.66 -90.77
N UNK C 2546 45.72 32.81 -89.97
CA UNK C 2546 45.00 31.82 -89.17
C UNK C 2546 44.15 32.55 -88.14
N UNK C 2547 44.68 33.64 -87.62
CA UNK C 2547 43.93 34.49 -86.69
C UNK C 2547 42.88 35.29 -87.45
N UNK C 2548 43.04 35.34 -88.77
CA UNK C 2548 42.04 35.94 -89.64
C UNK C 2548 41.10 34.85 -90.15
N UNK C 2549 41.32 33.63 -89.69
CA UNK C 2549 40.48 32.50 -90.06
C UNK C 2549 39.17 32.54 -89.27
N UNK C 2550 39.26 33.01 -88.03
CA UNK C 2550 38.11 33.02 -87.13
C UNK C 2550 37.38 34.37 -87.13
N UNK C 2551 38.13 35.45 -86.95
CA UNK C 2551 37.56 36.79 -86.82
C UNK C 2551 36.72 37.20 -88.02
N UNK C 2552 37.27 36.99 -89.22
CA UNK C 2552 36.56 37.28 -90.47
C UNK C 2552 35.31 36.41 -90.58
N UNK C 2553 35.37 35.21 -90.01
CA UNK C 2553 34.22 34.32 -89.92
C UNK C 2553 33.09 34.98 -89.15
N UNK C 2554 33.46 35.67 -88.05
CA UNK C 2554 32.50 36.44 -87.29
C UNK C 2554 31.99 37.60 -88.14
N UNK C 2555 32.88 38.13 -88.98
CA UNK C 2555 32.52 39.19 -89.90
C UNK C 2555 31.66 38.64 -91.03
N UNK C 2556 31.65 37.32 -91.16
CA UNK C 2556 30.77 36.65 -92.12
C UNK C 2556 29.41 36.41 -91.50
N UNK C 2557 29.30 36.68 -90.20
CA UNK C 2557 28.05 36.46 -89.48
C UNK C 2557 27.52 37.76 -88.88
N UNK C 2558 27.49 38.82 -89.69
CA UNK C 2558 26.99 40.11 -89.25
C UNK C 2558 26.52 40.95 -90.43
N UNK C 2559 25.23 40.86 -90.73
CA UNK C 2559 24.63 41.63 -91.82
C UNK C 2559 23.72 42.71 -91.27
N UNK C 2560 24.15 43.36 -90.19
CA UNK C 2560 23.38 44.42 -89.56
C UNK C 2560 24.20 45.71 -89.45
N UNK C 2561 24.69 46.19 -90.58
CA UNK C 2561 25.50 47.41 -90.60
C UNK C 2561 24.80 48.49 -91.43
N UNK C 2562 25.38 49.69 -91.43
CA UNK C 2562 24.82 50.82 -92.17
C UNK C 2562 25.91 51.79 -92.60
N UNK C 2563 25.50 53.02 -92.91
CA UNK C 2563 26.45 54.04 -93.33
C UNK C 2563 26.27 55.32 -92.52
N UNK C 2564 27.21 55.56 -91.61
CA UNK C 2564 27.16 56.75 -90.76
C UNK C 2564 28.57 57.20 -90.38
N UNK C 2565 29.58 56.51 -90.93
CA UNK C 2565 30.97 56.84 -90.65
C UNK C 2565 31.82 56.63 -91.90
N UNK C 2566 33.14 56.62 -91.70
CA UNK C 2566 34.07 56.43 -92.81
C UNK C 2566 35.01 55.26 -92.54
N UNK C 2567 34.84 54.63 -91.39
CA UNK C 2567 35.67 53.49 -91.00
C UNK C 2567 35.29 52.24 -91.78
N UNK C 2568 34.02 52.15 -92.15
CA UNK C 2568 33.50 51.01 -92.89
C UNK C 2568 34.15 50.89 -94.26
N UNK C 2569 34.28 52.03 -94.94
CA UNK C 2569 34.90 52.08 -96.27
C UNK C 2569 36.38 51.68 -96.22
N UNK C 2570 37.08 52.19 -95.22
CA UNK C 2570 38.51 51.87 -95.04
C UNK C 2570 38.69 50.40 -94.70
N UNK C 2571 37.80 49.87 -93.88
CA UNK C 2571 37.83 48.45 -93.51
C UNK C 2571 37.58 47.56 -94.72
N UNK C 2572 36.61 47.96 -95.55
CA UNK C 2572 36.30 47.23 -96.77
C UNK C 2572 37.46 47.26 -97.75
N UNK C 2573 38.12 48.42 -97.86
CA UNK C 2573 39.28 48.57 -98.73
C UNK C 2573 40.43 47.69 -98.26
N UNK C 2574 40.66 47.66 -96.95
CA UNK C 2574 41.70 46.82 -96.36
C UNK C 2574 41.42 45.34 -96.60
N UNK C 2575 40.17 44.94 -96.41
CA UNK C 2575 39.75 43.56 -96.62
C UNK C 2575 39.91 43.16 -98.08
N UNK C 2576 39.56 44.06 -98.99
CA UNK C 2576 39.69 43.80 -100.42
C UNK C 2576 41.16 43.68 -100.83
N UNK C 2577 42.01 44.53 -100.24
CA UNK C 2577 43.44 44.49 -100.52
C UNK C 2577 44.06 43.21 -99.98
N UNK C 2578 43.54 42.73 -98.85
CA UNK C 2578 44.03 41.49 -98.25
C UNK C 2578 43.58 40.27 -99.05
N UNK C 2579 42.35 40.29 -99.53
CA UNK C 2579 41.78 39.14 -100.24
C UNK C 2579 42.27 39.03 -101.69
N UNK C 2580 42.21 40.13 -102.43
CA UNK C 2580 42.61 40.13 -103.83
C UNK C 2580 44.11 39.92 -103.99
N UNK C 2581 44.90 40.83 -103.42
CA UNK C 2581 46.35 40.73 -103.50
C UNK C 2581 46.87 39.71 -102.49
N UNK C 2582 46.66 38.43 -102.79
CA UNK C 2582 47.09 37.36 -101.90
C UNK C 2582 48.58 37.06 -102.10
N UNK C 2583 49.34 37.10 -101.01
CA UNK C 2583 50.77 36.82 -101.06
C UNK C 2583 51.03 35.32 -101.16
N UNK C 2584 50.67 34.60 -100.11
CA UNK C 2584 50.86 33.15 -100.07
C UNK C 2584 49.85 32.50 -99.14
N UNK C 2585 49.23 33.30 -98.28
CA UNK C 2585 48.24 32.80 -97.33
C UNK C 2585 46.88 32.65 -97.99
N UNK C 2586 46.60 31.45 -98.47
CA UNK C 2586 45.32 31.17 -99.14
C UNK C 2586 44.98 29.69 -99.04
N UNK C 2587 45.56 28.89 -99.94
CA UNK C 2587 45.37 27.44 -100.00
C UNK C 2587 43.91 27.03 -100.13
N UNK C 2588 43.13 27.85 -100.84
CA UNK C 2588 41.71 27.62 -101.09
C UNK C 2588 40.90 27.41 -99.80
N UNK C 2589 41.21 28.20 -98.77
CA UNK C 2589 40.52 28.09 -97.50
C UNK C 2589 40.30 29.47 -96.89
N UNK C 2590 41.38 30.18 -96.61
CA UNK C 2590 41.30 31.52 -96.04
C UNK C 2590 40.84 32.52 -97.10
N UNK C 2591 41.33 32.35 -98.32
CA UNK C 2591 40.96 33.22 -99.43
C UNK C 2591 39.49 33.06 -99.79
N UNK C 2592 39.02 31.82 -99.77
CA UNK C 2592 37.62 31.51 -100.05
C UNK C 2592 36.71 32.13 -98.99
N UNK C 2593 37.13 32.03 -97.73
CA UNK C 2593 36.38 32.61 -96.62
C UNK C 2593 36.34 34.13 -96.72
N UNK C 2594 37.46 34.72 -97.11
CA UNK C 2594 37.55 36.17 -97.30
C UNK C 2594 36.63 36.63 -98.43
N UNK C 2595 36.61 35.87 -99.52
CA UNK C 2595 35.76 36.17 -100.65
C UNK C 2595 34.28 36.05 -100.27
N UNK C 2596 33.95 35.03 -99.48
CA UNK C 2596 32.59 34.83 -98.99
C UNK C 2596 32.14 35.98 -98.09
N UNK C 2597 33.04 36.41 -97.21
CA UNK C 2597 32.77 37.53 -96.32
C UNK C 2597 32.58 38.82 -97.10
N UNK C 2598 33.40 39.02 -98.13
CA UNK C 2598 33.29 40.20 -98.99
C UNK C 2598 31.96 40.19 -99.75
N UNK C 2599 31.56 39.02 -100.24
CA UNK C 2599 30.30 38.88 -100.95
C UNK C 2599 29.12 39.15 -100.02
N UNK C 2600 29.21 38.67 -98.78
CA UNK C 2600 28.16 38.87 -97.79
C UNK C 2600 28.06 40.35 -97.39
N UNK C 2601 29.20 41.02 -97.35
CA UNK C 2601 29.24 42.44 -96.99
C UNK C 2601 28.76 43.32 -98.15
N UNK C 2602 28.98 42.85 -99.38
CA UNK C 2602 28.56 43.60 -100.56
C UNK C 2602 27.10 43.31 -100.90
N UNK C 2603 26.56 42.23 -100.35
CA UNK C 2603 25.17 41.86 -100.57
C UNK C 2603 24.23 42.85 -99.88
N UNK C 2604 24.35 42.95 -98.55
CA UNK C 2604 23.52 43.86 -97.78
C UNK C 2604 24.34 44.57 -96.71
N UNK C 2605 23.65 45.19 -95.75
CA UNK C 2605 24.25 45.92 -94.64
C UNK C 2605 25.21 47.01 -95.09
N UNK C 2606 24.85 47.71 -96.16
CA UNK C 2606 25.69 48.77 -96.69
C UNK C 2606 24.86 49.81 -97.44
N UNK C 2607 25.50 50.91 -97.84
CA UNK C 2607 24.82 51.97 -98.56
C UNK C 2607 25.80 52.75 -99.43
N UNK C 2608 25.69 52.59 -100.75
CA UNK C 2608 26.50 53.28 -101.75
C UNK C 2608 28.00 53.07 -101.57
N UNK C 2609 28.57 53.70 -100.54
CA UNK C 2609 30.00 53.64 -100.21
C UNK C 2609 30.88 54.14 -101.36
N UNK C 2610 31.25 55.43 -101.27
CA UNK C 2610 31.99 56.11 -102.34
C UNK C 2610 33.43 55.61 -102.46
N UNK C 2611 34.06 55.29 -101.34
CA UNK C 2611 35.43 54.79 -101.38
C UNK C 2611 35.45 53.37 -101.95
N UNK C 2612 34.44 52.58 -101.61
CA UNK C 2612 34.28 51.26 -102.18
C UNK C 2612 33.96 51.37 -103.68
N UNK C 2613 33.26 52.45 -104.04
CA UNK C 2613 32.97 52.72 -105.45
C UNK C 2613 34.27 53.04 -106.21
N UNK C 2614 35.15 53.80 -105.58
CA UNK C 2614 36.45 54.12 -106.16
C UNK C 2614 37.30 52.86 -106.30
N UNK C 2615 37.22 51.99 -105.29
CA UNK C 2615 37.92 50.71 -105.32
C UNK C 2615 37.41 49.83 -106.46
N UNK C 2616 36.10 49.83 -106.65
CA UNK C 2616 35.47 49.08 -107.74
C UNK C 2616 35.89 49.65 -109.09
N UNK C 2617 36.01 50.96 -109.17
CA UNK C 2617 36.49 51.63 -110.39
C UNK C 2617 37.92 51.22 -110.70
N UNK C 2618 38.75 51.14 -109.66
CA UNK C 2618 40.13 50.70 -109.81
C UNK C 2618 40.19 49.23 -110.29
N UNK C 2619 39.33 48.40 -109.71
CA UNK C 2619 39.25 47.00 -110.09
C UNK C 2619 38.77 46.84 -111.53
N UNK C 2620 37.91 47.75 -111.97
CA UNK C 2620 37.43 47.77 -113.35
C UNK C 2620 38.55 48.21 -114.29
N UNK C 2621 39.37 49.14 -113.81
CA UNK C 2621 40.55 49.59 -114.56
C UNK C 2621 41.54 48.44 -114.71
N UNK C 2622 41.58 47.56 -113.71
CA UNK C 2622 42.38 46.34 -113.79
C UNK C 2622 41.78 45.38 -114.82
N UNK C 2623 40.69 44.72 -114.44
CA UNK C 2623 39.94 43.80 -115.29
C UNK C 2623 40.81 42.67 -115.86
N UNK C 2624 40.96 42.67 -117.18
CA UNK C 2624 41.73 41.67 -117.92
C UNK C 2624 41.27 40.24 -117.64
N UNK C 2625 42.20 39.29 -117.69
CA UNK C 2625 41.89 37.89 -117.44
C UNK C 2625 42.89 37.27 -116.48
N UNK C 2626 42.71 37.54 -115.19
CA UNK C 2626 43.60 37.01 -114.16
C UNK C 2626 42.88 36.02 -113.27
N UNK C 2627 43.62 35.04 -112.77
CA UNK C 2627 43.04 34.02 -111.90
C UNK C 2627 43.01 34.49 -110.44
N UNK C 2628 43.78 35.54 -110.16
CA UNK C 2628 43.83 36.10 -108.81
C UNK C 2628 42.79 37.21 -108.64
N UNK C 2629 42.04 37.46 -109.71
CA UNK C 2629 41.00 38.49 -109.71
C UNK C 2629 39.97 38.23 -110.79
N UNK C 2630 38.97 37.40 -110.48
CA UNK C 2630 37.93 37.06 -111.43
C UNK C 2630 36.57 36.94 -110.75
N UNK C 2631 36.59 36.78 -109.42
CA UNK C 2631 35.36 36.66 -108.66
C UNK C 2631 34.70 38.02 -108.44
N UNK C 2632 35.47 39.08 -108.64
CA UNK C 2632 35.01 40.46 -108.42
C UNK C 2632 33.83 40.82 -109.32
N UNK C 2633 33.80 40.24 -110.52
CA UNK C 2633 32.70 40.45 -111.46
C UNK C 2633 31.40 39.90 -110.89
N UNK C 2634 31.52 38.85 -110.07
CA UNK C 2634 30.37 38.29 -109.36
C UNK C 2634 29.82 39.32 -108.38
N UNK C 2635 30.73 40.10 -107.80
CA UNK C 2635 30.35 41.22 -106.95
C UNK C 2635 29.68 42.29 -107.79
N UNK C 2636 30.10 42.37 -109.05
CA UNK C 2636 29.45 43.23 -110.04
C UNK C 2636 28.03 42.72 -110.30
N UNK C 2637 27.87 41.40 -110.17
CA UNK C 2637 26.55 40.79 -110.22
C UNK C 2637 25.72 41.28 -109.03
N UNK C 2638 26.39 41.49 -107.90
CA UNK C 2638 25.77 42.09 -106.74
C UNK C 2638 25.52 43.57 -107.02
N UNK C 2639 26.34 44.15 -107.88
CA UNK C 2639 26.12 45.49 -108.37
C UNK C 2639 24.94 45.46 -109.34
N UNK C 2640 24.66 44.28 -109.89
CA UNK C 2640 23.44 44.05 -110.66
C UNK C 2640 22.25 44.03 -109.72
N UNK C 2641 22.50 43.70 -108.46
CA UNK C 2641 21.47 43.75 -107.43
C UNK C 2641 21.08 45.21 -107.19
N UNK C 2642 19.85 45.41 -106.72
CA UNK C 2642 19.24 46.74 -106.58
C UNK C 2642 19.32 47.46 -107.93
N UNK C 2643 20.08 48.57 -107.97
CA UNK C 2643 20.41 49.27 -109.22
C UNK C 2643 19.20 49.66 -110.07
N UNK C 2644 18.61 48.65 -110.70
CA UNK C 2644 17.41 48.84 -111.51
C UNK C 2644 16.23 49.26 -110.65
N UNK C 2645 15.62 50.39 -111.01
CA UNK C 2645 14.48 50.98 -110.31
C UNK C 2645 14.79 51.23 -108.83
N UNK C 2646 15.98 51.75 -108.56
CA UNK C 2646 16.40 52.04 -107.19
C UNK C 2646 17.52 53.08 -107.16
N UNK C 2647 18.69 52.69 -107.63
CA UNK C 2647 19.88 53.53 -107.57
C UNK C 2647 19.80 54.72 -108.53
N UNK C 2648 20.15 55.90 -108.03
CA UNK C 2648 20.16 57.12 -108.83
C UNK C 2648 21.47 57.88 -108.62
N UNK C 2649 21.52 59.10 -109.15
CA UNK C 2649 22.69 59.98 -109.06
C UNK C 2649 23.96 59.31 -109.59
N UNK C 2650 23.98 59.03 -110.89
CA UNK C 2650 25.12 58.37 -111.53
C UNK C 2650 26.05 59.40 -112.17
N UNK C 2651 26.85 60.07 -111.36
CA UNK C 2651 27.81 61.05 -111.85
C UNK C 2651 29.02 60.33 -112.45
N UNK C 2652 29.95 59.92 -111.60
CA UNK C 2652 31.14 59.20 -112.04
C UNK C 2652 30.82 57.71 -112.14
N UNK C 2653 29.71 57.30 -111.53
CA UNK C 2653 29.28 55.90 -111.55
C UNK C 2653 28.90 55.47 -112.96
N UNK C 2654 28.22 56.36 -113.69
CA UNK C 2654 27.83 56.09 -115.07
C UNK C 2654 29.07 55.96 -115.96
N UNK C 2655 30.05 56.82 -115.73
CA UNK C 2655 31.31 56.77 -116.48
C UNK C 2655 32.06 55.48 -116.19
N UNK C 2656 32.06 55.07 -114.92
CA UNK C 2656 32.71 53.83 -114.51
C UNK C 2656 32.02 52.62 -115.15
N UNK C 2657 30.69 52.64 -115.18
CA UNK C 2657 29.92 51.58 -115.81
C UNK C 2657 30.18 51.51 -117.31
N UNK C 2658 30.27 52.66 -117.95
CA UNK C 2658 30.56 52.73 -119.38
C UNK C 2658 31.96 52.19 -119.68
N UNK C 2659 32.93 52.56 -118.84
CA UNK C 2659 34.29 52.06 -118.97
C UNK C 2659 34.36 50.56 -118.79
N UNK C 2660 33.61 50.05 -117.81
CA UNK C 2660 33.55 48.61 -117.55
C UNK C 2660 32.93 47.86 -118.73
N UNK C 2661 31.88 48.43 -119.30
CA UNK C 2661 31.21 47.84 -120.45
C UNK C 2661 32.14 47.81 -121.66
N UNK C 2662 32.88 48.90 -121.86
CA UNK C 2662 33.85 48.99 -122.94
C UNK C 2662 34.97 47.97 -122.77
N UNK C 2663 35.44 47.82 -121.53
CA UNK C 2663 36.49 46.85 -121.21
C UNK C 2663 36.00 45.42 -121.44
N UNK C 2664 34.76 45.14 -121.06
CA UNK C 2664 34.17 43.84 -121.27
C UNK C 2664 34.02 43.53 -122.76
N UNK C 2665 33.60 44.52 -123.52
CA UNK C 2665 33.46 44.38 -124.97
C UNK C 2665 34.81 44.13 -125.63
N UNK C 2666 35.83 44.83 -125.16
CA UNK C 2666 37.19 44.67 -125.69
C UNK C 2666 37.77 43.30 -125.32
N UNK C 2667 37.42 42.81 -124.14
CA UNK C 2667 37.89 41.50 -123.69
C UNK C 2667 37.19 40.38 -124.43
N UNK C 2668 35.92 40.61 -124.79
CA UNK C 2668 35.16 39.63 -125.54
C UNK C 2668 35.57 39.64 -127.02
N UNK C 2669 36.02 40.79 -127.50
CA UNK C 2669 36.43 40.93 -128.89
C UNK C 2669 37.83 40.40 -129.12
N UNK C 2670 38.78 40.86 -128.31
CA UNK C 2670 40.17 40.48 -128.47
C UNK C 2670 40.52 39.23 -127.65
N UNK C 2671 39.87 38.12 -127.95
CA UNK C 2671 40.13 36.85 -127.28
C UNK C 2671 39.73 35.68 -128.18
N UNK C 2672 39.99 34.47 -127.70
CA UNK C 2672 39.65 33.27 -128.46
C UNK C 2672 39.38 32.09 -127.53
N UNK C 2673 38.53 31.17 -127.99
CA UNK C 2673 38.10 29.97 -127.27
C UNK C 2673 37.29 30.28 -126.01
N UNK C 2674 36.20 29.54 -125.83
CA UNK C 2674 35.31 29.77 -124.69
C UNK C 2674 35.34 28.63 -123.69
N UNK C 2675 34.30 27.78 -123.74
CA UNK C 2675 34.08 26.69 -122.79
C UNK C 2675 34.07 27.22 -121.34
N UNK C 2676 35.23 27.18 -120.70
CA UNK C 2676 35.35 27.69 -119.34
C UNK C 2676 35.97 29.09 -119.35
N UNK C 2677 36.66 29.43 -118.27
CA UNK C 2677 37.35 30.71 -118.11
C UNK C 2677 36.43 31.92 -118.29
N UNK C 2678 35.61 32.19 -117.28
CA UNK C 2678 34.70 33.34 -117.25
C UNK C 2678 33.74 33.40 -118.43
N UNK C 2679 33.27 32.25 -118.88
CA UNK C 2679 32.29 32.20 -119.96
C UNK C 2679 30.89 32.44 -119.40
N UNK C 2680 30.60 31.81 -118.27
CA UNK C 2680 29.32 31.99 -117.60
C UNK C 2680 29.21 33.40 -117.03
N UNK C 2681 30.34 33.95 -116.62
CA UNK C 2681 30.40 35.31 -116.10
C UNK C 2681 30.19 36.33 -117.22
N UNK C 2682 30.45 35.92 -118.45
CA UNK C 2682 30.24 36.77 -119.62
C UNK C 2682 28.84 36.59 -120.16
N UNK C 2683 28.25 35.42 -119.91
CA UNK C 2683 26.90 35.12 -120.37
C UNK C 2683 25.85 35.70 -119.42
N UNK C 2684 25.79 35.17 -118.22
CA UNK C 2684 24.78 35.58 -117.24
C UNK C 2684 25.04 36.99 -116.71
N UNK C 2685 26.28 37.29 -116.38
CA UNK C 2685 26.64 38.58 -115.83
C UNK C 2685 27.25 39.51 -116.86
N UNK C 2686 26.50 39.80 -117.92
CA UNK C 2686 26.96 40.72 -118.95
C UNK C 2686 26.92 42.15 -118.42
N UNK C 2687 28.05 42.60 -117.87
CA UNK C 2687 28.18 43.91 -117.24
C UNK C 2687 27.14 44.13 -116.16
N UNK C 2688 26.06 44.81 -116.52
CA UNK C 2688 24.96 45.06 -115.60
C UNK C 2688 23.67 45.35 -116.38
N UNK C 2689 23.79 45.31 -117.70
CA UNK C 2689 22.70 45.59 -118.64
C UNK C 2689 22.08 46.97 -118.40
N UNK C 2690 22.92 47.92 -118.00
CA UNK C 2690 22.56 49.31 -117.70
C UNK C 2690 21.61 49.45 -116.51
N UNK C 2691 22.01 50.26 -115.53
CA UNK C 2691 21.18 50.54 -114.37
C UNK C 2691 20.07 51.52 -114.73
N UNK C 2692 20.17 52.73 -114.20
CA UNK C 2692 19.24 53.80 -114.58
C UNK C 2692 19.88 54.66 -115.66
N UNK C 2693 20.23 54.04 -116.77
CA UNK C 2693 20.96 54.71 -117.84
C UNK C 2693 20.05 55.55 -118.74
N UNK C 2694 20.17 55.33 -120.05
CA UNK C 2694 19.49 56.12 -121.09
C UNK C 2694 19.88 57.60 -121.01
N UNK C 2695 20.77 58.00 -121.91
CA UNK C 2695 21.36 59.36 -121.95
C UNK C 2695 22.07 59.70 -120.64
N UNK C 2696 23.36 59.39 -120.59
CA UNK C 2696 24.16 59.62 -119.39
C UNK C 2696 24.86 60.98 -119.45
N UNK C 2697 26.17 60.96 -119.69
CA UNK C 2697 26.96 62.18 -119.76
C UNK C 2697 28.21 61.98 -120.59
N UNK C 2698 29.14 62.93 -120.49
CA UNK C 2698 30.44 62.91 -121.19
C UNK C 2698 30.30 62.76 -122.70
N UNK C 2699 31.35 62.26 -123.34
CA UNK C 2699 31.35 62.06 -124.78
C UNK C 2699 31.22 60.58 -125.13
N UNK C 2942 34.44 74.70 -129.37
CA UNK C 2942 33.02 74.98 -129.15
C UNK C 2942 32.19 73.71 -129.31
N UNK C 2943 32.26 73.11 -130.50
CA UNK C 2943 31.51 71.89 -130.78
C UNK C 2943 32.20 71.09 -131.89
N UNK C 2944 32.37 69.78 -131.66
CA UNK C 2944 32.97 68.90 -132.65
C UNK C 2944 32.02 68.72 -133.84
N UNK C 2945 31.00 67.90 -133.64
CA UNK C 2945 29.97 67.69 -134.66
C UNK C 2945 28.66 68.31 -134.18
N UNK C 2946 27.97 67.60 -133.29
CA UNK C 2946 26.74 68.08 -132.69
C UNK C 2946 26.49 67.33 -131.39
N UNK C 2947 25.29 66.79 -131.23
CA UNK C 2947 24.98 65.95 -130.10
C UNK C 2947 25.57 64.56 -130.33
N UNK C 2948 25.97 63.89 -129.26
CA UNK C 2948 26.59 62.57 -129.38
C UNK C 2948 25.54 61.46 -129.41
N UNK C 2949 24.27 61.85 -129.42
CA UNK C 2949 23.12 60.95 -129.45
C UNK C 2949 23.15 59.94 -128.30
N UNK C 2950 23.33 60.45 -127.08
CA UNK C 2950 23.37 59.66 -125.85
C UNK C 2950 24.48 58.61 -125.82
N UNK C 2951 24.45 57.76 -124.80
CA UNK C 2951 25.47 56.74 -124.63
C UNK C 2951 24.88 55.34 -124.83
N UNK C 2952 23.55 55.27 -124.79
CA UNK C 2952 22.85 54.02 -125.05
C UNK C 2952 22.50 53.95 -126.53
N UNK C 2953 21.80 54.98 -127.01
CA UNK C 2953 21.30 55.04 -128.38
C UNK C 2953 22.38 54.92 -129.45
N UNK C 2954 23.29 55.89 -129.49
CA UNK C 2954 24.31 55.94 -130.55
C UNK C 2954 25.27 54.75 -130.50
N UNK C 2955 25.79 54.45 -129.30
CA UNK C 2955 26.73 53.35 -129.13
C UNK C 2955 26.06 52.01 -129.45
N UNK C 2956 24.81 51.85 -129.02
CA UNK C 2956 24.05 50.65 -129.30
C UNK C 2956 23.82 50.48 -130.80
N UNK C 2957 23.49 51.59 -131.47
CA UNK C 2957 23.26 51.58 -132.91
C UNK C 2957 24.53 51.19 -133.67
N UNK C 2958 25.64 51.80 -133.26
CA UNK C 2958 26.93 51.53 -133.89
C UNK C 2958 27.36 50.08 -133.71
N UNK C 2959 27.23 49.59 -132.49
CA UNK C 2959 27.58 48.21 -132.18
C UNK C 2959 26.68 47.23 -132.94
N UNK C 2960 25.40 47.54 -133.05
CA UNK C 2960 24.46 46.70 -133.77
C UNK C 2960 24.78 46.64 -135.27
N UNK C 2961 25.09 47.80 -135.85
CA UNK C 2961 25.45 47.86 -137.27
C UNK C 2961 26.74 47.09 -137.54
N UNK C 2962 27.73 47.27 -136.67
CA UNK C 2962 29.00 46.58 -136.79
C UNK C 2962 28.83 45.08 -136.65
N UNK C 2963 28.00 44.65 -135.69
CA UNK C 2963 27.74 43.24 -135.46
C UNK C 2963 26.97 42.63 -136.63
N UNK C 2964 26.07 43.39 -137.23
CA UNK C 2964 25.32 42.94 -138.40
C UNK C 2964 26.25 42.70 -139.58
N UNK C 2965 27.10 43.69 -139.84
CA UNK C 2965 28.08 43.59 -140.92
C UNK C 2965 29.05 42.43 -140.68
N UNK C 2966 29.48 42.26 -139.43
CA UNK C 2966 30.41 41.20 -139.07
C UNK C 2966 29.77 39.82 -139.20
N UNK C 2967 28.50 39.71 -138.84
CA UNK C 2967 27.77 38.46 -138.96
C UNK C 2967 27.60 38.09 -140.43
N UNK C 2968 27.27 39.08 -141.26
CA UNK C 2968 27.16 38.87 -142.70
C UNK C 2968 28.51 38.41 -143.29
N UNK C 2969 29.58 39.08 -142.88
CA UNK C 2969 30.91 38.76 -143.37
C UNK C 2969 31.40 37.40 -142.90
N UNK C 2970 31.01 37.00 -141.69
CA UNK C 2970 31.43 35.72 -141.13
C UNK C 2970 30.58 34.57 -141.69
N UNK C 2971 29.37 34.91 -142.15
CA UNK C 2971 28.53 33.92 -142.80
C UNK C 2971 29.00 33.71 -144.24
N UNK C 2972 29.42 34.79 -144.89
CA UNK C 2972 29.92 34.70 -146.26
C UNK C 2972 31.33 34.10 -146.29
N UNK C 2973 32.07 34.29 -145.21
CA UNK C 2973 33.43 33.77 -145.11
C UNK C 2973 33.41 32.26 -144.90
N UNK C 2974 32.46 31.80 -144.08
CA UNK C 2974 32.28 30.37 -143.85
C UNK C 2974 31.49 29.75 -145.00
N UNK C 2975 30.29 29.25 -144.68
CA UNK C 2975 29.40 28.62 -145.64
C UNK C 2975 30.07 27.49 -146.42
N UNK C 2976 30.29 26.36 -145.73
CA UNK C 2976 30.94 25.17 -146.29
C UNK C 2976 32.30 25.48 -146.91
N UNK C 2995 33.53 30.29 -135.10
CA UNK C 2995 34.08 29.55 -133.97
C UNK C 2995 34.73 30.50 -132.96
N UNK C 2996 35.51 31.45 -133.47
CA UNK C 2996 36.16 32.44 -132.61
C UNK C 2996 35.29 33.70 -132.52
N UNK C 2997 34.88 34.21 -133.67
CA UNK C 2997 34.01 35.37 -133.71
C UNK C 2997 32.58 34.97 -133.37
N UNK C 2998 32.27 33.69 -133.54
CA UNK C 2998 30.94 33.17 -133.28
C UNK C 2998 30.64 33.09 -131.79
N UNK C 2999 31.65 32.81 -130.98
CA UNK C 2999 31.48 32.76 -129.53
C UNK C 2999 31.17 34.16 -128.98
N UNK C 3000 31.94 35.13 -129.46
CA UNK C 3000 31.72 36.53 -129.11
C UNK C 3000 30.36 36.99 -129.64
N UNK C 3001 29.97 36.48 -130.80
CA UNK C 3001 28.67 36.78 -131.38
C UNK C 3001 27.54 36.25 -130.51
N UNK C 3002 27.72 35.05 -129.97
CA UNK C 3002 26.73 34.45 -129.08
C UNK C 3002 26.63 35.20 -127.77
N UNK C 3003 27.78 35.63 -127.25
CA UNK C 3003 27.82 36.45 -126.03
C UNK C 3003 27.10 37.78 -126.26
N UNK C 3004 27.38 38.39 -127.40
CA UNK C 3004 26.73 39.65 -127.78
C UNK C 3004 25.25 39.45 -128.03
N UNK C 3005 24.86 38.26 -128.49
CA UNK C 3005 23.45 37.93 -128.70
C UNK C 3005 22.73 37.83 -127.36
N UNK C 3006 23.38 37.21 -126.39
CA UNK C 3006 22.85 37.13 -125.02
C UNK C 3006 22.69 38.53 -124.43
N UNK C 3007 23.71 39.35 -124.62
CA UNK C 3007 23.68 40.74 -124.15
C UNK C 3007 22.59 41.56 -124.84
N UNK C 3008 22.41 41.34 -126.14
CA UNK C 3008 21.41 42.05 -126.92
C UNK C 3008 20.01 41.60 -126.52
N UNK C 3009 19.87 40.34 -126.13
CA UNK C 3009 18.61 39.83 -125.62
C UNK C 3009 18.28 40.51 -124.30
N UNK C 3010 19.27 40.54 -123.41
CA UNK C 3010 19.11 41.19 -122.11
C UNK C 3010 18.89 42.70 -122.24
N UNK C 3011 19.31 43.28 -123.35
CA UNK C 3011 19.12 44.70 -123.63
C UNK C 3011 17.73 44.99 -124.20
N UNK C 3012 17.42 44.39 -125.35
CA UNK C 3012 16.16 44.63 -126.05
C UNK C 3012 14.95 44.08 -125.32
N UNK C 3013 15.16 43.09 -124.45
CA UNK C 3013 14.06 42.51 -123.68
C UNK C 3013 13.76 43.36 -122.46
N UNK C 3014 14.70 44.21 -122.06
CA UNK C 3014 14.57 44.98 -120.84
C UNK C 3014 14.72 46.48 -121.06
N UNK C 3015 14.45 46.94 -122.28
CA UNK C 3015 14.50 48.38 -122.58
C UNK C 3015 13.17 48.86 -123.13
N UNK C 3016 12.86 48.45 -124.36
CA UNK C 3016 11.62 48.80 -125.06
C UNK C 3016 11.40 50.31 -125.22
N UNK C 3017 11.21 51.01 -124.09
CA UNK C 3017 10.99 52.45 -124.11
C UNK C 3017 12.25 53.23 -124.50
N UNK C 3018 13.40 52.58 -124.41
CA UNK C 3018 14.68 53.21 -124.76
C UNK C 3018 14.76 53.50 -126.26
N UNK C 3019 14.05 52.70 -127.05
CA UNK C 3019 13.98 52.92 -128.49
C UNK C 3019 12.67 53.60 -128.86
N UNK C 3020 11.93 54.03 -127.85
CA UNK C 3020 10.66 54.69 -128.06
C UNK C 3020 10.67 56.12 -127.53
N UNK C 3021 11.20 56.30 -126.32
CA UNK C 3021 11.31 57.63 -125.73
C UNK C 3021 12.42 58.41 -126.40
N UNK C 3022 13.63 57.88 -126.37
CA UNK C 3022 14.78 58.50 -127.03
C UNK C 3022 14.72 58.22 -128.53
N UNK C 3023 14.06 59.11 -129.26
CA UNK C 3023 13.89 58.95 -130.71
C UNK C 3023 15.17 59.36 -131.44
N UNK C 3024 15.60 58.49 -132.37
CA UNK C 3024 16.79 58.77 -133.17
C UNK C 3024 16.74 57.93 -134.45
N UNK C 3025 17.24 58.51 -135.54
CA UNK C 3025 17.29 57.82 -136.82
C UNK C 3025 18.30 56.68 -136.78
N UNK C 3026 19.32 56.85 -135.95
CA UNK C 3026 20.38 55.86 -135.79
C UNK C 3026 19.83 54.55 -135.21
N UNK C 3027 18.98 54.66 -134.20
CA UNK C 3027 18.41 53.50 -133.54
C UNK C 3027 17.52 52.68 -134.49
N UNK C 3028 16.64 53.36 -135.19
CA UNK C 3028 15.74 52.71 -136.15
C UNK C 3028 16.52 52.11 -137.31
N UNK C 3029 17.54 52.83 -137.76
CA UNK C 3029 18.41 52.36 -138.84
C UNK C 3029 19.13 51.09 -138.43
N UNK C 3030 19.63 51.07 -137.19
CA UNK C 3030 20.31 49.91 -136.65
C UNK C 3030 19.37 48.73 -136.49
N UNK C 3031 18.14 49.00 -136.06
CA UNK C 3031 17.13 47.95 -135.92
C UNK C 3031 16.83 47.31 -137.27
N UNK C 3032 16.63 48.15 -138.28
CA UNK C 3032 16.36 47.69 -139.64
C UNK C 3032 17.55 46.91 -140.20
N UNK C 3033 18.76 47.39 -139.96
CA UNK C 3033 19.97 46.74 -140.44
C UNK C 3033 20.17 45.38 -139.78
N UNK C 3034 19.88 45.31 -138.48
CA UNK C 3034 19.98 44.07 -137.73
C UNK C 3034 18.96 43.07 -138.24
N UNK C 3035 17.75 43.53 -138.51
CA UNK C 3035 16.71 42.68 -139.07
C UNK C 3035 17.12 42.15 -140.45
N UNK C 3036 17.70 43.02 -141.27
CA UNK C 3036 18.12 42.66 -142.62
C UNK C 3036 19.29 41.67 -142.63
N UNK C 3037 20.22 41.84 -141.69
CA UNK C 3037 21.40 40.99 -141.64
C UNK C 3037 21.15 39.72 -140.82
N UNK C 3038 20.04 39.69 -140.10
CA UNK C 3038 19.60 38.46 -139.45
C UNK C 3038 18.76 37.67 -140.45
N UNK C 3039 18.15 38.41 -141.38
CA UNK C 3039 17.47 37.79 -142.51
C UNK C 3039 18.52 37.18 -143.43
N UNK C 3040 19.70 37.79 -143.44
CA UNK C 3040 20.86 37.21 -144.11
C UNK C 3040 21.33 36.01 -143.30
N UNK C 3041 22.10 35.14 -143.95
CA UNK C 3041 22.54 33.86 -143.37
C UNK C 3041 21.35 33.03 -142.91
N UNK C 3042 20.27 33.06 -143.69
CA UNK C 3042 19.06 32.34 -143.37
C UNK C 3042 19.24 30.85 -143.63
N UNK C 3043 19.90 30.16 -142.69
CA UNK C 3043 20.15 28.73 -142.82
C UNK C 3043 20.34 28.11 -141.44
N UNK C 3044 20.24 26.79 -141.38
CA UNK C 3044 20.42 26.07 -140.12
C UNK C 3044 21.81 25.43 -140.06
N UNK C 3045 22.82 26.25 -139.76
CA UNK C 3045 24.19 25.78 -139.67
C UNK C 3045 24.69 25.82 -138.24
N UNK C 3046 23.76 25.97 -137.29
CA UNK C 3046 24.12 26.04 -135.87
C UNK C 3046 23.03 25.41 -135.02
N UNK C 3047 22.99 25.80 -133.75
CA UNK C 3047 21.98 25.29 -132.82
C UNK C 3047 21.45 26.43 -131.96
N UNK C 3048 21.43 27.63 -132.52
CA UNK C 3048 20.97 28.81 -131.81
C UNK C 3048 19.58 29.23 -132.27
N UNK C 3049 18.57 28.52 -131.77
CA UNK C 3049 17.18 28.85 -132.09
C UNK C 3049 16.68 29.97 -131.17
N UNK C 3050 17.49 30.28 -130.15
CA UNK C 3050 17.18 31.37 -129.23
C UNK C 3050 17.55 32.71 -129.85
N UNK C 3051 18.42 32.66 -130.86
CA UNK C 3051 18.77 33.84 -131.63
C UNK C 3051 17.57 34.31 -132.43
N UNK C 3052 16.76 33.34 -132.86
CA UNK C 3052 15.50 33.64 -133.54
C UNK C 3052 14.54 34.34 -132.58
N UNK C 3053 14.55 33.90 -131.32
CA UNK C 3053 13.74 34.52 -130.29
C UNK C 3053 14.20 35.96 -130.01
N UNK C 3054 15.51 36.16 -130.04
CA UNK C 3054 16.09 37.48 -129.87
C UNK C 3054 15.69 38.40 -131.02
N UNK C 3055 15.71 37.85 -132.23
CA UNK C 3055 15.29 38.58 -133.43
C UNK C 3055 13.81 38.95 -133.36
N UNK C 3056 13.00 38.02 -132.85
CA UNK C 3056 11.57 38.26 -132.64
C UNK C 3056 11.35 39.38 -131.62
N UNK C 3057 12.13 39.35 -130.55
CA UNK C 3057 12.07 40.39 -129.52
C UNK C 3057 12.48 41.75 -130.08
N UNK C 3058 13.46 41.75 -130.96
CA UNK C 3058 13.92 42.97 -131.62
C UNK C 3058 12.87 43.51 -132.59
N UNK C 3059 12.15 42.60 -133.24
CA UNK C 3059 11.06 42.98 -134.13
C UNK C 3059 9.89 43.54 -133.34
N UNK C 3060 9.71 43.01 -132.12
CA UNK C 3060 8.71 43.53 -131.20
C UNK C 3060 9.16 44.88 -130.66
N UNK C 3061 10.47 45.11 -130.67
CA UNK C 3061 11.04 46.38 -130.24
C UNK C 3061 11.00 47.40 -131.37
N UNK C 3062 10.62 46.95 -132.55
CA UNK C 3062 10.47 47.84 -133.71
C UNK C 3062 9.06 48.46 -133.71
N UNK C 3063 8.23 47.99 -132.78
CA UNK C 3063 6.87 48.51 -132.65
C UNK C 3063 6.77 49.45 -131.45
N UNK C 3134 8.06 52.04 -137.52
CA UNK C 3134 7.23 53.17 -137.13
C UNK C 3134 7.47 54.37 -138.03
N UNK C 3135 8.58 55.07 -137.81
CA UNK C 3135 8.93 56.23 -138.61
C UNK C 3135 9.42 55.81 -139.99
N UNK C 3136 8.97 56.52 -141.01
CA UNK C 3136 9.33 56.20 -142.39
C UNK C 3136 10.48 57.08 -142.87
N UNK C 3137 11.59 56.44 -143.24
CA UNK C 3137 12.75 57.15 -143.75
C UNK C 3137 13.18 56.59 -145.09
N UNK C 3138 12.41 55.61 -145.58
CA UNK C 3138 12.65 54.93 -146.86
C UNK C 3138 14.05 54.33 -146.95
N UNK C 3139 14.66 54.49 -148.13
CA UNK C 3139 16.03 54.04 -148.41
C UNK C 3139 16.24 52.54 -148.16
N UNK C 3140 17.42 52.23 -147.62
CA UNK C 3140 17.86 50.84 -147.43
C UNK C 3140 16.94 50.06 -146.49
N UNK C 3141 16.44 50.72 -145.46
CA UNK C 3141 15.55 50.09 -144.48
C UNK C 3141 14.27 49.57 -145.13
N UNK C 3142 13.55 50.48 -145.79
CA UNK C 3142 12.30 50.12 -146.46
C UNK C 3142 12.55 49.16 -147.61
N UNK C 3143 13.68 49.33 -148.30
CA UNK C 3143 14.06 48.45 -149.40
C UNK C 3143 14.23 47.01 -148.90
N UNK C 3144 15.00 46.85 -147.82
CA UNK C 3144 15.24 45.54 -147.23
C UNK C 3144 13.95 44.94 -146.68
N UNK C 3145 13.10 45.78 -146.08
CA UNK C 3145 11.82 45.31 -145.55
C UNK C 3145 10.92 44.75 -146.66
N UNK C 3146 10.76 45.53 -147.73
CA UNK C 3146 9.94 45.13 -148.87
C UNK C 3146 10.51 43.87 -149.54
N UNK C 3147 11.83 43.84 -149.71
CA UNK C 3147 12.50 42.70 -150.33
C UNK C 3147 12.32 41.43 -149.51
N UNK C 3148 12.48 41.55 -148.19
CA UNK C 3148 12.31 40.42 -147.28
C UNK C 3148 10.88 39.91 -147.31
N UNK C 3149 9.92 40.83 -147.26
CA UNK C 3149 8.50 40.47 -147.30
C UNK C 3149 8.15 39.73 -148.59
N UNK C 3150 8.55 40.31 -149.73
CA UNK C 3150 8.27 39.73 -151.04
C UNK C 3150 8.94 38.37 -151.20
N UNK C 3151 10.20 38.26 -150.81
CA UNK C 3151 10.96 37.02 -150.94
C UNK C 3151 10.38 35.92 -150.05
N UNK C 3152 10.02 36.27 -148.80
CA UNK C 3152 9.44 35.31 -147.88
C UNK C 3152 8.09 34.81 -148.38
N UNK C 3153 7.27 35.73 -148.89
CA UNK C 3153 5.96 35.37 -149.41
C UNK C 3153 6.08 34.47 -150.65
N UNK C 3154 7.00 34.82 -151.55
CA UNK C 3154 7.23 34.02 -152.75
C UNK C 3154 7.76 32.64 -152.41
N UNK C 3155 8.67 32.57 -151.44
CA UNK C 3155 9.23 31.30 -150.99
C UNK C 3155 8.16 30.43 -150.34
N UNK C 3156 7.27 31.06 -149.57
CA UNK C 3156 6.16 30.34 -148.94
C UNK C 3156 5.21 29.79 -149.99
N UNK C 3157 4.93 30.59 -151.00
CA UNK C 3157 4.07 30.16 -152.11
C UNK C 3157 4.69 29.00 -152.88
N UNK C 3158 5.99 29.10 -153.15
CA UNK C 3158 6.72 28.05 -153.85
C UNK C 3158 6.77 26.75 -153.04
N UNK C 3159 6.95 26.87 -151.73
CA UNK C 3159 7.00 25.71 -150.85
C UNK C 3159 5.62 25.06 -150.74
N UNK C 3160 4.57 25.88 -150.77
CA UNK C 3160 3.21 25.36 -150.72
C UNK C 3160 2.87 24.65 -152.03
N UNK C 3161 3.38 25.18 -153.13
CA UNK C 3161 3.16 24.57 -154.45
C UNK C 3161 3.97 23.28 -154.59
N UNK C 3162 5.12 23.23 -153.92
CA UNK C 3162 5.98 22.05 -153.96
C UNK C 3162 5.38 20.91 -153.16
N UNK C 3163 4.64 21.25 -152.12
CA UNK C 3163 4.00 20.24 -151.27
C UNK C 3163 2.69 19.75 -151.90
N UNK C 3170 18.14 31.27 -147.48
CA UNK C 3170 16.80 30.71 -147.44
C UNK C 3170 16.79 29.32 -146.81
N UNK C 3171 17.55 28.40 -147.42
CA UNK C 3171 17.68 27.02 -146.96
C UNK C 3171 16.33 26.31 -146.81
N UNK C 3172 15.90 26.13 -145.57
CA UNK C 3172 14.64 25.46 -145.29
C UNK C 3172 13.92 26.11 -144.11
N UNK C 3173 13.57 27.38 -144.25
CA UNK C 3173 12.85 28.10 -143.21
C UNK C 3173 11.35 27.90 -143.36
N UNK C 3174 10.71 27.35 -142.32
CA UNK C 3174 9.28 27.08 -142.36
C UNK C 3174 8.61 27.48 -141.05
N UNK C 3175 8.99 26.81 -139.97
CA UNK C 3175 8.42 27.10 -138.65
C UNK C 3175 8.93 28.44 -138.13
N UNK C 3176 10.23 28.67 -138.31
CA UNK C 3176 10.84 29.94 -137.89
C UNK C 3176 10.28 31.09 -138.71
N UNK C 3177 10.02 30.83 -139.99
CA UNK C 3177 9.42 31.81 -140.88
C UNK C 3177 8.01 32.17 -140.42
N UNK C 3178 7.23 31.16 -140.05
CA UNK C 3178 5.87 31.37 -139.57
C UNK C 3178 5.86 32.13 -138.24
N UNK C 3179 6.82 31.80 -137.38
CA UNK C 3179 6.95 32.47 -136.08
C UNK C 3179 7.29 33.94 -136.27
N UNK C 3180 8.25 34.21 -137.15
CA UNK C 3180 8.64 35.58 -137.48
C UNK C 3180 7.49 36.35 -138.11
N UNK C 3181 6.71 35.69 -138.96
CA UNK C 3181 5.56 36.30 -139.59
C UNK C 3181 4.50 36.68 -138.57
N UNK C 3182 4.23 35.77 -137.64
CA UNK C 3182 3.25 36.01 -136.57
C UNK C 3182 3.71 37.16 -135.68
N UNK C 3183 4.99 37.17 -135.34
CA UNK C 3183 5.57 38.23 -134.51
C UNK C 3183 5.48 39.59 -135.20
N UNK C 3184 5.81 39.62 -136.49
CA UNK C 3184 5.77 40.84 -137.28
C UNK C 3184 4.34 41.35 -137.42
N UNK C 3185 3.39 40.44 -137.62
CA UNK C 3185 1.99 40.80 -137.74
C UNK C 3185 1.47 41.38 -136.43
N UNK C 3186 1.86 40.76 -135.31
CA UNK C 3186 1.46 41.25 -134.00
C UNK C 3186 2.05 42.64 -133.73
N UNK C 3187 3.31 42.83 -134.10
CA UNK C 3187 3.99 44.11 -133.91
C UNK C 3187 3.38 45.20 -134.79
N UNK C 3188 2.93 44.82 -135.98
CA UNK C 3188 2.32 45.78 -136.90
C UNK C 3188 0.90 46.14 -136.45
N UNK C 3189 0.19 45.17 -135.90
CA UNK C 3189 -1.17 45.41 -135.42
C UNK C 3189 -1.17 46.16 -134.10
N UNK C 3190 -0.07 46.04 -133.35
CA UNK C 3190 0.05 46.70 -132.06
C UNK C 3190 0.23 48.21 -132.22
N UNK C 3191 0.80 48.62 -133.35
CA UNK C 3191 1.06 50.03 -133.61
C UNK C 3191 -0.19 50.73 -134.16
N UNK C 3192 -0.04 52.00 -134.51
CA UNK C 3192 -1.14 52.78 -135.05
C UNK C 3192 -0.65 53.76 -136.11
N UNK C 3193 0.10 53.24 -137.08
CA UNK C 3193 0.64 54.07 -138.16
C UNK C 3193 0.86 53.23 -139.42
N UNK C 3194 1.18 53.91 -140.51
CA UNK C 3194 1.43 53.24 -141.79
C UNK C 3194 2.78 52.53 -141.77
N UNK C 3195 2.81 51.32 -142.32
CA UNK C 3195 4.04 50.52 -142.34
C UNK C 3195 4.85 50.80 -143.61
N UNK C 3196 4.80 49.87 -144.56
CA UNK C 3196 5.56 49.98 -145.79
C UNK C 3196 4.67 50.38 -146.97
N UNK C 3197 3.44 49.87 -146.95
CA UNK C 3197 2.43 50.13 -147.99
C UNK C 3197 2.94 49.76 -149.39
N UNK C 3198 3.47 48.56 -149.52
CA UNK C 3198 3.95 48.07 -150.81
C UNK C 3198 2.78 47.54 -151.64
N UNK C 3199 1.64 47.36 -150.98
CA UNK C 3199 0.36 47.02 -151.61
C UNK C 3199 0.36 45.74 -152.43
N UNK C 3200 0.99 45.78 -153.61
CA UNK C 3200 0.90 44.70 -154.58
C UNK C 3200 1.48 43.37 -154.09
N UNK C 3201 2.77 43.37 -153.77
CA UNK C 3201 3.50 42.15 -153.41
C UNK C 3201 2.89 41.40 -152.23
N UNK C 3202 2.82 42.08 -151.08
CA UNK C 3202 2.34 41.49 -149.84
C UNK C 3202 0.93 40.92 -149.98
N UNK C 3203 -0.03 41.78 -150.33
CA UNK C 3203 -1.42 41.38 -150.44
C UNK C 3203 -1.64 40.31 -151.51
N UNK C 3204 -1.01 40.47 -152.67
CA UNK C 3204 -1.17 39.52 -153.77
C UNK C 3204 -0.65 38.14 -153.41
N UNK C 3205 0.58 38.07 -152.91
CA UNK C 3205 1.18 36.79 -152.55
C UNK C 3205 0.47 36.16 -151.36
N UNK C 3206 0.00 36.98 -150.42
CA UNK C 3206 -0.72 36.48 -149.27
C UNK C 3206 -2.07 35.90 -149.70
N UNK C 3207 -2.73 36.56 -150.64
CA UNK C 3207 -4.00 36.06 -151.17
C UNK C 3207 -3.78 34.74 -151.90
N UNK C 3208 -2.70 34.66 -152.67
CA UNK C 3208 -2.35 33.42 -153.38
C UNK C 3208 -2.10 32.27 -152.40
N UNK C 3209 -1.33 32.55 -151.36
CA UNK C 3209 -1.03 31.55 -150.33
C UNK C 3209 -2.27 31.12 -149.57
N UNK C 3210 -3.15 32.08 -149.27
CA UNK C 3210 -4.39 31.80 -148.57
C UNK C 3210 -5.32 30.95 -149.42
N UNK C 3211 -5.35 31.22 -150.73
CA UNK C 3211 -6.14 30.42 -151.66
C UNK C 3211 -5.60 28.99 -151.73
N UNK C 3212 -4.28 28.87 -151.79
CA UNK C 3212 -3.63 27.56 -151.84
C UNK C 3212 -3.88 26.76 -150.55
N UNK C 3213 -3.95 27.47 -149.43
CA UNK C 3213 -4.18 26.83 -148.13
C UNK C 3213 -5.65 26.44 -147.96
N UNK C 3214 -6.56 27.27 -148.47
CA UNK C 3214 -7.98 27.00 -148.37
C UNK C 3214 -8.41 25.92 -149.36
N UNK C 3215 -7.60 25.72 -150.40
CA UNK C 3215 -7.85 24.65 -151.36
C UNK C 3215 -7.57 23.30 -150.70
N UNK C 3216 -6.34 22.82 -150.87
CA UNK C 3216 -5.92 21.55 -150.28
C UNK C 3216 -4.39 21.47 -150.21
N UNK C 3217 -3.85 21.71 -149.01
CA UNK C 3217 -2.40 21.69 -148.82
C UNK C 3217 -1.97 20.47 -147.99
N UNK C 3218 -1.59 20.72 -146.75
CA UNK C 3218 -1.13 19.66 -145.86
C UNK C 3218 -1.77 19.77 -144.47
N UNK C 3219 -1.26 18.99 -143.53
CA UNK C 3219 -1.78 18.99 -142.17
C UNK C 3219 -1.02 19.97 -141.29
N UNK C 3220 -1.07 21.24 -141.65
CA UNK C 3220 -0.40 22.29 -140.89
C UNK C 3220 -1.13 23.61 -141.05
N UNK C 3221 -2.41 23.64 -140.67
CA UNK C 3221 -3.24 24.82 -140.85
C UNK C 3221 -3.17 25.76 -139.66
N UNK C 3222 -2.52 25.32 -138.57
CA UNK C 3222 -2.46 26.11 -137.34
C UNK C 3222 -1.70 27.42 -137.50
N UNK C 3223 -0.38 27.30 -137.74
CA UNK C 3223 0.48 28.46 -137.88
C UNK C 3223 0.09 29.30 -139.09
N UNK C 3224 -0.33 28.63 -140.16
CA UNK C 3224 -0.78 29.31 -141.37
C UNK C 3224 -2.02 30.16 -141.11
N UNK C 3225 -3.00 29.59 -140.43
CA UNK C 3225 -4.22 30.30 -140.08
C UNK C 3225 -3.93 31.46 -139.13
N UNK C 3226 -3.01 31.22 -138.20
CA UNK C 3226 -2.61 32.27 -137.25
C UNK C 3226 -1.95 33.44 -137.98
N UNK C 3227 -1.08 33.14 -138.93
CA UNK C 3227 -0.38 34.17 -139.70
C UNK C 3227 -1.32 34.87 -140.67
N UNK C 3228 -2.37 34.17 -141.10
CA UNK C 3228 -3.35 34.76 -142.01
C UNK C 3228 -4.32 35.68 -141.28
N UNK C 3229 -4.64 35.32 -140.03
CA UNK C 3229 -5.60 36.10 -139.25
C UNK C 3229 -4.94 37.18 -138.41
N UNK C 3230 -3.62 37.07 -138.22
CA UNK C 3230 -2.89 38.06 -137.42
C UNK C 3230 -2.65 39.34 -138.22
N UNK C 3231 -2.70 39.23 -139.55
CA UNK C 3231 -2.52 40.38 -140.42
C UNK C 3231 -3.87 40.92 -140.87
N UNK C 3232 -4.75 41.20 -139.91
CA UNK C 3232 -6.06 41.74 -140.21
C UNK C 3232 -6.31 43.01 -139.39
N UNK C 3233 -5.67 44.09 -139.78
CA UNK C 3233 -5.82 45.37 -139.10
C UNK C 3233 -5.49 46.51 -140.06
N UNK C 3234 -5.89 46.35 -141.31
CA UNK C 3234 -5.61 47.29 -142.41
C UNK C 3234 -4.11 47.55 -142.54
N UNK C 3235 -3.42 46.68 -143.26
CA UNK C 3235 -1.98 46.78 -143.44
C UNK C 3235 -1.59 48.03 -144.22
N UNK C 3236 -1.24 49.08 -143.49
CA UNK C 3236 -0.83 50.38 -144.03
C UNK C 3236 -1.87 50.96 -144.99
N UNK C 3261 -5.06 52.25 -158.38
CA UNK C 3261 -4.52 51.71 -157.14
C UNK C 3261 -5.22 52.33 -155.93
N UNK C 3262 -5.82 53.50 -156.12
CA UNK C 3262 -6.51 54.20 -155.05
C UNK C 3262 -8.03 54.05 -155.19
N UNK C 3263 -8.57 53.02 -154.57
CA UNK C 3263 -10.01 52.76 -154.61
C UNK C 3263 -10.45 51.99 -153.36
N UNK C 3264 -11.11 52.69 -152.45
CA UNK C 3264 -11.57 52.07 -151.21
C UNK C 3264 -13.10 51.98 -151.18
N UNK C 3265 -13.72 52.04 -152.35
CA UNK C 3265 -15.17 51.99 -152.46
C UNK C 3265 -15.65 50.66 -153.00
N UNK C 3266 -15.37 50.40 -154.27
CA UNK C 3266 -15.85 49.20 -154.95
C UNK C 3266 -15.10 47.94 -154.50
N UNK C 3267 -13.80 48.08 -154.28
CA UNK C 3267 -12.95 46.95 -153.91
C UNK C 3267 -13.34 46.36 -152.57
N UNK C 3268 -13.45 47.21 -151.55
CA UNK C 3268 -13.81 46.79 -150.21
C UNK C 3268 -15.22 46.21 -150.19
N UNK C 3269 -16.12 46.84 -150.95
CA UNK C 3269 -17.50 46.36 -151.05
C UNK C 3269 -17.58 44.98 -151.66
N UNK C 3270 -16.86 44.77 -152.75
CA UNK C 3270 -16.83 43.48 -153.44
C UNK C 3270 -16.22 42.40 -152.55
N UNK C 3271 -15.12 42.75 -151.89
CA UNK C 3271 -14.44 41.82 -150.99
C UNK C 3271 -15.34 41.41 -149.83
N UNK C 3272 -16.00 42.40 -149.21
CA UNK C 3272 -16.91 42.14 -148.10
C UNK C 3272 -18.10 41.30 -148.53
N UNK C 3273 -18.67 41.61 -149.69
CA UNK C 3273 -19.80 40.86 -150.22
C UNK C 3273 -19.43 39.40 -150.48
N UNK C 3274 -18.30 39.20 -151.17
CA UNK C 3274 -17.83 37.85 -151.47
C UNK C 3274 -17.53 37.06 -150.21
N UNK C 3275 -16.84 37.68 -149.26
CA UNK C 3275 -16.48 37.03 -148.00
C UNK C 3275 -17.70 36.67 -147.18
N UNK C 3276 -18.66 37.59 -147.07
CA UNK C 3276 -19.87 37.35 -146.29
C UNK C 3276 -20.72 36.26 -146.93
N UNK C 3277 -20.86 36.29 -148.26
CA UNK C 3277 -21.62 35.27 -148.98
C UNK C 3277 -21.00 33.90 -148.79
N UNK C 3278 -19.69 33.80 -148.97
CA UNK C 3278 -18.98 32.53 -148.81
C UNK C 3278 -19.08 32.01 -147.38
N UNK C 3279 -18.90 32.89 -146.41
CA UNK C 3279 -18.96 32.51 -145.00
C UNK C 3279 -20.34 32.02 -144.62
N UNK C 3280 -21.38 32.72 -145.07
CA UNK C 3280 -22.75 32.33 -144.78
C UNK C 3280 -23.11 31.01 -145.48
N UNK C 3281 -22.65 30.84 -146.71
CA UNK C 3281 -22.94 29.63 -147.47
C UNK C 3281 -22.21 28.42 -146.90
N UNK C 3282 -21.07 28.67 -146.25
CA UNK C 3282 -20.29 27.58 -145.66
C UNK C 3282 -20.77 27.25 -144.24
N UNK C 3283 -21.28 28.25 -143.53
CA UNK C 3283 -21.71 28.04 -142.15
C UNK C 3283 -23.19 27.73 -142.05
N UNK C 3284 -23.92 27.82 -143.17
CA UNK C 3284 -25.34 27.52 -143.17
C UNK C 3284 -25.59 26.02 -143.01
N UNK C 3285 -24.90 25.23 -143.82
CA UNK C 3285 -25.04 23.77 -143.75
C UNK C 3285 -23.90 23.16 -142.95
N UNK C 3286 -24.25 22.44 -141.89
CA UNK C 3286 -23.27 21.78 -141.03
C UNK C 3286 -23.91 20.63 -140.28
N UNK C 3287 -23.12 19.62 -139.94
CA UNK C 3287 -23.61 18.45 -139.22
C UNK C 3287 -22.51 17.83 -138.36
N UNK C 3288 -21.43 17.42 -139.00
CA UNK C 3288 -20.30 16.81 -138.30
C UNK C 3288 -18.99 17.07 -139.04
N UNK C 3289 -18.83 18.30 -139.53
CA UNK C 3289 -17.63 18.68 -140.25
C UNK C 3289 -16.46 18.88 -139.28
N UNK C 3290 -15.74 17.81 -139.00
CA UNK C 3290 -14.61 17.86 -138.09
C UNK C 3290 -13.29 17.73 -138.85
N UNK C 3291 -13.36 17.29 -140.10
CA UNK C 3291 -12.17 17.12 -140.93
C UNK C 3291 -11.99 18.31 -141.86
N UNK C 3292 -12.58 19.44 -141.49
CA UNK C 3292 -12.50 20.64 -142.31
C UNK C 3292 -11.65 21.71 -141.61
N UNK C 3293 -10.33 21.62 -141.79
CA UNK C 3293 -9.42 22.61 -141.24
C UNK C 3293 -9.54 23.92 -142.01
N UNK C 3294 -9.93 23.82 -143.27
CA UNK C 3294 -10.17 24.97 -144.11
C UNK C 3294 -11.31 25.80 -143.54
N UNK C 3295 -12.33 25.12 -143.01
CA UNK C 3295 -13.45 25.78 -142.37
C UNK C 3295 -13.01 26.55 -141.13
N UNK C 3296 -12.12 25.95 -140.34
CA UNK C 3296 -11.60 26.59 -139.13
C UNK C 3296 -10.77 27.83 -139.48
N UNK C 3297 -9.93 27.69 -140.51
CA UNK C 3297 -9.11 28.79 -140.99
C UNK C 3297 -9.98 29.93 -141.50
N UNK C 3298 -11.02 29.58 -142.25
CA UNK C 3298 -11.96 30.55 -142.79
C UNK C 3298 -12.73 31.25 -141.67
N UNK C 3299 -13.10 30.51 -140.63
CA UNK C 3299 -13.80 31.07 -139.49
C UNK C 3299 -12.92 32.08 -138.75
N UNK C 3300 -11.66 31.70 -138.53
CA UNK C 3300 -10.69 32.58 -137.87
C UNK C 3300 -10.47 33.87 -138.68
N UNK C 3301 -10.25 33.70 -139.98
CA UNK C 3301 -10.03 34.83 -140.87
C UNK C 3301 -11.25 35.74 -140.96
N UNK C 3302 -12.44 35.15 -140.96
CA UNK C 3302 -13.69 35.90 -141.03
C UNK C 3302 -13.92 36.68 -139.75
N UNK C 3303 -13.64 36.06 -138.60
CA UNK C 3303 -13.74 36.74 -137.31
C UNK C 3303 -12.78 37.92 -137.26
N UNK C 3304 -11.55 37.71 -137.73
CA UNK C 3304 -10.56 38.77 -137.78
C UNK C 3304 -10.98 39.92 -138.68
N UNK C 3305 -11.46 39.60 -139.89
CA UNK C 3305 -11.86 40.60 -140.86
C UNK C 3305 -13.13 41.34 -140.45
N UNK C 3306 -13.97 40.69 -139.64
CA UNK C 3306 -15.18 41.32 -139.14
C UNK C 3306 -14.89 42.21 -137.94
N UNK C 3307 -13.89 41.81 -137.15
CA UNK C 3307 -13.49 42.61 -136.00
C UNK C 3307 -12.65 43.82 -136.44
N UNK C 3308 -11.99 43.69 -137.58
CA UNK C 3308 -11.19 44.77 -138.12
C UNK C 3308 -12.00 45.68 -139.03
N UNK C 3309 -13.16 46.13 -138.55
CA UNK C 3309 -14.02 47.01 -139.32
C UNK C 3309 -14.91 47.80 -138.36
N UNK C 3310 -14.67 47.62 -137.07
CA UNK C 3310 -15.40 48.28 -135.99
C UNK C 3310 -16.91 48.03 -136.08
N UNK C 3311 -17.69 49.06 -135.84
CA UNK C 3311 -19.15 48.94 -135.87
C UNK C 3311 -19.78 50.12 -136.61
N UNK C 3312 -20.37 51.05 -135.86
CA UNK C 3312 -21.06 52.23 -136.38
C UNK C 3312 -22.15 51.87 -137.38
N UNK C 3313 -21.88 52.10 -138.66
CA UNK C 3313 -22.84 51.79 -139.71
C UNK C 3313 -22.33 50.64 -140.57
N UNK C 3314 -23.25 49.71 -140.90
CA UNK C 3314 -22.98 48.50 -141.69
C UNK C 3314 -22.03 47.52 -141.01
N UNK C 3315 -22.19 46.24 -141.35
CA UNK C 3315 -21.44 45.12 -140.77
C UNK C 3315 -21.54 45.08 -139.25
N UNK C 3316 -22.69 45.52 -138.72
CA UNK C 3316 -22.94 45.51 -137.29
C UNK C 3316 -23.92 44.40 -136.95
N UNK C 3317 -24.96 44.27 -137.77
CA UNK C 3317 -25.90 43.17 -137.66
C UNK C 3317 -25.26 41.92 -138.26
N UNK C 3318 -24.36 42.15 -139.21
CA UNK C 3318 -23.60 41.06 -139.82
C UNK C 3318 -22.67 40.42 -138.80
N UNK C 3319 -22.13 41.24 -137.91
CA UNK C 3319 -21.26 40.75 -136.84
C UNK C 3319 -22.06 39.86 -135.89
N UNK C 3320 -23.28 40.28 -135.57
CA UNK C 3320 -24.18 39.49 -134.72
C UNK C 3320 -24.55 38.18 -135.40
N UNK C 3321 -24.79 38.24 -136.71
CA UNK C 3321 -25.10 37.06 -137.50
C UNK C 3321 -23.94 36.07 -137.51
N UNK C 3322 -22.73 36.60 -137.65
CA UNK C 3322 -21.52 35.78 -137.64
C UNK C 3322 -21.31 35.15 -136.27
N UNK C 3323 -21.59 35.90 -135.21
CA UNK C 3323 -21.49 35.40 -133.85
C UNK C 3323 -22.49 34.27 -133.61
N UNK C 3324 -23.71 34.46 -134.10
CA UNK C 3324 -24.75 33.44 -134.00
C UNK C 3324 -24.37 32.19 -134.78
N UNK C 3325 -23.77 32.38 -135.96
CA UNK C 3325 -23.32 31.28 -136.78
C UNK C 3325 -22.21 30.48 -136.09
N UNK C 3326 -21.29 31.20 -135.45
CA UNK C 3326 -20.21 30.58 -134.69
C UNK C 3326 -20.75 29.81 -133.49
N UNK C 3327 -21.77 30.38 -132.84
CA UNK C 3327 -22.39 29.73 -131.68
C UNK C 3327 -23.15 28.47 -132.11
N UNK C 3328 -23.71 28.50 -133.31
CA UNK C 3328 -24.43 27.34 -133.85
C UNK C 3328 -23.46 26.25 -134.28
N UNK C 3329 -22.32 26.66 -134.84
CA UNK C 3329 -21.31 25.71 -135.31
C UNK C 3329 -20.50 25.15 -134.15
N UNK C 3330 -20.52 25.84 -133.02
CA UNK C 3330 -19.81 25.39 -131.82
C UNK C 3330 -20.75 24.61 -130.91
N UNK C 3331 -21.90 24.22 -131.46
CA UNK C 3331 -22.87 23.42 -130.71
C UNK C 3331 -22.72 21.95 -131.03
N UNK C 3332 -21.64 21.60 -131.73
CA UNK C 3332 -21.37 20.22 -132.09
C UNK C 3332 -20.77 19.47 -130.91
N UNK C 3333 -20.83 18.14 -130.95
CA UNK C 3333 -20.28 17.32 -129.88
C UNK C 3333 -18.81 16.98 -130.16
N UNK C 3334 -18.43 17.06 -131.43
CA UNK C 3334 -17.08 16.77 -131.91
C UNK C 3334 -16.59 15.38 -131.49
N UNK C 3335 -17.47 14.39 -131.67
CA UNK C 3335 -17.19 12.99 -131.35
C UNK C 3335 -16.76 12.80 -129.89
N UNK C 3336 -15.57 12.23 -129.70
CA UNK C 3336 -15.04 11.99 -128.36
C UNK C 3336 -13.52 12.15 -128.33
N UNK C 3337 -12.84 11.51 -129.28
CA UNK C 3337 -11.39 11.57 -129.35
C UNK C 3337 -10.93 12.58 -130.39
N UNK C 3338 -11.86 13.41 -130.86
CA UNK C 3338 -11.55 14.42 -131.87
C UNK C 3338 -11.48 15.80 -131.24
N UNK C 3339 -10.64 15.95 -130.23
CA UNK C 3339 -10.49 17.23 -129.54
C UNK C 3339 -9.01 17.51 -129.24
N UNK C 3340 -8.42 18.41 -130.03
CA UNK C 3340 -7.03 18.79 -129.85
C UNK C 3340 -6.78 20.21 -130.34
N UNK C 3341 -6.60 20.35 -131.66
CA UNK C 3341 -6.35 21.66 -132.26
C UNK C 3341 -7.63 22.23 -132.88
N UNK C 3342 -8.73 21.51 -132.70
CA UNK C 3342 -10.01 21.94 -133.25
C UNK C 3342 -10.98 22.35 -132.14
N UNK C 3343 -10.48 23.09 -131.16
CA UNK C 3343 -11.30 23.53 -130.03
C UNK C 3343 -10.77 24.81 -129.40
N UNK C 3344 -9.53 24.75 -128.92
CA UNK C 3344 -8.93 25.88 -128.21
C UNK C 3344 -8.59 27.03 -129.14
N UNK C 3345 -8.17 26.70 -130.35
CA UNK C 3345 -7.75 27.71 -131.33
C UNK C 3345 -8.90 28.61 -131.76
N UNK C 3346 -10.07 28.03 -131.94
CA UNK C 3346 -11.25 28.79 -132.37
C UNK C 3346 -11.87 29.53 -131.20
N UNK C 3347 -11.69 29.01 -129.99
CA UNK C 3347 -12.26 29.62 -128.80
C UNK C 3347 -11.37 30.77 -128.30
N UNK C 3348 -10.12 30.78 -128.73
CA UNK C 3348 -9.20 31.86 -128.37
C UNK C 3348 -9.57 33.15 -129.08
N UNK C 3349 -10.26 33.03 -130.22
CA UNK C 3349 -10.68 34.20 -130.98
C UNK C 3349 -11.92 34.84 -130.35
N UNK C 3350 -11.72 35.50 -129.21
CA UNK C 3350 -12.82 36.14 -128.50
C UNK C 3350 -12.60 37.64 -128.40
N UNK C 3351 -12.13 38.24 -129.48
CA UNK C 3351 -11.92 39.68 -129.54
C UNK C 3351 -13.26 40.39 -129.66
N UNK C 3352 -14.22 39.69 -130.26
CA UNK C 3352 -15.58 40.22 -130.40
C UNK C 3352 -16.60 39.15 -129.98
N UNK C 3353 -16.37 38.54 -128.83
CA UNK C 3353 -17.27 37.52 -128.30
C UNK C 3353 -18.57 38.14 -127.80
N UNK C 3354 -18.48 39.37 -127.34
CA UNK C 3354 -19.65 40.09 -126.84
C UNK C 3354 -20.25 40.96 -127.95
N UNK C 3355 -20.73 42.14 -127.57
CA UNK C 3355 -21.35 43.10 -128.48
C UNK C 3355 -22.51 42.50 -129.27
N UNK C 3356 -23.40 41.80 -128.57
CA UNK C 3356 -24.55 41.16 -129.20
C UNK C 3356 -25.80 42.01 -129.03
N UNK C 3357 -26.96 41.35 -129.01
CA UNK C 3357 -28.23 42.05 -128.87
C UNK C 3357 -29.09 41.42 -127.78
N UNK C 3358 -30.41 41.50 -127.95
CA UNK C 3358 -31.35 40.97 -126.96
C UNK C 3358 -31.89 39.62 -127.40
N UNK C 3359 -32.26 39.50 -128.67
CA UNK C 3359 -32.75 38.24 -129.21
C UNK C 3359 -31.61 37.24 -129.34
N UNK C 3360 -30.44 37.75 -129.70
CA UNK C 3360 -29.23 36.95 -129.77
C UNK C 3360 -28.86 36.43 -128.39
N UNK C 3361 -29.10 37.27 -127.38
CA UNK C 3361 -28.89 36.88 -125.99
C UNK C 3361 -29.83 35.75 -125.59
N UNK C 3362 -31.08 35.83 -126.06
CA UNK C 3362 -32.06 34.79 -125.80
C UNK C 3362 -31.68 33.47 -126.46
N UNK C 3363 -31.19 33.56 -127.69
CA UNK C 3363 -30.74 32.39 -128.43
C UNK C 3363 -29.54 31.75 -127.74
N UNK C 3364 -28.61 32.57 -127.28
CA UNK C 3364 -27.43 32.11 -126.56
C UNK C 3364 -27.81 31.46 -125.25
N UNK C 3365 -28.80 32.03 -124.56
CA UNK C 3365 -29.30 31.48 -123.31
C UNK C 3365 -29.93 30.12 -123.53
N UNK C 3366 -30.72 30.00 -124.60
CA UNK C 3366 -31.36 28.73 -124.94
C UNK C 3366 -30.32 27.66 -125.27
N UNK C 3367 -29.32 28.05 -126.06
CA UNK C 3367 -28.24 27.13 -126.43
C UNK C 3367 -27.45 26.69 -125.21
N UNK C 3368 -27.16 27.63 -124.32
CA UNK C 3368 -26.42 27.35 -123.09
C UNK C 3368 -27.23 26.43 -122.18
N UNK C 3369 -28.54 26.65 -122.10
CA UNK C 3369 -29.42 25.82 -121.29
C UNK C 3369 -29.44 24.39 -121.83
N UNK C 3370 -29.55 24.25 -123.15
CA UNK C 3370 -29.54 22.94 -123.78
C UNK C 3370 -28.22 22.21 -123.55
N UNK C 3371 -27.12 22.93 -123.73
CA UNK C 3371 -25.78 22.37 -123.55
C UNK C 3371 -25.54 21.95 -122.10
N UNK C 3372 -25.96 22.78 -121.16
CA UNK C 3372 -25.81 22.49 -119.74
C UNK C 3372 -26.66 21.30 -119.34
N UNK C 3373 -27.88 21.22 -119.86
CA UNK C 3373 -28.77 20.10 -119.58
C UNK C 3373 -28.16 18.80 -120.10
N UNK C 3374 -27.66 18.82 -121.34
CA UNK C 3374 -27.04 17.65 -121.94
C UNK C 3374 -25.81 17.22 -121.15
N UNK C 3375 -24.97 18.18 -120.77
CA UNK C 3375 -23.75 17.91 -120.01
C UNK C 3375 -24.07 17.32 -118.65
N UNK C 3376 -25.04 17.91 -117.96
CA UNK C 3376 -25.46 17.44 -116.64
C UNK C 3376 -26.02 16.03 -116.71
N UNK C 3377 -26.87 15.77 -117.71
CA UNK C 3377 -27.46 14.45 -117.91
C UNK C 3377 -26.39 13.40 -118.17
N UNK C 3378 -25.48 13.71 -119.09
CA UNK C 3378 -24.38 12.80 -119.44
C UNK C 3378 -23.48 12.53 -118.25
N UNK C 3379 -23.12 13.58 -117.51
CA UNK C 3379 -22.24 13.45 -116.35
C UNK C 3379 -22.91 12.63 -115.24
N UNK C 3380 -24.18 12.89 -114.96
CA UNK C 3380 -24.90 12.17 -113.94
C UNK C 3380 -25.05 10.70 -114.31
N UNK C 3381 -25.35 10.43 -115.58
CA UNK C 3381 -25.47 9.06 -116.06
C UNK C 3381 -24.15 8.31 -115.94
N UNK C 3382 -23.07 8.93 -116.39
CA UNK C 3382 -21.74 8.33 -116.32
C UNK C 3382 -21.30 8.07 -114.88
N UNK C 3383 -21.57 9.03 -114.00
CA UNK C 3383 -21.22 8.90 -112.59
C UNK C 3383 -21.99 7.75 -111.94
N UNK C 3384 -23.32 7.76 -112.09
CA UNK C 3384 -24.17 6.74 -111.50
C UNK C 3384 -23.97 5.36 -112.13
N UNK C 3385 -23.38 5.32 -113.31
CA UNK C 3385 -23.10 4.05 -113.96
C UNK C 3385 -21.75 3.48 -113.53
N UNK C 3386 -20.71 4.31 -113.52
CA UNK C 3386 -19.36 3.83 -113.24
C UNK C 3386 -18.99 3.90 -111.76
N UNK C 3387 -19.07 5.10 -111.17
CA UNK C 3387 -18.54 5.32 -109.83
C UNK C 3387 -19.52 4.90 -108.72
N UNK C 3388 -20.81 5.03 -108.98
CA UNK C 3388 -21.82 4.72 -107.97
C UNK C 3388 -22.31 3.28 -108.08
N UNK C 3389 -21.44 2.38 -108.49
CA UNK C 3389 -21.78 0.96 -108.61
C UNK C 3389 -20.97 0.13 -107.62
N UNK C 3390 -19.77 0.60 -107.31
CA UNK C 3390 -18.85 -0.05 -106.37
C UNK C 3390 -18.55 -1.50 -106.75
N UNK C 3391 -19.13 -2.44 -105.99
CA UNK C 3391 -18.97 -3.88 -106.20
C UNK C 3391 -17.51 -4.31 -106.21
N UNK C 3392 -17.14 -5.07 -107.23
CA UNK C 3392 -15.76 -5.54 -107.38
C UNK C 3392 -15.27 -5.33 -108.81
N UNK C 3393 -15.17 -4.07 -109.21
CA UNK C 3393 -14.74 -3.72 -110.55
C UNK C 3393 -14.07 -2.35 -110.57
N UNK C 3394 -13.66 -1.91 -111.76
CA UNK C 3394 -13.01 -0.62 -111.92
C UNK C 3394 -14.04 0.51 -111.89
N UNK C 3395 -13.55 1.74 -111.90
CA UNK C 3395 -14.44 2.91 -111.83
C UNK C 3395 -13.88 4.11 -112.58
N UNK C 3396 -12.62 4.02 -113.00
CA UNK C 3396 -11.98 5.13 -113.69
C UNK C 3396 -10.88 4.67 -114.65
N UNK C 3397 -9.81 4.10 -114.09
CA UNK C 3397 -8.62 3.73 -114.86
C UNK C 3397 -8.92 2.67 -115.93
N UNK C 3398 -9.86 1.78 -115.63
CA UNK C 3398 -10.27 0.76 -116.59
C UNK C 3398 -11.77 0.85 -116.86
N UNK C 3399 -12.34 2.03 -116.65
CA UNK C 3399 -13.76 2.24 -116.84
C UNK C 3399 -14.04 3.59 -117.50
N UNK C 3400 -14.57 4.53 -116.73
CA UNK C 3400 -14.95 5.83 -117.28
C UNK C 3400 -14.22 6.98 -116.60
N UNK C 3401 -13.07 7.35 -117.17
CA UNK C 3401 -12.31 8.50 -116.70
C UNK C 3401 -11.97 9.42 -117.87
N UNK C 3402 -12.26 8.94 -119.08
CA UNK C 3402 -12.05 9.73 -120.29
C UNK C 3402 -13.28 10.57 -120.59
N UNK C 3403 -14.44 10.05 -120.21
CA UNK C 3403 -15.71 10.75 -120.38
C UNK C 3403 -15.72 12.01 -119.52
N UNK C 3404 -15.26 11.86 -118.28
CA UNK C 3404 -15.17 12.98 -117.35
C UNK C 3404 -14.18 14.02 -117.87
N UNK C 3405 -13.08 13.57 -118.47
CA UNK C 3405 -12.08 14.47 -119.04
C UNK C 3405 -12.63 15.25 -120.24
N UNK C 3406 -13.35 14.55 -121.11
CA UNK C 3406 -13.95 15.18 -122.29
C UNK C 3406 -15.00 16.20 -121.87
N UNK C 3407 -15.83 15.80 -120.89
CA UNK C 3407 -16.84 16.68 -120.34
C UNK C 3407 -16.20 17.89 -119.69
N UNK C 3408 -15.08 17.70 -119.00
CA UNK C 3408 -14.35 18.78 -118.35
C UNK C 3408 -13.77 19.75 -119.37
N UNK C 3409 -13.21 19.22 -120.45
CA UNK C 3409 -12.64 20.07 -121.51
C UNK C 3409 -13.72 20.89 -122.20
N UNK C 3410 -14.80 20.22 -122.59
CA UNK C 3410 -15.94 20.88 -123.24
C UNK C 3410 -16.58 21.90 -122.30
N UNK C 3411 -16.67 21.55 -121.03
CA UNK C 3411 -17.26 22.43 -120.02
C UNK C 3411 -16.35 23.62 -119.77
N UNK C 3412 -15.04 23.42 -119.80
CA UNK C 3412 -14.09 24.52 -119.61
C UNK C 3412 -14.20 25.51 -120.77
N UNK C 3413 -14.26 24.98 -122.00
CA UNK C 3413 -14.42 25.83 -123.18
C UNK C 3413 -15.73 26.61 -123.14
N UNK C 3414 -16.83 25.88 -123.02
CA UNK C 3414 -18.17 26.48 -122.99
C UNK C 3414 -18.36 27.37 -121.77
N UNK C 3415 -17.62 27.11 -120.69
CA UNK C 3415 -17.73 27.88 -119.46
C UNK C 3415 -16.95 29.16 -119.59
N UNK C 3416 -15.81 29.13 -120.28
CA UNK C 3416 -15.08 30.36 -120.58
C UNK C 3416 -15.99 31.25 -121.44
N UNK C 3417 -16.58 30.63 -122.45
CA UNK C 3417 -17.52 31.32 -123.34
C UNK C 3417 -18.71 31.94 -122.58
N UNK C 3418 -19.36 31.13 -121.75
CA UNK C 3418 -20.54 31.55 -121.02
C UNK C 3418 -20.21 32.52 -119.91
N UNK C 3419 -19.03 32.43 -119.34
CA UNK C 3419 -18.58 33.35 -118.31
C UNK C 3419 -18.35 34.70 -118.94
N UNK C 3420 -17.76 34.72 -120.14
CA UNK C 3420 -17.60 35.96 -120.89
C UNK C 3420 -18.96 36.57 -121.21
N UNK C 3421 -19.86 35.72 -121.71
CA UNK C 3421 -21.22 36.16 -122.07
C UNK C 3421 -22.00 36.70 -120.87
N UNK C 3422 -21.88 36.04 -119.72
CA UNK C 3422 -22.60 36.44 -118.53
C UNK C 3422 -21.98 37.68 -117.89
N UNK C 3423 -20.66 37.81 -117.99
CA UNK C 3423 -19.97 39.00 -117.49
C UNK C 3423 -20.26 40.19 -118.38
N UNK C 3424 -20.68 39.91 -119.62
CA UNK C 3424 -21.18 40.96 -120.50
C UNK C 3424 -22.63 41.32 -120.17
N UNK C 3425 -23.46 40.30 -119.90
CA UNK C 3425 -24.91 40.49 -119.80
C UNK C 3425 -25.50 40.72 -118.41
N UNK C 3426 -24.72 40.52 -117.35
CA UNK C 3426 -25.24 40.56 -115.99
C UNK C 3426 -25.74 41.94 -115.57
N UNK C 3427 -25.15 43.00 -116.12
CA UNK C 3427 -25.55 44.36 -115.80
C UNK C 3427 -26.97 44.65 -116.31
N UNK C 3428 -27.34 44.01 -117.42
CA UNK C 3428 -28.66 44.18 -118.00
C UNK C 3428 -29.65 43.17 -117.42
N UNK C 3429 -29.15 42.00 -117.04
CA UNK C 3429 -29.99 40.98 -116.42
C UNK C 3429 -29.96 41.10 -114.90
N UNK C 3430 -29.53 42.26 -114.43
CA UNK C 3430 -29.34 42.50 -112.99
C UNK C 3430 -30.30 43.55 -112.42
N UNK C 3431 -30.17 44.77 -112.89
CA UNK C 3431 -30.91 45.89 -112.32
C UNK C 3431 -32.27 46.12 -112.98
N UNK C 3432 -32.38 45.80 -114.27
CA UNK C 3432 -33.60 46.02 -115.01
C UNK C 3432 -34.74 45.15 -114.49
N UNK C 3433 -34.57 43.83 -114.58
CA UNK C 3433 -35.58 42.89 -114.12
C UNK C 3433 -34.97 41.53 -113.82
N UNK C 3434 -35.81 40.60 -113.38
CA UNK C 3434 -35.37 39.23 -113.14
C UNK C 3434 -35.68 38.36 -114.36
N UNK C 3435 -34.68 38.19 -115.21
CA UNK C 3435 -34.86 37.45 -116.46
C UNK C 3435 -34.90 35.94 -116.24
N UNK C 3436 -34.79 35.19 -117.33
CA UNK C 3436 -34.82 33.74 -117.27
C UNK C 3436 -33.41 33.17 -117.10
N UNK C 3437 -32.42 34.07 -117.03
CA UNK C 3437 -31.01 33.69 -116.89
C UNK C 3437 -30.74 32.85 -115.64
N UNK C 3438 -31.55 33.08 -114.61
CA UNK C 3438 -31.48 32.32 -113.36
C UNK C 3438 -31.65 30.83 -113.61
N UNK C 3439 -32.45 30.49 -114.62
CA UNK C 3439 -32.61 29.10 -115.05
C UNK C 3439 -31.25 28.48 -115.36
N UNK C 3440 -30.46 29.20 -116.15
CA UNK C 3440 -29.10 28.80 -116.47
C UNK C 3440 -28.28 28.69 -115.18
N UNK C 3441 -28.51 29.63 -114.27
CA UNK C 3441 -27.87 29.62 -112.96
C UNK C 3441 -28.22 28.34 -112.23
N UNK C 3442 -29.48 27.92 -112.36
CA UNK C 3442 -29.95 26.66 -111.80
C UNK C 3442 -29.11 25.51 -112.36
N UNK C 3443 -28.88 25.55 -113.67
CA UNK C 3443 -28.05 24.56 -114.34
C UNK C 3443 -26.65 24.59 -113.75
N UNK C 3444 -26.16 25.80 -113.47
CA UNK C 3444 -24.84 25.99 -112.88
C UNK C 3444 -24.80 25.32 -111.51
N UNK C 3445 -25.92 25.36 -110.79
CA UNK C 3445 -26.04 24.69 -109.51
C UNK C 3445 -25.79 23.20 -109.71
N UNK C 3446 -26.43 22.64 -110.74
CA UNK C 3446 -26.23 21.25 -111.10
C UNK C 3446 -24.76 21.05 -111.49
N UNK C 3447 -24.20 22.04 -112.16
CA UNK C 3447 -22.80 22.01 -112.56
C UNK C 3447 -21.92 22.00 -111.32
N UNK C 3448 -22.39 22.68 -110.27
CA UNK C 3448 -21.69 22.70 -108.98
C UNK C 3448 -21.64 21.28 -108.43
N UNK C 3449 -22.71 20.54 -108.65
CA UNK C 3449 -22.80 19.15 -108.18
C UNK C 3449 -21.88 18.24 -108.98
N UNK C 3450 -21.34 18.74 -110.09
CA UNK C 3450 -20.34 18.01 -110.86
C UNK C 3450 -19.06 18.83 -110.93
N UNK C 3451 -18.92 19.77 -110.00
CA UNK C 3451 -17.71 20.60 -109.92
C UNK C 3451 -16.81 20.11 -108.80
N UNK C 3452 -17.40 19.67 -107.70
CA UNK C 3452 -16.63 19.19 -106.55
C UNK C 3452 -17.41 18.18 -105.73
N UNK C 3453 -18.73 18.20 -105.85
CA UNK C 3453 -19.59 17.30 -105.09
C UNK C 3453 -19.45 15.86 -105.56
N UNK C 3454 -19.07 15.68 -106.83
CA UNK C 3454 -18.85 14.36 -107.38
C UNK C 3454 -17.66 13.68 -106.72
N UNK C 3455 -17.85 12.41 -106.33
CA UNK C 3455 -16.82 11.67 -105.61
C UNK C 3455 -15.64 11.32 -106.51
N UNK C 3456 -14.46 11.83 -106.15
CA UNK C 3456 -13.19 11.57 -106.84
C UNK C 3456 -13.20 11.91 -108.32
N UNK C 3457 -14.06 12.85 -108.71
CA UNK C 3457 -14.10 13.33 -110.09
C UNK C 3457 -13.38 14.67 -110.16
N UNK C 3458 -13.28 15.34 -109.03
CA UNK C 3458 -12.53 16.58 -108.92
C UNK C 3458 -11.05 16.29 -109.12
N UNK C 3459 -10.61 15.13 -108.63
CA UNK C 3459 -9.24 14.69 -108.83
C UNK C 3459 -8.97 14.43 -110.31
N UNK C 3460 -9.94 13.84 -111.00
CA UNK C 3460 -9.84 13.58 -112.43
C UNK C 3460 -9.79 14.89 -113.21
N UNK C 3461 -10.59 15.86 -112.78
CA UNK C 3461 -10.61 17.18 -113.41
C UNK C 3461 -9.27 17.89 -113.22
N UNK C 3462 -8.71 17.78 -112.02
CA UNK C 3462 -7.41 18.36 -111.72
C UNK C 3462 -6.31 17.70 -112.55
N UNK C 3463 -6.39 16.39 -112.71
CA UNK C 3463 -5.43 15.66 -113.52
C UNK C 3463 -5.52 16.07 -115.00
N UNK C 3464 -6.75 16.26 -115.47
CA UNK C 3464 -6.98 16.69 -116.85
C UNK C 3464 -6.46 18.11 -117.07
N UNK C 3465 -6.62 18.96 -116.05
CA UNK C 3465 -6.13 20.33 -116.12
C UNK C 3465 -4.60 20.37 -116.10
N UNK C 3466 -4.00 19.49 -115.31
CA UNK C 3466 -2.55 19.39 -115.23
C UNK C 3466 -1.97 18.83 -116.52
N UNK C 3467 -2.75 17.97 -117.19
CA UNK C 3467 -2.34 17.40 -118.46
C UNK C 3467 -2.47 18.45 -119.57
N UNK C 3468 -3.33 19.43 -119.35
CA UNK C 3468 -3.53 20.50 -120.32
C UNK C 3468 -2.57 21.66 -120.04
N UNK C 3511 -4.04 25.67 -108.02
CA UNK C 3511 -4.72 26.57 -108.94
C UNK C 3511 -6.22 26.26 -109.00
N UNK C 3512 -7.03 27.18 -108.50
CA UNK C 3512 -8.47 27.00 -108.48
C UNK C 3512 -9.18 28.13 -109.24
N UNK C 3513 -9.00 28.14 -110.56
CA UNK C 3513 -9.66 29.12 -111.42
C UNK C 3513 -10.36 28.40 -112.57
N UNK C 3514 -11.56 27.88 -112.29
CA UNK C 3514 -12.29 27.10 -113.28
C UNK C 3514 -13.79 27.35 -113.19
N UNK C 3515 -14.53 26.36 -112.69
CA UNK C 3515 -15.98 26.46 -112.57
C UNK C 3515 -16.37 27.20 -111.30
N UNK C 3516 -15.39 27.54 -110.46
CA UNK C 3516 -15.65 28.21 -109.20
C UNK C 3516 -16.11 29.66 -109.39
N UNK C 3517 -15.41 30.40 -110.25
CA UNK C 3517 -15.75 31.80 -110.50
C UNK C 3517 -17.10 31.91 -111.22
N UNK C 3518 -17.31 31.05 -112.21
CA UNK C 3518 -18.56 30.98 -112.94
C UNK C 3518 -19.71 30.61 -112.00
N UNK C 3519 -19.43 29.67 -111.10
CA UNK C 3519 -20.40 29.23 -110.11
C UNK C 3519 -20.78 30.38 -109.19
N UNK C 3520 -19.80 31.17 -108.77
CA UNK C 3520 -20.06 32.34 -107.93
C UNK C 3520 -20.90 33.40 -108.66
N UNK C 3521 -20.57 33.63 -109.94
CA UNK C 3521 -21.31 34.58 -110.76
C UNK C 3521 -22.77 34.18 -110.87
N UNK C 3522 -23.00 32.91 -111.21
CA UNK C 3522 -24.36 32.39 -111.32
C UNK C 3522 -25.08 32.34 -109.96
N UNK C 3523 -24.31 32.14 -108.90
CA UNK C 3523 -24.83 32.18 -107.53
C UNK C 3523 -25.43 33.56 -107.26
N UNK C 3524 -24.67 34.60 -107.58
CA UNK C 3524 -25.15 35.98 -107.46
C UNK C 3524 -26.39 36.25 -108.33
N UNK C 3525 -26.34 35.73 -109.56
CA UNK C 3525 -27.41 35.97 -110.52
C UNK C 3525 -28.73 35.26 -110.15
N UNK C 3526 -28.64 34.27 -109.27
CA UNK C 3526 -29.84 33.62 -108.70
C UNK C 3526 -30.00 33.87 -107.20
N UNK C 3527 -29.19 34.81 -106.70
CA UNK C 3527 -29.25 35.27 -105.31
C UNK C 3527 -29.81 36.69 -105.17
N UNK C 3528 -29.79 37.47 -106.25
CA UNK C 3528 -30.50 38.76 -106.18
C UNK C 3528 -32.00 38.49 -106.13
N UNK C 3529 -32.40 37.39 -106.76
CA UNK C 3529 -33.79 36.94 -106.71
C UNK C 3529 -33.86 35.66 -105.87
N UNK C 3530 -33.51 35.79 -104.59
CA UNK C 3530 -33.63 34.67 -103.65
C UNK C 3530 -35.07 34.57 -103.16
N UNK C 3531 -35.33 35.20 -102.01
CA UNK C 3531 -36.67 35.23 -101.45
C UNK C 3531 -36.97 36.60 -100.86
N UNK C 3532 -36.26 37.62 -101.37
CA UNK C 3532 -36.42 39.01 -100.98
C UNK C 3532 -36.27 39.21 -99.46
N UNK C 3533 -35.16 38.74 -98.92
CA UNK C 3533 -34.85 38.79 -97.48
C UNK C 3533 -35.95 38.12 -96.63
N UNK C 3534 -35.99 38.47 -95.35
CA UNK C 3534 -37.02 38.03 -94.39
C UNK C 3534 -37.09 36.52 -94.12
N UNK C 3535 -36.52 35.70 -95.00
CA UNK C 3535 -36.56 34.25 -94.84
C UNK C 3535 -35.55 33.80 -93.78
N UNK C 3536 -34.27 33.95 -94.11
CA UNK C 3536 -33.15 33.57 -93.23
C UNK C 3536 -33.22 32.10 -92.80
N UNK C 3537 -33.69 31.24 -93.69
CA UNK C 3537 -33.81 29.82 -93.39
C UNK C 3537 -32.50 29.10 -93.70
N UNK C 3538 -31.49 29.37 -92.90
CA UNK C 3538 -30.19 28.73 -93.06
C UNK C 3538 -30.14 27.39 -92.32
N UNK C 3539 -31.23 27.05 -91.65
CA UNK C 3539 -31.34 25.78 -90.95
C UNK C 3539 -31.41 24.64 -91.95
N UNK C 3540 -32.07 24.92 -93.09
CA UNK C 3540 -32.18 23.95 -94.17
C UNK C 3540 -30.81 23.66 -94.77
N UNK C 3541 -30.00 24.69 -94.96
CA UNK C 3541 -28.67 24.54 -95.54
C UNK C 3541 -27.75 23.73 -94.62
N UNK C 3542 -27.72 24.11 -93.34
CA UNK C 3542 -26.91 23.41 -92.34
C UNK C 3542 -27.37 21.97 -92.19
N UNK C 3543 -28.68 21.75 -92.27
CA UNK C 3543 -29.25 20.41 -92.20
C UNK C 3543 -28.78 19.56 -93.37
N UNK C 3544 -29.08 20.01 -94.58
CA UNK C 3544 -28.78 19.23 -95.78
C UNK C 3544 -27.29 19.24 -96.15
N UNK C 3545 -26.48 19.94 -95.37
CA UNK C 3545 -25.03 19.87 -95.55
C UNK C 3545 -24.32 19.03 -94.48
N UNK C 3546 -24.85 19.04 -93.24
CA UNK C 3546 -24.20 18.35 -92.14
C UNK C 3546 -24.92 17.07 -91.73
N UNK C 3547 -26.14 16.88 -92.21
CA UNK C 3547 -26.92 15.69 -91.89
C UNK C 3547 -27.90 15.37 -93.01
N UNK C 3548 -27.47 14.51 -93.93
CA UNK C 3548 -28.24 14.17 -95.13
C UNK C 3548 -29.64 13.67 -94.83
N UNK C 3549 -30.64 14.45 -95.24
CA UNK C 3549 -32.04 14.11 -94.98
C UNK C 3549 -32.86 14.07 -96.26
N UNK C 3550 -32.19 13.75 -97.37
CA UNK C 3550 -32.79 13.67 -98.73
C UNK C 3550 -33.34 15.01 -99.22
N UNK C 3551 -32.78 15.48 -100.34
CA UNK C 3551 -33.04 16.83 -100.87
C UNK C 3551 -34.51 17.20 -101.03
N UNK C 3552 -35.28 16.35 -101.73
CA UNK C 3552 -36.71 16.59 -101.90
C UNK C 3552 -37.42 16.51 -100.56
N UNK C 3553 -37.05 15.51 -99.76
CA UNK C 3553 -37.62 15.32 -98.44
C UNK C 3553 -37.23 16.46 -97.50
N UNK C 3554 -35.98 16.89 -97.57
CA UNK C 3554 -35.50 18.02 -96.76
C UNK C 3554 -36.30 19.25 -97.10
N UNK C 3555 -36.44 19.53 -98.39
CA UNK C 3555 -37.24 20.64 -98.89
C UNK C 3555 -38.66 20.60 -98.32
N UNK C 3556 -39.41 19.55 -98.65
CA UNK C 3556 -40.79 19.39 -98.23
C UNK C 3556 -40.98 19.49 -96.71
N UNK C 3557 -40.31 18.62 -95.96
CA UNK C 3557 -40.44 18.59 -94.51
C UNK C 3557 -39.98 19.90 -93.86
N UNK C 3558 -38.72 20.28 -94.04
CA UNK C 3558 -38.18 21.46 -93.37
C UNK C 3558 -38.76 22.79 -93.87
N UNK C 3559 -39.54 22.77 -94.95
CA UNK C 3559 -40.30 23.96 -95.32
C UNK C 3559 -41.69 23.89 -94.71
N UNK C 3560 -42.16 22.66 -94.47
CA UNK C 3560 -43.44 22.45 -93.82
C UNK C 3560 -43.30 22.47 -92.31
N UNK C 3561 -42.09 22.15 -91.82
CA UNK C 3561 -41.84 22.11 -90.38
C UNK C 3561 -41.16 23.39 -89.89
N UNK C 3562 -41.48 24.51 -90.51
CA UNK C 3562 -40.93 25.80 -90.10
C UNK C 3562 -41.88 26.94 -90.45
N UNK C 3563 -42.01 27.90 -89.55
CA UNK C 3563 -42.88 29.04 -89.76
C UNK C 3563 -42.31 30.29 -89.09
N UNK C 3564 -41.08 30.65 -89.47
CA UNK C 3564 -40.43 31.83 -88.92
C UNK C 3564 -40.26 32.91 -89.99
N UNK C 3565 -41.07 33.96 -89.89
CA UNK C 3565 -41.02 35.06 -90.84
C UNK C 3565 -41.57 36.34 -90.22
N UNK C 3566 -40.68 37.12 -89.61
CA UNK C 3566 -41.08 38.36 -88.96
C UNK C 3566 -40.09 39.48 -89.24
N UNK C 3567 -40.37 40.67 -88.70
CA UNK C 3567 -39.49 41.81 -88.87
C UNK C 3567 -38.70 42.06 -87.59
N UNK C 3568 -37.68 42.91 -87.67
CA UNK C 3568 -36.85 43.21 -86.51
C UNK C 3568 -36.35 44.65 -86.55
N UNK C 3569 -35.14 44.85 -87.06
CA UNK C 3569 -34.53 46.17 -87.11
C UNK C 3569 -34.21 46.58 -88.55
N UNK C 3570 -33.40 45.78 -89.22
CA UNK C 3570 -32.97 46.09 -90.58
C UNK C 3570 -33.87 45.44 -91.62
N UNK C 3571 -35.12 45.17 -91.24
CA UNK C 3571 -36.10 44.63 -92.17
C UNK C 3571 -36.58 45.70 -93.12
N UNK C 3572 -36.50 46.95 -92.69
CA UNK C 3572 -36.98 48.11 -93.44
C UNK C 3572 -36.29 48.28 -94.79
N UNK C 3573 -34.98 48.47 -94.75
CA UNK C 3573 -34.20 48.74 -95.96
C UNK C 3573 -34.24 47.58 -96.94
N UNK C 3574 -34.06 46.36 -96.43
CA UNK C 3574 -34.08 45.17 -97.26
C UNK C 3574 -35.46 44.95 -97.89
N UNK C 3575 -36.51 45.15 -97.10
CA UNK C 3575 -37.87 44.94 -97.56
C UNK C 3575 -38.33 46.04 -98.51
N UNK C 3576 -37.70 47.21 -98.43
CA UNK C 3576 -38.05 48.31 -99.32
C UNK C 3576 -37.11 48.41 -100.51
N UNK C 3577 -36.06 47.59 -100.52
CA UNK C 3577 -35.16 47.53 -101.67
C UNK C 3577 -35.37 46.25 -102.47
N UNK C 3578 -36.03 45.26 -101.87
CA UNK C 3578 -36.26 43.99 -102.54
C UNK C 3578 -37.69 43.90 -103.10
N UNK C 3579 -38.67 44.21 -102.26
CA UNK C 3579 -40.07 44.08 -102.64
C UNK C 3579 -40.67 45.42 -103.07
N UNK C 3580 -39.89 46.23 -103.78
CA UNK C 3580 -40.36 47.53 -104.22
C UNK C 3580 -40.53 47.58 -105.74
N UNK C 3581 -39.80 48.49 -106.39
CA UNK C 3581 -39.90 48.66 -107.83
C UNK C 3581 -39.27 47.51 -108.60
N UNK C 3582 -40.07 46.52 -108.94
CA UNK C 3582 -39.61 45.36 -109.69
C UNK C 3582 -40.77 44.69 -110.42
N UNK C 3583 -41.12 43.49 -109.96
CA UNK C 3583 -42.23 42.73 -110.53
C UNK C 3583 -42.75 41.72 -109.53
N UNK C 3584 -42.08 41.65 -108.37
CA UNK C 3584 -42.45 40.68 -107.34
C UNK C 3584 -43.69 41.13 -106.57
N UNK C 3585 -44.45 40.16 -106.08
CA UNK C 3585 -45.64 40.44 -105.30
C UNK C 3585 -45.85 39.35 -104.25
N UNK C 3586 -47.08 38.88 -104.11
CA UNK C 3586 -47.40 37.82 -103.17
C UNK C 3586 -47.44 36.47 -103.87
N UNK C 3587 -46.45 35.63 -103.59
CA UNK C 3587 -46.36 34.32 -104.21
C UNK C 3587 -46.98 33.24 -103.31
N UNK C 3588 -46.64 31.99 -103.58
CA UNK C 3588 -47.16 30.87 -102.80
C UNK C 3588 -46.03 30.16 -102.06
N UNK C 3589 -46.24 28.89 -101.75
CA UNK C 3589 -45.23 28.08 -101.07
C UNK C 3589 -44.40 27.31 -102.10
N UNK C 3590 -43.83 26.18 -101.68
CA UNK C 3590 -43.08 25.25 -102.53
C UNK C 3590 -41.81 25.83 -103.19
N UNK C 3591 -41.89 27.04 -103.72
CA UNK C 3591 -40.73 27.67 -104.36
C UNK C 3591 -39.69 28.11 -103.33
N UNK C 3592 -40.15 28.32 -102.10
CA UNK C 3592 -39.27 28.65 -100.99
C UNK C 3592 -38.36 27.45 -100.69
N UNK C 3593 -38.89 26.26 -100.94
CA UNK C 3593 -38.09 25.04 -100.80
C UNK C 3593 -37.00 25.00 -101.87
N UNK C 3594 -37.31 25.49 -103.06
CA UNK C 3594 -36.31 25.59 -104.13
C UNK C 3594 -35.25 26.63 -103.77
N UNK C 3595 -35.68 27.71 -103.12
CA UNK C 3595 -34.77 28.73 -102.64
C UNK C 3595 -33.84 28.16 -101.57
N UNK C 3596 -34.40 27.34 -100.69
CA UNK C 3596 -33.63 26.66 -99.65
C UNK C 3596 -32.67 25.65 -100.28
N UNK C 3597 -33.06 25.05 -101.38
CA UNK C 3597 -32.20 24.12 -102.12
C UNK C 3597 -31.01 24.88 -102.74
N UNK C 3598 -31.30 26.07 -103.26
CA UNK C 3598 -30.25 26.95 -103.77
C UNK C 3598 -29.28 27.36 -102.65
N UNK C 3599 -29.86 27.62 -101.48
CA UNK C 3599 -29.08 27.95 -100.29
C UNK C 3599 -28.22 26.77 -99.85
N UNK C 3600 -28.75 25.57 -100.00
CA UNK C 3600 -28.00 24.34 -99.69
C UNK C 3600 -26.86 24.13 -100.68
N UNK C 3601 -27.11 24.49 -101.94
CA UNK C 3601 -26.06 24.44 -102.97
C UNK C 3601 -24.96 25.45 -102.63
N UNK C 3602 -25.37 26.62 -102.16
CA UNK C 3602 -24.42 27.65 -101.71
C UNK C 3602 -23.62 27.17 -100.51
N UNK C 3603 -24.28 26.44 -99.62
CA UNK C 3603 -23.64 25.86 -98.44
C UNK C 3603 -22.62 24.81 -98.85
N UNK C 3604 -22.97 24.01 -99.85
CA UNK C 3604 -22.06 23.00 -100.39
C UNK C 3604 -20.86 23.67 -101.05
N UNK C 3605 -21.09 24.79 -101.71
CA UNK C 3605 -20.02 25.56 -102.33
C UNK C 3605 -19.10 26.17 -101.28
N UNK C 3606 -19.68 26.56 -100.16
CA UNK C 3606 -18.90 27.10 -99.03
C UNK C 3606 -18.10 26.00 -98.34
N UNK C 3607 -18.67 24.79 -98.34
CA UNK C 3607 -18.00 23.63 -97.76
C UNK C 3607 -16.88 23.14 -98.67
N UNK C 3608 -17.01 23.42 -99.96
CA UNK C 3608 -16.01 23.03 -100.95
C UNK C 3608 -14.76 23.89 -100.82
N UNK C 3609 -14.92 25.09 -100.26
CA UNK C 3609 -13.79 25.99 -100.05
C UNK C 3609 -13.40 26.01 -98.58
N UNK C 3610 -13.51 24.86 -97.92
CA UNK C 3610 -13.14 24.74 -96.52
C UNK C 3610 -11.67 24.36 -96.37
N UNK C 3611 -11.06 23.93 -97.47
CA UNK C 3611 -9.66 23.53 -97.48
C UNK C 3611 -9.04 23.77 -98.86
N UNK C 3612 -9.38 24.90 -99.47
CA UNK C 3612 -8.85 25.24 -100.79
C UNK C 3612 -8.83 26.75 -100.97
N UNK C 3613 -9.21 27.49 -99.94
CA UNK C 3613 -9.23 28.95 -99.99
C UNK C 3613 -8.89 29.54 -98.63
N THR C 3639 26.83 -2.37 -99.99
CA THR C 3639 28.01 -3.10 -100.40
C THR C 3639 27.70 -4.59 -100.60
N PRO C 3640 27.85 -5.06 -101.84
CA PRO C 3640 27.57 -6.47 -102.12
C PRO C 3640 28.60 -7.39 -101.48
N LEU C 3641 28.15 -8.61 -101.17
CA LEU C 3641 29.06 -9.62 -100.62
C LEU C 3641 30.13 -10.00 -101.64
N TYR C 3642 29.77 -10.04 -102.92
CA TYR C 3642 30.78 -10.27 -103.96
C TYR C 3642 31.72 -9.06 -104.05
N ASN C 3643 32.89 -9.27 -104.64
CA ASN C 3643 33.90 -8.18 -104.82
C ASN C 3643 34.82 -8.07 -103.59
N LEU C 3644 34.39 -8.57 -102.42
CA LEU C 3644 35.19 -8.44 -101.17
C LEU C 3644 36.44 -9.32 -101.23
N PRO C 3645 37.56 -8.94 -100.57
CA PRO C 3645 38.76 -9.80 -100.50
C PRO C 3645 38.29 -11.11 -99.83
N THR C 3646 39.15 -12.11 -99.72
CA THR C 3646 38.58 -13.35 -99.17
C THR C 3646 38.77 -13.46 -97.67
N HIS C 3647 39.88 -12.94 -97.13
CA HIS C 3647 40.20 -13.18 -95.72
C HIS C 3647 39.21 -12.48 -94.79
N ARG C 3648 38.76 -11.28 -95.17
CA ARG C 3648 37.73 -10.61 -94.37
C ARG C 3648 36.42 -11.38 -94.40
N ALA C 3649 36.08 -11.95 -95.55
CA ALA C 3649 34.89 -12.81 -95.65
C ALA C 3649 35.03 -14.04 -94.77
N CYS C 3650 36.24 -14.63 -94.74
CA CYS C 3650 36.47 -15.78 -93.88
C CYS C 3650 36.37 -15.42 -92.40
N ASN C 3651 36.89 -14.25 -92.02
CA ASN C 3651 36.76 -13.81 -90.63
C ASN C 3651 35.30 -13.58 -90.24
N MET C 3652 34.53 -12.92 -91.12
CA MET C 3652 33.11 -12.73 -90.86
C MET C 3652 32.37 -14.07 -90.80
N PHE C 3653 32.78 -15.03 -91.63
CA PHE C 3653 32.20 -16.37 -91.57
C PHE C 3653 32.53 -17.04 -90.25
N LEU C 3654 33.75 -16.86 -89.75
CA LEU C 3654 34.11 -17.43 -88.44
C LEU C 3654 33.26 -16.83 -87.34
N GLU C 3655 33.03 -15.51 -87.37
CA GLU C 3655 32.18 -14.89 -86.36
C GLU C 3655 30.73 -15.38 -86.47
N SER C 3656 30.20 -15.46 -87.70
CA SER C 3656 28.81 -15.91 -87.86
C SER C 3656 28.64 -17.37 -87.48
N TYR C 3657 29.62 -18.21 -87.80
CA TYR C 3657 29.55 -19.62 -87.44
C TYR C 3657 29.78 -19.83 -85.96
N LYS C 3658 30.51 -18.93 -85.29
CA LYS C 3658 30.59 -18.94 -83.85
C LYS C 3658 29.26 -18.54 -83.22
N ALA C 3659 28.57 -17.56 -83.82
CA ALA C 3659 27.24 -17.19 -83.35
C ALA C 3659 26.27 -18.36 -83.49
N ALA C 3660 26.33 -19.05 -84.63
CA ALA C 3660 25.48 -20.22 -84.85
C ALA C 3660 25.98 -21.48 -84.13
N TRP C 3661 27.20 -21.47 -83.58
CA TRP C 3661 27.85 -22.68 -83.10
C TRP C 3661 27.13 -23.43 -81.99
N ILE C 3662 26.99 -22.83 -80.83
CA ILE C 3662 26.44 -23.50 -79.66
C ILE C 3662 25.22 -22.71 -79.21
N LEU C 3663 24.04 -23.14 -79.67
CA LEU C 3663 22.80 -22.71 -79.04
C LEU C 3663 22.50 -23.58 -77.82
N THR C 3664 22.68 -24.90 -77.96
CA THR C 3664 22.58 -25.85 -76.87
C THR C 3664 23.79 -26.78 -76.95
N GLU C 3665 24.40 -27.05 -75.79
CA GLU C 3665 25.59 -27.94 -75.76
C GLU C 3665 25.11 -29.39 -75.57
N ASP C 3666 26.00 -30.29 -75.15
CA ASP C 3666 25.56 -31.68 -74.86
C ASP C 3666 24.57 -31.63 -73.69
N HIS C 3667 23.48 -32.38 -73.78
CA HIS C 3667 22.47 -32.40 -72.69
C HIS C 3667 23.12 -32.97 -71.43
N SER C 3668 23.93 -34.01 -71.58
CA SER C 3668 24.62 -34.64 -70.41
C SER C 3668 26.13 -34.59 -70.61
N PHE C 3669 26.86 -34.13 -69.59
CA PHE C 3669 28.35 -34.09 -69.65
C PHE C 3669 28.84 -33.82 -68.23
N GLU C 3670 28.13 -32.95 -67.53
CA GLU C 3670 28.49 -32.64 -66.15
C GLU C 3670 28.02 -33.75 -65.21
N ASP C 3671 26.76 -34.19 -65.39
CA ASP C 3671 26.24 -35.29 -64.59
C ASP C 3671 26.99 -36.58 -64.88
N ARG C 3672 27.36 -36.80 -66.14
CA ARG C 3672 28.13 -38.00 -66.49
C ARG C 3672 29.50 -38.00 -65.80
N MET C 3673 30.18 -36.85 -65.78
CA MET C 3673 31.48 -36.77 -65.11
C MET C 3673 31.35 -36.99 -63.61
N ILE C 3674 30.39 -36.30 -62.97
CA ILE C 3674 30.16 -36.47 -61.54
C ILE C 3674 29.82 -37.92 -61.22
N ASP C 3675 29.00 -38.56 -62.07
CA ASP C 3675 28.60 -39.94 -61.84
C ASP C 3675 29.79 -40.89 -61.95
N ASP C 3676 30.64 -40.69 -62.97
CA ASP C 3676 31.80 -41.57 -63.17
C ASP C 3676 32.82 -41.42 -62.04
N LEU C 3677 33.05 -40.18 -61.57
CA LEU C 3677 33.94 -40.03 -60.42
C LEU C 3677 33.32 -40.55 -59.14
N SER C 3678 31.98 -40.51 -59.02
CA SER C 3678 31.34 -40.86 -57.76
C SER C 3678 31.24 -42.36 -57.56
N LYS C 3679 30.89 -43.12 -58.59
CA LYS C 3679 30.52 -44.53 -58.35
C LYS C 3679 31.68 -45.41 -57.95
N ALA C 3680 32.78 -45.43 -58.68
CA ALA C 3680 33.88 -46.29 -58.26
C ALA C 3680 35.02 -45.47 -57.64
N GLY C 3681 34.73 -44.85 -56.50
CA GLY C 3681 35.70 -44.54 -55.48
C GLY C 3681 36.88 -45.50 -55.36
N GLU C 3682 36.60 -46.78 -55.20
CA GLU C 3682 37.60 -47.79 -54.87
C GLU C 3682 37.55 -48.92 -55.89
N GLN C 3683 38.69 -49.17 -56.53
CA GLN C 3683 38.77 -50.27 -57.49
C GLN C 3683 39.13 -51.56 -56.78
N GLU C 3684 40.09 -52.32 -57.31
CA GLU C 3684 40.42 -53.62 -56.73
C GLU C 3684 41.12 -53.42 -55.40
N GLU C 3685 40.38 -53.65 -54.32
CA GLU C 3685 40.93 -53.42 -52.98
C GLU C 3685 41.92 -54.49 -52.57
N GLU C 3686 41.62 -55.75 -52.90
CA GLU C 3686 42.40 -56.93 -52.50
C GLU C 3686 42.49 -57.06 -50.98
N GLU C 3687 41.43 -56.64 -50.26
CA GLU C 3687 41.35 -56.69 -48.80
C GLU C 3687 42.51 -55.93 -48.14
N GLU C 3688 42.79 -54.74 -48.66
CA GLU C 3688 43.85 -53.88 -48.15
C GLU C 3688 43.23 -52.55 -47.74
N GLU C 3689 43.13 -52.32 -46.42
CA GLU C 3689 42.54 -51.11 -45.86
C GLU C 3689 43.51 -50.54 -44.83
N VAL C 3690 44.41 -49.67 -45.27
CA VAL C 3690 45.35 -49.03 -44.37
C VAL C 3690 44.62 -48.09 -43.41
N GLU C 3691 43.64 -47.35 -43.93
CA GLU C 3691 42.83 -46.44 -43.14
C GLU C 3691 41.37 -46.89 -43.17
N GLU C 3692 40.49 -46.06 -42.59
CA GLU C 3692 39.07 -46.39 -42.57
C GLU C 3692 38.46 -46.32 -43.96
N LYS C 3693 38.78 -45.24 -44.69
CA LYS C 3693 38.28 -45.10 -46.09
C LYS C 3693 39.15 -44.10 -46.84
N LYS C 3694 39.86 -44.54 -47.89
CA LYS C 3694 40.69 -43.63 -48.71
C LYS C 3694 39.77 -42.74 -49.56
N PRO C 3695 40.03 -41.42 -49.67
CA PRO C 3695 39.16 -40.49 -50.42
C PRO C 3695 39.13 -40.81 -51.91
N ASP C 3696 37.94 -40.72 -52.49
CA ASP C 3696 37.79 -40.79 -53.93
C ASP C 3696 38.30 -39.50 -54.57
N PRO C 3697 38.61 -39.52 -55.88
CA PRO C 3697 39.18 -38.31 -56.51
C PRO C 3697 38.28 -37.08 -56.44
N LEU C 3698 36.96 -37.24 -56.30
CA LEU C 3698 36.10 -36.09 -56.08
C LEU C 3698 36.42 -35.42 -54.74
N HIS C 3699 36.55 -36.22 -53.68
CA HIS C 3699 36.94 -35.66 -52.39
C HIS C 3699 38.38 -35.13 -52.43
N GLN C 3700 39.24 -35.76 -53.23
CA GLN C 3700 40.60 -35.26 -53.40
C GLN C 3700 40.59 -33.87 -54.01
N LEU C 3701 39.75 -33.65 -55.02
CA LEU C 3701 39.61 -32.32 -55.61
C LEU C 3701 39.00 -31.34 -54.61
N VAL C 3702 38.05 -31.81 -53.79
CA VAL C 3702 37.44 -30.94 -52.79
C VAL C 3702 38.47 -30.46 -51.77
N LEU C 3703 39.30 -31.37 -51.26
CA LEU C 3703 40.34 -30.94 -50.32
C LEU C 3703 41.45 -30.15 -51.01
N HIS C 3704 41.69 -30.39 -52.30
CA HIS C 3704 42.64 -29.55 -53.03
C HIS C 3704 42.14 -28.11 -53.11
N PHE C 3705 40.85 -27.94 -53.41
CA PHE C 3705 40.26 -26.59 -53.42
C PHE C 3705 40.27 -25.98 -52.03
N SER C 3706 40.02 -26.78 -51.00
CA SER C 3706 40.05 -26.28 -49.63
C SER C 3706 41.44 -25.83 -49.22
N ARG C 3707 42.47 -26.59 -49.62
CA ARG C 3707 43.84 -26.20 -49.33
C ARG C 3707 44.25 -24.95 -50.10
N THR C 3708 43.79 -24.85 -51.36
CA THR C 3708 44.07 -23.64 -52.15
C THR C 3708 43.42 -22.42 -51.52
N ALA C 3709 42.18 -22.55 -51.03
CA ALA C 3709 41.50 -21.43 -50.39
C ALA C 3709 42.11 -21.11 -49.04
N LEU C 3710 42.62 -22.11 -48.32
CA LEU C 3710 43.18 -21.90 -46.99
C LEU C 3710 44.58 -21.33 -47.00
N THR C 3711 45.24 -21.29 -48.16
CA THR C 3711 46.59 -20.72 -48.24
C THR C 3711 46.52 -19.20 -48.03
N GLU C 3712 47.34 -18.71 -47.10
CA GLU C 3712 47.31 -17.29 -46.74
C GLU C 3712 47.99 -16.47 -47.81
N LYS C 3713 47.24 -15.55 -48.43
CA LYS C 3713 47.76 -14.65 -49.45
C LYS C 3713 47.17 -13.27 -49.23
N SER C 3714 47.50 -12.34 -50.13
CA SER C 3714 46.95 -10.99 -50.10
C SER C 3714 45.94 -10.73 -51.19
N LYS C 3715 46.07 -11.39 -52.36
CA LYS C 3715 45.14 -11.23 -53.45
C LYS C 3715 44.78 -12.62 -54.00
N LEU C 3716 43.54 -12.74 -54.47
CA LEU C 3716 43.04 -14.01 -54.96
C LEU C 3716 43.24 -14.10 -56.48
N ASP C 3717 43.82 -15.20 -56.94
CA ASP C 3717 44.07 -15.40 -58.36
C ASP C 3717 42.75 -15.72 -59.08
N GLU C 3718 42.85 -15.88 -60.40
CA GLU C 3718 41.66 -16.15 -61.20
C GLU C 3718 41.13 -17.56 -60.94
N ASP C 3719 41.91 -18.57 -61.30
CA ASP C 3719 41.57 -19.99 -61.15
C ASP C 3719 40.25 -20.30 -61.89
N TYR C 3720 40.30 -20.12 -63.21
CA TYR C 3720 39.14 -20.35 -64.05
C TYR C 3720 38.72 -21.81 -64.05
N LEU C 3721 39.66 -22.72 -63.82
CA LEU C 3721 39.32 -24.14 -63.73
C LEU C 3721 38.43 -24.41 -62.52
N TYR C 3722 38.65 -23.67 -61.43
CA TYR C 3722 37.78 -23.79 -60.26
C TYR C 3722 36.35 -23.37 -60.60
N MET C 3723 36.19 -22.26 -61.34
CA MET C 3723 34.84 -21.86 -61.75
C MET C 3723 34.22 -22.88 -62.70
N ALA C 3724 35.04 -23.48 -63.57
CA ALA C 3724 34.53 -24.51 -64.48
C ALA C 3724 34.00 -25.70 -63.69
N TYR C 3725 34.76 -26.18 -62.71
CA TYR C 3725 34.29 -27.29 -61.87
C TYR C 3725 33.08 -26.88 -61.03
N ALA C 3726 33.03 -25.62 -60.60
CA ALA C 3726 31.89 -25.14 -59.82
C ALA C 3726 30.62 -25.16 -60.66
N ASP C 3727 30.71 -24.70 -61.91
CA ASP C 3727 29.54 -24.75 -62.80
C ASP C 3727 29.15 -26.19 -63.13
N ILE C 3728 30.14 -27.07 -63.31
CA ILE C 3728 29.85 -28.49 -63.58
C ILE C 3728 29.08 -29.11 -62.42
N MET C 3729 29.58 -28.93 -61.19
CA MET C 3729 28.91 -29.53 -60.05
C MET C 3729 27.57 -28.83 -59.74
N ALA C 3730 27.47 -27.52 -60.01
CA ALA C 3730 26.19 -26.84 -59.81
C ALA C 3730 25.14 -27.33 -60.79
N LYS C 3731 25.51 -27.54 -62.05
CA LYS C 3731 24.57 -28.09 -63.03
C LYS C 3731 24.19 -29.53 -62.66
N SER C 3732 25.16 -30.32 -62.19
CA SER C 3732 24.87 -31.69 -61.79
C SER C 3732 23.91 -31.74 -60.62
N CYS C 3733 24.07 -30.83 -59.65
CA CYS C 3733 23.17 -30.80 -58.51
C CYS C 3733 21.80 -30.20 -58.84
N HIS C 3734 21.76 -29.22 -59.74
CA HIS C 3734 20.54 -28.47 -60.02
C HIS C 3734 19.83 -28.93 -61.28
N LEU C 3735 20.25 -30.05 -61.88
CA LEU C 3735 19.50 -30.59 -63.01
C LEU C 3735 18.07 -30.94 -62.62
N GLU C 3736 17.89 -31.57 -61.44
CA GLU C 3736 16.55 -31.89 -60.97
C GLU C 3736 15.77 -30.62 -60.60
N GLU C 3737 16.45 -29.61 -60.06
CA GLU C 3737 15.78 -28.35 -59.74
C GLU C 3737 15.29 -27.64 -61.00
N GLY C 3738 16.10 -27.67 -62.06
CA GLY C 3738 15.67 -27.08 -63.31
C GLY C 3738 14.60 -27.90 -64.01
N GLY C 3739 14.63 -29.22 -63.82
CA GLY C 3739 13.57 -30.06 -64.36
C GLY C 3739 12.24 -29.83 -63.68
N GLU C 3740 12.25 -29.64 -62.37
CA GLU C 3740 11.03 -29.38 -61.61
C GLU C 3740 10.54 -27.95 -61.86
N GLU C 3748 -2.03 -27.88 -66.66
CA GLU C 3748 -2.73 -28.76 -65.73
C GLU C 3748 -1.77 -29.42 -64.75
N VAL C 3749 -2.11 -30.61 -64.29
CA VAL C 3749 -1.28 -31.36 -63.34
C VAL C 3749 -0.22 -32.10 -64.16
N GLU C 3750 1.02 -31.61 -64.08
CA GLU C 3750 2.10 -32.20 -64.86
C GLU C 3750 2.58 -33.51 -64.27
N VAL C 3751 2.76 -33.58 -62.95
CA VAL C 3751 3.31 -34.74 -62.29
C VAL C 3751 2.35 -35.21 -61.20
N SER C 3752 2.44 -36.50 -60.88
CA SER C 3752 1.65 -37.09 -59.82
C SER C 3752 2.43 -37.05 -58.51
N PHE C 3753 1.83 -37.61 -57.45
CA PHE C 3753 2.49 -37.63 -56.16
C PHE C 3753 3.74 -38.52 -56.18
N GLU C 3754 3.63 -39.70 -56.80
CA GLU C 3754 4.75 -40.65 -56.81
C GLU C 3754 5.92 -40.11 -57.59
N GLU C 3755 5.67 -39.51 -58.77
CA GLU C 3755 6.77 -38.96 -59.55
C GLU C 3755 7.39 -37.75 -58.88
N LYS C 3756 6.58 -36.94 -58.20
CA LYS C 3756 7.11 -35.81 -57.45
C LYS C 3756 8.01 -36.27 -56.32
N GLU C 3757 7.60 -37.32 -55.59
CA GLU C 3757 8.45 -37.87 -54.54
C GLU C 3757 9.71 -38.50 -55.11
N MET C 3758 9.61 -39.13 -56.27
CA MET C 3758 10.79 -39.72 -56.90
C MET C 3758 11.78 -38.64 -57.34
N GLU C 3759 11.28 -37.52 -57.87
CA GLU C 3759 12.18 -36.43 -58.23
C GLU C 3759 12.75 -35.74 -57.00
N LYS C 3760 11.99 -35.70 -55.89
CA LYS C 3760 12.54 -35.19 -54.65
C LYS C 3760 13.66 -36.07 -54.14
N GLN C 3761 13.50 -37.39 -54.22
CA GLN C 3761 14.57 -38.31 -53.86
C GLN C 3761 15.75 -38.20 -54.81
N ARG C 3762 15.50 -37.91 -56.09
CA ARG C 3762 16.59 -37.66 -57.03
C ARG C 3762 17.40 -36.44 -56.62
N LEU C 3763 16.72 -35.34 -56.27
CA LEU C 3763 17.40 -34.13 -55.82
C LEU C 3763 18.14 -34.37 -54.52
N LEU C 3764 17.55 -35.12 -53.59
CA LEU C 3764 18.21 -35.42 -52.33
C LEU C 3764 19.45 -36.27 -52.54
N TYR C 3765 19.40 -37.24 -53.45
CA TYR C 3765 20.58 -38.05 -53.76
C TYR C 3765 21.66 -37.21 -54.43
N GLN C 3766 21.25 -36.29 -55.31
CA GLN C 3766 22.22 -35.40 -55.94
C GLN C 3766 22.90 -34.49 -54.92
N GLN C 3767 22.14 -34.01 -53.94
CA GLN C 3767 22.72 -33.17 -52.89
C GLN C 3767 23.60 -34.00 -51.94
N SER C 3768 23.23 -35.26 -51.68
CA SER C 3768 24.02 -36.10 -50.81
C SER C 3768 25.29 -36.60 -51.47
N ARG C 3769 25.32 -36.64 -52.81
CA ARG C 3769 26.55 -36.99 -53.51
C ARG C 3769 27.62 -35.92 -53.32
N LEU C 3770 27.22 -34.66 -53.11
CA LEU C 3770 28.15 -33.55 -53.01
C LEU C 3770 28.41 -33.10 -51.58
N HIS C 3771 27.39 -33.01 -50.74
CA HIS C 3771 27.55 -32.39 -49.43
C HIS C 3771 28.06 -33.36 -48.37
N THR C 3772 28.27 -34.63 -48.70
CA THR C 3772 28.87 -35.57 -47.76
C THR C 3772 30.39 -35.58 -47.96
N ARG C 3773 30.95 -34.38 -48.00
CA ARG C 3773 32.35 -34.07 -48.28
C ARG C 3773 32.60 -32.68 -47.69
N GLY C 3774 33.76 -32.11 -48.01
CA GLY C 3774 34.10 -30.78 -47.54
C GLY C 3774 33.61 -29.66 -48.45
N ALA C 3775 32.42 -29.82 -49.03
CA ALA C 3775 31.92 -28.83 -49.98
C ALA C 3775 31.53 -27.53 -49.26
N ALA C 3776 30.79 -27.65 -48.16
CA ALA C 3776 30.38 -26.47 -47.40
C ALA C 3776 31.59 -25.75 -46.81
N GLU C 3777 32.56 -26.52 -46.31
CA GLU C 3777 33.78 -25.93 -45.80
C GLU C 3777 34.55 -25.21 -46.91
N MET C 3778 34.59 -25.80 -48.11
CA MET C 3778 35.33 -25.18 -49.19
C MET C 3778 34.64 -23.91 -49.69
N VAL C 3779 33.31 -23.88 -49.69
CA VAL C 3779 32.64 -22.66 -50.14
C VAL C 3779 32.73 -21.58 -49.07
N LEU C 3780 32.71 -21.95 -47.78
CA LEU C 3780 32.95 -20.96 -46.73
C LEU C 3780 34.37 -20.39 -46.81
N GLN C 3781 35.35 -21.26 -47.09
CA GLN C 3781 36.72 -20.78 -47.25
C GLN C 3781 36.86 -19.88 -48.48
N MET C 3782 36.15 -20.20 -49.56
CA MET C 3782 36.19 -19.35 -50.75
C MET C 3782 35.55 -18.00 -50.50
N ILE C 3783 34.45 -17.97 -49.75
CA ILE C 3783 33.81 -16.69 -49.41
C ILE C 3783 34.71 -15.88 -48.48
N SER C 3784 35.31 -16.52 -47.49
CA SER C 3784 36.17 -15.82 -46.54
C SER C 3784 37.49 -15.39 -47.16
N ALA C 3785 37.91 -16.02 -48.27
CA ALA C 3785 39.16 -15.64 -48.91
C ALA C 3785 39.08 -14.23 -49.49
N CYS C 3786 38.02 -13.93 -50.25
CA CYS C 3786 37.83 -12.61 -50.80
C CYS C 3786 37.31 -11.67 -49.72
N LYS C 3787 37.94 -10.49 -49.61
CA LYS C 3787 37.53 -9.53 -48.59
C LYS C 3787 36.33 -8.71 -49.06
N GLY C 3788 36.47 -8.00 -50.17
CA GLY C 3788 35.39 -7.20 -50.70
C GLY C 3788 35.32 -7.19 -52.21
N GLU C 3789 36.19 -7.97 -52.85
CA GLU C 3789 36.26 -8.01 -54.30
C GLU C 3789 35.07 -8.76 -54.87
N THR C 3790 34.43 -8.17 -55.88
CA THR C 3790 33.29 -8.77 -56.56
C THR C 3790 33.71 -9.25 -57.94
N GLY C 3791 33.40 -10.50 -58.24
CA GLY C 3791 33.77 -11.06 -59.53
C GLY C 3791 32.86 -12.22 -59.89
N ALA C 3792 33.24 -12.91 -60.97
CA ALA C 3792 32.47 -14.07 -61.41
C ALA C 3792 32.71 -15.29 -60.54
N MET C 3793 33.86 -15.38 -59.88
CA MET C 3793 34.17 -16.53 -59.04
C MET C 3793 33.29 -16.57 -57.80
N VAL C 3794 33.14 -15.42 -57.13
CA VAL C 3794 32.27 -15.37 -55.95
C VAL C 3794 30.80 -15.54 -56.37
N SER C 3795 30.44 -15.09 -57.58
CA SER C 3795 29.09 -15.31 -58.07
C SER C 3795 28.83 -16.80 -58.31
N SER C 3796 29.81 -17.51 -58.88
CA SER C 3796 29.68 -18.95 -59.06
C SER C 3796 29.62 -19.68 -57.73
N THR C 3797 30.41 -19.23 -56.75
CA THR C 3797 30.34 -19.82 -55.41
C THR C 3797 28.97 -19.60 -54.77
N LEU C 3798 28.40 -18.41 -54.93
CA LEU C 3798 27.07 -18.14 -54.40
C LEU C 3798 26.01 -18.97 -55.10
N LYS C 3799 26.15 -19.15 -56.42
CA LYS C 3799 25.21 -20.00 -57.15
C LYS C 3799 25.29 -21.45 -56.69
N LEU C 3800 26.51 -21.94 -56.45
CA LEU C 3800 26.68 -23.30 -55.93
C LEU C 3800 26.06 -23.42 -54.54
N GLY C 3801 26.27 -22.42 -53.68
CA GLY C 3801 25.66 -22.44 -52.36
C GLY C 3801 24.15 -22.42 -52.41
N ILE C 3802 23.59 -21.68 -53.36
CA ILE C 3802 22.14 -21.72 -53.60
C ILE C 3802 21.71 -23.11 -54.03
N SER C 3803 22.51 -23.74 -54.90
CA SER C 3803 22.16 -25.06 -55.42
C SER C 3803 22.18 -26.12 -54.32
N ILE C 3804 23.10 -26.01 -53.36
CA ILE C 3804 23.20 -27.03 -52.31
C ILE C 3804 21.98 -27.00 -51.40
N LEU C 3805 21.59 -25.81 -50.93
CA LEU C 3805 20.48 -25.66 -49.99
C LEU C 3805 19.22 -25.12 -50.65
N ASN C 3806 18.94 -25.53 -51.89
CA ASN C 3806 17.72 -25.09 -52.57
C ASN C 3806 16.47 -25.55 -51.83
N GLY C 3807 16.39 -26.83 -51.50
CA GLY C 3807 15.23 -27.35 -50.79
C GLY C 3807 15.35 -27.22 -49.28
N GLY C 3808 16.31 -26.42 -48.81
CA GLY C 3808 16.49 -26.18 -47.39
C GLY C 3808 17.73 -26.83 -46.83
N ASN C 3809 17.83 -28.16 -46.99
CA ASN C 3809 19.00 -28.96 -46.65
C ASN C 3809 19.46 -28.71 -45.21
N ALA C 3810 18.59 -29.11 -44.27
CA ALA C 3810 18.83 -28.83 -42.85
C ALA C 3810 20.08 -29.52 -42.30
N GLU C 3811 20.47 -30.66 -42.89
CA GLU C 3811 21.72 -31.29 -42.47
C GLU C 3811 22.93 -30.43 -42.83
N VAL C 3812 22.89 -29.80 -44.01
CA VAL C 3812 23.94 -28.87 -44.40
C VAL C 3812 23.95 -27.65 -43.49
N GLN C 3813 22.76 -27.19 -43.07
CA GLN C 3813 22.69 -26.09 -42.11
C GLN C 3813 23.30 -26.48 -40.77
N GLN C 3814 23.06 -27.72 -40.32
CA GLN C 3814 23.62 -28.18 -39.06
C GLN C 3814 25.14 -28.26 -39.14
N LYS C 3815 25.67 -28.85 -40.22
CA LYS C 3815 27.11 -28.90 -40.45
C LYS C 3815 27.71 -27.50 -40.53
N MET C 3816 26.99 -26.57 -41.18
CA MET C 3816 27.43 -25.20 -41.32
C MET C 3816 27.58 -24.53 -39.95
N LEU C 3817 26.53 -24.65 -39.12
CA LEU C 3817 26.57 -24.07 -37.78
C LEU C 3817 27.65 -24.71 -36.92
N ASP C 3818 27.81 -26.03 -37.03
CA ASP C 3818 28.84 -26.72 -36.25
C ASP C 3818 30.23 -26.24 -36.62
N TYR C 3819 30.50 -26.09 -37.92
CA TYR C 3819 31.83 -25.63 -38.33
C TYR C 3819 32.05 -24.17 -37.96
N LEU C 3820 31.01 -23.34 -38.07
CA LEU C 3820 31.14 -21.93 -37.69
C LEU C 3820 31.40 -21.78 -36.20
N LYS C 3821 30.73 -22.60 -35.37
CA LYS C 3821 30.96 -22.54 -33.93
C LYS C 3821 32.29 -23.16 -33.52
N ASP C 3822 32.79 -24.16 -34.27
CA ASP C 3822 34.09 -24.73 -33.95
C ASP C 3822 35.22 -23.79 -34.34
N LYS C 3823 35.14 -23.20 -35.54
CA LYS C 3823 36.21 -22.32 -36.01
C LYS C 3823 36.19 -20.97 -35.31
N LYS C 3824 34.99 -20.40 -35.10
CA LYS C 3824 34.76 -19.12 -34.41
C LYS C 3824 35.65 -18.00 -34.95
N GLU C 3825 35.85 -18.01 -36.26
CA GLU C 3825 36.72 -17.04 -36.92
C GLU C 3825 35.89 -15.87 -37.46
N VAL C 3826 36.56 -14.75 -37.69
CA VAL C 3826 35.94 -13.53 -38.19
C VAL C 3826 36.39 -13.33 -39.63
N GLY C 3827 35.50 -12.76 -40.45
CA GLY C 3827 35.81 -12.51 -41.84
C GLY C 3827 34.68 -12.86 -42.79
N PHE C 3828 33.89 -13.87 -42.43
CA PHE C 3828 32.74 -14.23 -43.24
C PHE C 3828 31.69 -13.12 -43.25
N PHE C 3829 31.31 -12.65 -42.07
CA PHE C 3829 30.31 -11.58 -41.98
C PHE C 3829 30.87 -10.26 -42.50
N GLN C 3830 32.17 -10.01 -42.30
CA GLN C 3830 32.79 -8.83 -42.87
C GLN C 3830 32.76 -8.87 -44.39
N SER C 3831 33.03 -10.03 -44.99
CA SER C 3831 32.96 -10.16 -46.44
C SER C 3831 31.53 -9.99 -46.94
N ILE C 3832 30.55 -10.54 -46.21
CA ILE C 3832 29.15 -10.38 -46.60
C ILE C 3832 28.74 -8.91 -46.55
N GLN C 3833 29.14 -8.21 -45.50
CA GLN C 3833 28.82 -6.78 -45.40
C GLN C 3833 29.51 -5.98 -46.50
N ALA C 3834 30.77 -6.30 -46.79
CA ALA C 3834 31.51 -5.59 -47.84
C ALA C 3834 30.87 -5.80 -49.20
N LEU C 3835 30.42 -7.03 -49.49
CA LEU C 3835 29.68 -7.27 -50.72
C LEU C 3835 28.33 -6.57 -50.73
N MET C 3836 27.72 -6.42 -49.54
CA MET C 3836 26.45 -5.71 -49.45
C MET C 3836 26.61 -4.23 -49.80
N GLN C 3837 27.70 -3.60 -49.33
CA GLN C 3837 27.90 -2.18 -49.63
C GLN C 3837 28.20 -1.93 -51.10
N THR C 3838 28.75 -2.92 -51.81
CA THR C 3838 29.07 -2.75 -53.22
C THR C 3838 27.84 -2.78 -54.13
N CYS C 3839 26.68 -3.12 -53.60
CA CYS C 3839 25.46 -3.13 -54.42
C CYS C 3839 25.05 -1.69 -54.77
N SER C 3840 24.55 -1.51 -55.98
CA SER C 3840 24.14 -0.21 -56.48
C SER C 3840 22.64 -0.17 -56.70
N VAL C 3841 22.13 1.04 -56.94
CA VAL C 3841 20.72 1.29 -57.19
C VAL C 3841 20.58 2.11 -58.46
N LEU C 3842 19.34 2.43 -58.81
CA LEU C 3842 19.08 3.25 -59.99
C LEU C 3842 19.52 4.70 -59.75
N ASP C 3843 19.98 5.36 -60.81
CA ASP C 3843 20.50 6.71 -60.73
C ASP C 3843 19.83 7.59 -61.78
N LEU C 3844 19.52 8.83 -61.40
CA LEU C 3844 18.80 9.73 -62.30
C LEU C 3844 19.74 10.41 -63.30
N ASN C 3845 20.92 10.85 -62.85
CA ASN C 3845 21.90 11.40 -63.77
C ASN C 3845 22.39 10.35 -64.75
N ALA C 3846 22.60 9.13 -64.27
CA ALA C 3846 22.90 8.02 -65.17
C ALA C 3846 21.74 7.73 -66.10
N PHE C 3847 20.50 7.99 -65.67
CA PHE C 3847 19.36 7.78 -66.56
C PHE C 3847 19.29 8.86 -67.63
N GLU C 3848 19.68 10.09 -67.31
CA GLU C 3848 19.78 11.13 -68.34
C GLU C 3848 20.91 10.83 -69.32
N ARG C 3849 22.01 10.26 -68.81
CA ARG C 3849 23.05 9.75 -69.71
C ARG C 3849 22.51 8.58 -70.54
N GLN C 3850 21.59 7.80 -69.98
CA GLN C 3850 20.90 6.77 -70.74
C GLN C 3850 19.93 7.38 -71.76
N ASN C 3851 19.43 8.59 -71.50
CA ASN C 3851 18.67 9.29 -72.53
C ASN C 3851 19.57 9.70 -73.69
N LYS C 3852 20.78 10.20 -73.44
CA LYS C 3852 21.59 10.80 -74.55
C LYS C 3852 22.16 9.82 -75.59
N ALA C 3853 22.97 8.83 -75.21
CA ALA C 3853 23.68 7.98 -76.19
C ALA C 3853 22.71 7.19 -77.10
N GLU C 3854 21.62 6.68 -76.54
CA GLU C 3854 20.60 5.98 -77.37
C GLU C 3854 20.10 7.01 -78.36
N GLY C 3855 20.03 8.27 -77.93
CA GLY C 3855 19.54 9.36 -78.80
C GLY C 3855 20.37 9.52 -80.05
N LEU C 3856 21.70 9.32 -79.99
CA LEU C 3856 22.49 9.61 -81.21
C LEU C 3856 21.86 8.80 -82.34
N GLY C 3857 21.59 9.46 -83.47
CA GLY C 3857 20.87 8.80 -84.57
C GLY C 3857 21.60 7.65 -85.24
N MET C 3858 22.90 7.81 -85.51
CA MET C 3858 23.58 6.75 -86.31
C MET C 3858 24.75 6.13 -85.55
N VAL C 3859 24.77 4.80 -85.45
CA VAL C 3859 25.93 4.11 -84.84
C VAL C 3859 27.08 4.17 -85.86
N ASN C 3860 28.33 4.18 -85.41
CA ASN C 3860 29.47 4.12 -86.37
C ASN C 3860 29.41 2.72 -86.97
N GLU C 3861 29.92 2.52 -88.20
CA GLU C 3861 29.73 1.17 -88.79
C GLU C 3861 30.37 0.17 -87.83
N ASP C 3862 29.63 -0.87 -87.46
CA ASP C 3862 30.12 -1.91 -86.52
C ASP C 3862 29.91 -1.40 -85.09
N GLY C 3863 29.54 -0.12 -84.95
CA GLY C 3863 29.23 0.43 -83.61
C GLY C 3863 27.99 -0.21 -83.03
N THR C 3864 26.96 -0.40 -83.85
CA THR C 3864 25.74 -1.11 -83.40
C THR C 3864 26.12 -2.55 -83.07
N VAL C 3865 26.98 -3.14 -83.89
CA VAL C 3865 27.40 -4.56 -83.67
C VAL C 3865 28.13 -4.69 -82.33
N ILE C 3866 28.97 -3.71 -82.00
CA ILE C 3866 29.81 -3.84 -80.76
C ILE C 3866 29.46 -2.72 -79.78
N ASN C 3867 29.22 -3.07 -78.50
CA ASN C 3867 28.90 -2.07 -77.44
C ASN C 3867 27.38 -1.85 -77.39
N ARG C 3868 26.63 -2.44 -78.31
CA ARG C 3868 25.15 -2.38 -78.20
C ARG C 3868 24.81 -3.14 -76.92
N GLN C 3869 25.50 -4.25 -76.70
CA GLN C 3869 25.34 -5.04 -75.44
C GLN C 3869 26.06 -4.27 -74.32
N ASN C 3870 25.76 -4.60 -73.06
CA ASN C 3870 26.40 -3.90 -71.91
C ASN C 3870 25.62 -2.62 -71.59
N GLY C 3871 24.46 -2.42 -72.22
CA GLY C 3871 23.62 -1.26 -71.85
C GLY C 3871 23.10 -1.42 -70.44
N GLU C 3872 21.80 -1.20 -70.21
CA GLU C 3872 21.25 -1.43 -68.85
C GLU C 3872 22.33 -1.14 -67.81
N LYS C 3873 23.09 -0.07 -68.03
CA LYS C 3873 24.13 0.35 -67.05
C LYS C 3873 23.46 0.77 -65.74
N VAL C 3874 22.18 1.13 -65.77
CA VAL C 3874 21.52 1.69 -64.54
C VAL C 3874 21.54 0.68 -63.39
N MET C 3875 21.22 -0.60 -63.62
CA MET C 3875 21.34 -1.63 -62.55
C MET C 3875 22.05 -2.87 -63.09
N ALA C 3876 23.38 -2.85 -63.18
CA ALA C 3876 24.10 -3.98 -63.81
C ALA C 3876 24.26 -5.16 -62.86
N ASP C 3877 24.48 -4.92 -61.57
CA ASP C 3877 24.74 -6.02 -60.60
C ASP C 3877 23.44 -6.64 -60.06
N ASP C 3878 22.31 -6.41 -60.72
CA ASP C 3878 21.02 -6.89 -60.16
C ASP C 3878 21.03 -8.41 -59.98
N GLU C 3879 21.59 -9.17 -60.91
CA GLU C 3879 21.53 -10.66 -60.75
C GLU C 3879 22.28 -11.06 -59.47
N PHE C 3880 23.43 -10.43 -59.19
CA PHE C 3880 24.26 -10.80 -58.01
C PHE C 3880 23.51 -10.45 -56.73
N THR C 3881 23.13 -9.18 -56.55
CA THR C 3881 22.36 -8.85 -55.35
C THR C 3881 21.25 -9.86 -55.10
N GLN C 3882 20.54 -10.26 -56.16
CA GLN C 3882 19.48 -11.25 -56.03
C GLN C 3882 20.04 -12.59 -55.56
N ASP C 3883 21.19 -12.99 -56.10
CA ASP C 3883 21.81 -14.25 -55.67
C ASP C 3883 22.26 -14.19 -54.22
N LEU C 3884 22.80 -13.04 -53.79
CA LEU C 3884 23.22 -12.91 -52.40
C LEU C 3884 22.04 -13.01 -51.44
N PHE C 3885 20.95 -12.27 -51.73
CA PHE C 3885 19.78 -12.36 -50.86
C PHE C 3885 19.10 -13.72 -50.95
N ARG C 3886 19.16 -14.38 -52.10
CA ARG C 3886 18.63 -15.74 -52.21
C ARG C 3886 19.43 -16.72 -51.35
N PHE C 3887 20.76 -16.58 -51.33
CA PHE C 3887 21.58 -17.44 -50.48
C PHE C 3887 21.30 -17.17 -49.00
N LEU C 3888 21.17 -15.90 -48.63
CA LEU C 3888 20.84 -15.58 -47.23
C LEU C 3888 19.47 -16.11 -46.84
N GLN C 3889 18.50 -16.06 -47.74
CA GLN C 3889 17.19 -16.64 -47.48
C GLN C 3889 17.28 -18.15 -47.34
N LEU C 3890 18.07 -18.80 -48.20
CA LEU C 3890 18.17 -20.26 -48.19
C LEU C 3890 18.88 -20.75 -46.92
N LEU C 3891 19.77 -19.93 -46.36
CA LEU C 3891 20.36 -20.28 -45.07
C LEU C 3891 19.30 -20.36 -43.98
N CYS C 3892 18.33 -19.45 -44.00
CA CYS C 3892 17.26 -19.40 -43.02
C CYS C 3892 15.92 -19.87 -43.57
N GLU C 3893 15.93 -20.69 -44.62
CA GLU C 3893 14.69 -21.09 -45.29
C GLU C 3893 13.78 -21.88 -44.35
N GLY C 3894 14.31 -22.91 -43.71
CA GLY C 3894 13.54 -23.66 -42.73
C GLY C 3894 13.65 -23.05 -41.35
N HIS C 3895 12.65 -23.34 -40.52
CA HIS C 3895 12.71 -22.87 -39.14
C HIS C 3895 13.86 -23.55 -38.40
N ASN C 3896 14.90 -22.71 -38.20
CA ASN C 3896 16.11 -23.11 -37.44
C ASN C 3896 16.45 -21.85 -36.65
N ASN C 3897 16.11 -21.80 -35.37
CA ASN C 3897 16.29 -20.54 -34.58
C ASN C 3897 17.77 -20.15 -34.52
N ASP C 3898 18.67 -21.13 -34.38
CA ASP C 3898 20.12 -20.83 -34.22
C ASP C 3898 20.61 -19.78 -35.23
N PHE C 3899 20.16 -19.83 -36.49
CA PHE C 3899 20.65 -18.93 -37.52
C PHE C 3899 19.96 -17.58 -37.46
N GLN C 3900 18.69 -17.55 -37.03
CA GLN C 3900 17.99 -16.29 -36.84
C GLN C 3900 18.60 -15.48 -35.70
N ASN C 3901 19.25 -16.14 -34.75
CA ASN C 3901 19.95 -15.46 -33.67
C ASN C 3901 21.44 -15.28 -33.97
N TYR C 3902 22.04 -16.21 -34.71
CA TYR C 3902 23.46 -16.12 -35.04
C TYR C 3902 23.74 -14.93 -35.96
N LEU C 3903 22.82 -14.65 -36.89
CA LEU C 3903 22.99 -13.51 -37.78
C LEU C 3903 22.84 -12.19 -37.03
N ARG C 3904 21.98 -12.15 -36.00
CA ARG C 3904 21.80 -10.92 -35.23
C ARG C 3904 23.03 -10.62 -34.38
N THR C 3905 23.56 -11.63 -33.69
CA THR C 3905 24.74 -11.44 -32.86
C THR C 3905 25.52 -12.75 -32.81
N GLN C 3906 26.83 -12.63 -32.60
CA GLN C 3906 27.73 -13.78 -32.50
C GLN C 3906 28.40 -13.75 -31.14
N THR C 3907 28.34 -14.88 -30.43
CA THR C 3907 28.92 -14.99 -29.10
C THR C 3907 30.37 -15.44 -29.14
N GLY C 3908 30.68 -16.45 -29.98
CA GLY C 3908 32.04 -16.94 -30.05
C GLY C 3908 33.02 -15.94 -30.65
N ASN C 3909 32.58 -15.20 -31.66
CA ASN C 3909 33.44 -14.23 -32.31
C ASN C 3909 33.60 -12.99 -31.43
N THR C 3910 34.75 -12.33 -31.58
CA THR C 3910 35.03 -11.12 -30.83
C THR C 3910 34.41 -9.88 -31.44
N THR C 3911 33.92 -9.96 -32.68
CA THR C 3911 33.29 -8.84 -33.35
C THR C 3911 31.90 -9.25 -33.81
N THR C 3912 30.94 -8.34 -33.65
CA THR C 3912 29.55 -8.59 -34.00
C THR C 3912 29.15 -7.70 -35.16
N ILE C 3913 28.67 -8.29 -36.24
CA ILE C 3913 28.20 -7.57 -37.42
C ILE C 3913 26.75 -7.96 -37.65
N ASN C 3914 25.88 -6.94 -37.71
CA ASN C 3914 24.44 -7.17 -37.87
C ASN C 3914 24.07 -7.10 -39.34
N ILE C 3915 23.64 -8.23 -39.90
CA ILE C 3915 23.21 -8.27 -41.29
C ILE C 3915 21.87 -7.55 -41.47
N ILE C 3916 21.01 -7.62 -40.44
CA ILE C 3916 19.67 -7.06 -40.53
C ILE C 3916 19.72 -5.54 -40.69
N ILE C 3917 20.62 -4.88 -39.97
CA ILE C 3917 20.74 -3.42 -40.07
C ILE C 3917 21.22 -3.03 -41.46
N CYS C 3918 22.16 -3.79 -42.02
CA CYS C 3918 22.63 -3.52 -43.39
C CYS C 3918 21.50 -3.74 -44.40
N THR C 3919 20.66 -4.75 -44.17
CA THR C 3919 19.50 -4.97 -45.04
C THR C 3919 18.52 -3.81 -44.95
N VAL C 3920 18.31 -3.28 -43.75
CA VAL C 3920 17.43 -2.13 -43.57
C VAL C 3920 17.98 -0.90 -44.28
N ASP C 3921 19.30 -0.69 -44.18
CA ASP C 3921 19.92 0.44 -44.89
C ASP C 3921 19.82 0.29 -46.41
N TYR C 3922 20.01 -0.94 -46.91
CA TYR C 3922 19.86 -1.18 -48.34
C TYR C 3922 18.42 -0.96 -48.79
N LEU C 3923 17.45 -1.36 -47.97
CA LEU C 3923 16.05 -1.12 -48.30
C LEU C 3923 15.73 0.37 -48.28
N LEU C 3924 16.34 1.12 -47.36
CA LEU C 3924 16.17 2.57 -47.34
C LEU C 3924 16.73 3.20 -48.62
N ARG C 3925 17.91 2.74 -49.04
CA ARG C 3925 18.50 3.26 -50.29
C ARG C 3925 17.63 2.92 -51.50
N LEU C 3926 17.10 1.70 -51.53
CA LEU C 3926 16.21 1.31 -52.62
C LEU C 3926 14.93 2.14 -52.62
N GLN C 3927 14.36 2.41 -51.45
CA GLN C 3927 13.18 3.24 -51.34
C GLN C 3927 13.45 4.65 -51.83
N GLU C 3928 14.62 5.21 -51.45
CA GLU C 3928 15.00 6.53 -51.94
C GLU C 3928 15.16 6.55 -53.45
N SER C 3929 15.75 5.50 -54.01
CA SER C 3929 15.91 5.42 -55.47
C SER C 3929 14.57 5.35 -56.18
N ILE C 3930 13.64 4.55 -55.65
CA ILE C 3930 12.31 4.43 -56.25
C ILE C 3930 11.55 5.74 -56.14
N SER C 3931 11.68 6.43 -54.99
CA SER C 3931 11.02 7.72 -54.83
C SER C 3931 11.58 8.75 -55.79
N ASP C 3932 12.90 8.77 -55.99
CA ASP C 3932 13.51 9.70 -56.94
C ASP C 3932 13.08 9.40 -58.36
N PHE C 3933 13.01 8.12 -58.74
CA PHE C 3933 12.57 7.76 -60.07
C PHE C 3933 11.10 8.12 -60.30
N TYR C 3934 10.26 7.93 -59.28
CA TYR C 3934 8.86 8.34 -59.39
C TYR C 3934 8.73 9.85 -59.52
N TRP C 3935 9.53 10.60 -58.75
CA TRP C 3935 9.47 12.06 -58.84
C TRP C 3935 9.97 12.55 -60.19
N TYR C 3936 10.93 11.87 -60.80
CA TYR C 3936 11.40 12.27 -62.12
C TYR C 3936 10.37 11.94 -63.19
N TYR C 3937 9.69 10.80 -63.07
CA TYR C 3937 8.67 10.38 -64.02
C TYR C 3937 7.29 10.94 -63.71
N SER C 3938 7.16 11.77 -62.67
CA SER C 3938 5.87 12.35 -62.34
C SER C 3938 5.40 13.33 -63.41
N GLY C 3939 6.32 14.07 -64.02
CA GLY C 3939 5.94 15.06 -65.02
C GLY C 3939 5.38 14.43 -66.28
N LYS C 3940 6.03 13.39 -66.78
CA LYS C 3940 5.56 12.72 -67.98
C LYS C 3940 4.39 11.79 -67.67
N ASP C 3941 3.43 11.75 -68.58
CA ASP C 3941 2.25 10.91 -68.43
C ASP C 3941 2.40 9.54 -69.09
N VAL C 3942 3.53 9.26 -69.74
CA VAL C 3942 3.76 8.00 -70.41
C VAL C 3942 5.10 7.44 -69.96
N ILE C 3943 5.21 6.11 -69.98
CA ILE C 3943 6.42 5.40 -69.55
C ILE C 3943 6.91 4.54 -70.70
N GLU C 3944 8.20 4.65 -71.02
CA GLU C 3944 8.80 3.86 -72.07
C GLU C 3944 9.03 2.42 -71.60
N GLU C 3945 9.35 1.55 -72.57
CA GLU C 3945 9.54 0.13 -72.26
C GLU C 3945 10.82 -0.09 -71.45
N GLN C 3946 11.84 0.73 -71.65
CA GLN C 3946 13.03 0.64 -70.83
C GLN C 3946 12.73 0.97 -69.37
N GLY C 3947 11.88 1.97 -69.14
CA GLY C 3947 11.44 2.25 -67.79
C GLY C 3947 10.62 1.12 -67.20
N LYS C 3948 9.81 0.45 -68.02
CA LYS C 3948 9.07 -0.72 -67.55
C LYS C 3948 10.02 -1.83 -67.12
N ARG C 3949 11.07 -2.08 -67.91
CA ARG C 3949 12.03 -3.12 -67.56
C ARG C 3949 12.81 -2.75 -66.29
N ASN C 3950 13.21 -1.49 -66.16
CA ASN C 3950 13.91 -1.06 -64.95
C ASN C 3950 13.03 -1.20 -63.72
N PHE C 3951 11.76 -0.81 -63.83
CA PHE C 3951 10.82 -1.02 -62.72
C PHE C 3951 10.65 -2.50 -62.41
N SER C 3952 10.56 -3.34 -63.44
CA SER C 3952 10.36 -4.76 -63.21
C SER C 3952 11.53 -5.37 -62.45
N LYS C 3953 12.76 -5.04 -62.84
CA LYS C 3953 13.92 -5.55 -62.10
C LYS C 3953 14.02 -4.93 -60.71
N ALA C 3954 13.66 -3.65 -60.56
CA ALA C 3954 13.73 -3.00 -59.25
C ALA C 3954 12.77 -3.63 -58.26
N MET C 3955 11.52 -3.84 -58.67
CA MET C 3955 10.59 -4.53 -57.79
C MET C 3955 10.86 -6.03 -57.67
N SER C 3956 11.56 -6.64 -58.62
CA SER C 3956 12.03 -8.01 -58.41
C SER C 3956 13.05 -8.06 -57.28
N VAL C 3957 14.00 -7.13 -57.27
CA VAL C 3957 14.99 -7.05 -56.19
C VAL C 3957 14.30 -6.74 -54.87
N ALA C 3958 13.32 -5.83 -54.89
CA ALA C 3958 12.58 -5.50 -53.68
C ALA C 3958 11.79 -6.70 -53.16
N LYS C 3959 11.20 -7.49 -54.06
CA LYS C 3959 10.50 -8.69 -53.67
C LYS C 3959 11.43 -9.72 -53.06
N GLN C 3960 12.64 -9.86 -53.62
CA GLN C 3960 13.62 -10.78 -53.04
C GLN C 3960 14.03 -10.34 -51.63
N VAL C 3961 14.29 -9.04 -51.45
CA VAL C 3961 14.64 -8.53 -50.13
C VAL C 3961 13.50 -8.73 -49.14
N PHE C 3962 12.26 -8.48 -49.58
CA PHE C 3962 11.12 -8.67 -48.71
C PHE C 3962 10.91 -10.13 -48.35
N ASN C 3963 11.14 -11.05 -49.29
CA ASN C 3963 11.04 -12.47 -48.98
C ASN C 3963 12.10 -12.89 -47.98
N SER C 3964 13.31 -12.35 -48.10
CA SER C 3964 14.34 -12.60 -47.09
C SER C 3964 13.90 -12.06 -45.73
N LEU C 3965 13.27 -10.89 -45.70
CA LEU C 3965 12.80 -10.32 -44.45
C LEU C 3965 11.71 -11.18 -43.80
N THR C 3966 10.76 -11.69 -44.60
CA THR C 3966 9.74 -12.59 -44.05
C THR C 3966 10.36 -13.89 -43.58
N GLU C 3967 11.42 -14.37 -44.24
CA GLU C 3967 12.07 -15.58 -43.77
C GLU C 3967 12.73 -15.37 -42.40
N TYR C 3968 13.33 -14.19 -42.19
CA TYR C 3968 13.90 -13.91 -40.87
C TYR C 3968 12.83 -13.71 -39.81
N ILE C 3969 11.76 -12.97 -40.12
CA ILE C 3969 10.71 -12.69 -39.14
C ILE C 3969 9.70 -13.84 -39.07
N GLN C 3970 9.94 -14.92 -39.81
CA GLN C 3970 9.07 -16.10 -39.82
C GLN C 3970 8.86 -16.63 -38.40
N GLY C 3971 9.67 -17.63 -38.02
CA GLY C 3971 10.02 -17.95 -36.65
C GLY C 3971 9.67 -16.96 -35.53
N PRO C 3972 9.52 -17.48 -34.30
CA PRO C 3972 9.10 -16.60 -33.19
C PRO C 3972 10.07 -15.45 -32.93
N CYS C 3973 11.36 -15.75 -32.78
CA CYS C 3973 12.48 -14.82 -32.96
C CYS C 3973 12.26 -13.44 -32.34
N THR C 3974 12.08 -13.39 -31.01
CA THR C 3974 11.79 -12.14 -30.32
C THR C 3974 12.91 -11.11 -30.49
N GLY C 3975 14.15 -11.56 -30.66
CA GLY C 3975 15.26 -10.63 -30.80
C GLY C 3975 15.20 -9.82 -32.09
N ASN C 3976 14.92 -10.48 -33.21
CA ASN C 3976 14.81 -9.75 -34.47
C ASN C 3976 13.54 -8.91 -34.54
N GLN C 3977 12.49 -9.33 -33.84
CA GLN C 3977 11.29 -8.51 -33.77
C GLN C 3977 11.53 -7.23 -32.99
N GLN C 3978 12.25 -7.32 -31.87
CA GLN C 3978 12.62 -6.12 -31.13
C GLN C 3978 13.62 -5.27 -31.90
N SER C 3979 14.52 -5.90 -32.67
CA SER C 3979 15.46 -5.15 -33.48
C SER C 3979 14.76 -4.37 -34.58
N LEU C 3980 13.78 -4.99 -35.25
CA LEU C 3980 13.00 -4.27 -36.25
C LEU C 3980 12.07 -3.25 -35.62
N ALA C 3981 11.67 -3.45 -34.36
CA ALA C 3981 10.94 -2.41 -33.66
C ALA C 3981 11.84 -1.20 -33.39
N HIS C 3982 13.11 -1.44 -33.08
CA HIS C 3982 14.04 -0.36 -32.79
C HIS C 3982 14.81 0.13 -34.01
N SER C 3983 14.59 -0.46 -35.19
CA SER C 3983 15.34 -0.08 -36.38
C SER C 3983 14.67 1.12 -37.05
N ARG C 3984 15.15 1.47 -38.25
CA ARG C 3984 14.62 2.55 -39.05
C ARG C 3984 13.69 2.05 -40.15
N LEU C 3985 13.04 0.91 -39.94
CA LEU C 3985 12.17 0.34 -40.96
C LEU C 3985 10.93 1.20 -41.20
N TRP C 3986 10.49 1.95 -40.20
CA TRP C 3986 9.28 2.76 -40.35
C TRP C 3986 9.47 3.87 -41.37
N ASP C 3987 10.64 4.51 -41.37
CA ASP C 3987 10.91 5.54 -42.37
C ASP C 3987 10.95 4.96 -43.77
N ALA C 3988 11.38 3.70 -43.91
CA ALA C 3988 11.34 3.04 -45.21
C ALA C 3988 9.90 2.74 -45.62
N VAL C 3989 9.11 2.17 -44.72
CA VAL C 3989 7.78 1.70 -45.11
C VAL C 3989 6.79 2.84 -45.31
N VAL C 3990 6.99 3.99 -44.66
CA VAL C 3990 6.13 5.14 -44.94
C VAL C 3990 6.34 5.61 -46.38
N GLY C 3991 7.60 5.73 -46.80
CA GLY C 3991 7.89 6.09 -48.18
C GLY C 3991 7.43 5.03 -49.17
N PHE C 3992 7.55 3.76 -48.79
CA PHE C 3992 7.04 2.69 -49.65
C PHE C 3992 5.53 2.78 -49.83
N LEU C 3993 4.78 3.04 -48.75
CA LEU C 3993 3.34 3.19 -48.86
C LEU C 3993 2.99 4.41 -49.71
N HIS C 3994 3.75 5.50 -49.54
CA HIS C 3994 3.54 6.71 -50.35
C HIS C 3994 3.72 6.42 -51.83
N VAL C 3995 4.83 5.76 -52.19
CA VAL C 3995 5.08 5.49 -53.60
C VAL C 3995 4.13 4.44 -54.13
N PHE C 3996 3.68 3.48 -53.30
CA PHE C 3996 2.65 2.54 -53.74
C PHE C 3996 1.37 3.25 -54.10
N ALA C 3997 0.88 4.13 -53.22
CA ALA C 3997 -0.38 4.83 -53.47
C ALA C 3997 -0.27 5.72 -54.71
N HIS C 3998 0.82 6.50 -54.81
CA HIS C 3998 0.94 7.42 -55.93
C HIS C 3998 1.17 6.69 -57.25
N MET C 3999 1.97 5.62 -57.24
CA MET C 3999 2.22 4.87 -58.47
C MET C 3999 0.98 4.09 -58.91
N MET C 4000 0.16 3.62 -57.97
CA MET C 4000 -1.07 2.96 -58.37
C MET C 4000 -2.10 3.97 -58.88
N MET C 4001 -2.12 5.18 -58.32
CA MET C 4001 -3.04 6.19 -58.81
C MET C 4001 -2.65 6.69 -60.19
N LYS C 4002 -1.36 6.94 -60.42
CA LYS C 4002 -0.90 7.46 -61.70
C LYS C 4002 -0.84 6.37 -62.77
N LEU C 4003 -0.50 5.14 -62.39
CA LEU C 4003 -0.27 4.04 -63.32
C LEU C 4003 -1.56 3.42 -63.85
N ALA C 4004 -2.70 3.73 -63.23
CA ALA C 4004 -3.95 3.02 -63.55
C ALA C 4004 -4.53 3.44 -64.90
N GLN C 4005 -4.24 4.66 -65.36
CA GLN C 4005 -4.88 5.16 -66.57
C GLN C 4005 -4.44 4.39 -67.81
N ASP C 4006 -3.16 4.04 -67.91
CA ASP C 4006 -2.67 3.34 -69.08
C ASP C 4006 -3.05 1.87 -69.02
N SER C 4007 -3.62 1.36 -70.12
CA SER C 4007 -4.05 -0.03 -70.17
C SER C 4007 -2.90 -0.98 -70.49
N SER C 4008 -1.94 -0.55 -71.32
CA SER C 4008 -0.83 -1.42 -71.70
C SER C 4008 0.17 -1.63 -70.58
N GLN C 4009 0.12 -0.81 -69.53
CA GLN C 4009 1.02 -0.93 -68.40
C GLN C 4009 0.41 -1.73 -67.25
N ILE C 4010 -0.59 -2.56 -67.53
CA ILE C 4010 -1.28 -3.31 -66.49
C ILE C 4010 -0.36 -4.37 -65.88
N GLU C 4011 0.59 -4.89 -66.66
CA GLU C 4011 1.51 -5.90 -66.14
C GLU C 4011 2.40 -5.31 -65.05
N LEU C 4012 2.92 -4.10 -65.27
CA LEU C 4012 3.70 -3.43 -64.24
C LEU C 4012 2.85 -3.14 -63.01
N LEU C 4013 1.57 -2.80 -63.22
CA LEU C 4013 0.68 -2.55 -62.09
C LEU C 4013 0.45 -3.82 -61.27
N LYS C 4014 0.29 -4.97 -61.93
CA LYS C 4014 0.09 -6.21 -61.17
C LYS C 4014 1.37 -6.63 -60.48
N GLU C 4015 2.53 -6.35 -61.07
CA GLU C 4015 3.80 -6.58 -60.35
C GLU C 4015 3.90 -5.69 -59.12
N LEU C 4016 3.47 -4.43 -59.24
CA LEU C 4016 3.45 -3.52 -58.10
C LEU C 4016 2.51 -4.05 -57.02
N LEU C 4017 1.34 -4.52 -57.44
CA LEU C 4017 0.33 -5.02 -56.46
C LEU C 4017 0.90 -6.28 -55.80
N ASP C 4018 1.58 -7.13 -56.58
CA ASP C 4018 2.18 -8.37 -56.03
C ASP C 4018 3.26 -8.00 -54.99
N LEU C 4019 4.06 -6.97 -55.27
CA LEU C 4019 5.08 -6.51 -54.29
C LEU C 4019 4.34 -6.04 -53.03
N GLN C 4020 3.26 -5.27 -53.20
CA GLN C 4020 2.46 -4.86 -52.05
C GLN C 4020 1.90 -6.07 -51.29
N LYS C 4021 1.62 -7.16 -52.00
CA LYS C 4021 1.20 -8.41 -51.35
C LYS C 4021 2.30 -8.96 -50.46
N ASP C 4022 3.54 -9.01 -50.97
CA ASP C 4022 4.65 -9.44 -50.12
C ASP C 4022 4.89 -8.48 -48.96
N MET C 4023 4.65 -7.18 -49.17
CA MET C 4023 4.78 -6.22 -48.08
C MET C 4023 3.77 -6.47 -46.97
N VAL C 4024 2.50 -6.69 -47.34
CA VAL C 4024 1.49 -6.92 -46.31
C VAL C 4024 1.65 -8.29 -45.68
N VAL C 4025 2.19 -9.27 -46.39
CA VAL C 4025 2.56 -10.55 -45.76
C VAL C 4025 3.65 -10.32 -44.72
N MET C 4026 4.64 -9.50 -45.05
CA MET C 4026 5.70 -9.16 -44.10
C MET C 4026 5.14 -8.44 -42.88
N LEU C 4027 4.21 -7.51 -43.10
CA LEU C 4027 3.58 -6.78 -41.99
C LEU C 4027 2.76 -7.71 -41.10
N LEU C 4028 2.03 -8.66 -41.71
CA LEU C 4028 1.30 -9.65 -40.91
C LEU C 4028 2.25 -10.54 -40.13
N SER C 4029 3.38 -10.91 -40.74
CA SER C 4029 4.37 -11.74 -40.04
C SER C 4029 5.06 -10.98 -38.92
N LEU C 4030 5.08 -9.65 -38.96
CA LEU C 4030 5.62 -8.88 -37.85
C LEU C 4030 4.77 -8.96 -36.60
N LEU C 4031 3.48 -9.27 -36.74
CA LEU C 4031 2.55 -9.23 -35.62
C LEU C 4031 2.48 -10.57 -34.87
N GLU C 4032 3.32 -11.53 -35.23
CA GLU C 4032 3.31 -12.82 -34.54
C GLU C 4032 3.80 -12.65 -33.11
N GLY C 4033 3.09 -13.26 -32.17
CA GLY C 4033 3.42 -13.12 -30.76
C GLY C 4033 3.25 -11.72 -30.23
N ASN C 4034 2.07 -11.13 -30.44
CA ASN C 4034 1.81 -9.74 -30.07
C ASN C 4034 0.95 -9.69 -28.82
N VAL C 4035 1.35 -8.83 -27.87
CA VAL C 4035 0.56 -8.62 -26.67
C VAL C 4035 -0.64 -7.74 -27.02
N VAL C 4036 -1.65 -7.75 -26.14
CA VAL C 4036 -2.86 -6.95 -26.39
C VAL C 4036 -2.52 -5.47 -26.41
N ASN C 4037 -1.76 -5.00 -25.43
CA ASN C 4037 -1.33 -3.60 -25.45
C ASN C 4037 -0.08 -3.45 -26.33
N GLY C 4038 1.01 -4.11 -25.94
CA GLY C 4038 2.20 -4.18 -26.77
C GLY C 4038 2.87 -2.83 -26.99
N MET C 4039 3.97 -2.88 -27.74
CA MET C 4039 4.59 -1.69 -28.29
C MET C 4039 4.75 -1.74 -29.80
N ILE C 4040 4.79 -2.95 -30.40
CA ILE C 4040 4.85 -3.07 -31.85
C ILE C 4040 3.54 -2.59 -32.48
N ALA C 4041 2.41 -2.90 -31.85
CA ALA C 4041 1.13 -2.43 -32.35
C ALA C 4041 1.01 -0.92 -32.24
N ARG C 4042 1.58 -0.33 -31.18
CA ARG C 4042 1.58 1.12 -31.05
C ARG C 4042 2.41 1.77 -32.14
N GLN C 4043 3.56 1.17 -32.48
CA GLN C 4043 4.37 1.69 -33.58
C GLN C 4043 3.66 1.52 -34.92
N MET C 4044 2.91 0.43 -35.10
CA MET C 4044 2.11 0.26 -36.31
C MET C 4044 1.03 1.32 -36.41
N VAL C 4045 0.38 1.64 -35.27
CA VAL C 4045 -0.63 2.68 -35.26
C VAL C 4045 -0.01 4.04 -35.58
N ASP C 4046 1.17 4.31 -35.03
CA ASP C 4046 1.89 5.55 -35.34
C ASP C 4046 2.26 5.61 -36.82
N MET C 4047 2.66 4.48 -37.40
CA MET C 4047 2.95 4.42 -38.82
C MET C 4047 1.71 4.71 -39.66
N LEU C 4048 0.56 4.16 -39.25
CA LEU C 4048 -0.68 4.44 -39.97
C LEU C 4048 -1.09 5.90 -39.84
N VAL C 4049 -0.84 6.51 -38.68
CA VAL C 4049 -1.14 7.93 -38.50
C VAL C 4049 -0.24 8.79 -39.38
N GLU C 4050 1.05 8.46 -39.42
CA GLU C 4050 1.98 9.23 -40.25
C GLU C 4050 1.68 9.06 -41.74
N SER C 4051 1.32 7.86 -42.15
CA SER C 4051 0.96 7.57 -43.54
C SER C 4051 -0.55 7.52 -43.75
N SER C 4052 -1.26 8.46 -43.11
CA SER C 4052 -2.72 8.46 -43.16
C SER C 4052 -3.25 8.71 -44.56
N SER C 4053 -2.62 9.64 -45.30
CA SER C 4053 -3.15 10.04 -46.60
C SER C 4053 -3.14 8.89 -47.59
N ASN C 4054 -2.04 8.14 -47.65
CA ASN C 4054 -1.95 7.03 -48.59
C ASN C 4054 -2.93 5.91 -48.22
N VAL C 4055 -3.09 5.65 -46.92
CA VAL C 4055 -4.03 4.63 -46.47
C VAL C 4055 -5.45 5.00 -46.82
N GLU C 4056 -5.83 6.27 -46.57
CA GLU C 4056 -7.16 6.72 -46.94
C GLU C 4056 -7.36 6.67 -48.46
N MET C 4057 -6.32 7.00 -49.23
CA MET C 4057 -6.43 6.95 -50.68
C MET C 4057 -6.67 5.53 -51.19
N ILE C 4058 -5.89 4.57 -50.68
CA ILE C 4058 -6.04 3.20 -51.18
C ILE C 4058 -7.36 2.60 -50.69
N LEU C 4059 -7.79 2.93 -49.47
CA LEU C 4059 -9.08 2.42 -48.98
C LEU C 4059 -10.23 3.03 -49.76
N LYS C 4060 -10.13 4.32 -50.10
CA LYS C 4060 -11.17 4.96 -50.92
C LYS C 4060 -11.22 4.34 -52.31
N PHE C 4061 -10.06 4.04 -52.90
CA PHE C 4061 -10.04 3.41 -54.21
C PHE C 4061 -10.68 2.02 -54.16
N PHE C 4062 -10.33 1.23 -53.15
CA PHE C 4062 -10.90 -0.10 -53.01
C PHE C 4062 -12.41 -0.04 -52.77
N ASP C 4063 -12.85 0.89 -51.93
CA ASP C 4063 -14.28 1.04 -51.66
C ASP C 4063 -15.03 1.48 -52.91
N MET C 4064 -14.45 2.41 -53.68
CA MET C 4064 -15.09 2.87 -54.91
C MET C 4064 -15.21 1.74 -55.92
N PHE C 4065 -14.16 0.95 -56.09
CA PHE C 4065 -14.22 -0.17 -57.03
C PHE C 4065 -15.18 -1.26 -56.58
N LEU C 4066 -15.28 -1.49 -55.26
CA LEU C 4066 -16.31 -2.45 -54.78
C LEU C 4066 -17.68 -1.85 -55.12
N LYS C 4067 -17.84 -0.53 -54.96
CA LYS C 4067 -19.11 0.16 -55.26
C LYS C 4067 -19.42 0.05 -56.76
N LEU C 4068 -18.41 0.15 -57.62
CA LEU C 4068 -18.66 0.15 -59.10
C LEU C 4068 -19.30 -1.18 -59.49
N LYS C 4069 -18.86 -2.30 -58.89
CA LYS C 4069 -19.39 -3.64 -59.27
C LYS C 4069 -20.89 -3.71 -58.96
N ASP C 4070 -21.34 -3.14 -57.84
CA ASP C 4070 -22.78 -3.15 -57.44
C ASP C 4070 -23.59 -2.37 -58.50
N ILE C 4071 -23.06 -1.27 -59.00
CA ILE C 4071 -23.79 -0.41 -60.00
C ILE C 4071 -24.04 -1.25 -61.26
N VAL C 4072 -23.08 -2.08 -61.67
CA VAL C 4072 -23.30 -2.98 -62.84
C VAL C 4072 -24.45 -3.92 -62.47
N GLY C 4073 -24.48 -4.39 -61.22
CA GLY C 4073 -25.59 -5.24 -60.71
C GLY C 4073 -26.90 -4.47 -60.78
N SER C 4074 -26.87 -3.15 -60.54
CA SER C 4074 -28.11 -2.34 -60.46
C SER C 4074 -28.97 -2.45 -61.73
N GLU C 4075 -30.08 -1.72 -61.77
CA GLU C 4075 -31.04 -1.85 -62.92
C GLU C 4075 -30.35 -1.43 -64.22
N ALA C 4076 -29.54 -0.36 -64.20
CA ALA C 4076 -28.78 0.02 -65.42
C ALA C 4076 -29.76 0.23 -66.57
N PHE C 4077 -30.91 0.87 -66.30
CA PHE C 4077 -31.95 1.05 -67.36
C PHE C 4077 -31.37 1.89 -68.49
N GLN C 4078 -30.59 2.92 -68.16
CA GLN C 4078 -29.99 3.79 -69.21
C GLN C 4078 -29.04 2.94 -70.06
N ASP C 4079 -28.27 2.03 -69.45
CA ASP C 4079 -27.41 1.12 -70.23
C ASP C 4079 -28.29 0.23 -71.11
N TYR C 4080 -29.42 -0.25 -70.57
CA TYR C 4080 -30.40 -1.09 -71.32
C TYR C 4080 -29.95 -2.56 -71.32
N VAL C 4081 -30.73 -3.44 -71.95
CA VAL C 4081 -30.37 -4.89 -72.01
C VAL C 4081 -29.09 -5.04 -72.86
N THR C 4082 -28.20 -5.93 -72.44
CA THR C 4082 -26.93 -6.14 -73.18
C THR C 4082 -27.15 -6.70 -74.60
N ASP C 4083 -28.07 -7.65 -74.78
CA ASP C 4083 -28.19 -8.31 -76.12
C ASP C 4083 -28.61 -7.35 -77.23
N PRO C 4084 -29.69 -6.53 -77.14
CA PRO C 4084 -30.03 -5.63 -78.25
C PRO C 4084 -28.86 -4.66 -78.43
N ARG C 4085 -28.30 -4.17 -77.32
CA ARG C 4085 -27.14 -3.27 -77.38
C ARG C 4085 -25.95 -4.02 -77.99
N GLY C 4086 -25.77 -5.30 -77.66
CA GLY C 4086 -24.55 -6.01 -78.09
C GLY C 4086 -23.46 -5.62 -77.12
N LEU C 4087 -22.18 -5.83 -77.45
CA LEU C 4087 -21.19 -5.35 -76.45
C LEU C 4087 -21.46 -3.85 -76.37
N ILE C 4088 -21.48 -3.28 -75.16
CA ILE C 4088 -21.90 -1.85 -75.05
C ILE C 4088 -20.90 -0.95 -75.78
N SER C 4089 -21.39 0.05 -76.50
CA SER C 4089 -20.48 1.03 -77.11
C SER C 4089 -19.87 1.84 -75.96
N LYS C 4090 -18.60 2.24 -76.06
CA LYS C 4090 -18.07 3.09 -74.96
C LYS C 4090 -18.88 4.39 -74.94
N LYS C 4091 -19.19 4.95 -76.11
CA LYS C 4091 -20.05 6.17 -76.17
C LYS C 4091 -21.46 5.86 -75.63
N ASP C 4092 -22.03 4.71 -75.99
CA ASP C 4092 -23.36 4.32 -75.43
C ASP C 4092 -23.22 4.16 -73.92
N PHE C 4093 -22.11 3.55 -73.48
CA PHE C 4093 -21.83 3.42 -72.04
C PHE C 4093 -21.67 4.81 -71.45
N GLN C 4094 -21.05 5.73 -72.18
CA GLN C 4094 -20.72 7.08 -71.62
C GLN C 4094 -21.98 7.84 -71.21
N LYS C 4095 -23.07 7.78 -71.99
CA LYS C 4095 -24.27 8.53 -71.49
C LYS C 4095 -24.72 7.91 -70.16
N ALA C 4096 -24.73 6.58 -70.07
CA ALA C 4096 -25.05 5.92 -68.78
C ALA C 4096 -23.96 6.28 -67.75
N MET C 4097 -22.70 6.29 -68.19
CA MET C 4097 -21.55 6.61 -67.31
C MET C 4097 -21.64 8.06 -66.83
N ASP C 4098 -22.08 8.97 -67.69
CA ASP C 4098 -22.03 10.42 -67.32
C ASP C 4098 -22.90 10.70 -66.10
N SER C 4099 -24.10 10.11 -65.99
CA SER C 4099 -24.88 10.48 -64.79
C SER C 4099 -24.99 9.33 -63.79
N GLN C 4100 -24.48 9.53 -62.57
CA GLN C 4100 -24.65 8.53 -61.47
C GLN C 4100 -25.07 9.34 -60.25
N LYS C 4101 -26.32 9.82 -60.21
CA LYS C 4101 -26.71 10.73 -59.09
C LYS C 4101 -26.60 10.03 -57.74
N GLN C 4102 -27.04 8.76 -57.67
CA GLN C 4102 -27.01 8.02 -56.38
C GLN C 4102 -25.56 7.75 -55.95
N PHE C 4103 -25.26 7.87 -54.64
CA PHE C 4103 -23.92 7.47 -54.11
C PHE C 4103 -22.80 8.45 -54.46
N THR C 4104 -21.55 8.00 -54.36
CA THR C 4104 -20.34 8.83 -54.64
C THR C 4104 -20.17 9.07 -56.14
N GLY C 4105 -19.43 10.11 -56.52
CA GLY C 4105 -19.27 10.48 -57.94
C GLY C 4105 -18.62 9.34 -58.71
N PRO C 4106 -18.98 9.10 -59.99
CA PRO C 4106 -18.55 7.89 -60.70
C PRO C 4106 -17.05 7.63 -60.98
N GLU C 4107 -16.63 6.37 -60.82
CA GLU C 4107 -15.25 5.93 -61.14
C GLU C 4107 -15.30 5.40 -62.57
N ILE C 4108 -16.46 5.50 -63.22
CA ILE C 4108 -16.66 4.89 -64.58
C ILE C 4108 -15.72 5.52 -65.60
N GLN C 4109 -15.46 6.83 -65.54
CA GLN C 4109 -14.63 7.47 -66.60
C GLN C 4109 -13.24 6.82 -66.59
N PHE C 4110 -12.68 6.55 -65.40
CA PHE C 4110 -11.38 5.85 -65.32
C PHE C 4110 -11.54 4.45 -65.92
N LEU C 4111 -12.66 3.79 -65.64
CA LEU C 4111 -12.93 2.43 -66.18
C LEU C 4111 -13.01 2.51 -67.72
N LEU C 4112 -13.65 3.55 -68.24
CA LEU C 4112 -13.79 3.69 -69.72
C LEU C 4112 -12.38 3.80 -70.31
N SER C 4113 -11.49 4.55 -69.67
CA SER C 4113 -10.08 4.64 -70.14
C SER C 4113 -9.45 3.24 -70.05
N CYS C 4114 -9.77 2.50 -68.98
CA CYS C 4114 -9.21 1.13 -68.79
C CYS C 4114 -9.85 0.18 -69.81
N SER C 4115 -11.09 0.43 -70.21
CA SER C 4115 -11.77 -0.40 -71.24
C SER C 4115 -11.04 -0.25 -72.57
N GLU C 4116 -10.97 -1.32 -73.37
CA GLU C 4116 -10.19 -1.22 -74.64
C GLU C 4116 -11.17 -1.14 -75.81
N ALA C 4117 -11.04 -0.09 -76.63
CA ALA C 4117 -11.95 0.13 -77.77
C ALA C 4117 -11.15 0.67 -78.95
N ASP C 4118 -11.63 0.49 -80.19
CA ASP C 4118 -10.93 1.16 -81.31
C ASP C 4118 -11.82 2.34 -81.73
N GLU C 4119 -11.28 3.57 -81.64
CA GLU C 4119 -12.05 4.80 -81.96
C GLU C 4119 -13.01 5.02 -80.77
N ASN C 4120 -12.82 4.28 -79.68
CA ASN C 4120 -13.70 4.38 -78.48
C ASN C 4120 -15.04 3.72 -78.80
N GLU C 4121 -15.12 2.95 -79.90
CA GLU C 4121 -16.44 2.41 -80.33
C GLU C 4121 -17.08 1.44 -79.32
N MET C 4122 -16.32 0.52 -78.72
CA MET C 4122 -16.98 -0.49 -77.83
C MET C 4122 -16.36 -0.59 -76.44
N ILE C 4123 -17.15 -0.52 -75.37
CA ILE C 4123 -16.61 -0.78 -74.00
C ILE C 4123 -16.13 -2.24 -73.96
N ASN C 4124 -16.90 -3.15 -74.57
CA ASN C 4124 -16.58 -4.60 -74.52
C ASN C 4124 -16.53 -5.05 -73.06
N PHE C 4125 -17.41 -4.52 -72.21
CA PHE C 4125 -17.41 -4.86 -70.76
C PHE C 4125 -17.68 -6.35 -70.55
N GLU C 4126 -18.61 -6.92 -71.33
CA GLU C 4126 -19.00 -8.35 -71.13
C GLU C 4126 -17.77 -9.23 -71.37
N GLU C 4127 -16.98 -8.90 -72.40
CA GLU C 4127 -15.81 -9.75 -72.77
C GLU C 4127 -14.80 -9.81 -71.63
N PHE C 4128 -14.54 -8.69 -70.93
CA PHE C 4128 -13.46 -8.70 -69.91
C PHE C 4128 -14.01 -8.45 -68.50
N ALA C 4129 -13.61 -9.29 -67.54
CA ALA C 4129 -14.00 -9.10 -66.12
C ALA C 4129 -13.24 -7.88 -65.58
N ASN C 4130 -13.74 -7.22 -64.54
CA ASN C 4130 -13.06 -5.97 -64.12
C ASN C 4130 -11.62 -6.35 -63.75
N ARG C 4131 -10.65 -5.52 -64.14
CA ARG C 4131 -9.21 -5.90 -63.99
C ARG C 4131 -8.76 -6.13 -62.54
N PHE C 4132 -7.78 -7.01 -62.35
CA PHE C 4132 -7.14 -7.23 -61.02
C PHE C 4132 -8.11 -7.81 -59.97
N GLN C 4133 -9.30 -8.26 -60.35
CA GLN C 4133 -10.14 -8.87 -59.33
C GLN C 4133 -9.39 -9.95 -58.57
N GLU C 4134 -8.89 -10.96 -59.30
CA GLU C 4134 -8.18 -12.06 -58.64
C GLU C 4134 -6.88 -11.63 -57.97
N PRO C 4135 -5.99 -10.81 -58.61
CA PRO C 4135 -4.78 -10.37 -57.88
C PRO C 4135 -5.08 -9.52 -56.65
N ALA C 4136 -5.80 -8.42 -56.83
CA ALA C 4136 -6.04 -7.49 -55.72
C ALA C 4136 -6.99 -8.05 -54.68
N ARG C 4137 -7.68 -9.16 -54.97
CA ARG C 4137 -8.52 -9.80 -53.94
C ARG C 4137 -7.68 -10.25 -52.75
N ASP C 4138 -6.50 -10.81 -53.02
CA ASP C 4138 -5.62 -11.25 -51.94
C ASP C 4138 -5.10 -10.06 -51.13
N ILE C 4139 -4.75 -8.96 -51.79
CA ILE C 4139 -4.31 -7.76 -51.08
C ILE C 4139 -5.44 -7.20 -50.22
N GLY C 4140 -6.66 -7.18 -50.77
CA GLY C 4140 -7.80 -6.70 -49.98
C GLY C 4140 -8.08 -7.57 -48.76
N PHE C 4141 -8.00 -8.90 -48.93
CA PHE C 4141 -8.20 -9.79 -47.80
C PHE C 4141 -7.09 -9.62 -46.75
N ASN C 4142 -5.86 -9.39 -47.23
CA ASN C 4142 -4.69 -9.31 -46.32
C ASN C 4142 -4.59 -7.93 -45.67
N VAL C 4143 -5.18 -6.90 -46.27
CA VAL C 4143 -5.21 -5.58 -45.59
C VAL C 4143 -6.42 -5.57 -44.66
N ALA C 4144 -7.39 -6.47 -44.90
CA ALA C 4144 -8.58 -6.61 -44.03
C ALA C 4144 -8.17 -7.32 -42.75
N VAL C 4145 -7.66 -8.54 -42.86
CA VAL C 4145 -7.21 -9.28 -41.69
C VAL C 4145 -6.18 -8.48 -40.88
N LEU C 4146 -5.39 -7.63 -41.55
CA LEU C 4146 -4.47 -6.75 -40.83
C LEU C 4146 -5.23 -5.75 -39.98
N LEU C 4147 -6.29 -5.16 -40.54
CA LEU C 4147 -7.10 -4.22 -39.77
C LEU C 4147 -7.86 -4.91 -38.65
N THR C 4148 -8.31 -6.15 -38.87
CA THR C 4148 -8.95 -6.90 -37.79
C THR C 4148 -7.97 -7.19 -36.66
N ASN C 4149 -6.73 -7.57 -37.00
CA ASN C 4149 -5.70 -7.80 -35.99
C ASN C 4149 -5.38 -6.53 -35.23
N LEU C 4150 -5.26 -5.41 -35.94
CA LEU C 4150 -4.95 -4.14 -35.28
C LEU C 4150 -6.15 -3.57 -34.52
N SER C 4151 -7.36 -4.04 -34.81
CA SER C 4151 -8.55 -3.58 -34.09
C SER C 4151 -8.82 -4.38 -32.83
N GLU C 4152 -8.68 -5.71 -32.89
CA GLU C 4152 -8.84 -6.52 -31.69
C GLU C 4152 -7.75 -6.22 -30.67
N HIS C 4153 -6.52 -6.06 -31.12
CA HIS C 4153 -5.43 -5.64 -30.24
C HIS C 4153 -5.37 -4.11 -30.18
N VAL C 4154 -4.53 -3.61 -29.27
CA VAL C 4154 -4.36 -2.19 -28.96
C VAL C 4154 -5.71 -1.46 -28.79
N PRO C 4155 -6.53 -1.88 -27.83
CA PRO C 4155 -7.91 -1.37 -27.76
C PRO C 4155 -7.96 0.08 -27.28
N HIS C 4156 -9.14 0.67 -27.40
CA HIS C 4156 -9.44 2.03 -26.92
C HIS C 4156 -8.56 3.08 -27.57
N ASP C 4157 -8.44 3.02 -28.90
CA ASP C 4157 -7.67 4.00 -29.65
C ASP C 4157 -8.59 4.74 -30.61
N PRO C 4158 -8.94 6.00 -30.34
CA PRO C 4158 -9.85 6.72 -31.24
C PRO C 4158 -9.27 7.01 -32.61
N ARG C 4159 -7.95 7.01 -32.76
CA ARG C 4159 -7.35 7.33 -34.05
C ARG C 4159 -7.51 6.19 -35.05
N LEU C 4160 -7.48 4.94 -34.59
CA LEU C 4160 -7.70 3.81 -35.48
C LEU C 4160 -9.17 3.61 -35.81
N ARG C 4161 -10.07 4.20 -35.02
CA ARG C 4161 -11.50 4.09 -35.31
C ARG C 4161 -11.88 4.77 -36.61
N ASN C 4162 -11.23 5.90 -36.93
CA ASN C 4162 -11.48 6.57 -38.20
C ASN C 4162 -11.04 5.69 -39.36
N PHE C 4163 -9.88 5.04 -39.24
CA PHE C 4163 -9.40 4.15 -40.27
C PHE C 4163 -10.32 2.95 -40.45
N LEU C 4164 -10.83 2.42 -39.34
CA LEU C 4164 -11.78 1.31 -39.42
C LEU C 4164 -13.09 1.74 -40.06
N GLU C 4165 -13.52 2.98 -39.79
CA GLU C 4165 -14.77 3.49 -40.38
C GLU C 4165 -14.61 3.73 -41.88
N LEU C 4166 -13.42 4.16 -42.31
CA LEU C 4166 -13.20 4.38 -43.74
C LEU C 4166 -13.12 3.07 -44.51
N ALA C 4167 -12.76 1.97 -43.84
CA ALA C 4167 -12.62 0.66 -44.46
C ALA C 4167 -13.75 -0.29 -44.08
N GLU C 4168 -14.97 0.25 -43.94
CA GLU C 4168 -16.09 -0.60 -43.56
C GLU C 4168 -16.50 -1.54 -44.68
N SER C 4169 -16.44 -1.07 -45.93
CA SER C 4169 -16.83 -1.90 -47.06
C SER C 4169 -15.88 -3.08 -47.23
N ILE C 4170 -14.59 -2.85 -46.99
CA ILE C 4170 -13.61 -3.93 -47.07
C ILE C 4170 -13.90 -4.98 -46.00
N LEU C 4171 -14.22 -4.54 -44.79
CA LEU C 4171 -14.51 -5.49 -43.70
C LEU C 4171 -15.79 -6.26 -43.96
N GLU C 4172 -16.82 -5.60 -44.51
CA GLU C 4172 -18.07 -6.31 -44.79
C GLU C 4172 -17.95 -7.23 -45.99
N TYR C 4173 -17.09 -6.91 -46.96
CA TYR C 4173 -16.97 -7.75 -48.14
C TYR C 4173 -16.22 -9.04 -47.84
N PHE C 4174 -15.20 -8.98 -46.99
CA PHE C 4174 -14.37 -10.13 -46.67
C PHE C 4174 -14.74 -10.80 -45.36
N ARG C 4175 -15.85 -10.39 -44.75
CA ARG C 4175 -16.28 -11.03 -43.50
C ARG C 4175 -16.66 -12.50 -43.65
N PRO C 4176 -17.43 -12.94 -44.66
CA PRO C 4176 -17.68 -14.39 -44.79
C PRO C 4176 -16.42 -15.20 -45.07
N TYR C 4177 -15.42 -14.63 -45.73
CA TYR C 4177 -14.20 -15.35 -46.08
C TYR C 4177 -13.14 -15.31 -44.99
N LEU C 4178 -13.38 -14.58 -43.91
CA LEU C 4178 -12.42 -14.45 -42.82
C LEU C 4178 -12.79 -15.42 -41.70
N GLY C 4179 -11.83 -16.22 -41.26
CA GLY C 4179 -12.05 -17.14 -40.16
C GLY C 4179 -11.00 -16.92 -39.08
N ARG C 4180 -11.48 -16.90 -37.84
CA ARG C 4180 -10.58 -16.66 -36.69
C ARG C 4180 -10.67 -17.88 -35.78
N ILE C 4181 -9.53 -18.32 -35.27
CA ILE C 4181 -9.50 -19.46 -34.33
C ILE C 4181 -8.60 -19.03 -33.18
N GLU C 4182 -8.69 -19.71 -32.06
CA GLU C 4182 -7.91 -19.47 -30.85
C GLU C 4182 -7.24 -20.77 -30.42
N ILE C 4183 -5.91 -20.75 -30.31
CA ILE C 4183 -5.14 -21.91 -29.93
C ILE C 4183 -4.20 -21.53 -28.78
N MET C 4184 -3.51 -22.53 -28.26
CA MET C 4184 -2.47 -22.34 -27.26
C MET C 4184 -1.25 -23.15 -27.70
N GLY C 4185 -0.16 -22.46 -28.00
CA GLY C 4185 1.04 -23.14 -28.44
C GLY C 4185 2.23 -22.21 -28.45
N ALA C 4186 3.41 -22.82 -28.34
CA ALA C 4186 4.73 -22.18 -28.34
C ALA C 4186 4.93 -21.19 -27.20
N SER C 4187 3.99 -21.08 -26.28
CA SER C 4187 4.05 -20.21 -25.11
C SER C 4187 2.99 -20.69 -24.13
N ARG C 4188 2.77 -19.92 -23.07
CA ARG C 4188 1.70 -20.17 -22.11
C ARG C 4188 0.58 -19.15 -22.27
N ARG C 4189 0.32 -18.73 -23.50
CA ARG C 4189 -0.65 -17.70 -23.80
C ARG C 4189 -1.52 -18.13 -24.96
N ILE C 4190 -2.72 -17.54 -25.02
CA ILE C 4190 -3.67 -17.83 -26.09
C ILE C 4190 -3.34 -16.98 -27.30
N GLU C 4191 -3.29 -17.60 -28.48
CA GLU C 4191 -2.95 -16.93 -29.71
C GLU C 4191 -4.07 -17.09 -30.73
N ARG C 4192 -4.37 -16.01 -31.44
CA ARG C 4192 -5.41 -16.00 -32.46
C ARG C 4192 -4.79 -16.10 -33.84
N ILE C 4193 -5.41 -16.88 -34.71
CA ILE C 4193 -4.95 -17.10 -36.08
C ILE C 4193 -6.09 -16.76 -37.02
N TYR C 4194 -5.81 -15.92 -38.01
CA TYR C 4194 -6.77 -15.52 -39.03
C TYR C 4194 -6.43 -16.21 -40.34
N PHE C 4195 -7.46 -16.73 -41.01
CA PHE C 4195 -7.27 -17.49 -42.24
C PHE C 4195 -8.44 -17.25 -43.18
N GLU C 4196 -8.36 -17.85 -44.36
CA GLU C 4196 -9.32 -17.63 -45.43
C GLU C 4196 -10.24 -18.84 -45.57
N ILE C 4197 -11.53 -18.58 -45.77
CA ILE C 4197 -12.54 -19.61 -45.95
C ILE C 4197 -13.01 -19.58 -47.39
N SER C 4198 -12.97 -20.74 -48.05
CA SER C 4198 -13.39 -20.84 -49.44
C SER C 4198 -14.90 -20.79 -49.56
N GLU C 4199 -15.37 -20.36 -50.73
CA GLU C 4199 -16.80 -20.23 -50.97
C GLU C 4199 -17.45 -21.62 -51.10
N THR C 4200 -16.81 -22.52 -51.84
CA THR C 4200 -17.41 -23.83 -52.10
C THR C 4200 -17.47 -24.68 -50.82
N ASN C 4201 -16.47 -24.56 -49.94
CA ASN C 4201 -16.52 -25.28 -48.68
C ASN C 4201 -17.65 -24.76 -47.80
N ARG C 4202 -17.85 -23.44 -47.78
CA ARG C 4202 -18.95 -22.87 -47.01
C ARG C 4202 -20.29 -23.31 -47.58
N ALA C 4203 -20.41 -23.39 -48.90
CA ALA C 4203 -21.64 -23.86 -49.52
C ALA C 4203 -21.90 -25.33 -49.22
N GLN C 4204 -20.84 -26.15 -49.23
CA GLN C 4204 -20.99 -27.57 -48.89
C GLN C 4204 -21.30 -27.77 -47.41
N TRP C 4205 -20.87 -26.86 -46.55
CA TRP C 4205 -21.14 -26.98 -45.13
C TRP C 4205 -22.63 -26.79 -44.82
N GLU C 4206 -23.33 -26.03 -45.64
CA GLU C 4206 -24.74 -25.70 -45.39
C GLU C 4206 -25.70 -26.79 -45.89
N MET C 4207 -25.17 -27.86 -46.48
CA MET C 4207 -26.02 -28.92 -46.99
C MET C 4207 -26.75 -29.64 -45.85
N PRO C 4208 -28.02 -30.00 -46.06
CA PRO C 4208 -28.77 -30.66 -44.96
C PRO C 4208 -28.20 -32.00 -44.52
N GLN C 4209 -27.60 -32.77 -45.43
CA GLN C 4209 -27.01 -34.03 -45.04
C GLN C 4209 -25.79 -33.83 -44.12
N VAL C 4210 -25.00 -32.79 -44.39
CA VAL C 4210 -23.87 -32.48 -43.52
C VAL C 4210 -24.35 -32.04 -42.14
N LYS C 4211 -25.43 -31.26 -42.11
CA LYS C 4211 -26.00 -30.83 -40.84
C LYS C 4211 -26.58 -32.00 -40.05
N GLU C 4212 -27.19 -32.96 -40.75
CA GLU C 4212 -27.73 -34.14 -40.08
C GLU C 4212 -26.62 -35.03 -39.54
N SER C 4213 -25.53 -35.18 -40.30
CA SER C 4213 -24.37 -35.92 -39.80
C SER C 4213 -23.75 -35.24 -38.60
N LYS C 4214 -23.67 -33.90 -38.64
CA LYS C 4214 -23.16 -33.16 -37.49
C LYS C 4214 -24.04 -33.33 -36.26
N ARG C 4215 -25.37 -33.28 -36.45
CA ARG C 4215 -26.28 -33.48 -35.32
C ARG C 4215 -26.15 -34.89 -34.74
N GLN C 4216 -26.02 -35.89 -35.60
CA GLN C 4216 -25.82 -37.26 -35.12
C GLN C 4216 -24.50 -37.40 -34.35
N PHE C 4217 -23.43 -36.76 -34.86
CA PHE C 4217 -22.15 -36.81 -34.17
C PHE C 4217 -22.22 -36.13 -32.81
N ILE C 4218 -22.88 -34.97 -32.75
CA ILE C 4218 -23.04 -34.26 -31.47
C ILE C 4218 -23.86 -35.08 -30.49
N PHE C 4219 -24.94 -35.72 -30.97
CA PHE C 4219 -25.76 -36.56 -30.10
C PHE C 4219 -24.96 -37.74 -29.56
N ASP C 4220 -24.15 -38.37 -30.43
CA ASP C 4220 -23.34 -39.50 -29.98
C ASP C 4220 -22.27 -39.07 -28.97
N VAL C 4221 -21.66 -37.90 -29.19
CA VAL C 4221 -20.61 -37.43 -28.29
C VAL C 4221 -21.21 -37.04 -26.94
N VAL C 4222 -22.33 -36.32 -26.95
CA VAL C 4222 -22.91 -35.84 -25.69
C VAL C 4222 -23.51 -37.00 -24.91
N ASN C 4223 -24.21 -37.91 -25.59
CA ASN C 4223 -24.93 -38.97 -24.89
C ASN C 4223 -24.01 -40.04 -24.34
N GLU C 4224 -23.23 -40.68 -25.22
CA GLU C 4224 -22.40 -41.82 -24.81
C GLU C 4224 -20.92 -41.50 -24.72
N GLY C 4225 -20.47 -40.41 -25.33
CA GLY C 4225 -19.05 -40.08 -25.27
C GLY C 4225 -18.66 -39.51 -23.91
N GLY C 4226 -17.47 -39.90 -23.46
CA GLY C 4226 -16.95 -39.42 -22.20
C GLY C 4226 -16.28 -38.05 -22.34
N GLU C 4227 -15.85 -37.52 -21.19
CA GLU C 4227 -15.13 -36.26 -21.18
C GLU C 4227 -13.78 -36.40 -21.89
N ALA C 4228 -13.09 -37.51 -21.66
CA ALA C 4228 -11.84 -37.78 -22.35
C ALA C 4228 -12.11 -38.18 -23.80
N GLU C 4229 -11.04 -38.16 -24.61
CA GLU C 4229 -10.95 -38.60 -26.01
C GLU C 4229 -11.98 -37.94 -26.92
N LYS C 4230 -12.57 -36.82 -26.48
CA LYS C 4230 -13.53 -36.10 -27.32
C LYS C 4230 -12.85 -35.49 -28.53
N MET C 4231 -11.61 -35.02 -28.37
CA MET C 4231 -10.90 -34.39 -29.47
C MET C 4231 -10.53 -35.40 -30.55
N GLU C 4232 -10.26 -36.66 -30.18
CA GLU C 4232 -9.98 -37.69 -31.18
C GLU C 4232 -11.20 -37.96 -32.04
N LEU C 4233 -12.37 -38.05 -31.41
CA LEU C 4233 -13.62 -38.23 -32.16
C LEU C 4233 -13.93 -37.01 -33.01
N PHE C 4234 -13.62 -35.80 -32.51
CA PHE C 4234 -13.82 -34.60 -33.31
C PHE C 4234 -12.94 -34.59 -34.56
N VAL C 4235 -11.66 -34.99 -34.40
CA VAL C 4235 -10.77 -35.04 -35.55
C VAL C 4235 -11.21 -36.13 -36.53
N SER C 4236 -11.69 -37.27 -36.02
CA SER C 4236 -12.20 -38.31 -36.90
C SER C 4236 -13.43 -37.84 -37.68
N PHE C 4237 -14.34 -37.13 -37.01
CA PHE C 4237 -15.51 -36.59 -37.69
C PHE C 4237 -15.11 -35.54 -38.72
N CYS C 4238 -14.11 -34.71 -38.41
CA CYS C 4238 -13.63 -33.74 -39.38
C CYS C 4238 -13.02 -34.42 -40.61
N GLU C 4239 -12.24 -35.48 -40.40
CA GLU C 4239 -11.66 -36.21 -41.52
C GLU C 4239 -12.74 -36.87 -42.37
N ASP C 4240 -13.78 -37.42 -41.72
CA ASP C 4240 -14.90 -38.00 -42.46
C ASP C 4240 -15.63 -36.93 -43.26
N THR C 4241 -15.76 -35.73 -42.70
CA THR C 4241 -16.41 -34.64 -43.42
C THR C 4241 -15.58 -34.20 -44.63
N ILE C 4242 -14.25 -34.16 -44.47
CA ILE C 4242 -13.37 -33.84 -45.60
C ILE C 4242 -13.51 -34.89 -46.69
N PHE C 4243 -13.55 -36.17 -46.31
CA PHE C 4243 -13.70 -37.23 -47.31
C PHE C 4243 -15.06 -37.16 -48.02
N GLU C 4244 -16.12 -36.84 -47.27
CA GLU C 4244 -17.43 -36.68 -47.90
C GLU C 4244 -17.44 -35.50 -48.87
N MET C 4245 -16.79 -34.40 -48.50
CA MET C 4245 -16.69 -33.26 -49.41
C MET C 4245 -15.91 -33.62 -50.66
N GLN C 4246 -14.83 -34.40 -50.52
CA GLN C 4246 -14.06 -34.84 -51.69
C GLN C 4246 -14.90 -35.72 -52.60
N ILE C 4247 -15.66 -36.66 -52.01
CA ILE C 4247 -16.52 -37.53 -52.82
C ILE C 4247 -17.59 -36.70 -53.54
N ALA C 4248 -18.21 -35.76 -52.83
CA ALA C 4248 -19.21 -34.90 -53.46
C ALA C 4248 -18.60 -34.02 -54.54
N ALA C 4249 -17.32 -33.68 -54.41
CA ALA C 4249 -16.65 -32.91 -55.46
C ALA C 4249 -16.38 -33.75 -56.70
N GLN C 4250 -15.98 -35.01 -56.50
CA GLN C 4250 -15.73 -35.87 -57.65
C GLN C 4250 -17.01 -36.30 -58.36
N ILE C 4251 -18.11 -36.49 -57.62
CA ILE C 4251 -19.39 -36.80 -58.27
C ILE C 4251 -20.05 -35.56 -58.84
N SER C 4252 -19.59 -34.37 -58.46
CA SER C 4252 -20.15 -33.13 -58.99
C SER C 4252 -19.86 -33.00 -60.48
N GLU C 4253 -20.84 -32.50 -61.22
CA GLU C 4253 -20.70 -32.34 -62.66
C GLU C 4253 -21.15 -30.94 -63.10
N PHE C 4540 -15.69 -45.71 -80.25
CA PHE C 4540 -14.48 -45.22 -79.59
C PHE C 4540 -14.45 -45.66 -78.13
N TRP C 4541 -13.28 -46.12 -77.69
CA TRP C 4541 -13.12 -46.56 -76.30
C TRP C 4541 -13.22 -45.38 -75.34
N GLY C 4542 -12.63 -44.24 -75.71
CA GLY C 4542 -12.69 -43.07 -74.83
C GLY C 4542 -14.09 -42.51 -74.69
N GLU C 4543 -14.85 -42.48 -75.79
CA GLU C 4543 -16.24 -42.02 -75.72
C GLU C 4543 -17.09 -42.94 -74.86
N LEU C 4544 -16.91 -44.26 -75.00
CA LEU C 4544 -17.64 -45.19 -74.15
C LEU C 4544 -17.25 -45.04 -72.69
N GLU C 4545 -15.96 -44.83 -72.42
CA GLU C 4545 -15.51 -44.64 -71.04
C GLU C 4545 -16.10 -43.37 -70.43
N VAL C 4546 -16.12 -42.27 -71.19
CA VAL C 4546 -16.66 -41.04 -70.66
C VAL C 4546 -18.18 -41.13 -70.51
N GLN C 4547 -18.85 -41.90 -71.37
CA GLN C 4547 -20.29 -42.12 -71.19
C GLN C 4547 -20.57 -42.95 -69.94
N ARG C 4548 -19.74 -43.96 -69.68
CA ARG C 4548 -19.88 -44.75 -68.46
C ARG C 4548 -19.63 -43.90 -67.23
N VAL C 4549 -18.62 -43.03 -67.28
CA VAL C 4549 -18.34 -42.13 -66.16
C VAL C 4549 -19.50 -41.18 -65.92
N LYS C 4550 -20.06 -40.61 -67.00
CA LYS C 4550 -21.20 -39.71 -66.86
C LYS C 4550 -22.43 -40.44 -66.30
N PHE C 4551 -22.67 -41.67 -66.75
CA PHE C 4551 -23.80 -42.44 -66.24
C PHE C 4551 -23.62 -42.78 -64.76
N LEU C 4552 -22.39 -43.15 -64.37
CA LEU C 4552 -22.12 -43.42 -62.96
C LEU C 4552 -22.30 -42.17 -62.10
N ASN C 4553 -21.85 -41.02 -62.61
CA ASN C 4553 -22.03 -39.77 -61.86
C ASN C 4553 -23.50 -39.40 -61.74
N TYR C 4554 -24.27 -39.61 -62.81
CA TYR C 4554 -25.71 -39.35 -62.75
C TYR C 4554 -26.41 -40.27 -61.77
N LEU C 4555 -26.03 -41.56 -61.75
CA LEU C 4555 -26.60 -42.49 -60.79
C LEU C 4555 -26.23 -42.14 -59.36
N SER C 4556 -25.00 -41.69 -59.14
CA SER C 4556 -24.56 -41.32 -57.80
C SER C 4556 -25.25 -40.04 -57.32
N ARG C 4557 -25.49 -39.09 -58.23
CA ARG C 4557 -26.09 -37.82 -57.85
C ARG C 4557 -27.52 -37.99 -57.37
N ASN C 4558 -28.31 -38.81 -58.06
CA ASN C 4558 -29.70 -39.06 -57.70
C ASN C 4558 -29.81 -40.47 -57.15
N PHE C 4559 -29.89 -40.59 -55.83
CA PHE C 4559 -29.97 -41.90 -55.17
C PHE C 4559 -31.27 -42.08 -54.39
N TYR C 4560 -31.69 -41.08 -53.61
CA TYR C 4560 -32.90 -41.21 -52.80
C TYR C 4560 -34.16 -41.01 -53.63
N THR C 4561 -34.08 -40.26 -54.73
CA THR C 4561 -35.24 -40.12 -55.61
C THR C 4561 -35.58 -41.44 -56.27
N LEU C 4562 -34.57 -42.21 -56.67
CA LEU C 4562 -34.81 -43.54 -57.19
C LEU C 4562 -35.35 -44.47 -56.11
N ARG C 4563 -34.96 -44.26 -54.86
CA ARG C 4563 -35.48 -45.06 -53.75
C ARG C 4563 -36.97 -44.79 -53.56
N PHE C 4564 -37.37 -43.51 -53.61
CA PHE C 4564 -38.78 -43.16 -53.53
C PHE C 4564 -39.55 -43.66 -54.74
N LEU C 4565 -38.91 -43.65 -55.92
CA LEU C 4565 -39.53 -44.21 -57.11
C LEU C 4565 -39.76 -45.72 -56.95
N ALA C 4566 -38.81 -46.41 -56.32
CA ALA C 4566 -38.99 -47.83 -56.04
C ALA C 4566 -40.13 -48.07 -55.07
N LEU C 4567 -40.27 -47.20 -54.07
CA LEU C 4567 -41.43 -47.28 -53.18
C LEU C 4567 -42.74 -47.06 -53.92
N PHE C 4568 -42.77 -46.08 -54.83
CA PHE C 4568 -43.97 -45.84 -55.63
C PHE C 4568 -44.30 -47.04 -56.51
N LEU C 4569 -43.28 -47.64 -57.11
CA LEU C 4569 -43.48 -48.84 -57.93
C LEU C 4569 -44.02 -49.99 -57.08
N ALA C 4570 -43.49 -50.17 -55.87
CA ALA C 4570 -43.98 -51.22 -54.99
C ALA C 4570 -45.43 -50.98 -54.60
N PHE C 4571 -45.78 -49.73 -54.30
CA PHE C 4571 -47.17 -49.41 -53.96
C PHE C 4571 -48.11 -49.68 -55.14
N ALA C 4572 -47.68 -49.31 -56.36
CA ALA C 4572 -48.50 -49.56 -57.54
C ALA C 4572 -48.64 -51.05 -57.80
N ILE C 4573 -47.57 -51.81 -57.60
CA ILE C 4573 -47.62 -53.27 -57.77
C ILE C 4573 -48.59 -53.89 -56.78
N ASN C 4574 -48.54 -53.44 -55.52
CA ASN C 4574 -49.46 -53.96 -54.51
C ASN C 4574 -50.91 -53.59 -54.84
N PHE C 4575 -51.13 -52.36 -55.31
CA PHE C 4575 -52.48 -51.92 -55.65
C PHE C 4575 -53.06 -52.72 -56.81
N ILE C 4576 -52.23 -53.03 -57.82
CA ILE C 4576 -52.70 -53.84 -58.93
C ILE C 4576 -52.91 -55.29 -58.47
N LEU C 4577 -52.01 -55.81 -57.65
CA LEU C 4577 -52.10 -57.19 -57.16
C LEU C 4577 -53.21 -57.38 -56.14
N LEU C 4578 -53.83 -56.29 -55.67
CA LEU C 4578 -55.00 -56.41 -54.79
C LEU C 4578 -56.13 -57.17 -55.47
N PHE C 4579 -56.37 -56.91 -56.76
CA PHE C 4579 -57.38 -57.63 -57.52
C PHE C 4579 -56.78 -58.95 -57.98
N TYR C 4580 -57.08 -60.02 -57.25
CA TYR C 4580 -56.51 -61.34 -57.54
C TYR C 4580 -57.41 -62.39 -56.93
N LYS C 4581 -57.94 -63.30 -57.76
CA LYS C 4581 -58.90 -64.29 -57.33
C LYS C 4581 -58.43 -65.70 -57.65
N VAL C 4582 -59.12 -66.68 -57.07
CA VAL C 4582 -58.86 -68.09 -57.30
C VAL C 4582 -60.16 -68.77 -57.70
N SER C 4583 -60.08 -69.69 -58.65
CA SER C 4583 -61.26 -70.40 -59.14
C SER C 4583 -60.93 -71.87 -59.34
N ASP C 4584 -61.97 -72.69 -59.33
CA ASP C 4584 -61.80 -74.13 -59.50
C ASP C 4584 -61.77 -74.53 -60.97
N SER C 4585 -62.36 -73.69 -61.84
CA SER C 4585 -62.35 -73.96 -63.30
C SER C 4585 -61.56 -72.86 -64.00
N PRO C 4586 -60.83 -73.15 -65.10
CA PRO C 4586 -60.00 -72.15 -65.77
C PRO C 4586 -60.90 -71.04 -66.33
N PRO C 4587 -60.48 -69.75 -66.31
CA PRO C 4587 -61.33 -68.65 -66.74
C PRO C 4587 -61.70 -68.78 -68.22
N GLY C 4588 -62.95 -68.44 -68.57
CA GLY C 4588 -63.41 -68.53 -69.97
C GLY C 4588 -63.10 -69.92 -70.53
N ASN C 4626 -55.08 -78.33 -60.49
CA ASN C 4626 -56.46 -78.27 -60.02
C ASN C 4626 -57.00 -76.85 -60.09
N MET C 4627 -56.97 -76.14 -58.96
CA MET C 4627 -57.45 -74.77 -58.91
C MET C 4627 -56.48 -73.84 -59.62
N VAL C 4628 -57.03 -72.78 -60.23
CA VAL C 4628 -56.19 -71.79 -60.95
C VAL C 4628 -56.37 -70.42 -60.30
N TYR C 4629 -55.32 -69.60 -60.30
CA TYR C 4629 -55.41 -68.22 -59.74
C TYR C 4629 -55.35 -67.22 -60.90
N TYR C 4630 -56.30 -66.28 -60.93
CA TYR C 4630 -56.30 -65.24 -61.98
C TYR C 4630 -56.73 -63.91 -61.37
N PHE C 4631 -57.14 -62.95 -62.20
CA PHE C 4631 -57.61 -61.66 -61.69
C PHE C 4631 -58.90 -61.27 -62.39
N LEU C 4632 -59.96 -61.11 -61.61
CA LEU C 4632 -61.24 -60.60 -62.12
C LEU C 4632 -61.22 -59.07 -62.08
N GLU C 4633 -60.36 -58.51 -62.93
CA GLU C 4633 -60.10 -57.07 -62.93
C GLU C 4633 -61.19 -56.28 -63.64
N GLU C 4634 -62.00 -56.93 -64.47
CA GLU C 4634 -63.08 -56.35 -65.28
C GLU C 4634 -62.56 -55.47 -66.42
N SER C 4635 -61.34 -54.94 -66.30
CA SER C 4635 -60.71 -54.18 -67.37
C SER C 4635 -59.76 -55.11 -68.11
N THR C 4636 -60.20 -55.66 -69.24
CA THR C 4636 -59.45 -56.70 -69.92
C THR C 4636 -58.20 -56.13 -70.58
N GLY C 4637 -57.07 -56.80 -70.35
CA GLY C 4637 -55.84 -56.52 -71.07
C GLY C 4637 -55.05 -55.33 -70.60
N TYR C 4638 -55.42 -54.71 -69.48
CA TYR C 4638 -54.71 -53.51 -69.04
C TYR C 4638 -53.75 -53.76 -67.87
N MET C 4639 -54.20 -54.50 -66.85
CA MET C 4639 -53.46 -54.54 -65.59
C MET C 4639 -52.29 -55.52 -65.60
N GLU C 4640 -52.49 -56.65 -66.30
CA GLU C 4640 -51.43 -57.69 -66.41
C GLU C 4640 -50.29 -57.11 -67.24
N PRO C 4641 -50.55 -56.43 -68.37
CA PRO C 4641 -49.48 -55.78 -69.13
C PRO C 4641 -48.85 -54.72 -68.23
N ALA C 4642 -49.67 -53.99 -67.47
CA ALA C 4642 -49.16 -52.91 -66.58
C ALA C 4642 -48.23 -53.50 -65.51
N LEU C 4643 -48.67 -54.51 -64.77
CA LEU C 4643 -47.89 -55.05 -63.67
C LEU C 4643 -46.62 -55.72 -64.17
N TRP C 4644 -46.52 -55.91 -65.49
CA TRP C 4644 -45.29 -56.48 -66.03
C TRP C 4644 -44.31 -55.37 -66.36
N CYS C 4645 -44.82 -54.25 -66.88
CA CYS C 4645 -44.00 -53.05 -67.00
C CYS C 4645 -43.50 -52.59 -65.64
N LEU C 4646 -44.37 -52.63 -64.62
CA LEU C 4646 -43.94 -52.25 -63.27
C LEU C 4646 -42.95 -53.24 -62.68
N SER C 4647 -43.10 -54.54 -62.98
CA SER C 4647 -42.11 -55.51 -62.50
C SER C 4647 -40.73 -55.25 -63.12
N LEU C 4648 -40.70 -55.03 -64.44
CA LEU C 4648 -39.42 -54.75 -65.10
C LEU C 4648 -38.82 -53.43 -64.59
N LEU C 4649 -39.66 -52.41 -64.40
CA LEU C 4649 -39.19 -51.14 -63.89
C LEU C 4649 -38.66 -51.27 -62.46
N HIS C 4650 -39.33 -52.07 -61.63
CA HIS C 4650 -38.87 -52.27 -60.26
C HIS C 4650 -37.51 -52.98 -60.25
N THR C 4651 -37.34 -54.00 -61.10
CA THR C 4651 -36.05 -54.67 -61.20
C THR C 4651 -34.96 -53.71 -61.66
N LEU C 4652 -35.26 -52.88 -62.67
CA LEU C 4652 -34.27 -51.93 -63.17
C LEU C 4652 -33.91 -50.89 -62.12
N VAL C 4653 -34.89 -50.37 -61.39
CA VAL C 4653 -34.62 -49.38 -60.35
C VAL C 4653 -33.82 -50.00 -59.21
N ALA C 4654 -34.12 -51.25 -58.85
CA ALA C 4654 -33.34 -51.92 -57.82
C ALA C 4654 -31.89 -52.10 -58.23
N PHE C 4655 -31.67 -52.46 -59.51
CA PHE C 4655 -30.31 -52.58 -60.01
C PHE C 4655 -29.59 -51.24 -60.00
N LEU C 4656 -30.28 -50.17 -60.42
CA LEU C 4656 -29.67 -48.85 -60.43
C LEU C 4656 -29.34 -48.37 -59.02
N CYS C 4657 -30.21 -48.64 -58.06
CA CYS C 4657 -29.94 -48.24 -56.68
C CYS C 4657 -28.78 -49.03 -56.08
N ILE C 4658 -28.68 -50.33 -56.39
CA ILE C 4658 -27.56 -51.09 -55.85
C ILE C 4658 -26.25 -50.63 -56.50
N ILE C 4659 -26.29 -50.24 -57.78
CA ILE C 4659 -25.10 -49.69 -58.43
C ILE C 4659 -24.72 -48.35 -57.80
N GLY C 4660 -25.71 -47.49 -57.54
CA GLY C 4660 -25.44 -46.21 -56.93
C GLY C 4660 -24.88 -46.32 -55.54
N TYR C 4661 -25.39 -47.28 -54.75
CA TYR C 4661 -24.82 -47.55 -53.44
C TYR C 4661 -23.40 -48.08 -53.55
N ASN C 4662 -23.14 -48.94 -54.55
CA ASN C 4662 -21.80 -49.49 -54.73
C ASN C 4662 -20.78 -48.40 -55.05
N CYS C 4663 -21.15 -47.46 -55.92
CA CYS C 4663 -20.23 -46.39 -56.31
C CYS C 4663 -20.25 -45.21 -55.35
N LEU C 4664 -21.23 -45.12 -54.45
CA LEU C 4664 -21.45 -43.90 -53.69
C LEU C 4664 -20.87 -43.97 -52.28
N LYS C 4665 -21.26 -44.96 -51.48
CA LYS C 4665 -20.96 -44.96 -50.06
C LYS C 4665 -19.89 -45.97 -49.64
N VAL C 4666 -19.59 -46.92 -50.54
CA VAL C 4666 -18.51 -47.91 -50.26
C VAL C 4666 -17.16 -47.18 -50.18
N PRO C 4667 -16.96 -46.01 -50.82
CA PRO C 4667 -15.71 -45.27 -50.68
C PRO C 4667 -15.43 -44.86 -49.23
N LEU C 4668 -16.47 -44.43 -48.49
CA LEU C 4668 -16.27 -43.96 -47.11
C LEU C 4668 -15.87 -45.12 -46.19
N VAL C 4669 -16.56 -46.26 -46.25
CA VAL C 4669 -16.20 -47.32 -45.31
C VAL C 4669 -14.82 -47.88 -45.62
N ILE C 4670 -14.41 -47.90 -46.90
CA ILE C 4670 -13.05 -48.31 -47.23
C ILE C 4670 -12.05 -47.33 -46.65
N PHE C 4671 -12.31 -46.02 -46.79
CA PHE C 4671 -11.41 -45.01 -46.24
C PHE C 4671 -11.33 -45.10 -44.72
N LYS C 4672 -12.48 -45.30 -44.06
CA LYS C 4672 -12.47 -45.40 -42.60
C LYS C 4672 -11.71 -46.63 -42.13
N ARG C 4673 -11.91 -47.77 -42.80
CA ARG C 4673 -11.20 -48.99 -42.42
C ARG C 4673 -9.70 -48.85 -42.64
N GLU C 4674 -9.30 -48.26 -43.78
CA GLU C 4674 -7.87 -48.07 -44.05
C GLU C 4674 -7.25 -47.10 -43.06
N LYS C 4675 -7.95 -46.03 -42.71
CA LYS C 4675 -7.44 -45.07 -41.75
C LYS C 4675 -7.29 -45.69 -40.37
N GLU C 4676 -8.29 -46.47 -39.93
CA GLU C 4676 -8.23 -47.11 -38.64
C GLU C 4676 -7.08 -48.13 -38.58
N LEU C 4677 -6.92 -48.92 -39.65
CA LEU C 4677 -5.84 -49.89 -39.68
C LEU C 4677 -4.47 -49.21 -39.68
N ALA C 4678 -4.33 -48.12 -40.44
CA ALA C 4678 -3.07 -47.40 -40.48
C ALA C 4678 -2.73 -46.78 -39.13
N ARG C 4679 -3.72 -46.19 -38.44
CA ARG C 4679 -3.46 -45.61 -37.13
C ARG C 4679 -3.14 -46.67 -36.10
N LYS C 4680 -3.83 -47.82 -36.16
CA LYS C 4680 -3.52 -48.92 -35.23
C LYS C 4680 -2.12 -49.46 -35.47
N LEU C 4681 -1.71 -49.58 -36.74
CA LEU C 4681 -0.36 -50.04 -37.03
C LEU C 4681 0.69 -49.04 -36.59
N GLU C 4682 0.44 -47.75 -36.81
CA GLU C 4682 1.47 -46.75 -36.52
C GLU C 4682 1.61 -46.49 -35.02
N PHE C 4683 0.49 -46.35 -34.30
CA PHE C 4683 0.52 -45.91 -32.92
C PHE C 4683 0.27 -47.01 -31.90
N ASP C 4684 -0.53 -48.02 -32.24
CA ASP C 4684 -0.86 -49.06 -31.28
C ASP C 4684 -0.01 -50.32 -31.43
N GLY C 4685 0.60 -50.54 -32.59
CA GLY C 4685 1.40 -51.72 -32.82
C GLY C 4685 0.61 -53.01 -32.74
N LEU C 4686 -0.54 -53.04 -33.42
CA LEU C 4686 -1.43 -54.21 -33.35
C LEU C 4686 -0.78 -55.44 -33.96
N TYR C 4687 0.02 -55.26 -35.01
CA TYR C 4687 0.72 -56.36 -35.65
C TYR C 4687 2.23 -56.33 -35.46
N ILE C 4688 2.77 -55.23 -34.94
CA ILE C 4688 4.21 -55.08 -34.79
C ILE C 4688 4.65 -55.64 -33.43
N THR C 4689 4.13 -55.07 -32.35
CA THR C 4689 4.55 -55.46 -31.00
C THR C 4689 3.72 -56.64 -30.48
N GLU C 4690 2.40 -56.50 -30.47
CA GLU C 4690 1.52 -57.54 -29.98
C GLU C 4690 0.87 -58.27 -31.17
N GLN C 4691 -0.02 -59.19 -30.86
CA GLN C 4691 -0.75 -59.95 -31.85
C GLN C 4691 -2.21 -60.09 -31.41
N PRO C 4692 -3.14 -60.17 -32.36
CA PRO C 4692 -4.54 -60.42 -31.99
C PRO C 4692 -4.74 -61.85 -31.47
N GLY C 4693 -5.16 -61.98 -30.22
CA GLY C 4693 -5.26 -63.28 -29.58
C GLY C 4693 -6.34 -64.18 -30.14
N ASP C 4694 -7.60 -63.76 -30.02
CA ASP C 4694 -8.72 -64.55 -30.60
C ASP C 4694 -9.98 -63.68 -30.64
N ASP C 4695 -11.07 -64.18 -31.21
CA ASP C 4695 -12.37 -63.44 -31.23
C ASP C 4695 -12.16 -62.07 -31.89
N ASP C 4696 -11.35 -62.00 -32.95
CA ASP C 4696 -11.12 -60.72 -33.67
C ASP C 4696 -11.13 -61.00 -35.17
N VAL C 4697 -12.29 -61.35 -35.72
CA VAL C 4697 -12.39 -61.66 -37.15
C VAL C 4697 -11.76 -60.56 -37.99
N LYS C 4698 -11.94 -59.30 -37.56
CA LYS C 4698 -11.35 -58.18 -38.29
C LYS C 4698 -9.83 -58.23 -38.27
N GLY C 4699 -9.25 -58.64 -37.14
CA GLY C 4699 -7.79 -58.75 -37.07
C GLY C 4699 -7.23 -59.78 -38.00
N GLN C 4700 -7.92 -60.92 -38.15
CA GLN C 4700 -7.47 -61.94 -39.08
C GLN C 4700 -7.71 -61.52 -40.53
N TRP C 4701 -8.82 -60.81 -40.78
CA TRP C 4701 -9.13 -60.37 -42.14
C TRP C 4701 -8.26 -59.22 -42.61
N ASP C 4702 -7.69 -58.44 -41.69
CA ASP C 4702 -6.83 -57.33 -42.07
C ASP C 4702 -5.41 -57.77 -42.39
N ARG C 4703 -5.05 -59.03 -42.16
CA ARG C 4703 -3.72 -59.50 -42.48
C ARG C 4703 -3.49 -59.65 -43.98
N LEU C 4704 -4.55 -59.78 -44.77
CA LEU C 4704 -4.39 -60.00 -46.20
C LEU C 4704 -3.99 -58.72 -46.92
N VAL C 4705 -4.42 -57.55 -46.43
CA VAL C 4705 -4.15 -56.30 -47.12
C VAL C 4705 -2.78 -55.74 -46.76
N LEU C 4706 -2.17 -56.22 -45.67
CA LEU C 4706 -0.87 -55.70 -45.25
C LEU C 4706 0.23 -56.03 -46.25
N ASN C 4707 0.21 -57.24 -46.80
CA ASN C 4707 1.22 -57.66 -47.76
C ASN C 4707 0.98 -57.11 -49.17
N THR C 4708 -0.20 -56.56 -49.44
CA THR C 4708 -0.48 -56.02 -50.76
C THR C 4708 0.25 -54.70 -50.96
N PRO C 4709 0.86 -54.48 -52.13
CA PRO C 4709 1.50 -53.19 -52.41
C PRO C 4709 0.52 -52.04 -52.53
N SER C 4710 -0.77 -52.31 -52.72
CA SER C 4710 -1.79 -51.29 -52.89
C SER C 4710 -2.53 -50.99 -51.59
N PHE C 4711 -1.83 -51.05 -50.46
CA PHE C 4711 -2.46 -50.75 -49.17
C PHE C 4711 -2.99 -49.32 -49.08
N PRO C 4712 -2.21 -48.24 -49.37
CA PRO C 4712 -2.81 -46.90 -49.30
C PRO C 4712 -3.52 -46.55 -50.61
N SER C 4713 -4.85 -46.54 -50.56
CA SER C 4713 -5.66 -46.19 -51.71
C SER C 4713 -6.54 -44.98 -51.45
N ASN C 4714 -7.27 -44.96 -50.33
CA ASN C 4714 -8.12 -43.83 -49.97
C ASN C 4714 -7.51 -42.94 -48.91
N TYR C 4715 -6.64 -43.48 -48.06
CA TYR C 4715 -6.02 -42.69 -47.01
C TYR C 4715 -5.01 -41.72 -47.60
N TRP C 4716 -4.93 -40.52 -47.00
CA TRP C 4716 -4.12 -39.45 -47.59
C TRP C 4716 -2.63 -39.73 -47.46
N ASP C 4717 -2.20 -40.28 -46.33
CA ASP C 4717 -0.78 -40.54 -46.10
C ASP C 4717 -0.35 -41.81 -46.82
N LYS C 4718 0.62 -41.68 -47.73
CA LYS C 4718 1.17 -42.81 -48.46
C LYS C 4718 2.49 -43.29 -47.87
N PHE C 4719 2.94 -42.72 -46.75
CA PHE C 4719 4.22 -43.07 -46.16
C PHE C 4719 4.08 -43.71 -44.78
N VAL C 4720 2.94 -44.35 -44.51
CA VAL C 4720 2.71 -44.97 -43.21
C VAL C 4720 3.66 -46.15 -43.00
N LYS C 4721 3.94 -46.92 -44.05
CA LYS C 4721 4.85 -48.06 -43.93
C LYS C 4721 6.26 -47.61 -43.58
N ARG C 4722 6.73 -46.53 -44.20
CA ARG C 4722 8.06 -46.00 -43.86
C ARG C 4722 8.10 -45.47 -42.44
N LYS C 4723 7.02 -44.84 -41.98
CA LYS C 4723 6.97 -44.35 -40.61
C LYS C 4723 7.02 -45.50 -39.60
N VAL C 4724 6.27 -46.58 -39.88
CA VAL C 4724 6.30 -47.74 -39.00
C VAL C 4724 7.69 -48.39 -39.01
N LEU C 4725 8.31 -48.49 -40.19
CA LEU C 4725 9.64 -49.07 -40.29
C LEU C 4725 10.67 -48.25 -39.53
N ASP C 4726 10.58 -46.92 -39.61
CA ASP C 4726 11.52 -46.08 -38.88
C ASP C 4726 11.24 -46.09 -37.38
N LYS C 4727 9.98 -46.24 -36.97
CA LYS C 4727 9.64 -46.25 -35.55
C LYS C 4727 10.08 -47.55 -34.89
N HIS C 4728 9.82 -48.69 -35.54
CA HIS C 4728 10.08 -50.00 -34.95
C HIS C 4728 11.28 -50.70 -35.59
N GLY C 4729 12.19 -49.94 -36.19
CA GLY C 4729 13.36 -50.53 -36.80
C GLY C 4729 14.47 -50.90 -35.84
N ASP C 4730 14.49 -50.29 -34.64
CA ASP C 4730 15.54 -50.55 -33.66
C ASP C 4730 15.13 -51.62 -32.66
N ILE C 4731 13.92 -51.51 -32.10
CA ILE C 4731 13.45 -52.50 -31.12
C ILE C 4731 13.25 -53.85 -31.77
N PHE C 4732 12.60 -53.87 -32.93
CA PHE C 4732 12.38 -55.09 -33.69
C PHE C 4732 13.30 -55.11 -34.91
N GLY C 4733 13.46 -56.29 -35.50
CA GLY C 4733 14.32 -56.43 -36.66
C GLY C 4733 13.79 -55.67 -37.85
N ARG C 4734 14.66 -54.93 -38.54
CA ARG C 4734 14.24 -54.17 -39.71
C ARG C 4734 13.75 -55.07 -40.83
N GLU C 4735 14.43 -56.21 -41.03
CA GLU C 4735 14.03 -57.14 -42.09
C GLU C 4735 12.66 -57.76 -41.81
N ARG C 4736 12.39 -58.13 -40.55
CA ARG C 4736 11.11 -58.76 -40.24
C ARG C 4736 9.94 -57.79 -40.41
N ILE C 4737 10.08 -56.57 -39.91
CA ILE C 4737 9.02 -55.58 -40.04
C ILE C 4737 8.85 -55.18 -41.51
N ALA C 4738 9.95 -55.08 -42.25
CA ALA C 4738 9.86 -54.77 -43.67
C ALA C 4738 9.14 -55.88 -44.44
N GLU C 4739 9.46 -57.14 -44.15
CA GLU C 4739 8.85 -58.26 -44.85
C GLU C 4739 7.37 -58.39 -44.49
N LEU C 4740 7.02 -58.13 -43.23
CA LEU C 4740 5.63 -58.25 -42.80
C LEU C 4740 4.73 -57.24 -43.49
N LEU C 4741 5.28 -56.08 -43.88
CA LEU C 4741 4.51 -55.04 -44.56
C LEU C 4741 4.86 -54.95 -46.04
N GLY C 4742 5.11 -56.08 -46.69
CA GLY C 4742 5.44 -56.07 -48.11
C GLY C 4742 6.82 -55.48 -48.35
N MET C 4743 6.86 -54.35 -49.06
CA MET C 4743 8.05 -53.52 -49.23
C MET C 4743 9.24 -54.32 -49.77
N ASP C 4744 9.03 -54.94 -50.93
CA ASP C 4744 10.07 -55.73 -51.56
C ASP C 4744 11.22 -54.83 -52.02
N LEU C 4745 12.44 -55.36 -51.91
CA LEU C 4745 13.68 -54.65 -52.25
C LEU C 4745 13.78 -53.32 -51.51
N ALA C 4746 13.81 -53.44 -50.17
CA ALA C 4746 13.93 -52.25 -49.32
C ALA C 4746 15.26 -51.53 -49.53
N SER C 4747 16.33 -52.30 -49.79
CA SER C 4747 17.62 -51.68 -50.10
C SER C 4747 17.56 -50.92 -51.42
N LEU C 4748 16.85 -51.46 -52.41
CA LEU C 4748 16.70 -50.78 -53.70
C LEU C 4748 15.75 -49.59 -53.61
N GLU C 4749 14.94 -49.51 -52.56
CA GLU C 4749 14.06 -48.35 -52.39
C GLU C 4749 14.87 -47.08 -52.13
N ILE C 4750 16.01 -47.22 -51.46
CA ILE C 4750 16.88 -46.08 -51.20
C ILE C 4750 17.45 -45.56 -52.52
N THR C 4751 17.44 -44.23 -52.69
CA THR C 4751 17.82 -43.59 -53.93
C THR C 4751 19.33 -43.44 -54.10
N ALA C 4752 20.12 -44.13 -53.28
CA ALA C 4752 21.57 -44.04 -53.40
C ALA C 4752 22.12 -44.76 -54.61
N HIS C 4753 21.34 -45.68 -55.21
CA HIS C 4753 21.84 -46.47 -56.33
C HIS C 4753 21.83 -45.67 -57.62
N ASN C 4754 20.65 -45.23 -58.05
CA ASN C 4754 20.45 -44.48 -59.31
C ASN C 4754 21.02 -45.24 -60.50
N GLU C 4755 20.76 -46.55 -60.55
CA GLU C 4755 21.33 -47.38 -61.60
C GLU C 4755 20.67 -47.11 -62.95
N ARG C 4756 19.34 -47.06 -62.97
CA ARG C 4756 18.61 -46.89 -64.21
C ARG C 4756 17.24 -46.27 -63.94
N LYS C 4757 16.63 -45.74 -64.99
CA LYS C 4757 15.30 -45.17 -64.94
C LYS C 4757 14.31 -46.08 -65.63
N PRO C 4758 13.15 -46.34 -65.04
CA PRO C 4758 12.18 -47.25 -65.67
C PRO C 4758 11.53 -46.63 -66.89
N ASP C 4759 11.04 -47.51 -67.78
CA ASP C 4759 10.36 -47.13 -69.01
C ASP C 4759 8.86 -47.34 -68.87
N PRO C 4760 8.05 -46.47 -69.47
CA PRO C 4760 6.59 -46.62 -69.35
C PRO C 4760 6.08 -47.78 -70.19
N PRO C 4761 5.21 -48.61 -69.62
CA PRO C 4761 4.64 -49.72 -70.38
C PRO C 4761 3.55 -49.24 -71.32
N PRO C 4762 3.27 -49.98 -72.39
CA PRO C 4762 2.15 -49.60 -73.28
C PRO C 4762 0.82 -50.11 -72.74
N GLY C 4763 -0.13 -49.21 -72.56
CA GLY C 4763 -1.38 -49.54 -71.91
C GLY C 4763 -2.37 -50.31 -72.77
N LEU C 4764 -1.95 -51.46 -73.29
CA LEU C 4764 -2.83 -52.39 -74.00
C LEU C 4764 -2.76 -53.73 -73.29
N LEU C 4765 -3.91 -54.22 -72.83
CA LEU C 4765 -4.10 -55.48 -72.11
C LEU C 4765 -3.46 -55.46 -70.72
N THR C 4766 -2.75 -54.39 -70.36
CA THR C 4766 -2.07 -54.29 -69.07
C THR C 4766 -3.06 -54.24 -67.90
N TRP C 4767 -4.31 -53.81 -68.15
CA TRP C 4767 -5.29 -53.69 -67.09
C TRP C 4767 -5.62 -55.03 -66.44
N LEU C 4768 -5.49 -56.13 -67.19
CA LEU C 4768 -5.74 -57.45 -66.63
C LEU C 4768 -4.69 -57.82 -65.58
N MET C 4769 -3.43 -57.44 -65.83
CA MET C 4769 -2.36 -57.77 -64.88
C MET C 4769 -2.22 -56.73 -63.78
N SER C 4770 -2.68 -55.50 -64.02
CA SER C 4770 -2.47 -54.41 -63.06
C SER C 4770 -3.35 -54.51 -61.83
N ILE C 4771 -4.37 -55.37 -61.84
CA ILE C 4771 -5.24 -55.52 -60.69
C ILE C 4771 -4.54 -56.37 -59.63
N ASP C 4772 -4.91 -56.15 -58.37
CA ASP C 4772 -4.39 -56.91 -57.24
C ASP C 4772 -5.51 -57.82 -56.74
N VAL C 4773 -5.32 -59.13 -56.92
CA VAL C 4773 -6.38 -60.09 -56.60
C VAL C 4773 -6.66 -60.11 -55.11
N LYS C 4774 -5.61 -60.11 -54.29
CA LYS C 4774 -5.77 -60.19 -52.84
C LYS C 4774 -6.44 -58.94 -52.29
N TYR C 4775 -6.06 -57.77 -52.80
CA TYR C 4775 -6.68 -56.52 -52.37
C TYR C 4775 -8.15 -56.45 -52.77
N GLN C 4776 -8.48 -56.92 -53.97
CA GLN C 4776 -9.87 -56.94 -54.40
C GLN C 4776 -10.69 -57.94 -53.57
N ILE C 4777 -10.09 -59.07 -53.19
CA ILE C 4777 -10.77 -60.03 -52.32
C ILE C 4777 -11.04 -59.41 -50.96
N TRP C 4778 -10.06 -58.70 -50.40
CA TRP C 4778 -10.25 -58.03 -49.12
C TRP C 4778 -11.33 -56.96 -49.20
N LYS C 4779 -11.33 -56.18 -50.29
CA LYS C 4779 -12.35 -55.15 -50.47
C LYS C 4779 -13.74 -55.76 -50.64
N PHE C 4780 -13.84 -56.87 -51.36
CA PHE C 4780 -15.12 -57.55 -51.52
C PHE C 4780 -15.62 -58.11 -50.20
N GLY C 4781 -14.70 -58.63 -49.37
CA GLY C 4781 -15.11 -59.08 -48.06
C GLY C 4781 -15.58 -57.95 -47.16
N VAL C 4782 -14.92 -56.79 -47.25
CA VAL C 4782 -15.35 -55.63 -46.48
C VAL C 4782 -16.73 -55.16 -46.94
N ILE C 4783 -16.97 -55.17 -48.25
CA ILE C 4783 -18.29 -54.81 -48.78
C ILE C 4783 -19.34 -55.81 -48.33
N PHE C 4784 -19.01 -57.11 -48.35
CA PHE C 4784 -19.93 -58.14 -47.87
C PHE C 4784 -20.17 -58.06 -46.37
N THR C 4785 -19.27 -57.40 -45.63
CA THR C 4785 -19.45 -57.26 -44.19
C THR C 4785 -20.51 -56.22 -43.84
N ASP C 4786 -20.70 -55.20 -44.68
CA ASP C 4786 -21.62 -54.12 -44.38
C ASP C 4786 -23.07 -54.61 -44.40
N ASN C 4787 -23.87 -54.07 -43.48
CA ASN C 4787 -25.26 -54.51 -43.34
C ASN C 4787 -26.14 -53.98 -44.48
N SER C 4788 -25.93 -52.72 -44.88
CA SER C 4788 -26.78 -52.14 -45.91
C SER C 4788 -26.55 -52.78 -47.27
N PHE C 4789 -25.32 -53.20 -47.57
CA PHE C 4789 -25.06 -53.92 -48.80
C PHE C 4789 -25.79 -55.25 -48.82
N LEU C 4790 -25.82 -55.96 -47.69
CA LEU C 4790 -26.57 -57.21 -47.60
C LEU C 4790 -28.07 -56.96 -47.72
N TYR C 4791 -28.55 -55.85 -47.15
CA TYR C 4791 -29.97 -55.50 -47.29
C TYR C 4791 -30.33 -55.23 -48.74
N LEU C 4792 -29.48 -54.49 -49.46
CA LEU C 4792 -29.77 -54.21 -50.87
C LEU C 4792 -29.64 -55.48 -51.72
N GLY C 4793 -28.70 -56.37 -51.38
CA GLY C 4793 -28.61 -57.64 -52.07
C GLY C 4793 -29.85 -58.50 -51.87
N TRP C 4794 -30.37 -58.53 -50.64
CA TRP C 4794 -31.60 -59.25 -50.37
C TRP C 4794 -32.78 -58.63 -51.10
N TYR C 4795 -32.82 -57.29 -51.18
CA TYR C 4795 -33.86 -56.60 -51.94
C TYR C 4795 -33.81 -56.98 -53.41
N MET C 4796 -32.60 -57.02 -53.99
CA MET C 4796 -32.47 -57.39 -55.39
C MET C 4796 -32.81 -58.85 -55.62
N VAL C 4797 -32.46 -59.72 -54.67
CA VAL C 4797 -32.81 -61.14 -54.78
C VAL C 4797 -34.32 -61.32 -54.76
N MET C 4798 -35.01 -60.63 -53.86
CA MET C 4798 -36.46 -60.72 -53.81
C MET C 4798 -37.11 -60.10 -55.05
N SER C 4799 -36.52 -59.02 -55.59
CA SER C 4799 -37.03 -58.44 -56.82
C SER C 4799 -36.89 -59.39 -58.00
N LEU C 4800 -35.77 -60.11 -58.08
CA LEU C 4800 -35.60 -61.10 -59.13
C LEU C 4800 -36.53 -62.29 -58.94
N LEU C 4801 -36.75 -62.72 -57.69
CA LEU C 4801 -37.67 -63.81 -57.42
C LEU C 4801 -39.12 -63.42 -57.67
N GLY C 4802 -39.44 -62.12 -57.63
CA GLY C 4802 -40.79 -61.68 -57.91
C GLY C 4802 -41.22 -61.88 -59.35
N HIS C 4803 -40.27 -62.03 -60.26
CA HIS C 4803 -40.62 -62.32 -61.66
C HIS C 4803 -41.29 -63.69 -61.78
N TYR C 4804 -40.84 -64.66 -60.99
CA TYR C 4804 -41.56 -65.92 -60.86
C TYR C 4804 -42.93 -65.62 -60.27
N ASN C 4805 -43.98 -66.18 -60.86
CA ASN C 4805 -45.34 -65.82 -60.51
C ASN C 4805 -45.68 -66.25 -59.10
N ASN C 4806 -45.52 -65.33 -58.15
CA ASN C 4806 -45.82 -65.56 -56.74
C ASN C 4806 -46.14 -64.22 -56.11
N PHE C 4807 -46.23 -64.18 -54.78
CA PHE C 4807 -46.50 -62.97 -54.02
C PHE C 4807 -45.26 -62.41 -53.33
N PHE C 4808 -44.09 -62.56 -53.97
CA PHE C 4808 -42.83 -62.10 -53.38
C PHE C 4808 -42.74 -60.59 -53.27
N PHE C 4809 -43.60 -59.84 -53.94
CA PHE C 4809 -43.56 -58.39 -53.90
C PHE C 4809 -44.23 -57.80 -52.66
N ALA C 4810 -44.85 -58.64 -51.82
CA ALA C 4810 -45.56 -58.11 -50.66
C ALA C 4810 -44.61 -57.66 -49.56
N ALA C 4811 -43.46 -58.32 -49.41
CA ALA C 4811 -42.54 -57.99 -48.33
C ALA C 4811 -41.84 -56.66 -48.55
N HIS C 4812 -41.75 -56.19 -49.80
CA HIS C 4812 -41.06 -54.94 -50.08
C HIS C 4812 -41.69 -53.76 -49.35
N LEU C 4813 -42.99 -53.82 -49.09
CA LEU C 4813 -43.65 -52.77 -48.31
C LEU C 4813 -43.05 -52.66 -46.91
N LEU C 4814 -42.77 -53.78 -46.27
CA LEU C 4814 -42.10 -53.74 -44.98
C LEU C 4814 -40.62 -53.45 -45.13
N ASP C 4815 -40.07 -53.70 -46.33
CA ASP C 4815 -38.66 -53.40 -46.55
C ASP C 4815 -38.42 -51.89 -46.57
N ILE C 4816 -39.35 -51.12 -47.13
CA ILE C 4816 -39.13 -49.70 -47.33
C ILE C 4816 -39.79 -48.85 -46.25
N ALA C 4817 -40.83 -49.36 -45.58
CA ALA C 4817 -41.54 -48.58 -44.57
C ALA C 4817 -40.67 -48.23 -43.37
N MET C 4818 -39.63 -49.03 -43.11
CA MET C 4818 -38.68 -48.68 -42.05
C MET C 4818 -37.87 -47.43 -42.38
N GLY C 4819 -37.77 -47.06 -43.66
CA GLY C 4819 -37.04 -45.87 -44.04
C GLY C 4819 -37.68 -44.58 -43.59
N VAL C 4820 -38.98 -44.61 -43.28
CA VAL C 4820 -39.67 -43.42 -42.78
C VAL C 4820 -39.12 -43.08 -41.39
N LYS C 4821 -38.79 -41.79 -41.20
CA LYS C 4821 -38.12 -41.37 -39.97
C LYS C 4821 -39.05 -41.50 -38.76
N THR C 4822 -40.31 -41.08 -38.89
CA THR C 4822 -41.24 -41.18 -37.78
C THR C 4822 -41.50 -42.63 -37.40
N LEU C 4823 -41.69 -43.50 -38.39
CA LEU C 4823 -41.85 -44.93 -38.12
C LEU C 4823 -40.59 -45.51 -37.50
N ARG C 4824 -39.42 -44.99 -37.88
CA ARG C 4824 -38.16 -45.43 -37.26
C ARG C 4824 -38.13 -45.07 -35.79
N THR C 4825 -38.55 -43.85 -35.43
CA THR C 4825 -38.58 -43.47 -34.01
C THR C 4825 -39.62 -44.26 -33.24
N ILE C 4826 -40.74 -44.61 -33.87
CA ILE C 4826 -41.73 -45.45 -33.20
C ILE C 4826 -41.19 -46.85 -32.95
N LEU C 4827 -40.54 -47.43 -33.97
CA LEU C 4827 -40.02 -48.80 -33.83
C LEU C 4827 -38.78 -48.87 -32.95
N SER C 4828 -38.08 -47.74 -32.75
CA SER C 4828 -36.89 -47.75 -31.91
C SER C 4828 -37.20 -48.08 -30.46
N SER C 4829 -38.40 -47.69 -29.97
CA SER C 4829 -38.76 -48.00 -28.60
C SER C 4829 -38.99 -49.49 -28.41
N VAL C 4830 -39.57 -50.16 -29.39
CA VAL C 4830 -39.74 -51.60 -29.33
C VAL C 4830 -38.39 -52.31 -29.48
N THR C 4831 -37.51 -51.74 -30.32
CA THR C 4831 -36.16 -52.33 -30.52
C THR C 4831 -35.27 -52.01 -29.33
N HIS C 4832 -35.65 -51.01 -28.52
CA HIS C 4832 -34.83 -50.58 -27.35
C HIS C 4832 -34.71 -51.71 -26.33
N ASN C 4833 -35.79 -52.47 -26.08
CA ASN C 4833 -35.76 -53.51 -25.02
C ASN C 4833 -36.17 -54.89 -25.55
N GLY C 4834 -35.66 -55.31 -26.72
CA GLY C 4834 -35.95 -56.62 -27.24
C GLY C 4834 -35.48 -57.75 -26.34
N LYS C 4835 -34.35 -57.55 -25.67
CA LYS C 4835 -33.82 -58.59 -24.78
C LYS C 4835 -34.75 -58.83 -23.60
N GLN C 4836 -35.26 -57.76 -22.99
CA GLN C 4836 -36.21 -57.92 -21.89
C GLN C 4836 -37.47 -58.63 -22.38
N LEU C 4837 -37.89 -58.33 -23.62
CA LEU C 4837 -39.06 -59.00 -24.19
C LEU C 4837 -38.82 -60.49 -24.37
N VAL C 4838 -37.64 -60.89 -24.86
CA VAL C 4838 -37.45 -62.31 -25.11
C VAL C 4838 -37.27 -63.09 -23.81
N MET C 4839 -36.63 -62.50 -22.79
CA MET C 4839 -36.64 -63.19 -21.50
C MET C 4839 -38.03 -63.19 -20.86
N THR C 4840 -38.86 -62.19 -21.14
CA THR C 4840 -40.24 -62.23 -20.68
C THR C 4840 -41.00 -63.39 -21.33
N VAL C 4841 -40.79 -63.59 -22.63
CA VAL C 4841 -41.42 -64.73 -23.32
C VAL C 4841 -40.89 -66.05 -22.76
N GLY C 4842 -39.59 -66.11 -22.47
CA GLY C 4842 -39.05 -67.33 -21.86
C GLY C 4842 -39.63 -67.62 -20.49
N LEU C 4843 -39.78 -66.59 -19.66
CA LEU C 4843 -40.39 -66.76 -18.35
C LEU C 4843 -41.85 -67.18 -18.48
N LEU C 4844 -42.56 -66.61 -19.45
CA LEU C 4844 -43.94 -67.04 -19.72
C LEU C 4844 -44.00 -68.50 -20.12
N ALA C 4845 -43.07 -68.94 -20.97
CA ALA C 4845 -43.02 -70.33 -21.38
C ALA C 4845 -42.74 -71.26 -20.19
N VAL C 4846 -41.83 -70.85 -19.30
CA VAL C 4846 -41.54 -71.65 -18.12
C VAL C 4846 -42.75 -71.75 -17.21
N VAL C 4847 -43.46 -70.62 -17.02
CA VAL C 4847 -44.65 -70.62 -16.16
C VAL C 4847 -45.75 -71.50 -16.76
N VAL C 4848 -45.96 -71.41 -18.07
CA VAL C 4848 -46.97 -72.24 -18.72
C VAL C 4848 -46.60 -73.71 -18.64
N TYR C 4849 -45.31 -74.03 -18.78
CA TYR C 4849 -44.86 -75.41 -18.63
C TYR C 4849 -45.12 -75.94 -17.23
N LEU C 4850 -44.83 -75.12 -16.21
CA LEU C 4850 -45.06 -75.54 -14.83
C LEU C 4850 -46.55 -75.76 -14.55
N TYR C 4851 -47.39 -74.86 -15.04
CA TYR C 4851 -48.83 -75.00 -14.82
C TYR C 4851 -49.38 -76.19 -15.60
N THR C 4852 -48.82 -76.46 -16.78
CA THR C 4852 -49.22 -77.65 -17.55
C THR C 4852 -48.83 -78.92 -16.83
N VAL C 4853 -47.65 -78.94 -16.21
CA VAL C 4853 -47.22 -80.10 -15.42
C VAL C 4853 -48.16 -80.32 -14.24
N VAL C 4854 -48.52 -79.23 -13.55
CA VAL C 4854 -49.43 -79.32 -12.41
C VAL C 4854 -50.79 -79.84 -12.86
N ALA C 4855 -51.31 -79.34 -13.98
CA ALA C 4855 -52.59 -79.79 -14.50
C ALA C 4855 -52.54 -81.25 -14.93
N PHE C 4856 -51.43 -81.69 -15.52
CA PHE C 4856 -51.29 -83.08 -15.92
C PHE C 4856 -51.22 -84.00 -14.70
N ASN C 4857 -50.59 -83.54 -13.62
CA ASN C 4857 -50.53 -84.37 -12.42
C ASN C 4857 -51.87 -84.42 -11.69
N PHE C 4858 -52.62 -83.32 -11.69
CA PHE C 4858 -53.80 -83.26 -10.83
C PHE C 4858 -55.13 -83.10 -11.56
N PHE C 4859 -55.18 -82.37 -12.67
CA PHE C 4859 -56.44 -82.01 -13.31
C PHE C 4859 -56.56 -82.59 -14.72
N ARG C 4860 -56.18 -83.86 -14.89
CA ARG C 4860 -56.25 -84.49 -16.21
C ARG C 4860 -57.69 -84.70 -16.66
N LYS C 4861 -58.62 -84.88 -15.73
CA LYS C 4861 -59.98 -85.27 -16.09
C LYS C 4861 -60.79 -84.12 -16.69
N PHE C 4862 -60.40 -82.86 -16.42
CA PHE C 4862 -61.19 -81.72 -16.86
C PHE C 4862 -60.85 -81.25 -18.26
N TYR C 4863 -59.78 -81.77 -18.86
CA TYR C 4863 -59.34 -81.30 -20.17
C TYR C 4863 -59.98 -82.11 -21.31
N ASN C 4864 -61.29 -82.33 -21.22
CA ASN C 4864 -62.05 -82.97 -22.28
C ASN C 4864 -62.79 -81.90 -23.08
N LYS C 4865 -62.48 -81.81 -24.37
CA LYS C 4865 -63.06 -80.80 -25.24
C LYS C 4865 -63.88 -81.46 -26.35
N SER C 4866 -64.96 -82.14 -25.98
CA SER C 4866 -65.88 -82.75 -26.93
C SER C 4866 -67.28 -82.75 -26.35
N GLU C 4867 -68.28 -82.76 -27.23
CA GLU C 4867 -69.67 -82.82 -26.82
C GLU C 4867 -70.32 -84.17 -27.09
N ASP C 4868 -69.86 -84.90 -28.09
CA ASP C 4868 -70.43 -86.20 -28.42
C ASP C 4868 -69.99 -87.25 -27.40
N GLU C 4869 -70.90 -88.18 -27.11
CA GLU C 4869 -70.65 -89.20 -26.09
C GLU C 4869 -69.60 -90.20 -26.57
N ASP C 4870 -68.99 -90.88 -25.59
CA ASP C 4870 -67.85 -91.77 -25.82
C ASP C 4870 -66.72 -91.02 -26.53
N GLU C 4871 -66.25 -89.97 -25.87
CA GLU C 4871 -65.33 -89.01 -26.48
C GLU C 4871 -63.89 -89.46 -26.29
N PRO C 4872 -63.14 -89.66 -27.37
CA PRO C 4872 -61.70 -89.95 -27.26
C PRO C 4872 -60.80 -88.72 -27.34
N ASP C 4873 -61.38 -87.52 -27.42
CA ASP C 4873 -60.61 -86.29 -27.58
C ASP C 4873 -60.20 -85.76 -26.22
N MET C 4874 -59.10 -86.30 -25.70
CA MET C 4874 -58.52 -85.87 -24.44
C MET C 4874 -57.26 -85.06 -24.73
N LYS C 4875 -57.28 -83.79 -24.34
CA LYS C 4875 -56.18 -82.89 -24.68
C LYS C 4875 -54.93 -83.16 -23.87
N CYS C 4876 -55.08 -83.41 -22.56
CA CYS C 4876 -53.95 -83.49 -21.64
C CYS C 4876 -53.58 -84.93 -21.31
N ASP C 4877 -53.72 -85.84 -22.28
CA ASP C 4877 -53.27 -87.21 -22.07
C ASP C 4877 -51.74 -87.32 -22.19
N ASP C 4878 -51.11 -86.44 -22.96
CA ASP C 4878 -49.67 -86.39 -23.12
C ASP C 4878 -49.15 -85.02 -22.73
N MET C 4879 -47.89 -84.97 -22.29
CA MET C 4879 -47.31 -83.70 -21.86
C MET C 4879 -47.09 -82.75 -23.03
N MET C 4880 -46.66 -83.27 -24.19
CA MET C 4880 -46.45 -82.40 -25.35
C MET C 4880 -47.77 -81.83 -25.86
N THR C 4881 -48.81 -82.67 -25.96
CA THR C 4881 -50.11 -82.20 -26.42
C THR C 4881 -50.72 -81.22 -25.43
N CYS C 4882 -50.58 -81.48 -24.14
CA CYS C 4882 -51.11 -80.57 -23.13
C CYS C 4882 -50.37 -79.24 -23.15
N TYR C 4883 -49.04 -79.27 -23.34
CA TYR C 4883 -48.28 -78.03 -23.44
C TYR C 4883 -48.67 -77.24 -24.68
N LEU C 4884 -48.87 -77.92 -25.81
CA LEU C 4884 -49.31 -77.24 -27.02
C LEU C 4884 -50.70 -76.62 -26.84
N PHE C 4885 -51.61 -77.36 -26.19
CA PHE C 4885 -52.95 -76.85 -25.94
C PHE C 4885 -52.91 -75.62 -25.03
N HIS C 4886 -52.09 -75.66 -23.98
CA HIS C 4886 -51.95 -74.51 -23.08
C HIS C 4886 -51.38 -73.31 -23.82
N MET C 4887 -50.29 -73.50 -24.56
CA MET C 4887 -49.67 -72.40 -25.28
C MET C 4887 -50.59 -71.83 -26.35
N TYR C 4888 -51.48 -72.65 -26.92
CA TYR C 4888 -52.37 -72.16 -27.96
C TYR C 4888 -53.58 -71.44 -27.36
N VAL C 4889 -54.11 -71.91 -26.24
CA VAL C 4889 -55.41 -71.45 -25.74
C VAL C 4889 -55.27 -70.49 -24.58
N GLY C 4890 -54.50 -70.86 -23.55
CA GLY C 4890 -54.51 -70.10 -22.31
C GLY C 4890 -53.91 -68.70 -22.44
N VAL C 4891 -52.88 -68.56 -23.29
CA VAL C 4891 -52.25 -67.26 -23.48
C VAL C 4891 -53.20 -66.29 -24.18
N ARG C 4892 -53.89 -66.76 -25.23
CA ARG C 4892 -54.77 -65.92 -26.01
C ARG C 4892 -56.19 -65.87 -25.44
N ALA C 4893 -56.49 -66.59 -24.37
CA ALA C 4893 -57.84 -66.59 -23.82
C ALA C 4893 -58.17 -65.26 -23.14
N GLY C 4894 -57.23 -64.73 -22.35
CA GLY C 4894 -57.44 -63.48 -21.66
C GLY C 4894 -58.18 -63.58 -20.35
N GLY C 4895 -58.63 -64.78 -19.96
CA GLY C 4895 -59.35 -64.94 -18.72
C GLY C 4895 -58.91 -66.16 -17.93
N GLY C 4896 -57.93 -66.88 -18.47
CA GLY C 4896 -57.38 -68.06 -17.83
C GLY C 4896 -57.83 -69.34 -18.53
N ILE C 4897 -57.49 -70.47 -17.89
CA ILE C 4897 -57.83 -71.78 -18.44
C ILE C 4897 -59.20 -72.27 -17.97
N GLY C 4898 -59.77 -71.65 -16.94
CA GLY C 4898 -61.04 -72.11 -16.41
C GLY C 4898 -62.23 -71.82 -17.30
N ASP C 4899 -62.11 -70.86 -18.22
CA ASP C 4899 -63.20 -70.55 -19.13
C ASP C 4899 -63.36 -71.61 -20.22
N GLU C 4900 -62.27 -72.32 -20.53
CA GLU C 4900 -62.28 -73.38 -21.59
C GLU C 4900 -62.41 -74.76 -20.95
N ILE C 4901 -61.81 -74.97 -19.78
CA ILE C 4901 -61.88 -76.28 -19.07
C ILE C 4901 -63.31 -76.49 -18.56
N GLU C 4902 -63.63 -77.69 -18.06
CA GLU C 4902 -65.00 -78.01 -17.59
C GLU C 4902 -65.38 -77.19 -16.35
N ASP C 4903 -66.58 -77.42 -15.80
CA ASP C 4903 -67.06 -76.65 -14.66
C ASP C 4903 -66.48 -77.19 -13.37
N PRO C 4904 -66.14 -76.31 -12.41
CA PRO C 4904 -65.63 -76.79 -11.12
C PRO C 4904 -66.74 -77.08 -10.12
N ALA C 4905 -67.98 -77.25 -10.62
CA ALA C 4905 -69.12 -77.47 -9.76
C ALA C 4905 -69.05 -78.78 -8.99
N GLY C 4906 -68.20 -79.73 -9.42
CA GLY C 4906 -68.03 -80.95 -8.68
C GLY C 4906 -67.41 -80.70 -7.32
N ASP C 4907 -67.81 -81.51 -6.34
CA ASP C 4907 -67.35 -81.33 -4.97
C ASP C 4907 -65.86 -81.64 -4.84
N GLU C 4908 -65.38 -82.68 -5.52
CA GLU C 4908 -63.99 -83.09 -5.41
C GLU C 4908 -63.09 -82.14 -6.18
N TYR C 4909 -62.01 -81.70 -5.51
CA TYR C 4909 -60.99 -80.84 -6.11
C TYR C 4909 -61.57 -79.54 -6.65
N GLU C 4910 -62.54 -78.97 -5.92
CA GLU C 4910 -63.16 -77.72 -6.36
C GLU C 4910 -62.31 -76.52 -5.96
N LEU C 4911 -61.91 -76.43 -4.69
CA LEU C 4911 -61.13 -75.30 -4.22
C LEU C 4911 -59.74 -75.28 -4.84
N TYR C 4912 -59.13 -76.45 -5.05
CA TYR C 4912 -57.83 -76.51 -5.71
C TYR C 4912 -57.90 -75.99 -7.13
N ARG C 4913 -58.95 -76.36 -7.87
CA ARG C 4913 -59.10 -75.86 -9.23
C ARG C 4913 -59.44 -74.37 -9.25
N VAL C 4914 -60.19 -73.89 -8.25
CA VAL C 4914 -60.48 -72.45 -8.17
C VAL C 4914 -59.19 -71.67 -7.93
N VAL C 4915 -58.35 -72.15 -7.02
CA VAL C 4915 -57.06 -71.49 -6.77
C VAL C 4915 -56.17 -71.57 -8.01
N PHE C 4916 -56.21 -72.71 -8.71
CA PHE C 4916 -55.45 -72.86 -9.95
C PHE C 4916 -55.87 -71.82 -10.99
N ASP C 4917 -57.17 -71.65 -11.17
CA ASP C 4917 -57.67 -70.67 -12.14
C ASP C 4917 -57.34 -69.24 -11.73
N ILE C 4918 -57.47 -68.93 -10.44
CA ILE C 4918 -57.15 -67.58 -9.96
C ILE C 4918 -55.67 -67.27 -10.17
N THR C 4919 -54.79 -68.22 -9.86
CA THR C 4919 -53.36 -68.00 -10.07
C THR C 4919 -53.03 -67.90 -11.56
N PHE C 4920 -53.70 -68.69 -12.40
CA PHE C 4920 -53.51 -68.58 -13.85
C PHE C 4920 -53.91 -67.20 -14.36
N PHE C 4921 -55.04 -66.68 -13.88
CA PHE C 4921 -55.48 -65.35 -14.32
C PHE C 4921 -54.56 -64.26 -13.80
N PHE C 4922 -54.12 -64.37 -12.53
CA PHE C 4922 -53.35 -63.28 -11.92
C PHE C 4922 -51.92 -63.23 -12.43
N PHE C 4923 -51.28 -64.39 -12.61
CA PHE C 4923 -49.84 -64.41 -12.90
C PHE C 4923 -49.51 -64.23 -14.36
N VAL C 4924 -50.41 -64.61 -15.27
CA VAL C 4924 -50.09 -64.58 -16.70
C VAL C 4924 -50.64 -63.31 -17.34
N ILE C 4925 -51.95 -63.10 -17.21
CA ILE C 4925 -52.62 -62.01 -17.94
C ILE C 4925 -52.26 -60.65 -17.34
N VAL C 4926 -52.22 -60.56 -16.01
CA VAL C 4926 -52.18 -59.25 -15.36
C VAL C 4926 -50.76 -58.70 -15.34
N ILE C 4927 -49.81 -59.45 -14.80
CA ILE C 4927 -48.49 -58.90 -14.51
C ILE C 4927 -47.61 -58.91 -15.76
N LEU C 4928 -47.59 -60.03 -16.48
CA LEU C 4928 -46.62 -60.22 -17.55
C LEU C 4928 -46.92 -59.36 -18.78
N LEU C 4929 -48.16 -58.88 -18.93
CA LEU C 4929 -48.45 -57.91 -19.98
C LEU C 4929 -48.17 -56.48 -19.53
N ALA C 4930 -48.39 -56.21 -18.24
CA ALA C 4930 -48.04 -54.90 -17.69
C ALA C 4930 -46.54 -54.65 -17.75
N ILE C 4931 -45.74 -55.71 -17.58
CA ILE C 4931 -44.28 -55.57 -17.73
C ILE C 4931 -43.94 -55.19 -19.16
N ILE C 4932 -44.59 -55.83 -20.14
CA ILE C 4932 -44.32 -55.55 -21.54
C ILE C 4932 -44.69 -54.11 -21.88
N GLN C 4933 -45.84 -53.64 -21.39
CA GLN C 4933 -46.24 -52.25 -21.64
C GLN C 4933 -45.29 -51.27 -20.94
N GLY C 4934 -44.90 -51.58 -19.71
CA GLY C 4934 -44.03 -50.69 -18.96
C GLY C 4934 -42.64 -50.59 -19.55
N LEU C 4935 -42.15 -51.66 -20.19
CA LEU C 4935 -40.86 -51.59 -20.87
C LEU C 4935 -40.89 -50.57 -22.00
N ILE C 4936 -41.95 -50.59 -22.81
CA ILE C 4936 -42.06 -49.65 -23.92
C ILE C 4936 -42.22 -48.22 -23.41
N ILE C 4937 -43.05 -48.04 -22.36
CA ILE C 4937 -43.24 -46.69 -21.81
C ILE C 4937 -41.96 -46.17 -21.19
N ASP C 4938 -41.19 -47.04 -20.53
CA ASP C 4938 -39.91 -46.64 -19.95
C ASP C 4938 -38.90 -46.32 -21.04
N ALA C 4939 -38.95 -47.05 -22.16
CA ALA C 4939 -38.07 -46.72 -23.28
C ALA C 4939 -38.39 -45.34 -23.86
N PHE C 4940 -39.68 -45.02 -24.01
CA PHE C 4940 -40.07 -43.70 -24.48
C PHE C 4940 -39.62 -42.61 -23.52
N GLY C 4941 -39.81 -42.84 -22.22
CA GLY C 4941 -39.37 -41.87 -21.23
C GLY C 4941 -37.86 -41.69 -21.21
N GLU C 4942 -37.12 -42.79 -21.39
CA GLU C 4942 -35.67 -42.71 -21.45
C GLU C 4942 -35.20 -41.93 -22.66
N LEU C 4943 -35.83 -42.14 -23.82
CA LEU C 4943 -35.47 -41.38 -25.01
C LEU C 4943 -35.76 -39.89 -24.82
N ARG C 4944 -36.92 -39.57 -24.23
CA ARG C 4944 -37.25 -38.17 -23.96
C ARG C 4944 -36.24 -37.53 -23.02
N ASP C 4945 -35.87 -38.24 -21.94
CA ASP C 4945 -34.91 -37.73 -20.99
C ASP C 4945 -33.53 -37.54 -21.62
N GLN C 4946 -33.11 -38.47 -22.48
CA GLN C 4946 -31.83 -38.33 -23.16
C GLN C 4946 -31.82 -37.14 -24.10
N GLN C 4947 -32.91 -36.93 -24.85
CA GLN C 4947 -32.97 -35.77 -25.73
C GLN C 4947 -32.95 -34.46 -24.95
N GLU C 4948 -33.68 -34.42 -23.82
CA GLU C 4948 -33.68 -33.23 -22.97
C GLU C 4948 -32.29 -32.97 -22.41
N GLN C 4949 -31.60 -34.02 -21.96
CA GLN C 4949 -30.25 -33.87 -21.42
C GLN C 4949 -29.27 -33.39 -22.48
N VAL C 4950 -29.39 -33.92 -23.71
CA VAL C 4950 -28.50 -33.51 -24.79
C VAL C 4950 -28.71 -32.04 -25.13
N LYS C 4951 -29.97 -31.61 -25.22
CA LYS C 4951 -30.24 -30.20 -25.52
C LYS C 4951 -29.77 -29.29 -24.39
N GLU C 4952 -30.01 -29.69 -23.14
CA GLU C 4952 -29.59 -28.87 -22.01
C GLU C 4952 -28.07 -28.76 -21.94
N ASP C 4953 -27.36 -29.85 -22.24
CA ASP C 4953 -25.90 -29.80 -22.27
C ASP C 4953 -25.40 -28.85 -23.34
N MET C 4954 -26.04 -28.83 -24.51
CA MET C 4954 -25.65 -27.87 -25.54
C MET C 4954 -25.91 -26.43 -25.11
N GLU C 4955 -27.05 -26.18 -24.47
CA GLU C 4955 -27.39 -24.80 -24.12
C GLU C 4955 -26.58 -24.29 -22.93
N THR C 4956 -26.18 -25.16 -22.00
CA THR C 4956 -25.54 -24.73 -20.77
C THR C 4956 -24.03 -24.94 -20.75
N LYS C 4957 -23.42 -25.28 -21.88
CA LYS C 4957 -21.98 -25.52 -21.92
C LYS C 4957 -21.38 -24.88 -23.16
N CYS C 4958 -20.06 -24.99 -23.29
CA CYS C 4958 -19.32 -24.45 -24.42
C CYS C 4958 -18.85 -25.52 -25.39
N PHE C 4959 -18.70 -26.77 -24.92
CA PHE C 4959 -18.36 -27.97 -25.70
C PHE C 4959 -16.90 -27.96 -26.13
N ILE C 4960 -16.20 -26.83 -25.94
CA ILE C 4960 -14.78 -26.70 -26.21
C ILE C 4960 -14.01 -26.31 -24.96
N CYS C 4961 -14.43 -25.21 -24.31
CA CYS C 4961 -13.79 -24.75 -23.09
C CYS C 4961 -14.49 -25.39 -21.87
N GLY C 4962 -13.98 -25.07 -20.69
CA GLY C 4962 -14.60 -25.49 -19.44
C GLY C 4962 -15.33 -24.40 -18.70
N ILE C 4963 -15.58 -23.25 -19.32
CA ILE C 4963 -16.22 -22.12 -18.67
C ILE C 4963 -17.71 -22.15 -19.01
N GLY C 4964 -18.55 -22.00 -17.99
CA GLY C 4964 -19.98 -21.96 -18.20
C GLY C 4964 -20.44 -20.64 -18.81
N SER C 4965 -21.72 -20.61 -19.17
CA SER C 4965 -22.30 -19.43 -19.80
C SER C 4965 -22.53 -18.29 -18.82
N ASP C 4966 -22.49 -18.56 -17.52
CA ASP C 4966 -22.72 -17.51 -16.53
C ASP C 4966 -21.60 -16.47 -16.53
N TYR C 4967 -20.36 -16.91 -16.76
CA TYR C 4967 -19.26 -15.96 -16.83
C TYR C 4967 -19.33 -15.13 -18.11
N PHE C 4968 -19.69 -15.76 -19.23
CA PHE C 4968 -19.80 -15.04 -20.50
C PHE C 4968 -21.02 -14.14 -20.56
N ASP C 4969 -22.02 -14.37 -19.70
CA ASP C 4969 -23.24 -13.56 -19.70
C ASP C 4969 -23.08 -12.23 -18.98
N THR C 4970 -21.86 -11.89 -18.53
CA THR C 4970 -21.64 -10.58 -17.92
C THR C 4970 -21.82 -9.47 -18.93
N THR C 4971 -21.16 -9.58 -20.09
CA THR C 4971 -21.33 -8.62 -21.16
C THR C 4971 -22.61 -8.94 -21.94
N PRO C 4972 -23.24 -7.94 -22.56
CA PRO C 4972 -24.44 -8.21 -23.37
C PRO C 4972 -24.11 -9.09 -24.58
N HIS C 4973 -24.84 -10.21 -24.67
CA HIS C 4973 -24.67 -11.20 -25.73
C HIS C 4973 -23.23 -11.72 -25.80
N GLY C 4974 -22.60 -11.87 -24.64
CA GLY C 4974 -21.25 -12.39 -24.60
C GLY C 4974 -21.16 -13.85 -24.99
N PHE C 4975 -22.13 -14.66 -24.56
CA PHE C 4975 -22.11 -16.08 -24.87
C PHE C 4975 -22.33 -16.34 -26.36
N GLU C 4976 -23.21 -15.56 -27.00
CA GLU C 4976 -23.41 -15.71 -28.44
C GLU C 4976 -22.15 -15.34 -29.21
N THR C 4977 -21.46 -14.27 -28.78
CA THR C 4977 -20.21 -13.88 -29.41
C THR C 4977 -19.15 -14.95 -29.22
N HIS C 4978 -19.09 -15.55 -28.03
CA HIS C 4978 -18.14 -16.63 -27.78
C HIS C 4978 -18.43 -17.85 -28.64
N THR C 4979 -19.70 -18.22 -28.78
CA THR C 4979 -20.07 -19.44 -29.50
C THR C 4979 -20.16 -19.23 -31.01
N LEU C 4980 -20.10 -17.99 -31.51
CA LEU C 4980 -20.12 -17.76 -32.94
C LEU C 4980 -18.76 -17.40 -33.51
N GLU C 4981 -17.99 -16.53 -32.84
CA GLU C 4981 -16.71 -16.08 -33.37
C GLU C 4981 -15.53 -16.79 -32.71
N GLU C 4982 -15.45 -16.75 -31.38
CA GLU C 4982 -14.29 -17.29 -30.69
C GLU C 4982 -14.28 -18.82 -30.71
N HIS C 4983 -15.44 -19.45 -30.75
CA HIS C 4983 -15.44 -20.92 -31.04
C HIS C 4983 -16.57 -21.20 -32.01
N ASN C 4984 -16.29 -21.73 -33.20
CA ASN C 4984 -17.44 -21.94 -34.11
C ASN C 4984 -17.44 -23.37 -34.64
N LEU C 4985 -16.55 -24.23 -34.14
CA LEU C 4985 -16.43 -25.62 -34.68
C LEU C 4985 -16.16 -25.52 -36.19
N ALA C 4986 -17.11 -25.00 -36.96
CA ALA C 4986 -16.87 -24.79 -38.38
C ALA C 4986 -15.59 -24.01 -38.62
N ASN C 4987 -15.20 -23.14 -37.68
CA ASN C 4987 -13.93 -22.44 -37.79
C ASN C 4987 -12.74 -23.41 -37.73
N TYR C 4988 -12.80 -24.37 -36.80
CA TYR C 4988 -11.74 -25.39 -36.73
C TYR C 4988 -11.78 -26.30 -37.96
N MET C 4989 -12.98 -26.60 -38.45
CA MET C 4989 -13.10 -27.41 -39.67
C MET C 4989 -12.46 -26.71 -40.86
N PHE C 4990 -12.71 -25.41 -41.02
CA PHE C 4990 -12.12 -24.65 -42.11
C PHE C 4990 -10.62 -24.45 -41.92
N PHE C 4991 -10.17 -24.35 -40.67
CA PHE C 4991 -8.74 -24.29 -40.39
C PHE C 4991 -8.05 -25.59 -40.80
N LEU C 4992 -8.68 -26.73 -40.50
CA LEU C 4992 -8.14 -28.01 -40.96
C LEU C 4992 -8.16 -28.12 -42.47
N MET C 4993 -9.19 -27.58 -43.12
CA MET C 4993 -9.24 -27.53 -44.58
C MET C 4993 -8.07 -26.72 -45.14
N TYR C 4994 -7.82 -25.56 -44.55
CA TYR C 4994 -6.73 -24.70 -45.01
C TYR C 4994 -5.36 -25.32 -44.76
N LEU C 4995 -5.21 -26.02 -43.63
CA LEU C 4995 -3.94 -26.70 -43.36
C LEU C 4995 -3.71 -27.87 -44.31
N ILE C 4996 -4.77 -28.61 -44.64
CA ILE C 4996 -4.63 -29.74 -45.56
C ILE C 4996 -4.33 -29.25 -46.97
N ASN C 4997 -5.03 -28.19 -47.41
CA ASN C 4997 -4.82 -27.67 -48.76
C ASN C 4997 -3.42 -27.09 -48.93
N LYS C 4998 -2.91 -26.41 -47.92
CA LYS C 4998 -1.59 -25.79 -48.01
C LYS C 4998 -0.49 -26.83 -47.94
N ASP C 4999 0.54 -26.65 -48.76
CA ASP C 4999 1.67 -27.57 -48.78
C ASP C 4999 2.63 -27.28 -47.63
N GLU C 5000 3.40 -28.31 -47.23
CA GLU C 5000 4.28 -28.16 -46.04
C GLU C 5000 5.31 -27.08 -46.31
N THR C 5001 5.65 -26.88 -47.58
CA THR C 5001 6.69 -25.88 -47.93
C THR C 5001 6.14 -24.54 -47.46
N GLU C 5002 4.84 -24.31 -47.68
CA GLU C 5002 4.25 -23.05 -47.18
C GLU C 5002 3.45 -23.38 -45.94
N HIS C 5003 3.89 -22.87 -44.78
CA HIS C 5003 3.22 -23.23 -43.50
C HIS C 5003 3.78 -22.30 -42.45
N THR C 5004 3.11 -21.18 -42.26
CA THR C 5004 3.46 -20.19 -41.26
C THR C 5004 3.89 -20.92 -39.98
N GLY C 5005 4.68 -20.22 -39.15
CA GLY C 5005 5.24 -20.83 -37.95
C GLY C 5005 4.21 -21.41 -37.02
N GLN C 5006 3.15 -20.65 -36.73
CA GLN C 5006 2.05 -21.18 -35.92
C GLN C 5006 1.35 -22.34 -36.63
N GLU C 5007 1.10 -22.19 -37.93
CA GLU C 5007 0.48 -23.27 -38.70
C GLU C 5007 1.38 -24.50 -38.79
N SER C 5008 2.69 -24.28 -38.93
CA SER C 5008 3.62 -25.40 -38.94
C SER C 5008 3.65 -26.12 -37.59
N TYR C 5009 3.55 -25.35 -36.49
CA TYR C 5009 3.50 -25.96 -35.17
C TYR C 5009 2.22 -26.78 -34.99
N VAL C 5010 1.08 -26.25 -35.47
CA VAL C 5010 -0.17 -27.00 -35.39
C VAL C 5010 -0.10 -28.25 -36.24
N TRP C 5011 0.52 -28.16 -37.42
CA TRP C 5011 0.70 -29.34 -38.26
C TRP C 5011 1.59 -30.39 -37.59
N LYS C 5012 2.66 -29.94 -36.92
CA LYS C 5012 3.54 -30.85 -36.20
C LYS C 5012 2.81 -31.54 -35.05
N MET C 5013 1.97 -30.80 -34.31
CA MET C 5013 1.17 -31.43 -33.27
C MET C 5013 0.14 -32.40 -33.83
N TYR C 5014 -0.42 -32.08 -35.01
CA TYR C 5014 -1.39 -32.98 -35.63
C TYR C 5014 -0.74 -34.25 -36.12
N GLN C 5015 0.50 -34.16 -36.61
CA GLN C 5015 1.21 -35.36 -37.10
C GLN C 5015 1.55 -36.30 -35.95
N GLU C 5016 1.85 -35.77 -34.77
CA GLU C 5016 2.16 -36.59 -33.60
C GLU C 5016 0.94 -36.96 -32.79
N ARG C 5017 -0.26 -36.56 -33.24
CA ARG C 5017 -1.53 -36.82 -32.56
C ARG C 5017 -1.52 -36.30 -31.12
N CYS C 5018 -1.09 -35.06 -30.97
CA CYS C 5018 -1.08 -34.37 -29.68
C CYS C 5018 -2.12 -33.25 -29.73
N TRP C 5019 -3.04 -33.26 -28.77
CA TRP C 5019 -4.17 -32.34 -28.74
C TRP C 5019 -4.02 -31.27 -27.66
N ASP C 5020 -2.79 -30.82 -27.43
CA ASP C 5020 -2.53 -29.78 -26.43
C ASP C 5020 -2.69 -28.37 -27.00
N PHE C 5021 -2.95 -28.23 -28.29
CA PHE C 5021 -3.17 -26.90 -28.87
C PHE C 5021 -4.58 -26.37 -28.58
N PHE C 5022 -5.50 -27.22 -28.16
CA PHE C 5022 -6.81 -26.76 -27.75
C PHE C 5022 -6.70 -26.00 -26.42
N PRO C 5023 -7.58 -25.01 -26.21
CA PRO C 5023 -7.55 -24.26 -24.93
C PRO C 5023 -7.85 -25.14 -23.72
N ALA C 5024 -8.99 -25.84 -23.76
CA ALA C 5024 -9.40 -26.80 -22.74
C ALA C 5024 -9.44 -26.16 -21.34
N GLY C 5025 -10.34 -25.19 -21.19
CA GLY C 5025 -10.55 -24.53 -19.92
C GLY C 5025 -10.11 -23.08 -19.85
N ASP C 5026 -9.74 -22.46 -20.98
CA ASP C 5026 -9.28 -21.09 -21.00
C ASP C 5026 -9.77 -20.41 -22.28
N CYS C 5027 -9.75 -19.09 -22.27
CA CYS C 5027 -10.14 -18.31 -23.44
C CYS C 5027 -9.30 -17.05 -23.50
N PHE C 5028 -9.53 -16.25 -24.54
CA PHE C 5028 -8.79 -15.00 -24.71
C PHE C 5028 -9.13 -14.01 -23.62
N ARG C 5029 -10.40 -13.96 -23.20
CA ARG C 5029 -10.82 -12.98 -22.21
C ARG C 5029 -10.23 -13.26 -20.83
N LYS C 5030 -10.18 -14.54 -20.42
CA LYS C 5030 -9.66 -14.87 -19.10
C LYS C 5030 -8.16 -14.66 -19.00
N GLN C 5031 -7.43 -14.89 -20.09
CA GLN C 5031 -5.98 -14.67 -20.07
C GLN C 5031 -5.66 -13.18 -19.95
N TYR C 5032 -6.45 -12.33 -20.60
CA TYR C 5032 -6.23 -10.89 -20.61
C TYR C 5032 -7.32 -10.17 -19.82
N GLU C 5033 -7.70 -10.73 -18.66
CA GLU C 5033 -8.76 -10.14 -17.86
C GLU C 5033 -8.35 -8.81 -17.24
N ASP C 5034 -7.05 -8.56 -17.09
CA ASP C 5034 -6.60 -7.28 -16.55
C ASP C 5034 -7.00 -6.12 -17.45
N GLN C 5035 -6.81 -6.29 -18.76
CA GLN C 5035 -7.27 -5.29 -19.71
C GLN C 5035 -8.75 -5.49 -20.02
N LEU C 5036 -9.37 -4.46 -20.59
CA LEU C 5036 -10.78 -4.54 -20.94
C LEU C 5036 -11.03 -5.45 -22.13
N SER C 5037 -10.08 -5.54 -23.05
CA SER C 5037 -10.21 -6.42 -24.20
C SER C 5037 -9.51 -7.75 -23.95
N GLN D 12 3.13 3.53 39.03
CA GLN D 12 2.81 2.13 38.79
C GLN D 12 2.77 1.37 40.11
N PHE D 13 1.85 0.42 40.23
CA PHE D 13 1.66 -0.30 41.48
C PHE D 13 2.72 -1.37 41.67
N LEU D 14 3.19 -1.52 42.91
CA LEU D 14 4.22 -2.50 43.25
C LEU D 14 3.60 -3.80 43.72
N ARG D 15 4.29 -4.90 43.44
CA ARG D 15 3.79 -6.24 43.71
C ARG D 15 4.82 -7.04 44.51
N THR D 16 4.34 -8.13 45.13
CA THR D 16 5.20 -8.99 45.92
C THR D 16 6.14 -9.79 45.02
N ASP D 17 7.06 -10.51 45.66
CA ASP D 17 8.08 -11.35 45.00
C ASP D 17 8.97 -10.53 44.07
N ASP D 18 9.13 -9.24 44.36
CA ASP D 18 9.89 -8.33 43.51
C ASP D 18 10.86 -7.59 44.41
N GLU D 19 12.11 -7.46 43.98
CA GLU D 19 13.13 -6.81 44.79
C GLU D 19 12.97 -5.30 44.72
N VAL D 20 12.87 -4.66 45.90
CA VAL D 20 12.62 -3.23 45.99
C VAL D 20 13.48 -2.69 47.13
N VAL D 21 14.06 -1.50 46.92
CA VAL D 21 14.88 -0.84 47.92
C VAL D 21 14.08 0.29 48.56
N LEU D 22 14.48 0.66 49.77
CA LEU D 22 13.83 1.71 50.54
C LEU D 22 14.81 2.86 50.75
N GLN D 23 14.35 4.10 50.53
CA GLN D 23 15.21 5.27 50.66
C GLN D 23 14.45 6.39 51.35
N CYS D 24 15.19 7.45 51.70
CA CYS D 24 14.63 8.64 52.30
C CYS D 24 15.31 9.87 51.70
N SER D 25 14.51 10.87 51.33
CA SER D 25 15.02 12.13 50.77
C SER D 25 14.78 13.25 51.78
N ALA D 26 15.85 13.72 52.43
CA ALA D 26 15.73 14.70 53.50
C ALA D 26 16.61 15.90 53.18
N THR D 27 16.02 17.09 53.16
CA THR D 27 16.82 18.32 53.12
C THR D 27 17.41 18.59 54.49
N VAL D 28 18.74 18.53 54.58
CA VAL D 28 19.45 18.78 55.86
C VAL D 28 20.80 19.41 55.55
N LEU D 29 21.31 20.26 56.44
CA LEU D 29 22.60 20.97 56.17
C LEU D 29 22.47 21.71 54.83
N LYS D 30 21.33 22.38 54.61
CA LYS D 30 21.11 23.12 53.37
C LYS D 30 21.45 22.29 52.12
N GLU D 31 21.27 20.98 52.20
CA GLU D 31 21.59 20.10 51.08
C GLU D 31 20.60 18.95 51.03
N GLN D 32 20.23 18.54 49.83
CA GLN D 32 19.35 17.38 49.66
C GLN D 32 20.17 16.11 49.86
N LEU D 33 19.87 15.37 50.92
CA LEU D 33 20.56 14.14 51.25
C LEU D 33 19.63 12.97 50.98
N LYS D 34 20.06 12.07 50.11
CA LYS D 34 19.37 10.82 49.84
C LYS D 34 20.05 9.74 50.68
N LEU D 35 19.29 9.09 51.55
CA LEU D 35 19.81 8.12 52.50
C LEU D 35 19.18 6.76 52.21
N CYS D 36 19.97 5.70 52.30
CA CYS D 36 19.47 4.36 52.16
C CYS D 36 19.88 3.53 53.36
N LEU D 37 19.00 2.61 53.76
CA LEU D 37 19.25 1.73 54.89
C LEU D 37 20.05 0.52 54.41
N ALA D 38 21.19 0.28 55.05
CA ALA D 38 22.08 -0.79 54.63
C ALA D 38 22.54 -1.57 55.86
N ALA D 39 22.47 -2.90 55.76
CA ALA D 39 22.77 -3.77 56.88
C ALA D 39 23.82 -4.80 56.45
N GLU D 40 24.88 -4.92 57.25
CA GLU D 40 25.98 -5.80 56.90
C GLU D 40 25.55 -7.27 56.93
N GLY D 41 24.76 -7.65 57.94
CA GLY D 41 24.35 -9.03 58.06
C GLY D 41 25.32 -9.84 58.89
N PHE D 42 26.23 -10.55 58.22
CA PHE D 42 27.26 -11.31 58.91
C PHE D 42 28.24 -10.36 59.58
N GLY D 43 28.51 -10.60 60.85
CA GLY D 43 29.43 -9.76 61.62
C GLY D 43 28.79 -8.62 62.38
N ASN D 44 27.84 -7.92 61.75
CA ASN D 44 27.16 -6.79 62.37
C ASN D 44 25.68 -6.89 62.08
N ARG D 45 24.88 -7.08 63.13
CA ARG D 45 23.43 -7.19 62.97
C ARG D 45 22.76 -5.82 62.86
N LEU D 46 23.38 -4.77 63.38
CA LEU D 46 22.79 -3.44 63.31
C LEU D 46 22.89 -2.90 61.89
N CYS D 47 22.01 -1.95 61.57
CA CYS D 47 21.97 -1.31 60.27
C CYS D 47 22.50 0.12 60.36
N PHE D 48 23.18 0.56 59.31
CA PHE D 48 23.62 1.93 59.16
C PHE D 48 22.96 2.58 57.97
N LEU D 49 23.24 3.86 57.76
CA LEU D 49 22.68 4.63 56.67
C LEU D 49 23.78 5.07 55.73
N GLU D 50 23.50 5.00 54.42
CA GLU D 50 24.45 5.34 53.38
C GLU D 50 23.92 6.52 52.58
N PRO D 51 24.65 7.63 52.50
CA PRO D 51 24.24 8.73 51.62
C PRO D 51 24.81 8.60 50.23
N THR D 52 23.95 8.66 49.21
CA THR D 52 24.37 8.56 47.81
C THR D 52 24.09 9.86 47.05
N SER D 53 24.19 11.00 47.74
CA SER D 53 23.97 12.28 47.08
C SER D 53 25.03 12.57 46.03
N ASN D 54 26.29 12.31 46.35
CA ASN D 54 27.38 12.46 45.38
C ASN D 54 27.68 11.11 44.72
N ALA D 55 26.68 10.60 44.01
CA ALA D 55 26.82 9.31 43.35
C ALA D 55 27.80 9.37 42.18
N GLN D 56 27.81 10.49 41.45
CA GLN D 56 28.74 10.64 40.34
C GLN D 56 30.19 10.73 40.83
N ASN D 57 30.40 11.42 41.95
CA ASN D 57 31.77 11.59 42.47
C ASN D 57 32.27 10.32 43.13
N VAL D 58 31.57 9.85 44.16
CA VAL D 58 31.97 8.68 44.93
C VAL D 58 30.94 7.58 44.71
N PRO D 59 31.33 6.40 44.26
CA PRO D 59 30.35 5.32 44.04
C PRO D 59 29.83 4.79 45.36
N PRO D 60 28.55 4.44 45.43
CA PRO D 60 27.99 3.86 46.65
C PRO D 60 28.02 2.34 46.63
N ASP D 61 27.72 1.77 47.80
CA ASP D 61 27.59 0.32 47.94
C ASP D 61 26.14 -0.08 47.72
N LEU D 62 25.91 -1.06 46.85
CA LEU D 62 24.57 -1.44 46.42
C LEU D 62 24.07 -2.72 47.09
N ALA D 63 24.91 -3.74 47.20
CA ALA D 63 24.47 -5.05 47.69
C ALA D 63 24.06 -5.01 49.15
N ILE D 64 24.62 -4.08 49.93
CA ILE D 64 24.25 -3.97 51.34
C ILE D 64 22.87 -3.32 51.51
N CYS D 65 22.36 -2.66 50.46
CA CYS D 65 21.14 -1.88 50.56
C CYS D 65 19.89 -2.61 50.08
N CYS D 66 20.02 -3.55 49.14
CA CYS D 66 18.86 -4.13 48.49
C CYS D 66 18.05 -5.02 49.43
N PHE D 67 16.74 -5.06 49.19
CA PHE D 67 15.83 -5.88 49.96
C PHE D 67 14.79 -6.47 49.02
N THR D 68 14.12 -7.53 49.49
CA THR D 68 13.11 -8.23 48.73
C THR D 68 11.81 -8.30 49.51
N LEU D 69 10.70 -8.24 48.77
CA LEU D 69 9.35 -8.35 49.35
C LEU D 69 8.91 -9.81 49.30
N GLU D 70 8.54 -10.36 50.46
CA GLU D 70 8.13 -11.76 50.54
C GLU D 70 6.62 -11.91 50.39
N GLN D 71 5.85 -11.31 51.29
CA GLN D 71 4.40 -11.44 51.30
C GLN D 71 3.77 -10.13 51.75
N SER D 72 2.44 -10.09 51.70
CA SER D 72 1.68 -8.92 52.18
C SER D 72 0.30 -9.40 52.58
N LEU D 73 0.02 -9.38 53.89
CA LEU D 73 -1.27 -9.79 54.44
C LEU D 73 -1.85 -8.65 55.27
N SER D 74 -3.13 -8.35 55.02
CA SER D 74 -3.79 -7.27 55.76
C SER D 74 -4.08 -7.68 57.20
N VAL D 75 -4.62 -8.88 57.38
CA VAL D 75 -4.96 -9.41 58.70
C VAL D 75 -4.20 -10.71 58.89
N ARG D 76 -3.44 -10.80 59.98
CA ARG D 76 -2.53 -11.92 60.21
C ARG D 76 -3.12 -12.83 61.30
N ALA D 77 -3.79 -13.89 60.87
CA ALA D 77 -4.09 -15.01 61.74
C ALA D 77 -3.01 -16.08 61.69
N LEU D 78 -1.98 -15.86 60.88
CA LEU D 78 -0.87 -16.79 60.75
C LEU D 78 -0.15 -17.01 62.07
N GLN D 79 0.03 -15.93 62.84
CA GLN D 79 0.73 -16.02 64.12
C GLN D 79 0.01 -16.95 65.10
N GLU D 80 -1.32 -16.86 65.17
CA GLU D 80 -2.08 -17.75 66.06
C GLU D 80 -1.97 -19.20 65.62
N MET D 81 -1.98 -19.45 64.30
CA MET D 81 -1.81 -20.81 63.80
C MET D 81 -0.40 -21.33 64.11
N LEU D 82 0.61 -20.47 63.99
CA LEU D 82 1.97 -20.85 64.34
C LEU D 82 2.11 -21.11 65.84
N ALA D 83 1.31 -20.43 66.66
CA ALA D 83 1.36 -20.62 68.10
C ALA D 83 0.77 -21.95 68.55
N ASN D 84 0.12 -22.69 67.66
CA ASN D 84 -0.46 -23.99 67.98
C ASN D 84 0.61 -24.99 68.42
N GLY D 97 2.80 -16.43 43.23
CA GLY D 97 2.15 -15.35 42.53
C GLY D 97 2.57 -13.98 43.03
N HIS D 98 2.11 -12.94 42.34
CA HIS D 98 2.41 -11.56 42.68
C HIS D 98 1.12 -10.85 43.05
N ARG D 99 1.10 -10.22 44.23
CA ARG D 99 -0.07 -9.52 44.74
C ARG D 99 0.30 -8.06 44.97
N THR D 100 -0.58 -7.16 44.50
CA THR D 100 -0.33 -5.74 44.63
C THR D 100 -0.41 -5.30 46.08
N LEU D 101 0.55 -4.48 46.50
CA LEU D 101 0.53 -3.92 47.85
C LEU D 101 -0.55 -2.84 47.95
N LEU D 102 -1.13 -2.73 49.15
CA LEU D 102 -2.14 -1.73 49.45
C LEU D 102 -1.82 -1.05 50.76
N TYR D 103 -2.42 0.12 50.97
CA TYR D 103 -2.23 0.87 52.19
C TYR D 103 -2.84 0.13 53.37
N GLY D 104 -2.12 0.10 54.49
CA GLY D 104 -2.59 -0.61 55.67
C GLY D 104 -2.30 -2.09 55.68
N HIS D 105 -1.45 -2.57 54.78
CA HIS D 105 -1.11 -3.99 54.68
C HIS D 105 0.29 -4.21 55.22
N ALA D 106 0.44 -5.18 56.11
CA ALA D 106 1.74 -5.52 56.64
C ALA D 106 2.57 -6.24 55.60
N ILE D 107 3.86 -5.90 55.53
CA ILE D 107 4.77 -6.46 54.54
C ILE D 107 5.95 -7.11 55.27
N LEU D 108 6.70 -7.91 54.51
CA LEU D 108 7.87 -8.60 55.03
C LEU D 108 9.08 -8.27 54.16
N LEU D 109 10.17 -7.86 54.80
CA LEU D 109 11.40 -7.49 54.13
C LEU D 109 12.44 -8.58 54.36
N ARG D 110 13.12 -9.01 53.30
CA ARG D 110 14.18 -10.01 53.42
C ARG D 110 15.45 -9.46 52.77
N HIS D 111 16.57 -9.58 53.48
CA HIS D 111 17.83 -9.10 52.94
C HIS D 111 18.30 -9.99 51.80
N ALA D 112 18.95 -9.36 50.81
CA ALA D 112 19.40 -10.09 49.63
C ALA D 112 20.71 -10.84 49.87
N HIS D 113 21.66 -10.22 50.58
CA HIS D 113 22.96 -10.84 50.76
C HIS D 113 22.95 -11.89 51.86
N SER D 114 22.46 -11.53 53.04
CA SER D 114 22.52 -12.41 54.20
C SER D 114 21.30 -13.31 54.34
N ARG D 115 20.28 -13.12 53.50
CA ARG D 115 19.02 -13.89 53.56
C ARG D 115 18.40 -13.83 54.94
N MET D 116 18.39 -12.64 55.54
CA MET D 116 17.80 -12.41 56.85
C MET D 116 16.67 -11.40 56.74
N TYR D 117 15.87 -11.31 57.79
CA TYR D 117 14.64 -10.52 57.79
C TYR D 117 14.78 -9.32 58.72
N LEU D 118 14.40 -8.15 58.21
CA LEU D 118 14.53 -6.91 58.96
C LEU D 118 13.46 -6.86 60.06
N SER D 119 13.83 -6.33 61.23
CA SER D 119 12.94 -6.30 62.38
C SER D 119 13.47 -5.29 63.39
N CYS D 120 12.68 -5.09 64.44
CA CYS D 120 13.08 -4.24 65.56
C CYS D 120 13.63 -5.08 66.70
N LEU D 121 14.57 -4.50 67.45
CA LEU D 121 15.21 -5.17 68.57
C LEU D 121 14.90 -4.44 69.87
N THR D 122 14.90 -5.18 70.97
CA THR D 122 14.52 -4.62 72.27
C THR D 122 15.63 -3.75 72.84
N THR D 123 16.84 -4.27 72.95
CA THR D 123 17.96 -3.54 73.54
C THR D 123 18.54 -2.59 72.52
N SER D 124 18.67 -1.32 72.90
CA SER D 124 19.09 -0.28 71.99
C SER D 124 19.99 0.72 72.70
N ARG D 125 20.80 1.43 71.91
CA ARG D 125 21.57 2.55 72.41
C ARG D 125 20.63 3.67 72.84
N SER D 126 20.96 4.31 73.96
CA SER D 126 20.01 5.11 74.71
C SER D 126 20.29 6.60 74.51
N MET D 127 19.62 7.18 73.52
CA MET D 127 19.40 8.63 73.44
C MET D 127 17.90 8.82 73.24
N THR D 128 17.31 9.71 74.05
CA THR D 128 15.87 9.68 74.35
C THR D 128 15.45 8.24 74.67
N ASP D 129 15.98 7.78 75.81
CA ASP D 129 16.12 6.34 76.09
C ASP D 129 14.78 5.61 76.09
N LYS D 130 13.72 6.26 76.56
CA LYS D 130 12.41 5.61 76.57
C LYS D 130 11.91 5.34 75.15
N LEU D 131 11.98 6.35 74.29
CA LEU D 131 11.58 6.20 72.89
C LEU D 131 12.80 5.99 72.00
N ALA D 132 13.47 4.85 72.19
CA ALA D 132 14.65 4.53 71.38
C ALA D 132 14.82 3.03 71.31
N PHE D 133 14.38 2.44 70.19
CA PHE D 133 14.60 1.03 69.87
C PHE D 133 15.32 0.96 68.54
N ASP D 134 16.33 0.11 68.43
CA ASP D 134 17.07 0.01 67.19
C ASP D 134 16.38 -0.96 66.21
N VAL D 135 16.90 -0.98 64.98
CA VAL D 135 16.37 -1.81 63.91
C VAL D 135 17.53 -2.62 63.33
N GLY D 136 17.33 -3.91 63.14
CA GLY D 136 18.39 -4.78 62.66
C GLY D 136 17.83 -6.06 62.08
N LEU D 137 18.73 -6.91 61.58
CA LEU D 137 18.31 -8.17 60.98
C LEU D 137 18.14 -9.24 62.05
N GLN D 138 17.27 -10.21 61.74
CA GLN D 138 17.18 -11.45 62.50
C GLN D 138 17.14 -12.60 61.50
N GLU D 139 17.65 -13.75 61.96
CA GLU D 139 17.88 -14.87 61.05
C GLU D 139 16.57 -15.52 60.62
N ASP D 140 15.66 -15.76 61.56
CA ASP D 140 14.41 -16.46 61.30
C ASP D 140 13.24 -15.52 61.52
N ALA D 141 12.33 -15.47 60.55
CA ALA D 141 11.12 -14.64 60.66
C ALA D 141 10.02 -15.44 61.37
N THR D 142 10.25 -15.67 62.66
CA THR D 142 9.28 -16.37 63.49
C THR D 142 8.86 -15.47 64.65
N GLY D 143 8.69 -14.17 64.39
CA GLY D 143 8.34 -13.22 65.42
C GLY D 143 7.47 -12.12 64.88
N GLU D 144 6.90 -11.35 65.81
CA GLU D 144 5.97 -10.28 65.46
C GLU D 144 6.68 -9.03 64.96
N ALA D 145 7.96 -8.85 65.29
CA ALA D 145 8.67 -7.62 64.93
C ALA D 145 9.02 -7.53 63.45
N CYS D 146 8.90 -8.64 62.72
CA CYS D 146 9.32 -8.65 61.31
C CYS D 146 8.42 -7.81 60.43
N TRP D 147 7.13 -7.71 60.76
CA TRP D 147 6.15 -7.09 59.88
C TRP D 147 6.02 -5.59 60.15
N TRP D 148 5.87 -4.82 59.08
CA TRP D 148 5.66 -3.38 59.15
C TRP D 148 4.45 -3.01 58.30
N THR D 149 3.63 -2.09 58.80
CA THR D 149 2.44 -1.64 58.11
C THR D 149 2.66 -0.26 57.51
N MET D 150 2.05 -0.04 56.35
CA MET D 150 2.23 1.18 55.56
C MET D 150 1.00 2.06 55.68
N HIS D 151 1.22 3.35 55.88
CA HIS D 151 0.15 4.33 55.93
C HIS D 151 0.50 5.52 55.05
N PRO D 152 -0.51 6.19 54.48
CA PRO D 152 -0.23 7.35 53.62
C PRO D 152 0.28 8.53 54.43
N ALA D 153 1.15 9.31 53.80
CA ALA D 153 1.66 10.52 54.42
C ALA D 153 0.76 11.73 54.16
N SER D 154 0.04 11.74 53.05
CA SER D 154 -0.77 12.88 52.64
C SER D 154 -2.22 12.46 52.46
N LYS D 155 -3.10 13.47 52.36
CA LYS D 155 -4.52 13.25 52.21
C LYS D 155 -4.93 12.89 50.78
N GLN D 156 -4.00 12.99 49.82
CA GLN D 156 -4.33 12.65 48.44
C GLN D 156 -4.66 11.17 48.29
N ARG D 157 -3.95 10.31 49.01
CA ARG D 157 -4.20 8.88 49.01
C ARG D 157 -4.78 8.44 50.35
N SER D 158 -5.82 7.62 50.31
CA SER D 158 -6.52 7.15 51.49
C SER D 158 -6.26 5.66 51.69
N GLU D 159 -6.84 5.13 52.77
CA GLU D 159 -6.70 3.70 53.08
C GLU D 159 -7.44 2.85 52.05
N GLY D 160 -6.88 1.68 51.76
CA GLY D 160 -7.44 0.81 50.76
C GLY D 160 -7.08 1.15 49.33
N GLU D 161 -6.14 2.08 49.12
CA GLU D 161 -5.72 2.48 47.79
C GLU D 161 -4.34 1.91 47.48
N LYS D 162 -4.14 1.58 46.21
CA LYS D 162 -2.92 0.89 45.78
C LYS D 162 -1.72 1.82 45.86
N VAL D 163 -0.59 1.27 46.32
CA VAL D 163 0.62 2.06 46.53
C VAL D 163 1.42 2.12 45.23
N ARG D 164 1.84 3.32 44.84
CA ARG D 164 2.58 3.56 43.62
C ARG D 164 4.03 3.90 43.94
N VAL D 165 4.86 3.93 42.89
CA VAL D 165 6.24 4.37 43.03
C VAL D 165 6.28 5.88 43.17
N GLY D 166 7.15 6.36 44.06
CA GLY D 166 7.32 7.78 44.26
C GLY D 166 6.27 8.43 45.13
N ASP D 167 5.63 7.67 46.01
CA ASP D 167 4.65 8.21 46.94
C ASP D 167 5.19 8.08 48.36
N ASP D 168 4.99 9.14 49.15
CA ASP D 168 5.53 9.18 50.50
C ASP D 168 4.71 8.29 51.42
N LEU D 169 5.39 7.38 52.12
CA LEU D 169 4.74 6.41 53.00
C LEU D 169 5.35 6.50 54.39
N ILE D 170 4.58 6.07 55.38
CA ILE D 170 5.07 5.94 56.75
C ILE D 170 4.90 4.48 57.18
N LEU D 171 5.96 3.91 57.75
CA LEU D 171 6.00 2.50 58.12
C LEU D 171 6.04 2.37 59.63
N VAL D 172 5.12 1.58 60.18
CA VAL D 172 5.02 1.38 61.63
C VAL D 172 5.11 -0.11 61.91
N SER D 173 6.01 -0.48 62.82
CA SER D 173 6.10 -1.86 63.25
C SER D 173 4.92 -2.21 64.15
N VAL D 174 4.39 -3.43 63.98
CA VAL D 174 3.21 -3.83 64.74
C VAL D 174 3.56 -4.11 66.20
N SER D 175 4.83 -4.42 66.49
CA SER D 175 5.24 -4.72 67.86
C SER D 175 5.83 -3.50 68.55
N SER D 176 6.67 -2.73 67.85
CA SER D 176 7.29 -1.57 68.47
C SER D 176 6.33 -0.40 68.60
N GLU D 177 5.31 -0.35 67.73
CA GLU D 177 4.36 0.77 67.66
C GLU D 177 5.08 2.11 67.49
N ARG D 178 6.06 2.14 66.59
CA ARG D 178 6.93 3.28 66.43
C ARG D 178 7.02 3.65 64.96
N TYR D 179 7.45 4.89 64.70
CA TYR D 179 7.29 5.53 63.41
C TYR D 179 8.51 5.34 62.50
N LEU D 180 9.52 4.60 62.94
CA LEU D 180 10.77 4.36 62.19
C LEU D 180 11.43 5.70 61.84
N HIS D 181 12.01 6.31 62.87
CA HIS D 181 12.48 7.68 62.79
C HIS D 181 13.98 7.78 62.48
N LEU D 182 14.33 8.81 61.71
CA LEU D 182 15.72 9.21 61.51
C LEU D 182 16.10 10.25 62.56
N SER D 183 17.27 10.08 63.19
CA SER D 183 17.71 10.95 64.27
C SER D 183 18.58 12.06 63.69
N THR D 184 18.13 13.31 63.84
CA THR D 184 18.89 14.47 63.43
C THR D 184 19.27 15.35 64.61
N ALA D 185 19.33 14.78 65.81
CA ALA D 185 19.62 15.53 67.03
C ALA D 185 21.12 15.43 67.35
N SER D 186 21.89 16.26 66.66
CA SER D 186 23.33 16.44 66.85
C SER D 186 24.13 15.18 66.55
N GLY D 187 23.58 14.25 65.76
CA GLY D 187 24.27 13.03 65.40
C GLY D 187 24.62 13.01 63.92
N GLU D 188 25.62 12.21 63.56
CA GLU D 188 25.97 12.05 62.15
C GLU D 188 24.78 11.49 61.36
N LEU D 189 24.34 10.27 61.69
CA LEU D 189 23.09 9.70 61.18
C LEU D 189 22.76 8.45 61.98
N GLN D 190 21.55 8.41 62.56
CA GLN D 190 21.07 7.24 63.27
C GLN D 190 19.66 6.91 62.82
N VAL D 191 19.34 5.62 62.79
CA VAL D 191 17.98 5.15 62.52
C VAL D 191 17.50 4.38 63.74
N ASP D 192 16.28 4.70 64.20
CA ASP D 192 15.78 4.03 65.39
C ASP D 192 14.26 4.00 65.35
N ALA D 193 13.69 3.09 66.14
CA ALA D 193 12.24 3.02 66.28
C ALA D 193 11.83 4.11 67.26
N SER D 194 11.38 5.25 66.73
CA SER D 194 11.03 6.39 67.55
C SER D 194 9.74 7.00 67.02
N PHE D 195 9.09 7.79 67.88
CA PHE D 195 7.73 8.22 67.63
C PHE D 195 7.61 9.37 66.65
N MET D 196 8.68 10.15 66.43
CA MET D 196 8.62 11.20 65.43
C MET D 196 8.55 10.62 64.02
N GLN D 197 7.85 11.33 63.13
CA GLN D 197 7.53 10.82 61.80
C GLN D 197 8.66 11.13 60.82
N THR D 198 9.10 10.10 60.11
CA THR D 198 10.07 10.24 59.03
C THR D 198 9.49 9.57 57.79
N LEU D 199 9.43 10.31 56.69
CA LEU D 199 8.77 9.85 55.47
C LEU D 199 9.77 9.12 54.57
N TRP D 200 9.33 8.01 53.99
CA TRP D 200 10.21 7.15 53.20
C TRP D 200 9.63 6.90 51.81
N ASN D 201 10.52 6.78 50.83
CA ASN D 201 10.20 6.40 49.46
C ASN D 201 10.55 4.92 49.23
N MET D 202 9.72 4.25 48.45
CA MET D 202 9.88 2.83 48.15
C MET D 202 10.10 2.70 46.64
N ASN D 203 11.33 2.32 46.24
CA ASN D 203 11.73 2.46 44.84
C ASN D 203 12.34 1.12 44.41
N PRO D 204 11.92 0.57 43.25
CA PRO D 204 12.39 -0.76 42.85
C PRO D 204 13.74 -0.75 42.14
N ILE D 205 14.62 -1.67 42.55
CA ILE D 205 15.89 -1.84 41.85
C ILE D 205 15.72 -2.79 40.66
N CYS D 206 15.01 -3.90 40.86
CA CYS D 206 14.86 -4.91 39.83
C CYS D 206 13.43 -5.45 39.87
N SER D 207 13.17 -6.44 39.02
CA SER D 207 11.85 -7.03 38.87
C SER D 207 12.01 -8.43 38.28
N CYS D 208 10.91 -9.01 37.80
CA CYS D 208 10.94 -10.26 37.07
C CYS D 208 11.83 -10.14 35.83
N CYS D 209 12.37 -11.24 35.36
CA CYS D 209 13.37 -11.17 34.30
C CYS D 209 13.23 -12.38 33.39
N GLU D 210 13.49 -12.16 32.09
CA GLU D 210 13.47 -13.24 31.13
C GLU D 210 14.64 -14.19 31.40
N GLU D 211 14.44 -15.46 31.05
CA GLU D 211 15.45 -16.47 31.30
C GLU D 211 16.65 -16.30 30.38
N GLY D 212 17.85 -16.50 30.93
CA GLY D 212 19.06 -16.42 30.15
C GLY D 212 19.44 -15.04 29.67
N TYR D 213 19.02 -13.99 30.37
CA TYR D 213 19.28 -12.61 29.96
C TYR D 213 20.12 -11.92 31.03
N VAL D 214 21.24 -11.33 30.61
CA VAL D 214 22.16 -10.68 31.54
C VAL D 214 21.66 -9.28 31.84
N THR D 215 21.55 -8.96 33.12
CA THR D 215 21.14 -7.63 33.58
C THR D 215 22.24 -7.04 34.47
N GLY D 216 22.02 -5.80 34.90
CA GLY D 216 22.97 -5.15 35.78
C GLY D 216 22.86 -5.67 37.20
N GLY D 217 24.01 -5.72 37.88
CA GLY D 217 24.08 -6.13 39.27
C GLY D 217 24.57 -7.54 39.51
N HIS D 218 24.60 -8.38 38.49
CA HIS D 218 25.04 -9.76 38.66
C HIS D 218 26.58 -9.84 38.70
N VAL D 219 27.07 -10.90 39.32
CA VAL D 219 28.50 -11.18 39.40
C VAL D 219 28.82 -12.31 38.43
N LEU D 220 29.86 -12.11 37.61
CA LEU D 220 30.20 -13.06 36.57
C LEU D 220 31.71 -13.21 36.49
N ARG D 221 32.15 -14.06 35.58
CA ARG D 221 33.56 -14.18 35.21
C ARG D 221 33.71 -13.71 33.77
N LEU D 222 34.64 -12.77 33.55
CA LEU D 222 34.89 -12.23 32.21
C LEU D 222 35.97 -13.07 31.55
N PHE D 223 35.56 -13.92 30.62
CA PHE D 223 36.46 -14.86 29.93
C PHE D 223 36.70 -14.36 28.51
N HIS D 224 37.95 -14.00 28.22
CA HIS D 224 38.38 -13.62 26.89
C HIS D 224 39.34 -14.67 26.36
N GLY D 225 39.02 -15.25 25.22
CA GLY D 225 39.88 -16.25 24.62
C GLY D 225 39.06 -17.34 23.98
N HIS D 226 39.71 -18.50 23.79
CA HIS D 226 39.07 -19.64 23.13
C HIS D 226 38.66 -20.73 24.11
N MET D 227 39.60 -21.22 24.92
CA MET D 227 39.33 -22.35 25.80
C MET D 227 39.34 -21.97 27.27
N ASP D 228 40.43 -21.39 27.78
CA ASP D 228 40.52 -21.10 29.22
C ASP D 228 41.43 -19.88 29.41
N GLU D 229 40.81 -18.71 29.53
CA GLU D 229 41.51 -17.48 29.89
C GLU D 229 40.50 -16.48 30.43
N CYS D 230 40.92 -15.71 31.43
CA CYS D 230 40.04 -14.71 32.02
C CYS D 230 40.88 -13.55 32.55
N LEU D 231 40.24 -12.39 32.64
CA LEU D 231 40.89 -11.21 33.21
C LEU D 231 40.86 -11.30 34.73
N THR D 232 42.04 -11.40 35.34
CA THR D 232 42.17 -11.65 36.77
C THR D 232 43.03 -10.57 37.41
N ILE D 233 43.04 -10.59 38.75
CA ILE D 233 43.90 -9.75 39.56
C ILE D 233 45.01 -10.64 40.10
N SER D 234 46.20 -10.05 40.30
CA SER D 234 47.36 -10.78 40.80
C SER D 234 47.07 -11.42 42.15
N ALA D 235 47.84 -12.46 42.47
CA ALA D 235 47.59 -13.28 43.64
C ALA D 235 47.88 -12.50 44.93
N ALA D 236 47.64 -13.17 46.05
CA ALA D 236 47.85 -12.56 47.37
C ALA D 236 49.32 -12.21 47.57
N ASP D 237 49.56 -11.01 48.09
CA ASP D 237 50.90 -10.46 48.34
C ASP D 237 51.62 -10.37 47.01
N SER D 238 52.78 -11.01 46.84
CA SER D 238 53.57 -11.05 45.60
C SER D 238 54.07 -9.68 45.17
N ASP D 239 54.01 -8.68 46.05
CA ASP D 239 54.54 -7.33 45.86
C ASP D 239 53.86 -6.58 44.72
N ASP D 240 52.79 -7.12 44.13
CA ASP D 240 52.12 -6.43 43.04
C ASP D 240 51.16 -5.35 43.54
N GLN D 241 50.79 -5.39 44.83
CA GLN D 241 49.83 -4.51 45.49
C GLN D 241 48.41 -4.66 44.93
N ARG D 242 48.17 -5.66 44.09
CA ARG D 242 46.85 -5.99 43.55
C ARG D 242 46.21 -4.84 42.76
N ARG D 243 47.02 -3.93 42.23
CA ARG D 243 46.50 -2.78 41.49
C ARG D 243 46.49 -2.97 39.98
N LEU D 244 47.18 -3.97 39.45
CA LEU D 244 47.31 -4.17 38.02
C LEU D 244 46.62 -5.46 37.60
N VAL D 245 45.83 -5.38 36.53
CA VAL D 245 45.06 -6.50 36.00
C VAL D 245 45.94 -7.31 35.06
N TYR D 246 45.72 -8.62 35.01
CA TYR D 246 46.43 -9.49 34.09
C TYR D 246 45.43 -10.42 33.42
N TYR D 247 45.91 -11.18 32.45
CA TYR D 247 45.11 -12.19 31.76
C TYR D 247 45.67 -13.56 32.11
N GLU D 248 44.89 -14.34 32.86
CA GLU D 248 45.35 -15.60 33.41
C GLU D 248 44.36 -16.72 33.11
N GLY D 249 44.90 -17.90 32.86
CA GLY D 249 44.07 -19.08 32.62
C GLY D 249 44.63 -20.28 33.38
N GLY D 250 43.72 -21.01 34.01
CA GLY D 250 44.11 -22.18 34.79
C GLY D 250 43.24 -22.39 36.01
N ALA D 251 43.87 -22.48 37.18
CA ALA D 251 43.13 -22.66 38.43
C ALA D 251 42.49 -21.38 38.94
N VAL D 252 42.76 -20.24 38.28
CA VAL D 252 42.24 -18.96 38.76
C VAL D 252 40.72 -18.86 38.54
N CYS D 253 40.17 -19.61 37.58
CA CYS D 253 38.75 -19.52 37.28
C CYS D 253 37.90 -19.97 38.46
N THR D 254 38.29 -21.07 39.12
CA THR D 254 37.55 -21.53 40.27
C THR D 254 37.74 -20.61 41.47
N HIS D 255 38.93 -20.01 41.60
CA HIS D 255 39.21 -19.14 42.73
C HIS D 255 38.42 -17.83 42.64
N ALA D 256 38.32 -17.15 43.77
CA ALA D 256 37.55 -15.92 43.89
C ALA D 256 38.35 -14.68 43.51
N ARG D 257 39.47 -14.84 42.80
CA ARG D 257 40.17 -13.67 42.27
C ARG D 257 39.46 -13.11 41.05
N SER D 258 38.81 -13.96 40.26
CA SER D 258 38.12 -13.53 39.04
C SER D 258 36.64 -13.32 39.35
N LEU D 259 36.32 -12.10 39.79
CA LEU D 259 34.94 -11.68 39.99
C LEU D 259 34.76 -10.25 39.51
N TRP D 260 33.70 -10.00 38.75
CA TRP D 260 33.38 -8.66 38.27
C TRP D 260 31.88 -8.40 38.45
N ARG D 261 31.55 -7.20 38.91
CA ARG D 261 30.16 -6.78 39.09
C ARG D 261 29.93 -5.47 38.34
N LEU D 262 28.84 -5.41 37.59
CA LEU D 262 28.49 -4.20 36.83
C LEU D 262 27.54 -3.35 37.65
N GLU D 263 27.90 -2.09 37.86
CA GLU D 263 27.06 -1.12 38.54
C GLU D 263 26.63 -0.05 37.54
N PRO D 264 25.35 0.05 37.21
CA PRO D 264 24.89 1.15 36.34
C PRO D 264 24.92 2.48 37.08
N LEU D 265 24.99 3.55 36.29
CA LEU D 265 25.01 4.90 36.87
C LEU D 265 23.68 5.24 37.52
N ARG D 266 22.57 4.85 36.91
CA ARG D 266 21.25 5.14 37.45
C ARG D 266 20.95 4.24 38.65
N ILE D 267 20.64 4.86 39.79
CA ILE D 267 20.30 4.10 40.99
C ILE D 267 18.95 3.41 40.84
N SER D 268 17.95 4.15 40.35
CA SER D 268 16.63 3.58 40.16
C SER D 268 16.62 2.65 38.95
N TRP D 269 15.97 1.49 39.12
CA TRP D 269 15.93 0.43 38.11
C TRP D 269 17.34 0.02 37.68
N SER D 270 18.21 -0.19 38.67
CA SER D 270 19.58 -0.60 38.37
C SER D 270 19.63 -2.03 37.83
N GLY D 271 18.65 -2.85 38.18
CA GLY D 271 18.61 -4.23 37.73
C GLY D 271 17.94 -4.43 36.39
N SER D 272 17.93 -3.38 35.57
CA SER D 272 17.30 -3.47 34.26
C SER D 272 18.15 -4.28 33.30
N HIS D 273 17.52 -4.71 32.21
CA HIS D 273 18.22 -5.46 31.17
C HIS D 273 19.33 -4.61 30.55
N LEU D 274 20.51 -5.21 30.40
CA LEU D 274 21.67 -4.47 29.94
C LEU D 274 21.53 -4.10 28.47
N ARG D 275 21.63 -2.81 28.18
CA ARG D 275 21.58 -2.30 26.81
C ARG D 275 22.98 -2.06 26.29
N TRP D 276 23.19 -2.35 25.01
CA TRP D 276 24.49 -2.12 24.40
C TRP D 276 24.79 -0.63 24.34
N GLY D 277 26.00 -0.26 24.77
CA GLY D 277 26.45 1.12 24.74
C GLY D 277 26.19 1.91 26.01
N GLN D 278 25.46 1.34 26.97
CA GLN D 278 25.11 2.05 28.19
C GLN D 278 26.29 2.06 29.17
N PRO D 279 26.50 3.16 29.89
CA PRO D 279 27.64 3.24 30.81
C PRO D 279 27.45 2.39 32.05
N LEU D 280 28.54 1.74 32.47
CA LEU D 280 28.51 0.86 33.64
C LEU D 280 29.93 0.78 34.22
N ARG D 281 30.00 0.60 35.54
CA ARG D 281 31.29 0.50 36.21
C ARG D 281 31.55 -0.93 36.68
N ILE D 282 32.82 -1.33 36.63
CA ILE D 282 33.23 -2.69 36.98
C ILE D 282 33.84 -2.67 38.38
N ARG D 283 33.35 -3.56 39.24
CA ARG D 283 33.82 -3.67 40.61
C ARG D 283 34.33 -5.08 40.90
N HIS D 284 35.45 -5.15 41.60
CA HIS D 284 35.98 -6.40 42.15
C HIS D 284 35.68 -6.41 43.64
N VAL D 285 34.79 -7.31 44.07
CA VAL D 285 34.19 -7.21 45.39
C VAL D 285 35.19 -7.53 46.50
N THR D 286 36.04 -8.54 46.30
CA THR D 286 36.98 -8.92 47.35
C THR D 286 38.03 -7.84 47.59
N THR D 287 38.51 -7.20 46.52
CA THR D 287 39.48 -6.12 46.66
C THR D 287 38.82 -4.78 46.91
N GLY D 288 37.56 -4.61 46.54
CA GLY D 288 36.86 -3.36 46.77
C GLY D 288 37.37 -2.21 45.93
N ARG D 289 37.72 -2.47 44.68
CA ARG D 289 38.34 -1.47 43.82
C ARG D 289 37.62 -1.45 42.46
N TYR D 290 37.73 -0.30 41.80
CA TYR D 290 37.07 -0.07 40.52
C TYR D 290 38.11 0.14 39.43
N LEU D 291 37.81 -0.39 38.24
CA LEU D 291 38.70 -0.24 37.08
C LEU D 291 38.75 1.21 36.63
N ALA D 292 39.95 1.71 36.33
CA ALA D 292 40.16 3.08 35.91
C ALA D 292 41.29 3.15 34.92
N LEU D 293 41.21 4.17 34.04
CA LEU D 293 42.23 4.41 33.02
C LEU D 293 43.42 5.22 33.55
N THR D 294 43.14 6.27 34.34
CA THR D 294 44.15 7.22 34.79
C THR D 294 44.93 7.81 33.63
N GLU D 295 46.14 8.30 33.88
CA GLU D 295 46.96 8.87 32.82
C GLU D 295 48.20 8.02 32.55
N ASP D 296 49.00 7.70 33.56
CA ASP D 296 50.26 6.99 33.31
C ASP D 296 50.11 5.47 33.42
N GLN D 297 49.29 4.98 34.35
CA GLN D 297 49.29 3.56 34.68
C GLN D 297 48.47 2.70 33.73
N GLY D 298 47.40 3.23 33.15
CA GLY D 298 46.52 2.45 32.30
C GLY D 298 45.42 1.74 33.08
N LEU D 299 45.02 0.56 32.63
CA LEU D 299 43.92 -0.17 33.28
C LEU D 299 44.38 -0.65 34.66
N VAL D 300 44.01 0.11 35.69
CA VAL D 300 44.37 -0.24 37.06
C VAL D 300 43.14 -0.10 37.94
N VAL D 301 43.09 -0.91 38.99
CA VAL D 301 42.01 -0.82 39.95
C VAL D 301 42.38 0.18 41.04
N VAL D 302 41.42 1.02 41.40
CA VAL D 302 41.66 2.15 42.30
C VAL D 302 40.52 2.20 43.32
N ASP D 303 40.77 2.91 44.42
CA ASP D 303 39.79 3.04 45.48
C ASP D 303 38.59 3.87 45.02
N ALA D 304 37.49 3.72 45.75
CA ALA D 304 36.26 4.42 45.39
C ALA D 304 36.36 5.92 45.63
N CYS D 305 37.13 6.35 46.63
CA CYS D 305 37.23 7.76 46.94
C CYS D 305 37.99 8.53 45.85
N LYS D 306 39.09 7.95 45.36
CA LYS D 306 39.89 8.60 44.33
C LYS D 306 39.33 8.43 42.93
N ALA D 307 38.36 7.53 42.74
CA ALA D 307 37.81 7.25 41.41
C ALA D 307 36.81 8.33 41.02
N HIS D 308 37.05 8.99 39.89
CA HIS D 308 36.08 9.89 39.31
C HIS D 308 35.16 9.09 38.37
N THR D 309 34.36 9.80 37.58
CA THR D 309 33.34 9.15 36.76
C THR D 309 33.71 8.98 35.30
N LYS D 310 34.62 9.80 34.78
CA LYS D 310 34.99 9.68 33.37
C LYS D 310 35.86 8.45 33.12
N ALA D 311 36.86 8.21 33.98
CA ALA D 311 37.76 7.08 33.77
C ALA D 311 37.13 5.76 34.19
N THR D 312 36.34 5.77 35.27
CA THR D 312 35.78 4.53 35.80
C THR D 312 34.68 3.96 34.91
N SER D 313 33.99 4.81 34.16
CA SER D 313 32.84 4.37 33.38
C SER D 313 33.29 3.56 32.17
N PHE D 314 32.66 2.40 31.97
CA PHE D 314 32.81 1.60 30.77
C PHE D 314 31.43 1.26 30.22
N CYS D 315 31.41 0.64 29.05
CA CYS D 315 30.16 0.29 28.38
C CYS D 315 30.34 -1.07 27.72
N PHE D 316 29.41 -1.42 26.83
CA PHE D 316 29.43 -2.70 26.14
C PHE D 316 28.89 -2.48 24.73
N ARG D 317 29.77 -2.63 23.73
CA ARG D 317 29.39 -2.45 22.33
C ARG D 317 29.67 -3.72 21.54
N VAL D 318 28.70 -4.10 20.70
CA VAL D 318 28.87 -5.29 19.88
C VAL D 318 29.93 -5.07 18.80
N SER D 319 29.98 -3.87 18.22
CA SER D 319 30.91 -3.55 17.15
C SER D 319 31.78 -2.37 17.53
N LYS D 320 33.04 -2.40 17.07
CA LYS D 320 33.96 -1.30 17.34
C LYS D 320 33.62 -0.06 16.53
N GLU D 321 33.05 -0.24 15.33
CA GLU D 321 32.73 0.90 14.48
C GLU D 321 31.66 1.76 15.14
N LYS D 322 31.84 3.09 15.05
CA LYS D 322 31.06 4.04 15.84
C LYS D 322 29.63 4.10 15.32
N LEU D 323 28.68 3.66 16.15
CA LEU D 323 27.26 3.70 15.79
C LEU D 323 26.68 5.09 16.03
N ASP D 324 25.36 5.20 15.98
CA ASP D 324 24.69 6.49 16.16
C ASP D 324 24.86 6.97 17.60
N THR D 325 24.86 8.29 17.76
CA THR D 325 25.27 8.90 19.02
C THR D 325 24.07 9.16 19.95
N ALA D 326 23.01 8.38 19.83
CA ALA D 326 21.89 8.50 20.74
C ALA D 326 21.46 7.18 21.36
N PRO D 327 22.33 6.50 22.13
CA PRO D 327 21.88 5.28 22.82
C PRO D 327 21.11 5.54 24.10
N LYS D 328 21.23 6.75 24.67
CA LYS D 328 20.66 7.03 25.98
C LYS D 328 19.14 7.12 25.91
N ARG D 329 18.47 6.34 26.74
CA ARG D 329 17.01 6.34 26.82
C ARG D 329 16.56 5.73 28.14
N ASP D 330 15.72 6.45 28.87
CA ASP D 330 15.26 6.00 30.18
C ASP D 330 14.04 5.12 30.01
N VAL D 331 14.15 3.87 30.48
CA VAL D 331 13.05 2.91 30.43
C VAL D 331 12.72 2.48 31.86
N GLU D 332 11.44 2.31 32.14
CA GLU D 332 10.99 1.90 33.47
C GLU D 332 10.81 0.39 33.56
N GLY D 333 10.28 -0.23 32.51
CA GLY D 333 10.19 -1.68 32.46
C GLY D 333 11.53 -2.32 32.14
N MET D 334 11.54 -3.66 32.21
CA MET D 334 12.75 -4.41 31.89
C MET D 334 13.14 -4.26 30.42
N GLY D 335 12.17 -4.27 29.52
CA GLY D 335 12.42 -4.06 28.11
C GLY D 335 12.99 -5.28 27.42
N PRO D 336 13.21 -5.17 26.12
CA PRO D 336 13.81 -6.29 25.36
C PRO D 336 15.23 -6.55 25.83
N PRO D 337 15.64 -7.82 25.88
CA PRO D 337 17.01 -8.16 26.28
C PRO D 337 17.99 -7.88 25.16
N GLU D 338 18.74 -6.79 25.28
CA GLU D 338 19.71 -6.43 24.25
C GLU D 338 20.90 -7.38 24.28
N ILE D 339 21.40 -7.70 25.46
CA ILE D 339 22.55 -8.59 25.62
C ILE D 339 22.01 -9.97 26.01
N LYS D 340 22.39 -10.98 25.24
CA LYS D 340 21.98 -12.35 25.48
C LYS D 340 23.17 -13.17 25.97
N TYR D 341 22.94 -13.97 27.01
CA TYR D 341 24.02 -14.74 27.61
C TYR D 341 24.44 -15.90 26.73
N GLY D 342 25.75 -16.14 26.67
CA GLY D 342 26.31 -17.23 25.92
C GLY D 342 26.73 -16.90 24.51
N GLU D 343 26.25 -15.79 23.95
CA GLU D 343 26.60 -15.40 22.58
C GLU D 343 26.78 -13.89 22.45
N SER D 344 27.22 -13.23 23.53
CA SER D 344 27.35 -11.77 23.50
C SER D 344 28.51 -11.34 22.61
N LEU D 345 29.72 -11.84 22.90
CA LEU D 345 30.95 -11.50 22.16
C LEU D 345 31.17 -9.99 22.11
N CYS D 346 31.05 -9.35 23.26
CA CYS D 346 31.05 -7.90 23.37
C CYS D 346 32.47 -7.36 23.58
N PHE D 347 32.59 -6.03 23.51
CA PHE D 347 33.87 -5.35 23.63
C PHE D 347 33.82 -4.31 24.75
N VAL D 348 35.01 -3.95 25.24
CA VAL D 348 35.10 -3.12 26.45
C VAL D 348 34.71 -1.67 26.16
N GLN D 349 35.47 -0.97 25.28
CA GLN D 349 35.14 0.37 24.78
C GLN D 349 34.96 1.38 25.92
N HIS D 350 36.06 1.78 26.54
CA HIS D 350 36.01 2.91 27.46
C HIS D 350 35.50 4.15 26.75
N VAL D 351 34.65 4.93 27.44
CA VAL D 351 33.77 5.88 26.76
C VAL D 351 34.36 7.29 26.75
N ALA D 352 35.21 7.62 27.72
CA ALA D 352 35.78 8.96 27.76
C ALA D 352 36.88 9.12 26.72
N SER D 353 37.88 8.25 26.75
CA SER D 353 38.93 8.28 25.75
C SER D 353 38.48 7.74 24.40
N GLY D 354 37.47 6.87 24.38
CA GLY D 354 37.06 6.23 23.14
C GLY D 354 38.12 5.32 22.56
N LEU D 355 38.90 4.66 23.41
CA LEU D 355 40.06 3.87 22.99
C LEU D 355 39.96 2.49 23.62
N TRP D 356 40.01 1.46 22.78
CA TRP D 356 39.75 0.09 23.21
C TRP D 356 40.94 -0.50 23.96
N LEU D 357 40.65 -1.39 24.91
CA LEU D 357 41.63 -1.90 25.86
C LEU D 357 41.71 -3.42 25.86
N THR D 358 41.75 -4.03 24.67
CA THR D 358 41.72 -5.49 24.52
C THR D 358 42.77 -6.22 25.33
N TYR D 359 44.04 -6.06 24.97
CA TYR D 359 45.21 -6.61 25.66
C TYR D 359 46.46 -6.16 24.91
N ALA D 360 47.57 -6.07 25.66
CA ALA D 360 48.83 -5.63 25.07
C ALA D 360 49.37 -6.64 24.06
N ALA D 361 49.28 -7.94 24.38
CA ALA D 361 49.93 -9.03 23.66
C ALA D 361 51.42 -8.77 23.51
N PRO D 362 52.20 -8.82 24.61
CA PRO D 362 53.64 -8.54 24.46
C PRO D 362 54.40 -9.64 23.75
N ASP D 363 54.07 -10.91 24.06
CA ASP D 363 54.79 -12.08 23.57
C ASP D 363 56.31 -11.98 23.80
N PRO D 364 56.76 -12.03 25.05
CA PRO D 364 58.21 -11.93 25.29
C PRO D 364 58.91 -13.28 25.19
N LYS D 365 60.10 -13.27 24.58
CA LYS D 365 61.03 -14.39 24.67
C LYS D 365 61.17 -14.87 26.12
N ALA D 366 61.52 -13.94 27.01
CA ALA D 366 61.46 -14.17 28.45
C ALA D 366 60.13 -14.75 28.89
N LEU D 367 60.19 -15.70 29.83
CA LEU D 367 59.03 -16.29 30.48
C LEU D 367 58.10 -16.96 29.49
N ARG D 368 58.59 -17.99 28.79
CA ARG D 368 57.81 -18.74 27.82
C ARG D 368 57.32 -20.06 28.37
N LEU D 369 58.21 -20.84 28.99
CA LEU D 369 57.85 -21.99 29.83
C LEU D 369 56.73 -21.66 30.81
N GLY D 370 56.83 -20.50 31.46
CA GLY D 370 55.81 -20.04 32.40
C GLY D 370 54.42 -19.86 31.81
N VAL D 371 53.41 -20.00 32.67
CA VAL D 371 52.01 -19.80 32.28
C VAL D 371 51.82 -18.40 31.72
N LEU D 372 51.07 -18.30 30.62
CA LEU D 372 50.83 -17.03 29.95
C LEU D 372 50.17 -16.02 30.88
N LYS D 373 50.63 -14.77 30.81
CA LYS D 373 50.09 -13.69 31.64
C LYS D 373 50.39 -12.37 30.95
N LYS D 374 49.35 -11.66 30.53
CA LYS D 374 49.48 -10.43 29.77
C LYS D 374 48.81 -9.28 30.52
N LYS D 375 49.54 -8.18 30.66
CA LYS D 375 48.96 -6.97 31.22
C LYS D 375 48.04 -6.32 30.20
N ALA D 376 46.81 -6.00 30.61
CA ALA D 376 45.81 -5.43 29.71
C ALA D 376 45.99 -3.92 29.66
N ILE D 377 46.36 -3.40 28.49
CA ILE D 377 46.42 -1.96 28.24
C ILE D 377 45.82 -1.68 26.87
N LEU D 378 45.69 -0.40 26.55
CA LEU D 378 44.89 0.04 25.42
C LEU D 378 45.64 -0.06 24.09
N HIS D 379 44.89 -0.45 23.06
CA HIS D 379 45.38 -0.42 21.67
C HIS D 379 44.29 0.20 20.81
N GLN D 380 44.69 1.08 19.89
CA GLN D 380 43.73 1.73 18.99
C GLN D 380 43.08 0.72 18.06
N GLU D 381 43.89 0.10 17.20
CA GLU D 381 43.35 -0.90 16.27
C GLU D 381 42.86 -2.14 17.00
N GLY D 382 43.57 -2.56 18.04
CA GLY D 382 43.17 -3.73 18.79
C GLY D 382 43.47 -5.03 18.05
N HIS D 383 42.81 -6.09 18.49
CA HIS D 383 42.98 -7.42 17.94
C HIS D 383 41.63 -7.96 17.47
N MET D 384 41.68 -9.18 16.92
CA MET D 384 40.51 -9.83 16.34
C MET D 384 40.02 -11.01 17.16
N ASP D 385 40.85 -11.53 18.08
CA ASP D 385 40.55 -12.76 18.79
C ASP D 385 40.29 -12.52 20.28
N ASP D 386 39.71 -11.36 20.62
CA ASP D 386 39.43 -11.05 22.02
C ASP D 386 38.42 -12.02 22.62
N ALA D 387 37.28 -12.20 21.95
CA ALA D 387 36.26 -13.20 22.29
C ALA D 387 35.81 -13.11 23.75
N LEU D 388 35.21 -11.96 24.07
CA LEU D 388 34.61 -11.75 25.39
C LEU D 388 33.15 -12.17 25.34
N PHE D 389 32.92 -13.48 25.48
CA PHE D 389 31.57 -14.02 25.57
C PHE D 389 31.18 -14.11 27.04
N LEU D 390 29.96 -13.70 27.35
CA LEU D 390 29.51 -13.57 28.73
C LEU D 390 28.90 -14.89 29.22
N THR D 391 29.44 -15.41 30.32
CA THR D 391 28.95 -16.63 30.97
C THR D 391 28.98 -16.43 32.49
N ARG D 392 27.87 -15.94 33.03
CA ARG D 392 27.77 -15.67 34.46
C ARG D 392 27.52 -16.98 35.22
N CYS D 393 28.13 -17.09 36.41
CA CYS D 393 27.91 -18.29 37.28
C CYS D 393 28.35 -17.96 38.72
N GLN D 394 27.89 -16.82 39.26
CA GLN D 394 28.29 -16.41 40.63
C GLN D 394 27.70 -17.40 41.65
N GLN D 395 26.38 -17.41 41.80
CA GLN D 395 25.71 -18.33 42.76
C GLN D 395 26.18 -18.05 44.19
N GLU D 396 25.84 -18.92 45.14
CA GLU D 396 26.24 -18.72 46.53
C GLU D 396 27.73 -18.48 46.69
N GLU D 397 28.54 -18.85 45.67
CA GLU D 397 29.96 -18.56 45.69
C GLU D 397 30.20 -17.07 45.77
N SER D 398 29.44 -16.30 44.98
CA SER D 398 29.54 -14.84 45.02
C SER D 398 29.23 -14.32 46.42
N GLN D 399 28.23 -14.92 47.07
CA GLN D 399 27.88 -14.53 48.45
C GLN D 399 29.11 -14.65 49.34
N ALA D 400 29.79 -15.80 49.29
CA ALA D 400 30.95 -16.01 50.14
C ALA D 400 32.01 -14.95 49.89
N ALA D 401 32.15 -14.54 48.62
CA ALA D 401 33.17 -13.57 48.26
C ALA D 401 32.99 -12.28 49.03
N ARG D 402 31.74 -11.81 49.14
CA ARG D 402 31.49 -10.56 49.85
C ARG D 402 31.91 -10.68 51.30
N MET D 403 31.53 -11.79 51.95
CA MET D 403 31.90 -11.99 53.34
C MET D 403 33.40 -11.99 53.49
N ILE D 404 34.10 -12.61 52.52
CA ILE D 404 35.55 -12.67 52.55
C ILE D 404 36.11 -11.26 52.61
N HIS D 405 35.64 -10.41 51.69
CA HIS D 405 36.10 -9.02 51.66
C HIS D 405 35.87 -8.38 53.01
N SER D 406 34.63 -8.51 53.53
CA SER D 406 34.29 -7.86 54.77
C SER D 406 35.21 -8.33 55.88
N THR D 407 35.37 -9.66 56.01
CA THR D 407 36.09 -10.14 57.17
C THR D 407 37.56 -9.75 57.07
N ALA D 408 38.08 -9.72 55.83
CA ALA D 408 39.47 -9.34 55.65
C ALA D 408 39.70 -7.94 56.17
N GLY D 409 38.82 -7.00 55.78
CA GLY D 409 38.99 -5.63 56.22
C GLY D 409 38.96 -5.54 57.73
N LEU D 410 37.99 -6.22 58.36
CA LEU D 410 37.86 -6.16 59.81
C LEU D 410 39.13 -6.67 60.45
N TYR D 411 39.59 -7.85 60.00
CA TYR D 411 40.76 -8.44 60.61
C TYR D 411 41.98 -7.55 60.40
N ASN D 412 42.08 -6.99 59.18
CA ASN D 412 43.22 -6.12 58.90
C ASN D 412 43.23 -4.95 59.86
N GLN D 413 42.06 -4.32 60.05
CA GLN D 413 42.00 -3.15 60.92
C GLN D 413 42.36 -3.56 62.34
N PHE D 414 41.89 -4.74 62.75
CA PHE D 414 42.18 -5.20 64.10
C PHE D 414 43.67 -5.36 64.30
N ILE D 415 44.34 -5.95 63.30
CA ILE D 415 45.78 -6.16 63.43
C ILE D 415 46.50 -4.83 63.47
N LYS D 416 45.98 -3.84 62.72
CA LYS D 416 46.58 -2.51 62.76
C LYS D 416 46.50 -1.95 64.16
N GLY D 417 45.36 -2.14 64.83
CA GLY D 417 45.23 -1.71 66.20
C GLY D 417 46.26 -2.37 67.09
N LEU D 418 46.49 -3.67 66.87
CA LEU D 418 47.56 -4.36 67.59
C LEU D 418 48.90 -3.66 67.31
N ASP D 419 49.21 -3.45 66.03
CA ASP D 419 50.44 -2.77 65.67
C ASP D 419 50.44 -1.31 66.06
N SER D 420 49.29 -0.77 66.46
CA SER D 420 49.28 0.56 67.05
C SER D 420 49.90 0.56 68.45
N PHE D 421 49.49 -0.40 69.30
CA PHE D 421 49.72 -0.20 70.73
C PHE D 421 50.80 -1.10 71.33
N SER D 422 51.36 -2.05 70.59
CA SER D 422 52.25 -3.04 71.19
C SER D 422 53.54 -2.40 71.73
N GLY D 423 54.03 -1.35 71.08
CA GLY D 423 55.31 -0.78 71.48
C GLY D 423 55.25 0.01 72.78
N LYS D 424 54.18 0.77 72.98
CA LYS D 424 54.17 1.76 74.06
C LYS D 424 53.74 1.10 75.37
N PRO D 425 54.53 1.19 76.43
CA PRO D 425 54.09 0.70 77.74
C PRO D 425 53.05 1.63 78.34
N ARG D 426 51.88 1.08 78.64
CA ARG D 426 50.73 1.87 79.01
C ARG D 426 50.85 2.45 80.42
N GLY D 427 50.26 3.63 80.60
CA GLY D 427 50.11 4.24 81.91
C GLY D 427 48.65 4.55 82.18
N SER D 428 48.42 5.25 83.29
CA SER D 428 47.08 5.71 83.62
C SER D 428 46.57 6.67 82.55
N GLY D 429 45.34 6.46 82.09
CA GLY D 429 44.77 7.26 81.04
C GLY D 429 44.46 6.44 79.81
N PRO D 430 44.05 7.10 78.72
CA PRO D 430 43.74 6.39 77.47
C PRO D 430 44.99 5.85 76.82
N PRO D 431 45.07 4.55 76.57
CA PRO D 431 46.24 3.97 75.90
C PRO D 431 46.34 4.39 74.44
N ALA D 432 45.24 4.24 73.70
CA ALA D 432 45.22 4.53 72.27
C ALA D 432 43.92 5.21 71.90
N GLY D 433 43.99 6.02 70.84
CA GLY D 433 42.85 6.79 70.38
C GLY D 433 41.76 5.98 69.69
N PRO D 434 42.08 5.33 68.56
CA PRO D 434 41.04 4.65 67.79
C PRO D 434 40.42 3.43 68.46
N ALA D 435 41.04 2.89 69.52
CA ALA D 435 40.49 1.82 70.34
C ALA D 435 40.41 0.50 69.58
N LEU D 436 39.79 -0.51 70.17
CA LEU D 436 39.75 -1.82 69.55
C LEU D 436 38.31 -2.29 69.34
N PRO D 437 37.98 -2.80 68.16
CA PRO D 437 36.62 -3.32 67.85
C PRO D 437 36.43 -4.78 68.28
N ILE D 438 36.17 -4.97 69.58
CA ILE D 438 36.21 -6.30 70.16
C ILE D 438 34.96 -7.10 69.79
N GLU D 439 33.78 -6.51 69.99
CA GLU D 439 32.53 -7.26 69.86
C GLU D 439 32.28 -7.69 68.42
N ALA D 440 32.62 -6.83 67.46
CA ALA D 440 32.49 -7.22 66.06
C ALA D 440 33.39 -8.38 65.72
N VAL D 441 34.61 -8.40 66.28
CA VAL D 441 35.53 -9.51 66.06
C VAL D 441 34.97 -10.80 66.64
N ILE D 442 34.44 -10.74 67.87
CA ILE D 442 33.87 -11.94 68.50
C ILE D 442 32.67 -12.46 67.71
N LEU D 443 31.79 -11.55 67.27
CA LEU D 443 30.61 -11.97 66.52
C LEU D 443 31.00 -12.57 65.17
N SER D 444 31.98 -11.95 64.49
CA SER D 444 32.46 -12.50 63.22
C SER D 444 33.11 -13.86 63.41
N LEU D 445 33.86 -14.05 64.50
CA LEU D 445 34.46 -15.34 64.79
C LEU D 445 33.40 -16.40 65.03
N GLN D 446 32.36 -16.06 65.79
CA GLN D 446 31.28 -17.03 66.04
C GLN D 446 30.54 -17.39 64.76
N ASP D 447 30.25 -16.39 63.92
CA ASP D 447 29.56 -16.66 62.65
C ASP D 447 30.43 -17.49 61.72
N LEU D 448 31.74 -17.23 61.69
CA LEU D 448 32.62 -17.99 60.82
C LEU D 448 32.80 -19.42 61.32
N ILE D 449 32.83 -19.62 62.64
CA ILE D 449 32.85 -20.97 63.19
C ILE D 449 31.58 -21.71 62.83
N GLY D 450 30.42 -21.05 62.95
CA GLY D 450 29.16 -21.67 62.58
C GLY D 450 28.99 -21.89 61.09
N TYR D 451 29.72 -21.14 60.26
CA TYR D 451 29.58 -21.29 58.81
C TYR D 451 30.18 -22.58 58.28
N PHE D 452 31.20 -23.11 58.96
CA PHE D 452 31.92 -24.31 58.52
C PHE D 452 31.67 -25.50 59.44
N GLU D 453 30.44 -25.66 59.90
CA GLU D 453 30.11 -26.80 60.75
C GLU D 453 30.09 -28.09 59.92
N PRO D 454 30.68 -29.17 60.44
CA PRO D 454 30.63 -30.45 59.71
C PRO D 454 29.20 -30.93 59.58
N PRO D 455 28.89 -31.62 58.48
CA PRO D 455 27.53 -32.16 58.31
C PRO D 455 27.20 -33.23 59.34
N SER D 456 25.91 -33.32 59.66
CA SER D 456 25.45 -34.28 60.65
C SER D 456 25.55 -35.71 60.11
N GLU D 457 25.75 -36.66 61.02
CA GLU D 457 25.87 -38.07 60.65
C GLU D 457 24.51 -38.67 60.34
N GLU D 458 23.44 -38.16 60.97
CA GLU D 458 22.11 -38.73 60.84
C GLU D 458 21.46 -38.46 59.49
N LEU D 459 22.07 -37.64 58.64
CA LEU D 459 21.50 -37.37 57.32
C LEU D 459 21.79 -38.53 56.37
N GLN D 460 21.08 -38.52 55.24
CA GLN D 460 21.25 -39.57 54.23
C GLN D 460 22.60 -39.42 53.54
N HIS D 461 22.96 -40.47 52.78
CA HIS D 461 24.28 -40.52 52.17
C HIS D 461 24.44 -39.44 51.09
N GLU D 462 23.44 -39.27 50.24
CA GLU D 462 23.52 -38.31 49.13
C GLU D 462 23.64 -36.88 49.67
N GLU D 463 22.80 -36.53 50.64
CA GLU D 463 22.86 -35.19 51.23
C GLU D 463 24.18 -34.96 51.96
N LYS D 464 24.68 -35.98 52.65
CA LYS D 464 25.96 -35.86 53.33
C LYS D 464 27.10 -35.62 52.35
N GLN D 465 27.11 -36.35 51.23
CA GLN D 465 28.13 -36.13 50.22
C GLN D 465 28.01 -34.74 49.61
N SER D 466 26.78 -34.27 49.36
CA SER D 466 26.60 -32.95 48.79
C SER D 466 27.10 -31.85 49.73
N LYS D 467 26.77 -31.95 51.02
CA LYS D 467 27.25 -30.96 51.98
C LYS D 467 28.77 -31.05 52.15
N LEU D 468 29.33 -32.26 52.10
CA LEU D 468 30.78 -32.40 52.19
C LEU D 468 31.47 -31.73 51.01
N ARG D 469 30.94 -31.93 49.79
CA ARG D 469 31.53 -31.29 48.61
C ARG D 469 31.41 -29.78 48.68
N SER D 470 30.24 -29.27 49.09
CA SER D 470 30.06 -27.82 49.18
C SER D 470 30.98 -27.20 50.23
N LEU D 471 31.10 -27.86 51.40
CA LEU D 471 31.99 -27.38 52.44
C LEU D 471 33.44 -27.43 51.99
N ARG D 472 33.82 -28.48 51.25
CA ARG D 472 35.19 -28.58 50.75
C ARG D 472 35.51 -27.46 49.76
N ASN D 473 34.56 -27.15 48.86
CA ASN D 473 34.79 -26.06 47.91
C ASN D 473 34.88 -24.72 48.62
N ARG D 474 34.00 -24.48 49.59
CA ARG D 474 34.03 -23.22 50.33
C ARG D 474 35.31 -23.08 51.13
N GLN D 475 35.76 -24.16 51.77
CA GLN D 475 37.03 -24.13 52.49
C GLN D 475 38.20 -23.91 51.55
N SER D 476 38.14 -24.51 50.35
CA SER D 476 39.21 -24.33 49.37
C SER D 476 39.34 -22.87 48.95
N LEU D 477 38.23 -22.22 48.59
CA LEU D 477 38.31 -20.81 48.22
C LEU D 477 38.69 -19.93 49.41
N PHE D 478 38.15 -20.23 50.60
CA PHE D 478 38.56 -19.47 51.78
C PHE D 478 40.05 -19.59 52.06
N GLN D 479 40.65 -20.74 51.75
CA GLN D 479 42.09 -20.90 51.90
C GLN D 479 42.83 -20.12 50.82
N GLU D 480 42.34 -20.18 49.57
CA GLU D 480 43.02 -19.52 48.46
C GLU D 480 43.04 -18.01 48.63
N GLU D 481 41.94 -17.42 49.12
CA GLU D 481 41.90 -15.97 49.29
C GLU D 481 42.86 -15.48 50.38
N GLY D 482 43.28 -16.35 51.29
CA GLY D 482 44.31 -16.02 52.24
C GLY D 482 43.87 -15.74 53.66
N MET D 483 42.77 -16.34 54.12
CA MET D 483 42.37 -16.18 55.50
C MET D 483 43.24 -16.99 56.45
N LEU D 484 43.82 -18.09 55.97
CA LEU D 484 44.55 -19.01 56.86
C LEU D 484 45.77 -18.34 57.46
N SER D 485 46.53 -17.58 56.66
CA SER D 485 47.67 -16.84 57.21
C SER D 485 47.19 -15.69 58.07
N LEU D 486 46.03 -15.11 57.74
CA LEU D 486 45.48 -13.99 58.50
C LEU D 486 45.14 -14.43 59.93
N VAL D 487 44.63 -15.65 60.08
CA VAL D 487 44.31 -16.16 61.41
C VAL D 487 45.57 -16.25 62.27
N LEU D 488 46.64 -16.82 61.71
CA LEU D 488 47.89 -16.94 62.47
C LEU D 488 48.48 -15.57 62.79
N ASN D 489 48.35 -14.62 61.87
CA ASN D 489 48.80 -13.26 62.14
C ASN D 489 48.02 -12.65 63.30
N CYS D 490 46.72 -12.93 63.39
CA CYS D 490 45.95 -12.46 64.54
C CYS D 490 46.36 -13.19 65.82
N ILE D 491 46.66 -14.49 65.73
CA ILE D 491 46.98 -15.28 66.92
C ILE D 491 48.30 -14.83 67.53
N ASP D 492 49.30 -14.52 66.71
CA ASP D 492 50.64 -14.22 67.24
C ASP D 492 50.64 -12.99 68.14
N ARG D 493 49.96 -11.92 67.71
CA ARG D 493 50.01 -10.67 68.46
C ARG D 493 49.27 -10.77 69.79
N LEU D 494 48.25 -11.61 69.88
CA LEU D 494 47.65 -11.87 71.19
C LEU D 494 48.49 -12.85 71.99
N ASN D 495 49.10 -13.83 71.33
CA ASN D 495 49.85 -14.88 72.01
C ASN D 495 51.14 -14.38 72.64
N VAL D 496 51.65 -13.24 72.17
CA VAL D 496 52.90 -12.72 72.72
C VAL D 496 52.72 -12.25 74.17
N TYR D 497 51.49 -12.01 74.62
CA TYR D 497 51.25 -11.33 75.89
C TYR D 497 51.20 -12.26 77.10
N THR D 498 51.24 -13.58 76.90
CA THR D 498 51.36 -14.58 77.98
C THR D 498 50.18 -14.42 78.95
N THR D 499 50.41 -14.21 80.24
CA THR D 499 49.36 -14.28 81.25
C THR D 499 48.25 -13.26 81.02
N ALA D 500 48.63 -12.06 80.59
CA ALA D 500 47.69 -10.98 80.22
C ALA D 500 46.82 -10.54 81.40
N ALA D 501 47.35 -10.63 82.63
CA ALA D 501 46.66 -10.02 83.76
C ALA D 501 47.01 -8.53 83.85
N HIS D 502 48.29 -8.22 84.03
CA HIS D 502 48.78 -6.86 83.85
C HIS D 502 49.33 -6.63 82.45
N PHE D 503 49.59 -7.71 81.69
CA PHE D 503 50.11 -7.57 80.34
C PHE D 503 49.03 -7.10 79.38
N ALA D 504 47.78 -7.50 79.59
CA ALA D 504 46.67 -6.97 78.82
C ALA D 504 46.19 -5.63 79.35
N GLU D 505 46.79 -5.14 80.44
CA GLU D 505 46.60 -3.77 80.87
C GLU D 505 47.46 -2.80 80.08
N TYR D 506 48.39 -3.31 79.26
CA TYR D 506 49.03 -2.49 78.25
C TYR D 506 48.01 -1.97 77.26
N ALA D 507 47.00 -2.78 76.93
CA ALA D 507 45.82 -2.29 76.23
C ALA D 507 44.89 -1.52 77.17
N GLY D 508 45.03 -1.67 78.48
CA GLY D 508 44.05 -1.16 79.41
C GLY D 508 42.88 -2.12 79.56
N GLU D 509 41.79 -1.60 80.12
CA GLU D 509 40.57 -2.39 80.27
C GLU D 509 39.95 -2.69 78.91
N GLU D 510 38.87 -3.47 78.94
CA GLU D 510 38.07 -4.00 77.81
C GLU D 510 38.80 -5.12 77.09
N ALA D 511 40.05 -5.41 77.42
CA ALA D 511 40.80 -6.48 76.78
C ALA D 511 41.13 -7.64 77.71
N ALA D 512 41.04 -7.44 79.03
CA ALA D 512 41.29 -8.54 79.96
C ALA D 512 40.14 -9.53 80.03
N GLU D 513 38.90 -9.08 79.80
CA GLU D 513 37.76 -9.98 79.78
C GLU D 513 37.62 -10.73 78.45
N SER D 514 38.17 -10.17 77.37
CA SER D 514 37.94 -10.73 76.04
C SER D 514 39.14 -11.49 75.47
N TRP D 515 40.30 -11.46 76.15
CA TRP D 515 41.49 -12.13 75.64
C TRP D 515 41.29 -13.62 75.46
N LYS D 516 40.84 -14.31 76.53
CA LYS D 516 40.73 -15.76 76.49
C LYS D 516 39.66 -16.22 75.50
N GLU D 517 38.52 -15.51 75.47
CA GLU D 517 37.47 -15.85 74.53
C GLU D 517 37.92 -15.66 73.09
N ILE D 518 38.64 -14.57 72.82
CA ILE D 518 39.09 -14.29 71.46
C ILE D 518 40.10 -15.32 71.00
N VAL D 519 41.06 -15.68 71.88
CA VAL D 519 42.06 -16.67 71.45
C VAL D 519 41.44 -18.06 71.30
N ASN D 520 40.48 -18.42 72.16
CA ASN D 520 39.80 -19.70 72.02
C ASN D 520 38.97 -19.76 70.74
N LEU D 521 38.26 -18.67 70.42
CA LEU D 521 37.47 -18.63 69.20
C LEU D 521 38.34 -18.63 67.95
N LEU D 522 39.50 -17.98 68.00
CA LEU D 522 40.42 -18.02 66.86
C LEU D 522 40.97 -19.42 66.65
N TYR D 523 41.34 -20.12 67.73
CA TYR D 523 41.80 -21.51 67.59
C TYR D 523 40.68 -22.41 67.09
N GLU D 524 39.44 -22.20 67.56
CA GLU D 524 38.32 -22.99 67.08
C GLU D 524 38.05 -22.75 65.59
N LEU D 525 38.11 -21.49 65.17
CA LEU D 525 37.92 -21.18 63.75
C LEU D 525 39.03 -21.79 62.90
N LEU D 526 40.28 -21.73 63.36
CA LEU D 526 41.38 -22.34 62.63
C LEU D 526 41.17 -23.84 62.49
N ALA D 527 40.81 -24.50 63.59
CA ALA D 527 40.58 -25.94 63.58
C ALA D 527 39.41 -26.32 62.67
N SER D 528 38.37 -25.50 62.63
CA SER D 528 37.25 -25.76 61.73
C SER D 528 37.65 -25.55 60.27
N LEU D 529 38.55 -24.60 59.99
CA LEU D 529 38.95 -24.35 58.61
C LEU D 529 39.88 -25.45 58.08
N ILE D 530 40.81 -25.93 58.91
CA ILE D 530 41.82 -26.85 58.37
C ILE D 530 41.21 -28.24 58.14
N ARG D 531 40.25 -28.64 58.97
CA ARG D 531 39.77 -30.02 59.00
C ARG D 531 39.06 -30.40 57.70
N GLY D 532 39.37 -31.59 57.19
CA GLY D 532 38.68 -32.18 56.07
C GLY D 532 39.30 -31.95 54.71
N ASN D 533 40.32 -31.10 54.60
CA ASN D 533 40.96 -30.82 53.32
C ASN D 533 42.41 -31.27 53.38
N ARG D 534 42.81 -32.12 52.43
CA ARG D 534 44.17 -32.64 52.42
C ARG D 534 45.20 -31.56 52.05
N ALA D 535 44.84 -30.65 51.14
CA ALA D 535 45.77 -29.61 50.73
C ALA D 535 46.07 -28.64 51.86
N ASN D 536 45.03 -28.27 52.62
CA ASN D 536 45.21 -27.36 53.75
C ASN D 536 46.08 -27.98 54.83
N CYS D 537 45.95 -29.29 55.06
CA CYS D 537 46.78 -29.96 56.05
C CYS D 537 48.21 -30.15 55.55
N ALA D 538 48.37 -30.42 54.26
CA ALA D 538 49.70 -30.57 53.68
C ALA D 538 50.44 -29.24 53.65
N LEU D 539 49.71 -28.12 53.57
CA LEU D 539 50.34 -26.81 53.62
C LEU D 539 50.83 -26.45 55.02
N PHE D 540 50.48 -27.24 56.04
CA PHE D 540 50.96 -27.04 57.40
C PHE D 540 52.33 -27.67 57.65
N SER D 541 53.03 -28.10 56.60
CA SER D 541 54.33 -28.75 56.78
C SER D 541 55.35 -27.82 57.41
N THR D 542 55.40 -26.57 56.95
CA THR D 542 56.33 -25.61 57.52
C THR D 542 55.91 -25.14 58.91
N ASN D 543 54.62 -25.22 59.23
CA ASN D 543 54.10 -24.72 60.50
C ASN D 543 54.00 -25.78 61.58
N LEU D 544 54.64 -26.94 61.39
CA LEU D 544 54.64 -27.99 62.41
C LEU D 544 55.30 -27.48 63.70
N ASP D 545 56.45 -26.81 63.57
CA ASP D 545 57.11 -26.22 64.72
C ASP D 545 56.27 -25.12 65.34
N TRP D 546 55.48 -24.40 64.53
CA TRP D 546 54.62 -23.34 65.06
C TRP D 546 53.53 -23.92 65.94
N VAL D 547 52.92 -25.04 65.53
CA VAL D 547 51.83 -25.60 66.31
C VAL D 547 52.34 -26.43 67.49
N VAL D 548 53.56 -26.98 67.41
CA VAL D 548 54.09 -27.79 68.49
C VAL D 548 54.63 -26.92 69.62
N SER D 549 55.39 -25.88 69.28
CA SER D 549 56.19 -25.16 70.27
C SER D 549 55.37 -24.37 71.28
N LYS D 550 54.07 -24.18 71.07
CA LYS D 550 53.32 -23.30 71.95
C LYS D 550 53.05 -23.96 73.30
N LEU D 551 52.18 -24.98 73.32
CA LEU D 551 51.76 -25.73 74.51
C LEU D 551 51.54 -24.86 75.74
N ASP D 552 50.87 -23.73 75.57
CA ASP D 552 50.78 -22.75 76.65
C ASP D 552 49.88 -23.25 77.77
N ARG D 553 50.13 -22.74 78.98
CA ARG D 553 49.55 -23.31 80.19
C ARG D 553 48.06 -23.03 80.30
N LEU D 554 47.64 -21.79 80.08
CA LEU D 554 46.30 -21.36 80.47
C LEU D 554 45.39 -21.02 79.30
N GLU D 555 45.83 -20.18 78.36
CA GLU D 555 44.95 -19.54 77.37
C GLU D 555 43.98 -20.50 76.65
N ALA D 556 44.52 -21.43 75.87
CA ALA D 556 43.68 -22.37 75.11
C ALA D 556 44.34 -23.74 75.12
N SER D 557 43.96 -24.58 76.07
CA SER D 557 44.36 -25.97 76.06
C SER D 557 43.33 -26.80 75.30
N SER D 558 43.80 -27.89 74.68
CA SER D 558 43.07 -28.86 73.85
C SER D 558 42.57 -28.23 72.55
N GLY D 559 42.82 -26.96 72.28
CA GLY D 559 42.46 -26.35 71.02
C GLY D 559 43.58 -26.48 70.02
N ILE D 560 44.81 -26.20 70.47
CA ILE D 560 46.00 -26.52 69.68
C ILE D 560 46.12 -28.02 69.48
N LEU D 561 45.70 -28.81 70.47
CA LEU D 561 45.78 -30.26 70.36
C LEU D 561 44.86 -30.80 69.27
N GLU D 562 43.68 -30.18 69.08
CA GLU D 562 42.80 -30.61 68.01
C GLU D 562 43.41 -30.32 66.64
N VAL D 563 44.06 -29.18 66.49
CA VAL D 563 44.73 -28.85 65.23
C VAL D 563 45.87 -29.82 64.97
N LEU D 564 46.65 -30.15 66.01
CA LEU D 564 47.72 -31.12 65.85
C LEU D 564 47.18 -32.50 65.48
N TYR D 565 46.08 -32.91 66.11
CA TYR D 565 45.45 -34.18 65.79
C TYR D 565 44.97 -34.22 64.34
N CYS D 566 44.35 -33.14 63.87
CA CYS D 566 43.89 -33.06 62.49
C CYS D 566 45.06 -33.12 61.52
N VAL D 567 46.14 -32.39 61.83
CA VAL D 567 47.34 -32.41 60.99
C VAL D 567 47.91 -33.81 60.90
N LEU D 568 47.95 -34.54 62.03
CA LEU D 568 48.51 -35.87 62.02
C LEU D 568 47.63 -36.87 61.28
N ILE D 569 46.31 -36.79 61.47
CA ILE D 569 45.44 -37.80 60.86
C ILE D 569 45.29 -37.57 59.36
N GLU D 570 45.22 -36.31 58.93
CA GLU D 570 44.84 -36.04 57.55
C GLU D 570 46.01 -36.13 56.59
N SER D 571 47.17 -35.58 56.95
CA SER D 571 48.30 -35.47 56.02
C SER D 571 49.44 -36.36 56.49
N PRO D 572 49.85 -37.36 55.70
CA PRO D 572 51.01 -38.18 56.07
C PRO D 572 52.34 -37.52 55.76
N GLU D 573 52.35 -36.41 55.01
CA GLU D 573 53.60 -35.72 54.70
C GLU D 573 54.22 -35.11 55.95
N VAL D 574 53.42 -34.75 56.94
CA VAL D 574 53.92 -34.18 58.18
C VAL D 574 54.73 -35.21 58.96
N LEU D 575 54.35 -36.49 58.87
CA LEU D 575 54.94 -37.53 59.69
C LEU D 575 56.42 -37.75 59.37
N ASN D 576 56.84 -37.39 58.15
CA ASN D 576 58.25 -37.52 57.79
C ASN D 576 59.14 -36.50 58.50
N ILE D 577 58.57 -35.37 58.94
CA ILE D 577 59.33 -34.31 59.57
C ILE D 577 58.97 -34.14 61.04
N ILE D 578 58.49 -35.22 61.69
CA ILE D 578 58.07 -35.15 63.09
C ILE D 578 59.27 -34.86 63.99
N GLN D 579 60.43 -35.46 63.70
CA GLN D 579 61.67 -35.36 64.47
C GLN D 579 61.52 -35.96 65.87
N GLU D 580 62.51 -35.75 66.73
CA GLU D 580 62.56 -36.41 68.03
C GLU D 580 62.12 -35.52 69.18
N ASN D 581 62.47 -34.22 69.15
CA ASN D 581 62.13 -33.34 70.27
C ASN D 581 60.63 -33.09 70.36
N HIS D 582 59.91 -33.19 69.24
CA HIS D 582 58.46 -33.03 69.27
C HIS D 582 57.80 -34.17 70.03
N ILE D 583 58.34 -35.39 69.90
CA ILE D 583 57.83 -36.53 70.68
C ILE D 583 58.07 -36.29 72.16
N LYS D 584 59.25 -35.77 72.51
CA LYS D 584 59.55 -35.42 73.90
C LYS D 584 58.59 -34.38 74.43
N SER D 585 58.27 -33.37 73.62
CA SER D 585 57.35 -32.32 74.03
C SER D 585 55.93 -32.86 74.23
N ILE D 586 55.47 -33.72 73.32
CA ILE D 586 54.14 -34.32 73.45
C ILE D 586 54.07 -35.21 74.69
N ILE D 587 55.15 -35.94 74.98
CA ILE D 587 55.18 -36.79 76.17
C ILE D 587 55.21 -35.95 77.45
N SER D 588 55.98 -34.85 77.43
CA SER D 588 56.02 -33.96 78.59
C SER D 588 54.68 -33.28 78.83
N LEU D 589 53.89 -33.11 77.76
CA LEU D 589 52.51 -32.64 77.93
C LEU D 589 51.69 -33.60 78.78
N LEU D 590 51.92 -34.91 78.65
CA LEU D 590 51.21 -35.88 79.49
C LEU D 590 51.57 -35.70 80.96
N ASP D 591 52.85 -35.46 81.27
CA ASP D 591 53.25 -35.34 82.66
C ASP D 591 52.80 -34.00 83.25
N LYS D 592 52.87 -32.92 82.48
CA LYS D 592 52.47 -31.62 83.02
C LYS D 592 50.96 -31.49 83.12
N HIS D 593 50.21 -31.97 82.13
CA HIS D 593 48.77 -31.80 82.09
C HIS D 593 47.99 -33.04 82.56
N GLY D 594 48.68 -34.08 83.02
CA GLY D 594 48.01 -35.25 83.56
C GLY D 594 47.64 -36.25 82.49
N ARG D 595 47.05 -37.35 82.95
CA ARG D 595 46.61 -38.39 82.04
C ARG D 595 45.45 -37.91 81.17
N ASN D 596 45.55 -38.16 79.87
CA ASN D 596 44.53 -37.76 78.92
C ASN D 596 44.58 -38.72 77.75
N HIS D 597 43.41 -39.21 77.33
CA HIS D 597 43.35 -40.15 76.21
C HIS D 597 43.65 -39.50 74.87
N LYS D 598 43.49 -38.18 74.76
CA LYS D 598 43.74 -37.50 73.50
C LYS D 598 45.23 -37.49 73.14
N VAL D 599 46.10 -37.34 74.14
CA VAL D 599 47.54 -37.41 73.88
C VAL D 599 47.94 -38.81 73.46
N LEU D 600 47.32 -39.83 74.07
CA LEU D 600 47.58 -41.20 73.67
C LEU D 600 47.09 -41.46 72.24
N ASP D 601 45.95 -40.87 71.87
CA ASP D 601 45.47 -40.98 70.49
C ASP D 601 46.40 -40.27 69.52
N VAL D 602 46.96 -39.13 69.93
CA VAL D 602 47.93 -38.42 69.09
C VAL D 602 49.18 -39.26 68.89
N LEU D 603 49.68 -39.88 69.96
CA LEU D 603 50.84 -40.77 69.84
C LEU D 603 50.53 -41.99 68.99
N CYS D 604 49.30 -42.51 69.06
CA CYS D 604 48.89 -43.60 68.20
C CYS D 604 48.84 -43.16 66.74
N SER D 605 48.37 -41.94 66.48
CA SER D 605 48.32 -41.42 65.12
C SER D 605 49.69 -41.05 64.57
N LEU D 606 50.68 -40.89 65.45
CA LEU D 606 52.05 -40.66 64.98
C LEU D 606 52.61 -41.86 64.23
N CYS D 607 52.09 -43.05 64.46
CA CYS D 607 52.55 -44.25 63.80
C CYS D 607 51.44 -44.89 62.98
N VAL D 608 51.84 -45.57 61.89
CA VAL D 608 50.98 -46.41 61.07
C VAL D 608 49.86 -45.55 60.47
N CYS D 609 50.24 -44.39 59.94
CA CYS D 609 49.30 -43.61 59.15
C CYS D 609 49.19 -44.17 57.75
N ASN D 610 47.96 -44.28 57.26
CA ASN D 610 47.62 -44.90 55.97
C ASN D 610 48.09 -46.36 56.00
N GLY D 611 48.45 -46.92 54.84
CA GLY D 611 48.91 -48.30 54.81
C GLY D 611 50.32 -48.49 55.34
N VAL D 612 51.20 -47.52 55.11
CA VAL D 612 52.59 -47.66 55.54
C VAL D 612 52.70 -47.41 57.05
N ALA D 613 53.80 -47.91 57.63
CA ALA D 613 54.12 -47.70 59.03
C ALA D 613 55.52 -47.13 59.12
N VAL D 614 55.66 -45.98 59.77
CA VAL D 614 56.95 -45.33 59.93
C VAL D 614 57.64 -45.94 61.15
N ARG D 615 58.79 -46.56 60.92
CA ARG D 615 59.51 -47.23 62.00
C ARG D 615 60.21 -46.25 62.93
N SER D 616 60.68 -45.12 62.39
CA SER D 616 61.45 -44.17 63.20
C SER D 616 60.61 -43.61 64.34
N ASN D 617 59.36 -43.23 64.06
CA ASN D 617 58.47 -42.75 65.13
C ASN D 617 58.16 -43.85 66.12
N GLN D 618 58.04 -45.10 65.66
CA GLN D 618 57.77 -46.22 66.55
C GLN D 618 58.90 -46.43 67.55
N ASP D 619 60.14 -46.53 67.04
CA ASP D 619 61.27 -46.72 67.94
C ASP D 619 61.53 -45.48 68.81
N LEU D 620 61.23 -44.29 68.30
CA LEU D 620 61.43 -43.09 69.13
C LEU D 620 60.42 -43.03 70.27
N ILE D 621 59.16 -43.36 70.00
CA ILE D 621 58.17 -43.43 71.07
C ILE D 621 58.54 -44.53 72.05
N THR D 622 59.02 -45.67 71.55
CA THR D 622 59.38 -46.79 72.42
C THR D 622 60.55 -46.44 73.33
N GLU D 623 61.59 -45.81 72.78
CA GLU D 623 62.73 -45.39 73.60
C GLU D 623 62.37 -44.23 74.52
N ASN D 624 61.38 -43.42 74.16
CA ASN D 624 60.89 -42.36 75.04
C ASN D 624 59.98 -42.92 76.12
N LEU D 625 59.20 -43.97 75.81
CA LEU D 625 58.48 -44.74 76.82
C LEU D 625 59.49 -45.63 77.54
N LEU D 626 60.17 -45.02 78.51
CA LEU D 626 61.29 -45.67 79.20
C LEU D 626 60.77 -46.81 80.07
N PRO D 627 61.62 -47.80 80.39
CA PRO D 627 61.19 -48.87 81.31
C PRO D 627 60.83 -48.36 82.70
N GLY D 628 61.26 -47.16 83.09
CA GLY D 628 60.71 -46.48 84.24
C GLY D 628 59.21 -46.35 84.13
N ARG D 629 58.49 -46.85 85.13
CA ARG D 629 57.06 -47.09 85.02
C ARG D 629 56.22 -45.88 85.40
N GLU D 630 56.81 -44.68 85.41
CA GLU D 630 56.16 -43.51 86.02
C GLU D 630 54.91 -43.09 85.26
N LEU D 631 54.95 -43.10 83.93
CA LEU D 631 53.95 -42.42 83.13
C LEU D 631 52.87 -43.38 82.59
N LEU D 632 52.84 -44.61 83.06
CA LEU D 632 51.82 -45.56 82.64
C LEU D 632 51.57 -46.54 83.77
N LEU D 633 50.31 -46.98 83.86
CA LEU D 633 49.90 -47.91 84.90
C LEU D 633 50.33 -49.33 84.54
N GLN D 634 50.79 -50.07 85.56
CA GLN D 634 51.35 -51.40 85.35
C GLN D 634 50.46 -52.46 86.00
N THR D 635 50.47 -53.65 85.39
CA THR D 635 49.69 -54.78 85.89
C THR D 635 50.53 -56.04 85.92
N ASN D 636 50.22 -56.92 86.87
CA ASN D 636 50.95 -58.16 87.06
C ASN D 636 50.14 -59.08 87.97
N LEU D 637 50.35 -60.39 87.82
CA LEU D 637 49.74 -61.37 88.71
C LEU D 637 50.43 -61.36 90.06
N ILE D 638 49.65 -61.61 91.12
CA ILE D 638 50.18 -61.66 92.48
C ILE D 638 49.39 -62.72 93.24
N ASN D 639 49.95 -63.14 94.38
CA ASN D 639 49.40 -64.22 95.19
C ASN D 639 48.68 -63.67 96.41
N TYR D 640 47.53 -64.25 96.71
CA TYR D 640 46.79 -63.89 97.91
C TYR D 640 47.52 -64.35 99.16
N VAL D 641 47.45 -63.55 100.23
CA VAL D 641 48.03 -63.88 101.52
C VAL D 641 47.03 -63.53 102.61
N THR D 642 46.97 -64.36 103.65
CA THR D 642 46.03 -64.15 104.74
C THR D 642 46.76 -64.29 106.08
N SER D 643 46.04 -64.02 107.16
CA SER D 643 46.62 -64.04 108.49
C SER D 643 45.59 -64.54 109.50
N ILE D 644 46.05 -65.32 110.47
CA ILE D 644 45.20 -65.78 111.56
C ILE D 644 45.82 -65.45 112.92
N ARG D 645 45.03 -65.78 113.96
CA ARG D 645 44.99 -65.16 115.27
C ARG D 645 44.74 -66.25 116.31
N PRO D 646 45.56 -66.35 117.35
CA PRO D 646 45.06 -66.90 118.62
C PRO D 646 44.57 -65.77 119.51
N ASN D 647 43.48 -65.98 120.23
CA ASN D 647 42.90 -64.90 121.05
C ASN D 647 43.74 -64.71 122.29
N ILE D 648 44.68 -63.76 122.21
CA ILE D 648 45.60 -63.43 123.30
C ILE D 648 45.72 -61.91 123.33
N PHE D 649 45.53 -61.33 124.52
CA PHE D 649 45.62 -59.88 124.71
C PHE D 649 46.79 -59.58 125.63
N VAL D 650 47.82 -58.94 125.09
CA VAL D 650 49.01 -58.56 125.85
C VAL D 650 49.20 -57.06 125.69
N GLY D 651 49.18 -56.35 126.81
CA GLY D 651 49.36 -54.90 126.78
C GLY D 651 49.96 -54.34 128.05
N ARG D 652 50.77 -53.29 127.93
CA ARG D 652 51.38 -52.62 129.07
C ARG D 652 51.02 -51.14 129.02
N ALA D 653 50.67 -50.58 130.17
CA ALA D 653 50.24 -49.19 130.29
C ALA D 653 50.31 -48.82 131.77
N GLU D 654 49.86 -47.60 132.07
CA GLU D 654 49.84 -47.13 133.45
C GLU D 654 48.83 -47.91 134.28
N GLY D 655 49.14 -48.06 135.56
CA GLY D 655 48.28 -48.82 136.45
C GLY D 655 48.61 -50.31 136.44
N SER D 656 47.61 -51.10 136.80
CA SER D 656 47.78 -52.55 136.86
C SER D 656 47.82 -53.13 135.45
N THR D 657 48.82 -53.97 135.19
CA THR D 657 48.97 -54.66 133.91
C THR D 657 49.29 -56.13 134.18
N GLN D 658 48.78 -57.00 133.31
CA GLN D 658 49.03 -58.43 133.43
C GLN D 658 50.47 -58.71 132.99
N TYR D 659 51.39 -58.66 133.95
CA TYR D 659 52.83 -58.81 133.73
C TYR D 659 53.33 -57.93 132.58
N GLY D 660 53.59 -58.55 131.43
CA GLY D 660 54.11 -57.84 130.28
C GLY D 660 55.20 -58.63 129.59
N LYS D 661 55.76 -59.60 130.31
CA LYS D 661 56.78 -60.50 129.79
C LYS D 661 56.06 -61.74 129.26
N TRP D 662 56.00 -61.88 127.95
CA TRP D 662 55.37 -63.03 127.32
C TRP D 662 56.24 -63.56 126.18
N TYR D 663 56.26 -64.88 126.03
CA TYR D 663 57.13 -65.56 125.07
C TYR D 663 56.35 -66.70 124.43
N PHE D 664 56.29 -66.70 123.10
CA PHE D 664 55.63 -67.79 122.38
C PHE D 664 56.49 -68.27 121.21
N GLU D 665 56.37 -69.56 120.92
CA GLU D 665 57.06 -70.20 119.81
C GLU D 665 56.06 -70.93 118.92
N VAL D 666 56.35 -70.96 117.62
CA VAL D 666 55.47 -71.55 116.62
C VAL D 666 56.30 -72.43 115.70
N MET D 667 55.76 -73.59 115.32
CA MET D 667 56.51 -74.58 114.55
C MET D 667 55.85 -74.77 113.18
N VAL D 668 56.68 -75.01 112.16
CA VAL D 668 56.20 -75.38 110.85
C VAL D 668 56.78 -76.76 110.51
N ASP D 669 55.95 -77.62 109.92
CA ASP D 669 56.36 -78.98 109.60
C ASP D 669 56.73 -79.16 108.14
N GLU D 670 56.22 -78.32 107.24
CA GLU D 670 56.58 -78.40 105.83
C GLU D 670 56.35 -77.04 105.20
N VAL D 671 57.02 -76.82 104.07
CA VAL D 671 56.79 -75.67 103.22
C VAL D 671 56.54 -76.19 101.82
N VAL D 672 55.44 -75.72 101.20
CA VAL D 672 55.07 -76.14 99.83
C VAL D 672 56.11 -75.62 98.82
N PRO D 673 56.48 -76.41 97.80
CA PRO D 673 57.53 -76.00 96.84
C PRO D 673 57.28 -74.76 95.96
N PHE D 674 56.08 -74.60 95.39
CA PHE D 674 55.78 -73.46 94.48
C PHE D 674 54.54 -73.75 93.63
N LEU D 675 53.40 -74.06 94.26
CA LEU D 675 52.15 -74.30 93.55
C LEU D 675 52.01 -73.40 92.32
N THR D 676 52.37 -72.12 92.45
CA THR D 676 52.16 -71.13 91.40
C THR D 676 53.46 -70.40 91.12
N ALA D 677 53.51 -69.72 89.97
CA ALA D 677 54.67 -68.91 89.64
C ALA D 677 54.66 -67.64 90.48
N GLN D 678 55.26 -67.73 91.66
CA GLN D 678 55.28 -66.66 92.66
C GLN D 678 56.13 -67.17 93.82
N ALA D 679 56.42 -66.32 94.80
CA ALA D 679 57.23 -66.70 95.95
C ALA D 679 56.32 -66.98 97.15
N THR D 680 56.43 -68.19 97.69
CA THR D 680 55.68 -68.54 98.90
C THR D 680 56.23 -67.77 100.10
N HIS D 681 55.33 -67.18 100.88
CA HIS D 681 55.70 -66.30 101.97
C HIS D 681 54.96 -66.70 103.25
N LEU D 682 55.72 -66.92 104.32
CA LEU D 682 55.17 -67.15 105.66
C LEU D 682 55.93 -66.26 106.64
N ARG D 683 55.19 -65.64 107.55
CA ARG D 683 55.78 -64.67 108.48
C ARG D 683 55.05 -64.74 109.82
N VAL D 684 55.80 -64.51 110.90
CA VAL D 684 55.23 -64.52 112.25
C VAL D 684 55.53 -63.18 112.91
N GLY D 685 54.62 -62.70 113.74
CA GLY D 685 54.93 -61.47 114.45
C GLY D 685 53.84 -60.96 115.35
N TRP D 686 53.90 -59.64 115.56
CA TRP D 686 53.08 -58.91 116.51
C TRP D 686 52.25 -57.89 115.73
N ALA D 687 50.94 -57.87 115.97
CA ALA D 687 50.03 -57.06 115.16
C ALA D 687 49.81 -55.66 115.71
N LEU D 688 49.93 -55.47 117.03
CA LEU D 688 49.58 -54.22 117.72
C LEU D 688 48.11 -53.94 117.42
N THR D 689 47.76 -52.78 116.88
CA THR D 689 46.38 -52.45 116.53
C THR D 689 46.30 -51.99 115.09
N GLU D 690 45.13 -52.23 114.48
CA GLU D 690 44.82 -51.81 113.10
C GLU D 690 45.81 -52.42 112.10
N GLY D 691 45.83 -53.75 112.08
CA GLY D 691 46.79 -54.45 111.23
C GLY D 691 46.54 -54.26 109.74
N TYR D 692 45.27 -54.33 109.32
CA TYR D 692 44.79 -54.22 107.95
C TYR D 692 45.23 -55.39 107.06
N SER D 693 45.94 -56.36 107.61
CA SER D 693 46.33 -57.55 106.85
C SER D 693 45.16 -58.35 106.27
N PRO D 694 44.02 -58.56 106.94
CA PRO D 694 42.97 -59.42 106.36
C PRO D 694 42.41 -58.96 105.02
N TYR D 695 42.62 -57.71 104.62
CA TYR D 695 42.08 -57.18 103.37
C TYR D 695 42.64 -57.94 102.17
N PRO D 696 41.81 -58.71 101.45
CA PRO D 696 42.30 -59.52 100.32
C PRO D 696 42.30 -58.73 99.02
N GLY D 697 43.19 -57.75 98.93
CA GLY D 697 43.23 -56.88 97.78
C GLY D 697 44.50 -56.07 97.76
N GLY D 698 44.49 -55.06 96.89
CA GLY D 698 45.68 -54.24 96.68
C GLY D 698 46.11 -53.39 97.85
N GLY D 699 47.30 -53.69 98.38
CA GLY D 699 47.88 -52.91 99.45
C GLY D 699 48.73 -51.76 98.94
N GLU D 700 49.63 -51.30 99.81
CA GLU D 700 50.60 -50.28 99.43
C GLU D 700 51.77 -50.88 98.67
N GLY D 701 52.28 -52.02 99.11
CA GLY D 701 53.26 -52.74 98.35
C GLY D 701 52.63 -53.40 97.13
N TRP D 702 53.48 -54.00 96.31
CA TRP D 702 53.05 -54.61 95.06
C TRP D 702 52.27 -55.88 95.37
N GLY D 703 50.95 -55.80 95.29
CA GLY D 703 50.10 -56.92 95.63
C GLY D 703 49.63 -56.90 97.07
N GLY D 704 49.34 -58.08 97.63
CA GLY D 704 48.86 -58.15 98.99
C GLY D 704 49.97 -58.07 100.01
N ASN D 705 49.59 -57.73 101.24
CA ASN D 705 50.50 -57.59 102.35
C ASN D 705 50.13 -58.58 103.46
N GLY D 706 51.11 -58.94 104.28
CA GLY D 706 50.86 -59.80 105.42
C GLY D 706 51.09 -59.09 106.73
N VAL D 707 52.06 -59.57 107.51
CA VAL D 707 52.43 -58.96 108.78
C VAL D 707 53.84 -58.41 108.64
N GLY D 708 54.08 -57.22 109.21
CA GLY D 708 55.36 -56.56 109.06
C GLY D 708 55.48 -55.70 107.83
N ASP D 709 54.48 -55.69 106.95
CA ASP D 709 54.53 -54.80 105.79
C ASP D 709 54.19 -53.37 106.16
N ASP D 710 53.43 -53.17 107.23
CA ASP D 710 53.05 -51.84 107.69
C ASP D 710 53.83 -51.49 108.96
N LEU D 711 53.64 -50.26 109.44
CA LEU D 711 54.33 -49.81 110.65
C LEU D 711 53.70 -50.40 111.91
N TYR D 712 52.39 -50.64 111.91
CA TYR D 712 51.73 -51.19 113.08
C TYR D 712 52.14 -52.63 113.33
N SER D 713 52.44 -53.38 112.28
CA SER D 713 52.75 -54.80 112.38
C SER D 713 54.25 -55.03 112.30
N TYR D 714 54.75 -55.92 113.15
CA TYR D 714 56.14 -56.36 113.12
C TYR D 714 56.18 -57.83 112.74
N GLY D 715 56.95 -58.17 111.72
CA GLY D 715 56.98 -59.51 111.20
C GLY D 715 58.40 -60.00 111.00
N PHE D 716 58.53 -61.33 110.98
CA PHE D 716 59.81 -61.98 110.78
C PHE D 716 59.58 -63.27 109.99
N ASP D 717 60.40 -63.45 108.96
CA ASP D 717 60.47 -64.68 108.19
C ASP D 717 61.85 -65.28 108.13
N GLY D 718 62.89 -64.50 108.44
CA GLY D 718 64.26 -64.97 108.39
C GLY D 718 65.16 -64.16 107.47
N LEU D 719 64.64 -63.78 106.31
CA LEU D 719 65.48 -63.08 105.34
C LEU D 719 65.68 -61.61 105.71
N HIS D 720 64.61 -60.92 106.14
CA HIS D 720 64.71 -59.56 106.63
C HIS D 720 63.81 -59.35 107.83
N LEU D 721 64.14 -58.32 108.61
CA LEU D 721 63.19 -57.74 109.55
C LEU D 721 62.27 -56.79 108.81
N TRP D 722 60.96 -56.96 109.00
CA TRP D 722 59.96 -56.22 108.23
C TRP D 722 59.18 -55.30 109.15
N THR D 723 59.27 -53.99 108.90
CA THR D 723 58.30 -53.02 109.41
C THR D 723 58.24 -51.86 108.42
N GLY D 724 57.04 -51.49 108.00
CA GLY D 724 56.88 -50.47 106.98
C GLY D 724 57.46 -50.84 105.63
N HIS D 725 57.37 -52.12 105.25
CA HIS D 725 57.73 -52.59 103.91
C HIS D 725 59.23 -52.39 103.61
N VAL D 726 60.06 -52.67 104.61
CA VAL D 726 61.51 -52.55 104.48
C VAL D 726 62.10 -53.95 104.46
N ALA D 727 63.33 -54.05 103.92
CA ALA D 727 63.96 -55.34 103.65
C ALA D 727 65.43 -55.39 104.05
N ARG D 728 65.82 -54.83 105.21
CA ARG D 728 67.23 -54.98 105.58
C ARG D 728 67.48 -56.37 106.14
N PRO D 729 68.55 -57.06 105.72
CA PRO D 729 68.73 -58.46 106.08
C PRO D 729 69.19 -58.68 107.52
N VAL D 730 69.00 -59.92 107.98
CA VAL D 730 69.42 -60.38 109.29
C VAL D 730 70.39 -61.53 109.10
N THR D 731 71.42 -61.59 109.94
CA THR D 731 72.49 -62.58 109.80
C THR D 731 72.15 -63.83 110.61
N SER D 732 71.97 -64.95 109.90
CA SER D 732 71.77 -66.24 110.54
C SER D 732 72.73 -67.26 109.93
N PRO D 733 73.18 -68.22 110.73
CA PRO D 733 74.10 -69.24 110.20
C PRO D 733 73.35 -70.32 109.41
N GLY D 734 73.67 -70.41 108.11
CA GLY D 734 73.14 -71.44 107.23
C GLY D 734 71.63 -71.60 107.25
N GLN D 735 70.91 -70.63 106.71
CA GLN D 735 69.45 -70.59 106.81
C GLN D 735 68.84 -70.68 105.42
N HIS D 736 67.72 -71.41 105.32
CA HIS D 736 67.04 -71.62 104.07
C HIS D 736 65.78 -70.77 103.91
N LEU D 737 65.37 -70.06 104.97
CA LEU D 737 64.23 -69.13 105.04
C LEU D 737 62.90 -69.88 105.00
N LEU D 738 62.94 -71.18 104.76
CA LEU D 738 61.75 -72.04 104.76
C LEU D 738 62.23 -73.47 104.95
N ALA D 739 62.13 -73.98 106.18
CA ALA D 739 62.64 -75.30 106.50
C ALA D 739 61.56 -76.13 107.19
N PRO D 740 61.55 -77.44 106.96
CA PRO D 740 60.54 -78.28 107.61
C PRO D 740 60.92 -78.67 109.03
N GLU D 741 59.89 -78.82 109.86
CA GLU D 741 60.02 -79.12 111.28
C GLU D 741 60.92 -78.11 111.99
N ASP D 742 60.69 -76.83 111.72
CA ASP D 742 61.48 -75.74 112.28
C ASP D 742 60.62 -74.90 113.21
N VAL D 743 61.19 -74.48 114.34
CA VAL D 743 60.51 -73.69 115.35
C VAL D 743 61.09 -72.29 115.37
N VAL D 744 60.23 -71.30 115.63
CA VAL D 744 60.65 -69.90 115.75
C VAL D 744 60.06 -69.36 117.04
N SER D 745 60.90 -68.75 117.87
CA SER D 745 60.46 -68.27 119.17
C SER D 745 60.55 -66.74 119.22
N CYS D 746 59.80 -66.15 120.15
CA CYS D 746 59.85 -64.71 120.32
C CYS D 746 59.37 -64.31 121.70
N CYS D 747 59.99 -63.27 122.24
CA CYS D 747 59.65 -62.71 123.55
C CYS D 747 59.15 -61.28 123.36
N LEU D 748 58.04 -60.96 124.02
CA LEU D 748 57.43 -59.64 123.89
C LEU D 748 58.28 -58.56 124.55
N ASP D 749 58.63 -58.76 125.83
CA ASP D 749 59.49 -57.86 126.60
C ASP D 749 58.91 -56.44 126.62
N LEU D 750 57.77 -56.31 127.29
CA LEU D 750 57.05 -55.03 127.31
C LEU D 750 57.82 -53.94 128.05
N SER D 751 58.51 -54.29 129.14
CA SER D 751 59.11 -53.28 130.01
C SER D 751 60.22 -52.51 129.29
N VAL D 752 61.18 -53.22 128.70
CA VAL D 752 62.24 -52.59 127.93
C VAL D 752 61.77 -52.53 126.49
N PRO D 753 61.92 -51.40 125.78
CA PRO D 753 61.25 -51.25 124.47
C PRO D 753 61.68 -52.25 123.39
N SER D 754 62.72 -53.04 123.62
CA SER D 754 63.16 -54.02 122.63
C SER D 754 62.17 -55.18 122.52
N ILE D 755 62.05 -55.73 121.31
CA ILE D 755 61.26 -56.92 121.04
C ILE D 755 62.22 -58.03 120.67
N SER D 756 62.08 -59.20 121.30
CA SER D 756 63.06 -60.27 121.18
C SER D 756 62.59 -61.36 120.23
N PHE D 757 63.51 -61.82 119.38
CA PHE D 757 63.27 -62.90 118.44
C PHE D 757 64.35 -63.95 118.60
N ARG D 758 63.97 -65.23 118.48
CA ARG D 758 64.85 -66.33 118.83
C ARG D 758 64.82 -67.41 117.75
N ILE D 759 66.00 -67.73 117.23
CA ILE D 759 66.23 -68.83 116.31
C ILE D 759 67.48 -69.54 116.84
N ASN D 760 67.67 -70.80 116.46
CA ASN D 760 68.79 -71.59 116.95
C ASN D 760 70.14 -70.98 116.60
N GLY D 761 70.85 -70.49 117.61
CA GLY D 761 72.15 -69.88 117.41
C GLY D 761 72.14 -68.61 116.58
N CYS D 762 71.04 -67.86 116.61
CA CYS D 762 70.88 -66.64 115.81
C CYS D 762 70.51 -65.47 116.71
N PRO D 763 71.49 -64.70 117.19
CA PRO D 763 71.18 -63.45 117.90
C PRO D 763 70.78 -62.36 116.92
N VAL D 764 69.58 -61.79 117.12
CA VAL D 764 69.05 -60.83 116.17
C VAL D 764 69.86 -59.54 116.22
N GLN D 765 70.20 -59.02 115.04
CA GLN D 765 71.00 -57.81 114.95
C GLN D 765 70.24 -56.59 115.45
N GLY D 766 68.98 -56.47 115.05
CA GLY D 766 68.18 -55.28 115.35
C GLY D 766 66.98 -55.61 116.22
N VAL D 767 66.67 -54.70 117.14
CA VAL D 767 65.49 -54.78 117.98
C VAL D 767 64.70 -53.49 117.82
N PHE D 768 63.38 -53.61 117.70
CA PHE D 768 62.53 -52.46 117.46
C PHE D 768 62.44 -51.59 118.70
N GLU D 769 62.74 -50.30 118.55
CA GLU D 769 62.69 -49.34 119.63
C GLU D 769 61.67 -48.25 119.31
N ALA D 770 61.30 -47.49 120.35
CA ALA D 770 60.42 -46.32 120.24
C ALA D 770 59.07 -46.68 119.61
N PHE D 771 58.47 -47.78 120.07
CA PHE D 771 57.22 -48.27 119.51
C PHE D 771 56.07 -47.91 120.45
N ASN D 772 54.92 -47.58 119.86
CA ASN D 772 53.76 -47.17 120.64
C ASN D 772 53.17 -48.34 121.42
N LEU D 773 52.84 -48.07 122.68
CA LEU D 773 52.27 -49.07 123.57
C LEU D 773 50.74 -49.05 123.58
N ASP D 774 50.12 -48.15 122.83
CA ASP D 774 48.67 -48.09 122.78
C ASP D 774 48.09 -49.31 122.08
N GLY D 775 47.05 -49.88 122.67
CA GLY D 775 46.43 -51.07 122.13
C GLY D 775 46.97 -52.34 122.76
N LEU D 776 46.51 -53.46 122.23
CA LEU D 776 46.89 -54.78 122.71
C LEU D 776 47.74 -55.48 121.67
N PHE D 777 48.77 -56.19 122.13
CA PHE D 777 49.65 -56.91 121.23
C PHE D 777 49.11 -58.31 120.97
N PHE D 778 49.19 -58.73 119.70
CA PHE D 778 48.67 -60.01 119.28
C PHE D 778 49.76 -60.86 118.65
N PRO D 779 49.83 -62.14 119.00
CA PRO D 779 50.56 -63.09 118.15
C PRO D 779 49.77 -63.31 116.86
N VAL D 780 50.40 -63.08 115.72
CA VAL D 780 49.71 -63.17 114.45
C VAL D 780 50.60 -63.91 113.46
N VAL D 781 50.02 -64.81 112.69
CA VAL D 781 50.74 -65.52 111.64
C VAL D 781 50.14 -65.16 110.30
N SER D 782 51.00 -64.90 109.31
CA SER D 782 50.59 -64.57 107.96
C SER D 782 51.20 -65.60 107.02
N PHE D 783 50.39 -66.08 106.08
CA PHE D 783 50.79 -67.17 105.20
C PHE D 783 50.18 -67.01 103.82
N SER D 784 50.82 -67.67 102.86
CA SER D 784 50.27 -67.94 101.55
C SER D 784 49.67 -69.35 101.57
N ALA D 785 49.28 -69.86 100.39
CA ALA D 785 48.62 -71.14 100.32
C ALA D 785 49.64 -72.29 100.30
N GLY D 786 49.14 -73.47 100.65
CA GLY D 786 49.91 -74.70 100.60
C GLY D 786 50.68 -75.05 101.86
N VAL D 787 50.64 -74.22 102.89
CA VAL D 787 51.47 -74.40 104.07
C VAL D 787 50.64 -75.01 105.19
N LYS D 788 51.27 -75.91 105.94
CA LYS D 788 50.71 -76.48 107.17
C LYS D 788 51.58 -76.04 108.33
N VAL D 789 50.97 -75.46 109.36
CA VAL D 789 51.75 -74.87 110.45
C VAL D 789 51.04 -75.11 111.78
N ARG D 790 51.83 -75.39 112.81
CA ARG D 790 51.36 -75.73 114.15
C ARG D 790 51.74 -74.65 115.14
N PHE D 791 50.80 -74.29 116.01
CA PHE D 791 51.00 -73.27 117.03
C PHE D 791 51.04 -73.94 118.40
N LEU D 792 52.11 -73.70 119.15
CA LEU D 792 52.20 -74.25 120.50
C LEU D 792 51.25 -73.51 121.43
N LEU D 793 50.49 -74.27 122.22
CA LEU D 793 49.51 -73.66 123.12
C LEU D 793 50.19 -72.92 124.26
N GLY D 794 51.25 -73.49 124.82
CA GLY D 794 51.98 -72.83 125.89
C GLY D 794 52.47 -73.76 126.98
N GLY D 795 52.23 -73.38 128.24
CA GLY D 795 52.70 -74.19 129.35
C GLY D 795 51.97 -75.53 129.48
N ARG D 796 50.65 -75.53 129.24
CA ARG D 796 49.87 -76.73 129.50
C ARG D 796 50.14 -77.82 128.46
N HIS D 797 50.21 -77.46 127.18
CA HIS D 797 50.35 -78.44 126.11
C HIS D 797 51.61 -78.25 125.28
N GLY D 798 51.97 -77.01 124.96
CA GLY D 798 53.13 -76.78 124.10
C GLY D 798 54.42 -77.23 124.76
N GLU D 799 55.30 -77.82 123.94
CA GLU D 799 56.61 -78.26 124.39
C GLU D 799 57.66 -77.45 123.62
N PHE D 800 58.33 -76.53 124.31
CA PHE D 800 59.30 -75.65 123.69
C PHE D 800 60.66 -76.32 123.61
N LYS D 801 61.29 -76.22 122.44
CA LYS D 801 62.64 -76.75 122.27
C LYS D 801 63.66 -75.92 123.03
N PHE D 802 63.49 -74.61 123.03
CA PHE D 802 64.35 -73.70 123.77
C PHE D 802 63.69 -73.35 125.09
N LEU D 803 64.46 -73.43 126.18
CA LEU D 803 63.94 -73.03 127.48
C LEU D 803 63.67 -71.53 127.49
N PRO D 804 62.56 -71.09 128.08
CA PRO D 804 62.25 -69.66 128.15
C PRO D 804 63.26 -68.94 129.02
N PRO D 805 63.56 -67.67 128.71
CA PRO D 805 64.32 -66.86 129.64
C PRO D 805 63.53 -66.68 130.93
N PRO D 806 64.21 -66.54 132.07
CA PRO D 806 63.51 -66.60 133.36
C PRO D 806 62.61 -65.39 133.56
N GLY D 807 61.34 -65.66 133.87
CA GLY D 807 60.34 -64.64 134.13
C GLY D 807 59.26 -64.54 133.08
N TYR D 808 59.47 -65.10 131.88
CA TYR D 808 58.56 -64.83 130.78
C TYR D 808 57.24 -65.59 130.89
N ALA D 809 57.17 -66.64 131.71
CA ALA D 809 55.94 -67.29 132.16
C ALA D 809 54.88 -67.48 131.07
N PRO D 810 55.10 -68.40 130.11
CA PRO D 810 54.15 -68.58 129.01
C PRO D 810 52.88 -69.28 129.47
N CYS D 811 51.77 -68.55 129.46
CA CYS D 811 50.48 -69.10 129.84
C CYS D 811 49.39 -68.42 129.00
N HIS D 812 48.16 -68.92 129.14
CA HIS D 812 47.06 -68.43 128.33
C HIS D 812 46.50 -67.09 128.81
N GLU D 813 46.71 -66.75 130.09
CA GLU D 813 46.42 -65.45 130.69
C GLU D 813 44.92 -65.21 130.86
N ALA D 814 44.10 -66.10 130.30
CA ALA D 814 42.64 -66.08 130.39
C ALA D 814 42.03 -64.77 129.89
N VAL D 815 40.73 -64.59 130.13
CA VAL D 815 39.97 -63.42 129.68
C VAL D 815 38.85 -63.17 130.67
N LEU D 816 38.35 -61.93 130.71
CA LEU D 816 37.20 -61.62 131.54
C LEU D 816 35.96 -62.44 131.22
N PRO D 817 35.58 -62.70 129.95
CA PRO D 817 34.50 -63.66 129.69
C PRO D 817 34.88 -65.11 129.99
N ARG D 818 36.16 -65.40 130.22
CA ARG D 818 36.66 -66.76 130.50
C ARG D 818 36.33 -67.73 129.37
N GLU D 819 36.30 -67.24 128.13
CA GLU D 819 36.08 -68.09 126.98
C GLU D 819 37.32 -68.94 126.69
N ARG D 820 37.09 -70.16 126.21
CA ARG D 820 38.18 -71.04 125.81
C ARG D 820 38.94 -70.44 124.63
N LEU D 821 40.26 -70.64 124.64
CA LEU D 821 41.10 -70.07 123.59
C LEU D 821 40.88 -70.81 122.27
N ARG D 822 40.78 -70.04 121.19
CA ARG D 822 40.42 -70.60 119.89
C ARG D 822 41.12 -69.82 118.79
N LEU D 823 41.23 -70.47 117.63
CA LEU D 823 41.91 -69.90 116.47
C LEU D 823 40.89 -69.20 115.58
N GLU D 824 41.19 -67.97 115.19
CA GLU D 824 40.25 -67.18 114.41
C GLU D 824 41.00 -66.32 113.40
N PRO D 825 40.36 -65.93 112.30
CA PRO D 825 40.94 -64.89 111.45
C PRO D 825 40.73 -63.52 112.07
N ILE D 826 41.76 -62.68 111.95
CA ILE D 826 41.69 -61.33 112.48
C ILE D 826 40.85 -60.46 111.56
N LYS D 827 39.84 -59.80 112.12
CA LYS D 827 38.97 -58.84 111.43
C LYS D 827 38.38 -59.45 110.16
N GLU D 828 37.49 -60.42 110.36
CA GLU D 828 36.83 -61.12 109.27
C GLU D 828 35.50 -60.45 108.98
N TYR D 829 35.36 -59.88 107.77
CA TYR D 829 34.09 -59.30 107.36
C TYR D 829 33.13 -60.36 106.80
N ARG D 830 33.67 -61.46 106.27
CA ARG D 830 32.87 -62.54 105.69
C ARG D 830 33.31 -63.85 106.31
N ARG D 831 32.35 -64.72 106.64
CA ARG D 831 32.68 -66.01 107.23
C ARG D 831 31.88 -67.10 106.52
N GLU D 832 32.36 -68.34 106.70
CA GLU D 832 31.67 -69.49 106.12
C GLU D 832 30.40 -69.81 106.89
N GLY D 833 29.39 -70.28 106.16
CA GLY D 833 28.13 -70.64 106.75
C GLY D 833 27.59 -71.93 106.18
N PRO D 834 26.54 -72.48 106.80
CA PRO D 834 25.90 -73.69 106.28
C PRO D 834 25.36 -73.50 104.87
N ARG D 835 24.47 -72.53 104.69
CA ARG D 835 23.90 -72.20 103.39
C ARG D 835 24.51 -70.88 102.92
N GLY D 836 25.58 -70.97 102.13
CA GLY D 836 26.24 -69.80 101.60
C GLY D 836 27.08 -69.08 102.63
N PRO D 837 27.55 -67.88 102.30
CA PRO D 837 28.40 -67.12 103.23
C PRO D 837 27.57 -66.28 104.20
N HIS D 838 28.18 -66.02 105.36
CA HIS D 838 27.57 -65.19 106.38
C HIS D 838 28.31 -63.85 106.44
N LEU D 839 27.53 -62.77 106.37
CA LEU D 839 28.07 -61.42 106.46
C LEU D 839 27.97 -60.93 107.90
N VAL D 840 29.07 -60.39 108.42
CA VAL D 840 29.12 -59.92 109.80
C VAL D 840 29.61 -58.49 109.82
N GLY D 841 29.39 -57.83 110.96
CA GLY D 841 29.73 -56.43 111.12
C GLY D 841 31.11 -56.21 111.70
N PRO D 842 31.43 -54.96 112.01
CA PRO D 842 32.74 -54.64 112.58
C PRO D 842 32.92 -55.22 113.99
N SER D 843 34.17 -55.45 114.35
CA SER D 843 34.50 -55.95 115.68
C SER D 843 34.19 -54.90 116.75
N ARG D 844 34.04 -55.38 117.98
CA ARG D 844 33.66 -54.51 119.09
C ARG D 844 34.82 -53.65 119.59
N CYS D 845 36.06 -54.15 119.50
CA CYS D 845 37.32 -53.46 119.78
C CYS D 845 37.37 -52.81 121.15
N LEU D 846 36.51 -53.22 122.09
CA LEU D 846 36.48 -52.66 123.45
C LEU D 846 37.56 -53.23 124.35
N SER D 847 38.56 -53.91 123.79
CA SER D 847 39.57 -54.59 124.58
C SER D 847 40.61 -53.65 125.18
N HIS D 848 40.54 -52.35 124.90
CA HIS D 848 41.58 -51.41 125.33
C HIS D 848 41.62 -51.22 126.85
N THR D 849 40.63 -51.73 127.58
CA THR D 849 40.62 -51.63 129.03
C THR D 849 41.74 -52.50 129.63
N ASP D 850 42.02 -52.24 130.90
CA ASP D 850 43.10 -52.94 131.59
C ASP D 850 42.79 -54.43 131.71
N PHE D 851 43.80 -55.26 131.46
CA PHE D 851 43.65 -56.71 131.57
C PHE D 851 45.00 -57.37 131.81
N HIS D 866 23.26 -38.25 163.57
CA HIS D 866 22.22 -39.26 163.47
C HIS D 866 22.78 -40.53 162.82
N LEU D 867 23.53 -40.34 161.74
CA LEU D 867 24.09 -41.46 161.01
C LEU D 867 25.21 -42.16 161.75
N GLU D 868 25.79 -41.53 162.77
CA GLU D 868 26.86 -42.16 163.55
C GLU D 868 26.33 -43.36 164.34
N ARG D 869 25.15 -43.21 164.95
CA ARG D 869 24.55 -44.33 165.66
C ARG D 869 24.18 -45.47 164.70
N ILE D 870 23.68 -45.12 163.51
CA ILE D 870 23.40 -46.13 162.49
C ILE D 870 24.69 -46.81 162.04
N ARG D 871 25.80 -46.06 161.98
CA ARG D 871 27.08 -46.66 161.60
C ARG D 871 27.59 -47.61 162.66
N GLU D 872 27.44 -47.25 163.94
CA GLU D 872 27.83 -48.16 165.02
C GLU D 872 26.97 -49.42 165.02
N LYS D 873 25.66 -49.24 164.80
CA LYS D 873 24.76 -50.39 164.69
C LYS D 873 25.12 -51.26 163.50
N LEU D 874 25.50 -50.64 162.39
CA LEU D 874 25.92 -51.41 161.22
C LEU D 874 27.23 -52.14 161.45
N ALA D 875 28.14 -51.56 162.24
CA ALA D 875 29.39 -52.25 162.54
C ALA D 875 29.16 -53.46 163.45
N GLU D 876 28.34 -53.30 164.50
CA GLU D 876 28.07 -54.44 165.36
C GLU D 876 27.24 -55.49 164.63
N ASN D 877 26.33 -55.05 163.74
CA ASN D 877 25.59 -55.99 162.92
C ASN D 877 26.48 -56.66 161.89
N ILE D 878 27.54 -56.00 161.44
CA ILE D 878 28.47 -56.62 160.49
C ILE D 878 29.29 -57.70 161.19
N HIS D 879 29.73 -57.44 162.42
CA HIS D 879 30.44 -58.48 163.17
C HIS D 879 29.51 -59.65 163.48
N GLU D 880 28.26 -59.34 163.86
CA GLU D 880 27.27 -60.39 164.10
C GLU D 880 26.94 -61.14 162.83
N LEU D 881 26.96 -60.47 161.68
CA LEU D 881 26.65 -61.13 160.41
C LEU D 881 27.81 -61.99 159.93
N TRP D 882 29.05 -61.60 160.23
CA TRP D 882 30.19 -62.48 159.97
C TRP D 882 30.09 -63.75 160.81
N ALA D 883 29.84 -63.59 162.12
CA ALA D 883 29.69 -64.77 162.98
C ALA D 883 28.49 -65.62 162.57
N LEU D 884 27.42 -64.98 162.11
CA LEU D 884 26.20 -65.69 161.76
C LEU D 884 26.33 -66.42 160.42
N THR D 885 27.03 -65.80 159.46
CA THR D 885 27.33 -66.48 158.20
C THR D 885 28.27 -67.66 158.44
N ARG D 886 29.17 -67.53 159.42
CA ARG D 886 29.93 -68.70 159.86
C ARG D 886 29.00 -69.76 160.46
N ILE D 887 28.01 -69.32 161.24
CA ILE D 887 27.12 -70.26 161.93
C ILE D 887 26.27 -71.05 160.94
N GLU D 888 25.70 -70.38 159.93
CA GLU D 888 24.86 -71.09 158.97
C GLU D 888 25.65 -72.06 158.12
N GLN D 889 26.84 -71.66 157.69
CA GLN D 889 27.66 -72.51 156.82
C GLN D 889 28.31 -73.61 157.66
N GLY D 890 29.21 -74.38 157.04
CA GLY D 890 29.88 -75.46 157.74
C GLY D 890 30.97 -75.01 158.70
N TRP D 891 31.24 -73.72 158.75
CA TRP D 891 32.28 -73.18 159.62
C TRP D 891 31.88 -73.34 161.08
N THR D 892 32.63 -74.17 161.82
CA THR D 892 32.46 -74.33 163.25
C THR D 892 33.63 -73.63 163.94
N TYR D 893 33.33 -72.83 164.95
CA TYR D 893 34.34 -71.96 165.55
C TYR D 893 35.42 -72.76 166.24
N GLY D 894 36.67 -72.28 166.11
CA GLY D 894 37.80 -72.87 166.77
C GLY D 894 38.95 -71.88 166.82
N PRO D 895 39.57 -71.74 168.00
CA PRO D 895 40.69 -70.79 168.14
C PRO D 895 41.86 -71.11 167.23
N VAL D 896 42.15 -72.39 167.01
CA VAL D 896 43.18 -72.77 166.04
C VAL D 896 42.64 -72.57 164.64
N ARG D 897 43.53 -72.24 163.71
CA ARG D 897 43.15 -72.00 162.31
C ARG D 897 43.24 -73.31 161.54
N ASP D 898 42.11 -73.74 160.97
CA ASP D 898 42.07 -74.97 160.18
C ASP D 898 40.91 -74.87 159.20
N ASP D 899 41.23 -74.73 157.91
CA ASP D 899 40.19 -74.64 156.90
C ASP D 899 39.57 -76.00 156.60
N ASN D 900 40.35 -77.08 156.71
CA ASN D 900 39.80 -78.42 156.51
C ASN D 900 38.84 -78.79 157.63
N LYS D 901 39.08 -78.30 158.84
CA LYS D 901 38.14 -78.45 159.96
C LYS D 901 37.15 -77.29 160.05
N ARG D 902 37.21 -76.35 159.10
CA ARG D 902 36.30 -75.21 159.01
C ARG D 902 36.36 -74.31 160.25
N LEU D 903 37.51 -74.27 160.92
CA LEU D 903 37.66 -73.46 162.12
C LEU D 903 37.90 -72.00 161.75
N HIS D 904 37.19 -71.10 162.43
CA HIS D 904 37.35 -69.67 162.27
C HIS D 904 37.87 -69.07 163.57
N PRO D 905 39.07 -68.48 163.58
CA PRO D 905 39.60 -67.97 164.85
C PRO D 905 38.91 -66.71 165.34
N CYS D 906 38.61 -65.77 164.45
CA CYS D 906 38.13 -64.44 164.85
C CYS D 906 36.61 -64.44 165.01
N LEU D 907 36.16 -65.15 166.05
CA LEU D 907 34.76 -65.12 166.47
C LEU D 907 34.73 -64.89 167.98
N VAL D 908 34.30 -63.69 168.39
CA VAL D 908 34.25 -63.31 169.80
C VAL D 908 33.10 -62.32 169.97
N ASN D 909 32.82 -61.99 171.24
CA ASN D 909 31.77 -61.03 171.57
C ASN D 909 32.11 -59.65 171.03
N PHE D 910 31.07 -58.82 170.89
CA PHE D 910 31.26 -57.46 170.36
C PHE D 910 32.11 -56.61 171.30
N HIS D 911 31.91 -56.75 172.61
CA HIS D 911 32.73 -56.00 173.56
C HIS D 911 34.15 -56.55 173.63
N SER D 912 34.37 -57.81 173.25
CA SER D 912 35.68 -58.41 173.22
C SER D 912 36.17 -58.63 171.79
N LEU D 913 35.67 -57.84 170.86
CA LEU D 913 36.08 -57.94 169.47
C LEU D 913 37.54 -57.52 169.32
N PRO D 914 38.27 -58.12 168.38
CA PRO D 914 39.64 -57.67 168.11
C PRO D 914 39.63 -56.24 167.56
N GLU D 915 40.46 -55.38 168.16
CA GLU D 915 40.44 -53.97 167.80
C GLU D 915 40.77 -53.68 166.34
N PRO D 916 41.81 -54.26 165.71
CA PRO D 916 41.98 -54.01 164.28
C PRO D 916 40.85 -54.56 163.43
N GLU D 917 40.30 -55.72 163.78
CA GLU D 917 39.17 -56.26 163.01
C GLU D 917 37.90 -55.45 163.25
N ARG D 918 37.72 -54.93 164.47
CA ARG D 918 36.56 -54.09 164.76
C ARG D 918 36.64 -52.78 163.99
N ASN D 919 37.82 -52.18 163.94
CA ASN D 919 37.96 -50.95 163.15
C ASN D 919 37.97 -51.24 161.65
N TYR D 920 38.32 -52.45 161.22
CA TYR D 920 38.13 -52.82 159.82
C TYR D 920 36.64 -52.93 159.48
N ASN D 921 35.84 -53.46 160.41
CA ASN D 921 34.39 -53.48 160.22
C ASN D 921 33.83 -52.07 160.12
N LEU D 922 34.25 -51.20 161.03
CA LEU D 922 33.84 -49.79 160.96
C LEU D 922 34.35 -49.13 159.70
N GLN D 923 35.52 -49.56 159.19
CA GLN D 923 36.09 -48.99 157.98
C GLN D 923 35.29 -49.36 156.76
N MET D 924 34.85 -50.62 156.64
CA MET D 924 34.03 -50.93 155.47
C MET D 924 32.62 -50.35 155.61
N SER D 925 32.13 -50.18 156.84
CA SER D 925 30.86 -49.45 157.01
C SER D 925 30.98 -48.00 156.56
N GLY D 926 32.09 -47.34 156.92
CA GLY D 926 32.32 -45.99 156.46
C GLY D 926 32.52 -45.90 154.95
N GLU D 927 33.22 -46.89 154.37
CA GLU D 927 33.40 -46.93 152.92
C GLU D 927 32.06 -47.10 152.21
N THR D 928 31.19 -47.95 152.76
CA THR D 928 29.84 -48.08 152.23
C THR D 928 29.11 -46.74 152.25
N LEU D 929 29.06 -46.11 153.43
CA LEU D 929 28.32 -44.86 153.58
C LEU D 929 28.92 -43.73 152.76
N LYS D 930 30.21 -43.83 152.40
CA LYS D 930 30.77 -42.92 151.41
C LYS D 930 30.28 -43.27 150.01
N THR D 931 30.14 -44.55 149.70
CA THR D 931 29.78 -44.93 148.34
C THR D 931 28.31 -44.66 148.01
N LEU D 932 27.40 -44.65 148.99
CA LEU D 932 26.06 -44.18 148.66
C LEU D 932 26.05 -42.71 148.27
N LEU D 933 26.43 -41.83 149.21
CA LEU D 933 26.40 -40.37 149.11
C LEU D 933 25.09 -39.84 148.52
N ALA D 934 23.97 -40.51 148.83
CA ALA D 934 22.67 -40.11 148.32
C ALA D 934 21.56 -40.59 149.24
N ALA D 946 11.48 -47.09 165.54
CA ALA D 946 12.83 -47.18 164.97
C ALA D 946 13.50 -48.48 165.39
N GLU D 947 14.43 -48.38 166.34
CA GLU D 947 15.12 -49.58 166.82
C GLU D 947 14.20 -50.43 167.68
N ASP D 948 13.30 -49.81 168.44
CA ASP D 948 12.37 -50.56 169.27
C ASP D 948 11.32 -51.28 168.44
N ASN D 949 10.91 -50.68 167.32
CA ASN D 949 9.89 -51.31 166.47
C ASN D 949 10.44 -52.51 165.70
N LEU D 950 11.76 -52.56 165.49
CA LEU D 950 12.36 -53.64 164.74
C LEU D 950 12.31 -54.95 165.52
N LYS D 951 12.02 -56.04 164.81
CA LYS D 951 11.94 -57.35 165.42
C LYS D 951 13.33 -57.99 165.54
N LYS D 952 13.38 -59.09 166.29
CA LYS D 952 14.61 -59.84 166.52
C LYS D 952 14.36 -61.29 166.12
N THR D 953 15.21 -61.81 165.23
CA THR D 953 15.03 -63.15 164.70
C THR D 953 15.64 -64.20 165.62
N LYS D 954 15.08 -65.40 165.58
CA LYS D 954 15.53 -66.48 166.44
C LYS D 954 16.85 -67.06 165.92
N LEU D 955 17.40 -68.00 166.69
CA LEU D 955 18.63 -68.70 166.34
C LEU D 955 18.48 -70.18 166.66
N PRO D 956 18.68 -71.06 165.67
CA PRO D 956 18.50 -72.49 165.91
C PRO D 956 19.58 -73.06 166.83
N LYS D 957 19.27 -74.21 167.42
CA LYS D 957 20.21 -74.89 168.32
C LYS D 957 21.42 -75.42 167.55
N THR D 958 21.22 -75.82 166.29
CA THR D 958 22.34 -76.26 165.48
C THR D 958 23.25 -75.10 165.09
N TYR D 959 22.70 -73.90 164.99
CA TYR D 959 23.51 -72.74 164.61
C TYR D 959 24.60 -72.44 165.62
N MET D 960 24.33 -72.66 166.91
CA MET D 960 25.30 -72.36 167.96
C MET D 960 25.84 -73.68 168.51
N MET D 961 27.14 -73.89 168.34
CA MET D 961 27.77 -75.12 168.79
C MET D 961 28.80 -74.84 169.87
N SER D 962 29.65 -73.84 169.66
CA SER D 962 30.80 -73.61 170.54
C SER D 962 30.96 -72.17 171.02
N ASN D 963 30.40 -71.17 170.36
CA ASN D 963 30.77 -69.78 170.63
C ASN D 963 29.78 -69.12 171.58
N GLY D 964 30.30 -68.18 172.36
CA GLY D 964 29.46 -67.46 173.31
C GLY D 964 28.53 -66.46 172.64
N TYR D 965 29.03 -65.77 171.62
CA TYR D 965 28.26 -64.73 170.94
C TYR D 965 27.24 -65.37 170.01
N LYS D 966 25.95 -65.19 170.31
CA LYS D 966 24.88 -65.70 169.49
C LYS D 966 24.28 -64.56 168.67
N PRO D 967 24.45 -64.57 167.34
CA PRO D 967 23.96 -63.45 166.52
C PRO D 967 22.56 -63.66 165.99
N ALA D 968 21.85 -62.54 165.80
CA ALA D 968 20.48 -62.56 165.32
C ALA D 968 20.26 -61.41 164.34
N PRO D 969 19.67 -61.68 163.17
CA PRO D 969 19.33 -60.60 162.24
C PRO D 969 18.11 -59.83 162.71
N LEU D 970 17.90 -58.68 162.09
CA LEU D 970 16.65 -57.96 162.26
C LEU D 970 15.56 -58.66 161.46
N ASP D 971 14.47 -59.04 162.11
CA ASP D 971 13.46 -59.91 161.52
C ASP D 971 12.41 -59.09 160.75
N LEU D 972 12.89 -58.35 159.76
CA LEU D 972 12.04 -57.58 158.86
C LEU D 972 12.39 -57.90 157.41
N SER D 973 12.41 -59.20 157.09
CA SER D 973 13.01 -59.72 155.86
C SER D 973 11.99 -60.01 154.76
N HIS D 974 10.95 -59.17 154.60
CA HIS D 974 9.89 -59.50 153.66
C HIS D 974 9.47 -58.34 152.76
N VAL D 975 10.27 -57.28 152.65
CA VAL D 975 10.00 -56.20 151.70
C VAL D 975 11.26 -55.88 150.90
N ARG D 976 11.06 -55.23 149.75
CA ARG D 976 12.15 -54.86 148.86
C ARG D 976 11.87 -53.49 148.26
N LEU D 977 12.94 -52.76 147.92
CA LEU D 977 12.79 -51.47 147.25
C LEU D 977 13.08 -51.53 145.75
N THR D 978 14.30 -51.92 145.37
CA THR D 978 14.76 -51.82 143.99
C THR D 978 16.08 -52.57 143.81
N PRO D 979 16.24 -53.37 142.74
CA PRO D 979 17.50 -54.10 142.54
C PRO D 979 18.60 -53.26 141.89
N ALA D 980 18.24 -52.10 141.34
CA ALA D 980 19.25 -51.22 140.77
C ALA D 980 20.15 -50.63 141.85
N GLN D 981 19.60 -50.42 143.05
CA GLN D 981 20.44 -50.04 144.18
C GLN D 981 21.42 -51.15 144.54
N THR D 982 20.98 -52.41 144.43
CA THR D 982 21.88 -53.53 144.63
C THR D 982 22.95 -53.58 143.54
N THR D 983 22.58 -53.22 142.30
CA THR D 983 23.58 -53.12 141.23
C THR D 983 24.59 -52.04 141.51
N LEU D 984 24.13 -50.90 142.03
CA LEU D 984 25.05 -49.82 142.43
C LEU D 984 25.97 -50.26 143.56
N VAL D 985 25.44 -51.03 144.51
CA VAL D 985 26.27 -51.58 145.59
C VAL D 985 27.29 -52.58 145.04
N ASP D 986 26.89 -53.35 144.03
CA ASP D 986 27.83 -54.25 143.37
C ASP D 986 28.92 -53.46 142.65
N ARG D 987 28.56 -52.33 142.05
CA ARG D 987 29.56 -51.46 141.45
C ARG D 987 30.51 -50.89 142.50
N LEU D 988 29.97 -50.54 143.67
CA LEU D 988 30.81 -50.09 144.78
C LEU D 988 31.78 -51.18 145.21
N ALA D 989 31.30 -52.42 145.31
CA ALA D 989 32.18 -53.55 145.59
C ALA D 989 33.20 -53.75 144.48
N GLU D 990 32.83 -53.45 143.23
CA GLU D 990 33.78 -53.51 142.12
C GLU D 990 34.90 -52.49 142.27
N ASN D 991 34.55 -51.27 142.69
CA ASN D 991 35.60 -50.28 142.95
C ASN D 991 36.44 -50.66 144.17
N GLY D 992 35.84 -51.33 145.16
CA GLY D 992 36.62 -51.89 146.25
C GLY D 992 37.61 -52.95 145.78
N HIS D 993 37.16 -53.82 144.87
CA HIS D 993 38.04 -54.80 144.26
C HIS D 993 39.15 -54.13 143.46
N ASN D 994 38.83 -53.04 142.76
CA ASN D 994 39.84 -52.28 142.05
C ASN D 994 40.85 -51.66 143.01
N VAL D 995 40.39 -51.22 144.18
CA VAL D 995 41.29 -50.71 145.20
C VAL D 995 42.20 -51.81 145.71
N TRP D 996 41.66 -53.01 145.91
CA TRP D 996 42.48 -54.15 146.32
C TRP D 996 43.50 -54.50 145.25
N ALA D 997 43.09 -54.44 143.98
CA ALA D 997 44.01 -54.70 142.88
C ALA D 997 45.12 -53.65 142.82
N ARG D 998 44.78 -52.38 143.06
CA ARG D 998 45.79 -51.33 143.11
C ARG D 998 46.75 -51.57 144.28
N ASP D 999 46.24 -51.98 145.43
CA ASP D 999 47.08 -52.28 146.58
C ASP D 999 48.00 -53.47 146.30
N ARG D 1000 47.52 -54.48 145.58
CA ARG D 1000 48.33 -55.64 145.24
C ARG D 1000 49.22 -55.40 144.03
N VAL D 1001 49.03 -54.30 143.30
CA VAL D 1001 49.87 -53.96 142.17
C VAL D 1001 50.98 -53.01 142.56
N ALA D 1002 50.69 -52.01 143.40
CA ALA D 1002 51.65 -50.98 143.74
C ALA D 1002 52.21 -51.12 145.15
N GLN D 1003 51.60 -51.92 146.02
CA GLN D 1003 52.07 -52.07 147.39
C GLN D 1003 52.32 -53.52 147.80
N GLY D 1004 51.60 -54.48 147.23
CA GLY D 1004 51.75 -55.87 147.63
C GLY D 1004 52.54 -56.72 146.66
N TRP D 1005 52.56 -56.30 145.39
CA TRP D 1005 53.22 -57.05 144.30
C TRP D 1005 52.68 -58.47 144.19
N SER D 1006 51.37 -58.61 144.40
CA SER D 1006 50.71 -59.92 144.35
C SER D 1006 50.14 -60.17 142.96
N TYR D 1007 50.02 -61.46 142.63
CA TYR D 1007 49.46 -61.89 141.34
C TYR D 1007 48.38 -62.93 141.63
N SER D 1008 47.12 -62.48 141.66
CA SER D 1008 45.99 -63.35 141.93
C SER D 1008 44.87 -63.04 140.96
N ALA D 1009 44.18 -64.09 140.51
CA ALA D 1009 43.08 -63.94 139.57
C ALA D 1009 41.84 -63.39 140.26
N ARG D 1025 37.56 -55.58 138.43
CA ARG D 1025 36.15 -55.54 138.07
C ARG D 1025 35.90 -56.26 136.76
N LEU D 1026 36.92 -56.96 136.26
CA LEU D 1026 36.83 -57.74 135.03
C LEU D 1026 37.47 -59.12 135.22
N LEU D 1027 37.15 -59.78 136.34
CA LEU D 1027 37.69 -61.11 136.60
C LEU D 1027 36.83 -62.21 135.98
N ASP D 1028 35.56 -62.28 136.38
CA ASP D 1028 34.62 -63.27 135.87
C ASP D 1028 33.21 -62.82 136.20
N GLU D 1029 32.28 -63.08 135.26
CA GLU D 1029 30.89 -62.69 135.48
C GLU D 1029 30.25 -63.51 136.59
N ALA D 1030 30.62 -64.79 136.69
CA ALA D 1030 30.08 -65.64 137.76
C ALA D 1030 30.49 -65.13 139.13
N THR D 1031 31.75 -64.70 139.28
CA THR D 1031 32.21 -64.14 140.55
C THR D 1031 31.49 -62.83 140.87
N LYS D 1032 31.24 -62.01 139.85
CA LYS D 1032 30.49 -60.77 140.06
C LYS D 1032 29.06 -61.05 140.53
N ARG D 1033 28.41 -62.04 139.92
CA ARG D 1033 27.07 -62.42 140.38
C ARG D 1033 27.11 -63.02 141.79
N SER D 1034 28.17 -63.77 142.09
CA SER D 1034 28.33 -64.32 143.44
C SER D 1034 28.45 -63.21 144.47
N ASN D 1035 29.24 -62.19 144.18
CA ASN D 1035 29.34 -61.02 145.06
C ASN D 1035 28.00 -60.29 145.17
N ARG D 1036 27.26 -60.21 144.05
CA ARG D 1036 25.97 -59.53 144.06
C ARG D 1036 24.97 -60.26 144.98
N ASP D 1037 24.94 -61.59 144.95
CA ASP D 1037 24.06 -62.29 145.88
C ASP D 1037 24.62 -62.25 147.31
N SER D 1038 25.95 -62.24 147.46
CA SER D 1038 26.55 -62.23 148.79
C SER D 1038 26.79 -60.81 149.29
N LEU D 1039 26.03 -59.84 148.75
CA LEU D 1039 26.02 -58.48 149.32
C LEU D 1039 25.63 -58.47 150.80
N CYS D 1040 25.06 -59.56 151.32
CA CYS D 1040 24.85 -59.81 152.75
C CYS D 1040 23.77 -58.89 153.34
N GLN D 1041 22.66 -58.76 152.61
CA GLN D 1041 21.41 -58.18 153.10
C GLN D 1041 21.60 -56.76 153.64
N ALA D 1042 22.47 -55.98 153.00
CA ALA D 1042 22.73 -54.62 153.44
C ALA D 1042 21.52 -53.73 153.21
N VAL D 1043 20.92 -53.84 152.03
CA VAL D 1043 19.69 -53.04 151.72
C VAL D 1043 18.57 -53.50 152.64
N ARG D 1044 18.45 -54.81 152.86
CA ARG D 1044 17.36 -55.35 153.72
C ARG D 1044 17.53 -54.81 155.13
N THR D 1045 18.76 -54.76 155.63
CA THR D 1045 19.03 -54.20 156.99
C THR D 1045 18.68 -52.72 156.99
N LEU D 1046 19.16 -51.97 155.99
CA LEU D 1046 18.87 -50.53 155.92
C LEU D 1046 17.37 -50.27 155.95
N LEU D 1047 16.59 -51.10 155.26
CA LEU D 1047 15.14 -50.92 155.30
C LEU D 1047 14.52 -51.44 156.59
N GLY D 1048 15.16 -52.40 157.26
CA GLY D 1048 14.74 -52.74 158.60
C GLY D 1048 14.94 -51.59 159.57
N TYR D 1049 16.07 -50.89 159.45
CA TYR D 1049 16.27 -49.67 160.23
C TYR D 1049 15.40 -48.54 159.71
N GLY D 1050 15.23 -48.45 158.39
CA GLY D 1050 14.40 -47.43 157.79
C GLY D 1050 15.16 -46.18 157.38
N TYR D 1051 15.18 -45.91 156.08
CA TYR D 1051 15.85 -44.73 155.54
C TYR D 1051 15.28 -44.34 154.18
N ASP D 1070 34.03 -49.75 114.32
CA ASP D 1070 33.93 -48.33 114.01
C ASP D 1070 32.55 -48.01 113.43
N ARG D 1071 32.55 -47.39 112.24
CA ARG D 1071 31.31 -47.04 111.56
C ARG D 1071 30.61 -48.29 111.04
N VAL D 1072 29.30 -48.15 110.77
CA VAL D 1072 28.53 -49.27 110.24
C VAL D 1072 29.01 -49.65 108.84
N ARG D 1073 28.68 -50.87 108.43
CA ARG D 1073 29.17 -51.45 107.18
C ARG D 1073 28.01 -51.64 106.22
N ILE D 1074 28.14 -51.08 105.01
CA ILE D 1074 27.09 -51.07 104.00
C ILE D 1074 27.47 -52.01 102.87
N PHE D 1075 26.56 -52.91 102.51
CA PHE D 1075 26.76 -53.83 101.41
C PHE D 1075 25.68 -53.59 100.36
N ARG D 1076 26.11 -53.46 99.10
CA ARG D 1076 25.22 -53.28 97.96
C ARG D 1076 25.75 -54.16 96.82
N ALA D 1077 25.25 -53.92 95.61
CA ALA D 1077 25.74 -54.58 94.41
C ALA D 1077 26.32 -53.53 93.45
N GLU D 1078 26.79 -54.01 92.31
CA GLU D 1078 27.46 -53.13 91.35
C GLU D 1078 26.46 -52.22 90.65
N LYS D 1079 27.00 -51.15 90.05
CA LYS D 1079 26.17 -50.20 89.31
C LYS D 1079 25.65 -50.79 88.01
N SER D 1080 26.25 -51.87 87.52
CA SER D 1080 25.75 -52.54 86.33
C SER D 1080 24.57 -53.45 86.62
N TYR D 1081 24.30 -53.74 87.90
CA TYR D 1081 23.17 -54.58 88.30
C TYR D 1081 21.88 -53.79 88.46
N THR D 1082 21.91 -52.49 88.21
CA THR D 1082 20.73 -51.65 88.39
C THR D 1082 19.63 -52.02 87.39
N VAL D 1083 18.39 -51.95 87.86
CA VAL D 1083 17.22 -52.31 87.08
C VAL D 1083 16.27 -51.12 87.03
N GLN D 1084 15.73 -50.84 85.84
CA GLN D 1084 14.81 -49.72 85.64
C GLN D 1084 13.35 -50.13 85.81
N SER D 1085 12.96 -51.30 85.29
CA SER D 1085 11.59 -51.75 85.38
C SER D 1085 11.51 -53.15 85.98
N GLY D 1086 10.32 -53.72 86.04
CA GLY D 1086 10.13 -55.06 86.54
C GLY D 1086 9.76 -55.07 88.02
N ARG D 1087 9.56 -56.29 88.52
CA ARG D 1087 9.17 -56.51 89.90
C ARG D 1087 10.22 -57.42 90.52
N TRP D 1088 10.79 -57.04 91.67
CA TRP D 1088 12.00 -57.69 92.16
C TRP D 1088 11.89 -57.97 93.64
N TYR D 1089 12.29 -59.17 94.05
CA TYR D 1089 12.15 -59.66 95.41
C TYR D 1089 13.48 -60.22 95.89
N PHE D 1090 13.85 -59.92 97.14
CA PHE D 1090 15.01 -60.59 97.73
C PHE D 1090 14.80 -60.81 99.22
N GLU D 1091 15.58 -61.75 99.78
CA GLU D 1091 15.40 -62.27 101.12
C GLU D 1091 16.59 -61.97 102.01
N PHE D 1092 16.33 -61.82 103.30
CA PHE D 1092 17.38 -61.62 104.30
C PHE D 1092 17.05 -62.44 105.53
N GLU D 1093 18.07 -63.05 106.12
CA GLU D 1093 17.94 -63.81 107.36
C GLU D 1093 18.85 -63.22 108.41
N ALA D 1094 18.33 -63.04 109.62
CA ALA D 1094 19.07 -62.42 110.72
C ALA D 1094 19.45 -63.50 111.72
N VAL D 1095 20.75 -63.79 111.83
CA VAL D 1095 21.22 -64.73 112.84
C VAL D 1095 21.10 -64.10 114.23
N THR D 1096 21.52 -62.84 114.37
CA THR D 1096 21.38 -62.09 115.61
C THR D 1096 20.48 -60.89 115.37
N THR D 1097 19.99 -60.30 116.47
CA THR D 1097 19.08 -59.17 116.44
C THR D 1097 19.81 -57.95 117.02
N GLY D 1098 20.27 -57.06 116.16
CA GLY D 1098 20.98 -55.88 116.59
C GLY D 1098 20.44 -54.60 115.99
N GLU D 1099 21.31 -53.83 115.34
CA GLU D 1099 20.96 -52.55 114.70
C GLU D 1099 21.33 -52.63 113.23
N MET D 1100 20.40 -53.15 112.42
CA MET D 1100 20.62 -53.39 111.00
C MET D 1100 19.46 -52.81 110.20
N ARG D 1101 19.79 -52.28 109.02
CA ARG D 1101 18.81 -51.65 108.15
C ARG D 1101 18.84 -52.31 106.77
N VAL D 1102 17.67 -52.38 106.13
CA VAL D 1102 17.55 -53.06 104.84
C VAL D 1102 16.66 -52.21 103.94
N GLY D 1103 17.06 -52.02 102.68
CA GLY D 1103 16.24 -51.25 101.77
C GLY D 1103 16.78 -51.23 100.36
N TRP D 1104 16.28 -50.26 99.59
CA TRP D 1104 16.75 -50.02 98.23
C TRP D 1104 17.24 -48.59 98.11
N ALA D 1105 18.32 -48.40 97.35
CA ALA D 1105 18.94 -47.09 97.19
C ALA D 1105 19.22 -46.82 95.72
N ARG D 1106 19.52 -45.55 95.44
CA ARG D 1106 19.85 -45.13 94.08
C ARG D 1106 21.20 -45.73 93.67
N PRO D 1107 21.46 -45.84 92.36
CA PRO D 1107 22.77 -46.35 91.92
C PRO D 1107 23.95 -45.52 92.40
N GLU D 1108 23.79 -44.21 92.54
CA GLU D 1108 24.81 -43.40 93.21
C GLU D 1108 24.47 -43.33 94.69
N LEU D 1109 25.33 -43.90 95.53
CA LEU D 1109 25.16 -43.85 96.97
C LEU D 1109 26.35 -43.11 97.58
N ARG D 1110 26.05 -42.12 98.40
CA ARG D 1110 27.11 -41.36 99.05
C ARG D 1110 27.68 -42.16 100.23
N PRO D 1111 29.01 -42.44 100.26
CA PRO D 1111 29.59 -43.13 101.42
C PRO D 1111 29.59 -42.22 102.65
N ASP D 1112 30.14 -42.71 103.77
CA ASP D 1112 30.19 -41.89 105.01
C ASP D 1112 28.85 -41.17 105.21
N VAL D 1113 27.73 -41.88 105.04
CA VAL D 1113 26.37 -41.29 105.27
C VAL D 1113 25.41 -42.41 105.67
N GLU D 1114 24.63 -42.20 106.74
CA GLU D 1114 23.72 -43.22 107.21
C GLU D 1114 22.55 -43.40 106.25
N LEU D 1115 22.05 -44.64 106.19
CA LEU D 1115 20.99 -44.98 105.26
C LEU D 1115 19.68 -44.34 105.69
N GLY D 1116 19.00 -43.69 104.76
CA GLY D 1116 17.75 -43.02 105.04
C GLY D 1116 17.89 -41.58 105.51
N ALA D 1117 19.12 -41.10 105.73
CA ALA D 1117 19.31 -39.72 106.16
C ALA D 1117 18.90 -38.73 105.07
N ASP D 1118 19.09 -39.10 103.81
CA ASP D 1118 18.79 -38.23 102.68
C ASP D 1118 17.78 -38.93 101.76
N GLU D 1119 17.53 -38.31 100.60
CA GLU D 1119 16.61 -38.85 99.62
C GLU D 1119 17.19 -40.02 98.85
N LEU D 1120 18.47 -40.34 99.04
CA LEU D 1120 19.14 -41.34 98.21
C LEU D 1120 18.58 -42.74 98.46
N ALA D 1121 18.44 -43.13 99.72
CA ALA D 1121 18.05 -44.49 100.09
C ALA D 1121 16.67 -44.50 100.74
N TYR D 1122 15.88 -45.51 100.39
CA TYR D 1122 14.61 -45.83 101.03
C TYR D 1122 14.88 -47.11 101.81
N VAL D 1123 14.99 -46.98 103.14
CA VAL D 1123 15.47 -48.05 103.99
C VAL D 1123 14.51 -48.21 105.17
N PHE D 1124 14.61 -49.36 105.84
CA PHE D 1124 13.81 -49.63 107.02
C PHE D 1124 14.70 -50.25 108.09
N ASN D 1125 14.48 -49.84 109.34
CA ASN D 1125 15.17 -50.41 110.49
C ASN D 1125 14.12 -50.88 111.48
N GLY D 1126 14.12 -52.17 111.78
CA GLY D 1126 13.14 -52.77 112.66
C GLY D 1126 13.58 -52.95 114.08
N HIS D 1127 14.81 -52.56 114.43
CA HIS D 1127 15.24 -52.62 115.82
C HIS D 1127 14.43 -51.69 116.70
N ARG D 1128 14.30 -50.43 116.27
CA ARG D 1128 13.41 -49.49 116.92
C ARG D 1128 12.03 -49.46 116.26
N GLY D 1129 11.92 -49.96 115.04
CA GLY D 1129 10.64 -50.05 114.35
C GLY D 1129 10.25 -48.80 113.59
N GLN D 1130 11.11 -48.35 112.66
CA GLN D 1130 10.80 -47.19 111.85
C GLN D 1130 11.29 -47.37 110.42
N ARG D 1131 10.55 -46.76 109.50
CA ARG D 1131 11.02 -46.57 108.13
C ARG D 1131 11.78 -45.25 108.07
N TRP D 1132 12.85 -45.22 107.27
CA TRP D 1132 13.84 -44.13 107.33
C TRP D 1132 13.95 -43.50 105.95
N HIS D 1133 13.19 -42.43 105.73
CA HIS D 1133 13.37 -41.59 104.55
C HIS D 1133 13.04 -40.15 104.95
N LEU D 1134 14.04 -39.27 104.86
CA LEU D 1134 13.95 -37.89 105.35
C LEU D 1134 13.48 -37.88 106.81
N GLY D 1135 14.30 -38.50 107.64
CA GLY D 1135 13.92 -38.77 109.02
C GLY D 1135 13.33 -40.16 109.18
N SER D 1136 12.88 -40.44 110.39
CA SER D 1136 12.34 -41.75 110.76
C SER D 1136 10.87 -41.62 111.13
N GLU D 1137 10.07 -42.55 110.63
CA GLU D 1137 8.66 -42.62 110.92
C GLU D 1137 8.33 -43.97 111.53
N PRO D 1138 7.61 -44.02 112.65
CA PRO D 1138 7.34 -45.29 113.34
C PRO D 1138 6.48 -46.21 112.50
N PHE D 1139 7.05 -47.36 112.14
CA PHE D 1139 6.41 -48.29 111.22
C PHE D 1139 6.93 -49.69 111.47
N GLY D 1140 6.02 -50.65 111.53
CA GLY D 1140 6.40 -52.05 111.68
C GLY D 1140 6.59 -52.49 113.11
N ARG D 1141 7.03 -53.73 113.25
CA ARG D 1141 7.25 -54.38 114.53
C ARG D 1141 8.68 -54.90 114.64
N PRO D 1142 9.23 -54.96 115.85
CA PRO D 1142 10.59 -55.49 116.02
C PRO D 1142 10.68 -56.96 115.62
N TRP D 1143 11.89 -57.35 115.23
CA TRP D 1143 12.14 -58.74 114.86
C TRP D 1143 12.45 -59.58 116.09
N GLN D 1144 12.10 -60.87 116.00
CA GLN D 1144 12.66 -61.87 116.88
C GLN D 1144 13.95 -62.41 116.29
N SER D 1145 14.54 -63.40 116.96
CA SER D 1145 15.74 -64.05 116.42
C SER D 1145 15.37 -65.04 115.33
N GLY D 1146 16.17 -65.07 114.27
CA GLY D 1146 16.03 -66.06 113.22
C GLY D 1146 14.77 -65.99 112.39
N ASP D 1147 14.38 -64.79 111.96
CA ASP D 1147 13.21 -64.62 111.11
C ASP D 1147 13.65 -64.06 109.75
N VAL D 1148 12.87 -64.39 108.72
CA VAL D 1148 13.17 -63.97 107.36
C VAL D 1148 12.46 -62.66 107.06
N VAL D 1149 13.10 -61.82 106.24
CA VAL D 1149 12.52 -60.57 105.78
C VAL D 1149 12.62 -60.54 104.26
N GLY D 1150 11.48 -60.35 103.60
CA GLY D 1150 11.42 -60.28 102.15
C GLY D 1150 11.12 -58.85 101.71
N CYS D 1151 11.80 -58.42 100.65
CA CYS D 1151 11.61 -57.10 100.09
C CYS D 1151 11.11 -57.23 98.67
N MET D 1152 10.08 -56.45 98.34
CA MET D 1152 9.22 -56.65 97.18
C MET D 1152 9.14 -55.30 96.50
N ILE D 1153 9.38 -55.25 95.19
CA ILE D 1153 9.36 -53.96 94.50
C ILE D 1153 8.61 -54.09 93.17
N ASP D 1154 7.86 -53.04 92.84
CA ASP D 1154 6.99 -52.97 91.68
C ASP D 1154 7.12 -51.57 91.12
N LEU D 1155 7.20 -51.45 89.79
CA LEU D 1155 7.50 -50.19 89.14
C LEU D 1155 6.36 -49.60 88.34
N THR D 1156 5.36 -50.41 87.95
CA THR D 1156 4.29 -49.90 87.10
C THR D 1156 3.42 -48.88 87.84
N GLU D 1157 2.95 -49.23 89.04
CA GLU D 1157 2.34 -48.25 89.92
C GLU D 1157 3.29 -47.79 91.02
N ASN D 1158 4.57 -48.18 90.95
CA ASN D 1158 5.66 -47.60 91.73
C ASN D 1158 5.45 -47.79 93.24
N THR D 1159 5.46 -49.05 93.68
CA THR D 1159 5.29 -49.37 95.08
C THR D 1159 6.37 -50.33 95.55
N ILE D 1160 6.85 -50.11 96.77
CA ILE D 1160 7.78 -51.02 97.44
C ILE D 1160 7.10 -51.57 98.69
N ILE D 1161 7.08 -52.90 98.81
CA ILE D 1161 6.41 -53.61 99.89
C ILE D 1161 7.46 -54.37 100.70
N PHE D 1162 7.21 -54.50 102.00
CA PHE D 1162 8.07 -55.25 102.90
C PHE D 1162 7.27 -56.31 103.61
N THR D 1163 7.87 -57.50 103.78
CA THR D 1163 7.19 -58.63 104.39
C THR D 1163 8.10 -59.26 105.43
N LEU D 1164 7.55 -59.59 106.60
CA LEU D 1164 8.29 -60.28 107.64
C LEU D 1164 7.50 -61.51 108.08
N ASN D 1165 8.17 -62.67 108.05
CA ASN D 1165 7.59 -63.96 108.45
C ASN D 1165 6.34 -64.30 107.64
N GLY D 1166 6.32 -63.91 106.37
CA GLY D 1166 5.22 -64.23 105.49
C GLY D 1166 3.99 -63.36 105.63
N GLU D 1167 4.04 -62.32 106.45
CA GLU D 1167 2.93 -61.39 106.60
C GLU D 1167 3.36 -60.00 106.16
N VAL D 1168 2.43 -59.27 105.54
CA VAL D 1168 2.71 -57.92 105.06
C VAL D 1168 2.82 -56.97 106.25
N LEU D 1169 3.82 -56.09 106.21
CA LEU D 1169 4.04 -55.14 107.29
C LEU D 1169 2.89 -54.13 107.36
N MET D 1170 2.51 -53.77 108.57
CA MET D 1170 1.39 -52.87 108.82
C MET D 1170 1.89 -51.59 109.47
N SER D 1171 1.58 -50.45 108.86
CA SER D 1171 1.94 -49.15 109.42
C SER D 1171 0.92 -48.71 110.46
N ASP D 1172 1.32 -47.75 111.29
CA ASP D 1172 0.42 -47.22 112.32
C ASP D 1172 -0.77 -46.51 111.69
N SER D 1173 -0.53 -45.72 110.64
CA SER D 1173 -1.62 -45.01 109.98
C SER D 1173 -2.53 -45.97 109.23
N GLY D 1174 -1.95 -46.94 108.53
CA GLY D 1174 -2.69 -47.86 107.71
C GLY D 1174 -1.88 -48.23 106.49
N SER D 1175 -2.57 -48.91 105.55
CA SER D 1175 -2.06 -49.32 104.24
C SER D 1175 -1.05 -50.45 104.35
N GLU D 1176 -0.94 -51.28 103.31
CA GLU D 1176 -0.09 -52.46 103.34
C GLU D 1176 1.29 -52.13 102.75
N THR D 1177 2.03 -51.34 103.53
CA THR D 1177 3.41 -50.94 103.22
C THR D 1177 3.53 -50.33 101.83
N ALA D 1178 2.85 -49.20 101.67
CA ALA D 1178 2.79 -48.50 100.38
C ALA D 1178 3.60 -47.21 100.47
N PHE D 1179 4.63 -47.12 99.63
CA PHE D 1179 5.34 -45.85 99.42
C PHE D 1179 4.76 -45.21 98.17
N ARG D 1180 4.15 -44.04 98.34
CA ARG D 1180 3.35 -43.43 97.28
C ARG D 1180 4.20 -42.53 96.39
N GLU D 1181 4.04 -42.71 95.07
CA GLU D 1181 4.61 -41.83 94.05
C GLU D 1181 6.14 -41.73 94.14
N ILE D 1182 6.80 -42.88 94.03
CA ILE D 1182 8.26 -42.89 93.95
C ILE D 1182 8.68 -42.66 92.50
N GLU D 1183 9.80 -41.94 92.34
CA GLU D 1183 10.34 -41.64 91.01
C GLU D 1183 11.06 -42.87 90.46
N ILE D 1184 10.99 -43.05 89.13
CA ILE D 1184 11.64 -44.19 88.50
C ILE D 1184 13.16 -44.12 88.64
N GLY D 1185 13.72 -42.90 88.70
CA GLY D 1185 15.15 -42.70 88.86
C GLY D 1185 16.02 -43.30 87.77
N ASP D 1186 17.34 -43.20 87.94
CA ASP D 1186 18.25 -43.88 87.04
C ASP D 1186 18.37 -45.37 87.34
N GLY D 1187 18.05 -45.80 88.54
CA GLY D 1187 18.10 -47.22 88.87
C GLY D 1187 17.71 -47.45 90.32
N PHE D 1188 17.71 -48.73 90.69
CA PHE D 1188 17.47 -49.16 92.06
C PHE D 1188 18.40 -50.32 92.39
N LEU D 1189 18.93 -50.31 93.62
CA LEU D 1189 19.91 -51.30 94.05
C LEU D 1189 19.63 -51.72 95.49
N PRO D 1190 19.58 -53.03 95.77
CA PRO D 1190 19.38 -53.48 97.16
C PRO D 1190 20.59 -53.14 98.02
N VAL D 1191 20.33 -52.52 99.18
CA VAL D 1191 21.38 -52.12 100.12
C VAL D 1191 21.02 -52.63 101.51
N CYS D 1192 22.05 -53.01 102.27
CA CYS D 1192 21.88 -53.53 103.61
C CYS D 1192 23.02 -53.03 104.50
N SER D 1193 22.67 -52.46 105.65
CA SER D 1193 23.63 -51.88 106.57
C SER D 1193 23.64 -52.67 107.85
N LEU D 1194 24.84 -53.08 108.29
CA LEU D 1194 25.03 -53.87 109.50
C LEU D 1194 25.87 -53.07 110.49
N GLY D 1195 25.46 -53.09 111.75
CA GLY D 1195 26.22 -52.47 112.81
C GLY D 1195 27.26 -53.43 113.39
N PRO D 1196 27.92 -53.02 114.47
CA PRO D 1196 28.95 -53.88 115.07
C PRO D 1196 28.34 -55.11 115.72
N GLY D 1197 29.01 -56.25 115.50
CA GLY D 1197 28.67 -57.49 116.17
C GLY D 1197 27.32 -58.08 115.83
N GLN D 1198 26.96 -58.12 114.55
CA GLN D 1198 25.74 -58.77 114.10
C GLN D 1198 26.03 -59.63 112.88
N VAL D 1199 25.29 -60.73 112.76
CA VAL D 1199 25.48 -61.73 111.71
C VAL D 1199 24.21 -61.81 110.88
N GLY D 1200 24.37 -61.73 109.56
CA GLY D 1200 23.23 -61.82 108.65
C GLY D 1200 23.59 -62.59 107.39
N HIS D 1201 22.55 -63.04 106.71
CA HIS D 1201 22.67 -63.77 105.46
C HIS D 1201 21.73 -63.18 104.42
N LEU D 1202 22.22 -63.03 103.19
CA LEU D 1202 21.47 -62.39 102.12
C LEU D 1202 21.20 -63.40 101.01
N ASN D 1203 20.00 -63.33 100.42
CA ASN D 1203 19.61 -64.23 99.35
C ASN D 1203 19.01 -63.39 98.22
N LEU D 1204 19.63 -63.43 97.05
CA LEU D 1204 19.17 -62.70 95.88
C LEU D 1204 18.27 -63.54 94.98
N GLY D 1205 18.00 -64.79 95.35
CA GLY D 1205 17.14 -65.63 94.55
C GLY D 1205 17.84 -66.40 93.45
N GLN D 1206 19.11 -66.76 93.64
CA GLN D 1206 19.83 -67.53 92.64
C GLN D 1206 19.24 -68.92 92.46
N ASP D 1207 18.89 -69.57 93.58
CA ASP D 1207 18.26 -70.88 93.56
C ASP D 1207 16.86 -70.76 94.13
N VAL D 1208 15.86 -71.20 93.35
CA VAL D 1208 14.48 -71.12 93.79
C VAL D 1208 14.22 -72.11 94.93
N SER D 1209 14.90 -73.25 94.93
CA SER D 1209 14.69 -74.25 95.98
C SER D 1209 15.29 -73.80 97.30
N SER D 1210 16.34 -72.97 97.26
CA SER D 1210 16.97 -72.48 98.48
C SER D 1210 16.07 -71.51 99.25
N LEU D 1211 15.09 -70.90 98.59
CA LEU D 1211 14.22 -69.93 99.25
C LEU D 1211 13.25 -70.65 100.18
N ARG D 1212 13.32 -70.30 101.47
CA ARG D 1212 12.42 -70.90 102.45
C ARG D 1212 11.00 -70.35 102.34
N PHE D 1213 10.85 -69.11 101.88
CA PHE D 1213 9.56 -68.47 101.70
C PHE D 1213 9.36 -68.15 100.23
N PHE D 1214 8.34 -67.34 99.92
CA PHE D 1214 8.05 -66.73 98.61
C PHE D 1214 7.37 -67.75 97.68
N ALA D 1215 7.19 -68.99 98.13
CA ALA D 1215 6.69 -70.06 97.26
C ALA D 1215 5.30 -69.76 96.71
N ILE D 1216 4.41 -69.22 97.53
CA ILE D 1216 3.10 -68.80 97.06
C ILE D 1216 2.96 -67.28 97.03
N CYS D 1217 3.39 -66.59 98.10
CA CYS D 1217 3.05 -65.18 98.27
C CYS D 1217 3.70 -64.29 97.22
N GLY D 1218 4.88 -64.65 96.75
CA GLY D 1218 5.54 -63.86 95.71
C GLY D 1218 5.02 -64.21 94.34
N LEU D 1219 4.82 -65.50 94.08
CA LEU D 1219 4.10 -66.00 92.91
C LEU D 1219 2.76 -65.29 92.73
N GLN D 1220 2.41 -65.04 91.46
CA GLN D 1220 1.32 -64.19 90.99
C GLN D 1220 1.64 -62.73 91.30
N GLU D 1221 0.76 -61.82 90.87
CA GLU D 1221 0.96 -60.36 90.84
C GLU D 1221 2.12 -59.96 89.93
N GLY D 1222 2.60 -60.87 89.08
CA GLY D 1222 3.68 -60.58 88.17
C GLY D 1222 5.04 -60.39 88.80
N PHE D 1223 5.24 -60.86 90.03
CA PHE D 1223 6.49 -60.62 90.74
C PHE D 1223 7.46 -61.77 90.47
N GLU D 1224 8.72 -61.42 90.25
CA GLU D 1224 9.80 -62.36 90.04
C GLU D 1224 10.97 -62.01 90.95
N PRO D 1225 11.82 -62.98 91.29
CA PRO D 1225 13.03 -62.68 92.06
C PRO D 1225 14.01 -61.83 91.26
N PHE D 1226 15.04 -61.35 91.97
CA PHE D 1226 15.99 -60.42 91.39
C PHE D 1226 16.76 -61.03 90.23
N ALA D 1227 17.21 -62.28 90.38
CA ALA D 1227 18.03 -62.92 89.36
C ALA D 1227 17.64 -64.39 89.26
N ILE D 1228 16.84 -64.72 88.24
CA ILE D 1228 16.49 -66.12 88.01
C ILE D 1228 17.71 -66.91 87.52
N ASN D 1229 18.43 -66.37 86.54
CA ASN D 1229 19.57 -67.06 85.94
C ASN D 1229 20.63 -66.03 85.54
N MET D 1230 21.71 -65.95 86.31
CA MET D 1230 22.89 -65.21 85.90
C MET D 1230 24.14 -66.06 85.89
N GLN D 1231 24.03 -67.33 86.32
CA GLN D 1231 25.07 -68.38 86.21
C GLN D 1231 26.27 -68.11 87.11
N ARG D 1232 26.31 -66.95 87.75
CA ARG D 1232 27.36 -66.54 88.69
C ARG D 1232 26.73 -65.71 89.79
N PRO D 1233 27.33 -65.68 90.98
CA PRO D 1233 26.84 -64.78 92.03
C PRO D 1233 27.18 -63.34 91.72
N VAL D 1234 26.49 -62.43 92.44
CA VAL D 1234 26.66 -61.00 92.21
C VAL D 1234 27.96 -60.50 92.85
N THR D 1235 28.36 -59.29 92.45
CA THR D 1235 29.67 -58.75 92.81
C THR D 1235 29.77 -58.44 94.30
N THR D 1236 28.73 -57.86 94.88
CA THR D 1236 28.64 -57.49 96.30
C THR D 1236 29.76 -56.54 96.71
N TRP D 1237 29.72 -55.33 96.14
CA TRP D 1237 30.58 -54.25 96.58
C TRP D 1237 30.28 -53.87 98.02
N PHE D 1238 31.33 -53.50 98.77
CA PHE D 1238 31.20 -53.20 100.19
C PHE D 1238 31.96 -51.93 100.54
N SER D 1239 31.54 -51.30 101.64
CA SER D 1239 32.18 -50.10 102.13
C SER D 1239 33.35 -50.45 103.04
N LYS D 1240 34.48 -49.78 102.82
CA LYS D 1240 35.72 -50.05 103.52
C LYS D 1240 36.12 -48.83 104.36
N SER D 1241 36.56 -49.09 105.59
CA SER D 1241 37.00 -48.05 106.51
C SER D 1241 38.51 -48.04 106.50
N LEU D 1242 39.10 -47.15 105.69
CA LEU D 1242 40.54 -47.00 105.61
C LEU D 1242 40.86 -45.62 105.03
N PRO D 1243 41.67 -44.82 105.72
CA PRO D 1243 41.94 -43.45 105.25
C PRO D 1243 42.78 -43.42 103.98
N GLN D 1244 42.15 -43.03 102.87
CA GLN D 1244 42.82 -42.88 101.59
C GLN D 1244 42.59 -41.46 101.08
N PHE D 1245 43.65 -40.83 100.58
CA PHE D 1245 43.56 -39.46 100.12
C PHE D 1245 42.92 -39.41 98.74
N GLU D 1246 41.93 -38.53 98.59
CA GLU D 1246 41.17 -38.35 97.35
C GLU D 1246 41.11 -36.86 97.03
N PRO D 1247 41.02 -36.50 95.75
CA PRO D 1247 41.03 -35.07 95.38
C PRO D 1247 39.84 -34.31 95.94
N VAL D 1248 40.04 -33.01 96.14
CA VAL D 1248 38.98 -32.17 96.70
C VAL D 1248 37.81 -32.08 95.74
N PRO D 1249 36.57 -32.19 96.21
CA PRO D 1249 35.41 -31.95 95.34
C PRO D 1249 35.41 -30.52 94.84
N PRO D 1250 34.95 -30.29 93.60
CA PRO D 1250 34.87 -28.89 93.10
C PRO D 1250 33.95 -28.00 93.91
N GLU D 1251 32.82 -28.54 94.40
CA GLU D 1251 31.89 -27.81 95.24
C GLU D 1251 31.77 -28.53 96.58
N HIS D 1252 32.55 -28.08 97.57
CA HIS D 1252 32.34 -28.56 98.92
C HIS D 1252 31.51 -27.54 99.69
N PRO D 1253 30.78 -27.97 100.73
CA PRO D 1253 30.00 -27.01 101.54
C PRO D 1253 30.80 -25.82 102.06
N HIS D 1254 31.90 -26.05 102.78
CA HIS D 1254 32.68 -24.96 103.35
C HIS D 1254 34.17 -25.20 103.16
N TYR D 1255 34.57 -25.61 101.95
CA TYR D 1255 35.98 -25.84 101.67
C TYR D 1255 36.23 -25.56 100.19
N GLU D 1256 37.00 -24.51 99.90
CA GLU D 1256 37.35 -24.16 98.54
C GLU D 1256 38.86 -23.89 98.45
N VAL D 1257 39.41 -24.12 97.26
CA VAL D 1257 40.82 -23.88 96.98
C VAL D 1257 40.93 -23.02 95.72
N ALA D 1258 41.68 -21.93 95.79
CA ALA D 1258 41.84 -20.99 94.70
C ALA D 1258 43.31 -20.93 94.27
N ARG D 1259 43.51 -20.82 92.96
CA ARG D 1259 44.85 -20.70 92.39
C ARG D 1259 45.20 -19.23 92.23
N MET D 1260 46.37 -18.83 92.72
CA MET D 1260 46.86 -17.46 92.57
C MET D 1260 48.08 -17.48 91.68
N ASP D 1261 48.00 -16.79 90.54
CA ASP D 1261 49.04 -16.82 89.53
C ASP D 1261 50.19 -15.89 89.94
N GLY D 1262 51.36 -16.15 89.36
CA GLY D 1262 52.53 -15.35 89.67
C GLY D 1262 52.49 -14.01 88.94
N THR D 1263 52.82 -12.96 89.68
CA THR D 1263 52.91 -11.61 89.16
C THR D 1263 54.38 -11.26 88.94
N VAL D 1264 54.66 -9.98 88.68
CA VAL D 1264 56.02 -9.50 88.49
C VAL D 1264 56.70 -9.41 89.85
N ASP D 1265 55.93 -9.65 90.91
CA ASP D 1265 56.43 -9.74 92.28
C ASP D 1265 55.67 -10.85 92.99
N THR D 1266 56.40 -11.63 93.80
CA THR D 1266 55.97 -12.76 94.65
C THR D 1266 55.70 -13.99 93.77
N PRO D 1267 55.88 -15.20 94.30
CA PRO D 1267 55.64 -16.41 93.52
C PRO D 1267 54.16 -16.79 93.53
N PRO D 1268 53.71 -17.59 92.57
CA PRO D 1268 52.33 -18.08 92.59
C PRO D 1268 52.08 -19.02 93.75
N CYS D 1269 50.81 -19.16 94.14
CA CYS D 1269 50.47 -19.95 95.31
C CYS D 1269 49.09 -20.58 95.16
N LEU D 1270 48.74 -21.40 96.13
CA LEU D 1270 47.41 -21.99 96.27
C LEU D 1270 46.85 -21.59 97.62
N ARG D 1271 45.65 -21.00 97.63
CA ARG D 1271 45.07 -20.43 98.84
C ARG D 1271 43.81 -21.19 99.20
N LEU D 1272 43.63 -21.43 100.50
CA LEU D 1272 42.48 -22.17 101.01
C LEU D 1272 41.47 -21.20 101.60
N ALA D 1273 40.20 -21.35 101.22
CA ALA D 1273 39.12 -20.52 101.73
C ALA D 1273 38.07 -21.43 102.38
N HIS D 1274 37.63 -21.02 103.57
CA HIS D 1274 36.66 -21.81 104.33
C HIS D 1274 35.23 -21.30 104.13
N ARG D 1275 35.04 -19.98 104.19
CA ARG D 1275 33.74 -19.31 104.11
C ARG D 1275 32.75 -19.84 105.15
N THR D 1276 31.46 -19.66 104.87
CA THR D 1276 30.36 -20.14 105.71
C THR D 1276 30.47 -19.68 107.17
N TRP D 1277 30.75 -18.39 107.37
CA TRP D 1277 30.90 -17.84 108.71
C TRP D 1277 29.55 -17.80 109.44
N GLY D 1278 29.36 -18.74 110.35
CA GLY D 1278 28.11 -18.86 111.08
C GLY D 1278 27.41 -20.18 110.81
N SER D 1279 26.48 -20.55 111.69
CA SER D 1279 25.71 -21.81 111.61
C SER D 1279 26.70 -22.97 111.63
N GLN D 1280 26.81 -23.76 110.56
CA GLN D 1280 27.75 -24.87 110.54
C GLN D 1280 29.18 -24.35 110.42
N ASN D 1281 30.15 -25.21 110.74
CA ASN D 1281 31.56 -24.85 110.66
C ASN D 1281 32.43 -26.07 110.39
N SER D 1282 33.73 -25.92 110.58
CA SER D 1282 34.68 -27.02 110.35
C SER D 1282 35.21 -27.56 111.67
N LEU D 1283 35.73 -28.79 111.63
CA LEU D 1283 36.23 -29.46 112.82
C LEU D 1283 37.74 -29.72 112.76
N VAL D 1284 38.24 -30.29 111.66
CA VAL D 1284 39.65 -30.65 111.55
C VAL D 1284 39.98 -30.91 110.07
N GLU D 1285 41.20 -30.58 109.66
CA GLU D 1285 41.59 -30.76 108.27
C GLU D 1285 43.08 -31.06 108.11
N MET D 1286 43.39 -32.04 107.27
CA MET D 1286 44.77 -32.34 106.89
C MET D 1286 44.82 -32.64 105.40
N LEU D 1287 45.69 -31.93 104.67
CA LEU D 1287 45.71 -32.03 103.22
C LEU D 1287 47.14 -32.03 102.71
N PHE D 1288 47.35 -32.74 101.60
CA PHE D 1288 48.65 -32.88 100.99
C PHE D 1288 48.54 -32.57 99.51
N LEU D 1289 49.60 -32.00 98.96
CA LEU D 1289 49.64 -31.55 97.58
C LEU D 1289 50.29 -32.63 96.72
N ARG D 1290 49.59 -33.02 95.65
CA ARG D 1290 49.97 -34.18 94.80
C ARG D 1290 51.43 -34.18 94.33
N LEU D 1291 51.75 -35.14 93.46
CA LEU D 1291 53.15 -35.30 92.99
C LEU D 1291 53.96 -35.85 94.16
N SER D 1292 55.28 -35.92 94.02
CA SER D 1292 56.10 -36.54 95.09
C SER D 1292 57.56 -36.16 94.92
N LEU D 1293 58.47 -36.86 95.61
CA LEU D 1293 59.90 -36.60 95.55
C LEU D 1293 60.69 -37.87 95.86
N PRO D 1294 61.26 -38.56 94.88
CA PRO D 1294 62.25 -39.59 95.19
C PRO D 1294 63.65 -38.98 95.27
N VAL D 1295 64.42 -39.46 96.24
CA VAL D 1295 65.81 -39.01 96.35
C VAL D 1295 66.69 -39.81 95.40
N GLN D 1296 67.89 -39.29 95.14
CA GLN D 1296 68.80 -39.91 94.20
C GLN D 1296 69.38 -41.21 94.78
N PHE D 1297 69.98 -42.00 93.90
CA PHE D 1297 70.58 -43.30 94.22
C PHE D 1297 69.61 -44.24 94.93
N THR D 1430 69.37 -41.04 100.08
CA THR D 1430 70.52 -41.76 100.62
C THR D 1430 71.79 -40.92 100.51
N THR D 1431 71.88 -40.13 99.43
CA THR D 1431 73.02 -39.25 99.24
C THR D 1431 73.12 -38.22 100.37
N THR D 1432 72.01 -37.59 100.70
CA THR D 1432 71.97 -36.62 101.79
C THR D 1432 70.76 -36.89 102.68
N TYR D 1433 69.58 -36.77 102.08
CA TYR D 1433 68.28 -36.98 102.74
C TYR D 1433 68.12 -36.10 103.98
N TYR D 1434 68.73 -34.91 103.94
CA TYR D 1434 68.72 -34.01 105.09
C TYR D 1434 67.63 -32.96 104.93
N TYR D 1435 66.40 -33.41 104.69
CA TYR D 1435 65.26 -32.50 104.59
C TYR D 1435 64.99 -31.83 105.93
N SER D 1436 65.82 -30.84 106.26
CA SER D 1436 65.74 -30.15 107.54
C SER D 1436 64.48 -29.30 107.60
N VAL D 1437 63.54 -29.71 108.45
CA VAL D 1437 62.20 -29.15 108.47
C VAL D 1437 62.16 -27.70 108.94
N ARG D 1438 61.57 -26.84 108.10
CA ARG D 1438 61.33 -25.43 108.40
C ARG D 1438 62.61 -24.68 108.76
N VAL D 1439 63.42 -24.37 107.76
CA VAL D 1439 64.73 -23.75 108.00
C VAL D 1439 64.62 -22.36 108.64
N PHE D 1440 63.63 -21.58 108.19
CA PHE D 1440 63.33 -20.23 108.69
C PHE D 1440 64.57 -19.38 108.99
N ALA D 1441 65.12 -19.60 110.19
CA ALA D 1441 66.33 -18.93 110.64
C ALA D 1441 67.02 -19.77 111.71
N GLY D 1442 67.69 -20.83 111.29
CA GLY D 1442 68.41 -21.70 112.20
C GLY D 1442 67.54 -22.68 112.96
N GLN D 1443 66.78 -23.48 112.21
CA GLN D 1443 65.90 -24.52 112.73
C GLN D 1443 66.58 -25.41 113.79
N GLU D 1444 65.93 -25.56 114.93
CA GLU D 1444 66.32 -26.49 116.00
C GLU D 1444 66.08 -27.98 115.72
N PRO D 1445 65.00 -28.41 115.02
CA PRO D 1445 64.79 -29.87 114.89
C PRO D 1445 65.91 -30.61 114.17
N SER D 1446 66.37 -30.10 113.03
CA SER D 1446 67.47 -30.68 112.26
C SER D 1446 67.18 -32.15 111.92
N CYS D 1447 66.15 -32.32 111.07
CA CYS D 1447 65.59 -33.62 110.72
C CYS D 1447 66.67 -34.60 110.28
N VAL D 1448 66.49 -35.86 110.69
CA VAL D 1448 67.52 -36.89 110.53
C VAL D 1448 67.80 -37.14 109.06
N TRP D 1449 69.09 -37.19 108.71
CA TRP D 1449 69.52 -37.45 107.35
C TRP D 1449 69.59 -38.95 107.06
N VAL D 1450 68.42 -39.58 106.97
CA VAL D 1450 68.35 -41.02 106.70
C VAL D 1450 67.14 -41.37 105.85
N GLY D 1451 67.07 -42.61 105.40
CA GLY D 1451 65.99 -43.06 104.55
C GLY D 1451 66.40 -43.16 103.09
N TRP D 1452 66.64 -44.39 102.62
CA TRP D 1452 67.16 -44.59 101.27
C TRP D 1452 66.11 -44.28 100.21
N VAL D 1453 64.86 -44.69 100.43
CA VAL D 1453 63.84 -44.52 99.40
C VAL D 1453 63.14 -43.16 99.53
N THR D 1454 62.60 -42.85 100.73
CA THR D 1454 61.92 -41.62 101.14
C THR D 1454 61.08 -40.94 100.06
N PRO D 1455 59.96 -41.53 99.62
CA PRO D 1455 59.04 -40.79 98.75
C PRO D 1455 58.26 -39.77 99.58
N ASP D 1456 58.60 -38.50 99.42
CA ASP D 1456 58.10 -37.45 100.30
C ASP D 1456 57.04 -36.62 99.58
N TYR D 1457 55.97 -36.32 100.32
CA TYR D 1457 54.84 -35.55 99.83
C TYR D 1457 54.72 -34.27 100.65
N HIS D 1458 54.67 -33.13 99.98
CA HIS D 1458 54.49 -31.86 100.69
C HIS D 1458 53.08 -31.80 101.28
N GLN D 1459 53.01 -31.89 102.61
CA GLN D 1459 51.74 -32.03 103.31
C GLN D 1459 51.63 -31.07 104.49
N HIS D 1460 50.40 -30.72 104.86
CA HIS D 1460 50.18 -30.00 106.10
C HIS D 1460 48.79 -30.24 106.69
N ASP D 1461 48.77 -30.32 108.02
CA ASP D 1461 47.54 -30.47 108.80
C ASP D 1461 47.18 -29.09 109.32
N MET D 1462 46.09 -28.53 108.78
CA MET D 1462 45.71 -27.16 109.07
C MET D 1462 44.81 -27.05 110.29
N ASN D 1463 44.35 -28.17 110.83
CA ASN D 1463 43.46 -28.23 112.00
C ASN D 1463 42.16 -27.46 111.78
N PHE D 1464 41.86 -26.50 112.66
CA PHE D 1464 40.63 -25.73 112.54
C PHE D 1464 40.90 -24.25 112.85
N ASP D 1465 40.73 -23.40 111.85
CA ASP D 1465 40.99 -21.97 112.03
C ASP D 1465 40.13 -21.14 111.07
N LEU D 1466 39.52 -20.08 111.60
CA LEU D 1466 38.56 -19.29 110.86
C LEU D 1466 39.26 -18.37 109.85
N SER D 1467 38.44 -17.79 108.96
CA SER D 1467 38.83 -16.75 108.01
C SER D 1467 39.81 -17.26 106.96
N LYS D 1468 40.40 -16.36 106.19
CA LYS D 1468 41.41 -16.75 105.22
C LYS D 1468 42.65 -17.26 105.93
N VAL D 1469 43.15 -18.41 105.47
CA VAL D 1469 44.25 -19.11 106.11
C VAL D 1469 44.83 -20.07 105.06
N ARG D 1470 46.11 -20.46 105.21
CA ARG D 1470 46.80 -21.43 104.35
C ARG D 1470 46.95 -20.92 102.92
N ALA D 1471 48.19 -20.61 102.58
CA ALA D 1471 48.53 -20.20 101.22
C ALA D 1471 49.90 -20.77 100.87
N VAL D 1472 49.90 -21.95 100.28
CA VAL D 1472 51.15 -22.64 99.98
C VAL D 1472 51.72 -22.13 98.66
N THR D 1473 52.96 -21.62 98.71
CA THR D 1473 53.59 -21.02 97.54
C THR D 1473 54.66 -21.93 96.93
N VAL D 1474 55.48 -21.34 96.07
CA VAL D 1474 56.54 -22.09 95.39
C VAL D 1474 57.73 -21.18 95.11
N THR D 1475 58.60 -21.01 96.10
CA THR D 1475 59.75 -20.13 95.97
C THR D 1475 61.01 -20.94 95.68
N MET D 1476 62.11 -20.24 95.42
CA MET D 1476 63.39 -20.88 95.16
C MET D 1476 64.35 -20.67 96.33
N GLY D 1477 64.33 -19.46 96.90
CA GLY D 1477 65.14 -19.08 98.04
C GLY D 1477 66.65 -19.28 97.82
N ASP D 1478 67.07 -19.07 96.57
CA ASP D 1478 68.49 -19.18 96.16
C ASP D 1478 69.11 -20.52 96.52
N GLU D 1479 68.33 -21.59 96.40
CA GLU D 1479 68.81 -22.93 96.73
C GLU D 1479 68.24 -23.97 95.77
N GLN D 1480 67.60 -24.99 96.32
CA GLN D 1480 67.00 -26.06 95.52
C GLN D 1480 65.88 -26.76 96.29
N GLY D 1481 64.71 -26.86 95.65
CA GLY D 1481 63.52 -27.51 96.21
C GLY D 1481 63.09 -26.91 97.55
N ASN D 1482 62.31 -25.84 97.49
CA ASN D 1482 61.80 -25.19 98.69
C ASN D 1482 60.39 -24.66 98.46
N VAL D 1483 59.63 -24.50 99.54
CA VAL D 1483 58.26 -23.99 99.44
C VAL D 1483 58.06 -22.79 100.37
N HIS D 1484 56.82 -22.33 100.45
CA HIS D 1484 56.49 -21.19 101.31
C HIS D 1484 55.01 -21.18 101.65
N SER D 1485 54.70 -20.94 102.93
CA SER D 1485 53.31 -20.90 103.40
C SER D 1485 53.13 -19.83 104.46
N SER D 1486 52.49 -18.72 104.08
CA SER D 1486 52.27 -17.59 104.97
C SER D 1486 50.79 -17.52 105.31
N LEU D 1487 50.48 -17.55 106.61
CA LEU D 1487 49.11 -17.51 107.10
C LEU D 1487 48.98 -16.40 108.14
N LYS D 1488 47.95 -15.58 108.02
CA LYS D 1488 47.62 -14.58 109.03
C LYS D 1488 46.36 -15.07 109.72
N CYS D 1489 46.52 -15.46 110.99
CA CYS D 1489 45.48 -15.94 111.93
C CYS D 1489 46.17 -16.52 113.18
N UNK D 1490 46.30 -17.84 113.19
CA UNK D 1490 46.92 -18.56 114.30
C UNK D 1490 48.07 -19.44 113.80
N UNK D 1491 47.90 -20.75 113.89
CA UNK D 1491 48.94 -21.69 113.49
C UNK D 1491 48.40 -23.08 113.12
N UNK D 1492 49.26 -23.91 112.57
CA UNK D 1492 48.89 -25.26 112.17
C UNK D 1492 50.09 -26.21 112.26
N UNK D 1493 50.20 -27.13 111.30
CA UNK D 1493 51.33 -28.07 111.28
C UNK D 1493 51.75 -28.44 109.87
N UNK D 1494 52.79 -27.79 109.36
CA UNK D 1494 53.31 -28.11 108.02
C UNK D 1494 54.34 -29.23 108.10
N UNK D 1495 53.97 -30.43 107.67
CA UNK D 1495 54.85 -31.58 107.81
C UNK D 1495 55.23 -32.15 106.44
N UNK D 1496 55.34 -33.47 106.37
CA UNK D 1496 55.69 -34.15 105.12
C UNK D 1496 55.20 -35.59 105.15
N UNK D 1497 54.26 -35.91 104.27
CA UNK D 1497 53.69 -37.25 104.21
C UNK D 1497 54.64 -38.21 103.50
N UNK D 1498 54.43 -39.51 103.69
CA UNK D 1498 55.26 -40.53 103.06
C UNK D 1498 54.54 -41.89 103.05
N UNK D 1499 53.37 -41.91 102.41
CA UNK D 1499 52.52 -43.10 102.31
C UNK D 1499 52.18 -43.70 103.67
N UNK D 1500 51.59 -42.86 104.54
CA UNK D 1500 51.20 -43.30 105.87
C UNK D 1500 49.68 -43.29 106.00
N UNK D 1501 49.10 -42.10 105.93
CA UNK D 1501 47.65 -41.89 106.00
C UNK D 1501 47.01 -42.44 107.27
N UNK D 1502 46.96 -41.63 108.31
CA UNK D 1502 46.36 -42.04 109.58
C UNK D 1502 45.75 -40.84 110.31
N ALA D 1503 44.44 -40.66 110.14
CA ALA D 1503 43.73 -39.58 110.79
C ALA D 1503 43.46 -39.89 112.25
N UNK D 1504 43.85 -38.99 113.15
CA UNK D 1504 43.63 -39.18 114.57
C UNK D 1504 43.25 -37.86 115.25
N UNK D 1505 42.55 -37.97 116.37
CA UNK D 1505 42.14 -36.79 117.14
C UNK D 1505 43.35 -36.16 117.79
N UNK D 1506 44.31 -37.00 118.18
CA UNK D 1506 45.57 -36.51 118.74
C UNK D 1506 46.57 -36.23 117.63
N UNK D 1507 46.31 -35.18 116.87
CA UNK D 1507 47.16 -34.82 115.74
C UNK D 1507 48.34 -33.96 116.16
N UNK D 1508 48.41 -33.65 117.46
CA UNK D 1508 49.51 -32.87 118.01
C UNK D 1508 50.79 -33.70 117.99
N UNK D 1509 50.65 -35.00 118.25
CA UNK D 1509 51.77 -35.93 118.22
C UNK D 1509 51.26 -37.35 118.00
N UNK D 1510 51.79 -38.29 118.78
CA UNK D 1510 51.40 -39.70 118.74
C UNK D 1510 51.52 -40.32 117.34
N UNK D 1511 52.73 -40.26 116.79
CA UNK D 1511 53.00 -40.83 115.47
C UNK D 1511 53.70 -42.17 115.59
N UNK D 1512 53.41 -43.08 114.67
CA UNK D 1512 54.03 -44.40 114.66
C UNK D 1512 55.49 -44.30 114.25
N UNK D 1513 56.37 -44.88 115.06
CA UNK D 1513 57.80 -44.84 114.79
C UNK D 1513 58.36 -46.24 114.54
N UNK D 1514 58.56 -46.99 115.63
CA UNK D 1514 59.09 -48.35 115.61
C UNK D 1514 60.44 -48.43 114.89
N UNK D 1515 61.40 -47.63 115.35
CA UNK D 1515 62.73 -47.61 114.75
C UNK D 1515 63.57 -48.78 115.25
N UNK D 1516 64.42 -49.31 114.36
CA UNK D 1516 65.29 -50.43 114.72
C UNK D 1516 66.75 -50.00 114.72
N UNK D 1517 67.63 -50.95 115.01
CA UNK D 1517 69.06 -50.67 115.06
C UNK D 1517 69.80 -51.37 113.92
N UNK D 1518 69.46 -52.65 113.71
CA UNK D 1518 70.08 -53.50 112.70
C UNK D 1518 71.60 -53.54 112.85
N UNK D 1519 72.07 -53.94 114.03
CA UNK D 1519 73.49 -53.95 114.34
C UNK D 1519 74.20 -55.18 113.75
N UNK D 1520 75.07 -55.79 114.55
CA UNK D 1520 75.83 -56.96 114.12
C UNK D 1520 76.17 -57.84 115.31
N UNK D 1521 75.17 -58.13 116.14
CA UNK D 1521 75.29 -59.00 117.31
C UNK D 1521 76.34 -58.54 118.33
N UNK D 1522 76.69 -57.26 118.30
CA UNK D 1522 77.69 -56.69 119.19
C UNK D 1522 77.61 -55.17 119.19
N UNK D 1523 76.50 -54.65 118.64
CA UNK D 1523 76.29 -53.21 118.45
C UNK D 1523 77.43 -52.58 117.65
N UNK D 1524 77.89 -53.30 116.64
CA UNK D 1524 78.99 -52.83 115.80
C UNK D 1524 78.46 -51.96 114.65
N UNK D 1525 77.73 -52.58 113.73
CA UNK D 1525 77.11 -51.86 112.62
C UNK D 1525 75.73 -51.37 113.02
N UNK D 1526 75.65 -50.65 114.14
CA UNK D 1526 74.38 -50.20 114.68
C UNK D 1526 73.81 -49.03 113.89
N UNK D 1527 73.93 -47.82 114.44
CA UNK D 1527 73.34 -46.59 113.88
C UNK D 1527 71.82 -46.77 113.69
N UNK D 1528 71.07 -46.43 114.73
CA UNK D 1528 69.63 -46.66 114.77
C UNK D 1528 68.87 -46.00 113.61
N UNK D 1529 67.72 -46.58 113.29
CA UNK D 1529 66.91 -46.11 112.16
C UNK D 1529 66.29 -44.75 112.41
N UNK D 1530 65.64 -44.21 111.39
CA UNK D 1530 65.04 -42.89 111.46
C UNK D 1530 63.53 -42.97 111.66
N UNK D 1531 62.97 -44.17 111.46
CA UNK D 1531 61.53 -44.41 111.48
C UNK D 1531 60.82 -43.47 110.52
N UNK D 1532 61.36 -43.38 109.30
CA UNK D 1532 60.87 -42.51 108.22
C UNK D 1532 60.84 -41.04 108.63
N UNK D 1533 60.16 -40.24 107.82
CA UNK D 1533 60.04 -38.80 108.08
C UNK D 1533 58.61 -38.35 107.83
N UNK D 1534 57.66 -39.18 108.23
CA UNK D 1534 56.24 -38.88 108.03
C UNK D 1534 55.75 -37.88 109.08
N UNK D 1535 56.49 -37.75 110.17
CA UNK D 1535 56.14 -36.81 111.24
C UNK D 1535 57.08 -35.61 111.23
N UNK D 1536 56.96 -34.79 110.19
CA UNK D 1536 57.81 -33.61 110.04
C UNK D 1536 57.13 -32.37 110.60
N UNK D 1537 56.40 -32.53 111.70
CA UNK D 1537 55.67 -31.43 112.32
C UNK D 1537 56.61 -30.47 113.03
N UNK D 1538 56.07 -29.32 113.44
CA UNK D 1538 56.84 -28.32 114.17
C UNK D 1538 55.98 -27.61 115.20
N UNK D 1539 54.66 -27.66 114.98
CA UNK D 1539 53.65 -27.06 115.87
C UNK D 1539 53.88 -25.57 116.12
N UNK D 1540 53.43 -25.10 117.28
CA UNK D 1540 53.61 -23.70 117.65
C UNK D 1540 54.88 -23.53 118.47
N UNK D 1541 56.02 -23.61 117.79
CA UNK D 1541 57.32 -23.50 118.44
C UNK D 1541 57.73 -22.04 118.61
N UNK D 1542 58.45 -21.52 117.62
CA UNK D 1542 58.94 -20.15 117.65
C UNK D 1542 57.81 -19.14 117.50
N UNK D 1543 57.18 -18.79 118.61
CA UNK D 1543 56.09 -17.82 118.62
C UNK D 1543 55.98 -17.14 119.97
N UNK D 1544 54.86 -16.46 120.20
CA UNK D 1544 54.63 -15.78 121.46
C UNK D 1544 53.13 -15.69 121.77
N UNK D 1545 52.80 -14.99 122.84
CA UNK D 1545 51.40 -14.82 123.24
C UNK D 1545 50.79 -13.60 122.54
N UNK D 1546 51.63 -12.84 121.85
CA UNK D 1546 51.18 -11.64 121.15
C UNK D 1546 50.41 -11.99 119.90
N UNK D 1547 50.77 -13.13 119.28
CA UNK D 1547 50.13 -13.65 118.07
C UNK D 1547 50.14 -12.66 116.91
N UNK D 1548 49.31 -11.62 117.01
CA UNK D 1548 49.19 -10.57 116.00
C UNK D 1548 48.81 -11.12 114.62
N UNK D 1549 49.58 -10.76 113.61
CA UNK D 1549 49.29 -11.19 112.24
C UNK D 1549 50.56 -11.67 111.53
N UNK D 1550 50.37 -12.47 110.48
CA UNK D 1550 51.45 -13.03 109.65
C UNK D 1550 52.46 -13.83 110.46
N UNK D 1551 52.26 -15.15 110.51
CA UNK D 1551 53.13 -16.03 111.27
C UNK D 1551 54.26 -16.60 110.40
N UNK D 1552 54.80 -15.75 109.51
CA UNK D 1552 55.91 -16.09 108.62
C UNK D 1552 55.65 -17.33 107.76
N UNK D 1553 56.73 -17.95 107.29
CA UNK D 1553 56.63 -19.13 106.44
C UNK D 1553 57.71 -20.14 106.78
N UNK D 1554 57.70 -21.28 106.08
CA UNK D 1554 58.68 -22.33 106.33
C UNK D 1554 59.08 -23.04 105.04
N UNK D 1555 60.34 -22.91 104.67
CA UNK D 1555 60.84 -23.51 103.44
C UNK D 1555 61.05 -25.02 103.62
N UNK D 1556 60.30 -25.81 102.85
CA UNK D 1556 60.43 -27.26 102.88
C UNK D 1556 61.75 -27.67 102.24
N UNK D 1557 62.76 -27.89 103.08
CA UNK D 1557 64.11 -28.19 102.60
C UNK D 1557 64.22 -29.60 102.02
N UNK D 1558 65.21 -29.79 101.16
CA UNK D 1558 65.44 -31.09 100.53
C UNK D 1558 66.91 -31.19 100.11
N UNK D 1559 67.19 -32.14 99.22
CA UNK D 1559 68.55 -32.30 98.69
C UNK D 1559 68.84 -31.21 97.66
N UNK D 1560 69.89 -30.44 97.91
CA UNK D 1560 70.26 -29.35 97.02
C UNK D 1560 70.93 -29.88 95.75
N UNK D 1561 70.96 -29.05 94.72
CA UNK D 1561 71.58 -29.43 93.46
C UNK D 1561 72.77 -28.53 93.14
N UNK D 1562 73.62 -28.97 92.22
CA UNK D 1562 74.80 -28.20 91.83
C UNK D 1562 74.45 -27.14 90.81
N UNK D 1563 74.11 -25.94 91.29
CA UNK D 1563 73.77 -24.83 90.42
C UNK D 1563 74.41 -23.54 90.92
N UNK D 1564 73.60 -22.65 91.48
CA UNK D 1564 74.04 -21.36 92.03
C UNK D 1564 74.79 -20.52 91.00
N GLU D 1565 74.08 -20.06 89.97
CA GLU D 1565 74.68 -19.23 88.93
C GLU D 1565 74.87 -17.81 89.42
N LEU D 1566 74.04 -17.39 90.38
CA LEU D 1566 74.12 -16.05 90.93
C LEU D 1566 73.99 -16.08 92.45
N MET D 1573 65.87 -25.00 91.13
CA MET D 1573 65.84 -24.26 92.38
C MET D 1573 64.46 -24.21 93.08
N PRO D 1574 63.35 -23.99 92.38
CA PRO D 1574 62.04 -24.10 93.03
C PRO D 1574 61.68 -25.57 93.29
N LEU D 1575 60.65 -25.75 94.11
CA LEU D 1575 60.13 -27.09 94.36
C LEU D 1575 59.49 -27.67 93.11
N SER D 1576 58.82 -26.84 92.31
CA SER D 1576 58.20 -27.32 91.07
C SER D 1576 59.24 -27.76 90.05
N ALA D 1577 60.46 -27.19 90.13
CA ALA D 1577 61.56 -27.67 89.31
C ALA D 1577 61.87 -29.14 89.58
N ALA D 1578 61.70 -29.57 90.82
CA ALA D 1578 61.93 -30.95 91.18
C ALA D 1578 60.85 -31.86 90.61
N MET D 1579 61.13 -33.15 90.62
CA MET D 1579 60.27 -34.35 90.53
C MET D 1579 59.42 -34.42 89.27
N PHE D 1580 59.49 -33.43 88.37
CA PHE D 1580 58.45 -33.23 87.39
C PHE D 1580 58.87 -33.65 85.98
N LEU D 1581 59.92 -34.47 85.85
CA LEU D 1581 60.37 -35.01 84.56
C LEU D 1581 60.68 -33.90 83.56
N SER D 1582 61.81 -33.20 83.82
CA SER D 1582 62.38 -32.08 83.06
C SER D 1582 61.76 -30.76 83.50
N GLU D 1583 62.38 -29.66 83.08
CA GLU D 1583 62.33 -28.31 83.67
C GLU D 1583 63.01 -28.26 85.03
N ARG D 1584 63.81 -29.28 85.37
CA ARG D 1584 64.71 -29.19 86.51
C ARG D 1584 65.75 -28.09 86.30
N LYS D 1585 66.26 -27.98 85.07
CA LYS D 1585 67.25 -26.96 84.76
C LYS D 1585 66.65 -25.56 84.77
N ASN D 1586 65.37 -25.43 84.45
CA ASN D 1586 64.74 -24.12 84.38
C ASN D 1586 64.61 -23.52 85.78
N PRO D 1587 65.12 -22.31 86.00
CA PRO D 1587 65.08 -21.73 87.36
C PRO D 1587 63.75 -21.10 87.72
N ALA D 1588 62.94 -20.77 86.71
CA ALA D 1588 61.71 -20.04 86.97
C ALA D 1588 60.66 -20.93 87.62
N PRO D 1589 60.00 -20.46 88.68
CA PRO D 1589 58.93 -21.25 89.29
C PRO D 1589 57.62 -21.11 88.53
N GLN D 1590 56.92 -22.23 88.37
CA GLN D 1590 55.63 -22.26 87.70
C GLN D 1590 54.77 -23.34 88.31
N CYS D 1591 53.45 -23.21 88.12
CA CYS D 1591 52.48 -24.18 88.62
C CYS D 1591 51.80 -24.90 87.47
N PRO D 1592 52.22 -26.11 87.13
CA PRO D 1592 51.53 -26.89 86.10
C PRO D 1592 50.16 -27.35 86.61
N PRO D 1593 49.22 -27.64 85.70
CA PRO D 1593 47.86 -28.00 86.14
C PRO D 1593 47.76 -29.32 86.88
N ARG D 1594 48.78 -30.18 86.81
CA ARG D 1594 48.71 -31.46 87.53
C ARG D 1594 48.69 -31.27 89.04
N LEU D 1595 49.36 -30.25 89.55
CA LEU D 1595 49.60 -30.13 90.98
C LEU D 1595 48.33 -29.61 91.66
N GLU D 1596 47.80 -30.38 92.61
CA GLU D 1596 46.57 -30.01 93.29
C GLU D 1596 46.55 -30.60 94.70
N VAL D 1597 45.66 -30.06 95.52
CA VAL D 1597 45.52 -30.45 96.92
C VAL D 1597 44.35 -31.43 97.06
N GLN D 1598 44.60 -32.55 97.76
CA GLN D 1598 43.63 -33.64 97.84
C GLN D 1598 42.67 -33.51 99.03
N MET D 1599 43.22 -33.56 100.26
CA MET D 1599 42.53 -33.63 101.56
C MET D 1599 41.98 -35.04 101.78
N LEU D 1600 42.11 -35.54 103.01
CA LEU D 1600 41.89 -36.93 103.33
C LEU D 1600 40.41 -37.25 103.52
N MET D 1601 39.99 -38.44 103.06
CA MET D 1601 38.65 -38.96 103.26
C MET D 1601 38.70 -40.34 103.92
N PRO D 1602 37.91 -40.57 104.97
CA PRO D 1602 38.03 -41.82 105.74
C PRO D 1602 37.46 -43.07 105.07
N VAL D 1603 36.29 -42.97 104.44
CA VAL D 1603 35.52 -44.13 104.01
C VAL D 1603 35.60 -44.25 102.49
N SER D 1604 35.90 -45.45 101.99
CA SER D 1604 35.99 -45.72 100.57
C SER D 1604 35.07 -46.87 100.18
N TRP D 1605 34.96 -47.10 98.87
CA TRP D 1605 34.19 -48.19 98.29
C TRP D 1605 35.12 -49.21 97.68
N SER D 1606 34.88 -50.49 97.94
CA SER D 1606 35.74 -51.55 97.43
C SER D 1606 34.89 -52.74 97.01
N ARG D 1607 35.54 -53.68 96.32
CA ARG D 1607 34.88 -54.86 95.78
C ARG D 1607 35.33 -56.10 96.54
N MET D 1608 34.39 -56.85 97.08
CA MET D 1608 34.71 -58.10 97.76
C MET D 1608 35.07 -59.16 96.72
N PRO D 1609 36.13 -59.93 96.93
CA PRO D 1609 36.51 -60.94 95.94
C PRO D 1609 35.48 -62.06 95.84
N ASN D 1610 35.39 -62.63 94.64
CA ASN D 1610 34.43 -63.71 94.41
C ASN D 1610 34.86 -65.03 95.04
N HIS D 1611 36.15 -65.18 95.36
CA HIS D 1611 36.66 -66.38 96.01
C HIS D 1611 37.62 -65.97 97.12
N PHE D 1612 37.52 -66.66 98.24
CA PHE D 1612 38.33 -66.38 99.42
C PHE D 1612 39.26 -67.55 99.72
N LEU D 1613 40.48 -67.23 100.15
CA LEU D 1613 41.45 -68.27 100.47
C LEU D 1613 41.04 -69.02 101.72
N GLN D 1614 41.23 -70.34 101.70
CA GLN D 1614 40.90 -71.19 102.83
C GLN D 1614 42.09 -71.33 103.76
N VAL D 1615 41.80 -71.50 105.04
CA VAL D 1615 42.83 -71.66 106.06
C VAL D 1615 42.74 -73.02 106.75
N GLU D 1622 42.43 -79.73 114.21
CA GLU D 1622 42.25 -79.05 115.50
C GLU D 1622 42.79 -79.91 116.63
N ARG D 1623 44.05 -80.32 116.52
CA ARG D 1623 44.68 -81.18 117.51
C ARG D 1623 46.14 -80.76 117.70
N LEU D 1624 46.69 -81.12 118.86
CA LEU D 1624 48.06 -80.82 119.24
C LEU D 1624 48.30 -79.30 119.20
N GLY D 1625 47.56 -78.59 120.05
CA GLY D 1625 47.64 -77.15 120.08
C GLY D 1625 47.08 -76.47 118.85
N TRP D 1626 46.27 -77.18 118.06
CA TRP D 1626 45.70 -76.76 116.79
C TRP D 1626 46.76 -76.55 115.70
N ALA D 1627 46.36 -76.74 114.45
CA ALA D 1627 47.21 -76.64 113.28
C ALA D 1627 46.35 -76.23 112.10
N VAL D 1628 46.93 -75.50 111.16
CA VAL D 1628 46.18 -75.05 109.99
C VAL D 1628 46.87 -75.50 108.72
N GLN D 1629 46.05 -75.92 107.74
CA GLN D 1629 46.46 -76.51 106.46
C GLN D 1629 45.89 -75.63 105.34
N CYS D 1630 46.77 -74.84 104.73
CA CYS D 1630 46.34 -73.81 103.79
C CYS D 1630 45.65 -74.36 102.54
N GLN D 1631 46.22 -75.43 101.97
CA GLN D 1631 45.72 -76.12 100.78
C GLN D 1631 45.77 -75.29 99.51
N ASP D 1632 44.63 -75.16 98.83
CA ASP D 1632 44.60 -74.73 97.44
C ASP D 1632 44.99 -73.26 97.28
N PRO D 1633 45.60 -72.89 96.16
CA PRO D 1633 46.02 -71.51 95.94
C PRO D 1633 44.95 -70.64 95.30
N LEU D 1634 45.16 -69.33 95.43
CA LEU D 1634 44.38 -68.32 94.72
C LEU D 1634 45.33 -67.24 94.22
N THR D 1635 44.98 -66.63 93.09
CA THR D 1635 45.81 -65.61 92.47
C THR D 1635 44.92 -64.44 92.06
N MET D 1636 45.52 -63.26 91.97
CA MET D 1636 44.75 -62.06 91.66
C MET D 1636 45.59 -61.12 90.80
N MET D 1637 44.93 -60.51 89.81
CA MET D 1637 45.60 -59.55 88.94
C MET D 1637 45.64 -58.19 89.62
N ALA D 1638 46.81 -57.56 89.57
CA ALA D 1638 47.10 -56.35 90.33
C ALA D 1638 47.46 -55.23 89.38
N LEU D 1639 46.97 -54.02 89.67
CA LEU D 1639 47.17 -52.85 88.84
C LEU D 1639 47.67 -51.75 89.78
N HIS D 1640 48.95 -51.45 89.69
CA HIS D 1640 49.59 -50.52 90.62
C HIS D 1640 49.67 -49.11 90.00
N ILE D 1641 49.52 -48.11 90.86
CA ILE D 1641 49.57 -46.71 90.44
C ILE D 1641 50.96 -46.17 90.74
N PRO D 1642 51.65 -45.57 89.76
CA PRO D 1642 53.06 -45.19 89.97
C PRO D 1642 53.27 -44.18 91.08
N GLU D 1643 52.65 -43.00 91.00
CA GLU D 1643 52.91 -41.95 91.98
C GLU D 1643 52.33 -42.27 93.35
N GLU D 1644 51.15 -42.90 93.39
CA GLU D 1644 50.52 -43.17 94.67
C GLU D 1644 51.21 -44.30 95.44
N ASN D 1645 51.89 -45.19 94.72
CA ASN D 1645 52.45 -46.43 95.26
C ASN D 1645 51.38 -47.24 95.97
N ARG D 1646 50.34 -47.58 95.21
CA ARG D 1646 49.16 -48.26 95.70
C ARG D 1646 48.64 -49.21 94.63
N CYS D 1647 48.29 -50.43 95.05
CA CYS D 1647 47.81 -51.45 94.14
C CYS D 1647 46.29 -51.57 94.24
N MET D 1648 45.66 -51.96 93.13
CA MET D 1648 44.21 -52.02 93.05
C MET D 1648 43.80 -53.22 92.20
N ASP D 1649 42.64 -53.78 92.52
CA ASP D 1649 42.08 -54.88 91.73
C ASP D 1649 41.72 -54.39 90.32
N ILE D 1650 41.93 -55.26 89.34
CA ILE D 1650 41.68 -54.86 87.95
C ILE D 1650 40.18 -54.85 87.65
N LEU D 1651 39.37 -55.64 88.37
CA LEU D 1651 37.94 -55.68 88.10
C LEU D 1651 37.24 -54.42 88.61
N GLU D 1652 37.80 -53.77 89.63
CA GLU D 1652 37.25 -52.52 90.14
C GLU D 1652 37.22 -51.43 89.09
N LEU D 1653 38.02 -51.58 88.02
CA LEU D 1653 38.00 -50.67 86.89
C LEU D 1653 36.61 -50.55 86.28
N SER D 1654 35.80 -51.62 86.40
CA SER D 1654 34.44 -51.59 85.86
C SER D 1654 33.60 -50.50 86.52
N GLU D 1655 33.95 -50.08 87.73
CA GLU D 1655 33.25 -48.97 88.38
C GLU D 1655 33.91 -47.63 88.10
N ARG D 1656 35.18 -47.62 87.70
CA ARG D 1656 35.92 -46.37 87.58
C ARG D 1656 35.59 -45.63 86.28
N LEU D 1657 35.78 -46.31 85.14
CA LEU D 1657 35.36 -45.89 83.81
C LEU D 1657 36.19 -44.75 83.24
N ASP D 1658 37.10 -44.19 84.03
CA ASP D 1658 38.10 -43.25 83.51
C ASP D 1658 39.44 -43.93 83.30
N LEU D 1659 39.93 -44.62 84.32
CA LEU D 1659 41.14 -45.43 84.17
C LEU D 1659 40.90 -46.59 83.22
N GLN D 1660 39.65 -47.06 83.10
CA GLN D 1660 39.31 -48.05 82.08
C GLN D 1660 39.57 -47.49 80.69
N ARG D 1661 39.13 -46.25 80.44
CA ARG D 1661 39.38 -45.60 79.15
C ARG D 1661 40.88 -45.41 78.92
N PHE D 1662 41.59 -44.96 79.95
CA PHE D 1662 43.03 -44.75 79.80
C PHE D 1662 43.78 -46.06 79.53
N HIS D 1663 43.37 -47.15 80.20
CA HIS D 1663 43.99 -48.44 79.98
C HIS D 1663 43.68 -48.99 78.59
N SER D 1664 42.44 -48.78 78.12
CA SER D 1664 42.09 -49.19 76.76
C SER D 1664 42.91 -48.42 75.72
N HIS D 1665 43.09 -47.11 75.94
CA HIS D 1665 43.91 -46.34 75.01
C HIS D 1665 45.39 -46.73 75.11
N THR D 1666 45.85 -47.12 76.30
CA THR D 1666 47.22 -47.61 76.45
C THR D 1666 47.41 -48.93 75.69
N LEU D 1667 46.42 -49.82 75.78
CA LEU D 1667 46.47 -51.06 75.00
C LEU D 1667 46.45 -50.78 73.50
N ARG D 1668 45.63 -49.82 73.08
CA ARG D 1668 45.60 -49.44 71.66
C ARG D 1668 46.95 -48.88 71.22
N LEU D 1669 47.59 -48.06 72.06
CA LEU D 1669 48.92 -47.57 71.76
C LEU D 1669 49.94 -48.69 71.67
N TYR D 1670 49.82 -49.68 72.57
CA TYR D 1670 50.72 -50.84 72.53
C TYR D 1670 50.56 -51.61 71.21
N ARG D 1671 49.32 -51.82 70.76
CA ARG D 1671 49.11 -52.49 69.49
C ARG D 1671 49.63 -51.66 68.31
N ALA D 1672 49.40 -50.34 68.35
CA ALA D 1672 49.81 -49.48 67.24
C ALA D 1672 51.32 -49.37 67.13
N VAL D 1673 52.03 -49.38 68.27
CA VAL D 1673 53.49 -49.27 68.24
C VAL D 1673 54.11 -50.52 67.66
N CYS D 1674 53.59 -51.70 68.03
CA CYS D 1674 54.09 -52.98 67.54
C CYS D 1674 53.32 -53.49 66.33
N ALA D 1675 52.65 -52.59 65.58
CA ALA D 1675 51.69 -52.98 64.55
C ALA D 1675 52.28 -53.79 63.40
N LEU D 1676 53.21 -53.20 62.64
CA LEU D 1676 53.64 -53.79 61.37
C LEU D 1676 55.08 -54.27 61.45
N GLY D 1677 55.25 -55.56 61.78
CA GLY D 1677 56.51 -56.24 61.58
C GLY D 1677 57.67 -55.76 62.42
N ASN D 1678 57.41 -55.08 63.53
CA ASN D 1678 58.47 -54.59 64.41
C ASN D 1678 58.60 -55.59 65.57
N ASN D 1679 59.34 -56.67 65.30
CA ASN D 1679 59.48 -57.73 66.28
C ASN D 1679 60.39 -57.34 67.45
N ARG D 1680 61.25 -56.33 67.28
CA ARG D 1680 62.07 -55.87 68.40
C ARG D 1680 61.21 -55.21 69.47
N VAL D 1681 60.28 -54.33 69.06
CA VAL D 1681 59.37 -53.76 70.04
C VAL D 1681 58.32 -54.78 70.47
N ALA D 1682 58.09 -55.82 69.66
CA ALA D 1682 57.26 -56.93 70.14
C ALA D 1682 57.94 -57.64 71.31
N HIS D 1683 59.26 -57.85 71.21
CA HIS D 1683 60.03 -58.39 72.33
C HIS D 1683 59.98 -57.44 73.52
N ALA D 1684 60.11 -56.14 73.27
CA ALA D 1684 60.06 -55.14 74.35
C ALA D 1684 58.71 -55.18 75.06
N LEU D 1685 57.61 -55.26 74.30
CA LEU D 1685 56.29 -55.33 74.91
C LEU D 1685 56.08 -56.65 75.66
N CYS D 1686 56.58 -57.75 75.10
CA CYS D 1686 56.47 -59.04 75.79
C CYS D 1686 57.27 -59.04 77.08
N SER D 1687 58.33 -58.25 77.14
CA SER D 1687 58.98 -57.98 78.42
C SER D 1687 58.10 -57.11 79.31
N HIS D 1688 57.42 -56.12 78.72
CA HIS D 1688 56.59 -55.21 79.50
C HIS D 1688 55.35 -55.90 80.06
N VAL D 1689 54.65 -56.68 79.23
CA VAL D 1689 53.49 -57.45 79.66
C VAL D 1689 53.76 -58.92 79.43
N ASP D 1690 53.58 -59.72 80.48
CA ASP D 1690 54.01 -61.11 80.46
C ASP D 1690 52.99 -61.97 79.72
N GLN D 1691 53.47 -63.10 79.21
CA GLN D 1691 52.59 -64.06 78.53
C GLN D 1691 51.59 -64.67 79.51
N ALA D 1692 52.01 -64.90 80.75
CA ALA D 1692 51.13 -65.50 81.76
C ALA D 1692 49.94 -64.61 82.08
N GLN D 1693 50.14 -63.29 82.12
CA GLN D 1693 49.02 -62.38 82.33
C GLN D 1693 48.01 -62.46 81.19
N LEU D 1694 48.50 -62.53 79.96
CA LEU D 1694 47.62 -62.67 78.80
C LEU D 1694 46.85 -63.99 78.83
N LEU D 1695 47.53 -65.07 79.23
CA LEU D 1695 46.88 -66.37 79.31
C LEU D 1695 45.83 -66.40 80.43
N HIS D 1696 46.11 -65.73 81.55
CA HIS D 1696 45.18 -65.73 82.68
C HIS D 1696 43.96 -64.85 82.39
N ALA D 1697 44.17 -63.70 81.74
CA ALA D 1697 43.07 -62.82 81.39
C ALA D 1697 42.25 -63.33 80.21
N LEU D 1698 42.69 -64.41 79.58
CA LEU D 1698 41.95 -64.97 78.45
C LEU D 1698 40.59 -65.53 78.89
N GLU D 1699 40.55 -66.18 80.05
CA GLU D 1699 39.35 -66.86 80.54
C GLU D 1699 38.77 -66.19 81.78
N ASP D 1700 39.07 -64.90 82.01
CA ASP D 1700 38.64 -64.24 83.24
C ASP D 1700 37.12 -64.19 83.35
N ALA D 1701 36.44 -63.80 82.26
CA ALA D 1701 34.98 -63.72 82.15
C ALA D 1701 34.35 -62.71 83.13
N HIS D 1702 35.19 -61.97 83.86
CA HIS D 1702 34.74 -60.92 84.75
C HIS D 1702 35.24 -59.55 84.33
N LEU D 1703 35.99 -59.47 83.23
CA LEU D 1703 36.48 -58.20 82.74
C LEU D 1703 35.31 -57.35 82.22
N PRO D 1704 35.47 -56.02 82.20
CA PRO D 1704 34.37 -55.17 81.70
C PRO D 1704 34.02 -55.40 80.23
N GLY D 1705 34.98 -55.85 79.41
CA GLY D 1705 34.70 -56.19 78.04
C GLY D 1705 35.53 -55.46 76.99
N PRO D 1706 35.73 -54.14 77.13
CA PRO D 1706 36.73 -53.50 76.26
C PRO D 1706 38.15 -53.93 76.56
N LEU D 1707 38.49 -54.10 77.84
CA LEU D 1707 39.81 -54.60 78.20
C LEU D 1707 40.03 -56.02 77.73
N ARG D 1708 38.97 -56.84 77.73
CA ARG D 1708 39.06 -58.22 77.25
C ARG D 1708 39.44 -58.25 75.77
N ALA D 1709 38.70 -57.50 74.94
CA ALA D 1709 39.00 -57.44 73.52
C ALA D 1709 40.37 -56.80 73.27
N GLY D 1710 40.75 -55.84 74.10
CA GLY D 1710 42.08 -55.25 73.99
C GLY D 1710 43.19 -56.25 74.23
N TYR D 1711 43.03 -57.10 75.25
CA TYR D 1711 44.05 -58.12 75.51
C TYR D 1711 44.05 -59.20 74.42
N TYR D 1712 42.87 -59.56 73.92
CA TYR D 1712 42.81 -60.50 72.79
C TYR D 1712 43.57 -59.96 71.58
N ASP D 1713 43.31 -58.71 71.21
CA ASP D 1713 43.95 -58.13 70.04
C ASP D 1713 45.44 -57.89 70.28
N LEU D 1714 45.84 -57.57 71.51
CA LEU D 1714 47.26 -57.47 71.84
C LEU D 1714 47.97 -58.81 71.66
N LEU D 1715 47.37 -59.89 72.17
CA LEU D 1715 47.98 -61.21 72.03
C LEU D 1715 48.03 -61.63 70.57
N ILE D 1716 47.02 -61.26 69.79
CA ILE D 1716 47.06 -61.56 68.36
C ILE D 1716 48.15 -60.76 67.65
N SER D 1717 48.29 -59.47 67.99
CA SER D 1717 49.16 -58.58 67.23
C SER D 1717 50.63 -58.80 67.55
N ILE D 1718 50.96 -59.10 68.81
CA ILE D 1718 52.37 -59.17 69.20
C ILE D 1718 53.09 -60.33 68.51
N HIS D 1719 52.46 -61.50 68.45
CA HIS D 1719 53.15 -62.70 67.97
C HIS D 1719 52.62 -63.22 66.64
N LEU D 1720 51.32 -63.49 66.54
CA LEU D 1720 50.81 -64.32 65.46
C LEU D 1720 50.50 -63.58 64.16
N GLU D 1721 50.44 -62.25 64.18
CA GLU D 1721 49.93 -61.51 63.03
C GLU D 1721 50.86 -61.61 61.82
N SER D 1722 52.17 -61.54 62.04
CA SER D 1722 53.12 -61.52 60.92
C SER D 1722 53.12 -62.84 60.16
N ALA D 1723 53.09 -63.97 60.88
CA ALA D 1723 53.03 -65.27 60.21
C ALA D 1723 51.70 -65.44 59.48
N CYS D 1724 50.62 -64.90 60.04
CA CYS D 1724 49.33 -64.93 59.36
C CYS D 1724 49.36 -64.14 58.07
N ARG D 1725 50.00 -62.97 58.09
CA ARG D 1725 50.12 -62.16 56.87
C ARG D 1725 50.96 -62.88 55.82
N SER D 1726 52.06 -63.51 56.24
CA SER D 1726 52.91 -64.24 55.31
C SER D 1726 52.17 -65.42 54.69
N ARG D 1727 51.41 -66.15 55.50
CA ARG D 1727 50.65 -67.29 54.99
C ARG D 1727 49.53 -66.83 54.07
N ARG D 1728 48.89 -65.69 54.39
CA ARG D 1728 47.86 -65.14 53.52
C ARG D 1728 48.43 -64.74 52.18
N SER D 1729 49.64 -64.16 52.17
CA SER D 1729 50.30 -63.84 50.91
C SER D 1729 50.67 -65.10 50.14
N MET D 1730 51.06 -66.17 50.85
CA MET D 1730 51.47 -67.41 50.18
C MET D 1730 50.28 -68.27 49.76
N LEU D 1731 49.08 -68.01 50.30
CA LEU D 1731 47.95 -68.91 50.05
C LEU D 1731 47.48 -68.87 48.60
N SER D 1732 47.70 -67.78 47.89
CA SER D 1732 47.11 -67.60 46.56
C SER D 1732 47.73 -68.55 45.53
N GLU D 1733 49.05 -68.67 45.53
CA GLU D 1733 49.72 -69.50 44.53
C GLU D 1733 49.55 -70.98 44.85
N TYR D 1734 49.49 -71.79 43.78
CA TYR D 1734 49.32 -73.24 43.88
C TYR D 1734 50.45 -73.91 43.11
N ILE D 1735 51.57 -74.16 43.81
CA ILE D 1735 52.72 -74.84 43.24
C ILE D 1735 52.71 -76.27 43.77
N VAL D 1736 52.47 -77.23 42.89
CA VAL D 1736 52.30 -78.63 43.27
C VAL D 1736 53.49 -79.43 42.77
N PRO D 1737 54.16 -80.22 43.62
CA PRO D 1737 55.21 -81.11 43.16
C PRO D 1737 54.68 -82.51 42.88
N LEU D 1738 55.55 -83.35 42.30
CA LEU D 1738 55.24 -84.74 42.02
C LEU D 1738 55.84 -85.63 43.12
N THR D 1739 54.96 -86.23 43.92
CA THR D 1739 55.31 -87.24 44.89
C THR D 1739 54.26 -88.33 44.81
N PRO D 1740 54.59 -89.57 45.20
CA PRO D 1740 53.57 -90.63 45.23
C PRO D 1740 52.42 -90.34 46.20
N GLU D 1741 52.65 -89.57 47.25
CA GLU D 1741 51.54 -89.14 48.10
C GLU D 1741 50.72 -88.06 47.42
N THR D 1742 51.31 -87.30 46.50
CA THR D 1742 50.54 -86.35 45.70
C THR D 1742 49.77 -87.08 44.60
N ARG D 1743 50.33 -88.16 44.07
CA ARG D 1743 49.60 -88.98 43.10
C ARG D 1743 48.39 -89.63 43.73
N ALA D 1744 48.49 -90.06 45.00
CA ALA D 1744 47.39 -90.71 45.70
C ALA D 1744 46.47 -89.66 46.34
N ILE D 1745 45.96 -88.77 45.49
CA ILE D 1745 44.95 -87.79 45.86
C ILE D 1745 43.74 -88.03 44.99
N THR D 1746 42.58 -88.21 45.61
CA THR D 1746 41.36 -88.60 44.92
C THR D 1746 40.36 -87.45 44.89
N LEU D 1747 39.60 -87.37 43.80
CA LEU D 1747 38.64 -86.29 43.62
C LEU D 1747 37.53 -86.35 44.66
N PHE D 1748 36.84 -87.44 44.73
CA PHE D 1748 35.86 -87.84 45.72
C PHE D 1748 36.49 -88.81 46.71
N PRO D 1749 36.02 -88.87 47.95
CA PRO D 1749 36.57 -89.83 48.91
C PRO D 1749 36.30 -91.25 48.48
N PRO D 1750 37.11 -92.23 48.95
CA PRO D 1750 36.92 -93.64 48.56
C PRO D 1750 35.49 -94.13 48.73
N GLY D 1751 34.85 -94.42 47.60
CA GLY D 1751 33.43 -94.69 47.57
C GLY D 1751 33.05 -96.11 47.92
N ARG D 1752 32.29 -96.26 49.00
CA ARG D 1752 31.70 -97.54 49.36
C ARG D 1752 30.38 -97.72 48.62
N LYS D 1753 29.91 -98.97 48.60
CA LYS D 1753 28.64 -99.41 48.02
C LYS D 1753 28.57 -99.23 46.50
N GLY D 1754 29.70 -99.07 45.83
CA GLY D 1754 29.74 -99.05 44.38
C GLY D 1754 29.04 -97.87 43.73
N GLY D 1755 27.89 -98.14 43.11
CA GLY D 1755 27.19 -97.09 42.37
C GLY D 1755 26.70 -95.96 43.26
N ASN D 1756 26.13 -96.30 44.41
CA ASN D 1756 25.76 -95.26 45.38
C ASN D 1756 27.03 -94.69 46.00
N ALA D 1757 27.34 -93.45 45.67
CA ALA D 1757 28.65 -92.89 45.96
C ALA D 1757 28.53 -91.36 45.96
N ARG D 1758 29.67 -90.68 45.87
CA ARG D 1758 29.81 -89.25 45.60
C ARG D 1758 29.44 -88.38 46.79
N ARG D 1759 29.59 -88.89 48.01
CA ARG D 1759 29.49 -88.04 49.19
C ARG D 1759 30.60 -86.99 49.16
N HIS D 1760 30.24 -85.75 49.50
CA HIS D 1760 31.15 -84.63 49.31
C HIS D 1760 32.35 -84.68 50.23
N GLY D 1761 32.19 -85.23 51.43
CA GLY D 1761 33.28 -85.28 52.40
C GLY D 1761 33.43 -83.97 53.15
N LEU D 1762 34.27 -84.01 54.18
CA LEU D 1762 34.37 -82.77 54.95
C LEU D 1762 35.56 -81.94 54.51
N PRO D 1763 35.40 -80.63 54.39
CA PRO D 1763 36.52 -79.77 53.98
C PRO D 1763 37.53 -79.60 55.09
N GLY D 1764 38.72 -79.16 54.69
CA GLY D 1764 39.81 -78.95 55.63
C GLY D 1764 40.52 -80.23 56.01
N VAL D 1765 40.87 -81.05 55.01
CA VAL D 1765 41.54 -82.31 55.22
C VAL D 1765 43.01 -82.13 54.85
N GLY D 1766 43.91 -82.57 55.75
CA GLY D 1766 45.34 -82.37 55.59
C GLY D 1766 46.02 -83.23 54.55
N VAL D 1767 45.26 -83.95 53.71
CA VAL D 1767 45.85 -84.80 52.69
C VAL D 1767 46.56 -83.99 51.61
N THR D 1768 46.28 -82.69 51.51
CA THR D 1768 46.87 -81.86 50.48
C THR D 1768 48.37 -81.69 50.71
N THR D 1769 49.13 -81.70 49.61
CA THR D 1769 50.59 -81.71 49.67
C THR D 1769 51.16 -80.47 48.97
N SER D 1770 50.62 -79.29 49.30
CA SER D 1770 51.03 -78.06 48.64
C SER D 1770 52.42 -77.64 49.13
N LEU D 1771 52.87 -76.46 48.70
CA LEU D 1771 54.24 -76.02 48.91
C LEU D 1771 54.22 -74.63 49.55
N ARG D 1772 54.32 -74.60 50.89
CA ARG D 1772 54.31 -73.36 51.65
C ARG D 1772 55.48 -73.36 52.63
N PRO D 1773 56.04 -72.19 52.92
CA PRO D 1773 57.22 -72.12 53.80
C PRO D 1773 56.84 -72.25 55.27
N PRO D 1774 57.78 -72.66 56.12
CA PRO D 1774 57.51 -72.75 57.56
C PRO D 1774 57.41 -71.37 58.19
N HIS D 1775 57.05 -71.37 59.48
CA HIS D 1775 56.72 -70.13 60.19
C HIS D 1775 57.96 -69.43 60.73
N HIS D 1776 58.94 -70.18 61.25
CA HIS D 1776 60.18 -69.65 61.83
C HIS D 1776 59.90 -68.69 63.00
N PHE D 1777 59.38 -69.28 64.08
CA PHE D 1777 59.26 -68.54 65.33
C PHE D 1777 60.60 -68.50 66.07
N SER D 1778 60.74 -67.50 66.95
CA SER D 1778 61.97 -67.30 67.71
C SER D 1778 61.64 -67.15 69.19
N PRO D 1779 62.54 -67.60 70.08
CA PRO D 1779 62.25 -67.50 71.51
C PRO D 1779 62.27 -66.06 71.97
N PRO D 1780 61.49 -65.71 73.00
CA PRO D 1780 61.41 -64.31 73.48
C PRO D 1780 62.59 -63.91 74.37
N CYS D 1781 63.78 -63.89 73.77
CA CYS D 1781 64.98 -63.37 74.40
C CYS D 1781 64.80 -61.94 74.92
N PHE D 1782 64.19 -61.09 74.10
CA PHE D 1782 63.90 -59.69 74.50
C PHE D 1782 65.13 -59.04 75.18
N VAL D 1783 66.31 -59.64 75.00
CA VAL D 1783 67.54 -59.01 75.56
C VAL D 1783 67.74 -57.66 74.86
N ALA D 1784 68.15 -56.63 75.61
CA ALA D 1784 68.33 -55.28 75.03
C ALA D 1784 69.14 -54.41 75.99
N ALA D 1796 65.01 -58.18 60.61
CA ALA D 1796 65.86 -58.29 61.78
C ALA D 1796 65.44 -59.49 62.65
N ARG D 1797 64.96 -59.21 63.86
CA ARG D 1797 64.55 -60.28 64.75
C ARG D 1797 63.18 -60.83 64.36
N LEU D 1798 62.90 -62.06 64.80
CA LEU D 1798 61.68 -62.75 64.47
C LEU D 1798 60.66 -62.63 65.60
N SER D 1799 59.49 -63.21 65.40
CA SER D 1799 58.40 -63.09 66.36
C SER D 1799 58.70 -63.90 67.63
N PRO D 1800 58.19 -63.44 68.78
CA PRO D 1800 58.36 -64.21 70.02
C PRO D 1800 57.62 -65.54 69.97
N ALA D 1801 58.18 -66.53 70.67
CA ALA D 1801 57.59 -67.87 70.71
C ALA D 1801 56.66 -68.02 71.91
N ILE D 1802 55.50 -68.62 71.66
CA ILE D 1802 54.56 -69.03 72.70
C ILE D 1802 54.21 -70.48 72.40
N PRO D 1803 54.06 -71.36 73.41
CA PRO D 1803 53.51 -72.70 73.14
C PRO D 1803 52.13 -72.66 72.50
N LEU D 1804 51.98 -73.19 71.29
CA LEU D 1804 50.73 -73.06 70.56
C LEU D 1804 49.66 -74.07 70.98
N GLU D 1805 50.06 -75.25 71.48
CA GLU D 1805 49.09 -76.31 71.75
C GLU D 1805 48.14 -75.94 72.88
N ALA D 1806 48.64 -75.22 73.90
CA ALA D 1806 47.78 -74.79 74.99
C ALA D 1806 46.75 -73.78 74.49
N LEU D 1807 47.16 -72.86 73.61
CA LEU D 1807 46.22 -71.93 73.01
C LEU D 1807 45.18 -72.65 72.14
N ARG D 1808 45.64 -73.65 71.38
CA ARG D 1808 44.72 -74.39 70.50
C ARG D 1808 43.67 -75.14 71.30
N ASP D 1809 44.06 -75.72 72.45
CA ASP D 1809 43.07 -76.33 73.33
C ASP D 1809 42.18 -75.27 73.97
N LYS D 1810 42.78 -74.18 74.41
CA LYS D 1810 42.00 -73.09 75.04
C LYS D 1810 41.02 -72.50 74.03
N ALA D 1811 41.43 -72.40 72.76
CA ALA D 1811 40.58 -71.76 71.72
C ALA D 1811 39.27 -72.53 71.52
N LEU D 1812 39.32 -73.87 71.50
CA LEU D 1812 38.11 -74.68 71.22
C LEU D 1812 37.33 -74.87 72.53
N ARG D 1813 38.02 -75.26 73.59
CA ARG D 1813 37.39 -75.44 74.90
C ARG D 1813 36.59 -74.20 75.33
N MET D 1814 37.18 -73.00 75.27
CA MET D 1814 36.37 -71.82 75.55
C MET D 1814 35.33 -71.59 74.45
N LEU D 1815 35.59 -72.09 73.25
CA LEU D 1815 34.57 -72.06 72.21
C LEU D 1815 33.34 -72.89 72.58
N GLY D 1816 33.56 -74.10 73.09
CA GLY D 1816 32.45 -74.90 73.57
C GLY D 1816 31.75 -74.28 74.76
N GLU D 1817 32.53 -73.71 75.68
CA GLU D 1817 31.95 -73.02 76.83
C GLU D 1817 31.10 -71.83 76.39
N ALA D 1818 31.57 -71.08 75.39
CA ALA D 1818 30.84 -69.92 74.90
C ALA D 1818 29.58 -70.34 74.16
N VAL D 1819 29.64 -71.43 73.38
CA VAL D 1819 28.42 -71.85 72.69
C VAL D 1819 27.41 -72.42 73.67
N ARG D 1820 27.87 -73.07 74.75
CA ARG D 1820 26.94 -73.48 75.80
C ARG D 1820 26.33 -72.28 76.51
N ASP D 1821 27.14 -71.25 76.79
CA ASP D 1821 26.62 -70.05 77.44
C ASP D 1821 25.61 -69.32 76.55
N GLY D 1822 25.87 -69.30 75.24
CA GLY D 1822 24.91 -68.75 74.30
C GLY D 1822 23.63 -69.55 74.21
N GLY D 1823 23.73 -70.88 74.32
CA GLY D 1823 22.54 -71.71 74.33
C GLY D 1823 21.75 -71.63 75.62
N GLN D 1824 22.40 -71.26 76.73
CA GLN D 1824 21.68 -71.13 77.99
C GLN D 1824 20.84 -69.86 78.06
N HIS D 1825 21.14 -68.87 77.23
CA HIS D 1825 20.45 -67.57 77.21
C HIS D 1825 20.47 -66.91 78.58
N ALA D 1826 21.68 -66.67 79.09
CA ALA D 1826 21.84 -66.00 80.36
C ALA D 1826 21.57 -64.50 80.22
N ARG D 1827 21.06 -63.91 81.30
CA ARG D 1827 20.74 -62.49 81.28
C ARG D 1827 21.98 -61.60 81.35
N ASP D 1828 23.12 -62.14 81.79
CA ASP D 1828 24.37 -61.41 81.78
C ASP D 1828 25.38 -62.12 80.89
N PRO D 1829 25.97 -61.44 79.90
CA PRO D 1829 26.96 -62.09 79.05
C PRO D 1829 28.32 -62.17 79.73
N VAL D 1830 29.24 -62.87 79.06
CA VAL D 1830 30.59 -63.03 79.59
C VAL D 1830 31.33 -61.70 79.61
N GLY D 1831 31.29 -60.96 78.51
CA GLY D 1831 31.93 -59.68 78.40
C GLY D 1831 31.03 -58.48 78.60
N GLY D 1832 29.76 -58.69 78.95
CA GLY D 1832 28.78 -57.63 79.06
C GLY D 1832 27.82 -57.56 77.90
N SER D 1833 28.22 -58.05 76.73
CA SER D 1833 27.34 -58.17 75.58
C SER D 1833 27.70 -59.44 74.84
N VAL D 1834 26.73 -59.96 74.07
CA VAL D 1834 26.92 -61.21 73.37
C VAL D 1834 27.98 -61.08 72.28
N GLU D 1835 28.03 -59.93 71.60
CA GLU D 1835 29.08 -59.73 70.60
C GLU D 1835 30.44 -59.58 71.24
N PHE D 1836 30.53 -59.00 72.44
CA PHE D 1836 31.81 -58.88 73.12
C PHE D 1836 32.34 -60.24 73.56
N GLN D 1837 31.45 -61.19 73.84
CA GLN D 1837 31.87 -62.53 74.19
C GLN D 1837 32.04 -63.45 72.99
N PHE D 1838 31.51 -63.08 71.82
CA PHE D 1838 31.58 -63.96 70.66
C PHE D 1838 32.61 -63.54 69.63
N VAL D 1839 32.82 -62.25 69.39
CA VAL D 1839 33.72 -61.76 68.34
C VAL D 1839 35.19 -62.15 68.57
N PRO D 1840 35.82 -61.87 69.72
CA PRO D 1840 37.29 -62.04 69.77
C PRO D 1840 37.73 -63.50 69.78
N VAL D 1841 36.96 -64.41 70.39
CA VAL D 1841 37.31 -65.82 70.35
C VAL D 1841 37.20 -66.36 68.94
N LEU D 1842 36.17 -65.91 68.20
CA LEU D 1842 36.05 -66.29 66.78
C LEU D 1842 37.20 -65.73 65.96
N LYS D 1843 37.64 -64.50 66.28
CA LYS D 1843 38.79 -63.91 65.59
C LYS D 1843 40.05 -64.74 65.83
N LEU D 1844 40.28 -65.15 67.07
CA LEU D 1844 41.44 -65.99 67.40
C LEU D 1844 41.36 -67.33 66.68
N VAL D 1845 40.17 -67.94 66.66
CA VAL D 1845 40.00 -69.23 65.99
C VAL D 1845 40.25 -69.10 64.49
N SER D 1846 39.75 -68.01 63.88
CA SER D 1846 39.97 -67.78 62.46
C SER D 1846 41.45 -67.57 62.16
N THR D 1847 42.15 -66.81 63.02
CA THR D 1847 43.58 -66.58 62.82
C THR D 1847 44.36 -67.89 62.93
N LEU D 1848 44.03 -68.73 63.92
CA LEU D 1848 44.71 -70.00 64.09
C LEU D 1848 44.41 -70.94 62.93
N LEU D 1849 43.19 -70.90 62.39
CA LEU D 1849 42.85 -71.73 61.24
C LEU D 1849 43.58 -71.27 59.98
N VAL D 1850 43.72 -69.95 59.80
CA VAL D 1850 44.44 -69.43 58.65
C VAL D 1850 45.93 -69.80 58.73
N MET D 1851 46.51 -69.71 59.93
CA MET D 1851 47.92 -70.03 60.08
C MET D 1851 48.21 -71.52 59.90
N GLY D 1852 47.19 -72.37 59.98
CA GLY D 1852 47.32 -73.76 59.58
C GLY D 1852 47.77 -74.73 60.65
N ILE D 1853 47.80 -74.30 61.92
CA ILE D 1853 48.25 -75.19 63.00
C ILE D 1853 47.20 -76.25 63.30
N PHE D 1854 45.91 -75.94 63.12
CA PHE D 1854 44.84 -76.84 63.51
C PHE D 1854 44.85 -78.11 62.66
N GLY D 1855 44.89 -79.26 63.31
CA GLY D 1855 44.91 -80.53 62.63
C GLY D 1855 43.53 -80.99 62.21
N ASP D 1856 43.48 -82.22 61.69
CA ASP D 1856 42.21 -82.81 61.26
C ASP D 1856 41.27 -83.00 62.45
N GLU D 1857 41.80 -83.47 63.58
CA GLU D 1857 40.97 -83.61 64.78
C GLU D 1857 40.57 -82.25 65.34
N ASP D 1858 41.44 -81.25 65.19
CA ASP D 1858 41.13 -79.91 65.68
C ASP D 1858 40.10 -79.21 64.80
N VAL D 1859 40.20 -79.36 63.48
CA VAL D 1859 39.17 -78.85 62.58
C VAL D 1859 37.85 -79.59 62.81
N LYS D 1860 37.94 -80.89 63.11
CA LYS D 1860 36.80 -81.62 63.62
C LYS D 1860 36.33 -81.01 64.93
N GLN D 1861 35.00 -80.99 65.08
CA GLN D 1861 34.21 -80.47 66.20
C GLN D 1861 34.23 -78.95 66.27
N ILE D 1862 35.18 -78.29 65.62
CA ILE D 1862 35.00 -76.88 65.28
C ILE D 1862 33.99 -76.76 64.15
N LEU D 1863 34.19 -77.56 63.11
CA LEU D 1863 33.24 -77.61 62.01
C LEU D 1863 31.87 -78.11 62.49
N LYS D 1864 31.86 -78.98 63.50
CA LYS D 1864 30.60 -79.45 64.07
C LYS D 1864 29.93 -78.39 64.94
N MET D 1865 30.73 -77.59 65.67
CA MET D 1865 30.17 -76.46 66.39
C MET D 1865 29.58 -75.43 65.44
N ILE D 1866 30.10 -75.35 64.21
CA ILE D 1866 29.47 -74.52 63.20
C ILE D 1866 28.10 -75.07 62.81
N GLU D 1867 28.01 -76.37 62.53
CA GLU D 1867 26.73 -76.99 62.20
C GLU D 1867 26.72 -78.47 62.59
N PRO D 1868 25.88 -78.86 63.56
CA PRO D 1868 25.93 -80.25 64.05
C PRO D 1868 25.13 -81.26 63.24
N GLU D 1869 24.14 -80.85 62.45
CA GLU D 1869 23.15 -81.79 61.96
C GLU D 1869 23.71 -82.66 60.83
N VAL D 1870 24.25 -82.02 59.79
CA VAL D 1870 25.04 -82.74 58.78
C VAL D 1870 26.49 -82.75 59.22
N PHE D 1871 27.05 -83.95 59.42
CA PHE D 1871 28.47 -84.29 59.56
C PHE D 1871 28.62 -85.79 59.72
N THR D 1872 29.88 -86.25 59.68
CA THR D 1872 30.26 -87.65 59.42
C THR D 1872 29.47 -88.66 60.25
N GLU D 1873 29.07 -89.74 59.57
CA GLU D 1873 28.19 -90.78 60.08
C GLU D 1873 28.15 -91.86 59.01
N GLU D 1874 27.78 -93.08 59.42
CA GLU D 1874 27.76 -94.25 58.53
C GLU D 1874 27.09 -94.06 57.17
N LEU D 1922 18.54 -81.67 71.27
CA LEU D 1922 19.80 -82.11 70.66
C LEU D 1922 20.90 -81.08 70.87
N GLU D 1923 21.39 -80.51 69.77
CA GLU D 1923 22.43 -79.50 69.79
C GLU D 1923 22.01 -78.30 68.97
N GLU D 1924 22.47 -77.13 69.37
CA GLU D 1924 22.19 -75.88 68.68
C GLU D 1924 23.48 -75.36 68.05
N GLY D 1925 23.47 -75.20 66.73
CA GLY D 1925 24.63 -74.70 66.04
C GLY D 1925 24.71 -73.18 66.07
N LEU D 1926 25.93 -72.67 65.87
CA LEU D 1926 26.16 -71.24 65.90
C LEU D 1926 25.41 -70.51 64.80
N LEU D 1927 25.18 -71.18 63.67
CA LEU D 1927 24.44 -70.56 62.57
C LEU D 1927 22.96 -70.40 62.92
N GLN D 1928 22.40 -71.36 63.68
CA GLN D 1928 20.97 -71.34 63.96
C GLN D 1928 20.59 -70.30 65.00
N MET D 1929 21.45 -70.05 65.99
CA MET D 1929 21.15 -69.06 67.01
C MET D 1929 21.16 -67.66 66.43
N LYS D 1930 20.33 -66.79 67.01
CA LYS D 1930 20.26 -65.40 66.59
C LYS D 1930 21.55 -64.68 66.93
N LEU D 1931 22.05 -63.87 65.99
CA LEU D 1931 23.31 -63.19 66.18
C LEU D 1931 23.11 -61.68 66.17
N PRO D 1932 23.83 -60.94 67.01
CA PRO D 1932 23.60 -59.49 67.13
C PRO D 1932 24.13 -58.67 65.97
N GLU D 1933 24.84 -59.31 65.03
CA GLU D 1933 25.51 -58.75 63.84
C GLU D 1933 26.90 -58.28 64.25
N SER D 1934 27.85 -58.32 63.31
CA SER D 1934 29.31 -58.19 63.45
C SER D 1934 29.94 -59.43 64.06
N VAL D 1935 29.16 -60.47 64.35
CA VAL D 1935 29.67 -61.80 64.68
C VAL D 1935 29.59 -62.59 63.39
N LYS D 1936 28.62 -62.24 62.54
CA LYS D 1936 28.38 -62.94 61.28
C LYS D 1936 29.55 -62.81 60.32
N LEU D 1937 30.29 -61.70 60.39
CA LEU D 1937 31.41 -61.48 59.48
C LEU D 1937 32.51 -62.52 59.68
N GLN D 1938 32.81 -62.86 60.93
CA GLN D 1938 33.83 -63.87 61.19
C GLN D 1938 33.37 -65.24 60.73
N MET D 1939 32.07 -65.53 60.85
CA MET D 1939 31.51 -66.78 60.33
C MET D 1939 31.64 -66.85 58.82
N CYS D 1940 31.38 -65.71 58.14
CA CYS D 1940 31.55 -65.67 56.69
C CYS D 1940 33.02 -65.85 56.30
N ASN D 1941 33.93 -65.27 57.08
CA ASN D 1941 35.36 -65.49 56.84
C ASN D 1941 35.73 -66.96 56.98
N LEU D 1942 35.19 -67.63 58.01
CA LEU D 1942 35.45 -69.05 58.20
C LEU D 1942 34.91 -69.89 57.04
N LEU D 1943 33.71 -69.54 56.55
CA LEU D 1943 33.14 -70.25 55.41
C LEU D 1943 33.98 -70.03 54.16
N GLU D 1944 34.50 -68.81 53.98
CA GLU D 1944 35.40 -68.53 52.85
C GLU D 1944 36.68 -69.35 52.95
N TYR D 1945 37.21 -69.51 54.17
CA TYR D 1945 38.38 -70.37 54.38
C TYR D 1945 38.08 -71.81 54.01
N PHE D 1946 36.91 -72.31 54.38
CA PHE D 1946 36.52 -73.67 54.04
C PHE D 1946 36.38 -73.85 52.53
N CYS D 1947 35.80 -72.86 51.85
CA CYS D 1947 35.70 -72.91 50.39
C CYS D 1947 37.08 -72.90 49.75
N ASP D 1948 38.01 -72.13 50.30
CA ASP D 1948 39.38 -72.13 49.79
C ASP D 1948 40.04 -73.50 49.96
N GLN D 1949 39.78 -74.15 51.09
CA GLN D 1949 40.29 -75.51 51.30
C GLN D 1949 39.71 -76.48 50.27
N GLU D 1950 38.42 -76.36 49.99
CA GLU D 1950 37.78 -77.20 48.97
C GLU D 1950 38.40 -76.98 47.60
N LEU D 1951 38.63 -75.71 47.24
CA LEU D 1951 39.25 -75.39 45.96
C LEU D 1951 40.67 -75.95 45.86
N GLN D 1952 41.42 -75.87 46.95
CA GLN D 1952 42.78 -76.41 46.97
C GLN D 1952 42.77 -77.93 46.78
N HIS D 1953 41.84 -78.62 47.44
CA HIS D 1953 41.72 -80.07 47.27
C HIS D 1953 41.36 -80.43 45.83
N ARG D 1954 40.45 -79.66 45.21
CA ARG D 1954 40.11 -79.87 43.82
C ARG D 1954 41.34 -79.69 42.92
N VAL D 1955 42.15 -78.67 43.20
CA VAL D 1955 43.34 -78.40 42.40
C VAL D 1955 44.33 -79.56 42.48
N GLU D 1956 44.58 -80.06 43.70
CA GLU D 1956 45.52 -81.17 43.85
C GLU D 1956 45.03 -82.43 43.14
N SER D 1957 43.72 -82.74 43.26
CA SER D 1957 43.20 -83.92 42.58
C SER D 1957 43.31 -83.78 41.06
N LEU D 1958 43.01 -82.59 40.54
CA LEU D 1958 43.14 -82.34 39.10
C LEU D 1958 44.58 -82.50 38.64
N ALA D 1959 45.54 -81.99 39.43
CA ALA D 1959 46.94 -82.13 39.05
C ALA D 1959 47.40 -83.57 39.03
N ALA D 1960 46.99 -84.36 40.03
CA ALA D 1960 47.39 -85.77 40.09
C ALA D 1960 46.82 -86.56 38.91
N PHE D 1961 45.52 -86.37 38.64
CA PHE D 1961 44.92 -87.06 37.50
C PHE D 1961 45.57 -86.63 36.20
N ALA D 1962 45.91 -85.34 36.09
CA ALA D 1962 46.55 -84.82 34.90
C ALA D 1962 47.90 -85.50 34.66
N GLU D 1963 48.69 -85.65 35.73
CA GLU D 1963 49.99 -86.30 35.60
C GLU D 1963 49.84 -87.75 35.15
N ARG D 1964 48.93 -88.50 35.77
CA ARG D 1964 48.84 -89.91 35.40
C ARG D 1964 48.27 -90.10 34.00
N TYR D 1965 47.31 -89.24 33.60
CA TYR D 1965 46.74 -89.34 32.25
C TYR D 1965 47.77 -88.96 31.20
N VAL D 1966 48.57 -87.92 31.46
CA VAL D 1966 49.56 -87.51 30.49
C VAL D 1966 50.69 -88.54 30.39
N ASP D 1967 51.01 -89.24 31.49
CA ASP D 1967 51.99 -90.31 31.40
C ASP D 1967 51.47 -91.46 30.56
N LYS D 1968 50.20 -91.85 30.78
CA LYS D 1968 49.61 -92.92 29.98
C LYS D 1968 49.55 -92.55 28.51
N LEU D 1969 49.19 -91.31 28.20
CA LEU D 1969 49.10 -90.90 26.80
C LEU D 1969 50.46 -90.72 26.17
N GLN D 1970 51.49 -90.36 26.94
CA GLN D 1970 52.86 -90.37 26.44
C GLN D 1970 53.28 -91.77 26.05
N ALA D 1971 52.99 -92.75 26.90
CA ALA D 1971 53.30 -94.14 26.56
C ALA D 1971 52.52 -94.60 25.34
N ASN D 1972 51.26 -94.18 25.23
CA ASN D 1972 50.45 -94.54 24.06
C ASN D 1972 51.02 -93.94 22.78
N GLN D 1973 51.48 -92.69 22.85
CA GLN D 1973 52.07 -92.05 21.67
C GLN D 1973 53.37 -92.74 21.27
N ARG D 1974 54.20 -93.11 22.26
CA ARG D 1974 55.43 -93.83 21.96
C ARG D 1974 55.12 -95.17 21.29
N SER D 1975 54.08 -95.86 21.78
CA SER D 1975 53.65 -97.11 21.15
C SER D 1975 53.18 -96.87 19.72
N ARG D 1976 52.42 -95.79 19.49
CA ARG D 1976 51.89 -95.50 18.17
C ARG D 1976 53.00 -95.18 17.17
N TYR D 1977 54.00 -94.40 17.58
CA TYR D 1977 55.08 -94.06 16.66
C TYR D 1977 56.04 -95.23 16.45
N ALA D 1978 56.30 -95.97 17.54
CA ALA D 1978 57.21 -97.14 17.45
C ALA D 1978 56.62 -98.14 16.46
N LEU D 1979 55.45 -98.70 16.77
CA LEU D 1979 54.79 -99.65 15.84
C LEU D 1979 54.35 -98.89 14.59
N LEU D 1980 54.17 -99.60 13.47
CA LEU D 1980 53.73 -98.97 12.21
C LEU D 1980 54.68 -97.84 11.86
N MET D 1981 54.24 -96.90 11.02
CA MET D 1981 55.14 -95.80 10.58
C MET D 1981 56.55 -96.36 10.30
N ARG D 1982 57.47 -96.23 11.27
CA ARG D 1982 58.86 -96.71 11.09
C ARG D 1982 58.90 -97.96 10.22
N ALA D 1983 58.14 -99.00 10.61
CA ALA D 1983 58.07 -100.25 9.83
C ALA D 1983 58.20 -99.96 8.34
N PHE D 1984 57.55 -98.88 7.88
CA PHE D 1984 57.67 -98.37 6.51
C PHE D 1984 57.22 -99.42 5.48
N THR D 1985 55.94 -99.78 5.58
CA THR D 1985 55.34 -100.68 4.60
C THR D 1985 55.32 -100.05 3.21
N MET D 1986 55.25 -98.73 3.13
CA MET D 1986 55.39 -97.94 1.91
C MET D 1986 54.31 -98.26 0.87
N SER D 1987 53.18 -98.82 1.30
CA SER D 1987 52.05 -99.01 0.39
C SER D 1987 51.47 -97.67 -0.03
N ALA D 1988 51.37 -96.73 0.90
CA ALA D 1988 50.91 -95.37 0.64
C ALA D 1988 51.96 -94.40 1.18
N ALA D 1989 51.72 -93.11 0.92
CA ALA D 1989 52.67 -92.09 1.38
C ALA D 1989 52.61 -91.92 2.90
N GLU D 1990 51.41 -92.00 3.48
CA GLU D 1990 51.17 -91.73 4.90
C GLU D 1990 51.73 -90.36 5.31
N THR D 1991 51.50 -89.37 4.46
CA THR D 1991 52.02 -88.03 4.70
C THR D 1991 51.35 -87.38 5.90
N ALA D 1992 50.02 -87.50 6.00
CA ALA D 1992 49.27 -86.83 7.06
C ALA D 1992 49.69 -87.32 8.44
N ARG D 1993 49.83 -88.64 8.61
CA ARG D 1993 50.24 -89.20 9.89
C ARG D 1993 51.63 -88.72 10.27
N ARG D 1994 52.55 -88.66 9.31
CA ARG D 1994 53.92 -88.24 9.58
C ARG D 1994 53.97 -86.77 9.99
N THR D 1995 53.28 -85.90 9.24
CA THR D 1995 53.33 -84.47 9.57
C THR D 1995 52.58 -84.16 10.85
N ARG D 1996 51.57 -84.97 11.20
CA ARG D 1996 50.88 -84.76 12.46
C ARG D 1996 51.73 -85.26 13.63
N GLU D 1997 52.48 -86.34 13.43
CA GLU D 1997 53.21 -86.96 14.53
C GLU D 1997 54.54 -86.24 14.81
N PHE D 1998 55.34 -85.97 13.77
CA PHE D 1998 56.71 -85.53 13.98
C PHE D 1998 56.98 -84.09 13.59
N ARG D 1999 56.18 -83.49 12.70
CA ARG D 1999 56.40 -82.10 12.30
C ARG D 1999 55.64 -81.11 13.17
N SER D 2000 54.63 -81.57 13.91
CA SER D 2000 53.79 -80.71 14.74
C SER D 2000 54.52 -80.29 16.01
N PRO D 2001 54.27 -79.08 16.51
CA PRO D 2001 54.78 -78.70 17.84
C PRO D 2001 54.17 -79.58 18.91
N PRO D 2002 54.90 -79.82 20.01
CA PRO D 2002 54.37 -80.73 21.05
C PRO D 2002 53.11 -80.23 21.74
N GLN D 2003 52.92 -78.91 21.90
CA GLN D 2003 51.64 -78.44 22.42
C GLN D 2003 50.52 -78.73 21.43
N GLU D 2004 50.78 -78.50 20.13
CA GLU D 2004 49.80 -78.86 19.11
C GLU D 2004 49.63 -80.37 19.03
N GLN D 2005 50.72 -81.11 19.27
CA GLN D 2005 50.64 -82.58 19.29
C GLN D 2005 49.67 -83.06 20.36
N ILE D 2006 49.84 -82.60 21.60
CA ILE D 2006 48.97 -83.06 22.67
C ILE D 2006 47.55 -82.52 22.50
N ASN D 2007 47.41 -81.30 21.96
CA ASN D 2007 46.08 -80.75 21.73
C ASN D 2007 45.31 -81.60 20.71
N MET D 2008 45.86 -81.74 19.50
CA MET D 2008 45.22 -82.57 18.47
C MET D 2008 45.12 -84.02 18.89
N LEU D 2009 45.97 -84.47 19.82
CA LEU D 2009 45.79 -85.78 20.43
C LEU D 2009 44.51 -85.84 21.23
N LEU D 2010 44.20 -84.75 21.97
CA LEU D 2010 43.00 -84.72 22.79
C LEU D 2010 41.80 -84.04 22.13
N HIS D 2011 42.03 -83.14 21.15
CA HIS D 2011 40.98 -82.22 20.72
C HIS D 2011 39.79 -82.95 20.10
N PHE D 2012 38.59 -82.48 20.43
CA PHE D 2012 37.31 -83.02 19.98
C PHE D 2012 37.08 -84.45 20.42
N LYS D 2013 37.75 -84.90 21.49
CA LYS D 2013 37.40 -86.17 22.10
C LYS D 2013 36.11 -86.07 22.92
N ASP D 2014 35.79 -84.87 23.40
CA ASP D 2014 34.50 -84.65 24.04
C ASP D 2014 33.37 -84.69 23.01
N GLU D 2015 33.66 -84.33 21.77
CA GLU D 2015 32.66 -84.38 20.70
C GLU D 2015 32.31 -85.82 20.38
N ALA D 2016 31.01 -86.07 20.18
CA ALA D 2016 30.54 -87.43 19.97
C ALA D 2016 30.98 -87.97 18.61
N ASP D 2017 30.56 -87.31 17.53
CA ASP D 2017 30.77 -87.85 16.20
C ASP D 2017 32.01 -87.33 15.51
N GLU D 2018 32.52 -86.17 15.90
CA GLU D 2018 33.59 -85.51 15.16
C GLU D 2018 34.94 -86.16 15.48
N GLU D 2019 36.00 -85.62 14.88
CA GLU D 2019 37.40 -86.01 15.06
C GLU D 2019 37.71 -87.43 14.58
N ASP D 2020 36.79 -88.07 13.85
CA ASP D 2020 36.95 -89.41 13.28
C ASP D 2020 37.16 -90.49 14.33
N CYS D 2021 36.87 -90.19 15.60
CA CYS D 2021 37.01 -91.13 16.72
C CYS D 2021 38.41 -91.72 16.83
N PRO D 2022 39.39 -90.95 17.28
CA PRO D 2022 40.75 -91.48 17.44
C PRO D 2022 40.89 -92.22 18.77
N LEU D 2023 42.04 -92.91 18.91
CA LEU D 2023 42.54 -93.52 20.14
C LEU D 2023 41.69 -94.73 20.55
N PRO D 2024 42.14 -95.54 21.51
CA PRO D 2024 41.25 -96.54 22.09
C PRO D 2024 40.13 -95.89 22.89
N GLU D 2025 39.14 -96.72 23.24
CA GLU D 2025 37.93 -96.21 23.89
C GLU D 2025 38.04 -96.13 25.40
N ASP D 2026 38.98 -96.86 26.01
CA ASP D 2026 39.15 -96.79 27.46
C ASP D 2026 39.67 -95.43 27.90
N ILE D 2027 40.57 -94.84 27.11
CA ILE D 2027 41.10 -93.52 27.41
C ILE D 2027 39.98 -92.47 27.35
N ARG D 2028 39.17 -92.54 26.29
CA ARG D 2028 38.04 -91.62 26.15
C ARG D 2028 37.04 -91.81 27.29
N GLN D 2029 36.76 -93.06 27.65
CA GLN D 2029 35.83 -93.33 28.73
C GLN D 2029 36.35 -92.80 30.07
N ASP D 2030 37.65 -92.96 30.32
CA ASP D 2030 38.23 -92.43 31.56
C ASP D 2030 38.18 -90.91 31.59
N LEU D 2031 38.46 -90.27 30.44
CA LEU D 2031 38.40 -88.82 30.38
C LEU D 2031 36.98 -88.31 30.64
N GLN D 2032 35.98 -88.93 30.01
CA GLN D 2032 34.59 -88.53 30.26
C GLN D 2032 34.18 -88.85 31.70
N ASP D 2033 34.70 -89.94 32.26
CA ASP D 2033 34.40 -90.27 33.65
C ASP D 2033 34.92 -89.20 34.59
N PHE D 2034 36.15 -88.72 34.37
CA PHE D 2034 36.68 -87.67 35.23
C PHE D 2034 35.94 -86.35 35.00
N HIS D 2035 35.54 -86.07 33.75
CA HIS D 2035 34.79 -84.86 33.47
C HIS D 2035 33.46 -84.85 34.21
N GLN D 2036 32.70 -85.93 34.06
CA GLN D 2036 31.42 -86.06 34.79
C GLN D 2036 31.69 -86.00 36.30
N ASP D 2037 32.80 -86.62 36.73
CA ASP D 2037 33.15 -86.64 38.17
C ASP D 2037 33.25 -85.22 38.71
N LEU D 2038 34.12 -84.39 38.11
CA LEU D 2038 34.30 -83.00 38.58
C LEU D 2038 32.98 -82.24 38.40
N LEU D 2039 32.29 -82.49 37.29
CA LEU D 2039 30.97 -81.83 37.06
C LEU D 2039 30.06 -82.11 38.26
N ALA D 2040 30.06 -83.34 38.78
CA ALA D 2040 29.23 -83.65 39.93
C ALA D 2040 29.83 -83.08 41.21
N HIS D 2041 31.16 -82.97 41.25
CA HIS D 2041 31.82 -82.34 42.40
C HIS D 2041 31.46 -80.87 42.51
N CYS D 2042 31.25 -80.19 41.38
CA CYS D 2042 30.82 -78.80 41.39
C CYS D 2042 29.30 -78.73 41.45
N GLY D 2043 28.75 -77.55 41.17
CA GLY D 2043 27.32 -77.33 41.20
C GLY D 2043 26.56 -77.78 39.97
N ILE D 2044 27.21 -78.47 39.04
CA ILE D 2044 26.52 -79.00 37.87
C ILE D 2044 25.58 -80.12 38.32
N GLN D 2045 24.33 -80.07 37.83
CA GLN D 2045 23.33 -81.04 38.27
C GLN D 2045 23.54 -82.40 37.62
N LEU D 2046 23.81 -82.43 36.30
CA LEU D 2046 23.95 -83.66 35.53
C LEU D 2046 22.74 -84.58 35.69
N GLU D 2047 21.54 -83.98 35.60
CA GLU D 2047 20.31 -84.75 35.74
C GLU D 2047 20.10 -85.71 34.57
N GLY D 2048 20.40 -85.26 33.36
CA GLY D 2048 20.17 -86.05 32.17
C GLY D 2048 18.72 -86.05 31.73
N LYS D 2089 15.30 -80.98 49.94
CA LYS D 2089 15.01 -79.72 50.60
C LYS D 2089 16.10 -79.39 51.61
N LYS D 2090 16.55 -80.41 52.34
CA LYS D 2090 17.66 -80.24 53.27
C LYS D 2090 18.94 -79.92 52.50
N PRO D 2091 19.81 -79.04 53.04
CA PRO D 2091 21.04 -78.69 52.32
C PRO D 2091 21.97 -79.88 52.08
N GLN D 2092 22.37 -80.54 53.17
CA GLN D 2092 23.14 -81.80 53.16
C GLN D 2092 24.56 -81.62 52.66
N SER D 2093 24.94 -80.39 52.31
CA SER D 2093 26.29 -80.08 51.86
C SER D 2093 26.58 -78.62 52.16
N LEU D 2094 27.81 -78.21 51.85
CA LEU D 2094 28.27 -76.88 52.26
C LEU D 2094 27.64 -75.77 51.41
N GLN D 2095 27.54 -75.98 50.09
CA GLN D 2095 27.18 -74.88 49.20
C GLN D 2095 25.73 -74.46 49.38
N GLU D 2096 24.81 -75.42 49.52
CA GLU D 2096 23.41 -75.06 49.76
C GLU D 2096 23.22 -74.49 51.15
N LEU D 2097 23.99 -74.96 52.13
CA LEU D 2097 23.93 -74.40 53.47
C LEU D 2097 24.33 -72.93 53.47
N VAL D 2098 25.44 -72.61 52.80
CA VAL D 2098 25.90 -71.22 52.74
C VAL D 2098 24.91 -70.36 51.95
N SER D 2099 24.39 -70.89 50.84
CA SER D 2099 23.45 -70.12 50.03
C SER D 2099 22.17 -69.83 50.80
N HIS D 2100 21.61 -70.83 51.49
CA HIS D 2100 20.39 -70.62 52.25
C HIS D 2100 20.66 -69.72 53.46
N MET D 2101 21.86 -69.80 54.04
CA MET D 2101 22.24 -68.89 55.11
C MET D 2101 22.21 -67.44 54.62
N VAL D 2102 22.80 -67.19 53.45
CA VAL D 2102 22.83 -65.84 52.91
C VAL D 2102 21.44 -65.34 52.57
N VAL D 2103 20.62 -66.20 51.94
CA VAL D 2103 19.26 -65.80 51.59
C VAL D 2103 18.42 -65.51 52.82
N ARG D 2104 18.52 -66.35 53.86
CA ARG D 2104 17.75 -66.12 55.07
C ARG D 2104 18.24 -64.88 55.82
N TRP D 2105 19.56 -64.66 55.84
CA TRP D 2105 20.11 -63.47 56.50
C TRP D 2105 19.67 -62.20 55.79
N ALA D 2106 19.57 -62.23 54.47
CA ALA D 2106 19.04 -61.08 53.75
C ALA D 2106 17.53 -60.95 53.91
N GLN D 2107 16.83 -62.06 54.12
CA GLN D 2107 15.38 -62.04 54.24
C GLN D 2107 14.91 -61.52 55.59
N GLU D 2108 15.61 -61.87 56.68
CA GLU D 2108 15.12 -61.55 58.01
C GLU D 2108 15.11 -60.05 58.29
N ASP D 2109 16.22 -59.37 58.03
CA ASP D 2109 16.34 -57.97 58.40
C ASP D 2109 17.09 -57.21 57.32
N TYR D 2110 16.86 -55.89 57.28
CA TYR D 2110 17.59 -55.02 56.38
C TYR D 2110 18.94 -54.73 57.01
N VAL D 2111 19.99 -55.35 56.47
CA VAL D 2111 21.34 -55.18 57.00
C VAL D 2111 21.87 -53.79 56.66
N GLN D 2112 22.70 -53.25 57.54
CA GLN D 2112 23.17 -51.87 57.41
C GLN D 2112 24.68 -51.72 57.23
N SER D 2113 25.47 -52.73 57.58
CA SER D 2113 26.92 -52.63 57.43
C SER D 2113 27.32 -53.08 56.03
N PRO D 2114 27.89 -52.20 55.21
CA PRO D 2114 28.17 -52.59 53.81
C PRO D 2114 29.21 -53.69 53.66
N GLU D 2115 30.15 -53.80 54.60
CA GLU D 2115 31.15 -54.85 54.53
C GLU D 2115 30.52 -56.23 54.66
N LEU D 2116 29.52 -56.36 55.54
CA LEU D 2116 28.79 -57.62 55.66
C LEU D 2116 28.04 -57.96 54.38
N VAL D 2117 27.42 -56.95 53.75
CA VAL D 2117 26.70 -57.16 52.50
C VAL D 2117 27.64 -57.64 51.40
N ARG D 2118 28.81 -56.98 51.30
CA ARG D 2118 29.81 -57.37 50.32
C ARG D 2118 30.29 -58.79 50.57
N ALA D 2119 30.52 -59.15 51.84
CA ALA D 2119 30.98 -60.49 52.17
C ALA D 2119 29.95 -61.54 51.80
N MET D 2120 28.67 -61.32 52.14
CA MET D 2120 27.65 -62.34 51.85
C MET D 2120 27.40 -62.45 50.35
N PHE D 2121 27.42 -61.32 49.63
CA PHE D 2121 27.23 -61.38 48.18
C PHE D 2121 28.38 -62.07 47.48
N SER D 2122 29.63 -61.80 47.93
CA SER D 2122 30.77 -62.50 47.36
C SER D 2122 30.71 -64.00 47.65
N LEU D 2123 30.34 -64.37 48.87
CA LEU D 2123 30.21 -65.79 49.23
C LEU D 2123 29.14 -66.47 48.38
N LEU D 2124 27.98 -65.81 48.23
CA LEU D 2124 26.91 -66.37 47.43
C LEU D 2124 27.33 -66.53 45.97
N HIS D 2125 28.07 -65.55 45.44
CA HIS D 2125 28.58 -65.66 44.07
C HIS D 2125 29.55 -66.82 43.94
N ARG D 2126 30.41 -67.03 44.94
CA ARG D 2126 31.36 -68.14 44.88
C ARG D 2126 30.65 -69.49 44.90
N GLN D 2127 29.66 -69.66 45.78
CA GLN D 2127 28.95 -70.93 45.80
C GLN D 2127 28.04 -71.12 44.59
N TYR D 2128 27.54 -70.04 44.00
CA TYR D 2128 26.69 -70.18 42.82
C TYR D 2128 27.48 -70.41 41.54
N ASP D 2129 28.70 -69.87 41.44
CA ASP D 2129 29.43 -69.93 40.17
C ASP D 2129 30.05 -71.31 39.96
N GLY D 2130 30.93 -71.72 40.87
CA GLY D 2130 31.47 -73.07 40.82
C GLY D 2130 32.67 -73.22 39.91
N LEU D 2131 32.44 -73.76 38.71
CA LEU D 2131 33.52 -74.01 37.77
C LEU D 2131 34.22 -72.73 37.32
N GLY D 2132 33.53 -71.59 37.39
CA GLY D 2132 34.15 -70.33 36.99
C GLY D 2132 35.33 -69.95 37.87
N GLU D 2133 35.22 -70.17 39.18
CA GLU D 2133 36.33 -69.89 40.08
C GLU D 2133 37.52 -70.81 39.78
N LEU D 2134 37.24 -72.08 39.48
CA LEU D 2134 38.31 -73.00 39.10
C LEU D 2134 38.96 -72.58 37.79
N LEU D 2135 38.15 -72.08 36.84
CA LEU D 2135 38.70 -71.56 35.59
C LEU D 2135 39.60 -70.36 35.82
N ARG D 2136 39.19 -69.46 36.72
CA ARG D 2136 40.01 -68.27 36.98
C ARG D 2136 41.26 -68.61 37.78
N ALA D 2137 41.21 -69.63 38.64
CA ALA D 2137 42.35 -69.96 39.48
C ALA D 2137 43.38 -70.84 38.78
N LEU D 2138 43.02 -71.50 37.68
CA LEU D 2138 43.95 -72.40 37.01
C LEU D 2138 45.19 -71.74 36.40
N PRO D 2139 45.16 -70.51 35.87
CA PRO D 2139 46.44 -69.88 35.46
C PRO D 2139 47.44 -69.74 36.59
N ARG D 2140 47.00 -69.59 37.84
CA ARG D 2140 47.94 -69.50 38.95
C ARG D 2140 48.56 -70.84 39.29
N ALA D 2141 47.91 -71.95 38.94
CA ALA D 2141 48.42 -73.26 39.28
C ALA D 2141 49.63 -73.61 38.41
N TYR D 2142 50.65 -74.18 39.05
CA TYR D 2142 51.85 -74.64 38.37
C TYR D 2142 52.32 -75.95 38.99
N THR D 2143 52.94 -76.79 38.16
CA THR D 2143 53.39 -78.11 38.57
C THR D 2143 54.90 -78.19 38.37
N ILE D 2144 55.61 -78.61 39.40
CA ILE D 2144 57.07 -78.69 39.37
C ILE D 2144 57.52 -80.12 39.65
N SER D 2145 58.68 -80.46 39.12
CA SER D 2145 59.26 -81.79 39.28
C SER D 2145 59.84 -81.97 40.68
N PRO D 2146 59.96 -83.21 41.16
CA PRO D 2146 60.59 -83.44 42.46
C PRO D 2146 62.10 -83.22 42.40
N SER D 2147 62.73 -83.34 43.56
CA SER D 2147 64.16 -83.18 43.81
C SER D 2147 64.66 -81.77 43.54
N SER D 2148 63.77 -80.80 43.35
CA SER D 2148 64.14 -79.39 43.18
C SER D 2148 63.33 -78.48 44.09
N VAL D 2149 62.71 -79.04 45.12
CA VAL D 2149 61.73 -78.28 45.90
C VAL D 2149 62.40 -77.35 46.90
N GLU D 2150 63.62 -77.66 47.34
CA GLU D 2150 64.30 -76.82 48.33
C GLU D 2150 64.60 -75.44 47.77
N ASP D 2151 65.06 -75.37 46.52
CA ASP D 2151 65.29 -74.07 45.89
C ASP D 2151 63.98 -73.32 45.68
N THR D 2152 62.89 -74.04 45.43
CA THR D 2152 61.58 -73.39 45.34
C THR D 2152 61.16 -72.82 46.69
N MET D 2153 61.48 -73.52 47.78
CA MET D 2153 61.26 -72.96 49.12
C MET D 2153 62.08 -71.69 49.32
N SER D 2154 63.33 -71.69 48.87
CA SER D 2154 64.16 -70.49 48.99
C SER D 2154 63.56 -69.33 48.21
N LEU D 2155 63.07 -69.61 46.99
CA LEU D 2155 62.41 -68.59 46.19
C LEU D 2155 61.15 -68.06 46.87
N LEU D 2156 60.36 -68.97 47.45
CA LEU D 2156 59.12 -68.55 48.12
C LEU D 2156 59.42 -67.70 49.35
N GLU D 2157 60.43 -68.08 50.14
CA GLU D 2157 60.79 -67.27 51.31
C GLU D 2157 61.33 -65.90 50.90
N CYS D 2158 62.14 -65.84 49.83
CA CYS D 2158 62.64 -64.56 49.37
C CYS D 2158 61.51 -63.67 48.87
N LEU D 2159 60.58 -64.23 48.09
CA LEU D 2159 59.46 -63.46 47.59
C LEU D 2159 58.51 -63.04 48.71
N GLY D 2160 58.35 -63.88 49.73
CA GLY D 2160 57.57 -63.48 50.88
C GLY D 2160 58.23 -62.36 51.68
N GLN D 2161 59.57 -62.38 51.75
CA GLN D 2161 60.29 -61.30 52.38
C GLN D 2161 60.08 -59.98 51.64
N ILE D 2162 60.15 -60.02 50.31
CA ILE D 2162 59.89 -58.82 49.51
C ILE D 2162 58.44 -58.37 49.68
N ARG D 2163 57.50 -59.31 49.69
CA ARG D 2163 56.09 -58.97 49.80
C ARG D 2163 55.77 -58.35 51.16
N SER D 2164 56.40 -58.86 52.23
CA SER D 2164 56.23 -58.26 53.55
C SER D 2164 56.88 -56.88 53.64
N LEU D 2165 58.06 -56.73 53.03
CA LEU D 2165 58.75 -55.44 53.05
C LEU D 2165 58.11 -54.41 52.13
N LEU D 2166 57.19 -54.83 51.25
CA LEU D 2166 56.48 -53.90 50.39
C LEU D 2166 55.70 -52.85 51.18
N ILE D 2167 55.17 -53.21 52.34
CA ILE D 2167 54.34 -52.27 53.11
C ILE D 2167 55.17 -51.42 54.07
N VAL D 2168 56.42 -51.75 54.30
CA VAL D 2168 57.24 -51.05 55.29
C VAL D 2168 57.73 -49.73 54.68
N GLN D 2169 57.73 -48.67 55.49
CA GLN D 2169 58.25 -47.39 55.06
C GLN D 2169 59.73 -47.51 54.69
N MET D 2170 60.13 -46.79 53.64
CA MET D 2170 61.42 -47.01 53.00
C MET D 2170 62.55 -46.56 53.92
N GLY D 2171 63.65 -47.33 53.91
CA GLY D 2171 64.80 -47.00 54.73
C GLY D 2171 66.06 -47.73 54.31
N PRO D 2172 67.20 -47.34 54.90
CA PRO D 2172 68.48 -47.97 54.52
C PRO D 2172 68.58 -49.44 54.91
N GLN D 2173 68.06 -49.82 56.08
CA GLN D 2173 68.04 -51.25 56.43
C GLN D 2173 67.11 -52.01 55.51
N GLU D 2174 65.97 -51.42 55.18
CA GLU D 2174 65.04 -52.04 54.24
C GLU D 2174 65.66 -52.17 52.86
N GLU D 2175 66.38 -51.15 52.39
CA GLU D 2175 67.03 -51.26 51.08
C GLU D 2175 68.16 -52.28 51.11
N ASN D 2176 68.86 -52.41 52.25
CA ASN D 2176 69.93 -53.39 52.34
C ASN D 2176 69.38 -54.82 52.29
N LEU D 2177 68.33 -55.09 53.07
CA LEU D 2177 67.70 -56.41 53.03
C LEU D 2177 67.06 -56.69 51.67
N MET D 2178 66.49 -55.67 51.03
CA MET D 2178 65.89 -55.89 49.73
C MET D 2178 66.94 -56.15 48.65
N ILE D 2179 68.08 -55.44 48.72
CA ILE D 2179 69.19 -55.70 47.80
C ILE D 2179 69.70 -57.13 48.01
N GLN D 2180 69.83 -57.55 49.26
CA GLN D 2180 70.27 -58.92 49.55
C GLN D 2180 69.27 -59.94 49.03
N SER D 2181 67.97 -59.66 49.20
CA SER D 2181 66.94 -60.57 48.71
C SER D 2181 66.95 -60.68 47.20
N ILE D 2182 67.09 -59.55 46.48
CA ILE D 2182 67.15 -59.59 45.03
C ILE D 2182 68.40 -60.34 44.56
N GLY D 2183 69.55 -60.08 45.19
CA GLY D 2183 70.76 -60.79 44.83
C GLY D 2183 70.67 -62.29 45.08
N ASN D 2184 70.05 -62.69 46.19
CA ASN D 2184 69.86 -64.10 46.48
C ASN D 2184 68.86 -64.75 45.53
N ILE D 2185 67.83 -64.01 45.11
CA ILE D 2185 66.82 -64.58 44.23
C ILE D 2185 67.27 -64.57 42.77
N MET D 2186 68.33 -63.82 42.45
CA MET D 2186 68.94 -63.91 41.12
C MET D 2186 69.72 -65.20 40.94
N ASN D 2187 70.44 -65.63 41.99
CA ASN D 2187 71.34 -66.77 41.93
C ASN D 2187 70.67 -68.08 42.29
N ASN D 2188 69.33 -68.13 42.30
CA ASN D 2188 68.63 -69.32 42.79
C ASN D 2188 68.84 -70.50 41.83
N LYS D 2189 68.91 -70.22 40.53
CA LYS D 2189 68.99 -71.09 39.35
C LYS D 2189 67.63 -71.69 38.96
N VAL D 2190 66.57 -71.49 39.75
CA VAL D 2190 65.22 -71.76 39.25
C VAL D 2190 64.82 -70.68 38.26
N PHE D 2191 65.36 -69.47 38.42
CA PHE D 2191 65.17 -68.41 37.44
C PHE D 2191 65.74 -68.81 36.09
N TYR D 2192 66.80 -69.64 36.10
CA TYR D 2192 67.38 -70.12 34.84
C TYR D 2192 66.39 -70.98 34.05
N GLN D 2193 65.76 -71.94 34.72
CA GLN D 2193 65.00 -72.96 34.01
C GLN D 2193 63.58 -72.51 33.66
N HIS D 2194 62.79 -72.14 34.66
CA HIS D 2194 61.37 -71.90 34.44
C HIS D 2194 61.06 -70.41 34.50
N PRO D 2195 60.76 -69.76 33.38
CA PRO D 2195 60.28 -68.37 33.43
C PRO D 2195 58.77 -68.27 33.54
N ASN D 2196 58.06 -69.37 33.24
CA ASN D 2196 56.61 -69.36 33.31
C ASN D 2196 56.12 -69.23 34.75
N LEU D 2197 56.79 -69.90 35.68
CA LEU D 2197 56.45 -69.74 37.10
C LEU D 2197 56.77 -68.33 37.58
N MET D 2198 57.89 -67.76 37.12
CA MET D 2198 58.22 -66.38 37.45
C MET D 2198 57.19 -65.41 36.88
N ARG D 2199 56.66 -65.70 35.69
CA ARG D 2199 55.61 -64.85 35.13
C ARG D 2199 54.29 -65.01 35.85
N ALA D 2200 53.96 -66.23 36.28
CA ALA D 2200 52.70 -66.48 36.98
C ALA D 2200 52.73 -65.93 38.40
N LEU D 2201 53.90 -65.86 39.02
CA LEU D 2201 54.03 -65.35 40.38
C LEU D 2201 53.89 -63.84 40.47
N GLY D 2202 53.98 -63.13 39.35
CA GLY D 2202 53.88 -61.67 39.37
C GLY D 2202 55.02 -60.99 40.09
N MET D 2203 56.23 -61.55 40.01
CA MET D 2203 57.39 -60.92 40.63
C MET D 2203 57.76 -59.62 39.96
N HIS D 2204 57.65 -59.57 38.62
CA HIS D 2204 58.07 -58.39 37.87
C HIS D 2204 57.21 -57.18 38.24
N GLU D 2205 55.90 -57.38 38.37
CA GLU D 2205 55.03 -56.30 38.83
C GLU D 2205 55.38 -55.83 40.23
N THR D 2206 55.78 -56.76 41.11
CA THR D 2206 56.14 -56.39 42.47
C THR D 2206 57.40 -55.52 42.49
N VAL D 2207 58.43 -55.93 41.74
CA VAL D 2207 59.65 -55.12 41.64
C VAL D 2207 59.36 -53.79 40.96
N MET D 2208 58.45 -53.79 40.00
CA MET D 2208 58.09 -52.55 39.32
C MET D 2208 57.40 -51.58 40.26
N GLU D 2209 56.50 -52.09 41.12
CA GLU D 2209 55.88 -51.24 42.14
C GLU D 2209 56.90 -50.73 43.15
N VAL D 2210 57.91 -51.56 43.48
CA VAL D 2210 58.99 -51.10 44.34
C VAL D 2210 59.70 -49.91 43.71
N MET D 2211 60.02 -50.02 42.41
CA MET D 2211 60.71 -48.95 41.72
C MET D 2211 59.82 -47.71 41.60
N VAL D 2212 58.52 -47.90 41.42
CA VAL D 2212 57.58 -46.78 41.38
C VAL D 2212 57.57 -46.05 42.72
N ASN D 2213 57.50 -46.81 43.82
CA ASN D 2213 57.45 -46.20 45.15
C ASN D 2213 58.73 -45.45 45.48
N VAL D 2214 59.89 -46.02 45.14
CA VAL D 2214 61.15 -45.37 45.47
C VAL D 2214 61.42 -44.19 44.55
N LEU D 2215 61.14 -44.33 43.25
CA LEU D 2215 61.54 -43.34 42.26
C LEU D 2215 60.66 -42.10 42.31
N GLY D 2216 59.38 -42.26 42.65
CA GLY D 2216 58.41 -41.17 42.57
C GLY D 2216 58.72 -39.96 43.42
N GLY D 2217 58.62 -38.78 42.82
CA GLY D 2217 58.92 -37.53 43.46
C GLY D 2217 59.70 -36.63 42.53
N GLY D 2218 60.44 -35.69 43.13
CA GLY D 2218 61.28 -34.79 42.37
C GLY D 2218 62.57 -35.45 41.94
N GLU D 2219 63.44 -34.64 41.32
CA GLU D 2219 64.74 -35.14 40.89
C GLU D 2219 65.62 -35.45 42.10
N THR D 2220 65.60 -34.58 43.12
CA THR D 2220 66.33 -34.88 44.34
C THR D 2220 65.71 -36.04 45.11
N LYS D 2221 64.40 -36.25 44.93
CA LYS D 2221 63.77 -37.46 45.47
C LYS D 2221 64.20 -38.70 44.68
N GLU D 2222 64.52 -38.53 43.40
CA GLU D 2222 65.06 -39.64 42.62
C GLU D 2222 66.48 -39.97 43.06
N ILE D 2223 67.30 -38.95 43.36
CA ILE D 2223 68.62 -39.20 43.93
C ILE D 2223 68.56 -39.55 45.41
N ARG D 2224 67.43 -39.31 46.09
CA ARG D 2224 67.21 -39.89 47.40
C ARG D 2224 67.09 -41.40 47.27
N PHE D 2225 67.75 -42.12 48.18
CA PHE D 2225 67.99 -43.55 48.05
C PHE D 2225 68.57 -43.89 46.67
N PRO D 2226 69.77 -43.40 46.36
CA PRO D 2226 70.31 -43.60 45.00
C PRO D 2226 70.60 -45.04 44.65
N LYS D 2227 70.92 -45.87 45.65
CA LYS D 2227 71.17 -47.28 45.39
C LYS D 2227 69.84 -48.03 45.31
N MET D 2228 69.91 -49.28 44.84
CA MET D 2228 68.83 -50.25 44.74
C MET D 2228 67.88 -49.90 43.59
N VAL D 2229 68.05 -48.72 42.99
CA VAL D 2229 67.43 -48.47 41.69
C VAL D 2229 68.12 -49.28 40.61
N THR D 2230 69.46 -49.30 40.66
CA THR D 2230 70.25 -50.10 39.73
C THR D 2230 69.95 -51.58 39.88
N SER D 2231 69.70 -52.04 41.11
CA SER D 2231 69.41 -53.46 41.33
C SER D 2231 68.12 -53.88 40.65
N CYS D 2232 67.05 -53.09 40.81
CA CYS D 2232 65.79 -53.41 40.16
C CYS D 2232 65.89 -53.26 38.64
N CYS D 2233 66.61 -52.25 38.17
CA CYS D 2233 66.76 -52.08 36.71
C CYS D 2233 67.55 -53.24 36.11
N ARG D 2234 68.60 -53.70 36.79
CA ARG D 2234 69.36 -54.86 36.34
C ARG D 2234 68.51 -56.12 36.36
N PHE D 2235 67.70 -56.29 37.42
CA PHE D 2235 66.83 -57.45 37.51
C PHE D 2235 65.82 -57.48 36.37
N LEU D 2236 65.25 -56.31 36.03
CA LEU D 2236 64.28 -56.26 34.95
C LEU D 2236 64.95 -56.46 33.58
N CYS D 2237 66.15 -55.91 33.42
CA CYS D 2237 66.91 -56.15 32.18
C CYS D 2237 67.20 -57.64 31.99
N TYR D 2238 67.63 -58.32 33.06
CA TYR D 2238 67.96 -59.73 32.95
C TYR D 2238 66.70 -60.57 32.73
N PHE D 2239 65.60 -60.19 33.37
CA PHE D 2239 64.32 -60.86 33.16
C PHE D 2239 63.86 -60.71 31.71
N CYS D 2240 64.02 -59.52 31.13
CA CYS D 2240 63.75 -59.33 29.71
C CYS D 2240 64.65 -60.19 28.84
N ARG D 2241 65.93 -60.28 29.21
CA ARG D 2241 66.89 -61.08 28.44
C ARG D 2241 66.70 -62.58 28.61
N ILE D 2242 65.88 -63.02 29.55
CA ILE D 2242 65.74 -64.45 29.82
C ILE D 2242 65.15 -65.19 28.63
N SER D 2243 64.02 -64.70 28.11
CA SER D 2243 63.26 -65.43 27.09
C SER D 2243 62.13 -64.54 26.57
N ARG D 2244 61.49 -65.01 25.51
CA ARG D 2244 60.31 -64.35 24.97
C ARG D 2244 59.09 -64.60 25.85
N GLN D 2245 58.04 -63.81 25.60
CA GLN D 2245 56.77 -63.74 26.33
C GLN D 2245 56.96 -63.06 27.69
N ASN D 2246 58.21 -62.76 28.03
CA ASN D 2246 58.58 -61.90 29.14
C ASN D 2246 58.83 -60.48 28.65
N GLN D 2247 59.34 -60.37 27.42
CA GLN D 2247 59.65 -59.08 26.83
C GLN D 2247 58.40 -58.26 26.60
N ARG D 2248 57.29 -58.91 26.25
CA ARG D 2248 56.01 -58.21 26.08
C ARG D 2248 55.51 -57.65 27.41
N SER D 2249 55.63 -58.44 28.48
CA SER D 2249 55.09 -58.05 29.78
C SER D 2249 55.76 -56.79 30.30
N MET D 2250 57.08 -56.71 30.15
CA MET D 2250 57.80 -55.49 30.52
C MET D 2250 57.76 -54.45 29.41
N PHE D 2251 57.33 -54.86 28.20
CA PHE D 2251 57.13 -53.93 27.10
C PHE D 2251 55.90 -53.06 27.29
N ASP D 2252 54.90 -53.55 28.03
CA ASP D 2252 53.74 -52.69 28.30
C ASP D 2252 54.10 -51.43 29.09
N HIS D 2253 55.22 -51.45 29.82
CA HIS D 2253 55.61 -50.35 30.69
C HIS D 2253 56.52 -49.34 30.00
N LEU D 2254 56.56 -49.34 28.66
CA LEU D 2254 57.56 -48.57 27.92
C LEU D 2254 57.41 -47.07 28.18
N SER D 2255 56.17 -46.57 28.13
CA SER D 2255 55.95 -45.13 28.27
C SER D 2255 56.33 -44.64 29.67
N TYR D 2256 55.93 -45.39 30.70
CA TYR D 2256 56.26 -45.00 32.06
C TYR D 2256 57.76 -45.07 32.31
N LEU D 2257 58.40 -46.11 31.79
CA LEU D 2257 59.85 -46.21 31.90
C LEU D 2257 60.52 -45.04 31.19
N LEU D 2258 59.96 -44.60 30.06
CA LEU D 2258 60.56 -43.52 29.30
C LEU D 2258 60.50 -42.20 30.06
N GLU D 2259 59.32 -41.85 30.59
CA GLU D 2259 59.31 -40.56 31.30
C GLU D 2259 59.86 -40.66 32.72
N ASN D 2260 60.14 -41.87 33.23
CA ASN D 2260 60.95 -41.95 34.43
C ASN D 2260 62.45 -41.92 34.15
N SER D 2261 62.86 -42.32 32.93
CA SER D 2261 64.28 -42.40 32.60
C SER D 2261 64.94 -41.02 32.57
N GLY D 2262 64.19 -40.00 32.15
CA GLY D 2262 64.79 -38.69 31.95
C GLY D 2262 65.33 -38.07 33.23
N ILE D 2263 64.58 -38.16 34.32
CA ILE D 2263 65.08 -37.70 35.60
C ILE D 2263 65.89 -38.78 36.32
N GLY D 2264 65.69 -40.05 35.94
CA GLY D 2264 66.27 -41.19 36.61
C GLY D 2264 67.69 -41.56 36.21
N LEU D 2265 68.39 -40.70 35.47
CA LEU D 2265 69.77 -40.99 35.10
C LEU D 2265 70.67 -41.08 36.33
N GLY D 2266 70.83 -39.97 37.04
CA GLY D 2266 71.65 -39.95 38.25
C GLY D 2266 73.09 -40.33 37.98
N MET D 2267 73.61 -41.21 38.82
CA MET D 2267 74.99 -41.70 38.69
C MET D 2267 75.05 -42.83 37.67
N GLN D 2268 76.24 -43.40 37.50
CA GLN D 2268 76.44 -44.49 36.57
C GLN D 2268 75.83 -45.77 37.11
N GLY D 2269 75.21 -46.54 36.23
CA GLY D 2269 74.60 -47.79 36.63
C GLY D 2269 73.46 -48.15 35.70
N SER D 2270 72.69 -49.15 36.12
CA SER D 2270 71.51 -49.55 35.36
C SER D 2270 70.43 -48.48 35.47
N THR D 2271 69.79 -48.21 34.34
CA THR D 2271 68.78 -47.16 34.22
C THR D 2271 67.53 -47.73 33.57
N PRO D 2272 66.38 -47.07 33.77
CA PRO D 2272 65.17 -47.51 33.04
C PRO D 2272 65.31 -47.45 31.53
N LEU D 2273 66.17 -46.58 31.00
CA LEU D 2273 66.44 -46.55 29.57
C LEU D 2273 67.04 -47.88 29.11
N ASP D 2274 67.90 -48.49 29.93
CA ASP D 2274 68.43 -49.81 29.60
C ASP D 2274 67.33 -50.87 29.55
N VAL D 2275 66.36 -50.80 30.47
CA VAL D 2275 65.25 -51.73 30.46
C VAL D 2275 64.39 -51.54 29.21
N ALA D 2276 64.13 -50.28 28.86
CA ALA D 2276 63.33 -49.98 27.67
C ALA D 2276 64.03 -50.45 26.40
N ALA D 2277 65.36 -50.27 26.33
CA ALA D 2277 66.12 -50.79 25.20
C ALA D 2277 66.10 -52.31 25.17
N ALA D 2278 66.16 -52.95 26.35
CA ALA D 2278 66.13 -54.41 26.41
C ALA D 2278 64.76 -54.97 26.04
N SER D 2279 63.71 -54.16 26.17
CA SER D 2279 62.38 -54.63 25.76
C SER D 2279 62.27 -54.77 24.24
N VAL D 2280 63.05 -54.01 23.48
CA VAL D 2280 62.95 -54.02 22.02
C VAL D 2280 64.12 -54.72 21.33
N ILE D 2281 65.04 -55.33 22.09
CA ILE D 2281 66.22 -55.93 21.49
C ILE D 2281 65.83 -57.16 20.67
N ASP D 2282 66.26 -57.18 19.40
CA ASP D 2282 66.28 -58.34 18.51
C ASP D 2282 64.91 -58.89 18.18
N ASN D 2283 63.86 -58.08 18.29
CA ASN D 2283 62.48 -58.53 18.04
C ASN D 2283 61.93 -57.79 16.82
N ASN D 2284 61.72 -58.52 15.73
CA ASN D 2284 61.06 -57.95 14.56
C ASN D 2284 59.56 -57.73 14.81
N GLU D 2285 58.91 -58.67 15.47
CA GLU D 2285 57.59 -58.41 16.04
C GLU D 2285 57.79 -57.70 17.37
N LEU D 2286 57.00 -56.64 17.58
CA LEU D 2286 57.27 -55.45 18.41
C LEU D 2286 58.11 -54.49 17.57
N ALA D 2287 58.64 -53.43 18.18
CA ALA D 2287 59.56 -52.51 17.45
C ALA D 2287 59.22 -52.53 15.95
N LEU D 2288 57.97 -52.21 15.61
CA LEU D 2288 57.46 -52.25 14.21
C LEU D 2288 55.96 -52.44 14.42
N ALA D 2289 55.62 -52.99 15.59
CA ALA D 2289 54.21 -53.18 15.97
C ALA D 2289 53.67 -52.01 16.79
N LEU D 2290 54.20 -51.79 18.01
CA LEU D 2290 53.64 -50.80 18.94
C LEU D 2290 54.74 -49.83 19.35
N GLN D 2291 55.01 -48.84 18.48
CA GLN D 2291 55.91 -47.73 18.78
C GLN D 2291 55.32 -46.42 18.25
N GLU D 2292 54.05 -46.18 18.58
CA GLU D 2292 53.28 -45.08 17.99
C GLU D 2292 53.87 -43.70 18.25
N GLN D 2293 53.99 -43.30 19.51
CA GLN D 2293 54.32 -41.92 19.86
C GLN D 2293 55.56 -41.78 20.71
N ASP D 2294 56.15 -42.89 21.19
CA ASP D 2294 57.28 -42.84 22.11
C ASP D 2294 58.52 -42.22 21.47
N LEU D 2295 58.70 -42.42 20.15
CA LEU D 2295 59.84 -41.86 19.45
C LEU D 2295 59.83 -40.34 19.52
N GLU D 2296 58.64 -39.73 19.40
CA GLU D 2296 58.51 -38.28 19.57
C GLU D 2296 58.97 -37.86 20.96
N LYS D 2297 58.64 -38.64 21.99
CA LYS D 2297 59.09 -38.34 23.34
C LYS D 2297 60.60 -38.38 23.43
N VAL D 2298 61.23 -39.39 22.81
CA VAL D 2298 62.68 -39.50 22.86
C VAL D 2298 63.37 -38.36 22.12
N VAL D 2299 62.86 -37.98 20.93
CA VAL D 2299 63.52 -36.91 20.19
C VAL D 2299 63.31 -35.56 20.90
N SER D 2300 62.15 -35.37 21.53
CA SER D 2300 61.93 -34.15 22.30
C SER D 2300 62.84 -34.09 23.52
N TYR D 2301 63.07 -35.22 24.19
CA TYR D 2301 64.06 -35.25 25.28
C TYR D 2301 65.45 -34.95 24.77
N LEU D 2302 65.79 -35.47 23.58
CA LEU D 2302 67.08 -35.17 22.96
C LEU D 2302 67.21 -33.68 22.68
N ALA D 2303 66.15 -33.06 22.17
CA ALA D 2303 66.17 -31.63 21.88
C ALA D 2303 66.30 -30.82 23.17
N GLY D 2304 65.65 -31.26 24.24
CA GLY D 2304 65.81 -30.60 25.52
C GLY D 2304 67.21 -30.72 26.08
N CYS D 2305 67.87 -31.85 25.84
CA CYS D 2305 69.28 -31.97 26.22
C CYS D 2305 70.19 -31.16 25.31
N GLY D 2306 69.75 -30.89 24.08
CA GLY D 2306 70.57 -30.11 23.17
C GLY D 2306 70.79 -28.68 23.64
N LEU D 2307 69.75 -28.06 24.18
CA LEU D 2307 69.86 -26.73 24.77
C LEU D 2307 70.24 -26.87 26.23
N GLN D 2308 71.20 -26.06 26.67
CA GLN D 2308 71.62 -25.77 28.05
C GLN D 2308 72.44 -26.94 28.60
N SER D 2309 73.14 -26.72 29.70
CA SER D 2309 74.02 -27.72 30.27
C SER D 2309 73.48 -28.24 31.58
N CYS D 2310 73.85 -29.48 31.91
CA CYS D 2310 73.41 -30.10 33.16
C CYS D 2310 74.26 -29.59 34.32
N PRO D 2311 73.64 -29.28 35.45
CA PRO D 2311 74.40 -28.67 36.56
C PRO D 2311 75.29 -29.65 37.30
N MET D 2312 75.02 -30.96 37.24
CA MET D 2312 75.72 -31.90 38.11
C MET D 2312 77.20 -32.08 37.72
N LEU D 2313 77.53 -31.90 36.43
CA LEU D 2313 78.94 -31.92 36.05
C LEU D 2313 79.56 -30.53 36.15
N LEU D 2314 78.74 -29.48 36.00
CA LEU D 2314 79.24 -28.11 36.10
C LEU D 2314 79.74 -27.78 37.50
N ALA D 2315 79.17 -28.43 38.52
CA ALA D 2315 79.50 -28.11 39.91
C ALA D 2315 80.96 -28.43 40.23
N LYS D 2316 81.48 -29.54 39.72
CA LYS D 2316 82.81 -30.00 40.05
C LYS D 2316 83.69 -30.04 38.80
N GLY D 2317 84.61 -29.08 38.70
CA GLY D 2317 85.68 -29.11 37.72
C GLY D 2317 85.28 -29.15 36.25
N TYR D 2318 84.45 -28.22 35.82
CA TYR D 2318 84.01 -28.19 34.43
C TYR D 2318 84.19 -26.80 33.85
N PRO D 2319 84.46 -26.71 32.54
CA PRO D 2319 84.57 -25.40 31.89
C PRO D 2319 83.24 -24.74 31.56
N ASP D 2320 82.13 -25.22 32.13
CA ASP D 2320 80.79 -24.69 31.88
C ASP D 2320 80.43 -24.80 30.39
N ILE D 2321 80.87 -25.88 29.75
CA ILE D 2321 80.59 -26.08 28.34
C ILE D 2321 79.12 -26.45 28.18
N GLY D 2322 78.39 -25.66 27.40
CA GLY D 2322 77.01 -25.95 27.12
C GLY D 2322 76.84 -27.18 26.25
N TRP D 2323 75.60 -27.69 26.25
CA TRP D 2323 75.20 -28.87 25.47
C TRP D 2323 76.11 -30.06 25.78
N ASN D 2324 75.87 -30.66 26.93
CA ASN D 2324 76.71 -31.76 27.39
C ASN D 2324 76.45 -33.02 26.58
N PRO D 2325 77.49 -33.65 26.01
CA PRO D 2325 77.28 -34.90 25.27
C PRO D 2325 76.94 -36.10 26.13
N CYS D 2326 77.12 -36.01 27.46
CA CYS D 2326 76.73 -37.12 28.33
C CYS D 2326 75.22 -37.29 28.34
N GLY D 2327 74.47 -36.19 28.26
CA GLY D 2327 73.03 -36.25 28.13
C GLY D 2327 72.59 -36.24 26.68
N GLY D 2328 72.23 -37.40 26.15
CA GLY D 2328 71.83 -37.50 24.76
C GLY D 2328 72.40 -38.73 24.08
N GLU D 2329 73.56 -39.18 24.54
CA GLU D 2329 74.16 -40.39 23.97
C GLU D 2329 73.31 -41.62 24.26
N ARG D 2330 72.75 -41.70 25.46
CA ARG D 2330 71.86 -42.81 25.80
C ARG D 2330 70.58 -42.78 24.95
N TYR D 2331 70.04 -41.59 24.73
CA TYR D 2331 68.87 -41.46 23.85
C TYR D 2331 69.20 -41.89 22.42
N LEU D 2332 70.38 -41.49 21.92
CA LEU D 2332 70.80 -41.93 20.59
C LEU D 2332 71.00 -43.43 20.53
N ASP D 2333 71.50 -44.04 21.61
CA ASP D 2333 71.65 -45.49 21.64
C ASP D 2333 70.29 -46.19 21.62
N PHE D 2334 69.32 -45.66 22.37
CA PHE D 2334 67.98 -46.22 22.34
C PHE D 2334 67.35 -46.09 20.96
N LEU D 2335 67.55 -44.94 20.31
CA LEU D 2335 67.04 -44.75 18.95
C LEU D 2335 67.71 -45.72 17.98
N ARG D 2336 69.02 -45.94 18.14
CA ARG D 2336 69.74 -46.89 17.30
C ARG D 2336 69.21 -48.31 17.50
N PHE D 2337 68.93 -48.68 18.74
CA PHE D 2337 68.34 -49.99 19.01
C PHE D 2337 66.93 -50.09 18.43
N ALA D 2338 66.21 -48.97 18.37
CA ALA D 2338 64.86 -48.99 17.82
C ALA D 2338 64.87 -49.15 16.31
N VAL D 2339 65.74 -48.41 15.62
CA VAL D 2339 65.66 -48.37 14.16
C VAL D 2339 66.23 -49.64 13.53
N PHE D 2340 67.25 -50.25 14.13
CA PHE D 2340 67.98 -51.35 13.53
C PHE D 2340 67.75 -52.61 14.34
N VAL D 2341 67.18 -53.64 13.71
CA VAL D 2341 66.89 -54.90 14.38
C VAL D 2341 67.30 -56.05 13.47
N ASN D 2342 67.98 -57.05 14.06
CA ASN D 2342 68.26 -58.35 13.43
C ASN D 2342 68.94 -58.24 12.07
N GLY D 2343 69.68 -57.16 11.84
CA GLY D 2343 70.50 -57.01 10.65
C GLY D 2343 69.91 -56.14 9.56
N GLU D 2344 68.62 -55.82 9.61
CA GLU D 2344 68.01 -54.94 8.62
C GLU D 2344 67.15 -53.90 9.33
N SER D 2345 67.29 -52.64 8.91
CA SER D 2345 66.51 -51.56 9.49
C SER D 2345 65.05 -51.65 9.07
N VAL D 2346 64.17 -51.14 9.92
CA VAL D 2346 62.74 -51.09 9.62
C VAL D 2346 62.42 -49.74 8.99
N GLU D 2347 61.72 -49.78 7.84
CA GLU D 2347 61.56 -48.58 7.04
C GLU D 2347 60.63 -47.57 7.70
N GLU D 2348 59.52 -48.03 8.29
CA GLU D 2348 58.55 -47.11 8.86
C GLU D 2348 59.11 -46.33 10.05
N ASN D 2349 59.72 -47.05 11.00
CA ASN D 2349 60.31 -46.40 12.16
C ASN D 2349 61.45 -45.48 11.74
N ALA D 2350 62.24 -45.90 10.74
CA ALA D 2350 63.31 -45.05 10.23
C ALA D 2350 62.76 -43.74 9.67
N ASN D 2351 61.68 -43.82 8.88
CA ASN D 2351 61.09 -42.61 8.33
C ASN D 2351 60.53 -41.70 9.43
N VAL D 2352 59.84 -42.29 10.42
CA VAL D 2352 59.26 -41.47 11.50
C VAL D 2352 60.35 -40.76 12.30
N VAL D 2353 61.39 -41.49 12.69
CA VAL D 2353 62.47 -40.85 13.45
C VAL D 2353 63.23 -39.86 12.58
N VAL D 2354 63.33 -40.10 11.27
CA VAL D 2354 63.95 -39.11 10.39
C VAL D 2354 63.15 -37.81 10.40
N ARG D 2355 61.82 -37.91 10.30
CA ARG D 2355 61.01 -36.71 10.23
C ARG D 2355 61.03 -35.94 11.55
N LEU D 2356 60.83 -36.62 12.68
CA LEU D 2356 60.86 -35.92 13.96
C LEU D 2356 62.26 -35.43 14.32
N LEU D 2357 63.30 -36.10 13.81
CA LEU D 2357 64.66 -35.62 14.01
C LEU D 2357 64.94 -34.35 13.21
N ILE D 2358 64.49 -34.31 11.96
CA ILE D 2358 64.86 -33.19 11.10
C ILE D 2358 63.95 -31.99 11.40
N ARG D 2359 62.78 -32.24 12.01
CA ARG D 2359 61.87 -31.14 12.36
C ARG D 2359 62.50 -30.17 13.36
N LYS D 2360 63.43 -30.64 14.18
CA LYS D 2360 64.12 -29.78 15.14
C LYS D 2360 65.60 -29.74 14.83
N PRO D 2361 66.14 -28.61 14.36
CA PRO D 2361 67.59 -28.56 14.08
C PRO D 2361 68.48 -28.59 15.32
N GLU D 2362 67.93 -28.30 16.50
CA GLU D 2362 68.76 -28.22 17.70
C GLU D 2362 69.26 -29.59 18.19
N CYS D 2363 68.61 -30.68 17.77
CA CYS D 2363 69.06 -32.01 18.19
C CYS D 2363 70.46 -32.31 17.66
N PHE D 2364 70.74 -31.95 16.42
CA PHE D 2364 72.09 -32.05 15.89
C PHE D 2364 72.99 -31.03 16.55
N GLY D 2365 74.30 -31.31 16.51
CA GLY D 2365 75.30 -30.44 17.09
C GLY D 2365 75.31 -29.06 16.46
N PRO D 2366 75.72 -28.05 17.23
CA PRO D 2366 75.72 -26.67 16.71
C PRO D 2366 76.74 -26.44 15.59
N ALA D 2367 77.67 -27.37 15.36
CA ALA D 2367 78.47 -27.29 14.15
C ALA D 2367 77.62 -27.56 12.92
N LEU D 2368 76.75 -28.57 12.99
CA LEU D 2368 75.89 -28.90 11.86
C LEU D 2368 74.83 -27.84 11.63
N ARG D 2369 74.23 -27.33 12.71
CA ARG D 2369 73.14 -26.37 12.60
C ARG D 2369 73.65 -24.94 12.48
N GLY D 2370 74.52 -24.54 13.41
CA GLY D 2370 75.04 -23.19 13.38
C GLY D 2370 76.14 -23.02 12.34
N GLU D 2371 76.27 -21.78 11.85
CA GLU D 2371 77.28 -21.45 10.85
C GLU D 2371 78.65 -21.20 11.46
N GLY D 2372 78.76 -21.11 12.80
CA GLY D 2372 80.06 -21.02 13.42
C GLY D 2372 80.89 -22.29 13.24
N GLY D 2373 80.25 -23.45 13.43
CA GLY D 2373 80.92 -24.71 13.19
C GLY D 2373 80.95 -25.07 11.70
N SER D 2374 81.72 -26.10 11.40
CA SER D 2374 81.90 -26.55 10.01
C SER D 2374 81.96 -28.07 10.00
N GLY D 2375 80.82 -28.70 9.73
CA GLY D 2375 80.74 -30.15 9.59
C GLY D 2375 81.17 -30.88 10.85
N LEU D 2376 81.96 -31.95 10.65
CA LEU D 2376 82.50 -32.73 11.75
C LEU D 2376 84.01 -32.58 11.92
N LEU D 2377 84.72 -32.13 10.88
CA LEU D 2377 86.18 -32.05 10.96
C LEU D 2377 86.63 -30.98 11.95
N ALA D 2378 86.00 -29.81 11.89
CA ALA D 2378 86.30 -28.75 12.84
C ALA D 2378 85.94 -29.16 14.26
N ALA D 2379 84.78 -29.81 14.43
CA ALA D 2379 84.38 -30.28 15.76
C ALA D 2379 85.31 -31.36 16.28
N ILE D 2380 85.73 -32.29 15.41
CA ILE D 2380 86.61 -33.37 15.84
C ILE D 2380 87.99 -32.82 16.23
N GLU D 2381 88.54 -31.92 15.42
CA GLU D 2381 89.83 -31.33 15.78
C GLU D 2381 89.71 -30.42 17.00
N GLU D 2382 88.55 -29.81 17.22
CA GLU D 2382 88.33 -29.07 18.46
C GLU D 2382 88.34 -30.00 19.67
N ALA D 2383 87.70 -31.16 19.53
CA ALA D 2383 87.73 -32.15 20.62
C ALA D 2383 89.15 -32.63 20.88
N ILE D 2384 89.94 -32.84 19.83
CA ILE D 2384 91.34 -33.23 20.00
C ILE D 2384 92.12 -32.13 20.72
N ARG D 2385 91.88 -30.86 20.36
CA ARG D 2385 92.61 -29.77 21.01
C ARG D 2385 92.20 -29.62 22.47
N ILE D 2386 90.92 -29.84 22.79
CA ILE D 2386 90.50 -29.81 24.19
C ILE D 2386 91.14 -30.97 24.96
N SER D 2387 91.22 -32.15 24.34
CA SER D 2387 91.87 -33.28 24.99
C SER D 2387 93.37 -33.06 25.16
N GLU D 2388 93.98 -32.23 24.30
CA GLU D 2388 95.40 -31.97 24.40
C GLU D 2388 95.74 -31.06 25.57
N ASP D 2389 94.86 -30.12 25.91
CA ASP D 2389 95.15 -29.14 26.95
C ASP D 2389 94.34 -29.44 28.20
N PRO D 2390 94.98 -29.72 29.37
CA PRO D 2390 94.24 -30.08 30.58
C PRO D 2390 92.94 -29.29 30.73
N ALA D 2391 92.99 -27.98 30.48
CA ALA D 2391 91.77 -27.14 30.55
C ALA D 2391 91.47 -26.59 29.16
N ARG D 2392 90.22 -26.74 28.68
CA ARG D 2392 89.85 -26.26 27.33
C ARG D 2392 91.01 -26.49 26.37
N ARG D 2415 85.30 -38.51 36.44
CA ARG D 2415 86.43 -38.79 35.55
C ARG D 2415 85.96 -38.97 34.11
N VAL D 2416 85.70 -37.85 33.44
CA VAL D 2416 85.23 -37.85 32.06
C VAL D 2416 86.09 -36.88 31.25
N HIS D 2417 86.51 -37.31 30.07
CA HIS D 2417 87.24 -36.45 29.14
C HIS D 2417 86.25 -35.85 28.16
N LEU D 2418 86.22 -34.51 28.09
CA LEU D 2418 85.18 -33.80 27.36
C LEU D 2418 85.27 -34.04 25.86
N GLY D 2419 86.49 -34.06 25.32
CA GLY D 2419 86.65 -34.32 23.89
C GLY D 2419 86.22 -35.73 23.51
N HIS D 2420 86.51 -36.70 24.38
CA HIS D 2420 86.05 -38.07 24.15
C HIS D 2420 84.54 -38.15 24.15
N ALA D 2421 83.88 -37.44 25.06
CA ALA D 2421 82.42 -37.44 25.09
C ALA D 2421 81.82 -36.75 23.87
N ILE D 2422 82.44 -35.65 23.41
CA ILE D 2422 81.99 -34.97 22.20
C ILE D 2422 82.09 -35.90 21.00
N MET D 2423 83.24 -36.55 20.84
CA MET D 2423 83.42 -37.44 19.69
C MET D 2423 82.55 -38.67 19.79
N SER D 2424 82.26 -39.14 21.02
CA SER D 2424 81.34 -40.25 21.19
C SER D 2424 79.92 -39.86 20.78
N PHE D 2425 79.48 -38.65 21.15
CA PHE D 2425 78.16 -38.18 20.74
C PHE D 2425 78.07 -38.05 19.22
N TYR D 2426 79.11 -37.48 18.59
CA TYR D 2426 79.08 -37.32 17.14
C TYR D 2426 79.15 -38.67 16.42
N ALA D 2427 79.97 -39.60 16.94
CA ALA D 2427 80.04 -40.94 16.35
C ALA D 2427 78.72 -41.67 16.50
N ALA D 2428 78.06 -41.54 17.66
CA ALA D 2428 76.75 -42.16 17.85
C ALA D 2428 75.71 -41.59 16.89
N LEU D 2429 75.72 -40.27 16.69
CA LEU D 2429 74.79 -39.67 15.74
C LEU D 2429 75.06 -40.15 14.33
N ILE D 2430 76.34 -40.23 13.94
CA ILE D 2430 76.70 -40.71 12.61
C ILE D 2430 76.30 -42.17 12.42
N ASP D 2431 76.54 -43.00 13.44
CA ASP D 2431 76.15 -44.41 13.36
C ASP D 2431 74.64 -44.56 13.26
N LEU D 2432 73.89 -43.77 14.03
CA LEU D 2432 72.42 -43.82 13.98
C LEU D 2432 71.91 -43.41 12.60
N LEU D 2433 72.50 -42.36 12.02
CA LEU D 2433 72.17 -42.01 10.65
C LEU D 2433 72.60 -43.07 9.65
N GLY D 2434 73.65 -43.83 9.96
CA GLY D 2434 74.08 -44.90 9.07
C GLY D 2434 73.11 -46.06 9.03
N ARG D 2435 72.64 -46.50 10.20
CA ARG D 2435 71.64 -47.57 10.22
C ARG D 2435 70.31 -47.11 9.65
N CYS D 2436 70.02 -45.82 9.73
CA CYS D 2436 68.72 -45.29 9.32
C CYS D 2436 68.60 -45.11 7.81
N ALA D 2437 69.68 -45.34 7.06
CA ALA D 2437 69.64 -45.27 5.61
C ALA D 2437 68.80 -46.43 5.05
N PRO D 2438 68.28 -46.29 3.83
CA PRO D 2438 67.57 -47.41 3.21
C PRO D 2438 68.47 -48.62 3.04
N GLU D 2439 67.88 -49.80 3.18
CA GLU D 2439 68.62 -51.05 3.34
C GLU D 2439 68.64 -51.84 2.05
N MET D 2440 69.84 -52.29 1.66
CA MET D 2440 70.12 -53.24 0.60
C MET D 2440 69.82 -52.70 -0.80
N HIS D 2441 69.34 -51.46 -0.91
CA HIS D 2441 69.07 -50.76 -2.17
C HIS D 2441 68.04 -51.49 -3.05
N LEU D 2442 67.14 -52.26 -2.45
CA LEU D 2442 66.08 -52.90 -3.23
C LEU D 2442 64.80 -52.08 -3.22
N ILE D 2443 64.56 -51.29 -2.16
CA ILE D 2443 63.53 -50.25 -2.23
C ILE D 2443 63.93 -49.17 -3.24
N GLN D 2444 65.22 -48.82 -3.28
CA GLN D 2444 65.67 -47.68 -4.07
C GLN D 2444 65.56 -47.95 -5.57
N ALA D 2445 65.55 -49.23 -5.98
CA ALA D 2445 65.51 -49.55 -7.40
C ALA D 2445 64.17 -49.17 -8.04
N GLY D 2446 63.08 -49.19 -7.29
CA GLY D 2446 61.79 -48.96 -7.90
C GLY D 2446 60.85 -47.96 -7.22
N LYS D 2447 61.16 -47.56 -5.98
CA LYS D 2447 60.24 -46.74 -5.20
C LYS D 2447 61.02 -45.52 -4.71
N GLY D 2448 60.48 -44.32 -4.96
CA GLY D 2448 61.20 -43.08 -4.76
C GLY D 2448 61.28 -42.57 -3.34
N GLU D 2449 60.59 -43.20 -2.39
CA GLU D 2449 60.67 -42.75 -1.01
C GLU D 2449 62.07 -42.93 -0.45
N ALA D 2450 62.70 -44.07 -0.77
CA ALA D 2450 64.09 -44.27 -0.38
C ALA D 2450 65.01 -43.28 -1.08
N LEU D 2451 64.69 -42.89 -2.32
CA LEU D 2451 65.47 -41.87 -3.00
C LEU D 2451 65.40 -40.53 -2.28
N ARG D 2452 64.20 -40.13 -1.85
CA ARG D 2452 64.05 -38.88 -1.11
C ARG D 2452 64.76 -38.95 0.24
N ILE D 2453 64.65 -40.08 0.94
CA ILE D 2453 65.29 -40.23 2.25
C ILE D 2453 66.80 -40.18 2.11
N ARG D 2454 67.35 -40.89 1.11
CA ARG D 2454 68.79 -40.87 0.89
C ARG D 2454 69.25 -39.50 0.43
N ALA D 2455 68.42 -38.76 -0.31
CA ALA D 2455 68.77 -37.40 -0.67
C ALA D 2455 68.86 -36.49 0.55
N ILE D 2456 67.91 -36.62 1.48
CA ILE D 2456 67.96 -35.79 2.69
C ILE D 2456 69.19 -36.13 3.52
N LEU D 2457 69.42 -37.42 3.79
CA LEU D 2457 70.59 -37.81 4.58
C LEU D 2457 71.90 -37.56 3.85
N ARG D 2458 71.87 -37.41 2.52
CA ARG D 2458 73.03 -36.90 1.82
C ARG D 2458 73.18 -35.40 2.05
N SER D 2459 72.05 -34.70 2.18
CA SER D 2459 72.10 -33.26 2.35
C SER D 2459 72.62 -32.85 3.73
N LEU D 2460 72.34 -33.65 4.77
CA LEU D 2460 72.86 -33.30 6.10
C LEU D 2460 74.38 -33.39 6.16
N VAL D 2461 74.96 -34.50 5.71
CA VAL D 2461 76.38 -34.74 5.86
C VAL D 2461 77.05 -34.59 4.49
N PRO D 2462 77.98 -33.65 4.32
CA PRO D 2462 78.69 -33.52 3.04
C PRO D 2462 79.74 -34.61 2.84
N LEU D 2463 79.88 -35.04 1.60
CA LEU D 2463 80.92 -35.99 1.24
C LEU D 2463 82.28 -35.29 1.24
N ASP D 2464 83.32 -36.07 1.59
CA ASP D 2464 84.74 -35.79 1.88
C ASP D 2464 84.96 -35.34 3.31
N ASP D 2465 83.90 -35.17 4.10
CA ASP D 2465 84.09 -34.93 5.53
C ASP D 2465 84.49 -36.21 6.25
N LEU D 2466 83.87 -37.34 5.88
CA LEU D 2466 84.25 -38.62 6.47
C LEU D 2466 85.63 -39.06 6.01
N VAL D 2467 85.99 -38.74 4.76
CA VAL D 2467 87.35 -39.01 4.28
C VAL D 2467 88.36 -38.17 5.04
N GLY D 2468 88.00 -36.92 5.35
CA GLY D 2468 88.87 -36.10 6.17
C GLY D 2468 88.98 -36.61 7.60
N ILE D 2469 87.89 -37.17 8.13
CA ILE D 2469 87.90 -37.75 9.47
C ILE D 2469 88.83 -38.96 9.52
N ILE D 2470 88.68 -39.87 8.55
CA ILE D 2470 89.54 -41.06 8.52
C ILE D 2470 90.97 -40.70 8.14
N SER D 2471 91.19 -39.54 7.51
CA SER D 2471 92.54 -39.09 7.21
C SER D 2471 93.24 -38.53 8.45
N LEU D 2472 92.47 -38.05 9.43
CA LEU D 2472 93.04 -37.50 10.65
C LEU D 2472 93.69 -38.60 11.47
N PRO D 2473 94.96 -38.46 11.87
CA PRO D 2473 95.65 -39.56 12.55
C PRO D 2473 95.37 -39.58 14.05
N LEU D 2474 94.93 -40.74 14.54
CA LEU D 2474 94.74 -40.93 15.98
C LEU D 2474 96.06 -40.74 16.73
N GLN D 2475 97.13 -41.38 16.24
CA GLN D 2475 98.45 -41.40 16.93
C GLN D 2475 98.46 -42.65 17.82
N ILE D 2476 99.26 -43.68 17.50
CA ILE D 2476 99.17 -44.92 18.25
C ILE D 2476 100.31 -44.96 19.25
N PRO D 2477 100.03 -45.09 20.56
CA PRO D 2477 101.12 -45.24 21.53
C PRO D 2477 101.81 -46.59 21.46
N THR D 2478 101.13 -47.60 20.88
CA THR D 2478 101.57 -48.98 20.64
C THR D 2478 102.25 -49.60 21.87
N LEU D 2479 103.26 -50.44 21.65
CA LEU D 2479 104.01 -51.18 22.69
C LEU D 2479 103.15 -51.74 23.82
N UNK D 2488 99.72 -49.50 25.89
CA UNK D 2488 99.38 -48.30 25.15
C UNK D 2488 99.36 -47.08 26.07
N UNK D 2489 98.21 -46.41 26.15
CA UNK D 2489 98.06 -45.24 26.99
C UNK D 2489 96.64 -45.12 27.52
N UNK D 2490 96.08 -43.92 27.44
CA UNK D 2490 94.72 -43.67 27.91
C UNK D 2490 93.69 -44.27 26.96
N UNK D 2491 92.60 -44.79 27.52
CA UNK D 2491 91.54 -45.37 26.71
C UNK D 2491 90.49 -44.31 26.38
N UNK D 2492 90.67 -43.11 26.92
CA UNK D 2492 89.75 -42.01 26.68
C UNK D 2492 90.43 -40.91 25.86
N UNK D 2493 90.65 -41.19 24.59
CA UNK D 2493 91.31 -40.22 23.71
C UNK D 2493 90.58 -40.12 22.36
N UNK D 2494 91.29 -40.46 21.29
CA UNK D 2494 90.73 -40.39 19.94
C UNK D 2494 90.02 -41.69 19.58
N UNK D 2495 90.52 -42.80 20.11
CA UNK D 2495 89.89 -44.13 20.04
C UNK D 2495 89.78 -44.75 18.65
N UNK D 2496 90.19 -46.00 18.54
CA UNK D 2496 90.06 -46.77 17.31
C UNK D 2496 88.82 -47.65 17.35
N UNK D 2497 87.68 -47.03 17.67
CA UNK D 2497 86.42 -47.76 17.79
C UNK D 2497 85.27 -46.94 17.24
N UNK D 2498 85.56 -45.72 16.79
CA UNK D 2498 84.55 -44.86 16.20
C UNK D 2498 84.82 -44.65 14.72
N UNK D 2499 85.92 -45.22 14.24
CA UNK D 2499 86.27 -45.14 12.83
C UNK D 2499 85.33 -46.02 12.00
N UNK D 2500 84.78 -47.04 12.65
CA UNK D 2500 83.82 -47.93 12.00
C UNK D 2500 82.46 -47.25 11.89
N UNK D 2501 82.22 -46.28 12.77
CA UNK D 2501 80.98 -45.51 12.74
C UNK D 2501 80.97 -44.56 11.55
N UNK D 2502 82.13 -43.99 11.25
CA UNK D 2502 82.28 -43.10 10.12
C UNK D 2502 82.36 -43.90 8.82
N UNK D 2503 82.71 -45.17 8.95
CA UNK D 2503 82.79 -46.06 7.79
C UNK D 2503 81.48 -46.81 7.59
N UNK D 2504 80.47 -46.45 8.39
CA UNK D 2504 79.16 -47.08 8.30
C UNK D 2504 78.19 -46.19 7.54
N UNK D 2505 78.46 -44.90 7.53
CA UNK D 2505 77.62 -43.94 6.82
C UNK D 2505 78.16 -43.70 5.41
N UNK D 2506 79.24 -44.38 5.08
CA UNK D 2506 79.86 -44.25 3.77
C UNK D 2506 79.42 -45.38 2.84
N UNK D 2507 79.17 -46.55 3.40
CA UNK D 2507 78.75 -47.70 2.62
C UNK D 2507 77.26 -47.95 2.78
N UNK D 2508 76.49 -46.87 2.86
CA UNK D 2508 75.04 -46.97 3.02
C UNK D 2508 74.33 -45.76 2.42
N UNK D 2509 75.03 -44.63 2.40
CA UNK D 2509 74.44 -43.39 1.88
C UNK D 2509 75.42 -42.66 0.95
N UNK D 2510 76.46 -43.36 0.52
CA UNK D 2510 77.46 -42.77 -0.35
C UNK D 2510 78.04 -43.79 -1.32
N UNK D 2511 78.37 -44.97 -0.79
CA UNK D 2511 78.95 -46.10 -1.54
C UNK D 2511 80.30 -45.77 -2.19
N UNK D 2512 80.90 -46.78 -2.79
CA UNK D 2512 82.20 -46.62 -3.43
C UNK D 2512 82.12 -46.95 -4.93
N UNK D 2513 82.54 -46.00 -5.75
CA UNK D 2513 82.54 -46.19 -7.19
C UNK D 2513 83.84 -46.87 -7.63
N UNK D 2514 84.88 -46.07 -7.85
CA UNK D 2514 86.17 -46.57 -8.26
C UNK D 2514 87.28 -45.54 -8.03
N UNK D 2515 86.92 -44.27 -8.10
CA UNK D 2515 87.90 -43.19 -8.02
C UNK D 2515 88.30 -42.87 -6.58
N UNK D 2516 87.32 -42.87 -5.67
CA UNK D 2516 87.56 -42.58 -4.27
C UNK D 2516 88.25 -43.76 -3.58
N UNK D 2517 88.21 -44.91 -4.23
CA UNK D 2517 88.83 -46.13 -3.72
C UNK D 2517 90.34 -45.97 -3.55
N UNK D 2518 90.94 -45.12 -4.38
CA UNK D 2518 92.38 -44.84 -4.28
C UNK D 2518 92.74 -44.23 -2.93
N UNK D 2519 92.08 -43.14 -2.59
CA UNK D 2519 92.31 -42.45 -1.31
C UNK D 2519 91.84 -43.31 -0.14
N UNK D 2520 90.77 -44.08 -0.35
CA UNK D 2520 90.25 -44.97 0.68
C UNK D 2520 91.28 -46.06 1.02
N UNK D 2521 91.86 -46.66 0.00
CA UNK D 2521 92.89 -47.68 0.17
C UNK D 2521 94.17 -47.06 0.69
N UNK D 2522 94.44 -45.80 0.37
CA UNK D 2522 95.60 -45.10 0.93
C UNK D 2522 95.47 -44.96 2.45
N UNK D 2523 94.31 -44.48 2.88
CA UNK D 2523 94.00 -44.35 4.30
C UNK D 2523 94.03 -45.71 5.00
N UNK D 2524 93.45 -46.71 4.34
CA UNK D 2524 93.42 -48.07 4.87
C UNK D 2524 94.82 -48.68 4.96
N UNK D 2525 95.69 -48.29 4.03
CA UNK D 2525 97.06 -48.78 4.01
C UNK D 2525 97.84 -48.15 5.13
N UNK D 2526 97.58 -46.87 5.39
CA UNK D 2526 98.17 -46.20 6.55
C UNK D 2526 97.73 -46.89 7.84
N UNK D 2527 96.43 -47.21 7.91
CA UNK D 2527 95.85 -47.92 9.04
C UNK D 2527 96.51 -49.30 9.25
N UNK D 2528 96.65 -50.05 8.17
CA UNK D 2528 97.23 -51.40 8.23
C UNK D 2528 98.73 -51.36 8.49
N UNK D 2529 99.39 -50.28 8.11
CA UNK D 2529 100.82 -50.11 8.37
C UNK D 2529 101.02 -49.74 9.83
N UNK D 2530 100.02 -49.10 10.41
CA UNK D 2530 100.04 -48.81 11.83
C UNK D 2530 99.67 -50.04 12.66
N UNK D 2531 98.84 -50.90 12.08
CA UNK D 2531 98.29 -52.05 12.80
C UNK D 2531 99.10 -53.35 12.66
N UNK D 2532 99.89 -53.47 11.59
CA UNK D 2532 100.58 -54.72 11.31
C UNK D 2532 101.94 -54.82 11.99
N UNK D 2533 102.69 -53.72 11.99
CA UNK D 2533 104.05 -53.71 12.54
C UNK D 2533 104.08 -53.87 14.06
N UNK D 2534 102.94 -53.72 14.71
CA UNK D 2534 102.85 -53.86 16.16
C UNK D 2534 102.62 -55.31 16.58
N UNK D 2535 103.71 -56.01 16.90
CA UNK D 2535 103.63 -57.39 17.34
C UNK D 2535 104.54 -57.63 18.54
N UNK D 2536 104.68 -58.89 18.94
CA UNK D 2536 105.50 -59.32 20.07
C UNK D 2536 105.14 -58.59 21.37
N UNK D 2537 105.72 -57.42 21.56
CA UNK D 2537 105.44 -56.59 22.74
C UNK D 2537 104.20 -55.75 22.51
N UNK D 2538 103.03 -56.40 22.48
CA UNK D 2538 101.77 -55.69 22.27
C UNK D 2538 100.69 -56.23 23.21
N UNK D 2539 99.54 -56.59 22.63
CA UNK D 2539 98.38 -57.09 23.37
C UNK D 2539 97.94 -56.15 24.49
N UNK D 2540 97.96 -54.85 24.19
CA UNK D 2540 97.56 -53.84 25.16
C UNK D 2540 96.18 -53.29 24.83
N UNK D 2541 96.09 -51.97 24.63
CA UNK D 2541 94.83 -51.33 24.29
C UNK D 2541 94.71 -51.13 22.78
N UNK D 2542 95.23 -52.08 22.02
CA UNK D 2542 95.16 -52.01 20.55
C UNK D 2542 93.97 -52.81 20.04
N UNK D 2543 92.80 -52.19 20.08
CA UNK D 2543 91.56 -52.84 19.62
C UNK D 2543 91.28 -52.50 18.16
N UNK D 2544 92.30 -52.00 17.47
CA UNK D 2544 92.19 -51.57 16.08
C UNK D 2544 91.82 -52.72 15.14
N UNK D 2545 92.09 -53.96 15.58
CA UNK D 2545 91.71 -55.14 14.82
C UNK D 2545 90.19 -55.22 14.69
N UNK D 2546 89.49 -54.77 15.74
CA UNK D 2546 88.04 -54.67 15.69
C UNK D 2546 87.66 -53.60 14.66
N UNK D 2547 88.46 -52.55 14.58
CA UNK D 2547 88.27 -51.51 13.57
C UNK D 2547 88.73 -52.03 12.22
N UNK D 2548 89.48 -53.12 12.22
CA UNK D 2548 89.85 -53.81 11.00
C UNK D 2548 88.85 -54.92 10.71
N UNK D 2549 87.84 -55.02 11.58
CA UNK D 2549 86.78 -56.02 11.40
C UNK D 2549 85.80 -55.56 10.33
N UNK D 2550 85.59 -54.26 10.25
CA UNK D 2550 84.61 -53.69 9.33
C UNK D 2550 85.24 -53.25 8.01
N UNK D 2551 86.31 -52.45 8.11
CA UNK D 2551 86.95 -51.84 6.94
C UNK D 2551 87.42 -52.88 5.92
N UNK D 2552 88.12 -53.91 6.42
CA UNK D 2552 88.58 -55.01 5.57
C UNK D 2552 87.41 -55.74 4.94
N UNK D 2553 86.28 -55.77 5.66
CA UNK D 2553 85.03 -56.32 5.13
C UNK D 2553 84.60 -55.56 3.89
N UNK D 2554 84.75 -54.23 3.93
CA UNK D 2554 84.47 -53.41 2.76
C UNK D 2554 85.49 -53.73 1.67
N UNK D 2555 86.71 -54.04 2.10
CA UNK D 2555 87.77 -54.45 1.18
C UNK D 2555 87.50 -55.85 0.65
N UNK D 2556 86.59 -56.57 1.30
CA UNK D 2556 86.14 -57.87 0.82
C UNK D 2556 85.01 -57.70 -0.17
N UNK D 2557 84.52 -56.46 -0.30
CA UNK D 2557 83.41 -56.18 -1.21
C UNK D 2557 83.82 -55.19 -2.29
N UNK D 2558 84.97 -55.43 -2.91
CA UNK D 2558 85.47 -54.55 -3.97
C UNK D 2558 86.42 -55.30 -4.89
N UNK D 2559 85.87 -55.86 -5.98
CA UNK D 2559 86.67 -56.59 -6.95
C UNK D 2559 86.77 -55.79 -8.26
N UNK D 2560 86.93 -54.48 -8.14
CA UNK D 2560 87.03 -53.61 -9.31
C UNK D 2560 88.30 -52.77 -9.25
N UNK D 2561 89.44 -53.45 -9.16
CA UNK D 2561 90.73 -52.78 -9.11
C UNK D 2561 91.59 -53.15 -10.31
N UNK D 2562 92.74 -52.49 -10.44
CA UNK D 2562 93.65 -52.75 -11.56
C UNK D 2562 95.10 -52.47 -11.16
N UNK D 2563 95.95 -52.27 -12.15
CA UNK D 2563 97.36 -52.00 -11.91
C UNK D 2563 97.81 -50.74 -12.65
N UNK D 2564 98.00 -49.66 -11.92
CA UNK D 2564 98.44 -48.40 -12.51
C UNK D 2564 99.27 -47.59 -11.51
N UNK D 2565 99.50 -48.18 -10.34
CA UNK D 2565 100.28 -47.52 -9.29
C UNK D 2565 101.15 -48.53 -8.55
N UNK D 2566 101.68 -48.10 -7.40
CA UNK D 2566 102.53 -48.97 -6.58
C UNK D 2566 101.98 -49.07 -5.17
N UNK D 2567 100.89 -48.38 -4.90
CA UNK D 2567 100.27 -48.39 -3.58
C UNK D 2567 99.55 -49.71 -3.31
N UNK D 2568 99.04 -50.32 -4.38
CA UNK D 2568 98.32 -51.58 -4.29
C UNK D 2568 99.22 -52.70 -3.77
N UNK D 2569 100.44 -52.75 -4.29
CA UNK D 2569 101.42 -53.77 -3.88
C UNK D 2569 101.81 -53.62 -2.42
N UNK D 2570 102.04 -52.37 -2.00
CA UNK D 2570 102.40 -52.08 -0.62
C UNK D 2570 101.25 -52.41 0.33
N UNK D 2571 100.03 -52.10 -0.09
CA UNK D 2571 98.83 -52.41 0.68
C UNK D 2571 98.65 -53.91 0.84
N UNK D 2572 98.88 -54.64 -0.25
CA UNK D 2572 98.78 -56.10 -0.23
C UNK D 2572 99.84 -56.71 0.68
N UNK D 2573 101.05 -56.16 0.63
CA UNK D 2573 102.14 -56.62 1.48
C UNK D 2573 101.82 -56.39 2.96
N UNK D 2574 101.28 -55.20 3.26
CA UNK D 2574 100.89 -54.86 4.63
C UNK D 2574 99.79 -55.79 5.13
N UNK D 2575 98.80 -56.05 4.27
CA UNK D 2575 97.69 -56.94 4.62
C UNK D 2575 98.18 -58.36 4.86
N UNK D 2576 99.11 -58.82 4.03
CA UNK D 2576 99.68 -60.15 4.18
C UNK D 2576 100.49 -60.27 5.46
N UNK D 2577 101.24 -59.21 5.78
CA UNK D 2577 102.03 -59.19 7.01
C UNK D 2577 101.13 -59.18 8.24
N UNK D 2578 99.99 -58.50 8.13
CA UNK D 2578 99.02 -58.45 9.22
C UNK D 2578 98.30 -59.78 9.41
N UNK D 2579 97.96 -60.43 8.31
CA UNK D 2579 97.18 -61.67 8.37
C UNK D 2579 98.04 -62.89 8.75
N UNK D 2580 99.18 -63.05 8.08
CA UNK D 2580 100.05 -64.20 8.31
C UNK D 2580 100.70 -64.14 9.69
N UNK D 2581 101.47 -63.08 9.93
CA UNK D 2581 102.13 -62.90 11.22
C UNK D 2581 101.15 -62.38 12.27
N UNK D 2582 100.25 -63.25 12.72
CA UNK D 2582 99.24 -62.87 13.71
C UNK D 2582 99.85 -62.89 15.11
N UNK D 2583 99.70 -61.78 15.82
CA UNK D 2583 100.21 -61.66 17.18
C UNK D 2583 99.30 -62.36 18.17
N UNK D 2584 98.08 -61.84 18.32
CA UNK D 2584 97.10 -62.41 19.23
C UNK D 2584 95.68 -62.10 18.76
N UNK D 2585 95.55 -61.10 17.89
CA UNK D 2585 94.25 -60.69 17.37
C UNK D 2585 93.81 -61.61 16.24
N UNK D 2586 93.03 -62.64 16.57
CA UNK D 2586 92.53 -63.58 15.58
C UNK D 2586 91.23 -64.23 16.06
N UNK D 2587 91.37 -65.25 16.90
CA UNK D 2587 90.25 -65.99 17.48
C UNK D 2587 89.30 -66.57 16.43
N UNK D 2588 89.87 -66.98 15.30
CA UNK D 2588 89.15 -67.58 14.18
C UNK D 2588 87.98 -66.71 13.69
N UNK D 2589 88.21 -65.40 13.63
CA UNK D 2589 87.18 -64.47 13.18
C UNK D 2589 87.79 -63.37 12.32
N UNK D 2590 88.70 -62.60 12.90
CA UNK D 2590 89.37 -61.52 12.19
C UNK D 2590 90.38 -62.08 11.20
N UNK D 2591 91.08 -63.12 11.62
CA UNK D 2591 92.08 -63.78 10.78
C UNK D 2591 91.43 -64.45 9.58
N UNK D 2592 90.28 -65.08 9.82
CA UNK D 2592 89.52 -65.74 8.76
C UNK D 2592 89.02 -64.72 7.74
N UNK D 2593 88.54 -63.58 8.24
CA UNK D 2593 88.06 -62.50 7.39
C UNK D 2593 89.20 -61.92 6.55
N UNK D 2594 90.37 -61.77 7.19
CA UNK D 2594 91.56 -61.27 6.51
C UNK D 2594 91.99 -62.22 5.40
N UNK D 2595 91.96 -63.52 5.70
CA UNK D 2595 92.31 -64.55 4.72
C UNK D 2595 91.33 -64.55 3.56
N UNK D 2596 90.04 -64.38 3.86
CA UNK D 2596 89.01 -64.32 2.83
C UNK D 2596 89.20 -63.11 1.93
N UNK D 2597 89.52 -61.97 2.54
CA UNK D 2597 89.77 -60.74 1.79
C UNK D 2597 91.01 -60.89 0.89
N UNK D 2598 92.04 -61.52 1.43
CA UNK D 2598 93.26 -61.79 0.67
C UNK D 2598 93.00 -62.71 -0.52
N UNK D 2599 92.18 -63.73 -0.30
CA UNK D 2599 91.81 -64.66 -1.35
C UNK D 2599 90.99 -63.96 -2.44
N UNK D 2600 90.08 -63.08 -2.02
CA UNK D 2600 89.26 -62.33 -2.95
C UNK D 2600 90.09 -61.35 -3.77
N UNK D 2601 91.12 -60.77 -3.14
CA UNK D 2601 91.99 -59.83 -3.81
C UNK D 2601 92.97 -60.54 -4.75
N UNK D 2602 93.33 -61.77 -4.41
CA UNK D 2602 94.24 -62.55 -5.24
C UNK D 2602 93.49 -63.27 -6.36
N UNK D 2603 92.18 -63.37 -6.23
CA UNK D 2603 91.35 -64.00 -7.24
C UNK D 2603 91.28 -63.14 -8.50
N UNK D 2604 90.77 -61.92 -8.36
CA UNK D 2604 90.66 -61.01 -9.49
C UNK D 2604 91.06 -59.59 -9.08
N UNK D 2605 90.71 -58.62 -9.92
CA UNK D 2605 90.99 -57.20 -9.69
C UNK D 2605 92.48 -56.91 -9.46
N UNK D 2606 93.33 -57.60 -10.22
CA UNK D 2606 94.78 -57.44 -10.09
C UNK D 2606 95.49 -57.79 -11.39
N UNK D 2607 96.79 -57.51 -11.42
CA UNK D 2607 97.59 -57.80 -12.61
C UNK D 2607 99.05 -58.01 -12.23
N UNK D 2608 99.51 -59.27 -12.34
CA UNK D 2608 100.90 -59.66 -12.07
C UNK D 2608 101.38 -59.32 -10.66
N UNK D 2609 101.61 -58.02 -10.43
CA UNK D 2609 102.10 -57.48 -9.15
C UNK D 2609 103.45 -58.07 -8.76
N UNK D 2610 104.52 -57.35 -9.09
CA UNK D 2610 105.89 -57.83 -8.88
C UNK D 2610 106.28 -57.89 -7.40
N UNK D 2611 105.82 -56.92 -6.61
CA UNK D 2611 106.12 -56.90 -5.19
C UNK D 2611 105.38 -58.04 -4.48
N UNK D 2612 104.15 -58.29 -4.93
CA UNK D 2612 103.37 -59.42 -4.41
C UNK D 2612 104.03 -60.72 -4.86
N UNK D 2613 104.66 -60.71 -6.03
CA UNK D 2613 105.40 -61.86 -6.52
C UNK D 2613 106.62 -62.14 -5.63
N UNK D 2614 107.29 -61.07 -5.23
CA UNK D 2614 108.43 -61.18 -4.32
C UNK D 2614 107.99 -61.70 -2.95
N UNK D 2615 106.83 -61.22 -2.50
CA UNK D 2615 106.25 -61.68 -1.24
C UNK D 2615 105.91 -63.17 -1.30
N UNK D 2616 105.37 -63.59 -2.45
CA UNK D 2616 105.05 -65.01 -2.68
C UNK D 2616 106.32 -65.85 -2.70
N UNK D 2617 107.38 -65.30 -3.29
CA UNK D 2617 108.67 -65.97 -3.32
C UNK D 2617 109.22 -66.15 -1.90
N UNK D 2618 109.05 -65.12 -1.08
CA UNK D 2618 109.47 -65.17 0.33
C UNK D 2618 108.66 -66.22 1.09
N UNK D 2619 107.37 -66.27 0.83
CA UNK D 2619 106.48 -67.24 1.46
C UNK D 2619 106.83 -68.67 1.03
N UNK D 2620 107.29 -68.81 -0.21
CA UNK D 2620 107.74 -70.10 -0.72
C UNK D 2620 109.06 -70.50 -0.07
N UNK D 2621 109.90 -69.50 0.20
CA UNK D 2621 111.15 -69.72 0.91
C UNK D 2621 110.87 -70.18 2.34
N UNK D 2622 109.76 -69.68 2.89
CA UNK D 2622 109.30 -70.14 4.20
C UNK D 2622 108.81 -71.59 4.11
N UNK D 2623 107.61 -71.76 3.54
CA UNK D 2623 106.99 -73.07 3.32
C UNK D 2623 106.85 -73.91 4.60
N UNK D 2624 107.57 -75.04 4.64
CA UNK D 2624 107.57 -75.96 5.76
C UNK D 2624 106.16 -76.46 6.12
N UNK D 2625 105.94 -76.74 7.40
CA UNK D 2625 104.65 -77.22 7.88
C UNK D 2625 104.21 -76.46 9.12
N UNK D 2626 103.70 -75.24 8.92
CA UNK D 2626 103.25 -74.41 10.03
C UNK D 2626 101.73 -74.21 9.98
N UNK D 2627 101.13 -74.07 11.15
CA UNK D 2627 99.69 -73.88 11.25
C UNK D 2627 99.32 -72.41 11.09
N UNK D 2628 100.31 -71.54 11.22
CA UNK D 2628 100.10 -70.11 11.07
C UNK D 2628 100.33 -69.67 9.63
N UNK D 2629 100.67 -70.64 8.78
CA UNK D 2629 100.92 -70.36 7.37
C UNK D 2629 100.75 -71.64 6.53
N UNK D 2630 99.51 -71.93 6.13
CA UNK D 2630 99.23 -73.12 5.35
C UNK D 2630 98.16 -72.84 4.30
N UNK D 2631 97.42 -71.76 4.49
CA UNK D 2631 96.35 -71.39 3.55
C UNK D 2631 96.92 -70.72 2.31
N UNK D 2632 98.17 -70.26 2.41
CA UNK D 2632 98.85 -69.56 1.32
C UNK D 2632 98.98 -70.41 0.07
N UNK D 2633 99.12 -71.72 0.25
CA UNK D 2633 99.19 -72.65 -0.86
C UNK D 2633 97.89 -72.67 -1.65
N UNK D 2634 96.79 -72.39 -0.96
CA UNK D 2634 95.48 -72.26 -1.61
C UNK D 2634 95.51 -71.05 -2.52
N UNK D 2635 96.23 -70.00 -2.11
CA UNK D 2635 96.45 -68.84 -2.95
C UNK D 2635 97.32 -69.23 -4.13
N UNK D 2636 98.19 -70.22 -3.90
CA UNK D 2636 98.98 -70.81 -4.97
C UNK D 2636 98.05 -71.55 -5.93
N UNK D 2637 96.94 -72.05 -5.39
CA UNK D 2637 95.89 -72.64 -6.21
C UNK D 2637 95.27 -71.54 -7.08
N UNK D 2638 95.20 -70.33 -6.53
CA UNK D 2638 94.78 -69.17 -7.28
C UNK D 2638 95.87 -68.80 -8.28
N UNK D 2639 97.11 -69.13 -7.94
CA UNK D 2639 98.23 -69.01 -8.87
C UNK D 2639 98.11 -70.09 -9.92
N UNK D 2640 97.37 -71.15 -9.59
CA UNK D 2640 96.99 -72.17 -10.56
C UNK D 2640 95.95 -71.60 -11.51
N UNK D 2641 95.22 -70.59 -11.03
CA UNK D 2641 94.26 -69.87 -11.87
C UNK D 2641 95.02 -69.10 -12.93
N UNK D 2642 94.35 -68.82 -14.05
CA UNK D 2642 94.96 -68.24 -15.25
C UNK D 2642 96.18 -69.07 -15.65
N UNK D 2643 97.37 -68.47 -15.58
CA UNK D 2643 98.65 -69.17 -15.74
C UNK D 2643 98.76 -69.98 -17.04
N UNK D 2644 98.05 -71.10 -17.07
CA UNK D 2644 98.00 -71.96 -18.25
C UNK D 2644 97.32 -71.25 -19.42
N UNK D 2645 98.03 -71.18 -20.53
CA UNK D 2645 97.57 -70.53 -21.76
C UNK D 2645 97.19 -69.07 -21.52
N UNK D 2646 98.01 -68.36 -20.76
CA UNK D 2646 97.76 -66.96 -20.45
C UNK D 2646 99.04 -66.24 -20.03
N UNK D 2647 99.56 -66.60 -18.86
CA UNK D 2647 100.71 -65.93 -18.27
C UNK D 2647 102.01 -66.25 -19.02
N UNK D 2648 102.78 -65.21 -19.29
CA UNK D 2648 104.08 -65.37 -19.97
C UNK D 2648 105.16 -64.59 -19.24
N UNK D 2649 106.33 -64.49 -19.85
CA UNK D 2649 107.50 -63.80 -19.30
C UNK D 2649 107.88 -64.30 -17.92
N UNK D 2650 108.32 -65.56 -17.85
CA UNK D 2650 108.68 -66.18 -16.58
C UNK D 2650 110.19 -66.11 -16.36
N UNK D 2651 110.68 -64.94 -15.96
CA UNK D 2651 112.10 -64.74 -15.68
C UNK D 2651 112.44 -65.36 -14.33
N UNK D 2652 112.18 -64.60 -13.26
CA UNK D 2652 112.43 -65.08 -11.91
C UNK D 2652 111.24 -65.90 -11.41
N UNK D 2653 110.11 -65.77 -12.11
CA UNK D 2653 108.90 -66.49 -11.76
C UNK D 2653 109.08 -67.99 -11.96
N UNK D 2654 109.76 -68.36 -13.05
CA UNK D 2654 110.04 -69.76 -13.34
C UNK D 2654 110.97 -70.35 -12.28
N UNK D 2655 111.96 -69.58 -11.87
CA UNK D 2655 112.89 -70.00 -10.82
C UNK D 2655 112.16 -70.18 -9.49
N UNK D 2656 111.26 -69.26 -9.19
CA UNK D 2656 110.46 -69.33 -7.97
C UNK D 2656 109.56 -70.57 -7.97
N UNK D 2657 108.95 -70.84 -9.12
CA UNK D 2657 108.10 -72.02 -9.28
C UNK D 2657 108.90 -73.31 -9.13
N UNK D 2658 110.10 -73.33 -9.70
CA UNK D 2658 110.98 -74.48 -9.58
C UNK D 2658 111.40 -74.72 -8.13
N UNK D 2659 111.73 -73.63 -7.44
CA UNK D 2659 112.10 -73.70 -6.02
C UNK D 2659 110.93 -74.20 -5.18
N UNK D 2660 109.72 -73.72 -5.49
CA UNK D 2660 108.52 -74.15 -4.78
C UNK D 2660 108.24 -75.63 -5.01
N UNK D 2661 108.43 -76.08 -6.25
CA UNK D 2661 108.25 -77.49 -6.58
C UNK D 2661 109.25 -78.37 -5.86
N UNK D 2662 110.50 -77.91 -5.80
CA UNK D 2662 111.55 -78.63 -5.10
C UNK D 2662 111.26 -78.71 -3.61
N UNK D 2663 110.78 -77.60 -3.04
CA UNK D 2663 110.42 -77.55 -1.62
C UNK D 2663 109.26 -78.48 -1.32
N UNK D 2664 108.27 -78.53 -2.21
CA UNK D 2664 107.12 -79.41 -2.06
C UNK D 2664 107.55 -80.87 -2.13
N UNK D 2665 108.45 -81.18 -3.06
CA UNK D 2665 108.97 -82.53 -3.20
C UNK D 2665 109.76 -82.96 -1.96
N UNK D 2666 110.54 -82.03 -1.42
CA UNK D 2666 111.33 -82.30 -0.22
C UNK D 2666 110.43 -82.48 1.00
N UNK D 2667 109.33 -81.73 1.05
CA UNK D 2667 108.39 -81.82 2.15
C UNK D 2667 107.58 -83.12 2.08
N UNK D 2668 107.32 -83.58 0.86
CA UNK D 2668 106.60 -84.82 0.66
C UNK D 2668 107.51 -86.03 0.89
N UNK D 2669 108.81 -85.84 0.65
CA UNK D 2669 109.78 -86.92 0.82
C UNK D 2669 110.18 -87.08 2.28
N UNK D 2670 110.57 -85.98 2.91
CA UNK D 2670 111.04 -86.01 4.29
C UNK D 2670 109.91 -85.78 5.28
N UNK D 2671 108.93 -86.68 5.28
CA UNK D 2671 107.80 -86.62 6.21
C UNK D 2671 107.18 -87.99 6.40
N UNK D 2672 106.20 -88.07 7.29
CA UNK D 2672 105.53 -89.34 7.56
C UNK D 2672 104.08 -89.11 8.00
N UNK D 2673 103.22 -90.08 7.72
CA UNK D 2673 101.78 -90.07 8.02
C UNK D 2673 101.01 -89.00 7.25
N UNK D 2674 99.86 -89.38 6.72
CA UNK D 2674 99.05 -88.47 5.91
C UNK D 2674 97.74 -88.10 6.60
N UNK D 2675 96.65 -88.73 6.15
CA UNK D 2675 95.29 -88.42 6.59
C UNK D 2675 94.98 -86.94 6.42
N UNK D 2676 95.19 -86.16 7.47
CA UNK D 2676 94.97 -84.72 7.41
C UNK D 2676 96.29 -83.98 7.22
N UNK D 2677 96.34 -82.75 7.70
CA UNK D 2677 97.53 -81.90 7.65
C UNK D 2677 98.07 -81.71 6.23
N UNK D 2678 97.38 -80.86 5.46
CA UNK D 2678 97.76 -80.50 4.09
C UNK D 2678 97.93 -81.70 3.15
N UNK D 2679 97.06 -82.69 3.31
CA UNK D 2679 97.08 -83.85 2.43
C UNK D 2679 96.32 -83.53 1.15
N UNK D 2680 95.17 -82.88 1.30
CA UNK D 2680 94.36 -82.47 0.16
C UNK D 2680 95.06 -81.36 -0.62
N UNK D 2681 95.82 -80.54 0.10
CA UNK D 2681 96.59 -79.46 -0.52
C UNK D 2681 97.77 -80.01 -1.30
N UNK D 2682 98.18 -81.23 -0.95
CA UNK D 2682 99.28 -81.90 -1.65
C UNK D 2682 98.73 -82.74 -2.80
N UNK D 2683 97.48 -83.15 -2.68
CA UNK D 2683 96.83 -83.95 -3.71
C UNK D 2683 96.28 -83.08 -4.84
N UNK D 2684 95.28 -82.27 -4.54
CA UNK D 2684 94.63 -81.43 -5.54
C UNK D 2684 95.53 -80.29 -6.01
N UNK D 2685 96.18 -79.63 -5.06
CA UNK D 2685 97.03 -78.50 -5.39
C UNK D 2685 98.50 -78.86 -5.42
N UNK D 2686 98.87 -79.81 -6.29
CA UNK D 2686 100.26 -80.20 -6.44
C UNK D 2686 101.03 -79.11 -7.17
N UNK D 2687 101.63 -78.20 -6.40
CA UNK D 2687 102.35 -77.04 -6.91
C UNK D 2687 101.48 -76.20 -7.85
N UNK D 2688 101.64 -76.43 -9.15
CA UNK D 2688 100.85 -75.73 -10.16
C UNK D 2688 100.82 -76.53 -11.45
N UNK D 2689 101.48 -77.69 -11.43
CA UNK D 2689 101.61 -78.58 -12.57
C UNK D 2689 102.20 -77.88 -13.79
N UNK D 2690 103.13 -76.94 -13.53
CA UNK D 2690 103.82 -76.12 -14.53
C UNK D 2690 102.88 -75.21 -15.34
N UNK D 2691 103.20 -73.92 -15.34
CA UNK D 2691 102.44 -72.94 -16.10
C UNK D 2691 102.80 -73.04 -17.58
N UNK D 2692 103.48 -72.02 -18.09
CA UNK D 2692 103.99 -72.05 -19.46
C UNK D 2692 105.45 -72.48 -19.43
N UNK D 2693 105.70 -73.66 -18.89
CA UNK D 2693 107.06 -74.15 -18.69
C UNK D 2693 107.67 -74.73 -19.97
N UNK D 2694 108.20 -75.95 -19.85
CA UNK D 2694 108.96 -76.64 -20.90
C UNK D 2694 110.18 -75.83 -21.33
N UNK D 2695 111.34 -76.26 -20.85
CA UNK D 2695 112.63 -75.57 -21.04
C UNK D 2695 112.59 -74.14 -20.52
N UNK D 2696 112.96 -73.97 -19.25
CA UNK D 2696 112.94 -72.68 -18.60
C UNK D 2696 114.30 -71.98 -18.71
N UNK D 2697 115.02 -71.95 -17.59
CA UNK D 2697 116.33 -71.30 -17.56
C UNK D 2697 117.19 -71.87 -16.43
N UNK D 2698 118.29 -71.17 -16.13
CA UNK D 2698 119.23 -71.54 -15.07
C UNK D 2698 119.79 -72.94 -15.21
N UNK D 2699 120.23 -73.53 -14.10
CA UNK D 2699 120.79 -74.87 -14.10
C UNK D 2699 119.82 -75.86 -13.48
N UNK D 2942 133.74 -72.61 -18.31
CA UNK D 2942 133.15 -72.57 -19.64
C UNK D 2942 131.90 -73.44 -19.71
N UNK D 2943 132.07 -74.74 -19.42
CA UNK D 2943 130.95 -75.68 -19.44
C UNK D 2943 131.24 -76.86 -18.53
N UNK D 2944 130.25 -77.21 -17.70
CA UNK D 2944 130.38 -78.36 -16.81
C UNK D 2944 130.36 -79.66 -17.60
N UNK D 2945 129.18 -80.06 -18.04
CA UNK D 2945 129.02 -81.23 -18.89
C UNK D 2945 128.62 -80.81 -20.30
N UNK D 2946 127.34 -80.48 -20.45
CA UNK D 2946 126.80 -79.99 -21.71
C UNK D 2946 125.50 -79.23 -21.44
N UNK D 2947 124.46 -79.57 -22.18
CA UNK D 2947 123.14 -79.02 -21.92
C UNK D 2947 122.52 -79.74 -20.72
N UNK D 2948 121.71 -79.02 -19.96
CA UNK D 2948 121.10 -79.59 -18.75
C UNK D 2948 119.80 -80.31 -19.09
N UNK D 2949 119.48 -80.40 -20.38
CA UNK D 2949 118.28 -81.06 -20.89
C UNK D 2949 117.00 -80.50 -20.26
N UNK D 2950 116.87 -79.18 -20.28
CA UNK D 2950 115.71 -78.44 -19.77
C UNK D 2950 115.47 -78.68 -18.27
N UNK D 2951 114.34 -78.17 -17.79
CA UNK D 2951 114.00 -78.28 -16.37
C UNK D 2951 112.79 -79.18 -16.18
N UNK D 2952 112.08 -79.45 -17.27
CA UNK D 2952 110.96 -80.37 -17.24
C UNK D 2952 111.45 -81.76 -17.62
N UNK D 2953 112.10 -81.86 -18.77
CA UNK D 2953 112.56 -83.13 -19.32
C UNK D 2953 113.51 -83.90 -18.42
N UNK D 2954 114.68 -83.34 -18.14
CA UNK D 2954 115.71 -84.02 -17.37
C UNK D 2954 115.29 -84.32 -15.93
N UNK D 2955 114.74 -83.32 -15.26
CA UNK D 2955 114.30 -83.48 -13.87
C UNK D 2955 113.15 -84.48 -13.77
N UNK D 2956 112.23 -84.43 -14.73
CA UNK D 2956 111.11 -85.36 -14.78
C UNK D 2956 111.62 -86.78 -15.01
N UNK D 2957 112.58 -86.94 -15.91
CA UNK D 2957 113.16 -88.25 -16.20
C UNK D 2957 113.86 -88.82 -14.97
N UNK D 2958 114.65 -87.99 -14.30
CA UNK D 2958 115.38 -88.39 -13.11
C UNK D 2958 114.43 -88.80 -11.99
N UNK D 2959 113.41 -87.98 -11.75
CA UNK D 2959 112.42 -88.26 -10.72
C UNK D 2959 111.65 -89.54 -11.04
N UNK D 2960 111.32 -89.76 -12.30
CA UNK D 2960 110.59 -90.95 -12.72
C UNK D 2960 111.43 -92.21 -12.53
N UNK D 2961 112.71 -92.15 -12.89
CA UNK D 2961 113.61 -93.28 -12.73
C UNK D 2961 113.80 -93.61 -11.24
N UNK D 2962 113.99 -92.57 -10.43
CA UNK D 2962 114.15 -92.73 -9.00
C UNK D 2962 112.89 -93.32 -8.36
N UNK D 2963 111.74 -92.84 -8.78
CA UNK D 2963 110.47 -93.33 -8.26
C UNK D 2963 110.22 -94.77 -8.67
N UNK D 2964 110.62 -95.12 -9.89
CA UNK D 2964 110.49 -96.49 -10.38
C UNK D 2964 111.34 -97.44 -9.54
N UNK D 2965 112.60 -97.07 -9.35
CA UNK D 2965 113.53 -97.86 -8.53
C UNK D 2965 113.02 -97.98 -7.10
N UNK D 2966 112.51 -96.88 -6.55
CA UNK D 2966 112.00 -96.85 -5.18
C UNK D 2966 110.75 -97.71 -5.03
N UNK D 2967 109.88 -97.70 -6.04
CA UNK D 2967 108.67 -98.51 -6.03
C UNK D 2967 109.03 -99.99 -6.08
N UNK D 2968 110.00 -100.32 -6.93
CA UNK D 2968 110.49 -101.70 -7.01
C UNK D 2968 111.08 -102.16 -5.68
N UNK D 2969 111.89 -101.30 -5.08
CA UNK D 2969 112.55 -101.60 -3.81
C UNK D 2969 111.55 -101.71 -2.66
N UNK D 2970 110.49 -100.91 -2.69
CA UNK D 2970 109.48 -100.91 -1.64
C UNK D 2970 108.51 -102.08 -1.81
N UNK D 2971 108.39 -102.56 -3.04
CA UNK D 2971 107.58 -103.75 -3.31
C UNK D 2971 108.34 -105.00 -2.90
N UNK D 2972 109.65 -105.00 -3.15
CA UNK D 2972 110.49 -106.13 -2.77
C UNK D 2972 110.74 -106.15 -1.26
N UNK D 2973 110.73 -104.98 -0.65
CA UNK D 2973 110.94 -104.85 0.79
C UNK D 2973 109.73 -105.35 1.56
N UNK D 2974 108.55 -105.04 1.05
CA UNK D 2974 107.30 -105.51 1.64
C UNK D 2974 107.02 -106.94 1.21
N UNK D 2975 105.92 -107.12 0.47
CA UNK D 2975 105.50 -108.43 -0.04
C UNK D 2975 105.37 -109.47 1.06
N UNK D 2976 104.33 -109.33 1.88
CA UNK D 2976 104.04 -110.23 3.00
C UNK D 2976 105.22 -110.35 3.96
N UNK D 2995 103.61 -97.66 3.39
CA UNK D 2995 102.79 -96.90 4.33
C UNK D 2995 103.31 -95.47 4.45
N UNK D 2996 104.62 -95.33 4.59
CA UNK D 2996 105.24 -94.01 4.69
C UNK D 2996 105.70 -93.54 3.32
N UNK D 2997 106.43 -94.40 2.63
CA UNK D 2997 106.88 -94.08 1.27
C UNK D 2997 105.74 -94.25 0.29
N UNK D 2998 104.73 -95.04 0.68
CA UNK D 2998 103.58 -95.30 -0.19
C UNK D 2998 102.66 -94.09 -0.29
N UNK D 2999 102.55 -93.31 0.78
CA UNK D 2999 101.73 -92.10 0.76
C UNK D 2999 102.34 -91.06 -0.18
N UNK D 3000 103.66 -90.89 -0.07
CA UNK D 3000 104.39 -90.00 -0.94
C UNK D 3000 104.34 -90.53 -2.38
N UNK D 3001 104.34 -91.84 -2.53
CA UNK D 3001 104.22 -92.47 -3.84
C UNK D 3001 102.86 -92.18 -4.48
N UNK D 3002 101.81 -92.20 -3.66
CA UNK D 3002 100.46 -91.90 -4.14
C UNK D 3002 100.33 -90.42 -4.52
N UNK D 3003 100.94 -89.56 -3.71
CA UNK D 3003 100.97 -88.13 -4.02
C UNK D 3003 101.71 -87.86 -5.33
N UNK D 3004 102.84 -88.52 -5.49
CA UNK D 3004 103.64 -88.43 -6.71
C UNK D 3004 102.90 -89.03 -7.90
N UNK D 3005 102.06 -90.04 -7.65
CA UNK D 3005 101.25 -90.65 -8.69
C UNK D 3005 100.18 -89.67 -9.17
N UNK D 3006 99.57 -88.96 -8.22
CA UNK D 3006 98.60 -87.92 -8.54
C UNK D 3006 99.25 -86.80 -9.35
N UNK D 3007 100.44 -86.40 -8.92
CA UNK D 3007 101.21 -85.38 -9.63
C UNK D 3007 101.62 -85.83 -11.03
N UNK D 3008 101.99 -87.09 -11.17
CA UNK D 3008 102.41 -87.65 -12.44
C UNK D 3008 101.22 -87.78 -13.38
N UNK D 3009 100.04 -88.04 -12.81
CA UNK D 3009 98.82 -88.07 -13.59
C UNK D 3009 98.52 -86.68 -14.13
N UNK D 3010 98.58 -85.68 -13.24
CA UNK D 3010 98.36 -84.28 -13.61
C UNK D 3010 99.41 -83.76 -14.59
N UNK D 3011 100.58 -84.41 -14.61
CA UNK D 3011 101.65 -84.05 -15.53
C UNK D 3011 101.47 -84.69 -16.90
N UNK D 3012 101.44 -86.02 -16.94
CA UNK D 3012 101.36 -86.77 -18.19
C UNK D 3012 100.02 -86.61 -18.89
N UNK D 3013 98.98 -86.26 -18.13
CA UNK D 3013 97.66 -86.07 -18.72
C UNK D 3013 97.52 -84.68 -19.33
N UNK D 3014 98.41 -83.77 -18.93
CA UNK D 3014 98.31 -82.38 -19.36
C UNK D 3014 99.60 -81.87 -20.01
N UNK D 3015 100.40 -82.78 -20.57
CA UNK D 3015 101.61 -82.39 -21.29
C UNK D 3015 101.60 -82.91 -22.71
N UNK D 3016 101.74 -84.24 -22.85
CA UNK D 3016 101.74 -84.93 -24.15
C UNK D 3016 102.82 -84.43 -25.12
N UNK D 3017 102.69 -83.18 -25.56
CA UNK D 3017 103.64 -82.59 -26.49
C UNK D 3017 105.00 -82.34 -25.85
N UNK D 3018 105.04 -82.32 -24.52
CA UNK D 3018 106.28 -82.10 -23.78
C UNK D 3018 107.26 -83.26 -23.97
N UNK D 3019 106.71 -84.44 -24.22
CA UNK D 3019 107.54 -85.62 -24.49
C UNK D 3019 107.60 -85.89 -25.98
N UNK D 3020 107.05 -84.96 -26.77
CA UNK D 3020 107.02 -85.10 -28.22
C UNK D 3020 107.83 -84.00 -28.90
N UNK D 3021 107.62 -82.76 -28.45
CA UNK D 3021 108.36 -81.62 -29.00
C UNK D 3021 109.81 -81.64 -28.50
N UNK D 3022 109.97 -81.62 -27.19
CA UNK D 3022 111.30 -81.69 -26.59
C UNK D 3022 111.79 -83.13 -26.60
N UNK D 3023 112.48 -83.50 -27.67
CA UNK D 3023 112.99 -84.86 -27.83
C UNK D 3023 114.25 -85.08 -27.01
N UNK D 3024 114.27 -86.18 -26.26
CA UNK D 3024 115.43 -86.53 -25.44
C UNK D 3024 115.42 -88.02 -25.15
N UNK D 3025 116.61 -88.62 -25.10
CA UNK D 3025 116.75 -90.04 -24.79
C UNK D 3025 116.38 -90.31 -23.34
N UNK D 3026 116.60 -89.31 -22.49
CA UNK D 3026 116.30 -89.42 -21.07
C UNK D 3026 114.81 -89.60 -20.82
N UNK D 3027 113.98 -88.83 -21.53
CA UNK D 3027 112.54 -88.89 -21.37
C UNK D 3027 111.98 -90.25 -21.77
N UNK D 3028 112.38 -90.74 -22.93
CA UNK D 3028 111.94 -92.04 -23.43
C UNK D 3028 112.44 -93.17 -22.54
N UNK D 3029 113.68 -93.04 -22.07
CA UNK D 3029 114.28 -94.02 -21.17
C UNK D 3029 113.49 -94.08 -19.86
N UNK D 3030 113.12 -92.92 -19.34
CA UNK D 3030 112.34 -92.85 -18.12
C UNK D 3030 110.94 -93.41 -18.31
N UNK D 3031 110.34 -93.15 -19.47
CA UNK D 3031 109.02 -93.70 -19.79
C UNK D 3031 109.05 -95.23 -19.81
N UNK D 3032 110.06 -95.77 -20.49
CA UNK D 3032 110.26 -97.21 -20.57
C UNK D 3032 110.54 -97.83 -19.20
N UNK D 3033 111.36 -97.16 -18.39
CA UNK D 3033 111.69 -97.63 -17.05
C UNK D 3033 110.48 -97.61 -16.14
N UNK D 3034 109.65 -96.57 -16.26
CA UNK D 3034 108.43 -96.45 -15.47
C UNK D 3034 107.46 -97.55 -15.87
N UNK D 3035 107.34 -97.81 -17.16
CA UNK D 3035 106.49 -98.89 -17.66
C UNK D 3035 106.97 -100.25 -17.12
N UNK D 3036 108.27 -100.46 -17.14
CA UNK D 3036 108.87 -101.72 -16.69
C UNK D 3036 108.71 -101.94 -15.18
N UNK D 3037 108.83 -100.86 -14.40
CA UNK D 3037 108.75 -100.97 -12.95
C UNK D 3037 107.31 -100.87 -12.45
N UNK D 3038 106.40 -100.47 -13.33
CA UNK D 3038 104.98 -100.55 -13.04
C UNK D 3038 104.48 -101.93 -13.42
N UNK D 3039 105.18 -102.53 -14.38
CA UNK D 3039 104.94 -103.93 -14.73
C UNK D 3039 105.46 -104.80 -13.58
N UNK D 3040 106.46 -104.30 -12.89
CA UNK D 3040 106.92 -104.91 -11.65
C UNK D 3040 105.88 -104.65 -10.57
N UNK D 3041 105.93 -105.46 -9.50
CA UNK D 3041 104.93 -105.44 -8.43
C UNK D 3041 103.52 -105.64 -8.99
N UNK D 3042 103.41 -106.52 -9.98
CA UNK D 3042 102.14 -106.81 -10.63
C UNK D 3042 101.26 -107.67 -9.72
N UNK D 3043 100.63 -107.02 -8.74
CA UNK D 3043 99.77 -107.72 -7.80
C UNK D 3043 98.74 -106.76 -7.21
N UNK D 3044 97.70 -107.32 -6.61
CA UNK D 3044 96.64 -106.51 -6.00
C UNK D 3044 96.82 -106.47 -4.49
N UNK D 3045 97.75 -105.64 -4.03
CA UNK D 3045 98.03 -105.51 -2.60
C UNK D 3045 97.61 -104.13 -2.09
N UNK D 3046 96.82 -103.43 -2.89
CA UNK D 3046 96.35 -102.10 -2.53
C UNK D 3046 94.94 -101.84 -3.06
N UNK D 3047 94.60 -100.57 -3.20
CA UNK D 3047 93.29 -100.19 -3.74
C UNK D 3047 93.45 -99.03 -4.72
N UNK D 3048 94.60 -98.99 -5.39
CA UNK D 3048 94.89 -97.92 -6.34
C UNK D 3048 94.74 -98.42 -7.79
N UNK D 3049 93.50 -98.50 -8.25
CA UNK D 3049 93.23 -98.89 -9.63
C UNK D 3049 93.36 -97.69 -10.56
N UNK D 3050 93.49 -96.51 -9.95
CA UNK D 3050 93.69 -95.28 -10.71
C UNK D 3050 95.15 -95.16 -11.13
N UNK D 3051 96.02 -95.87 -10.44
CA UNK D 3051 97.43 -95.95 -10.80
C UNK D 3051 97.56 -96.68 -12.13
N UNK D 3052 96.69 -97.65 -12.35
CA UNK D 3052 96.62 -98.35 -13.62
C UNK D 3052 96.20 -97.39 -14.73
N UNK D 3053 95.28 -96.49 -14.42
CA UNK D 3053 94.85 -95.46 -15.36
C UNK D 3053 95.98 -94.50 -15.68
N UNK D 3054 96.77 -94.16 -14.67
CA UNK D 3054 97.94 -93.31 -14.85
C UNK D 3054 98.99 -93.99 -15.73
N UNK D 3055 99.17 -95.29 -15.53
CA UNK D 3055 100.08 -96.08 -16.35
C UNK D 3055 99.60 -96.15 -17.80
N UNK D 3056 98.29 -96.27 -17.97
CA UNK D 3056 97.68 -96.27 -19.30
C UNK D 3056 97.88 -94.93 -20.00
N UNK D 3057 97.73 -93.85 -19.23
CA UNK D 3057 97.96 -92.50 -19.75
C UNK D 3057 99.43 -92.30 -20.14
N UNK D 3058 100.32 -92.88 -19.35
CA UNK D 3058 101.75 -92.81 -19.65
C UNK D 3058 102.11 -93.63 -20.90
N UNK D 3059 101.41 -94.73 -21.08
CA UNK D 3059 101.59 -95.57 -22.27
C UNK D 3059 101.06 -94.85 -23.50
N UNK D 3060 100.01 -94.06 -23.30
CA UNK D 3060 99.46 -93.22 -24.35
C UNK D 3060 100.39 -92.05 -24.63
N UNK D 3061 101.20 -91.70 -23.63
CA UNK D 3061 102.20 -90.64 -23.76
C UNK D 3061 103.47 -91.19 -24.41
N UNK D 3062 103.52 -92.50 -24.59
CA UNK D 3062 104.65 -93.14 -25.26
C UNK D 3062 104.44 -93.13 -26.77
N UNK D 3063 103.25 -92.70 -27.18
CA UNK D 3063 102.91 -92.62 -28.60
C UNK D 3063 102.97 -91.17 -29.09
N UNK D 3134 108.42 -95.05 -29.75
CA UNK D 3134 108.65 -94.36 -31.01
C UNK D 3134 110.09 -94.57 -31.49
N UNK D 3135 111.01 -93.85 -30.88
CA UNK D 3135 112.43 -93.95 -31.23
C UNK D 3135 113.02 -95.25 -30.71
N UNK D 3136 113.82 -95.91 -31.54
CA UNK D 3136 114.43 -97.19 -31.16
C UNK D 3136 115.86 -96.99 -30.66
N UNK D 3137 116.10 -97.37 -29.42
CA UNK D 3137 117.43 -97.27 -28.82
C UNK D 3137 117.87 -98.61 -28.25
N UNK D 3138 117.02 -99.63 -28.44
CA UNK D 3138 117.25 -100.99 -27.99
C UNK D 3138 117.54 -101.07 -26.49
N UNK D 3139 118.52 -101.91 -26.13
CA UNK D 3139 118.98 -102.09 -24.76
C UNK D 3139 117.88 -102.50 -23.78
N UNK D 3140 117.94 -101.94 -22.58
CA UNK D 3140 117.05 -102.31 -21.47
C UNK D 3140 115.59 -102.01 -21.79
N UNK D 3141 115.33 -100.91 -22.48
CA UNK D 3141 113.97 -100.52 -22.84
C UNK D 3141 113.28 -101.57 -23.72
N UNK D 3142 113.92 -101.88 -24.85
CA UNK D 3142 113.39 -102.87 -25.78
C UNK D 3142 113.36 -104.26 -25.15
N UNK D 3143 114.36 -104.56 -24.32
CA UNK D 3143 114.42 -105.84 -23.62
C UNK D 3143 113.22 -106.02 -22.70
N UNK D 3144 112.94 -105.00 -21.89
CA UNK D 3144 111.81 -105.02 -20.96
C UNK D 3144 110.50 -105.06 -21.71
N UNK D 3145 110.41 -104.34 -22.83
CA UNK D 3145 109.20 -104.32 -23.65
C UNK D 3145 108.89 -105.72 -24.20
N UNK D 3146 109.90 -106.34 -24.81
CA UNK D 3146 109.76 -107.67 -25.39
C UNK D 3146 109.45 -108.71 -24.31
N UNK D 3147 110.13 -108.61 -23.17
CA UNK D 3147 109.92 -109.53 -22.06
C UNK D 3147 108.51 -109.41 -21.51
N UNK D 3148 108.03 -108.19 -21.33
CA UNK D 3148 106.69 -107.93 -20.82
C UNK D 3148 105.64 -108.46 -21.79
N UNK D 3149 105.83 -108.20 -23.09
CA UNK D 3149 104.90 -108.68 -24.10
C UNK D 3149 104.82 -110.20 -24.12
N UNK D 3150 105.99 -110.85 -24.17
CA UNK D 3150 106.06 -112.31 -24.19
C UNK D 3150 105.46 -112.94 -22.94
N UNK D 3151 105.80 -112.39 -21.77
CA UNK D 3151 105.32 -112.91 -20.50
C UNK D 3151 103.82 -112.73 -20.36
N UNK D 3152 103.29 -111.57 -20.76
CA UNK D 3152 101.86 -111.30 -20.69
C UNK D 3152 101.10 -112.23 -21.63
N UNK D 3153 101.62 -112.42 -22.83
CA UNK D 3153 100.98 -113.30 -23.81
C UNK D 3153 100.98 -114.75 -23.33
N UNK D 3154 102.11 -115.20 -22.78
CA UNK D 3154 102.23 -116.56 -22.27
C UNK D 3154 101.31 -116.78 -21.07
N UNK D 3155 101.20 -115.78 -20.20
CA UNK D 3155 100.34 -115.86 -19.03
C UNK D 3155 98.87 -115.89 -19.45
N UNK D 3156 98.53 -115.11 -20.48
CA UNK D 3156 97.17 -115.09 -21.01
C UNK D 3156 96.81 -116.46 -21.60
N UNK D 3157 97.76 -117.03 -22.35
CA UNK D 3157 97.57 -118.36 -22.94
C UNK D 3157 97.38 -119.43 -21.85
N UNK D 3158 98.21 -119.35 -20.81
CA UNK D 3158 98.13 -120.30 -19.70
C UNK D 3158 96.83 -120.16 -18.93
N UNK D 3159 96.36 -118.93 -18.75
CA UNK D 3159 95.11 -118.68 -18.05
C UNK D 3159 93.92 -119.14 -18.88
N UNK D 3160 94.02 -119.01 -20.20
CA UNK D 3160 92.97 -119.47 -21.09
C UNK D 3160 92.92 -121.00 -21.11
N UNK D 3161 94.09 -121.62 -21.02
CA UNK D 3161 94.17 -123.07 -20.99
C UNK D 3161 93.69 -123.62 -19.65
N UNK D 3162 93.88 -122.83 -18.60
CA UNK D 3162 93.45 -123.23 -17.25
C UNK D 3162 91.93 -123.16 -17.13
N UNK D 3163 91.31 -122.24 -17.85
CA UNK D 3163 89.87 -122.07 -17.82
C UNK D 3163 89.19 -123.10 -18.73
N UNK D 3170 102.90 -111.05 -11.14
CA UNK D 3170 101.83 -111.53 -12.01
C UNK D 3170 100.51 -111.61 -11.25
N UNK D 3171 100.50 -112.41 -10.18
CA UNK D 3171 99.32 -112.59 -9.32
C UNK D 3171 98.09 -113.04 -10.10
N UNK D 3172 97.15 -112.12 -10.28
CA UNK D 3172 95.92 -112.43 -11.00
C UNK D 3172 95.47 -111.25 -11.86
N UNK D 3173 96.29 -110.88 -12.82
CA UNK D 3173 95.98 -109.78 -13.74
C UNK D 3173 95.17 -110.30 -14.93
N UNK D 3174 93.97 -109.77 -15.11
CA UNK D 3174 93.09 -110.21 -16.19
C UNK D 3174 92.43 -109.02 -16.89
N UNK D 3175 91.60 -108.30 -16.14
CA UNK D 3175 90.90 -107.13 -16.67
C UNK D 3175 91.88 -105.98 -16.88
N UNK D 3176 92.76 -105.77 -15.92
CA UNK D 3176 93.78 -104.73 -16.01
C UNK D 3176 94.75 -105.04 -17.15
N UNK D 3177 95.05 -106.31 -17.32
CA UNK D 3177 95.91 -106.77 -18.41
C UNK D 3177 95.27 -106.48 -19.77
N UNK D 3178 93.98 -106.76 -19.89
CA UNK D 3178 93.23 -106.52 -21.11
C UNK D 3178 93.15 -105.03 -21.42
N UNK D 3179 92.94 -104.23 -20.37
CA UNK D 3179 92.88 -102.78 -20.51
C UNK D 3179 94.21 -102.22 -20.99
N UNK D 3180 95.30 -102.68 -20.38
CA UNK D 3180 96.65 -102.27 -20.76
C UNK D 3180 96.96 -102.69 -22.19
N UNK D 3181 96.52 -103.89 -22.57
CA UNK D 3181 96.72 -104.40 -23.92
C UNK D 3181 95.99 -103.54 -24.95
N UNK D 3182 94.73 -103.19 -24.66
CA UNK D 3182 93.94 -102.35 -25.53
C UNK D 3182 94.56 -100.97 -25.68
N UNK D 3183 95.02 -100.40 -24.55
CA UNK D 3183 95.67 -99.10 -24.56
C UNK D 3183 96.95 -99.11 -25.37
N UNK D 3184 97.76 -100.16 -25.19
CA UNK D 3184 99.02 -100.30 -25.92
C UNK D 3184 98.77 -100.48 -27.42
N UNK D 3185 97.74 -101.25 -27.76
CA UNK D 3185 97.39 -101.47 -29.16
C UNK D 3185 96.92 -100.16 -29.81
N UNK D 3186 96.12 -99.39 -29.08
CA UNK D 3186 95.65 -98.09 -29.57
C UNK D 3186 96.81 -97.13 -29.77
N UNK D 3187 97.75 -97.13 -28.81
CA UNK D 3187 98.92 -96.26 -28.88
C UNK D 3187 99.84 -96.65 -30.03
N UNK D 3188 99.93 -97.95 -30.30
CA UNK D 3188 100.78 -98.44 -31.38
C UNK D 3188 100.15 -98.17 -32.75
N UNK D 3189 98.83 -98.27 -32.82
CA UNK D 3189 98.11 -98.01 -34.07
C UNK D 3189 98.02 -96.51 -34.36
N UNK D 3190 98.10 -95.70 -33.31
CA UNK D 3190 98.01 -94.25 -33.45
C UNK D 3190 99.29 -93.68 -34.08
N UNK D 3191 100.41 -94.37 -33.89
CA UNK D 3191 101.68 -93.91 -34.41
C UNK D 3191 101.85 -94.33 -35.88
N UNK D 3192 103.03 -94.04 -36.42
CA UNK D 3192 103.34 -94.38 -37.81
C UNK D 3192 104.80 -94.77 -37.97
N UNK D 3193 105.25 -95.69 -37.13
CA UNK D 3193 106.64 -96.17 -37.18
C UNK D 3193 106.75 -97.59 -36.65
N UNK D 3194 107.93 -98.18 -36.80
CA UNK D 3194 108.16 -99.54 -36.34
C UNK D 3194 108.29 -99.57 -34.81
N UNK D 3195 107.69 -100.60 -34.20
CA UNK D 3195 107.71 -100.74 -32.74
C UNK D 3195 108.91 -101.55 -32.29
N UNK D 3196 108.66 -102.81 -31.91
CA UNK D 3196 109.72 -103.68 -31.41
C UNK D 3196 110.14 -104.70 -32.47
N UNK D 3197 109.17 -105.16 -33.26
CA UNK D 3197 109.37 -106.14 -34.32
C UNK D 3197 110.02 -107.43 -33.81
N UNK D 3198 109.47 -107.98 -32.73
CA UNK D 3198 109.96 -109.23 -32.16
C UNK D 3198 109.42 -110.42 -32.95
N UNK D 3199 108.41 -110.15 -33.78
CA UNK D 3199 107.86 -111.10 -34.75
C UNK D 3199 107.32 -112.39 -34.14
N UNK D 3200 108.22 -113.27 -33.72
CA UNK D 3200 107.86 -114.63 -33.30
C UNK D 3200 106.93 -114.68 -32.10
N UNK D 3201 107.40 -114.15 -30.96
CA UNK D 3201 106.69 -114.24 -29.69
C UNK D 3201 105.27 -113.66 -29.74
N UNK D 3202 105.18 -112.37 -30.07
CA UNK D 3202 103.91 -111.65 -30.08
C UNK D 3202 102.89 -112.29 -31.00
N UNK D 3203 103.22 -112.41 -32.28
CA UNK D 3203 102.31 -112.96 -33.29
C UNK D 3203 101.94 -114.41 -32.99
N UNK D 3204 102.92 -115.23 -32.62
CA UNK D 3204 102.69 -116.65 -32.35
C UNK D 3204 101.74 -116.85 -31.17
N UNK D 3205 102.05 -116.20 -30.04
CA UNK D 3205 101.23 -116.35 -28.85
C UNK D 3205 99.84 -115.72 -29.04
N UNK D 3206 99.77 -114.63 -29.80
CA UNK D 3206 98.49 -114.00 -30.08
C UNK D 3206 97.63 -114.89 -30.96
N UNK D 3207 98.25 -115.56 -31.93
CA UNK D 3207 97.54 -116.48 -32.79
C UNK D 3207 97.02 -117.67 -31.99
N UNK D 3208 97.86 -118.16 -31.07
CA UNK D 3208 97.47 -119.27 -30.19
C UNK D 3208 96.27 -118.88 -29.32
N UNK D 3209 96.34 -117.69 -28.72
CA UNK D 3209 95.27 -117.18 -27.87
C UNK D 3209 93.98 -116.95 -28.66
N UNK D 3210 94.11 -116.44 -29.88
CA UNK D 3210 92.96 -116.20 -30.74
C UNK D 3210 92.31 -117.51 -31.16
N UNK D 3211 93.13 -118.53 -31.42
CA UNK D 3211 92.62 -119.85 -31.75
C UNK D 3211 91.87 -120.44 -30.57
N UNK D 3212 92.45 -120.31 -29.37
CA UNK D 3212 91.82 -120.80 -28.15
C UNK D 3212 90.50 -120.07 -27.85
N UNK D 3213 90.44 -118.79 -28.20
CA UNK D 3213 89.23 -118.00 -27.99
C UNK D 3213 88.15 -118.31 -29.02
N UNK D 3214 88.57 -118.57 -30.25
CA UNK D 3214 87.64 -118.89 -31.34
C UNK D 3214 87.12 -120.31 -31.21
N UNK D 3215 87.88 -121.14 -30.49
CA UNK D 3215 87.44 -122.51 -30.22
C UNK D 3215 86.27 -122.49 -29.24
N UNK D 3216 86.58 -122.61 -27.95
CA UNK D 3216 85.57 -122.58 -26.89
C UNK D 3216 86.22 -122.25 -25.55
N UNK D 3217 86.07 -121.00 -25.12
CA UNK D 3217 86.66 -120.56 -23.86
C UNK D 3217 85.60 -120.29 -22.80
N UNK D 3218 85.34 -119.01 -22.53
CA UNK D 3218 84.35 -118.63 -21.51
C UNK D 3218 83.47 -117.50 -22.02
N UNK D 3219 82.68 -116.92 -21.11
CA UNK D 3219 81.77 -115.83 -21.47
C UNK D 3219 82.42 -114.48 -21.26
N UNK D 3220 83.51 -114.24 -21.99
CA UNK D 3220 84.23 -112.97 -21.90
C UNK D 3220 84.94 -112.67 -23.21
N UNK D 3221 84.15 -112.57 -24.28
CA UNK D 3221 84.69 -112.37 -25.61
C UNK D 3221 84.83 -110.89 -25.96
N UNK D 3222 84.31 -110.01 -25.10
CA UNK D 3222 84.31 -108.58 -25.36
C UNK D 3222 85.72 -107.98 -25.40
N UNK D 3223 86.37 -107.98 -24.23
CA UNK D 3223 87.71 -107.41 -24.10
C UNK D 3223 88.72 -108.17 -24.96
N UNK D 3224 88.54 -109.48 -25.05
CA UNK D 3224 89.41 -110.33 -25.86
C UNK D 3224 89.31 -109.97 -27.34
N UNK D 3225 88.09 -109.81 -27.84
CA UNK D 3225 87.85 -109.43 -29.22
C UNK D 3225 88.38 -108.03 -29.51
N UNK D 3226 88.20 -107.14 -28.53
CA UNK D 3226 88.70 -105.77 -28.66
C UNK D 3226 90.22 -105.74 -28.74
N UNK D 3227 90.89 -106.55 -27.92
CA UNK D 3227 92.34 -106.61 -27.91
C UNK D 3227 92.88 -107.33 -29.14
N UNK D 3228 92.07 -108.22 -29.71
CA UNK D 3228 92.47 -108.95 -30.92
C UNK D 3228 92.32 -108.08 -32.17
N UNK D 3229 91.30 -107.23 -32.17
CA UNK D 3229 91.02 -106.38 -33.33
C UNK D 3229 91.73 -105.03 -33.26
N UNK D 3230 92.20 -104.66 -32.07
CA UNK D 3230 92.88 -103.38 -31.90
C UNK D 3230 94.31 -103.45 -32.40
N UNK D 3231 94.85 -104.67 -32.48
CA UNK D 3231 96.20 -104.88 -32.98
C UNK D 3231 96.16 -105.30 -34.46
N UNK D 3232 95.50 -104.51 -35.28
CA UNK D 3232 95.40 -104.78 -36.70
C UNK D 3232 95.80 -103.56 -37.50
N UNK D 3233 97.09 -103.28 -37.55
CA UNK D 3233 97.63 -102.14 -38.28
C UNK D 3233 99.09 -102.40 -38.65
N UNK D 3234 99.38 -103.66 -39.00
CA UNK D 3234 100.73 -104.12 -39.32
C UNK D 3234 101.71 -103.83 -38.19
N UNK D 3235 101.75 -104.73 -37.20
CA UNK D 3235 102.60 -104.55 -36.04
C UNK D 3235 104.09 -104.60 -36.41
N UNK D 3236 104.67 -103.41 -36.60
CA UNK D 3236 106.08 -103.23 -36.95
C UNK D 3236 106.46 -104.00 -38.21
N UNK D 3261 112.34 -115.73 -42.56
CA UNK D 3261 111.61 -114.78 -41.73
C UNK D 3261 111.14 -113.60 -42.56
N UNK D 3262 111.81 -113.35 -43.68
CA UNK D 3262 111.46 -112.24 -44.55
C UNK D 3262 110.69 -112.73 -45.79
N UNK D 3263 109.37 -112.76 -45.68
CA UNK D 3263 108.51 -113.19 -46.77
C UNK D 3263 107.14 -112.54 -46.67
N UNK D 3264 106.89 -111.56 -47.53
CA UNK D 3264 105.61 -110.84 -47.51
C UNK D 3264 104.80 -111.16 -48.77
N UNK D 3265 105.12 -112.27 -49.41
CA UNK D 3265 104.43 -112.68 -50.63
C UNK D 3265 103.49 -113.84 -50.39
N UNK D 3266 104.05 -115.01 -50.11
CA UNK D 3266 103.26 -116.23 -49.96
C UNK D 3266 102.49 -116.26 -48.64
N UNK D 3267 103.11 -115.74 -47.58
CA UNK D 3267 102.52 -115.76 -46.25
C UNK D 3267 101.23 -114.93 -46.18
N UNK D 3268 101.33 -113.68 -46.63
CA UNK D 3268 100.19 -112.77 -46.63
C UNK D 3268 99.08 -113.29 -47.54
N UNK D 3269 99.47 -113.85 -48.68
CA UNK D 3269 98.51 -114.42 -49.63
C UNK D 3269 97.75 -115.59 -49.02
N UNK D 3270 98.48 -116.51 -48.38
CA UNK D 3270 97.88 -117.67 -47.74
C UNK D 3270 96.96 -117.26 -46.60
N UNK D 3271 97.41 -116.30 -45.79
CA UNK D 3271 96.63 -115.80 -44.66
C UNK D 3271 95.33 -115.15 -45.14
N UNK D 3272 95.43 -114.30 -46.17
CA UNK D 3272 94.29 -113.62 -46.73
C UNK D 3272 93.30 -114.61 -47.35
N UNK D 3273 93.81 -115.60 -48.07
CA UNK D 3273 92.97 -116.62 -48.70
C UNK D 3273 92.22 -117.42 -47.65
N UNK D 3274 92.93 -117.89 -46.63
CA UNK D 3274 92.34 -118.67 -45.55
C UNK D 3274 91.28 -117.86 -44.81
N UNK D 3275 91.62 -116.62 -44.45
CA UNK D 3275 90.71 -115.74 -43.72
C UNK D 3275 89.45 -115.43 -44.53
N UNK D 3276 89.62 -115.11 -45.81
CA UNK D 3276 88.49 -114.78 -46.67
C UNK D 3276 87.59 -115.99 -46.87
N UNK D 3277 88.18 -117.15 -47.10
CA UNK D 3277 87.42 -118.39 -47.28
C UNK D 3277 86.63 -118.72 -46.03
N UNK D 3278 87.27 -118.66 -44.86
CA UNK D 3278 86.60 -118.96 -43.61
C UNK D 3278 85.48 -117.96 -43.31
N UNK D 3279 85.74 -116.67 -43.55
CA UNK D 3279 84.76 -115.63 -43.30
C UNK D 3279 83.54 -115.79 -44.21
N UNK D 3280 83.78 -116.09 -45.49
CA UNK D 3280 82.69 -116.28 -46.44
C UNK D 3280 81.88 -117.54 -46.11
N UNK D 3281 82.58 -118.61 -45.72
CA UNK D 3281 81.92 -119.86 -45.40
C UNK D 3281 81.12 -119.76 -44.11
N UNK D 3282 81.53 -118.87 -43.21
CA UNK D 3282 80.84 -118.68 -41.95
C UNK D 3282 79.68 -117.69 -42.09
N UNK D 3283 79.81 -116.72 -42.98
CA UNK D 3283 78.79 -115.69 -43.14
C UNK D 3283 77.79 -116.03 -44.25
N UNK D 3284 78.05 -117.10 -44.99
CA UNK D 3284 77.15 -117.53 -46.05
C UNK D 3284 75.86 -118.10 -45.48
N UNK D 3285 75.99 -119.03 -44.54
CA UNK D 3285 74.83 -119.65 -43.91
C UNK D 3285 74.55 -119.00 -42.56
N UNK D 3286 73.34 -118.47 -42.42
CA UNK D 3286 72.92 -117.83 -41.18
C UNK D 3286 71.40 -117.82 -41.07
N UNK D 3287 70.89 -117.81 -39.84
CA UNK D 3287 69.44 -117.80 -39.61
C UNK D 3287 69.10 -117.11 -38.30
N UNK D 3288 69.64 -117.65 -37.21
CA UNK D 3288 69.39 -117.09 -35.88
C UNK D 3288 70.57 -117.35 -34.95
N UNK D 3289 71.78 -117.20 -35.48
CA UNK D 3289 72.99 -117.42 -34.70
C UNK D 3289 73.23 -116.26 -33.73
N UNK D 3290 72.65 -116.36 -32.54
CA UNK D 3290 72.80 -115.31 -31.53
C UNK D 3290 73.70 -115.76 -30.40
N UNK D 3291 73.94 -117.07 -30.32
CA UNK D 3291 74.79 -117.64 -29.28
C UNK D 3291 76.21 -117.89 -29.81
N UNK D 3292 76.57 -117.18 -30.87
CA UNK D 3292 77.89 -117.33 -31.47
C UNK D 3292 78.74 -116.08 -31.26
N UNK D 3293 79.39 -116.01 -30.10
CA UNK D 3293 80.29 -114.90 -29.78
C UNK D 3293 81.56 -115.01 -30.61
N UNK D 3294 81.90 -116.24 -30.99
CA UNK D 3294 83.05 -116.51 -31.85
C UNK D 3294 82.82 -115.86 -33.21
N UNK D 3295 81.58 -115.90 -33.68
CA UNK D 3295 81.22 -115.27 -34.95
C UNK D 3295 81.39 -113.76 -34.87
N UNK D 3296 81.00 -113.16 -33.75
CA UNK D 3296 81.13 -111.72 -33.55
C UNK D 3296 82.60 -111.30 -33.50
N UNK D 3297 83.41 -112.09 -32.78
CA UNK D 3297 84.84 -111.86 -32.68
C UNK D 3297 85.50 -111.97 -34.06
N UNK D 3298 85.10 -112.99 -34.81
CA UNK D 3298 85.62 -113.20 -36.15
C UNK D 3298 85.23 -112.06 -37.09
N UNK D 3299 83.99 -111.56 -36.95
CA UNK D 3299 83.51 -110.45 -37.76
C UNK D 3299 84.32 -109.18 -37.47
N UNK D 3300 84.55 -108.92 -36.19
CA UNK D 3300 85.34 -107.75 -35.76
C UNK D 3300 86.77 -107.84 -36.30
N UNK D 3301 87.39 -109.01 -36.12
CA UNK D 3301 88.75 -109.24 -36.57
C UNK D 3301 88.87 -109.15 -38.09
N UNK D 3302 87.86 -109.65 -38.81
CA UNK D 3302 87.85 -109.61 -40.26
C UNK D 3302 87.70 -108.19 -40.77
N UNK D 3303 86.82 -107.42 -40.12
CA UNK D 3303 86.63 -106.01 -40.46
C UNK D 3303 87.94 -105.25 -40.26
N UNK D 3304 88.60 -105.51 -39.13
CA UNK D 3304 89.88 -104.88 -38.83
C UNK D 3304 90.96 -105.24 -39.85
N UNK D 3305 91.07 -106.53 -40.18
CA UNK D 3305 92.09 -107.00 -41.11
C UNK D 3305 91.81 -106.56 -42.55
N UNK D 3306 90.54 -106.31 -42.87
CA UNK D 3306 90.18 -105.84 -44.19
C UNK D 3306 90.39 -104.34 -44.31
N UNK D 3307 90.20 -103.62 -43.20
CA UNK D 3307 90.42 -102.19 -43.19
C UNK D 3307 91.91 -101.86 -43.12
N UNK D 3308 92.69 -102.78 -42.57
CA UNK D 3308 94.13 -102.61 -42.49
C UNK D 3308 94.85 -103.16 -43.72
N UNK D 3309 94.38 -102.77 -44.89
CA UNK D 3309 94.98 -103.21 -46.15
C UNK D 3309 94.67 -102.21 -47.25
N UNK D 3310 94.03 -101.11 -46.85
CA UNK D 3310 93.64 -100.02 -47.74
C UNK D 3310 92.77 -100.50 -48.90
N UNK D 3311 93.03 -99.98 -50.10
CA UNK D 3311 92.26 -100.36 -51.28
C UNK D 3311 93.17 -100.60 -52.48
N UNK D 3312 93.20 -99.63 -53.40
CA UNK D 3312 93.99 -99.69 -54.63
C UNK D 3312 93.67 -100.95 -55.45
N UNK D 3313 94.60 -101.90 -55.44
CA UNK D 3313 94.42 -103.16 -56.17
C UNK D 3313 94.23 -104.32 -55.20
N UNK D 3314 93.29 -105.20 -55.53
CA UNK D 3314 92.91 -106.38 -54.74
C UNK D 3314 92.31 -106.04 -53.37
N UNK D 3315 91.46 -106.94 -52.87
CA UNK D 3315 90.73 -106.78 -51.61
C UNK D 3315 89.91 -105.49 -51.57
N UNK D 3316 89.44 -105.07 -52.74
CA UNK D 3316 88.61 -103.88 -52.84
C UNK D 3316 87.16 -104.27 -53.08
N UNK D 3317 86.97 -105.25 -53.97
CA UNK D 3317 85.65 -105.83 -54.20
C UNK D 3317 85.34 -106.78 -53.05
N UNK D 3318 86.40 -107.33 -52.46
CA UNK D 3318 86.28 -108.21 -51.30
C UNK D 3318 85.76 -107.42 -50.10
N UNK D 3319 86.19 -106.16 -50.00
CA UNK D 3319 85.72 -105.27 -48.93
C UNK D 3319 84.23 -105.01 -49.08
N UNK D 3320 83.79 -104.78 -50.33
CA UNK D 3320 82.38 -104.57 -50.62
C UNK D 3320 81.56 -105.82 -50.31
N UNK D 3321 82.13 -106.99 -50.64
CA UNK D 3321 81.49 -108.26 -50.36
C UNK D 3321 81.34 -108.48 -48.86
N UNK D 3322 82.38 -108.14 -48.10
CA UNK D 3322 82.35 -108.25 -46.64
C UNK D 3322 81.33 -107.30 -46.04
N UNK D 3323 81.23 -106.10 -46.59
CA UNK D 3323 80.25 -105.11 -46.15
C UNK D 3323 78.83 -105.60 -46.41
N UNK D 3324 78.62 -106.20 -47.58
CA UNK D 3324 77.32 -106.77 -47.94
C UNK D 3324 76.97 -107.93 -47.03
N UNK D 3325 77.96 -108.75 -46.70
CA UNK D 3325 77.78 -109.89 -45.80
C UNK D 3325 77.39 -109.40 -44.40
N UNK D 3326 78.05 -108.34 -43.94
CA UNK D 3326 77.75 -107.76 -42.64
C UNK D 3326 76.35 -107.16 -42.62
N UNK D 3327 75.97 -106.53 -43.73
CA UNK D 3327 74.63 -105.94 -43.85
C UNK D 3327 73.55 -107.02 -43.88
N UNK D 3328 73.88 -108.17 -44.46
CA UNK D 3328 72.95 -109.30 -44.51
C UNK D 3328 72.83 -109.97 -43.15
N UNK D 3329 73.94 -110.06 -42.43
CA UNK D 3329 73.97 -110.68 -41.12
C UNK D 3329 73.39 -109.76 -40.05
N UNK D 3330 73.34 -108.47 -40.35
CA UNK D 3330 72.77 -107.50 -39.43
C UNK D 3330 71.30 -107.24 -39.75
N UNK D 3331 70.72 -108.10 -40.57
CA UNK D 3331 69.32 -107.99 -40.94
C UNK D 3331 68.46 -108.92 -40.07
N UNK D 3332 69.07 -109.47 -39.03
CA UNK D 3332 68.37 -110.35 -38.10
C UNK D 3332 67.54 -109.53 -37.11
N UNK D 3333 66.56 -110.18 -36.49
CA UNK D 3333 65.70 -109.51 -35.52
C UNK D 3333 66.30 -109.61 -34.12
N UNK D 3334 67.15 -110.62 -33.93
CA UNK D 3334 67.83 -110.89 -32.65
C UNK D 3334 66.85 -111.05 -31.49
N UNK D 3335 65.78 -111.82 -31.74
CA UNK D 3335 64.73 -112.11 -30.75
C UNK D 3335 64.10 -110.84 -30.19
N UNK D 3336 64.17 -110.70 -28.87
CA UNK D 3336 63.59 -109.54 -28.20
C UNK D 3336 64.42 -109.14 -26.99
N UNK D 3337 64.74 -110.12 -26.13
CA UNK D 3337 65.51 -109.87 -24.93
C UNK D 3337 66.98 -110.25 -25.13
N UNK D 3338 67.37 -110.46 -26.38
CA UNK D 3338 68.74 -110.82 -26.71
C UNK D 3338 69.47 -109.64 -27.32
N UNK D 3339 69.51 -108.52 -26.60
CA UNK D 3339 70.18 -107.32 -27.08
C UNK D 3339 70.96 -106.64 -25.96
N UNK D 3340 72.27 -106.82 -25.97
CA UNK D 3340 73.14 -106.22 -24.96
C UNK D 3340 74.53 -105.97 -25.51
N UNK D 3341 75.36 -107.00 -25.53
CA UNK D 3341 76.72 -106.90 -26.03
C UNK D 3341 76.82 -107.43 -27.46
N UNK D 3342 75.69 -107.82 -28.02
CA UNK D 3342 75.65 -108.35 -29.37
C UNK D 3342 74.94 -107.40 -30.33
N UNK D 3343 75.25 -106.11 -30.22
CA UNK D 3343 74.64 -105.09 -31.06
C UNK D 3343 75.52 -103.86 -31.22
N UNK D 3344 75.84 -103.22 -30.10
CA UNK D 3344 76.61 -101.98 -30.11
C UNK D 3344 78.07 -102.21 -30.49
N UNK D 3345 78.62 -103.33 -30.04
CA UNK D 3345 80.03 -103.66 -30.27
C UNK D 3345 80.34 -103.86 -31.75
N UNK D 3346 79.44 -104.50 -32.47
CA UNK D 3346 79.64 -104.77 -33.89
C UNK D 3346 79.32 -103.53 -34.73
N UNK D 3347 78.44 -102.69 -34.22
CA UNK D 3347 78.04 -101.47 -34.93
C UNK D 3347 79.06 -100.36 -34.74
N UNK D 3348 79.87 -100.47 -33.69
CA UNK D 3348 80.93 -99.51 -33.43
C UNK D 3348 82.04 -99.62 -34.47
N UNK D 3349 82.17 -100.79 -35.08
CA UNK D 3349 83.19 -101.02 -36.10
C UNK D 3349 82.77 -100.42 -37.43
N UNK D 3350 82.78 -99.10 -37.53
CA UNK D 3350 82.38 -98.41 -38.74
C UNK D 3350 83.54 -97.60 -39.33
N UNK D 3351 84.73 -98.19 -39.30
CA UNK D 3351 85.91 -97.55 -39.87
C UNK D 3351 85.84 -97.61 -41.39
N UNK D 3352 85.15 -98.63 -41.91
CA UNK D 3352 84.94 -98.79 -43.34
C UNK D 3352 83.48 -99.10 -43.63
N UNK D 3353 82.59 -98.32 -43.05
CA UNK D 3353 81.15 -98.50 -43.24
C UNK D 3353 80.73 -98.03 -44.63
N UNK D 3354 81.46 -97.06 -45.17
CA UNK D 3354 81.18 -96.53 -46.49
C UNK D 3354 82.06 -97.23 -47.53
N UNK D 3355 82.51 -96.47 -48.52
CA UNK D 3355 83.36 -96.96 -49.62
C UNK D 3355 82.73 -98.14 -50.36
N UNK D 3356 81.46 -98.01 -50.71
CA UNK D 3356 80.75 -99.08 -51.40
C UNK D 3356 80.67 -98.80 -52.90
N UNK D 3357 79.64 -99.30 -53.55
CA UNK D 3357 79.45 -99.13 -54.99
C UNK D 3357 78.06 -98.62 -55.32
N UNK D 3358 77.56 -98.98 -56.50
CA UNK D 3358 76.25 -98.55 -56.95
C UNK D 3358 75.21 -99.64 -56.74
N UNK D 3359 75.57 -100.87 -57.09
CA UNK D 3359 74.66 -102.02 -56.90
C UNK D 3359 74.54 -102.35 -55.42
N UNK D 3360 75.66 -102.19 -54.71
CA UNK D 3360 75.69 -102.39 -53.27
C UNK D 3360 74.81 -101.34 -52.59
N UNK D 3361 74.83 -100.13 -53.15
CA UNK D 3361 73.98 -99.04 -52.67
C UNK D 3361 72.50 -99.40 -52.87
N UNK D 3362 72.19 -100.02 -54.01
CA UNK D 3362 70.82 -100.44 -54.29
C UNK D 3362 70.37 -101.53 -53.33
N UNK D 3363 71.27 -102.48 -53.06
CA UNK D 3363 70.98 -103.56 -52.11
C UNK D 3363 70.75 -103.00 -50.71
N UNK D 3364 71.59 -102.06 -50.31
CA UNK D 3364 71.47 -101.40 -49.00
C UNK D 3364 70.17 -100.61 -48.91
N UNK D 3365 69.78 -99.96 -50.00
CA UNK D 3365 68.54 -99.20 -50.05
C UNK D 3365 67.34 -100.13 -49.91
N UNK D 3366 67.39 -101.27 -50.60
CA UNK D 3366 66.31 -102.27 -50.51
C UNK D 3366 66.19 -102.83 -49.10
N UNK D 3367 67.34 -103.15 -48.50
CA UNK D 3367 67.38 -103.68 -47.13
C UNK D 3367 66.84 -102.65 -46.13
N UNK D 3368 67.24 -101.39 -46.31
CA UNK D 3368 66.80 -100.30 -45.45
C UNK D 3368 65.29 -100.08 -45.59
N UNK D 3369 64.79 -100.17 -46.82
CA UNK D 3369 63.37 -100.01 -47.09
C UNK D 3369 62.57 -101.12 -46.41
N UNK D 3370 63.04 -102.35 -46.53
CA UNK D 3370 62.40 -103.50 -45.89
C UNK D 3370 62.39 -103.36 -44.37
N UNK D 3371 63.54 -102.98 -43.81
CA UNK D 3371 63.68 -102.80 -42.37
C UNK D 3371 62.78 -101.69 -41.85
N UNK D 3372 62.74 -100.57 -42.57
CA UNK D 3372 61.92 -99.43 -42.18
C UNK D 3372 60.44 -99.77 -42.28
N UNK D 3373 60.05 -100.52 -43.30
CA UNK D 3373 58.67 -100.95 -43.46
C UNK D 3373 58.25 -101.87 -42.32
N UNK D 3374 59.11 -102.83 -42.00
CA UNK D 3374 58.85 -103.76 -40.89
C UNK D 3374 58.74 -103.02 -39.56
N UNK D 3375 59.67 -102.10 -39.31
CA UNK D 3375 59.68 -101.32 -38.08
C UNK D 3375 58.45 -100.45 -37.95
N UNK D 3376 58.07 -99.78 -39.04
CA UNK D 3376 56.89 -98.92 -39.06
C UNK D 3376 55.63 -99.73 -38.83
N UNK D 3377 55.52 -100.88 -39.48
CA UNK D 3377 54.35 -101.75 -39.32
C UNK D 3377 54.24 -102.24 -37.87
N UNK D 3378 55.35 -102.73 -37.32
CA UNK D 3378 55.37 -103.23 -35.95
C UNK D 3378 55.03 -102.14 -34.95
N UNK D 3379 55.61 -100.95 -35.13
CA UNK D 3379 55.38 -99.82 -34.24
C UNK D 3379 53.93 -99.35 -34.30
N UNK D 3380 53.38 -99.24 -35.51
CA UNK D 3380 52.00 -98.82 -35.68
C UNK D 3380 51.03 -99.82 -35.07
N UNK D 3381 51.30 -101.11 -35.27
CA UNK D 3381 50.48 -102.17 -34.71
C UNK D 3381 50.50 -102.14 -33.19
N UNK D 3382 51.71 -102.04 -32.61
CA UNK D 3382 51.87 -101.99 -31.17
C UNK D 3382 51.20 -100.76 -30.56
N UNK D 3383 51.34 -99.62 -31.21
CA UNK D 3383 50.73 -98.38 -30.75
C UNK D 3383 49.20 -98.48 -30.77
N UNK D 3384 48.65 -98.86 -31.92
CA UNK D 3384 47.20 -98.97 -32.08
C UNK D 3384 46.60 -100.10 -31.24
N UNK D 3385 47.43 -101.04 -30.81
CA UNK D 3385 46.95 -102.11 -29.95
C UNK D 3385 46.96 -101.73 -28.47
N UNK D 3386 48.06 -101.14 -28.02
CA UNK D 3386 48.23 -100.85 -26.60
C UNK D 3386 47.75 -99.44 -26.21
N UNK D 3387 48.30 -98.41 -26.85
CA UNK D 3387 48.07 -97.05 -26.43
C UNK D 3387 46.76 -96.46 -26.95
N UNK D 3388 46.35 -96.88 -28.15
CA UNK D 3388 45.15 -96.34 -28.78
C UNK D 3388 43.91 -97.18 -28.47
N UNK D 3389 43.88 -97.77 -27.28
CA UNK D 3389 42.74 -98.57 -26.85
C UNK D 3389 42.03 -97.92 -25.66
N UNK D 3390 42.81 -97.19 -24.85
CA UNK D 3390 42.32 -96.49 -23.67
C UNK D 3390 41.59 -97.42 -22.69
N UNK D 3391 40.27 -97.28 -22.66
CA UNK D 3391 39.38 -98.08 -21.80
C UNK D 3391 39.77 -98.00 -20.32
N UNK D 3392 39.89 -99.16 -19.68
CA UNK D 3392 40.28 -99.22 -18.28
C UNK D 3392 41.36 -100.27 -18.08
N UNK D 3393 42.53 -100.03 -18.66
CA UNK D 3393 43.63 -100.97 -18.57
C UNK D 3393 44.98 -100.25 -18.70
N UNK D 3394 46.06 -101.00 -18.66
CA UNK D 3394 47.40 -100.44 -18.79
C UNK D 3394 47.71 -100.11 -20.25
N UNK D 3395 48.86 -99.47 -20.47
CA UNK D 3395 49.24 -99.06 -21.82
C UNK D 3395 50.76 -99.07 -22.01
N UNK D 3396 51.50 -99.23 -20.92
CA UNK D 3396 52.96 -99.20 -20.99
C UNK D 3396 53.61 -100.02 -19.88
N UNK D 3397 53.43 -99.59 -18.64
CA UNK D 3397 54.11 -100.19 -17.49
C UNK D 3397 53.71 -101.65 -17.28
N UNK D 3398 52.47 -101.99 -17.60
CA UNK D 3398 51.99 -103.36 -17.49
C UNK D 3398 51.46 -103.84 -18.83
N UNK D 3399 51.95 -103.23 -19.91
CA UNK D 3399 51.51 -103.60 -21.26
C UNK D 3399 52.68 -103.63 -22.24
N UNK D 3400 52.74 -102.63 -23.11
CA UNK D 3400 53.77 -102.61 -24.15
C UNK D 3400 54.65 -101.36 -24.06
N UNK D 3401 55.74 -101.47 -23.31
CA UNK D 3401 56.72 -100.39 -23.22
C UNK D 3401 58.11 -100.93 -23.49
N UNK D 3402 58.21 -102.26 -23.58
CA UNK D 3402 59.48 -102.91 -23.89
C UNK D 3402 59.64 -103.05 -25.40
N UNK D 3403 58.51 -103.18 -26.10
CA UNK D 3403 58.50 -103.26 -27.55
C UNK D 3403 59.00 -101.95 -28.15
N UNK D 3404 58.52 -100.84 -27.60
CA UNK D 3404 58.93 -99.51 -28.02
C UNK D 3404 60.42 -99.31 -27.75
N UNK D 3405 60.91 -99.82 -26.62
CA UNK D 3405 62.32 -99.70 -26.28
C UNK D 3405 63.21 -100.52 -27.22
N UNK D 3406 62.77 -101.73 -27.55
CA UNK D 3406 63.51 -102.59 -28.47
C UNK D 3406 63.54 -101.99 -29.86
N UNK D 3407 62.39 -101.46 -30.29
CA UNK D 3407 62.28 -100.79 -31.57
C UNK D 3407 63.15 -99.55 -31.60
N UNK D 3408 63.22 -98.82 -30.49
CA UNK D 3408 64.04 -97.63 -30.38
C UNK D 3408 65.52 -97.96 -30.45
N UNK D 3409 65.94 -99.04 -29.79
CA UNK D 3409 67.34 -99.46 -29.81
C UNK D 3409 67.75 -99.91 -31.21
N UNK D 3410 66.93 -100.77 -31.82
CA UNK D 3410 67.19 -101.26 -33.17
C UNK D 3410 67.17 -100.12 -34.17
N UNK D 3411 66.25 -99.18 -33.99
CA UNK D 3411 66.13 -98.03 -34.87
C UNK D 3411 67.30 -97.09 -34.68
N UNK D 3412 67.82 -96.95 -33.47
CA UNK D 3412 68.97 -96.11 -33.21
C UNK D 3412 70.21 -96.70 -33.90
N UNK D 3413 70.38 -98.01 -33.76
CA UNK D 3413 71.50 -98.70 -34.42
C UNK D 3413 71.42 -98.58 -35.95
N UNK D 3414 70.30 -99.02 -36.50
CA UNK D 3414 70.08 -98.98 -37.94
C UNK D 3414 70.05 -97.55 -38.48
N UNK D 3415 69.69 -96.59 -37.64
CA UNK D 3415 69.61 -95.20 -38.04
C UNK D 3415 70.98 -94.57 -38.04
N UNK D 3416 71.85 -94.95 -37.10
CA UNK D 3416 73.24 -94.53 -37.13
C UNK D 3416 73.87 -95.06 -38.43
N UNK D 3417 73.62 -96.34 -38.69
CA UNK D 3417 74.10 -96.99 -39.92
C UNK D 3417 73.62 -96.29 -41.19
N UNK D 3418 72.31 -96.05 -41.28
CA UNK D 3418 71.69 -95.47 -42.45
C UNK D 3418 72.02 -93.99 -42.59
N UNK D 3419 72.25 -93.30 -41.47
CA UNK D 3419 72.64 -91.90 -41.51
C UNK D 3419 74.05 -91.80 -42.05
N UNK D 3420 74.92 -92.72 -41.63
CA UNK D 3420 76.27 -92.79 -42.19
C UNK D 3420 76.21 -93.07 -43.70
N UNK D 3421 75.41 -94.06 -44.07
CA UNK D 3421 75.24 -94.45 -45.47
C UNK D 3421 74.69 -93.31 -46.33
N UNK D 3422 73.70 -92.58 -45.81
CA UNK D 3422 73.07 -91.50 -46.54
C UNK D 3422 73.96 -90.27 -46.60
N UNK D 3423 74.75 -90.04 -45.56
CA UNK D 3423 75.70 -88.92 -45.54
C UNK D 3423 76.87 -89.24 -46.47
N UNK D 3424 77.05 -90.52 -46.77
CA UNK D 3424 78.00 -90.92 -47.79
C UNK D 3424 77.41 -90.76 -49.20
N UNK D 3425 76.14 -91.13 -49.36
CA UNK D 3425 75.54 -91.26 -50.69
C UNK D 3425 74.74 -90.06 -51.21
N UNK D 3426 74.46 -89.06 -50.36
CA UNK D 3426 73.58 -87.96 -50.74
C UNK D 3426 74.15 -87.08 -51.85
N UNK D 3427 75.47 -86.97 -51.92
CA UNK D 3427 76.12 -86.16 -52.95
C UNK D 3427 75.90 -86.75 -54.34
N UNK D 3428 75.78 -88.08 -54.41
CA UNK D 3428 75.55 -88.77 -55.66
C UNK D 3428 74.05 -88.92 -55.96
N UNK D 3429 73.26 -89.00 -54.88
CA UNK D 3429 71.80 -89.09 -55.03
C UNK D 3429 71.18 -87.70 -54.96
N UNK D 3430 72.00 -86.67 -55.16
CA UNK D 3430 71.58 -85.29 -55.02
C UNK D 3430 71.60 -84.50 -56.33
N UNK D 3431 72.79 -84.35 -56.90
CA UNK D 3431 72.98 -83.48 -58.06
C UNK D 3431 72.81 -84.22 -59.39
N UNK D 3432 73.14 -85.52 -59.40
CA UNK D 3432 73.08 -86.31 -60.62
C UNK D 3432 71.63 -86.47 -61.12
N UNK D 3433 70.80 -87.10 -60.29
CA UNK D 3433 69.40 -87.32 -60.64
C UNK D 3433 68.56 -87.56 -59.40
N UNK D 3434 67.26 -87.74 -59.60
CA UNK D 3434 66.35 -88.06 -58.50
C UNK D 3434 66.16 -89.57 -58.40
N UNK D 3435 66.92 -90.21 -57.52
CA UNK D 3435 66.90 -91.66 -57.39
C UNK D 3435 65.68 -92.15 -56.62
N UNK D 3436 65.71 -93.42 -56.22
CA UNK D 3436 64.61 -94.02 -55.48
C UNK D 3436 64.78 -93.84 -53.98
N UNK D 3437 65.87 -93.18 -53.59
CA UNK D 3437 66.22 -92.97 -52.19
C UNK D 3437 65.13 -92.20 -51.44
N UNK D 3438 64.41 -91.35 -52.18
CA UNK D 3438 63.29 -90.58 -51.64
C UNK D 3438 62.24 -91.49 -51.03
N UNK D 3439 62.09 -92.70 -51.60
CA UNK D 3439 61.19 -93.72 -51.06
C UNK D 3439 61.56 -94.00 -49.61
N UNK D 3440 62.85 -94.22 -49.36
CA UNK D 3440 63.37 -94.39 -48.01
C UNK D 3440 63.06 -93.17 -47.16
N UNK D 3441 63.19 -92.00 -47.78
CA UNK D 3441 62.86 -90.73 -47.14
C UNK D 3441 61.39 -90.74 -46.72
N UNK D 3442 60.54 -91.28 -47.58
CA UNK D 3442 59.13 -91.46 -47.30
C UNK D 3442 58.96 -92.29 -46.03
N UNK D 3443 59.73 -93.38 -45.95
CA UNK D 3443 59.74 -94.24 -44.77
C UNK D 3443 60.15 -93.43 -43.55
N UNK D 3444 61.14 -92.56 -43.74
CA UNK D 3444 61.62 -91.69 -42.67
C UNK D 3444 60.49 -90.79 -42.18
N UNK D 3445 59.63 -90.37 -43.11
CA UNK D 3445 58.46 -89.57 -42.78
C UNK D 3445 57.59 -90.36 -41.82
N UNK D 3446 57.37 -91.64 -42.15
CA UNK D 3446 56.62 -92.54 -41.27
C UNK D 3446 57.37 -92.68 -39.95
N UNK D 3447 58.70 -92.72 -40.03
CA UNK D 3447 59.54 -92.79 -38.85
C UNK D 3447 59.36 -91.54 -38.01
N UNK D 3448 59.13 -90.41 -38.68
CA UNK D 3448 58.85 -89.15 -38.01
C UNK D 3448 57.57 -89.29 -37.19
N UNK D 3449 56.61 -90.02 -37.74
CA UNK D 3449 55.33 -90.26 -37.07
C UNK D 3449 55.50 -91.18 -35.87
N UNK D 3450 56.66 -91.82 -35.75
CA UNK D 3450 56.98 -92.61 -34.57
C UNK D 3450 58.23 -92.05 -33.90
N UNK D 3451 58.53 -90.80 -34.20
CA UNK D 3451 59.67 -90.13 -33.59
C UNK D 3451 59.22 -89.18 -32.48
N UNK D 3452 58.07 -88.54 -32.69
CA UNK D 3452 57.54 -87.60 -31.70
C UNK D 3452 56.02 -87.49 -31.78
N UNK D 3453 55.47 -87.85 -32.92
CA UNK D 3453 54.02 -87.75 -33.15
C UNK D 3453 53.26 -88.78 -32.31
N UNK D 3454 53.94 -89.88 -31.99
CA UNK D 3454 53.35 -90.93 -31.16
C UNK D 3454 53.09 -90.42 -29.75
N UNK D 3455 51.90 -90.68 -29.24
CA UNK D 3455 51.50 -90.18 -27.92
C UNK D 3455 52.24 -90.90 -26.79
N UNK D 3456 53.01 -90.11 -26.03
CA UNK D 3456 53.76 -90.58 -24.85
C UNK D 3456 54.73 -91.73 -25.15
N UNK D 3457 55.19 -91.81 -26.40
CA UNK D 3457 56.18 -92.81 -26.77
C UNK D 3457 57.55 -92.14 -26.85
N UNK D 3458 57.54 -90.82 -27.04
CA UNK D 3458 58.76 -90.03 -27.02
C UNK D 3458 59.36 -90.04 -25.63
N UNK D 3459 58.49 -90.05 -24.62
CA UNK D 3459 58.91 -90.15 -23.22
C UNK D 3459 59.58 -91.51 -22.97
N UNK D 3460 58.99 -92.56 -23.54
CA UNK D 3460 59.55 -93.90 -23.42
C UNK D 3460 60.91 -93.99 -24.11
N UNK D 3461 61.03 -93.34 -25.27
CA UNK D 3461 62.28 -93.30 -26.01
C UNK D 3461 63.36 -92.55 -25.22
N UNK D 3462 62.97 -91.45 -24.60
CA UNK D 3462 63.86 -90.66 -23.76
C UNK D 3462 64.33 -91.47 -22.55
N UNK D 3463 63.40 -92.20 -21.95
CA UNK D 3463 63.72 -93.06 -20.80
C UNK D 3463 64.69 -94.17 -21.20
N UNK D 3464 64.48 -94.75 -22.39
CA UNK D 3464 65.35 -95.80 -22.90
C UNK D 3464 66.74 -95.25 -23.21
N UNK D 3465 66.79 -94.02 -23.70
CA UNK D 3465 68.06 -93.37 -24.00
C UNK D 3465 68.82 -93.03 -22.72
N UNK D 3466 68.08 -92.63 -21.69
CA UNK D 3466 68.67 -92.31 -20.39
C UNK D 3466 69.15 -93.58 -19.70
N UNK D 3467 68.47 -94.70 -19.97
CA UNK D 3467 68.87 -95.99 -19.43
C UNK D 3467 70.11 -96.50 -20.15
N UNK D 3468 70.31 -96.04 -21.38
CA UNK D 3468 71.47 -96.43 -22.17
C UNK D 3468 72.65 -95.50 -21.93
N UNK D 3511 69.05 -83.50 -24.39
CA UNK D 3511 69.82 -84.04 -25.50
C UNK D 3511 68.90 -84.52 -26.62
N UNK D 3512 68.95 -83.84 -27.75
CA UNK D 3512 68.12 -84.18 -28.89
C UNK D 3512 68.96 -84.48 -30.13
N UNK D 3513 69.70 -85.60 -30.07
CA UNK D 3513 70.51 -86.03 -31.20
C UNK D 3513 70.20 -87.49 -31.51
N UNK D 3514 69.12 -87.72 -32.25
CA UNK D 3514 68.67 -89.07 -32.55
C UNK D 3514 68.08 -89.18 -33.95
N UNK D 3515 66.76 -89.33 -34.03
CA UNK D 3515 66.09 -89.47 -35.31
C UNK D 3515 65.82 -88.10 -35.95
N UNK D 3516 66.13 -87.04 -35.22
CA UNK D 3516 65.89 -85.67 -35.70
C UNK D 3516 66.82 -85.29 -36.85
N UNK D 3517 68.11 -85.56 -36.69
CA UNK D 3517 69.10 -85.23 -37.73
C UNK D 3517 68.88 -86.07 -38.98
N UNK D 3518 68.62 -87.36 -38.79
CA UNK D 3518 68.32 -88.28 -39.88
C UNK D 3518 67.05 -87.85 -40.60
N UNK D 3519 66.05 -87.43 -39.81
CA UNK D 3519 64.79 -86.95 -40.34
C UNK D 3519 65.00 -85.71 -41.19
N UNK D 3520 65.85 -84.80 -40.74
CA UNK D 3520 66.17 -83.59 -41.50
C UNK D 3520 66.89 -83.92 -42.82
N UNK D 3521 67.83 -84.86 -42.73
CA UNK D 3521 68.58 -85.30 -43.92
C UNK D 3521 67.63 -85.87 -44.97
N UNK D 3522 66.76 -86.78 -44.54
CA UNK D 3522 65.78 -87.38 -45.44
C UNK D 3522 64.73 -86.35 -45.93
N UNK D 3523 64.45 -85.36 -45.10
CA UNK D 3523 63.56 -84.26 -45.46
C UNK D 3523 64.15 -83.52 -46.67
N UNK D 3524 65.43 -83.19 -46.57
CA UNK D 3524 66.15 -82.56 -47.69
C UNK D 3524 66.18 -83.44 -48.95
N UNK D 3525 66.41 -84.73 -48.73
CA UNK D 3525 66.53 -85.67 -49.83
C UNK D 3525 65.21 -85.93 -50.56
N UNK D 3526 64.09 -85.58 -49.91
CA UNK D 3526 62.78 -85.62 -50.57
C UNK D 3526 62.16 -84.22 -50.72
N UNK D 3527 62.98 -83.21 -50.48
CA UNK D 3527 62.63 -81.80 -50.67
C UNK D 3527 63.33 -81.15 -51.87
N UNK D 3528 64.42 -81.74 -52.34
CA UNK D 3528 64.99 -81.25 -53.59
C UNK D 3528 64.04 -81.62 -54.74
N UNK D 3529 63.36 -82.74 -54.56
CA UNK D 3529 62.33 -83.17 -55.51
C UNK D 3529 60.96 -83.02 -54.85
N UNK D 3530 60.59 -81.78 -54.53
CA UNK D 3530 59.28 -81.49 -53.98
C UNK D 3530 58.27 -81.38 -55.12
N UNK D 3531 58.04 -80.15 -55.59
CA UNK D 3531 57.15 -79.91 -56.72
C UNK D 3531 57.73 -78.85 -57.63
N UNK D 3532 59.06 -78.70 -57.59
CA UNK D 3532 59.81 -77.75 -58.42
C UNK D 3532 59.29 -76.32 -58.28
N UNK D 3533 59.21 -75.84 -57.04
CA UNK D 3533 58.71 -74.50 -56.71
C UNK D 3533 57.29 -74.27 -57.24
N UNK D 3534 56.91 -73.01 -57.36
CA UNK D 3534 55.62 -72.56 -57.94
C UNK D 3534 54.35 -73.03 -57.21
N UNK D 3535 54.46 -74.05 -56.36
CA UNK D 3535 53.29 -74.56 -55.63
C UNK D 3535 52.94 -73.65 -54.47
N UNK D 3536 53.82 -73.61 -53.46
CA UNK D 3536 53.65 -72.80 -52.25
C UNK D 3536 52.34 -73.09 -51.54
N UNK D 3537 51.92 -74.34 -51.55
CA UNK D 3537 50.68 -74.74 -50.90
C UNK D 3537 50.92 -75.08 -49.44
N UNK D 3538 51.23 -74.05 -48.64
CA UNK D 3538 51.46 -74.24 -47.22
C UNK D 3538 50.16 -74.17 -46.44
N UNK D 3539 49.05 -73.95 -47.16
CA UNK D 3539 47.73 -73.93 -46.54
C UNK D 3539 47.35 -75.33 -46.09
N UNK D 3540 47.78 -76.32 -46.87
CA UNK D 3540 47.55 -77.73 -46.54
C UNK D 3540 48.28 -78.12 -45.26
N UNK D 3541 49.52 -77.66 -45.11
CA UNK D 3541 50.33 -77.96 -43.94
C UNK D 3541 49.74 -77.34 -42.68
N UNK D 3542 49.41 -76.05 -42.76
CA UNK D 3542 48.81 -75.34 -41.64
C UNK D 3542 47.46 -75.94 -41.28
N UNK D 3543 46.70 -76.37 -42.29
CA UNK D 3543 45.42 -77.02 -42.07
C UNK D 3543 45.58 -78.33 -41.32
N UNK D 3544 46.36 -79.24 -41.89
CA UNK D 3544 46.51 -80.58 -41.32
C UNK D 3544 47.41 -80.60 -40.08
N UNK D 3545 47.94 -79.44 -39.69
CA UNK D 3545 48.67 -79.35 -38.43
C UNK D 3545 47.88 -78.65 -37.32
N UNK D 3546 47.05 -77.68 -37.69
CA UNK D 3546 46.31 -76.89 -36.70
C UNK D 3546 44.83 -77.25 -36.62
N UNK D 3547 44.34 -77.99 -37.61
CA UNK D 3547 42.94 -78.40 -37.63
C UNK D 3547 42.77 -79.72 -38.39
N UNK D 3548 42.79 -80.83 -37.64
CA UNK D 3548 42.76 -82.17 -38.20
C UNK D 3548 41.56 -82.42 -39.13
N UNK D 3549 41.85 -82.61 -40.41
CA UNK D 3549 40.81 -82.81 -41.41
C UNK D 3549 41.01 -84.11 -42.18
N UNK D 3550 41.64 -85.09 -41.54
CA UNK D 3550 41.94 -86.43 -42.08
C UNK D 3550 42.89 -86.38 -43.29
N UNK D 3551 44.05 -87.02 -43.13
CA UNK D 3551 45.17 -86.93 -44.08
C UNK D 3551 44.81 -87.20 -45.55
N UNK D 3552 44.16 -88.33 -45.82
CA UNK D 3552 43.73 -88.66 -47.18
C UNK D 3552 42.67 -87.66 -47.65
N UNK D 3553 41.74 -87.33 -46.76
CA UNK D 3553 40.68 -86.39 -47.05
C UNK D 3553 41.25 -84.98 -47.24
N UNK D 3554 42.19 -84.60 -46.39
CA UNK D 3554 42.86 -83.30 -46.50
C UNK D 3554 43.54 -83.20 -47.86
N UNK D 3555 44.31 -84.23 -48.20
CA UNK D 3555 44.97 -84.33 -49.50
C UNK D 3555 43.99 -84.12 -50.65
N UNK D 3556 43.02 -85.03 -50.77
CA UNK D 3556 42.03 -85.00 -51.85
C UNK D 3556 41.28 -83.68 -51.95
N UNK D 3557 40.60 -83.28 -50.87
CA UNK D 3557 39.82 -82.04 -50.86
C UNK D 3557 40.69 -80.81 -51.10
N UNK D 3558 41.66 -80.54 -50.23
CA UNK D 3558 42.45 -79.33 -50.32
C UNK D 3558 43.38 -79.29 -51.54
N UNK D 3559 43.52 -80.39 -52.28
CA UNK D 3559 44.20 -80.33 -53.56
C UNK D 3559 43.19 -80.10 -54.67
N UNK D 3560 41.95 -80.53 -54.43
CA UNK D 3560 40.86 -80.31 -55.38
C UNK D 3560 40.21 -78.95 -55.14
N UNK D 3561 40.33 -78.44 -53.92
CA UNK D 3561 39.72 -77.15 -53.58
C UNK D 3561 40.75 -76.02 -53.62
N UNK D 3562 41.71 -76.11 -54.52
CA UNK D 3562 42.71 -75.07 -54.68
C UNK D 3562 43.26 -75.06 -56.10
N UNK D 3563 43.46 -73.86 -56.64
CA UNK D 3563 43.98 -73.70 -57.99
C UNK D 3563 44.86 -72.45 -58.10
N UNK D 3564 45.89 -72.39 -57.27
CA UNK D 3564 46.80 -71.25 -57.27
C UNK D 3564 48.18 -71.66 -57.75
N UNK D 3565 48.51 -71.27 -58.98
CA UNK D 3565 49.80 -71.60 -59.58
C UNK D 3565 50.17 -70.58 -60.65
N UNK D 3566 50.88 -69.53 -60.26
CA UNK D 3566 51.27 -68.47 -61.19
C UNK D 3566 52.71 -68.03 -60.94
N UNK D 3567 53.18 -67.09 -61.76
CA UNK D 3567 54.52 -66.55 -61.61
C UNK D 3567 54.46 -65.16 -60.97
N UNK D 3568 55.61 -64.66 -60.54
CA UNK D 3568 55.67 -63.35 -59.90
C UNK D 3568 56.98 -62.64 -60.23
N UNK D 3569 57.95 -62.76 -59.32
CA UNK D 3569 59.24 -62.09 -59.49
C UNK D 3569 60.39 -63.09 -59.53
N UNK D 3570 60.52 -63.89 -58.47
CA UNK D 3570 61.61 -64.84 -58.36
C UNK D 3570 61.21 -66.22 -58.87
N UNK D 3571 60.24 -66.25 -59.79
CA UNK D 3571 59.80 -67.50 -60.40
C UNK D 3571 60.83 -67.94 -61.43
N UNK D 3572 61.56 -66.98 -61.97
CA UNK D 3572 62.53 -67.23 -63.04
C UNK D 3572 63.65 -68.18 -62.63
N UNK D 3573 64.41 -67.81 -61.60
CA UNK D 3573 65.57 -68.59 -61.16
C UNK D 3573 65.17 -69.97 -60.67
N UNK D 3574 64.12 -70.04 -59.85
CA UNK D 3574 63.64 -71.30 -59.31
C UNK D 3574 63.12 -72.22 -60.42
N UNK D 3575 62.37 -71.64 -61.37
CA UNK D 3575 61.78 -72.41 -62.46
C UNK D 3575 62.83 -72.84 -63.48
N UNK D 3576 63.95 -72.13 -63.54
CA UNK D 3576 65.02 -72.48 -64.48
C UNK D 3576 66.12 -73.28 -63.80
N UNK D 3577 66.03 -73.45 -62.49
CA UNK D 3577 66.97 -74.30 -61.77
C UNK D 3577 66.33 -75.62 -61.35
N UNK D 3578 65.00 -75.66 -61.36
CA UNK D 3578 64.27 -76.87 -60.96
C UNK D 3578 63.80 -77.67 -62.16
N UNK D 3579 63.13 -76.99 -63.11
CA UNK D 3579 62.57 -77.66 -64.26
C UNK D 3579 63.45 -77.55 -65.49
N UNK D 3580 64.76 -77.65 -65.29
CA UNK D 3580 65.72 -77.56 -66.39
C UNK D 3580 66.39 -78.89 -66.68
N UNK D 3581 67.72 -78.91 -66.56
CA UNK D 3581 68.50 -80.10 -66.85
C UNK D 3581 68.34 -81.15 -65.77
N UNK D 3582 67.39 -82.06 -65.97
CA UNK D 3582 67.14 -83.15 -65.03
C UNK D 3582 66.43 -84.30 -65.72
N UNK D 3583 65.16 -84.51 -65.37
CA UNK D 3583 64.36 -85.57 -65.98
C UNK D 3583 62.87 -85.25 -65.82
N UNK D 3584 62.58 -84.15 -65.13
CA UNK D 3584 61.20 -83.75 -64.88
C UNK D 3584 60.56 -83.12 -66.11
N UNK D 3585 59.25 -83.28 -66.22
CA UNK D 3585 58.49 -82.71 -67.33
C UNK D 3585 57.10 -82.31 -66.88
N UNK D 3586 56.09 -82.65 -67.69
CA UNK D 3586 54.71 -82.36 -67.34
C UNK D 3586 54.05 -83.59 -66.73
N UNK D 3587 53.77 -83.52 -65.43
CA UNK D 3587 53.15 -84.64 -64.71
C UNK D 3587 51.64 -84.46 -64.63
N UNK D 3588 51.01 -85.18 -63.70
CA UNK D 3588 49.57 -85.11 -63.52
C UNK D 3588 49.24 -84.56 -62.13
N UNK D 3589 48.05 -84.90 -61.63
CA UNK D 3589 47.62 -84.48 -60.31
C UNK D 3589 47.96 -85.55 -59.28
N UNK D 3590 47.20 -85.58 -58.18
CA UNK D 3590 47.30 -86.59 -57.12
C UNK D 3590 48.65 -86.66 -56.39
N UNK D 3591 49.76 -86.58 -57.12
CA UNK D 3591 51.08 -86.64 -56.50
C UNK D 3591 51.40 -85.33 -55.76
N UNK D 3592 50.74 -84.25 -56.18
CA UNK D 3592 50.87 -82.97 -55.51
C UNK D 3592 50.28 -83.06 -54.11
N UNK D 3593 49.28 -83.92 -53.94
CA UNK D 3593 48.71 -84.19 -52.63
C UNK D 3593 49.72 -84.92 -51.75
N UNK D 3594 50.51 -85.81 -52.36
CA UNK D 3594 51.57 -86.50 -51.64
C UNK D 3594 52.67 -85.51 -51.23
N UNK D 3595 52.94 -84.55 -52.12
CA UNK D 3595 53.90 -83.49 -51.82
C UNK D 3595 53.41 -82.63 -50.66
N UNK D 3596 52.11 -82.34 -50.65
CA UNK D 3596 51.48 -81.59 -49.57
C UNK D 3596 51.51 -82.39 -48.27
N UNK D 3597 51.41 -83.71 -48.39
CA UNK D 3597 51.52 -84.59 -47.22
C UNK D 3597 52.93 -84.56 -46.65
N UNK D 3598 53.92 -84.53 -47.53
CA UNK D 3598 55.31 -84.39 -47.13
C UNK D 3598 55.54 -83.04 -46.44
N UNK D 3599 54.88 -82.01 -46.97
CA UNK D 3599 54.93 -80.67 -46.39
C UNK D 3599 54.26 -80.64 -45.02
N UNK D 3600 53.21 -81.42 -44.86
CA UNK D 3600 52.52 -81.55 -43.57
C UNK D 3600 53.39 -82.28 -42.56
N UNK D 3601 54.13 -83.27 -43.04
CA UNK D 3601 55.10 -83.98 -42.20
C UNK D 3601 56.21 -83.02 -41.75
N UNK D 3602 56.64 -82.16 -42.67
CA UNK D 3602 57.64 -81.14 -42.36
C UNK D 3602 57.09 -80.13 -41.34
N UNK D 3603 55.81 -79.81 -41.47
CA UNK D 3603 55.12 -78.91 -40.54
C UNK D 3603 55.03 -79.55 -39.16
N UNK D 3604 54.77 -80.84 -39.12
CA UNK D 3604 54.73 -81.59 -37.86
C UNK D 3604 56.12 -81.62 -37.22
N UNK D 3605 57.14 -81.75 -38.05
CA UNK D 3605 58.53 -81.74 -37.57
C UNK D 3605 58.90 -80.36 -37.02
N UNK D 3606 58.37 -79.32 -37.64
CA UNK D 3606 58.58 -77.95 -37.18
C UNK D 3606 57.83 -77.68 -35.88
N UNK D 3607 56.68 -78.33 -35.73
CA UNK D 3607 55.88 -78.22 -34.53
C UNK D 3607 56.50 -79.02 -33.38
N UNK D 3608 57.26 -80.04 -33.73
CA UNK D 3608 57.94 -80.87 -32.75
C UNK D 3608 59.10 -80.12 -32.11
N UNK D 3609 59.63 -79.14 -32.82
CA UNK D 3609 60.72 -78.33 -32.31
C UNK D 3609 60.23 -76.95 -31.88
N UNK D 3610 59.02 -76.92 -31.33
CA UNK D 3610 58.43 -75.67 -30.86
C UNK D 3610 58.78 -75.43 -29.39
N UNK D 3611 59.29 -76.47 -28.74
CA UNK D 3611 59.68 -76.37 -27.34
C UNK D 3611 60.81 -77.34 -27.03
N UNK D 3612 61.78 -77.44 -27.94
CA UNK D 3612 62.92 -78.33 -27.75
C UNK D 3612 64.13 -77.82 -28.54
N UNK D 3613 63.97 -76.66 -29.16
CA UNK D 3613 65.06 -76.05 -29.93
C UNK D 3613 65.00 -74.53 -29.85
N THR D 3639 59.52 -82.97 16.99
CA THR D 3639 59.76 -83.43 18.36
C THR D 3639 58.62 -84.33 18.84
N PRO D 3640 58.94 -85.59 19.12
CA PRO D 3640 57.92 -86.53 19.59
C PRO D 3640 57.43 -86.18 20.99
N LEU D 3641 56.16 -86.54 21.26
CA LEU D 3641 55.61 -86.33 22.60
C LEU D 3641 56.34 -87.17 23.63
N TYR D 3642 56.76 -88.39 23.27
CA TYR D 3642 57.58 -89.19 24.16
C TYR D 3642 58.95 -88.55 24.33
N ASN D 3643 59.66 -88.94 25.39
CA ASN D 3643 61.03 -88.41 25.67
C ASN D 3643 60.95 -87.09 26.45
N LEU D 3644 59.87 -86.32 26.28
CA LEU D 3644 59.76 -84.99 26.95
C LEU D 3644 59.61 -85.17 28.47
N PRO D 3645 60.12 -84.24 29.31
CA PRO D 3645 59.96 -84.32 30.77
C PRO D 3645 58.48 -84.44 31.13
N THR D 3646 58.14 -84.61 32.41
CA THR D 3646 56.69 -84.84 32.68
C THR D 3646 56.00 -83.54 33.09
N HIS D 3647 56.70 -82.65 33.81
CA HIS D 3647 56.00 -81.46 34.29
C HIS D 3647 55.58 -80.54 33.15
N ARG D 3648 56.42 -80.41 32.12
CA ARG D 3648 56.04 -79.61 30.96
C ARG D 3648 54.85 -80.25 30.23
N ALA D 3649 54.83 -81.58 30.14
CA ALA D 3649 53.68 -82.26 29.56
C ALA D 3649 52.42 -82.04 30.39
N CYS D 3650 52.56 -82.04 31.72
CA CYS D 3650 51.41 -81.76 32.59
C CYS D 3650 50.91 -80.32 32.41
N ASN D 3651 51.83 -79.37 32.27
CA ASN D 3651 51.42 -77.98 32.04
C ASN D 3651 50.70 -77.83 30.70
N MET D 3652 51.24 -78.45 29.65
CA MET D 3652 50.55 -78.42 28.36
C MET D 3652 49.20 -79.11 28.43
N PHE D 3653 49.09 -80.19 29.21
CA PHE D 3653 47.80 -80.84 29.40
C PHE D 3653 46.83 -79.93 30.13
N LEU D 3654 47.31 -79.16 31.12
CA LEU D 3654 46.44 -78.21 31.80
C LEU D 3654 45.93 -77.15 30.84
N GLU D 3655 46.80 -76.64 29.97
CA GLU D 3655 46.36 -75.65 28.99
C GLU D 3655 45.36 -76.24 28.00
N SER D 3656 45.63 -77.45 27.49
CA SER D 3656 44.72 -78.07 26.53
C SER D 3656 43.38 -78.41 27.17
N TYR D 3657 43.40 -78.89 28.42
CA TYR D 3657 42.16 -79.22 29.11
C TYR D 3657 41.40 -77.97 29.53
N LYS D 3658 42.08 -76.85 29.73
CA LYS D 3658 41.41 -75.56 29.90
C LYS D 3658 40.77 -75.11 28.61
N ALA D 3659 41.44 -75.33 27.47
CA ALA D 3659 40.85 -75.02 26.18
C ALA D 3659 39.60 -75.85 25.94
N ALA D 3660 39.66 -77.14 26.27
CA ALA D 3660 38.50 -78.02 26.13
C ALA D 3660 37.48 -77.86 27.26
N TRP D 3661 37.81 -77.14 28.32
CA TRP D 3661 37.00 -77.14 29.55
C TRP D 3661 35.57 -76.65 29.39
N ILE D 3662 35.39 -75.38 29.04
CA ILE D 3662 34.06 -74.78 29.01
C ILE D 3662 33.83 -74.27 27.58
N LEU D 3663 33.18 -75.10 26.77
CA LEU D 3663 32.58 -74.60 25.53
C LEU D 3663 31.22 -73.99 25.81
N THR D 3664 30.42 -74.66 26.63
CA THR D 3664 29.13 -74.16 27.12
C THR D 3664 29.08 -74.40 28.62
N GLU D 3665 28.58 -73.41 29.36
CA GLU D 3665 28.54 -73.50 30.81
C GLU D 3665 27.17 -73.96 31.27
N ASP D 3666 26.97 -74.01 32.58
CA ASP D 3666 25.65 -74.40 33.13
C ASP D 3666 24.66 -73.26 32.87
N HIS D 3667 23.82 -73.38 31.83
CA HIS D 3667 22.90 -72.29 31.46
C HIS D 3667 21.88 -72.06 32.59
N SER D 3668 21.49 -70.79 32.78
CA SER D 3668 20.24 -70.44 33.52
C SER D 3668 20.58 -70.24 34.99
N PHE D 3669 21.77 -70.67 35.41
CA PHE D 3669 22.17 -70.44 36.80
C PHE D 3669 21.99 -68.98 37.19
N GLU D 3670 22.14 -68.07 36.21
CA GLU D 3670 21.86 -66.67 36.46
C GLU D 3670 20.37 -66.45 36.71
N ASP D 3671 19.54 -67.03 35.84
CA ASP D 3671 18.09 -66.94 36.01
C ASP D 3671 17.65 -67.62 37.31
N ARG D 3672 18.28 -68.75 37.66
CA ARG D 3672 17.94 -69.42 38.90
C ARG D 3672 18.26 -68.56 40.11
N MET D 3673 19.43 -67.90 40.10
CA MET D 3673 19.79 -67.01 41.21
C MET D 3673 18.83 -65.84 41.32
N ILE D 3674 18.57 -65.15 40.20
CA ILE D 3674 17.64 -64.03 40.20
C ILE D 3674 16.26 -64.47 40.68
N ASP D 3675 15.81 -65.65 40.25
CA ASP D 3675 14.50 -66.16 40.64
C ASP D 3675 14.43 -66.44 42.13
N ASP D 3676 15.47 -67.07 42.68
CA ASP D 3676 15.49 -67.41 44.10
C ASP D 3676 15.55 -66.16 44.97
N LEU D 3677 16.33 -65.15 44.57
CA LEU D 3677 16.32 -63.90 45.33
C LEU D 3677 15.01 -63.14 45.16
N SER D 3678 14.35 -63.29 44.00
CA SER D 3678 13.17 -62.47 43.73
C SER D 3678 11.93 -62.98 44.44
N LYS D 3679 11.70 -64.29 44.46
CA LYS D 3679 10.38 -64.79 44.88
C LYS D 3679 10.09 -64.60 46.36
N ALA D 3680 10.97 -65.03 47.26
CA ALA D 3680 10.68 -64.82 48.67
C ALA D 3680 11.51 -63.70 49.26
N GLY D 3681 11.28 -62.48 48.77
CA GLY D 3681 11.47 -61.26 49.52
C GLY D 3681 11.29 -61.35 51.02
N GLU D 3682 10.13 -61.84 51.46
CA GLU D 3682 9.72 -61.81 52.86
C GLU D 3682 9.37 -63.21 53.32
N GLN D 3683 10.05 -63.65 54.38
CA GLN D 3683 9.74 -64.97 54.94
C GLN D 3683 8.62 -64.86 55.98
N GLU D 3684 8.79 -65.47 57.14
CA GLU D 3684 7.72 -65.48 58.14
C GLU D 3684 7.56 -64.09 58.73
N GLU D 3685 6.51 -63.40 58.30
CA GLU D 3685 6.30 -62.02 58.73
C GLU D 3685 5.79 -61.94 60.16
N GLU D 3686 4.89 -62.86 60.53
CA GLU D 3686 4.21 -62.88 61.83
C GLU D 3686 3.42 -61.59 62.08
N GLU D 3687 2.87 -60.99 61.01
CA GLU D 3687 2.09 -59.76 61.07
C GLU D 3687 2.89 -58.61 61.72
N GLU D 3688 4.15 -58.47 61.31
CA GLU D 3688 5.04 -57.44 61.81
C GLU D 3688 5.51 -56.60 60.62
N GLU D 3689 4.99 -55.37 60.52
CA GLU D 3689 5.32 -54.46 59.42
C GLU D 3689 5.70 -53.11 60.03
N VAL D 3690 6.99 -52.93 60.32
CA VAL D 3690 7.46 -51.67 60.87
C VAL D 3690 7.34 -50.56 59.82
N GLU D 3691 7.65 -50.88 58.57
CA GLU D 3691 7.55 -49.94 57.46
C GLU D 3691 6.54 -50.45 56.44
N GLU D 3692 6.44 -49.75 55.30
CA GLU D 3692 5.50 -50.16 54.26
C GLU D 3692 5.93 -51.46 53.60
N LYS D 3693 7.24 -51.58 53.31
CA LYS D 3693 7.78 -52.83 52.72
C LYS D 3693 9.30 -52.87 52.88
N LYS D 3694 9.81 -53.78 53.72
CA LYS D 3694 11.29 -53.94 53.88
C LYS D 3694 11.86 -54.43 52.55
N PRO D 3695 13.06 -53.96 52.12
CA PRO D 3695 13.62 -54.33 50.81
C PRO D 3695 14.20 -55.76 50.75
N ASP D 3696 13.90 -56.50 49.67
CA ASP D 3696 14.47 -57.82 49.47
C ASP D 3696 15.97 -57.70 49.20
N PRO D 3697 16.75 -58.79 49.38
CA PRO D 3697 18.20 -58.68 49.19
C PRO D 3697 18.64 -58.25 47.80
N LEU D 3698 17.82 -58.47 46.77
CA LEU D 3698 18.13 -57.92 45.46
C LEU D 3698 18.13 -56.40 45.49
N HIS D 3699 17.09 -55.79 46.07
CA HIS D 3699 17.07 -54.34 46.21
C HIS D 3699 18.17 -53.86 47.16
N GLN D 3700 18.51 -54.67 48.17
CA GLN D 3700 19.61 -54.32 49.06
C GLN D 3700 20.92 -54.23 48.29
N LEU D 3701 21.17 -55.19 47.38
CA LEU D 3701 22.35 -55.14 46.54
C LEU D 3701 22.30 -53.95 45.58
N VAL D 3702 21.09 -53.63 45.08
CA VAL D 3702 20.95 -52.49 44.17
C VAL D 3702 21.32 -51.18 44.88
N LEU D 3703 20.80 -50.97 46.10
CA LEU D 3703 21.16 -49.75 46.83
C LEU D 3703 22.59 -49.78 47.33
N HIS D 3704 23.16 -50.97 47.56
CA HIS D 3704 24.58 -51.05 47.88
C HIS D 3704 25.44 -50.57 46.71
N PHE D 3705 25.09 -51.01 45.49
CA PHE D 3705 25.79 -50.54 44.31
C PHE D 3705 25.58 -49.05 44.09
N SER D 3706 24.36 -48.55 44.36
CA SER D 3706 24.08 -47.13 44.22
C SER D 3706 24.89 -46.30 45.21
N ARG D 3707 25.02 -46.78 46.45
CA ARG D 3707 25.82 -46.08 47.45
C ARG D 3707 27.31 -46.12 47.09
N THR D 3708 27.78 -47.25 46.56
CA THR D 3708 29.16 -47.35 46.12
C THR D 3708 29.45 -46.38 44.98
N ALA D 3709 28.51 -46.27 44.03
CA ALA D 3709 28.70 -45.34 42.91
C ALA D 3709 28.57 -43.89 43.36
N LEU D 3710 27.74 -43.62 44.37
CA LEU D 3710 27.51 -42.24 44.83
C LEU D 3710 28.62 -41.73 45.73
N THR D 3711 29.52 -42.58 46.19
CA THR D 3711 30.63 -42.14 47.04
C THR D 3711 31.59 -41.29 46.21
N GLU D 3712 31.90 -40.09 46.72
CA GLU D 3712 32.75 -39.15 45.99
C GLU D 3712 34.19 -39.58 46.07
N LYS D 3713 34.81 -39.86 44.92
CA LYS D 3713 36.20 -40.24 44.84
C LYS D 3713 36.82 -39.55 43.62
N SER D 3714 38.09 -39.86 43.37
CA SER D 3714 38.80 -39.34 42.21
C SER D 3714 39.04 -40.38 41.13
N LYS D 3715 39.19 -41.65 41.50
CA LYS D 3715 39.38 -42.72 40.54
C LYS D 3715 38.46 -43.89 40.91
N LEU D 3716 37.99 -44.60 39.89
CA LEU D 3716 37.07 -45.71 40.08
C LEU D 3716 37.84 -47.02 40.18
N ASP D 3717 37.53 -47.80 41.21
CA ASP D 3717 38.19 -49.08 41.42
C ASP D 3717 37.67 -50.11 40.42
N GLU D 3718 38.25 -51.32 40.48
CA GLU D 3718 37.86 -52.37 39.55
C GLU D 3718 36.45 -52.87 39.84
N ASP D 3719 36.26 -53.49 41.02
CA ASP D 3719 34.99 -54.06 41.46
C ASP D 3719 34.48 -55.10 40.44
N TYR D 3720 35.29 -56.16 40.30
CA TYR D 3720 34.96 -57.24 39.36
C TYR D 3720 33.68 -57.97 39.76
N LEU D 3721 33.37 -57.99 41.05
CA LEU D 3721 32.13 -58.61 41.50
C LEU D 3721 30.91 -57.85 40.97
N TYR D 3722 31.02 -56.53 40.85
CA TYR D 3722 29.96 -55.74 40.25
C TYR D 3722 29.74 -56.13 38.78
N MET D 3723 30.83 -56.31 38.03
CA MET D 3723 30.67 -56.75 36.64
C MET D 3723 30.09 -58.15 36.58
N ALA D 3724 30.47 -59.02 37.52
CA ALA D 3724 29.90 -60.37 37.55
C ALA D 3724 28.40 -60.33 37.76
N TYR D 3725 27.94 -59.54 38.73
CA TYR D 3725 26.50 -59.40 38.96
C TYR D 3725 25.81 -58.72 37.78
N ALA D 3726 26.49 -57.78 37.12
CA ALA D 3726 25.92 -57.13 35.95
C ALA D 3726 25.71 -58.11 34.81
N ASP D 3727 26.69 -58.99 34.56
CA ASP D 3727 26.51 -60.01 33.53
C ASP D 3727 25.43 -61.02 33.92
N ILE D 3728 25.35 -61.37 35.21
CA ILE D 3728 24.31 -62.30 35.66
C ILE D 3728 22.93 -61.72 35.41
N MET D 3729 22.70 -60.47 35.83
CA MET D 3729 21.40 -59.86 35.65
C MET D 3729 21.10 -59.56 34.18
N ALA D 3730 22.14 -59.23 33.39
CA ALA D 3730 21.93 -59.00 31.97
C ALA D 3730 21.54 -60.28 31.24
N LYS D 3731 22.17 -61.40 31.58
CA LYS D 3731 21.79 -62.68 31.00
C LYS D 3731 20.38 -63.08 31.44
N SER D 3732 20.04 -62.84 32.71
CA SER D 3732 18.70 -63.16 33.20
C SER D 3732 17.64 -62.34 32.48
N CYS D 3733 17.92 -61.06 32.22
CA CYS D 3733 16.95 -60.23 31.52
C CYS D 3733 16.89 -60.53 30.02
N HIS D 3734 18.02 -60.87 29.40
CA HIS D 3734 18.11 -61.02 27.96
C HIS D 3734 18.05 -62.48 27.50
N LEU D 3735 17.73 -63.41 28.39
CA LEU D 3735 17.51 -64.79 27.96
C LEU D 3735 16.38 -64.88 26.95
N GLU D 3736 15.27 -64.18 27.19
CA GLU D 3736 14.16 -64.18 26.24
C GLU D 3736 14.52 -63.44 24.96
N GLU D 3737 15.33 -62.38 25.06
CA GLU D 3737 15.77 -61.66 23.86
C GLU D 3737 16.67 -62.55 22.99
N GLY D 3738 17.55 -63.33 23.61
CA GLY D 3738 18.38 -64.25 22.85
C GLY D 3738 17.60 -65.43 22.32
N GLY D 3739 16.56 -65.85 23.04
CA GLY D 3739 15.70 -66.90 22.53
C GLY D 3739 14.90 -66.48 21.31
N GLU D 3740 14.41 -65.24 21.32
CA GLU D 3740 13.65 -64.71 20.20
C GLU D 3740 14.57 -64.37 19.03
N GLU D 3748 10.88 -71.02 7.92
CA GLU D 3748 9.46 -70.75 7.83
C GLU D 3748 8.97 -69.99 9.06
N VAL D 3749 7.70 -70.18 9.42
CA VAL D 3749 7.10 -69.53 10.58
C VAL D 3749 7.47 -70.36 11.80
N GLU D 3750 8.40 -69.84 12.62
CA GLU D 3750 8.86 -70.56 13.79
C GLU D 3750 7.84 -70.54 14.93
N VAL D 3751 7.25 -69.39 15.20
CA VAL D 3751 6.34 -69.22 16.33
C VAL D 3751 5.01 -68.67 15.82
N SER D 3752 3.95 -68.96 16.58
CA SER D 3752 2.62 -68.45 16.29
C SER D 3752 2.40 -67.12 17.03
N PHE D 3753 1.20 -66.57 16.88
CA PHE D 3753 0.87 -65.32 17.56
C PHE D 3753 0.83 -65.50 19.07
N GLU D 3754 0.21 -66.59 19.54
CA GLU D 3754 0.06 -66.79 20.98
C GLU D 3754 1.40 -67.01 21.66
N GLU D 3755 2.28 -67.81 21.05
CA GLU D 3755 3.59 -68.05 21.65
C GLU D 3755 4.45 -66.78 21.60
N LYS D 3756 4.33 -66.00 20.53
CA LYS D 3756 5.04 -64.72 20.45
C LYS D 3756 4.59 -63.77 21.54
N GLU D 3757 3.28 -63.68 21.78
CA GLU D 3757 2.78 -62.84 22.87
C GLU D 3757 3.21 -63.37 24.23
N MET D 3758 3.24 -64.69 24.39
CA MET D 3758 3.70 -65.27 25.66
C MET D 3758 5.16 -64.97 25.92
N GLU D 3759 6.00 -65.04 24.88
CA GLU D 3759 7.42 -64.68 25.05
C GLU D 3759 7.59 -63.19 25.27
N LYS D 3760 6.72 -62.36 24.69
CA LYS D 3760 6.75 -60.93 24.97
C LYS D 3760 6.40 -60.65 26.43
N GLN D 3761 5.40 -61.37 26.96
CA GLN D 3761 5.07 -61.23 28.38
C GLN D 3761 6.19 -61.78 29.26
N ARG D 3762 6.90 -62.82 28.80
CA ARG D 3762 8.06 -63.31 29.55
C ARG D 3762 9.15 -62.25 29.63
N LEU D 3763 9.44 -61.58 28.51
CA LEU D 3763 10.44 -60.52 28.49
C LEU D 3763 9.99 -59.34 29.35
N LEU D 3764 8.71 -58.99 29.30
CA LEU D 3764 8.19 -57.89 30.10
C LEU D 3764 8.27 -58.20 31.59
N TYR D 3765 7.97 -59.45 31.97
CA TYR D 3765 8.11 -59.84 33.37
C TYR D 3765 9.57 -59.84 33.81
N GLN D 3766 10.47 -60.28 32.94
CA GLN D 3766 11.90 -60.24 33.26
C GLN D 3766 12.39 -58.81 33.45
N GLN D 3767 11.90 -57.88 32.61
CA GLN D 3767 12.27 -56.48 32.76
C GLN D 3767 11.65 -55.85 33.99
N SER D 3768 10.42 -56.26 34.34
CA SER D 3768 9.75 -55.72 35.53
C SER D 3768 10.33 -56.27 36.82
N ARG D 3769 10.96 -57.45 36.77
CA ARG D 3769 11.64 -57.97 37.94
C ARG D 3769 12.84 -57.11 38.32
N LEU D 3770 13.46 -56.46 37.35
CA LEU D 3770 14.68 -55.68 37.58
C LEU D 3770 14.45 -54.18 37.67
N HIS D 3771 13.61 -53.61 36.80
CA HIS D 3771 13.51 -52.15 36.71
C HIS D 3771 12.54 -51.56 37.73
N THR D 3772 11.86 -52.38 38.53
CA THR D 3772 11.01 -51.87 39.60
C THR D 3772 11.83 -51.75 40.90
N ARG D 3773 12.99 -51.13 40.74
CA ARG D 3773 14.03 -50.95 41.76
C ARG D 3773 14.88 -49.78 41.31
N GLY D 3774 16.02 -49.57 41.97
CA GLY D 3774 16.92 -48.50 41.61
C GLY D 3774 17.94 -48.88 40.56
N ALA D 3775 17.54 -49.70 39.58
CA ALA D 3775 18.48 -50.18 38.58
C ALA D 3775 18.88 -49.06 37.62
N ALA D 3776 17.91 -48.29 37.13
CA ALA D 3776 18.22 -47.18 36.22
C ALA D 3776 19.03 -46.11 36.93
N GLU D 3777 18.70 -45.82 38.19
CA GLU D 3777 19.47 -44.87 38.97
C GLU D 3777 20.90 -45.37 39.17
N MET D 3778 21.06 -46.66 39.43
CA MET D 3778 22.41 -47.19 39.66
C MET D 3778 23.24 -47.20 38.38
N VAL D 3779 22.62 -47.45 37.22
CA VAL D 3779 23.41 -47.42 35.99
C VAL D 3779 23.73 -45.98 35.59
N LEU D 3780 22.82 -45.03 35.86
CA LEU D 3780 23.16 -43.63 35.62
C LEU D 3780 24.28 -43.17 36.54
N GLN D 3781 24.26 -43.59 37.80
CA GLN D 3781 25.35 -43.25 38.71
C GLN D 3781 26.67 -43.89 38.28
N MET D 3782 26.62 -45.12 37.76
CA MET D 3782 27.83 -45.78 37.29
C MET D 3782 28.39 -45.07 36.06
N ILE D 3783 27.52 -44.63 35.15
CA ILE D 3783 27.99 -43.88 33.98
C ILE D 3783 28.56 -42.53 34.39
N SER D 3784 27.89 -41.83 35.31
CA SER D 3784 28.36 -40.52 35.74
C SER D 3784 29.61 -40.60 36.60
N ALA D 3785 29.89 -41.77 37.20
CA ALA D 3785 31.08 -41.92 38.02
C ALA D 3785 32.35 -41.80 37.19
N CYS D 3786 32.42 -42.55 36.09
CA CYS D 3786 33.57 -42.47 35.20
C CYS D 3786 33.49 -41.22 34.35
N LYS D 3787 34.59 -40.46 34.28
CA LYS D 3787 34.62 -39.23 33.51
C LYS D 3787 34.85 -39.50 32.03
N GLY D 3788 35.98 -40.13 31.70
CA GLY D 3788 36.30 -40.44 30.33
C GLY D 3788 37.01 -41.77 30.16
N GLU D 3789 37.16 -42.50 31.26
CA GLU D 3789 37.88 -43.78 31.24
C GLU D 3789 37.03 -44.85 30.57
N THR D 3790 37.64 -45.59 29.64
CA THR D 3790 36.98 -46.67 28.93
C THR D 3790 37.50 -48.01 29.44
N GLY D 3791 36.59 -48.90 29.80
CA GLY D 3791 36.97 -50.20 30.31
C GLY D 3791 35.85 -51.21 30.12
N ALA D 3792 36.06 -52.39 30.71
CA ALA D 3792 35.06 -53.44 30.63
C ALA D 3792 33.86 -53.18 31.52
N MET D 3793 34.03 -52.41 32.59
CA MET D 3793 32.93 -52.14 33.52
C MET D 3793 31.88 -51.25 32.86
N VAL D 3794 32.31 -50.18 32.19
CA VAL D 3794 31.37 -49.31 31.51
C VAL D 3794 30.74 -50.04 30.32
N SER D 3795 31.48 -50.95 29.69
CA SER D 3795 30.91 -51.75 28.61
C SER D 3795 29.81 -52.68 29.14
N SER D 3796 30.04 -53.30 30.31
CA SER D 3796 29.01 -54.13 30.92
C SER D 3796 27.81 -53.30 31.34
N THR D 3797 28.04 -52.09 31.85
CA THR D 3797 26.93 -51.20 32.19
C THR D 3797 26.12 -50.82 30.96
N LEU D 3798 26.79 -50.53 29.84
CA LEU D 3798 26.09 -50.21 28.61
C LEU D 3798 25.31 -51.41 28.08
N LYS D 3799 25.89 -52.61 28.19
CA LYS D 3799 25.17 -53.81 27.78
C LYS D 3799 23.93 -54.05 28.64
N LEU D 3800 24.04 -53.82 29.94
CA LEU D 3800 22.87 -53.93 30.82
C LEU D 3800 21.82 -52.90 30.46
N GLY D 3801 22.23 -51.66 30.18
CA GLY D 3801 21.29 -50.64 29.77
C GLY D 3801 20.59 -50.97 28.46
N ILE D 3802 21.33 -51.58 27.53
CA ILE D 3802 20.72 -52.09 26.30
C ILE D 3802 19.70 -53.18 26.62
N SER D 3803 20.04 -54.06 27.56
CA SER D 3803 19.16 -55.17 27.91
C SER D 3803 17.86 -54.68 28.56
N ILE D 3804 17.92 -53.61 29.34
CA ILE D 3804 16.72 -53.14 30.03
C ILE D 3804 15.72 -52.56 29.04
N LEU D 3805 16.17 -51.70 28.13
CA LEU D 3805 15.28 -51.04 27.17
C LEU D 3805 15.40 -51.62 25.77
N ASN D 3806 15.56 -52.94 25.66
CA ASN D 3806 15.63 -53.57 24.34
C ASN D 3806 14.34 -53.39 23.56
N GLY D 3807 13.19 -53.68 24.18
CA GLY D 3807 11.92 -53.52 23.50
C GLY D 3807 11.33 -52.13 23.64
N GLY D 3808 12.14 -51.17 24.09
CA GLY D 3808 11.73 -49.79 24.21
C GLY D 3808 11.58 -49.35 25.66
N ASN D 3809 10.73 -50.06 26.40
CA ASN D 3809 10.55 -49.89 27.85
C ASN D 3809 10.25 -48.43 28.21
N ALA D 3810 9.09 -47.96 27.75
CA ALA D 3810 8.72 -46.55 27.91
C ALA D 3810 8.55 -46.14 29.36
N GLU D 3811 8.20 -47.07 30.25
CA GLU D 3811 8.14 -46.75 31.67
C GLU D 3811 9.52 -46.44 32.23
N VAL D 3812 10.54 -47.19 31.78
CA VAL D 3812 11.91 -46.91 32.19
C VAL D 3812 12.35 -45.58 31.62
N GLN D 3813 11.92 -45.23 30.40
CA GLN D 3813 12.22 -43.92 29.84
C GLN D 3813 11.58 -42.81 30.66
N GLN D 3814 10.35 -43.01 31.12
CA GLN D 3814 9.68 -42.01 31.93
C GLN D 3814 10.38 -41.81 33.28
N LYS D 3815 10.72 -42.92 33.94
CA LYS D 3815 11.50 -42.85 35.18
C LYS D 3815 12.84 -42.17 34.96
N MET D 3816 13.49 -42.47 33.82
CA MET D 3816 14.78 -41.88 33.48
C MET D 3816 14.67 -40.37 33.36
N LEU D 3817 13.68 -39.91 32.59
CA LEU D 3817 13.47 -38.47 32.41
C LEU D 3817 13.11 -37.79 33.73
N ASP D 3818 12.28 -38.45 34.54
CA ASP D 3818 11.89 -37.87 35.83
C ASP D 3818 13.09 -37.71 36.75
N TYR D 3819 13.96 -38.71 36.81
CA TYR D 3819 15.13 -38.61 37.67
C TYR D 3819 16.12 -37.58 37.13
N LEU D 3820 16.29 -37.52 35.81
CA LEU D 3820 17.19 -36.53 35.23
C LEU D 3820 16.70 -35.11 35.47
N LYS D 3821 15.39 -34.89 35.39
CA LYS D 3821 14.84 -33.57 35.65
C LYS D 3821 14.82 -33.22 37.14
N ASP D 3822 14.70 -34.22 38.02
CA ASP D 3822 14.76 -33.94 39.45
C ASP D 3822 16.18 -33.64 39.91
N LYS D 3823 17.15 -34.43 39.44
CA LYS D 3823 18.54 -34.24 39.87
C LYS D 3823 19.18 -33.03 39.21
N LYS D 3824 18.91 -32.83 37.91
CA LYS D 3824 19.40 -31.69 37.10
C LYS D 3824 20.91 -31.48 37.24
N GLU D 3825 21.64 -32.59 37.33
CA GLU D 3825 23.08 -32.56 37.52
C GLU D 3825 23.80 -32.68 36.17
N VAL D 3826 25.05 -32.24 36.15
CA VAL D 3826 25.89 -32.26 34.96
C VAL D 3826 26.95 -33.34 35.14
N GLY D 3827 27.34 -33.97 34.04
CA GLY D 3827 28.34 -35.01 34.07
C GLY D 3827 28.00 -36.21 33.21
N PHE D 3828 26.70 -36.51 33.07
CA PHE D 3828 26.27 -37.62 32.22
C PHE D 3828 26.60 -37.33 30.76
N PHE D 3829 26.17 -36.15 30.27
CA PHE D 3829 26.44 -35.80 28.88
C PHE D 3829 27.93 -35.55 28.63
N GLN D 3830 28.63 -35.03 29.63
CA GLN D 3830 30.08 -34.86 29.51
C GLN D 3830 30.77 -36.21 29.40
N SER D 3831 30.34 -37.20 30.19
CA SER D 3831 30.91 -38.54 30.08
C SER D 3831 30.58 -39.18 28.75
N ILE D 3832 29.36 -38.98 28.24
CA ILE D 3832 28.98 -39.52 26.94
C ILE D 3832 29.84 -38.92 25.83
N GLN D 3833 30.04 -37.59 25.88
CA GLN D 3833 30.88 -36.93 24.88
C GLN D 3833 32.33 -37.40 24.99
N ALA D 3834 32.84 -37.55 26.20
CA ALA D 3834 34.23 -38.00 26.39
C ALA D 3834 34.42 -39.41 25.85
N LEU D 3835 33.44 -40.29 26.08
CA LEU D 3835 33.51 -41.63 25.51
C LEU D 3835 33.37 -41.58 23.99
N MET D 3836 32.62 -40.61 23.47
CA MET D 3836 32.49 -40.46 22.01
C MET D 3836 33.81 -40.06 21.37
N GLN D 3837 34.57 -39.16 22.01
CA GLN D 3837 35.85 -38.75 21.43
C GLN D 3837 36.88 -39.86 21.46
N THR D 3838 36.76 -40.81 22.38
CA THR D 3838 37.73 -41.91 22.47
C THR D 3838 37.56 -42.95 21.36
N CYS D 3839 36.49 -42.88 20.58
CA CYS D 3839 36.30 -43.83 19.49
C CYS D 3839 37.32 -43.57 18.39
N SER D 3840 37.79 -44.66 17.77
CA SER D 3840 38.79 -44.59 16.71
C SER D 3840 38.20 -45.07 15.39
N VAL D 3841 38.95 -44.82 14.32
CA VAL D 3841 38.58 -45.21 12.97
C VAL D 3841 39.73 -45.98 12.35
N LEU D 3842 39.54 -46.39 11.09
CA LEU D 3842 40.59 -47.10 10.35
C LEU D 3842 41.72 -46.15 10.01
N ASP D 3843 42.94 -46.69 9.98
CA ASP D 3843 44.15 -45.91 9.74
C ASP D 3843 44.97 -46.57 8.64
N LEU D 3844 45.56 -45.75 7.76
CA LEU D 3844 46.30 -46.27 6.62
C LEU D 3844 47.73 -46.65 6.99
N ASN D 3845 48.39 -45.83 7.81
CA ASN D 3845 49.72 -46.19 8.30
C ASN D 3845 49.66 -47.42 9.18
N ALA D 3846 48.63 -47.50 10.04
CA ALA D 3846 48.41 -48.72 10.80
C ALA D 3846 48.08 -49.91 9.88
N PHE D 3847 47.48 -49.65 8.72
CA PHE D 3847 47.20 -50.75 7.81
C PHE D 3847 48.48 -51.21 7.11
N GLU D 3848 49.41 -50.30 6.84
CA GLU D 3848 50.71 -50.73 6.31
C GLU D 3848 51.52 -51.49 7.36
N ARG D 3849 51.39 -51.08 8.62
CA ARG D 3849 51.95 -51.88 9.70
C ARG D 3849 51.23 -53.24 9.79
N GLN D 3850 49.94 -53.27 9.44
CA GLN D 3850 49.23 -54.54 9.33
C GLN D 3850 49.70 -55.35 8.12
N ASN D 3851 50.22 -54.69 7.09
CA ASN D 3851 50.87 -55.42 6.00
C ASN D 3851 52.15 -56.06 6.49
N LYS D 3852 52.99 -55.37 7.25
CA LYS D 3852 54.36 -55.91 7.56
C LYS D 3852 54.42 -57.15 8.47
N ALA D 3853 53.96 -57.06 9.72
CA ALA D 3853 54.12 -58.18 10.69
C ALA D 3853 53.60 -59.50 10.11
N GLU D 3854 52.61 -59.44 9.23
CA GLU D 3854 52.08 -60.66 8.57
C GLU D 3854 53.24 -61.26 7.77
N GLY D 3855 54.08 -60.40 7.20
CA GLY D 3855 55.20 -60.86 6.35
C GLY D 3855 56.15 -61.78 7.09
N LEU D 3856 56.42 -61.55 8.38
CA LEU D 3856 57.43 -62.41 9.04
C LEU D 3856 56.97 -63.84 8.83
N GLY D 3857 57.87 -64.73 8.40
CA GLY D 3857 57.45 -66.10 8.03
C GLY D 3857 56.86 -66.93 9.16
N MET D 3858 57.48 -66.92 10.33
CA MET D 3858 56.96 -67.83 11.40
C MET D 3858 57.12 -67.23 12.79
N VAL D 3859 56.22 -67.59 13.70
CA VAL D 3859 56.35 -67.15 15.13
C VAL D 3859 57.46 -68.00 15.76
N ASN D 3860 58.04 -67.55 16.86
CA ASN D 3860 59.15 -68.30 17.49
C ASN D 3860 58.61 -69.66 17.90
N GLU D 3861 59.41 -70.72 17.78
CA GLU D 3861 58.87 -72.08 18.07
C GLU D 3861 58.41 -72.12 19.53
N ASP D 3862 57.22 -72.67 19.77
CA ASP D 3862 56.62 -72.74 21.13
C ASP D 3862 55.95 -71.40 21.42
N GLY D 3863 56.11 -70.43 20.52
CA GLY D 3863 55.43 -69.12 20.67
C GLY D 3863 54.45 -68.88 19.54
N THR D 3864 54.29 -69.85 18.64
CA THR D 3864 53.44 -69.63 17.44
C THR D 3864 51.99 -69.35 17.87
N VAL D 3865 51.47 -70.11 18.83
CA VAL D 3865 50.09 -69.87 19.34
C VAL D 3865 50.04 -68.50 20.00
N ILE D 3866 51.08 -68.15 20.76
CA ILE D 3866 51.05 -66.87 21.53
C ILE D 3866 51.06 -65.68 20.56
N ASN D 3867 50.22 -64.68 20.83
CA ASN D 3867 50.19 -63.43 20.01
C ASN D 3867 49.31 -63.65 18.77
N ARG D 3868 48.83 -64.87 18.55
CA ARG D 3868 47.85 -65.09 17.45
C ARG D 3868 46.62 -64.29 17.83
N GLN D 3869 46.24 -64.35 19.11
CA GLN D 3869 45.12 -63.54 19.62
C GLN D 3869 45.61 -62.09 19.73
N ASN D 3870 44.71 -61.12 19.76
CA ASN D 3870 45.11 -59.70 19.96
C ASN D 3870 45.53 -59.11 18.60
N GLY D 3871 45.38 -59.87 17.52
CA GLY D 3871 45.68 -59.28 16.21
C GLY D 3871 44.43 -58.62 15.66
N GLU D 3872 44.47 -57.29 15.47
CA GLU D 3872 43.28 -56.53 15.02
C GLU D 3872 43.49 -55.08 15.46
N LYS D 3873 44.63 -54.49 15.09
CA LYS D 3873 44.92 -53.13 15.63
C LYS D 3873 44.04 -52.10 14.93
N VAL D 3874 43.45 -52.43 13.77
CA VAL D 3874 42.49 -51.47 13.14
C VAL D 3874 41.10 -51.66 13.76
N MET D 3875 40.40 -50.57 14.09
CA MET D 3875 39.01 -50.63 14.61
C MET D 3875 38.92 -51.57 15.82
N ALA D 3876 39.88 -51.50 16.75
CA ALA D 3876 39.87 -52.41 17.92
C ALA D 3876 38.65 -52.17 18.81
N ASP D 3877 38.29 -50.92 19.04
CA ASP D 3877 37.08 -50.59 19.85
C ASP D 3877 35.87 -50.79 18.96
N ASP D 3878 35.61 -52.03 18.57
CA ASP D 3878 34.53 -52.27 17.58
C ASP D 3878 33.24 -52.55 18.34
N GLU D 3879 33.32 -53.26 19.47
CA GLU D 3879 32.02 -53.44 20.10
C GLU D 3879 31.55 -52.22 20.88
N PHE D 3880 32.48 -51.44 21.44
CA PHE D 3880 32.10 -50.38 22.36
C PHE D 3880 31.32 -49.26 21.67
N THR D 3881 31.77 -48.86 20.48
CA THR D 3881 31.08 -47.82 19.73
C THR D 3881 29.68 -48.27 19.32
N GLN D 3882 29.56 -49.51 18.85
CA GLN D 3882 28.26 -50.05 18.46
C GLN D 3882 27.32 -50.14 19.66
N ASP D 3883 27.84 -50.55 20.82
CA ASP D 3883 27.02 -50.62 22.02
C ASP D 3883 26.58 -49.24 22.47
N LEU D 3884 27.45 -48.24 22.38
CA LEU D 3884 27.09 -46.88 22.77
C LEU D 3884 25.99 -46.33 21.87
N PHE D 3885 26.14 -46.47 20.56
CA PHE D 3885 25.09 -45.98 19.65
C PHE D 3885 23.81 -46.80 19.77
N ARG D 3886 23.92 -48.10 20.09
CA ARG D 3886 22.72 -48.90 20.32
C ARG D 3886 21.98 -48.42 21.56
N PHE D 3887 22.70 -48.09 22.63
CA PHE D 3887 22.07 -47.57 23.84
C PHE D 3887 21.40 -46.22 23.57
N LEU D 3888 22.08 -45.34 22.83
CA LEU D 3888 21.49 -44.05 22.49
C LEU D 3888 20.25 -44.20 21.62
N GLN D 3889 20.27 -45.17 20.69
CA GLN D 3889 19.08 -45.45 19.89
C GLN D 3889 17.95 -46.00 20.76
N LEU D 3890 18.27 -46.89 21.70
CA LEU D 3890 17.25 -47.50 22.55
C LEU D 3890 16.62 -46.48 23.49
N LEU D 3891 17.38 -45.45 23.88
CA LEU D 3891 16.78 -44.36 24.65
C LEU D 3891 15.69 -43.65 23.86
N CYS D 3892 15.90 -43.46 22.56
CA CYS D 3892 14.93 -42.78 21.69
C CYS D 3892 14.22 -43.74 20.75
N GLU D 3893 14.13 -45.03 21.10
CA GLU D 3893 13.57 -46.03 20.20
C GLU D 3893 12.09 -45.76 19.90
N GLY D 3894 11.28 -45.55 20.93
CA GLY D 3894 9.89 -45.18 20.74
C GLY D 3894 9.73 -43.68 20.60
N HIS D 3895 8.64 -43.28 19.97
CA HIS D 3895 8.33 -41.86 19.87
C HIS D 3895 8.04 -41.29 21.25
N ASN D 3896 9.05 -40.54 21.73
CA ASN D 3896 8.98 -39.83 23.02
C ASN D 3896 9.68 -38.50 22.72
N ASN D 3897 8.93 -37.43 22.49
CA ASN D 3897 9.55 -36.15 22.05
C ASN D 3897 10.52 -35.61 23.11
N ASP D 3898 10.17 -35.75 24.39
CA ASP D 3898 11.01 -35.18 25.49
C ASP D 3898 12.50 -35.50 25.29
N PHE D 3899 12.85 -36.71 24.86
CA PHE D 3899 14.25 -37.11 24.74
C PHE D 3899 14.88 -36.59 23.45
N GLN D 3900 14.08 -36.46 22.38
CA GLN D 3900 14.57 -35.87 21.15
C GLN D 3900 14.91 -34.39 21.33
N ASN D 3901 14.28 -33.72 22.29
CA ASN D 3901 14.60 -32.34 22.62
C ASN D 3901 15.58 -32.23 23.78
N TYR D 3902 15.54 -33.17 24.73
CA TYR D 3902 16.46 -33.14 25.86
C TYR D 3902 17.90 -33.35 25.41
N LEU D 3903 18.13 -34.22 24.42
CA LEU D 3903 19.47 -34.45 23.92
C LEU D 3903 20.00 -33.24 23.16
N ARG D 3904 19.12 -32.50 22.48
CA ARG D 3904 19.54 -31.31 21.75
C ARG D 3904 19.96 -30.19 22.71
N THR D 3905 19.14 -29.92 23.72
CA THR D 3905 19.44 -28.89 24.70
C THR D 3905 18.83 -29.27 26.04
N GLN D 3906 19.45 -28.79 27.11
CA GLN D 3906 19.00 -29.03 28.48
C GLN D 3906 18.69 -27.71 29.14
N THR D 3907 17.48 -27.60 29.71
CA THR D 3907 17.05 -26.37 30.36
C THR D 3907 17.43 -26.33 31.83
N GLY D 3908 17.24 -27.44 32.55
CA GLY D 3908 17.57 -27.46 33.97
C GLY D 3908 19.06 -27.34 34.24
N ASN D 3909 19.88 -27.98 33.41
CA ASN D 3909 21.32 -27.93 33.60
C ASN D 3909 21.89 -26.59 33.16
N THR D 3910 22.99 -26.19 33.79
CA THR D 3910 23.65 -24.93 33.46
C THR D 3910 24.55 -25.05 32.24
N THR D 3911 24.86 -26.25 31.78
CA THR D 3911 25.70 -26.47 30.61
C THR D 3911 24.95 -27.32 29.61
N THR D 3912 25.07 -26.96 28.33
CA THR D 3912 24.38 -27.66 27.25
C THR D 3912 25.42 -28.35 26.37
N ILE D 3913 25.26 -29.65 26.19
CA ILE D 3913 26.14 -30.46 25.34
C ILE D 3913 25.27 -31.11 24.27
N ASN D 3914 25.62 -30.89 23.00
CA ASN D 3914 24.85 -31.40 21.89
C ASN D 3914 25.43 -32.73 21.42
N ILE D 3915 24.67 -33.81 21.60
CA ILE D 3915 25.10 -35.13 21.15
C ILE D 3915 25.06 -35.22 19.64
N ILE D 3916 24.11 -34.52 19.00
CA ILE D 3916 23.92 -34.62 17.56
C ILE D 3916 25.12 -34.07 16.80
N ILE D 3917 25.69 -32.96 17.29
CA ILE D 3917 26.86 -32.39 16.63
C ILE D 3917 28.07 -33.32 16.74
N CYS D 3918 28.23 -33.97 17.90
CA CYS D 3918 29.30 -34.95 18.05
C CYS D 3918 29.09 -36.14 17.13
N THR D 3919 27.84 -36.57 16.96
CA THR D 3919 27.54 -37.65 16.02
C THR D 3919 27.87 -37.26 14.59
N VAL D 3920 27.57 -36.00 14.22
CA VAL D 3920 27.91 -35.51 12.89
C VAL D 3920 29.42 -35.48 12.68
N ASP D 3921 30.16 -35.03 13.70
CA ASP D 3921 31.62 -35.02 13.60
C ASP D 3921 32.18 -36.43 13.49
N TYR D 3922 31.64 -37.38 14.25
CA TYR D 3922 32.08 -38.77 14.14
C TYR D 3922 31.77 -39.35 12.76
N LEU D 3923 30.61 -39.00 12.20
CA LEU D 3923 30.27 -39.45 10.87
C LEU D 3923 31.19 -38.84 9.81
N LEU D 3924 31.58 -37.57 10.01
CA LEU D 3924 32.56 -36.95 9.13
C LEU D 3924 33.90 -37.66 9.19
N ARG D 3925 34.35 -38.02 10.40
CA ARG D 3925 35.61 -38.74 10.55
C ARG D 3925 35.54 -40.12 9.90
N LEU D 3926 34.40 -40.82 10.07
CA LEU D 3926 34.22 -42.11 9.43
C LEU D 3926 34.20 -42.00 7.91
N GLN D 3927 33.55 -40.96 7.38
CA GLN D 3927 33.54 -40.74 5.93
C GLN D 3927 34.95 -40.45 5.41
N GLU D 3928 35.73 -39.66 6.14
CA GLU D 3928 37.11 -39.41 5.75
C GLU D 3928 37.94 -40.70 5.77
N SER D 3929 37.73 -41.54 6.78
CA SER D 3929 38.46 -42.81 6.85
C SER D 3929 38.09 -43.73 5.69
N ILE D 3930 36.80 -43.81 5.35
CA ILE D 3930 36.37 -44.65 4.23
C ILE D 3930 36.92 -44.11 2.92
N SER D 3931 36.92 -42.79 2.75
CA SER D 3931 37.47 -42.19 1.54
C SER D 3931 38.96 -42.46 1.41
N ASP D 3932 39.70 -42.37 2.52
CA ASP D 3932 41.13 -42.65 2.50
C ASP D 3932 41.40 -44.11 2.18
N PHE D 3933 40.61 -45.03 2.75
CA PHE D 3933 40.77 -46.45 2.46
C PHE D 3933 40.45 -46.77 1.01
N TYR D 3934 39.41 -46.13 0.46
CA TYR D 3934 39.08 -46.31 -0.94
C TYR D 3934 40.18 -45.78 -1.84
N TRP D 3935 40.75 -44.62 -1.50
CA TRP D 3935 41.83 -44.06 -2.30
C TRP D 3935 43.09 -44.92 -2.23
N TYR D 3936 43.35 -45.56 -1.10
CA TYR D 3936 44.50 -46.44 -1.00
C TYR D 3936 44.28 -47.73 -1.79
N TYR D 3937 43.06 -48.27 -1.77
CA TYR D 3937 42.72 -49.48 -2.49
C TYR D 3937 42.32 -49.24 -3.94
N SER D 3938 42.36 -47.98 -4.40
CA SER D 3938 42.01 -47.68 -5.78
C SER D 3938 43.00 -48.29 -6.76
N GLY D 3939 44.29 -48.29 -6.39
CA GLY D 3939 45.31 -48.80 -7.31
C GLY D 3939 45.20 -50.29 -7.55
N LYS D 3940 44.98 -51.06 -6.49
CA LYS D 3940 44.86 -52.50 -6.63
C LYS D 3940 43.46 -52.87 -7.13
N ASP D 3941 43.41 -53.89 -7.99
CA ASP D 3941 42.16 -54.37 -8.56
C ASP D 3941 41.55 -55.52 -7.78
N VAL D 3942 42.20 -55.98 -6.71
CA VAL D 3942 41.71 -57.09 -5.91
C VAL D 3942 41.73 -56.68 -4.44
N ILE D 3943 40.83 -57.28 -3.67
CA ILE D 3943 40.68 -56.97 -2.24
C ILE D 3943 40.85 -58.27 -1.45
N GLU D 3944 41.69 -58.24 -0.43
CA GLU D 3944 41.92 -59.39 0.42
C GLU D 3944 40.75 -59.59 1.38
N GLU D 3945 40.73 -60.76 2.03
CA GLU D 3945 39.64 -61.08 2.95
C GLU D 3945 39.70 -60.23 4.22
N GLN D 3946 40.90 -59.83 4.64
CA GLN D 3946 41.01 -58.91 5.78
C GLN D 3946 40.38 -57.57 5.45
N GLY D 3947 40.61 -57.08 4.22
CA GLY D 3947 39.95 -55.86 3.79
C GLY D 3947 38.43 -56.01 3.73
N LYS D 3948 37.96 -57.19 3.32
CA LYS D 3948 36.52 -57.45 3.32
C LYS D 3948 35.95 -57.38 4.74
N ARG D 3949 36.66 -57.98 5.70
CA ARG D 3949 36.19 -57.94 7.09
C ARG D 3949 36.22 -56.52 7.65
N ASN D 3950 37.28 -55.76 7.35
CA ASN D 3950 37.35 -54.37 7.82
C ASN D 3950 36.22 -53.54 7.22
N PHE D 3951 35.94 -53.71 5.93
CA PHE D 3951 34.81 -53.03 5.31
C PHE D 3951 33.49 -53.45 5.95
N SER D 3952 33.34 -54.74 6.23
CA SER D 3952 32.09 -55.22 6.83
C SER D 3952 31.83 -54.59 8.19
N LYS D 3953 32.86 -54.54 9.04
CA LYS D 3953 32.68 -53.89 10.34
C LYS D 3953 32.52 -52.38 10.21
N ALA D 3954 33.20 -51.76 9.24
CA ALA D 3954 33.08 -50.31 9.07
C ALA D 3954 31.68 -49.91 8.64
N MET D 3955 31.12 -50.61 7.65
CA MET D 3955 29.73 -50.34 7.27
C MET D 3955 28.72 -50.85 8.29
N SER D 3956 29.07 -51.82 9.13
CA SER D 3956 28.19 -52.15 10.25
C SER D 3956 28.09 -50.99 11.24
N VAL D 3957 29.23 -50.38 11.57
CA VAL D 3957 29.24 -49.21 12.44
C VAL D 3957 28.49 -48.05 11.80
N ALA D 3958 28.71 -47.85 10.49
CA ALA D 3958 28.01 -46.79 9.77
C ALA D 3958 26.50 -47.03 9.75
N LYS D 3959 26.07 -48.29 9.59
CA LYS D 3959 24.66 -48.63 9.63
C LYS D 3959 24.07 -48.36 11.02
N GLN D 3960 24.82 -48.68 12.08
CA GLN D 3960 24.34 -48.39 13.43
C GLN D 3960 24.17 -46.88 13.65
N VAL D 3961 25.15 -46.10 13.21
CA VAL D 3961 25.06 -44.64 13.35
C VAL D 3961 23.90 -44.09 12.54
N PHE D 3962 23.69 -44.62 11.32
CA PHE D 3962 22.57 -44.17 10.50
C PHE D 3962 21.23 -44.54 11.11
N ASN D 3963 21.13 -45.74 11.71
CA ASN D 3963 19.89 -46.12 12.38
C ASN D 3963 19.61 -45.23 13.57
N SER D 3964 20.65 -44.85 14.31
CA SER D 3964 20.47 -43.88 15.39
C SER D 3964 19.99 -42.54 14.85
N LEU D 3965 20.53 -42.12 13.70
CA LEU D 3965 20.12 -40.86 13.09
C LEU D 3965 18.65 -40.90 12.66
N THR D 3966 18.21 -42.01 12.05
CA THR D 3966 16.80 -42.13 11.68
C THR D 3966 15.91 -42.18 12.92
N GLU D 3967 16.40 -42.75 14.02
CA GLU D 3967 15.60 -42.75 15.24
C GLU D 3967 15.40 -41.35 15.78
N TYR D 3968 16.44 -40.51 15.71
CA TYR D 3968 16.30 -39.12 16.15
C TYR D 3968 15.40 -38.31 15.20
N ILE D 3969 15.58 -38.47 13.89
CA ILE D 3969 14.81 -37.70 12.92
C ILE D 3969 13.46 -38.35 12.65
N GLN D 3970 13.13 -39.44 13.35
CA GLN D 3970 11.86 -40.15 13.22
C GLN D 3970 10.69 -39.19 13.42
N GLY D 3971 10.17 -39.13 14.65
CA GLY D 3971 9.43 -38.01 15.22
C GLY D 3971 9.44 -36.67 14.48
N PRO D 3972 8.40 -35.86 14.70
CA PRO D 3972 8.30 -34.57 13.98
C PRO D 3972 9.48 -33.65 14.23
N CYS D 3973 9.80 -33.39 15.50
CA CYS D 3973 11.11 -32.91 15.96
C CYS D 3973 11.72 -31.80 15.11
N THR D 3974 11.03 -30.66 15.02
CA THR D 3974 11.46 -29.55 14.18
C THR D 3974 12.84 -29.01 14.59
N GLY D 3975 13.19 -29.11 15.87
CA GLY D 3975 14.47 -28.61 16.33
C GLY D 3975 15.66 -29.38 15.77
N ASN D 3976 15.58 -30.70 15.79
CA ASN D 3976 16.68 -31.50 15.23
C ASN D 3976 16.71 -31.44 13.71
N GLN D 3977 15.56 -31.22 13.07
CA GLN D 3977 15.55 -31.03 11.63
C GLN D 3977 16.23 -29.72 11.23
N GLN D 3978 15.96 -28.65 11.97
CA GLN D 3978 16.66 -27.39 11.72
C GLN D 3978 18.14 -27.49 12.09
N SER D 3979 18.47 -28.26 13.12
CA SER D 3979 19.87 -28.45 13.49
C SER D 3979 20.63 -29.20 12.40
N LEU D 3980 20.03 -30.25 11.84
CA LEU D 3980 20.67 -30.96 10.73
C LEU D 3980 20.66 -30.14 9.45
N ALA D 3981 19.71 -29.21 9.31
CA ALA D 3981 19.78 -28.27 8.20
C ALA D 3981 20.97 -27.32 8.36
N HIS D 3982 21.26 -26.90 9.59
CA HIS D 3982 22.35 -25.99 9.85
C HIS D 3982 23.67 -26.68 10.17
N SER D 3983 23.70 -28.01 10.20
CA SER D 3983 24.92 -28.74 10.55
C SER D 3983 25.80 -28.92 9.32
N ARG D 3984 26.86 -29.71 9.47
CA ARG D 3984 27.78 -30.03 8.39
C ARG D 3984 27.51 -31.40 7.78
N LEU D 3985 26.26 -31.85 7.84
CA LEU D 3985 25.91 -33.17 7.31
C LEU D 3985 26.06 -33.25 5.79
N TRP D 3986 25.91 -32.11 5.10
CA TRP D 3986 25.99 -32.12 3.64
C TRP D 3986 27.39 -32.48 3.15
N ASP D 3987 28.43 -31.97 3.82
CA ASP D 3987 29.80 -32.31 3.46
C ASP D 3987 30.07 -33.80 3.69
N ALA D 3988 29.42 -34.40 4.69
CA ALA D 3988 29.54 -35.83 4.91
C ALA D 3988 28.83 -36.62 3.81
N VAL D 3989 27.60 -36.24 3.49
CA VAL D 3989 26.81 -37.05 2.57
C VAL D 3989 27.25 -36.91 1.13
N VAL D 3990 27.88 -35.79 0.74
CA VAL D 3990 28.44 -35.69 -0.60
C VAL D 3990 29.58 -36.69 -0.77
N GLY D 3991 30.48 -36.76 0.21
CA GLY D 3991 31.55 -37.74 0.18
C GLY D 3991 31.04 -39.17 0.26
N PHE D 3992 29.97 -39.39 1.04
CA PHE D 3992 29.37 -40.71 1.10
C PHE D 3992 28.79 -41.13 -0.25
N LEU D 3993 28.10 -40.21 -0.93
CA LEU D 3993 27.57 -40.53 -2.26
C LEU D 3993 28.70 -40.79 -3.25
N HIS D 3994 29.78 -40.01 -3.16
CA HIS D 3994 30.95 -40.21 -4.00
C HIS D 3994 31.55 -41.60 -3.81
N VAL D 3995 31.77 -41.99 -2.55
CA VAL D 3995 32.39 -43.28 -2.29
C VAL D 3995 31.41 -44.42 -2.61
N PHE D 3996 30.10 -44.20 -2.44
CA PHE D 3996 29.13 -45.21 -2.85
C PHE D 3996 29.20 -45.46 -4.35
N ALA D 3997 29.18 -44.39 -5.15
CA ALA D 3997 29.21 -44.56 -6.61
C ALA D 3997 30.51 -45.21 -7.06
N HIS D 3998 31.65 -44.74 -6.55
CA HIS D 3998 32.92 -45.28 -7.00
C HIS D 3998 33.15 -46.71 -6.51
N MET D 3999 32.73 -47.02 -5.28
CA MET D 3999 32.91 -48.38 -4.77
C MET D 3999 31.96 -49.36 -5.44
N MET D 4000 30.76 -48.91 -5.85
CA MET D 4000 29.87 -49.80 -6.59
C MET D 4000 30.37 -50.00 -8.01
N MET D 4001 30.97 -48.97 -8.61
CA MET D 4001 31.50 -49.13 -9.97
C MET D 4001 32.73 -50.03 -9.99
N LYS D 4002 33.64 -49.86 -9.02
CA LYS D 4002 34.86 -50.66 -8.99
C LYS D 4002 34.62 -52.06 -8.45
N LEU D 4003 33.69 -52.22 -7.50
CA LEU D 4003 33.45 -53.47 -6.81
C LEU D 4003 32.63 -54.46 -7.63
N ALA D 4004 32.00 -54.02 -8.72
CA ALA D 4004 31.06 -54.86 -9.44
C ALA D 4004 31.72 -55.96 -10.24
N GLN D 4005 32.98 -55.77 -10.66
CA GLN D 4005 33.62 -56.72 -11.55
C GLN D 4005 33.87 -58.07 -10.87
N ASP D 4006 34.29 -58.05 -9.60
CA ASP D 4006 34.58 -59.29 -8.90
C ASP D 4006 33.28 -59.96 -8.46
N SER D 4007 33.17 -61.27 -8.76
CA SER D 4007 31.98 -62.02 -8.41
C SER D 4007 31.99 -62.49 -6.96
N SER D 4008 33.16 -62.83 -6.43
CA SER D 4008 33.25 -63.34 -5.07
C SER D 4008 33.03 -62.25 -4.01
N GLN D 4009 33.10 -60.99 -4.40
CA GLN D 4009 32.90 -59.87 -3.51
C GLN D 4009 31.47 -59.34 -3.52
N ILE D 4010 30.51 -60.16 -3.98
CA ILE D 4010 29.12 -59.73 -4.10
C ILE D 4010 28.50 -59.49 -2.73
N GLU D 4011 28.96 -60.22 -1.70
CA GLU D 4011 28.41 -60.02 -0.36
C GLU D 4011 28.74 -58.63 0.18
N LEU D 4012 29.98 -58.18 -0.03
CA LEU D 4012 30.35 -56.83 0.37
C LEU D 4012 29.56 -55.80 -0.42
N LEU D 4013 29.29 -56.08 -1.69
CA LEU D 4013 28.50 -55.17 -2.51
C LEU D 4013 27.06 -55.07 -2.00
N LYS D 4014 26.46 -56.18 -1.59
CA LYS D 4014 25.10 -56.12 -1.07
C LYS D 4014 25.06 -55.45 0.30
N GLU D 4015 26.12 -55.60 1.11
CA GLU D 4015 26.21 -54.83 2.35
C GLU D 4015 26.32 -53.34 2.07
N LEU D 4016 27.09 -52.96 1.04
CA LEU D 4016 27.19 -51.57 0.64
C LEU D 4016 25.83 -51.04 0.18
N LEU D 4017 25.12 -51.86 -0.59
CA LEU D 4017 23.77 -51.45 -1.07
C LEU D 4017 22.86 -51.28 0.15
N ASP D 4018 22.84 -52.26 1.05
CA ASP D 4018 22.02 -52.15 2.29
C ASP D 4018 22.32 -50.81 2.98
N LEU D 4019 23.59 -50.50 3.21
CA LEU D 4019 23.97 -49.24 3.84
C LEU D 4019 23.41 -48.05 3.07
N GLN D 4020 23.45 -48.12 1.73
CA GLN D 4020 22.80 -47.09 0.92
C GLN D 4020 21.30 -47.07 1.13
N LYS D 4021 20.70 -48.23 1.40
CA LYS D 4021 19.28 -48.31 1.72
C LYS D 4021 18.97 -47.57 3.01
N ASP D 4022 19.78 -47.78 4.05
CA ASP D 4022 19.58 -47.03 5.28
C ASP D 4022 19.84 -45.54 5.08
N MET D 4023 20.78 -45.18 4.19
CA MET D 4023 21.01 -43.77 3.88
C MET D 4023 19.80 -43.12 3.22
N VAL D 4024 19.21 -43.79 2.23
CA VAL D 4024 18.07 -43.19 1.55
C VAL D 4024 16.82 -43.22 2.44
N VAL D 4025 16.71 -44.18 3.36
CA VAL D 4025 15.66 -44.12 4.37
C VAL D 4025 15.85 -42.90 5.26
N MET D 4026 17.09 -42.62 5.67
CA MET D 4026 17.38 -41.43 6.47
C MET D 4026 17.05 -40.15 5.70
N LEU D 4027 17.38 -40.12 4.41
CA LEU D 4027 17.08 -38.95 3.58
C LEU D 4027 15.56 -38.75 3.43
N LEU D 4028 14.82 -39.84 3.25
CA LEU D 4028 13.36 -39.75 3.18
C LEU D 4028 12.79 -39.28 4.51
N SER D 4029 13.36 -39.74 5.62
CA SER D 4029 12.89 -39.31 6.94
C SER D 4029 13.23 -37.86 7.22
N LEU D 4030 14.23 -37.30 6.54
CA LEU D 4030 14.53 -35.88 6.70
C LEU D 4030 13.45 -34.99 6.09
N LEU D 4031 12.67 -35.50 5.14
CA LEU D 4031 11.70 -34.69 4.41
C LEU D 4031 10.34 -34.64 5.10
N GLU D 4032 10.21 -35.24 6.28
CA GLU D 4032 8.94 -35.21 6.99
C GLU D 4032 8.59 -33.79 7.43
N GLY D 4033 7.35 -33.38 7.19
CA GLY D 4033 6.93 -32.02 7.50
C GLY D 4033 7.62 -30.96 6.67
N ASN D 4034 7.58 -31.12 5.35
CA ASN D 4034 8.30 -30.23 4.44
C ASN D 4034 7.31 -29.28 3.76
N VAL D 4035 7.67 -28.00 3.73
CA VAL D 4035 6.87 -27.00 3.03
C VAL D 4035 7.10 -27.15 1.53
N VAL D 4036 6.18 -26.60 0.73
CA VAL D 4036 6.30 -26.69 -0.73
C VAL D 4036 7.56 -25.99 -1.20
N ASN D 4037 7.80 -24.76 -0.73
CA ASN D 4037 9.04 -24.07 -1.08
C ASN D 4037 10.16 -24.53 -0.16
N GLY D 4038 10.02 -24.26 1.14
CA GLY D 4038 10.95 -24.78 2.14
C GLY D 4038 12.36 -24.24 2.01
N MET D 4039 13.22 -24.70 2.91
CA MET D 4039 14.65 -24.53 2.79
C MET D 4039 15.42 -25.83 2.85
N ILE D 4040 14.85 -26.88 3.45
CA ILE D 4040 15.49 -28.20 3.46
C ILE D 4040 15.52 -28.79 2.06
N ALA D 4041 14.44 -28.60 1.31
CA ALA D 4041 14.40 -29.08 -0.08
C ALA D 4041 15.40 -28.33 -0.94
N ARG D 4042 15.59 -27.03 -0.69
CA ARG D 4042 16.58 -26.26 -1.42
C ARG D 4042 18.00 -26.76 -1.13
N GLN D 4043 18.27 -27.10 0.13
CA GLN D 4043 19.57 -27.67 0.47
C GLN D 4043 19.76 -29.05 -0.13
N MET D 4044 18.69 -29.85 -0.22
CA MET D 4044 18.76 -31.14 -0.91
C MET D 4044 19.07 -30.96 -2.39
N VAL D 4045 18.44 -29.96 -3.01
CA VAL D 4045 18.71 -29.68 -4.42
C VAL D 4045 20.15 -29.23 -4.61
N ASP D 4046 20.65 -28.39 -3.70
CA ASP D 4046 22.05 -27.97 -3.76
C ASP D 4046 23.00 -29.16 -3.57
N MET D 4047 22.64 -30.09 -2.69
CA MET D 4047 23.42 -31.30 -2.51
C MET D 4047 23.44 -32.15 -3.78
N LEU D 4048 22.29 -32.26 -4.45
CA LEU D 4048 22.24 -33.01 -5.71
C LEU D 4048 23.06 -32.33 -6.80
N VAL D 4049 23.06 -30.99 -6.82
CA VAL D 4049 23.86 -30.25 -7.79
C VAL D 4049 25.34 -30.46 -7.53
N GLU D 4050 25.76 -30.39 -6.26
CA GLU D 4050 27.17 -30.59 -5.92
C GLU D 4050 27.62 -32.02 -6.20
N SER D 4051 26.76 -32.99 -5.92
CA SER D 4051 27.05 -34.40 -6.16
C SER D 4051 26.39 -34.90 -7.45
N SER D 4052 26.42 -34.07 -8.49
CA SER D 4052 25.73 -34.40 -9.74
C SER D 4052 26.35 -35.62 -10.43
N SER D 4053 27.69 -35.72 -10.41
CA SER D 4053 28.36 -36.77 -11.17
C SER D 4053 28.01 -38.16 -10.64
N ASN D 4054 28.01 -38.33 -9.32
CA ASN D 4054 27.70 -39.63 -8.74
C ASN D 4054 26.23 -39.99 -8.97
N VAL D 4055 25.34 -39.01 -8.88
CA VAL D 4055 23.91 -39.26 -9.11
C VAL D 4055 23.67 -39.68 -10.56
N GLU D 4056 24.29 -38.97 -11.51
CA GLU D 4056 24.17 -39.35 -12.92
C GLU D 4056 24.77 -40.73 -13.16
N MET D 4057 25.88 -41.06 -12.50
CA MET D 4057 26.50 -42.38 -12.67
C MET D 4057 25.58 -43.49 -12.18
N ILE D 4058 25.01 -43.33 -10.98
CA ILE D 4058 24.18 -44.40 -10.44
C ILE D 4058 22.86 -44.51 -11.21
N LEU D 4059 22.31 -43.38 -11.67
CA LEU D 4059 21.09 -43.44 -12.47
C LEU D 4059 21.35 -44.07 -13.83
N LYS D 4060 22.51 -43.77 -14.43
CA LYS D 4060 22.87 -44.40 -15.70
C LYS D 4060 23.07 -45.90 -15.54
N PHE D 4061 23.69 -46.32 -14.43
CA PHE D 4061 23.88 -47.74 -14.18
C PHE D 4061 22.53 -48.45 -14.01
N PHE D 4062 21.64 -47.85 -13.22
CA PHE D 4062 20.31 -48.45 -13.01
C PHE D 4062 19.52 -48.51 -14.32
N ASP D 4063 19.57 -47.44 -15.12
CA ASP D 4063 18.87 -47.42 -16.39
C ASP D 4063 19.44 -48.46 -17.36
N MET D 4064 20.77 -48.60 -17.39
CA MET D 4064 21.39 -49.59 -18.26
C MET D 4064 21.00 -51.00 -17.86
N PHE D 4065 21.00 -51.29 -16.55
CA PHE D 4065 20.61 -52.63 -16.11
C PHE D 4065 19.13 -52.91 -16.33
N LEU D 4066 18.28 -51.90 -16.17
CA LEU D 4066 16.84 -52.09 -16.51
C LEU D 4066 16.76 -52.34 -18.02
N LYS D 4067 17.46 -51.52 -18.81
CA LYS D 4067 17.44 -51.68 -20.29
C LYS D 4067 18.04 -53.04 -20.66
N LEU D 4068 19.02 -53.51 -19.89
CA LEU D 4068 19.71 -54.77 -20.25
C LEU D 4068 18.70 -55.92 -20.21
N LYS D 4069 17.80 -55.94 -19.21
CA LYS D 4069 16.87 -57.09 -19.08
C LYS D 4069 15.96 -57.18 -20.31
N ASP D 4070 15.43 -56.04 -20.78
CA ASP D 4070 14.47 -56.07 -21.93
C ASP D 4070 15.19 -56.62 -23.16
N ILE D 4071 16.50 -56.38 -23.27
CA ILE D 4071 17.26 -56.99 -24.40
C ILE D 4071 17.11 -58.50 -24.24
N VAL D 4072 17.25 -59.02 -23.01
CA VAL D 4072 16.98 -60.47 -22.79
C VAL D 4072 15.49 -60.69 -23.05
N GLY D 4073 15.11 -61.71 -23.83
CA GLY D 4073 13.67 -61.84 -24.16
C GLY D 4073 13.31 -61.13 -25.44
N SER D 4074 13.90 -59.97 -25.70
CA SER D 4074 13.70 -59.27 -26.98
C SER D 4074 14.44 -60.07 -28.06
N GLU D 4075 14.08 -59.93 -29.33
CA GLU D 4075 14.76 -60.80 -30.31
C GLU D 4075 16.26 -60.48 -30.23
N ALA D 4076 17.11 -61.50 -30.28
CA ALA D 4076 18.55 -61.27 -30.09
C ALA D 4076 19.25 -61.63 -31.39
N PHE D 4077 20.16 -60.79 -31.89
CA PHE D 4077 20.76 -61.02 -33.25
C PHE D 4077 21.53 -62.35 -33.32
N GLN D 4078 22.26 -62.71 -32.29
CA GLN D 4078 22.99 -63.99 -32.44
C GLN D 4078 22.60 -64.93 -31.29
N ASP D 4079 22.47 -66.21 -31.59
CA ASP D 4079 22.23 -67.16 -30.47
C ASP D 4079 21.04 -66.68 -29.67
N TYR D 4080 19.96 -66.30 -30.34
CA TYR D 4080 18.74 -65.98 -29.56
C TYR D 4080 18.21 -67.39 -29.33
N VAL D 4081 18.96 -68.14 -28.52
CA VAL D 4081 18.66 -69.58 -28.27
C VAL D 4081 17.41 -69.77 -27.43
N THR D 4082 16.73 -70.90 -27.62
CA THR D 4082 15.56 -71.26 -26.79
C THR D 4082 16.14 -72.07 -25.62
N ASP D 4083 17.47 -72.17 -25.57
CA ASP D 4083 18.18 -73.00 -24.55
C ASP D 4083 17.77 -74.46 -24.61
N PRO D 4084 17.60 -75.10 -25.80
CA PRO D 4084 17.33 -76.54 -25.82
C PRO D 4084 18.56 -77.21 -25.20
N ARG D 4085 19.76 -76.72 -25.56
CA ARG D 4085 20.97 -77.24 -24.88
C ARG D 4085 20.90 -76.86 -23.39
N GLY D 4086 20.47 -75.64 -23.09
CA GLY D 4086 20.31 -75.16 -21.70
C GLY D 4086 21.66 -74.70 -21.19
N LEU D 4087 21.76 -74.17 -19.97
CA LEU D 4087 23.14 -73.90 -19.49
C LEU D 4087 23.80 -73.12 -20.64
N ILE D 4088 23.17 -72.06 -21.13
CA ILE D 4088 23.66 -71.43 -22.38
C ILE D 4088 25.11 -71.03 -22.16
N SER D 4089 25.94 -71.29 -23.17
CA SER D 4089 27.39 -71.11 -23.02
C SER D 4089 27.81 -69.66 -22.96
N LYS D 4090 28.99 -69.41 -22.38
CA LYS D 4090 29.54 -68.03 -22.30
C LYS D 4090 29.68 -67.61 -23.74
N LYS D 4091 30.04 -68.55 -24.60
CA LYS D 4091 30.12 -68.31 -26.06
C LYS D 4091 28.76 -67.93 -26.66
N ASP D 4092 27.65 -68.55 -26.23
CA ASP D 4092 26.39 -68.31 -26.99
C ASP D 4092 26.01 -66.85 -26.99
N PHE D 4093 26.07 -66.21 -25.84
CA PHE D 4093 25.90 -64.74 -25.82
C PHE D 4093 27.08 -64.11 -26.54
N GLN D 4094 28.31 -64.66 -26.44
CA GLN D 4094 29.56 -63.96 -26.87
C GLN D 4094 29.61 -63.60 -28.36
N LYS D 4095 29.15 -64.46 -29.26
CA LYS D 4095 29.12 -64.00 -30.67
C LYS D 4095 28.19 -62.78 -30.70
N ALA D 4096 27.09 -62.85 -29.95
CA ALA D 4096 26.09 -61.76 -29.90
C ALA D 4096 26.56 -60.60 -29.02
N MET D 4097 26.75 -60.85 -27.73
CA MET D 4097 27.06 -59.77 -26.78
C MET D 4097 27.62 -58.52 -27.46
N ASP D 4098 28.44 -58.64 -28.49
CA ASP D 4098 29.12 -57.41 -28.97
C ASP D 4098 28.17 -56.33 -29.51
N SER D 4099 27.10 -56.63 -30.26
CA SER D 4099 26.32 -55.49 -30.83
C SER D 4099 24.90 -55.30 -30.27
N GLN D 4100 24.62 -54.12 -29.68
CA GLN D 4100 23.28 -53.77 -29.16
C GLN D 4100 22.91 -52.34 -29.59
N LYS D 4101 21.68 -52.07 -30.08
CA LYS D 4101 21.23 -50.71 -30.56
C LYS D 4101 21.14 -49.61 -29.49
N GLN D 4102 20.59 -49.89 -28.30
CA GLN D 4102 20.35 -48.87 -27.21
C GLN D 4102 21.57 -48.21 -26.55
N PHE D 4103 22.68 -48.93 -26.25
CA PHE D 4103 23.76 -48.40 -25.38
C PHE D 4103 25.12 -48.21 -26.06
N THR D 4104 25.74 -47.03 -25.92
CA THR D 4104 27.07 -46.71 -26.55
C THR D 4104 28.26 -47.55 -26.04
N GLY D 4105 28.36 -47.82 -24.73
CA GLY D 4105 29.48 -48.63 -24.14
C GLY D 4105 28.84 -49.84 -23.51
N PRO D 4106 29.30 -51.07 -23.79
CA PRO D 4106 28.49 -52.22 -23.39
C PRO D 4106 28.28 -52.61 -21.92
N GLU D 4107 27.01 -52.75 -21.53
CA GLU D 4107 26.58 -53.28 -20.22
C GLU D 4107 26.98 -54.74 -20.15
N ILE D 4108 26.89 -55.42 -21.28
CA ILE D 4108 27.07 -56.90 -21.32
C ILE D 4108 28.47 -57.29 -20.82
N GLN D 4109 29.51 -56.52 -21.10
CA GLN D 4109 30.86 -57.02 -20.72
C GLN D 4109 30.95 -57.20 -19.19
N PHE D 4110 30.39 -56.28 -18.37
CA PHE D 4110 30.40 -56.51 -16.90
C PHE D 4110 29.60 -57.76 -16.61
N LEU D 4111 28.47 -57.93 -17.32
CA LEU D 4111 27.57 -59.09 -17.09
C LEU D 4111 28.33 -60.38 -17.41
N LEU D 4112 29.13 -60.39 -18.46
CA LEU D 4112 29.76 -61.67 -18.82
C LEU D 4112 30.67 -62.06 -17.67
N SER D 4113 31.38 -61.09 -17.12
CA SER D 4113 32.32 -61.35 -15.99
C SER D 4113 31.50 -61.87 -14.81
N CYS D 4114 30.31 -61.28 -14.60
CA CYS D 4114 29.43 -61.66 -13.46
C CYS D 4114 28.83 -63.04 -13.69
N SER D 4115 28.94 -63.55 -14.92
CA SER D 4115 28.46 -64.94 -15.18
C SER D 4115 29.40 -65.87 -14.43
N GLU D 4116 28.89 -66.99 -13.91
CA GLU D 4116 29.85 -67.93 -13.30
C GLU D 4116 30.11 -68.99 -14.36
N ALA D 4117 31.35 -69.07 -14.83
CA ALA D 4117 31.62 -69.99 -15.96
C ALA D 4117 32.69 -71.00 -15.58
N ASP D 4118 32.44 -72.30 -15.81
CA ASP D 4118 33.54 -73.27 -15.62
C ASP D 4118 33.82 -73.80 -17.03
N GLU D 4119 35.03 -73.63 -17.56
CA GLU D 4119 35.37 -74.03 -18.95
C GLU D 4119 34.49 -73.18 -19.88
N ASN D 4120 34.03 -72.02 -19.40
CA ASN D 4120 33.12 -71.15 -20.19
C ASN D 4120 31.84 -71.93 -20.43
N GLU D 4121 31.52 -72.88 -19.54
CA GLU D 4121 30.34 -73.74 -19.79
C GLU D 4121 29.04 -72.92 -19.79
N MET D 4122 28.87 -72.00 -18.83
CA MET D 4122 27.58 -71.26 -18.91
C MET D 4122 27.67 -69.74 -18.78
N ILE D 4123 27.27 -68.96 -19.79
CA ILE D 4123 27.07 -67.50 -19.57
C ILE D 4123 25.88 -67.57 -18.64
N ASN D 4124 24.99 -68.52 -18.94
CA ASN D 4124 23.81 -68.74 -18.07
C ASN D 4124 23.04 -67.43 -18.01
N PHE D 4125 22.99 -66.66 -19.10
CA PHE D 4125 22.22 -65.40 -18.93
C PHE D 4125 20.79 -65.85 -18.61
N GLU D 4126 20.27 -66.85 -19.32
CA GLU D 4126 18.94 -67.45 -19.03
C GLU D 4126 18.86 -68.15 -17.67
N GLU D 4127 19.89 -68.92 -17.28
CA GLU D 4127 19.89 -69.74 -16.03
C GLU D 4127 19.80 -68.94 -14.72
N PHE D 4128 20.49 -67.81 -14.61
CA PHE D 4128 20.60 -67.10 -13.30
C PHE D 4128 19.73 -65.84 -13.25
N ALA D 4129 19.15 -65.56 -12.09
CA ALA D 4129 18.38 -64.31 -11.96
C ALA D 4129 19.41 -63.20 -12.15
N ASN D 4130 19.03 -62.11 -12.79
CA ASN D 4130 20.04 -61.06 -13.08
C ASN D 4130 20.44 -60.49 -11.71
N ARG D 4131 21.62 -59.89 -11.56
CA ARG D 4131 22.19 -59.59 -10.21
C ARG D 4131 21.43 -58.67 -9.24
N PHE D 4132 21.44 -59.02 -7.92
CA PHE D 4132 20.85 -58.21 -6.80
C PHE D 4132 19.45 -57.61 -7.04
N GLN D 4133 18.68 -58.18 -7.97
CA GLN D 4133 17.33 -57.73 -8.30
C GLN D 4133 16.54 -57.40 -7.04
N GLU D 4134 16.39 -58.38 -6.15
CA GLU D 4134 15.61 -58.16 -4.93
C GLU D 4134 16.24 -57.13 -4.00
N PRO D 4135 17.58 -57.14 -3.70
CA PRO D 4135 18.12 -56.07 -2.84
C PRO D 4135 17.99 -54.69 -3.44
N ALA D 4136 18.54 -54.48 -4.65
CA ALA D 4136 18.57 -53.16 -5.25
C ALA D 4136 17.20 -52.67 -5.70
N ARG D 4137 16.19 -53.56 -5.73
CA ARG D 4137 14.84 -53.12 -6.05
C ARG D 4137 14.33 -52.12 -5.02
N ASP D 4138 14.61 -52.37 -3.74
CA ASP D 4138 14.19 -51.44 -2.69
C ASP D 4138 14.92 -50.10 -2.80
N ILE D 4139 16.22 -50.13 -3.12
CA ILE D 4139 16.96 -48.88 -3.30
C ILE D 4139 16.42 -48.11 -4.50
N GLY D 4140 16.10 -48.81 -5.60
CA GLY D 4140 15.52 -48.14 -6.74
C GLY D 4140 14.17 -47.52 -6.46
N PHE D 4141 13.32 -48.24 -5.72
CA PHE D 4141 12.02 -47.69 -5.34
C PHE D 4141 12.17 -46.49 -4.41
N ASN D 4142 13.13 -46.55 -3.48
CA ASN D 4142 13.35 -45.43 -2.57
C ASN D 4142 13.88 -44.21 -3.33
N VAL D 4143 14.98 -44.37 -4.05
CA VAL D 4143 15.55 -43.24 -4.83
C VAL D 4143 14.47 -42.69 -5.79
N ALA D 4144 13.48 -43.51 -6.14
CA ALA D 4144 12.38 -43.06 -7.01
C ALA D 4144 11.43 -42.17 -6.21
N VAL D 4145 10.82 -42.72 -5.17
CA VAL D 4145 9.91 -41.94 -4.33
C VAL D 4145 10.60 -40.67 -3.81
N LEU D 4146 11.92 -40.72 -3.61
CA LEU D 4146 12.66 -39.51 -3.24
C LEU D 4146 12.61 -38.47 -4.34
N LEU D 4147 12.81 -38.91 -5.59
CA LEU D 4147 12.73 -37.98 -6.71
C LEU D 4147 11.32 -37.46 -6.92
N THR D 4148 10.31 -38.30 -6.68
CA THR D 4148 8.93 -37.82 -6.76
C THR D 4148 8.64 -36.76 -5.70
N ASN D 4149 9.12 -36.99 -4.47
CA ASN D 4149 8.96 -36.02 -3.39
C ASN D 4149 9.68 -34.71 -3.73
N LEU D 4150 10.89 -34.80 -4.26
CA LEU D 4150 11.65 -33.60 -4.60
C LEU D 4150 11.12 -32.93 -5.86
N SER D 4151 10.33 -33.62 -6.67
CA SER D 4151 9.76 -33.02 -7.87
C SER D 4151 8.43 -32.33 -7.60
N GLU D 4152 7.55 -32.96 -6.80
CA GLU D 4152 6.30 -32.30 -6.44
C GLU D 4152 6.55 -31.06 -5.59
N HIS D 4153 7.48 -31.14 -4.65
CA HIS D 4153 7.89 -29.98 -3.87
C HIS D 4153 9.00 -29.23 -4.61
N VAL D 4154 9.33 -28.05 -4.08
CA VAL D 4154 10.30 -27.10 -4.65
C VAL D 4154 10.11 -26.89 -6.16
N PRO D 4155 8.94 -26.41 -6.58
CA PRO D 4155 8.61 -26.38 -8.01
C PRO D 4155 9.42 -25.33 -8.77
N HIS D 4156 9.34 -25.41 -10.10
CA HIS D 4156 9.95 -24.44 -11.01
C HIS D 4156 11.46 -24.37 -10.84
N ASP D 4157 12.11 -25.52 -10.80
CA ASP D 4157 13.57 -25.58 -10.71
C ASP D 4157 14.12 -26.28 -11.95
N PRO D 4158 14.75 -25.54 -12.88
CA PRO D 4158 15.27 -26.19 -14.09
C PRO D 4158 16.43 -27.14 -13.84
N ARG D 4159 17.14 -27.01 -12.72
CA ARG D 4159 18.29 -27.88 -12.47
C ARG D 4159 17.85 -29.29 -12.09
N LEU D 4160 16.74 -29.44 -11.39
CA LEU D 4160 16.23 -30.76 -11.05
C LEU D 4160 15.53 -31.43 -12.23
N ARG D 4161 15.15 -30.66 -13.25
CA ARG D 4161 14.52 -31.24 -14.43
C ARG D 4161 15.47 -32.14 -15.20
N ASN D 4162 16.76 -31.78 -15.25
CA ASN D 4162 17.74 -32.65 -15.90
C ASN D 4162 17.88 -33.97 -15.15
N PHE D 4163 17.91 -33.92 -13.82
CA PHE D 4163 17.99 -35.13 -13.01
C PHE D 4163 16.75 -36.00 -13.20
N LEU D 4164 15.57 -35.37 -13.29
CA LEU D 4164 14.34 -36.12 -13.53
C LEU D 4164 14.34 -36.75 -14.92
N GLU D 4165 14.91 -36.04 -15.91
CA GLU D 4165 14.96 -36.58 -17.26
C GLU D 4165 15.94 -37.75 -17.36
N LEU D 4166 17.04 -37.69 -16.61
CA LEU D 4166 18.00 -38.80 -16.63
C LEU D 4166 17.45 -40.05 -15.94
N ALA D 4167 16.49 -39.88 -15.03
CA ALA D 4167 15.91 -40.99 -14.26
C ALA D 4167 14.49 -41.30 -14.72
N GLU D 4168 14.22 -41.17 -16.03
CA GLU D 4168 12.88 -41.44 -16.53
C GLU D 4168 12.54 -42.92 -16.47
N SER D 4169 13.52 -43.79 -16.75
CA SER D 4169 13.27 -45.23 -16.73
C SER D 4169 12.95 -45.72 -15.32
N ILE D 4170 13.62 -45.15 -14.32
CA ILE D 4170 13.34 -45.49 -12.93
C ILE D 4170 11.91 -45.10 -12.56
N LEU D 4171 11.49 -43.90 -12.98
CA LEU D 4171 10.14 -43.44 -12.66
C LEU D 4171 9.08 -44.27 -13.37
N GLU D 4172 9.33 -44.65 -14.63
CA GLU D 4172 8.34 -45.45 -15.35
C GLU D 4172 8.31 -46.90 -14.87
N TYR D 4173 9.43 -47.42 -14.36
CA TYR D 4173 9.45 -48.81 -13.91
C TYR D 4173 8.72 -48.98 -12.59
N PHE D 4174 8.84 -48.00 -11.68
CA PHE D 4174 8.25 -48.09 -10.36
C PHE D 4174 6.95 -47.32 -10.24
N ARG D 4175 6.41 -46.81 -11.34
CA ARG D 4175 5.14 -46.10 -11.29
C ARG D 4175 3.95 -46.96 -10.86
N PRO D 4176 3.75 -48.19 -11.38
CA PRO D 4176 2.63 -49.00 -10.84
C PRO D 4176 2.78 -49.36 -9.37
N TYR D 4177 4.00 -49.48 -8.87
CA TYR D 4177 4.22 -49.86 -7.48
C TYR D 4177 4.25 -48.69 -6.52
N LEU D 4178 4.14 -47.47 -7.01
CA LEU D 4178 4.17 -46.27 -6.19
C LEU D 4178 2.74 -45.80 -5.93
N GLY D 4179 2.41 -45.59 -4.67
CA GLY D 4179 1.10 -45.06 -4.30
C GLY D 4179 1.23 -43.82 -3.43
N ARG D 4180 0.31 -42.88 -3.64
CA ARG D 4180 0.30 -41.63 -2.85
C ARG D 4180 -1.08 -41.44 -2.22
N ILE D 4181 -1.16 -40.64 -1.16
CA ILE D 4181 -2.43 -40.38 -0.45
C ILE D 4181 -2.27 -38.99 0.17
N GLU D 4182 -3.34 -38.25 0.38
CA GLU D 4182 -3.24 -36.95 1.07
C GLU D 4182 -4.03 -37.04 2.37
N ILE D 4183 -3.36 -36.88 3.50
CA ILE D 4183 -4.02 -36.92 4.80
C ILE D 4183 -3.84 -35.57 5.47
N MET D 4184 -4.50 -35.42 6.62
CA MET D 4184 -4.34 -34.25 7.48
C MET D 4184 -4.12 -34.76 8.90
N GLY D 4185 -2.95 -34.49 9.46
CA GLY D 4185 -2.65 -34.96 10.80
C GLY D 4185 -1.40 -34.31 11.34
N ALA D 4186 -1.34 -34.25 12.67
CA ALA D 4186 -0.23 -33.71 13.47
C ALA D 4186 0.04 -32.23 13.21
N SER D 4187 -0.79 -31.57 12.41
CA SER D 4187 -0.68 -30.14 12.10
C SER D 4187 -2.02 -29.71 11.51
N ARG D 4188 -2.07 -28.49 11.00
CA ARG D 4188 -3.23 -27.97 10.29
C ARG D 4188 -2.96 -27.87 8.80
N ARG D 4189 -2.18 -28.82 8.28
CA ARG D 4189 -1.75 -28.81 6.89
C ARG D 4189 -1.92 -30.19 6.28
N ILE D 4190 -2.04 -30.22 4.95
CA ILE D 4190 -2.20 -31.46 4.21
C ILE D 4190 -0.82 -32.06 3.96
N GLU D 4191 -0.68 -33.36 4.24
CA GLU D 4191 0.58 -34.08 4.11
C GLU D 4191 0.40 -35.25 3.16
N ARG D 4192 1.40 -35.44 2.29
CA ARG D 4192 1.40 -36.54 1.33
C ARG D 4192 2.30 -37.67 1.82
N ILE D 4193 1.84 -38.90 1.62
CA ILE D 4193 2.56 -40.09 2.04
C ILE D 4193 2.72 -41.00 0.83
N TYR D 4194 3.96 -41.43 0.55
CA TYR D 4194 4.28 -42.33 -0.55
C TYR D 4194 4.57 -43.72 0.01
N PHE D 4195 4.02 -44.73 -0.65
CA PHE D 4195 4.14 -46.10 -0.18
C PHE D 4195 4.21 -47.04 -1.38
N GLU D 4196 4.39 -48.32 -1.08
CA GLU D 4196 4.60 -49.36 -2.09
C GLU D 4196 3.35 -50.20 -2.26
N ILE D 4197 3.01 -50.51 -3.51
CA ILE D 4197 1.85 -51.33 -3.86
C ILE D 4197 2.35 -52.67 -4.37
N SER D 4198 1.84 -53.75 -3.79
CA SER D 4198 2.24 -55.09 -4.19
C SER D 4198 1.60 -55.47 -5.52
N GLU D 4199 2.26 -56.40 -6.22
CA GLU D 4199 1.78 -56.83 -7.53
C GLU D 4199 0.52 -57.68 -7.38
N THR D 4200 0.52 -58.62 -6.42
CA THR D 4200 -0.60 -59.54 -6.26
C THR D 4200 -1.86 -58.83 -5.79
N ASN D 4201 -1.72 -57.81 -4.94
CA ASN D 4201 -2.88 -57.04 -4.51
C ASN D 4201 -3.48 -56.26 -5.68
N ARG D 4202 -2.62 -55.69 -6.53
CA ARG D 4202 -3.10 -54.98 -7.72
C ARG D 4202 -3.80 -55.94 -8.68
N ALA D 4203 -3.26 -57.15 -8.84
CA ALA D 4203 -3.90 -58.15 -9.69
C ALA D 4203 -5.25 -58.59 -9.13
N GLN D 4204 -5.34 -58.75 -7.81
CA GLN D 4204 -6.60 -59.13 -7.18
C GLN D 4204 -7.62 -57.99 -7.23
N TRP D 4205 -7.16 -56.74 -7.27
CA TRP D 4205 -8.07 -55.61 -7.34
C TRP D 4205 -8.79 -55.55 -8.69
N GLU D 4206 -8.18 -56.07 -9.74
CA GLU D 4206 -8.74 -55.98 -11.09
C GLU D 4206 -9.75 -57.09 -11.39
N MET D 4207 -10.00 -57.98 -10.43
CA MET D 4207 -10.94 -59.07 -10.63
C MET D 4207 -12.36 -58.53 -10.81
N PRO D 4208 -13.14 -59.13 -11.73
CA PRO D 4208 -14.51 -58.62 -11.95
C PRO D 4208 -15.43 -58.72 -10.74
N GLN D 4209 -15.26 -59.74 -9.90
CA GLN D 4209 -16.10 -59.84 -8.70
C GLN D 4209 -15.80 -58.72 -7.71
N VAL D 4210 -14.53 -58.32 -7.58
CA VAL D 4210 -14.18 -57.21 -6.71
C VAL D 4210 -14.75 -55.90 -7.26
N LYS D 4211 -14.72 -55.74 -8.59
CA LYS D 4211 -15.30 -54.55 -9.20
C LYS D 4211 -16.82 -54.51 -9.04
N GLU D 4212 -17.47 -55.66 -9.11
CA GLU D 4212 -18.92 -55.71 -8.91
C GLU D 4212 -19.30 -55.42 -7.46
N SER D 4213 -18.51 -55.94 -6.52
CA SER D 4213 -18.73 -55.61 -5.11
C SER D 4213 -18.52 -54.13 -4.85
N LYS D 4214 -17.49 -53.54 -5.47
CA LYS D 4214 -17.25 -52.11 -5.34
C LYS D 4214 -18.39 -51.29 -5.91
N ARG D 4215 -18.91 -51.69 -7.08
CA ARG D 4215 -20.04 -50.98 -7.68
C ARG D 4215 -21.28 -51.07 -6.80
N GLN D 4216 -21.54 -52.25 -6.23
CA GLN D 4216 -22.68 -52.40 -5.32
C GLN D 4216 -22.51 -51.53 -4.07
N PHE D 4217 -21.30 -51.49 -3.53
CA PHE D 4217 -21.04 -50.65 -2.35
C PHE D 4217 -21.23 -49.18 -2.67
N ILE D 4218 -20.74 -48.73 -3.83
CA ILE D 4218 -20.91 -47.34 -4.24
C ILE D 4218 -22.39 -47.01 -4.45
N PHE D 4219 -23.13 -47.92 -5.07
CA PHE D 4219 -24.56 -47.70 -5.27
C PHE D 4219 -25.30 -47.60 -3.95
N ASP D 4220 -24.96 -48.47 -2.99
CA ASP D 4220 -25.61 -48.44 -1.69
C ASP D 4220 -25.26 -47.16 -0.93
N VAL D 4221 -24.01 -46.70 -1.02
CA VAL D 4221 -23.59 -45.50 -0.31
C VAL D 4221 -24.25 -44.26 -0.92
N VAL D 4222 -24.26 -44.16 -2.26
CA VAL D 4222 -24.80 -42.97 -2.90
C VAL D 4222 -26.33 -42.92 -2.77
N ASN D 4223 -26.99 -44.07 -2.93
CA ASN D 4223 -28.46 -44.07 -2.96
C ASN D 4223 -29.05 -43.89 -1.57
N GLU D 4224 -28.73 -44.79 -0.64
CA GLU D 4224 -29.36 -44.78 0.67
C GLU D 4224 -28.45 -44.27 1.79
N GLY D 4225 -27.14 -44.22 1.57
CA GLY D 4225 -26.24 -43.73 2.61
C GLY D 4225 -26.31 -42.23 2.75
N GLY D 4226 -26.22 -41.77 3.99
CA GLY D 4226 -26.23 -40.35 4.28
C GLY D 4226 -24.86 -39.73 4.13
N GLU D 4227 -24.81 -38.40 4.30
CA GLU D 4227 -23.54 -37.68 4.28
C GLU D 4227 -22.65 -38.09 5.45
N ALA D 4228 -23.24 -38.26 6.64
CA ALA D 4228 -22.51 -38.74 7.79
C ALA D 4228 -22.23 -40.24 7.66
N GLU D 4229 -21.30 -40.72 8.50
CA GLU D 4229 -20.91 -42.11 8.71
C GLU D 4229 -20.47 -42.82 7.42
N LYS D 4230 -20.17 -42.06 6.37
CA LYS D 4230 -19.69 -42.65 5.12
C LYS D 4230 -18.33 -43.30 5.31
N MET D 4231 -17.46 -42.70 6.13
CA MET D 4231 -16.13 -43.25 6.34
C MET D 4231 -16.17 -44.57 7.09
N GLU D 4232 -17.13 -44.75 8.00
CA GLU D 4232 -17.27 -46.03 8.70
C GLU D 4232 -17.64 -47.14 7.73
N LEU D 4233 -18.59 -46.87 6.82
CA LEU D 4233 -18.94 -47.85 5.80
C LEU D 4233 -17.79 -48.10 4.84
N PHE D 4234 -17.00 -47.07 4.53
CA PHE D 4234 -15.83 -47.26 3.68
C PHE D 4234 -14.80 -48.18 4.35
N VAL D 4235 -14.55 -47.97 5.64
CA VAL D 4235 -13.61 -48.82 6.36
C VAL D 4235 -14.13 -50.25 6.46
N SER D 4236 -15.44 -50.40 6.69
CA SER D 4236 -16.03 -51.74 6.73
C SER D 4236 -15.90 -52.45 5.38
N PHE D 4237 -16.14 -51.73 4.28
CA PHE D 4237 -15.97 -52.31 2.95
C PHE D 4237 -14.52 -52.66 2.68
N CYS D 4238 -13.59 -51.82 3.14
CA CYS D 4238 -12.17 -52.14 2.98
C CYS D 4238 -11.79 -53.39 3.75
N GLU D 4239 -12.28 -53.53 4.97
CA GLU D 4239 -11.99 -54.72 5.77
C GLU D 4239 -12.59 -55.97 5.12
N ASP D 4240 -13.81 -55.85 4.58
CA ASP D 4240 -14.40 -56.97 3.87
C ASP D 4240 -13.58 -57.34 2.63
N THR D 4241 -13.05 -56.35 1.93
CA THR D 4241 -12.21 -56.61 0.77
C THR D 4241 -10.91 -57.31 1.17
N ILE D 4242 -10.30 -56.89 2.30
CA ILE D 4242 -9.11 -57.55 2.81
C ILE D 4242 -9.42 -59.01 3.14
N PHE D 4243 -10.56 -59.26 3.80
CA PHE D 4243 -10.92 -60.63 4.14
C PHE D 4243 -11.17 -61.47 2.90
N GLU D 4244 -11.82 -60.90 1.88
CA GLU D 4244 -12.03 -61.63 0.63
C GLU D 4244 -10.71 -61.96 -0.06
N MET D 4245 -9.76 -61.01 -0.04
CA MET D 4245 -8.44 -61.28 -0.61
C MET D 4245 -7.72 -62.38 0.16
N GLN D 4246 -7.85 -62.39 1.49
CA GLN D 4246 -7.23 -63.45 2.28
C GLN D 4246 -7.84 -64.81 1.97
N ILE D 4247 -9.18 -64.87 1.84
CA ILE D 4247 -9.84 -66.13 1.49
C ILE D 4247 -9.40 -66.60 0.12
N ALA D 4248 -9.35 -65.68 -0.86
CA ALA D 4248 -8.90 -66.04 -2.20
C ALA D 4248 -7.44 -66.47 -2.21
N ALA D 4249 -6.63 -65.95 -1.28
CA ALA D 4249 -5.24 -66.38 -1.19
C ALA D 4249 -5.12 -67.79 -0.61
N GLN D 4250 -5.95 -68.11 0.40
CA GLN D 4250 -5.90 -69.44 0.98
C GLN D 4250 -6.49 -70.51 0.05
N ILE D 4251 -7.51 -70.17 -0.73
CA ILE D 4251 -8.04 -71.13 -1.71
C ILE D 4251 -7.18 -71.19 -2.96
N SER D 4252 -6.27 -70.23 -3.16
CA SER D 4252 -5.38 -70.26 -4.30
C SER D 4252 -4.43 -71.44 -4.23
N GLU D 4253 -4.17 -72.06 -5.38
CA GLU D 4253 -3.28 -73.21 -5.45
C GLU D 4253 -2.28 -73.06 -6.58
N PHE D 4540 -2.14 -93.55 4.49
CA PHE D 4540 -1.52 -92.52 5.31
C PHE D 4540 -2.53 -91.43 5.67
N TRP D 4541 -2.52 -91.02 6.94
CA TRP D 4541 -3.43 -89.97 7.38
C TRP D 4541 -3.08 -88.62 6.77
N GLY D 4542 -1.79 -88.32 6.65
CA GLY D 4542 -1.38 -87.05 6.06
C GLY D 4542 -1.72 -86.95 4.59
N GLU D 4543 -1.54 -88.05 3.85
CA GLU D 4543 -1.89 -88.05 2.43
C GLU D 4543 -3.40 -87.88 2.24
N LEU D 4544 -4.20 -88.55 3.06
CA LEU D 4544 -5.66 -88.39 2.98
C LEU D 4544 -6.07 -86.97 3.34
N GLU D 4545 -5.42 -86.37 4.36
CA GLU D 4545 -5.73 -85.00 4.74
C GLU D 4545 -5.38 -84.02 3.63
N VAL D 4546 -4.21 -84.20 2.99
CA VAL D 4546 -3.83 -83.28 1.92
C VAL D 4546 -4.71 -83.49 0.68
N GLN D 4547 -5.17 -84.73 0.44
CA GLN D 4547 -6.11 -84.96 -0.65
C GLN D 4547 -7.46 -84.28 -0.37
N ARG D 4548 -7.92 -84.35 0.88
CA ARG D 4548 -9.15 -83.66 1.24
C ARG D 4548 -9.02 -82.15 1.11
N VAL D 4549 -7.86 -81.61 1.51
CA VAL D 4549 -7.61 -80.17 1.38
C VAL D 4549 -7.59 -79.77 -0.09
N LYS D 4550 -6.93 -80.57 -0.94
CA LYS D 4550 -6.89 -80.27 -2.38
C LYS D 4550 -8.28 -80.35 -3.00
N PHE D 4551 -9.08 -81.35 -2.60
CA PHE D 4551 -10.44 -81.47 -3.13
C PHE D 4551 -11.31 -80.30 -2.70
N LEU D 4552 -11.17 -79.87 -1.44
CA LEU D 4552 -11.93 -78.72 -0.97
C LEU D 4552 -11.52 -77.44 -1.69
N ASN D 4553 -10.21 -77.27 -1.94
CA ASN D 4553 -9.75 -76.09 -2.68
C ASN D 4553 -10.24 -76.12 -4.12
N TYR D 4554 -10.26 -77.30 -4.75
CA TYR D 4554 -10.77 -77.42 -6.11
C TYR D 4554 -12.27 -77.12 -6.16
N LEU D 4555 -13.03 -77.60 -5.17
CA LEU D 4555 -14.46 -77.29 -5.12
C LEU D 4555 -14.71 -75.81 -4.88
N SER D 4556 -13.89 -75.17 -4.04
CA SER D 4556 -14.06 -73.75 -3.77
C SER D 4556 -13.70 -72.90 -4.99
N ARG D 4557 -12.67 -73.32 -5.73
CA ARG D 4557 -12.22 -72.52 -6.87
C ARG D 4557 -13.27 -72.47 -7.98
N ASN D 4558 -13.91 -73.60 -8.28
CA ASN D 4558 -14.94 -73.67 -9.32
C ASN D 4558 -16.29 -73.85 -8.63
N PHE D 4559 -17.05 -72.76 -8.55
CA PHE D 4559 -18.36 -72.78 -7.90
C PHE D 4559 -19.50 -72.45 -8.85
N TYR D 4560 -19.34 -71.40 -9.68
CA TYR D 4560 -20.40 -71.00 -10.58
C TYR D 4560 -20.48 -71.87 -11.83
N THR D 4561 -19.37 -72.48 -12.22
CA THR D 4561 -19.38 -73.41 -13.35
C THR D 4561 -20.19 -74.66 -13.01
N LEU D 4562 -20.08 -75.14 -11.78
CA LEU D 4562 -20.92 -76.25 -11.33
C LEU D 4562 -22.38 -75.83 -11.24
N ARG D 4563 -22.64 -74.56 -10.91
CA ARG D 4563 -24.01 -74.05 -10.88
C ARG D 4563 -24.63 -74.06 -12.28
N PHE D 4564 -23.87 -73.61 -13.27
CA PHE D 4564 -24.33 -73.66 -14.66
C PHE D 4564 -24.46 -75.10 -15.14
N LEU D 4565 -23.59 -75.99 -14.68
CA LEU D 4565 -23.73 -77.40 -15.00
C LEU D 4565 -24.99 -77.98 -14.41
N ALA D 4566 -25.36 -77.56 -13.20
CA ALA D 4566 -26.62 -77.99 -12.59
C ALA D 4566 -27.81 -77.47 -13.39
N LEU D 4567 -27.73 -76.23 -13.89
CA LEU D 4567 -28.79 -75.72 -14.76
C LEU D 4567 -28.89 -76.53 -16.05
N PHE D 4568 -27.75 -76.89 -16.65
CA PHE D 4568 -27.77 -77.71 -17.85
C PHE D 4568 -28.36 -79.09 -17.58
N LEU D 4569 -28.03 -79.68 -16.43
CA LEU D 4569 -28.61 -80.96 -16.05
C LEU D 4569 -30.11 -80.86 -15.86
N ALA D 4570 -30.58 -79.77 -15.23
CA ALA D 4570 -32.00 -79.58 -15.04
C ALA D 4570 -32.73 -79.40 -16.37
N PHE D 4571 -32.13 -78.65 -17.30
CA PHE D 4571 -32.72 -78.50 -18.62
C PHE D 4571 -32.80 -79.83 -19.37
N ALA D 4572 -31.73 -80.63 -19.29
CA ALA D 4572 -31.73 -81.94 -19.94
C ALA D 4572 -32.77 -82.87 -19.31
N ILE D 4573 -32.91 -82.82 -17.98
CA ILE D 4573 -33.91 -83.64 -17.30
C ILE D 4573 -35.31 -83.24 -17.73
N ASN D 4574 -35.58 -81.93 -17.82
CA ASN D 4574 -36.89 -81.46 -18.27
C ASN D 4574 -37.15 -81.87 -19.72
N PHE D 4575 -36.13 -81.78 -20.58
CA PHE D 4575 -36.29 -82.14 -21.99
C PHE D 4575 -36.60 -83.63 -22.14
N ILE D 4576 -35.93 -84.48 -21.36
CA ILE D 4576 -36.22 -85.91 -21.41
C ILE D 4576 -37.60 -86.20 -20.82
N LEU D 4577 -37.94 -85.53 -19.72
CA LEU D 4577 -39.23 -85.73 -19.06
C LEU D 4577 -40.40 -85.15 -19.83
N LEU D 4578 -40.13 -84.38 -20.89
CA LEU D 4578 -41.20 -83.90 -21.77
C LEU D 4578 -41.97 -85.06 -22.37
N PHE D 4579 -41.28 -86.10 -22.81
CA PHE D 4579 -41.91 -87.30 -23.37
C PHE D 4579 -42.37 -88.17 -22.20
N TYR D 4580 -43.65 -88.07 -21.85
CA TYR D 4580 -44.20 -88.79 -20.71
C TYR D 4580 -45.70 -88.91 -20.89
N LYS D 4581 -46.22 -90.15 -20.93
CA LYS D 4581 -47.61 -90.41 -21.22
C LYS D 4581 -48.26 -91.22 -20.11
N VAL D 4582 -49.58 -91.30 -20.15
CA VAL D 4582 -50.38 -92.07 -19.21
C VAL D 4582 -51.31 -92.98 -20.01
N SER D 4583 -51.48 -94.21 -19.53
CA SER D 4583 -52.33 -95.18 -20.21
C SER D 4583 -53.16 -95.95 -19.17
N ASP D 4584 -54.27 -96.51 -19.64
CA ASP D 4584 -55.14 -97.28 -18.76
C ASP D 4584 -54.71 -98.74 -18.64
N SER D 4585 -53.97 -99.23 -19.63
CA SER D 4585 -53.45 -100.62 -19.59
C SER D 4585 -51.92 -100.59 -19.53
N PRO D 4586 -51.26 -101.54 -18.83
CA PRO D 4586 -49.81 -101.50 -18.69
C PRO D 4586 -49.15 -101.66 -20.07
N PRO D 4587 -48.02 -100.99 -20.35
CA PRO D 4587 -47.41 -101.03 -21.69
C PRO D 4587 -46.96 -102.45 -22.04
N GLY D 4588 -47.13 -102.85 -23.31
CA GLY D 4588 -46.73 -104.20 -23.76
C GLY D 4588 -47.34 -105.25 -22.83
N ASN D 4626 -54.50 -98.70 -10.93
CA ASN D 4626 -55.35 -98.52 -12.10
C ASN D 4626 -54.54 -98.05 -13.30
N MET D 4627 -54.56 -96.75 -13.56
CA MET D 4627 -53.81 -96.19 -14.67
C MET D 4627 -52.32 -96.19 -14.38
N VAL D 4628 -51.52 -96.42 -15.42
CA VAL D 4628 -50.07 -96.45 -15.30
C VAL D 4628 -49.49 -95.31 -16.12
N TYR D 4629 -48.24 -94.94 -15.78
CA TYR D 4629 -47.53 -93.87 -16.46
C TYR D 4629 -46.29 -94.44 -17.12
N TYR D 4630 -46.13 -94.17 -18.42
CA TYR D 4630 -44.99 -94.66 -19.17
C TYR D 4630 -44.68 -93.70 -20.31
N PHE D 4631 -43.43 -93.70 -20.75
CA PHE D 4631 -42.95 -92.78 -21.77
C PHE D 4631 -42.96 -93.47 -23.12
N LEU D 4632 -43.73 -92.93 -24.07
CA LEU D 4632 -43.72 -93.40 -25.45
C LEU D 4632 -42.61 -92.68 -26.21
N GLU D 4633 -41.38 -93.01 -25.83
CA GLU D 4633 -40.21 -92.30 -26.35
C GLU D 4633 -39.80 -92.79 -27.74
N GLU D 4634 -40.26 -93.96 -28.16
CA GLU D 4634 -39.98 -94.62 -29.43
C GLU D 4634 -38.53 -95.11 -29.53
N SER D 4635 -37.61 -94.53 -28.75
CA SER D 4635 -36.24 -95.00 -28.68
C SER D 4635 -36.10 -95.87 -27.43
N THR D 4636 -36.15 -97.19 -27.62
CA THR D 4636 -36.23 -98.11 -26.48
C THR D 4636 -34.90 -98.17 -25.75
N GLY D 4637 -34.95 -98.06 -24.43
CA GLY D 4637 -33.81 -98.32 -23.58
C GLY D 4637 -32.78 -97.21 -23.49
N TYR D 4638 -33.05 -96.03 -24.05
CA TYR D 4638 -32.05 -94.97 -24.02
C TYR D 4638 -32.34 -93.88 -22.99
N MET D 4639 -33.59 -93.41 -22.92
CA MET D 4639 -33.88 -92.18 -22.19
C MET D 4639 -34.01 -92.39 -20.68
N GLU D 4640 -34.61 -93.54 -20.32
CA GLU D 4640 -34.79 -93.89 -18.89
C GLU D 4640 -33.43 -94.13 -18.26
N PRO D 4641 -32.50 -94.87 -18.92
CA PRO D 4641 -31.15 -95.02 -18.39
C PRO D 4641 -30.50 -93.64 -18.34
N ALA D 4642 -30.73 -92.82 -19.36
CA ALA D 4642 -30.13 -91.46 -19.41
C ALA D 4642 -30.62 -90.60 -18.25
N LEU D 4643 -31.94 -90.50 -18.05
CA LEU D 4643 -32.49 -89.63 -17.03
C LEU D 4643 -32.12 -90.12 -15.63
N TRP D 4644 -31.58 -91.33 -15.53
CA TRP D 4644 -31.14 -91.82 -14.23
C TRP D 4644 -29.70 -91.41 -13.99
N CYS D 4645 -28.87 -91.46 -15.04
CA CYS D 4645 -27.54 -90.88 -14.98
C CYS D 4645 -27.63 -89.38 -14.68
N LEU D 4646 -28.57 -88.68 -15.33
CA LEU D 4646 -28.74 -87.25 -15.07
C LEU D 4646 -29.27 -86.99 -13.67
N SER D 4647 -30.14 -87.85 -13.14
CA SER D 4647 -30.60 -87.67 -11.77
C SER D 4647 -29.46 -87.83 -10.77
N LEU D 4648 -28.64 -88.88 -10.94
CA LEU D 4648 -27.50 -89.06 -10.05
C LEU D 4648 -26.49 -87.92 -10.18
N LEU D 4649 -26.25 -87.46 -11.41
CA LEU D 4649 -25.33 -86.35 -11.62
C LEU D 4649 -25.87 -85.06 -11.00
N HIS D 4650 -27.17 -84.82 -11.11
CA HIS D 4650 -27.76 -83.63 -10.50
C HIS D 4650 -27.65 -83.66 -8.98
N THR D 4651 -27.88 -84.83 -8.38
CA THR D 4651 -27.70 -84.96 -6.93
C THR D 4651 -26.25 -84.72 -6.53
N LEU D 4652 -25.30 -85.29 -7.29
CA LEU D 4652 -23.89 -85.11 -6.98
C LEU D 4652 -23.46 -83.65 -7.12
N VAL D 4653 -23.92 -82.98 -8.17
CA VAL D 4653 -23.56 -81.58 -8.37
C VAL D 4653 -24.19 -80.70 -7.30
N ALA D 4654 -25.42 -81.00 -6.89
CA ALA D 4654 -26.04 -80.24 -5.80
C ALA D 4654 -25.26 -80.41 -4.50
N PHE D 4655 -24.81 -81.63 -4.21
CA PHE D 4655 -24.00 -81.86 -3.01
C PHE D 4655 -22.67 -81.11 -3.09
N LEU D 4656 -22.02 -81.14 -4.27
CA LEU D 4656 -20.75 -80.43 -4.43
C LEU D 4656 -20.92 -78.91 -4.31
N CYS D 4657 -22.02 -78.37 -4.84
CA CYS D 4657 -22.26 -76.93 -4.71
C CYS D 4657 -22.56 -76.54 -3.27
N ILE D 4658 -23.32 -77.36 -2.55
CA ILE D 4658 -23.59 -77.03 -1.14
C ILE D 4658 -22.31 -77.12 -0.32
N ILE D 4659 -21.42 -78.06 -0.64
CA ILE D 4659 -20.13 -78.15 0.05
C ILE D 4659 -19.27 -76.94 -0.28
N GLY D 4660 -19.26 -76.52 -1.55
CA GLY D 4660 -18.47 -75.36 -1.93
C GLY D 4660 -18.97 -74.08 -1.29
N TYR D 4661 -20.29 -73.93 -1.19
CA TYR D 4661 -20.85 -72.78 -0.46
C TYR D 4661 -20.50 -72.85 1.02
N ASN D 4662 -20.52 -74.05 1.61
CA ASN D 4662 -20.19 -74.19 3.02
C ASN D 4662 -18.75 -73.78 3.30
N CYS D 4663 -17.81 -74.20 2.44
CA CYS D 4663 -16.41 -73.87 2.66
C CYS D 4663 -16.01 -72.51 2.09
N LEU D 4664 -16.86 -71.88 1.27
CA LEU D 4664 -16.44 -70.71 0.52
C LEU D 4664 -16.89 -69.39 1.16
N LYS D 4665 -18.20 -69.22 1.38
CA LYS D 4665 -18.73 -67.91 1.74
C LYS D 4665 -19.16 -67.80 3.20
N VAL D 4666 -19.27 -68.94 3.88
CA VAL D 4666 -19.62 -68.92 5.34
C VAL D 4666 -18.47 -68.26 6.11
N PRO D 4667 -17.20 -68.27 5.64
CA PRO D 4667 -16.13 -67.58 6.35
C PRO D 4667 -16.41 -66.07 6.46
N LEU D 4668 -16.95 -65.44 5.41
CA LEU D 4668 -17.17 -63.98 5.44
C LEU D 4668 -18.26 -63.62 6.45
N VAL D 4669 -19.41 -64.31 6.43
CA VAL D 4669 -20.47 -63.89 7.35
C VAL D 4669 -20.06 -64.13 8.80
N ILE D 4670 -19.26 -65.18 9.07
CA ILE D 4670 -18.76 -65.38 10.42
C ILE D 4670 -17.81 -64.25 10.82
N PHE D 4671 -16.93 -63.83 9.91
CA PHE D 4671 -16.03 -62.73 10.19
C PHE D 4671 -16.79 -61.42 10.40
N LYS D 4672 -17.80 -61.16 9.57
CA LYS D 4672 -18.58 -59.94 9.73
C LYS D 4672 -19.34 -59.93 11.05
N ARG D 4673 -19.95 -61.06 11.43
CA ARG D 4673 -20.68 -61.13 12.69
C ARG D 4673 -19.74 -60.97 13.88
N GLU D 4674 -18.57 -61.61 13.84
CA GLU D 4674 -17.62 -61.48 14.94
C GLU D 4674 -17.09 -60.06 15.05
N LYS D 4675 -16.81 -59.42 13.91
CA LYS D 4675 -16.32 -58.05 13.92
C LYS D 4675 -17.38 -57.09 14.47
N GLU D 4676 -18.64 -57.26 14.04
CA GLU D 4676 -19.71 -56.41 14.54
C GLU D 4676 -19.92 -56.58 16.03
N LEU D 4677 -19.91 -57.84 16.51
CA LEU D 4677 -20.08 -58.08 17.94
C LEU D 4677 -18.92 -57.51 18.74
N ALA D 4678 -17.69 -57.66 18.24
CA ALA D 4678 -16.53 -57.11 18.95
C ALA D 4678 -16.58 -55.59 19.02
N ARG D 4679 -16.95 -54.93 17.91
CA ARG D 4679 -17.04 -53.48 17.93
C ARG D 4679 -18.17 -52.98 18.83
N LYS D 4680 -19.31 -53.68 18.82
CA LYS D 4680 -20.40 -53.31 19.72
C LYS D 4680 -20.02 -53.49 21.18
N LEU D 4681 -19.29 -54.56 21.50
CA LEU D 4681 -18.83 -54.76 22.87
C LEU D 4681 -17.82 -53.71 23.29
N GLU D 4682 -16.88 -53.37 22.40
CA GLU D 4682 -15.80 -52.47 22.76
C GLU D 4682 -16.27 -51.02 22.86
N PHE D 4683 -17.05 -50.57 21.89
CA PHE D 4683 -17.38 -49.15 21.79
C PHE D 4683 -18.79 -48.80 22.21
N ASP D 4684 -19.76 -49.71 22.02
CA ASP D 4684 -21.14 -49.40 22.35
C ASP D 4684 -21.58 -49.93 23.71
N GLY D 4685 -20.89 -50.93 24.26
CA GLY D 4685 -21.26 -51.48 25.55
C GLY D 4685 -22.61 -52.16 25.54
N LEU D 4686 -22.86 -52.99 24.52
CA LEU D 4686 -24.17 -53.62 24.37
C LEU D 4686 -24.47 -54.58 25.52
N TYR D 4687 -23.44 -55.26 26.02
CA TYR D 4687 -23.60 -56.17 27.15
C TYR D 4687 -22.94 -55.69 28.43
N ILE D 4688 -22.12 -54.63 28.36
CA ILE D 4688 -21.40 -54.14 29.54
C ILE D 4688 -22.26 -53.14 30.29
N THR D 4689 -22.61 -52.04 29.62
CA THR D 4689 -23.34 -50.95 30.28
C THR D 4689 -24.85 -51.18 30.22
N GLU D 4690 -25.39 -51.36 29.02
CA GLU D 4690 -26.81 -51.60 28.84
C GLU D 4690 -27.09 -53.08 28.59
N GLN D 4691 -28.35 -53.40 28.32
CA GLN D 4691 -28.77 -54.76 28.01
C GLN D 4691 -29.79 -54.71 26.88
N PRO D 4692 -29.84 -55.76 26.04
CA PRO D 4692 -30.88 -55.82 25.01
C PRO D 4692 -32.26 -56.05 25.61
N GLY D 4693 -33.17 -55.10 25.41
CA GLY D 4693 -34.47 -55.15 26.04
C GLY D 4693 -35.38 -56.26 25.55
N ASP D 4694 -35.74 -56.21 24.27
CA ASP D 4694 -36.58 -57.29 23.68
C ASP D 4694 -36.52 -57.19 22.14
N ASP D 4695 -37.15 -58.12 21.43
CA ASP D 4695 -37.21 -58.07 19.94
C ASP D 4695 -35.80 -57.98 19.37
N ASP D 4696 -34.84 -58.72 19.95
CA ASP D 4696 -33.44 -58.73 19.44
C ASP D 4696 -32.92 -60.16 19.47
N VAL D 4697 -33.47 -61.03 18.62
CA VAL D 4697 -33.06 -62.44 18.59
C VAL D 4697 -31.54 -62.55 18.49
N LYS D 4698 -30.92 -61.65 17.73
CA LYS D 4698 -29.46 -61.67 17.59
C LYS D 4698 -28.78 -61.37 18.92
N GLY D 4699 -29.34 -60.45 19.72
CA GLY D 4699 -28.76 -60.15 21.00
C GLY D 4699 -28.80 -61.32 21.97
N GLN D 4700 -29.88 -62.09 21.94
CA GLN D 4700 -29.96 -63.28 22.79
C GLN D 4700 -29.07 -64.40 22.26
N TRP D 4701 -28.96 -64.52 20.93
CA TRP D 4701 -28.14 -65.57 20.35
C TRP D 4701 -26.65 -65.29 20.45
N ASP D 4702 -26.25 -64.03 20.61
CA ASP D 4702 -24.84 -63.69 20.75
C ASP D 4702 -24.31 -63.88 22.16
N ARG D 4703 -25.18 -64.19 23.13
CA ARG D 4703 -24.73 -64.41 24.50
C ARG D 4703 -23.99 -65.73 24.66
N LEU D 4704 -24.23 -66.70 23.77
CA LEU D 4704 -23.61 -68.01 23.91
C LEU D 4704 -22.13 -67.98 23.54
N VAL D 4705 -21.73 -67.12 22.60
CA VAL D 4705 -20.34 -67.11 22.14
C VAL D 4705 -19.45 -66.27 23.06
N LEU D 4706 -20.04 -65.42 23.90
CA LEU D 4706 -19.24 -64.56 24.77
C LEU D 4706 -18.47 -65.37 25.80
N ASN D 4707 -19.10 -66.40 26.37
CA ASN D 4707 -18.45 -67.22 27.39
C ASN D 4707 -17.47 -68.24 26.80
N THR D 4708 -17.51 -68.46 25.49
CA THR D 4708 -16.62 -69.44 24.88
C THR D 4708 -15.20 -68.87 24.81
N PRO D 4709 -14.19 -69.68 25.13
CA PRO D 4709 -12.79 -69.22 24.99
C PRO D 4709 -12.37 -68.99 23.55
N SER D 4710 -13.10 -69.55 22.57
CA SER D 4710 -12.75 -69.43 21.16
C SER D 4710 -13.52 -68.31 20.47
N PHE D 4711 -13.79 -67.21 21.18
CA PHE D 4711 -14.49 -66.08 20.58
C PHE D 4711 -13.75 -65.47 19.39
N PRO D 4712 -12.44 -65.08 19.48
CA PRO D 4712 -11.78 -64.54 18.29
C PRO D 4712 -11.24 -65.66 17.41
N SER D 4713 -11.89 -65.88 16.27
CA SER D 4713 -11.47 -66.89 15.31
C SER D 4713 -11.13 -66.30 13.95
N ASN D 4714 -12.01 -65.45 13.41
CA ASN D 4714 -11.77 -64.80 12.12
C ASN D 4714 -11.34 -63.35 12.26
N TYR D 4715 -11.72 -62.68 13.34
CA TYR D 4715 -11.37 -61.28 13.54
C TYR D 4715 -9.87 -61.16 13.85
N TRP D 4716 -9.25 -60.09 13.35
CA TRP D 4716 -7.80 -59.96 13.45
C TRP D 4716 -7.35 -59.69 14.88
N ASP D 4717 -8.09 -58.87 15.61
CA ASP D 4717 -7.70 -58.50 16.97
C ASP D 4717 -8.07 -59.62 17.93
N LYS D 4718 -7.08 -60.16 18.63
CA LYS D 4718 -7.29 -61.18 19.64
C LYS D 4718 -7.28 -60.63 21.06
N PHE D 4719 -7.20 -59.31 21.23
CA PHE D 4719 -7.12 -58.68 22.54
C PHE D 4719 -8.32 -57.81 22.84
N VAL D 4720 -9.47 -58.09 22.22
CA VAL D 4720 -10.65 -57.26 22.45
C VAL D 4720 -11.17 -57.43 23.87
N LYS D 4721 -11.08 -58.64 24.44
CA LYS D 4721 -11.54 -58.86 25.81
C LYS D 4721 -10.70 -58.07 26.81
N ARG D 4722 -9.39 -58.04 26.61
CA ARG D 4722 -8.53 -57.25 27.49
C ARG D 4722 -8.80 -55.76 27.36
N LYS D 4723 -9.08 -55.28 26.14
CA LYS D 4723 -9.41 -53.88 25.94
C LYS D 4723 -10.71 -53.51 26.65
N VAL D 4724 -11.73 -54.37 26.54
CA VAL D 4724 -13.00 -54.12 27.24
C VAL D 4724 -12.80 -54.15 28.75
N LEU D 4725 -11.99 -55.10 29.24
CA LEU D 4725 -11.74 -55.19 30.68
C LEU D 4725 -11.00 -53.96 31.19
N ASP D 4726 -10.03 -53.45 30.42
CA ASP D 4726 -9.32 -52.24 30.83
C ASP D 4726 -10.20 -51.00 30.72
N LYS D 4727 -11.11 -50.97 29.74
CA LYS D 4727 -11.96 -49.80 29.56
C LYS D 4727 -13.03 -49.71 30.64
N HIS D 4728 -13.67 -50.84 30.97
CA HIS D 4728 -14.78 -50.85 31.91
C HIS D 4728 -14.41 -51.49 33.24
N GLY D 4729 -13.13 -51.50 33.59
CA GLY D 4729 -12.69 -52.06 34.87
C GLY D 4729 -12.89 -51.16 36.06
N ASP D 4730 -13.01 -49.85 35.85
CA ASP D 4730 -13.18 -48.91 36.95
C ASP D 4730 -14.65 -48.59 37.22
N ILE D 4731 -15.42 -48.30 36.17
CA ILE D 4731 -16.83 -47.97 36.35
C ILE D 4731 -17.61 -49.19 36.83
N PHE D 4732 -17.38 -50.34 36.19
CA PHE D 4732 -18.00 -51.59 36.60
C PHE D 4732 -16.98 -52.47 37.31
N GLY D 4733 -17.49 -53.49 38.00
CA GLY D 4733 -16.62 -54.39 38.73
C GLY D 4733 -15.74 -55.20 37.79
N ARG D 4734 -14.45 -55.30 38.11
CA ARG D 4734 -13.53 -56.05 37.27
C ARG D 4734 -13.89 -57.53 37.24
N GLU D 4735 -14.28 -58.09 38.39
CA GLU D 4735 -14.65 -59.50 38.45
C GLU D 4735 -15.88 -59.80 37.63
N ARG D 4736 -16.90 -58.93 37.67
CA ARG D 4736 -18.13 -59.18 36.93
C ARG D 4736 -17.91 -59.13 35.43
N ILE D 4737 -17.18 -58.13 34.94
CA ILE D 4737 -16.91 -58.01 33.52
C ILE D 4737 -15.99 -59.14 33.06
N ALA D 4738 -15.02 -59.52 33.90
CA ALA D 4738 -14.16 -60.64 33.56
C ALA D 4738 -14.94 -61.95 33.47
N GLU D 4739 -15.85 -62.20 34.42
CA GLU D 4739 -16.63 -63.43 34.41
C GLU D 4739 -17.60 -63.47 33.25
N LEU D 4740 -18.19 -62.32 32.91
CA LEU D 4740 -19.15 -62.27 31.81
C LEU D 4740 -18.51 -62.59 30.47
N LEU D 4741 -17.22 -62.32 30.31
CA LEU D 4741 -16.50 -62.59 29.08
C LEU D 4741 -15.54 -63.77 29.21
N GLY D 4742 -15.94 -64.81 29.96
CA GLY D 4742 -15.09 -65.96 30.15
C GLY D 4742 -13.87 -65.65 31.01
N MET D 4743 -12.69 -65.75 30.40
CA MET D 4743 -11.42 -65.29 30.99
C MET D 4743 -11.17 -65.89 32.37
N ASP D 4744 -11.16 -67.22 32.42
CA ASP D 4744 -10.93 -67.91 33.68
C ASP D 4744 -9.51 -67.69 34.17
N LEU D 4745 -9.35 -67.58 35.49
CA LEU D 4745 -8.08 -67.33 36.15
C LEU D 4745 -7.42 -66.05 35.61
N ALA D 4746 -8.13 -64.93 35.79
CA ALA D 4746 -7.61 -63.64 35.34
C ALA D 4746 -6.36 -63.24 36.10
N SER D 4747 -6.27 -63.59 37.37
CA SER D 4747 -5.05 -63.34 38.14
C SER D 4747 -3.88 -64.15 37.59
N LEU D 4748 -4.14 -65.41 37.20
CA LEU D 4748 -3.10 -66.25 36.64
C LEU D 4748 -2.72 -65.84 35.21
N GLU D 4749 -3.57 -65.05 34.55
CA GLU D 4749 -3.23 -64.54 33.23
C GLU D 4749 -2.04 -63.60 33.28
N ILE D 4750 -1.91 -62.84 34.37
CA ILE D 4750 -0.77 -61.93 34.54
C ILE D 4750 0.51 -62.74 34.67
N THR D 4751 1.55 -62.30 33.96
CA THR D 4751 2.81 -63.02 33.87
C THR D 4751 3.73 -62.79 35.06
N ALA D 4752 3.21 -62.24 36.16
CA ALA D 4752 4.03 -62.01 37.34
C ALA D 4752 4.36 -63.29 38.09
N HIS D 4753 3.60 -64.37 37.86
CA HIS D 4753 3.80 -65.60 38.61
C HIS D 4753 5.01 -66.38 38.11
N ASN D 4754 4.97 -66.79 36.83
CA ASN D 4754 6.03 -67.58 36.19
C ASN D 4754 6.33 -68.85 36.98
N GLU D 4755 5.27 -69.54 37.44
CA GLU D 4755 5.44 -70.71 38.27
C GLU D 4755 5.97 -71.89 37.47
N ARG D 4756 5.38 -72.16 36.30
CA ARG D 4756 5.76 -73.31 35.51
C ARG D 4756 5.41 -73.06 34.05
N LYS D 4757 6.03 -73.87 33.18
CA LYS D 4757 5.77 -73.83 31.74
C LYS D 4757 4.96 -75.03 31.32
N PRO D 4758 3.93 -74.86 30.51
CA PRO D 4758 3.10 -76.01 30.10
C PRO D 4758 3.84 -76.93 29.14
N ASP D 4759 3.38 -78.19 29.12
CA ASP D 4759 3.93 -79.23 28.26
C ASP D 4759 2.98 -79.50 27.09
N PRO D 4760 3.52 -79.79 25.90
CA PRO D 4760 2.65 -80.04 24.74
C PRO D 4760 1.97 -81.39 24.84
N PRO D 4761 0.66 -81.45 24.58
CA PRO D 4761 -0.06 -82.71 24.61
C PRO D 4761 0.23 -83.53 23.37
N PRO D 4762 0.07 -84.85 23.42
CA PRO D 4762 0.24 -85.68 22.21
C PRO D 4762 -1.04 -85.70 21.39
N GLY D 4763 -0.93 -85.32 20.12
CA GLY D 4763 -2.08 -85.16 19.26
C GLY D 4763 -2.70 -86.45 18.75
N LEU D 4764 -3.08 -87.33 19.67
CA LEU D 4764 -3.85 -88.54 19.35
C LEU D 4764 -5.14 -88.50 20.15
N LEU D 4765 -6.28 -88.55 19.45
CA LEU D 4765 -7.64 -88.53 19.99
C LEU D 4765 -7.98 -87.18 20.63
N THR D 4766 -7.04 -86.25 20.71
CA THR D 4766 -7.26 -84.95 21.32
C THR D 4766 -8.27 -84.10 20.54
N TRP D 4767 -8.43 -84.37 19.24
CA TRP D 4767 -9.33 -83.58 18.40
C TRP D 4767 -10.78 -83.68 18.87
N LEU D 4768 -11.16 -84.80 19.48
CA LEU D 4768 -12.52 -84.95 20.00
C LEU D 4768 -12.78 -84.00 21.16
N MET D 4769 -11.78 -83.80 22.03
CA MET D 4769 -11.96 -82.91 23.18
C MET D 4769 -11.67 -81.45 22.84
N SER D 4770 -10.88 -81.20 21.79
CA SER D 4770 -10.44 -79.84 21.49
C SER D 4770 -11.54 -78.98 20.87
N ILE D 4771 -12.65 -79.57 20.44
CA ILE D 4771 -13.74 -78.81 19.86
C ILE D 4771 -14.54 -78.13 20.96
N ASP D 4772 -15.16 -77.00 20.61
CA ASP D 4772 -16.01 -76.25 21.54
C ASP D 4772 -17.45 -76.45 21.09
N VAL D 4773 -18.24 -77.15 21.90
CA VAL D 4773 -19.60 -77.51 21.52
C VAL D 4773 -20.48 -76.27 21.40
N LYS D 4774 -20.37 -75.35 22.36
CA LYS D 4774 -21.21 -74.16 22.36
C LYS D 4774 -20.88 -73.25 21.17
N TYR D 4775 -19.59 -73.09 20.87
CA TYR D 4775 -19.19 -72.28 19.72
C TYR D 4775 -19.66 -72.89 18.41
N GLN D 4776 -19.58 -74.22 18.28
CA GLN D 4776 -20.06 -74.88 17.08
C GLN D 4776 -21.57 -74.76 16.95
N ILE D 4777 -22.29 -74.81 18.08
CA ILE D 4777 -23.74 -74.62 18.05
C ILE D 4777 -24.08 -73.21 17.59
N TRP D 4778 -23.36 -72.21 18.11
CA TRP D 4778 -23.59 -70.83 17.69
C TRP D 4778 -23.28 -70.64 16.20
N LYS D 4779 -22.18 -71.24 15.72
CA LYS D 4779 -21.84 -71.14 14.31
C LYS D 4779 -22.87 -71.82 13.43
N PHE D 4780 -23.38 -72.98 13.86
CA PHE D 4780 -24.41 -73.68 13.11
C PHE D 4780 -25.71 -72.86 13.07
N GLY D 4781 -26.05 -72.20 14.17
CA GLY D 4781 -27.21 -71.33 14.16
C GLY D 4781 -27.04 -70.14 13.24
N VAL D 4782 -25.84 -69.56 13.20
CA VAL D 4782 -25.56 -68.45 12.28
C VAL D 4782 -25.67 -68.93 10.83
N ILE D 4783 -25.15 -70.12 10.53
CA ILE D 4783 -25.26 -70.68 9.19
C ILE D 4783 -26.72 -70.94 8.83
N PHE D 4784 -27.49 -71.48 9.78
CA PHE D 4784 -28.92 -71.70 9.56
C PHE D 4784 -29.71 -70.41 9.42
N THR D 4785 -29.16 -69.29 9.90
CA THR D 4785 -29.83 -68.00 9.78
C THR D 4785 -29.75 -67.45 8.36
N ASP D 4786 -28.69 -67.76 7.63
CA ASP D 4786 -28.49 -67.20 6.29
C ASP D 4786 -29.54 -67.72 5.31
N ASN D 4787 -29.97 -66.84 4.41
CA ASN D 4787 -31.03 -67.19 3.47
C ASN D 4787 -30.53 -68.11 2.37
N SER D 4788 -29.31 -67.85 1.87
CA SER D 4788 -28.79 -68.66 0.76
C SER D 4788 -28.49 -70.08 1.19
N PHE D 4789 -28.06 -70.29 2.44
CA PHE D 4789 -27.87 -71.64 2.95
C PHE D 4789 -29.19 -72.40 3.00
N LEU D 4790 -30.26 -71.73 3.43
CA LEU D 4790 -31.58 -72.36 3.44
C LEU D 4790 -32.06 -72.65 2.02
N TYR D 4791 -31.76 -71.76 1.07
CA TYR D 4791 -32.12 -71.99 -0.32
C TYR D 4791 -31.39 -73.22 -0.88
N LEU D 4792 -30.09 -73.35 -0.59
CA LEU D 4792 -29.35 -74.51 -1.07
C LEU D 4792 -29.80 -75.79 -0.37
N GLY D 4793 -30.16 -75.70 0.91
CA GLY D 4793 -30.71 -76.87 1.59
C GLY D 4793 -32.04 -77.32 1.01
N TRP D 4794 -32.91 -76.35 0.66
CA TRP D 4794 -34.16 -76.69 0.00
C TRP D 4794 -33.90 -77.28 -1.39
N TYR D 4795 -32.92 -76.76 -2.11
CA TYR D 4795 -32.55 -77.31 -3.41
C TYR D 4795 -32.08 -78.76 -3.28
N MET D 4796 -31.25 -79.04 -2.27
CA MET D 4796 -30.78 -80.41 -2.06
C MET D 4796 -31.90 -81.34 -1.61
N VAL D 4797 -32.84 -80.82 -0.80
CA VAL D 4797 -33.98 -81.62 -0.37
C VAL D 4797 -34.85 -81.99 -1.57
N MET D 4798 -35.11 -81.02 -2.46
CA MET D 4798 -35.90 -81.31 -3.65
C MET D 4798 -35.16 -82.24 -4.60
N SER D 4799 -33.83 -82.11 -4.69
CA SER D 4799 -33.05 -83.02 -5.52
C SER D 4799 -33.12 -84.45 -4.99
N LEU D 4800 -33.05 -84.61 -3.66
CA LEU D 4800 -33.19 -85.94 -3.08
C LEU D 4800 -34.60 -86.49 -3.25
N LEU D 4801 -35.62 -85.64 -3.14
CA LEU D 4801 -36.99 -86.08 -3.34
C LEU D 4801 -37.29 -86.41 -4.80
N GLY D 4802 -36.51 -85.86 -5.73
CA GLY D 4802 -36.70 -86.16 -7.14
C GLY D 4802 -36.36 -87.60 -7.51
N HIS D 4803 -35.57 -88.28 -6.68
CA HIS D 4803 -35.27 -89.69 -6.92
C HIS D 4803 -36.53 -90.54 -6.80
N TYR D 4804 -37.41 -90.20 -5.86
CA TYR D 4804 -38.74 -90.79 -5.82
C TYR D 4804 -39.47 -90.41 -7.10
N ASN D 4805 -40.10 -91.39 -7.74
CA ASN D 4805 -40.66 -91.19 -9.07
C ASN D 4805 -41.83 -90.22 -9.04
N ASN D 4806 -41.54 -88.94 -9.30
CA ASN D 4806 -42.52 -87.88 -9.33
C ASN D 4806 -42.00 -86.79 -10.27
N PHE D 4807 -42.67 -85.63 -10.26
CA PHE D 4807 -42.28 -84.48 -11.07
C PHE D 4807 -41.60 -83.40 -10.25
N PHE D 4808 -40.85 -83.77 -9.22
CA PHE D 4808 -40.19 -82.81 -8.34
C PHE D 4808 -39.09 -82.01 -9.02
N PHE D 4809 -38.63 -82.44 -10.20
CA PHE D 4809 -37.57 -81.74 -10.92
C PHE D 4809 -38.06 -80.53 -11.70
N ALA D 4810 -39.38 -80.30 -11.73
CA ALA D 4810 -39.91 -79.19 -12.53
C ALA D 4810 -39.64 -77.84 -11.88
N ALA D 4811 -39.65 -77.78 -10.54
CA ALA D 4811 -39.49 -76.50 -9.85
C ALA D 4811 -38.07 -75.96 -9.94
N HIS D 4812 -37.08 -76.83 -10.21
CA HIS D 4812 -35.69 -76.38 -10.28
C HIS D 4812 -35.48 -75.34 -11.38
N LEU D 4813 -36.29 -75.39 -12.43
CA LEU D 4813 -36.22 -74.38 -13.48
C LEU D 4813 -36.52 -72.99 -12.94
N LEU D 4814 -37.53 -72.88 -12.07
CA LEU D 4814 -37.79 -71.59 -11.43
C LEU D 4814 -36.79 -71.31 -10.32
N ASP D 4815 -36.13 -72.35 -9.80
CA ASP D 4815 -35.12 -72.13 -8.78
C ASP D 4815 -33.89 -71.43 -9.35
N ILE D 4816 -33.51 -71.75 -10.58
CA ILE D 4816 -32.26 -71.25 -11.15
C ILE D 4816 -32.49 -70.05 -12.07
N ALA D 4817 -33.69 -69.90 -12.65
CA ALA D 4817 -33.94 -68.82 -13.59
C ALA D 4817 -33.85 -67.45 -12.94
N MET D 4818 -34.05 -67.37 -11.61
CA MET D 4818 -33.86 -66.10 -10.91
C MET D 4818 -32.40 -65.67 -10.88
N GLY D 4819 -31.46 -66.60 -11.09
CA GLY D 4819 -30.06 -66.26 -11.09
C GLY D 4819 -29.64 -65.42 -12.28
N VAL D 4820 -30.44 -65.40 -13.35
CA VAL D 4820 -30.15 -64.57 -14.51
C VAL D 4820 -30.29 -63.11 -14.13
N LYS D 4821 -29.29 -62.30 -14.48
CA LYS D 4821 -29.26 -60.90 -14.05
C LYS D 4821 -30.39 -60.09 -14.68
N THR D 4822 -30.62 -60.27 -15.99
CA THR D 4822 -31.69 -59.53 -16.66
C THR D 4822 -33.06 -59.89 -16.11
N LEU D 4823 -33.30 -61.18 -15.90
CA LEU D 4823 -34.55 -61.61 -15.27
C LEU D 4823 -34.66 -61.09 -13.85
N ARG D 4824 -33.53 -60.96 -13.14
CA ARG D 4824 -33.56 -60.37 -11.81
C ARG D 4824 -33.99 -58.91 -11.85
N THR D 4825 -33.47 -58.14 -12.81
CA THR D 4825 -33.90 -56.75 -12.93
C THR D 4825 -35.35 -56.62 -13.37
N ILE D 4826 -35.84 -57.56 -14.19
CA ILE D 4826 -37.26 -57.53 -14.55
C ILE D 4826 -38.13 -57.84 -13.34
N LEU D 4827 -37.77 -58.86 -12.56
CA LEU D 4827 -38.57 -59.25 -11.40
C LEU D 4827 -38.46 -58.27 -10.25
N SER D 4828 -37.40 -57.46 -10.22
CA SER D 4828 -37.23 -56.49 -9.14
C SER D 4828 -38.32 -55.43 -9.14
N SER D 4829 -38.84 -55.07 -10.31
CA SER D 4829 -39.92 -54.08 -10.37
C SER D 4829 -41.21 -54.62 -9.78
N VAL D 4830 -41.49 -55.91 -10.01
CA VAL D 4830 -42.66 -56.53 -9.39
C VAL D 4830 -42.45 -56.70 -7.90
N THR D 4831 -41.21 -57.02 -7.50
CA THR D 4831 -40.89 -57.19 -6.06
C THR D 4831 -40.80 -55.82 -5.38
N HIS D 4832 -40.65 -54.75 -6.16
CA HIS D 4832 -40.51 -53.38 -5.60
C HIS D 4832 -41.78 -52.96 -4.84
N ASN D 4833 -42.97 -53.30 -5.35
CA ASN D 4833 -44.23 -52.82 -4.71
C ASN D 4833 -45.18 -53.99 -4.40
N GLY D 4834 -44.67 -55.09 -3.82
CA GLY D 4834 -45.52 -56.21 -3.44
C GLY D 4834 -46.56 -55.83 -2.39
N LYS D 4835 -46.19 -54.93 -1.47
CA LYS D 4835 -47.12 -54.51 -0.43
C LYS D 4835 -48.32 -53.78 -1.01
N GLN D 4836 -48.08 -52.86 -1.95
CA GLN D 4836 -49.18 -52.17 -2.61
C GLN D 4836 -50.06 -53.16 -3.35
N LEU D 4837 -49.46 -54.18 -3.96
CA LEU D 4837 -50.23 -55.22 -4.65
C LEU D 4837 -51.12 -55.99 -3.68
N VAL D 4838 -50.60 -56.36 -2.50
CA VAL D 4838 -51.43 -57.19 -1.62
C VAL D 4838 -52.53 -56.36 -0.98
N MET D 4839 -52.29 -55.07 -0.66
CA MET D 4839 -53.43 -54.26 -0.22
C MET D 4839 -54.40 -53.98 -1.37
N THR D 4840 -53.93 -53.95 -2.61
CA THR D 4840 -54.85 -53.83 -3.74
C THR D 4840 -55.75 -55.06 -3.83
N VAL D 4841 -55.18 -56.26 -3.64
CA VAL D 4841 -55.97 -57.48 -3.64
C VAL D 4841 -56.95 -57.49 -2.47
N GLY D 4842 -56.52 -57.00 -1.31
CA GLY D 4842 -57.43 -56.91 -0.18
C GLY D 4842 -58.59 -55.96 -0.42
N LEU D 4843 -58.30 -54.80 -1.02
CA LEU D 4843 -59.37 -53.86 -1.36
C LEU D 4843 -60.32 -54.45 -2.40
N LEU D 4844 -59.77 -55.18 -3.38
CA LEU D 4844 -60.61 -55.87 -4.35
C LEU D 4844 -61.52 -56.89 -3.67
N ALA D 4845 -60.98 -57.64 -2.70
CA ALA D 4845 -61.78 -58.62 -1.98
C ALA D 4845 -62.90 -57.94 -1.19
N VAL D 4846 -62.59 -56.81 -0.55
CA VAL D 4846 -63.61 -56.07 0.20
C VAL D 4846 -64.70 -55.56 -0.73
N VAL D 4847 -64.31 -55.02 -1.89
CA VAL D 4847 -65.30 -54.52 -2.86
C VAL D 4847 -66.18 -55.65 -3.37
N VAL D 4848 -65.58 -56.79 -3.71
CA VAL D 4848 -66.36 -57.93 -4.19
C VAL D 4848 -67.29 -58.45 -3.10
N TYR D 4849 -66.84 -58.45 -1.84
CA TYR D 4849 -67.70 -58.86 -0.74
C TYR D 4849 -68.89 -57.92 -0.59
N LEU D 4850 -68.65 -56.61 -0.69
CA LEU D 4850 -69.73 -55.63 -0.58
C LEU D 4850 -70.74 -55.78 -1.71
N TYR D 4851 -70.25 -55.97 -2.93
CA TYR D 4851 -71.16 -56.13 -4.06
C TYR D 4851 -71.92 -57.45 -3.97
N THR D 4852 -71.28 -58.49 -3.45
CA THR D 4852 -71.96 -59.77 -3.23
C THR D 4852 -73.05 -59.64 -2.19
N VAL D 4853 -72.79 -58.87 -1.12
CA VAL D 4853 -73.82 -58.62 -0.11
C VAL D 4853 -75.00 -57.86 -0.72
N VAL D 4854 -74.70 -56.85 -1.54
CA VAL D 4854 -75.77 -56.08 -2.19
C VAL D 4854 -76.59 -56.97 -3.11
N ALA D 4855 -75.92 -57.83 -3.89
CA ALA D 4855 -76.62 -58.74 -4.79
C ALA D 4855 -77.46 -59.76 -4.03
N PHE D 4856 -76.95 -60.24 -2.89
CA PHE D 4856 -77.72 -61.19 -2.09
C PHE D 4856 -78.95 -60.53 -1.46
N ASN D 4857 -78.83 -59.26 -1.08
CA ASN D 4857 -79.98 -58.56 -0.51
C ASN D 4857 -81.03 -58.22 -1.58
N PHE D 4858 -80.58 -57.88 -2.80
CA PHE D 4858 -81.51 -57.33 -3.77
C PHE D 4858 -81.69 -58.16 -5.03
N PHE D 4859 -80.64 -58.80 -5.53
CA PHE D 4859 -80.67 -59.45 -6.84
C PHE D 4859 -80.48 -60.97 -6.75
N ARG D 4860 -81.14 -61.61 -5.79
CA ARG D 4860 -80.99 -63.05 -5.62
C ARG D 4860 -81.61 -63.83 -6.77
N LYS D 4861 -82.66 -63.28 -7.40
CA LYS D 4861 -83.42 -64.04 -8.39
C LYS D 4861 -82.68 -64.20 -9.72
N PHE D 4862 -81.70 -63.33 -10.01
CA PHE D 4862 -81.04 -63.35 -11.31
C PHE D 4862 -79.85 -64.30 -11.36
N TYR D 4863 -79.42 -64.85 -10.22
CA TYR D 4863 -78.23 -65.70 -10.18
C TYR D 4863 -78.59 -67.18 -10.38
N ASN D 4864 -79.41 -67.45 -11.38
CA ASN D 4864 -79.74 -68.82 -11.77
C ASN D 4864 -78.94 -69.18 -13.01
N LYS D 4865 -78.09 -70.20 -12.90
CA LYS D 4865 -77.21 -70.63 -13.98
C LYS D 4865 -77.54 -72.06 -14.41
N SER D 4866 -78.74 -72.25 -14.96
CA SER D 4866 -79.16 -73.53 -15.49
C SER D 4866 -80.13 -73.31 -16.64
N GLU D 4867 -80.19 -74.27 -17.56
CA GLU D 4867 -81.11 -74.22 -18.69
C GLU D 4867 -82.27 -75.18 -18.57
N ASP D 4868 -82.10 -76.30 -17.86
CA ASP D 4868 -83.16 -77.28 -17.70
C ASP D 4868 -84.22 -76.77 -16.72
N GLU D 4869 -85.48 -77.10 -17.00
CA GLU D 4869 -86.59 -76.63 -16.19
C GLU D 4869 -86.58 -77.28 -14.81
N ASP D 4870 -87.26 -76.62 -13.86
CA ASP D 4870 -87.25 -76.99 -12.44
C ASP D 4870 -85.81 -77.05 -11.91
N GLU D 4871 -85.14 -75.90 -12.01
CA GLU D 4871 -83.71 -75.83 -11.77
C GLU D 4871 -83.43 -75.59 -10.29
N PRO D 4872 -82.69 -76.47 -9.62
CA PRO D 4872 -82.26 -76.21 -8.23
C PRO D 4872 -80.89 -75.56 -8.11
N ASP D 4873 -80.26 -75.20 -9.22
CA ASP D 4873 -78.90 -74.64 -9.21
C ASP D 4873 -78.98 -73.12 -9.04
N MET D 4874 -79.09 -72.71 -7.78
CA MET D 4874 -79.12 -71.29 -7.42
C MET D 4874 -77.77 -70.94 -6.79
N LYS D 4875 -77.04 -70.02 -7.42
CA LYS D 4875 -75.68 -69.71 -6.98
C LYS D 4875 -75.68 -68.88 -5.71
N CYS D 4876 -76.56 -67.88 -5.62
CA CYS D 4876 -76.52 -66.89 -4.55
C CYS D 4876 -77.55 -67.17 -3.46
N ASP D 4877 -77.83 -68.45 -3.19
CA ASP D 4877 -78.70 -68.79 -2.07
C ASP D 4877 -78.00 -68.65 -0.73
N ASP D 4878 -76.67 -68.79 -0.70
CA ASP D 4878 -75.88 -68.63 0.50
C ASP D 4878 -74.80 -67.57 0.26
N MET D 4879 -74.38 -66.93 1.35
CA MET D 4879 -73.37 -65.86 1.21
C MET D 4879 -72.02 -66.42 0.83
N MET D 4880 -71.62 -67.57 1.37
CA MET D 4880 -70.33 -68.16 1.03
C MET D 4880 -70.30 -68.61 -0.43
N THR D 4881 -71.36 -69.27 -0.88
CA THR D 4881 -71.43 -69.72 -2.27
C THR D 4881 -71.48 -68.55 -3.24
N CYS D 4882 -72.23 -67.50 -2.89
CA CYS D 4882 -72.30 -66.32 -3.73
C CYS D 4882 -70.96 -65.60 -3.79
N TYR D 4883 -70.26 -65.51 -2.66
CA TYR D 4883 -68.93 -64.90 -2.64
C TYR D 4883 -67.95 -65.70 -3.48
N LEU D 4884 -67.99 -67.03 -3.38
CA LEU D 4884 -67.11 -67.87 -4.19
C LEU D 4884 -67.43 -67.71 -5.68
N PHE D 4885 -68.72 -67.65 -6.03
CA PHE D 4885 -69.11 -67.47 -7.43
C PHE D 4885 -68.64 -66.12 -7.95
N HIS D 4886 -68.78 -65.06 -7.15
CA HIS D 4886 -68.31 -63.74 -7.57
C HIS D 4886 -66.80 -63.73 -7.76
N MET D 4887 -66.06 -64.24 -6.78
CA MET D 4887 -64.60 -64.26 -6.87
C MET D 4887 -64.11 -65.12 -8.03
N TYR D 4888 -64.86 -66.15 -8.39
CA TYR D 4888 -64.44 -67.02 -9.49
C TYR D 4888 -64.78 -66.42 -10.86
N VAL D 4889 -65.92 -65.76 -10.98
CA VAL D 4889 -66.45 -65.37 -12.29
C VAL D 4889 -66.24 -63.89 -12.58
N GLY D 4890 -66.63 -63.01 -11.67
CA GLY D 4890 -66.68 -61.58 -11.98
C GLY D 4890 -65.31 -60.98 -12.20
N VAL D 4891 -64.31 -61.44 -11.46
CA VAL D 4891 -62.96 -60.90 -11.60
C VAL D 4891 -62.38 -61.27 -12.95
N ARG D 4892 -62.54 -62.52 -13.37
CA ARG D 4892 -61.98 -63.00 -14.63
C ARG D 4892 -62.88 -62.76 -15.82
N ALA D 4893 -64.08 -62.21 -15.62
CA ALA D 4893 -65.00 -62.00 -16.74
C ALA D 4893 -64.52 -60.88 -17.65
N GLY D 4894 -64.06 -59.77 -17.08
CA GLY D 4894 -63.57 -58.65 -17.85
C GLY D 4894 -64.64 -57.69 -18.34
N GLY D 4895 -65.92 -57.98 -18.08
CA GLY D 4895 -66.99 -57.11 -18.51
C GLY D 4895 -68.04 -56.89 -17.45
N GLY D 4896 -67.84 -57.48 -16.28
CA GLY D 4896 -68.75 -57.34 -15.16
C GLY D 4896 -69.56 -58.61 -14.93
N ILE D 4897 -70.53 -58.49 -14.02
CA ILE D 4897 -71.39 -59.62 -13.66
C ILE D 4897 -72.63 -59.71 -14.55
N GLY D 4898 -72.95 -58.64 -15.29
CA GLY D 4898 -74.16 -58.64 -16.10
C GLY D 4898 -74.08 -59.53 -17.32
N ASP D 4899 -72.88 -59.88 -17.78
CA ASP D 4899 -72.74 -60.74 -18.94
C ASP D 4899 -73.06 -62.20 -18.62
N GLU D 4900 -72.91 -62.56 -17.34
CA GLU D 4900 -73.18 -63.96 -16.88
C GLU D 4900 -74.56 -64.05 -16.22
N ILE D 4901 -74.99 -63.00 -15.51
CA ILE D 4901 -76.32 -62.98 -14.85
C ILE D 4901 -77.42 -62.91 -15.92
N GLU D 4902 -78.69 -63.08 -15.54
CA GLU D 4902 -79.82 -63.08 -16.51
C GLU D 4902 -79.99 -61.71 -17.17
N ASP D 4903 -81.01 -61.57 -18.04
CA ASP D 4903 -81.21 -60.33 -18.77
C ASP D 4903 -81.96 -59.33 -17.91
N PRO D 4904 -81.62 -58.04 -17.99
CA PRO D 4904 -82.35 -57.02 -17.23
C PRO D 4904 -83.58 -56.49 -17.97
N ALA D 4905 -84.06 -57.26 -18.95
CA ALA D 4905 -85.20 -56.84 -19.76
C ALA D 4905 -86.49 -56.74 -18.96
N GLY D 4906 -86.55 -57.36 -17.79
CA GLY D 4906 -87.73 -57.23 -16.95
C GLY D 4906 -87.90 -55.81 -16.45
N ASP D 4907 -89.17 -55.40 -16.32
CA ASP D 4907 -89.47 -54.03 -15.91
C ASP D 4907 -89.05 -53.76 -14.48
N GLU D 4908 -89.24 -54.73 -13.59
CA GLU D 4908 -88.93 -54.54 -12.18
C GLU D 4908 -87.42 -54.60 -11.95
N TYR D 4909 -86.90 -53.61 -11.21
CA TYR D 4909 -85.49 -53.54 -10.82
C TYR D 4909 -84.56 -53.55 -12.03
N GLU D 4910 -84.96 -52.85 -13.10
CA GLU D 4910 -84.14 -52.80 -14.30
C GLU D 4910 -83.04 -51.75 -14.17
N LEU D 4911 -83.41 -50.53 -13.79
CA LEU D 4911 -82.44 -49.45 -13.66
C LEU D 4911 -81.44 -49.71 -12.54
N TYR D 4912 -81.91 -50.29 -11.43
CA TYR D 4912 -81.01 -50.63 -10.33
C TYR D 4912 -79.97 -51.66 -10.77
N ARG D 4913 -80.38 -52.68 -11.52
CA ARG D 4913 -79.44 -53.67 -12.00
C ARG D 4913 -78.50 -53.09 -13.05
N VAL D 4914 -78.99 -52.15 -13.88
CA VAL D 4914 -78.13 -51.49 -14.85
C VAL D 4914 -77.05 -50.68 -14.15
N VAL D 4915 -77.43 -49.93 -13.11
CA VAL D 4915 -76.45 -49.16 -12.33
C VAL D 4915 -75.48 -50.11 -11.62
N PHE D 4916 -75.99 -51.23 -11.12
CA PHE D 4916 -75.14 -52.24 -10.48
C PHE D 4916 -74.07 -52.76 -11.45
N ASP D 4917 -74.49 -53.10 -12.67
CA ASP D 4917 -73.55 -53.61 -13.66
C ASP D 4917 -72.54 -52.55 -14.09
N ILE D 4918 -73.00 -51.30 -14.25
CA ILE D 4918 -72.09 -50.22 -14.64
C ILE D 4918 -71.05 -49.97 -13.57
N THR D 4919 -71.47 -49.95 -12.30
CA THR D 4919 -70.52 -49.76 -11.21
C THR D 4919 -69.57 -50.94 -11.09
N PHE D 4920 -70.06 -52.16 -11.32
CA PHE D 4920 -69.19 -53.34 -11.31
C PHE D 4920 -68.12 -53.24 -12.39
N PHE D 4921 -68.52 -52.81 -13.60
CA PHE D 4921 -67.55 -52.69 -14.69
C PHE D 4921 -66.56 -51.56 -14.43
N PHE D 4922 -67.04 -50.42 -13.91
CA PHE D 4922 -66.18 -49.25 -13.77
C PHE D 4922 -65.20 -49.40 -12.60
N PHE D 4923 -65.66 -49.94 -11.48
CA PHE D 4923 -64.84 -49.91 -10.26
C PHE D 4923 -63.83 -51.05 -10.18
N VAL D 4924 -64.11 -52.19 -10.80
CA VAL D 4924 -63.24 -53.36 -10.66
C VAL D 4924 -62.27 -53.45 -11.82
N ILE D 4925 -62.81 -53.51 -13.05
CA ILE D 4925 -61.98 -53.79 -14.21
C ILE D 4925 -61.10 -52.59 -14.58
N VAL D 4926 -61.66 -51.38 -14.50
CA VAL D 4926 -61.00 -50.22 -15.09
C VAL D 4926 -59.92 -49.68 -14.17
N ILE D 4927 -60.28 -49.35 -12.93
CA ILE D 4927 -59.38 -48.59 -12.06
C ILE D 4927 -58.36 -49.52 -11.39
N LEU D 4928 -58.82 -50.64 -10.84
CA LEU D 4928 -57.97 -51.46 -10.00
C LEU D 4928 -56.90 -52.21 -10.78
N LEU D 4929 -57.07 -52.37 -12.10
CA LEU D 4929 -55.99 -52.92 -12.92
C LEU D 4929 -55.04 -51.83 -13.39
N ALA D 4930 -55.56 -50.61 -13.63
CA ALA D 4930 -54.71 -49.49 -13.96
C ALA D 4930 -53.77 -49.14 -12.82
N ILE D 4931 -54.24 -49.29 -11.57
CA ILE D 4931 -53.36 -49.08 -10.42
C ILE D 4931 -52.22 -50.09 -10.41
N ILE D 4932 -52.53 -51.35 -10.70
CA ILE D 4932 -51.51 -52.40 -10.73
C ILE D 4932 -50.48 -52.13 -11.81
N GLN D 4933 -50.93 -51.72 -13.00
CA GLN D 4933 -49.99 -51.39 -14.07
C GLN D 4933 -49.15 -50.16 -13.72
N GLY D 4934 -49.79 -49.13 -13.14
CA GLY D 4934 -49.08 -47.92 -12.79
C GLY D 4934 -48.05 -48.11 -11.71
N LEU D 4935 -48.29 -49.05 -10.79
CA LEU D 4935 -47.29 -49.35 -9.77
C LEU D 4935 -46.01 -49.90 -10.39
N ILE D 4936 -46.14 -50.82 -11.35
CA ILE D 4936 -44.98 -51.39 -12.02
C ILE D 4936 -44.26 -50.33 -12.85
N ILE D 4937 -45.02 -49.50 -13.57
CA ILE D 4937 -44.40 -48.46 -14.39
C ILE D 4937 -43.70 -47.43 -13.52
N ASP D 4938 -44.29 -47.09 -12.37
CA ASP D 4938 -43.66 -46.16 -11.45
C ASP D 4938 -42.41 -46.77 -10.82
N ALA D 4939 -42.42 -48.07 -10.57
CA ALA D 4939 -41.21 -48.74 -10.07
C ALA D 4939 -40.09 -48.68 -11.09
N PHE D 4940 -40.41 -48.93 -12.37
CA PHE D 4940 -39.39 -48.82 -13.42
C PHE D 4940 -38.85 -47.40 -13.52
N GLY D 4941 -39.74 -46.42 -13.54
CA GLY D 4941 -39.29 -45.01 -13.58
C GLY D 4941 -38.43 -44.70 -12.37
N GLU D 4942 -38.85 -45.16 -11.18
CA GLU D 4942 -38.07 -44.92 -9.94
C GLU D 4942 -36.66 -45.46 -10.12
N LEU D 4943 -36.54 -46.71 -10.56
CA LEU D 4943 -35.23 -47.33 -10.72
C LEU D 4943 -34.37 -46.56 -11.73
N ARG D 4944 -34.99 -46.13 -12.83
CA ARG D 4944 -34.24 -45.35 -13.82
C ARG D 4944 -33.75 -44.03 -13.22
N ASP D 4945 -34.61 -43.35 -12.46
CA ASP D 4945 -34.23 -42.08 -11.84
C ASP D 4945 -33.12 -42.28 -10.81
N GLN D 4946 -33.20 -43.36 -10.03
CA GLN D 4946 -32.15 -43.64 -9.05
C GLN D 4946 -30.81 -43.92 -9.73
N GLN D 4947 -30.81 -44.70 -10.81
CA GLN D 4947 -29.57 -44.96 -11.53
C GLN D 4947 -28.99 -43.69 -12.13
N GLU D 4948 -29.86 -42.83 -12.70
CA GLU D 4948 -29.40 -41.56 -13.25
C GLU D 4948 -28.81 -40.67 -12.16
N GLN D 4949 -29.46 -40.62 -11.00
CA GLN D 4949 -28.96 -39.82 -9.88
C GLN D 4949 -27.63 -40.34 -9.37
N VAL D 4950 -27.49 -41.66 -9.28
CA VAL D 4950 -26.23 -42.25 -8.82
C VAL D 4950 -25.09 -41.92 -9.78
N LYS D 4951 -25.33 -42.06 -11.08
CA LYS D 4951 -24.29 -41.75 -12.06
C LYS D 4951 -23.95 -40.27 -12.05
N GLU D 4952 -24.96 -39.40 -11.95
CA GLU D 4952 -24.71 -37.96 -11.93
C GLU D 4952 -23.92 -37.55 -10.69
N ASP D 4953 -24.24 -38.16 -9.54
CA ASP D 4953 -23.49 -37.88 -8.32
C ASP D 4953 -22.03 -38.28 -8.45
N MET D 4954 -21.76 -39.43 -9.10
CA MET D 4954 -20.37 -39.82 -9.34
C MET D 4954 -19.65 -38.85 -10.27
N GLU D 4955 -20.33 -38.41 -11.33
CA GLU D 4955 -19.65 -37.54 -12.30
C GLU D 4955 -19.46 -36.12 -11.79
N THR D 4956 -20.36 -35.63 -10.94
CA THR D 4956 -20.34 -34.23 -10.53
C THR D 4956 -19.76 -34.01 -9.13
N LYS D 4957 -19.17 -35.02 -8.50
CA LYS D 4957 -18.63 -34.87 -7.16
C LYS D 4957 -17.27 -35.56 -7.07
N CYS D 4958 -16.66 -35.45 -5.89
CA CYS D 4958 -15.36 -36.06 -5.62
C CYS D 4958 -15.45 -37.29 -4.73
N PHE D 4959 -16.51 -37.41 -3.93
CA PHE D 4959 -16.86 -38.55 -3.08
C PHE D 4959 -15.93 -38.64 -1.87
N ILE D 4960 -14.87 -37.83 -1.84
CA ILE D 4960 -13.96 -37.73 -0.71
C ILE D 4960 -13.90 -36.31 -0.17
N CYS D 4961 -13.63 -35.34 -1.03
CA CYS D 4961 -13.58 -33.94 -0.64
C CYS D 4961 -14.95 -33.30 -0.82
N GLY D 4962 -15.05 -32.02 -0.48
CA GLY D 4962 -16.25 -31.25 -0.70
C GLY D 4962 -16.17 -30.26 -1.83
N ILE D 4963 -15.15 -30.33 -2.68
CA ILE D 4963 -14.95 -29.39 -3.77
C ILE D 4963 -15.52 -29.98 -5.05
N GLY D 4964 -16.31 -29.20 -5.77
CA GLY D 4964 -16.87 -29.65 -7.03
C GLY D 4964 -15.84 -29.68 -8.14
N SER D 4965 -16.26 -30.24 -9.28
CA SER D 4965 -15.36 -30.37 -10.42
C SER D 4965 -15.11 -29.06 -11.14
N ASP D 4966 -15.92 -28.03 -10.87
CA ASP D 4966 -15.75 -26.75 -11.54
C ASP D 4966 -14.45 -26.06 -11.12
N TYR D 4967 -14.06 -26.20 -9.85
CA TYR D 4967 -12.79 -25.63 -9.40
C TYR D 4967 -11.60 -26.39 -9.98
N PHE D 4968 -11.70 -27.72 -10.05
CA PHE D 4968 -10.62 -28.52 -10.60
C PHE D 4968 -10.52 -28.40 -12.11
N ASP D 4969 -11.59 -27.96 -12.79
CA ASP D 4969 -11.58 -27.84 -14.25
C ASP D 4969 -10.88 -26.58 -14.75
N THR D 4970 -10.26 -25.80 -13.86
CA THR D 4970 -9.50 -24.64 -14.30
C THR D 4970 -8.27 -25.05 -15.09
N THR D 4971 -7.48 -25.98 -14.55
CA THR D 4971 -6.35 -26.53 -15.27
C THR D 4971 -6.82 -27.61 -16.25
N PRO D 4972 -6.08 -27.82 -17.34
CA PRO D 4972 -6.46 -28.89 -18.29
C PRO D 4972 -6.38 -30.26 -17.65
N HIS D 4973 -7.49 -30.99 -17.70
CA HIS D 4973 -7.62 -32.33 -17.11
C HIS D 4973 -7.27 -32.34 -15.62
N GLY D 4974 -7.64 -31.27 -14.92
CA GLY D 4974 -7.39 -31.20 -13.49
C GLY D 4974 -8.23 -32.17 -12.69
N PHE D 4975 -9.49 -32.36 -13.08
CA PHE D 4975 -10.38 -33.25 -12.35
C PHE D 4975 -9.95 -34.71 -12.51
N GLU D 4976 -9.50 -35.10 -13.71
CA GLU D 4976 -9.00 -36.45 -13.90
C GLU D 4976 -7.76 -36.71 -13.08
N THR D 4977 -6.86 -35.73 -13.01
CA THR D 4977 -5.66 -35.87 -12.19
C THR D 4977 -6.02 -35.96 -10.70
N HIS D 4978 -7.01 -35.17 -10.27
CA HIS D 4978 -7.46 -35.25 -8.88
C HIS D 4978 -8.07 -36.62 -8.56
N THR D 4979 -8.89 -37.14 -9.47
CA THR D 4979 -9.60 -38.39 -9.21
C THR D 4979 -8.76 -39.64 -9.49
N LEU D 4980 -7.60 -39.50 -10.12
CA LEU D 4980 -6.74 -40.65 -10.36
C LEU D 4980 -5.54 -40.72 -9.42
N GLU D 4981 -4.84 -39.60 -9.22
CA GLU D 4981 -3.60 -39.64 -8.41
C GLU D 4981 -3.85 -39.21 -6.97
N GLU D 4982 -4.37 -38.00 -6.76
CA GLU D 4982 -4.55 -37.46 -5.38
C GLU D 4982 -5.51 -38.32 -4.54
N HIS D 4983 -6.62 -38.79 -5.11
CA HIS D 4983 -7.54 -39.71 -4.37
C HIS D 4983 -7.42 -41.14 -4.88
N ASN D 4984 -8.37 -41.59 -5.72
CA ASN D 4984 -8.19 -42.93 -6.33
C ASN D 4984 -8.72 -44.06 -5.43
N LEU D 4985 -9.11 -43.77 -4.19
CA LEU D 4985 -9.73 -44.83 -3.33
C LEU D 4985 -8.79 -46.04 -3.26
N ALA D 4986 -8.63 -46.81 -4.34
CA ALA D 4986 -7.67 -47.91 -4.35
C ALA D 4986 -6.37 -47.51 -3.67
N ASN D 4987 -6.02 -46.22 -3.71
CA ASN D 4987 -4.83 -45.76 -3.00
C ASN D 4987 -5.00 -45.90 -1.49
N TYR D 4988 -6.18 -45.53 -0.96
CA TYR D 4988 -6.44 -45.72 0.46
C TYR D 4988 -6.54 -47.19 0.81
N MET D 4989 -7.09 -48.01 -0.10
CA MET D 4989 -7.15 -49.45 0.13
C MET D 4989 -5.75 -50.05 0.24
N PHE D 4990 -4.85 -49.66 -0.67
CA PHE D 4990 -3.49 -50.16 -0.63
C PHE D 4990 -2.71 -49.59 0.56
N PHE D 4991 -3.04 -48.37 0.99
CA PHE D 4991 -2.43 -47.82 2.20
C PHE D 4991 -2.84 -48.62 3.43
N LEU D 4992 -4.13 -49.00 3.50
CA LEU D 4992 -4.58 -49.86 4.59
C LEU D 4992 -3.93 -51.24 4.52
N MET D 4993 -3.73 -51.76 3.31
CA MET D 4993 -3.01 -53.03 3.16
C MET D 4993 -1.59 -52.92 3.69
N TYR D 4994 -0.90 -51.83 3.34
CA TYR D 4994 0.48 -51.64 3.79
C TYR D 4994 0.56 -51.43 5.30
N LEU D 4995 -0.42 -50.73 5.88
CA LEU D 4995 -0.43 -50.55 7.32
C LEU D 4995 -0.72 -51.85 8.06
N ILE D 4996 -1.62 -52.68 7.52
CA ILE D 4996 -1.93 -53.95 8.14
C ILE D 4996 -0.75 -54.91 8.05
N ASN D 4997 -0.09 -54.96 6.88
CA ASN D 4997 1.04 -55.86 6.69
C ASN D 4997 2.22 -55.48 7.57
N LYS D 4998 2.48 -54.18 7.74
CA LYS D 4998 3.61 -53.72 8.53
C LYS D 4998 3.34 -53.90 10.02
N ASP D 4999 4.36 -54.35 10.74
CA ASP D 4999 4.24 -54.56 12.18
C ASP D 4999 4.36 -53.23 12.94
N GLU D 5000 3.88 -53.25 14.18
CA GLU D 5000 3.84 -52.03 14.99
C GLU D 5000 5.23 -51.54 15.39
N THR D 5001 6.20 -52.43 15.36
CA THR D 5001 7.58 -52.04 15.70
C THR D 5001 8.10 -51.17 14.57
N GLU D 5002 7.47 -51.24 13.40
CA GLU D 5002 8.03 -50.51 12.23
C GLU D 5002 6.95 -49.66 11.59
N HIS D 5003 6.57 -48.56 12.24
CA HIS D 5003 5.52 -47.67 11.69
C HIS D 5003 6.05 -46.24 11.72
N THR D 5004 6.46 -45.72 10.58
CA THR D 5004 6.86 -44.33 10.44
C THR D 5004 5.93 -43.46 11.28
N GLY D 5005 6.41 -42.27 11.64
CA GLY D 5005 5.66 -41.39 12.53
C GLY D 5005 4.28 -41.04 12.01
N GLN D 5006 4.18 -40.65 10.74
CA GLN D 5006 2.88 -40.41 10.13
C GLN D 5006 2.03 -41.68 10.08
N GLU D 5007 2.66 -42.80 9.69
CA GLU D 5007 1.94 -44.07 9.66
C GLU D 5007 1.53 -44.52 11.05
N SER D 5008 2.38 -44.29 12.06
CA SER D 5008 2.01 -44.62 13.44
C SER D 5008 0.85 -43.74 13.91
N TYR D 5009 0.83 -42.48 13.52
CA TYR D 5009 -0.28 -41.60 13.88
C TYR D 5009 -1.58 -42.06 13.22
N VAL D 5010 -1.51 -42.46 11.95
CA VAL D 5010 -2.70 -42.98 11.26
C VAL D 5010 -3.17 -44.27 11.91
N TRP D 5011 -2.24 -45.13 12.32
CA TRP D 5011 -2.60 -46.37 13.01
C TRP D 5011 -3.26 -46.07 14.36
N LYS D 5012 -2.75 -45.07 15.08
CA LYS D 5012 -3.34 -44.68 16.36
C LYS D 5012 -4.75 -44.13 16.18
N MET D 5013 -4.97 -43.32 15.13
CA MET D 5013 -6.31 -42.84 14.85
C MET D 5013 -7.24 -43.98 14.42
N TYR D 5014 -6.72 -44.97 13.70
CA TYR D 5014 -7.54 -46.10 13.28
C TYR D 5014 -7.91 -46.98 14.47
N GLN D 5015 -7.01 -47.12 15.45
CA GLN D 5015 -7.31 -47.93 16.63
C GLN D 5015 -8.40 -47.29 17.49
N GLU D 5016 -8.44 -45.96 17.56
CA GLU D 5016 -9.44 -45.25 18.33
C GLU D 5016 -10.70 -44.95 17.53
N ARG D 5017 -10.76 -45.40 16.27
CA ARG D 5017 -11.91 -45.17 15.38
C ARG D 5017 -12.21 -43.69 15.22
N CYS D 5018 -11.17 -42.91 14.95
CA CYS D 5018 -11.28 -41.48 14.69
C CYS D 5018 -10.94 -41.22 13.24
N TRP D 5019 -11.85 -40.58 12.51
CA TRP D 5019 -11.73 -40.36 11.08
C TRP D 5019 -11.42 -38.91 10.74
N ASP D 5020 -10.60 -38.26 11.56
CA ASP D 5020 -10.20 -36.89 11.31
C ASP D 5020 -8.98 -36.77 10.42
N PHE D 5021 -8.36 -37.89 10.03
CA PHE D 5021 -7.23 -37.84 9.12
C PHE D 5021 -7.65 -37.63 7.67
N PHE D 5022 -8.93 -37.82 7.35
CA PHE D 5022 -9.42 -37.52 6.01
C PHE D 5022 -9.45 -36.01 5.81
N PRO D 5023 -9.25 -35.54 4.56
CA PRO D 5023 -9.32 -34.10 4.30
C PRO D 5023 -10.68 -33.50 4.58
N ALA D 5024 -11.72 -34.05 3.96
CA ALA D 5024 -13.12 -33.68 4.18
C ALA D 5024 -13.36 -32.19 3.91
N GLY D 5025 -13.14 -31.79 2.66
CA GLY D 5025 -13.37 -30.43 2.23
C GLY D 5025 -12.13 -29.64 1.86
N ASP D 5026 -10.97 -30.27 1.78
CA ASP D 5026 -9.73 -29.58 1.46
C ASP D 5026 -8.86 -30.49 0.60
N CYS D 5027 -7.88 -29.89 -0.06
CA CYS D 5027 -6.94 -30.64 -0.88
C CYS D 5027 -5.57 -29.96 -0.81
N PHE D 5028 -4.60 -30.56 -1.49
CA PHE D 5028 -3.25 -30.01 -1.52
C PHE D 5028 -3.22 -28.67 -2.25
N ARG D 5029 -4.00 -28.53 -3.33
CA ARG D 5029 -3.96 -27.31 -4.12
C ARG D 5029 -4.55 -26.12 -3.37
N LYS D 5030 -5.65 -26.33 -2.64
CA LYS D 5030 -6.29 -25.23 -1.93
C LYS D 5030 -5.46 -24.74 -0.75
N GLN D 5031 -4.75 -25.65 -0.08
CA GLN D 5031 -3.91 -25.25 1.04
C GLN D 5031 -2.71 -24.42 0.55
N TYR D 5032 -2.16 -24.75 -0.61
CA TYR D 5032 -1.00 -24.08 -1.17
C TYR D 5032 -1.38 -23.28 -2.41
N GLU D 5033 -2.53 -22.60 -2.37
CA GLU D 5033 -3.00 -21.85 -3.52
C GLU D 5033 -2.14 -20.63 -3.81
N ASP D 5034 -1.40 -20.13 -2.82
CA ASP D 5034 -0.50 -18.99 -3.05
C ASP D 5034 0.59 -19.34 -4.06
N GLN D 5035 1.20 -20.52 -3.90
CA GLN D 5035 2.17 -21.00 -4.88
C GLN D 5035 1.45 -21.66 -6.06
N LEU D 5036 2.18 -21.80 -7.16
CA LEU D 5036 1.61 -22.42 -8.35
C LEU D 5036 1.40 -23.92 -8.17
N SER D 5037 2.25 -24.57 -7.38
CA SER D 5037 2.09 -26.00 -7.12
C SER D 5037 1.32 -26.24 -5.83
#